data_3WHE
#
_entry.id   3WHE
#
_cell.length_a   391.037
_cell.length_b   241.173
_cell.length_c   223.214
_cell.angle_alpha   90.000
_cell.angle_beta   123.620
_cell.angle_gamma   90.000
#
_symmetry.space_group_name_H-M   'C 1 2 1'
#
loop_
_entity.id
_entity.type
_entity.pdbx_description
1 polymer Hemagglutinin
2 polymer 'immunoglobulin heavy chain'
3 polymer 'immunoglobulin light chain'
4 branched alpha-D-mannopyranose-(1-3)-[alpha-D-mannopyranose-(1-6)]alpha-D-mannopyranose-(1-6)-[alpha-D-mannopyranose-(1-3)]beta-D-mannopyranose-(1-4)-2-acetamido-2-deoxy-beta-D-glucopyranose-(1-4)-2-acetamido-2-deoxy-beta-D-glucopyranose
5 branched alpha-D-mannopyranose-(1-2)-alpha-D-mannopyranose-(1-3)-[alpha-D-mannopyranose-(1-6)]beta-D-mannopyranose-(1-4)-2-acetamido-2-deoxy-beta-D-glucopyranose-(1-4)-2-acetamido-2-deoxy-beta-D-glucopyranose
6 branched beta-D-mannopyranose-(1-4)-2-acetamido-2-deoxy-beta-D-glucopyranose-(1-4)-2-acetamido-2-deoxy-beta-D-glucopyranose
7 non-polymer 2-acetamido-2-deoxy-beta-D-glucopyranose
#
loop_
_entity_poly.entity_id
_entity_poly.type
_entity_poly.pdbx_seq_one_letter_code
_entity_poly.pdbx_strand_id
1 'polypeptide(L)'
;STATLCLGHHAVPNGTLVKTITDDQIEVTNATELVQSSSTGKICNNPHRILDGIDCTLIDALLGDPHCDVFQNETWDLFV
ERSKAFSNCYPYDVPDYASLRSLVASSGTLEFITEGFTWTGVTQNGGSNACKRGPGSGFFSRLNWVTKSGSTYPVLNVTM
PNNDNFDKLYIWGVHHPSTNQEQTSLYVQASGRVTVSTRRSQQTIIPNIGSRPWVRGLSSRISIYWTIVKPGDVLVINSN
GNLIAPRGYFKMRTGKSSIMRSDAPIDTCISECITPNGSIPNDKPFQNVNKITYGACPKYVKQNTLKLATGMRNVPEKQT
RGLFGAIAGFIENGWEGMIDGWYGFRHQNSEGTGQAADLKSTQAAIDQINGKLNRVIEKTNEKFHQIEKEFSEVEGRIQD
LEKYVEDTKIDLWSYNAELLVALENQHTIDLTDSEMNKLFEKTRRQLRENAEDMGNGCFKIYHKCDNACIESIRNGTYDH
DVYRDEALNNRFQ
;
A,B,C,D,E,F,G,H,I,J,K,L
2 'polypeptide(L)'
;QVQLVQSGAEVKKPGASVTVSCQVSGYTLTSYGLSWVRQAPGQGLEWVGWINTYDGQTKYVKKFQGRVTMTTHTGTNTAY
MEMKSLRSDDTAVYYCARVEGVRGVMGFHYYPMDVWGQGTMVTVSSASTKGPSVFPLAPSSKSTSGGTAALGCLVKDYFP
EPVTVSWNSGALTSGVHTFPAVLQSSGLYSLSSVVTVPSSSLGTQTYICNVNHKPSNTKVDKKVEP
;
M,O,Q,S,U,W,Y,1,3,5,7,9
3 'polypeptide(L)'
;QSVLTQPPSVSGAPGQRVTISCTGSSSNIGAGYAVHWYQQLPGTAPKLLISGNSNRPSGVPDRFSGSKSGTSASLAITGL
QAEDEADYYCQSYDSSLSGSVFGGGTKLTVLGQPKAAPSVTLFPPSSEELQANKATLVCLISDFYPGAVTVAWKADSSPV
KAGVETTTPSKQSNNKYAASSYLSLTPEQWKSHRSYSCQVTHEGSTVEKTVAPTECSARQ
;
N,P,R,T,V,X,Z,2,4,6,8,0
#
loop_
_chem_comp.id
_chem_comp.type
_chem_comp.name
_chem_comp.formula
BMA D-saccharide, beta linking beta-D-mannopyranose 'C6 H12 O6'
MAN D-saccharide, alpha linking alpha-D-mannopyranose 'C6 H12 O6'
NAG D-saccharide, beta linking 2-acetamido-2-deoxy-beta-D-glucopyranose 'C8 H15 N O6'
#
# COMPACT_ATOMS: atom_id res chain seq x y z
N SER A 1 -100.89 -69.15 -24.17
CA SER A 1 -100.27 -70.38 -23.58
C SER A 1 -98.94 -70.04 -22.91
N THR A 2 -98.58 -68.77 -22.96
CA THR A 2 -97.34 -68.29 -22.36
C THR A 2 -97.54 -66.88 -21.80
N ALA A 3 -96.73 -66.52 -20.81
CA ALA A 3 -96.83 -65.20 -20.19
C ALA A 3 -95.45 -64.58 -20.06
N THR A 4 -95.39 -63.26 -20.13
CA THR A 4 -94.12 -62.55 -20.02
C THR A 4 -94.05 -61.73 -18.75
N LEU A 5 -93.02 -61.98 -17.94
CA LEU A 5 -92.83 -61.25 -16.70
C LEU A 5 -91.54 -60.45 -16.84
N CYS A 6 -91.59 -59.19 -16.42
CA CYS A 6 -90.41 -58.34 -16.53
C CYS A 6 -90.17 -57.57 -15.23
N LEU A 7 -88.94 -57.09 -15.09
CA LEU A 7 -88.55 -56.32 -13.92
C LEU A 7 -88.10 -54.96 -14.40
N GLY A 8 -88.07 -53.98 -13.51
CA GLY A 8 -87.66 -52.65 -13.90
C GLY A 8 -87.58 -51.66 -12.76
N HIS A 9 -87.25 -50.42 -13.09
CA HIS A 9 -87.14 -49.37 -12.10
C HIS A 9 -87.91 -48.12 -12.52
N HIS A 10 -87.92 -47.11 -11.64
CA HIS A 10 -88.63 -45.86 -11.92
C HIS A 10 -87.81 -44.85 -12.72
N ALA A 11 -88.43 -43.72 -13.03
CA ALA A 11 -87.78 -42.66 -13.79
C ALA A 11 -88.46 -41.32 -13.50
N VAL A 12 -87.74 -40.24 -13.76
CA VAL A 12 -88.26 -38.89 -13.53
C VAL A 12 -88.16 -38.05 -14.80
N PRO A 13 -89.02 -37.03 -14.93
CA PRO A 13 -89.02 -36.14 -16.10
C PRO A 13 -87.64 -35.60 -16.43
N ASN A 14 -87.07 -34.83 -15.52
CA ASN A 14 -85.74 -34.25 -15.72
C ASN A 14 -84.87 -34.46 -14.49
N GLY A 15 -83.92 -35.38 -14.60
CA GLY A 15 -83.03 -35.66 -13.48
C GLY A 15 -81.93 -34.64 -13.33
N THR A 16 -80.96 -34.95 -12.46
CA THR A 16 -79.84 -34.05 -12.21
C THR A 16 -78.52 -34.77 -12.47
N LEU A 17 -77.51 -34.02 -12.87
CA LEU A 17 -76.19 -34.59 -13.15
C LEU A 17 -75.33 -34.66 -11.89
N VAL A 18 -74.44 -35.64 -11.83
CA VAL A 18 -73.56 -35.81 -10.69
C VAL A 18 -72.16 -36.25 -11.14
N LYS A 19 -71.15 -35.88 -10.38
CA LYS A 19 -69.78 -36.24 -10.70
C LYS A 19 -69.39 -37.57 -10.05
N THR A 20 -69.14 -38.58 -10.89
CA THR A 20 -68.77 -39.89 -10.40
C THR A 20 -67.39 -40.27 -10.94
N ILE A 21 -66.79 -41.30 -10.34
CA ILE A 21 -65.47 -41.75 -10.75
C ILE A 21 -65.48 -42.27 -12.20
N THR A 22 -66.20 -43.36 -12.43
CA THR A 22 -66.28 -43.98 -13.76
C THR A 22 -66.72 -43.02 -14.86
N ASP A 23 -67.92 -42.44 -14.72
CA ASP A 23 -68.42 -41.50 -15.72
C ASP A 23 -68.14 -40.08 -15.26
N ASP A 24 -67.65 -39.24 -16.17
CA ASP A 24 -67.33 -37.86 -15.84
C ASP A 24 -68.58 -37.04 -15.53
N GLN A 25 -69.72 -37.48 -16.08
CA GLN A 25 -70.98 -36.79 -15.86
C GLN A 25 -72.14 -37.74 -16.14
N ILE A 26 -73.05 -37.88 -15.19
CA ILE A 26 -74.20 -38.77 -15.37
C ILE A 26 -75.43 -38.25 -14.62
N GLU A 27 -76.60 -38.54 -15.16
CA GLU A 27 -77.87 -38.10 -14.58
C GLU A 27 -78.51 -39.13 -13.66
N VAL A 28 -79.09 -38.65 -12.56
CA VAL A 28 -79.76 -39.52 -11.60
C VAL A 28 -81.23 -39.10 -11.48
N THR A 29 -81.94 -39.68 -10.51
CA THR A 29 -83.35 -39.36 -10.31
C THR A 29 -83.54 -38.37 -9.17
N ASN A 30 -82.46 -38.07 -8.46
CA ASN A 30 -82.54 -37.14 -7.34
C ASN A 30 -81.14 -36.71 -6.88
N ALA A 31 -81.01 -35.44 -6.50
CA ALA A 31 -79.74 -34.91 -6.04
C ALA A 31 -79.95 -34.02 -4.81
N THR A 32 -78.87 -33.39 -4.34
CA THR A 32 -78.94 -32.51 -3.18
C THR A 32 -77.64 -31.73 -3.02
N GLU A 33 -77.76 -30.45 -2.69
CA GLU A 33 -76.59 -29.60 -2.51
C GLU A 33 -75.94 -29.85 -1.16
N LEU A 34 -74.61 -30.03 -1.17
CA LEU A 34 -73.86 -30.28 0.05
C LEU A 34 -73.00 -29.08 0.45
N VAL A 35 -73.22 -27.96 -0.23
CA VAL A 35 -72.46 -26.75 0.05
C VAL A 35 -73.39 -25.57 0.27
N GLN A 36 -73.44 -25.08 1.51
CA GLN A 36 -74.30 -23.95 1.84
C GLN A 36 -73.76 -22.70 1.16
N SER A 37 -74.54 -22.14 0.25
CA SER A 37 -74.13 -20.94 -0.48
C SER A 37 -74.98 -19.71 -0.14
N SER A 38 -76.21 -19.92 0.29
CA SER A 38 -77.09 -18.82 0.65
C SER A 38 -76.83 -18.35 2.08
N SER A 39 -77.38 -17.18 2.42
CA SER A 39 -77.21 -16.60 3.74
C SER A 39 -78.32 -15.61 4.05
N THR A 40 -78.90 -15.72 5.25
CA THR A 40 -79.96 -14.82 5.68
C THR A 40 -79.46 -13.39 5.68
N GLY A 41 -78.21 -13.21 6.07
CA GLY A 41 -77.63 -11.88 6.12
C GLY A 41 -77.77 -11.23 7.48
N LYS A 42 -78.31 -11.97 8.44
CA LYS A 42 -78.52 -11.45 9.78
C LYS A 42 -77.93 -12.40 10.82
N ILE A 43 -77.37 -11.84 11.88
CA ILE A 43 -76.77 -12.62 12.96
C ILE A 43 -77.82 -13.03 13.97
N CYS A 44 -78.04 -14.33 14.13
CA CYS A 44 -79.02 -14.83 15.08
C CYS A 44 -78.44 -14.78 16.50
N ASN A 45 -79.03 -13.92 17.32
CA ASN A 45 -78.58 -13.73 18.71
C ASN A 45 -78.56 -14.99 19.55
N ASN A 46 -79.28 -16.03 19.14
CA ASN A 46 -79.30 -17.27 19.90
C ASN A 46 -78.75 -18.44 19.09
N PRO A 47 -78.23 -19.47 19.78
CA PRO A 47 -78.15 -19.57 21.25
C PRO A 47 -77.02 -18.71 21.83
N HIS A 48 -75.91 -18.66 21.10
CA HIS A 48 -74.73 -17.90 21.52
C HIS A 48 -75.07 -16.45 21.83
N ARG A 49 -74.85 -16.04 23.08
CA ARG A 49 -75.13 -14.67 23.48
C ARG A 49 -74.24 -13.77 22.63
N ILE A 50 -74.85 -12.92 21.82
CA ILE A 50 -74.11 -12.03 20.95
C ILE A 50 -74.14 -10.58 21.44
N LEU A 51 -72.96 -9.97 21.53
CA LEU A 51 -72.84 -8.59 21.98
C LEU A 51 -72.44 -7.68 20.83
N ASP A 52 -73.20 -6.60 20.65
CA ASP A 52 -72.92 -5.65 19.59
C ASP A 52 -72.17 -4.45 20.15
N GLY A 53 -70.88 -4.37 19.85
CA GLY A 53 -70.07 -3.27 20.33
C GLY A 53 -70.36 -1.99 19.56
N ILE A 54 -71.26 -2.09 18.58
CA ILE A 54 -71.62 -0.95 17.73
C ILE A 54 -70.36 -0.14 17.41
N ASP A 55 -70.48 1.19 17.47
CA ASP A 55 -69.33 2.04 17.18
C ASP A 55 -68.32 2.01 18.33
N CYS A 56 -67.82 0.82 18.63
CA CYS A 56 -66.83 0.63 19.69
C CYS A 56 -65.99 -0.62 19.42
N THR A 57 -64.71 -0.54 19.76
CA THR A 57 -63.80 -1.67 19.57
C THR A 57 -63.63 -2.34 20.93
N LEU A 58 -63.50 -3.67 20.92
CA LEU A 58 -63.33 -4.41 22.16
C LEU A 58 -62.27 -3.77 23.04
N ILE A 59 -61.27 -3.15 22.42
CA ILE A 59 -60.20 -2.49 23.14
C ILE A 59 -60.68 -1.18 23.74
N ASP A 60 -61.33 -0.34 22.92
CA ASP A 60 -61.84 0.94 23.41
C ASP A 60 -62.80 0.71 24.55
N ALA A 61 -63.41 -0.47 24.57
CA ALA A 61 -64.36 -0.84 25.62
C ALA A 61 -63.54 -1.18 26.87
N LEU A 62 -62.53 -2.02 26.69
CA LEU A 62 -61.67 -2.44 27.78
C LEU A 62 -61.08 -1.20 28.44
N LEU A 63 -60.29 -0.46 27.67
CA LEU A 63 -59.65 0.76 28.15
C LEU A 63 -60.67 1.61 28.92
N GLY A 64 -61.87 1.71 28.37
CA GLY A 64 -62.91 2.50 29.01
C GLY A 64 -63.10 3.86 28.38
N ASP A 65 -63.34 3.88 27.07
CA ASP A 65 -63.54 5.12 26.34
C ASP A 65 -64.93 5.67 26.69
N PRO A 66 -65.04 6.99 26.87
CA PRO A 66 -66.30 7.65 27.21
C PRO A 66 -67.54 7.13 26.50
N HIS A 67 -67.48 7.03 25.17
CA HIS A 67 -68.61 6.56 24.39
C HIS A 67 -68.82 5.05 24.46
N CYS A 68 -67.87 4.33 25.06
CA CYS A 68 -67.99 2.88 25.18
C CYS A 68 -68.14 2.42 26.62
N ASP A 69 -68.23 3.39 27.54
CA ASP A 69 -68.38 3.07 28.96
C ASP A 69 -69.59 2.17 29.19
N VAL A 70 -70.58 2.28 28.32
CA VAL A 70 -71.80 1.48 28.44
C VAL A 70 -71.48 -0.01 28.41
N PHE A 71 -70.33 -0.37 27.85
CA PHE A 71 -69.92 -1.76 27.76
C PHE A 71 -69.15 -2.24 29.00
N GLN A 72 -68.90 -1.34 29.93
CA GLN A 72 -68.17 -1.72 31.14
C GLN A 72 -68.87 -2.86 31.87
N ASN A 73 -68.06 -3.73 32.47
CA ASN A 73 -68.60 -4.88 33.20
C ASN A 73 -69.48 -5.74 32.31
N GLU A 74 -69.16 -5.80 31.03
CA GLU A 74 -69.92 -6.59 30.06
C GLU A 74 -69.33 -7.97 29.82
N THR A 75 -70.22 -8.95 29.65
CA THR A 75 -69.82 -10.33 29.39
C THR A 75 -70.33 -10.63 27.98
N TRP A 76 -69.93 -11.76 27.41
CA TRP A 76 -70.38 -12.11 26.07
C TRP A 76 -69.89 -13.47 25.60
N ASP A 77 -70.46 -13.95 24.50
CA ASP A 77 -70.09 -15.22 23.91
C ASP A 77 -69.27 -14.93 22.66
N LEU A 78 -69.77 -14.02 21.84
CA LEU A 78 -69.10 -13.62 20.60
C LEU A 78 -69.22 -12.11 20.40
N PHE A 79 -68.18 -11.38 20.79
CA PHE A 79 -68.17 -9.94 20.65
C PHE A 79 -68.04 -9.54 19.18
N VAL A 80 -69.10 -8.96 18.64
CA VAL A 80 -69.11 -8.52 17.25
C VAL A 80 -68.58 -7.10 17.17
N GLU A 81 -67.61 -6.88 16.29
CA GLU A 81 -67.01 -5.57 16.13
C GLU A 81 -67.45 -4.93 14.83
N ARG A 82 -68.11 -3.78 14.93
CA ARG A 82 -68.62 -3.06 13.77
C ARG A 82 -67.54 -2.21 13.10
N SER A 83 -67.70 -1.96 11.81
CA SER A 83 -66.75 -1.14 11.07
C SER A 83 -66.98 0.33 11.38
N LYS A 84 -68.24 0.68 11.63
CA LYS A 84 -68.61 2.05 11.96
C LYS A 84 -67.88 2.47 13.23
N ALA A 85 -67.29 1.49 13.91
CA ALA A 85 -66.56 1.72 15.15
C ALA A 85 -65.54 2.84 15.03
N PHE A 86 -65.06 3.32 16.18
CA PHE A 86 -64.08 4.39 16.23
C PHE A 86 -63.79 4.72 17.69
N SER A 87 -62.66 5.38 17.92
CA SER A 87 -62.26 5.76 19.27
C SER A 87 -62.24 7.28 19.40
N ASN A 88 -62.55 7.79 20.60
CA ASN A 88 -62.58 9.23 20.81
C ASN A 88 -61.98 9.62 22.17
N CYS A 89 -60.85 9.01 22.52
CA CYS A 89 -60.18 9.30 23.78
C CYS A 89 -58.71 9.60 23.48
N TYR A 90 -57.91 9.77 24.52
CA TYR A 90 -56.49 10.09 24.34
C TYR A 90 -55.81 9.10 23.39
N PRO A 91 -55.06 9.61 22.40
CA PRO A 91 -54.37 8.76 21.43
C PRO A 91 -53.49 7.69 22.07
N TYR A 92 -53.73 6.44 21.69
CA TYR A 92 -52.97 5.31 22.24
C TYR A 92 -52.51 4.36 21.14
N ASP A 93 -51.59 3.47 21.50
CA ASP A 93 -51.06 2.47 20.58
C ASP A 93 -50.71 1.24 21.41
N VAL A 94 -51.35 0.12 21.09
CA VAL A 94 -51.11 -1.12 21.82
C VAL A 94 -50.14 -2.05 21.12
N PRO A 95 -48.90 -2.15 21.64
CA PRO A 95 -47.90 -3.03 21.04
C PRO A 95 -48.43 -4.46 21.00
N ASP A 96 -48.30 -5.11 19.85
CA ASP A 96 -48.79 -6.48 19.70
C ASP A 96 -50.29 -6.46 19.97
N TYR A 97 -50.91 -5.34 19.60
CA TYR A 97 -52.34 -5.10 19.77
C TYR A 97 -53.20 -6.33 19.51
N ALA A 98 -53.13 -6.86 18.29
CA ALA A 98 -53.90 -8.02 17.90
C ALA A 98 -53.96 -9.10 18.98
N SER A 99 -52.81 -9.47 19.52
CA SER A 99 -52.73 -10.48 20.56
C SER A 99 -53.66 -10.15 21.73
N LEU A 100 -53.41 -8.99 22.34
CA LEU A 100 -54.21 -8.54 23.47
C LEU A 100 -55.70 -8.65 23.16
N ARG A 101 -56.11 -8.07 22.04
CA ARG A 101 -57.50 -8.10 21.62
C ARG A 101 -58.00 -9.54 21.55
N SER A 102 -57.17 -10.41 20.98
CA SER A 102 -57.51 -11.83 20.85
C SER A 102 -57.77 -12.49 22.19
N LEU A 103 -56.82 -12.34 23.12
CA LEU A 103 -56.95 -12.94 24.44
C LEU A 103 -58.17 -12.43 25.18
N VAL A 104 -58.43 -11.13 25.07
CA VAL A 104 -59.58 -10.52 25.74
C VAL A 104 -60.86 -11.17 25.25
N ALA A 105 -60.99 -11.29 23.94
CA ALA A 105 -62.18 -11.91 23.35
C ALA A 105 -62.33 -13.34 23.85
N SER A 106 -61.20 -14.00 24.07
CA SER A 106 -61.20 -15.38 24.56
C SER A 106 -61.86 -15.47 25.93
N SER A 107 -61.54 -14.49 26.79
CA SER A 107 -62.11 -14.46 28.13
C SER A 107 -63.62 -14.30 28.04
N GLY A 108 -64.06 -13.33 27.25
CA GLY A 108 -65.48 -13.09 27.08
C GLY A 108 -66.12 -12.25 28.16
N THR A 109 -65.35 -11.36 28.77
CA THR A 109 -65.87 -10.51 29.84
C THR A 109 -64.94 -9.36 30.20
N LEU A 110 -65.48 -8.15 30.19
CA LEU A 110 -64.72 -6.95 30.54
C LEU A 110 -64.95 -6.63 32.00
N GLU A 111 -65.37 -7.63 32.76
CA GLU A 111 -65.64 -7.48 34.19
C GLU A 111 -64.44 -6.87 34.89
N PHE A 112 -64.59 -5.63 35.34
CA PHE A 112 -63.51 -4.94 36.04
C PHE A 112 -63.71 -5.00 37.54
N ILE A 113 -62.61 -5.17 38.27
CA ILE A 113 -62.66 -5.26 39.72
C ILE A 113 -61.66 -4.27 40.32
N THR A 114 -62.14 -3.05 40.56
CA THR A 114 -61.30 -1.99 41.12
C THR A 114 -60.60 -2.41 42.41
N GLU A 115 -59.28 -2.20 42.46
CA GLU A 115 -58.50 -2.53 43.64
C GLU A 115 -58.05 -1.25 44.34
N GLY A 116 -57.91 -1.32 45.66
CA GLY A 116 -57.51 -0.15 46.42
C GLY A 116 -56.05 0.20 46.35
N PHE A 117 -55.62 0.80 45.22
CA PHE A 117 -54.23 1.20 45.05
C PHE A 117 -53.98 2.50 45.81
N THR A 118 -52.79 2.62 46.39
CA THR A 118 -52.43 3.81 47.14
C THR A 118 -51.16 4.47 46.61
N TRP A 119 -51.34 5.55 45.86
CA TRP A 119 -50.21 6.28 45.28
C TRP A 119 -49.93 7.48 46.19
N THR A 120 -48.78 7.44 46.86
CA THR A 120 -48.40 8.51 47.78
C THR A 120 -47.58 9.62 47.13
N GLY A 121 -47.73 10.83 47.66
CA GLY A 121 -47.00 11.98 47.14
C GLY A 121 -47.16 12.24 45.66
N VAL A 122 -48.33 11.94 45.12
CA VAL A 122 -48.58 12.18 43.70
C VAL A 122 -50.07 12.37 43.41
N THR A 123 -50.37 13.27 42.48
CA THR A 123 -51.75 13.55 42.11
C THR A 123 -52.35 12.37 41.33
N GLN A 124 -53.67 12.25 41.37
CA GLN A 124 -54.36 11.17 40.68
C GLN A 124 -55.55 11.67 39.86
N ASN A 125 -56.16 10.75 39.13
CA ASN A 125 -57.32 11.06 38.30
C ASN A 125 -57.07 12.22 37.34
N GLY A 126 -56.02 12.12 36.53
CA GLY A 126 -55.72 13.16 35.57
C GLY A 126 -56.65 13.09 34.38
N GLY A 127 -56.91 14.24 33.76
CA GLY A 127 -57.79 14.27 32.61
C GLY A 127 -57.35 15.24 31.53
N SER A 128 -57.92 15.10 30.34
CA SER A 128 -57.59 15.96 29.20
C SER A 128 -58.80 16.18 28.31
N ASN A 129 -58.69 17.14 27.40
CA ASN A 129 -59.78 17.47 26.48
C ASN A 129 -60.04 16.35 25.48
N ALA A 130 -58.97 15.79 24.93
CA ALA A 130 -59.07 14.72 23.95
C ALA A 130 -60.09 13.65 24.36
N CYS A 131 -60.15 13.38 25.65
CA CYS A 131 -61.07 12.37 26.18
C CYS A 131 -62.04 13.03 27.15
N LYS A 132 -63.09 13.65 26.61
CA LYS A 132 -64.08 14.32 27.45
C LYS A 132 -65.28 13.45 27.78
N ARG A 133 -65.50 13.22 29.07
CA ARG A 133 -66.63 12.43 29.54
C ARG A 133 -67.71 13.41 29.95
N GLY A 134 -68.55 13.79 28.99
CA GLY A 134 -69.62 14.74 29.25
C GLY A 134 -69.11 16.13 28.92
N PRO A 135 -69.59 17.18 29.62
CA PRO A 135 -69.14 18.54 29.34
C PRO A 135 -67.69 18.75 29.78
N GLY A 136 -67.39 18.35 31.00
CA GLY A 136 -66.03 18.49 31.51
C GLY A 136 -65.11 17.41 30.99
N SER A 137 -63.83 17.73 30.88
CA SER A 137 -62.83 16.78 30.38
C SER A 137 -62.83 15.49 31.20
N GLY A 138 -62.10 14.49 30.72
CA GLY A 138 -62.02 13.22 31.40
C GLY A 138 -60.84 12.38 30.99
N PHE A 139 -60.93 11.07 31.22
CA PHE A 139 -59.86 10.14 30.87
C PHE A 139 -60.42 8.72 30.81
N PHE A 140 -59.55 7.73 30.66
CA PHE A 140 -59.99 6.34 30.59
C PHE A 140 -60.60 5.89 31.93
N SER A 141 -61.61 5.03 31.84
CA SER A 141 -62.30 4.53 33.02
C SER A 141 -61.50 3.56 33.88
N ARG A 142 -61.01 2.49 33.28
CA ARG A 142 -60.24 1.50 34.03
C ARG A 142 -58.80 1.96 34.18
N LEU A 143 -58.52 3.18 33.73
CA LEU A 143 -57.20 3.76 33.82
C LEU A 143 -57.17 5.00 34.70
N ASN A 144 -55.97 5.37 35.14
CA ASN A 144 -55.79 6.53 36.00
C ASN A 144 -54.50 7.26 35.62
N TRP A 145 -54.63 8.56 35.36
CA TRP A 145 -53.47 9.38 34.99
C TRP A 145 -52.78 9.84 36.28
N VAL A 146 -51.49 9.53 36.38
CA VAL A 146 -50.71 9.91 37.55
C VAL A 146 -49.86 11.14 37.27
N THR A 147 -50.32 12.30 37.74
CA THR A 147 -49.61 13.56 37.53
C THR A 147 -48.86 13.95 38.81
N LYS A 148 -47.73 14.61 38.64
CA LYS A 148 -46.91 15.03 39.77
C LYS A 148 -47.70 15.85 40.78
N SER A 149 -47.37 15.69 42.05
CA SER A 149 -48.02 16.40 43.14
C SER A 149 -47.11 17.52 43.65
N GLY A 150 -47.62 18.74 43.66
CA GLY A 150 -46.83 19.86 44.12
C GLY A 150 -45.63 20.08 43.21
N SER A 151 -44.43 20.05 43.79
CA SER A 151 -43.21 20.26 43.01
C SER A 151 -42.36 18.99 42.90
N THR A 152 -42.94 17.84 43.23
CA THR A 152 -42.18 16.60 43.17
C THR A 152 -42.97 15.35 42.74
N TYR A 153 -42.26 14.42 42.12
CA TYR A 153 -42.83 13.16 41.66
C TYR A 153 -41.98 12.05 42.27
N PRO A 154 -42.26 11.70 43.53
CA PRO A 154 -41.49 10.65 44.21
C PRO A 154 -41.60 9.34 43.44
N VAL A 155 -40.49 8.60 43.36
CA VAL A 155 -40.51 7.33 42.67
C VAL A 155 -41.63 6.49 43.29
N LEU A 156 -42.72 6.32 42.57
CA LEU A 156 -43.84 5.54 43.08
C LEU A 156 -43.50 4.06 43.09
N ASN A 157 -43.80 3.41 44.20
CA ASN A 157 -43.53 1.98 44.37
C ASN A 157 -44.61 1.35 45.24
N VAL A 158 -45.43 0.51 44.63
CA VAL A 158 -46.50 -0.18 45.35
C VAL A 158 -46.49 -1.66 45.00
N THR A 159 -47.45 -2.40 45.57
CA THR A 159 -47.55 -3.83 45.34
C THR A 159 -49.00 -4.29 45.48
N MET A 160 -49.30 -5.44 44.86
CA MET A 160 -50.65 -5.99 44.92
C MET A 160 -50.61 -7.51 44.76
N PRO A 161 -50.96 -8.25 45.83
CA PRO A 161 -50.97 -9.71 45.82
C PRO A 161 -52.22 -10.29 45.18
N ASN A 162 -52.08 -11.48 44.61
CA ASN A 162 -53.20 -12.15 43.98
C ASN A 162 -53.67 -13.32 44.83
N ASN A 163 -54.33 -13.00 45.94
CA ASN A 163 -54.84 -14.01 46.86
C ASN A 163 -55.85 -14.89 46.13
N ASP A 164 -56.69 -14.24 45.32
CA ASP A 164 -57.72 -14.92 44.56
C ASP A 164 -57.13 -16.06 43.73
N ASN A 165 -57.92 -17.11 43.52
CA ASN A 165 -57.47 -18.28 42.77
C ASN A 165 -57.62 -18.16 41.25
N PHE A 166 -58.06 -17.00 40.77
CA PHE A 166 -58.23 -16.80 39.34
C PHE A 166 -57.19 -15.82 38.79
N ASP A 167 -56.81 -16.00 37.53
CA ASP A 167 -55.83 -15.15 36.89
C ASP A 167 -56.30 -13.70 36.78
N LYS A 168 -55.44 -12.78 37.19
CA LYS A 168 -55.75 -11.36 37.15
C LYS A 168 -55.11 -10.70 35.92
N LEU A 169 -55.83 -9.76 35.33
CA LEU A 169 -55.33 -9.05 34.16
C LEU A 169 -55.30 -7.54 34.38
N TYR A 170 -54.11 -7.01 34.64
CA TYR A 170 -53.95 -5.58 34.87
C TYR A 170 -53.53 -4.88 33.59
N ILE A 171 -54.31 -3.88 33.19
CA ILE A 171 -54.02 -3.12 31.98
C ILE A 171 -53.45 -1.75 32.34
N TRP A 172 -52.20 -1.52 31.97
CA TRP A 172 -51.53 -0.26 32.26
C TRP A 172 -51.01 0.39 30.99
N GLY A 173 -50.24 1.47 31.15
CA GLY A 173 -49.69 2.16 30.01
C GLY A 173 -48.63 3.17 30.37
N VAL A 174 -47.93 3.66 29.36
CA VAL A 174 -46.88 4.66 29.55
C VAL A 174 -47.18 5.87 28.67
N HIS A 175 -46.88 7.06 29.16
CA HIS A 175 -47.13 8.28 28.41
C HIS A 175 -45.88 8.74 27.66
N HIS A 176 -46.07 9.19 26.42
CA HIS A 176 -44.97 9.67 25.60
C HIS A 176 -45.08 11.17 25.36
N PRO A 177 -44.49 11.98 26.25
CA PRO A 177 -44.52 13.44 26.16
C PRO A 177 -44.11 13.94 24.78
N SER A 178 -44.79 14.96 24.28
CA SER A 178 -44.49 15.52 22.97
C SER A 178 -43.37 16.54 23.07
N THR A 179 -43.15 17.07 24.26
CA THR A 179 -42.10 18.06 24.49
C THR A 179 -41.41 17.83 25.84
N ASN A 180 -40.22 18.42 26.00
CA ASN A 180 -39.47 18.27 27.24
C ASN A 180 -40.15 19.03 28.38
N GLN A 181 -40.64 20.24 28.08
CA GLN A 181 -41.32 21.04 29.09
C GLN A 181 -42.56 20.30 29.60
N GLU A 182 -43.26 19.63 28.70
CA GLU A 182 -44.44 18.87 29.07
C GLU A 182 -44.02 17.73 29.99
N GLN A 183 -42.89 17.13 29.68
CA GLN A 183 -42.32 16.04 30.45
C GLN A 183 -41.92 16.51 31.85
N THR A 184 -41.02 17.48 31.88
CA THR A 184 -40.53 18.02 33.15
C THR A 184 -41.63 18.66 33.98
N SER A 185 -42.68 19.14 33.31
CA SER A 185 -43.80 19.78 34.00
C SER A 185 -44.77 18.76 34.56
N LEU A 186 -45.23 17.86 33.70
CA LEU A 186 -46.18 16.82 34.11
C LEU A 186 -45.54 15.68 34.90
N TYR A 187 -44.23 15.50 34.73
CA TYR A 187 -43.54 14.41 35.40
C TYR A 187 -42.30 14.79 36.20
N VAL A 188 -42.06 16.09 36.39
CA VAL A 188 -40.89 16.52 37.13
C VAL A 188 -39.63 16.08 36.39
N GLN A 189 -38.82 15.22 37.00
CA GLN A 189 -37.59 14.75 36.36
C GLN A 189 -37.87 14.44 34.89
N ALA A 190 -37.07 15.02 34.00
CA ALA A 190 -37.23 14.85 32.57
C ALA A 190 -37.16 13.41 32.04
N SER A 191 -36.62 12.49 32.84
CA SER A 191 -36.52 11.11 32.40
C SER A 191 -37.50 10.19 33.13
N GLY A 192 -38.61 9.89 32.46
CA GLY A 192 -39.61 9.01 33.05
C GLY A 192 -39.21 7.55 32.93
N ARG A 193 -39.94 6.66 33.59
CA ARG A 193 -39.64 5.24 33.54
C ARG A 193 -40.69 4.41 34.28
N VAL A 194 -41.15 3.35 33.62
CA VAL A 194 -42.15 2.45 34.20
C VAL A 194 -41.54 1.07 34.33
N THR A 195 -41.82 0.39 35.44
CA THR A 195 -41.28 -0.94 35.65
C THR A 195 -42.25 -1.91 36.30
N VAL A 196 -43.22 -2.40 35.52
CA VAL A 196 -44.18 -3.35 36.05
C VAL A 196 -43.49 -4.72 36.07
N SER A 197 -43.72 -5.47 37.14
CA SER A 197 -43.08 -6.78 37.26
C SER A 197 -43.82 -7.72 38.19
N THR A 198 -43.77 -9.01 37.84
CA THR A 198 -44.42 -10.05 38.64
C THR A 198 -43.35 -11.01 39.12
N ARG A 199 -43.73 -11.96 39.96
CA ARG A 199 -42.78 -12.92 40.49
C ARG A 199 -42.28 -13.85 39.37
N ARG A 200 -42.93 -13.78 38.21
CA ARG A 200 -42.54 -14.60 37.07
C ARG A 200 -41.79 -13.81 35.99
N SER A 201 -42.47 -12.82 35.41
CA SER A 201 -41.87 -12.01 34.36
C SER A 201 -41.57 -10.58 34.83
N GLN A 202 -40.91 -9.83 33.96
CA GLN A 202 -40.54 -8.44 34.25
C GLN A 202 -40.69 -7.60 32.98
N GLN A 203 -41.24 -6.39 33.14
CA GLN A 203 -41.43 -5.50 32.01
C GLN A 203 -41.09 -4.07 32.38
N THR A 204 -40.23 -3.43 31.58
CA THR A 204 -39.83 -2.05 31.84
C THR A 204 -39.87 -1.24 30.55
N ILE A 205 -40.54 -0.09 30.61
CA ILE A 205 -40.68 0.78 29.44
C ILE A 205 -40.10 2.16 29.73
N ILE A 206 -39.60 2.82 28.70
CA ILE A 206 -39.04 4.15 28.82
C ILE A 206 -39.78 5.12 27.90
N PRO A 207 -40.23 6.27 28.45
CA PRO A 207 -40.95 7.26 27.66
C PRO A 207 -40.11 7.80 26.50
N ASN A 208 -40.75 8.05 25.37
CA ASN A 208 -40.06 8.58 24.20
C ASN A 208 -40.54 9.97 23.84
N ILE A 209 -39.89 10.99 24.41
CA ILE A 209 -40.25 12.37 24.16
C ILE A 209 -40.01 12.73 22.69
N GLY A 210 -40.98 13.41 22.08
CA GLY A 210 -40.85 13.80 20.69
C GLY A 210 -42.20 14.12 20.08
N SER A 211 -42.21 15.06 19.14
CA SER A 211 -43.46 15.45 18.48
C SER A 211 -43.86 14.39 17.47
N ARG A 212 -45.16 14.15 17.36
CA ARG A 212 -45.69 13.15 16.44
C ARG A 212 -47.03 13.58 15.84
N PRO A 213 -47.52 12.85 14.82
CA PRO A 213 -48.79 13.17 14.18
C PRO A 213 -49.87 13.66 15.13
N TRP A 214 -50.41 14.85 14.86
CA TRP A 214 -51.44 15.44 15.69
C TRP A 214 -52.76 14.69 15.58
N VAL A 215 -53.35 14.36 16.72
CA VAL A 215 -54.60 13.63 16.76
C VAL A 215 -55.49 14.16 17.88
N ARG A 216 -56.77 14.37 17.56
CA ARG A 216 -57.73 14.90 18.53
C ARG A 216 -57.19 16.07 19.32
N GLY A 217 -56.26 16.81 18.71
CA GLY A 217 -55.68 17.97 19.37
C GLY A 217 -54.49 17.68 20.26
N LEU A 218 -53.81 16.57 20.01
CA LEU A 218 -52.65 16.20 20.82
C LEU A 218 -51.51 15.60 20.00
N SER A 219 -50.29 16.03 20.32
CA SER A 219 -49.10 15.54 19.64
C SER A 219 -48.38 14.53 20.53
N SER A 220 -49.11 14.00 21.51
CA SER A 220 -48.57 13.03 22.45
C SER A 220 -49.28 11.69 22.28
N ARG A 221 -48.78 10.66 22.96
CA ARG A 221 -49.38 9.34 22.89
C ARG A 221 -49.30 8.57 24.21
N ILE A 222 -49.93 7.41 24.25
CA ILE A 222 -49.95 6.55 25.43
C ILE A 222 -49.81 5.10 25.00
N SER A 223 -48.73 4.45 25.41
CA SER A 223 -48.50 3.05 25.05
C SER A 223 -49.21 2.13 26.03
N ILE A 224 -49.99 1.19 25.51
CA ILE A 224 -50.73 0.25 26.32
C ILE A 224 -49.97 -1.06 26.52
N TYR A 225 -49.84 -1.48 27.78
CA TYR A 225 -49.16 -2.71 28.12
C TYR A 225 -49.98 -3.50 29.14
N TRP A 226 -50.09 -4.80 28.93
CA TRP A 226 -50.87 -5.65 29.82
C TRP A 226 -49.97 -6.66 30.53
N THR A 227 -50.28 -6.95 31.79
CA THR A 227 -49.50 -7.90 32.57
C THR A 227 -50.41 -8.84 33.35
N ILE A 228 -50.39 -10.12 32.99
CA ILE A 228 -51.22 -11.12 33.65
C ILE A 228 -50.55 -11.60 34.93
N VAL A 229 -51.35 -11.71 35.99
CA VAL A 229 -50.84 -12.15 37.28
C VAL A 229 -51.52 -13.46 37.70
N LYS A 230 -50.76 -14.56 37.66
CA LYS A 230 -51.30 -15.86 38.03
C LYS A 230 -51.59 -15.98 39.52
N PRO A 231 -52.43 -16.94 39.91
CA PRO A 231 -52.81 -17.18 41.31
C PRO A 231 -51.61 -17.34 42.24
N GLY A 232 -51.69 -16.72 43.41
CA GLY A 232 -50.61 -16.80 44.37
C GLY A 232 -49.51 -15.81 44.08
N ASP A 233 -49.21 -15.61 42.80
CA ASP A 233 -48.16 -14.68 42.39
C ASP A 233 -48.56 -13.26 42.81
N VAL A 234 -47.61 -12.33 42.75
CA VAL A 234 -47.89 -10.95 43.13
C VAL A 234 -47.43 -9.95 42.06
N LEU A 235 -48.07 -8.79 42.05
CA LEU A 235 -47.75 -7.73 41.09
C LEU A 235 -47.00 -6.58 41.77
N VAL A 236 -46.17 -5.90 41.01
CA VAL A 236 -45.39 -4.77 41.53
C VAL A 236 -45.20 -3.72 40.45
N ILE A 237 -45.24 -2.45 40.86
CA ILE A 237 -45.08 -1.34 39.93
C ILE A 237 -44.07 -0.34 40.50
N ASN A 238 -42.96 -0.15 39.79
CA ASN A 238 -41.92 0.78 40.22
C ASN A 238 -41.60 1.76 39.11
N SER A 239 -42.41 2.82 39.00
CA SER A 239 -42.22 3.84 37.98
C SER A 239 -41.65 5.13 38.54
N ASN A 240 -40.86 5.82 37.72
CA ASN A 240 -40.25 7.09 38.11
C ASN A 240 -41.19 8.21 37.66
N GLY A 241 -42.00 7.91 36.65
CA GLY A 241 -42.94 8.88 36.12
C GLY A 241 -43.50 8.43 34.79
N ASN A 242 -44.34 9.25 34.18
CA ASN A 242 -44.95 8.93 32.90
C ASN A 242 -45.75 7.64 33.00
N LEU A 243 -46.12 7.28 34.22
CA LEU A 243 -46.89 6.07 34.49
C LEU A 243 -48.38 6.27 34.32
N ILE A 244 -49.06 5.21 33.90
CA ILE A 244 -50.51 5.22 33.71
C ILE A 244 -51.06 4.00 34.44
N ALA A 245 -51.00 4.04 35.76
CA ALA A 245 -51.47 2.95 36.61
C ALA A 245 -52.97 2.68 36.47
N PRO A 246 -53.36 1.39 36.49
CA PRO A 246 -54.76 0.97 36.38
C PRO A 246 -55.46 1.05 37.73
N ARG A 247 -56.78 1.04 37.71
CA ARG A 247 -57.55 1.11 38.94
C ARG A 247 -57.87 -0.28 39.49
N GLY A 248 -57.61 -1.30 38.67
CA GLY A 248 -57.86 -2.67 39.09
C GLY A 248 -57.46 -3.69 38.04
N TYR A 249 -58.18 -4.80 37.99
CA TYR A 249 -57.89 -5.86 37.03
C TYR A 249 -59.17 -6.40 36.39
N PHE A 250 -59.01 -7.44 35.57
CA PHE A 250 -60.14 -8.08 34.91
C PHE A 250 -60.11 -9.58 35.19
N LYS A 251 -61.25 -10.12 35.62
CA LYS A 251 -61.34 -11.54 35.92
C LYS A 251 -61.34 -12.37 34.65
N MET A 252 -60.13 -12.77 34.23
CA MET A 252 -59.96 -13.57 33.03
C MET A 252 -60.62 -14.94 33.18
N ARG A 253 -61.32 -15.38 32.13
CA ARG A 253 -62.00 -16.67 32.14
C ARG A 253 -61.59 -17.49 30.92
N THR A 254 -61.80 -18.80 31.01
CA THR A 254 -61.46 -19.69 29.91
C THR A 254 -62.76 -20.21 29.27
N GLY A 255 -63.19 -19.54 28.22
CA GLY A 255 -64.43 -19.94 27.57
C GLY A 255 -64.40 -19.94 26.05
N LYS A 256 -65.54 -20.32 25.47
CA LYS A 256 -65.69 -20.40 24.02
C LYS A 256 -65.77 -19.00 23.42
N SER A 257 -65.67 -17.98 24.28
CA SER A 257 -65.75 -16.59 23.86
C SER A 257 -64.70 -16.23 22.81
N SER A 258 -65.14 -15.49 21.80
CA SER A 258 -64.28 -15.05 20.71
C SER A 258 -64.84 -13.77 20.08
N ILE A 259 -64.11 -13.22 19.12
CA ILE A 259 -64.54 -12.00 18.44
C ILE A 259 -64.51 -12.16 16.93
N MET A 260 -65.53 -11.66 16.26
CA MET A 260 -65.63 -11.73 14.80
C MET A 260 -65.92 -10.34 14.25
N ARG A 261 -65.30 -10.01 13.12
CA ARG A 261 -65.52 -8.70 12.50
C ARG A 261 -66.63 -8.75 11.47
N SER A 262 -67.63 -7.88 11.63
CA SER A 262 -68.76 -7.82 10.72
C SER A 262 -69.74 -6.70 11.08
N ASP A 263 -70.50 -6.26 10.09
CA ASP A 263 -71.49 -5.20 10.27
C ASP A 263 -72.90 -5.77 10.09
N ALA A 264 -72.97 -7.08 9.97
CA ALA A 264 -74.23 -7.79 9.76
C ALA A 264 -75.30 -7.48 10.81
N PRO A 265 -76.56 -7.32 10.36
CA PRO A 265 -77.67 -7.03 11.27
C PRO A 265 -77.89 -8.18 12.25
N ILE A 266 -78.51 -7.87 13.38
CA ILE A 266 -78.77 -8.88 14.40
C ILE A 266 -80.26 -9.08 14.61
N ASP A 267 -80.83 -10.05 13.90
CA ASP A 267 -82.25 -10.34 14.03
C ASP A 267 -82.46 -11.43 15.07
N THR A 268 -83.62 -11.39 15.74
CA THR A 268 -83.93 -12.38 16.76
C THR A 268 -84.19 -13.74 16.11
N CYS A 269 -83.35 -14.71 16.43
CA CYS A 269 -83.48 -16.05 15.89
C CYS A 269 -82.45 -17.00 16.50
N ILE A 270 -82.66 -18.31 16.28
CA ILE A 270 -81.74 -19.32 16.80
C ILE A 270 -81.00 -19.98 15.63
N SER A 271 -79.67 -19.94 15.68
CA SER A 271 -78.85 -20.53 14.64
C SER A 271 -77.47 -20.86 15.19
N GLU A 272 -77.12 -22.14 15.19
CA GLU A 272 -75.84 -22.59 15.70
C GLU A 272 -74.63 -21.99 15.00
N CYS A 273 -74.72 -21.79 13.69
CA CYS A 273 -73.59 -21.22 12.97
C CYS A 273 -73.71 -19.71 12.75
N ILE A 274 -72.57 -19.03 12.87
CA ILE A 274 -72.50 -17.58 12.70
C ILE A 274 -71.32 -17.23 11.79
N THR A 275 -71.58 -16.37 10.81
CA THR A 275 -70.54 -15.95 9.87
C THR A 275 -70.62 -14.44 9.67
N PRO A 276 -69.52 -13.83 9.19
CA PRO A 276 -69.50 -12.38 8.95
C PRO A 276 -70.59 -11.96 7.98
N ASN A 277 -71.22 -12.93 7.34
CA ASN A 277 -72.28 -12.68 6.37
C ASN A 277 -73.64 -12.94 7.00
N GLY A 278 -73.63 -13.34 8.27
CA GLY A 278 -74.87 -13.63 8.96
C GLY A 278 -75.04 -15.12 9.13
N SER A 279 -75.62 -15.52 10.26
CA SER A 279 -75.85 -16.93 10.57
C SER A 279 -76.32 -17.71 9.34
N ILE A 280 -75.92 -18.98 9.26
CA ILE A 280 -76.30 -19.83 8.15
C ILE A 280 -76.65 -21.23 8.67
N PRO A 281 -77.56 -21.94 7.97
CA PRO A 281 -77.94 -23.28 8.39
C PRO A 281 -76.78 -24.27 8.30
N ASN A 282 -76.67 -25.14 9.29
CA ASN A 282 -75.59 -26.13 9.33
C ASN A 282 -76.10 -27.54 9.02
N ASP A 283 -77.02 -27.63 8.06
CA ASP A 283 -77.59 -28.92 7.68
C ASP A 283 -76.66 -29.63 6.70
N LYS A 284 -75.95 -28.83 5.90
CA LYS A 284 -75.03 -29.37 4.90
C LYS A 284 -73.64 -29.59 5.50
N PRO A 285 -72.81 -30.40 4.83
CA PRO A 285 -71.45 -30.70 5.30
C PRO A 285 -70.46 -29.55 5.13
N PHE A 286 -70.55 -28.87 3.99
CA PHE A 286 -69.64 -27.75 3.70
C PHE A 286 -70.43 -26.48 3.38
N GLN A 287 -69.70 -25.40 3.12
CA GLN A 287 -70.30 -24.12 2.78
C GLN A 287 -69.30 -23.23 2.05
N ASN A 288 -69.81 -22.23 1.35
CA ASN A 288 -68.96 -21.31 0.60
C ASN A 288 -69.23 -19.85 0.93
N VAL A 289 -69.84 -19.62 2.09
CA VAL A 289 -70.16 -18.27 2.52
C VAL A 289 -68.91 -17.48 2.91
N ASN A 290 -68.19 -17.98 3.91
CA ASN A 290 -66.97 -17.31 4.36
C ASN A 290 -66.08 -18.26 5.16
N LYS A 291 -64.77 -18.01 5.12
CA LYS A 291 -63.81 -18.83 5.83
C LYS A 291 -63.90 -18.67 7.35
N ILE A 292 -64.24 -17.46 7.79
CA ILE A 292 -64.38 -17.17 9.21
C ILE A 292 -65.72 -17.73 9.69
N THR A 293 -65.67 -18.58 10.70
CA THR A 293 -66.90 -19.18 11.24
C THR A 293 -66.94 -19.13 12.75
N TYR A 294 -68.02 -19.66 13.33
CA TYR A 294 -68.19 -19.69 14.77
C TYR A 294 -69.27 -20.71 15.13
N GLY A 295 -68.98 -21.52 16.14
CA GLY A 295 -69.92 -22.54 16.56
C GLY A 295 -69.90 -23.71 15.58
N ALA A 296 -71.01 -24.44 15.51
CA ALA A 296 -71.11 -25.57 14.61
C ALA A 296 -71.40 -25.11 13.19
N CYS A 297 -70.38 -25.14 12.34
CA CYS A 297 -70.53 -24.72 10.95
C CYS A 297 -69.94 -25.76 9.99
N PRO A 298 -70.42 -25.78 8.74
CA PRO A 298 -69.91 -26.71 7.72
C PRO A 298 -68.51 -26.31 7.27
N LYS A 299 -67.74 -27.28 6.78
CA LYS A 299 -66.38 -27.02 6.32
C LYS A 299 -66.40 -26.01 5.17
N TYR A 300 -65.53 -25.01 5.23
CA TYR A 300 -65.47 -24.00 4.18
C TYR A 300 -64.63 -24.48 3.00
N VAL A 301 -65.28 -25.13 2.05
CA VAL A 301 -64.60 -25.64 0.86
C VAL A 301 -64.54 -24.53 -0.20
N LYS A 302 -63.75 -24.76 -1.25
CA LYS A 302 -63.63 -23.78 -2.32
C LYS A 302 -64.82 -23.83 -3.27
N GLN A 303 -65.22 -25.04 -3.66
CA GLN A 303 -66.34 -25.22 -4.58
C GLN A 303 -67.57 -24.55 -4.00
N ASN A 304 -68.33 -23.86 -4.86
CA ASN A 304 -69.55 -23.18 -4.43
C ASN A 304 -70.75 -24.12 -4.49
N THR A 305 -70.52 -25.32 -5.01
CA THR A 305 -71.60 -26.30 -5.13
C THR A 305 -71.08 -27.72 -5.35
N LEU A 306 -71.81 -28.70 -4.82
CA LEU A 306 -71.46 -30.11 -4.96
C LEU A 306 -72.73 -30.95 -4.90
N LYS A 307 -73.15 -31.47 -6.05
CA LYS A 307 -74.36 -32.28 -6.14
C LYS A 307 -74.11 -33.74 -5.78
N LEU A 308 -74.78 -34.20 -4.74
CA LEU A 308 -74.66 -35.58 -4.28
C LEU A 308 -75.83 -36.43 -4.76
N ALA A 309 -75.51 -37.58 -5.34
CA ALA A 309 -76.53 -38.49 -5.85
C ALA A 309 -77.32 -39.10 -4.70
N THR A 310 -78.61 -38.75 -4.63
CA THR A 310 -79.48 -39.26 -3.57
C THR A 310 -80.40 -40.31 -4.17
N GLY A 311 -80.88 -40.04 -5.37
CA GLY A 311 -81.77 -40.97 -6.04
C GLY A 311 -81.00 -42.00 -6.84
N MET A 312 -81.73 -42.76 -7.65
CA MET A 312 -81.13 -43.80 -8.49
C MET A 312 -80.66 -43.20 -9.81
N ARG A 313 -79.76 -43.88 -10.49
CA ARG A 313 -79.28 -43.40 -11.78
C ARG A 313 -80.47 -43.55 -12.71
N ASN A 314 -80.76 -42.50 -13.47
CA ASN A 314 -81.92 -42.55 -14.35
C ASN A 314 -81.68 -42.65 -15.84
N VAL A 315 -82.24 -43.70 -16.45
CA VAL A 315 -82.16 -43.90 -17.89
C VAL A 315 -83.56 -43.49 -18.35
N PRO A 316 -83.77 -42.19 -18.58
CA PRO A 316 -85.06 -41.66 -19.03
C PRO A 316 -85.45 -42.12 -20.42
N GLU A 317 -86.67 -41.79 -20.82
CA GLU A 317 -87.22 -42.16 -22.13
C GLU A 317 -87.75 -43.59 -22.07
N LYS A 318 -88.58 -43.97 -23.04
CA LYS A 318 -89.14 -45.30 -23.03
C LYS A 318 -89.41 -45.85 -24.43
N GLN A 319 -89.38 -47.17 -24.56
CA GLN A 319 -89.63 -47.81 -25.85
C GLN A 319 -91.10 -47.54 -26.13
N THR A 320 -91.92 -47.63 -25.07
CA THR A 320 -93.35 -47.39 -25.17
C THR A 320 -93.93 -48.14 -26.36
N ARG A 321 -93.44 -49.34 -26.59
CA ARG A 321 -93.87 -50.12 -27.72
C ARG A 321 -95.35 -50.18 -28.06
N GLY A 322 -95.61 -49.70 -29.27
CA GLY A 322 -96.91 -49.64 -29.89
C GLY A 322 -98.21 -49.60 -29.13
N LEU A 323 -99.16 -50.31 -29.74
CA LEU A 323 -100.52 -50.45 -29.28
C LEU A 323 -100.47 -51.47 -28.17
N PHE A 324 -100.13 -52.70 -28.54
CA PHE A 324 -99.99 -53.76 -27.55
C PHE A 324 -98.62 -53.52 -26.94
N GLY A 325 -98.57 -53.50 -25.61
CA GLY A 325 -97.30 -53.25 -24.94
C GLY A 325 -96.48 -54.50 -24.68
N ALA A 326 -95.28 -54.53 -25.24
CA ALA A 326 -94.39 -55.67 -25.06
C ALA A 326 -94.05 -55.84 -23.58
N ILE A 327 -94.16 -54.76 -22.83
CA ILE A 327 -93.88 -54.76 -21.40
C ILE A 327 -92.40 -55.05 -21.17
N ALA A 328 -91.62 -54.94 -22.25
CA ALA A 328 -90.18 -55.19 -22.24
C ALA A 328 -89.49 -54.84 -20.94
N GLY A 329 -88.52 -55.67 -20.55
CA GLY A 329 -87.78 -55.46 -19.32
C GLY A 329 -86.98 -54.17 -19.31
N PHE A 330 -86.66 -53.71 -18.11
CA PHE A 330 -85.93 -52.47 -17.93
C PHE A 330 -84.78 -52.24 -18.92
N ILE A 331 -83.70 -53.01 -18.78
CA ILE A 331 -82.53 -52.89 -19.66
C ILE A 331 -82.23 -51.43 -20.00
N GLU A 332 -82.68 -50.97 -21.16
CA GLU A 332 -82.43 -49.60 -21.59
C GLU A 332 -83.56 -48.61 -21.35
N ASN A 333 -84.35 -48.83 -20.31
CA ASN A 333 -85.45 -47.92 -20.01
C ASN A 333 -86.01 -48.04 -18.59
N GLY A 334 -86.47 -46.91 -18.07
CA GLY A 334 -87.07 -46.87 -16.75
C GLY A 334 -88.54 -46.60 -16.93
N TRP A 335 -89.37 -47.11 -16.03
CA TRP A 335 -90.80 -46.92 -16.16
C TRP A 335 -91.34 -45.69 -15.41
N GLU A 336 -91.43 -44.57 -16.12
CA GLU A 336 -91.93 -43.33 -15.53
C GLU A 336 -93.35 -43.56 -15.01
N GLY A 337 -93.93 -44.69 -15.40
CA GLY A 337 -95.27 -45.03 -14.96
C GLY A 337 -95.29 -45.50 -13.52
N MET A 338 -94.36 -46.37 -13.18
CA MET A 338 -94.27 -46.89 -11.82
C MET A 338 -93.97 -45.75 -10.86
N ILE A 339 -94.91 -45.47 -9.96
CA ILE A 339 -94.74 -44.40 -8.99
C ILE A 339 -95.04 -44.88 -7.57
N ASP A 340 -94.94 -46.19 -7.37
CA ASP A 340 -95.19 -46.79 -6.07
C ASP A 340 -93.95 -47.44 -5.48
N GLY A 341 -92.83 -47.29 -6.18
CA GLY A 341 -91.58 -47.87 -5.69
C GLY A 341 -90.41 -47.63 -6.62
N TRP A 342 -89.28 -48.25 -6.29
CA TRP A 342 -88.06 -48.13 -7.09
C TRP A 342 -87.93 -49.29 -8.06
N TYR A 343 -88.37 -50.47 -7.62
CA TYR A 343 -88.30 -51.66 -8.45
C TYR A 343 -89.64 -52.39 -8.41
N GLY A 344 -90.13 -52.76 -9.59
CA GLY A 344 -91.41 -53.46 -9.67
C GLY A 344 -91.45 -54.48 -10.79
N PHE A 345 -92.56 -55.19 -10.89
CA PHE A 345 -92.72 -56.20 -11.92
C PHE A 345 -93.90 -55.90 -12.82
N ARG A 346 -93.82 -56.35 -14.07
CA ARG A 346 -94.88 -56.16 -15.04
C ARG A 346 -95.20 -57.47 -15.74
N HIS A 347 -96.37 -58.01 -15.45
CA HIS A 347 -96.80 -59.27 -16.05
C HIS A 347 -97.67 -59.05 -17.29
N GLN A 348 -97.52 -59.94 -18.26
CA GLN A 348 -98.28 -59.88 -19.50
C GLN A 348 -98.92 -61.24 -19.74
N ASN A 349 -99.82 -61.62 -18.84
CA ASN A 349 -100.51 -62.90 -18.94
C ASN A 349 -101.73 -62.81 -19.83
N SER A 350 -102.43 -63.93 -20.00
CA SER A 350 -103.62 -63.98 -20.84
C SER A 350 -104.73 -63.07 -20.31
N GLU A 351 -104.74 -62.85 -19.00
CA GLU A 351 -105.76 -61.99 -18.38
C GLU A 351 -105.50 -60.52 -18.71
N GLY A 352 -104.34 -60.23 -19.27
CA GLY A 352 -104.01 -58.85 -19.62
C GLY A 352 -102.67 -58.40 -19.07
N THR A 353 -102.56 -57.11 -18.77
CA THR A 353 -101.32 -56.54 -18.24
C THR A 353 -101.50 -56.12 -16.79
N GLY A 354 -100.39 -55.82 -16.12
CA GLY A 354 -100.43 -55.39 -14.74
C GLY A 354 -99.05 -55.04 -14.21
N GLN A 355 -99.02 -54.21 -13.18
CA GLN A 355 -97.74 -53.79 -12.58
C GLN A 355 -97.81 -53.79 -11.06
N ALA A 356 -96.71 -54.18 -10.42
CA ALA A 356 -96.63 -54.22 -8.97
C ALA A 356 -95.19 -54.02 -8.53
N ALA A 357 -94.96 -53.07 -7.63
CA ALA A 357 -93.63 -52.78 -7.13
C ALA A 357 -93.27 -53.64 -5.93
N ASP A 358 -92.06 -54.20 -5.96
CA ASP A 358 -91.56 -55.04 -4.88
C ASP A 358 -90.91 -54.17 -3.80
N LEU A 359 -91.66 -53.93 -2.72
CA LEU A 359 -91.16 -53.11 -1.62
C LEU A 359 -89.87 -53.64 -1.02
N LYS A 360 -89.73 -54.96 -0.96
CA LYS A 360 -88.54 -55.59 -0.41
C LYS A 360 -87.26 -55.02 -1.03
N SER A 361 -87.08 -55.28 -2.31
CA SER A 361 -85.90 -54.81 -3.04
C SER A 361 -85.72 -53.29 -2.92
N THR A 362 -86.78 -52.55 -3.23
CA THR A 362 -86.74 -51.09 -3.16
C THR A 362 -86.26 -50.59 -1.81
N GLN A 363 -86.77 -51.19 -0.74
CA GLN A 363 -86.40 -50.77 0.61
C GLN A 363 -84.91 -50.93 0.91
N ALA A 364 -84.34 -52.07 0.51
CA ALA A 364 -82.92 -52.32 0.74
C ALA A 364 -82.06 -51.19 0.19
N ALA A 365 -82.39 -50.72 -1.00
CA ALA A 365 -81.66 -49.64 -1.64
C ALA A 365 -81.75 -48.37 -0.80
N ILE A 366 -82.98 -47.96 -0.50
CA ILE A 366 -83.22 -46.76 0.29
C ILE A 366 -82.45 -46.76 1.61
N ASP A 367 -82.55 -47.86 2.36
CA ASP A 367 -81.85 -47.95 3.64
C ASP A 367 -80.36 -47.65 3.51
N GLN A 368 -79.70 -48.29 2.56
CA GLN A 368 -78.27 -48.08 2.34
C GLN A 368 -77.99 -46.62 2.01
N ILE A 369 -78.78 -46.06 1.12
CA ILE A 369 -78.63 -44.67 0.69
C ILE A 369 -78.73 -43.66 1.83
N ASN A 370 -79.87 -43.64 2.50
CA ASN A 370 -80.13 -42.72 3.60
C ASN A 370 -79.01 -42.57 4.65
N GLY A 371 -78.71 -43.66 5.36
CA GLY A 371 -77.69 -43.61 6.39
C GLY A 371 -76.27 -43.23 6.02
N LYS A 372 -75.84 -43.58 4.82
CA LYS A 372 -74.48 -43.30 4.36
C LYS A 372 -73.97 -41.86 4.54
N LEU A 373 -74.68 -40.89 3.95
CA LEU A 373 -74.28 -39.49 4.04
C LEU A 373 -73.75 -39.06 5.40
N ASN A 374 -74.60 -39.17 6.41
CA ASN A 374 -74.23 -38.77 7.77
C ASN A 374 -73.01 -39.54 8.29
N ARG A 375 -72.89 -40.79 7.89
CA ARG A 375 -71.76 -41.60 8.32
C ARG A 375 -70.45 -41.01 7.80
N VAL A 376 -70.32 -40.92 6.49
CA VAL A 376 -69.13 -40.39 5.86
C VAL A 376 -68.71 -39.05 6.46
N ILE A 377 -69.63 -38.08 6.42
CA ILE A 377 -69.35 -36.74 6.95
C ILE A 377 -69.96 -36.58 8.33
N GLU A 378 -69.21 -35.95 9.23
CA GLU A 378 -69.70 -35.75 10.58
C GLU A 378 -70.75 -34.65 10.62
N LYS A 379 -71.94 -35.00 11.12
CA LYS A 379 -73.05 -34.07 11.21
C LYS A 379 -72.64 -32.66 11.64
N THR A 380 -71.59 -32.57 12.45
CA THR A 380 -71.13 -31.28 12.93
C THR A 380 -69.82 -31.34 13.70
N ASN A 381 -69.20 -30.17 13.87
CA ASN A 381 -67.95 -30.03 14.59
C ASN A 381 -67.93 -28.57 15.04
N GLU A 382 -67.62 -28.32 16.31
CA GLU A 382 -67.57 -26.95 16.81
C GLU A 382 -66.17 -26.36 16.86
N LYS A 383 -66.12 -25.05 16.71
CA LYS A 383 -64.88 -24.30 16.75
C LYS A 383 -65.28 -22.90 17.22
N PHE A 384 -64.43 -22.28 18.03
CA PHE A 384 -64.73 -20.95 18.53
C PHE A 384 -63.61 -19.99 18.18
N HIS A 385 -62.84 -19.55 19.16
CA HIS A 385 -61.74 -18.64 18.85
C HIS A 385 -60.71 -19.37 18.00
N GLN A 386 -60.29 -18.74 16.91
CA GLN A 386 -59.32 -19.34 15.99
C GLN A 386 -58.24 -18.31 15.65
N ILE A 387 -57.84 -18.27 14.38
CA ILE A 387 -56.84 -17.31 13.93
C ILE A 387 -57.52 -16.30 13.03
N GLU A 388 -57.05 -15.06 13.07
CA GLU A 388 -57.61 -14.03 12.22
C GLU A 388 -57.28 -14.52 10.81
N LYS A 389 -58.29 -14.65 9.96
CA LYS A 389 -58.06 -15.11 8.60
C LYS A 389 -58.10 -13.92 7.66
N GLU A 390 -57.96 -12.73 8.25
CA GLU A 390 -57.96 -11.48 7.51
C GLU A 390 -57.11 -10.43 8.20
N PHE A 391 -56.58 -9.51 7.40
CA PHE A 391 -55.76 -8.43 7.91
C PHE A 391 -56.04 -7.19 7.07
N SER A 392 -55.58 -6.03 7.54
CA SER A 392 -55.80 -4.79 6.82
C SER A 392 -54.48 -4.12 6.44
N GLU A 393 -53.38 -4.61 7.02
CA GLU A 393 -52.07 -4.06 6.74
C GLU A 393 -51.02 -5.17 6.66
N VAL A 394 -49.79 -4.80 6.30
CA VAL A 394 -48.71 -5.77 6.18
C VAL A 394 -47.94 -5.95 7.49
N GLU A 395 -47.64 -7.20 7.83
CA GLU A 395 -46.93 -7.52 9.06
C GLU A 395 -45.73 -8.44 8.81
N GLY A 396 -45.43 -8.68 7.54
CA GLY A 396 -44.31 -9.53 7.20
C GLY A 396 -44.47 -10.99 7.57
N ARG A 397 -43.41 -11.56 8.12
CA ARG A 397 -43.36 -12.97 8.52
C ARG A 397 -44.63 -13.53 9.19
N ILE A 398 -44.91 -13.06 10.40
CA ILE A 398 -46.08 -13.52 11.14
C ILE A 398 -47.31 -13.66 10.25
N GLN A 399 -47.74 -12.55 9.66
CA GLN A 399 -48.91 -12.54 8.79
C GLN A 399 -48.82 -13.64 7.74
N ASP A 400 -47.74 -13.63 6.96
CA ASP A 400 -47.53 -14.62 5.91
C ASP A 400 -47.92 -16.03 6.35
N LEU A 401 -47.31 -16.49 7.44
CA LEU A 401 -47.59 -17.81 7.97
C LEU A 401 -49.08 -18.03 8.17
N GLU A 402 -49.70 -17.19 8.99
CA GLU A 402 -51.12 -17.29 9.27
C GLU A 402 -51.96 -17.53 8.02
N LYS A 403 -51.74 -16.73 6.99
CA LYS A 403 -52.47 -16.87 5.73
C LYS A 403 -52.25 -18.26 5.14
N TYR A 404 -50.99 -18.67 5.05
CA TYR A 404 -50.62 -19.96 4.49
C TYR A 404 -51.38 -21.09 5.20
N VAL A 405 -51.28 -21.12 6.52
CA VAL A 405 -51.95 -22.14 7.32
C VAL A 405 -53.40 -22.32 6.92
N GLU A 406 -54.17 -21.24 7.02
CA GLU A 406 -55.59 -21.27 6.67
C GLU A 406 -55.81 -21.69 5.23
N ASP A 407 -55.06 -21.09 4.31
CA ASP A 407 -55.18 -21.39 2.89
C ASP A 407 -54.93 -22.87 2.65
N THR A 408 -53.86 -23.39 3.23
CA THR A 408 -53.49 -24.80 3.08
C THR A 408 -54.65 -25.69 3.53
N LYS A 409 -55.25 -25.34 4.66
CA LYS A 409 -56.36 -26.08 5.22
C LYS A 409 -57.49 -26.23 4.21
N ILE A 410 -57.93 -25.11 3.66
CA ILE A 410 -59.01 -25.08 2.68
C ILE A 410 -58.74 -26.02 1.51
N ASP A 411 -57.64 -25.79 0.80
CA ASP A 411 -57.29 -26.63 -0.35
C ASP A 411 -57.35 -28.11 -0.01
N LEU A 412 -56.72 -28.49 1.10
CA LEU A 412 -56.70 -29.87 1.54
C LEU A 412 -58.13 -30.35 1.81
N TRP A 413 -58.87 -29.57 2.58
CA TRP A 413 -60.25 -29.90 2.91
C TRP A 413 -61.13 -30.02 1.68
N SER A 414 -61.03 -29.04 0.79
CA SER A 414 -61.81 -29.03 -0.45
C SER A 414 -61.64 -30.36 -1.17
N TYR A 415 -60.39 -30.79 -1.34
CA TYR A 415 -60.07 -32.05 -2.00
C TYR A 415 -60.92 -33.17 -1.43
N ASN A 416 -60.91 -33.30 -0.11
CA ASN A 416 -61.66 -34.33 0.58
C ASN A 416 -63.13 -34.31 0.17
N ALA A 417 -63.72 -33.11 0.19
CA ALA A 417 -65.12 -32.95 -0.19
C ALA A 417 -65.34 -33.41 -1.63
N GLU A 418 -64.57 -32.83 -2.55
CA GLU A 418 -64.66 -33.16 -3.96
C GLU A 418 -64.49 -34.67 -4.16
N LEU A 419 -63.42 -35.21 -3.62
CA LEU A 419 -63.12 -36.64 -3.72
C LEU A 419 -64.22 -37.49 -3.11
N LEU A 420 -64.65 -37.11 -1.91
CA LEU A 420 -65.69 -37.83 -1.18
C LEU A 420 -67.00 -37.92 -1.96
N VAL A 421 -67.45 -36.79 -2.48
CA VAL A 421 -68.70 -36.74 -3.24
C VAL A 421 -68.62 -37.67 -4.45
N ALA A 422 -67.53 -37.58 -5.20
CA ALA A 422 -67.33 -38.40 -6.38
C ALA A 422 -67.43 -39.87 -6.00
N LEU A 423 -66.87 -40.21 -4.85
CA LEU A 423 -66.88 -41.58 -4.35
C LEU A 423 -68.30 -42.02 -4.01
N GLU A 424 -69.03 -41.13 -3.34
CA GLU A 424 -70.41 -41.42 -2.94
C GLU A 424 -71.34 -41.64 -4.13
N ASN A 425 -71.38 -40.66 -5.03
CA ASN A 425 -72.24 -40.76 -6.21
C ASN A 425 -71.92 -42.03 -6.99
N GLN A 426 -70.64 -42.21 -7.29
CA GLN A 426 -70.16 -43.37 -8.02
C GLN A 426 -70.56 -44.67 -7.31
N HIS A 427 -70.54 -44.61 -5.98
CA HIS A 427 -70.87 -45.77 -5.15
C HIS A 427 -72.37 -46.02 -5.08
N THR A 428 -73.14 -44.95 -5.00
CA THR A 428 -74.60 -45.05 -4.92
C THR A 428 -75.17 -45.74 -6.15
N ILE A 429 -74.73 -45.30 -7.33
CA ILE A 429 -75.20 -45.88 -8.59
C ILE A 429 -75.04 -47.40 -8.59
N ASP A 430 -73.83 -47.86 -8.32
CA ASP A 430 -73.55 -49.30 -8.29
C ASP A 430 -74.50 -50.01 -7.33
N LEU A 431 -74.71 -49.40 -6.17
CA LEU A 431 -75.58 -49.96 -5.15
C LEU A 431 -77.01 -50.16 -5.66
N THR A 432 -77.61 -49.08 -6.15
CA THR A 432 -78.98 -49.14 -6.65
C THR A 432 -79.06 -50.03 -7.89
N ASP A 433 -78.09 -49.86 -8.79
CA ASP A 433 -78.06 -50.63 -10.03
C ASP A 433 -77.89 -52.13 -9.74
N SER A 434 -77.21 -52.44 -8.63
CA SER A 434 -77.00 -53.83 -8.25
C SER A 434 -78.31 -54.47 -7.82
N GLU A 435 -79.02 -53.80 -6.92
CA GLU A 435 -80.31 -54.30 -6.42
C GLU A 435 -81.16 -54.78 -7.59
N MET A 436 -81.38 -53.89 -8.55
CA MET A 436 -82.18 -54.19 -9.73
C MET A 436 -81.68 -55.46 -10.41
N ASN A 437 -80.37 -55.69 -10.36
CA ASN A 437 -79.77 -56.86 -10.96
C ASN A 437 -80.00 -58.12 -10.14
N LYS A 438 -80.05 -57.96 -8.82
CA LYS A 438 -80.26 -59.10 -7.94
C LYS A 438 -81.69 -59.62 -8.07
N LEU A 439 -82.66 -58.73 -7.94
CA LEU A 439 -84.07 -59.09 -8.03
C LEU A 439 -84.31 -59.87 -9.32
N PHE A 440 -83.47 -59.62 -10.32
CA PHE A 440 -83.58 -60.30 -11.61
C PHE A 440 -83.02 -61.72 -11.51
N GLU A 441 -81.97 -61.88 -10.72
CA GLU A 441 -81.35 -63.18 -10.52
C GLU A 441 -82.16 -63.97 -9.51
N LYS A 442 -82.79 -63.26 -8.58
CA LYS A 442 -83.63 -63.88 -7.56
C LYS A 442 -84.79 -64.58 -8.26
N THR A 443 -85.13 -64.09 -9.45
CA THR A 443 -86.23 -64.65 -10.22
C THR A 443 -85.74 -65.83 -11.05
N ARG A 444 -84.53 -65.72 -11.60
CA ARG A 444 -83.96 -66.80 -12.40
C ARG A 444 -83.92 -68.09 -11.59
N ARG A 445 -83.40 -68.00 -10.37
CA ARG A 445 -83.30 -69.15 -9.49
C ARG A 445 -84.69 -69.65 -9.10
N GLN A 446 -85.63 -68.73 -8.96
CA GLN A 446 -86.99 -69.09 -8.58
C GLN A 446 -87.75 -69.77 -9.71
N LEU A 447 -87.87 -69.08 -10.84
CA LEU A 447 -88.58 -69.63 -11.99
C LEU A 447 -88.00 -70.99 -12.40
N ARG A 448 -86.69 -71.14 -12.24
CA ARG A 448 -86.01 -72.37 -12.61
C ARG A 448 -86.13 -72.62 -14.11
N GLU A 449 -86.67 -73.78 -14.49
CA GLU A 449 -86.81 -74.13 -15.90
C GLU A 449 -88.05 -73.57 -16.59
N ASN A 450 -89.13 -73.44 -15.83
CA ASN A 450 -90.40 -72.94 -16.35
C ASN A 450 -90.34 -71.82 -17.40
N ALA A 451 -89.34 -70.95 -17.31
CA ALA A 451 -89.22 -69.85 -18.26
C ALA A 451 -87.81 -69.66 -18.81
N GLU A 452 -87.63 -68.62 -19.61
CA GLU A 452 -86.33 -68.31 -20.20
C GLU A 452 -86.10 -66.81 -20.20
N ASP A 453 -84.84 -66.40 -20.09
CA ASP A 453 -84.49 -64.99 -20.09
C ASP A 453 -84.39 -64.46 -21.51
N MET A 454 -85.45 -63.77 -21.95
CA MET A 454 -85.51 -63.20 -23.29
C MET A 454 -84.31 -62.30 -23.57
N GLY A 455 -83.73 -61.76 -22.50
CA GLY A 455 -82.59 -60.87 -22.67
C GLY A 455 -82.99 -59.42 -22.48
N ASN A 456 -84.17 -59.09 -22.99
CA ASN A 456 -84.69 -57.73 -22.89
C ASN A 456 -85.04 -57.40 -21.44
N GLY A 457 -84.59 -58.24 -20.52
CA GLY A 457 -84.87 -58.01 -19.12
C GLY A 457 -86.18 -58.63 -18.67
N CYS A 458 -86.68 -59.58 -19.47
CA CYS A 458 -87.93 -60.27 -19.16
C CYS A 458 -87.74 -61.78 -19.19
N PHE A 459 -88.63 -62.48 -18.51
CA PHE A 459 -88.60 -63.94 -18.46
C PHE A 459 -89.84 -64.41 -19.22
N LYS A 460 -89.62 -65.09 -20.34
CA LYS A 460 -90.73 -65.58 -21.15
C LYS A 460 -91.27 -66.91 -20.60
N ILE A 461 -92.16 -66.81 -19.62
CA ILE A 461 -92.77 -68.00 -19.02
C ILE A 461 -93.43 -68.82 -20.12
N TYR A 462 -93.17 -70.13 -20.13
CA TYR A 462 -93.72 -71.01 -21.15
C TYR A 462 -95.05 -71.68 -20.83
N HIS A 463 -95.82 -71.13 -19.89
CA HIS A 463 -97.09 -71.75 -19.54
C HIS A 463 -98.16 -70.76 -19.10
N LYS A 464 -99.42 -71.09 -19.38
CA LYS A 464 -100.54 -70.23 -18.98
C LYS A 464 -100.34 -69.83 -17.53
N CYS A 465 -100.27 -68.52 -17.28
CA CYS A 465 -100.05 -68.02 -15.94
C CYS A 465 -101.04 -66.91 -15.61
N ASP A 466 -102.05 -67.25 -14.80
CA ASP A 466 -103.07 -66.29 -14.38
C ASP A 466 -102.47 -65.30 -13.39
N ASN A 467 -103.23 -64.27 -13.04
CA ASN A 467 -102.76 -63.25 -12.12
C ASN A 467 -102.28 -63.84 -10.79
N ALA A 468 -102.95 -64.89 -10.32
CA ALA A 468 -102.56 -65.54 -9.08
C ALA A 468 -101.20 -66.20 -9.30
N CYS A 469 -101.07 -66.86 -10.44
CA CYS A 469 -99.83 -67.53 -10.81
C CYS A 469 -98.67 -66.54 -10.76
N ILE A 470 -98.91 -65.32 -11.21
CA ILE A 470 -97.88 -64.27 -11.20
C ILE A 470 -97.57 -63.83 -9.78
N GLU A 471 -98.62 -63.53 -9.02
CA GLU A 471 -98.46 -63.08 -7.64
C GLU A 471 -97.63 -64.06 -6.81
N SER A 472 -97.85 -65.35 -7.01
CA SER A 472 -97.13 -66.38 -6.28
C SER A 472 -95.63 -66.31 -6.52
N ILE A 473 -95.24 -65.72 -7.65
CA ILE A 473 -93.83 -65.60 -8.00
C ILE A 473 -93.19 -64.35 -7.42
N ARG A 474 -93.97 -63.29 -7.28
CA ARG A 474 -93.46 -62.03 -6.75
C ARG A 474 -93.11 -62.11 -5.27
N ASN A 475 -93.87 -62.86 -4.49
CA ASN A 475 -93.55 -62.99 -3.08
C ASN A 475 -92.40 -63.98 -2.94
N GLY A 476 -92.37 -64.96 -3.83
CA GLY A 476 -91.31 -65.97 -3.81
C GLY A 476 -91.83 -67.35 -3.43
N THR A 477 -93.12 -67.42 -3.12
CA THR A 477 -93.76 -68.67 -2.72
C THR A 477 -93.84 -69.70 -3.85
N TYR A 478 -94.12 -69.20 -5.06
CA TYR A 478 -94.24 -70.01 -6.27
C TYR A 478 -93.33 -71.25 -6.35
N ASP A 479 -93.91 -72.37 -6.81
CA ASP A 479 -93.19 -73.64 -6.96
C ASP A 479 -93.05 -74.03 -8.43
N HIS A 480 -91.84 -74.42 -8.82
CA HIS A 480 -91.55 -74.81 -10.20
C HIS A 480 -92.18 -76.12 -10.67
N ASP A 481 -92.16 -77.14 -9.82
CA ASP A 481 -92.72 -78.44 -10.17
C ASP A 481 -94.15 -78.37 -10.70
N VAL A 482 -94.96 -77.51 -10.09
CA VAL A 482 -96.36 -77.34 -10.49
C VAL A 482 -96.55 -77.22 -11.99
N TYR A 483 -95.86 -76.26 -12.60
CA TYR A 483 -95.97 -76.00 -14.03
C TYR A 483 -94.83 -76.64 -14.83
N ARG A 484 -93.93 -77.33 -14.13
CA ARG A 484 -92.79 -77.97 -14.79
C ARG A 484 -93.16 -78.75 -16.04
N ASP A 485 -93.97 -79.79 -15.87
CA ASP A 485 -94.40 -80.62 -17.00
C ASP A 485 -94.98 -79.78 -18.13
N GLU A 486 -95.93 -78.91 -17.79
CA GLU A 486 -96.58 -78.06 -18.78
C GLU A 486 -95.58 -77.22 -19.56
N ALA A 487 -94.85 -76.37 -18.85
CA ALA A 487 -93.86 -75.49 -19.47
C ALA A 487 -92.88 -76.27 -20.36
N LEU A 488 -92.25 -77.29 -19.80
CA LEU A 488 -91.29 -78.12 -20.53
C LEU A 488 -91.75 -78.49 -21.93
N ASN A 489 -93.05 -78.70 -22.11
CA ASN A 489 -93.60 -79.07 -23.41
C ASN A 489 -93.54 -77.93 -24.42
N ASN A 490 -94.10 -76.79 -24.05
CA ASN A 490 -94.12 -75.62 -24.93
C ASN A 490 -92.72 -75.17 -25.34
N ARG A 491 -91.72 -75.53 -24.54
CA ARG A 491 -90.35 -75.15 -24.81
C ARG A 491 -89.71 -75.94 -25.96
N PHE A 492 -89.63 -77.25 -25.77
CA PHE A 492 -89.02 -78.13 -26.75
C PHE A 492 -90.01 -78.70 -27.78
N GLN A 493 -91.20 -78.13 -27.83
CA GLN A 493 -92.21 -78.57 -28.79
C GLN A 493 -93.10 -77.43 -29.24
N SER B 1 -71.35 -79.29 -38.08
CA SER B 1 -72.79 -79.10 -37.73
C SER B 1 -72.93 -78.18 -36.51
N THR B 2 -71.79 -77.73 -36.00
CA THR B 2 -71.77 -76.84 -34.85
C THR B 2 -70.62 -75.83 -35.00
N ALA B 3 -70.76 -74.68 -34.35
CA ALA B 3 -69.74 -73.65 -34.41
C ALA B 3 -69.46 -73.10 -33.02
N THR B 4 -68.21 -72.68 -32.80
CA THR B 4 -67.82 -72.16 -31.50
C THR B 4 -67.49 -70.66 -31.59
N LEU B 5 -68.15 -69.87 -30.76
CA LEU B 5 -67.91 -68.43 -30.72
C LEU B 5 -67.35 -68.10 -29.36
N CYS B 6 -66.34 -67.25 -29.32
CA CYS B 6 -65.73 -66.87 -28.05
C CYS B 6 -65.48 -65.38 -27.98
N LEU B 7 -65.33 -64.89 -26.75
CA LEU B 7 -65.08 -63.48 -26.50
C LEU B 7 -63.72 -63.37 -25.83
N GLY B 8 -63.15 -62.18 -25.82
CA GLY B 8 -61.85 -62.01 -25.19
C GLY B 8 -61.34 -60.59 -25.22
N HIS B 9 -60.12 -60.40 -24.72
CA HIS B 9 -59.49 -59.10 -24.68
C HIS B 9 -58.07 -59.14 -25.21
N HIS B 10 -57.42 -57.98 -25.27
CA HIS B 10 -56.06 -57.87 -25.78
C HIS B 10 -54.99 -58.14 -24.71
N ALA B 11 -53.73 -58.12 -25.14
CA ALA B 11 -52.60 -58.36 -24.26
C ALA B 11 -51.34 -57.70 -24.81
N VAL B 12 -50.38 -57.45 -23.94
CA VAL B 12 -49.12 -56.82 -24.35
C VAL B 12 -47.92 -57.67 -23.90
N PRO B 13 -46.79 -57.54 -24.61
CA PRO B 13 -45.57 -58.28 -24.29
C PRO B 13 -45.20 -58.21 -22.81
N ASN B 14 -44.86 -57.01 -22.35
CA ASN B 14 -44.48 -56.80 -20.96
C ASN B 14 -45.25 -55.62 -20.37
N GLY B 15 -46.21 -55.92 -19.50
CA GLY B 15 -47.01 -54.88 -18.88
C GLY B 15 -46.30 -54.21 -17.71
N THR B 16 -47.04 -53.38 -16.99
CA THR B 16 -46.49 -52.67 -15.83
C THR B 16 -47.31 -52.99 -14.58
N LEU B 17 -46.66 -52.95 -13.43
CA LEU B 17 -47.33 -53.24 -12.17
C LEU B 17 -47.96 -51.98 -11.59
N VAL B 18 -49.03 -52.17 -10.82
CA VAL B 18 -49.74 -51.06 -10.19
C VAL B 18 -50.22 -51.44 -8.80
N LYS B 19 -50.33 -50.45 -7.92
CA LYS B 19 -50.78 -50.68 -6.55
C LYS B 19 -52.29 -50.52 -6.44
N THR B 20 -52.98 -51.62 -6.16
CA THR B 20 -54.43 -51.60 -6.01
C THR B 20 -54.82 -52.05 -4.62
N ILE B 21 -56.07 -51.78 -4.25
CA ILE B 21 -56.58 -52.15 -2.94
C ILE B 21 -56.57 -53.66 -2.73
N THR B 22 -57.38 -54.37 -3.51
CA THR B 22 -57.49 -55.83 -3.42
C THR B 22 -56.15 -56.56 -3.53
N ASP B 23 -55.48 -56.42 -4.66
CA ASP B 23 -54.18 -57.06 -4.87
C ASP B 23 -53.07 -56.08 -4.52
N ASP B 24 -52.08 -56.54 -3.77
CA ASP B 24 -50.98 -55.69 -3.36
C ASP B 24 -50.11 -55.29 -4.55
N GLN B 25 -50.14 -56.10 -5.61
CA GLN B 25 -49.35 -55.82 -6.80
C GLN B 25 -49.94 -56.58 -7.99
N ILE B 26 -50.22 -55.87 -9.08
CA ILE B 26 -50.78 -56.52 -10.27
C ILE B 26 -50.33 -55.81 -11.55
N GLU B 27 -50.25 -56.59 -12.64
CA GLU B 27 -49.82 -56.07 -13.93
C GLU B 27 -50.97 -55.69 -14.85
N VAL B 28 -50.80 -54.59 -15.58
CA VAL B 28 -51.81 -54.12 -16.52
C VAL B 28 -51.21 -54.07 -17.92
N THR B 29 -51.92 -53.46 -18.87
CA THR B 29 -51.44 -53.35 -20.23
C THR B 29 -50.90 -51.96 -20.53
N ASN B 30 -50.99 -51.06 -19.55
CA ASN B 30 -50.51 -49.70 -19.73
C ASN B 30 -50.52 -48.94 -18.41
N ALA B 31 -49.52 -48.08 -18.21
CA ALA B 31 -49.41 -47.29 -17.00
C ALA B 31 -48.95 -45.87 -17.33
N THR B 32 -48.74 -45.07 -16.29
CA THR B 32 -48.29 -43.68 -16.48
C THR B 32 -47.85 -43.09 -15.15
N GLU B 33 -46.76 -42.31 -15.18
CA GLU B 33 -46.24 -41.68 -13.98
C GLU B 33 -47.05 -40.44 -13.62
N LEU B 34 -47.41 -40.33 -12.35
CA LEU B 34 -48.19 -39.20 -11.85
C LEU B 34 -47.35 -38.29 -10.95
N VAL B 35 -46.04 -38.51 -10.94
CA VAL B 35 -45.16 -37.72 -10.11
C VAL B 35 -43.96 -37.21 -10.92
N GLN B 36 -43.95 -35.91 -11.20
CA GLN B 36 -42.86 -35.31 -11.96
C GLN B 36 -41.56 -35.42 -11.16
N SER B 37 -40.60 -36.16 -11.71
CA SER B 37 -39.32 -36.36 -11.05
C SER B 37 -38.15 -35.70 -11.77
N SER B 38 -38.25 -35.59 -13.09
CA SER B 38 -37.19 -34.97 -13.89
C SER B 38 -37.28 -33.45 -13.84
N SER B 39 -36.24 -32.79 -14.34
CA SER B 39 -36.19 -31.33 -14.35
C SER B 39 -35.18 -30.82 -15.38
N THR B 40 -35.59 -29.83 -16.17
CA THR B 40 -34.72 -29.26 -17.19
C THR B 40 -33.49 -28.65 -16.53
N GLY B 41 -33.68 -28.08 -15.35
CA GLY B 41 -32.58 -27.46 -14.63
C GLY B 41 -32.41 -26.00 -14.97
N LYS B 42 -33.34 -25.46 -15.77
CA LYS B 42 -33.27 -24.07 -16.17
C LYS B 42 -34.61 -23.37 -15.92
N ILE B 43 -34.54 -22.12 -15.47
CA ILE B 43 -35.74 -21.33 -15.19
C ILE B 43 -36.25 -20.67 -16.47
N CYS B 44 -37.47 -21.03 -16.89
CA CYS B 44 -38.06 -20.46 -18.08
C CYS B 44 -38.59 -19.06 -17.77
N ASN B 45 -37.98 -18.06 -18.40
CA ASN B 45 -38.35 -16.66 -18.20
C ASN B 45 -39.81 -16.33 -18.48
N ASN B 46 -40.50 -17.19 -19.22
CA ASN B 46 -41.91 -16.95 -19.52
C ASN B 46 -42.81 -18.03 -18.95
N PRO B 47 -44.08 -17.70 -18.68
CA PRO B 47 -44.68 -16.38 -18.88
C PRO B 47 -44.27 -15.38 -17.81
N HIS B 48 -44.18 -15.86 -16.58
CA HIS B 48 -43.82 -15.05 -15.42
C HIS B 48 -42.53 -14.28 -15.65
N ARG B 49 -42.60 -12.95 -15.58
CA ARG B 49 -41.42 -12.13 -15.78
C ARG B 49 -40.43 -12.49 -14.66
N ILE B 50 -39.27 -12.99 -15.03
CA ILE B 50 -38.26 -13.38 -14.05
C ILE B 50 -37.10 -12.40 -14.01
N LEU B 51 -36.78 -11.93 -12.81
CA LEU B 51 -35.68 -10.99 -12.61
C LEU B 51 -34.51 -11.67 -11.89
N ASP B 52 -33.33 -11.57 -12.49
CA ASP B 52 -32.13 -12.16 -11.89
C ASP B 52 -31.34 -11.11 -11.13
N GLY B 53 -31.39 -11.19 -9.80
CA GLY B 53 -30.67 -10.23 -8.99
C GLY B 53 -29.18 -10.52 -8.97
N ILE B 54 -28.77 -11.56 -9.69
CA ILE B 54 -27.38 -11.98 -9.76
C ILE B 54 -26.73 -11.82 -8.39
N ASP B 55 -25.52 -11.27 -8.35
CA ASP B 55 -24.82 -11.06 -7.09
C ASP B 55 -25.41 -9.88 -6.33
N CYS B 56 -26.71 -9.97 -6.02
CA CYS B 56 -27.42 -8.94 -5.27
C CYS B 56 -28.63 -9.52 -4.57
N THR B 57 -28.89 -9.02 -3.36
CA THR B 57 -30.04 -9.48 -2.58
C THR B 57 -31.15 -8.45 -2.74
N LEU B 58 -32.39 -8.90 -2.75
CA LEU B 58 -33.53 -8.00 -2.90
C LEU B 58 -33.39 -6.79 -1.98
N ILE B 59 -32.82 -7.03 -0.80
CA ILE B 59 -32.63 -5.95 0.18
C ILE B 59 -31.52 -5.00 -0.27
N ASP B 60 -30.36 -5.55 -0.62
CA ASP B 60 -29.26 -4.72 -1.07
C ASP B 60 -29.69 -3.89 -2.26
N ALA B 61 -30.68 -4.40 -3.00
CA ALA B 61 -31.21 -3.70 -4.16
C ALA B 61 -32.09 -2.57 -3.66
N LEU B 62 -32.98 -2.89 -2.72
CA LEU B 62 -33.88 -1.90 -2.14
C LEU B 62 -33.05 -0.77 -1.55
N LEU B 63 -32.29 -1.07 -0.51
CA LEU B 63 -31.43 -0.10 0.15
C LEU B 63 -30.74 0.77 -0.88
N GLY B 64 -30.21 0.14 -1.92
CA GLY B 64 -29.52 0.86 -2.97
C GLY B 64 -28.02 0.75 -2.88
N ASP B 65 -27.52 -0.49 -2.91
CA ASP B 65 -26.08 -0.74 -2.83
C ASP B 65 -25.46 -0.41 -4.18
N PRO B 66 -24.27 0.22 -4.18
CA PRO B 66 -23.56 0.61 -5.41
C PRO B 66 -23.60 -0.42 -6.54
N HIS B 67 -23.21 -1.66 -6.23
CA HIS B 67 -23.19 -2.71 -7.24
C HIS B 67 -24.58 -3.23 -7.63
N CYS B 68 -25.61 -2.79 -6.91
CA CYS B 68 -26.96 -3.23 -7.22
C CYS B 68 -27.85 -2.07 -7.67
N ASP B 69 -27.26 -0.90 -7.85
CA ASP B 69 -28.01 0.27 -8.30
C ASP B 69 -28.71 0.00 -9.62
N VAL B 70 -28.14 -0.90 -10.42
CA VAL B 70 -28.72 -1.24 -11.71
C VAL B 70 -30.15 -1.77 -11.56
N PHE B 71 -30.48 -2.24 -10.37
CA PHE B 71 -31.82 -2.77 -10.10
C PHE B 71 -32.80 -1.70 -9.63
N GLN B 72 -32.33 -0.48 -9.47
CA GLN B 72 -33.22 0.60 -9.01
C GLN B 72 -34.42 0.76 -9.95
N ASN B 73 -35.56 1.11 -9.37
CA ASN B 73 -36.78 1.30 -10.14
C ASN B 73 -37.13 0.05 -10.95
N GLU B 74 -36.82 -1.12 -10.39
CA GLU B 74 -37.09 -2.39 -11.06
C GLU B 74 -38.40 -3.04 -10.60
N THR B 75 -39.08 -3.68 -11.54
CA THR B 75 -40.33 -4.38 -11.25
C THR B 75 -40.04 -5.85 -11.52
N TRP B 76 -40.97 -6.73 -11.16
CA TRP B 76 -40.75 -8.16 -11.38
C TRP B 76 -41.94 -9.03 -10.98
N ASP B 77 -41.90 -10.28 -11.40
CA ASP B 77 -42.94 -11.25 -11.09
C ASP B 77 -42.41 -12.20 -10.02
N LEU B 78 -41.17 -12.66 -10.23
CA LEU B 78 -40.51 -13.57 -9.31
C LEU B 78 -39.03 -13.24 -9.21
N PHE B 79 -38.66 -12.47 -8.18
CA PHE B 79 -37.28 -12.08 -7.97
C PHE B 79 -36.45 -13.27 -7.54
N VAL B 80 -35.52 -13.69 -8.39
CA VAL B 80 -34.65 -14.82 -8.09
C VAL B 80 -33.40 -14.30 -7.40
N GLU B 81 -33.08 -14.90 -6.25
CA GLU B 81 -31.91 -14.49 -5.47
C GLU B 81 -30.81 -15.54 -5.58
N ARG B 82 -29.67 -15.12 -6.14
CA ARG B 82 -28.53 -16.01 -6.32
C ARG B 82 -27.70 -16.16 -5.05
N SER B 83 -26.99 -17.28 -4.94
CA SER B 83 -26.14 -17.54 -3.78
C SER B 83 -24.86 -16.74 -3.89
N LYS B 84 -24.39 -16.57 -5.12
CA LYS B 84 -23.16 -15.82 -5.40
C LYS B 84 -23.33 -14.40 -4.87
N ALA B 85 -24.57 -14.05 -4.54
CA ALA B 85 -24.91 -12.72 -4.03
C ALA B 85 -24.00 -12.27 -2.89
N PHE B 86 -24.04 -10.98 -2.59
CA PHE B 86 -23.24 -10.41 -1.51
C PHE B 86 -23.49 -8.90 -1.47
N SER B 87 -23.14 -8.28 -0.34
CA SER B 87 -23.31 -6.84 -0.17
C SER B 87 -21.95 -6.18 -0.01
N ASN B 88 -21.84 -4.93 -0.47
CA ASN B 88 -20.58 -4.21 -0.37
C ASN B 88 -20.78 -2.73 -0.02
N CYS B 89 -21.64 -2.49 0.97
CA CYS B 89 -21.92 -1.13 1.42
C CYS B 89 -21.80 -1.09 2.95
N TYR B 90 -22.09 0.06 3.55
CA TYR B 90 -21.98 0.21 5.00
C TYR B 90 -22.70 -0.93 5.72
N PRO B 91 -22.03 -1.55 6.73
CA PRO B 91 -22.63 -2.65 7.49
C PRO B 91 -23.99 -2.32 8.07
N TYR B 92 -24.97 -3.19 7.80
CA TYR B 92 -26.33 -3.00 8.28
C TYR B 92 -26.93 -4.29 8.82
N ASP B 93 -28.02 -4.15 9.58
CA ASP B 93 -28.72 -5.29 10.15
C ASP B 93 -30.21 -4.92 10.19
N VAL B 94 -31.02 -5.70 9.48
CA VAL B 94 -32.45 -5.44 9.42
C VAL B 94 -33.25 -6.28 10.41
N PRO B 95 -33.75 -5.66 11.49
CA PRO B 95 -34.54 -6.38 12.49
C PRO B 95 -35.74 -7.02 11.82
N ASP B 96 -35.97 -8.30 12.10
CA ASP B 96 -37.09 -9.02 11.50
C ASP B 96 -36.90 -8.97 9.99
N TYR B 97 -35.63 -9.00 9.58
CA TYR B 97 -35.23 -8.96 8.18
C TYR B 97 -36.14 -9.76 7.25
N ALA B 98 -36.20 -11.07 7.47
CA ALA B 98 -37.02 -11.96 6.65
C ALA B 98 -38.36 -11.36 6.28
N SER B 99 -39.08 -10.83 7.27
CA SER B 99 -40.38 -10.22 7.03
C SER B 99 -40.31 -9.14 5.96
N LEU B 100 -39.52 -8.11 6.22
CA LEU B 100 -39.36 -7.01 5.26
C LEU B 100 -39.09 -7.55 3.87
N ARG B 101 -38.11 -8.44 3.76
CA ARG B 101 -37.76 -9.03 2.47
C ARG B 101 -38.98 -9.67 1.82
N SER B 102 -39.74 -10.42 2.63
CA SER B 102 -40.93 -11.11 2.16
C SER B 102 -41.96 -10.13 1.58
N LEU B 103 -42.29 -9.09 2.34
CA LEU B 103 -43.26 -8.10 1.90
C LEU B 103 -42.81 -7.39 0.63
N VAL B 104 -41.52 -7.09 0.54
CA VAL B 104 -40.97 -6.42 -0.63
C VAL B 104 -41.18 -7.28 -1.86
N ALA B 105 -40.86 -8.56 -1.74
CA ALA B 105 -41.01 -9.50 -2.85
C ALA B 105 -42.48 -9.58 -3.26
N SER B 106 -43.38 -9.42 -2.30
CA SER B 106 -44.80 -9.47 -2.56
C SER B 106 -45.23 -8.32 -3.47
N SER B 107 -44.70 -7.13 -3.21
CA SER B 107 -45.02 -5.95 -4.01
C SER B 107 -44.57 -6.19 -5.44
N GLY B 108 -43.33 -6.64 -5.60
CA GLY B 108 -42.80 -6.92 -6.93
C GLY B 108 -42.29 -5.70 -7.67
N THR B 109 -41.82 -4.70 -6.93
CA THR B 109 -41.31 -3.48 -7.55
C THR B 109 -40.53 -2.61 -6.58
N LEU B 110 -39.30 -2.25 -6.97
CA LEU B 110 -38.45 -1.39 -6.16
C LEU B 110 -38.60 0.05 -6.63
N GLU B 111 -39.74 0.32 -7.27
CA GLU B 111 -40.04 1.65 -7.78
C GLU B 111 -39.93 2.69 -6.68
N PHE B 112 -38.90 3.53 -6.76
CA PHE B 112 -38.67 4.56 -5.76
C PHE B 112 -39.21 5.90 -6.25
N ILE B 113 -39.78 6.67 -5.33
CA ILE B 113 -40.33 7.98 -5.66
C ILE B 113 -39.78 9.02 -4.69
N THR B 114 -38.68 9.66 -5.08
CA THR B 114 -38.01 10.66 -4.26
C THR B 114 -38.95 11.80 -3.86
N GLU B 115 -39.04 12.07 -2.57
CA GLU B 115 -39.88 13.14 -2.06
C GLU B 115 -39.00 14.31 -1.62
N GLY B 116 -39.53 15.53 -1.73
CA GLY B 116 -38.77 16.70 -1.36
C GLY B 116 -38.67 16.97 0.13
N PHE B 117 -37.84 16.20 0.82
CA PHE B 117 -37.65 16.38 2.25
C PHE B 117 -36.74 17.59 2.51
N THR B 118 -37.01 18.30 3.60
CA THR B 118 -36.23 19.48 3.95
C THR B 118 -35.66 19.40 5.36
N TRP B 119 -34.37 19.08 5.46
CA TRP B 119 -33.70 18.97 6.74
C TRP B 119 -32.95 20.28 6.99
N THR B 120 -33.40 21.04 7.98
CA THR B 120 -32.79 22.32 8.29
C THR B 120 -31.69 22.24 9.35
N GLY B 121 -30.71 23.13 9.23
CA GLY B 121 -29.61 23.18 10.18
C GLY B 121 -28.81 21.89 10.32
N VAL B 122 -28.71 21.12 9.23
CA VAL B 122 -27.96 19.88 9.27
C VAL B 122 -27.43 19.48 7.90
N THR B 123 -26.25 18.89 7.87
CA THR B 123 -25.62 18.46 6.62
C THR B 123 -26.35 17.24 6.05
N GLN B 124 -26.27 17.07 4.74
CA GLN B 124 -26.93 15.94 4.07
C GLN B 124 -25.98 15.20 3.14
N ASN B 125 -26.46 14.09 2.59
CA ASN B 125 -25.70 13.27 1.66
C ASN B 125 -24.34 12.83 2.21
N GLY B 126 -24.37 12.20 3.38
CA GLY B 126 -23.13 11.73 3.99
C GLY B 126 -22.62 10.48 3.29
N GLY B 127 -21.30 10.29 3.29
CA GLY B 127 -20.73 9.14 2.64
C GLY B 127 -19.56 8.54 3.40
N SER B 128 -19.16 7.33 3.02
CA SER B 128 -18.05 6.65 3.65
C SER B 128 -17.33 5.73 2.66
N ASN B 129 -16.15 5.27 3.04
CA ASN B 129 -15.34 4.39 2.19
C ASN B 129 -15.99 3.03 1.99
N ALA B 130 -16.49 2.45 3.09
CA ALA B 130 -17.14 1.14 3.05
C ALA B 130 -18.09 1.00 1.87
N CYS B 131 -18.77 2.09 1.53
CA CYS B 131 -19.72 2.09 0.42
C CYS B 131 -19.28 3.09 -0.64
N LYS B 132 -18.32 2.68 -1.47
CA LYS B 132 -17.81 3.57 -2.52
C LYS B 132 -18.52 3.40 -3.87
N ARG B 133 -19.15 4.48 -4.34
CA ARG B 133 -19.84 4.46 -5.62
C ARG B 133 -18.89 5.04 -6.65
N GLY B 134 -18.08 4.16 -7.24
CA GLY B 134 -17.10 4.59 -8.22
C GLY B 134 -15.78 4.87 -7.52
N PRO B 135 -14.98 5.82 -8.00
CA PRO B 135 -13.70 6.13 -7.35
C PRO B 135 -13.91 6.79 -5.99
N GLY B 136 -14.73 7.84 -5.97
CA GLY B 136 -15.00 8.54 -4.73
C GLY B 136 -15.98 7.79 -3.85
N SER B 137 -15.86 7.97 -2.54
CA SER B 137 -16.73 7.30 -1.58
C SER B 137 -18.21 7.57 -1.89
N GLY B 138 -19.08 6.85 -1.20
CA GLY B 138 -20.51 7.03 -1.41
C GLY B 138 -21.36 6.51 -0.27
N PHE B 139 -22.63 6.27 -0.55
CA PHE B 139 -23.57 5.78 0.46
C PHE B 139 -24.76 5.13 -0.24
N PHE B 140 -25.78 4.74 0.53
CA PHE B 140 -26.97 4.12 -0.03
C PHE B 140 -27.72 5.09 -0.94
N SER B 141 -28.35 4.55 -1.99
CA SER B 141 -29.08 5.36 -2.95
C SER B 141 -30.42 5.91 -2.45
N ARG B 142 -31.28 5.02 -1.96
CA ARG B 142 -32.58 5.45 -1.47
C ARG B 142 -32.47 5.95 -0.03
N LEU B 143 -31.23 6.08 0.43
CA LEU B 143 -30.96 6.55 1.79
C LEU B 143 -30.13 7.82 1.79
N ASN B 144 -30.11 8.51 2.93
CA ASN B 144 -29.36 9.74 3.08
C ASN B 144 -28.77 9.82 4.49
N TRP B 145 -27.46 10.08 4.56
CA TRP B 145 -26.78 10.19 5.85
C TRP B 145 -26.91 11.63 6.35
N VAL B 146 -27.46 11.79 7.54
CA VAL B 146 -27.64 13.11 8.13
C VAL B 146 -26.54 13.41 9.14
N THR B 147 -25.55 14.19 8.72
CA THR B 147 -24.44 14.55 9.60
C THR B 147 -24.63 15.97 10.13
N LYS B 148 -24.18 16.20 11.35
CA LYS B 148 -24.32 17.51 11.98
C LYS B 148 -23.76 18.63 11.11
N SER B 149 -24.40 19.80 11.21
CA SER B 149 -23.98 20.98 10.45
C SER B 149 -23.28 21.97 11.36
N GLY B 150 -22.07 22.38 10.97
CA GLY B 150 -21.32 23.30 11.79
C GLY B 150 -21.02 22.72 13.16
N SER B 151 -21.43 23.41 14.21
CA SER B 151 -21.20 22.94 15.56
C SER B 151 -22.47 22.49 16.27
N THR B 152 -23.55 22.28 15.51
CA THR B 152 -24.80 21.86 16.12
C THR B 152 -25.67 20.92 15.28
N TYR B 153 -26.46 20.10 15.99
CA TYR B 153 -27.38 19.15 15.37
C TYR B 153 -28.75 19.44 15.95
N PRO B 154 -29.46 20.43 15.41
CA PRO B 154 -30.79 20.77 15.90
C PRO B 154 -31.72 19.58 15.80
N VAL B 155 -32.56 19.40 16.82
CA VAL B 155 -33.50 18.28 16.80
C VAL B 155 -34.30 18.40 15.51
N LEU B 156 -34.03 17.51 14.56
CA LEU B 156 -34.74 17.54 13.29
C LEU B 156 -36.17 17.06 13.47
N ASN B 157 -37.10 17.79 12.88
CA ASN B 157 -38.52 17.45 12.95
C ASN B 157 -39.23 17.90 11.68
N VAL B 158 -39.63 16.92 10.87
CA VAL B 158 -40.33 17.21 9.62
C VAL B 158 -41.59 16.36 9.53
N THR B 159 -42.28 16.47 8.40
CA THR B 159 -43.51 15.72 8.17
C THR B 159 -43.75 15.48 6.70
N MET B 160 -44.55 14.46 6.37
CA MET B 160 -44.85 14.14 4.99
C MET B 160 -46.21 13.44 4.90
N PRO B 161 -47.19 14.10 4.28
CA PRO B 161 -48.54 13.56 4.12
C PRO B 161 -48.65 12.59 2.94
N ASN B 162 -49.58 11.65 3.04
CA ASN B 162 -49.79 10.67 1.98
C ASN B 162 -51.08 10.99 1.23
N ASN B 163 -51.04 12.05 0.43
CA ASN B 163 -52.19 12.46 -0.37
C ASN B 163 -52.58 11.34 -1.32
N ASP B 164 -51.57 10.71 -1.91
CA ASP B 164 -51.77 9.62 -2.86
C ASP B 164 -52.66 8.53 -2.24
N ASN B 165 -53.41 7.85 -3.10
CA ASN B 165 -54.32 6.79 -2.66
C ASN B 165 -53.68 5.42 -2.49
N PHE B 166 -52.37 5.32 -2.71
CA PHE B 166 -51.68 4.05 -2.57
C PHE B 166 -50.76 4.04 -1.35
N ASP B 167 -50.56 2.86 -0.76
CA ASP B 167 -49.71 2.73 0.42
C ASP B 167 -48.26 3.09 0.14
N LYS B 168 -47.68 3.91 1.00
CA LYS B 168 -46.29 4.33 0.86
C LYS B 168 -45.38 3.54 1.79
N LEU B 169 -44.19 3.21 1.31
CA LEU B 169 -43.23 2.46 2.10
C LEU B 169 -41.92 3.22 2.26
N TYR B 170 -41.73 3.81 3.43
CA TYR B 170 -40.51 4.56 3.72
C TYR B 170 -39.50 3.70 4.45
N ILE B 171 -38.30 3.59 3.88
CA ILE B 171 -37.24 2.80 4.48
C ILE B 171 -36.20 3.70 5.10
N TRP B 172 -36.07 3.63 6.42
CA TRP B 172 -35.10 4.44 7.15
C TRP B 172 -34.16 3.58 7.99
N GLY B 173 -33.36 4.22 8.83
CA GLY B 173 -32.43 3.49 9.66
C GLY B 173 -31.80 4.34 10.74
N VAL B 174 -31.12 3.69 11.68
CA VAL B 174 -30.44 4.36 12.77
C VAL B 174 -28.98 3.94 12.79
N HIS B 175 -28.10 4.87 13.10
CA HIS B 175 -26.66 4.58 13.14
C HIS B 175 -26.21 4.22 14.55
N HIS B 176 -25.33 3.22 14.65
CA HIS B 176 -24.80 2.79 15.93
C HIS B 176 -23.31 3.09 16.05
N PRO B 177 -22.96 4.29 16.54
CA PRO B 177 -21.58 4.71 16.71
C PRO B 177 -20.74 3.67 17.43
N SER B 178 -19.50 3.49 16.98
CA SER B 178 -18.60 2.52 17.59
C SER B 178 -17.87 3.13 18.77
N THR B 179 -17.85 4.46 18.84
CA THR B 179 -17.18 5.17 19.92
C THR B 179 -17.96 6.42 20.31
N ASN B 180 -17.67 6.96 21.49
CA ASN B 180 -18.34 8.16 21.98
C ASN B 180 -17.91 9.39 21.18
N GLN B 181 -16.61 9.47 20.89
CA GLN B 181 -16.08 10.60 20.12
C GLN B 181 -16.72 10.63 18.74
N GLU B 182 -16.91 9.46 18.14
CA GLU B 182 -17.53 9.36 16.82
C GLU B 182 -18.97 9.87 16.93
N GLN B 183 -19.62 9.50 18.03
CA GLN B 183 -20.99 9.91 18.30
C GLN B 183 -21.09 11.42 18.49
N THR B 184 -20.38 11.92 19.49
CA THR B 184 -20.38 13.35 19.80
C THR B 184 -19.88 14.21 18.64
N SER B 185 -19.05 13.61 17.78
CA SER B 185 -18.50 14.31 16.63
C SER B 185 -19.47 14.34 15.45
N LEU B 186 -19.93 13.16 15.05
CA LEU B 186 -20.85 13.04 13.93
C LEU B 186 -22.28 13.44 14.28
N TYR B 187 -22.62 13.41 15.57
CA TYR B 187 -23.98 13.75 15.99
C TYR B 187 -24.10 14.76 17.11
N VAL B 188 -23.01 15.46 17.44
CA VAL B 188 -23.06 16.46 18.50
C VAL B 188 -23.44 15.76 19.81
N GLN B 189 -24.57 16.17 20.40
CA GLN B 189 -25.00 15.56 21.67
C GLN B 189 -24.73 14.06 21.63
N ALA B 190 -24.08 13.56 22.68
CA ALA B 190 -23.72 12.15 22.77
C ALA B 190 -24.88 11.15 22.76
N SER B 191 -26.09 11.61 23.05
CA SER B 191 -27.24 10.72 23.06
C SER B 191 -28.16 10.92 21.87
N GLY B 192 -28.04 10.04 20.88
CA GLY B 192 -28.87 10.15 19.70
C GLY B 192 -30.24 9.55 19.95
N ARG B 193 -31.17 9.75 19.01
CA ARG B 193 -32.52 9.23 19.14
C ARG B 193 -33.35 9.44 17.89
N VAL B 194 -34.02 8.39 17.44
CA VAL B 194 -34.86 8.45 16.25
C VAL B 194 -36.30 8.16 16.65
N THR B 195 -37.24 8.90 16.10
CA THR B 195 -38.64 8.70 16.44
C THR B 195 -39.59 8.82 15.25
N VAL B 196 -39.62 7.81 14.41
CA VAL B 196 -40.51 7.81 13.26
C VAL B 196 -41.89 7.43 13.76
N SER B 197 -42.92 8.11 13.28
CA SER B 197 -44.27 7.82 13.72
C SER B 197 -45.34 8.25 12.71
N THR B 198 -46.41 7.46 12.66
CA THR B 198 -47.52 7.74 11.77
C THR B 198 -48.76 7.98 12.63
N ARG B 199 -49.86 8.36 11.99
CA ARG B 199 -51.10 8.64 12.70
C ARG B 199 -51.66 7.34 13.29
N ARG B 200 -51.09 6.21 12.89
CA ARG B 200 -51.53 4.91 13.39
C ARG B 200 -50.57 4.30 14.41
N SER B 201 -49.35 4.02 13.97
CA SER B 201 -48.34 3.44 14.86
C SER B 201 -47.25 4.42 15.24
N GLN B 202 -46.36 3.98 16.14
CA GLN B 202 -45.25 4.79 16.61
C GLN B 202 -44.02 3.91 16.79
N GLN B 203 -42.86 4.40 16.35
CA GLN B 203 -41.62 3.66 16.48
C GLN B 203 -40.47 4.58 16.91
N THR B 204 -39.78 4.20 17.97
CA THR B 204 -38.66 4.99 18.47
C THR B 204 -37.46 4.10 18.77
N ILE B 205 -36.30 4.45 18.20
CA ILE B 205 -35.09 3.69 18.40
C ILE B 205 -34.00 4.53 19.06
N ILE B 206 -33.12 3.87 19.80
CA ILE B 206 -32.03 4.55 20.48
C ILE B 206 -30.69 3.95 20.04
N PRO B 207 -29.74 4.80 19.63
CA PRO B 207 -28.42 4.34 19.18
C PRO B 207 -27.67 3.60 20.28
N ASN B 208 -26.94 2.56 19.89
CA ASN B 208 -26.18 1.76 20.85
C ASN B 208 -24.68 1.87 20.60
N ILE B 209 -24.06 2.86 21.24
CA ILE B 209 -22.62 3.08 21.09
C ILE B 209 -21.84 1.89 21.64
N GLY B 210 -20.83 1.46 20.89
CA GLY B 210 -20.02 0.34 21.32
C GLY B 210 -19.28 -0.29 20.16
N SER B 211 -18.10 -0.84 20.42
CA SER B 211 -17.30 -1.47 19.39
C SER B 211 -17.88 -2.85 19.06
N ARG B 212 -17.85 -3.21 17.79
CA ARG B 212 -18.39 -4.49 17.34
C ARG B 212 -17.55 -5.07 16.19
N PRO B 213 -17.80 -6.34 15.82
CA PRO B 213 -17.07 -7.01 14.74
C PRO B 213 -16.75 -6.09 13.56
N TRP B 214 -15.47 -5.99 13.23
CA TRP B 214 -15.02 -5.15 12.13
C TRP B 214 -15.46 -5.71 10.78
N VAL B 215 -16.02 -4.85 9.94
CA VAL B 215 -16.48 -5.24 8.62
C VAL B 215 -16.20 -4.13 7.61
N ARG B 216 -15.70 -4.54 6.45
CA ARG B 216 -15.38 -3.59 5.38
C ARG B 216 -14.64 -2.35 5.89
N GLY B 217 -13.93 -2.53 7.01
CA GLY B 217 -13.17 -1.42 7.58
C GLY B 217 -13.95 -0.54 8.53
N LEU B 218 -14.99 -1.09 9.15
CA LEU B 218 -15.81 -0.32 10.08
C LEU B 218 -16.30 -1.13 11.28
N SER B 219 -16.23 -0.52 12.46
CA SER B 219 -16.66 -1.16 13.69
C SER B 219 -18.02 -0.60 14.10
N SER B 220 -18.70 0.01 13.13
CA SER B 220 -20.01 0.61 13.38
C SER B 220 -21.07 -0.14 12.57
N ARG B 221 -22.34 0.18 12.83
CA ARG B 221 -23.45 -0.46 12.13
C ARG B 221 -24.62 0.49 11.88
N ILE B 222 -25.57 0.03 11.07
CA ILE B 222 -26.76 0.80 10.74
C ILE B 222 -27.99 -0.10 10.80
N SER B 223 -28.90 0.18 11.73
CA SER B 223 -30.11 -0.61 11.86
C SER B 223 -31.18 -0.14 10.88
N ILE B 224 -31.72 -1.07 10.11
CA ILE B 224 -32.75 -0.76 9.14
C ILE B 224 -34.16 -0.94 9.70
N TYR B 225 -35.00 0.07 9.50
CA TYR B 225 -36.37 0.03 9.98
C TYR B 225 -37.30 0.57 8.89
N TRP B 226 -38.42 -0.11 8.67
CA TRP B 226 -39.37 0.30 7.66
C TRP B 226 -40.71 0.70 8.29
N THR B 227 -41.36 1.70 7.70
CA THR B 227 -42.64 2.17 8.21
C THR B 227 -43.62 2.44 7.06
N ILE B 228 -44.68 1.63 7.00
CA ILE B 228 -45.68 1.78 5.95
C ILE B 228 -46.68 2.89 6.30
N VAL B 229 -46.98 3.73 5.33
CA VAL B 229 -47.91 4.83 5.53
C VAL B 229 -49.14 4.67 4.65
N LYS B 230 -50.27 4.31 5.26
CA LYS B 230 -51.51 4.12 4.52
C LYS B 230 -52.06 5.42 3.95
N PRO B 231 -52.93 5.32 2.93
CA PRO B 231 -53.56 6.47 2.27
C PRO B 231 -54.23 7.42 3.25
N GLY B 232 -54.04 8.71 3.03
CA GLY B 232 -54.64 9.71 3.91
C GLY B 232 -53.82 9.96 5.16
N ASP B 233 -53.23 8.89 5.70
CA ASP B 233 -52.42 8.99 6.90
C ASP B 233 -51.19 9.84 6.59
N VAL B 234 -50.49 10.27 7.65
CA VAL B 234 -49.30 11.10 7.47
C VAL B 234 -48.09 10.53 8.22
N LEU B 235 -46.90 10.85 7.72
CA LEU B 235 -45.65 10.38 8.33
C LEU B 235 -44.95 11.53 9.05
N VAL B 236 -44.22 11.18 10.11
CA VAL B 236 -43.48 12.17 10.90
C VAL B 236 -42.18 11.58 11.41
N ILE B 237 -41.13 12.41 11.44
CA ILE B 237 -39.82 11.98 11.90
C ILE B 237 -39.25 13.00 12.87
N ASN B 238 -39.05 12.58 14.12
CA ASN B 238 -38.50 13.46 15.14
C ASN B 238 -37.27 12.83 15.79
N SER B 239 -36.12 12.99 15.14
CA SER B 239 -34.87 12.43 15.64
C SER B 239 -33.94 13.49 16.22
N ASN B 240 -33.19 13.11 17.24
CA ASN B 240 -32.25 14.01 17.90
C ASN B 240 -30.90 13.86 17.20
N GLY B 241 -30.71 12.71 16.56
CA GLY B 241 -29.46 12.44 15.86
C GLY B 241 -29.35 10.98 15.51
N ASN B 242 -28.23 10.59 14.90
CA ASN B 242 -28.00 9.20 14.52
C ASN B 242 -29.11 8.73 13.57
N LEU B 243 -29.75 9.69 12.92
CA LEU B 243 -30.84 9.39 11.99
C LEU B 243 -30.34 9.12 10.57
N ILE B 244 -31.05 8.23 9.88
CA ILE B 244 -30.72 7.87 8.51
C ILE B 244 -32.01 8.03 7.69
N ALA B 245 -32.43 9.27 7.51
CA ALA B 245 -33.65 9.59 6.78
C ALA B 245 -33.61 9.16 5.31
N PRO B 246 -34.74 8.66 4.79
CA PRO B 246 -34.86 8.21 3.40
C PRO B 246 -35.12 9.39 2.46
N ARG B 247 -34.85 9.21 1.18
CA ARG B 247 -35.06 10.26 0.20
C ARG B 247 -36.48 10.21 -0.37
N GLY B 248 -37.19 9.13 -0.07
CA GLY B 248 -38.55 8.98 -0.56
C GLY B 248 -39.21 7.70 -0.09
N TYR B 249 -40.13 7.17 -0.91
CA TYR B 249 -40.83 5.94 -0.56
C TYR B 249 -40.90 4.98 -1.75
N PHE B 250 -41.60 3.86 -1.56
CA PHE B 250 -41.77 2.87 -2.60
C PHE B 250 -43.25 2.59 -2.81
N LYS B 251 -43.68 2.60 -4.06
CA LYS B 251 -45.08 2.35 -4.39
C LYS B 251 -45.43 0.87 -4.23
N MET B 252 -45.82 0.50 -3.01
CA MET B 252 -46.18 -0.88 -2.70
C MET B 252 -47.40 -1.32 -3.49
N ARG B 253 -47.32 -2.51 -4.08
CA ARG B 253 -48.43 -3.05 -4.86
C ARG B 253 -48.85 -4.42 -4.32
N THR B 254 -50.05 -4.85 -4.68
CA THR B 254 -50.57 -6.14 -4.25
C THR B 254 -50.62 -7.08 -5.45
N GLY B 255 -49.59 -7.92 -5.59
CA GLY B 255 -49.56 -8.84 -6.71
C GLY B 255 -49.04 -10.22 -6.40
N LYS B 256 -49.00 -11.05 -7.45
CA LYS B 256 -48.54 -12.44 -7.34
C LYS B 256 -47.03 -12.48 -7.14
N SER B 257 -46.41 -11.30 -7.12
CA SER B 257 -44.96 -11.19 -6.95
C SER B 257 -44.44 -11.87 -5.70
N SER B 258 -43.33 -12.58 -5.85
CA SER B 258 -42.70 -13.29 -4.74
C SER B 258 -41.22 -13.51 -5.04
N ILE B 259 -40.49 -14.08 -4.09
CA ILE B 259 -39.07 -14.34 -4.26
C ILE B 259 -38.72 -15.80 -3.95
N MET B 260 -37.83 -16.36 -4.76
CA MET B 260 -37.40 -17.74 -4.59
C MET B 260 -35.88 -17.80 -4.62
N ARG B 261 -35.30 -18.64 -3.77
CA ARG B 261 -33.84 -18.78 -3.72
C ARG B 261 -33.35 -19.90 -4.63
N SER B 262 -32.45 -19.56 -5.55
CA SER B 262 -31.90 -20.53 -6.49
C SER B 262 -30.83 -19.92 -7.39
N ASP B 263 -29.90 -20.77 -7.85
CA ASP B 263 -28.82 -20.35 -8.72
C ASP B 263 -29.04 -20.91 -10.12
N ALA B 264 -30.18 -21.58 -10.30
CA ALA B 264 -30.54 -22.19 -11.58
C ALA B 264 -30.42 -21.25 -12.77
N PRO B 265 -29.93 -21.77 -13.91
CA PRO B 265 -29.77 -20.98 -15.13
C PRO B 265 -31.12 -20.51 -15.65
N ILE B 266 -31.11 -19.45 -16.45
CA ILE B 266 -32.35 -18.90 -17.01
C ILE B 266 -32.36 -19.00 -18.53
N ASP B 267 -32.92 -20.08 -19.05
CA ASP B 267 -32.99 -20.27 -20.49
C ASP B 267 -34.31 -19.73 -21.02
N THR B 268 -34.30 -19.24 -22.26
CA THR B 268 -35.50 -18.69 -22.87
C THR B 268 -36.50 -19.80 -23.17
N CYS B 269 -37.64 -19.75 -22.50
CA CYS B 269 -38.69 -20.75 -22.68
C CYS B 269 -39.95 -20.39 -21.89
N ILE B 270 -41.04 -21.07 -22.20
CA ILE B 270 -42.32 -20.84 -21.51
C ILE B 270 -42.66 -22.05 -20.66
N SER B 271 -42.90 -21.80 -19.37
CA SER B 271 -43.25 -22.87 -18.44
C SER B 271 -43.97 -22.30 -17.22
N GLU B 272 -45.21 -22.72 -17.03
CA GLU B 272 -46.02 -22.23 -15.92
C GLU B 272 -45.43 -22.51 -14.54
N CYS B 273 -44.78 -23.66 -14.37
CA CYS B 273 -44.19 -23.97 -13.07
C CYS B 273 -42.71 -23.65 -12.98
N ILE B 274 -42.31 -23.12 -11.82
CA ILE B 274 -40.93 -22.75 -11.55
C ILE B 274 -40.49 -23.29 -10.20
N THR B 275 -39.32 -23.93 -10.16
CA THR B 275 -38.80 -24.49 -8.93
C THR B 275 -37.32 -24.14 -8.78
N PRO B 276 -36.78 -24.23 -7.56
CA PRO B 276 -35.37 -23.92 -7.32
C PRO B 276 -34.46 -24.79 -8.18
N ASN B 277 -35.03 -25.84 -8.75
CA ASN B 277 -34.26 -26.76 -9.60
C ASN B 277 -34.50 -26.45 -11.07
N GLY B 278 -35.31 -25.42 -11.32
CA GLY B 278 -35.61 -25.05 -12.69
C GLY B 278 -37.03 -25.46 -13.05
N SER B 279 -37.66 -24.65 -13.90
CA SER B 279 -39.03 -24.92 -14.33
C SER B 279 -39.25 -26.39 -14.64
N ILE B 280 -40.46 -26.87 -14.39
CA ILE B 280 -40.81 -28.26 -14.66
C ILE B 280 -42.21 -28.34 -15.26
N PRO B 281 -42.48 -29.37 -16.08
CA PRO B 281 -43.80 -29.52 -16.69
C PRO B 281 -44.88 -29.80 -15.65
N ASN B 282 -46.05 -29.20 -15.83
CA ASN B 282 -47.15 -29.38 -14.90
C ASN B 282 -48.26 -30.24 -15.49
N ASP B 283 -47.88 -31.28 -16.22
CA ASP B 283 -48.84 -32.18 -16.85
C ASP B 283 -49.32 -33.22 -15.85
N LYS B 284 -48.44 -33.56 -14.90
CA LYS B 284 -48.75 -34.55 -13.88
C LYS B 284 -49.40 -33.88 -12.66
N PRO B 285 -50.07 -34.68 -11.81
CA PRO B 285 -50.74 -34.16 -10.62
C PRO B 285 -49.79 -33.78 -9.48
N PHE B 286 -48.77 -34.61 -9.24
CA PHE B 286 -47.81 -34.36 -8.19
C PHE B 286 -46.39 -34.30 -8.74
N GLN B 287 -45.42 -34.04 -7.86
CA GLN B 287 -44.02 -33.97 -8.25
C GLN B 287 -43.12 -34.17 -7.03
N ASN B 288 -41.87 -34.52 -7.28
CA ASN B 288 -40.92 -34.77 -6.19
C ASN B 288 -39.63 -33.96 -6.36
N VAL B 289 -39.70 -32.92 -7.17
CA VAL B 289 -38.53 -32.07 -7.42
C VAL B 289 -38.15 -31.26 -6.19
N ASN B 290 -39.05 -30.40 -5.74
CA ASN B 290 -38.80 -29.56 -4.57
C ASN B 290 -40.09 -29.06 -3.96
N LYS B 291 -40.08 -28.84 -2.64
CA LYS B 291 -41.24 -28.37 -1.91
C LYS B 291 -41.58 -26.92 -2.26
N ILE B 292 -40.56 -26.12 -2.58
CA ILE B 292 -40.74 -24.73 -2.95
C ILE B 292 -41.18 -24.66 -4.40
N THR B 293 -42.33 -24.03 -4.65
CA THR B 293 -42.84 -23.92 -6.01
C THR B 293 -43.30 -22.50 -6.33
N TYR B 294 -43.81 -22.31 -7.55
CA TYR B 294 -44.29 -21.01 -7.99
C TYR B 294 -45.17 -21.18 -9.22
N GLY B 295 -46.33 -20.54 -9.21
CA GLY B 295 -47.24 -20.66 -10.33
C GLY B 295 -48.01 -21.96 -10.26
N ALA B 296 -48.45 -22.45 -11.42
CA ALA B 296 -49.20 -23.70 -11.47
C ALA B 296 -48.25 -24.89 -11.42
N CYS B 297 -48.13 -25.50 -10.24
CA CYS B 297 -47.26 -26.65 -10.07
C CYS B 297 -48.00 -27.82 -9.43
N PRO B 298 -47.52 -29.05 -9.66
CA PRO B 298 -48.15 -30.25 -9.10
C PRO B 298 -47.86 -30.35 -7.60
N LYS B 299 -48.74 -31.03 -6.86
CA LYS B 299 -48.57 -31.19 -5.42
C LYS B 299 -47.25 -31.88 -5.12
N TYR B 300 -46.50 -31.37 -4.14
CA TYR B 300 -45.22 -31.98 -3.78
C TYR B 300 -45.41 -33.12 -2.78
N VAL B 301 -45.57 -34.33 -3.31
CA VAL B 301 -45.74 -35.51 -2.47
C VAL B 301 -44.38 -36.08 -2.12
N LYS B 302 -44.34 -37.01 -1.15
CA LYS B 302 -43.09 -37.62 -0.74
C LYS B 302 -42.63 -38.68 -1.74
N GLN B 303 -43.54 -39.56 -2.14
CA GLN B 303 -43.21 -40.62 -3.09
C GLN B 303 -42.58 -40.01 -4.34
N ASN B 304 -41.55 -40.68 -4.85
CA ASN B 304 -40.86 -40.19 -6.04
C ASN B 304 -41.50 -40.74 -7.31
N THR B 305 -42.45 -41.67 -7.14
CA THR B 305 -43.13 -42.27 -8.27
C THR B 305 -44.46 -42.92 -7.88
N LEU B 306 -45.42 -42.86 -8.80
CA LEU B 306 -46.74 -43.45 -8.59
C LEU B 306 -47.32 -43.87 -9.93
N LYS B 307 -47.35 -45.18 -10.18
CA LYS B 307 -47.85 -45.72 -11.43
C LYS B 307 -49.38 -45.87 -11.42
N LEU B 308 -50.04 -45.19 -12.35
CA LEU B 308 -51.49 -45.25 -12.48
C LEU B 308 -51.91 -46.16 -13.63
N ALA B 309 -52.79 -47.11 -13.33
CA ALA B 309 -53.28 -48.04 -14.33
C ALA B 309 -54.12 -47.32 -15.37
N THR B 310 -53.60 -47.23 -16.59
CA THR B 310 -54.31 -46.57 -17.67
C THR B 310 -54.92 -47.62 -18.60
N GLY B 311 -54.17 -48.71 -18.78
CA GLY B 311 -54.63 -49.78 -19.64
C GLY B 311 -55.45 -50.79 -18.87
N MET B 312 -55.77 -51.90 -19.52
CA MET B 312 -56.55 -52.97 -18.91
C MET B 312 -55.64 -53.90 -18.14
N ARG B 313 -56.20 -54.64 -17.17
CA ARG B 313 -55.41 -55.58 -16.40
C ARG B 313 -55.03 -56.66 -17.41
N ASN B 314 -53.75 -57.01 -17.44
CA ASN B 314 -53.30 -57.99 -18.41
C ASN B 314 -52.94 -59.38 -17.90
N VAL B 315 -53.58 -60.38 -18.47
CA VAL B 315 -53.29 -61.77 -18.14
C VAL B 315 -52.54 -62.25 -19.39
N PRO B 316 -51.22 -62.03 -19.41
CA PRO B 316 -50.37 -62.43 -20.54
C PRO B 316 -50.27 -63.94 -20.70
N GLU B 317 -49.59 -64.36 -21.77
CA GLU B 317 -49.41 -65.77 -22.09
C GLU B 317 -50.66 -66.31 -22.77
N LYS B 318 -50.54 -67.45 -23.44
CA LYS B 318 -51.69 -68.01 -24.14
C LYS B 318 -51.67 -69.53 -24.20
N GLN B 319 -52.85 -70.13 -24.28
CA GLN B 319 -52.96 -71.58 -24.37
C GLN B 319 -52.36 -71.94 -25.72
N THR B 320 -52.67 -71.11 -26.71
CA THR B 320 -52.17 -71.30 -28.07
C THR B 320 -52.36 -72.75 -28.50
N ARG B 321 -53.47 -73.34 -28.09
CA ARG B 321 -53.72 -74.73 -28.39
C ARG B 321 -53.41 -75.27 -29.78
N GLY B 322 -52.52 -76.24 -29.74
CA GLY B 322 -52.03 -76.97 -30.90
C GLY B 322 -52.03 -76.43 -32.30
N LEU B 323 -52.33 -77.37 -33.19
CA LEU B 323 -52.38 -77.19 -34.62
C LEU B 323 -53.71 -76.52 -34.91
N PHE B 324 -54.79 -77.26 -34.67
CA PHE B 324 -56.12 -76.73 -34.85
C PHE B 324 -56.33 -75.87 -33.60
N GLY B 325 -56.78 -74.63 -33.79
CA GLY B 325 -57.00 -73.76 -32.66
C GLY B 325 -58.38 -73.86 -32.04
N ALA B 326 -58.43 -74.22 -30.77
CA ALA B 326 -59.69 -74.35 -30.06
C ALA B 326 -60.41 -73.00 -30.03
N ILE B 327 -59.63 -71.93 -30.15
CA ILE B 327 -60.16 -70.57 -30.14
C ILE B 327 -60.77 -70.26 -28.77
N ALA B 328 -60.44 -71.12 -27.80
CA ALA B 328 -60.92 -71.01 -26.42
C ALA B 328 -61.16 -69.59 -25.94
N GLY B 329 -62.22 -69.41 -25.16
CA GLY B 329 -62.57 -68.10 -24.64
C GLY B 329 -61.52 -67.50 -23.73
N PHE B 330 -61.55 -66.18 -23.59
CA PHE B 330 -60.58 -65.47 -22.76
C PHE B 330 -60.24 -66.13 -21.43
N ILE B 331 -61.19 -66.14 -20.50
CA ILE B 331 -60.99 -66.73 -19.18
C ILE B 331 -59.58 -66.47 -18.64
N GLU B 332 -58.68 -67.43 -18.83
CA GLU B 332 -57.31 -67.30 -18.34
C GLU B 332 -56.27 -66.88 -19.38
N ASN B 333 -56.70 -66.12 -20.39
CA ASN B 333 -55.76 -65.66 -21.41
C ASN B 333 -56.25 -64.48 -22.24
N GLY B 334 -55.31 -63.66 -22.66
CA GLY B 334 -55.61 -62.50 -23.48
C GLY B 334 -55.04 -62.78 -24.86
N TRP B 335 -55.66 -62.23 -25.89
CA TRP B 335 -55.19 -62.48 -27.25
C TRP B 335 -54.22 -61.43 -27.77
N GLU B 336 -52.93 -61.67 -27.59
CA GLU B 336 -51.90 -60.75 -28.06
C GLU B 336 -52.05 -60.55 -29.56
N GLY B 337 -52.86 -61.41 -30.19
CA GLY B 337 -53.08 -61.31 -31.61
C GLY B 337 -54.00 -60.16 -31.96
N MET B 338 -55.09 -60.02 -31.21
CA MET B 338 -56.04 -58.95 -31.45
C MET B 338 -55.36 -57.60 -31.21
N ILE B 339 -55.25 -56.80 -32.26
CA ILE B 339 -54.61 -55.49 -32.17
C ILE B 339 -55.50 -54.41 -32.78
N ASP B 340 -56.79 -54.68 -32.85
CA ASP B 340 -57.75 -53.73 -33.41
C ASP B 340 -58.76 -53.25 -32.37
N GLY B 341 -58.59 -53.69 -31.13
CA GLY B 341 -59.50 -53.29 -30.08
C GLY B 341 -59.16 -53.90 -28.73
N TRP B 342 -60.03 -53.65 -27.74
CA TRP B 342 -59.85 -54.17 -26.40
C TRP B 342 -60.64 -55.47 -26.21
N TYR B 343 -61.77 -55.56 -26.89
CA TYR B 343 -62.63 -56.74 -26.80
C TYR B 343 -63.08 -57.16 -28.19
N GLY B 344 -62.92 -58.44 -28.50
CA GLY B 344 -63.32 -58.93 -29.80
C GLY B 344 -63.89 -60.34 -29.75
N PHE B 345 -64.34 -60.84 -30.90
CA PHE B 345 -64.90 -62.18 -30.97
C PHE B 345 -64.12 -63.07 -31.92
N ARG B 346 -64.14 -64.37 -31.65
CA ARG B 346 -63.45 -65.34 -32.46
C ARG B 346 -64.38 -66.50 -32.79
N HIS B 347 -64.74 -66.62 -34.07
CA HIS B 347 -65.64 -67.68 -34.52
C HIS B 347 -64.87 -68.86 -35.09
N GLN B 348 -65.39 -70.06 -34.86
CA GLN B 348 -64.78 -71.29 -35.35
C GLN B 348 -65.85 -72.08 -36.09
N ASN B 349 -66.35 -71.52 -37.19
CA ASN B 349 -67.39 -72.16 -37.98
C ASN B 349 -66.78 -73.13 -39.00
N SER B 350 -67.65 -73.78 -39.76
CA SER B 350 -67.20 -74.72 -40.78
C SER B 350 -66.35 -74.07 -41.86
N GLU B 351 -66.59 -72.78 -42.10
CA GLU B 351 -65.82 -72.05 -43.10
C GLU B 351 -64.39 -71.78 -42.63
N GLY B 352 -64.14 -72.01 -41.35
CA GLY B 352 -62.82 -71.79 -40.81
C GLY B 352 -62.82 -70.94 -39.55
N THR B 353 -61.74 -70.18 -39.36
CA THR B 353 -61.62 -69.31 -38.18
C THR B 353 -61.67 -67.84 -38.58
N GLY B 354 -61.85 -66.97 -37.59
CA GLY B 354 -61.91 -65.55 -37.85
C GLY B 354 -61.99 -64.74 -36.57
N GLN B 355 -61.54 -63.50 -36.62
CA GLN B 355 -61.56 -62.62 -35.46
C GLN B 355 -62.07 -61.23 -35.81
N ALA B 356 -62.82 -60.62 -34.88
CA ALA B 356 -63.36 -59.29 -35.08
C ALA B 356 -63.58 -58.62 -33.73
N ALA B 357 -63.06 -57.40 -33.58
CA ALA B 357 -63.19 -56.66 -32.34
C ALA B 357 -64.47 -55.82 -32.31
N ASP B 358 -65.17 -55.87 -31.19
CA ASP B 358 -66.41 -55.11 -31.02
C ASP B 358 -66.08 -53.72 -30.49
N LEU B 359 -66.09 -52.74 -31.40
CA LEU B 359 -65.78 -51.36 -31.05
C LEU B 359 -66.69 -50.82 -29.95
N LYS B 360 -67.95 -51.23 -29.97
CA LYS B 360 -68.92 -50.79 -28.97
C LYS B 360 -68.40 -50.98 -27.55
N SER B 361 -68.26 -52.23 -27.14
CA SER B 361 -67.78 -52.57 -25.81
C SER B 361 -66.45 -51.89 -25.48
N THR B 362 -65.48 -52.05 -26.38
CA THR B 362 -64.16 -51.45 -26.19
C THR B 362 -64.23 -49.94 -25.92
N GLN B 363 -65.04 -49.25 -26.69
CA GLN B 363 -65.19 -47.80 -26.55
C GLN B 363 -65.69 -47.37 -25.18
N ALA B 364 -66.70 -48.07 -24.67
CA ALA B 364 -67.27 -47.76 -23.36
C ALA B 364 -66.18 -47.72 -22.29
N ALA B 365 -65.30 -48.73 -22.32
CA ALA B 365 -64.21 -48.80 -21.36
C ALA B 365 -63.29 -47.60 -21.47
N ILE B 366 -62.81 -47.35 -22.69
CA ILE B 366 -61.92 -46.22 -22.95
C ILE B 366 -62.49 -44.89 -22.45
N ASP B 367 -63.75 -44.63 -22.78
CA ASP B 367 -64.39 -43.38 -22.35
C ASP B 367 -64.31 -43.18 -20.85
N GLN B 368 -64.70 -44.21 -20.10
CA GLN B 368 -64.69 -44.13 -18.64
C GLN B 368 -63.27 -43.87 -18.13
N ILE B 369 -62.31 -44.59 -18.68
CA ILE B 369 -60.91 -44.46 -18.29
C ILE B 369 -60.34 -43.06 -18.49
N ASN B 370 -60.32 -42.60 -19.74
CA ASN B 370 -59.79 -41.28 -20.08
C ASN B 370 -60.18 -40.12 -19.18
N GLY B 371 -61.48 -39.80 -19.15
CA GLY B 371 -61.95 -38.68 -18.35
C GLY B 371 -61.71 -38.69 -16.85
N LYS B 372 -61.73 -39.88 -16.24
CA LYS B 372 -61.56 -40.02 -14.79
C LYS B 372 -60.38 -39.27 -14.16
N LEU B 373 -59.17 -39.55 -14.65
CA LEU B 373 -57.96 -38.90 -14.11
C LEU B 373 -58.11 -37.42 -13.80
N ASN B 374 -58.41 -36.63 -14.82
CA ASN B 374 -58.58 -35.19 -14.67
C ASN B 374 -59.67 -34.83 -13.67
N ARG B 375 -60.72 -35.63 -13.62
CA ARG B 375 -61.81 -35.37 -12.68
C ARG B 375 -61.31 -35.46 -11.24
N VAL B 376 -60.81 -36.64 -10.86
CA VAL B 376 -60.30 -36.87 -9.51
C VAL B 376 -59.33 -35.77 -9.07
N ILE B 377 -58.28 -35.56 -9.86
CA ILE B 377 -57.27 -34.56 -9.54
C ILE B 377 -57.47 -33.30 -10.37
N GLU B 378 -57.33 -32.15 -9.73
CA GLU B 378 -57.51 -30.90 -10.44
C GLU B 378 -56.32 -30.62 -11.36
N LYS B 379 -56.62 -30.45 -12.64
CA LYS B 379 -55.59 -30.17 -13.65
C LYS B 379 -54.51 -29.21 -13.18
N THR B 380 -54.88 -28.29 -12.30
CA THR B 380 -53.93 -27.30 -11.81
C THR B 380 -54.48 -26.45 -10.67
N ASN B 381 -53.56 -25.77 -9.97
CA ASN B 381 -53.88 -24.88 -8.87
C ASN B 381 -52.68 -23.95 -8.76
N GLU B 382 -52.93 -22.64 -8.69
CA GLU B 382 -51.84 -21.69 -8.59
C GLU B 382 -51.56 -21.24 -7.16
N LYS B 383 -50.30 -20.88 -6.94
CA LYS B 383 -49.84 -20.39 -5.65
C LYS B 383 -48.64 -19.51 -5.96
N PHE B 384 -48.48 -18.43 -5.21
CA PHE B 384 -47.37 -17.53 -5.45
C PHE B 384 -46.55 -17.36 -4.17
N HIS B 385 -46.59 -16.18 -3.55
CA HIS B 385 -45.83 -15.99 -2.32
C HIS B 385 -46.41 -16.89 -1.24
N GLN B 386 -45.54 -17.60 -0.55
CA GLN B 386 -45.96 -18.52 0.51
C GLN B 386 -45.08 -18.33 1.74
N ILE B 387 -44.65 -19.42 2.35
CA ILE B 387 -43.79 -19.36 3.52
C ILE B 387 -42.42 -19.91 3.15
N GLU B 388 -41.36 -19.36 3.75
CA GLU B 388 -40.04 -19.87 3.46
C GLU B 388 -40.07 -21.30 3.98
N LYS B 389 -39.72 -22.25 3.14
CA LYS B 389 -39.73 -23.65 3.54
C LYS B 389 -38.31 -24.09 3.83
N GLU B 390 -37.45 -23.11 4.03
CA GLU B 390 -36.04 -23.34 4.31
C GLU B 390 -35.44 -22.20 5.12
N PHE B 391 -34.41 -22.53 5.90
CA PHE B 391 -33.71 -21.55 6.72
C PHE B 391 -32.23 -21.91 6.74
N SER B 392 -31.41 -21.00 7.24
CA SER B 392 -29.98 -21.25 7.30
C SER B 392 -29.46 -21.18 8.73
N GLU B 393 -30.29 -20.66 9.64
CA GLU B 393 -29.91 -20.54 11.05
C GLU B 393 -31.10 -20.89 11.94
N VAL B 394 -30.87 -20.91 13.25
CA VAL B 394 -31.91 -21.24 14.21
C VAL B 394 -32.64 -19.99 14.71
N GLU B 395 -33.96 -20.08 14.78
CA GLU B 395 -34.80 -18.98 15.23
C GLU B 395 -35.76 -19.38 16.34
N GLY B 396 -35.62 -20.61 16.81
CA GLY B 396 -36.47 -21.10 17.88
C GLY B 396 -37.93 -21.29 17.50
N ARG B 397 -38.82 -20.76 18.34
CA ARG B 397 -40.25 -20.87 18.14
C ARG B 397 -40.78 -20.63 16.72
N ILE B 398 -40.70 -19.38 16.26
CA ILE B 398 -41.18 -19.03 14.92
C ILE B 398 -40.81 -20.09 13.88
N GLN B 399 -39.51 -20.34 13.74
CA GLN B 399 -39.01 -21.31 12.78
C GLN B 399 -39.71 -22.66 12.95
N ASP B 400 -39.58 -23.24 14.14
CA ASP B 400 -40.19 -24.54 14.45
C ASP B 400 -41.57 -24.69 13.83
N LEU B 401 -42.46 -23.75 14.15
CA LEU B 401 -43.82 -23.77 13.62
C LEU B 401 -43.83 -23.86 12.09
N GLU B 402 -43.20 -22.89 11.44
CA GLU B 402 -43.13 -22.85 9.99
C GLU B 402 -42.79 -24.20 9.38
N LYS B 403 -41.79 -24.87 9.93
CA LYS B 403 -41.39 -26.18 9.43
C LYS B 403 -42.51 -27.19 9.60
N TYR B 404 -43.07 -27.24 10.80
CA TYR B 404 -44.16 -28.17 11.12
C TYR B 404 -45.29 -28.04 10.10
N VAL B 405 -45.79 -26.82 9.92
CA VAL B 405 -46.88 -26.56 9.00
C VAL B 405 -46.63 -27.20 7.64
N GLU B 406 -45.57 -26.78 6.97
CA GLU B 406 -45.23 -27.31 5.66
C GLU B 406 -45.09 -28.83 5.67
N ASP B 407 -44.33 -29.34 6.63
CA ASP B 407 -44.11 -30.77 6.75
C ASP B 407 -45.44 -31.51 6.86
N THR B 408 -46.29 -31.06 7.80
CA THR B 408 -47.60 -31.67 8.01
C THR B 408 -48.38 -31.71 6.71
N LYS B 409 -48.35 -30.61 5.97
CA LYS B 409 -49.04 -30.50 4.69
C LYS B 409 -48.67 -31.65 3.76
N ILE B 410 -47.37 -31.80 3.53
CA ILE B 410 -46.85 -32.84 2.66
C ILE B 410 -47.33 -34.24 3.06
N ASP B 411 -47.08 -34.62 4.31
CA ASP B 411 -47.49 -35.93 4.79
C ASP B 411 -48.97 -36.19 4.50
N LEU B 412 -49.82 -35.22 4.82
CA LEU B 412 -51.25 -35.35 4.59
C LEU B 412 -51.54 -35.45 3.10
N TRP B 413 -50.95 -34.54 2.33
CA TRP B 413 -51.13 -34.52 0.88
C TRP B 413 -50.68 -35.83 0.24
N SER B 414 -49.50 -36.29 0.62
CA SER B 414 -48.95 -37.53 0.08
C SER B 414 -49.96 -38.66 0.23
N TYR B 415 -50.48 -38.81 1.45
CA TYR B 415 -51.47 -39.84 1.76
C TYR B 415 -52.56 -39.86 0.70
N ASN B 416 -53.13 -38.69 0.43
CA ASN B 416 -54.19 -38.55 -0.56
C ASN B 416 -53.77 -39.10 -1.91
N ALA B 417 -52.57 -38.70 -2.36
CA ALA B 417 -52.05 -39.16 -3.63
C ALA B 417 -51.94 -40.68 -3.64
N GLU B 418 -51.26 -41.22 -2.64
CA GLU B 418 -51.08 -42.66 -2.52
C GLU B 418 -52.43 -43.37 -2.49
N LEU B 419 -53.29 -42.96 -1.56
CA LEU B 419 -54.62 -43.52 -1.42
C LEU B 419 -55.44 -43.41 -2.71
N LEU B 420 -55.45 -42.23 -3.29
CA LEU B 420 -56.19 -41.96 -4.51
C LEU B 420 -55.77 -42.87 -5.66
N VAL B 421 -54.47 -43.01 -5.87
CA VAL B 421 -53.96 -43.85 -6.95
C VAL B 421 -54.38 -45.30 -6.75
N ALA B 422 -54.28 -45.79 -5.50
CA ALA B 422 -54.65 -47.15 -5.18
C ALA B 422 -56.12 -47.38 -5.53
N LEU B 423 -56.94 -46.38 -5.28
CA LEU B 423 -58.37 -46.45 -5.57
C LEU B 423 -58.61 -46.48 -7.07
N GLU B 424 -57.95 -45.58 -7.79
CA GLU B 424 -58.09 -45.50 -9.24
C GLU B 424 -57.73 -46.80 -9.94
N ASN B 425 -56.52 -47.29 -9.69
CA ASN B 425 -56.05 -48.53 -10.32
C ASN B 425 -57.02 -49.66 -9.99
N GLN B 426 -57.31 -49.81 -8.71
CA GLN B 426 -58.22 -50.85 -8.23
C GLN B 426 -59.60 -50.71 -8.89
N HIS B 427 -60.00 -49.47 -9.14
CA HIS B 427 -61.29 -49.19 -9.74
C HIS B 427 -61.29 -49.41 -11.25
N THR B 428 -60.20 -49.05 -11.91
CA THR B 428 -60.07 -49.21 -13.35
C THR B 428 -60.19 -50.68 -13.74
N ILE B 429 -59.48 -51.54 -13.01
CA ILE B 429 -59.48 -52.97 -13.28
C ILE B 429 -60.90 -53.52 -13.33
N ASP B 430 -61.66 -53.28 -12.25
CA ASP B 430 -63.04 -53.75 -12.16
C ASP B 430 -63.85 -53.24 -13.35
N LEU B 431 -63.65 -51.97 -13.69
CA LEU B 431 -64.36 -51.35 -14.80
C LEU B 431 -64.12 -52.08 -16.11
N THR B 432 -62.86 -52.22 -16.49
CA THR B 432 -62.50 -52.89 -17.73
C THR B 432 -62.88 -54.36 -17.70
N ASP B 433 -62.60 -55.01 -16.57
CA ASP B 433 -62.90 -56.42 -16.39
C ASP B 433 -64.40 -56.67 -16.44
N SER B 434 -65.19 -55.68 -16.03
CA SER B 434 -66.64 -55.79 -16.04
C SER B 434 -67.16 -55.81 -17.46
N GLU B 435 -66.71 -54.85 -18.26
CA GLU B 435 -67.11 -54.74 -19.66
C GLU B 435 -67.01 -56.11 -20.34
N MET B 436 -65.83 -56.70 -20.25
CA MET B 436 -65.57 -58.01 -20.84
C MET B 436 -66.61 -59.03 -20.37
N ASN B 437 -67.07 -58.87 -19.13
CA ASN B 437 -68.05 -59.77 -18.56
C ASN B 437 -69.46 -59.50 -19.09
N LYS B 438 -69.74 -58.24 -19.39
CA LYS B 438 -71.06 -57.86 -19.90
C LYS B 438 -71.25 -58.37 -21.33
N LEU B 439 -70.29 -58.05 -22.19
CA LEU B 439 -70.35 -58.46 -23.58
C LEU B 439 -70.59 -59.96 -23.67
N PHE B 440 -70.20 -60.68 -22.62
CA PHE B 440 -70.36 -62.13 -22.56
C PHE B 440 -71.80 -62.48 -22.20
N GLU B 441 -72.41 -61.67 -21.33
CA GLU B 441 -73.79 -61.88 -20.91
C GLU B 441 -74.72 -61.35 -21.99
N LYS B 442 -74.27 -60.30 -22.68
CA LYS B 442 -75.06 -59.71 -23.76
C LYS B 442 -75.26 -60.75 -24.85
N THR B 443 -74.34 -61.71 -24.90
CA THR B 443 -74.41 -62.78 -25.89
C THR B 443 -75.29 -63.91 -25.38
N ARG B 444 -75.22 -64.19 -24.09
CA ARG B 444 -76.03 -65.25 -23.49
C ARG B 444 -77.51 -64.98 -23.74
N ARG B 445 -77.93 -63.75 -23.49
CA ARG B 445 -79.31 -63.36 -23.69
C ARG B 445 -79.68 -63.37 -25.17
N GLN B 446 -78.71 -63.04 -26.01
CA GLN B 446 -78.92 -62.99 -27.46
C GLN B 446 -79.05 -64.38 -28.06
N LEU B 447 -78.01 -65.20 -27.89
CA LEU B 447 -78.02 -66.55 -28.43
C LEU B 447 -79.22 -67.35 -27.94
N ARG B 448 -79.65 -67.05 -26.70
CA ARG B 448 -80.77 -67.76 -26.11
C ARG B 448 -80.47 -69.25 -25.97
N GLU B 449 -81.33 -70.09 -26.54
CA GLU B 449 -81.16 -71.53 -26.46
C GLU B 449 -80.20 -72.13 -27.48
N ASN B 450 -80.13 -71.52 -28.66
CA ASN B 450 -79.28 -71.99 -29.74
C ASN B 450 -77.91 -72.55 -29.35
N ALA B 451 -77.29 -72.01 -28.31
CA ALA B 451 -75.97 -72.48 -27.89
C ALA B 451 -75.87 -72.72 -26.39
N GLU B 452 -74.66 -73.07 -25.95
CA GLU B 452 -74.40 -73.33 -24.53
C GLU B 452 -73.04 -72.75 -24.14
N ASP B 453 -72.92 -72.34 -22.88
CA ASP B 453 -71.68 -71.77 -22.37
C ASP B 453 -70.72 -72.88 -21.95
N MET B 454 -69.76 -73.17 -22.82
CA MET B 454 -68.77 -74.21 -22.55
C MET B 454 -68.05 -73.99 -21.22
N GLY B 455 -67.99 -72.72 -20.79
CA GLY B 455 -67.33 -72.40 -19.55
C GLY B 455 -65.98 -71.79 -19.80
N ASN B 456 -65.31 -72.26 -20.86
CA ASN B 456 -63.99 -71.76 -21.23
C ASN B 456 -64.10 -70.35 -21.81
N GLY B 457 -65.27 -69.73 -21.65
CA GLY B 457 -65.46 -68.39 -22.18
C GLY B 457 -65.99 -68.40 -23.60
N CYS B 458 -66.49 -69.55 -24.04
CA CYS B 458 -67.03 -69.68 -25.39
C CYS B 458 -68.46 -70.21 -25.34
N PHE B 459 -69.18 -70.00 -26.44
CA PHE B 459 -70.54 -70.48 -26.56
C PHE B 459 -70.54 -71.51 -27.69
N LYS B 460 -70.82 -72.76 -27.35
CA LYS B 460 -70.82 -73.83 -28.34
C LYS B 460 -72.14 -73.87 -29.11
N ILE B 461 -72.22 -73.06 -30.15
CA ILE B 461 -73.42 -73.00 -30.99
C ILE B 461 -73.70 -74.40 -31.52
N TYR B 462 -74.95 -74.85 -31.39
CA TYR B 462 -75.35 -76.18 -31.84
C TYR B 462 -75.84 -76.31 -33.27
N HIS B 463 -75.49 -75.35 -34.14
CA HIS B 463 -75.97 -75.43 -35.52
C HIS B 463 -75.00 -74.81 -36.53
N LYS B 464 -75.00 -75.35 -37.75
CA LYS B 464 -74.15 -74.84 -38.82
C LYS B 464 -74.30 -73.32 -38.85
N CYS B 465 -73.19 -72.61 -38.68
CA CYS B 465 -73.22 -71.16 -38.68
C CYS B 465 -72.14 -70.59 -39.59
N ASP B 466 -72.55 -70.12 -40.76
CA ASP B 466 -71.65 -69.52 -41.73
C ASP B 466 -71.15 -68.17 -41.22
N ASN B 467 -70.19 -67.59 -41.92
CA ASN B 467 -69.64 -66.29 -41.51
C ASN B 467 -70.71 -65.22 -41.35
N ALA B 468 -71.72 -65.25 -42.23
CA ALA B 468 -72.80 -64.28 -42.15
C ALA B 468 -73.57 -64.54 -40.86
N CYS B 469 -73.82 -65.82 -40.59
CA CYS B 469 -74.54 -66.25 -39.39
C CYS B 469 -73.86 -65.67 -38.16
N ILE B 470 -72.53 -65.69 -38.15
CA ILE B 470 -71.76 -65.17 -37.03
C ILE B 470 -71.88 -63.65 -36.94
N GLU B 471 -71.64 -62.99 -38.07
CA GLU B 471 -71.72 -61.53 -38.14
C GLU B 471 -73.04 -61.00 -37.59
N SER B 472 -74.13 -61.68 -37.91
CA SER B 472 -75.45 -61.27 -37.46
C SER B 472 -75.56 -61.26 -35.94
N ILE B 473 -74.70 -62.03 -35.28
CA ILE B 473 -74.73 -62.12 -33.83
C ILE B 473 -73.87 -61.05 -33.17
N ARG B 474 -72.81 -60.63 -33.86
CA ARG B 474 -71.91 -59.62 -33.32
C ARG B 474 -72.54 -58.23 -33.26
N ASN B 475 -73.37 -57.89 -34.24
CA ASN B 475 -74.02 -56.59 -34.20
C ASN B 475 -75.19 -56.66 -33.21
N GLY B 476 -75.80 -57.83 -33.13
CA GLY B 476 -76.92 -58.04 -32.22
C GLY B 476 -78.23 -58.25 -32.94
N THR B 477 -78.18 -58.19 -34.26
CA THR B 477 -79.37 -58.35 -35.11
C THR B 477 -79.92 -59.78 -35.09
N TYR B 478 -79.01 -60.76 -35.07
CA TYR B 478 -79.33 -62.18 -35.05
C TYR B 478 -80.60 -62.58 -34.29
N ASP B 479 -81.38 -63.48 -34.89
CA ASP B 479 -82.63 -63.97 -34.30
C ASP B 479 -82.52 -65.46 -33.94
N HIS B 480 -82.94 -65.80 -32.73
CA HIS B 480 -82.89 -67.18 -32.22
C HIS B 480 -83.83 -68.16 -32.91
N ASP B 481 -85.08 -67.75 -33.15
CA ASP B 481 -86.05 -68.62 -33.79
C ASP B 481 -85.56 -69.28 -35.06
N VAL B 482 -84.86 -68.51 -35.90
CA VAL B 482 -84.34 -69.01 -37.16
C VAL B 482 -83.68 -70.38 -37.05
N TYR B 483 -82.71 -70.50 -36.15
CA TYR B 483 -81.98 -71.74 -35.96
C TYR B 483 -82.50 -72.55 -34.77
N ARG B 484 -83.51 -72.02 -34.09
CA ARG B 484 -84.07 -72.69 -32.92
C ARG B 484 -84.30 -74.19 -33.13
N ASP B 485 -85.18 -74.52 -34.08
CA ASP B 485 -85.48 -75.92 -34.38
C ASP B 485 -84.23 -76.74 -34.64
N GLU B 486 -83.39 -76.25 -35.54
CA GLU B 486 -82.15 -76.93 -35.90
C GLU B 486 -81.27 -77.22 -34.67
N ALA B 487 -80.84 -76.17 -33.99
CA ALA B 487 -79.99 -76.30 -32.82
C ALA B 487 -80.58 -77.27 -31.79
N LEU B 488 -81.82 -77.00 -31.38
CA LEU B 488 -82.50 -77.85 -30.40
C LEU B 488 -82.29 -79.34 -30.62
N ASN B 489 -82.23 -79.75 -31.88
CA ASN B 489 -82.05 -81.16 -32.21
C ASN B 489 -80.67 -81.69 -31.84
N ASN B 490 -79.63 -81.02 -32.32
CA ASN B 490 -78.25 -81.42 -32.05
C ASN B 490 -77.93 -81.45 -30.56
N ARG B 491 -78.69 -80.67 -29.78
CA ARG B 491 -78.48 -80.60 -28.34
C ARG B 491 -78.94 -81.85 -27.59
N PHE B 492 -80.23 -82.15 -27.70
CA PHE B 492 -80.83 -83.29 -27.02
C PHE B 492 -80.83 -84.58 -27.84
N GLN B 493 -80.08 -84.58 -28.94
CA GLN B 493 -80.00 -85.77 -29.80
C GLN B 493 -78.62 -85.89 -30.44
N SER C 1 -80.94 -91.65 -7.23
CA SER C 1 -80.64 -91.47 -8.67
C SER C 1 -80.18 -90.04 -8.95
N THR C 2 -80.11 -89.24 -7.88
CA THR C 2 -79.68 -87.85 -7.98
C THR C 2 -78.91 -87.45 -6.73
N ALA C 3 -78.03 -86.48 -6.87
CA ALA C 3 -77.22 -86.01 -5.74
C ALA C 3 -77.24 -84.49 -5.67
N THR C 4 -77.14 -83.95 -4.46
CA THR C 4 -77.16 -82.51 -4.26
C THR C 4 -75.81 -82.00 -3.78
N LEU C 5 -75.26 -81.03 -4.50
CA LEU C 5 -73.98 -80.44 -4.14
C LEU C 5 -74.23 -78.97 -3.82
N CYS C 6 -73.65 -78.50 -2.72
CA CYS C 6 -73.84 -77.11 -2.34
C CYS C 6 -72.52 -76.45 -1.95
N LEU C 7 -72.52 -75.12 -1.98
CA LEU C 7 -71.34 -74.35 -1.61
C LEU C 7 -71.71 -73.50 -0.41
N GLY C 8 -70.70 -72.97 0.27
CA GLY C 8 -70.99 -72.15 1.44
C GLY C 8 -69.75 -71.60 2.11
N HIS C 9 -69.96 -70.87 3.20
CA HIS C 9 -68.87 -70.26 3.94
C HIS C 9 -68.97 -70.55 5.44
N HIS C 10 -68.00 -70.09 6.20
CA HIS C 10 -67.96 -70.32 7.63
C HIS C 10 -68.75 -69.27 8.43
N ALA C 11 -68.81 -69.48 9.75
CA ALA C 11 -69.51 -68.58 10.65
C ALA C 11 -68.94 -68.68 12.06
N VAL C 12 -69.12 -67.62 12.85
CA VAL C 12 -68.64 -67.59 14.22
C VAL C 12 -69.76 -67.34 15.21
N PRO C 13 -69.61 -67.79 16.46
CA PRO C 13 -70.62 -67.61 17.51
C PRO C 13 -71.13 -66.17 17.60
N ASN C 14 -70.23 -65.25 17.94
CA ASN C 14 -70.58 -63.84 18.06
C ASN C 14 -69.56 -62.97 17.34
N GLY C 15 -69.95 -62.44 16.19
CA GLY C 15 -69.06 -61.59 15.41
C GLY C 15 -68.97 -60.18 15.95
N THR C 16 -68.33 -59.30 15.18
CA THR C 16 -68.18 -57.90 15.56
C THR C 16 -68.75 -56.99 14.48
N LEU C 17 -69.23 -55.81 14.89
CA LEU C 17 -69.80 -54.86 13.96
C LEU C 17 -68.73 -53.97 13.36
N VAL C 18 -68.97 -53.47 12.15
CA VAL C 18 -68.03 -52.60 11.46
C VAL C 18 -68.77 -51.53 10.66
N LYS C 19 -68.16 -50.36 10.53
CA LYS C 19 -68.75 -49.25 9.80
C LYS C 19 -68.37 -49.32 8.32
N THR C 20 -69.36 -49.54 7.47
CA THR C 20 -69.14 -49.62 6.03
C THR C 20 -69.96 -48.56 5.32
N ILE C 21 -69.62 -48.32 4.06
CA ILE C 21 -70.32 -47.32 3.26
C ILE C 21 -71.80 -47.68 3.07
N THR C 22 -72.05 -48.77 2.36
CA THR C 22 -73.41 -49.23 2.09
C THR C 22 -74.27 -49.42 3.34
N ASP C 23 -73.87 -50.32 4.23
CA ASP C 23 -74.62 -50.56 5.45
C ASP C 23 -74.02 -49.72 6.57
N ASP C 24 -74.88 -49.04 7.33
CA ASP C 24 -74.42 -48.20 8.42
C ASP C 24 -73.81 -49.00 9.56
N GLN C 25 -74.16 -50.29 9.63
CA GLN C 25 -73.64 -51.17 10.66
C GLN C 25 -73.85 -52.62 10.24
N ILE C 26 -72.78 -53.40 10.24
CA ILE C 26 -72.87 -54.81 9.86
C ILE C 26 -71.86 -55.67 10.62
N GLU C 27 -72.22 -56.93 10.85
CA GLU C 27 -71.37 -57.86 11.59
C GLU C 27 -70.51 -58.75 10.68
N VAL C 28 -69.27 -58.97 11.12
CA VAL C 28 -68.33 -59.80 10.37
C VAL C 28 -67.91 -60.99 11.24
N THR C 29 -66.91 -61.74 10.78
CA THR C 29 -66.43 -62.91 11.53
C THR C 29 -65.14 -62.58 12.27
N ASN C 30 -64.60 -61.39 12.05
CA ASN C 30 -63.37 -60.99 12.71
C ASN C 30 -63.10 -59.50 12.51
N ALA C 31 -62.58 -58.86 13.55
CA ALA C 31 -62.27 -57.43 13.50
C ALA C 31 -60.94 -57.15 14.18
N THR C 32 -60.59 -55.88 14.29
CA THR C 32 -59.33 -55.47 14.93
C THR C 32 -59.32 -53.98 15.17
N GLU C 33 -58.73 -53.56 16.29
CA GLU C 33 -58.65 -52.15 16.64
C GLU C 33 -57.47 -51.48 15.92
N LEU C 34 -57.75 -50.33 15.31
CA LEU C 34 -56.73 -49.59 14.58
C LEU C 34 -56.34 -48.30 15.32
N VAL C 35 -56.79 -48.18 16.57
CA VAL C 35 -56.48 -47.00 17.37
C VAL C 35 -55.94 -47.39 18.74
N GLN C 36 -54.66 -47.13 18.97
CA GLN C 36 -54.04 -47.45 20.25
C GLN C 36 -54.64 -46.57 21.34
N SER C 37 -55.30 -47.20 22.30
CA SER C 37 -55.94 -46.48 23.40
C SER C 37 -55.29 -46.73 24.75
N SER C 38 -54.70 -47.92 24.93
CA SER C 38 -54.05 -48.27 26.18
C SER C 38 -52.64 -47.68 26.25
N SER C 39 -52.04 -47.74 27.44
CA SER C 39 -50.70 -47.22 27.64
C SER C 39 -50.05 -47.83 28.88
N THR C 40 -48.80 -48.28 28.74
CA THR C 40 -48.07 -48.88 29.85
C THR C 40 -47.96 -47.89 30.99
N GLY C 41 -47.79 -46.61 30.64
CA GLY C 41 -47.66 -45.58 31.65
C GLY C 41 -46.22 -45.32 32.05
N LYS C 42 -45.28 -45.99 31.36
CA LYS C 42 -43.87 -45.83 31.65
C LYS C 42 -43.08 -45.54 30.37
N ILE C 43 -42.08 -44.67 30.48
CA ILE C 43 -41.25 -44.30 29.34
C ILE C 43 -40.11 -45.31 29.16
N CYS C 44 -40.10 -46.00 28.02
CA CYS C 44 -39.06 -46.98 27.73
C CYS C 44 -37.78 -46.27 27.29
N ASN C 45 -36.75 -46.36 28.14
CA ASN C 45 -35.46 -45.72 27.88
C ASN C 45 -34.82 -46.07 26.55
N ASN C 46 -35.21 -47.19 25.94
CA ASN C 46 -34.66 -47.58 24.66
C ASN C 46 -35.71 -47.58 23.55
N PRO C 47 -35.27 -47.38 22.29
CA PRO C 47 -33.87 -47.17 21.90
C PRO C 47 -33.39 -45.75 22.20
N HIS C 48 -34.27 -44.78 21.98
CA HIS C 48 -33.97 -43.37 22.20
C HIS C 48 -33.40 -43.13 23.59
N ARG C 49 -32.20 -42.57 23.64
CA ARG C 49 -31.57 -42.28 24.93
C ARG C 49 -32.44 -41.24 25.62
N ILE C 50 -32.99 -41.62 26.77
CA ILE C 50 -33.87 -40.72 27.52
C ILE C 50 -33.17 -40.14 28.76
N LEU C 51 -33.20 -38.82 28.87
CA LEU C 51 -32.58 -38.14 30.00
C LEU C 51 -33.65 -37.59 30.95
N ASP C 52 -33.50 -37.91 32.23
CA ASP C 52 -34.45 -37.44 33.23
C ASP C 52 -33.89 -36.23 33.95
N GLY C 53 -34.42 -35.05 33.61
CA GLY C 53 -33.95 -33.83 34.25
C GLY C 53 -34.49 -33.69 35.66
N ILE C 54 -35.25 -34.70 36.10
CA ILE C 54 -35.86 -34.69 37.42
C ILE C 54 -36.25 -33.27 37.80
N ASP C 55 -36.03 -32.89 39.06
CA ASP C 55 -36.36 -31.55 39.51
C ASP C 55 -35.42 -30.51 38.91
N CYS C 56 -35.41 -30.43 37.58
CA CYS C 56 -34.56 -29.49 36.86
C CYS C 56 -35.11 -29.21 35.47
N THR C 57 -35.06 -27.95 35.04
CA THR C 57 -35.54 -27.56 33.73
C THR C 57 -34.35 -27.52 32.79
N LEU C 58 -34.56 -27.85 31.53
CA LEU C 58 -33.48 -27.85 30.55
C LEU C 58 -32.72 -26.53 30.58
N ILE C 59 -33.43 -25.46 30.95
CA ILE C 59 -32.82 -24.14 31.02
C ILE C 59 -31.98 -23.99 32.28
N ASP C 60 -32.54 -24.41 33.43
CA ASP C 60 -31.81 -24.33 34.68
C ASP C 60 -30.56 -25.18 34.60
N ALA C 61 -30.58 -26.18 33.74
CA ALA C 61 -29.44 -27.06 33.55
C ALA C 61 -28.42 -26.33 32.69
N LEU C 62 -28.89 -25.70 31.62
CA LEU C 62 -28.04 -24.94 30.73
C LEU C 62 -27.33 -23.85 31.52
N LEU C 63 -28.12 -22.91 32.05
CA LEU C 63 -27.59 -21.81 32.84
C LEU C 63 -26.56 -22.33 33.83
N GLY C 64 -26.86 -23.46 34.46
CA GLY C 64 -25.94 -24.04 35.42
C GLY C 64 -26.35 -23.77 36.85
N ASP C 65 -27.55 -24.20 37.21
CA ASP C 65 -28.06 -24.01 38.56
C ASP C 65 -27.41 -25.05 39.48
N PRO C 66 -27.04 -24.64 40.70
CA PRO C 66 -26.40 -25.52 41.68
C PRO C 66 -26.95 -26.94 41.76
N HIS C 67 -28.26 -27.06 41.92
CA HIS C 67 -28.88 -28.38 42.02
C HIS C 67 -28.99 -29.12 40.69
N CYS C 68 -28.68 -28.44 39.60
CA CYS C 68 -28.75 -29.07 38.29
C CYS C 68 -27.37 -29.20 37.63
N ASP C 69 -26.32 -28.86 38.37
CA ASP C 69 -24.96 -28.96 37.85
C ASP C 69 -24.64 -30.37 37.41
N VAL C 70 -25.31 -31.35 38.02
CA VAL C 70 -25.10 -32.76 37.69
C VAL C 70 -25.39 -33.03 36.22
N PHE C 71 -26.13 -32.12 35.58
CA PHE C 71 -26.49 -32.28 34.18
C PHE C 71 -25.50 -31.61 33.23
N GLN C 72 -24.53 -30.90 33.79
CA GLN C 72 -23.53 -30.23 32.95
C GLN C 72 -22.87 -31.21 31.98
N ASN C 73 -22.53 -30.72 30.79
CA ASN C 73 -21.89 -31.54 29.78
C ASN C 73 -22.71 -32.80 29.48
N GLU C 74 -24.03 -32.66 29.56
CA GLU C 74 -24.93 -33.78 29.29
C GLU C 74 -25.47 -33.79 27.86
N THR C 75 -25.60 -34.99 27.31
CA THR C 75 -26.13 -35.17 25.96
C THR C 75 -27.44 -35.92 26.13
N TRP C 76 -28.24 -36.02 25.07
CA TRP C 76 -29.52 -36.72 25.18
C TRP C 76 -30.25 -36.84 23.85
N ASP C 77 -31.27 -37.69 23.83
CA ASP C 77 -32.10 -37.91 22.65
C ASP C 77 -33.42 -37.19 22.86
N LEU C 78 -33.99 -37.38 24.04
CA LEU C 78 -35.27 -36.76 24.41
C LEU C 78 -35.24 -36.32 25.87
N PHE C 79 -34.93 -35.04 26.09
CA PHE C 79 -34.87 -34.50 27.45
C PHE C 79 -36.27 -34.43 28.05
N VAL C 80 -36.53 -35.26 29.05
CA VAL C 80 -37.82 -35.28 29.73
C VAL C 80 -37.80 -34.26 30.86
N GLU C 81 -38.80 -33.38 30.87
CA GLU C 81 -38.89 -32.33 31.88
C GLU C 81 -40.02 -32.65 32.85
N ARG C 82 -39.65 -32.85 34.12
CA ARG C 82 -40.61 -33.18 35.17
C ARG C 82 -41.32 -31.94 35.71
N SER C 83 -42.49 -32.14 36.29
CA SER C 83 -43.27 -31.04 36.85
C SER C 83 -42.70 -30.66 38.21
N LYS C 84 -42.24 -31.67 38.96
CA LYS C 84 -41.67 -31.46 40.28
C LYS C 84 -40.51 -30.47 40.16
N ALA C 85 -40.10 -30.22 38.92
CA ALA C 85 -38.99 -29.31 38.63
C ALA C 85 -39.12 -27.98 39.34
N PHE C 86 -38.02 -27.23 39.38
CA PHE C 86 -37.98 -25.92 40.04
C PHE C 86 -36.57 -25.36 39.94
N SER C 87 -36.44 -24.06 40.15
CA SER C 87 -35.13 -23.40 40.09
C SER C 87 -34.80 -22.81 41.46
N ASN C 88 -33.51 -22.76 41.79
CA ASN C 88 -33.09 -22.22 43.08
C ASN C 88 -31.81 -21.38 42.97
N CYS C 89 -31.76 -20.52 41.95
CA CYS C 89 -30.60 -19.66 41.73
C CYS C 89 -31.10 -18.22 41.55
N TYR C 90 -30.20 -17.29 41.26
CA TYR C 90 -30.57 -15.89 41.09
C TYR C 90 -31.75 -15.75 40.13
N PRO C 91 -32.77 -14.96 40.52
CA PRO C 91 -33.95 -14.74 39.67
C PRO C 91 -33.61 -14.28 38.26
N TYR C 92 -34.15 -15.00 37.27
CA TYR C 92 -33.90 -14.67 35.87
C TYR C 92 -35.18 -14.73 35.04
N ASP C 93 -35.12 -14.13 33.85
CA ASP C 93 -36.25 -14.11 32.93
C ASP C 93 -35.68 -14.17 31.52
N VAL C 94 -36.02 -15.22 30.79
CA VAL C 94 -35.53 -15.40 29.43
C VAL C 94 -36.51 -14.91 28.36
N PRO C 95 -36.22 -13.75 27.75
CA PRO C 95 -37.10 -13.21 26.71
C PRO C 95 -37.24 -14.23 25.58
N ASP C 96 -38.47 -14.48 25.16
CA ASP C 96 -38.73 -15.45 24.10
C ASP C 96 -38.21 -16.80 24.58
N TYR C 97 -38.26 -16.99 25.90
CA TYR C 97 -37.80 -18.20 26.58
C TYR C 97 -38.08 -19.48 25.78
N ALA C 98 -39.36 -19.76 25.56
CA ALA C 98 -39.77 -20.96 24.83
C ALA C 98 -38.86 -21.27 23.65
N SER C 99 -38.61 -20.29 22.80
CA SER C 99 -37.76 -20.47 21.62
C SER C 99 -36.41 -21.05 22.02
N LEU C 100 -35.68 -20.33 22.87
CA LEU C 100 -34.37 -20.78 23.32
C LEU C 100 -34.43 -22.22 23.81
N ARG C 101 -35.37 -22.50 24.69
CA ARG C 101 -35.55 -23.85 25.23
C ARG C 101 -35.71 -24.86 24.10
N SER C 102 -36.52 -24.51 23.12
CA SER C 102 -36.78 -25.37 21.97
C SER C 102 -35.50 -25.71 21.20
N LEU C 103 -34.76 -24.67 20.80
CA LEU C 103 -33.52 -24.86 20.05
C LEU C 103 -32.53 -25.73 20.82
N VAL C 104 -32.41 -25.48 22.12
CA VAL C 104 -31.49 -26.24 22.96
C VAL C 104 -31.84 -27.72 22.90
N ALA C 105 -33.12 -28.03 23.07
CA ALA C 105 -33.60 -29.41 23.03
C ALA C 105 -33.29 -30.03 21.67
N SER C 106 -33.27 -29.19 20.64
CA SER C 106 -32.98 -29.64 19.28
C SER C 106 -31.54 -30.13 19.17
N SER C 107 -30.62 -29.38 19.77
CA SER C 107 -29.21 -29.74 19.74
C SER C 107 -29.01 -31.07 20.44
N GLY C 108 -29.61 -31.22 21.61
CA GLY C 108 -29.51 -32.46 22.36
C GLY C 108 -28.22 -32.63 23.14
N THR C 109 -27.66 -31.51 23.61
CA THR C 109 -26.42 -31.57 24.37
C THR C 109 -26.08 -30.24 25.04
N LEU C 110 -25.80 -30.30 26.34
CA LEU C 110 -25.42 -29.12 27.10
C LEU C 110 -23.91 -29.04 27.21
N GLU C 111 -23.24 -29.68 26.25
CA GLU C 111 -21.79 -29.71 26.20
C GLU C 111 -21.23 -28.29 26.22
N PHE C 112 -20.57 -27.94 27.32
CA PHE C 112 -20.00 -26.61 27.46
C PHE C 112 -18.50 -26.64 27.17
N ILE C 113 -18.01 -25.60 26.49
CA ILE C 113 -16.60 -25.51 26.15
C ILE C 113 -16.06 -24.17 26.61
N THR C 114 -15.57 -24.11 27.84
CA THR C 114 -15.03 -22.89 28.42
C THR C 114 -13.96 -22.25 27.54
N GLU C 115 -14.12 -20.95 27.29
CA GLU C 115 -13.16 -20.21 26.48
C GLU C 115 -12.38 -19.24 27.37
N GLY C 116 -11.13 -19.00 27.02
CA GLY C 116 -10.30 -18.11 27.81
C GLY C 116 -10.58 -16.63 27.65
N PHE C 117 -11.66 -16.15 28.25
CA PHE C 117 -12.00 -14.73 28.17
C PHE C 117 -11.13 -13.92 29.13
N THR C 118 -10.77 -12.72 28.70
CA THR C 118 -9.94 -11.85 29.53
C THR C 118 -10.60 -10.50 29.79
N TRP C 119 -11.15 -10.35 30.99
CA TRP C 119 -11.80 -9.12 31.39
C TRP C 119 -10.81 -8.30 32.20
N THR C 120 -10.39 -7.17 31.65
CA THR C 120 -9.41 -6.31 32.32
C THR C 120 -10.04 -5.22 33.17
N GLY C 121 -9.35 -4.87 34.25
CA GLY C 121 -9.82 -3.83 35.15
C GLY C 121 -11.19 -4.06 35.75
N VAL C 122 -11.55 -5.31 35.98
CA VAL C 122 -12.84 -5.62 36.57
C VAL C 122 -12.83 -6.96 37.30
N THR C 123 -13.52 -7.02 38.44
CA THR C 123 -13.59 -8.24 39.24
C THR C 123 -14.40 -9.31 38.51
N GLN C 124 -14.15 -10.57 38.85
CA GLN C 124 -14.85 -11.69 38.22
C GLN C 124 -15.38 -12.69 39.24
N ASN C 125 -16.13 -13.66 38.76
CA ASN C 125 -16.70 -14.71 39.60
C ASN C 125 -17.53 -14.16 40.76
N GLY C 126 -18.51 -13.32 40.44
CA GLY C 126 -19.35 -12.76 41.48
C GLY C 126 -20.39 -13.76 41.95
N GLY C 127 -20.80 -13.66 43.21
CA GLY C 127 -21.78 -14.58 43.74
C GLY C 127 -22.77 -13.94 44.70
N SER C 128 -23.83 -14.67 45.02
CA SER C 128 -24.86 -14.17 45.94
C SER C 128 -25.50 -15.31 46.71
N ASN C 129 -26.24 -14.98 47.76
CA ASN C 129 -26.90 -15.97 48.60
C ASN C 129 -27.99 -16.74 47.84
N ALA C 130 -28.77 -16.01 47.05
CA ALA C 130 -29.85 -16.61 46.27
C ALA C 130 -29.42 -17.90 45.58
N CYS C 131 -28.19 -17.91 45.09
CA CYS C 131 -27.65 -19.07 44.39
C CYS C 131 -26.46 -19.62 45.16
N LYS C 132 -26.72 -20.41 46.20
CA LYS C 132 -25.65 -20.98 47.01
C LYS C 132 -25.23 -22.38 46.57
N ARG C 133 -23.98 -22.51 46.16
CA ARG C 133 -23.44 -23.80 45.74
C ARG C 133 -22.72 -24.39 46.95
N GLY C 134 -23.48 -25.11 47.77
CA GLY C 134 -22.92 -25.72 48.97
C GLY C 134 -23.12 -24.76 50.13
N PRO C 135 -22.22 -24.75 51.12
CA PRO C 135 -22.38 -23.84 52.27
C PRO C 135 -22.15 -22.39 51.85
N GLY C 136 -21.06 -22.14 51.17
CA GLY C 136 -20.74 -20.79 50.73
C GLY C 136 -21.57 -20.39 49.52
N SER C 137 -21.85 -19.10 49.40
CA SER C 137 -22.63 -18.58 48.29
C SER C 137 -22.04 -18.97 46.94
N GLY C 138 -22.77 -18.70 45.87
CA GLY C 138 -22.29 -19.04 44.54
C GLY C 138 -23.02 -18.30 43.43
N PHE C 139 -22.97 -18.85 42.23
CA PHE C 139 -23.62 -18.24 41.07
C PHE C 139 -23.80 -19.29 39.97
N PHE C 140 -24.17 -18.87 38.78
CA PHE C 140 -24.35 -19.78 37.65
C PHE C 140 -23.02 -20.35 37.19
N SER C 141 -23.03 -21.61 36.79
CA SER C 141 -21.82 -22.30 36.34
C SER C 141 -21.26 -21.82 35.00
N ARG C 142 -22.09 -21.86 33.96
CA ARG C 142 -21.64 -21.43 32.64
C ARG C 142 -21.69 -19.92 32.53
N LEU C 143 -22.01 -19.27 33.65
CA LEU C 143 -22.08 -17.81 33.71
C LEU C 143 -21.06 -17.22 34.66
N ASN C 144 -20.79 -15.94 34.50
CA ASN C 144 -19.83 -15.23 35.34
C ASN C 144 -20.33 -13.83 35.65
N TRP C 145 -20.36 -13.48 36.93
CA TRP C 145 -20.80 -12.15 37.35
C TRP C 145 -19.62 -11.18 37.28
N VAL C 146 -19.78 -10.11 36.52
CA VAL C 146 -18.73 -9.12 36.38
C VAL C 146 -18.99 -7.91 37.27
N THR C 147 -18.31 -7.87 38.41
CA THR C 147 -18.46 -6.77 39.35
C THR C 147 -17.31 -5.78 39.21
N LYS C 148 -17.59 -4.50 39.47
CA LYS C 148 -16.57 -3.46 39.35
C LYS C 148 -15.32 -3.78 40.17
N SER C 149 -14.18 -3.34 39.66
CA SER C 149 -12.89 -3.55 40.33
C SER C 149 -12.42 -2.26 40.96
N GLY C 150 -12.10 -2.30 42.25
CA GLY C 150 -11.65 -1.10 42.94
C GLY C 150 -12.72 -0.02 42.88
N SER C 151 -12.35 1.15 42.36
CA SER C 151 -13.28 2.27 42.27
C SER C 151 -13.72 2.57 40.84
N THR C 152 -13.47 1.62 39.93
CA THR C 152 -13.84 1.85 38.53
C THR C 152 -14.28 0.62 37.74
N TYR C 153 -15.15 0.85 36.77
CA TYR C 153 -15.66 -0.20 35.89
C TYR C 153 -15.37 0.25 34.46
N PRO C 154 -14.14 0.00 33.99
CA PRO C 154 -13.77 0.40 32.63
C PRO C 154 -14.69 -0.25 31.61
N VAL C 155 -15.01 0.46 30.54
CA VAL C 155 -15.87 -0.09 29.51
C VAL C 155 -15.20 -1.35 29.00
N LEU C 156 -15.74 -2.51 29.38
CA LEU C 156 -15.17 -3.78 28.95
C LEU C 156 -15.42 -3.99 27.47
N ASN C 157 -14.37 -4.41 26.76
CA ASN C 157 -14.46 -4.67 25.34
C ASN C 157 -13.49 -5.77 24.95
N VAL C 158 -14.04 -6.92 24.58
CA VAL C 158 -13.24 -8.06 24.18
C VAL C 158 -13.76 -8.64 22.86
N THR C 159 -13.18 -9.76 22.44
CA THR C 159 -13.57 -10.41 21.20
C THR C 159 -13.26 -11.90 21.24
N MET C 160 -13.97 -12.66 20.42
CA MET C 160 -13.76 -14.11 20.36
C MET C 160 -14.15 -14.65 18.99
N PRO C 161 -13.16 -15.11 18.21
CA PRO C 161 -13.38 -15.67 16.87
C PRO C 161 -13.86 -17.11 16.90
N ASN C 162 -14.60 -17.50 15.86
CA ASN C 162 -15.10 -18.86 15.76
C ASN C 162 -14.34 -19.62 14.68
N ASN C 163 -13.09 -19.97 14.99
CA ASN C 163 -12.24 -20.71 14.06
C ASN C 163 -12.89 -22.05 13.75
N ASP C 164 -13.43 -22.70 14.78
CA ASP C 164 -14.08 -23.99 14.64
C ASP C 164 -15.14 -23.95 13.55
N ASN C 165 -15.37 -25.10 12.91
CA ASN C 165 -16.33 -25.20 11.83
C ASN C 165 -17.78 -25.45 12.27
N PHE C 166 -18.01 -25.51 13.57
CA PHE C 166 -19.35 -25.74 14.08
C PHE C 166 -19.93 -24.48 14.72
N ASP C 167 -21.26 -24.36 14.69
CA ASP C 167 -21.93 -23.19 15.26
C ASP C 167 -21.76 -23.11 16.77
N LYS C 168 -21.38 -21.93 17.25
CA LYS C 168 -21.18 -21.71 18.68
C LYS C 168 -22.40 -21.01 19.28
N LEU C 169 -22.73 -21.37 20.52
CA LEU C 169 -23.86 -20.78 21.21
C LEU C 169 -23.44 -20.17 22.55
N TYR C 170 -23.32 -18.86 22.58
CA TYR C 170 -22.93 -18.14 23.79
C TYR C 170 -24.16 -17.64 24.54
N ILE C 171 -24.28 -18.04 25.80
CA ILE C 171 -25.40 -17.64 26.63
C ILE C 171 -24.96 -16.58 27.63
N TRP C 172 -25.47 -15.37 27.46
CA TRP C 172 -25.13 -14.26 28.35
C TRP C 172 -26.38 -13.67 29.01
N GLY C 173 -26.21 -12.53 29.66
CA GLY C 173 -27.33 -11.89 30.33
C GLY C 173 -27.01 -10.50 30.83
N VAL C 174 -28.06 -9.80 31.28
CA VAL C 174 -27.91 -8.44 31.79
C VAL C 174 -28.56 -8.39 33.17
N HIS C 175 -27.98 -7.59 34.07
CA HIS C 175 -28.51 -7.47 35.43
C HIS C 175 -29.38 -6.23 35.57
N HIS C 176 -30.51 -6.39 36.25
CA HIS C 176 -31.44 -5.28 36.47
C HIS C 176 -31.45 -4.86 37.94
N PRO C 177 -30.57 -3.92 38.31
CA PRO C 177 -30.47 -3.42 39.68
C PRO C 177 -31.82 -3.02 40.26
N SER C 178 -32.04 -3.33 41.53
CA SER C 178 -33.29 -2.99 42.19
C SER C 178 -33.26 -1.56 42.73
N THR C 179 -32.05 -1.03 42.89
CA THR C 179 -31.88 0.34 43.39
C THR C 179 -30.73 1.05 42.69
N ASN C 180 -30.70 2.37 42.79
CA ASN C 180 -29.65 3.17 42.17
C ASN C 180 -28.31 2.94 42.88
N GLN C 181 -28.34 2.89 44.21
CA GLN C 181 -27.14 2.68 44.99
C GLN C 181 -26.53 1.32 44.65
N GLU C 182 -27.38 0.33 44.44
CA GLU C 182 -26.92 -1.01 44.08
C GLU C 182 -26.24 -0.94 42.73
N GLN C 183 -26.83 -0.14 41.84
CA GLN C 183 -26.31 0.06 40.49
C GLN C 183 -24.96 0.76 40.51
N THR C 184 -24.95 1.97 41.07
CA THR C 184 -23.73 2.77 41.17
C THR C 184 -22.64 2.08 41.97
N SER C 185 -23.03 1.21 42.89
CA SER C 185 -22.08 0.48 43.73
C SER C 185 -21.49 -0.73 43.03
N LEU C 186 -22.37 -1.60 42.54
CA LEU C 186 -21.97 -2.81 41.86
C LEU C 186 -21.47 -2.55 40.43
N TYR C 187 -21.85 -1.41 39.86
CA TYR C 187 -21.46 -1.10 38.48
C TYR C 187 -20.88 0.29 38.25
N VAL C 188 -20.53 1.00 39.32
CA VAL C 188 -19.96 2.33 39.17
C VAL C 188 -20.99 3.23 38.47
N GLN C 189 -20.65 3.75 37.29
CA GLN C 189 -21.57 4.62 36.57
C GLN C 189 -22.98 4.07 36.66
N ALA C 190 -23.93 4.92 37.05
CA ALA C 190 -25.32 4.53 37.23
C ALA C 190 -26.03 3.99 35.99
N SER C 191 -25.50 4.28 34.80
CA SER C 191 -26.14 3.82 33.57
C SER C 191 -25.38 2.65 32.93
N GLY C 192 -25.86 1.44 33.17
CA GLY C 192 -25.23 0.26 32.60
C GLY C 192 -25.61 0.10 31.15
N ARG C 193 -24.97 -0.85 30.47
CA ARG C 193 -25.25 -1.11 29.06
C ARG C 193 -24.46 -2.30 28.53
N VAL C 194 -25.16 -3.19 27.82
CA VAL C 194 -24.53 -4.38 27.24
C VAL C 194 -24.72 -4.33 25.73
N THR C 195 -23.68 -4.68 24.99
CA THR C 195 -23.76 -4.64 23.53
C THR C 195 -23.10 -5.84 22.85
N VAL C 196 -23.75 -6.99 22.90
CA VAL C 196 -23.23 -8.19 22.26
C VAL C 196 -23.49 -8.05 20.76
N SER C 197 -22.52 -8.44 19.95
CA SER C 197 -22.69 -8.31 18.50
C SER C 197 -21.76 -9.24 17.72
N THR C 198 -22.27 -9.71 16.58
CA THR C 198 -21.52 -10.59 15.70
C THR C 198 -21.37 -9.90 14.36
N ARG C 199 -20.62 -10.52 13.46
CA ARG C 199 -20.41 -9.94 12.13
C ARG C 199 -21.71 -9.95 11.32
N ARG C 200 -22.73 -10.62 11.84
CA ARG C 200 -24.02 -10.70 11.16
C ARG C 200 -25.08 -9.85 11.85
N SER C 201 -25.43 -10.19 13.08
CA SER C 201 -26.45 -9.45 13.82
C SER C 201 -25.85 -8.59 14.92
N GLN C 202 -26.72 -7.80 15.56
CA GLN C 202 -26.32 -6.91 16.65
C GLN C 202 -27.41 -6.88 17.71
N GLN C 203 -27.00 -6.92 18.98
CA GLN C 203 -27.94 -6.90 20.10
C GLN C 203 -27.43 -6.02 21.22
N THR C 204 -28.26 -5.07 21.64
CA THR C 204 -27.89 -4.16 22.72
C THR C 204 -29.03 -4.03 23.73
N ILE C 205 -28.69 -4.25 25.00
CA ILE C 205 -29.68 -4.18 26.07
C ILE C 205 -29.32 -3.11 27.09
N ILE C 206 -30.32 -2.55 27.75
CA ILE C 206 -30.11 -1.52 28.76
C ILE C 206 -30.75 -1.95 30.08
N PRO C 207 -29.99 -1.89 31.18
CA PRO C 207 -30.50 -2.28 32.49
C PRO C 207 -31.69 -1.43 32.93
N ASN C 208 -32.64 -2.05 33.61
CA ASN C 208 -33.82 -1.35 34.07
C ASN C 208 -33.89 -1.32 35.60
N ILE C 209 -33.33 -0.27 36.19
CA ILE C 209 -33.33 -0.11 37.63
C ILE C 209 -34.74 0.08 38.15
N GLY C 210 -35.07 -0.62 39.24
CA GLY C 210 -36.40 -0.52 39.82
C GLY C 210 -36.71 -1.71 40.70
N SER C 211 -37.50 -1.48 41.75
CA SER C 211 -37.86 -2.55 42.67
C SER C 211 -38.91 -3.45 42.01
N ARG C 212 -38.83 -4.75 42.28
CA ARG C 212 -39.76 -5.71 41.71
C ARG C 212 -40.05 -6.86 42.67
N PRO C 213 -41.06 -7.71 42.37
CA PRO C 213 -41.41 -8.83 43.23
C PRO C 213 -40.21 -9.53 43.86
N TRP C 214 -40.23 -9.62 45.19
CA TRP C 214 -39.16 -10.27 45.94
C TRP C 214 -39.14 -11.78 45.71
N VAL C 215 -37.97 -12.30 45.38
CA VAL C 215 -37.80 -13.73 45.14
C VAL C 215 -36.49 -14.23 45.75
N ARG C 216 -36.55 -15.36 46.42
CA ARG C 216 -35.38 -15.95 47.07
C ARG C 216 -34.55 -14.92 47.82
N GLY C 217 -35.20 -13.84 48.25
CA GLY C 217 -34.51 -12.81 48.99
C GLY C 217 -33.87 -11.72 48.14
N LEU C 218 -34.40 -11.52 46.93
CA LEU C 218 -33.85 -10.50 46.05
C LEU C 218 -34.92 -9.76 45.25
N SER C 219 -34.77 -8.44 45.18
CA SER C 219 -35.70 -7.58 44.45
C SER C 219 -35.08 -7.20 43.10
N SER C 220 -34.09 -7.97 42.68
CA SER C 220 -33.41 -7.73 41.42
C SER C 220 -33.63 -8.90 40.47
N ARG C 221 -33.19 -8.74 39.22
CA ARG C 221 -33.35 -9.78 38.21
C ARG C 221 -32.19 -9.83 37.22
N ILE C 222 -32.18 -10.86 36.39
CA ILE C 222 -31.15 -11.05 35.38
C ILE C 222 -31.79 -11.50 34.08
N SER C 223 -31.68 -10.68 33.04
CA SER C 223 -32.25 -11.02 31.74
C SER C 223 -31.30 -11.91 30.95
N ILE C 224 -31.81 -13.04 30.47
CA ILE C 224 -31.02 -13.97 29.68
C ILE C 224 -31.14 -13.73 28.19
N TYR C 225 -30.00 -13.68 27.51
CA TYR C 225 -29.96 -13.46 26.07
C TYR C 225 -28.93 -14.40 25.44
N TRP C 226 -29.30 -15.02 24.34
CA TRP C 226 -28.40 -15.95 23.65
C TRP C 226 -28.03 -15.43 22.27
N THR C 227 -26.79 -15.68 21.87
CA THR C 227 -26.30 -15.23 20.57
C THR C 227 -25.50 -16.33 19.88
N ILE C 228 -26.02 -16.83 18.77
CA ILE C 228 -25.36 -17.88 18.02
C ILE C 228 -24.29 -17.29 17.10
N VAL C 229 -23.13 -17.93 17.07
CA VAL C 229 -22.02 -17.48 16.23
C VAL C 229 -21.67 -18.52 15.18
N LYS C 230 -21.99 -18.24 13.93
CA LYS C 230 -21.71 -19.16 12.84
C LYS C 230 -20.22 -19.29 12.55
N PRO C 231 -19.82 -20.40 11.90
CA PRO C 231 -18.43 -20.67 11.54
C PRO C 231 -17.76 -19.52 10.79
N GLY C 232 -16.52 -19.22 11.16
CA GLY C 232 -15.80 -18.14 10.50
C GLY C 232 -16.14 -16.78 11.08
N ASP C 233 -17.40 -16.60 11.45
CA ASP C 233 -17.86 -15.34 12.02
C ASP C 233 -17.20 -15.12 13.38
N VAL C 234 -17.28 -13.90 13.90
CA VAL C 234 -16.67 -13.59 15.18
C VAL C 234 -17.66 -12.93 16.15
N LEU C 235 -17.43 -13.12 17.44
CA LEU C 235 -18.28 -12.55 18.48
C LEU C 235 -17.60 -11.35 19.15
N VAL C 236 -18.41 -10.41 19.63
CA VAL C 236 -17.89 -9.23 20.29
C VAL C 236 -18.83 -8.79 21.42
N ILE C 237 -18.24 -8.26 22.48
CA ILE C 237 -19.01 -7.81 23.64
C ILE C 237 -18.49 -6.45 24.11
N ASN C 238 -19.35 -5.43 24.02
CA ASN C 238 -18.97 -4.09 24.45
C ASN C 238 -19.98 -3.56 25.47
N SER C 239 -19.79 -3.94 26.73
CA SER C 239 -20.69 -3.51 27.79
C SER C 239 -20.06 -2.46 28.70
N ASN C 240 -20.89 -1.54 29.18
CA ASN C 240 -20.43 -0.47 30.06
C ASN C 240 -20.58 -0.97 31.50
N GLY C 241 -21.44 -1.97 31.68
CA GLY C 241 -21.67 -2.53 33.00
C GLY C 241 -22.94 -3.36 33.01
N ASN C 242 -23.31 -3.87 34.19
CA ASN C 242 -24.51 -4.69 34.32
C ASN C 242 -24.44 -5.90 33.40
N LEU C 243 -23.22 -6.24 32.99
CA LEU C 243 -22.99 -7.37 32.09
C LEU C 243 -22.84 -8.69 32.84
N ILE C 244 -23.26 -9.77 32.18
CA ILE C 244 -23.17 -11.11 32.74
C ILE C 244 -22.52 -11.99 31.68
N ALA C 245 -21.24 -11.76 31.44
CA ALA C 245 -20.48 -12.51 30.44
C ALA C 245 -20.40 -14.00 30.72
N PRO C 246 -20.46 -14.82 29.67
CA PRO C 246 -20.39 -16.28 29.79
C PRO C 246 -18.95 -16.75 29.85
N ARG C 247 -18.74 -17.99 30.29
CA ARG C 247 -17.40 -18.55 30.40
C ARG C 247 -17.00 -19.28 29.13
N GLY C 248 -17.96 -19.49 28.24
CA GLY C 248 -17.69 -20.18 27.00
C GLY C 248 -18.91 -20.31 26.11
N TYR C 249 -19.01 -21.42 25.37
CA TYR C 249 -20.13 -21.66 24.48
C TYR C 249 -20.59 -23.11 24.53
N PHE C 250 -21.58 -23.44 23.70
CA PHE C 250 -22.11 -24.79 23.63
C PHE C 250 -22.03 -25.28 22.19
N LYS C 251 -21.56 -26.52 22.01
CA LYS C 251 -21.43 -27.10 20.69
C LYS C 251 -22.79 -27.52 20.14
N MET C 252 -23.45 -26.59 19.46
CA MET C 252 -24.77 -26.84 18.88
C MET C 252 -24.70 -27.94 17.83
N ARG C 253 -25.64 -28.88 17.88
CA ARG C 253 -25.70 -29.97 16.92
C ARG C 253 -27.07 -30.04 16.26
N THR C 254 -27.13 -30.70 15.11
CA THR C 254 -28.39 -30.85 14.38
C THR C 254 -28.84 -32.30 14.47
N GLY C 255 -29.72 -32.59 15.42
CA GLY C 255 -30.18 -33.95 15.58
C GLY C 255 -31.67 -34.11 15.86
N LYS C 256 -32.08 -35.37 16.05
CA LYS C 256 -33.47 -35.71 16.32
C LYS C 256 -33.83 -35.35 17.76
N SER C 257 -32.88 -34.74 18.46
CA SER C 257 -33.08 -34.35 19.86
C SER C 257 -34.23 -33.35 20.05
N SER C 258 -35.05 -33.63 21.06
CA SER C 258 -36.20 -32.78 21.38
C SER C 258 -36.55 -32.92 22.85
N ILE C 259 -37.51 -32.12 23.32
CA ILE C 259 -37.93 -32.16 24.71
C ILE C 259 -39.44 -32.35 24.83
N MET C 260 -39.85 -33.20 25.78
CA MET C 260 -41.26 -33.47 26.01
C MET C 260 -41.57 -33.30 27.49
N ARG C 261 -42.73 -32.74 27.81
CA ARG C 261 -43.13 -32.53 29.19
C ARG C 261 -43.93 -33.72 29.73
N SER C 262 -43.49 -34.25 30.87
CA SER C 262 -44.16 -35.39 31.50
C SER C 262 -43.48 -35.82 32.79
N ASP C 263 -44.23 -36.49 33.65
CA ASP C 263 -43.72 -36.99 34.93
C ASP C 263 -43.73 -38.51 34.93
N ALA C 264 -44.08 -39.08 33.78
CA ALA C 264 -44.15 -40.53 33.61
C ALA C 264 -42.90 -41.28 34.08
N PRO C 265 -43.09 -42.44 34.72
CA PRO C 265 -41.97 -43.25 35.20
C PRO C 265 -41.12 -43.75 34.04
N ILE C 266 -39.87 -44.11 34.33
CA ILE C 266 -38.96 -44.60 33.30
C ILE C 266 -38.54 -46.03 33.57
N ASP C 267 -39.26 -46.98 33.00
CA ASP C 267 -38.95 -48.39 33.19
C ASP C 267 -38.05 -48.88 32.05
N THR C 268 -37.18 -49.82 32.35
CA THR C 268 -36.28 -50.35 31.34
C THR C 268 -37.04 -51.17 30.32
N CYS C 269 -37.00 -50.73 29.06
CA CYS C 269 -37.70 -51.41 27.97
C CYS C 269 -37.41 -50.73 26.64
N ILE C 270 -37.75 -51.43 25.55
CA ILE C 270 -37.56 -50.90 24.21
C ILE C 270 -38.92 -50.60 23.58
N SER C 271 -39.09 -49.35 23.12
CA SER C 271 -40.34 -48.93 22.50
C SER C 271 -40.10 -47.72 21.63
N GLU C 272 -40.27 -47.89 20.32
CA GLU C 272 -40.07 -46.80 19.36
C GLU C 272 -40.89 -45.55 19.64
N CYS C 273 -42.12 -45.72 20.11
CA CYS C 273 -42.95 -44.55 20.38
C CYS C 273 -42.93 -44.12 21.84
N ILE C 274 -42.92 -42.81 22.06
CA ILE C 274 -42.91 -42.23 23.39
C ILE C 274 -43.96 -41.12 23.49
N THR C 275 -44.74 -41.15 24.58
CA THR C 275 -45.78 -40.16 24.79
C THR C 275 -45.76 -39.68 26.24
N PRO C 276 -46.34 -38.51 26.51
CA PRO C 276 -46.36 -37.97 27.87
C PRO C 276 -47.06 -38.93 28.83
N ASN C 277 -47.70 -39.95 28.28
CA ASN C 277 -48.42 -40.94 29.07
C ASN C 277 -47.61 -42.23 29.16
N GLY C 278 -46.43 -42.21 28.56
CA GLY C 278 -45.58 -43.39 28.57
C GLY C 278 -45.59 -44.07 27.22
N SER C 279 -44.45 -44.64 26.85
CA SER C 279 -44.30 -45.33 25.58
C SER C 279 -45.52 -46.19 25.24
N ILE C 280 -45.84 -46.28 23.96
CA ILE C 280 -46.97 -47.09 23.52
C ILE C 280 -46.60 -47.86 22.25
N PRO C 281 -47.20 -49.04 22.04
CA PRO C 281 -46.90 -49.85 20.86
C PRO C 281 -47.36 -49.16 19.58
N ASN C 282 -46.53 -49.24 18.54
CA ASN C 282 -46.84 -48.62 17.27
C ASN C 282 -47.24 -49.65 16.20
N ASP C 283 -48.01 -50.64 16.62
CA ASP C 283 -48.46 -51.69 15.71
C ASP C 283 -49.70 -51.22 14.94
N LYS C 284 -50.46 -50.32 15.56
CA LYS C 284 -51.67 -49.79 14.94
C LYS C 284 -51.36 -48.53 14.15
N PRO C 285 -52.27 -48.14 13.24
CA PRO C 285 -52.09 -46.95 12.40
C PRO C 285 -52.28 -45.63 13.15
N PHE C 286 -53.28 -45.59 14.03
CA PHE C 286 -53.56 -44.38 14.80
C PHE C 286 -53.57 -44.67 16.30
N GLN C 287 -53.80 -43.62 17.09
CA GLN C 287 -53.86 -43.75 18.54
C GLN C 287 -54.60 -42.57 19.16
N ASN C 288 -55.08 -42.75 20.38
CA ASN C 288 -55.84 -41.70 21.06
C ASN C 288 -55.26 -41.38 22.44
N VAL C 289 -54.00 -41.74 22.65
CA VAL C 289 -53.33 -41.49 23.92
C VAL C 289 -53.06 -40.00 24.14
N ASN C 290 -52.29 -39.41 23.22
CA ASN C 290 -51.96 -37.99 23.34
C ASN C 290 -51.49 -37.43 21.99
N LYS C 291 -51.68 -36.13 21.81
CA LYS C 291 -51.29 -35.45 20.58
C LYS C 291 -49.77 -35.27 20.48
N ILE C 292 -49.11 -35.15 21.62
CA ILE C 292 -47.66 -34.99 21.66
C ILE C 292 -47.02 -36.37 21.55
N THR C 293 -46.20 -36.56 20.52
CA THR C 293 -45.53 -37.84 20.31
C THR C 293 -44.04 -37.68 20.07
N TYR C 294 -43.36 -38.81 19.86
CA TYR C 294 -41.92 -38.81 19.62
C TYR C 294 -41.52 -40.13 19.00
N GLY C 295 -40.74 -40.06 17.92
CA GLY C 295 -40.30 -41.27 17.25
C GLY C 295 -41.40 -41.79 16.33
N ALA C 296 -41.40 -43.09 16.10
CA ALA C 296 -42.40 -43.72 15.24
C ALA C 296 -43.68 -43.98 16.02
N CYS C 297 -44.68 -43.11 15.84
CA CYS C 297 -45.95 -43.26 16.53
C CYS C 297 -47.12 -43.21 15.56
N PRO C 298 -48.27 -43.80 15.93
CA PRO C 298 -49.46 -43.81 15.08
C PRO C 298 -50.11 -42.42 15.06
N LYS C 299 -50.80 -42.09 13.98
CA LYS C 299 -51.48 -40.81 13.85
C LYS C 299 -52.44 -40.60 15.01
N TYR C 300 -52.45 -39.40 15.58
CA TYR C 300 -53.34 -39.10 16.69
C TYR C 300 -54.70 -38.63 16.19
N VAL C 301 -55.63 -39.57 16.02
CA VAL C 301 -56.97 -39.24 15.56
C VAL C 301 -57.86 -38.93 16.76
N LYS C 302 -59.03 -38.38 16.49
CA LYS C 302 -59.97 -38.04 17.56
C LYS C 302 -60.71 -39.27 18.09
N GLN C 303 -61.14 -40.13 17.16
CA GLN C 303 -61.86 -41.34 17.54
C GLN C 303 -61.00 -42.19 18.47
N ASN C 304 -61.61 -42.68 19.55
CA ASN C 304 -60.89 -43.50 20.51
C ASN C 304 -60.88 -44.97 20.07
N THR C 305 -61.57 -45.26 18.98
CA THR C 305 -61.64 -46.62 18.47
C THR C 305 -62.15 -46.69 17.03
N LEU C 306 -61.67 -47.69 16.29
CA LEU C 306 -62.07 -47.90 14.90
C LEU C 306 -61.88 -49.37 14.54
N LYS C 307 -62.99 -50.09 14.44
CA LYS C 307 -62.96 -51.52 14.11
C LYS C 307 -62.84 -51.77 12.62
N LEU C 308 -61.80 -52.50 12.22
CA LEU C 308 -61.56 -52.84 10.83
C LEU C 308 -61.95 -54.28 10.54
N ALA C 309 -62.75 -54.47 9.50
CA ALA C 309 -63.20 -55.81 9.12
C ALA C 309 -62.02 -56.63 8.61
N THR C 310 -61.67 -57.66 9.38
CA THR C 310 -60.56 -58.54 9.01
C THR C 310 -61.12 -59.84 8.47
N GLY C 311 -62.17 -60.32 9.12
CA GLY C 311 -62.80 -61.56 8.71
C GLY C 311 -63.84 -61.33 7.63
N MET C 312 -64.60 -62.37 7.33
CA MET C 312 -65.65 -62.29 6.32
C MET C 312 -66.95 -61.80 6.96
N ARG C 313 -67.85 -61.27 6.13
CA ARG C 313 -69.13 -60.79 6.64
C ARG C 313 -69.85 -62.05 7.11
N ASN C 314 -70.39 -62.02 8.31
CA ASN C 314 -71.04 -63.20 8.85
C ASN C 314 -72.55 -63.18 8.95
N VAL C 315 -73.18 -64.17 8.31
CA VAL C 315 -74.62 -64.33 8.38
C VAL C 315 -74.78 -65.53 9.31
N PRO C 316 -74.79 -65.28 10.63
CA PRO C 316 -74.92 -66.34 11.64
C PRO C 316 -76.27 -67.02 11.61
N GLU C 317 -76.41 -68.07 12.43
CA GLU C 317 -77.63 -68.86 12.53
C GLU C 317 -77.68 -69.86 11.38
N LYS C 318 -78.54 -70.87 11.51
CA LYS C 318 -78.62 -71.89 10.47
C LYS C 318 -80.01 -72.50 10.33
N GLN C 319 -80.33 -72.96 9.13
CA GLN C 319 -81.63 -73.58 8.88
C GLN C 319 -81.61 -74.87 9.68
N THR C 320 -80.46 -75.53 9.68
CA THR C 320 -80.26 -76.78 10.41
C THR C 320 -81.41 -77.72 10.15
N ARG C 321 -81.90 -77.73 8.91
CA ARG C 321 -83.04 -78.54 8.57
C ARG C 321 -83.12 -79.96 9.08
N GLY C 322 -84.17 -80.14 9.87
CA GLY C 322 -84.54 -81.39 10.50
C GLY C 322 -83.58 -82.51 10.82
N LEU C 323 -84.11 -83.70 10.60
CA LEU C 323 -83.45 -84.95 10.83
C LEU C 323 -82.51 -85.15 9.66
N PHE C 324 -83.08 -85.41 8.49
CA PHE C 324 -82.29 -85.55 7.29
C PHE C 324 -81.89 -84.13 6.93
N GLY C 325 -80.61 -83.92 6.65
CA GLY C 325 -80.14 -82.59 6.33
C GLY C 325 -80.19 -82.25 4.85
N ALA C 326 -80.96 -81.22 4.51
CA ALA C 326 -81.11 -80.80 3.13
C ALA C 326 -79.75 -80.39 2.58
N ILE C 327 -78.85 -79.99 3.47
CA ILE C 327 -77.51 -79.57 3.10
C ILE C 327 -77.59 -78.28 2.27
N ALA C 328 -78.76 -77.65 2.31
CA ALA C 328 -79.04 -76.41 1.58
C ALA C 328 -77.84 -75.48 1.42
N GLY C 329 -77.76 -74.86 0.24
CA GLY C 329 -76.66 -73.95 -0.05
C GLY C 329 -76.60 -72.75 0.86
N PHE C 330 -75.43 -72.13 0.93
CA PHE C 330 -75.21 -70.97 1.79
C PHE C 330 -76.34 -69.94 1.78
N ILE C 331 -76.48 -69.19 0.69
CA ILE C 331 -77.51 -68.17 0.57
C ILE C 331 -77.71 -67.38 1.87
N GLU C 332 -78.68 -67.78 2.69
CA GLU C 332 -78.96 -67.10 3.94
C GLU C 332 -78.39 -67.76 5.20
N ASN C 333 -77.27 -68.46 5.06
CA ASN C 333 -76.67 -69.12 6.21
C ASN C 333 -75.22 -69.53 6.04
N GLY C 334 -74.46 -69.45 7.12
CA GLY C 334 -73.07 -69.83 7.11
C GLY C 334 -72.96 -71.12 7.90
N TRP C 335 -71.99 -71.96 7.57
CA TRP C 335 -71.85 -73.23 8.26
C TRP C 335 -70.86 -73.19 9.42
N GLU C 336 -71.38 -72.93 10.62
CA GLU C 336 -70.55 -72.89 11.82
C GLU C 336 -69.83 -74.22 11.99
N GLY C 337 -70.26 -75.22 11.22
CA GLY C 337 -69.65 -76.53 11.29
C GLY C 337 -68.30 -76.56 10.59
N MET C 338 -68.24 -75.96 9.40
CA MET C 338 -67.00 -75.92 8.64
C MET C 338 -65.96 -75.11 9.40
N ILE C 339 -64.89 -75.77 9.82
CA ILE C 339 -63.82 -75.13 10.56
C ILE C 339 -62.46 -75.42 9.94
N ASP C 340 -62.46 -75.77 8.66
CA ASP C 340 -61.23 -76.08 7.95
C ASP C 340 -60.97 -75.11 6.81
N GLY C 341 -61.82 -74.08 6.69
CA GLY C 341 -61.65 -73.10 5.64
C GLY C 341 -62.73 -72.04 5.63
N TRP C 342 -62.69 -71.18 4.62
CA TRP C 342 -63.66 -70.10 4.47
C TRP C 342 -64.79 -70.52 3.52
N TYR C 343 -64.44 -71.32 2.53
CA TYR C 343 -65.41 -71.79 1.55
C TYR C 343 -65.25 -73.29 1.34
N GLY C 344 -66.36 -74.03 1.40
CA GLY C 344 -66.31 -75.46 1.22
C GLY C 344 -67.53 -76.00 0.51
N PHE C 345 -67.53 -77.31 0.24
CA PHE C 345 -68.65 -77.94 -0.43
C PHE C 345 -69.28 -79.02 0.42
N ARG C 346 -70.57 -79.26 0.19
CA ARG C 346 -71.30 -80.28 0.92
C ARG C 346 -72.12 -81.13 -0.04
N HIS C 347 -71.71 -82.40 -0.19
CA HIS C 347 -72.38 -83.33 -1.07
C HIS C 347 -73.41 -84.18 -0.34
N GLN C 348 -74.51 -84.47 -1.02
CA GLN C 348 -75.57 -85.29 -0.46
C GLN C 348 -75.89 -86.42 -1.44
N ASN C 349 -74.90 -87.27 -1.66
CA ASN C 349 -75.05 -88.40 -2.59
C ASN C 349 -75.70 -89.59 -1.90
N SER C 350 -75.88 -90.67 -2.66
CA SER C 350 -76.50 -91.87 -2.14
C SER C 350 -75.66 -92.52 -1.03
N GLU C 351 -74.36 -92.29 -1.05
CA GLU C 351 -73.47 -92.85 -0.05
C GLU C 351 -73.60 -92.11 1.28
N GLY C 352 -74.31 -90.98 1.26
CA GLY C 352 -74.51 -90.22 2.48
C GLY C 352 -74.15 -88.75 2.32
N THR C 353 -73.73 -88.13 3.43
CA THR C 353 -73.35 -86.72 3.42
C THR C 353 -71.85 -86.56 3.58
N GLY C 354 -71.37 -85.35 3.36
CA GLY C 354 -69.94 -85.08 3.49
C GLY C 354 -69.63 -83.62 3.26
N GLN C 355 -68.50 -83.16 3.80
CA GLN C 355 -68.09 -81.77 3.65
C GLN C 355 -66.59 -81.66 3.38
N ALA C 356 -66.21 -80.71 2.52
CA ALA C 356 -64.82 -80.48 2.18
C ALA C 356 -64.62 -79.03 1.77
N ALA C 357 -63.65 -78.36 2.40
CA ALA C 357 -63.36 -76.97 2.10
C ALA C 357 -62.37 -76.82 0.95
N ASP C 358 -62.68 -75.91 0.04
CA ASP C 358 -61.82 -75.65 -1.12
C ASP C 358 -60.77 -74.61 -0.75
N LEU C 359 -59.56 -75.08 -0.47
CA LEU C 359 -58.46 -74.19 -0.10
C LEU C 359 -58.18 -73.11 -1.14
N LYS C 360 -58.30 -73.48 -2.42
CA LYS C 360 -58.06 -72.55 -3.51
C LYS C 360 -58.82 -71.23 -3.31
N SER C 361 -60.14 -71.30 -3.38
CA SER C 361 -60.99 -70.12 -3.21
C SER C 361 -60.70 -69.39 -1.90
N THR C 362 -60.72 -70.13 -0.79
CA THR C 362 -60.45 -69.54 0.52
C THR C 362 -59.15 -68.76 0.56
N GLN C 363 -58.10 -69.32 -0.03
CA GLN C 363 -56.79 -68.68 -0.04
C GLN C 363 -56.80 -67.32 -0.75
N ALA C 364 -57.42 -67.26 -1.92
CA ALA C 364 -57.48 -66.02 -2.69
C ALA C 364 -58.00 -64.87 -1.83
N ALA C 365 -59.07 -65.14 -1.08
CA ALA C 365 -59.66 -64.13 -0.21
C ALA C 365 -58.65 -63.66 0.83
N ILE C 366 -58.10 -64.60 1.59
CA ILE C 366 -57.14 -64.30 2.63
C ILE C 366 -55.98 -63.43 2.11
N ASP C 367 -55.39 -63.84 1.00
CA ASP C 367 -54.28 -63.10 0.42
C ASP C 367 -54.61 -61.62 0.22
N GLN C 368 -55.73 -61.36 -0.43
CA GLN C 368 -56.16 -59.99 -0.68
C GLN C 368 -56.35 -59.22 0.62
N ILE C 369 -56.98 -59.88 1.59
CA ILE C 369 -57.24 -59.27 2.89
C ILE C 369 -55.97 -58.85 3.64
N ASN C 370 -55.12 -59.82 3.95
CA ASN C 370 -53.89 -59.58 4.69
C ASN C 370 -53.05 -58.38 4.24
N GLY C 371 -52.55 -58.42 3.02
CA GLY C 371 -51.70 -57.34 2.51
C GLY C 371 -52.27 -55.94 2.45
N LYS C 372 -53.56 -55.81 2.17
CA LYS C 372 -54.21 -54.50 2.05
C LYS C 372 -53.93 -53.49 3.16
N LEU C 373 -54.25 -53.84 4.40
CA LEU C 373 -54.06 -52.95 5.55
C LEU C 373 -52.76 -52.14 5.49
N ASN C 374 -51.63 -52.84 5.49
CA ASN C 374 -50.33 -52.19 5.46
C ASN C 374 -50.15 -51.29 4.24
N ARG C 375 -50.71 -51.69 3.12
CA ARG C 375 -50.60 -50.89 1.90
C ARG C 375 -51.26 -49.53 2.10
N VAL C 376 -52.56 -49.55 2.39
CA VAL C 376 -53.32 -48.31 2.59
C VAL C 376 -52.62 -47.36 3.57
N ILE C 377 -52.36 -47.86 4.78
CA ILE C 377 -51.71 -47.05 5.80
C ILE C 377 -50.23 -47.39 5.91
N GLU C 378 -49.40 -46.36 6.04
CA GLU C 378 -47.97 -46.59 6.14
C GLU C 378 -47.60 -47.15 7.51
N LYS C 379 -46.95 -48.31 7.49
CA LYS C 379 -46.53 -48.99 8.72
C LYS C 379 -46.00 -48.04 9.78
N THR C 380 -45.38 -46.94 9.36
CA THR C 380 -44.82 -46.00 10.30
C THR C 380 -44.31 -44.71 9.64
N ASN C 381 -44.07 -43.70 10.46
CA ASN C 381 -43.55 -42.42 10.03
C ASN C 381 -42.94 -41.80 11.29
N GLU C 382 -41.72 -41.28 11.17
CA GLU C 382 -41.07 -40.69 12.33
C GLU C 382 -41.18 -39.17 12.38
N LYS C 383 -41.17 -38.66 13.60
CA LYS C 383 -41.24 -37.22 13.85
C LYS C 383 -40.53 -37.03 15.18
N PHE C 384 -39.77 -35.94 15.30
CA PHE C 384 -39.04 -35.68 16.52
C PHE C 384 -39.46 -34.32 17.10
N HIS C 385 -38.59 -33.33 17.05
CA HIS C 385 -38.97 -32.02 17.57
C HIS C 385 -40.07 -31.43 16.70
N GLN C 386 -41.12 -30.93 17.33
CA GLN C 386 -42.26 -30.36 16.62
C GLN C 386 -42.64 -29.01 17.25
N ILE C 387 -43.94 -28.79 17.43
CA ILE C 387 -44.41 -27.56 18.05
C ILE C 387 -45.02 -27.90 19.40
N GLU C 388 -44.91 -26.99 20.35
CA GLU C 388 -45.51 -27.24 21.65
C GLU C 388 -47.01 -27.29 21.35
N LYS C 389 -47.66 -28.38 21.75
CA LYS C 389 -49.08 -28.53 21.50
C LYS C 389 -49.83 -28.21 22.78
N GLU C 390 -49.14 -27.53 23.69
CA GLU C 390 -49.71 -27.13 24.96
C GLU C 390 -49.05 -25.87 25.50
N PHE C 391 -49.76 -25.18 26.40
CA PHE C 391 -49.25 -23.97 27.01
C PHE C 391 -49.86 -23.87 28.40
N SER C 392 -49.34 -22.94 29.20
CA SER C 392 -49.84 -22.75 30.56
C SER C 392 -50.33 -21.33 30.79
N GLU C 393 -50.04 -20.45 29.84
CA GLU C 393 -50.46 -19.05 29.94
C GLU C 393 -50.87 -18.51 28.57
N VAL C 394 -51.36 -17.27 28.54
CA VAL C 394 -51.81 -16.66 27.30
C VAL C 394 -50.69 -15.86 26.62
N GLU C 395 -50.58 -16.01 25.31
CA GLU C 395 -49.55 -15.32 24.54
C GLU C 395 -50.14 -14.59 23.34
N GLY C 396 -51.46 -14.59 23.23
CA GLY C 396 -52.12 -13.90 22.13
C GLY C 396 -51.90 -14.53 20.77
N ARG C 397 -51.59 -13.69 19.79
CA ARG C 397 -51.38 -14.11 18.41
C ARG C 397 -50.60 -15.41 18.20
N ILE C 398 -49.32 -15.38 18.51
CA ILE C 398 -48.47 -16.56 18.34
C ILE C 398 -49.15 -17.84 18.81
N GLN C 399 -49.50 -17.89 20.09
CA GLN C 399 -50.16 -19.04 20.67
C GLN C 399 -51.34 -19.49 19.82
N ASP C 400 -52.30 -18.60 19.63
CA ASP C 400 -53.50 -18.90 18.83
C ASP C 400 -53.17 -19.71 17.59
N LEU C 401 -52.29 -19.17 16.76
CA LEU C 401 -51.90 -19.84 15.52
C LEU C 401 -51.48 -21.28 15.78
N GLU C 402 -50.47 -21.45 16.63
CA GLU C 402 -49.96 -22.78 16.97
C GLU C 402 -51.08 -23.78 17.26
N LYS C 403 -52.01 -23.40 18.12
CA LYS C 403 -53.13 -24.27 18.47
C LYS C 403 -53.93 -24.65 17.23
N TYR C 404 -54.30 -23.64 16.45
CA TYR C 404 -55.07 -23.84 15.23
C TYR C 404 -54.42 -24.89 14.33
N VAL C 405 -53.14 -24.67 14.03
CA VAL C 405 -52.38 -25.57 13.17
C VAL C 405 -52.55 -27.03 13.61
N GLU C 406 -52.13 -27.32 14.83
CA GLU C 406 -52.22 -28.68 15.37
C GLU C 406 -53.66 -29.22 15.32
N ASP C 407 -54.60 -28.42 15.81
CA ASP C 407 -56.00 -28.81 15.83
C ASP C 407 -56.48 -29.16 14.42
N THR C 408 -56.23 -28.24 13.48
CA THR C 408 -56.63 -28.44 12.09
C THR C 408 -56.10 -29.78 11.57
N LYS C 409 -54.86 -30.08 11.91
CA LYS C 409 -54.21 -31.32 11.49
C LYS C 409 -55.03 -32.53 11.92
N ILE C 410 -55.30 -32.62 13.22
CA ILE C 410 -56.06 -33.72 13.79
C ILE C 410 -57.38 -33.95 13.07
N ASP C 411 -58.21 -32.92 13.00
CA ASP C 411 -59.50 -33.02 12.33
C ASP C 411 -59.36 -33.58 10.92
N LEU C 412 -58.44 -33.01 10.15
CA LEU C 412 -58.20 -33.44 8.78
C LEU C 412 -57.76 -34.91 8.77
N TRP C 413 -56.81 -35.23 9.63
CA TRP C 413 -56.28 -36.59 9.74
C TRP C 413 -57.36 -37.59 10.17
N SER C 414 -58.09 -37.24 11.22
CA SER C 414 -59.15 -38.09 11.73
C SER C 414 -60.08 -38.50 10.60
N TYR C 415 -60.50 -37.52 9.81
CA TYR C 415 -61.39 -37.77 8.68
C TYR C 415 -60.85 -38.90 7.82
N ASN C 416 -59.59 -38.78 7.41
CA ASN C 416 -58.94 -39.78 6.59
C ASN C 416 -59.06 -41.17 7.21
N ALA C 417 -58.80 -41.25 8.51
CA ALA C 417 -58.88 -42.52 9.23
C ALA C 417 -60.31 -43.07 9.15
N GLU C 418 -61.28 -42.27 9.57
CA GLU C 418 -62.67 -42.67 9.56
C GLU C 418 -63.09 -43.09 8.16
N LEU C 419 -62.86 -42.22 7.18
CA LEU C 419 -63.20 -42.48 5.79
C LEU C 419 -62.52 -43.75 5.28
N LEU C 420 -61.23 -43.87 5.55
CA LEU C 420 -60.45 -45.01 5.11
C LEU C 420 -60.98 -46.34 5.63
N VAL C 421 -61.20 -46.41 6.94
CA VAL C 421 -61.71 -47.64 7.55
C VAL C 421 -63.04 -48.05 6.92
N ALA C 422 -63.93 -47.08 6.73
CA ALA C 422 -65.23 -47.34 6.13
C ALA C 422 -65.04 -47.93 4.74
N LEU C 423 -64.10 -47.38 3.99
CA LEU C 423 -63.80 -47.86 2.64
C LEU C 423 -63.28 -49.29 2.68
N GLU C 424 -62.37 -49.55 3.61
CA GLU C 424 -61.78 -50.88 3.74
C GLU C 424 -62.82 -51.95 4.09
N ASN C 425 -63.52 -51.76 5.20
CA ASN C 425 -64.54 -52.72 5.62
C ASN C 425 -65.53 -52.97 4.49
N GLN C 426 -66.07 -51.89 3.95
CA GLN C 426 -67.03 -51.95 2.86
C GLN C 426 -66.45 -52.72 1.67
N HIS C 427 -65.15 -52.53 1.45
CA HIS C 427 -64.46 -53.17 0.33
C HIS C 427 -64.17 -54.64 0.60
N THR C 428 -63.81 -54.95 1.85
CA THR C 428 -63.49 -56.33 2.23
C THR C 428 -64.69 -57.24 2.02
N ILE C 429 -65.85 -56.80 2.49
CA ILE C 429 -67.07 -57.58 2.37
C ILE C 429 -67.32 -58.00 0.92
N ASP C 430 -67.33 -57.02 0.02
CA ASP C 430 -67.55 -57.29 -1.40
C ASP C 430 -66.54 -58.30 -1.92
N LEU C 431 -65.29 -58.14 -1.48
CA LEU C 431 -64.21 -59.04 -1.89
C LEU C 431 -64.47 -60.48 -1.48
N THR C 432 -64.70 -60.71 -0.19
CA THR C 432 -64.95 -62.05 0.32
C THR C 432 -66.26 -62.60 -0.23
N ASP C 433 -67.29 -61.75 -0.25
CA ASP C 433 -68.60 -62.16 -0.74
C ASP C 433 -68.56 -62.52 -2.22
N SER C 434 -67.65 -61.87 -2.96
CA SER C 434 -67.51 -62.13 -4.38
C SER C 434 -66.94 -63.53 -4.61
N GLU C 435 -65.86 -63.84 -3.91
CA GLU C 435 -65.22 -65.15 -4.01
C GLU C 435 -66.28 -66.25 -3.94
N MET C 436 -67.04 -66.24 -2.85
CA MET C 436 -68.09 -67.23 -2.63
C MET C 436 -69.02 -67.31 -3.84
N ASN C 437 -69.21 -66.18 -4.52
CA ASN C 437 -70.08 -66.11 -5.69
C ASN C 437 -69.41 -66.69 -6.93
N LYS C 438 -68.09 -66.55 -7.01
CA LYS C 438 -67.34 -67.06 -8.15
C LYS C 438 -67.29 -68.59 -8.12
N LEU C 439 -66.87 -69.14 -6.99
CA LEU C 439 -66.77 -70.58 -6.82
C LEU C 439 -68.10 -71.24 -7.20
N PHE C 440 -69.18 -70.48 -7.10
CA PHE C 440 -70.51 -70.98 -7.43
C PHE C 440 -70.71 -70.97 -8.94
N GLU C 441 -70.13 -69.97 -9.61
CA GLU C 441 -70.24 -69.86 -11.06
C GLU C 441 -69.21 -70.80 -11.70
N LYS C 442 -68.10 -71.00 -11.01
CA LYS C 442 -67.04 -71.89 -11.48
C LYS C 442 -67.62 -73.29 -11.59
N THR C 443 -68.63 -73.57 -10.78
CA THR C 443 -69.27 -74.87 -10.76
C THR C 443 -70.33 -74.96 -11.85
N ARG C 444 -71.05 -73.86 -12.07
CA ARG C 444 -72.09 -73.80 -13.09
C ARG C 444 -71.49 -74.15 -14.45
N ARG C 445 -70.37 -73.53 -14.77
CA ARG C 445 -69.69 -73.77 -16.04
C ARG C 445 -69.14 -75.19 -16.11
N GLN C 446 -68.71 -75.70 -14.96
CA GLN C 446 -68.14 -77.04 -14.89
C GLN C 446 -69.21 -78.12 -15.04
N LEU C 447 -70.19 -78.10 -14.16
CA LEU C 447 -71.27 -79.08 -14.21
C LEU C 447 -71.96 -79.10 -15.57
N ARG C 448 -72.07 -77.93 -16.18
CA ARG C 448 -72.72 -77.80 -17.48
C ARG C 448 -74.20 -78.17 -17.38
N GLU C 449 -74.62 -79.14 -18.18
CA GLU C 449 -76.02 -79.57 -18.19
C GLU C 449 -76.40 -80.58 -17.11
N ASN C 450 -75.47 -81.45 -16.77
CA ASN C 450 -75.68 -82.49 -15.77
C ASN C 450 -76.56 -82.14 -14.57
N ALA C 451 -76.52 -80.89 -14.13
CA ALA C 451 -77.33 -80.47 -12.98
C ALA C 451 -78.06 -79.15 -13.19
N GLU C 452 -78.76 -78.70 -12.15
CA GLU C 452 -79.50 -77.45 -12.21
C GLU C 452 -79.33 -76.68 -10.89
N ASP C 453 -79.39 -75.36 -10.97
CA ASP C 453 -79.25 -74.51 -9.80
C ASP C 453 -80.58 -74.38 -9.06
N MET C 454 -80.74 -75.17 -8.00
CA MET C 454 -81.96 -75.16 -7.21
C MET C 454 -82.31 -73.75 -6.75
N GLY C 455 -81.30 -72.90 -6.62
CA GLY C 455 -81.54 -71.53 -6.19
C GLY C 455 -81.09 -71.34 -4.74
N ASN C 456 -81.31 -72.38 -3.94
CA ASN C 456 -80.93 -72.34 -2.52
C ASN C 456 -79.42 -72.39 -2.37
N GLY C 457 -78.70 -72.17 -3.48
CA GLY C 457 -77.25 -72.19 -3.44
C GLY C 457 -76.69 -73.58 -3.65
N CYS C 458 -77.53 -74.48 -4.16
CA CYS C 458 -77.11 -75.86 -4.43
C CYS C 458 -77.36 -76.23 -5.89
N PHE C 459 -76.66 -77.26 -6.34
CA PHE C 459 -76.81 -77.75 -7.70
C PHE C 459 -77.39 -79.16 -7.58
N LYS C 460 -78.62 -79.32 -8.06
CA LYS C 460 -79.28 -80.63 -8.00
C LYS C 460 -78.84 -81.54 -9.12
N ILE C 461 -77.72 -82.23 -8.91
CA ILE C 461 -77.18 -83.15 -9.91
C ILE C 461 -78.25 -84.20 -10.23
N TYR C 462 -78.48 -84.44 -11.52
CA TYR C 462 -79.50 -85.39 -11.96
C TYR C 462 -79.04 -86.83 -12.17
N HIS C 463 -77.92 -87.22 -11.58
CA HIS C 463 -77.43 -88.58 -11.78
C HIS C 463 -76.69 -89.15 -10.57
N LYS C 464 -76.76 -90.46 -10.40
CA LYS C 464 -76.07 -91.14 -9.30
C LYS C 464 -74.64 -90.64 -9.28
N CYS C 465 -74.23 -90.06 -8.15
CA CYS C 465 -72.89 -89.53 -8.01
C CYS C 465 -72.23 -90.00 -6.73
N ASP C 466 -71.33 -90.96 -6.85
CA ASP C 466 -70.60 -91.51 -5.70
C ASP C 466 -69.61 -90.47 -5.18
N ASN C 467 -69.01 -90.75 -4.02
CA ASN C 467 -68.05 -89.82 -3.43
C ASN C 467 -66.92 -89.44 -4.39
N ALA C 468 -66.48 -90.40 -5.20
CA ALA C 468 -65.42 -90.14 -6.17
C ALA C 468 -65.97 -89.16 -7.20
N CYS C 469 -67.21 -89.42 -7.63
CA CYS C 469 -67.88 -88.57 -8.61
C CYS C 469 -67.89 -87.12 -8.13
N ILE C 470 -68.13 -86.93 -6.83
CA ILE C 470 -68.16 -85.60 -6.24
C ILE C 470 -66.77 -85.00 -6.22
N GLU C 471 -65.80 -85.75 -5.70
CA GLU C 471 -64.42 -85.29 -5.61
C GLU C 471 -63.89 -84.79 -6.95
N SER C 472 -64.22 -85.49 -8.03
CA SER C 472 -63.77 -85.12 -9.36
C SER C 472 -64.26 -83.73 -9.75
N ILE C 473 -65.35 -83.29 -9.14
CA ILE C 473 -65.92 -81.99 -9.45
C ILE C 473 -65.28 -80.87 -8.64
N ARG C 474 -64.89 -81.18 -7.41
CA ARG C 474 -64.28 -80.19 -6.54
C ARG C 474 -62.92 -79.72 -7.01
N ASN C 475 -62.12 -80.62 -7.59
CA ASN C 475 -60.82 -80.20 -8.09
C ASN C 475 -61.03 -79.49 -9.42
N GLY C 476 -62.05 -79.92 -10.15
CA GLY C 476 -62.36 -79.31 -11.44
C GLY C 476 -62.09 -80.24 -12.61
N THR C 477 -61.55 -81.41 -12.30
CA THR C 477 -61.22 -82.42 -13.31
C THR C 477 -62.45 -83.01 -14.01
N TYR C 478 -63.51 -83.21 -13.23
CA TYR C 478 -64.78 -83.77 -13.70
C TYR C 478 -65.19 -83.40 -15.14
N ASP C 479 -65.70 -84.40 -15.87
CA ASP C 479 -66.14 -84.23 -17.25
C ASP C 479 -67.66 -84.42 -17.39
N HIS C 480 -68.30 -83.49 -18.09
CA HIS C 480 -69.75 -83.53 -18.30
C HIS C 480 -70.27 -84.65 -19.19
N ASP C 481 -69.57 -84.92 -20.28
CA ASP C 481 -69.99 -85.98 -21.22
C ASP C 481 -70.25 -87.32 -20.55
N VAL C 482 -69.38 -87.69 -19.61
CA VAL C 482 -69.50 -88.95 -18.89
C VAL C 482 -70.92 -89.26 -18.43
N TYR C 483 -71.51 -88.33 -17.68
CA TYR C 483 -72.85 -88.51 -17.14
C TYR C 483 -73.91 -87.78 -17.96
N ARG C 484 -73.49 -87.12 -19.03
CA ARG C 484 -74.41 -86.37 -19.89
C ARG C 484 -75.68 -87.14 -20.23
N ASP C 485 -75.53 -88.26 -20.93
CA ASP C 485 -76.67 -89.09 -21.34
C ASP C 485 -77.54 -89.44 -20.15
N GLU C 486 -76.93 -89.97 -19.09
CA GLU C 486 -77.65 -90.36 -17.88
C GLU C 486 -78.48 -89.21 -17.30
N ALA C 487 -77.79 -88.13 -16.92
CA ALA C 487 -78.45 -86.97 -16.34
C ALA C 487 -79.59 -86.45 -17.21
N LEU C 488 -79.29 -86.19 -18.48
CA LEU C 488 -80.28 -85.70 -19.44
C LEU C 488 -81.63 -86.41 -19.35
N ASN C 489 -81.60 -87.71 -19.06
CA ASN C 489 -82.82 -88.50 -18.98
C ASN C 489 -83.67 -88.14 -17.76
N ASN C 490 -83.06 -88.20 -16.57
CA ASN C 490 -83.75 -87.89 -15.33
C ASN C 490 -84.34 -86.48 -15.32
N ARG C 491 -83.77 -85.60 -16.14
CA ARG C 491 -84.23 -84.22 -16.21
C ARG C 491 -85.56 -84.06 -16.93
N PHE C 492 -85.57 -84.46 -18.20
CA PHE C 492 -86.76 -84.33 -19.03
C PHE C 492 -87.67 -85.56 -19.03
N GLN C 493 -87.44 -86.47 -18.07
CA GLN C 493 -88.25 -87.67 -17.96
C GLN C 493 -88.38 -88.12 -16.52
N SER D 1 79.15 36.26 58.66
CA SER D 1 80.19 35.22 58.46
C SER D 1 79.65 33.84 58.79
N THR D 2 78.38 33.80 59.20
CA THR D 2 77.72 32.55 59.54
C THR D 2 76.26 32.62 59.13
N ALA D 3 75.66 31.45 58.87
CA ALA D 3 74.26 31.38 58.47
C ALA D 3 73.53 30.32 59.28
N THR D 4 72.24 30.53 59.51
CA THR D 4 71.44 29.58 60.28
C THR D 4 70.39 28.91 59.40
N LEU D 5 70.41 27.59 59.39
CA LEU D 5 69.43 26.82 58.61
C LEU D 5 68.60 26.02 59.59
N CYS D 6 67.29 26.02 59.40
CA CYS D 6 66.41 25.28 60.29
C CYS D 6 65.39 24.47 59.51
N LEU D 7 64.83 23.48 60.19
CA LEU D 7 63.82 22.62 59.60
C LEU D 7 62.54 22.80 60.40
N GLY D 8 61.41 22.37 59.84
CA GLY D 8 60.15 22.51 60.55
C GLY D 8 58.97 21.93 59.81
N HIS D 9 57.79 22.09 60.41
CA HIS D 9 56.57 21.58 59.83
C HIS D 9 55.47 22.64 59.82
N HIS D 10 54.31 22.28 59.26
CA HIS D 10 53.19 23.20 59.17
C HIS D 10 52.29 23.20 60.40
N ALA D 11 51.29 24.06 60.39
CA ALA D 11 50.34 24.18 61.50
C ALA D 11 49.02 24.77 61.01
N VAL D 12 47.95 24.55 61.77
CA VAL D 12 46.64 25.05 61.42
C VAL D 12 46.05 25.87 62.56
N PRO D 13 45.14 26.81 62.24
CA PRO D 13 44.49 27.66 63.25
C PRO D 13 43.93 26.86 64.43
N ASN D 14 42.97 25.99 64.15
CA ASN D 14 42.35 25.17 65.17
C ASN D 14 42.25 23.72 64.72
N GLY D 15 43.10 22.87 65.29
CA GLY D 15 43.10 21.46 64.93
C GLY D 15 42.00 20.68 65.61
N THR D 16 42.06 19.36 65.47
CA THR D 16 41.06 18.48 66.06
C THR D 16 41.74 17.46 66.98
N LEU D 17 41.02 17.03 68.01
CA LEU D 17 41.56 16.07 68.96
C LEU D 17 41.33 14.64 68.49
N VAL D 18 42.20 13.73 68.93
CA VAL D 18 42.11 12.33 68.56
C VAL D 18 42.54 11.43 69.70
N LYS D 19 41.97 10.23 69.76
CA LYS D 19 42.29 9.28 70.82
C LYS D 19 43.44 8.38 70.40
N THR D 20 44.56 8.48 71.11
CA THR D 20 45.74 7.68 70.82
C THR D 20 46.12 6.88 72.05
N ILE D 21 46.93 5.84 71.83
CA ILE D 21 47.38 4.97 72.92
C ILE D 21 48.16 5.76 73.97
N THR D 22 49.33 6.26 73.59
CA THR D 22 50.19 7.01 74.51
C THR D 22 49.49 8.19 75.20
N ASP D 23 49.01 9.15 74.41
CA ASP D 23 48.31 10.30 74.97
C ASP D 23 46.81 10.05 74.94
N ASP D 24 46.14 10.32 76.06
CA ASP D 24 44.71 10.10 76.14
C ASP D 24 43.93 11.05 75.23
N GLN D 25 44.53 12.19 74.91
CA GLN D 25 43.90 13.17 74.05
C GLN D 25 44.96 14.10 73.46
N ILE D 26 45.00 14.21 72.13
CA ILE D 26 45.97 15.07 71.47
C ILE D 26 45.40 15.71 70.21
N GLU D 27 45.90 16.89 69.87
CA GLU D 27 45.44 17.63 68.70
C GLU D 27 46.32 17.42 67.46
N VAL D 28 45.66 17.33 66.30
CA VAL D 28 46.36 17.14 65.04
C VAL D 28 46.02 18.30 64.10
N THR D 29 46.43 18.19 62.84
CA THR D 29 46.17 19.23 61.86
C THR D 29 44.99 18.87 60.95
N ASN D 30 44.49 17.64 61.10
CA ASN D 30 43.38 17.19 60.28
C ASN D 30 42.79 15.89 60.82
N ALA D 31 41.48 15.75 60.72
CA ALA D 31 40.79 14.56 61.20
C ALA D 31 39.69 14.15 60.22
N THR D 32 38.92 13.13 60.59
CA THR D 32 37.83 12.66 59.74
C THR D 32 36.96 11.67 60.51
N GLU D 33 35.64 11.76 60.30
CA GLU D 33 34.71 10.87 60.97
C GLU D 33 34.65 9.51 60.28
N LEU D 34 34.73 8.44 61.08
CA LEU D 34 34.70 7.09 60.56
C LEU D 34 33.39 6.38 60.90
N VAL D 35 32.42 7.14 61.42
CA VAL D 35 31.14 6.58 61.79
C VAL D 35 29.99 7.39 61.19
N GLN D 36 29.29 6.79 60.23
CA GLN D 36 28.17 7.45 59.57
C GLN D 36 27.04 7.65 60.58
N SER D 37 26.71 8.90 60.86
CA SER D 37 25.65 9.22 61.82
C SER D 37 24.43 9.86 61.19
N SER D 38 24.64 10.59 60.09
CA SER D 38 23.54 11.26 59.40
C SER D 38 22.79 10.29 58.49
N SER D 39 21.63 10.72 58.00
CA SER D 39 20.81 9.89 57.12
C SER D 39 19.85 10.74 56.31
N THR D 40 19.77 10.48 55.01
CA THR D 40 18.88 11.22 54.13
C THR D 40 17.44 11.05 54.58
N GLY D 41 17.12 9.86 55.06
CA GLY D 41 15.77 9.58 55.54
C GLY D 41 14.88 9.01 54.45
N LYS D 42 15.47 8.71 53.29
CA LYS D 42 14.73 8.16 52.18
C LYS D 42 15.43 6.94 51.60
N ILE D 43 14.65 5.94 51.21
CA ILE D 43 15.19 4.71 50.64
C ILE D 43 15.42 4.88 49.14
N CYS D 44 16.68 4.78 48.72
CA CYS D 44 17.02 4.91 47.31
C CYS D 44 16.66 3.63 46.56
N ASN D 45 15.72 3.74 45.64
CA ASN D 45 15.24 2.60 44.85
C ASN D 45 16.32 1.85 44.08
N ASN D 46 17.46 2.49 43.84
CA ASN D 46 18.54 1.85 43.11
C ASN D 46 19.80 1.69 43.96
N PRO D 47 20.63 0.69 43.64
CA PRO D 47 20.45 -0.26 42.53
C PRO D 47 19.43 -1.34 42.86
N HIS D 48 19.44 -1.79 44.11
CA HIS D 48 18.53 -2.83 44.58
C HIS D 48 17.08 -2.51 44.27
N ARG D 49 16.42 -3.39 43.53
CA ARG D 49 15.02 -3.18 43.19
C ARG D 49 14.23 -3.21 44.51
N ILE D 50 13.61 -2.09 44.85
CA ILE D 50 12.85 -1.99 46.08
C ILE D 50 11.34 -2.04 45.84
N LEU D 51 10.66 -2.91 46.56
CA LEU D 51 9.22 -3.07 46.43
C LEU D 51 8.51 -2.52 47.66
N ASP D 52 7.54 -1.64 47.44
CA ASP D 52 6.78 -1.06 48.53
C ASP D 52 5.44 -1.79 48.69
N GLY D 53 5.35 -2.62 49.72
CA GLY D 53 4.13 -3.36 49.95
C GLY D 53 3.05 -2.47 50.55
N ILE D 54 3.38 -1.19 50.73
CA ILE D 54 2.45 -0.21 51.31
C ILE D 54 1.63 -0.88 52.40
N ASP D 55 0.34 -0.58 52.45
CA ASP D 55 -0.54 -1.18 53.45
C ASP D 55 -0.79 -2.66 53.15
N CYS D 56 0.29 -3.44 53.15
CA CYS D 56 0.21 -4.87 52.89
C CYS D 56 1.43 -5.59 53.45
N THR D 57 1.22 -6.78 54.00
CA THR D 57 2.30 -7.57 54.56
C THR D 57 2.69 -8.61 53.52
N LEU D 58 3.97 -8.97 53.48
CA LEU D 58 4.45 -9.95 52.52
C LEU D 58 3.59 -11.21 52.56
N ILE D 59 3.05 -11.51 53.73
CA ILE D 59 2.21 -12.68 53.90
C ILE D 59 0.82 -12.46 53.30
N ASP D 60 0.22 -11.30 53.60
CA ASP D 60 -1.09 -10.98 53.06
C ASP D 60 -1.03 -10.91 51.55
N ALA D 61 0.17 -10.62 51.03
CA ALA D 61 0.38 -10.54 49.59
C ALA D 61 0.45 -11.96 49.05
N LEU D 62 1.21 -12.80 49.74
CA LEU D 62 1.37 -14.20 49.36
C LEU D 62 -0.01 -14.87 49.35
N LEU D 63 -0.61 -14.96 50.54
CA LEU D 63 -1.93 -15.56 50.69
C LEU D 63 -2.85 -15.09 49.57
N GLY D 64 -2.81 -13.80 49.29
CA GLY D 64 -3.65 -13.24 48.24
C GLY D 64 -4.86 -12.50 48.78
N ASP D 65 -4.60 -11.49 49.61
CA ASP D 65 -5.66 -10.69 50.19
C ASP D 65 -6.18 -9.71 49.13
N PRO D 66 -7.50 -9.50 49.07
CA PRO D 66 -8.13 -8.59 48.11
C PRO D 66 -7.39 -7.28 47.85
N HIS D 67 -7.08 -6.55 48.92
CA HIS D 67 -6.39 -5.27 48.77
C HIS D 67 -4.91 -5.41 48.44
N CYS D 68 -4.39 -6.63 48.45
CA CYS D 68 -2.99 -6.84 48.14
C CYS D 68 -2.80 -7.69 46.88
N ASP D 69 -3.89 -7.94 46.17
CA ASP D 69 -3.83 -8.72 44.94
C ASP D 69 -2.92 -8.07 43.91
N VAL D 70 -2.78 -6.75 43.99
CA VAL D 70 -1.94 -6.00 43.07
C VAL D 70 -0.49 -6.49 43.12
N PHE D 71 -0.12 -7.12 44.23
CA PHE D 71 1.23 -7.62 44.41
C PHE D 71 1.43 -9.04 43.88
N GLN D 72 0.35 -9.65 43.38
CA GLN D 72 0.45 -11.00 42.85
C GLN D 72 1.49 -11.10 41.74
N ASN D 73 2.17 -12.24 41.67
CA ASN D 73 3.19 -12.46 40.65
C ASN D 73 4.26 -11.37 40.69
N GLU D 74 4.54 -10.88 41.89
CA GLU D 74 5.55 -9.83 42.07
C GLU D 74 6.92 -10.37 42.48
N THR D 75 7.96 -9.74 41.96
CA THR D 75 9.33 -10.11 42.29
C THR D 75 9.91 -8.92 43.04
N TRP D 76 11.12 -9.08 43.58
CA TRP D 76 11.74 -7.98 44.31
C TRP D 76 13.13 -8.29 44.83
N ASP D 77 13.84 -7.25 45.27
CA ASP D 77 15.18 -7.38 45.81
C ASP D 77 15.09 -7.25 47.32
N LEU D 78 14.34 -6.24 47.77
CA LEU D 78 14.14 -5.97 49.18
C LEU D 78 12.70 -5.52 49.44
N PHE D 79 11.87 -6.45 49.86
CA PHE D 79 10.47 -6.14 50.14
C PHE D 79 10.35 -5.28 51.40
N VAL D 80 9.93 -4.04 51.22
CA VAL D 80 9.77 -3.12 52.33
C VAL D 80 8.36 -3.27 52.91
N GLU D 81 8.29 -3.47 54.22
CA GLU D 81 7.01 -3.65 54.89
C GLU D 81 6.67 -2.43 55.74
N ARG D 82 5.59 -1.75 55.38
CA ARG D 82 5.15 -0.55 56.10
C ARG D 82 4.37 -0.90 57.36
N SER D 83 4.31 0.06 58.28
CA SER D 83 3.59 -0.13 59.53
C SER D 83 2.10 0.11 59.31
N LYS D 84 1.79 1.04 58.39
CA LYS D 84 0.41 1.36 58.06
C LYS D 84 -0.29 0.11 57.56
N ALA D 85 0.50 -0.92 57.28
CA ALA D 85 0.00 -2.20 56.79
C ALA D 85 -1.15 -2.75 57.63
N PHE D 86 -1.86 -3.73 57.07
CA PHE D 86 -2.99 -4.35 57.75
C PHE D 86 -3.60 -5.41 56.83
N SER D 87 -4.37 -6.32 57.40
CA SER D 87 -5.02 -7.38 56.64
C SER D 87 -6.54 -7.21 56.71
N ASN D 88 -7.23 -7.60 55.64
CA ASN D 88 -8.68 -7.48 55.61
C ASN D 88 -9.36 -8.69 54.95
N CYS D 89 -8.89 -9.89 55.29
CA CYS D 89 -9.45 -11.11 54.75
C CYS D 89 -9.77 -12.06 55.91
N TYR D 90 -10.25 -13.26 55.59
CA TYR D 90 -10.59 -14.23 56.62
C TYR D 90 -9.49 -14.36 57.67
N PRO D 91 -9.84 -14.29 58.96
CA PRO D 91 -8.86 -14.41 60.06
C PRO D 91 -7.99 -15.65 59.95
N TYR D 92 -6.68 -15.45 59.99
CA TYR D 92 -5.73 -16.54 59.90
C TYR D 92 -4.61 -16.42 60.93
N ASP D 93 -3.89 -17.51 61.12
CA ASP D 93 -2.78 -17.56 62.07
C ASP D 93 -1.74 -18.51 61.50
N VAL D 94 -0.55 -17.99 61.22
CA VAL D 94 0.51 -18.81 60.64
C VAL D 94 1.49 -19.32 61.69
N PRO D 95 1.42 -20.63 62.02
CA PRO D 95 2.32 -21.21 63.01
C PRO D 95 3.76 -21.01 62.56
N ASP D 96 4.62 -20.54 63.47
CA ASP D 96 6.01 -20.29 63.14
C ASP D 96 6.04 -19.25 62.03
N TYR D 97 5.04 -18.38 62.04
CA TYR D 97 4.87 -17.31 61.07
C TYR D 97 6.18 -16.68 60.60
N ALA D 98 6.91 -16.07 61.52
CA ALA D 98 8.18 -15.43 61.22
C ALA D 98 9.03 -16.21 60.22
N SER D 99 9.21 -17.51 60.49
CA SER D 99 10.00 -18.35 59.61
C SER D 99 9.52 -18.28 58.17
N LEU D 100 8.27 -18.66 57.95
CA LEU D 100 7.68 -18.62 56.61
C LEU D 100 7.93 -17.27 55.95
N ARG D 101 7.62 -16.20 56.67
CA ARG D 101 7.81 -14.85 56.16
C ARG D 101 9.26 -14.65 55.71
N SER D 102 10.19 -15.09 56.55
CA SER D 102 11.62 -14.98 56.27
C SER D 102 12.01 -15.69 54.97
N LEU D 103 11.64 -16.96 54.86
CA LEU D 103 11.96 -17.75 53.67
C LEU D 103 11.39 -17.12 52.41
N VAL D 104 10.15 -16.64 52.49
CA VAL D 104 9.51 -16.01 51.34
C VAL D 104 10.33 -14.82 50.87
N ALA D 105 10.69 -13.95 51.80
CA ALA D 105 11.48 -12.77 51.48
C ALA D 105 12.80 -13.19 50.84
N SER D 106 13.32 -14.34 51.26
CA SER D 106 14.58 -14.85 50.73
C SER D 106 14.44 -15.17 49.24
N SER D 107 13.31 -15.76 48.86
CA SER D 107 13.06 -16.11 47.47
C SER D 107 13.01 -14.84 46.63
N GLY D 108 12.28 -13.85 47.11
CA GLY D 108 12.18 -12.59 46.39
C GLY D 108 11.19 -12.58 45.24
N THR D 109 10.14 -13.40 45.34
CA THR D 109 9.15 -13.47 44.28
C THR D 109 7.89 -14.22 44.70
N LEU D 110 6.74 -13.59 44.50
CA LEU D 110 5.46 -14.20 44.84
C LEU D 110 4.88 -14.84 43.59
N GLU D 111 5.76 -15.13 42.64
CA GLU D 111 5.37 -15.77 41.38
C GLU D 111 4.55 -17.02 41.63
N PHE D 112 3.27 -16.96 41.31
CA PHE D 112 2.39 -18.11 41.51
C PHE D 112 2.16 -18.86 40.20
N ILE D 113 2.11 -20.18 40.28
CA ILE D 113 1.91 -21.02 39.10
C ILE D 113 0.76 -21.99 39.37
N THR D 114 -0.44 -21.58 38.98
CA THR D 114 -1.65 -22.38 39.17
C THR D 114 -1.53 -23.78 38.56
N GLU D 115 -1.80 -24.80 39.36
CA GLU D 115 -1.74 -26.17 38.88
C GLU D 115 -3.16 -26.73 38.77
N GLY D 116 -3.36 -27.62 37.80
CA GLY D 116 -4.68 -28.19 37.59
C GLY D 116 -5.10 -29.25 38.59
N PHE D 117 -5.48 -28.82 39.78
CA PHE D 117 -5.93 -29.76 40.81
C PHE D 117 -7.35 -30.20 40.52
N THR D 118 -7.65 -31.47 40.82
CA THR D 118 -8.98 -32.01 40.58
C THR D 118 -9.60 -32.58 41.85
N TRP D 119 -10.52 -31.82 42.45
CA TRP D 119 -11.21 -32.23 43.66
C TRP D 119 -12.56 -32.81 43.27
N THR D 120 -12.74 -34.10 43.47
CA THR D 120 -13.97 -34.78 43.11
C THR D 120 -14.98 -34.86 44.25
N GLY D 121 -16.27 -34.82 43.88
CA GLY D 121 -17.33 -34.91 44.86
C GLY D 121 -17.32 -33.85 45.94
N VAL D 122 -16.84 -32.64 45.61
CA VAL D 122 -16.80 -31.56 46.58
C VAL D 122 -16.83 -30.20 45.91
N THR D 123 -17.52 -29.25 46.55
CA THR D 123 -17.64 -27.89 46.02
C THR D 123 -16.29 -27.17 46.12
N GLN D 124 -16.11 -26.17 45.26
CA GLN D 124 -14.87 -25.39 45.25
C GLN D 124 -15.13 -23.89 45.23
N ASN D 125 -14.05 -23.11 45.34
CA ASN D 125 -14.13 -21.66 45.32
C ASN D 125 -15.08 -21.09 46.36
N GLY D 126 -14.89 -21.48 47.62
CA GLY D 126 -15.75 -20.98 48.68
C GLY D 126 -15.39 -19.56 49.04
N GLY D 127 -16.38 -18.80 49.51
CA GLY D 127 -16.13 -17.41 49.87
C GLY D 127 -16.90 -16.96 51.11
N SER D 128 -16.51 -15.82 51.65
CA SER D 128 -17.16 -15.27 52.84
C SER D 128 -17.13 -13.75 52.83
N ASN D 129 -17.94 -13.14 53.67
CA ASN D 129 -18.02 -11.67 53.77
C ASN D 129 -16.72 -11.05 54.25
N ALA D 130 -16.12 -11.67 55.28
CA ALA D 130 -14.88 -11.17 55.86
C ALA D 130 -13.86 -10.78 54.79
N CYS D 131 -13.82 -11.56 53.72
CA CYS D 131 -12.88 -11.31 52.63
C CYS D 131 -13.66 -11.00 51.34
N LYS D 132 -14.10 -9.75 51.20
CA LYS D 132 -14.85 -9.34 50.02
C LYS D 132 -13.99 -8.74 48.92
N ARG D 133 -13.99 -9.39 47.76
CA ARG D 133 -13.23 -8.91 46.62
C ARG D 133 -14.20 -8.12 45.74
N GLY D 134 -14.33 -6.84 46.03
CA GLY D 134 -15.23 -5.99 45.28
C GLY D 134 -16.57 -5.96 46.01
N PRO D 135 -17.70 -5.83 45.28
CA PRO D 135 -19.01 -5.80 45.94
C PRO D 135 -19.38 -7.17 46.49
N GLY D 136 -19.25 -8.20 45.66
CA GLY D 136 -19.57 -9.55 46.09
C GLY D 136 -18.47 -10.14 46.95
N SER D 137 -18.85 -11.04 47.85
CA SER D 137 -17.90 -11.69 48.75
C SER D 137 -16.78 -12.38 47.98
N GLY D 138 -15.76 -12.84 48.69
CA GLY D 138 -14.65 -13.50 48.06
C GLY D 138 -13.82 -14.35 49.01
N PHE D 139 -12.57 -14.59 48.65
CA PHE D 139 -11.67 -15.39 49.48
C PHE D 139 -10.22 -15.13 49.04
N PHE D 140 -9.30 -15.96 49.53
CA PHE D 140 -7.90 -15.81 49.17
C PHE D 140 -7.65 -16.20 47.72
N SER D 141 -6.76 -15.48 47.05
CA SER D 141 -6.44 -15.73 45.65
C SER D 141 -5.70 -17.03 45.36
N ARG D 142 -4.55 -17.21 46.00
CA ARG D 142 -3.77 -18.43 45.79
C ARG D 142 -4.35 -19.57 46.61
N LEU D 143 -5.48 -19.31 47.26
CA LEU D 143 -6.15 -20.31 48.08
C LEU D 143 -7.53 -20.66 47.54
N ASN D 144 -8.05 -21.80 47.98
CA ASN D 144 -9.36 -22.27 47.55
C ASN D 144 -10.09 -22.94 48.72
N TRP D 145 -11.30 -22.48 48.98
CA TRP D 145 -12.11 -23.04 50.06
C TRP D 145 -12.84 -24.27 49.54
N VAL D 146 -12.63 -25.41 50.20
CA VAL D 146 -13.27 -26.65 49.79
C VAL D 146 -14.48 -26.95 50.67
N THR D 147 -15.67 -26.66 50.15
CA THR D 147 -16.90 -26.89 50.88
C THR D 147 -17.58 -28.18 50.39
N LYS D 148 -18.28 -28.86 51.30
CA LYS D 148 -18.94 -30.10 50.96
C LYS D 148 -19.88 -29.96 49.77
N SER D 149 -20.00 -31.03 48.98
CA SER D 149 -20.87 -31.04 47.82
C SER D 149 -22.13 -31.84 48.12
N GLY D 150 -23.29 -31.24 47.88
CA GLY D 150 -24.53 -31.93 48.15
C GLY D 150 -24.65 -32.31 49.61
N SER D 151 -24.83 -33.59 49.88
CA SER D 151 -24.97 -34.07 51.26
C SER D 151 -23.76 -34.87 51.73
N THR D 152 -22.65 -34.80 50.98
CA THR D 152 -21.46 -35.56 51.36
C THR D 152 -20.12 -34.89 51.07
N TYR D 153 -19.12 -35.24 51.88
CA TYR D 153 -17.77 -34.73 51.75
C TYR D 153 -16.86 -35.94 51.67
N PRO D 154 -16.71 -36.53 50.47
CA PRO D 154 -15.86 -37.71 50.31
C PRO D 154 -14.43 -37.39 50.71
N VAL D 155 -13.76 -38.35 51.34
CA VAL D 155 -12.38 -38.14 51.75
C VAL D 155 -11.60 -37.77 50.49
N LEU D 156 -11.23 -36.50 50.37
CA LEU D 156 -10.48 -36.05 49.21
C LEU D 156 -9.07 -36.58 49.25
N ASN D 157 -8.60 -37.09 48.12
CA ASN D 157 -7.26 -37.63 48.00
C ASN D 157 -6.72 -37.44 46.59
N VAL D 158 -5.76 -36.55 46.45
CA VAL D 158 -5.16 -36.26 45.15
C VAL D 158 -3.64 -36.33 45.25
N THR D 159 -2.97 -35.99 44.15
CA THR D 159 -1.52 -36.02 44.10
C THR D 159 -0.98 -35.03 43.07
N MET D 160 0.27 -34.63 43.24
CA MET D 160 0.89 -33.69 42.31
C MET D 160 2.40 -33.88 42.31
N PRO D 161 2.96 -34.37 41.19
CA PRO D 161 4.40 -34.60 41.03
C PRO D 161 5.17 -33.33 40.70
N ASN D 162 6.44 -33.30 41.10
CA ASN D 162 7.29 -32.14 40.82
C ASN D 162 8.29 -32.47 39.73
N ASN D 163 7.80 -32.58 38.50
CA ASN D 163 8.64 -32.89 37.35
C ASN D 163 9.70 -31.80 37.19
N ASP D 164 9.29 -30.56 37.39
CA ASP D 164 10.17 -29.41 37.27
C ASP D 164 11.40 -29.59 38.15
N ASN D 165 12.52 -28.99 37.73
CA ASN D 165 13.78 -29.10 38.45
C ASN D 165 13.96 -28.08 39.58
N PHE D 166 12.97 -27.22 39.79
CA PHE D 166 13.05 -26.22 40.85
C PHE D 166 12.12 -26.55 42.00
N ASP D 167 12.50 -26.11 43.20
CA ASP D 167 11.70 -26.38 44.40
C ASP D 167 10.35 -25.71 44.34
N LYS D 168 9.30 -26.47 44.69
CA LYS D 168 7.94 -25.94 44.69
C LYS D 168 7.49 -25.62 46.12
N LEU D 169 6.73 -24.54 46.25
CA LEU D 169 6.22 -24.13 47.56
C LEU D 169 4.70 -24.04 47.55
N TYR D 170 4.06 -25.04 48.14
CA TYR D 170 2.60 -25.07 48.21
C TYR D 170 2.12 -24.52 49.55
N ILE D 171 1.28 -23.50 49.50
CA ILE D 171 0.75 -22.89 50.71
C ILE D 171 -0.69 -23.33 50.92
N TRP D 172 -0.93 -24.05 52.01
CA TRP D 172 -2.27 -24.53 52.33
C TRP D 172 -2.69 -24.11 53.73
N GLY D 173 -3.83 -24.62 54.18
CA GLY D 173 -4.31 -24.28 55.50
C GLY D 173 -5.45 -25.17 55.98
N VAL D 174 -5.80 -25.01 57.25
CA VAL D 174 -6.88 -25.80 57.85
C VAL D 174 -7.88 -24.83 58.49
N HIS D 175 -9.16 -25.16 58.40
CA HIS D 175 -10.19 -24.31 58.97
C HIS D 175 -10.60 -24.78 60.37
N HIS D 176 -10.78 -23.83 61.29
CA HIS D 176 -11.17 -24.14 62.66
C HIS D 176 -12.58 -23.66 62.94
N PRO D 177 -13.58 -24.50 62.69
CA PRO D 177 -15.00 -24.17 62.92
C PRO D 177 -15.23 -23.60 64.31
N SER D 178 -16.09 -22.59 64.39
CA SER D 178 -16.41 -21.97 65.67
C SER D 178 -17.50 -22.74 66.41
N THR D 179 -18.24 -23.57 65.67
CA THR D 179 -19.31 -24.36 66.24
C THR D 179 -19.39 -25.73 65.58
N ASN D 180 -20.09 -26.66 66.23
CA ASN D 180 -20.25 -28.01 65.69
C ASN D 180 -21.16 -28.02 64.47
N GLN D 181 -22.24 -27.25 64.54
CA GLN D 181 -23.18 -27.15 63.42
C GLN D 181 -22.47 -26.62 62.19
N GLU D 182 -21.60 -25.62 62.39
CA GLU D 182 -20.85 -25.03 61.28
C GLU D 182 -19.93 -26.10 60.69
N GLN D 183 -19.38 -26.92 61.57
CA GLN D 183 -18.48 -28.01 61.19
C GLN D 183 -19.24 -29.08 60.40
N THR D 184 -20.25 -29.66 61.04
CA THR D 184 -21.06 -30.70 60.41
C THR D 184 -21.77 -30.22 59.15
N SER D 185 -22.03 -28.92 59.08
CA SER D 185 -22.71 -28.34 57.92
C SER D 185 -21.75 -28.07 56.78
N LEU D 186 -20.68 -27.34 57.08
CA LEU D 186 -19.69 -26.99 56.07
C LEU D 186 -18.76 -28.14 55.71
N TYR D 187 -18.64 -29.12 56.60
CA TYR D 187 -17.76 -30.26 56.37
C TYR D 187 -18.35 -31.64 56.58
N VAL D 188 -19.67 -31.73 56.67
CA VAL D 188 -20.31 -33.02 56.87
C VAL D 188 -19.80 -33.64 58.18
N GLN D 189 -19.17 -34.81 58.11
CA GLN D 189 -18.66 -35.46 59.31
C GLN D 189 -18.07 -34.41 60.25
N ALA D 190 -18.48 -34.45 61.51
CA ALA D 190 -18.02 -33.49 62.52
C ALA D 190 -16.52 -33.47 62.80
N SER D 191 -15.82 -34.54 62.45
CA SER D 191 -14.38 -34.58 62.70
C SER D 191 -13.56 -34.38 61.44
N GLY D 192 -13.06 -33.16 61.24
CA GLY D 192 -12.26 -32.87 60.07
C GLY D 192 -10.84 -33.37 60.23
N ARG D 193 -10.05 -33.31 59.17
CA ARG D 193 -8.67 -33.78 59.21
C ARG D 193 -7.94 -33.50 57.90
N VAL D 194 -6.74 -32.94 58.02
CA VAL D 194 -5.91 -32.64 56.85
C VAL D 194 -4.60 -33.42 56.97
N THR D 195 -4.14 -33.98 55.86
CA THR D 195 -2.91 -34.76 55.86
C THR D 195 -2.04 -34.54 54.64
N VAL D 196 -1.35 -33.39 54.61
CA VAL D 196 -0.45 -33.09 53.50
C VAL D 196 0.83 -33.86 53.74
N SER D 197 1.38 -34.45 52.69
CA SER D 197 2.61 -35.23 52.85
C SER D 197 3.41 -35.35 51.55
N THR D 198 4.73 -35.41 51.71
CA THR D 198 5.63 -35.54 50.58
C THR D 198 6.42 -36.84 50.76
N ARG D 199 7.21 -37.19 49.75
CA ARG D 199 7.99 -38.41 49.81
C ARG D 199 9.08 -38.30 50.88
N ARG D 200 9.26 -37.10 51.42
CA ARG D 200 10.25 -36.88 52.46
C ARG D 200 9.63 -36.70 53.85
N SER D 201 8.85 -35.63 54.03
CA SER D 201 8.22 -35.37 55.31
C SER D 201 6.72 -35.67 55.30
N GLN D 202 6.08 -35.50 56.45
CA GLN D 202 4.66 -35.73 56.61
C GLN D 202 4.08 -34.74 57.61
N GLN D 203 2.92 -34.17 57.27
CA GLN D 203 2.27 -33.20 58.14
C GLN D 203 0.77 -33.46 58.21
N THR D 204 0.25 -33.58 59.42
CA THR D 204 -1.18 -33.83 59.62
C THR D 204 -1.74 -32.90 60.69
N ILE D 205 -2.80 -32.18 60.35
CA ILE D 205 -3.43 -31.25 61.28
C ILE D 205 -4.87 -31.64 61.56
N ILE D 206 -5.35 -31.28 62.75
CA ILE D 206 -6.73 -31.58 63.14
C ILE D 206 -7.45 -30.29 63.52
N PRO D 207 -8.65 -30.07 62.94
CA PRO D 207 -9.43 -28.88 63.23
C PRO D 207 -9.81 -28.76 64.70
N ASN D 208 -9.80 -27.54 65.22
CA ASN D 208 -10.14 -27.31 66.62
C ASN D 208 -11.42 -26.48 66.76
N ILE D 209 -12.55 -27.17 66.85
CA ILE D 209 -13.84 -26.50 66.98
C ILE D 209 -13.93 -25.77 68.31
N GLY D 210 -14.42 -24.54 68.27
CA GLY D 210 -14.55 -23.75 69.48
C GLY D 210 -14.68 -22.28 69.18
N SER D 211 -15.42 -21.55 70.02
CA SER D 211 -15.61 -20.13 69.82
C SER D 211 -14.35 -19.37 70.23
N ARG D 212 -14.01 -18.33 69.48
CA ARG D 212 -12.82 -17.54 69.76
C ARG D 212 -13.05 -16.05 69.46
N PRO D 213 -12.11 -15.18 69.88
CA PRO D 213 -12.24 -13.74 69.65
C PRO D 213 -12.82 -13.37 68.28
N TRP D 214 -13.90 -12.59 68.31
CA TRP D 214 -14.56 -12.17 67.08
C TRP D 214 -13.70 -11.20 66.29
N VAL D 215 -13.57 -11.47 64.98
CA VAL D 215 -12.78 -10.62 64.10
C VAL D 215 -13.47 -10.49 62.74
N ARG D 216 -13.50 -9.26 62.23
CA ARG D 216 -14.13 -8.98 60.94
C ARG D 216 -15.48 -9.68 60.79
N GLY D 217 -16.14 -9.94 61.91
CA GLY D 217 -17.43 -10.59 61.88
C GLY D 217 -17.39 -12.11 61.87
N LEU D 218 -16.32 -12.69 62.40
CA LEU D 218 -16.18 -14.14 62.45
C LEU D 218 -15.52 -14.65 63.71
N SER D 219 -16.06 -15.74 64.25
CA SER D 219 -15.52 -16.35 65.45
C SER D 219 -14.74 -17.61 65.07
N SER D 220 -14.38 -17.70 63.80
CA SER D 220 -13.63 -18.85 63.29
C SER D 220 -12.24 -18.41 62.85
N ARG D 221 -11.40 -19.38 62.49
CA ARG D 221 -10.04 -19.09 62.05
C ARG D 221 -9.55 -20.07 60.98
N ILE D 222 -8.39 -19.75 60.41
CA ILE D 222 -7.77 -20.59 59.38
C ILE D 222 -6.28 -20.68 59.63
N SER D 223 -5.79 -21.88 59.95
CA SER D 223 -4.37 -22.08 60.21
C SER D 223 -3.61 -22.27 58.91
N ILE D 224 -2.57 -21.48 58.71
CA ILE D 224 -1.74 -21.56 57.50
C ILE D 224 -0.56 -22.50 57.68
N TYR D 225 -0.37 -23.38 56.70
CA TYR D 225 0.73 -24.34 56.73
C TYR D 225 1.37 -24.42 55.34
N TRP D 226 2.70 -24.42 55.30
CA TRP D 226 3.43 -24.48 54.04
C TRP D 226 4.23 -25.77 53.95
N THR D 227 4.33 -26.32 52.74
CA THR D 227 5.07 -27.55 52.51
C THR D 227 5.87 -27.46 51.21
N ILE D 228 7.20 -27.43 51.35
CA ILE D 228 8.09 -27.34 50.19
C ILE D 228 8.26 -28.71 49.55
N VAL D 229 8.23 -28.74 48.22
CA VAL D 229 8.39 -29.99 47.48
C VAL D 229 9.62 -29.94 46.59
N LYS D 230 10.66 -30.67 46.97
CA LYS D 230 11.90 -30.70 46.19
C LYS D 230 11.73 -31.39 44.84
N PRO D 231 12.65 -31.09 43.90
CA PRO D 231 12.64 -31.67 42.55
C PRO D 231 12.56 -33.19 42.56
N GLY D 232 11.73 -33.74 41.67
CA GLY D 232 11.59 -35.17 41.58
C GLY D 232 10.62 -35.72 42.60
N ASP D 233 10.59 -35.11 43.78
CA ASP D 233 9.70 -35.55 44.85
C ASP D 233 8.26 -35.25 44.45
N VAL D 234 7.30 -35.85 45.15
CA VAL D 234 5.89 -35.64 44.85
C VAL D 234 5.09 -35.20 46.07
N LEU D 235 4.01 -34.46 45.83
CA LEU D 235 3.14 -33.97 46.89
C LEU D 235 1.84 -34.76 46.95
N VAL D 236 1.28 -34.89 48.14
CA VAL D 236 0.04 -35.61 48.35
C VAL D 236 -0.81 -34.95 49.44
N ILE D 237 -2.12 -34.95 49.23
CA ILE D 237 -3.05 -34.34 50.18
C ILE D 237 -4.20 -35.30 50.47
N ASN D 238 -4.31 -35.74 51.72
CA ASN D 238 -5.37 -36.65 52.11
C ASN D 238 -6.16 -36.07 53.29
N SER D 239 -7.11 -35.20 52.97
CA SER D 239 -7.93 -34.55 54.00
C SER D 239 -9.34 -35.12 54.05
N ASN D 240 -9.90 -35.18 55.26
CA ASN D 240 -11.25 -35.67 55.46
C ASN D 240 -12.20 -34.48 55.39
N GLY D 241 -11.65 -33.30 55.60
CA GLY D 241 -12.44 -32.08 55.57
C GLY D 241 -11.71 -30.94 56.23
N ASN D 242 -12.35 -29.78 56.31
CA ASN D 242 -11.75 -28.60 56.92
C ASN D 242 -10.44 -28.25 56.20
N LEU D 243 -10.31 -28.73 54.98
CA LEU D 243 -9.12 -28.48 54.18
C LEU D 243 -9.20 -27.17 53.40
N ILE D 244 -8.04 -26.56 53.18
CA ILE D 244 -7.94 -25.31 52.44
C ILE D 244 -6.85 -25.51 51.38
N ALA D 245 -7.16 -26.34 50.39
CA ALA D 245 -6.23 -26.65 49.32
C ALA D 245 -5.82 -25.44 48.48
N PRO D 246 -4.54 -25.37 48.08
CA PRO D 246 -4.01 -24.26 47.28
C PRO D 246 -4.29 -24.49 45.79
N ARG D 247 -4.22 -23.41 45.01
CA ARG D 247 -4.48 -23.51 43.57
C ARG D 247 -3.20 -23.83 42.81
N GLY D 248 -2.06 -23.74 43.48
CA GLY D 248 -0.79 -24.02 42.85
C GLY D 248 0.39 -23.90 43.79
N TYR D 249 1.52 -23.45 43.27
CA TYR D 249 2.74 -23.29 44.07
C TYR D 249 3.46 -21.99 43.72
N PHE D 250 4.63 -21.81 44.34
CA PHE D 250 5.44 -20.63 44.10
C PHE D 250 6.85 -21.07 43.72
N LYS D 251 7.39 -20.45 42.67
CA LYS D 251 8.74 -20.79 42.20
C LYS D 251 9.80 -20.21 43.11
N MET D 252 10.15 -20.97 44.15
CA MET D 252 11.15 -20.54 45.12
C MET D 252 12.52 -20.36 44.46
N ARG D 253 13.16 -19.24 44.76
CA ARG D 253 14.48 -18.94 44.20
C ARG D 253 15.48 -18.67 45.31
N THR D 254 16.77 -18.78 44.99
CA THR D 254 17.83 -18.54 45.96
C THR D 254 18.55 -17.25 45.59
N GLY D 255 18.17 -16.15 46.25
CA GLY D 255 18.79 -14.88 45.95
C GLY D 255 19.08 -14.00 47.14
N LYS D 256 19.59 -12.81 46.85
CA LYS D 256 19.94 -11.82 47.87
C LYS D 256 18.68 -11.17 48.44
N SER D 257 17.53 -11.58 47.93
CA SER D 257 16.25 -11.04 48.37
C SER D 257 16.02 -11.18 49.87
N SER D 258 15.49 -10.12 50.47
CA SER D 258 15.20 -10.09 51.90
C SER D 258 14.11 -9.06 52.18
N ILE D 259 13.70 -8.97 53.45
CA ILE D 259 12.66 -8.03 53.85
C ILE D 259 13.10 -7.20 55.05
N MET D 260 12.83 -5.89 55.00
CA MET D 260 13.17 -4.99 56.09
C MET D 260 11.93 -4.20 56.50
N ARG D 261 11.80 -3.95 57.79
CA ARG D 261 10.65 -3.20 58.30
C ARG D 261 10.95 -1.71 58.41
N SER D 262 10.13 -0.89 57.76
CA SER D 262 10.30 0.56 57.77
C SER D 262 9.19 1.28 57.03
N ASP D 263 8.99 2.55 57.36
CA ASP D 263 7.97 3.39 56.72
C ASP D 263 8.65 4.52 55.94
N ALA D 264 9.98 4.48 55.91
CA ALA D 264 10.77 5.50 55.23
C ALA D 264 10.32 5.76 53.79
N PRO D 265 10.36 7.04 53.37
CA PRO D 265 9.97 7.42 52.01
C PRO D 265 10.91 6.81 50.97
N ILE D 266 10.44 6.71 49.73
CA ILE D 266 11.24 6.14 48.67
C ILE D 266 11.52 7.15 47.57
N ASP D 267 12.66 7.83 47.66
CA ASP D 267 13.04 8.83 46.67
C ASP D 267 13.92 8.18 45.61
N THR D 268 13.82 8.68 44.38
CA THR D 268 14.62 8.15 43.29
C THR D 268 16.09 8.52 43.47
N CYS D 269 16.93 7.50 43.63
CA CYS D 269 18.36 7.70 43.83
C CYS D 269 19.10 6.37 43.87
N ILE D 270 20.43 6.44 43.78
CA ILE D 270 21.27 5.25 43.82
C ILE D 270 22.08 5.25 45.11
N SER D 271 21.96 4.17 45.88
CA SER D 271 22.69 4.03 47.14
C SER D 271 22.80 2.56 47.52
N GLU D 272 24.04 2.06 47.58
CA GLU D 272 24.28 0.67 47.92
C GLU D 272 23.77 0.26 49.29
N CYS D 273 23.81 1.17 50.27
CA CYS D 273 23.33 0.81 51.60
C CYS D 273 21.91 1.28 51.88
N ILE D 274 21.13 0.41 52.51
CA ILE D 274 19.74 0.70 52.86
C ILE D 274 19.49 0.37 54.32
N THR D 275 18.84 1.29 55.03
CA THR D 275 18.54 1.10 56.44
C THR D 275 17.10 1.54 56.73
N PRO D 276 16.52 1.05 57.84
CA PRO D 276 15.15 1.41 58.21
C PRO D 276 15.00 2.93 58.35
N ASN D 277 16.12 3.64 58.35
CA ASN D 277 16.12 5.09 58.48
C ASN D 277 16.38 5.74 57.13
N GLY D 278 16.47 4.92 56.09
CA GLY D 278 16.73 5.44 54.76
C GLY D 278 18.17 5.20 54.37
N SER D 279 18.39 4.94 53.09
CA SER D 279 19.74 4.68 52.57
C SER D 279 20.76 5.66 53.14
N ILE D 280 21.99 5.18 53.32
CA ILE D 280 23.06 6.01 53.85
C ILE D 280 24.35 5.73 53.08
N PRO D 281 25.23 6.74 52.98
CA PRO D 281 26.50 6.58 52.27
C PRO D 281 27.41 5.56 52.95
N ASN D 282 28.07 4.73 52.16
CA ASN D 282 28.97 3.71 52.69
C ASN D 282 30.44 4.05 52.45
N ASP D 283 30.78 5.32 52.62
CA ASP D 283 32.15 5.78 52.43
C ASP D 283 32.96 5.54 53.69
N LYS D 284 32.28 5.56 54.83
CA LYS D 284 32.93 5.34 56.12
C LYS D 284 32.97 3.86 56.48
N PRO D 285 33.84 3.48 57.43
CA PRO D 285 33.97 2.08 57.86
C PRO D 285 32.81 1.60 58.74
N PHE D 286 32.34 2.46 59.64
CA PHE D 286 31.26 2.09 60.53
C PHE D 286 30.11 3.10 60.45
N GLN D 287 29.06 2.87 61.23
CA GLN D 287 27.91 3.75 61.26
C GLN D 287 27.09 3.52 62.53
N ASN D 288 26.28 4.52 62.90
CA ASN D 288 25.48 4.42 64.12
C ASN D 288 24.00 4.69 63.85
N VAL D 289 23.60 4.53 62.58
CA VAL D 289 22.21 4.77 62.19
C VAL D 289 21.27 3.68 62.73
N ASN D 290 21.53 2.43 62.34
CA ASN D 290 20.71 1.32 62.79
C ASN D 290 21.44 -0.01 62.62
N LYS D 291 21.11 -0.96 63.48
CA LYS D 291 21.73 -2.29 63.45
C LYS D 291 21.28 -3.11 62.23
N ILE D 292 20.06 -2.85 61.78
CA ILE D 292 19.51 -3.56 60.63
C ILE D 292 20.02 -2.87 59.36
N THR D 293 20.68 -3.65 58.50
CA THR D 293 21.22 -3.09 57.26
C THR D 293 20.89 -3.96 56.05
N TYR D 294 21.37 -3.55 54.88
CA TYR D 294 21.13 -4.28 53.65
C TYR D 294 22.13 -3.81 52.58
N GLY D 295 22.74 -4.77 51.91
CA GLY D 295 23.72 -4.43 50.89
C GLY D 295 25.05 -4.08 51.52
N ALA D 296 25.84 -3.26 50.84
CA ALA D 296 27.14 -2.85 51.35
C ALA D 296 26.99 -1.70 52.34
N CYS D 297 27.06 -2.01 53.62
CA CYS D 297 26.92 -0.99 54.67
C CYS D 297 28.08 -1.08 55.67
N PRO D 298 28.38 0.04 56.35
CA PRO D 298 29.45 0.09 57.35
C PRO D 298 29.04 -0.66 58.61
N LYS D 299 30.03 -1.20 59.32
CA LYS D 299 29.77 -1.95 60.55
C LYS D 299 29.00 -1.07 61.54
N TYR D 300 27.99 -1.65 62.19
CA TYR D 300 27.21 -0.90 63.17
C TYR D 300 27.85 -0.94 64.55
N VAL D 301 28.67 0.06 64.84
CA VAL D 301 29.35 0.14 66.13
C VAL D 301 28.48 0.94 67.10
N LYS D 302 28.79 0.86 68.39
CA LYS D 302 28.04 1.58 69.40
C LYS D 302 28.38 3.07 69.41
N GLN D 303 29.67 3.37 69.31
CA GLN D 303 30.11 4.76 69.31
C GLN D 303 29.43 5.52 68.19
N ASN D 304 28.98 6.74 68.48
CA ASN D 304 28.32 7.57 67.49
C ASN D 304 29.32 8.40 66.70
N THR D 305 30.58 8.34 67.11
CA THR D 305 31.63 9.09 66.44
C THR D 305 33.04 8.59 66.79
N LEU D 306 33.94 8.66 65.82
CA LEU D 306 35.32 8.24 65.99
C LEU D 306 36.22 9.05 65.06
N LYS D 307 36.97 9.99 65.64
CA LYS D 307 37.86 10.85 64.87
C LYS D 307 39.21 10.19 64.57
N LEU D 308 39.52 10.06 63.29
CA LEU D 308 40.79 9.46 62.86
C LEU D 308 41.78 10.53 62.43
N ALA D 309 42.99 10.44 62.96
CA ALA D 309 44.04 11.40 62.64
C ALA D 309 44.48 11.23 61.18
N THR D 310 44.19 12.24 60.37
CA THR D 310 44.54 12.20 58.96
C THR D 310 45.74 13.12 58.73
N GLY D 311 45.74 14.25 59.43
CA GLY D 311 46.83 15.20 59.30
C GLY D 311 47.94 14.90 60.28
N MET D 312 48.89 15.82 60.38
CA MET D 312 50.02 15.67 61.28
C MET D 312 49.66 16.19 62.66
N ARG D 313 50.39 15.72 63.68
CA ARG D 313 50.14 16.18 65.04
C ARG D 313 50.53 17.64 65.04
N ASN D 314 49.66 18.51 65.55
CA ASN D 314 49.95 19.94 65.52
C ASN D 314 50.32 20.60 66.83
N VAL D 315 51.49 21.25 66.83
CA VAL D 315 51.95 22.01 67.99
C VAL D 315 51.75 23.45 67.54
N PRO D 316 50.54 23.99 67.73
CA PRO D 316 50.20 25.36 67.34
C PRO D 316 50.95 26.41 68.15
N GLU D 317 50.76 27.67 67.76
CA GLU D 317 51.41 28.81 68.41
C GLU D 317 52.83 28.95 67.89
N LYS D 318 53.45 30.11 68.10
CA LYS D 318 54.80 30.33 67.60
C LYS D 318 55.61 31.28 68.47
N GLN D 319 56.92 31.10 68.46
CA GLN D 319 57.81 31.97 69.23
C GLN D 319 57.70 33.34 68.59
N THR D 320 57.63 33.34 67.26
CA THR D 320 57.51 34.56 66.47
C THR D 320 58.50 35.60 66.98
N ARG D 321 59.69 35.14 67.32
CA ARG D 321 60.70 36.04 67.86
C ARG D 321 60.92 37.39 67.22
N GLY D 322 60.69 38.38 68.06
CA GLY D 322 60.84 39.78 67.75
C GLY D 322 60.74 40.38 66.36
N LEU D 323 61.61 41.35 66.18
CA LEU D 323 61.75 42.14 64.97
C LEU D 323 62.54 41.28 64.01
N PHE D 324 63.80 41.02 64.36
CA PHE D 324 64.63 40.16 63.55
C PHE D 324 64.19 38.76 63.94
N GLY D 325 63.93 37.91 62.94
CA GLY D 325 63.47 36.56 63.21
C GLY D 325 64.59 35.56 63.37
N ALA D 326 64.66 34.93 64.54
CA ALA D 326 65.69 33.94 64.83
C ALA D 326 65.56 32.78 63.85
N ILE D 327 64.35 32.59 63.32
CA ILE D 327 64.07 31.53 62.37
C ILE D 327 64.22 30.16 63.07
N ALA D 328 64.26 30.21 64.39
CA ALA D 328 64.42 29.03 65.25
C ALA D 328 63.77 27.76 64.68
N GLY D 329 64.45 26.63 64.90
CA GLY D 329 63.96 25.35 64.41
C GLY D 329 62.64 24.94 65.03
N PHE D 330 61.94 24.04 64.36
CA PHE D 330 60.64 23.57 64.81
C PHE D 330 60.55 23.28 66.31
N ILE D 331 61.18 22.21 66.77
CA ILE D 331 61.14 21.83 68.17
C ILE D 331 59.75 22.03 68.80
N GLU D 332 59.56 23.17 69.46
CA GLU D 332 58.28 23.46 70.11
C GLU D 332 57.34 24.38 69.34
N ASN D 333 57.41 24.35 68.01
CA ASN D 333 56.54 25.20 67.20
C ASN D 333 56.43 24.79 65.74
N GLY D 334 55.25 25.02 65.17
CA GLY D 334 55.00 24.71 63.78
C GLY D 334 54.87 26.02 63.05
N TRP D 335 55.23 26.06 61.78
CA TRP D 335 55.16 27.30 61.02
C TRP D 335 53.86 27.49 60.24
N GLU D 336 52.90 28.16 60.87
CA GLU D 336 51.62 28.42 60.23
C GLU D 336 51.84 29.18 58.93
N GLY D 337 53.05 29.70 58.77
CA GLY D 337 53.39 30.45 57.57
C GLY D 337 53.59 29.53 56.38
N MET D 338 54.29 28.43 56.58
CA MET D 338 54.53 27.46 55.51
C MET D 338 53.22 26.86 55.07
N ILE D 339 52.85 27.11 53.82
CA ILE D 339 51.60 26.60 53.26
C ILE D 339 51.83 25.91 51.93
N ASP D 340 53.05 25.47 51.70
CA ASP D 340 53.42 24.80 50.46
C ASP D 340 53.87 23.36 50.70
N GLY D 341 53.78 22.91 51.94
CA GLY D 341 54.17 21.55 52.26
C GLY D 341 54.05 21.21 53.73
N TRP D 342 54.50 20.02 54.11
CA TRP D 342 54.45 19.55 55.49
C TRP D 342 55.77 19.83 56.20
N TYR D 343 56.86 19.74 55.45
CA TYR D 343 58.19 19.96 56.00
C TYR D 343 58.98 20.89 55.07
N GLY D 344 59.60 21.91 55.65
CA GLY D 344 60.37 22.85 54.85
C GLY D 344 61.58 23.37 55.60
N PHE D 345 62.39 24.17 54.90
CA PHE D 345 63.59 24.74 55.51
C PHE D 345 63.55 26.26 55.52
N ARG D 346 64.22 26.84 56.49
CA ARG D 346 64.29 28.29 56.63
C ARG D 346 65.73 28.73 56.84
N HIS D 347 66.28 29.40 55.83
CA HIS D 347 67.65 29.89 55.90
C HIS D 347 67.73 31.34 56.37
N GLN D 348 68.78 31.65 57.12
CA GLN D 348 69.00 33.00 57.63
C GLN D 348 70.43 33.42 57.28
N ASN D 349 70.69 33.54 55.99
CA ASN D 349 72.00 33.92 55.50
C ASN D 349 72.16 35.43 55.46
N SER D 350 73.34 35.89 55.03
CA SER D 350 73.62 37.31 54.96
C SER D 350 72.71 38.04 53.96
N GLU D 351 72.22 37.30 52.96
CA GLU D 351 71.34 37.88 51.96
C GLU D 351 69.95 38.13 52.52
N GLY D 352 69.68 37.58 53.71
CA GLY D 352 68.39 37.76 54.32
C GLY D 352 67.75 36.46 54.77
N THR D 353 66.42 36.42 54.75
CA THR D 353 65.67 35.24 55.15
C THR D 353 64.99 34.58 53.96
N GLY D 354 64.51 33.35 54.16
CA GLY D 354 63.84 32.64 53.09
C GLY D 354 63.29 31.31 53.57
N GLN D 355 62.28 30.80 52.86
CA GLN D 355 61.66 29.53 53.22
C GLN D 355 61.38 28.68 51.98
N ALA D 356 61.58 27.37 52.12
CA ALA D 356 61.34 26.43 51.03
C ALA D 356 60.96 25.06 51.59
N ALA D 357 59.86 24.51 51.12
CA ALA D 357 59.38 23.21 51.58
C ALA D 357 59.98 22.06 50.76
N ASP D 358 60.45 21.03 51.46
CA ASP D 358 61.05 19.88 50.81
C ASP D 358 59.95 18.87 50.46
N LEU D 359 59.56 18.84 49.19
CA LEU D 359 58.52 17.94 48.72
C LEU D 359 58.83 16.48 49.00
N LYS D 360 60.10 16.11 48.88
CA LYS D 360 60.54 14.74 49.12
C LYS D 360 60.00 14.19 50.45
N SER D 361 60.52 14.74 51.54
CA SER D 361 60.10 14.32 52.88
C SER D 361 58.60 14.37 53.05
N THR D 362 58.00 15.51 52.73
CA THR D 362 56.55 15.69 52.86
C THR D 362 55.76 14.60 52.16
N GLN D 363 56.19 14.26 50.94
CA GLN D 363 55.51 13.25 50.14
C GLN D 363 55.51 11.87 50.81
N ALA D 364 56.64 11.47 51.35
CA ALA D 364 56.76 10.17 52.00
C ALA D 364 55.68 10.00 53.08
N ALA D 365 55.49 11.05 53.88
CA ALA D 365 54.49 11.02 54.94
C ALA D 365 53.10 10.80 54.36
N ILE D 366 52.69 11.70 53.46
CA ILE D 366 51.38 11.62 52.83
C ILE D 366 51.10 10.24 52.25
N ASP D 367 52.06 9.68 51.52
CA ASP D 367 51.87 8.36 50.93
C ASP D 367 51.48 7.31 51.95
N GLN D 368 52.26 7.22 53.03
CA GLN D 368 51.99 6.25 54.08
C GLN D 368 50.61 6.46 54.70
N ILE D 369 50.27 7.73 54.92
CA ILE D 369 48.98 8.10 55.51
C ILE D 369 47.78 7.66 54.68
N ASN D 370 47.67 8.20 53.46
CA ASN D 370 46.57 7.90 52.56
C ASN D 370 46.16 6.44 52.45
N GLY D 371 47.07 5.60 51.94
CA GLY D 371 46.76 4.19 51.75
C GLY D 371 46.36 3.36 52.95
N LYS D 372 46.93 3.66 54.12
CA LYS D 372 46.66 2.90 55.34
C LYS D 372 45.19 2.64 55.68
N LEU D 373 44.40 3.69 55.81
CA LEU D 373 42.99 3.57 56.15
C LEU D 373 42.26 2.42 55.47
N ASN D 374 42.22 2.45 54.14
CA ASN D 374 41.56 1.42 53.35
C ASN D 374 42.13 0.03 53.61
N ARG D 375 43.44 -0.04 53.84
CA ARG D 375 44.07 -1.33 54.10
C ARG D 375 43.52 -1.95 55.38
N VAL D 376 43.65 -1.23 56.49
CA VAL D 376 43.18 -1.71 57.78
C VAL D 376 41.72 -2.18 57.72
N ILE D 377 40.83 -1.27 57.29
CA ILE D 377 39.42 -1.59 57.19
C ILE D 377 39.02 -1.90 55.76
N GLU D 378 38.19 -2.93 55.60
CA GLU D 378 37.77 -3.31 54.27
C GLU D 378 36.75 -2.31 53.71
N LYS D 379 37.09 -1.73 52.55
CA LYS D 379 36.23 -0.74 51.90
C LYS D 379 34.75 -1.09 51.97
N THR D 380 34.44 -2.37 51.99
CA THR D 380 33.04 -2.80 52.03
C THR D 380 32.88 -4.30 52.23
N ASN D 381 31.66 -4.69 52.60
CA ASN D 381 31.29 -6.08 52.80
C ASN D 381 29.78 -6.12 52.64
N GLU D 382 29.27 -7.06 51.85
CA GLU D 382 27.84 -7.14 51.64
C GLU D 382 27.15 -8.19 52.51
N LYS D 383 25.89 -7.91 52.82
CA LYS D 383 25.05 -8.79 53.62
C LYS D 383 23.63 -8.52 53.16
N PHE D 384 22.81 -9.56 53.11
CA PHE D 384 21.44 -9.39 52.68
C PHE D 384 20.49 -9.91 53.75
N HIS D 385 19.82 -11.03 53.51
CA HIS D 385 18.91 -11.55 54.52
C HIS D 385 19.73 -11.99 55.74
N GLN D 386 19.28 -11.59 56.93
CA GLN D 386 19.97 -11.92 58.17
C GLN D 386 18.97 -12.40 59.20
N ILE D 387 19.14 -11.97 60.45
CA ILE D 387 18.23 -12.34 61.51
C ILE D 387 17.43 -11.11 61.92
N GLU D 388 16.18 -11.30 62.33
CA GLU D 388 15.38 -10.18 62.78
C GLU D 388 16.11 -9.68 64.01
N LYS D 389 16.46 -8.40 64.02
CA LYS D 389 17.17 -7.83 65.16
C LYS D 389 16.19 -7.07 66.03
N GLU D 390 14.91 -7.34 65.79
CA GLU D 390 13.82 -6.70 66.53
C GLU D 390 12.61 -7.59 66.62
N PHE D 391 11.79 -7.36 67.65
CA PHE D 391 10.58 -8.13 67.87
C PHE D 391 9.54 -7.20 68.48
N SER D 392 8.30 -7.67 68.57
CA SER D 392 7.23 -6.87 69.14
C SER D 392 6.56 -7.57 70.31
N GLU D 393 6.85 -8.86 70.47
CA GLU D 393 6.29 -9.64 71.56
C GLU D 393 7.33 -10.60 72.14
N VAL D 394 6.96 -11.30 73.20
CA VAL D 394 7.86 -12.24 73.86
C VAL D 394 7.74 -13.65 73.29
N GLU D 395 8.89 -14.28 73.05
CA GLU D 395 8.93 -15.63 72.50
C GLU D 395 9.80 -16.57 73.33
N GLY D 396 10.27 -16.08 74.46
CA GLY D 396 11.10 -16.89 75.34
C GLY D 396 12.47 -17.25 74.78
N ARG D 397 12.82 -18.52 74.91
CA ARG D 397 14.10 -19.04 74.45
C ARG D 397 14.61 -18.54 73.10
N ILE D 398 13.95 -18.96 72.03
CA ILE D 398 14.36 -18.56 70.68
C ILE D 398 14.73 -17.07 70.60
N GLN D 399 13.77 -16.22 70.95
CA GLN D 399 13.99 -14.78 70.92
C GLN D 399 15.27 -14.39 71.66
N ASP D 400 15.35 -14.78 72.93
CA ASP D 400 16.50 -14.48 73.76
C ASP D 400 17.82 -14.67 73.02
N LEU D 401 18.03 -15.88 72.51
CA LEU D 401 19.25 -16.20 71.78
C LEU D 401 19.52 -15.16 70.68
N GLU D 402 18.56 -15.01 69.77
CA GLU D 402 18.69 -14.06 68.67
C GLU D 402 19.22 -12.70 69.12
N LYS D 403 18.65 -12.16 70.18
CA LYS D 403 19.09 -10.86 70.70
C LYS D 403 20.55 -10.93 71.13
N TYR D 404 20.87 -11.92 71.94
CA TYR D 404 22.22 -12.11 72.45
C TYR D 404 23.23 -12.10 71.31
N VAL D 405 23.01 -12.95 70.32
CA VAL D 405 23.89 -13.07 69.17
C VAL D 405 24.22 -11.70 68.57
N GLU D 406 23.19 -11.00 68.12
CA GLU D 406 23.36 -9.68 67.52
C GLU D 406 24.07 -8.71 68.47
N ASP D 407 23.61 -8.67 69.71
CA ASP D 407 24.20 -7.78 70.71
C ASP D 407 25.69 -8.07 70.88
N THR D 408 26.01 -9.35 71.09
CA THR D 408 27.40 -9.77 71.27
C THR D 408 28.26 -9.28 70.11
N LYS D 409 27.75 -9.45 68.90
CA LYS D 409 28.46 -9.03 67.69
C LYS D 409 28.88 -7.57 67.78
N ILE D 410 27.90 -6.70 68.00
CA ILE D 410 28.13 -5.27 68.10
C ILE D 410 29.23 -4.93 69.10
N ASP D 411 29.08 -5.40 70.34
CA ASP D 411 30.08 -5.13 71.38
C ASP D 411 31.48 -5.52 70.92
N LEU D 412 31.61 -6.74 70.39
CA LEU D 412 32.90 -7.22 69.90
C LEU D 412 33.41 -6.34 68.77
N TRP D 413 32.54 -6.07 67.81
CA TRP D 413 32.88 -5.24 66.67
C TRP D 413 33.29 -3.83 67.09
N SER D 414 32.48 -3.22 67.95
CA SER D 414 32.75 -1.87 68.44
C SER D 414 34.18 -1.79 68.98
N TYR D 415 34.55 -2.77 69.81
CA TYR D 415 35.87 -2.83 70.39
C TYR D 415 36.94 -2.68 69.32
N ASN D 416 36.83 -3.50 68.28
CA ASN D 416 37.78 -3.48 67.17
C ASN D 416 37.91 -2.08 66.59
N ALA D 417 36.77 -1.42 66.37
CA ALA D 417 36.75 -0.08 65.82
C ALA D 417 37.49 0.88 66.75
N GLU D 418 37.07 0.92 68.01
CA GLU D 418 37.68 1.78 69.01
C GLU D 418 39.18 1.53 69.09
N LEU D 419 39.54 0.27 69.30
CA LEU D 419 40.94 -0.14 69.40
C LEU D 419 41.73 0.21 68.14
N LEU D 420 41.15 -0.10 66.99
CA LEU D 420 41.79 0.17 65.70
C LEU D 420 42.10 1.64 65.49
N VAL D 421 41.11 2.50 65.73
CA VAL D 421 41.29 3.94 65.56
C VAL D 421 42.42 4.45 66.47
N ALA D 422 42.42 4.01 67.71
CA ALA D 422 43.44 4.42 68.67
C ALA D 422 44.81 4.04 68.16
N LEU D 423 44.90 2.85 67.56
CA LEU D 423 46.16 2.36 67.01
C LEU D 423 46.60 3.21 65.82
N GLU D 424 45.66 3.51 64.92
CA GLU D 424 45.95 4.31 63.75
C GLU D 424 46.45 5.70 64.09
N ASN D 425 45.66 6.45 64.87
CA ASN D 425 46.04 7.80 65.25
C ASN D 425 47.41 7.79 65.92
N GLN D 426 47.55 6.93 66.92
CA GLN D 426 48.80 6.79 67.67
C GLN D 426 49.96 6.47 66.72
N HIS D 427 49.67 5.68 65.70
CA HIS D 427 50.67 5.26 64.74
C HIS D 427 51.00 6.36 63.73
N THR D 428 49.98 7.10 63.32
CA THR D 428 50.16 8.19 62.35
C THR D 428 51.11 9.26 62.89
N ILE D 429 50.87 9.66 64.13
CA ILE D 429 51.70 10.68 64.78
C ILE D 429 53.18 10.31 64.72
N ASP D 430 53.51 9.11 65.18
CA ASP D 430 54.89 8.64 65.17
C ASP D 430 55.46 8.69 63.76
N LEU D 431 54.65 8.27 62.79
CA LEU D 431 55.06 8.25 61.40
C LEU D 431 55.44 9.65 60.89
N THR D 432 54.52 10.60 61.04
CA THR D 432 54.76 11.97 60.59
C THR D 432 55.87 12.62 61.40
N ASP D 433 55.84 12.40 62.71
CA ASP D 433 56.83 12.98 63.61
C ASP D 433 58.22 12.42 63.33
N SER D 434 58.28 11.18 62.84
CA SER D 434 59.55 10.55 62.52
C SER D 434 60.18 11.22 61.31
N GLU D 435 59.39 11.39 60.26
CA GLU D 435 59.86 12.03 59.04
C GLU D 435 60.61 13.32 59.36
N MET D 436 59.93 14.21 60.07
CA MET D 436 60.49 15.49 60.48
C MET D 436 61.84 15.29 61.18
N ASN D 437 61.97 14.16 61.87
CA ASN D 437 63.19 13.84 62.61
C ASN D 437 64.28 13.32 61.68
N LYS D 438 63.89 12.62 60.62
CA LYS D 438 64.86 12.08 59.68
C LYS D 438 65.49 13.18 58.85
N LEU D 439 64.65 14.03 58.27
CA LEU D 439 65.11 15.15 57.44
C LEU D 439 66.13 15.97 58.22
N PHE D 440 66.04 15.92 59.54
CA PHE D 440 66.95 16.65 60.41
C PHE D 440 68.28 15.91 60.53
N GLU D 441 68.22 14.59 60.52
CA GLU D 441 69.42 13.76 60.60
C GLU D 441 70.07 13.67 59.23
N LYS D 442 69.24 13.74 58.19
CA LYS D 442 69.71 13.70 56.81
C LYS D 442 70.59 14.91 56.56
N THR D 443 70.36 15.96 57.35
CA THR D 443 71.11 17.20 57.22
C THR D 443 72.40 17.12 58.04
N ARG D 444 72.31 16.49 59.21
CA ARG D 444 73.47 16.33 60.08
C ARG D 444 74.60 15.61 59.33
N ARG D 445 74.23 14.51 58.68
CA ARG D 445 75.20 13.72 57.93
C ARG D 445 75.71 14.49 56.71
N GLN D 446 74.85 15.32 56.13
CA GLN D 446 75.20 16.10 54.96
C GLN D 446 76.15 17.25 55.31
N LEU D 447 75.69 18.13 56.20
CA LEU D 447 76.50 19.27 56.61
C LEU D 447 77.85 18.84 57.15
N ARG D 448 77.89 17.68 57.80
CA ARG D 448 79.11 17.15 58.38
C ARG D 448 79.65 18.10 59.46
N GLU D 449 80.89 18.55 59.29
CA GLU D 449 81.51 19.45 60.26
C GLU D 449 81.17 20.93 60.10
N ASN D 450 80.99 21.36 58.87
CA ASN D 450 80.67 22.75 58.55
C ASN D 450 79.78 23.51 59.53
N ALA D 451 78.84 22.82 60.17
CA ALA D 451 77.94 23.47 61.12
C ALA D 451 77.76 22.69 62.41
N GLU D 452 76.90 23.22 63.28
CA GLU D 452 76.61 22.57 64.56
C GLU D 452 75.13 22.65 64.87
N ASP D 453 74.62 21.67 65.60
CA ASP D 453 73.21 21.62 65.96
C ASP D 453 72.95 22.48 67.20
N MET D 454 72.44 23.68 66.98
CA MET D 454 72.15 24.62 68.05
C MET D 454 71.24 23.99 69.11
N GLY D 455 70.46 22.99 68.69
CA GLY D 455 69.56 22.33 69.61
C GLY D 455 68.13 22.77 69.38
N ASN D 456 67.97 24.06 69.06
CA ASN D 456 66.65 24.62 68.80
C ASN D 456 66.09 24.10 67.49
N GLY D 457 66.70 23.04 66.96
CA GLY D 457 66.24 22.47 65.71
C GLY D 457 66.85 23.14 64.51
N CYS D 458 67.93 23.89 64.73
CA CYS D 458 68.63 24.58 63.65
C CYS D 458 70.10 24.17 63.61
N PHE D 459 70.72 24.39 62.45
CA PHE D 459 72.13 24.10 62.26
C PHE D 459 72.83 25.44 62.05
N LYS D 460 73.68 25.82 62.99
CA LYS D 460 74.40 27.08 62.90
C LYS D 460 75.63 26.97 62.00
N ILE D 461 75.41 27.09 60.70
CA ILE D 461 76.50 27.02 59.73
C ILE D 461 77.56 28.05 60.10
N TYR D 462 78.81 27.64 60.11
CA TYR D 462 79.92 28.52 60.47
C TYR D 462 80.60 29.28 59.33
N HIS D 463 79.93 29.41 58.19
CA HIS D 463 80.55 30.10 57.08
C HIS D 463 79.56 30.85 56.20
N LYS D 464 80.02 31.95 55.60
CA LYS D 464 79.17 32.75 54.71
C LYS D 464 78.49 31.81 53.74
N CYS D 465 77.16 31.82 53.74
CA CYS D 465 76.40 30.94 52.87
C CYS D 465 75.31 31.70 52.12
N ASP D 466 75.57 31.96 50.85
CA ASP D 466 74.62 32.68 50.00
C ASP D 466 73.42 31.79 49.70
N ASN D 467 72.39 32.36 49.07
CA ASN D 467 71.19 31.61 48.75
C ASN D 467 71.48 30.34 47.94
N ALA D 468 72.46 30.43 47.04
CA ALA D 468 72.83 29.28 46.22
C ALA D 468 73.43 28.23 47.15
N CYS D 469 74.30 28.68 48.06
CA CYS D 469 74.94 27.82 49.03
C CYS D 469 73.89 27.02 49.80
N ILE D 470 72.81 27.68 50.16
CA ILE D 470 71.72 27.03 50.90
C ILE D 470 71.01 26.01 50.02
N GLU D 471 70.60 26.44 48.83
CA GLU D 471 69.90 25.58 47.89
C GLU D 471 70.64 24.27 47.64
N SER D 472 71.96 24.36 47.52
CA SER D 472 72.78 23.18 47.27
C SER D 472 72.67 22.15 48.38
N ILE D 473 72.28 22.61 49.57
CA ILE D 473 72.14 21.73 50.72
C ILE D 473 70.76 21.08 50.80
N ARG D 474 69.75 21.80 50.32
CA ARG D 474 68.39 21.29 50.36
C ARG D 474 68.15 20.12 49.41
N ASN D 475 68.77 20.14 48.24
CA ASN D 475 68.61 19.02 47.32
C ASN D 475 69.48 17.87 47.81
N GLY D 476 70.61 18.21 48.43
CA GLY D 476 71.52 17.21 48.96
C GLY D 476 72.82 17.14 48.19
N THR D 477 72.93 17.96 47.15
CA THR D 477 74.12 18.00 46.31
C THR D 477 75.35 18.57 47.03
N TYR D 478 75.11 19.58 47.87
CA TYR D 478 76.14 20.26 48.65
C TYR D 478 77.31 19.39 49.13
N ASP D 479 78.52 19.93 49.02
CA ASP D 479 79.75 19.25 49.44
C ASP D 479 80.42 19.94 50.63
N HIS D 480 80.80 19.16 51.63
CA HIS D 480 81.42 19.68 52.85
C HIS D 480 82.83 20.26 52.67
N ASP D 481 83.67 19.57 51.90
CA ASP D 481 85.04 20.01 51.68
C ASP D 481 85.15 21.47 51.23
N VAL D 482 84.27 21.87 50.33
CA VAL D 482 84.26 23.23 49.79
C VAL D 482 84.43 24.30 50.87
N TYR D 483 83.58 24.25 51.89
CA TYR D 483 83.61 25.23 52.98
C TYR D 483 84.31 24.70 54.23
N ARG D 484 84.80 23.47 54.15
CA ARG D 484 85.47 22.84 55.30
C ARG D 484 86.49 23.75 55.97
N ASP D 485 87.53 24.13 55.23
CA ASP D 485 88.57 24.99 55.75
C ASP D 485 88.00 26.27 56.38
N GLU D 486 87.17 26.97 55.62
CA GLU D 486 86.56 28.20 56.07
C GLU D 486 85.81 28.03 57.40
N ALA D 487 84.81 27.15 57.39
CA ALA D 487 84.01 26.89 58.59
C ALA D 487 84.87 26.52 59.79
N LEU D 488 85.72 25.51 59.62
CA LEU D 488 86.60 25.05 60.69
C LEU D 488 87.26 26.18 61.48
N ASN D 489 87.58 27.27 60.80
CA ASN D 489 88.22 28.41 61.44
C ASN D 489 87.29 29.15 62.40
N ASN D 490 86.15 29.59 61.89
CA ASN D 490 85.18 30.33 62.70
C ASN D 490 84.73 29.54 63.92
N ARG D 491 84.85 28.21 63.87
CA ARG D 491 84.44 27.35 64.96
C ARG D 491 85.38 27.40 66.15
N PHE D 492 86.63 27.01 65.92
CA PHE D 492 87.64 26.96 66.97
C PHE D 492 88.46 28.25 67.10
N GLN D 493 87.99 29.32 66.48
CA GLN D 493 88.67 30.61 66.56
C GLN D 493 87.68 31.77 66.48
N SER E 1 89.32 19.27 86.92
CA SER E 1 89.18 20.23 85.78
C SER E 1 88.06 19.78 84.85
N THR E 2 87.44 18.65 85.18
CA THR E 2 86.36 18.10 84.38
C THR E 2 85.32 17.46 85.31
N ALA E 3 84.08 17.39 84.83
CA ALA E 3 83.00 16.80 85.62
C ALA E 3 82.19 15.84 84.75
N THR E 4 81.67 14.78 85.38
CA THR E 4 80.88 13.80 84.65
C THR E 4 79.42 13.86 85.07
N LEU E 5 78.54 14.03 84.10
CA LEU E 5 77.11 14.08 84.36
C LEU E 5 76.47 12.87 83.67
N CYS E 6 75.56 12.20 84.36
CA CYS E 6 74.92 11.03 83.79
C CYS E 6 73.42 11.05 84.03
N LEU E 7 72.70 10.27 83.23
CA LEU E 7 71.26 10.16 83.35
C LEU E 7 70.94 8.71 83.65
N GLY E 8 69.74 8.45 84.15
CA GLY E 8 69.36 7.09 84.47
C GLY E 8 67.94 6.94 84.97
N HIS E 9 67.57 5.71 85.29
CA HIS E 9 66.23 5.42 85.77
C HIS E 9 66.26 4.59 87.05
N HIS E 10 65.09 4.31 87.60
CA HIS E 10 64.98 3.55 88.84
C HIS E 10 64.96 2.04 88.63
N ALA E 11 64.90 1.30 89.74
CA ALA E 11 64.87 -0.16 89.69
C ALA E 11 64.25 -0.71 90.98
N VAL E 12 63.79 -1.95 90.93
CA VAL E 12 63.18 -2.59 92.08
C VAL E 12 63.84 -3.95 92.37
N PRO E 13 63.76 -4.40 93.63
CA PRO E 13 64.35 -5.69 94.03
C PRO E 13 63.98 -6.84 93.10
N ASN E 14 62.69 -7.16 93.05
CA ASN E 14 62.21 -8.24 92.19
C ASN E 14 60.99 -7.78 91.39
N GLY E 15 61.19 -7.56 90.10
CA GLY E 15 60.11 -7.12 89.25
C GLY E 15 59.18 -8.25 88.83
N THR E 16 58.28 -7.95 87.88
CA THR E 16 57.34 -8.95 87.39
C THR E 16 57.47 -9.08 85.88
N LEU E 17 57.20 -10.28 85.38
CA LEU E 17 57.28 -10.55 83.94
C LEU E 17 55.98 -10.18 83.24
N VAL E 18 56.10 -9.81 81.95
CA VAL E 18 54.94 -9.43 81.16
C VAL E 18 55.08 -9.94 79.72
N LYS E 19 53.95 -10.22 79.09
CA LYS E 19 53.96 -10.70 77.71
C LYS E 19 53.88 -9.54 76.72
N THR E 20 54.94 -9.37 75.94
CA THR E 20 54.99 -8.30 74.95
C THR E 20 55.21 -8.88 73.56
N ILE E 21 54.97 -8.06 72.54
CA ILE E 21 55.14 -8.49 71.16
C ILE E 21 56.59 -8.88 70.87
N THR E 22 57.48 -7.90 70.90
CA THR E 22 58.90 -8.12 70.61
C THR E 22 59.54 -9.23 71.44
N ASP E 23 59.57 -9.06 72.76
CA ASP E 23 60.15 -10.08 73.64
C ASP E 23 59.04 -10.99 74.13
N ASP E 24 59.30 -12.30 74.11
CA ASP E 24 58.31 -13.28 74.54
C ASP E 24 58.08 -13.21 76.05
N GLN E 25 59.06 -12.68 76.78
CA GLN E 25 58.95 -12.56 78.23
C GLN E 25 59.97 -11.54 78.73
N ILE E 26 59.50 -10.53 79.46
CA ILE E 26 60.39 -9.51 79.98
C ILE E 26 59.92 -9.00 81.35
N GLU E 27 60.87 -8.53 82.16
CA GLU E 27 60.57 -8.03 83.50
C GLU E 27 60.42 -6.51 83.57
N VAL E 28 59.47 -6.06 84.37
CA VAL E 28 59.22 -4.62 84.55
C VAL E 28 59.38 -4.26 86.02
N THR E 29 59.06 -3.02 86.37
CA THR E 29 59.18 -2.57 87.76
C THR E 29 57.84 -2.61 88.47
N ASN E 30 56.78 -2.91 87.73
CA ASN E 30 55.45 -2.96 88.31
C ASN E 30 54.45 -3.62 87.35
N ALA E 31 53.52 -4.38 87.91
CA ALA E 31 52.50 -5.06 87.11
C ALA E 31 51.14 -4.98 87.79
N THR E 32 50.14 -5.63 87.20
CA THR E 32 48.79 -5.63 87.76
C THR E 32 47.93 -6.67 87.06
N GLU E 33 47.11 -7.37 87.83
CA GLU E 33 46.23 -8.39 87.28
C GLU E 33 44.99 -7.77 86.64
N LEU E 34 44.69 -8.18 85.42
CA LEU E 34 43.54 -7.67 84.69
C LEU E 34 42.43 -8.71 84.59
N VAL E 35 42.56 -9.79 85.34
CA VAL E 35 41.56 -10.85 85.32
C VAL E 35 41.15 -11.23 86.74
N GLN E 36 39.91 -10.88 87.11
CA GLN E 36 39.40 -11.18 88.43
C GLN E 36 39.25 -12.70 88.58
N SER E 37 40.02 -13.27 89.51
CA SER E 37 39.98 -14.71 89.74
C SER E 37 39.39 -15.09 91.09
N SER E 38 39.49 -14.20 92.06
CA SER E 38 38.96 -14.46 93.40
C SER E 38 37.46 -14.15 93.47
N SER E 39 36.83 -14.58 94.55
CA SER E 39 35.40 -14.36 94.75
C SER E 39 35.03 -14.48 96.23
N THR E 40 34.27 -13.51 96.71
CA THR E 40 33.84 -13.51 98.11
C THR E 40 33.03 -14.78 98.41
N GLY E 41 32.26 -15.22 97.42
CA GLY E 41 31.46 -16.42 97.59
C GLY E 41 30.07 -16.11 98.11
N LYS E 42 29.77 -14.83 98.27
CA LYS E 42 28.46 -14.41 98.77
C LYS E 42 27.82 -13.40 97.82
N ILE E 43 26.50 -13.47 97.68
CA ILE E 43 25.75 -12.57 96.81
C ILE E 43 25.38 -11.29 97.55
N CYS E 44 25.88 -10.16 97.08
CA CYS E 44 25.60 -8.88 97.72
C CYS E 44 24.20 -8.40 97.29
N ASN E 45 23.30 -8.34 98.27
CA ASN E 45 21.91 -7.93 98.03
C ASN E 45 21.75 -6.56 97.38
N ASN E 46 22.77 -5.72 97.47
CA ASN E 46 22.70 -4.39 96.87
C ASN E 46 23.73 -4.20 95.76
N PRO E 47 23.44 -3.29 94.81
CA PRO E 47 22.23 -2.47 94.75
C PRO E 47 21.02 -3.26 94.25
N HIS E 48 21.26 -4.15 93.30
CA HIS E 48 20.22 -4.98 92.70
C HIS E 48 19.42 -5.73 93.74
N ARG E 49 18.12 -5.47 93.79
CA ARG E 49 17.26 -6.15 94.75
C ARG E 49 17.31 -7.64 94.42
N ILE E 50 17.80 -8.44 95.36
CA ILE E 50 17.92 -9.87 95.15
C ILE E 50 16.86 -10.65 95.94
N LEU E 51 16.17 -11.56 95.25
CA LEU E 51 15.15 -12.38 95.87
C LEU E 51 15.60 -13.83 95.97
N ASP E 52 15.50 -14.40 97.16
CA ASP E 52 15.90 -15.79 97.37
C ASP E 52 14.67 -16.68 97.35
N GLY E 53 14.49 -17.42 96.26
CA GLY E 53 13.36 -18.31 96.15
C GLY E 53 13.53 -19.56 96.99
N ILE E 54 14.64 -19.61 97.73
CA ILE E 54 14.97 -20.76 98.57
C ILE E 54 14.50 -22.05 97.91
N ASP E 55 13.95 -22.96 98.69
CA ASP E 55 13.45 -24.22 98.15
C ASP E 55 12.18 -24.00 97.32
N CYS E 56 12.30 -23.17 96.27
CA CYS E 56 11.19 -22.87 95.37
C CYS E 56 11.70 -22.40 94.02
N THR E 57 11.03 -22.85 92.96
CA THR E 57 11.41 -22.48 91.61
C THR E 57 10.51 -21.32 91.19
N LEU E 58 11.04 -20.41 90.37
CA LEU E 58 10.27 -19.27 89.92
C LEU E 58 8.92 -19.70 89.34
N ILE E 59 8.88 -20.93 88.82
CA ILE E 59 7.65 -21.48 88.25
C ILE E 59 6.70 -21.94 89.35
N ASP E 60 7.23 -22.68 90.33
CA ASP E 60 6.40 -23.16 91.43
C ASP E 60 5.83 -21.98 92.19
N ALA E 61 6.52 -20.84 92.10
CA ALA E 61 6.08 -19.63 92.77
C ALA E 61 4.95 -19.02 91.95
N LEU E 62 5.15 -18.96 90.63
CA LEU E 62 4.16 -18.42 89.72
C LEU E 62 2.87 -19.22 89.87
N LEU E 63 2.94 -20.50 89.52
CA LEU E 63 1.79 -21.41 89.61
C LEU E 63 1.08 -21.20 90.94
N GLY E 64 1.86 -21.09 92.01
CA GLY E 64 1.30 -20.89 93.33
C GLY E 64 1.28 -22.16 94.16
N ASP E 65 2.46 -22.74 94.35
CA ASP E 65 2.60 -23.97 95.12
C ASP E 65 2.48 -23.61 96.61
N PRO E 66 1.77 -24.45 97.39
CA PRO E 66 1.58 -24.24 98.83
C PRO E 66 2.79 -23.71 99.59
N HIS E 67 3.93 -24.39 99.44
CA HIS E 67 5.14 -23.99 100.14
C HIS E 67 5.81 -22.75 99.55
N CYS E 68 5.33 -22.30 98.40
CA CYS E 68 5.92 -21.12 97.77
C CYS E 68 4.94 -19.94 97.72
N ASP E 69 3.76 -20.12 98.31
CA ASP E 69 2.76 -19.06 98.34
C ASP E 69 3.33 -17.77 98.92
N VAL E 70 4.32 -17.91 99.80
CA VAL E 70 4.95 -16.76 100.43
C VAL E 70 5.54 -15.82 99.39
N PHE E 71 5.80 -16.33 98.19
CA PHE E 71 6.36 -15.52 97.11
C PHE E 71 5.30 -14.83 96.26
N GLN E 72 4.03 -15.10 96.53
CA GLN E 72 2.95 -14.48 95.76
C GLN E 72 3.06 -12.95 95.80
N ASN E 73 2.69 -12.32 94.69
CA ASN E 73 2.73 -10.87 94.58
C ASN E 73 4.13 -10.33 94.88
N GLU E 74 5.15 -11.11 94.51
CA GLU E 74 6.54 -10.71 94.73
C GLU E 74 7.19 -10.08 93.51
N THR E 75 8.01 -9.07 93.75
CA THR E 75 8.73 -8.37 92.70
C THR E 75 10.20 -8.68 92.94
N TRP E 76 11.07 -8.33 91.99
CA TRP E 76 12.49 -8.60 92.15
C TRP E 76 13.34 -8.05 91.02
N ASP E 77 14.65 -8.04 91.24
CA ASP E 77 15.62 -7.57 90.26
C ASP E 77 16.31 -8.79 89.64
N LEU E 78 16.72 -9.71 90.52
CA LEU E 78 17.38 -10.94 90.10
C LEU E 78 16.92 -12.11 90.96
N PHE E 79 15.97 -12.89 90.43
CA PHE E 79 15.45 -14.04 91.14
C PHE E 79 16.48 -15.16 91.19
N VAL E 80 16.99 -15.43 92.39
CA VAL E 80 17.98 -16.48 92.58
C VAL E 80 17.25 -17.80 92.83
N GLU E 81 17.60 -18.82 92.04
CA GLU E 81 16.97 -20.13 92.17
C GLU E 81 17.93 -21.13 92.81
N ARG E 82 17.57 -21.60 93.99
CA ARG E 82 18.40 -22.55 94.73
C ARG E 82 18.26 -23.98 94.20
N SER E 83 19.26 -24.81 94.47
CA SER E 83 19.25 -26.20 94.03
C SER E 83 18.41 -27.03 94.98
N LYS E 84 18.42 -26.63 96.25
CA LYS E 84 17.65 -27.33 97.29
C LYS E 84 16.17 -27.26 96.93
N ALA E 85 15.85 -26.41 95.96
CA ALA E 85 14.47 -26.22 95.52
C ALA E 85 13.77 -27.53 95.19
N PHE E 86 12.44 -27.46 95.11
CA PHE E 86 11.62 -28.63 94.80
C PHE E 86 10.15 -28.22 94.76
N SER E 87 9.32 -29.06 94.17
CA SER E 87 7.89 -28.78 94.06
C SER E 87 7.10 -29.83 94.84
N ASN E 88 5.98 -29.43 95.41
CA ASN E 88 5.16 -30.36 96.19
C ASN E 88 3.66 -30.15 95.93
N CYS E 89 3.29 -30.03 94.66
CA CYS E 89 1.89 -29.84 94.28
C CYS E 89 1.55 -30.82 93.17
N TYR E 90 0.36 -30.73 92.61
CA TYR E 90 -0.07 -31.64 91.55
C TYR E 90 0.97 -31.70 90.42
N PRO E 91 1.34 -32.92 90.00
CA PRO E 91 2.33 -33.10 88.92
C PRO E 91 2.00 -32.33 87.65
N TYR E 92 2.95 -31.51 87.20
CA TYR E 92 2.75 -30.71 86.00
C TYR E 92 3.96 -30.77 85.07
N ASP E 93 3.76 -30.33 83.83
CA ASP E 93 4.82 -30.31 82.83
C ASP E 93 4.57 -29.10 81.93
N VAL E 94 5.51 -28.17 81.92
CA VAL E 94 5.37 -26.96 81.12
C VAL E 94 6.06 -27.06 79.77
N PRO E 95 5.30 -27.21 78.68
CA PRO E 95 5.88 -27.31 77.35
C PRO E 95 6.70 -26.06 77.07
N ASP E 96 7.93 -26.24 76.56
CA ASP E 96 8.80 -25.12 76.26
C ASP E 96 9.03 -24.36 77.58
N TYR E 97 9.00 -25.13 78.67
CA TYR E 97 9.20 -24.61 80.02
C TYR E 97 10.20 -23.48 80.11
N ALA E 98 11.45 -23.77 79.75
CA ALA E 98 12.53 -22.79 79.79
C ALA E 98 12.10 -21.40 79.34
N SER E 99 11.47 -21.32 78.16
CA SER E 99 11.03 -20.04 77.62
C SER E 99 10.17 -19.30 78.63
N LEU E 100 9.06 -19.92 79.04
CA LEU E 100 8.16 -19.30 80.01
C LEU E 100 8.93 -18.77 81.21
N ARG E 101 9.74 -19.64 81.82
CA ARG E 101 10.54 -19.25 82.97
C ARG E 101 11.38 -18.02 82.67
N SER E 102 12.00 -18.02 81.48
CA SER E 102 12.83 -16.91 81.04
C SER E 102 12.06 -15.59 80.99
N LEU E 103 10.93 -15.59 80.30
CA LEU E 103 10.11 -14.39 80.16
C LEU E 103 9.64 -13.88 81.51
N VAL E 104 9.24 -14.79 82.39
CA VAL E 104 8.78 -14.43 83.73
C VAL E 104 9.86 -13.67 84.46
N ALA E 105 11.08 -14.21 84.46
CA ALA E 105 12.21 -13.58 85.12
C ALA E 105 12.46 -12.20 84.52
N SER E 106 12.20 -12.06 83.23
CA SER E 106 12.39 -10.80 82.54
C SER E 106 11.46 -9.73 83.10
N SER E 107 10.23 -10.13 83.41
CA SER E 107 9.25 -9.20 83.95
C SER E 107 9.71 -8.73 85.33
N GLY E 108 10.11 -9.68 86.17
CA GLY E 108 10.58 -9.34 87.50
C GLY E 108 9.49 -9.10 88.52
N THR E 109 8.36 -9.79 88.36
CA THR E 109 7.25 -9.63 89.30
C THR E 109 6.16 -10.67 89.11
N LEU E 110 5.78 -11.33 90.20
CA LEU E 110 4.73 -12.33 90.17
C LEU E 110 3.42 -11.70 90.60
N GLU E 111 3.35 -10.38 90.44
CA GLU E 111 2.16 -9.62 90.80
C GLU E 111 0.93 -10.19 90.12
N PHE E 112 0.04 -10.79 90.90
CA PHE E 112 -1.16 -11.39 90.36
C PHE E 112 -2.36 -10.46 90.57
N ILE E 113 -3.23 -10.41 89.57
CA ILE E 113 -4.41 -9.56 89.63
C ILE E 113 -5.65 -10.39 89.31
N THR E 114 -6.28 -10.93 90.35
CA THR E 114 -7.47 -11.76 90.20
C THR E 114 -8.58 -11.05 89.44
N GLU E 115 -9.10 -11.71 88.41
CA GLU E 115 -10.19 -11.17 87.61
C GLU E 115 -11.48 -11.92 87.91
N GLY E 116 -12.61 -11.23 87.83
CA GLY E 116 -13.88 -11.86 88.12
C GLY E 116 -14.42 -12.78 87.04
N PHE E 117 -13.87 -13.98 86.95
CA PHE E 117 -14.32 -14.95 85.96
C PHE E 117 -15.60 -15.61 86.44
N THR E 118 -16.52 -15.88 85.51
CA THR E 118 -17.78 -16.51 85.83
C THR E 118 -18.01 -17.80 85.05
N TRP E 119 -17.81 -18.93 85.72
CA TRP E 119 -17.99 -20.23 85.12
C TRP E 119 -19.37 -20.75 85.51
N THR E 120 -20.26 -20.86 84.53
CA THR E 120 -21.62 -21.31 84.78
C THR E 120 -21.82 -22.81 84.61
N GLY E 121 -22.74 -23.37 85.40
CA GLY E 121 -23.02 -24.80 85.32
C GLY E 121 -21.85 -25.72 85.56
N VAL E 122 -20.90 -25.30 86.39
CA VAL E 122 -19.73 -26.13 86.67
C VAL E 122 -19.12 -25.80 88.03
N THR E 123 -18.66 -26.82 88.73
CA THR E 123 -18.04 -26.64 90.05
C THR E 123 -16.70 -25.94 89.92
N GLN E 124 -16.28 -25.28 90.99
CA GLN E 124 -15.01 -24.55 91.00
C GLN E 124 -14.16 -24.87 92.23
N ASN E 125 -12.94 -24.37 92.23
CA ASN E 125 -12.01 -24.56 93.34
C ASN E 125 -11.77 -26.04 93.67
N GLY E 126 -11.38 -26.81 92.66
CA GLY E 126 -11.12 -28.23 92.88
C GLY E 126 -9.80 -28.43 93.59
N GLY E 127 -9.70 -29.49 94.39
CA GLY E 127 -8.47 -29.76 95.11
C GLY E 127 -8.13 -31.23 95.18
N SER E 128 -6.90 -31.53 95.60
CA SER E 128 -6.44 -32.91 95.73
C SER E 128 -5.41 -33.04 96.86
N ASN E 129 -5.08 -34.27 97.20
CA ASN E 129 -4.12 -34.55 98.27
C ASN E 129 -2.70 -34.17 97.88
N ALA E 130 -2.32 -34.46 96.65
CA ALA E 130 -0.98 -34.16 96.14
C ALA E 130 -0.54 -32.75 96.47
N CYS E 131 -1.51 -31.82 96.47
CA CYS E 131 -1.22 -30.42 96.75
C CYS E 131 -2.03 -29.97 97.97
N LYS E 132 -1.55 -30.32 99.16
CA LYS E 132 -2.24 -29.95 100.39
C LYS E 132 -1.78 -28.64 100.99
N ARG E 133 -2.69 -27.67 101.09
CA ARG E 133 -2.39 -26.38 101.66
C ARG E 133 -2.83 -26.42 103.12
N GLY E 134 -1.94 -26.88 103.98
CA GLY E 134 -2.25 -27.00 105.40
C GLY E 134 -2.74 -28.41 105.68
N PRO E 135 -3.64 -28.60 106.65
CA PRO E 135 -4.14 -29.95 106.94
C PRO E 135 -5.04 -30.48 105.83
N GLY E 136 -5.99 -29.66 105.41
CA GLY E 136 -6.89 -30.05 104.34
C GLY E 136 -6.25 -29.92 102.98
N SER E 137 -6.68 -30.75 102.04
CA SER E 137 -6.16 -30.73 100.67
C SER E 137 -6.28 -29.34 100.05
N GLY E 138 -5.65 -29.16 98.89
CA GLY E 138 -5.70 -27.89 98.21
C GLY E 138 -5.34 -27.98 96.74
N PHE E 139 -4.92 -26.85 96.17
CA PHE E 139 -4.55 -26.80 94.75
C PHE E 139 -3.70 -25.56 94.51
N PHE E 140 -3.42 -25.25 93.25
CA PHE E 140 -2.61 -24.08 92.90
C PHE E 140 -3.35 -22.79 93.25
N SER E 141 -2.59 -21.78 93.69
CA SER E 141 -3.16 -20.50 94.09
C SER E 141 -3.68 -19.64 92.94
N ARG E 142 -2.85 -19.41 91.93
CA ARG E 142 -3.26 -18.60 90.78
C ARG E 142 -4.04 -19.44 89.78
N LEU E 143 -4.33 -20.69 90.17
CA LEU E 143 -5.06 -21.61 89.32
C LEU E 143 -6.36 -22.05 89.97
N ASN E 144 -7.25 -22.60 89.14
CA ASN E 144 -8.55 -23.07 89.61
C ASN E 144 -8.93 -24.36 88.88
N TRP E 145 -9.27 -25.39 89.64
CA TRP E 145 -9.67 -26.67 89.05
C TRP E 145 -11.15 -26.62 88.73
N VAL E 146 -11.50 -26.88 87.47
CA VAL E 146 -12.89 -26.87 87.05
C VAL E 146 -13.45 -28.28 86.94
N THR E 147 -14.22 -28.69 87.94
CA THR E 147 -14.83 -30.01 87.96
C THR E 147 -16.31 -29.93 87.59
N LYS E 148 -16.80 -30.97 86.93
CA LYS E 148 -18.20 -31.00 86.50
C LYS E 148 -19.16 -30.73 87.65
N SER E 149 -20.28 -30.09 87.33
CA SER E 149 -21.31 -29.76 88.32
C SER E 149 -22.50 -30.68 88.13
N GLY E 150 -22.91 -31.36 89.21
CA GLY E 150 -24.04 -32.25 89.12
C GLY E 150 -23.75 -33.40 88.18
N SER E 151 -24.58 -33.55 87.15
CA SER E 151 -24.39 -34.63 86.18
C SER E 151 -23.98 -34.12 84.80
N THR E 152 -23.58 -32.86 84.71
CA THR E 152 -23.20 -32.29 83.42
C THR E 152 -22.06 -31.28 83.44
N TYR E 153 -21.32 -31.23 82.33
CA TYR E 153 -20.20 -30.31 82.16
C TYR E 153 -20.49 -29.52 80.89
N PRO E 154 -21.31 -28.46 81.01
CA PRO E 154 -21.65 -27.64 79.85
C PRO E 154 -20.40 -27.05 79.22
N VAL E 155 -20.35 -27.00 77.90
CA VAL E 155 -19.20 -26.43 77.22
C VAL E 155 -19.02 -25.02 77.76
N LEU E 156 -18.01 -24.83 78.61
CA LEU E 156 -17.76 -23.51 79.17
C LEU E 156 -17.23 -22.57 78.12
N ASN E 157 -17.78 -21.35 78.09
CA ASN E 157 -17.36 -20.34 77.13
C ASN E 157 -17.50 -18.96 77.76
N VAL E 158 -16.36 -18.33 78.03
CA VAL E 158 -16.34 -17.01 78.62
C VAL E 158 -15.41 -16.09 77.84
N THR E 159 -15.25 -14.86 78.33
CA THR E 159 -14.39 -13.89 77.66
C THR E 159 -13.86 -12.88 78.67
N MET E 160 -12.77 -12.21 78.29
CA MET E 160 -12.16 -11.21 79.16
C MET E 160 -11.36 -10.21 78.33
N PRO E 161 -11.81 -8.94 78.30
CA PRO E 161 -11.16 -7.86 77.55
C PRO E 161 -9.98 -7.26 78.30
N ASN E 162 -9.01 -6.75 77.54
CA ASN E 162 -7.83 -6.13 78.13
C ASN E 162 -7.90 -4.62 77.97
N ASN E 163 -8.79 -3.99 78.74
CA ASN E 163 -8.97 -2.54 78.70
C ASN E 163 -7.66 -1.87 79.09
N ASP E 164 -7.01 -2.41 80.12
CA ASP E 164 -5.75 -1.88 80.62
C ASP E 164 -4.74 -1.73 79.49
N ASN E 165 -3.84 -0.75 79.62
CA ASN E 165 -2.83 -0.48 78.61
C ASN E 165 -1.56 -1.33 78.72
N PHE E 166 -1.51 -2.23 79.68
CA PHE E 166 -0.34 -3.08 79.86
C PHE E 166 -0.64 -4.52 79.47
N ASP E 167 0.38 -5.22 78.97
CA ASP E 167 0.23 -6.61 78.54
C ASP E 167 -0.17 -7.53 79.69
N LYS E 168 -1.16 -8.38 79.43
CA LYS E 168 -1.64 -9.32 80.44
C LYS E 168 -1.10 -10.72 80.17
N LEU E 169 -0.78 -11.43 81.25
CA LEU E 169 -0.25 -12.79 81.13
C LEU E 169 -1.12 -13.79 81.89
N TYR E 170 -1.93 -14.53 81.16
CA TYR E 170 -2.80 -15.53 81.76
C TYR E 170 -2.16 -16.91 81.71
N ILE E 171 -2.03 -17.53 82.88
CA ILE E 171 -1.43 -18.85 82.97
C ILE E 171 -2.51 -19.90 83.22
N TRP E 172 -2.71 -20.78 82.23
CA TRP E 172 -3.72 -21.83 82.34
C TRP E 172 -3.10 -23.20 82.16
N GLY E 173 -3.94 -24.22 82.03
CA GLY E 173 -3.45 -25.56 81.86
C GLY E 173 -4.53 -26.56 81.50
N VAL E 174 -4.12 -27.77 81.12
CA VAL E 174 -5.04 -28.84 80.76
C VAL E 174 -4.72 -30.06 81.59
N HIS E 175 -5.75 -30.82 81.96
CA HIS E 175 -5.56 -32.02 82.77
C HIS E 175 -5.52 -33.28 81.90
N HIS E 176 -4.61 -34.19 82.24
CA HIS E 176 -4.46 -35.44 81.51
C HIS E 176 -4.89 -36.63 82.37
N PRO E 177 -6.18 -36.99 82.32
CA PRO E 177 -6.73 -38.11 83.08
C PRO E 177 -5.90 -39.38 82.91
N SER E 178 -5.72 -40.11 84.00
CA SER E 178 -4.95 -41.35 83.98
C SER E 178 -5.83 -42.51 83.53
N THR E 179 -7.14 -42.35 83.67
CA THR E 179 -8.09 -43.40 83.29
C THR E 179 -9.33 -42.80 82.65
N ASN E 180 -10.09 -43.63 81.94
CA ASN E 180 -11.31 -43.18 81.28
C ASN E 180 -12.39 -42.85 82.31
N GLN E 181 -12.53 -43.69 83.33
CA GLN E 181 -13.51 -43.46 84.38
C GLN E 181 -13.24 -42.13 85.08
N GLU E 182 -11.96 -41.84 85.30
CA GLU E 182 -11.57 -40.59 85.94
C GLU E 182 -11.99 -39.42 85.05
N GLN E 183 -11.80 -39.62 83.75
CA GLN E 183 -12.15 -38.62 82.74
C GLN E 183 -13.66 -38.40 82.69
N THR E 184 -14.39 -39.46 82.40
CA THR E 184 -15.85 -39.38 82.30
C THR E 184 -16.50 -38.97 83.62
N SER E 185 -15.80 -39.22 84.73
CA SER E 185 -16.32 -38.87 86.05
C SER E 185 -16.07 -37.41 86.39
N LEU E 186 -14.80 -37.01 86.30
CA LEU E 186 -14.41 -35.64 86.61
C LEU E 186 -14.77 -34.64 85.50
N TYR E 187 -14.99 -35.13 84.29
CA TYR E 187 -15.29 -34.26 83.16
C TYR E 187 -16.50 -34.64 82.32
N VAL E 188 -17.29 -35.60 82.78
CA VAL E 188 -18.46 -36.02 82.04
C VAL E 188 -18.02 -36.61 80.70
N GLN E 189 -18.41 -35.98 79.59
CA GLN E 189 -18.03 -36.48 78.27
C GLN E 189 -16.56 -36.94 78.30
N ALA E 190 -16.32 -38.15 77.84
CA ALA E 190 -14.97 -38.73 77.83
C ALA E 190 -13.92 -37.98 77.03
N SER E 191 -14.34 -37.12 76.11
CA SER E 191 -13.38 -36.38 75.30
C SER E 191 -13.30 -34.90 75.68
N GLY E 192 -12.28 -34.56 76.46
CA GLY E 192 -12.09 -33.18 76.88
C GLY E 192 -11.48 -32.35 75.78
N ARG E 193 -11.41 -31.04 75.98
CA ARG E 193 -10.85 -30.13 74.98
C ARG E 193 -10.77 -28.70 75.49
N VAL E 194 -9.60 -28.09 75.34
CA VAL E 194 -9.39 -26.70 75.76
C VAL E 194 -9.06 -25.87 74.53
N THR E 195 -9.62 -24.66 74.46
CA THR E 195 -9.38 -23.79 73.32
C THR E 195 -9.22 -22.32 73.69
N VAL E 196 -8.07 -21.97 74.26
CA VAL E 196 -7.80 -20.59 74.63
C VAL E 196 -7.43 -19.86 73.34
N SER E 197 -7.89 -18.63 73.20
CA SER E 197 -7.61 -17.86 72.00
C SER E 197 -7.75 -16.36 72.19
N THR E 198 -6.94 -15.61 71.45
CA THR E 198 -6.96 -14.17 71.50
C THR E 198 -7.26 -13.65 70.11
N ARG E 199 -7.44 -12.34 69.98
CA ARG E 199 -7.75 -11.74 68.70
C ARG E 199 -6.56 -11.87 67.73
N ARG E 200 -5.41 -12.28 68.27
CA ARG E 200 -4.21 -12.45 67.47
C ARG E 200 -3.89 -13.92 67.19
N SER E 201 -3.60 -14.67 68.25
CA SER E 201 -3.27 -16.08 68.11
C SER E 201 -4.39 -17.00 68.58
N GLN E 202 -4.19 -18.31 68.42
CA GLN E 202 -5.15 -19.32 68.82
C GLN E 202 -4.42 -20.56 69.31
N GLN E 203 -4.89 -21.12 70.42
CA GLN E 203 -4.27 -22.32 70.99
C GLN E 203 -5.33 -23.32 71.43
N THR E 204 -5.20 -24.56 70.97
CA THR E 204 -6.15 -25.60 71.34
C THR E 204 -5.41 -26.88 71.76
N ILE E 205 -5.74 -27.38 72.94
CA ILE E 205 -5.10 -28.59 73.45
C ILE E 205 -6.13 -29.69 73.68
N ILE E 206 -5.68 -30.94 73.55
CA ILE E 206 -6.55 -32.09 73.76
C ILE E 206 -5.98 -32.99 74.86
N PRO E 207 -6.81 -33.35 75.84
CA PRO E 207 -6.36 -34.20 76.94
C PRO E 207 -5.89 -35.58 76.46
N ASN E 208 -4.85 -36.10 77.10
CA ASN E 208 -4.30 -37.40 76.72
C ASN E 208 -4.47 -38.41 77.84
N ILE E 209 -5.58 -39.14 77.81
CA ILE E 209 -5.87 -40.15 78.82
C ILE E 209 -4.86 -41.29 78.74
N GLY E 210 -4.37 -41.72 79.90
CA GLY E 210 -3.41 -42.81 79.93
C GLY E 210 -2.63 -42.82 81.23
N SER E 211 -2.20 -43.99 81.66
CA SER E 211 -1.44 -44.13 82.90
C SER E 211 0.00 -43.71 82.66
N ARG E 212 0.58 -43.04 83.65
CA ARG E 212 1.96 -42.56 83.55
C ARG E 212 2.69 -42.65 84.90
N PRO E 213 4.02 -42.46 84.90
CA PRO E 213 4.81 -42.52 86.13
C PRO E 213 4.12 -41.92 87.34
N TRP E 214 4.00 -42.72 88.40
CA TRP E 214 3.36 -42.27 89.63
C TRP E 214 4.20 -41.23 90.35
N VAL E 215 3.54 -40.15 90.76
CA VAL E 215 4.21 -39.07 91.48
C VAL E 215 3.31 -38.50 92.56
N ARG E 216 3.86 -38.30 93.75
CA ARG E 216 3.11 -37.76 94.88
C ARG E 216 1.76 -38.44 95.05
N GLY E 217 1.65 -39.68 94.58
CA GLY E 217 0.42 -40.42 94.71
C GLY E 217 -0.57 -40.22 93.57
N LEU E 218 -0.08 -39.82 92.40
CA LEU E 218 -0.95 -39.59 91.25
C LEU E 218 -0.35 -40.05 89.93
N SER E 219 -1.17 -40.70 89.13
CA SER E 219 -0.75 -41.21 87.83
C SER E 219 -1.28 -40.28 86.74
N SER E 220 -1.65 -39.07 87.14
CA SER E 220 -2.18 -38.07 86.21
C SER E 220 -1.24 -36.88 86.13
N ARG E 221 -1.49 -35.98 85.17
CA ARG E 221 -0.66 -34.79 85.00
C ARG E 221 -1.48 -33.57 84.59
N ILE E 222 -0.81 -32.42 84.56
CA ILE E 222 -1.44 -31.15 84.19
C ILE E 222 -0.48 -30.36 83.30
N SER E 223 -0.86 -30.17 82.04
CA SER E 223 -0.03 -29.42 81.10
C SER E 223 -0.24 -27.92 81.26
N ILE E 224 0.83 -27.20 81.49
CA ILE E 224 0.76 -25.75 81.67
C ILE E 224 0.96 -25.00 80.35
N TYR E 225 0.09 -24.03 80.10
CA TYR E 225 0.16 -23.23 78.88
C TYR E 225 -0.11 -21.77 79.23
N TRP E 226 0.68 -20.87 78.65
CA TRP E 226 0.54 -19.45 78.90
C TRP E 226 0.11 -18.70 77.64
N THR E 227 -0.70 -17.66 77.82
CA THR E 227 -1.18 -16.87 76.69
C THR E 227 -1.16 -15.39 77.03
N ILE E 228 -0.28 -14.64 76.37
CA ILE E 228 -0.16 -13.20 76.60
C ILE E 228 -1.25 -12.45 75.83
N VAL E 229 -1.84 -11.46 76.49
CA VAL E 229 -2.90 -10.66 75.88
C VAL E 229 -2.48 -9.19 75.80
N LYS E 230 -2.19 -8.71 74.60
CA LYS E 230 -1.78 -7.34 74.40
C LYS E 230 -2.91 -6.34 74.65
N PRO E 231 -2.56 -5.07 74.91
CA PRO E 231 -3.52 -4.00 75.17
C PRO E 231 -4.59 -3.87 74.09
N GLY E 232 -5.83 -3.69 74.52
CA GLY E 232 -6.92 -3.56 73.57
C GLY E 232 -7.47 -4.90 73.10
N ASP E 233 -6.57 -5.87 72.91
CA ASP E 233 -6.95 -7.20 72.47
C ASP E 233 -7.80 -7.86 73.56
N VAL E 234 -8.44 -8.97 73.22
CA VAL E 234 -9.30 -9.68 74.17
C VAL E 234 -8.96 -11.17 74.24
N LEU E 235 -9.26 -11.77 75.39
CA LEU E 235 -9.00 -13.18 75.61
C LEU E 235 -10.31 -13.98 75.60
N VAL E 236 -10.22 -15.24 75.19
CA VAL E 236 -11.39 -16.12 75.12
C VAL E 236 -11.00 -17.55 75.47
N ILE E 237 -11.90 -18.25 76.16
CA ILE E 237 -11.66 -19.63 76.56
C ILE E 237 -12.88 -20.48 76.23
N ASN E 238 -12.71 -21.46 75.33
CA ASN E 238 -13.80 -22.34 74.95
C ASN E 238 -13.40 -23.80 75.14
N SER E 239 -13.52 -24.28 76.38
CA SER E 239 -13.15 -25.65 76.71
C SER E 239 -14.37 -26.54 76.92
N ASN E 240 -14.25 -27.80 76.52
CA ASN E 240 -15.31 -28.77 76.67
C ASN E 240 -15.14 -29.46 78.02
N GLY E 241 -13.92 -29.43 78.53
CA GLY E 241 -13.61 -30.05 79.81
C GLY E 241 -12.12 -30.19 79.99
N ASN E 242 -11.72 -30.79 81.11
CA ASN E 242 -10.30 -30.99 81.41
C ASN E 242 -9.58 -29.65 81.43
N LEU E 243 -10.34 -28.58 81.65
CA LEU E 243 -9.79 -27.23 81.69
C LEU E 243 -9.29 -26.84 83.09
N ILE E 244 -8.25 -26.02 83.11
CA ILE E 244 -7.66 -25.53 84.36
C ILE E 244 -7.58 -24.02 84.24
N ALA E 245 -8.74 -23.37 84.26
CA ALA E 245 -8.83 -21.92 84.14
C ALA E 245 -8.12 -21.18 85.26
N PRO E 246 -7.47 -20.05 84.92
CA PRO E 246 -6.75 -19.22 85.88
C PRO E 246 -7.69 -18.27 86.61
N ARG E 247 -7.25 -17.71 87.72
CA ARG E 247 -8.07 -16.79 88.50
C ARG E 247 -7.83 -15.34 88.07
N GLY E 248 -6.81 -15.14 87.24
CA GLY E 248 -6.49 -13.79 86.78
C GLY E 248 -5.29 -13.76 85.86
N TYR E 249 -4.51 -12.68 85.94
CA TYR E 249 -3.33 -12.52 85.10
C TYR E 249 -2.17 -11.92 85.89
N PHE E 250 -1.06 -11.68 85.19
CA PHE E 250 0.13 -11.09 85.81
C PHE E 250 0.53 -9.84 85.04
N LYS E 251 0.82 -8.77 85.76
CA LYS E 251 1.22 -7.51 85.13
C LYS E 251 2.65 -7.58 84.62
N MET E 252 2.80 -8.03 83.37
CA MET E 252 4.11 -8.15 82.74
C MET E 252 4.79 -6.79 82.60
N ARG E 253 6.06 -6.74 82.97
CA ARG E 253 6.84 -5.49 82.88
C ARG E 253 8.10 -5.72 82.06
N THR E 254 8.67 -4.63 81.55
CA THR E 254 9.89 -4.69 80.77
C THR E 254 11.04 -4.11 81.58
N GLY E 255 11.81 -4.98 82.23
CA GLY E 255 12.92 -4.52 83.04
C GLY E 255 14.18 -5.34 82.97
N LYS E 256 15.19 -4.89 83.71
CA LYS E 256 16.49 -5.55 83.77
C LYS E 256 16.39 -6.87 84.51
N SER E 257 15.19 -7.18 85.00
CA SER E 257 14.95 -8.40 85.75
C SER E 257 15.36 -9.67 85.00
N SER E 258 15.99 -10.59 85.72
CA SER E 258 16.43 -11.85 85.16
C SER E 258 16.60 -12.88 86.28
N ILE E 259 16.92 -14.12 85.89
CA ILE E 259 17.10 -15.19 86.86
C ILE E 259 18.45 -15.88 86.69
N MET E 260 19.08 -16.21 87.81
CA MET E 260 20.38 -16.87 87.80
C MET E 260 20.34 -18.08 88.74
N ARG E 261 20.97 -19.17 88.34
CA ARG E 261 21.00 -20.37 89.18
C ARG E 261 22.23 -20.41 90.07
N SER E 262 22.01 -20.60 91.37
CA SER E 262 23.10 -20.65 92.34
C SER E 262 22.60 -20.88 93.76
N ASP E 263 23.46 -21.43 94.61
CA ASP E 263 23.14 -21.69 96.01
C ASP E 263 23.97 -20.79 96.91
N ALA E 264 24.69 -19.87 96.29
CA ALA E 264 25.56 -18.93 97.00
C ALA E 264 24.86 -18.16 98.11
N PRO E 265 25.53 -17.97 99.26
CA PRO E 265 24.96 -17.24 100.39
C PRO E 265 24.71 -15.78 100.02
N ILE E 266 23.83 -15.12 100.77
CA ILE E 266 23.51 -13.72 100.49
C ILE E 266 23.88 -12.84 101.69
N ASP E 267 25.08 -12.29 101.65
CA ASP E 267 25.55 -11.42 102.73
C ASP E 267 25.22 -9.97 102.39
N THR E 268 24.93 -9.17 103.42
CA THR E 268 24.60 -7.76 103.22
C THR E 268 25.83 -7.00 102.72
N CYS E 269 25.74 -6.48 101.51
CA CYS E 269 26.84 -5.72 100.90
C CYS E 269 26.43 -5.13 99.56
N ILE E 270 27.23 -4.20 99.07
CA ILE E 270 26.98 -3.56 97.79
C ILE E 270 28.02 -4.00 96.77
N SER E 271 27.56 -4.55 95.65
CA SER E 271 28.45 -5.02 94.60
C SER E 271 27.72 -5.05 93.27
N GLU E 272 28.17 -4.20 92.34
CA GLU E 272 27.55 -4.12 91.01
C GLU E 272 27.50 -5.44 90.25
N CYS E 273 28.52 -6.28 90.42
CA CYS E 273 28.52 -7.55 89.70
C CYS E 273 28.09 -8.74 90.56
N ILE E 274 27.36 -9.66 89.93
CA ILE E 274 26.86 -10.86 90.60
C ILE E 274 27.12 -12.09 89.74
N THR E 275 27.65 -13.13 90.36
CA THR E 275 27.94 -14.37 89.65
C THR E 275 27.46 -15.57 90.46
N PRO E 276 27.29 -16.73 89.81
CA PRO E 276 26.83 -17.93 90.51
C PRO E 276 27.79 -18.31 91.64
N ASN E 277 28.95 -17.66 91.67
CA ASN E 277 29.95 -17.92 92.69
C ASN E 277 29.95 -16.82 93.74
N GLY E 278 29.05 -15.85 93.56
CA GLY E 278 28.96 -14.75 94.50
C GLY E 278 29.53 -13.49 93.87
N SER E 279 28.93 -12.35 94.22
CA SER E 279 29.36 -11.05 93.71
C SER E 279 30.88 -10.94 93.66
N ILE E 280 31.39 -10.20 92.67
CA ILE E 280 32.82 -10.00 92.52
C ILE E 280 33.10 -8.56 92.12
N PRO E 281 34.28 -8.03 92.50
CA PRO E 281 34.64 -6.65 92.17
C PRO E 281 34.80 -6.45 90.67
N ASN E 282 34.32 -5.32 90.16
CA ASN E 282 34.41 -5.02 88.74
C ASN E 282 35.43 -3.93 88.44
N ASP E 283 36.57 -4.01 89.12
CA ASP E 283 37.65 -3.05 88.93
C ASP E 283 38.51 -3.44 87.73
N LYS E 284 38.61 -4.75 87.49
CA LYS E 284 39.39 -5.27 86.38
C LYS E 284 38.57 -5.35 85.10
N PRO E 285 39.23 -5.44 83.94
CA PRO E 285 38.54 -5.53 82.65
C PRO E 285 37.89 -6.88 82.38
N PHE E 286 38.56 -7.96 82.77
CA PHE E 286 38.04 -9.30 82.55
C PHE E 286 37.98 -10.09 83.85
N GLN E 287 37.52 -11.33 83.76
CA GLN E 287 37.41 -12.20 84.93
C GLN E 287 37.33 -13.66 84.50
N ASN E 288 37.64 -14.58 85.41
CA ASN E 288 37.61 -16.00 85.10
C ASN E 288 36.77 -16.79 86.11
N VAL E 289 35.88 -16.09 86.82
CA VAL E 289 35.02 -16.72 87.82
C VAL E 289 33.96 -17.61 87.17
N ASN E 290 33.15 -17.02 86.30
CA ASN E 290 32.09 -17.77 85.64
C ASN E 290 31.57 -17.03 84.41
N LYS E 291 31.06 -17.78 83.44
CA LYS E 291 30.54 -17.20 82.21
C LYS E 291 29.21 -16.49 82.42
N ILE E 292 28.43 -16.97 83.39
CA ILE E 292 27.13 -16.37 83.71
C ILE E 292 27.38 -15.15 84.60
N THR E 293 26.89 -13.99 84.17
CA THR E 293 27.09 -12.76 84.93
C THR E 293 25.79 -11.97 85.06
N TYR E 294 25.88 -10.83 85.73
CA TYR E 294 24.72 -9.96 85.91
C TYR E 294 25.19 -8.56 86.33
N GLY E 295 24.61 -7.55 85.70
CA GLY E 295 24.99 -6.18 86.00
C GLY E 295 26.33 -5.86 85.36
N ALA E 296 27.04 -4.90 85.94
CA ALA E 296 28.33 -4.49 85.42
C ALA E 296 29.42 -5.49 85.83
N CYS E 297 29.82 -6.36 84.90
CA CYS E 297 30.85 -7.35 85.18
C CYS E 297 31.93 -7.35 84.09
N PRO E 298 33.14 -7.81 84.44
CA PRO E 298 34.25 -7.86 83.50
C PRO E 298 34.05 -8.99 82.49
N LYS E 299 34.60 -8.83 81.30
CA LYS E 299 34.47 -9.85 80.25
C LYS E 299 35.01 -11.18 80.74
N TYR E 300 34.28 -12.26 80.48
CA TYR E 300 34.72 -13.59 80.91
C TYR E 300 35.67 -14.20 79.90
N VAL E 301 36.97 -13.98 80.09
CA VAL E 301 37.99 -14.53 79.20
C VAL E 301 38.39 -15.91 79.68
N LYS E 302 39.11 -16.65 78.84
CA LYS E 302 39.55 -17.99 79.20
C LYS E 302 40.74 -17.96 80.14
N GLN E 303 41.71 -17.09 79.84
CA GLN E 303 42.90 -16.97 80.67
C GLN E 303 42.50 -16.64 82.11
N ASN E 304 43.16 -17.29 83.06
CA ASN E 304 42.87 -17.07 84.47
C ASN E 304 43.71 -15.91 85.02
N THR E 305 44.61 -15.40 84.19
CA THR E 305 45.47 -14.30 84.61
C THR E 305 46.13 -13.60 83.42
N LEU E 306 46.32 -12.28 83.56
CA LEU E 306 46.96 -11.47 82.54
C LEU E 306 47.66 -10.29 83.20
N LYS E 307 48.99 -10.34 83.22
CA LYS E 307 49.78 -9.29 83.84
C LYS E 307 50.04 -8.11 82.90
N LEU E 308 49.60 -6.92 83.31
CA LEU E 308 49.78 -5.71 82.51
C LEU E 308 50.92 -4.88 83.06
N ALA E 309 51.82 -4.46 82.17
CA ALA E 309 52.96 -3.64 82.54
C ALA E 309 52.50 -2.25 82.97
N THR E 310 52.66 -1.93 84.25
CA THR E 310 52.26 -0.64 84.77
C THR E 310 53.50 0.20 85.01
N GLY E 311 54.56 -0.46 85.51
CA GLY E 311 55.79 0.23 85.77
C GLY E 311 56.70 0.26 84.55
N MET E 312 57.94 0.68 84.75
CA MET E 312 58.91 0.75 83.68
C MET E 312 59.63 -0.58 83.53
N ARG E 313 60.21 -0.82 82.35
CA ARG E 313 60.95 -2.06 82.12
C ARG E 313 62.16 -1.96 83.04
N ASN E 314 62.44 -3.01 83.79
CA ASN E 314 63.55 -2.96 84.73
C ASN E 314 64.78 -3.80 84.40
N VAL E 315 65.92 -3.12 84.32
CA VAL E 315 67.20 -3.78 84.09
C VAL E 315 67.84 -3.74 85.47
N PRO E 316 67.53 -4.75 86.31
CA PRO E 316 68.06 -4.84 87.68
C PRO E 316 69.56 -5.08 87.71
N GLU E 317 70.12 -5.03 88.91
CA GLU E 317 71.55 -5.23 89.14
C GLU E 317 72.29 -3.92 88.86
N LYS E 318 73.53 -3.82 89.34
CA LYS E 318 74.29 -2.59 89.14
C LYS E 318 75.79 -2.82 89.03
N GLN E 319 76.48 -1.93 88.31
CA GLN E 319 77.91 -2.04 88.16
C GLN E 319 78.49 -1.77 89.54
N THR E 320 77.89 -0.81 90.23
CA THR E 320 78.30 -0.43 91.57
C THR E 320 79.81 -0.28 91.64
N ARG E 321 80.39 0.28 90.59
CA ARG E 321 81.83 0.42 90.52
C ARG E 321 82.58 0.89 91.73
N GLY E 322 83.47 0.00 92.15
CA GLY E 322 84.37 0.17 93.27
C GLY E 322 84.11 1.08 94.45
N LEU E 323 85.21 1.67 94.85
CA LEU E 323 85.31 2.59 95.97
C LEU E 323 84.81 3.93 95.46
N PHE E 324 85.56 4.50 94.53
CA PHE E 324 85.16 5.75 93.91
C PHE E 324 84.10 5.33 92.89
N GLY E 325 82.96 6.01 92.90
CA GLY E 325 81.90 5.66 91.99
C GLY E 325 81.97 6.38 90.65
N ALA E 326 82.09 5.60 89.58
CA ALA E 326 82.18 6.15 88.24
C ALA E 326 80.90 6.93 87.92
N ILE E 327 79.82 6.58 88.60
CA ILE E 327 78.53 7.23 88.42
C ILE E 327 78.02 6.95 87.00
N ALA E 328 78.63 5.96 86.35
CA ALA E 328 78.30 5.55 84.98
C ALA E 328 76.83 5.71 84.62
N GLY E 329 76.58 6.11 83.37
CA GLY E 329 75.24 6.31 82.89
C GLY E 329 74.40 5.04 82.88
N PHE E 330 73.09 5.21 82.90
CA PHE E 330 72.16 4.08 82.93
C PHE E 330 72.54 2.91 82.01
N ILE E 331 72.46 3.11 80.71
CA ILE E 331 72.78 2.07 79.73
C ILE E 331 72.33 0.67 80.21
N GLU E 332 73.26 -0.09 80.77
CA GLU E 332 72.95 -1.45 81.24
C GLU E 332 72.66 -1.57 82.73
N ASN E 333 72.12 -0.52 83.34
CA ASN E 333 71.81 -0.57 84.77
C ASN E 333 70.84 0.50 85.24
N GLY E 334 70.02 0.14 86.23
CA GLY E 334 69.07 1.06 86.81
C GLY E 334 69.56 1.38 88.21
N TRP E 335 69.25 2.58 88.70
CA TRP E 335 69.72 2.96 90.02
C TRP E 335 68.71 2.68 91.14
N GLU E 336 68.81 1.49 91.73
CA GLU E 336 67.92 1.10 92.82
C GLU E 336 68.00 2.15 93.92
N GLY E 337 69.01 3.00 93.85
CA GLY E 337 69.19 4.03 94.84
C GLY E 337 68.17 5.15 94.67
N MET E 338 68.02 5.62 93.44
CA MET E 338 67.07 6.69 93.15
C MET E 338 65.67 6.24 93.54
N ILE E 339 65.09 6.91 94.53
CA ILE E 339 63.75 6.58 94.99
C ILE E 339 62.86 7.82 95.06
N ASP E 340 63.23 8.84 94.30
CA ASP E 340 62.47 10.08 94.26
C ASP E 340 61.89 10.36 92.88
N GLY E 341 62.06 9.42 91.97
CA GLY E 341 61.54 9.59 90.62
C GLY E 341 61.86 8.44 89.70
N TRP E 342 61.50 8.59 88.42
CA TRP E 342 61.73 7.56 87.42
C TRP E 342 63.03 7.85 86.65
N TYR E 343 63.31 9.14 86.46
CA TYR E 343 64.51 9.56 85.75
C TYR E 343 65.22 10.66 86.53
N GLY E 344 66.52 10.51 86.72
CA GLY E 344 67.28 11.51 87.44
C GLY E 344 68.69 11.67 86.92
N PHE E 345 69.44 12.60 87.50
CA PHE E 345 70.81 12.85 87.08
C PHE E 345 71.80 12.64 88.22
N ARG E 346 73.03 12.30 87.85
CA ARG E 346 74.08 12.07 88.84
C ARG E 346 75.35 12.80 88.41
N HIS E 347 75.70 13.85 89.14
CA HIS E 347 76.89 14.63 88.83
C HIS E 347 78.10 14.16 89.63
N GLN E 348 79.26 14.23 89.01
CA GLN E 348 80.52 13.83 89.64
C GLN E 348 81.52 14.97 89.47
N ASN E 349 81.21 16.11 90.08
CA ASN E 349 82.07 17.27 90.00
C ASN E 349 83.17 17.24 91.06
N SER E 350 83.99 18.27 91.09
CA SER E 350 85.08 18.36 92.04
C SER E 350 84.58 18.43 93.49
N GLU E 351 83.38 18.96 93.67
CA GLU E 351 82.81 19.08 95.00
C GLU E 351 82.36 17.72 95.53
N GLY E 352 82.34 16.72 94.66
CA GLY E 352 81.92 15.39 95.07
C GLY E 352 80.86 14.79 94.18
N THR E 353 79.99 13.97 94.76
CA THR E 353 78.92 13.32 94.02
C THR E 353 77.56 13.85 94.45
N GLY E 354 76.54 13.54 93.65
CA GLY E 354 75.20 14.00 93.95
C GLY E 354 74.18 13.44 92.99
N GLN E 355 72.92 13.36 93.43
CA GLN E 355 71.85 12.83 92.60
C GLN E 355 70.57 13.66 92.72
N ALA E 356 69.87 13.82 91.61
CA ALA E 356 68.62 14.58 91.58
C ALA E 356 67.73 14.07 90.46
N ALA E 357 66.48 13.77 90.79
CA ALA E 357 65.52 13.26 89.81
C ALA E 357 64.79 14.39 89.10
N ASP E 358 64.69 14.29 87.78
CA ASP E 358 64.00 15.29 86.98
C ASP E 358 62.51 14.96 86.91
N LEU E 359 61.72 15.68 87.70
CA LEU E 359 60.27 15.46 87.76
C LEU E 359 59.60 15.63 86.40
N LYS E 360 60.09 16.57 85.60
CA LYS E 360 59.54 16.83 84.28
C LYS E 360 59.42 15.56 83.45
N SER E 361 60.57 14.97 83.12
CA SER E 361 60.62 13.74 82.34
C SER E 361 59.80 12.62 82.96
N THR E 362 60.05 12.36 84.25
CA THR E 362 59.34 11.31 84.97
C THR E 362 57.82 11.46 84.86
N GLN E 363 57.34 12.68 85.01
CA GLN E 363 55.91 12.95 84.95
C GLN E 363 55.27 12.59 83.62
N ALA E 364 55.91 13.01 82.52
CA ALA E 364 55.40 12.72 81.19
C ALA E 364 55.09 11.24 81.03
N ALA E 365 56.03 10.39 81.44
CA ALA E 365 55.86 8.95 81.35
C ALA E 365 54.62 8.51 82.12
N ILE E 366 54.58 8.84 83.41
CA ILE E 366 53.46 8.48 84.26
C ILE E 366 52.12 8.87 83.66
N ASP E 367 52.00 10.11 83.20
CA ASP E 367 50.76 10.59 82.60
C ASP E 367 50.26 9.67 81.49
N GLN E 368 51.13 9.37 80.54
CA GLN E 368 50.78 8.50 79.42
C GLN E 368 50.34 7.12 79.91
N ILE E 369 51.08 6.58 80.89
CA ILE E 369 50.79 5.27 81.45
C ILE E 369 49.41 5.17 82.09
N ASN E 370 49.18 5.99 83.12
CA ASN E 370 47.91 6.00 83.84
C ASN E 370 46.63 5.98 83.00
N GLY E 371 46.41 7.03 82.23
CA GLY E 371 45.21 7.13 81.42
C GLY E 371 44.92 6.05 80.39
N LYS E 372 45.97 5.50 79.78
CA LYS E 372 45.82 4.47 78.74
C LYS E 372 44.88 3.31 79.05
N LEU E 373 45.17 2.58 80.13
CA LEU E 373 44.36 1.41 80.51
C LEU E 373 42.85 1.60 80.34
N ASN E 374 42.30 2.58 81.05
CA ASN E 374 40.87 2.86 80.99
C ASN E 374 40.40 3.20 79.58
N ARG E 375 41.25 3.86 78.81
CA ARG E 375 40.88 4.22 77.44
C ARG E 375 40.68 2.97 76.60
N VAL E 376 41.71 2.14 76.49
CA VAL E 376 41.64 0.91 75.71
C VAL E 376 40.41 0.07 76.07
N ILE E 377 40.29 -0.29 77.34
CA ILE E 377 39.17 -1.09 77.81
C ILE E 377 38.12 -0.23 78.47
N GLU E 378 36.85 -0.53 78.20
CA GLU E 378 35.77 0.24 78.78
C GLU E 378 35.59 -0.10 80.24
N LYS E 379 35.68 0.92 81.10
CA LYS E 379 35.53 0.75 82.54
C LYS E 379 34.44 -0.23 82.93
N THR E 380 33.38 -0.31 82.11
CA THR E 380 32.27 -1.19 82.42
C THR E 380 31.25 -1.28 81.28
N ASN E 381 30.41 -2.30 81.36
CA ASN E 381 29.34 -2.55 80.40
C ASN E 381 28.33 -3.40 81.14
N GLU E 382 27.05 -3.04 81.06
CA GLU E 382 26.02 -3.80 81.75
C GLU E 382 25.29 -4.79 80.85
N LYS E 383 24.83 -5.86 81.48
CA LYS E 383 24.09 -6.92 80.81
C LYS E 383 23.19 -7.52 81.88
N PHE E 384 21.96 -7.86 81.51
CA PHE E 384 21.04 -8.42 82.47
C PHE E 384 20.58 -9.80 82.00
N HIS E 385 19.32 -9.93 81.57
CA HIS E 385 18.85 -11.22 81.11
C HIS E 385 19.58 -11.57 79.80
N GLN E 386 20.08 -12.80 79.72
CA GLN E 386 20.82 -13.25 78.54
C GLN E 386 20.33 -14.63 78.14
N ILE E 387 21.25 -15.51 77.74
CA ILE E 387 20.89 -16.87 77.35
C ILE E 387 21.41 -17.82 78.43
N GLU E 388 20.69 -18.91 78.64
CA GLU E 388 21.14 -19.89 79.62
C GLU E 388 22.45 -20.41 79.04
N LYS E 389 23.51 -20.34 79.83
CA LYS E 389 24.81 -20.80 79.36
C LYS E 389 25.09 -22.18 79.94
N GLU E 390 24.03 -22.80 80.44
CA GLU E 390 24.11 -24.12 81.03
C GLU E 390 22.80 -24.89 80.86
N PHE E 391 22.89 -26.21 80.91
CA PHE E 391 21.73 -27.07 80.78
C PHE E 391 21.98 -28.31 81.64
N SER E 392 20.95 -29.13 81.80
CA SER E 392 21.07 -30.34 82.59
C SER E 392 20.67 -31.58 81.79
N GLU E 393 20.08 -31.37 80.62
CA GLU E 393 19.66 -32.47 79.77
C GLU E 393 19.90 -32.12 78.30
N VAL E 394 19.69 -33.09 77.42
CA VAL E 394 19.89 -32.89 75.98
C VAL E 394 18.63 -32.37 75.29
N GLU E 395 18.80 -31.39 74.42
CA GLU E 395 17.69 -30.79 73.69
C GLU E 395 17.94 -30.75 72.18
N GLY E 396 19.02 -31.37 71.76
CA GLY E 396 19.35 -31.39 70.35
C GLY E 396 19.71 -30.04 69.74
N ARG E 397 19.17 -29.77 68.56
CA ARG E 397 19.42 -28.55 67.82
C ARG E 397 19.49 -27.26 68.64
N ILE E 398 18.35 -26.83 69.19
CA ILE E 398 18.29 -25.60 69.98
C ILE E 398 19.49 -25.47 70.92
N GLN E 399 19.62 -26.42 71.84
CA GLN E 399 20.70 -26.41 72.80
C GLN E 399 22.06 -26.20 72.12
N ASP E 400 22.37 -27.07 71.16
CA ASP E 400 23.62 -26.98 70.43
C ASP E 400 23.98 -25.55 70.05
N LEU E 401 23.08 -24.89 69.33
CA LEU E 401 23.30 -23.52 68.90
C LEU E 401 23.69 -22.63 70.07
N GLU E 402 22.82 -22.56 71.08
CA GLU E 402 23.07 -21.75 72.27
C GLU E 402 24.49 -21.89 72.79
N LYS E 403 24.94 -23.11 72.97
CA LYS E 403 26.30 -23.36 73.47
C LYS E 403 27.33 -22.74 72.54
N TYR E 404 27.23 -23.05 71.25
CA TYR E 404 28.15 -22.52 70.25
C TYR E 404 28.28 -21.01 70.36
N VAL E 405 27.13 -20.33 70.34
CA VAL E 405 27.10 -18.87 70.42
C VAL E 405 27.97 -18.35 71.56
N GLU E 406 27.64 -18.76 72.78
CA GLU E 406 28.38 -18.34 73.96
C GLU E 406 29.86 -18.70 73.87
N ASP E 407 30.13 -19.96 73.53
CA ASP E 407 31.50 -20.44 73.42
C ASP E 407 32.29 -19.57 72.43
N THR E 408 31.72 -19.37 71.24
CA THR E 408 32.37 -18.57 70.21
C THR E 408 32.71 -17.20 70.75
N LYS E 409 31.78 -16.60 71.48
CA LYS E 409 31.96 -15.28 72.07
C LYS E 409 33.24 -15.23 72.91
N ILE E 410 33.35 -16.17 73.84
CA ILE E 410 34.50 -16.25 74.73
C ILE E 410 35.82 -16.30 73.96
N ASP E 411 35.98 -17.31 73.11
CA ASP E 411 37.20 -17.46 72.33
C ASP E 411 37.59 -16.16 71.64
N LEU E 412 36.62 -15.53 70.97
CA LEU E 412 36.85 -14.29 70.26
C LEU E 412 37.27 -13.20 71.24
N TRP E 413 36.53 -13.07 72.34
CA TRP E 413 36.81 -12.07 73.37
C TRP E 413 38.18 -12.29 74.00
N SER E 414 38.45 -13.53 74.39
CA SER E 414 39.73 -13.88 75.00
C SER E 414 40.88 -13.36 74.15
N TYR E 415 40.81 -13.64 72.85
CA TYR E 415 41.83 -13.19 71.92
C TYR E 415 42.11 -11.71 72.08
N ASN E 416 41.04 -10.92 72.03
CA ASN E 416 41.15 -9.47 72.17
C ASN E 416 41.90 -9.09 73.44
N ALA E 417 41.58 -9.77 74.54
CA ALA E 417 42.24 -9.51 75.81
C ALA E 417 43.71 -9.83 75.72
N GLU E 418 44.02 -11.06 75.32
CA GLU E 418 45.40 -11.51 75.18
C GLU E 418 46.18 -10.57 74.27
N LEU E 419 45.65 -10.35 73.08
CA LEU E 419 46.27 -9.47 72.09
C LEU E 419 46.46 -8.06 72.63
N LEU E 420 45.40 -7.51 73.21
CA LEU E 420 45.43 -6.16 73.77
C LEU E 420 46.52 -5.97 74.82
N VAL E 421 46.59 -6.92 75.76
CA VAL E 421 47.59 -6.84 76.83
C VAL E 421 49.00 -6.82 76.25
N ALA E 422 49.27 -7.73 75.32
CA ALA E 422 50.57 -7.83 74.69
C ALA E 422 50.92 -6.50 74.03
N LEU E 423 49.93 -5.88 73.40
CA LEU E 423 50.11 -4.58 72.74
C LEU E 423 50.45 -3.50 73.76
N GLU E 424 49.70 -3.48 74.86
CA GLU E 424 49.91 -2.48 75.91
C GLU E 424 51.29 -2.58 76.54
N ASN E 425 51.63 -3.76 77.04
CA ASN E 425 52.94 -3.96 77.68
C ASN E 425 54.05 -3.57 76.71
N GLN E 426 54.01 -4.14 75.51
CA GLN E 426 54.98 -3.87 74.47
C GLN E 426 55.07 -2.37 74.17
N HIS E 427 53.93 -1.71 74.25
CA HIS E 427 53.85 -0.28 73.97
C HIS E 427 54.34 0.57 75.14
N THR E 428 54.04 0.13 76.35
CA THR E 428 54.46 0.85 77.55
C THR E 428 55.98 0.95 77.64
N ILE E 429 56.65 -0.17 77.44
CA ILE E 429 58.11 -0.23 77.49
C ILE E 429 58.73 0.82 76.58
N ASP E 430 58.34 0.81 75.31
CA ASP E 430 58.86 1.76 74.34
C ASP E 430 58.63 3.20 74.82
N LEU E 431 57.44 3.43 75.36
CA LEU E 431 57.08 4.76 75.86
C LEU E 431 58.02 5.23 76.96
N THR E 432 58.19 4.41 77.99
CA THR E 432 59.04 4.77 79.12
C THR E 432 60.51 4.79 78.68
N ASP E 433 60.91 3.79 77.90
CA ASP E 433 62.28 3.67 77.43
C ASP E 433 62.65 4.86 76.54
N SER E 434 61.65 5.40 75.84
CA SER E 434 61.88 6.55 74.96
C SER E 434 62.20 7.79 75.77
N GLU E 435 61.36 8.08 76.76
CA GLU E 435 61.55 9.24 77.63
C GLU E 435 63.00 9.33 78.08
N MET E 436 63.49 8.24 78.67
CA MET E 436 64.86 8.16 79.15
C MET E 436 65.84 8.53 78.05
N ASN E 437 65.49 8.19 76.81
CA ASN E 437 66.35 8.48 75.66
C ASN E 437 66.26 9.94 75.25
N LYS E 438 65.10 10.55 75.45
CA LYS E 438 64.91 11.96 75.08
C LYS E 438 65.69 12.87 76.03
N LEU E 439 65.48 12.68 77.32
CA LEU E 439 66.15 13.48 78.34
C LEU E 439 67.66 13.47 78.09
N PHE E 440 68.13 12.40 77.46
CA PHE E 440 69.56 12.25 77.15
C PHE E 440 69.93 13.12 75.95
N GLU E 441 69.02 13.22 74.99
CA GLU E 441 69.24 14.03 73.80
C GLU E 441 68.99 15.49 74.13
N LYS E 442 68.07 15.72 75.07
CA LYS E 442 67.74 17.07 75.52
C LYS E 442 68.98 17.69 76.14
N THR E 443 69.89 16.84 76.60
CA THR E 443 71.12 17.28 77.22
C THR E 443 72.20 17.51 76.16
N ARG E 444 72.23 16.64 75.15
CA ARG E 444 73.21 16.76 74.08
C ARG E 444 73.08 18.13 73.41
N ARG E 445 71.85 18.51 73.10
CA ARG E 445 71.58 19.78 72.45
C ARG E 445 71.89 20.94 73.40
N GLN E 446 71.66 20.74 74.68
CA GLN E 446 71.89 21.76 75.69
C GLN E 446 73.38 21.98 75.94
N LEU E 447 74.08 20.93 76.35
CA LEU E 447 75.51 21.02 76.62
C LEU E 447 76.28 21.55 75.42
N ARG E 448 75.82 21.19 74.23
CA ARG E 448 76.47 21.62 72.99
C ARG E 448 77.88 21.04 72.91
N GLU E 449 78.87 21.91 72.76
CA GLU E 449 80.26 21.48 72.64
C GLU E 449 80.98 21.22 73.97
N ASN E 450 80.61 21.98 75.00
CA ASN E 450 81.21 21.86 76.32
C ASN E 450 81.58 20.45 76.79
N ALA E 451 80.83 19.44 76.37
CA ALA E 451 81.12 18.07 76.79
C ALA E 451 81.06 17.06 75.65
N GLU E 452 81.24 15.79 76.00
CA GLU E 452 81.20 14.71 75.02
C GLU E 452 80.47 13.50 75.59
N ASP E 453 79.79 12.75 74.73
CA ASP E 453 79.07 11.57 75.15
C ASP E 453 80.01 10.37 75.30
N MET E 454 80.39 10.09 76.54
CA MET E 454 81.29 8.98 76.84
C MET E 454 80.78 7.67 76.27
N GLY E 455 79.47 7.57 76.11
CA GLY E 455 78.88 6.37 75.58
C GLY E 455 78.20 5.55 76.66
N ASN E 456 78.83 5.52 77.84
CA ASN E 456 78.30 4.79 78.97
C ASN E 456 77.04 5.46 79.50
N GLY E 457 76.50 6.40 78.72
CA GLY E 457 75.30 7.10 79.14
C GLY E 457 75.60 8.34 79.95
N CYS E 458 76.85 8.81 79.88
CA CYS E 458 77.27 10.00 80.61
C CYS E 458 77.89 11.02 79.66
N PHE E 459 77.89 12.29 80.09
CA PHE E 459 78.48 13.37 79.32
C PHE E 459 79.70 13.84 80.09
N LYS E 460 80.87 13.62 79.51
CA LYS E 460 82.11 14.03 80.17
C LYS E 460 82.40 15.51 79.97
N ILE E 461 81.81 16.34 80.83
CA ILE E 461 82.01 17.78 80.76
C ILE E 461 83.51 18.07 80.86
N TYR E 462 84.00 18.92 79.96
CA TYR E 462 85.42 19.27 79.93
C TYR E 462 85.85 20.48 80.74
N HIS E 463 85.05 20.89 81.73
CA HIS E 463 85.42 22.06 82.51
C HIS E 463 84.94 22.00 83.96
N LYS E 464 85.71 22.62 84.85
CA LYS E 464 85.34 22.66 86.27
C LYS E 464 83.87 23.05 86.37
N CYS E 465 83.08 22.18 86.98
CA CYS E 465 81.65 22.44 87.12
C CYS E 465 81.18 22.23 88.55
N ASP E 466 80.95 23.33 89.26
CA ASP E 466 80.49 23.28 90.65
C ASP E 466 79.03 22.82 90.69
N ASN E 467 78.52 22.57 91.89
CA ASN E 467 77.14 22.12 92.04
C ASN E 467 76.14 23.06 91.38
N ALA E 468 76.40 24.36 91.44
CA ALA E 468 75.52 25.34 90.82
C ALA E 468 75.58 25.13 89.32
N CYS E 469 76.80 24.97 88.81
CA CYS E 469 77.03 24.76 87.39
C CYS E 469 76.20 23.57 86.90
N ILE E 470 76.11 22.53 87.72
CA ILE E 470 75.34 21.35 87.37
C ILE E 470 73.84 21.65 87.39
N GLU E 471 73.39 22.26 88.48
CA GLU E 471 71.97 22.61 88.63
C GLU E 471 71.44 23.42 87.46
N SER E 472 72.26 24.36 86.97
CA SER E 472 71.86 25.22 85.86
C SER E 472 71.58 24.41 84.60
N ILE E 473 72.15 23.22 84.52
CA ILE E 473 71.96 22.35 83.36
C ILE E 473 70.73 21.47 83.48
N ARG E 474 70.39 21.08 84.70
CA ARG E 474 69.23 20.23 84.92
C ARG E 474 67.91 20.93 84.65
N ASN E 475 67.82 22.22 84.95
CA ASN E 475 66.58 22.93 84.66
C ASN E 475 66.55 23.25 83.17
N GLY E 476 67.72 23.48 82.61
CA GLY E 476 67.83 23.80 81.19
C GLY E 476 68.26 25.23 80.93
N THR E 477 68.44 25.98 82.01
CA THR E 477 68.85 27.38 81.93
C THR E 477 70.28 27.57 81.44
N TYR E 478 71.15 26.67 81.86
CA TYR E 478 72.58 26.67 81.50
C TYR E 478 72.92 27.16 80.08
N ASP E 479 73.97 27.99 79.99
CA ASP E 479 74.43 28.54 78.73
C ASP E 479 75.82 27.99 78.34
N HIS E 480 75.95 27.57 77.09
CA HIS E 480 77.19 27.00 76.57
C HIS E 480 78.36 27.98 76.43
N ASP E 481 78.08 29.18 75.94
CA ASP E 481 79.12 30.19 75.74
C ASP E 481 79.98 30.44 76.97
N VAL E 482 79.33 30.48 78.14
CA VAL E 482 80.01 30.73 79.40
C VAL E 482 81.30 29.91 79.57
N TYR E 483 81.17 28.59 79.44
CA TYR E 483 82.31 27.69 79.60
C TYR E 483 82.91 27.26 78.27
N ARG E 484 82.35 27.76 77.17
CA ARG E 484 82.83 27.41 75.83
C ARG E 484 84.35 27.46 75.71
N ASP E 485 84.91 28.66 75.88
CA ASP E 485 86.36 28.84 75.78
C ASP E 485 87.13 27.85 76.65
N GLU E 486 86.76 27.80 77.94
CA GLU E 486 87.41 26.90 78.89
C GLU E 486 87.40 25.45 78.42
N ALA E 487 86.20 24.90 78.28
CA ALA E 487 86.04 23.51 77.84
C ALA E 487 86.84 23.21 76.58
N LEU E 488 86.60 23.98 75.52
CA LEU E 488 87.28 23.81 74.25
C LEU E 488 88.77 23.50 74.40
N ASN E 489 89.42 24.13 75.38
CA ASN E 489 90.84 23.92 75.60
C ASN E 489 91.18 22.53 76.09
N ASN E 490 90.55 22.11 77.18
CA ASN E 490 90.78 20.79 77.76
C ASN E 490 90.51 19.66 76.76
N ARG E 491 89.67 19.95 75.77
CA ARG E 491 89.31 18.95 74.77
C ARG E 491 90.43 18.65 73.78
N PHE E 492 90.83 19.68 73.03
CA PHE E 492 91.86 19.54 72.02
C PHE E 492 93.28 19.82 72.53
N GLN E 493 93.44 19.86 73.84
CA GLN E 493 94.75 20.12 74.43
C GLN E 493 94.91 19.39 75.77
N SER F 1 96.76 6.58 56.29
CA SER F 1 96.79 7.25 57.63
C SER F 1 95.40 7.29 58.24
N THR F 2 94.42 6.74 57.52
CA THR F 2 93.05 6.70 57.97
C THR F 2 92.38 5.41 57.51
N ALA F 3 91.36 4.97 58.24
CA ALA F 3 90.65 3.75 57.90
C ALA F 3 89.14 3.98 57.97
N THR F 4 88.39 3.28 57.12
CA THR F 4 86.95 3.42 57.11
C THR F 4 86.27 2.15 57.62
N LEU F 5 85.38 2.31 58.58
CA LEU F 5 84.64 1.19 59.14
C LEU F 5 83.16 1.44 58.88
N CYS F 6 82.46 0.42 58.43
CA CYS F 6 81.04 0.57 58.14
C CYS F 6 80.24 -0.59 58.70
N LEU F 7 78.95 -0.36 58.87
CA LEU F 7 78.03 -1.37 59.37
C LEU F 7 77.01 -1.66 58.28
N GLY F 8 76.29 -2.76 58.41
CA GLY F 8 75.30 -3.09 57.40
C GLY F 8 74.54 -4.36 57.68
N HIS F 9 73.65 -4.72 56.77
CA HIS F 9 72.83 -5.92 56.91
C HIS F 9 72.88 -6.78 55.65
N HIS F 10 72.19 -7.92 55.70
CA HIS F 10 72.16 -8.84 54.57
C HIS F 10 71.07 -8.54 53.55
N ALA F 11 71.04 -9.33 52.48
CA ALA F 11 70.06 -9.16 51.42
C ALA F 11 69.86 -10.47 50.67
N VAL F 12 68.73 -10.59 49.96
CA VAL F 12 68.42 -11.79 49.20
C VAL F 12 68.08 -11.44 47.75
N PRO F 13 68.29 -12.40 46.83
CA PRO F 13 67.99 -12.19 45.41
C PRO F 13 66.60 -11.61 45.17
N ASN F 14 65.57 -12.37 45.52
CA ASN F 14 64.19 -11.92 45.33
C ASN F 14 63.39 -12.14 46.61
N GLY F 15 63.09 -11.04 47.31
CA GLY F 15 62.34 -11.13 48.54
C GLY F 15 60.84 -11.27 48.31
N THR F 16 60.08 -11.20 49.39
CA THR F 16 58.63 -11.31 49.31
C THR F 16 57.97 -10.07 49.90
N LEU F 17 56.79 -9.74 49.39
CA LEU F 17 56.05 -8.57 49.85
C LEU F 17 55.18 -8.91 51.07
N VAL F 18 54.93 -7.90 51.90
CA VAL F 18 54.11 -8.08 53.10
C VAL F 18 53.26 -6.85 53.37
N LYS F 19 52.10 -7.05 53.97
CA LYS F 19 51.20 -5.96 54.28
C LYS F 19 51.49 -5.38 55.67
N THR F 20 51.93 -4.13 55.70
CA THR F 20 52.24 -3.46 56.96
C THR F 20 51.40 -2.20 57.10
N ILE F 21 51.32 -1.69 58.32
CA ILE F 21 50.54 -0.50 58.60
C ILE F 21 51.05 0.71 57.81
N THR F 22 52.25 1.17 58.15
CA THR F 22 52.86 2.32 57.48
C THR F 22 52.89 2.22 55.96
N ASP F 23 53.58 1.21 55.43
CA ASP F 23 53.65 1.02 53.99
C ASP F 23 52.59 0.02 53.55
N ASP F 24 51.89 0.35 52.47
CA ASP F 24 50.83 -0.52 51.97
C ASP F 24 51.39 -1.82 51.40
N GLN F 25 52.65 -1.78 50.97
CA GLN F 25 53.29 -2.97 50.40
C GLN F 25 54.80 -2.80 50.47
N ILE F 26 55.50 -3.76 51.07
CA ILE F 26 56.94 -3.70 51.18
C ILE F 26 57.58 -5.09 51.11
N GLU F 27 58.82 -5.14 50.63
CA GLU F 27 59.54 -6.40 50.48
C GLU F 27 60.50 -6.70 51.64
N VAL F 28 60.54 -7.96 52.05
CA VAL F 28 61.41 -8.40 53.13
C VAL F 28 62.38 -9.46 52.61
N THR F 29 63.14 -10.07 53.51
CA THR F 29 64.10 -11.09 53.12
C THR F 29 63.56 -12.50 53.34
N ASN F 30 62.37 -12.58 53.95
CA ASN F 30 61.77 -13.87 54.22
C ASN F 30 60.31 -13.72 54.66
N ALA F 31 59.47 -14.65 54.24
CA ALA F 31 58.05 -14.63 54.59
C ALA F 31 57.55 -16.03 54.91
N THR F 32 56.26 -16.15 55.19
CA THR F 32 55.67 -17.44 55.51
C THR F 32 54.15 -17.35 55.47
N GLU F 33 53.50 -18.39 54.93
CA GLU F 33 52.05 -18.41 54.83
C GLU F 33 51.42 -18.81 56.16
N LEU F 34 50.42 -18.04 56.58
CA LEU F 34 49.73 -18.29 57.84
C LEU F 34 48.31 -18.81 57.60
N VAL F 35 48.02 -19.19 56.36
CA VAL F 35 46.69 -19.70 56.03
C VAL F 35 46.79 -21.00 55.25
N GLN F 36 46.45 -22.10 55.90
CA GLN F 36 46.49 -23.42 55.27
C GLN F 36 45.47 -23.46 54.13
N SER F 37 45.98 -23.60 52.90
CA SER F 37 45.12 -23.64 51.73
C SER F 37 45.08 -25.01 51.05
N SER F 38 46.17 -25.77 51.18
CA SER F 38 46.25 -27.09 50.56
C SER F 38 45.56 -28.14 51.43
N SER F 39 45.36 -29.33 50.86
CA SER F 39 44.71 -30.43 51.57
C SER F 39 45.04 -31.76 50.94
N THR F 40 45.39 -32.74 51.77
CA THR F 40 45.72 -34.08 51.29
C THR F 40 44.53 -34.67 50.55
N GLY F 41 43.33 -34.40 51.06
CA GLY F 41 42.12 -34.91 50.44
C GLY F 41 41.67 -36.22 51.05
N LYS F 42 42.38 -36.67 52.09
CA LYS F 42 42.04 -37.92 52.74
C LYS F 42 41.92 -37.73 54.25
N ILE F 43 41.00 -38.46 54.86
CA ILE F 43 40.77 -38.38 56.31
C ILE F 43 41.69 -39.33 57.07
N CYS F 44 42.58 -38.76 57.88
CA CYS F 44 43.51 -39.58 58.65
C CYS F 44 42.78 -40.21 59.83
N ASN F 45 42.68 -41.54 59.80
CA ASN F 45 41.99 -42.31 60.84
C ASN F 45 42.50 -42.08 62.26
N ASN F 46 43.71 -41.54 62.39
CA ASN F 46 44.26 -41.28 63.72
C ASN F 46 44.55 -39.80 63.94
N PRO F 47 44.56 -39.37 65.21
CA PRO F 47 44.33 -40.20 66.41
C PRO F 47 42.84 -40.51 66.62
N HIS F 48 42.00 -39.54 66.31
CA HIS F 48 40.55 -39.67 66.46
C HIS F 48 40.01 -40.90 65.74
N ARG F 49 39.40 -41.81 66.49
CA ARG F 49 38.84 -43.00 65.91
C ARG F 49 37.76 -42.56 64.92
N ILE F 50 37.95 -42.86 63.65
CA ILE F 50 37.00 -42.48 62.62
C ILE F 50 36.15 -43.65 62.14
N LEU F 51 34.84 -43.46 62.12
CA LEU F 51 33.92 -44.50 61.68
C LEU F 51 33.28 -44.13 60.35
N ASP F 52 33.37 -45.02 59.37
CA ASP F 52 32.80 -44.77 58.06
C ASP F 52 31.46 -45.47 57.94
N GLY F 53 30.38 -44.69 57.94
CA GLY F 53 29.06 -45.26 57.83
C GLY F 53 28.74 -45.66 56.41
N ILE F 54 29.68 -45.44 55.51
CA ILE F 54 29.52 -45.75 54.09
C ILE F 54 28.10 -45.42 53.66
N ASP F 55 27.46 -46.32 52.91
CA ASP F 55 26.10 -46.09 52.45
C ASP F 55 25.10 -46.29 53.59
N CYS F 56 25.25 -45.50 54.65
CA CYS F 56 24.37 -45.56 55.81
C CYS F 56 24.40 -44.25 56.58
N THR F 57 23.25 -43.86 57.12
CA THR F 57 23.14 -42.62 57.89
C THR F 57 23.16 -43.00 59.37
N LEU F 58 23.70 -42.13 60.20
CA LEU F 58 23.78 -42.39 61.63
C LEU F 58 22.42 -42.83 62.17
N ILE F 59 21.35 -42.29 61.59
CA ILE F 59 20.00 -42.62 62.01
C ILE F 59 19.62 -44.02 61.54
N ASP F 60 19.80 -44.29 60.26
CA ASP F 60 19.48 -45.61 59.70
C ASP F 60 20.23 -46.68 60.48
N ALA F 61 21.38 -46.30 61.03
CA ALA F 61 22.20 -47.21 61.81
C ALA F 61 21.53 -47.40 63.17
N LEU F 62 21.18 -46.28 63.79
CA LEU F 62 20.52 -46.29 65.09
C LEU F 62 19.27 -47.14 65.00
N LEU F 63 18.32 -46.70 64.17
CA LEU F 63 17.06 -47.41 63.97
C LEU F 63 17.33 -48.90 63.80
N GLY F 64 18.32 -49.23 62.98
CA GLY F 64 18.65 -50.62 62.75
C GLY F 64 18.19 -51.12 61.40
N ASP F 65 18.58 -50.43 60.35
CA ASP F 65 18.20 -50.80 58.99
C ASP F 65 19.01 -52.04 58.59
N PRO F 66 18.36 -53.00 57.90
CA PRO F 66 19.01 -54.23 57.46
C PRO F 66 20.44 -54.09 56.92
N HIS F 67 20.63 -53.18 55.97
CA HIS F 67 21.95 -52.96 55.39
C HIS F 67 22.91 -52.20 56.30
N CYS F 68 22.42 -51.72 57.43
CA CYS F 68 23.28 -50.97 58.35
C CYS F 68 23.41 -51.68 59.69
N ASP F 69 22.87 -52.89 59.79
CA ASP F 69 22.94 -53.66 61.03
C ASP F 69 24.39 -53.89 61.45
N VAL F 70 25.29 -53.88 60.48
CA VAL F 70 26.72 -54.08 60.73
C VAL F 70 27.25 -53.04 61.71
N PHE F 71 26.59 -51.89 61.77
CA PHE F 71 27.00 -50.80 62.65
C PHE F 71 26.42 -50.92 64.06
N GLN F 72 25.59 -51.93 64.30
CA GLN F 72 25.00 -52.11 65.61
C GLN F 72 26.06 -52.21 66.70
N ASN F 73 25.75 -51.68 67.87
CA ASN F 73 26.68 -51.71 69.00
C ASN F 73 28.03 -51.09 68.64
N GLU F 74 27.99 -50.07 67.79
CA GLU F 74 29.20 -49.38 67.35
C GLU F 74 29.49 -48.11 68.14
N THR F 75 30.77 -47.86 68.37
CA THR F 75 31.22 -46.68 69.08
C THR F 75 32.02 -45.87 68.07
N TRP F 76 32.38 -44.64 68.42
CA TRP F 76 33.15 -43.81 67.49
C TRP F 76 33.55 -42.46 68.08
N ASP F 77 34.47 -41.79 67.40
CA ASP F 77 34.95 -40.47 67.80
C ASP F 77 34.31 -39.43 66.87
N LEU F 78 34.33 -39.74 65.58
CA LEU F 78 33.77 -38.85 64.57
C LEU F 78 33.08 -39.67 63.48
N PHE F 79 31.77 -39.81 63.58
CA PHE F 79 31.00 -40.56 62.60
C PHE F 79 30.93 -39.81 61.28
N VAL F 80 31.55 -40.37 60.25
CA VAL F 80 31.53 -39.76 58.93
C VAL F 80 30.34 -40.28 58.15
N GLU F 81 29.55 -39.36 57.59
CA GLU F 81 28.37 -39.73 56.83
C GLU F 81 28.60 -39.50 55.34
N ARG F 82 28.56 -40.58 54.57
CA ARG F 82 28.76 -40.52 53.13
C ARG F 82 27.51 -40.06 52.38
N SER F 83 27.72 -39.49 51.20
CA SER F 83 26.61 -39.02 50.37
C SER F 83 25.96 -40.21 49.67
N LYS F 84 26.77 -41.21 49.36
CA LYS F 84 26.30 -42.42 48.69
C LYS F 84 25.25 -43.10 49.58
N ALA F 85 25.20 -42.66 50.83
CA ALA F 85 24.27 -43.21 51.81
C ALA F 85 22.85 -43.28 51.30
N PHE F 86 22.01 -44.05 52.00
CA PHE F 86 20.61 -44.22 51.64
C PHE F 86 19.96 -45.20 52.61
N SER F 87 18.63 -45.19 52.67
CA SER F 87 17.89 -46.07 53.56
C SER F 87 17.06 -47.05 52.73
N ASN F 88 16.83 -48.25 53.26
CA ASN F 88 16.06 -49.27 52.55
C ASN F 88 15.15 -50.05 53.48
N CYS F 89 14.49 -49.36 54.39
CA CYS F 89 13.58 -50.00 55.34
C CYS F 89 12.24 -49.25 55.30
N TYR F 90 11.32 -49.62 56.18
CA TYR F 90 10.01 -48.98 56.23
C TYR F 90 10.12 -47.45 56.26
N PRO F 91 9.38 -46.75 55.39
CA PRO F 91 9.42 -45.28 55.34
C PRO F 91 9.17 -44.62 56.69
N TYR F 92 10.08 -43.75 57.09
CA TYR F 92 9.96 -43.06 58.37
C TYR F 92 10.25 -41.56 58.23
N ASP F 93 9.91 -40.81 59.27
CA ASP F 93 10.13 -39.37 59.30
C ASP F 93 10.39 -38.98 60.76
N VAL F 94 11.58 -38.46 61.03
CA VAL F 94 11.94 -38.08 62.39
C VAL F 94 11.72 -36.60 62.67
N PRO F 95 10.67 -36.25 63.43
CA PRO F 95 10.40 -34.85 63.76
C PRO F 95 11.60 -34.24 64.46
N ASP F 96 12.02 -33.06 64.01
CA ASP F 96 13.17 -32.40 64.59
C ASP F 96 14.38 -33.33 64.42
N TYR F 97 14.36 -34.05 63.30
CA TYR F 97 15.40 -35.01 62.94
C TYR F 97 16.81 -34.54 63.27
N ALA F 98 17.22 -33.42 62.67
CA ALA F 98 18.54 -32.86 62.89
C ALA F 98 18.99 -32.91 64.34
N SER F 99 18.11 -32.50 65.26
CA SER F 99 18.43 -32.51 66.68
C SER F 99 18.83 -33.91 67.14
N LEU F 100 17.94 -34.86 66.97
CA LEU F 100 18.21 -36.25 67.36
C LEU F 100 19.55 -36.72 66.83
N ARG F 101 19.74 -36.57 65.52
CA ARG F 101 20.99 -36.97 64.88
C ARG F 101 22.19 -36.33 65.58
N SER F 102 22.07 -35.04 65.85
CA SER F 102 23.13 -34.29 66.52
C SER F 102 23.48 -34.87 67.88
N LEU F 103 22.46 -35.07 68.72
CA LEU F 103 22.68 -35.61 70.06
C LEU F 103 23.29 -37.00 70.01
N VAL F 104 22.86 -37.81 69.05
CA VAL F 104 23.38 -39.17 68.90
C VAL F 104 24.88 -39.12 68.62
N ALA F 105 25.27 -38.28 67.67
CA ALA F 105 26.67 -38.14 67.31
C ALA F 105 27.47 -37.69 68.51
N SER F 106 26.85 -36.88 69.37
CA SER F 106 27.50 -36.39 70.57
C SER F 106 27.88 -37.53 71.50
N SER F 107 26.98 -38.50 71.65
CA SER F 107 27.22 -39.65 72.50
C SER F 107 28.39 -40.45 71.95
N GLY F 108 28.37 -40.71 70.64
CA GLY F 108 29.45 -41.45 70.01
C GLY F 108 29.37 -42.95 70.19
N THR F 109 28.17 -43.48 70.31
CA THR F 109 27.99 -44.91 70.49
C THR F 109 26.55 -45.38 70.28
N LEU F 110 26.37 -46.38 69.43
CA LEU F 110 25.05 -46.93 69.15
C LEU F 110 24.85 -48.18 70.00
N GLU F 111 25.59 -48.24 71.11
CA GLU F 111 25.52 -49.35 72.04
C GLU F 111 24.08 -49.57 72.50
N PHE F 112 23.46 -50.65 72.04
CA PHE F 112 22.09 -50.96 72.41
C PHE F 112 22.06 -51.96 73.56
N ILE F 113 21.11 -51.78 74.47
CA ILE F 113 20.96 -52.66 75.61
C ILE F 113 19.52 -53.14 75.71
N THR F 114 19.24 -54.26 75.07
CA THR F 114 17.90 -54.84 75.05
C THR F 114 17.33 -55.06 76.45
N GLU F 115 16.13 -54.54 76.69
CA GLU F 115 15.48 -54.71 77.99
C GLU F 115 14.32 -55.69 77.84
N GLY F 116 14.01 -56.40 78.92
CA GLY F 116 12.94 -57.37 78.89
C GLY F 116 11.53 -56.80 78.98
N PHE F 117 11.05 -56.22 77.89
CA PHE F 117 9.70 -55.66 77.86
C PHE F 117 8.68 -56.78 77.72
N THR F 118 7.53 -56.62 78.37
CA THR F 118 6.47 -57.61 78.31
C THR F 118 5.15 -57.02 77.81
N TRP F 119 4.83 -57.29 76.56
CA TRP F 119 3.59 -56.81 75.95
C TRP F 119 2.57 -57.95 76.00
N THR F 120 1.54 -57.77 76.80
CA THR F 120 0.51 -58.79 76.95
C THR F 120 -0.67 -58.62 76.00
N GLY F 121 -1.26 -59.74 75.61
CA GLY F 121 -2.41 -59.73 74.72
C GLY F 121 -2.19 -59.05 73.38
N VAL F 122 -0.96 -59.11 72.87
CA VAL F 122 -0.66 -58.48 71.58
C VAL F 122 0.52 -59.16 70.89
N THR F 123 0.44 -59.27 69.57
CA THR F 123 1.50 -59.90 68.79
C THR F 123 2.75 -59.01 68.77
N GLN F 124 3.90 -59.62 68.53
CA GLN F 124 5.16 -58.90 68.50
C GLN F 124 6.01 -59.26 67.28
N ASN F 125 7.11 -58.54 67.11
CA ASN F 125 8.04 -58.77 66.01
C ASN F 125 7.37 -58.71 64.64
N GLY F 126 6.67 -57.61 64.37
CA GLY F 126 6.00 -57.46 63.09
C GLY F 126 7.00 -57.13 61.99
N GLY F 127 6.69 -57.54 60.77
CA GLY F 127 7.58 -57.27 59.65
C GLY F 127 6.87 -56.94 58.36
N SER F 128 7.61 -56.42 57.40
CA SER F 128 7.04 -56.05 56.10
C SER F 128 8.07 -56.24 54.98
N ASN F 129 7.61 -56.16 53.74
CA ASN F 129 8.48 -56.33 52.59
C ASN F 129 9.46 -55.17 52.41
N ALA F 130 8.97 -53.96 52.63
CA ALA F 130 9.79 -52.75 52.49
C ALA F 130 11.12 -52.87 53.21
N CYS F 131 11.11 -53.58 54.34
CA CYS F 131 12.32 -53.78 55.14
C CYS F 131 12.63 -55.26 55.23
N LYS F 132 13.22 -55.81 54.17
CA LYS F 132 13.58 -57.22 54.13
C LYS F 132 14.99 -57.52 54.62
N ARG F 133 15.10 -58.29 55.69
CA ARG F 133 16.40 -58.68 56.23
C ARG F 133 16.72 -60.06 55.68
N GLY F 134 17.35 -60.08 54.51
CA GLY F 134 17.70 -61.34 53.87
C GLY F 134 16.58 -61.72 52.91
N PRO F 135 16.31 -63.02 52.71
CA PRO F 135 15.25 -63.42 51.80
C PRO F 135 13.86 -63.10 52.36
N GLY F 136 13.63 -63.50 53.60
CA GLY F 136 12.35 -63.23 54.25
C GLY F 136 12.25 -61.80 54.71
N SER F 137 11.02 -61.28 54.77
CA SER F 137 10.78 -59.92 55.19
C SER F 137 11.34 -59.65 56.59
N GLY F 138 11.36 -58.39 56.98
CA GLY F 138 11.87 -58.03 58.30
C GLY F 138 11.39 -56.68 58.78
N PHE F 139 12.13 -56.09 59.72
CA PHE F 139 11.77 -54.79 60.29
C PHE F 139 13.01 -54.18 60.93
N PHE F 140 12.82 -53.10 61.70
CA PHE F 140 13.93 -52.44 62.37
C PHE F 140 14.49 -53.30 63.50
N SER F 141 15.80 -53.25 63.69
CA SER F 141 16.48 -54.05 64.71
C SER F 141 16.19 -53.62 66.14
N ARG F 142 16.45 -52.35 66.46
CA ARG F 142 16.23 -51.85 67.81
C ARG F 142 14.75 -51.50 68.01
N LEU F 143 13.95 -51.83 66.99
CA LEU F 143 12.51 -51.56 67.04
C LEU F 143 11.69 -52.83 66.96
N ASN F 144 10.44 -52.73 67.38
CA ASN F 144 9.52 -53.86 67.39
C ASN F 144 8.14 -53.42 66.96
N TRP F 145 7.57 -54.11 65.97
CA TRP F 145 6.23 -53.78 65.48
C TRP F 145 5.21 -54.51 66.34
N VAL F 146 4.29 -53.76 66.93
CA VAL F 146 3.26 -54.34 67.78
C VAL F 146 1.94 -54.46 67.02
N THR F 147 1.64 -55.67 66.57
CA THR F 147 0.40 -55.94 65.84
C THR F 147 -0.63 -56.58 66.75
N LYS F 148 -1.90 -56.31 66.49
CA LYS F 148 -2.98 -56.86 67.31
C LYS F 148 -2.91 -58.37 67.40
N SER F 149 -3.32 -58.91 68.55
CA SER F 149 -3.32 -60.34 68.79
C SER F 149 -4.75 -60.87 68.70
N GLY F 150 -4.95 -61.87 67.85
CA GLY F 150 -6.28 -62.43 67.70
C GLY F 150 -7.25 -61.39 67.18
N SER F 151 -8.33 -61.16 67.92
CA SER F 151 -9.34 -60.18 67.52
C SER F 151 -9.34 -58.94 68.40
N THR F 152 -8.31 -58.76 69.22
CA THR F 152 -8.26 -57.60 70.10
C THR F 152 -6.88 -56.99 70.33
N TYR F 153 -6.88 -55.69 70.60
CA TYR F 153 -5.65 -54.94 70.87
C TYR F 153 -5.87 -54.24 72.21
N PRO F 154 -5.64 -54.96 73.32
CA PRO F 154 -5.82 -54.37 74.64
C PRO F 154 -4.92 -53.16 74.82
N VAL F 155 -5.42 -52.14 75.50
CA VAL F 155 -4.63 -50.94 75.73
C VAL F 155 -3.36 -51.38 76.43
N LEU F 156 -2.24 -51.38 75.71
CA LEU F 156 -0.97 -51.79 76.30
C LEU F 156 -0.48 -50.74 77.28
N ASN F 157 -0.02 -51.20 78.45
CA ASN F 157 0.50 -50.32 79.48
C ASN F 157 1.57 -51.03 80.28
N VAL F 158 2.81 -50.60 80.08
CA VAL F 158 3.95 -51.18 80.77
C VAL F 158 4.78 -50.09 81.44
N THR F 159 5.90 -50.49 82.04
CA THR F 159 6.78 -49.56 82.71
C THR F 159 8.20 -50.08 82.75
N MET F 160 9.16 -49.16 82.89
CA MET F 160 10.57 -49.53 82.94
C MET F 160 11.37 -48.51 83.74
N PRO F 161 11.88 -48.91 84.91
CA PRO F 161 12.67 -48.05 85.80
C PRO F 161 14.12 -47.92 85.36
N ASN F 162 14.73 -46.78 85.68
CA ASN F 162 16.12 -46.54 85.34
C ASN F 162 17.00 -46.62 86.58
N ASN F 163 17.20 -47.85 87.05
CA ASN F 163 18.02 -48.09 88.23
C ASN F 163 19.44 -47.61 87.97
N ASP F 164 19.94 -47.92 86.77
CA ASP F 164 21.28 -47.55 86.36
C ASP F 164 21.51 -46.05 86.57
N ASN F 165 22.77 -45.68 86.80
CA ASN F 165 23.14 -44.29 87.05
C ASN F 165 23.43 -43.46 85.80
N PHE F 166 23.29 -44.08 84.63
CA PHE F 166 23.54 -43.37 83.38
C PHE F 166 22.23 -43.09 82.63
N ASP F 167 22.21 -42.00 81.86
CA ASP F 167 21.03 -41.61 81.10
C ASP F 167 20.66 -42.64 80.04
N LYS F 168 19.39 -43.01 80.01
CA LYS F 168 18.90 -43.98 79.03
C LYS F 168 18.19 -43.28 77.88
N LEU F 169 18.37 -43.80 76.67
CA LEU F 169 17.76 -43.22 75.48
C LEU F 169 16.91 -44.25 74.75
N TYR F 170 15.59 -44.14 74.92
CA TYR F 170 14.66 -45.05 74.27
C TYR F 170 14.14 -44.45 72.96
N ILE F 171 14.30 -45.19 71.88
CA ILE F 171 13.84 -44.74 70.57
C ILE F 171 12.58 -45.49 70.16
N TRP F 172 11.47 -44.77 70.07
CA TRP F 172 10.19 -45.37 69.69
C TRP F 172 9.60 -44.67 68.47
N GLY F 173 8.37 -45.04 68.14
CA GLY F 173 7.71 -44.45 66.99
C GLY F 173 6.23 -44.75 66.92
N VAL F 174 5.54 -44.07 66.00
CA VAL F 174 4.11 -44.26 65.82
C VAL F 174 3.85 -44.55 64.34
N HIS F 175 2.89 -45.44 64.07
CA HIS F 175 2.57 -45.80 62.70
C HIS F 175 1.41 -44.97 62.16
N HIS F 176 1.51 -44.58 60.90
CA HIS F 176 0.47 -43.78 60.25
C HIS F 176 -0.21 -44.57 59.14
N PRO F 177 -1.26 -45.32 59.48
CA PRO F 177 -2.02 -46.13 58.51
C PRO F 177 -2.41 -45.33 57.27
N SER F 178 -2.30 -45.97 56.11
CA SER F 178 -2.65 -45.31 54.86
C SER F 178 -4.15 -45.42 54.59
N THR F 179 -4.80 -46.37 55.25
CA THR F 179 -6.24 -46.58 55.08
C THR F 179 -6.89 -46.95 56.40
N ASN F 180 -8.22 -46.83 56.46
CA ASN F 180 -8.96 -47.17 57.67
C ASN F 180 -8.97 -48.67 57.90
N GLN F 181 -9.16 -49.45 56.83
CA GLN F 181 -9.16 -50.90 56.93
C GLN F 181 -7.83 -51.39 57.47
N GLU F 182 -6.74 -50.79 57.00
CA GLU F 182 -5.41 -51.16 57.46
C GLU F 182 -5.30 -50.85 58.95
N GLN F 183 -5.88 -49.73 59.34
CA GLN F 183 -5.88 -49.28 60.72
C GLN F 183 -6.68 -50.24 61.60
N THR F 184 -7.97 -50.38 61.29
CA THR F 184 -8.85 -51.25 62.05
C THR F 184 -8.40 -52.70 62.02
N SER F 185 -7.69 -53.09 60.97
CA SER F 185 -7.20 -54.46 60.83
C SER F 185 -5.93 -54.70 61.63
N LEU F 186 -4.93 -53.87 61.40
CA LEU F 186 -3.64 -53.99 62.08
C LEU F 186 -3.69 -53.50 63.53
N TYR F 187 -4.66 -52.65 63.85
CA TYR F 187 -4.76 -52.10 65.20
C TYR F 187 -6.12 -52.18 65.87
N VAL F 188 -7.03 -52.97 65.30
CA VAL F 188 -8.36 -53.10 65.87
C VAL F 188 -9.03 -51.73 65.89
N GLN F 189 -9.37 -51.21 67.07
CA GLN F 189 -10.02 -49.91 67.17
C GLN F 189 -9.39 -48.95 66.17
N ALA F 190 -10.23 -48.31 65.36
CA ALA F 190 -9.76 -47.38 64.33
C ALA F 190 -8.98 -46.17 64.82
N SER F 191 -9.08 -45.85 66.11
CA SER F 191 -8.35 -44.69 66.63
C SER F 191 -7.16 -45.10 67.50
N GLY F 192 -5.98 -45.04 66.91
CA GLY F 192 -4.77 -45.39 67.65
C GLY F 192 -4.32 -44.24 68.53
N ARG F 193 -3.34 -44.51 69.39
CA ARG F 193 -2.82 -43.48 70.29
C ARG F 193 -1.61 -43.97 71.08
N VAL F 194 -0.56 -43.16 71.09
CA VAL F 194 0.66 -43.49 71.82
C VAL F 194 0.89 -42.45 72.90
N THR F 195 1.29 -42.89 74.09
CA THR F 195 1.51 -41.95 75.19
C THR F 195 2.74 -42.29 76.04
N VAL F 196 3.92 -42.01 75.50
CA VAL F 196 5.16 -42.27 76.23
C VAL F 196 5.31 -41.13 77.24
N SER F 197 5.70 -41.47 78.46
CA SER F 197 5.87 -40.46 79.49
C SER F 197 6.85 -40.85 80.58
N THR F 198 7.55 -39.85 81.10
CA THR F 198 8.52 -40.05 82.17
C THR F 198 8.06 -39.25 83.37
N ARG F 199 8.76 -39.42 84.49
CA ARG F 199 8.41 -38.70 85.70
C ARG F 199 8.65 -37.20 85.54
N ARG F 200 9.34 -36.83 84.46
CA ARG F 200 9.63 -35.43 84.19
C ARG F 200 8.75 -34.85 83.08
N SER F 201 8.89 -35.39 81.87
CA SER F 201 8.11 -34.91 80.73
C SER F 201 7.02 -35.90 80.31
N GLN F 202 6.22 -35.48 79.34
CA GLN F 202 5.13 -36.29 78.82
C GLN F 202 4.99 -36.07 77.32
N GLN F 203 4.80 -37.16 76.58
CA GLN F 203 4.65 -37.08 75.13
C GLN F 203 3.54 -38.00 74.64
N THR F 204 2.61 -37.44 73.86
CA THR F 204 1.50 -38.21 73.34
C THR F 204 1.29 -37.90 71.85
N ILE F 205 1.25 -38.95 71.04
CA ILE F 205 1.06 -38.79 69.60
C ILE F 205 -0.19 -39.51 69.12
N ILE F 206 -0.79 -39.00 68.05
CA ILE F 206 -2.00 -39.59 67.50
C ILE F 206 -1.75 -39.95 66.02
N PRO F 207 -2.08 -41.19 65.63
CA PRO F 207 -1.89 -41.63 64.24
C PRO F 207 -2.71 -40.81 63.26
N ASN F 208 -2.14 -40.56 62.09
CA ASN F 208 -2.82 -39.77 61.06
C ASN F 208 -3.10 -40.61 59.82
N ILE F 209 -4.25 -41.29 59.82
CA ILE F 209 -4.64 -42.14 58.70
C ILE F 209 -4.80 -41.30 57.44
N GLY F 210 -4.30 -41.82 56.32
CA GLY F 210 -4.40 -41.10 55.07
C GLY F 210 -3.35 -41.58 54.07
N SER F 211 -3.69 -41.53 52.79
CA SER F 211 -2.77 -41.96 51.74
C SER F 211 -1.72 -40.90 51.52
N ARG F 212 -0.48 -41.33 51.26
CA ARG F 212 0.63 -40.42 51.04
C ARG F 212 1.61 -40.96 49.99
N PRO F 213 2.56 -40.13 49.54
CA PRO F 213 3.54 -40.54 48.53
C PRO F 213 4.03 -41.97 48.70
N TRP F 214 3.90 -42.77 47.65
CA TRP F 214 4.31 -44.16 47.67
C TRP F 214 5.83 -44.28 47.73
N VAL F 215 6.31 -45.13 48.64
CA VAL F 215 7.74 -45.35 48.81
C VAL F 215 8.02 -46.82 49.11
N ARG F 216 9.01 -47.38 48.42
CA ARG F 216 9.39 -48.79 48.59
C ARG F 216 8.17 -49.71 48.62
N GLY F 217 7.11 -49.29 47.96
CA GLY F 217 5.90 -50.11 47.90
C GLY F 217 4.94 -49.90 49.06
N LEU F 218 4.99 -48.74 49.69
CA LEU F 218 4.11 -48.45 50.81
C LEU F 218 3.61 -47.01 50.84
N SER F 219 2.33 -46.84 51.12
CA SER F 219 1.70 -45.53 51.19
C SER F 219 1.52 -45.15 52.65
N SER F 220 2.24 -45.83 53.54
CA SER F 220 2.16 -45.57 54.96
C SER F 220 3.49 -45.00 55.47
N ARG F 221 3.51 -44.58 56.73
CA ARG F 221 4.72 -44.02 57.32
C ARG F 221 4.86 -44.35 58.81
N ILE F 222 6.03 -44.04 59.36
CA ILE F 222 6.32 -44.29 60.77
C ILE F 222 7.04 -43.08 61.35
N SER F 223 6.41 -42.41 62.31
CA SER F 223 7.02 -41.24 62.94
C SER F 223 7.94 -41.67 64.07
N ILE F 224 9.19 -41.20 64.03
CA ILE F 224 10.17 -41.52 65.04
C ILE F 224 10.19 -40.49 66.17
N TYR F 225 10.16 -40.98 67.40
CA TYR F 225 10.18 -40.12 68.58
C TYR F 225 11.13 -40.71 69.62
N TRP F 226 11.96 -39.86 70.21
CA TRP F 226 12.91 -40.30 71.21
C TRP F 226 12.59 -39.69 72.58
N THR F 227 12.86 -40.46 73.64
CA THR F 227 12.60 -40.00 75.00
C THR F 227 13.74 -40.40 75.93
N ILE F 228 14.46 -39.41 76.43
CA ILE F 228 15.57 -39.65 77.34
C ILE F 228 15.08 -39.85 78.77
N VAL F 229 15.61 -40.86 79.44
CA VAL F 229 15.22 -41.16 80.81
C VAL F 229 16.41 -40.99 81.76
N LYS F 230 16.37 -39.93 82.57
CA LYS F 230 17.45 -39.66 83.51
C LYS F 230 17.52 -40.68 84.63
N PRO F 231 18.69 -40.78 85.30
CA PRO F 231 18.91 -41.71 86.41
C PRO F 231 17.85 -41.60 87.50
N GLY F 232 17.41 -42.75 88.01
CA GLY F 232 16.41 -42.75 89.07
C GLY F 232 15.00 -42.60 88.53
N ASP F 233 14.86 -41.79 87.48
CA ASP F 233 13.56 -41.55 86.88
C ASP F 233 13.06 -42.85 86.24
N VAL F 234 11.77 -42.89 85.90
CA VAL F 234 11.19 -44.08 85.29
C VAL F 234 10.44 -43.77 84.00
N LEU F 235 10.38 -44.77 83.12
CA LEU F 235 9.70 -44.62 81.83
C LEU F 235 8.37 -45.37 81.84
N VAL F 236 7.41 -44.86 81.05
CA VAL F 236 6.09 -45.48 80.95
C VAL F 236 5.53 -45.33 79.54
N ILE F 237 4.82 -46.35 79.09
CA ILE F 237 4.24 -46.35 77.75
C ILE F 237 2.78 -46.79 77.82
N ASN F 238 1.87 -45.90 77.45
CA ASN F 238 0.44 -46.22 77.47
C ASN F 238 -0.18 -45.93 76.11
N SER F 239 -0.06 -46.89 75.19
CA SER F 239 -0.59 -46.75 73.85
C SER F 239 -1.84 -47.60 73.62
N ASN F 240 -2.74 -47.09 72.79
CA ASN F 240 -3.98 -47.79 72.47
C ASN F 240 -3.73 -48.63 71.21
N GLY F 241 -2.74 -48.20 70.43
CA GLY F 241 -2.40 -48.90 69.21
C GLY F 241 -1.48 -48.07 68.34
N ASN F 242 -1.13 -48.59 67.17
CA ASN F 242 -0.26 -47.87 66.24
C ASN F 242 1.08 -47.59 66.91
N LEU F 243 1.39 -48.35 67.96
CA LEU F 243 2.63 -48.17 68.70
C LEU F 243 3.79 -48.96 68.09
N ILE F 244 4.99 -48.40 68.24
CA ILE F 244 6.20 -49.03 67.73
C ILE F 244 7.21 -49.04 68.89
N ALA F 245 6.92 -49.88 69.88
CA ALA F 245 7.77 -49.99 71.06
C ALA F 245 9.18 -50.48 70.76
N PRO F 246 10.18 -49.92 71.46
CA PRO F 246 11.59 -50.28 71.28
C PRO F 246 11.93 -51.54 72.08
N ARG F 247 13.03 -52.18 71.73
CA ARG F 247 13.45 -53.40 72.42
C ARG F 247 14.35 -53.07 73.62
N GLY F 248 14.79 -51.81 73.70
CA GLY F 248 15.64 -51.39 74.79
C GLY F 248 16.03 -49.93 74.71
N TYR F 249 17.25 -49.61 75.14
CA TYR F 249 17.72 -48.23 75.13
C TYR F 249 19.16 -48.14 74.65
N PHE F 250 19.73 -46.94 74.70
CA PHE F 250 21.11 -46.70 74.30
C PHE F 250 21.85 -45.99 75.42
N LYS F 251 23.05 -46.47 75.74
CA LYS F 251 23.85 -45.88 76.81
C LYS F 251 24.47 -44.56 76.36
N MET F 252 23.74 -43.47 76.58
CA MET F 252 24.20 -42.14 76.21
C MET F 252 25.45 -41.75 76.98
N ARG F 253 26.43 -41.22 76.26
CA ARG F 253 27.68 -40.79 76.88
C ARG F 253 27.97 -39.33 76.55
N THR F 254 28.81 -38.70 77.37
CA THR F 254 29.18 -37.31 77.16
C THR F 254 30.63 -37.25 76.68
N GLY F 255 30.81 -37.15 75.37
CA GLY F 255 32.16 -37.10 74.83
C GLY F 255 32.38 -36.14 73.68
N LYS F 256 33.61 -36.11 73.19
CA LYS F 256 34.01 -35.25 72.09
C LYS F 256 33.41 -35.74 70.78
N SER F 257 32.70 -36.85 70.85
CA SER F 257 32.07 -37.45 69.67
C SER F 257 31.17 -36.49 68.91
N SER F 258 31.24 -36.56 67.58
CA SER F 258 30.45 -35.70 66.71
C SER F 258 30.34 -36.35 65.32
N ILE F 259 29.62 -35.68 64.42
CA ILE F 259 29.44 -36.19 63.07
C ILE F 259 29.72 -35.11 62.03
N MET F 260 30.39 -35.49 60.94
CA MET F 260 30.71 -34.57 59.87
C MET F 260 30.32 -35.19 58.53
N ARG F 261 29.81 -34.36 57.62
CA ARG F 261 29.39 -34.85 56.30
C ARG F 261 30.51 -34.73 55.28
N SER F 262 30.87 -35.85 54.67
CA SER F 262 31.93 -35.88 53.66
C SER F 262 32.10 -37.26 53.03
N ASP F 263 32.60 -37.28 51.80
CA ASP F 263 32.83 -38.53 51.07
C ASP F 263 34.32 -38.77 50.95
N ALA F 264 35.11 -37.91 51.57
CA ALA F 264 36.57 -37.99 51.53
C ALA F 264 37.12 -39.37 51.87
N PRO F 265 38.16 -39.81 51.14
CA PRO F 265 38.78 -41.11 51.37
C PRO F 265 39.42 -41.17 52.76
N ILE F 266 39.61 -42.37 53.29
CA ILE F 266 40.20 -42.54 54.60
C ILE F 266 41.52 -43.29 54.51
N ASP F 267 42.62 -42.54 54.43
CA ASP F 267 43.94 -43.15 54.35
C ASP F 267 44.54 -43.27 55.74
N THR F 268 45.34 -44.31 55.95
CA THR F 268 45.96 -44.53 57.25
C THR F 268 47.02 -43.46 57.51
N CYS F 269 46.78 -42.65 58.54
CA CYS F 269 47.69 -41.58 58.91
C CYS F 269 47.25 -40.90 60.20
N ILE F 270 48.15 -40.11 60.78
CA ILE F 270 47.84 -39.37 62.00
C ILE F 270 47.76 -37.87 61.69
N SER F 271 46.65 -37.25 62.07
CA SER F 271 46.44 -35.83 61.85
C SER F 271 45.38 -35.30 62.80
N GLU F 272 45.77 -34.36 63.64
CA GLU F 272 44.86 -33.77 64.62
C GLU F 272 43.65 -33.07 64.00
N CYS F 273 43.83 -32.41 62.87
CA CYS F 273 42.71 -31.72 62.24
C CYS F 273 42.05 -32.53 61.13
N ILE F 274 40.71 -32.47 61.11
CA ILE F 274 39.92 -33.17 60.11
C ILE F 274 38.88 -32.23 59.50
N THR F 275 38.79 -32.25 58.18
CA THR F 275 37.85 -31.38 57.47
C THR F 275 37.13 -32.19 56.39
N PRO F 276 35.97 -31.69 55.92
CA PRO F 276 35.21 -32.39 54.88
C PRO F 276 36.04 -32.59 53.62
N ASN F 277 37.18 -31.90 53.56
CA ASN F 277 38.08 -31.99 52.41
C ASN F 277 39.25 -32.91 52.72
N GLY F 278 39.25 -33.47 53.92
CA GLY F 278 40.33 -34.35 54.33
C GLY F 278 41.24 -33.66 55.32
N SER F 279 41.75 -34.42 56.28
CA SER F 279 42.64 -33.90 57.30
C SER F 279 43.64 -32.89 56.72
N ILE F 280 44.01 -31.90 57.52
CA ILE F 280 44.98 -30.89 57.09
C ILE F 280 45.93 -30.56 58.23
N PRO F 281 47.17 -30.15 57.91
CA PRO F 281 48.15 -29.81 58.94
C PRO F 281 47.72 -28.59 59.75
N ASN F 282 47.95 -28.65 61.06
CA ASN F 282 47.57 -27.54 61.95
C ASN F 282 48.79 -26.77 62.43
N ASP F 283 49.74 -26.55 61.54
CA ASP F 283 50.96 -25.82 61.88
C ASP F 283 50.71 -24.32 61.80
N LYS F 284 49.84 -23.93 60.88
CA LYS F 284 49.50 -22.53 60.68
C LYS F 284 48.37 -22.09 61.62
N PRO F 285 48.22 -20.77 61.80
CA PRO F 285 47.17 -20.23 62.69
C PRO F 285 45.76 -20.31 62.09
N PHE F 286 45.64 -19.99 60.81
CA PHE F 286 44.34 -20.02 60.14
C PHE F 286 44.35 -20.97 58.96
N GLN F 287 43.22 -21.06 58.26
CA GLN F 287 43.09 -21.92 57.09
C GLN F 287 41.89 -21.49 56.24
N ASN F 288 41.89 -21.90 54.98
CA ASN F 288 40.81 -21.54 54.07
C ASN F 288 40.22 -22.76 53.36
N VAL F 289 40.41 -23.93 53.95
CA VAL F 289 39.89 -25.17 53.38
C VAL F 289 38.37 -25.27 53.50
N ASN F 290 37.88 -25.23 54.74
CA ASN F 290 36.45 -25.34 54.98
C ASN F 290 36.08 -24.83 56.38
N LYS F 291 34.86 -24.30 56.51
CA LYS F 291 34.39 -23.78 57.78
C LYS F 291 34.13 -24.88 58.80
N ILE F 292 33.74 -26.05 58.33
CA ILE F 292 33.48 -27.19 59.19
C ILE F 292 34.81 -27.82 59.58
N THR F 293 35.07 -27.93 60.88
CA THR F 293 36.33 -28.50 61.36
C THR F 293 36.10 -29.51 62.47
N TYR F 294 37.17 -30.13 62.94
CA TYR F 294 37.12 -31.11 64.01
C TYR F 294 38.49 -31.27 64.63
N GLY F 295 38.54 -31.26 65.97
CA GLY F 295 39.81 -31.40 66.66
C GLY F 295 40.57 -30.09 66.62
N ALA F 296 41.89 -30.16 66.72
CA ALA F 296 42.73 -28.97 66.70
C ALA F 296 42.95 -28.49 65.27
N CYS F 297 42.26 -27.42 64.89
CA CYS F 297 42.38 -26.87 63.54
C CYS F 297 42.59 -25.36 63.58
N PRO F 298 43.18 -24.80 62.52
CA PRO F 298 43.42 -23.35 62.43
C PRO F 298 42.11 -22.60 62.19
N LYS F 299 42.04 -21.36 62.64
CA LYS F 299 40.83 -20.54 62.46
C LYS F 299 40.50 -20.42 60.98
N TYR F 300 39.21 -20.59 60.64
CA TYR F 300 38.80 -20.48 59.25
C TYR F 300 38.51 -19.04 58.85
N VAL F 301 39.54 -18.35 58.36
CA VAL F 301 39.39 -16.97 57.93
C VAL F 301 38.95 -16.93 56.47
N LYS F 302 38.57 -15.74 56.00
CA LYS F 302 38.12 -15.58 54.63
C LYS F 302 39.29 -15.54 53.65
N GLN F 303 40.32 -14.76 53.99
CA GLN F 303 41.50 -14.64 53.13
C GLN F 303 42.07 -16.02 52.84
N ASN F 304 42.51 -16.24 51.62
CA ASN F 304 43.08 -17.52 51.23
C ASN F 304 44.59 -17.54 51.46
N THR F 305 45.14 -16.38 51.79
CA THR F 305 46.58 -16.26 52.03
C THR F 305 46.94 -15.03 52.86
N LEU F 306 47.97 -15.17 53.68
CA LEU F 306 48.47 -14.08 54.53
C LEU F 306 49.96 -14.25 54.76
N LYS F 307 50.76 -13.40 54.12
CA LYS F 307 52.20 -13.46 54.23
C LYS F 307 52.74 -12.70 55.44
N LEU F 308 53.40 -13.42 56.34
CA LEU F 308 53.96 -12.83 57.55
C LEU F 308 55.47 -12.60 57.39
N ALA F 309 55.92 -11.40 57.71
CA ALA F 309 57.32 -11.05 57.62
C ALA F 309 58.13 -11.79 58.68
N THR F 310 58.97 -12.71 58.22
CA THR F 310 59.81 -13.49 59.13
C THR F 310 61.23 -12.97 59.07
N GLY F 311 61.65 -12.57 57.86
CA GLY F 311 62.99 -12.06 57.68
C GLY F 311 63.04 -10.57 57.89
N MET F 312 64.17 -9.97 57.54
CA MET F 312 64.37 -8.53 57.69
C MET F 312 63.88 -7.81 56.45
N ARG F 313 63.56 -6.53 56.59
CA ARG F 313 63.10 -5.74 55.46
C ARG F 313 64.31 -5.65 54.54
N ASN F 314 64.13 -5.97 53.27
CA ASN F 314 65.24 -5.97 52.35
C ASN F 314 65.32 -4.84 51.33
N VAL F 315 66.43 -4.12 51.36
CA VAL F 315 66.69 -3.06 50.41
C VAL F 315 67.73 -3.69 49.48
N PRO F 316 67.25 -4.42 48.46
CA PRO F 316 68.13 -5.09 47.50
C PRO F 316 68.91 -4.12 46.62
N GLU F 317 69.79 -4.68 45.79
CA GLU F 317 70.65 -3.90 44.89
C GLU F 317 71.83 -3.34 45.68
N LYS F 318 72.88 -2.92 44.97
CA LYS F 318 74.05 -2.41 45.64
C LYS F 318 74.79 -1.34 44.84
N GLN F 319 75.47 -0.44 45.54
CA GLN F 319 76.23 0.61 44.88
C GLN F 319 77.36 -0.10 44.16
N THR F 320 77.91 -1.12 44.81
CA THR F 320 78.99 -1.93 44.26
C THR F 320 80.06 -1.03 43.66
N ARG F 321 80.31 0.08 44.33
CA ARG F 321 81.27 1.05 43.83
C ARG F 321 82.59 0.55 43.26
N GLY F 322 82.76 0.94 42.00
CA GLY F 322 83.92 0.65 41.20
C GLY F 322 84.88 -0.47 41.49
N LEU F 323 86.11 -0.18 41.08
CA LEU F 323 87.26 -1.05 41.19
C LEU F 323 87.59 -1.14 42.66
N PHE F 324 88.03 -0.02 43.22
CA PHE F 324 88.33 0.04 44.64
C PHE F 324 86.96 0.18 45.29
N GLY F 325 86.70 -0.63 46.32
CA GLY F 325 85.41 -0.57 46.97
C GLY F 325 85.34 0.41 48.13
N ALA F 326 84.45 1.38 48.02
CA ALA F 326 84.29 2.38 49.07
C ALA F 326 83.87 1.71 50.37
N ILE F 327 83.24 0.55 50.25
CA ILE F 327 82.80 -0.23 51.40
C ILE F 327 81.68 0.54 52.13
N ALA F 328 81.16 1.55 51.44
CA ALA F 328 80.08 2.41 51.96
C ALA F 328 79.12 1.73 52.91
N GLY F 329 78.68 2.48 53.92
CA GLY F 329 77.76 1.95 54.91
C GLY F 329 76.41 1.56 54.35
N PHE F 330 75.71 0.68 55.05
CA PHE F 330 74.41 0.19 54.63
C PHE F 330 73.48 1.25 54.03
N ILE F 331 72.99 2.17 54.85
CA ILE F 331 72.09 3.23 54.41
C ILE F 331 71.11 2.73 53.35
N GLU F 332 71.41 2.98 52.07
CA GLU F 332 70.53 2.57 50.98
C GLU F 332 70.91 1.27 50.28
N ASN F 333 71.53 0.34 51.01
CA ASN F 333 71.92 -0.93 50.42
C ASN F 333 72.24 -2.04 51.42
N GLY F 334 71.94 -3.26 51.02
CA GLY F 334 72.21 -4.43 51.85
C GLY F 334 73.33 -5.20 51.19
N TRP F 335 74.13 -5.90 51.97
CA TRP F 335 75.25 -6.65 51.40
C TRP F 335 74.93 -8.11 51.10
N GLU F 336 74.49 -8.38 49.87
CA GLU F 336 74.17 -9.74 49.46
C GLU F 336 75.38 -10.63 49.65
N GLY F 337 76.54 -10.00 49.87
CA GLY F 337 77.76 -10.75 50.08
C GLY F 337 77.81 -11.39 51.45
N MET F 338 77.44 -10.62 52.47
CA MET F 338 77.43 -11.14 53.84
C MET F 338 76.43 -12.28 53.95
N ILE F 339 76.94 -13.48 54.23
CA ILE F 339 76.09 -14.65 54.35
C ILE F 339 76.38 -15.41 55.65
N ASP F 340 76.93 -14.70 56.63
CA ASP F 340 77.26 -15.28 57.92
C ASP F 340 76.48 -14.64 59.06
N GLY F 341 75.58 -13.73 58.72
CA GLY F 341 74.79 -13.05 59.75
C GLY F 341 73.84 -12.01 59.19
N TRP F 342 73.15 -11.32 60.08
CA TRP F 342 72.19 -10.30 59.70
C TRP F 342 72.85 -8.92 59.71
N TYR F 343 73.79 -8.74 60.62
CA TYR F 343 74.50 -7.47 60.75
C TYR F 343 76.00 -7.72 60.89
N GLY F 344 76.79 -7.01 60.08
CA GLY F 344 78.23 -7.18 60.14
C GLY F 344 78.99 -5.90 59.90
N PHE F 345 80.31 -5.95 59.98
CA PHE F 345 81.13 -4.78 59.76
C PHE F 345 82.10 -4.98 58.62
N ARG F 346 82.47 -3.88 57.98
CA ARG F 346 83.41 -3.91 56.87
C ARG F 346 84.48 -2.84 57.05
N HIS F 347 85.70 -3.29 57.27
CA HIS F 347 86.83 -2.38 57.48
C HIS F 347 87.61 -2.15 56.19
N GLN F 348 88.12 -0.93 56.03
CA GLN F 348 88.90 -0.56 54.86
C GLN F 348 90.20 0.08 55.34
N ASN F 349 91.01 -0.71 56.03
CA ASN F 349 92.28 -0.22 56.56
C ASN F 349 93.38 -0.32 55.52
N SER F 350 94.59 0.09 55.91
CA SER F 350 95.73 0.05 55.01
C SER F 350 96.09 -1.37 54.59
N GLU F 351 95.77 -2.34 55.44
CA GLU F 351 96.06 -3.74 55.13
C GLU F 351 95.12 -4.28 54.07
N GLY F 352 94.07 -3.52 53.76
CA GLY F 352 93.12 -3.96 52.75
C GLY F 352 91.67 -3.90 53.22
N THR F 353 90.85 -4.80 52.70
CA THR F 353 89.44 -4.86 53.07
C THR F 353 89.13 -6.11 53.87
N GLY F 354 87.96 -6.14 54.50
CA GLY F 354 87.56 -7.29 55.29
C GLY F 354 86.14 -7.16 55.81
N GLN F 355 85.50 -8.28 56.06
CA GLN F 355 84.13 -8.30 56.54
C GLN F 355 83.94 -9.30 57.68
N ALA F 356 83.12 -8.92 58.66
CA ALA F 356 82.84 -9.79 59.80
C ALA F 356 81.47 -9.45 60.38
N ALA F 357 80.64 -10.48 60.57
CA ALA F 357 79.30 -10.29 61.10
C ALA F 357 79.28 -10.36 62.63
N ASP F 358 78.58 -9.42 63.24
CA ASP F 358 78.46 -9.36 64.70
C ASP F 358 77.29 -10.23 65.15
N LEU F 359 77.61 -11.43 65.64
CA LEU F 359 76.59 -12.37 66.10
C LEU F 359 75.71 -11.79 67.19
N LYS F 360 76.28 -10.94 68.04
CA LYS F 360 75.54 -10.32 69.13
C LYS F 360 74.27 -9.64 68.63
N SER F 361 74.44 -8.56 67.88
CA SER F 361 73.32 -7.80 67.33
C SER F 361 72.36 -8.69 66.55
N THR F 362 72.89 -9.46 65.61
CA THR F 362 72.08 -10.35 64.79
C THR F 362 71.19 -11.27 65.63
N GLN F 363 71.78 -11.86 66.67
CA GLN F 363 71.05 -12.78 67.53
C GLN F 363 69.85 -12.13 68.23
N ALA F 364 70.03 -10.92 68.75
CA ALA F 364 68.96 -10.21 69.43
C ALA F 364 67.72 -10.13 68.56
N ALA F 365 67.92 -9.78 67.28
CA ALA F 365 66.82 -9.66 66.34
C ALA F 365 66.10 -11.00 66.18
N ILE F 366 66.86 -12.04 65.86
CA ILE F 366 66.32 -13.37 65.67
C ILE F 366 65.47 -13.83 66.85
N ASP F 367 66.01 -13.68 68.07
CA ASP F 367 65.28 -14.09 69.27
C ASP F 367 63.89 -13.46 69.35
N GLN F 368 63.84 -12.14 69.17
CA GLN F 368 62.57 -11.41 69.22
C GLN F 368 61.61 -11.93 68.16
N ILE F 369 62.11 -12.10 66.95
CA ILE F 369 61.30 -12.57 65.83
C ILE F 369 60.67 -13.95 66.06
N ASN F 370 61.52 -14.95 66.27
CA ASN F 370 61.06 -16.33 66.49
C ASN F 370 59.90 -16.52 67.46
N GLY F 371 60.11 -16.17 68.72
CA GLY F 371 59.08 -16.35 69.73
C GLY F 371 57.75 -15.63 69.57
N LYS F 372 57.77 -14.43 68.98
CA LYS F 372 56.56 -13.63 68.80
C LYS F 372 55.35 -14.35 68.20
N LEU F 373 55.51 -14.91 67.01
CA LEU F 373 54.41 -15.61 66.32
C LEU F 373 53.53 -16.45 67.23
N ASN F 374 54.12 -17.46 67.84
CA ASN F 374 53.40 -18.36 68.73
C ASN F 374 52.72 -17.63 69.88
N ARG F 375 53.35 -16.57 70.37
CA ARG F 375 52.77 -15.81 71.46
C ARG F 375 51.44 -15.17 71.03
N VAL F 376 51.51 -14.31 70.01
CA VAL F 376 50.33 -13.63 69.50
C VAL F 376 49.17 -14.60 69.24
N ILE F 377 49.42 -15.61 68.42
CA ILE F 377 48.40 -16.60 68.09
C ILE F 377 48.59 -17.88 68.88
N GLU F 378 47.50 -18.44 69.37
CA GLU F 378 47.59 -19.65 70.15
C GLU F 378 47.88 -20.86 69.26
N LYS F 379 48.97 -21.56 69.57
CA LYS F 379 49.40 -22.72 68.79
C LYS F 379 48.25 -23.63 68.38
N THR F 380 47.20 -23.68 69.19
CA THR F 380 46.06 -24.53 68.89
C THR F 380 44.88 -24.31 69.84
N ASN F 381 43.72 -24.81 69.41
CA ASN F 381 42.49 -24.74 70.18
C ASN F 381 41.62 -25.87 69.63
N GLU F 382 41.04 -26.66 70.52
CA GLU F 382 40.19 -27.77 70.07
C GLU F 382 38.71 -27.45 70.10
N LYS F 383 37.99 -28.14 69.23
CA LYS F 383 36.54 -28.00 69.10
C LYS F 383 36.06 -29.31 68.52
N PHE F 384 34.89 -29.77 68.95
CA PHE F 384 34.37 -31.03 68.46
C PHE F 384 32.97 -30.81 67.89
N HIS F 385 31.94 -31.30 68.56
CA HIS F 385 30.58 -31.10 68.05
C HIS F 385 30.24 -29.61 68.12
N GLN F 386 29.73 -29.07 67.02
CA GLN F 386 29.37 -27.66 66.94
C GLN F 386 27.98 -27.51 66.32
N ILE F 387 27.84 -26.53 65.43
CA ILE F 387 26.55 -26.32 64.76
C ILE F 387 26.73 -26.69 63.30
N GLU F 388 25.68 -27.25 62.70
CA GLU F 388 25.75 -27.59 61.29
C GLU F 388 25.95 -26.24 60.60
N LYS F 389 26.97 -26.14 59.76
CA LYS F 389 27.24 -24.90 59.06
C LYS F 389 26.78 -25.03 57.63
N GLU F 390 25.91 -26.01 57.39
CA GLU F 390 25.36 -26.27 56.08
C GLU F 390 23.99 -26.93 56.16
N PHE F 391 23.17 -26.68 55.16
CA PHE F 391 21.83 -27.25 55.09
C PHE F 391 21.53 -27.59 53.64
N SER F 392 20.47 -28.34 53.41
CA SER F 392 20.09 -28.72 52.06
C SER F 392 18.70 -28.21 51.70
N GLU F 393 17.95 -27.77 52.71
CA GLU F 393 16.60 -27.24 52.49
C GLU F 393 16.35 -26.02 53.37
N VAL F 394 15.20 -25.38 53.18
CA VAL F 394 14.86 -24.19 53.94
C VAL F 394 14.11 -24.53 55.22
N GLU F 395 14.47 -23.84 56.30
CA GLU F 395 13.85 -24.08 57.60
C GLU F 395 13.39 -22.78 58.26
N GLY F 396 13.45 -21.68 57.51
CA GLY F 396 13.03 -20.40 58.04
C GLY F 396 13.88 -19.87 59.17
N ARG F 397 13.21 -19.38 60.22
CA ARG F 397 13.85 -18.79 61.38
C ARG F 397 15.10 -19.51 61.91
N ILE F 398 14.92 -20.70 62.47
CA ILE F 398 16.03 -21.47 63.03
C ILE F 398 17.25 -21.42 62.13
N GLN F 399 17.10 -21.92 60.90
CA GLN F 399 18.20 -21.94 59.94
C GLN F 399 18.87 -20.57 59.82
N ASP F 400 18.07 -19.56 59.49
CA ASP F 400 18.58 -18.19 59.34
C ASP F 400 19.58 -17.83 60.43
N LEU F 401 19.17 -17.99 61.68
CA LEU F 401 20.03 -17.68 62.82
C LEU F 401 21.37 -18.41 62.72
N GLU F 402 21.32 -19.74 62.70
CA GLU F 402 22.52 -20.56 62.61
C GLU F 402 23.53 -20.02 61.60
N LYS F 403 23.06 -19.71 60.39
CA LYS F 403 23.93 -19.20 59.35
C LYS F 403 24.58 -17.89 59.79
N TYR F 404 23.75 -16.96 60.26
CA TYR F 404 24.22 -15.66 60.71
C TYR F 404 25.35 -15.82 61.73
N VAL F 405 25.11 -16.62 62.76
CA VAL F 405 26.09 -16.85 63.81
C VAL F 405 27.45 -17.21 63.24
N GLU F 406 27.50 -18.33 62.51
CA GLU F 406 28.75 -18.79 61.91
C GLU F 406 29.39 -17.74 61.02
N ASP F 407 28.58 -17.12 60.16
CA ASP F 407 29.07 -16.10 59.25
C ASP F 407 29.70 -14.95 60.03
N THR F 408 28.95 -14.41 61.00
CA THR F 408 29.43 -13.30 61.82
C THR F 408 30.78 -13.65 62.43
N LYS F 409 30.90 -14.85 62.96
CA LYS F 409 32.13 -15.33 63.57
C LYS F 409 33.32 -15.16 62.62
N ILE F 410 33.17 -15.71 61.42
CA ILE F 410 34.21 -15.66 60.40
C ILE F 410 34.67 -14.23 60.11
N ASP F 411 33.72 -13.37 59.74
CA ASP F 411 34.04 -11.97 59.43
C ASP F 411 34.85 -11.33 60.55
N LEU F 412 34.39 -11.52 61.79
CA LEU F 412 35.08 -10.96 62.95
C LEU F 412 36.47 -11.56 63.08
N TRP F 413 36.55 -12.89 63.03
CA TRP F 413 37.81 -13.60 63.14
C TRP F 413 38.79 -13.17 62.05
N SER F 414 38.32 -13.15 60.81
CA SER F 414 39.16 -12.76 59.68
C SER F 414 39.83 -11.42 59.97
N TYR F 415 39.04 -10.44 60.38
CA TYR F 415 39.54 -9.11 60.71
C TYR F 415 40.76 -9.21 61.61
N ASN F 416 40.62 -9.98 62.69
CA ASN F 416 41.70 -10.16 63.65
C ASN F 416 42.96 -10.65 62.96
N ALA F 417 42.83 -11.69 62.15
CA ALA F 417 43.96 -12.25 61.43
C ALA F 417 44.60 -11.19 60.55
N GLU F 418 43.80 -10.56 59.70
CA GLU F 418 44.28 -9.51 58.80
C GLU F 418 44.98 -8.41 59.60
N LEU F 419 44.27 -7.87 60.58
CA LEU F 419 44.80 -6.81 61.43
C LEU F 419 46.08 -7.23 62.15
N LEU F 420 46.04 -8.42 62.75
CA LEU F 420 47.18 -8.96 63.48
C LEU F 420 48.43 -9.08 62.63
N VAL F 421 48.29 -9.65 61.44
CA VAL F 421 49.42 -9.82 60.54
C VAL F 421 50.02 -8.47 60.16
N ALA F 422 49.15 -7.51 59.87
CA ALA F 422 49.60 -6.17 59.50
C ALA F 422 50.42 -5.55 60.63
N LEU F 423 50.03 -5.87 61.86
CA LEU F 423 50.72 -5.38 63.04
C LEU F 423 52.08 -6.05 63.21
N GLU F 424 52.10 -7.37 63.02
CA GLU F 424 53.33 -8.14 63.14
C GLU F 424 54.40 -7.72 62.15
N ASN F 425 54.05 -7.73 60.85
CA ASN F 425 55.00 -7.34 59.81
C ASN F 425 55.52 -5.94 60.08
N GLN F 426 54.59 -5.00 60.28
CA GLN F 426 54.92 -3.61 60.54
C GLN F 426 55.83 -3.49 61.76
N HIS F 427 55.60 -4.36 62.74
CA HIS F 427 56.37 -4.36 63.98
C HIS F 427 57.74 -5.00 63.82
N THR F 428 57.79 -6.08 63.05
CA THR F 428 59.05 -6.80 62.81
C THR F 428 60.08 -5.90 62.15
N ILE F 429 59.64 -5.17 61.12
CA ILE F 429 60.50 -4.26 60.39
C ILE F 429 61.21 -3.27 61.32
N ASP F 430 60.42 -2.57 62.13
CA ASP F 430 60.95 -1.61 63.08
C ASP F 430 61.97 -2.27 64.01
N LEU F 431 61.64 -3.48 64.46
CA LEU F 431 62.50 -4.23 65.35
C LEU F 431 63.87 -4.51 64.74
N THR F 432 63.87 -5.13 63.56
CA THR F 432 65.12 -5.45 62.87
C THR F 432 65.85 -4.19 62.44
N ASP F 433 65.09 -3.23 61.92
CA ASP F 433 65.66 -1.97 61.45
C ASP F 433 66.27 -1.18 62.60
N SER F 434 65.73 -1.37 63.80
CA SER F 434 66.22 -0.68 64.98
C SER F 434 67.59 -1.21 65.37
N GLU F 435 67.69 -2.54 65.47
CA GLU F 435 68.95 -3.20 65.83
C GLU F 435 70.10 -2.60 65.02
N MET F 436 69.95 -2.63 63.70
CA MET F 436 70.96 -2.09 62.79
C MET F 436 71.32 -0.67 63.16
N ASN F 437 70.34 0.08 63.67
CA ASN F 437 70.54 1.46 64.06
C ASN F 437 71.26 1.58 65.40
N LYS F 438 71.06 0.60 66.28
CA LYS F 438 71.71 0.61 67.59
C LYS F 438 73.19 0.30 67.46
N LEU F 439 73.50 -0.80 66.77
CA LEU F 439 74.88 -1.22 66.59
C LEU F 439 75.70 -0.06 66.02
N PHE F 440 75.03 0.86 65.32
CA PHE F 440 75.68 2.01 64.73
C PHE F 440 75.95 3.06 65.80
N GLU F 441 75.03 3.20 66.75
CA GLU F 441 75.18 4.15 67.84
C GLU F 441 76.12 3.58 68.89
N LYS F 442 76.12 2.25 69.01
CA LYS F 442 76.98 1.56 69.94
C LYS F 442 78.43 1.82 69.56
N THR F 443 78.64 2.12 68.28
CA THR F 443 79.97 2.39 67.76
C THR F 443 80.32 3.86 67.95
N ARG F 444 79.33 4.73 67.76
CA ARG F 444 79.55 6.17 67.92
C ARG F 444 80.08 6.47 69.32
N ARG F 445 79.46 5.86 70.33
CA ARG F 445 79.86 6.04 71.71
C ARG F 445 81.22 5.40 71.97
N GLN F 446 81.49 4.30 71.28
CA GLN F 446 82.74 3.57 71.45
C GLN F 446 83.92 4.33 70.83
N LEU F 447 83.85 4.57 69.52
CA LEU F 447 84.91 5.28 68.83
C LEU F 447 85.20 6.63 69.47
N ARG F 448 84.16 7.26 70.00
CA ARG F 448 84.32 8.57 70.63
C ARG F 448 84.77 9.60 69.61
N GLU F 449 85.89 10.27 69.89
CA GLU F 449 86.42 11.29 69.00
C GLU F 449 87.26 10.79 67.84
N ASN F 450 87.95 9.67 68.06
CA ASN F 450 88.81 9.07 67.04
C ASN F 450 88.33 9.11 65.60
N ALA F 451 87.02 9.03 65.39
CA ALA F 451 86.48 9.05 64.03
C ALA F 451 85.29 9.99 63.85
N GLU F 452 84.71 9.98 62.65
CA GLU F 452 83.57 10.82 62.34
C GLU F 452 82.57 10.05 61.49
N ASP F 453 81.29 10.37 61.65
CA ASP F 453 80.23 9.72 60.89
C ASP F 453 80.09 10.34 59.51
N MET F 454 80.67 9.68 58.51
CA MET F 454 80.62 10.16 57.14
C MET F 454 79.19 10.41 56.68
N GLY F 455 78.25 9.69 57.27
CA GLY F 455 76.86 9.85 56.90
C GLY F 455 76.39 8.68 56.05
N ASN F 456 77.28 8.18 55.21
CA ASN F 456 76.98 7.06 54.34
C ASN F 456 76.87 5.76 55.14
N GLY F 457 76.78 5.89 56.46
CA GLY F 457 76.68 4.73 57.31
C GLY F 457 78.04 4.18 57.71
N CYS F 458 79.08 4.99 57.54
CA CYS F 458 80.44 4.59 57.89
C CYS F 458 81.07 5.59 58.84
N PHE F 459 82.11 5.15 59.53
CA PHE F 459 82.85 6.01 60.45
C PHE F 459 84.24 6.15 59.88
N LYS F 460 84.61 7.38 59.50
CA LYS F 460 85.92 7.63 58.93
C LYS F 460 86.99 7.79 60.00
N ILE F 461 87.53 6.68 60.46
CA ILE F 461 88.58 6.69 61.48
C ILE F 461 89.73 7.54 60.98
N TYR F 462 90.21 8.45 61.84
CA TYR F 462 91.31 9.34 61.47
C TYR F 462 92.72 8.87 61.79
N HIS F 463 92.92 7.57 61.96
CA HIS F 463 94.25 7.07 62.29
C HIS F 463 94.53 5.68 61.76
N LYS F 464 95.80 5.42 61.44
CA LYS F 464 96.21 4.12 60.95
C LYS F 464 95.61 3.05 61.84
N CYS F 465 94.82 2.16 61.26
CA CYS F 465 94.17 1.11 62.04
C CYS F 465 94.35 -0.25 61.39
N ASP F 466 95.24 -1.06 61.95
CA ASP F 466 95.51 -2.39 61.44
C ASP F 466 94.33 -3.31 61.74
N ASN F 467 94.37 -4.52 61.19
CA ASN F 467 93.27 -5.48 61.39
C ASN F 467 92.98 -5.72 62.86
N ALA F 468 94.03 -5.75 63.69
CA ALA F 468 93.86 -5.96 65.12
C ALA F 468 93.13 -4.75 65.68
N CYS F 469 93.54 -3.57 65.24
CA CYS F 469 92.94 -2.32 65.67
C CYS F 469 91.43 -2.35 65.42
N ILE F 470 91.04 -2.91 64.28
CA ILE F 470 89.62 -3.00 63.92
C ILE F 470 88.91 -4.02 64.81
N GLU F 471 89.50 -5.21 64.92
CA GLU F 471 88.92 -6.27 65.74
C GLU F 471 88.62 -5.82 67.16
N SER F 472 89.51 -5.00 67.71
CA SER F 472 89.35 -4.50 69.08
C SER F 472 88.09 -3.64 69.22
N ILE F 473 87.63 -3.08 68.11
CA ILE F 473 86.45 -2.23 68.13
C ILE F 473 85.16 -3.02 67.96
N ARG F 474 85.24 -4.15 67.26
CA ARG F 474 84.06 -4.97 67.04
C ARG F 474 83.58 -5.68 68.29
N ASN F 475 84.49 -6.13 69.14
CA ASN F 475 84.07 -6.77 70.37
C ASN F 475 83.63 -5.70 71.36
N GLY F 476 84.27 -4.54 71.28
CA GLY F 476 83.92 -3.43 72.15
C GLY F 476 85.02 -3.11 73.15
N THR F 477 86.10 -3.89 73.10
CA THR F 477 87.24 -3.72 74.00
C THR F 477 88.03 -2.44 73.74
N TYR F 478 88.16 -2.10 72.47
CA TYR F 478 88.88 -0.91 72.00
C TYR F 478 88.80 0.33 72.91
N ASP F 479 89.94 0.99 73.10
CA ASP F 479 90.04 2.19 73.93
C ASP F 479 90.38 3.43 73.08
N HIS F 480 89.63 4.51 73.31
CA HIS F 480 89.80 5.76 72.57
C HIS F 480 91.10 6.51 72.85
N ASP F 481 91.50 6.58 74.10
CA ASP F 481 92.73 7.29 74.49
C ASP F 481 93.96 6.86 73.68
N VAL F 482 94.08 5.55 73.45
CA VAL F 482 95.21 5.01 72.71
C VAL F 482 95.55 5.79 71.45
N TYR F 483 94.56 5.97 70.58
CA TYR F 483 94.76 6.68 69.32
C TYR F 483 94.27 8.13 69.38
N ARG F 484 93.76 8.54 70.54
CA ARG F 484 93.25 9.90 70.71
C ARG F 484 94.17 10.97 70.14
N ASP F 485 95.38 11.07 70.67
CA ASP F 485 96.35 12.06 70.21
C ASP F 485 96.57 11.99 68.71
N GLU F 486 96.84 10.78 68.20
CA GLU F 486 97.07 10.56 66.78
C GLU F 486 95.91 11.07 65.93
N ALA F 487 94.73 10.49 66.13
CA ALA F 487 93.55 10.87 65.37
C ALA F 487 93.29 12.37 65.40
N LEU F 488 93.22 12.94 66.61
CA LEU F 488 92.98 14.36 66.80
C LEU F 488 93.77 15.25 65.83
N ASN F 489 94.99 14.85 65.52
CA ASN F 489 95.84 15.62 64.62
C ASN F 489 95.33 15.62 63.18
N ASN F 490 95.14 14.43 62.62
CA ASN F 490 94.67 14.28 61.25
C ASN F 490 93.34 14.97 61.01
N ARG F 491 92.56 15.16 62.08
CA ARG F 491 91.26 15.79 61.99
C ARG F 491 91.34 17.29 61.75
N PHE F 492 91.94 18.00 62.70
CA PHE F 492 92.06 19.45 62.64
C PHE F 492 93.34 19.94 61.96
N GLN F 493 94.03 19.04 61.27
CA GLN F 493 95.27 19.39 60.58
C GLN F 493 95.46 18.55 59.32
N SER G 1 40.04 -92.40 -51.41
CA SER G 1 41.45 -92.34 -50.93
C SER G 1 42.06 -90.97 -51.23
N THR G 2 41.26 -90.11 -51.86
CA THR G 2 41.69 -88.77 -52.22
C THR G 2 40.53 -87.80 -52.08
N ALA G 3 40.83 -86.53 -51.85
CA ALA G 3 39.80 -85.51 -51.71
C ALA G 3 40.15 -84.28 -52.53
N THR G 4 39.14 -83.58 -53.02
CA THR G 4 39.35 -82.39 -53.83
C THR G 4 38.89 -81.13 -53.09
N LEU G 5 39.80 -80.17 -52.96
CA LEU G 5 39.47 -78.91 -52.30
C LEU G 5 39.59 -77.81 -53.35
N CYS G 6 38.61 -76.91 -53.38
CA CYS G 6 38.64 -75.83 -54.35
C CYS G 6 38.31 -74.49 -53.70
N LEU G 7 38.70 -73.42 -54.38
CA LEU G 7 38.45 -72.07 -53.90
C LEU G 7 37.57 -71.39 -54.93
N GLY G 8 36.94 -70.28 -54.54
CA GLY G 8 36.08 -69.57 -55.47
C GLY G 8 35.47 -68.31 -54.91
N HIS G 9 34.66 -67.65 -55.72
CA HIS G 9 34.01 -66.42 -55.31
C HIS G 9 32.50 -66.46 -55.59
N HIS G 10 31.80 -65.39 -55.22
CA HIS G 10 30.36 -65.32 -55.41
C HIS G 10 29.95 -64.78 -56.77
N ALA G 11 28.65 -64.76 -57.02
CA ALA G 11 28.10 -64.27 -58.29
C ALA G 11 26.67 -63.79 -58.09
N VAL G 12 26.21 -62.94 -59.01
CA VAL G 12 24.85 -62.40 -58.93
C VAL G 12 24.09 -62.65 -60.23
N PRO G 13 22.76 -62.71 -60.17
CA PRO G 13 21.91 -62.94 -61.34
C PRO G 13 22.28 -62.04 -62.52
N ASN G 14 22.09 -60.74 -62.34
CA ASN G 14 22.39 -59.77 -63.39
C ASN G 14 23.21 -58.61 -62.83
N GLY G 15 24.50 -58.59 -63.18
CA GLY G 15 25.39 -57.54 -62.70
C GLY G 15 25.26 -56.26 -63.50
N THR G 16 26.16 -55.32 -63.22
CA THR G 16 26.17 -54.04 -63.92
C THR G 16 27.51 -53.80 -64.60
N LEU G 17 27.48 -53.07 -65.71
CA LEU G 17 28.71 -52.78 -66.45
C LEU G 17 29.41 -51.55 -65.90
N VAL G 18 30.73 -51.51 -66.08
CA VAL G 18 31.53 -50.39 -65.60
C VAL G 18 32.66 -50.07 -66.58
N LYS G 19 33.06 -48.80 -66.63
CA LYS G 19 34.12 -48.37 -67.53
C LYS G 19 35.48 -48.45 -66.84
N THR G 20 36.33 -49.34 -67.33
CA THR G 20 37.66 -49.52 -66.76
C THR G 20 38.71 -49.23 -67.83
N ILE G 21 39.95 -49.08 -67.39
CA ILE G 21 41.06 -48.79 -68.30
C ILE G 21 41.29 -49.94 -69.28
N THR G 22 41.71 -51.09 -68.75
CA THR G 22 41.99 -52.28 -69.56
C THR G 22 40.84 -52.69 -70.47
N ASP G 23 39.69 -53.03 -69.88
CA ASP G 23 38.53 -53.43 -70.67
C ASP G 23 37.62 -52.23 -70.87
N ASP G 24 37.14 -52.05 -72.10
CA ASP G 24 36.28 -50.91 -72.42
C ASP G 24 34.93 -51.04 -71.74
N GLN G 25 34.53 -52.26 -71.41
CA GLN G 25 33.25 -52.51 -70.75
C GLN G 25 33.28 -53.87 -70.06
N ILE G 26 32.96 -53.90 -68.77
CA ILE G 26 32.95 -55.16 -68.03
C ILE G 26 31.88 -55.16 -66.94
N GLU G 27 31.37 -56.35 -66.62
CA GLU G 27 30.33 -56.51 -65.62
C GLU G 27 30.86 -56.89 -64.24
N VAL G 28 30.26 -56.30 -63.21
CA VAL G 28 30.65 -56.57 -61.83
C VAL G 28 29.45 -57.13 -61.07
N THR G 29 29.60 -57.28 -59.75
CA THR G 29 28.51 -57.81 -58.93
C THR G 29 27.75 -56.70 -58.21
N ASN G 30 28.22 -55.46 -58.36
CA ASN G 30 27.58 -54.33 -57.71
C ASN G 30 28.14 -53.01 -58.24
N ALA G 31 27.27 -52.01 -58.36
CA ALA G 31 27.67 -50.70 -58.84
C ALA G 31 26.97 -49.60 -58.04
N THR G 32 27.16 -48.35 -58.46
CA THR G 32 26.54 -47.22 -57.78
C THR G 32 26.73 -45.94 -58.60
N GLU G 33 25.69 -45.11 -58.61
CA GLU G 33 25.74 -43.86 -59.36
C GLU G 33 26.49 -42.79 -58.59
N LEU G 34 27.42 -42.11 -59.26
CA LEU G 34 28.22 -41.06 -58.64
C LEU G 34 27.82 -39.68 -59.16
N VAL G 35 26.71 -39.62 -59.90
CA VAL G 35 26.24 -38.35 -60.45
C VAL G 35 24.77 -38.13 -60.13
N GLN G 36 24.49 -37.16 -59.26
CA GLN G 36 23.12 -36.85 -58.87
C GLN G 36 22.37 -36.29 -60.08
N SER G 37 21.35 -37.01 -60.52
CA SER G 37 20.57 -36.58 -61.67
C SER G 37 19.13 -36.19 -61.32
N SER G 38 18.59 -36.80 -60.27
CA SER G 38 17.23 -36.50 -59.84
C SER G 38 17.18 -35.22 -59.01
N SER G 39 15.97 -34.74 -58.75
CA SER G 39 15.77 -33.52 -57.97
C SER G 39 14.35 -33.44 -57.42
N THR G 40 14.23 -33.12 -56.14
CA THR G 40 12.92 -33.00 -55.50
C THR G 40 12.10 -31.92 -56.19
N GLY G 41 12.78 -30.85 -56.61
CA GLY G 41 12.10 -29.76 -57.28
C GLY G 41 11.65 -28.69 -56.33
N LYS G 42 12.00 -28.83 -55.06
CA LYS G 42 11.63 -27.86 -54.04
C LYS G 42 12.85 -27.40 -53.25
N ILE G 43 12.86 -26.12 -52.90
CA ILE G 43 13.97 -25.54 -52.14
C ILE G 43 13.75 -25.74 -50.65
N CYS G 44 14.64 -26.48 -50.01
CA CYS G 44 14.55 -26.73 -48.57
C CYS G 44 15.03 -25.52 -47.80
N ASN G 45 14.10 -24.87 -47.10
CA ASN G 45 14.38 -23.68 -46.31
C ASN G 45 15.51 -23.82 -45.30
N ASN G 46 15.83 -25.05 -44.91
CA ASN G 46 16.91 -25.27 -43.95
C ASN G 46 18.07 -26.05 -44.55
N PRO G 47 19.28 -25.88 -44.00
CA PRO G 47 19.58 -24.99 -42.86
C PRO G 47 19.63 -23.52 -43.27
N HIS G 48 20.19 -23.27 -44.45
CA HIS G 48 20.35 -21.92 -44.99
C HIS G 48 19.02 -21.15 -44.98
N ARG G 49 18.99 -20.04 -44.26
CA ARG G 49 17.79 -19.23 -44.20
C ARG G 49 17.48 -18.75 -45.62
N ILE G 50 16.35 -19.17 -46.17
CA ILE G 50 15.97 -18.80 -47.52
C ILE G 50 14.87 -17.74 -47.54
N LEU G 51 15.11 -16.66 -48.28
CA LEU G 51 14.15 -15.57 -48.40
C LEU G 51 13.52 -15.55 -49.78
N ASP G 52 12.19 -15.52 -49.83
CA ASP G 52 11.48 -15.50 -51.10
C ASP G 52 11.05 -14.08 -51.41
N GLY G 53 11.70 -13.47 -52.40
CA GLY G 53 11.36 -12.11 -52.78
C GLY G 53 10.09 -12.07 -53.60
N ILE G 54 9.53 -13.25 -53.88
CA ILE G 54 8.31 -13.37 -54.68
C ILE G 54 8.38 -12.39 -55.85
N ASP G 55 7.28 -11.71 -56.13
CA ASP G 55 7.24 -10.76 -57.22
C ASP G 55 8.00 -9.48 -56.86
N CYS G 56 9.28 -9.63 -56.56
CA CYS G 56 10.16 -8.52 -56.22
C CYS G 56 11.61 -8.86 -56.49
N THR G 57 12.38 -7.86 -56.93
CA THR G 57 13.79 -8.05 -57.22
C THR G 57 14.58 -7.48 -56.04
N LEU G 58 15.72 -8.09 -55.75
CA LEU G 58 16.55 -7.64 -54.64
C LEU G 58 16.77 -6.13 -54.70
N ILE G 59 16.84 -5.60 -55.92
CA ILE G 59 17.04 -4.17 -56.13
C ILE G 59 15.77 -3.39 -55.79
N ASP G 60 14.64 -3.82 -56.34
CA ASP G 60 13.37 -3.15 -56.07
C ASP G 60 13.10 -3.16 -54.57
N ALA G 61 13.67 -4.14 -53.88
CA ALA G 61 13.50 -4.26 -52.44
C ALA G 61 14.40 -3.22 -51.78
N LEU G 62 15.64 -3.15 -52.24
CA LEU G 62 16.61 -2.20 -51.72
C LEU G 62 16.06 -0.80 -51.89
N LEU G 63 15.88 -0.39 -53.15
CA LEU G 63 15.35 0.93 -53.47
C LEU G 63 14.17 1.25 -52.57
N GLY G 64 13.29 0.27 -52.39
CA GLY G 64 12.12 0.47 -51.55
C GLY G 64 10.86 0.70 -52.35
N ASP G 65 10.55 -0.23 -53.24
CA ASP G 65 9.35 -0.13 -54.07
C ASP G 65 8.13 -0.44 -53.21
N PRO G 66 7.04 0.31 -53.39
CA PRO G 66 5.80 0.13 -52.63
C PRO G 66 5.39 -1.33 -52.38
N HIS G 67 5.34 -2.14 -53.42
CA HIS G 67 4.94 -3.53 -53.29
C HIS G 67 6.02 -4.42 -52.68
N CYS G 68 7.23 -3.88 -52.50
CA CYS G 68 8.31 -4.66 -51.92
C CYS G 68 8.76 -4.11 -50.57
N ASP G 69 8.05 -3.10 -50.07
CA ASP G 69 8.38 -2.49 -48.78
C ASP G 69 8.39 -3.53 -47.67
N VAL G 70 7.59 -4.59 -47.85
CA VAL G 70 7.51 -5.66 -46.85
C VAL G 70 8.87 -6.29 -46.60
N PHE G 71 9.79 -6.14 -47.56
CA PHE G 71 11.13 -6.70 -47.44
C PHE G 71 12.10 -5.77 -46.75
N GLN G 72 11.67 -4.55 -46.44
CA GLN G 72 12.54 -3.59 -45.78
C GLN G 72 13.14 -4.17 -44.50
N ASN G 73 14.37 -3.78 -44.19
CA ASN G 73 15.05 -4.26 -42.99
C ASN G 73 15.09 -5.78 -42.94
N GLU G 74 15.21 -6.40 -44.10
CA GLU G 74 15.25 -7.86 -44.20
C GLU G 74 16.68 -8.41 -44.32
N THR G 75 16.90 -9.55 -43.66
CA THR G 75 18.20 -10.21 -43.70
C THR G 75 17.96 -11.52 -44.44
N TRP G 76 19.02 -12.25 -44.76
CA TRP G 76 18.86 -13.52 -45.47
C TRP G 76 20.18 -14.24 -45.70
N ASP G 77 20.08 -15.51 -46.09
CA ASP G 77 21.24 -16.35 -46.38
C ASP G 77 21.35 -16.47 -47.91
N LEU G 78 20.22 -16.75 -48.54
CA LEU G 78 20.16 -16.90 -50.00
C LEU G 78 18.88 -16.28 -50.54
N PHE G 79 18.98 -15.04 -51.01
CA PHE G 79 17.83 -14.34 -51.56
C PHE G 79 17.42 -14.95 -52.89
N VAL G 80 16.26 -15.61 -52.90
CA VAL G 80 15.74 -16.22 -54.12
C VAL G 80 14.93 -15.19 -54.89
N GLU G 81 15.24 -15.05 -56.18
CA GLU G 81 14.55 -14.08 -57.02
C GLU G 81 13.65 -14.80 -58.02
N ARG G 82 12.34 -14.55 -57.91
CA ARG G 82 11.35 -15.17 -58.78
C ARG G 82 11.26 -14.47 -60.12
N SER G 83 10.78 -15.21 -61.13
CA SER G 83 10.62 -14.66 -62.47
C SER G 83 9.36 -13.81 -62.53
N LYS G 84 8.34 -14.22 -61.77
CA LYS G 84 7.07 -13.51 -61.71
C LYS G 84 7.32 -12.08 -61.25
N ALA G 85 8.53 -11.84 -60.73
CA ALA G 85 8.93 -10.54 -60.24
C ALA G 85 8.64 -9.41 -61.22
N PHE G 86 8.67 -8.18 -60.71
CA PHE G 86 8.42 -7.00 -61.53
C PHE G 86 8.50 -5.75 -60.65
N SER G 87 8.70 -4.61 -61.27
CA SER G 87 8.80 -3.34 -60.55
C SER G 87 7.62 -2.45 -60.89
N ASN G 88 7.18 -1.63 -59.94
CA ASN G 88 6.05 -0.74 -60.16
C ASN G 88 6.25 0.63 -59.53
N CYS G 89 7.46 1.18 -59.69
CA CYS G 89 7.77 2.50 -59.15
C CYS G 89 8.39 3.34 -60.28
N TYR G 90 8.80 4.56 -59.96
CA TYR G 90 9.39 5.46 -60.96
C TYR G 90 10.47 4.74 -61.77
N PRO G 91 10.41 4.87 -63.11
CA PRO G 91 11.39 4.24 -64.00
C PRO G 91 12.83 4.56 -63.63
N TYR G 92 13.64 3.52 -63.45
CA TYR G 92 15.04 3.68 -63.09
C TYR G 92 15.95 2.78 -63.92
N ASP G 93 17.24 3.09 -63.89
CA ASP G 93 18.25 2.31 -64.61
C ASP G 93 19.53 2.35 -63.79
N VAL G 94 19.98 1.18 -63.35
CA VAL G 94 21.18 1.08 -62.52
C VAL G 94 22.43 0.75 -63.33
N PRO G 95 23.31 1.74 -63.55
CA PRO G 95 24.53 1.50 -64.31
C PRO G 95 25.35 0.40 -63.63
N ASP G 96 25.82 -0.56 -64.41
CA ASP G 96 26.60 -1.66 -63.87
C ASP G 96 25.72 -2.37 -62.84
N TYR G 97 24.42 -2.37 -63.12
CA TYR G 97 23.40 -2.99 -62.28
C TYR G 97 23.83 -4.31 -61.65
N ALA G 98 24.11 -5.30 -62.49
CA ALA G 98 24.53 -6.63 -62.04
C ALA G 98 25.48 -6.58 -60.85
N SER G 99 26.51 -5.73 -60.93
CA SER G 99 27.48 -5.60 -59.85
C SER G 99 26.80 -5.25 -58.54
N LEU G 100 26.12 -4.10 -58.50
CA LEU G 100 25.42 -3.66 -57.31
C LEU G 100 24.58 -4.78 -56.72
N ARG G 101 23.77 -5.41 -57.58
CA ARG G 101 22.92 -6.50 -57.15
C ARG G 101 23.73 -7.61 -56.50
N SER G 102 24.86 -7.95 -57.13
CA SER G 102 25.75 -8.99 -56.62
C SER G 102 26.28 -8.67 -55.23
N LEU G 103 26.81 -7.46 -55.06
CA LEU G 103 27.36 -7.03 -53.78
C LEU G 103 26.29 -7.03 -52.69
N VAL G 104 25.10 -6.59 -53.03
CA VAL G 104 23.99 -6.54 -52.08
C VAL G 104 23.67 -7.94 -51.59
N ALA G 105 23.58 -8.89 -52.52
CA ALA G 105 23.28 -10.27 -52.17
C ALA G 105 24.37 -10.84 -51.28
N SER G 106 25.59 -10.34 -51.46
CA SER G 106 26.72 -10.78 -50.66
C SER G 106 26.55 -10.39 -49.20
N SER G 107 26.12 -9.16 -48.98
CA SER G 107 25.91 -8.66 -47.63
C SER G 107 24.85 -9.51 -46.92
N GLY G 108 23.74 -9.75 -47.60
CA GLY G 108 22.68 -10.56 -47.04
C GLY G 108 21.75 -9.83 -46.09
N THR G 109 21.60 -8.53 -46.29
CA THR G 109 20.72 -7.74 -45.43
C THR G 109 20.42 -6.36 -46.00
N LEU G 110 19.12 -6.02 -46.05
CA LEU G 110 18.69 -4.73 -46.56
C LEU G 110 18.45 -3.79 -45.38
N GLU G 111 19.08 -4.13 -44.25
CA GLU G 111 18.96 -3.34 -43.02
C GLU G 111 19.29 -1.88 -43.30
N PHE G 112 18.27 -1.03 -43.26
CA PHE G 112 18.45 0.39 -43.50
C PHE G 112 18.57 1.16 -42.19
N ILE G 113 19.43 2.17 -42.17
CA ILE G 113 19.64 2.98 -40.98
C ILE G 113 19.52 4.46 -41.36
N THR G 114 18.30 4.99 -41.24
CA THR G 114 18.03 6.39 -41.57
C THR G 114 18.94 7.35 -40.82
N GLU G 115 19.57 8.26 -41.56
CA GLU G 115 20.45 9.26 -40.96
C GLU G 115 19.79 10.63 -41.04
N GLY G 116 20.05 11.48 -40.06
CA GLY G 116 19.47 12.80 -40.03
C GLY G 116 20.06 13.80 -40.99
N PHE G 117 19.70 13.69 -42.28
CA PHE G 117 20.20 14.62 -43.28
C PHE G 117 19.42 15.92 -43.22
N THR G 118 20.11 17.03 -43.45
CA THR G 118 19.48 18.35 -43.41
C THR G 118 19.65 19.11 -44.71
N TRP G 119 18.60 19.14 -45.51
CA TRP G 119 18.61 19.84 -46.80
C TRP G 119 17.95 21.20 -46.59
N THR G 120 18.74 22.25 -46.69
CA THR G 120 18.22 23.61 -46.49
C THR G 120 17.77 24.29 -47.77
N GLY G 121 16.77 25.16 -47.64
CA GLY G 121 16.25 25.89 -48.79
C GLY G 121 15.75 25.04 -49.93
N VAL G 122 15.22 23.86 -49.63
CA VAL G 122 14.72 22.97 -50.67
C VAL G 122 13.64 22.03 -50.14
N THR G 123 12.65 21.75 -50.97
CA THR G 123 11.55 20.86 -50.59
C THR G 123 12.03 19.41 -50.53
N GLN G 124 11.36 18.60 -49.72
CA GLN G 124 11.72 17.19 -49.58
C GLN G 124 10.52 16.27 -49.73
N ASN G 125 10.79 14.97 -49.71
CA ASN G 125 9.75 13.95 -49.84
C ASN G 125 8.88 14.12 -51.07
N GLY G 126 9.50 14.20 -52.23
CA GLY G 126 8.75 14.35 -53.46
C GLY G 126 8.12 13.04 -53.89
N GLY G 127 6.98 13.12 -54.57
CA GLY G 127 6.30 11.92 -55.01
C GLY G 127 5.67 12.05 -56.38
N SER G 128 5.26 10.91 -56.94
CA SER G 128 4.64 10.88 -58.27
C SER G 128 3.64 9.74 -58.38
N ASN G 129 2.83 9.77 -59.42
CA ASN G 129 1.82 8.74 -59.65
C ASN G 129 2.43 7.38 -59.97
N ALA G 130 3.45 7.37 -60.82
CA ALA G 130 4.12 6.15 -61.23
C ALA G 130 4.40 5.23 -60.03
N CYS G 131 4.75 5.83 -58.90
CA CYS G 131 5.05 5.08 -57.69
C CYS G 131 4.07 5.44 -56.60
N LYS G 132 2.88 4.84 -56.63
CA LYS G 132 1.86 5.13 -55.64
C LYS G 132 1.86 4.16 -54.47
N ARG G 133 2.07 4.70 -53.27
CA ARG G 133 2.07 3.90 -52.06
C ARG G 133 0.69 4.02 -51.43
N GLY G 134 -0.22 3.14 -51.84
CA GLY G 134 -1.58 3.18 -51.34
C GLY G 134 -2.43 4.03 -52.28
N PRO G 135 -3.44 4.73 -51.77
CA PRO G 135 -4.28 5.56 -52.64
C PRO G 135 -3.53 6.78 -53.15
N GLY G 136 -2.90 7.50 -52.23
CA GLY G 136 -2.14 8.68 -52.60
C GLY G 136 -0.79 8.32 -53.20
N SER G 137 -0.29 9.18 -54.09
CA SER G 137 0.99 8.95 -54.73
C SER G 137 2.12 8.76 -53.72
N GLY G 138 3.29 8.36 -54.21
CA GLY G 138 4.42 8.16 -53.32
C GLY G 138 5.75 8.15 -54.05
N PHE G 139 6.75 7.53 -53.43
CA PHE G 139 8.09 7.45 -54.02
C PHE G 139 8.86 6.32 -53.35
N PHE G 140 10.16 6.23 -53.62
CA PHE G 140 11.00 5.19 -53.03
C PHE G 140 11.14 5.39 -51.52
N SER G 141 11.22 4.29 -50.79
CA SER G 141 11.33 4.33 -49.33
C SER G 141 12.69 4.79 -48.80
N ARG G 142 13.75 4.15 -49.24
CA ARG G 142 15.10 4.51 -48.79
C ARG G 142 15.62 5.70 -49.59
N LEU G 143 14.74 6.27 -50.42
CA LEU G 143 15.10 7.42 -51.24
C LEU G 143 14.24 8.62 -50.93
N ASN G 144 14.71 9.79 -51.36
CA ASN G 144 13.99 11.05 -51.13
C ASN G 144 14.14 11.96 -52.34
N TRP G 145 13.01 12.43 -52.86
CA TRP G 145 13.03 13.32 -54.01
C TRP G 145 13.23 14.75 -53.53
N VAL G 146 14.26 15.41 -54.06
CA VAL G 146 14.55 16.79 -53.67
C VAL G 146 14.06 17.77 -54.72
N THR G 147 12.90 18.40 -54.45
CA THR G 147 12.32 19.36 -55.36
C THR G 147 12.61 20.78 -54.89
N LYS G 148 12.74 21.71 -55.83
CA LYS G 148 13.04 23.09 -55.50
C LYS G 148 12.04 23.68 -54.51
N SER G 149 12.52 24.58 -53.66
CA SER G 149 11.68 25.23 -52.66
C SER G 149 11.39 26.66 -53.09
N GLY G 150 10.12 27.02 -53.14
CA GLY G 150 9.76 28.37 -53.54
C GLY G 150 10.20 28.64 -54.97
N SER G 151 10.98 29.70 -55.16
CA SER G 151 11.46 30.07 -56.49
C SER G 151 12.96 29.81 -56.67
N THR G 152 13.55 29.05 -55.76
CA THR G 152 14.99 28.78 -55.87
C THR G 152 15.45 27.40 -55.40
N TYR G 153 16.54 26.94 -56.01
CA TYR G 153 17.14 25.64 -55.68
C TYR G 153 18.60 25.92 -55.33
N PRO G 154 18.86 26.34 -54.09
CA PRO G 154 20.23 26.63 -53.67
C PRO G 154 21.11 25.40 -53.83
N VAL G 155 22.35 25.61 -54.27
CA VAL G 155 23.26 24.49 -54.44
C VAL G 155 23.34 23.78 -53.09
N LEU G 156 22.74 22.60 -53.01
CA LEU G 156 22.75 21.84 -51.78
C LEU G 156 24.14 21.25 -51.52
N ASN G 157 24.61 21.39 -50.28
CA ASN G 157 25.91 20.88 -49.89
C ASN G 157 25.89 20.47 -48.43
N VAL G 158 25.97 19.15 -48.20
CA VAL G 158 25.96 18.61 -46.84
C VAL G 158 27.11 17.63 -46.67
N THR G 159 27.16 17.00 -45.49
CA THR G 159 28.21 16.04 -45.20
C THR G 159 27.74 15.03 -44.16
N MET G 160 28.39 13.87 -44.15
CA MET G 160 28.04 12.82 -43.19
C MET G 160 29.24 11.94 -42.91
N PRO G 161 29.75 11.98 -41.66
CA PRO G 161 30.90 11.19 -41.24
C PRO G 161 30.55 9.76 -40.88
N ASN G 162 31.50 8.85 -41.06
CA ASN G 162 31.29 7.45 -40.74
C ASN G 162 32.03 7.08 -39.47
N ASN G 163 31.51 7.55 -38.34
CA ASN G 163 32.11 7.26 -37.03
C ASN G 163 32.10 5.76 -36.79
N ASP G 164 31.00 5.12 -37.17
CA ASP G 164 30.84 3.69 -37.00
C ASP G 164 32.01 2.92 -37.62
N ASN G 165 32.33 1.76 -37.06
CA ASN G 165 33.43 0.95 -37.54
C ASN G 165 33.08 0.01 -38.69
N PHE G 166 31.84 0.04 -39.16
CA PHE G 166 31.42 -0.81 -40.26
C PHE G 166 31.20 0.00 -41.54
N ASP G 167 31.41 -0.64 -42.69
CA ASP G 167 31.25 0.02 -43.97
C ASP G 167 29.81 0.43 -44.24
N LYS G 168 29.63 1.68 -44.64
CA LYS G 168 28.30 2.22 -44.93
C LYS G 168 28.03 2.20 -46.42
N LEU G 169 26.78 1.93 -46.79
CA LEU G 169 26.39 1.89 -48.19
C LEU G 169 25.23 2.84 -48.47
N TYR G 170 25.55 3.98 -49.08
CA TYR G 170 24.56 4.98 -49.41
C TYR G 170 24.10 4.82 -50.86
N ILE G 171 22.79 4.66 -51.05
CA ILE G 171 22.23 4.50 -52.38
C ILE G 171 21.53 5.78 -52.81
N TRP G 172 22.05 6.41 -53.85
CA TRP G 172 21.48 7.65 -54.36
C TRP G 172 21.14 7.54 -55.85
N GLY G 173 20.75 8.66 -56.45
CA GLY G 173 20.41 8.66 -57.85
C GLY G 173 20.29 10.04 -58.45
N VAL G 174 20.20 10.11 -59.78
CA VAL G 174 20.07 11.37 -60.49
C VAL G 174 18.84 11.30 -61.38
N HIS G 175 18.11 12.41 -61.49
CA HIS G 175 16.90 12.45 -62.31
C HIS G 175 17.20 12.98 -63.70
N HIS G 176 16.61 12.34 -64.70
CA HIS G 176 16.79 12.75 -66.10
C HIS G 176 15.51 13.35 -66.67
N PRO G 177 15.33 14.67 -66.53
CA PRO G 177 14.15 15.38 -67.02
C PRO G 177 13.84 15.04 -68.48
N SER G 178 12.55 14.88 -68.79
CA SER G 178 12.13 14.56 -70.14
C SER G 178 12.00 15.83 -70.99
N THR G 179 11.88 16.96 -70.32
CA THR G 179 11.74 18.25 -71.01
C THR G 179 12.49 19.35 -70.28
N ASN G 180 12.74 20.46 -70.96
CA ASN G 180 13.43 21.60 -70.36
C ASN G 180 12.57 22.29 -69.33
N GLN G 181 11.28 22.44 -69.64
CA GLN G 181 10.35 23.09 -68.72
C GLN G 181 10.23 22.28 -67.43
N GLU G 182 10.28 20.96 -67.56
CA GLU G 182 10.20 20.07 -66.40
C GLU G 182 11.46 20.28 -65.56
N GLN G 183 12.58 20.44 -66.24
CA GLN G 183 13.88 20.66 -65.61
C GLN G 183 13.91 22.00 -64.88
N THR G 184 13.66 23.08 -65.63
CA THR G 184 13.67 24.42 -65.07
C THR G 184 12.60 24.63 -64.01
N SER G 185 11.53 23.85 -64.09
CA SER G 185 10.42 23.95 -63.14
C SER G 185 10.71 23.18 -61.86
N LEU G 186 11.06 21.90 -62.01
CA LEU G 186 11.36 21.04 -60.88
C LEU G 186 12.73 21.29 -60.27
N TYR G 187 13.64 21.85 -61.05
CA TYR G 187 15.00 22.09 -60.58
C TYR G 187 15.55 23.50 -60.77
N VAL G 188 14.68 24.45 -61.09
CA VAL G 188 15.12 25.82 -61.28
C VAL G 188 16.15 25.85 -62.42
N GLN G 189 17.37 26.29 -62.14
CA GLN G 189 18.41 26.36 -63.17
C GLN G 189 18.30 25.14 -64.07
N ALA G 190 18.27 25.37 -65.38
CA ALA G 190 18.12 24.30 -66.37
C ALA G 190 19.23 23.26 -66.38
N SER G 191 20.39 23.57 -65.82
CA SER G 191 21.49 22.61 -65.81
C SER G 191 21.71 21.99 -64.43
N GLY G 192 21.23 20.77 -64.26
CA GLY G 192 21.39 20.08 -62.99
C GLY G 192 22.77 19.47 -62.88
N ARG G 193 23.11 18.96 -61.69
CA ARG G 193 24.42 18.35 -61.46
C ARG G 193 24.51 17.73 -60.08
N VAL G 194 25.01 16.49 -60.02
CA VAL G 194 25.18 15.78 -58.76
C VAL G 194 26.66 15.46 -58.58
N THR G 195 27.17 15.65 -57.37
CA THR G 195 28.58 15.39 -57.10
C THR G 195 28.82 14.70 -55.76
N VAL G 196 28.55 13.40 -55.70
CA VAL G 196 28.77 12.64 -54.48
C VAL G 196 30.27 12.33 -54.43
N SER G 197 30.86 12.46 -53.25
CA SER G 197 32.29 12.19 -53.11
C SER G 197 32.70 11.84 -51.70
N THR G 198 33.70 10.95 -51.60
CA THR G 198 34.22 10.53 -50.32
C THR G 198 35.68 10.94 -50.24
N ARG G 199 36.30 10.70 -49.10
CA ARG G 199 37.70 11.05 -48.92
C ARG G 199 38.61 10.18 -49.79
N ARG G 200 38.03 9.14 -50.38
CA ARG G 200 38.79 8.23 -51.24
C ARG G 200 38.48 8.44 -52.71
N SER G 201 37.23 8.21 -53.10
CA SER G 201 36.82 8.37 -54.49
C SER G 201 35.94 9.60 -54.72
N GLN G 202 35.62 9.85 -55.97
CA GLN G 202 34.78 10.98 -56.36
C GLN G 202 33.88 10.58 -57.53
N GLN G 203 32.61 10.97 -57.46
CA GLN G 203 31.66 10.64 -58.51
C GLN G 203 30.76 11.85 -58.82
N THR G 204 30.69 12.21 -60.10
CA THR G 204 29.87 13.34 -60.53
C THR G 204 29.05 12.96 -61.75
N ILE G 205 27.74 13.19 -61.67
CA ILE G 205 26.84 12.88 -62.77
C ILE G 205 26.11 14.12 -63.26
N ILE G 206 25.76 14.12 -64.54
CA ILE G 206 25.05 15.24 -65.15
C ILE G 206 23.73 14.76 -65.74
N PRO G 207 22.62 15.44 -65.41
CA PRO G 207 21.31 15.07 -65.94
C PRO G 207 21.23 15.15 -67.46
N ASN G 208 20.52 14.21 -68.07
CA ASN G 208 20.38 14.18 -69.51
C ASN G 208 18.95 14.44 -69.95
N ILE G 209 18.61 15.71 -70.18
CA ILE G 209 17.28 16.09 -70.60
C ILE G 209 16.97 15.54 -71.99
N GLY G 210 15.78 14.97 -72.14
CA GLY G 210 15.38 14.40 -73.42
C GLY G 210 14.24 13.41 -73.26
N SER G 211 13.39 13.32 -74.27
CA SER G 211 12.26 12.41 -74.23
C SER G 211 12.74 10.98 -74.49
N ARG G 212 12.14 10.02 -73.79
CA ARG G 212 12.52 8.62 -73.93
C ARG G 212 11.30 7.69 -73.81
N PRO G 213 11.48 6.40 -74.13
CA PRO G 213 10.38 5.42 -74.05
C PRO G 213 9.46 5.62 -72.85
N TRP G 214 8.16 5.78 -73.13
CA TRP G 214 7.17 5.99 -72.08
C TRP G 214 6.99 4.74 -71.23
N VAL G 215 7.00 4.93 -69.92
CA VAL G 215 6.82 3.83 -68.98
C VAL G 215 6.00 4.27 -67.78
N ARG G 216 5.04 3.43 -67.39
CA ARG G 216 4.16 3.72 -66.25
C ARG G 216 3.64 5.16 -66.28
N GLY G 217 3.56 5.73 -67.48
CA GLY G 217 3.06 7.09 -67.62
C GLY G 217 4.11 8.18 -67.48
N LEU G 218 5.37 7.84 -67.73
CA LEU G 218 6.45 8.81 -67.61
C LEU G 218 7.52 8.66 -68.69
N SER G 219 7.95 9.80 -69.23
CA SER G 219 8.96 9.83 -70.28
C SER G 219 10.29 10.25 -69.66
N SER G 220 10.39 10.14 -68.33
CA SER G 220 11.59 10.52 -67.60
C SER G 220 12.21 9.27 -66.95
N ARG G 221 13.41 9.44 -66.41
CA ARG G 221 14.10 8.33 -65.76
C ARG G 221 14.91 8.78 -64.54
N ILE G 222 15.43 7.80 -63.80
CA ILE G 222 16.23 8.05 -62.61
C ILE G 222 17.42 7.10 -62.58
N SER G 223 18.63 7.64 -62.69
CA SER G 223 19.83 6.82 -62.67
C SER G 223 20.26 6.51 -61.25
N ILE G 224 20.47 5.22 -60.96
CA ILE G 224 20.87 4.80 -59.63
C ILE G 224 22.39 4.68 -59.50
N TYR G 225 22.93 5.27 -58.44
CA TYR G 225 24.37 5.23 -58.18
C TYR G 225 24.61 4.94 -56.70
N TRP G 226 25.55 4.06 -56.43
CA TRP G 226 25.87 3.69 -55.05
C TRP G 226 27.30 4.09 -54.70
N THR G 227 27.50 4.50 -53.46
CA THR G 227 28.82 4.92 -53.00
C THR G 227 29.10 4.37 -51.59
N ILE G 228 30.07 3.47 -51.50
CA ILE G 228 30.44 2.85 -50.23
C ILE G 228 31.36 3.78 -49.44
N VAL G 229 31.09 3.90 -48.15
CA VAL G 229 31.90 4.75 -47.28
C VAL G 229 32.58 3.93 -46.18
N LYS G 230 33.88 3.73 -46.31
CA LYS G 230 34.64 2.96 -45.33
C LYS G 230 34.73 3.65 -43.97
N PRO G 231 35.01 2.87 -42.91
CA PRO G 231 35.13 3.38 -41.55
C PRO G 231 36.09 4.56 -41.42
N GLY G 232 35.70 5.56 -40.65
CA GLY G 232 36.53 6.74 -40.46
C GLY G 232 36.40 7.74 -41.59
N ASP G 233 36.22 7.23 -42.81
CA ASP G 233 36.07 8.09 -43.97
C ASP G 233 34.76 8.87 -43.86
N VAL G 234 34.61 9.91 -44.68
CA VAL G 234 33.40 10.73 -44.65
C VAL G 234 32.76 10.88 -46.03
N LEU G 235 31.46 11.09 -46.03
CA LEU G 235 30.70 11.26 -47.28
C LEU G 235 30.31 12.72 -47.48
N VAL G 236 30.20 13.12 -48.74
CA VAL G 236 29.82 14.49 -49.09
C VAL G 236 28.97 14.51 -50.36
N ILE G 237 28.00 15.40 -50.39
CA ILE G 237 27.11 15.53 -51.54
C ILE G 237 26.97 17.00 -51.94
N ASN G 238 27.41 17.33 -53.15
CA ASN G 238 27.33 18.70 -53.64
C ASN G 238 26.61 18.73 -54.99
N SER G 239 25.28 18.76 -54.94
CA SER G 239 24.47 18.78 -56.14
C SER G 239 23.83 20.15 -56.40
N ASN G 240 23.70 20.49 -57.67
CA ASN G 240 23.09 21.76 -58.07
C ASN G 240 21.60 21.52 -58.27
N GLY G 241 21.24 20.26 -58.49
CA GLY G 241 19.85 19.90 -58.69
C GLY G 241 19.74 18.51 -59.30
N ASN G 242 18.51 18.10 -59.61
CA ASN G 242 18.28 16.78 -60.20
C ASN G 242 18.84 15.70 -59.29
N LEU G 243 18.99 16.03 -58.02
CA LEU G 243 19.53 15.09 -57.02
C LEU G 243 18.45 14.22 -56.39
N ILE G 244 18.84 13.00 -56.04
CA ILE G 244 17.93 12.06 -55.40
C ILE G 244 18.65 11.52 -54.16
N ALA G 245 18.81 12.39 -53.18
CA ALA G 245 19.50 12.04 -51.93
C ALA G 245 18.81 10.93 -51.15
N PRO G 246 19.60 10.03 -50.54
CA PRO G 246 19.09 8.91 -49.75
C PRO G 246 18.77 9.36 -48.33
N ARG G 247 17.96 8.57 -47.62
CA ARG G 247 17.58 8.90 -46.26
C ARG G 247 18.56 8.31 -45.26
N GLY G 248 19.44 7.43 -45.73
CA GLY G 248 20.42 6.82 -44.87
C GLY G 248 21.35 5.87 -45.60
N TYR G 249 21.79 4.82 -44.91
CA TYR G 249 22.69 3.84 -45.50
C TYR G 249 22.29 2.41 -45.14
N PHE G 250 23.09 1.45 -45.58
CA PHE G 250 22.84 0.04 -45.30
C PHE G 250 24.06 -0.57 -44.64
N LYS G 251 23.85 -1.31 -43.55
CA LYS G 251 24.95 -1.93 -42.83
C LYS G 251 25.47 -3.15 -43.59
N MET G 252 26.43 -2.91 -44.47
CA MET G 252 27.04 -3.97 -45.27
C MET G 252 27.77 -4.98 -44.40
N ARG G 253 27.55 -6.26 -44.67
CA ARG G 253 28.20 -7.33 -43.91
C ARG G 253 28.97 -8.26 -44.85
N THR G 254 29.88 -9.04 -44.29
CA THR G 254 30.67 -9.98 -45.06
C THR G 254 30.24 -11.40 -44.70
N GLY G 255 29.35 -11.97 -45.50
CA GLY G 255 28.88 -13.32 -45.22
C GLY G 255 28.71 -14.22 -46.43
N LYS G 256 28.23 -15.43 -46.17
CA LYS G 256 28.01 -16.44 -47.18
C LYS G 256 26.79 -16.09 -48.03
N SER G 257 26.16 -14.98 -47.69
CA SER G 257 24.96 -14.53 -48.40
C SER G 257 25.16 -14.36 -49.90
N SER G 258 24.19 -14.83 -50.67
CA SER G 258 24.22 -14.74 -52.12
C SER G 258 22.81 -14.79 -52.69
N ILE G 259 22.69 -14.63 -53.99
CA ILE G 259 21.38 -14.65 -54.65
C ILE G 259 21.36 -15.63 -55.82
N MET G 260 20.27 -16.39 -55.93
CA MET G 260 20.12 -17.38 -57.00
C MET G 260 18.78 -17.14 -57.69
N ARG G 261 18.75 -17.30 -59.01
CA ARG G 261 17.52 -17.11 -59.77
C ARG G 261 16.77 -18.43 -59.95
N SER G 262 15.51 -18.44 -59.52
CA SER G 262 14.67 -19.63 -59.63
C SER G 262 13.24 -19.37 -59.15
N ASP G 263 12.31 -20.18 -59.64
CA ASP G 263 10.90 -20.07 -59.27
C ASP G 263 10.49 -21.31 -58.48
N ALA G 264 11.44 -22.18 -58.22
CA ALA G 264 11.20 -23.43 -57.50
C ALA G 264 10.44 -23.24 -56.19
N PRO G 265 9.52 -24.18 -55.88
CA PRO G 265 8.73 -24.11 -54.65
C PRO G 265 9.62 -24.24 -53.43
N ILE G 266 9.14 -23.77 -52.29
CA ILE G 266 9.90 -23.82 -51.05
C ILE G 266 9.20 -24.69 -50.00
N ASP G 267 9.55 -25.97 -49.98
CA ASP G 267 8.94 -26.89 -49.02
C ASP G 267 9.80 -26.96 -47.76
N THR G 268 9.17 -27.19 -46.62
CA THR G 268 9.88 -27.28 -45.36
C THR G 268 10.72 -28.55 -45.31
N CYS G 269 12.04 -28.37 -45.25
CA CYS G 269 12.97 -29.51 -45.20
C CYS G 269 14.40 -29.02 -45.00
N ILE G 270 15.29 -29.96 -44.67
CA ILE G 270 16.70 -29.65 -44.46
C ILE G 270 17.53 -30.29 -45.58
N SER G 271 18.31 -29.46 -46.27
CA SER G 271 19.16 -29.94 -47.36
C SER G 271 20.29 -28.96 -47.59
N GLU G 272 21.53 -29.43 -47.36
CA GLU G 272 22.71 -28.59 -47.53
C GLU G 272 22.86 -27.99 -48.92
N CYS G 273 22.51 -28.74 -49.96
CA CYS G 273 22.64 -28.22 -51.31
C CYS G 273 21.35 -27.61 -51.86
N ILE G 274 21.51 -26.51 -52.60
CA ILE G 274 20.39 -25.80 -53.20
C ILE G 274 20.70 -25.48 -54.66
N THR G 275 19.75 -25.76 -55.54
CA THR G 275 19.92 -25.50 -56.96
C THR G 275 18.67 -24.86 -57.52
N PRO G 276 18.78 -24.18 -58.68
CA PRO G 276 17.63 -23.52 -59.30
C PRO G 276 16.51 -24.52 -59.59
N ASN G 277 16.84 -25.81 -59.47
CA ASN G 277 15.87 -26.88 -59.72
C ASN G 277 15.35 -27.44 -58.41
N GLY G 278 15.83 -26.87 -57.30
CA GLY G 278 15.41 -27.34 -56.00
C GLY G 278 16.53 -28.14 -55.34
N SER G 279 16.62 -28.02 -54.01
CA SER G 279 17.64 -28.71 -53.24
C SER G 279 17.83 -30.16 -53.72
N ILE G 280 19.06 -30.65 -53.62
CA ILE G 280 19.37 -32.01 -54.04
C ILE G 280 20.34 -32.65 -53.03
N PRO G 281 20.27 -33.98 -52.87
CA PRO G 281 21.15 -34.68 -51.94
C PRO G 281 22.61 -34.58 -52.37
N ASN G 282 23.49 -34.36 -51.39
CA ASN G 282 24.93 -34.24 -51.67
C ASN G 282 25.69 -35.47 -51.21
N ASP G 283 25.10 -36.64 -51.39
CA ASP G 283 25.73 -37.89 -51.01
C ASP G 283 26.71 -38.33 -52.08
N LYS G 284 26.43 -37.95 -53.32
CA LYS G 284 27.30 -38.30 -54.45
C LYS G 284 28.37 -37.25 -54.66
N PRO G 285 29.44 -37.60 -55.40
CA PRO G 285 30.55 -36.67 -55.67
C PRO G 285 30.21 -35.58 -56.69
N PHE G 286 29.49 -35.96 -57.76
CA PHE G 286 29.13 -35.01 -58.79
C PHE G 286 27.62 -34.99 -59.01
N GLN G 287 27.18 -34.14 -59.93
CA GLN G 287 25.76 -34.02 -60.25
C GLN G 287 25.57 -33.39 -61.64
N ASN G 288 24.39 -33.59 -62.22
CA ASN G 288 24.11 -33.04 -63.54
C ASN G 288 22.83 -32.22 -63.56
N VAL G 289 22.38 -31.79 -62.39
CA VAL G 289 21.16 -31.00 -62.28
C VAL G 289 21.33 -29.60 -62.88
N ASN G 290 22.27 -28.84 -62.33
CA ASN G 290 22.51 -27.48 -62.82
C ASN G 290 23.90 -26.98 -62.41
N LYS G 291 24.46 -26.10 -63.22
CA LYS G 291 25.79 -25.54 -62.95
C LYS G 291 25.78 -24.58 -61.77
N ILE G 292 24.66 -23.89 -61.57
CA ILE G 292 24.52 -22.94 -60.48
C ILE G 292 24.19 -23.73 -59.21
N THR G 293 25.02 -23.55 -58.18
CA THR G 293 24.80 -24.26 -56.92
C THR G 293 24.93 -23.33 -55.72
N TYR G 294 24.77 -23.90 -54.52
CA TYR G 294 24.87 -23.14 -53.28
C TYR G 294 25.07 -24.10 -52.12
N GLY G 295 26.02 -23.77 -51.24
CA GLY G 295 26.29 -24.62 -50.10
C GLY G 295 27.12 -25.81 -50.52
N ALA G 296 27.01 -26.91 -49.77
CA ALA G 296 27.75 -28.12 -50.08
C ALA G 296 27.06 -28.92 -51.18
N CYS G 297 27.58 -28.81 -52.40
CA CYS G 297 27.00 -29.53 -53.53
C CYS G 297 28.07 -30.31 -54.30
N PRO G 298 27.66 -31.37 -55.02
CA PRO G 298 28.59 -32.19 -55.80
C PRO G 298 29.05 -31.43 -57.05
N LYS G 299 30.24 -31.75 -57.55
CA LYS G 299 30.79 -31.09 -58.72
C LYS G 299 29.83 -31.27 -59.91
N TYR G 300 29.59 -30.20 -60.65
CA TYR G 300 28.70 -30.28 -61.81
C TYR G 300 29.44 -30.75 -63.06
N VAL G 301 29.46 -32.07 -63.26
CA VAL G 301 30.12 -32.65 -64.42
C VAL G 301 29.16 -32.69 -65.60
N LYS G 302 29.68 -32.95 -66.79
CA LYS G 302 28.84 -33.02 -67.98
C LYS G 302 28.08 -34.32 -68.06
N GLN G 303 28.76 -35.43 -67.79
CA GLN G 303 28.15 -36.75 -67.84
C GLN G 303 26.93 -36.79 -66.91
N ASN G 304 25.85 -37.38 -67.39
CA ASN G 304 24.64 -37.48 -66.59
C ASN G 304 24.65 -38.72 -65.71
N THR G 305 25.66 -39.56 -65.91
CA THR G 305 25.79 -40.79 -65.13
C THR G 305 27.20 -41.37 -65.17
N LEU G 306 27.60 -42.00 -64.07
CA LEU G 306 28.92 -42.62 -63.95
C LEU G 306 28.84 -43.77 -62.95
N LYS G 307 28.86 -44.99 -63.46
CA LYS G 307 28.78 -46.19 -62.62
C LYS G 307 30.12 -46.59 -62.04
N LEU G 308 30.20 -46.63 -60.72
CA LEU G 308 31.42 -47.02 -60.02
C LEU G 308 31.34 -48.45 -59.52
N ALA G 309 32.37 -49.24 -59.81
CA ALA G 309 32.42 -50.63 -59.39
C ALA G 309 32.56 -50.71 -57.87
N THR G 310 31.53 -51.24 -57.21
CA THR G 310 31.54 -51.38 -55.76
C THR G 310 31.73 -52.83 -55.41
N GLY G 311 31.11 -53.71 -56.20
CA GLY G 311 31.23 -55.14 -55.97
C GLY G 311 32.41 -55.72 -56.70
N MET G 312 32.48 -57.05 -56.71
CA MET G 312 33.56 -57.76 -57.38
C MET G 312 33.23 -57.97 -58.84
N ARG G 313 34.24 -58.20 -59.67
CA ARG G 313 34.02 -58.44 -61.09
C ARG G 313 33.30 -59.79 -61.14
N ASN G 314 32.19 -59.86 -61.86
CA ASN G 314 31.44 -61.10 -61.90
C ASN G 314 31.50 -61.91 -63.19
N VAL G 315 31.91 -63.17 -63.05
CA VAL G 315 31.94 -64.09 -64.18
C VAL G 315 30.74 -64.99 -63.90
N PRO G 316 29.55 -64.57 -64.34
CA PRO G 316 28.31 -65.33 -64.14
C PRO G 316 28.29 -66.65 -64.89
N GLU G 317 27.24 -67.44 -64.65
CA GLU G 317 27.06 -68.75 -65.27
C GLU G 317 27.89 -69.78 -64.52
N LYS G 318 27.56 -71.06 -64.70
CA LYS G 318 28.29 -72.11 -63.99
C LYS G 318 28.39 -73.40 -64.79
N GLN G 319 29.45 -74.17 -64.53
CA GLN G 319 29.65 -75.45 -65.20
C GLN G 319 28.53 -76.34 -64.71
N THR G 320 28.24 -76.22 -63.42
CA THR G 320 27.17 -76.99 -62.78
C THR G 320 27.28 -78.46 -63.17
N ARG G 321 28.51 -78.94 -63.26
CA ARG G 321 28.74 -80.30 -63.69
C ARG G 321 27.87 -81.42 -63.13
N GLY G 322 27.19 -82.04 -64.08
CA GLY G 322 26.29 -83.15 -63.87
C GLY G 322 25.57 -83.44 -62.58
N LEU G 323 25.49 -84.74 -62.35
CA LEU G 323 24.83 -85.34 -61.21
C LEU G 323 25.80 -85.18 -60.05
N PHE G 324 26.94 -85.87 -60.15
CA PHE G 324 27.97 -85.75 -59.14
C PHE G 324 28.66 -84.44 -59.47
N GLY G 325 28.85 -83.59 -58.46
CA GLY G 325 29.49 -82.31 -58.69
C GLY G 325 31.00 -82.33 -58.57
N ALA G 326 31.68 -81.97 -59.65
CA ALA G 326 33.13 -81.96 -59.66
C ALA G 326 33.64 -80.95 -58.63
N ILE G 327 32.80 -79.97 -58.32
CA ILE G 327 33.13 -78.93 -57.35
C ILE G 327 34.30 -78.08 -57.89
N ALA G 328 34.55 -78.24 -59.19
CA ALA G 328 35.61 -77.52 -59.89
C ALA G 328 35.91 -76.12 -59.36
N GLY G 329 37.20 -75.77 -59.33
CA GLY G 329 37.62 -74.47 -58.84
C GLY G 329 37.06 -73.31 -59.63
N PHE G 330 37.02 -72.14 -59.00
CA PHE G 330 36.49 -70.93 -59.63
C PHE G 330 36.89 -70.73 -61.09
N ILE G 331 38.15 -70.42 -61.33
CA ILE G 331 38.66 -70.19 -62.68
C ILE G 331 37.64 -69.44 -63.55
N GLU G 332 36.87 -70.18 -64.35
CA GLU G 332 35.88 -69.57 -65.25
C GLU G 332 34.45 -69.57 -64.73
N ASN G 333 34.27 -69.52 -63.42
CA ASN G 333 32.92 -69.52 -62.85
C ASN G 333 32.84 -69.05 -61.40
N GLY G 334 31.74 -68.37 -61.09
CA GLY G 334 31.50 -67.89 -59.74
C GLY G 334 30.39 -68.73 -59.16
N TRP G 335 30.38 -68.91 -57.84
CA TRP G 335 29.36 -69.74 -57.22
C TRP G 335 28.16 -68.95 -56.71
N GLU G 336 27.14 -68.82 -57.54
CA GLU G 336 25.93 -68.10 -57.16
C GLU G 336 25.33 -68.74 -55.92
N GLY G 337 25.81 -69.93 -55.60
CA GLY G 337 25.31 -70.64 -54.43
C GLY G 337 25.84 -70.04 -53.14
N MET G 338 27.13 -69.73 -53.13
CA MET G 338 27.76 -69.13 -51.95
C MET G 338 27.15 -67.76 -51.69
N ILE G 339 26.47 -67.63 -50.55
CA ILE G 339 25.83 -66.37 -50.18
C ILE G 339 26.20 -65.95 -48.78
N ASP G 340 27.33 -66.47 -48.30
CA ASP G 340 27.80 -66.15 -46.95
C ASP G 340 29.13 -65.40 -46.98
N GLY G 341 29.61 -65.09 -48.18
CA GLY G 341 30.87 -64.38 -48.31
C GLY G 341 31.28 -64.12 -49.74
N TRP G 342 32.48 -63.58 -49.93
CA TRP G 342 33.01 -63.27 -51.25
C TRP G 342 33.91 -64.40 -51.73
N TYR G 343 34.62 -65.03 -50.80
CA TYR G 343 35.52 -66.13 -51.12
C TYR G 343 35.30 -67.29 -50.15
N GLY G 344 35.14 -68.49 -50.70
CA GLY G 344 34.92 -69.65 -49.86
C GLY G 344 35.58 -70.90 -50.41
N PHE G 345 35.48 -71.99 -49.67
CA PHE G 345 36.08 -73.25 -50.09
C PHE G 345 35.03 -74.35 -50.23
N ARG G 346 35.29 -75.28 -51.14
CA ARG G 346 34.39 -76.40 -51.37
C ARG G 346 35.16 -77.71 -51.37
N HIS G 347 34.90 -78.53 -50.36
CA HIS G 347 35.57 -79.82 -50.22
C HIS G 347 34.73 -80.95 -50.78
N GLN G 348 35.42 -81.94 -51.36
CA GLN G 348 34.76 -83.11 -51.94
C GLN G 348 35.44 -84.36 -51.38
N ASN G 349 35.31 -84.55 -50.08
CA ASN G 349 35.92 -85.69 -49.40
C ASN G 349 35.00 -86.91 -49.46
N SER G 350 35.46 -88.01 -48.88
CA SER G 350 34.69 -89.25 -48.87
C SER G 350 33.37 -89.11 -48.11
N GLU G 351 33.32 -88.17 -47.17
CA GLU G 351 32.11 -87.95 -46.39
C GLU G 351 31.05 -87.22 -47.20
N GLY G 352 31.46 -86.71 -48.37
CA GLY G 352 30.53 -85.99 -49.21
C GLY G 352 31.03 -84.63 -49.65
N THR G 353 30.11 -83.70 -49.86
CA THR G 353 30.46 -82.35 -50.28
C THR G 353 30.19 -81.34 -49.18
N GLY G 354 30.69 -80.13 -49.36
CA GLY G 354 30.50 -79.08 -48.37
C GLY G 354 31.10 -77.76 -48.80
N GLN G 355 30.57 -76.67 -48.27
CA GLN G 355 31.06 -75.33 -48.62
C GLN G 355 31.19 -74.44 -47.38
N ALA G 356 32.23 -73.61 -47.38
CA ALA G 356 32.48 -72.70 -46.27
C ALA G 356 33.24 -71.47 -46.76
N ALA G 357 32.72 -70.29 -46.45
CA ALA G 357 33.34 -69.05 -46.86
C ALA G 357 34.40 -68.56 -45.87
N ASP G 358 35.55 -68.17 -46.39
CA ASP G 358 36.64 -67.66 -45.56
C ASP G 358 36.47 -66.17 -45.31
N LEU G 359 35.96 -65.82 -44.13
CA LEU G 359 35.73 -64.43 -43.78
C LEU G 359 37.00 -63.58 -43.86
N LYS G 360 38.13 -64.16 -43.49
CA LYS G 360 39.41 -63.45 -43.53
C LYS G 360 39.65 -62.78 -44.87
N SER G 361 39.82 -63.60 -45.91
CA SER G 361 40.06 -63.11 -47.26
C SER G 361 38.99 -62.12 -47.72
N THR G 362 37.72 -62.53 -47.60
CA THR G 362 36.60 -61.69 -48.00
C THR G 362 36.65 -60.31 -47.33
N GLN G 363 36.94 -60.28 -46.05
CA GLN G 363 37.00 -59.03 -45.31
C GLN G 363 38.05 -58.05 -45.84
N ALA G 364 39.24 -58.56 -46.12
CA ALA G 364 40.33 -57.71 -46.63
C ALA G 364 39.87 -56.94 -47.85
N ALA G 365 39.19 -57.62 -48.77
CA ALA G 365 38.69 -56.99 -49.98
C ALA G 365 37.72 -55.87 -49.65
N ILE G 366 36.70 -56.20 -48.87
CA ILE G 366 35.69 -55.23 -48.47
C ILE G 366 36.29 -53.98 -47.86
N ASP G 367 37.20 -54.14 -46.90
CA ASP G 367 37.84 -53.00 -46.25
C ASP G 367 38.46 -52.04 -47.25
N GLN G 368 39.28 -52.57 -48.14
CA GLN G 368 39.94 -51.75 -49.16
C GLN G 368 38.92 -51.01 -50.01
N ILE G 369 37.88 -51.72 -50.43
CA ILE G 369 36.83 -51.15 -51.27
C ILE G 369 36.09 -49.97 -50.61
N ASN G 370 35.47 -50.24 -49.47
CA ASN G 370 34.70 -49.24 -48.74
C ASN G 370 35.36 -47.86 -48.57
N GLY G 371 36.48 -47.83 -47.86
CA GLY G 371 37.17 -46.56 -47.61
C GLY G 371 37.66 -45.75 -48.80
N LYS G 372 38.09 -46.41 -49.86
CA LYS G 372 38.63 -45.74 -51.05
C LYS G 372 37.81 -44.57 -51.60
N LEU G 373 36.56 -44.83 -51.99
CA LEU G 373 35.69 -43.80 -52.54
C LEU G 373 35.82 -42.43 -51.90
N ASN G 374 35.53 -42.37 -50.60
CA ASN G 374 35.60 -41.12 -49.85
C ASN G 374 36.99 -40.49 -49.88
N ARG G 375 38.02 -41.32 -49.87
CA ARG G 375 39.39 -40.81 -49.92
C ARG G 375 39.64 -40.06 -51.22
N VAL G 376 39.50 -40.76 -52.34
CA VAL G 376 39.71 -40.15 -53.65
C VAL G 376 38.96 -38.83 -53.80
N ILE G 377 37.64 -38.87 -53.62
CA ILE G 377 36.81 -37.69 -53.76
C ILE G 377 36.47 -37.11 -52.39
N GLU G 378 36.53 -35.78 -52.28
CA GLU G 378 36.22 -35.14 -51.02
C GLU G 378 34.72 -35.15 -50.74
N LYS G 379 34.36 -35.71 -49.60
CA LYS G 379 32.96 -35.82 -49.20
C LYS G 379 32.14 -34.57 -49.50
N THR G 380 32.79 -33.41 -49.43
CA THR G 380 32.08 -32.16 -49.69
C THR G 380 33.01 -30.95 -49.79
N ASN G 381 32.47 -29.86 -50.32
CA ASN G 381 33.19 -28.61 -50.48
C ASN G 381 32.10 -27.55 -50.59
N GLU G 382 32.23 -26.46 -49.83
CA GLU G 382 31.23 -25.41 -49.87
C GLU G 382 31.61 -24.25 -50.76
N LYS G 383 30.58 -23.62 -51.32
CA LYS G 383 30.73 -22.46 -52.19
C LYS G 383 29.44 -21.67 -52.02
N PHE G 384 29.55 -20.35 -52.01
CA PHE G 384 28.37 -19.52 -51.84
C PHE G 384 28.25 -18.55 -53.02
N HIS G 385 28.47 -17.26 -52.81
CA HIS G 385 28.36 -16.32 -53.91
C HIS G 385 29.48 -16.61 -54.91
N GLN G 386 29.10 -16.69 -56.19
CA GLN G 386 30.06 -16.98 -57.25
C GLN G 386 29.86 -16.01 -58.41
N ILE G 387 29.89 -16.53 -59.64
CA ILE G 387 29.68 -15.71 -60.81
C ILE G 387 28.36 -16.10 -61.46
N GLU G 388 27.67 -15.14 -62.07
CA GLU G 388 26.43 -15.45 -62.74
C GLU G 388 26.85 -16.38 -63.87
N LYS G 389 26.24 -17.56 -63.94
CA LYS G 389 26.58 -18.52 -64.98
C LYS G 389 25.52 -18.46 -66.06
N GLU G 390 24.76 -17.38 -66.04
CA GLU G 390 23.68 -17.17 -67.01
C GLU G 390 23.42 -15.68 -67.23
N PHE G 391 22.90 -15.36 -68.41
CA PHE G 391 22.58 -13.99 -68.77
C PHE G 391 21.33 -14.01 -69.64
N SER G 392 20.77 -12.84 -69.88
CA SER G 392 19.57 -12.74 -70.70
C SER G 392 19.79 -11.83 -71.91
N GLU G 393 20.90 -11.09 -71.91
CA GLU G 393 21.23 -10.19 -73.00
C GLU G 393 22.72 -10.24 -73.31
N VAL G 394 23.14 -9.51 -74.34
CA VAL G 394 24.54 -9.48 -74.74
C VAL G 394 25.30 -8.32 -74.10
N GLU G 395 26.49 -8.60 -73.59
CA GLU G 395 27.32 -7.61 -72.94
C GLU G 395 28.73 -7.54 -73.53
N GLY G 396 28.95 -8.30 -74.59
CA GLY G 396 30.25 -8.31 -75.22
C GLY G 396 31.37 -8.94 -74.42
N ARG G 397 32.50 -8.25 -74.37
CA ARG G 397 33.68 -8.71 -73.65
C ARG G 397 33.46 -9.35 -72.28
N ILE G 398 33.05 -8.54 -71.31
CA ILE G 398 32.81 -9.03 -69.95
C ILE G 398 32.08 -10.36 -69.94
N GLN G 399 30.90 -10.40 -70.53
CA GLN G 399 30.10 -11.61 -70.59
C GLN G 399 30.91 -12.79 -71.13
N ASP G 400 31.43 -12.63 -72.35
CA ASP G 400 32.22 -13.68 -72.99
C ASP G 400 33.16 -14.37 -72.01
N LEU G 401 33.99 -13.59 -71.34
CA LEU G 401 34.94 -14.12 -70.38
C LEU G 401 34.24 -15.00 -69.34
N GLU G 402 33.29 -14.42 -68.62
CA GLU G 402 32.55 -15.14 -67.60
C GLU G 402 32.10 -16.52 -68.06
N LYS G 403 31.51 -16.60 -69.24
CA LYS G 403 31.05 -17.87 -69.78
C LYS G 403 32.21 -18.84 -69.95
N TYR G 404 33.27 -18.36 -70.58
CA TYR G 404 34.46 -19.17 -70.82
C TYR G 404 34.96 -19.80 -69.53
N VAL G 405 35.19 -18.97 -68.52
CA VAL G 405 35.68 -19.42 -67.23
C VAL G 405 34.90 -20.63 -66.72
N GLU G 406 33.60 -20.42 -66.50
CA GLU G 406 32.72 -21.47 -66.01
C GLU G 406 32.75 -22.71 -66.90
N ASP G 407 32.63 -22.49 -68.21
CA ASP G 407 32.63 -23.60 -69.17
C ASP G 407 33.93 -24.41 -69.05
N THR G 408 35.05 -23.70 -69.07
CA THR G 408 36.36 -24.34 -68.97
C THR G 408 36.42 -25.23 -67.73
N LYS G 409 35.98 -24.68 -66.60
CA LYS G 409 35.97 -25.39 -65.34
C LYS G 409 35.30 -26.76 -65.48
N ILE G 410 34.06 -26.75 -65.96
CA ILE G 410 33.28 -27.96 -66.14
C ILE G 410 34.04 -29.01 -66.95
N ASP G 411 34.46 -28.65 -68.16
CA ASP G 411 35.18 -29.57 -69.02
C ASP G 411 36.36 -30.21 -68.29
N LEU G 412 37.17 -29.39 -67.64
CA LEU G 412 38.33 -29.86 -66.89
C LEU G 412 37.88 -30.78 -65.76
N TRP G 413 36.87 -30.34 -65.01
CA TRP G 413 36.34 -31.10 -63.89
C TRP G 413 35.77 -32.45 -64.35
N SER G 414 34.97 -32.41 -65.41
CA SER G 414 34.35 -33.61 -65.96
C SER G 414 35.42 -34.66 -66.24
N TYR G 415 36.50 -34.24 -66.90
CA TYR G 415 37.60 -35.12 -67.22
C TYR G 415 38.05 -35.89 -65.99
N ASN G 416 38.35 -35.16 -64.92
CA ASN G 416 38.79 -35.75 -63.67
C ASN G 416 37.84 -36.84 -63.20
N ALA G 417 36.54 -36.52 -63.19
CA ALA G 417 35.53 -37.48 -62.78
C ALA G 417 35.59 -38.73 -63.65
N GLU G 418 35.46 -38.54 -64.95
CA GLU G 418 35.51 -39.64 -65.91
C GLU G 418 36.77 -40.46 -65.71
N LEU G 419 37.92 -39.80 -65.74
CA LEU G 419 39.21 -40.45 -65.56
C LEU G 419 39.31 -41.17 -64.22
N LEU G 420 38.91 -40.48 -63.16
CA LEU G 420 38.95 -41.03 -61.81
C LEU G 420 38.13 -42.31 -61.68
N VAL G 421 36.90 -42.30 -62.18
CA VAL G 421 36.04 -43.47 -62.10
C VAL G 421 36.67 -44.66 -62.83
N ALA G 422 37.19 -44.41 -64.02
CA ALA G 422 37.82 -45.45 -64.83
C ALA G 422 38.97 -46.08 -64.05
N LEU G 423 39.71 -45.24 -63.33
CA LEU G 423 40.83 -45.70 -62.52
C LEU G 423 40.35 -46.55 -61.35
N GLU G 424 39.30 -46.08 -60.68
CA GLU G 424 38.74 -46.79 -59.53
C GLU G 424 38.22 -48.18 -59.90
N ASN G 425 37.31 -48.24 -60.87
CA ASN G 425 36.74 -49.52 -61.29
C ASN G 425 37.85 -50.47 -61.70
N GLN G 426 38.73 -49.98 -62.59
CA GLN G 426 39.86 -50.77 -63.09
C GLN G 426 40.72 -51.25 -61.94
N HIS G 427 40.86 -50.42 -60.92
CA HIS G 427 41.68 -50.74 -59.75
C HIS G 427 40.99 -51.71 -58.81
N THR G 428 39.69 -51.54 -58.64
CA THR G 428 38.91 -52.41 -57.74
C THR G 428 38.97 -53.86 -58.21
N ILE G 429 38.75 -54.07 -59.49
CA ILE G 429 38.78 -55.41 -60.07
C ILE G 429 40.07 -56.15 -59.72
N ASP G 430 41.20 -55.52 -60.01
CA ASP G 430 42.50 -56.11 -59.72
C ASP G 430 42.62 -56.45 -58.24
N LEU G 431 42.13 -55.53 -57.40
CA LEU G 431 42.16 -55.71 -55.96
C LEU G 431 41.40 -56.95 -55.50
N THR G 432 40.14 -57.05 -55.90
CA THR G 432 39.31 -58.19 -55.53
C THR G 432 39.81 -59.47 -56.18
N ASP G 433 40.17 -59.36 -57.46
CA ASP G 433 40.65 -60.50 -58.22
C ASP G 433 41.97 -61.02 -57.66
N SER G 434 42.75 -60.12 -57.06
CA SER G 434 44.04 -60.50 -56.47
C SER G 434 43.82 -61.34 -55.22
N GLU G 435 42.94 -60.87 -54.34
CA GLU G 435 42.63 -61.59 -53.10
C GLU G 435 42.35 -63.06 -53.41
N MET G 436 41.42 -63.29 -54.32
CA MET G 436 41.04 -64.64 -54.72
C MET G 436 42.27 -65.44 -55.14
N ASN G 437 43.25 -64.75 -55.73
CA ASN G 437 44.47 -65.39 -56.20
C ASN G 437 45.43 -65.70 -55.04
N LYS G 438 45.41 -64.86 -54.02
CA LYS G 438 46.28 -65.06 -52.86
C LYS G 438 45.83 -66.25 -52.03
N LEU G 439 44.55 -66.26 -51.70
CA LEU G 439 43.99 -67.34 -50.90
C LEU G 439 44.31 -68.69 -51.55
N PHE G 440 44.52 -68.66 -52.86
CA PHE G 440 44.84 -69.86 -53.61
C PHE G 440 46.31 -70.24 -53.42
N GLU G 441 47.16 -69.22 -53.33
CA GLU G 441 48.59 -69.43 -53.13
C GLU G 441 48.85 -69.72 -51.65
N LYS G 442 48.01 -69.13 -50.79
CA LYS G 442 48.13 -69.34 -49.35
C LYS G 442 47.91 -70.81 -49.05
N THR G 443 47.15 -71.47 -49.93
CA THR G 443 46.85 -72.88 -49.76
C THR G 443 47.98 -73.74 -50.34
N ARG G 444 48.55 -73.29 -51.46
CA ARG G 444 49.65 -74.01 -52.09
C ARG G 444 50.80 -74.19 -51.11
N ARG G 445 51.16 -73.11 -50.43
CA ARG G 445 52.24 -73.14 -49.45
C ARG G 445 51.86 -73.99 -48.24
N GLN G 446 50.58 -73.97 -47.90
CA GLN G 446 50.08 -74.72 -46.75
C GLN G 446 50.05 -76.23 -47.03
N LEU G 447 49.30 -76.63 -48.04
CA LEU G 447 49.20 -78.03 -48.40
C LEU G 447 50.56 -78.66 -48.65
N ARG G 448 51.47 -77.87 -49.21
CA ARG G 448 52.81 -78.35 -49.50
C ARG G 448 52.76 -79.47 -50.54
N GLU G 449 53.33 -80.62 -50.21
CA GLU G 449 53.36 -81.77 -51.12
C GLU G 449 52.10 -82.62 -51.15
N ASN G 450 51.43 -82.70 -50.01
CA ASN G 450 50.20 -83.51 -49.88
C ASN G 450 49.24 -83.51 -51.07
N ALA G 451 49.16 -82.40 -51.80
CA ALA G 451 48.25 -82.32 -52.95
C ALA G 451 48.89 -81.71 -54.19
N GLU G 452 48.08 -81.57 -55.24
CA GLU G 452 48.55 -80.99 -56.49
C GLU G 452 47.49 -80.06 -57.07
N ASP G 453 47.93 -79.03 -57.78
CA ASP G 453 47.02 -78.07 -58.38
C ASP G 453 46.49 -78.59 -59.72
N MET G 454 45.26 -79.11 -59.70
CA MET G 454 44.64 -79.65 -60.89
C MET G 454 44.61 -78.64 -62.03
N GLY G 455 44.64 -77.35 -61.67
CA GLY G 455 44.61 -76.31 -62.68
C GLY G 455 43.25 -75.67 -62.76
N ASN G 456 42.22 -76.48 -62.57
CA ASN G 456 40.84 -76.00 -62.60
C ASN G 456 40.52 -75.16 -61.37
N GLY G 457 41.56 -74.77 -60.65
CA GLY G 457 41.36 -73.96 -59.45
C GLY G 457 41.13 -74.81 -58.23
N CYS G 458 41.48 -76.09 -58.31
CA CYS G 458 41.32 -77.02 -57.19
C CYS G 458 42.62 -77.71 -56.86
N PHE G 459 42.73 -78.21 -55.64
CA PHE G 459 43.91 -78.94 -55.18
C PHE G 459 43.45 -80.37 -54.97
N LYS G 460 43.99 -81.30 -55.76
CA LYS G 460 43.63 -82.70 -55.65
C LYS G 460 44.41 -83.39 -54.54
N ILE G 461 43.93 -83.28 -53.31
CA ILE G 461 44.57 -83.90 -52.17
C ILE G 461 44.71 -85.40 -52.44
N TYR G 462 45.89 -85.94 -52.17
CA TYR G 462 46.15 -87.36 -52.41
C TYR G 462 45.91 -88.31 -51.24
N HIS G 463 45.13 -87.89 -50.25
CA HIS G 463 44.90 -88.75 -49.11
C HIS G 463 43.52 -88.58 -48.47
N LYS G 464 43.00 -89.67 -47.90
CA LYS G 464 41.69 -89.62 -47.24
C LYS G 464 41.65 -88.40 -46.34
N CYS G 465 40.68 -87.53 -46.55
CA CYS G 465 40.57 -86.31 -45.77
C CYS G 465 39.15 -86.09 -45.28
N ASP G 466 38.91 -86.39 -44.01
CA ASP G 466 37.59 -86.21 -43.41
C ASP G 466 37.27 -84.73 -43.26
N ASN G 467 36.04 -84.42 -42.88
CA ASN G 467 35.63 -83.02 -42.71
C ASN G 467 36.53 -82.26 -41.75
N ALA G 468 37.00 -82.93 -40.71
CA ALA G 468 37.89 -82.29 -39.74
C ALA G 468 39.21 -81.98 -40.46
N CYS G 469 39.68 -82.95 -41.24
CA CYS G 469 40.91 -82.80 -42.00
C CYS G 469 40.85 -81.56 -42.88
N ILE G 470 39.68 -81.33 -43.48
CA ILE G 470 39.48 -80.17 -44.34
C ILE G 470 39.47 -78.88 -43.52
N GLU G 471 38.68 -78.87 -42.46
CA GLU G 471 38.58 -77.70 -41.59
C GLU G 471 39.93 -77.23 -41.09
N SER G 472 40.81 -78.18 -40.77
CA SER G 472 42.15 -77.84 -40.27
C SER G 472 42.97 -77.06 -41.30
N ILE G 473 42.61 -77.22 -42.57
CA ILE G 473 43.33 -76.54 -43.65
C ILE G 473 42.79 -75.14 -43.90
N ARG G 474 41.49 -74.95 -43.69
CA ARG G 474 40.86 -73.66 -43.91
C ARG G 474 41.31 -72.58 -42.92
N ASN G 475 41.52 -72.97 -41.66
CA ASN G 475 41.98 -71.99 -40.68
C ASN G 475 43.47 -71.75 -40.91
N GLY G 476 44.16 -72.80 -41.36
CA GLY G 476 45.58 -72.70 -41.62
C GLY G 476 46.41 -73.49 -40.63
N THR G 477 45.74 -74.13 -39.68
CA THR G 477 46.40 -74.91 -38.63
C THR G 477 47.03 -76.21 -39.16
N TYR G 478 46.34 -76.84 -40.11
CA TYR G 478 46.78 -78.08 -40.75
C TYR G 478 48.28 -78.26 -40.95
N ASP G 479 48.78 -79.46 -40.66
CA ASP G 479 50.20 -79.80 -40.80
C ASP G 479 50.41 -80.83 -41.91
N HIS G 480 51.40 -80.56 -42.77
CA HIS G 480 51.72 -81.43 -43.90
C HIS G 480 52.32 -82.78 -43.53
N ASP G 481 53.23 -82.81 -42.56
CA ASP G 481 53.88 -84.05 -42.14
C ASP G 481 52.90 -85.17 -41.80
N VAL G 482 51.81 -84.82 -41.12
CA VAL G 482 50.79 -85.79 -40.73
C VAL G 482 50.40 -86.75 -41.85
N TYR G 483 50.01 -86.20 -42.98
CA TYR G 483 49.58 -87.00 -44.13
C TYR G 483 50.67 -87.14 -45.18
N ARG G 484 51.84 -86.57 -44.93
CA ARG G 484 52.95 -86.63 -45.87
C ARG G 484 53.20 -88.03 -46.42
N ASP G 485 53.55 -88.97 -45.54
CA ASP G 485 53.83 -90.34 -45.94
C ASP G 485 52.68 -90.93 -46.77
N GLU G 486 51.47 -90.83 -46.24
CA GLU G 486 50.29 -91.35 -46.91
C GLU G 486 50.12 -90.79 -48.31
N ALA G 487 50.00 -89.47 -48.40
CA ALA G 487 49.82 -88.79 -49.69
C ALA G 487 50.91 -89.17 -50.69
N LEU G 488 52.16 -89.00 -50.29
CA LEU G 488 53.30 -89.32 -51.16
C LEU G 488 53.15 -90.64 -51.91
N ASN G 489 52.54 -91.62 -51.26
CA ASN G 489 52.36 -92.93 -51.87
C ASN G 489 51.37 -92.91 -53.04
N ASN G 490 50.17 -92.42 -52.78
CA ASN G 490 49.13 -92.34 -53.80
C ASN G 490 49.56 -91.53 -55.02
N ARG G 491 50.54 -90.65 -54.82
CA ARG G 491 51.02 -89.79 -55.90
C ARG G 491 51.89 -90.53 -56.91
N PHE G 492 53.00 -91.08 -56.42
CA PHE G 492 53.95 -91.79 -57.27
C PHE G 492 53.70 -93.30 -57.37
N GLN G 493 52.52 -93.73 -56.94
CA GLN G 493 52.18 -95.15 -56.99
C GLN G 493 50.68 -95.34 -57.21
N SER H 1 64.67 -88.45 -74.98
CA SER H 1 63.70 -88.99 -73.97
C SER H 1 63.03 -87.85 -73.23
N THR H 2 63.39 -86.62 -73.59
CA THR H 2 62.82 -85.43 -72.96
C THR H 2 62.68 -84.33 -74.01
N ALA H 3 61.73 -83.42 -73.77
CA ALA H 3 61.51 -82.31 -74.69
C ALA H 3 61.42 -81.00 -73.92
N THR H 4 61.84 -79.91 -74.56
CA THR H 4 61.80 -78.61 -73.93
C THR H 4 60.80 -77.69 -74.62
N LEU H 5 59.85 -77.18 -73.84
CA LEU H 5 58.85 -76.26 -74.37
C LEU H 5 59.07 -74.90 -73.71
N CYS H 6 59.01 -73.85 -74.51
CA CYS H 6 59.23 -72.51 -73.98
C CYS H 6 58.19 -71.53 -74.49
N LEU H 7 58.03 -70.43 -73.77
CA LEU H 7 57.08 -69.40 -74.13
C LEU H 7 57.88 -68.12 -74.39
N GLY H 8 57.28 -67.15 -75.06
CA GLY H 8 57.99 -65.93 -75.35
C GLY H 8 57.16 -64.89 -76.07
N HIS H 9 57.78 -63.76 -76.37
CA HIS H 9 57.11 -62.68 -77.07
C HIS H 9 57.93 -62.18 -78.26
N HIS H 10 57.38 -61.21 -78.99
CA HIS H 10 58.04 -60.66 -80.16
C HIS H 10 59.00 -59.51 -79.84
N ALA H 11 59.69 -59.02 -80.86
CA ALA H 11 60.64 -57.93 -80.71
C ALA H 11 60.81 -57.19 -82.03
N VAL H 12 61.26 -55.94 -81.95
CA VAL H 12 61.47 -55.13 -83.15
C VAL H 12 62.89 -54.59 -83.20
N PRO H 13 63.39 -54.30 -84.42
CA PRO H 13 64.75 -53.78 -84.60
C PRO H 13 65.08 -52.61 -83.68
N ASN H 14 64.35 -51.51 -83.86
CA ASN H 14 64.56 -50.32 -83.03
C ASN H 14 63.23 -49.78 -82.52
N GLY H 15 62.97 -49.98 -81.23
CA GLY H 15 61.74 -49.52 -80.63
C GLY H 15 61.76 -48.04 -80.30
N THR H 16 60.75 -47.59 -79.56
CA THR H 16 60.64 -46.20 -79.17
C THR H 16 60.53 -46.08 -77.65
N LEU H 17 61.04 -44.98 -77.10
CA LEU H 17 61.01 -44.75 -75.67
C LEU H 17 59.69 -44.13 -75.25
N VAL H 18 59.30 -44.36 -74.00
CA VAL H 18 58.05 -43.82 -73.46
C VAL H 18 58.21 -43.46 -72.00
N LYS H 19 57.47 -42.44 -71.56
CA LYS H 19 57.53 -41.99 -70.18
C LYS H 19 56.51 -42.72 -69.32
N THR H 20 57.00 -43.53 -68.39
CA THR H 20 56.13 -44.28 -67.50
C THR H 20 56.40 -43.90 -66.06
N ILE H 21 55.51 -44.31 -65.16
CA ILE H 21 55.64 -44.00 -63.74
C ILE H 21 56.88 -44.64 -63.14
N THR H 22 56.88 -45.98 -63.07
CA THR H 22 58.00 -46.73 -62.51
C THR H 22 59.36 -46.38 -63.11
N ASP H 23 59.53 -46.63 -64.41
CA ASP H 23 60.79 -46.32 -65.08
C ASP H 23 60.70 -44.93 -65.70
N ASP H 24 61.75 -44.13 -65.53
CA ASP H 24 61.76 -42.78 -66.06
C ASP H 24 61.82 -42.78 -67.59
N GLN H 25 62.32 -43.88 -68.17
CA GLN H 25 62.43 -44.00 -69.61
C GLN H 25 62.57 -45.47 -70.00
N ILE H 26 61.71 -45.94 -70.90
CA ILE H 26 61.76 -47.34 -71.32
C ILE H 26 61.33 -47.49 -72.79
N GLU H 27 61.88 -48.52 -73.45
CA GLU H 27 61.59 -48.77 -74.85
C GLU H 27 60.48 -49.81 -75.07
N VAL H 28 59.63 -49.57 -76.06
CA VAL H 28 58.54 -50.48 -76.39
C VAL H 28 58.70 -50.95 -77.83
N THR H 29 57.71 -51.68 -78.34
CA THR H 29 57.76 -52.18 -79.71
C THR H 29 56.95 -51.30 -80.66
N ASN H 30 56.25 -50.31 -80.10
CA ASN H 30 55.44 -49.42 -80.92
C ASN H 30 54.98 -48.21 -80.11
N ALA H 31 54.92 -47.06 -80.76
CA ALA H 31 54.49 -45.82 -80.11
C ALA H 31 53.58 -45.02 -81.03
N THR H 32 53.20 -43.82 -80.60
CA THR H 32 52.34 -42.96 -81.40
C THR H 32 52.27 -41.56 -80.78
N GLU H 33 52.28 -40.54 -81.63
CA GLU H 33 52.22 -39.16 -81.18
C GLU H 33 50.80 -38.77 -80.82
N LEU H 34 50.62 -38.15 -79.65
CA LEU H 34 49.31 -37.73 -79.19
C LEU H 34 49.17 -36.21 -79.22
N VAL H 35 50.15 -35.53 -79.83
CA VAL H 35 50.12 -34.08 -79.92
C VAL H 35 50.33 -33.62 -81.36
N GLN H 36 49.28 -33.05 -81.95
CA GLN H 36 49.36 -32.57 -83.32
C GLN H 36 50.29 -31.36 -83.38
N SER H 37 51.40 -31.52 -84.11
CA SER H 37 52.38 -30.45 -84.24
C SER H 37 52.47 -29.87 -85.65
N SER H 38 52.18 -30.70 -86.65
CA SER H 38 52.22 -30.25 -88.03
C SER H 38 50.97 -29.47 -88.41
N SER H 39 51.01 -28.79 -89.56
CA SER H 39 49.89 -28.00 -90.04
C SER H 39 49.97 -27.78 -91.55
N THR H 40 48.85 -28.00 -92.23
CA THR H 40 48.80 -27.81 -93.68
C THR H 40 49.13 -26.36 -94.03
N GLY H 41 48.67 -25.45 -93.18
CA GLY H 41 48.93 -24.04 -93.42
C GLY H 41 47.83 -23.37 -94.23
N LYS H 42 46.76 -24.12 -94.49
CA LYS H 42 45.64 -23.60 -95.26
C LYS H 42 44.31 -23.86 -94.54
N ILE H 43 43.42 -22.89 -94.60
CA ILE H 43 42.11 -23.00 -93.96
C ILE H 43 41.14 -23.74 -94.86
N CYS H 44 40.66 -24.90 -94.39
CA CYS H 44 39.71 -25.69 -95.16
C CYS H 44 38.31 -25.09 -95.06
N ASN H 45 37.81 -24.60 -96.19
CA ASN H 45 36.49 -23.97 -96.25
C ASN H 45 35.33 -24.82 -95.76
N ASN H 46 35.52 -26.14 -95.73
CA ASN H 46 34.46 -27.03 -95.27
C ASN H 46 34.85 -27.79 -94.01
N PRO H 47 33.86 -28.20 -93.20
CA PRO H 47 32.42 -27.98 -93.44
C PRO H 47 31.99 -26.54 -93.11
N HIS H 48 32.58 -26.00 -92.05
CA HIS H 48 32.27 -24.65 -91.59
C HIS H 48 32.40 -23.63 -92.71
N ARG H 49 31.31 -22.93 -93.01
CA ARG H 49 31.33 -21.92 -94.05
C ARG H 49 32.31 -20.84 -93.61
N ILE H 50 33.37 -20.65 -94.39
CA ILE H 50 34.38 -19.65 -94.05
C ILE H 50 34.30 -18.41 -94.93
N LEU H 51 34.26 -17.24 -94.31
CA LEU H 51 34.19 -15.98 -95.03
C LEU H 51 35.50 -15.22 -94.93
N ASP H 52 36.04 -14.81 -96.07
CA ASP H 52 37.30 -14.07 -96.10
C ASP H 52 37.01 -12.58 -96.25
N GLY H 53 37.16 -11.84 -95.16
CA GLY H 53 36.91 -10.41 -95.20
C GLY H 53 38.03 -9.68 -95.90
N ILE H 54 39.02 -10.43 -96.38
CA ILE H 54 40.18 -9.86 -97.07
C ILE H 54 40.57 -8.54 -96.41
N ASP H 55 40.91 -7.54 -97.21
CA ASP H 55 41.28 -6.24 -96.66
C ASP H 55 40.06 -5.50 -96.11
N CYS H 56 39.41 -6.12 -95.13
CA CYS H 56 38.24 -5.54 -94.48
C CYS H 56 38.05 -6.13 -93.09
N THR H 57 37.66 -5.27 -92.15
CA THR H 57 37.43 -5.70 -90.77
C THR H 57 35.93 -5.92 -90.61
N LEU H 58 35.55 -6.90 -89.80
CA LEU H 58 34.15 -7.20 -89.57
C LEU H 58 33.37 -5.93 -89.24
N ILE H 59 34.05 -4.98 -88.61
CA ILE H 59 33.42 -3.71 -88.24
C ILE H 59 33.25 -2.81 -89.47
N ASP H 60 34.33 -2.66 -90.24
CA ASP H 60 34.27 -1.83 -91.44
C ASP H 60 33.22 -2.38 -92.39
N ALA H 61 32.94 -3.67 -92.26
CA ALA H 61 31.93 -4.32 -93.09
C ALA H 61 30.55 -3.93 -92.56
N LEU H 62 30.39 -4.06 -91.24
CA LEU H 62 29.14 -3.71 -90.59
C LEU H 62 28.79 -2.26 -90.90
N LEU H 63 29.65 -1.35 -90.44
CA LEU H 63 29.46 0.07 -90.67
C LEU H 63 29.06 0.33 -92.12
N GLY H 64 29.74 -0.37 -93.03
CA GLY H 64 29.45 -0.22 -94.45
C GLY H 64 30.45 0.67 -95.16
N ASP H 65 31.72 0.30 -95.08
CA ASP H 65 32.79 1.07 -95.72
C ASP H 65 32.74 0.78 -97.22
N PRO H 66 32.94 1.82 -98.06
CA PRO H 66 32.93 1.70 -99.51
C PRO H 66 33.60 0.44 -100.08
N HIS H 67 34.84 0.19 -99.67
CA HIS H 67 35.58 -0.96 -100.17
C HIS H 67 35.14 -2.29 -99.55
N CYS H 68 34.24 -2.23 -98.57
CA CYS H 68 33.76 -3.45 -97.93
C CYS H 68 32.27 -3.66 -98.13
N ASP H 69 31.65 -2.80 -98.95
CA ASP H 69 30.22 -2.92 -99.23
C ASP H 69 29.88 -4.28 -99.82
N VAL H 70 30.86 -4.91 -100.45
CA VAL H 70 30.67 -6.23 -101.05
C VAL H 70 30.24 -7.26 -100.01
N PHE H 71 30.54 -6.97 -98.74
CA PHE H 71 30.19 -7.88 -97.65
C PHE H 71 28.80 -7.62 -97.07
N GLN H 72 28.14 -6.57 -97.54
CA GLN H 72 26.81 -6.26 -97.04
C GLN H 72 25.87 -7.45 -97.16
N ASN H 73 24.97 -7.60 -96.20
CA ASN H 73 24.01 -8.69 -96.20
C ASN H 73 24.70 -10.04 -96.26
N GLU H 74 25.89 -10.13 -95.66
CA GLU H 74 26.67 -11.36 -95.65
C GLU H 74 26.48 -12.18 -94.38
N THR H 75 26.45 -13.50 -94.56
CA THR H 75 26.30 -14.43 -93.44
C THR H 75 27.61 -15.20 -93.37
N TRP H 76 27.81 -15.97 -92.31
CA TRP H 76 29.05 -16.74 -92.18
C TRP H 76 29.07 -17.65 -90.96
N ASP H 77 30.05 -18.54 -90.93
CA ASP H 77 30.24 -19.47 -89.82
C ASP H 77 31.43 -18.99 -89.00
N LEU H 78 32.50 -18.64 -89.70
CA LEU H 78 33.72 -18.15 -89.07
C LEU H 78 34.35 -17.02 -89.90
N PHE H 79 34.07 -15.78 -89.51
CA PHE H 79 34.60 -14.63 -90.22
C PHE H 79 36.09 -14.50 -89.98
N VAL H 80 36.89 -14.73 -91.03
CA VAL H 80 38.33 -14.62 -90.93
C VAL H 80 38.75 -13.18 -91.23
N GLU H 81 39.53 -12.60 -90.34
CA GLU H 81 39.98 -11.23 -90.49
C GLU H 81 41.47 -11.20 -90.86
N ARG H 82 41.75 -10.65 -92.04
CA ARG H 82 43.12 -10.55 -92.54
C ARG H 82 43.87 -9.35 -91.96
N SER H 83 45.20 -9.45 -91.93
CA SER H 83 46.03 -8.37 -91.40
C SER H 83 46.14 -7.26 -92.45
N LYS H 84 46.16 -7.65 -93.72
CA LYS H 84 46.25 -6.70 -94.82
C LYS H 84 45.07 -5.73 -94.74
N ALA H 85 44.10 -6.08 -93.91
CA ALA H 85 42.90 -5.28 -93.72
C ALA H 85 43.21 -3.82 -93.45
N PHE H 86 42.19 -2.97 -93.59
CA PHE H 86 42.33 -1.53 -93.37
C PHE H 86 40.99 -0.86 -93.64
N SER H 87 40.83 0.36 -93.14
CA SER H 87 39.61 1.12 -93.34
C SER H 87 39.90 2.37 -94.17
N ASN H 88 38.90 2.81 -94.94
CA ASN H 88 39.09 3.99 -95.79
C ASN H 88 37.83 4.87 -95.83
N CYS H 89 37.22 5.09 -94.67
CA CYS H 89 36.03 5.91 -94.57
C CYS H 89 36.24 6.94 -93.45
N TYR H 90 35.21 7.72 -93.16
CA TYR H 90 35.32 8.76 -92.12
C TYR H 90 35.88 8.18 -90.82
N PRO H 91 36.88 8.86 -90.22
CA PRO H 91 37.50 8.41 -88.98
C PRO H 91 36.49 8.14 -87.86
N TYR H 92 36.56 6.94 -87.29
CA TYR H 92 35.65 6.55 -86.22
C TYR H 92 36.38 5.85 -85.08
N ASP H 93 35.71 5.77 -83.93
CA ASP H 93 36.26 5.11 -82.75
C ASP H 93 35.10 4.44 -82.03
N VAL H 94 35.18 3.12 -81.90
CA VAL H 94 34.12 2.35 -81.25
C VAL H 94 34.43 2.04 -79.78
N PRO H 95 33.77 2.75 -78.86
CA PRO H 95 33.99 2.51 -77.43
C PRO H 95 33.68 1.05 -77.10
N ASP H 96 34.59 0.41 -76.38
CA ASP H 96 34.41 -1.00 -76.02
C ASP H 96 34.32 -1.79 -77.32
N TYR H 97 35.01 -1.28 -78.33
CA TYR H 97 35.06 -1.88 -79.67
C TYR H 97 35.06 -3.41 -79.66
N ALA H 98 36.09 -3.99 -79.06
CA ALA H 98 36.23 -5.44 -79.00
C ALA H 98 34.91 -6.15 -78.72
N SER H 99 34.19 -5.71 -77.69
CA SER H 99 32.92 -6.31 -77.34
C SER H 99 31.97 -6.36 -78.53
N LEU H 100 31.66 -5.19 -79.08
CA LEU H 100 30.77 -5.09 -80.24
C LEU H 100 31.19 -6.07 -81.32
N ARG H 101 32.48 -6.04 -81.66
CA ARG H 101 33.02 -6.94 -82.68
C ARG H 101 32.74 -8.39 -82.33
N SER H 102 32.96 -8.73 -81.07
CA SER H 102 32.74 -10.09 -80.59
C SER H 102 31.31 -10.55 -80.78
N LEU H 103 30.35 -9.74 -80.32
CA LEU H 103 28.94 -10.07 -80.43
C LEU H 103 28.52 -10.23 -81.89
N VAL H 104 29.02 -9.33 -82.74
CA VAL H 104 28.69 -9.38 -84.16
C VAL H 104 29.11 -10.72 -84.75
N ALA H 105 30.34 -11.13 -84.45
CA ALA H 105 30.88 -12.39 -84.95
C ALA H 105 30.03 -13.54 -84.43
N SER H 106 29.46 -13.38 -83.24
CA SER H 106 28.63 -14.41 -82.64
C SER H 106 27.36 -14.62 -83.45
N SER H 107 26.77 -13.52 -83.92
CA SER H 107 25.55 -13.60 -84.71
C SER H 107 25.83 -14.34 -86.01
N GLY H 108 26.92 -13.95 -86.68
CA GLY H 108 27.29 -14.61 -87.93
C GLY H 108 26.56 -14.11 -89.15
N THR H 109 26.15 -12.84 -89.13
CA THR H 109 25.44 -12.27 -90.27
C THR H 109 25.31 -10.75 -90.19
N LEU H 110 25.69 -10.08 -91.27
CA LEU H 110 25.59 -8.63 -91.34
C LEU H 110 24.31 -8.25 -92.07
N GLU H 111 23.34 -9.16 -92.05
CA GLU H 111 22.05 -8.96 -92.68
C GLU H 111 21.42 -7.67 -92.19
N PHE H 112 21.35 -6.67 -93.07
CA PHE H 112 20.76 -5.39 -92.72
C PHE H 112 19.32 -5.31 -93.20
N ILE H 113 18.47 -4.69 -92.40
CA ILE H 113 17.06 -4.53 -92.75
C ILE H 113 16.66 -3.06 -92.60
N THR H 114 16.78 -2.32 -93.71
CA THR H 114 16.45 -0.90 -93.72
C THR H 114 15.03 -0.62 -93.23
N GLU H 115 14.91 0.28 -92.27
CA GLU H 115 13.61 0.66 -91.73
C GLU H 115 13.25 2.06 -92.20
N GLY H 116 11.96 2.31 -92.38
CA GLY H 116 11.50 3.61 -92.84
C GLY H 116 11.53 4.72 -91.81
N PHE H 117 12.71 5.25 -91.52
CA PHE H 117 12.84 6.34 -90.56
C PHE H 117 12.45 7.66 -91.21
N THR H 118 11.79 8.53 -90.44
CA THR H 118 11.36 9.82 -90.95
C THR H 118 11.92 10.98 -90.13
N TRP H 119 12.95 11.62 -90.66
CA TRP H 119 13.59 12.76 -90.00
C TRP H 119 13.02 14.03 -90.61
N THR H 120 12.25 14.78 -89.81
CA THR H 120 11.63 16.00 -90.28
C THR H 120 12.47 17.26 -90.04
N GLY H 121 12.32 18.24 -90.93
CA GLY H 121 13.04 19.49 -90.81
C GLY H 121 14.55 19.37 -90.75
N VAL H 122 15.11 18.36 -91.41
CA VAL H 122 16.55 18.17 -91.41
C VAL H 122 17.03 17.41 -92.65
N THR H 123 18.18 17.82 -93.18
CA THR H 123 18.75 17.18 -94.37
C THR H 123 19.23 15.78 -94.04
N GLN H 124 19.30 14.92 -95.06
CA GLN H 124 19.74 13.55 -94.88
C GLN H 124 20.79 13.14 -95.91
N ASN H 125 21.32 11.93 -95.74
CA ASN H 125 22.32 11.38 -96.66
C ASN H 125 23.53 12.29 -96.83
N GLY H 126 24.15 12.67 -95.71
CA GLY H 126 25.32 13.52 -95.78
C GLY H 126 26.55 12.74 -96.20
N GLY H 127 27.49 13.41 -96.87
CA GLY H 127 28.70 12.73 -97.32
C GLY H 127 29.94 13.59 -97.21
N SER H 128 31.10 12.96 -97.35
CA SER H 128 32.38 13.65 -97.27
C SER H 128 33.42 12.98 -98.16
N ASN H 129 34.53 13.68 -98.39
CA ASN H 129 35.62 13.16 -99.22
C ASN H 129 36.31 11.95 -98.60
N ALA H 130 36.53 12.00 -97.29
CA ALA H 130 37.19 10.92 -96.57
C ALA H 130 36.62 9.55 -96.94
N CYS H 131 35.31 9.50 -97.17
CA CYS H 131 34.64 8.25 -97.51
C CYS H 131 33.99 8.39 -98.89
N LYS H 132 34.80 8.25 -99.94
CA LYS H 132 34.29 8.36 -101.31
C LYS H 132 33.87 7.04 -101.91
N ARG H 133 32.58 6.94 -102.26
CA ARG H 133 32.05 5.74 -102.87
C ARG H 133 32.04 5.98 -104.38
N GLY H 134 33.16 5.63 -105.02
CA GLY H 134 33.28 5.83 -106.45
C GLY H 134 33.92 7.19 -106.70
N PRO H 135 33.58 7.87 -107.80
CA PRO H 135 34.17 9.19 -108.08
C PRO H 135 33.67 10.25 -107.10
N GLY H 136 32.35 10.31 -106.94
CA GLY H 136 31.76 11.28 -106.04
C GLY H 136 31.88 10.84 -104.59
N SER H 137 31.93 11.81 -103.69
CA SER H 137 32.05 11.52 -102.26
C SER H 137 30.91 10.62 -101.78
N GLY H 138 31.03 10.16 -100.53
CA GLY H 138 30.00 9.29 -99.98
C GLY H 138 30.04 9.23 -98.46
N PHE H 139 29.48 8.15 -97.90
CA PHE H 139 29.45 7.97 -96.46
C PHE H 139 29.19 6.49 -96.16
N PHE H 140 28.91 6.17 -94.89
CA PHE H 140 28.66 4.79 -94.49
C PHE H 140 27.33 4.30 -95.06
N SER H 141 27.29 3.02 -95.42
CA SER H 141 26.10 2.42 -96.01
C SER H 141 24.93 2.23 -95.05
N ARG H 142 25.16 1.55 -93.94
CA ARG H 142 24.10 1.30 -92.97
C ARG H 142 23.94 2.52 -92.06
N LEU H 143 24.65 3.59 -92.40
CA LEU H 143 24.59 4.83 -91.63
C LEU H 143 24.08 5.99 -92.46
N ASN H 144 23.63 7.04 -91.78
CA ASN H 144 23.11 8.23 -92.44
C ASN H 144 23.55 9.48 -91.69
N TRP H 145 24.14 10.42 -92.42
CA TRP H 145 24.60 11.67 -91.81
C TRP H 145 23.44 12.66 -91.79
N VAL H 146 23.11 13.16 -90.61
CA VAL H 146 22.02 14.11 -90.46
C VAL H 146 22.55 15.53 -90.35
N THR H 147 22.46 16.28 -91.44
CA THR H 147 22.92 17.66 -91.48
C THR H 147 21.74 18.62 -91.38
N LYS H 148 21.96 19.76 -90.75
CA LYS H 148 20.91 20.76 -90.57
C LYS H 148 20.24 21.13 -91.89
N SER H 149 18.95 21.42 -91.82
CA SER H 149 18.17 21.81 -93.00
C SER H 149 17.91 23.31 -92.97
N GLY H 150 18.25 23.99 -94.06
CA GLY H 150 18.04 25.42 -94.11
C GLY H 150 18.83 26.13 -93.03
N SER H 151 18.15 26.90 -92.19
CA SER H 151 18.81 27.62 -91.11
C SER H 151 18.48 27.06 -89.74
N THR H 152 17.94 25.86 -89.67
CA THR H 152 17.58 25.28 -88.38
C THR H 152 17.73 23.76 -88.27
N TYR H 153 18.01 23.31 -87.05
CA TYR H 153 18.16 21.89 -86.74
C TYR H 153 17.18 21.58 -85.62
N PRO H 154 15.91 21.34 -85.97
CA PRO H 154 14.89 21.05 -84.94
C PRO H 154 15.29 19.81 -84.16
N VAL H 155 15.02 19.82 -82.85
CA VAL H 155 15.35 18.68 -82.03
C VAL H 155 14.64 17.48 -82.64
N LEU H 156 15.40 16.61 -83.30
CA LEU H 156 14.81 15.43 -83.91
C LEU H 156 14.36 14.43 -82.85
N ASN H 157 13.15 13.92 -83.03
CA ASN H 157 12.58 12.97 -82.08
C ASN H 157 11.68 11.99 -82.83
N VAL H 158 12.11 10.74 -82.92
CA VAL H 158 11.35 9.70 -83.60
C VAL H 158 11.26 8.47 -82.72
N THR H 159 10.68 7.40 -83.28
CA THR H 159 10.53 6.15 -82.56
C THR H 159 10.43 4.97 -83.52
N MET H 160 10.68 3.77 -83.00
CA MET H 160 10.62 2.57 -83.81
C MET H 160 10.37 1.35 -82.95
N PRO H 161 9.18 0.73 -83.08
CA PRO H 161 8.79 -0.46 -82.31
C PRO H 161 9.37 -1.75 -82.88
N ASN H 162 9.59 -2.73 -82.00
CA ASN H 162 10.13 -4.01 -82.42
C ASN H 162 9.02 -5.07 -82.39
N ASN H 163 8.13 -4.99 -83.37
CA ASN H 163 7.03 -5.94 -83.48
C ASN H 163 7.58 -7.34 -83.67
N ASP H 164 8.61 -7.44 -84.50
CA ASP H 164 9.26 -8.72 -84.80
C ASP H 164 9.67 -9.43 -83.51
N ASN H 165 9.69 -10.75 -83.55
CA ASN H 165 10.05 -11.56 -82.39
C ASN H 165 11.54 -11.80 -82.20
N PHE H 166 12.37 -11.23 -83.07
CA PHE H 166 13.81 -11.40 -82.96
C PHE H 166 14.48 -10.10 -82.50
N ASP H 167 15.60 -10.25 -81.80
CA ASP H 167 16.34 -9.09 -81.29
C ASP H 167 16.88 -8.22 -82.41
N LYS H 168 16.66 -6.92 -82.29
CA LYS H 168 17.14 -5.96 -83.29
C LYS H 168 18.42 -5.28 -82.82
N LEU H 169 19.32 -5.03 -83.76
CA LEU H 169 20.59 -4.37 -83.44
C LEU H 169 20.77 -3.10 -84.27
N TYR H 170 20.55 -1.95 -83.64
CA TYR H 170 20.70 -0.68 -84.30
C TYR H 170 22.08 -0.08 -84.02
N ILE H 171 22.81 0.21 -85.09
CA ILE H 171 24.15 0.79 -84.97
C ILE H 171 24.11 2.27 -85.33
N TRP H 172 24.38 3.11 -84.34
CA TRP H 172 24.37 4.56 -84.54
C TRP H 172 25.72 5.16 -84.16
N GLY H 173 25.76 6.49 -84.08
CA GLY H 173 26.99 7.17 -83.73
C GLY H 173 26.81 8.66 -83.48
N VAL H 174 27.86 9.29 -82.96
CA VAL H 174 27.84 10.72 -82.67
C VAL H 174 29.05 11.36 -83.33
N HIS H 175 28.88 12.58 -83.84
CA HIS H 175 29.97 13.28 -84.50
C HIS H 175 30.66 14.24 -83.55
N HIS H 176 31.99 14.29 -83.64
CA HIS H 176 32.78 15.17 -82.79
C HIS H 176 33.44 16.27 -83.62
N PRO H 177 32.75 17.42 -83.77
CA PRO H 177 33.26 18.55 -84.55
C PRO H 177 34.66 18.95 -84.12
N SER H 178 35.49 19.30 -85.11
CA SER H 178 36.86 19.71 -84.84
C SER H 178 36.94 21.19 -84.49
N THR H 179 35.90 21.93 -84.87
CA THR H 179 35.85 23.37 -84.59
C THR H 179 34.44 23.81 -84.22
N ASN H 180 34.32 24.99 -83.63
CA ASN H 180 33.02 25.52 -83.23
C ASN H 180 32.20 25.94 -84.45
N GLN H 181 32.87 26.55 -85.42
CA GLN H 181 32.19 26.98 -86.64
C GLN H 181 31.63 25.77 -87.39
N GLU H 182 32.39 24.67 -87.38
CA GLU H 182 31.96 23.45 -88.04
C GLU H 182 30.71 22.93 -87.33
N GLN H 183 30.72 23.05 -86.01
CA GLN H 183 29.61 22.61 -85.16
C GLN H 183 28.37 23.47 -85.41
N THR H 184 28.50 24.77 -85.19
CA THR H 184 27.40 25.70 -85.37
C THR H 184 26.89 25.73 -86.81
N SER H 185 27.76 25.39 -87.76
CA SER H 185 27.40 25.37 -89.17
C SER H 185 26.69 24.09 -89.57
N LEU H 186 27.31 22.95 -89.27
CA LEU H 186 26.74 21.66 -89.60
C LEU H 186 25.61 21.23 -88.66
N TYR H 187 25.56 21.82 -87.48
CA TYR H 187 24.54 21.45 -86.50
C TYR H 187 23.78 22.60 -85.87
N VAL H 188 23.91 23.80 -86.40
CA VAL H 188 23.20 24.95 -85.85
C VAL H 188 23.67 25.17 -84.41
N GLN H 189 22.76 25.06 -83.44
CA GLN H 189 23.12 25.26 -82.04
C GLN H 189 24.48 24.61 -81.77
N ALA H 190 25.39 25.37 -81.17
CA ALA H 190 26.74 24.89 -80.87
C ALA H 190 26.84 23.68 -79.95
N SER H 191 25.78 23.41 -79.19
CA SER H 191 25.82 22.26 -78.27
C SER H 191 24.98 21.10 -78.75
N GLY H 192 25.62 20.11 -79.36
CA GLY H 192 24.92 18.95 -79.85
C GLY H 192 24.60 17.98 -78.72
N ARG H 193 23.81 16.96 -79.02
CA ARG H 193 23.43 15.97 -78.02
C ARG H 193 22.63 14.82 -78.61
N VAL H 194 23.00 13.60 -78.26
CA VAL H 194 22.31 12.41 -78.75
C VAL H 194 21.76 11.64 -77.56
N THR H 195 20.53 11.15 -77.68
CA THR H 195 19.91 10.42 -76.58
C THR H 195 19.13 9.18 -77.02
N VAL H 196 19.86 8.13 -77.37
CA VAL H 196 19.22 6.88 -77.78
C VAL H 196 18.73 6.20 -76.51
N SER H 197 17.52 5.64 -76.56
CA SER H 197 16.98 4.98 -75.38
C SER H 197 15.89 3.96 -75.71
N THR H 198 15.86 2.89 -74.93
CA THR H 198 14.87 1.84 -75.10
C THR H 198 14.05 1.75 -73.83
N ARG H 199 13.02 0.90 -73.84
CA ARG H 199 12.16 0.76 -72.68
C ARG H 199 12.92 0.11 -71.51
N ARG H 200 14.11 -0.40 -71.80
CA ARG H 200 14.94 -1.04 -70.78
C ARG H 200 16.10 -0.15 -70.33
N SER H 201 17.02 0.13 -71.26
CA SER H 201 18.17 0.96 -70.94
C SER H 201 18.08 2.36 -71.53
N GLN H 202 19.07 3.19 -71.22
CA GLN H 202 19.13 4.56 -71.71
C GLN H 202 20.59 4.95 -71.97
N GLN H 203 20.83 5.62 -73.09
CA GLN H 203 22.17 6.05 -73.45
C GLN H 203 22.17 7.46 -74.00
N THR H 204 23.00 8.34 -73.43
CA THR H 204 23.08 9.72 -73.88
C THR H 204 24.53 10.13 -74.06
N ILE H 205 24.86 10.64 -75.24
CA ILE H 205 26.22 11.07 -75.54
C ILE H 205 26.27 12.56 -75.88
N ILE H 206 27.40 13.20 -75.59
CA ILE H 206 27.58 14.62 -75.86
C ILE H 206 28.80 14.82 -76.75
N PRO H 207 28.64 15.57 -77.85
CA PRO H 207 29.75 15.83 -78.78
C PRO H 207 30.90 16.55 -78.11
N ASN H 208 32.13 16.21 -78.50
CA ASN H 208 33.32 16.83 -77.93
C ASN H 208 34.09 17.62 -78.98
N ILE H 209 33.76 18.90 -79.10
CA ILE H 209 34.42 19.77 -80.07
C ILE H 209 35.89 19.94 -79.71
N GLY H 210 36.75 19.89 -80.72
CA GLY H 210 38.18 20.04 -80.50
C GLY H 210 38.99 19.42 -81.61
N SER H 211 40.15 20.00 -81.89
CA SER H 211 41.02 19.50 -82.95
C SER H 211 41.73 18.24 -82.47
N ARG H 212 41.92 17.29 -83.38
CA ARG H 212 42.57 16.03 -83.04
C ARG H 212 43.40 15.49 -84.22
N PRO H 213 44.22 14.46 -83.99
CA PRO H 213 45.06 13.87 -85.04
C PRO H 213 44.40 13.81 -86.40
N TRP H 214 45.04 14.42 -87.39
CA TRP H 214 44.52 14.45 -88.75
C TRP H 214 44.57 13.07 -89.40
N VAL H 215 43.45 12.67 -89.99
CA VAL H 215 43.33 11.38 -90.65
C VAL H 215 42.51 11.50 -91.93
N ARG H 216 43.00 10.89 -93.00
CA ARG H 216 42.32 10.93 -94.29
C ARG H 216 41.84 12.33 -94.66
N GLY H 217 42.50 13.34 -94.12
CA GLY H 217 42.15 14.71 -94.41
C GLY H 217 41.08 15.30 -93.50
N LEU H 218 40.94 14.76 -92.30
CA LEU H 218 39.94 15.25 -91.36
C LEU H 218 40.43 15.28 -89.92
N SER H 219 40.13 16.37 -89.22
CA SER H 219 40.51 16.55 -87.83
C SER H 219 39.30 16.29 -86.94
N SER H 220 38.30 15.61 -87.50
CA SER H 220 37.08 15.29 -86.77
C SER H 220 36.95 13.78 -86.62
N ARG H 221 35.99 13.35 -85.79
CA ARG H 221 35.77 11.92 -85.56
C ARG H 221 34.28 11.59 -85.42
N ILE H 222 34.00 10.29 -85.33
CA ILE H 222 32.64 9.79 -85.19
C ILE H 222 32.63 8.62 -84.20
N SER H 223 31.96 8.81 -83.06
CA SER H 223 31.89 7.76 -82.05
C SER H 223 30.77 6.78 -82.37
N ILE H 224 31.11 5.49 -82.41
CA ILE H 224 30.13 4.45 -82.70
C ILE H 224 29.51 3.87 -81.44
N TYR H 225 28.19 3.76 -81.44
CA TYR H 225 27.46 3.21 -80.31
C TYR H 225 26.35 2.29 -80.81
N TRP H 226 26.21 1.13 -80.18
CA TRP H 226 25.20 0.15 -80.57
C TRP H 226 24.16 -0.02 -79.47
N THR H 227 22.90 -0.22 -79.87
CA THR H 227 21.81 -0.40 -78.93
C THR H 227 20.90 -1.54 -79.37
N ILE H 228 20.91 -2.64 -78.62
CA ILE H 228 20.08 -3.80 -78.92
C ILE H 228 18.65 -3.59 -78.42
N VAL H 229 17.69 -3.94 -79.26
CA VAL H 229 16.28 -3.78 -78.91
C VAL H 229 15.59 -5.14 -78.88
N LYS H 230 15.26 -5.63 -77.68
CA LYS H 230 14.60 -6.91 -77.52
C LYS H 230 13.17 -6.91 -78.06
N PRO H 231 12.63 -8.10 -78.34
CA PRO H 231 11.26 -8.27 -78.86
C PRO H 231 10.21 -7.56 -78.01
N GLY H 232 9.26 -6.91 -78.67
CA GLY H 232 8.21 -6.21 -77.96
C GLY H 232 8.64 -4.83 -77.50
N ASP H 233 9.90 -4.71 -77.10
CA ASP H 233 10.44 -3.44 -76.63
C ASP H 233 10.48 -2.45 -77.80
N VAL H 234 10.67 -1.17 -77.49
CA VAL H 234 10.71 -0.15 -78.53
C VAL H 234 11.95 0.74 -78.42
N LEU H 235 12.36 1.30 -79.56
CA LEU H 235 13.52 2.18 -79.62
C LEU H 235 13.11 3.63 -79.76
N VAL H 236 13.93 4.54 -79.24
CA VAL H 236 13.66 5.98 -79.33
C VAL H 236 14.96 6.76 -79.49
N ILE H 237 14.91 7.82 -80.29
CA ILE H 237 16.08 8.65 -80.54
C ILE H 237 15.72 10.12 -80.38
N ASN H 238 16.31 10.77 -79.39
CA ASN H 238 16.05 12.19 -79.14
C ASN H 238 17.35 12.97 -79.14
N SER H 239 17.81 13.35 -80.32
CA SER H 239 19.06 14.10 -80.47
C SER H 239 18.83 15.57 -80.82
N ASN H 240 19.71 16.43 -80.34
CA ASN H 240 19.62 17.86 -80.59
C ASN H 240 20.47 18.16 -81.82
N GLY H 241 21.42 17.27 -82.10
CA GLY H 241 22.30 17.44 -83.24
C GLY H 241 23.51 16.53 -83.13
N ASN H 242 24.42 16.63 -84.09
CA ASN H 242 25.63 15.81 -84.09
C ASN H 242 25.24 14.33 -84.11
N LEU H 243 24.02 14.03 -84.53
CA LEU H 243 23.51 12.67 -84.60
C LEU H 243 23.88 11.96 -85.89
N ILE H 244 24.06 10.65 -85.79
CA ILE H 244 24.39 9.81 -86.95
C ILE H 244 23.41 8.63 -86.93
N ALA H 245 22.15 8.93 -87.22
CA ALA H 245 21.10 7.92 -87.22
C ALA H 245 21.33 6.81 -88.25
N PRO H 246 20.99 5.57 -87.90
CA PRO H 246 21.13 4.41 -88.78
C PRO H 246 19.95 4.29 -89.74
N ARG H 247 20.11 3.51 -90.80
CA ARG H 247 19.05 3.33 -91.78
C ARG H 247 18.17 2.13 -91.43
N GLY H 248 18.62 1.34 -90.46
CA GLY H 248 17.86 0.16 -90.05
C GLY H 248 18.54 -0.61 -88.93
N TYR H 249 18.38 -1.93 -88.94
CA TYR H 249 18.97 -2.79 -87.92
C TYR H 249 19.55 -4.06 -88.52
N PHE H 250 20.06 -4.94 -87.65
CA PHE H 250 20.64 -6.20 -88.08
C PHE H 250 19.95 -7.35 -87.33
N LYS H 251 19.55 -8.37 -88.08
CA LYS H 251 18.87 -9.53 -87.48
C LYS H 251 19.86 -10.39 -86.72
N MET H 252 20.03 -10.07 -85.44
CA MET H 252 20.94 -10.81 -84.57
C MET H 252 20.49 -12.26 -84.38
N ARG H 253 21.42 -13.19 -84.55
CA ARG H 253 21.12 -14.60 -84.39
C ARG H 253 22.02 -15.24 -83.34
N THR H 254 21.62 -16.41 -82.85
CA THR H 254 22.39 -17.12 -81.83
C THR H 254 22.99 -18.37 -82.46
N GLY H 255 24.24 -18.28 -82.91
CA GLY H 255 24.87 -19.42 -83.54
C GLY H 255 26.33 -19.65 -83.16
N LYS H 256 26.89 -20.72 -83.73
CA LYS H 256 28.27 -21.10 -83.49
C LYS H 256 29.22 -20.10 -84.14
N SER H 257 28.66 -19.11 -84.81
CA SER H 257 29.44 -18.09 -85.50
C SER H 257 30.44 -17.37 -84.59
N SER H 258 31.66 -17.20 -85.10
CA SER H 258 32.73 -16.53 -84.37
C SER H 258 33.74 -15.94 -85.35
N ILE H 259 34.72 -15.21 -84.83
CA ILE H 259 35.75 -14.60 -85.66
C ILE H 259 37.15 -14.96 -85.17
N MET H 260 38.03 -15.27 -86.11
CA MET H 260 39.41 -15.63 -85.80
C MET H 260 40.36 -14.78 -86.64
N ARG H 261 41.47 -14.35 -86.04
CA ARG H 261 42.44 -13.54 -86.75
C ARG H 261 43.52 -14.40 -87.40
N SER H 262 43.71 -14.21 -88.71
CA SER H 262 44.72 -14.96 -89.45
C SER H 262 44.78 -14.55 -90.92
N ASP H 263 45.93 -14.79 -91.55
CA ASP H 263 46.15 -14.46 -92.95
C ASP H 263 46.33 -15.74 -93.76
N ALA H 264 46.11 -16.87 -93.09
CA ALA H 264 46.25 -18.19 -93.71
C ALA H 264 45.45 -18.36 -95.00
N PRO H 265 46.03 -19.04 -95.99
CA PRO H 265 45.36 -19.29 -97.27
C PRO H 265 44.13 -20.16 -97.08
N ILE H 266 43.20 -20.09 -98.02
CA ILE H 266 41.96 -20.87 -97.94
C ILE H 266 41.87 -21.85 -99.09
N ASP H 267 42.35 -23.07 -98.88
CA ASP H 267 42.29 -24.10 -99.91
C ASP H 267 41.00 -24.91 -99.77
N THR H 268 40.51 -25.43 -100.88
CA THR H 268 39.29 -26.22 -100.87
C THR H 268 39.55 -27.58 -100.23
N CYS H 269 38.91 -27.82 -99.08
CA CYS H 269 39.07 -29.07 -98.35
C CYS H 269 38.12 -29.15 -97.17
N ILE H 270 38.00 -30.34 -96.58
CA ILE H 270 37.14 -30.54 -95.43
C ILE H 270 37.99 -30.86 -94.20
N SER H 271 37.82 -30.06 -93.14
CA SER H 271 38.58 -30.25 -91.91
C SER H 271 37.82 -29.63 -90.74
N GLU H 272 37.40 -30.49 -89.81
CA GLU H 272 36.65 -30.03 -88.63
C GLU H 272 37.36 -28.98 -87.80
N CYS H 273 38.68 -29.08 -87.68
CA CYS H 273 39.41 -28.11 -86.87
C CYS H 273 40.04 -26.99 -87.71
N ILE H 274 39.98 -25.77 -87.18
CA ILE H 274 40.53 -24.61 -87.83
C ILE H 274 41.38 -23.81 -86.84
N THR H 275 42.58 -23.42 -87.29
CA THR H 275 43.50 -22.65 -86.45
C THR H 275 44.10 -21.51 -87.24
N PRO H 276 44.63 -20.49 -86.55
CA PRO H 276 45.24 -19.34 -87.24
C PRO H 276 46.40 -19.79 -88.14
N ASN H 277 46.83 -21.03 -87.96
CA ASN H 277 47.92 -21.58 -88.75
C ASN H 277 47.38 -22.47 -89.86
N GLY H 278 46.06 -22.55 -89.94
CA GLY H 278 45.43 -23.38 -90.95
C GLY H 278 44.88 -24.64 -90.34
N SER H 279 43.77 -25.12 -90.88
CA SER H 279 43.10 -26.32 -90.39
C SER H 279 44.12 -27.42 -90.07
N ILE H 280 43.81 -28.23 -89.06
CA ILE H 280 44.68 -29.33 -88.66
C ILE H 280 43.84 -30.56 -88.33
N PRO H 281 44.40 -31.75 -88.53
CA PRO H 281 43.67 -32.99 -88.25
C PRO H 281 43.39 -33.14 -86.75
N ASN H 282 42.19 -33.63 -86.43
CA ASN H 282 41.78 -33.81 -85.04
C ASN H 282 41.75 -35.29 -84.64
N ASP H 283 42.72 -36.04 -85.13
CA ASP H 283 42.80 -37.47 -84.83
C ASP H 283 43.47 -37.68 -83.48
N LYS H 284 44.34 -36.75 -83.11
CA LYS H 284 45.06 -36.82 -81.84
C LYS H 284 44.28 -36.12 -80.73
N PRO H 285 44.61 -36.41 -79.46
CA PRO H 285 43.94 -35.81 -78.31
C PRO H 285 44.31 -34.35 -78.06
N PHE H 286 45.59 -34.03 -78.22
CA PHE H 286 46.08 -32.68 -77.99
C PHE H 286 46.80 -32.14 -79.23
N GLN H 287 47.29 -30.90 -79.13
CA GLN H 287 48.02 -30.26 -80.22
C GLN H 287 48.85 -29.10 -79.69
N ASN H 288 49.85 -28.69 -80.46
CA ASN H 288 50.73 -27.60 -80.05
C ASN H 288 50.85 -26.54 -81.14
N VAL H 289 49.88 -26.50 -82.04
CA VAL H 289 49.88 -25.52 -83.13
C VAL H 289 49.58 -24.12 -82.63
N ASN H 290 48.43 -23.95 -81.98
CA ASN H 290 48.03 -22.65 -81.46
C ASN H 290 46.92 -22.78 -80.42
N LYS H 291 46.88 -21.83 -79.49
CA LYS H 291 45.87 -21.82 -78.44
C LYS H 291 44.48 -21.48 -78.96
N ILE H 292 44.43 -20.64 -79.99
CA ILE H 292 43.17 -20.24 -80.60
C ILE H 292 42.70 -21.36 -81.52
N THR H 293 41.50 -21.88 -81.27
CA THR H 293 40.96 -22.95 -82.09
C THR H 293 39.52 -22.68 -82.52
N TYR H 294 38.94 -23.63 -83.25
CA TYR H 294 37.57 -23.51 -83.72
C TYR H 294 37.06 -24.87 -84.16
N GLY H 295 35.85 -25.22 -83.72
CA GLY H 295 35.28 -26.51 -84.07
C GLY H 295 35.87 -27.60 -83.20
N ALA H 296 35.88 -28.82 -83.71
CA ALA H 296 36.42 -29.95 -82.96
C ALA H 296 37.94 -30.00 -83.09
N CYS H 297 38.63 -29.52 -82.06
CA CYS H 297 40.09 -29.51 -82.06
C CYS H 297 40.64 -30.17 -80.80
N PRO H 298 41.89 -30.68 -80.87
CA PRO H 298 42.53 -31.32 -79.74
C PRO H 298 42.95 -30.28 -78.70
N LYS H 299 43.04 -30.70 -77.44
CA LYS H 299 43.43 -29.80 -76.36
C LYS H 299 44.80 -29.19 -76.64
N TYR H 300 44.94 -27.88 -76.43
CA TYR H 300 46.21 -27.21 -76.68
C TYR H 300 47.13 -27.30 -75.46
N VAL H 301 47.93 -28.36 -75.40
CA VAL H 301 48.85 -28.57 -74.29
C VAL H 301 50.16 -27.83 -74.59
N LYS H 302 51.02 -27.73 -73.58
CA LYS H 302 52.30 -27.05 -73.75
C LYS H 302 53.32 -27.93 -74.45
N GLN H 303 53.38 -29.19 -74.06
CA GLN H 303 54.32 -30.14 -74.65
C GLN H 303 54.08 -30.22 -76.15
N ASN H 304 55.18 -30.22 -76.92
CA ASN H 304 55.08 -30.30 -78.37
C ASN H 304 55.02 -31.75 -78.83
N THR H 305 55.15 -32.68 -77.88
CA THR H 305 55.11 -34.10 -78.21
C THR H 305 54.89 -34.97 -76.98
N LEU H 306 54.21 -36.10 -77.20
CA LEU H 306 53.94 -37.06 -76.13
C LEU H 306 53.76 -38.45 -76.74
N LYS H 307 54.76 -39.30 -76.54
CA LYS H 307 54.74 -40.66 -77.08
C LYS H 307 53.95 -41.63 -76.19
N LEU H 308 52.93 -42.25 -76.79
CA LEU H 308 52.09 -43.22 -76.07
C LEU H 308 52.45 -44.64 -76.46
N ALA H 309 52.67 -45.48 -75.45
CA ALA H 309 53.01 -46.87 -75.68
C ALA H 309 51.82 -47.62 -76.29
N THR H 310 51.97 -48.04 -77.53
CA THR H 310 50.91 -48.76 -78.23
C THR H 310 51.29 -50.24 -78.30
N GLY H 311 52.58 -50.48 -78.48
CA GLY H 311 53.07 -51.85 -78.57
C GLY H 311 53.47 -52.38 -77.22
N MET H 312 54.11 -53.54 -77.21
CA MET H 312 54.55 -54.19 -75.99
C MET H 312 55.93 -53.66 -75.60
N ARG H 313 56.30 -53.81 -74.33
CA ARG H 313 57.61 -53.37 -73.86
C ARG H 313 58.58 -54.31 -74.54
N ASN H 314 59.61 -53.76 -75.17
CA ASN H 314 60.56 -54.61 -75.89
C ASN H 314 61.94 -54.80 -75.26
N VAL H 315 62.29 -56.06 -75.04
CA VAL H 315 63.60 -56.42 -74.53
C VAL H 315 64.30 -56.97 -75.77
N PRO H 316 64.91 -56.09 -76.58
CA PRO H 316 65.61 -56.48 -77.80
C PRO H 316 66.85 -57.30 -77.54
N GLU H 317 67.47 -57.78 -78.62
CA GLU H 317 68.68 -58.61 -78.55
C GLU H 317 68.29 -60.05 -78.24
N LYS H 318 69.20 -60.99 -78.49
CA LYS H 318 68.88 -62.40 -78.25
C LYS H 318 70.10 -63.21 -77.84
N GLN H 319 69.87 -64.28 -77.09
CA GLN H 319 70.95 -65.16 -76.66
C GLN H 319 71.44 -65.83 -77.93
N THR H 320 70.49 -66.19 -78.79
CA THR H 320 70.79 -66.82 -80.07
C THR H 320 71.79 -67.95 -79.87
N ARG H 321 71.62 -68.69 -78.77
CA ARG H 321 72.55 -69.76 -78.45
C ARG H 321 73.01 -70.70 -79.53
N GLY H 322 74.32 -70.65 -79.71
CA GLY H 322 75.06 -71.45 -80.67
C GLY H 322 74.49 -72.03 -81.93
N LEU H 323 74.97 -73.24 -82.18
CA LEU H 323 74.64 -74.05 -83.32
C LEU H 323 73.29 -74.67 -83.01
N PHE H 324 73.26 -75.54 -82.00
CA PHE H 324 72.02 -76.14 -81.57
C PHE H 324 71.36 -75.06 -80.73
N GLY H 325 70.09 -74.79 -81.00
CA GLY H 325 69.38 -73.76 -80.27
C GLY H 325 68.71 -74.25 -79.00
N ALA H 326 69.11 -73.70 -77.86
CA ALA H 326 68.54 -74.08 -76.58
C ALA H 326 67.04 -73.78 -76.58
N ILE H 327 66.63 -72.83 -77.42
CA ILE H 327 65.24 -72.43 -77.53
C ILE H 327 64.78 -71.79 -76.21
N ALA H 328 65.76 -71.44 -75.39
CA ALA H 328 65.54 -70.81 -74.09
C ALA H 328 64.30 -69.91 -74.01
N GLY H 329 63.62 -69.96 -72.88
CA GLY H 329 62.43 -69.16 -72.67
C GLY H 329 62.68 -67.67 -72.70
N PHE H 330 61.63 -66.91 -72.97
CA PHE H 330 61.72 -65.45 -73.06
C PHE H 330 62.60 -64.79 -71.99
N ILE H 331 62.15 -64.78 -70.75
CA ILE H 331 62.89 -64.16 -69.65
C ILE H 331 63.58 -62.87 -70.08
N GLU H 332 64.86 -62.95 -70.44
CA GLU H 332 65.62 -61.77 -70.85
C GLU H 332 65.78 -61.58 -72.35
N ASN H 333 64.83 -62.06 -73.14
CA ASN H 333 64.90 -61.90 -74.58
C ASN H 333 63.58 -62.08 -75.32
N GLY H 334 63.45 -61.35 -76.42
CA GLY H 334 62.25 -61.42 -77.24
C GLY H 334 62.66 -62.09 -78.54
N TRP H 335 61.72 -62.79 -79.17
CA TRP H 335 62.05 -63.48 -80.41
C TRP H 335 61.73 -62.69 -81.67
N GLU H 336 62.72 -61.94 -82.16
CA GLU H 336 62.54 -61.14 -83.37
C GLU H 336 62.14 -62.04 -84.52
N GLY H 337 62.25 -63.35 -84.29
CA GLY H 337 61.89 -64.31 -85.32
C GLY H 337 60.39 -64.48 -85.44
N MET H 338 59.71 -64.56 -84.30
CA MET H 338 58.26 -64.71 -84.29
C MET H 338 57.62 -63.45 -84.86
N ILE H 339 56.94 -63.61 -86.00
CA ILE H 339 56.28 -62.49 -86.67
C ILE H 339 54.83 -62.81 -86.99
N ASP H 340 54.27 -63.77 -86.26
CA ASP H 340 52.88 -64.18 -86.46
C ASP H 340 52.02 -63.89 -85.24
N GLY H 341 52.60 -63.27 -84.23
CA GLY H 341 51.86 -62.95 -83.03
C GLY H 341 52.68 -62.25 -81.96
N TRP H 342 52.08 -62.02 -80.81
CA TRP H 342 52.75 -61.36 -79.70
C TRP H 342 53.34 -62.39 -78.74
N TYR H 343 52.66 -63.52 -78.60
CA TYR H 343 53.11 -64.59 -77.71
C TYR H 343 53.02 -65.93 -78.43
N GLY H 344 54.09 -66.70 -78.36
CA GLY H 344 54.11 -68.00 -79.01
C GLY H 344 54.91 -69.03 -78.25
N PHE H 345 54.92 -70.26 -78.75
CA PHE H 345 55.65 -71.34 -78.09
C PHE H 345 56.71 -71.93 -79.00
N ARG H 346 57.77 -72.45 -78.39
CA ARG H 346 58.86 -73.06 -79.13
C ARG H 346 59.21 -74.41 -78.53
N HIS H 347 58.90 -75.47 -79.27
CA HIS H 347 59.18 -76.83 -78.82
C HIS H 347 60.51 -77.34 -79.35
N GLN H 348 61.19 -78.14 -78.52
CA GLN H 348 62.48 -78.72 -78.88
C GLN H 348 62.40 -80.22 -78.62
N ASN H 349 61.52 -80.90 -79.36
CA ASN H 349 61.34 -82.33 -79.23
C ASN H 349 62.35 -83.10 -80.06
N SER H 350 62.28 -84.42 -79.99
CA SER H 350 63.19 -85.28 -80.74
C SER H 350 63.05 -85.10 -82.25
N GLU H 351 61.86 -84.70 -82.70
CA GLU H 351 61.62 -84.50 -84.12
C GLU H 351 62.31 -83.23 -84.62
N GLY H 352 62.79 -82.41 -83.69
CA GLY H 352 63.46 -81.18 -84.06
C GLY H 352 62.93 -79.96 -83.34
N THR H 353 62.98 -78.81 -84.00
CA THR H 353 62.51 -77.56 -83.42
C THR H 353 61.24 -77.07 -84.13
N GLY H 354 60.59 -76.08 -83.54
CA GLY H 354 59.38 -75.54 -84.12
C GLY H 354 58.83 -74.38 -83.32
N GLN H 355 58.05 -73.52 -83.97
CA GLN H 355 57.47 -72.36 -83.31
C GLN H 355 56.03 -72.14 -83.73
N ALA H 356 55.20 -71.72 -82.77
CA ALA H 356 53.79 -71.46 -83.03
C ALA H 356 53.27 -70.40 -82.06
N ALA H 357 52.66 -69.36 -82.60
CA ALA H 357 52.13 -68.28 -81.77
C ALA H 357 50.69 -68.57 -81.31
N ASP H 358 50.44 -68.31 -80.03
CA ASP H 358 49.12 -68.54 -79.45
C ASP H 358 48.26 -67.29 -79.64
N LEU H 359 47.36 -67.36 -80.62
CA LEU H 359 46.49 -66.24 -80.92
C LEU H 359 45.62 -65.82 -79.73
N LYS H 360 45.19 -66.79 -78.93
CA LYS H 360 44.37 -66.52 -77.76
C LYS H 360 44.98 -65.44 -76.88
N SER H 361 46.14 -65.75 -76.30
CA SER H 361 46.84 -64.82 -75.42
C SER H 361 47.13 -63.49 -76.09
N THR H 362 47.72 -63.55 -77.29
CA THR H 362 48.06 -62.35 -78.04
C THR H 362 46.85 -61.43 -78.24
N GLN H 363 45.71 -62.03 -78.56
CA GLN H 363 44.48 -61.27 -78.80
C GLN H 363 44.01 -60.49 -77.57
N ALA H 364 44.01 -61.15 -76.41
CA ALA H 364 43.57 -60.51 -75.18
C ALA H 364 44.30 -59.20 -74.95
N ALA H 365 45.63 -59.21 -75.16
CA ALA H 365 46.44 -58.03 -74.98
C ALA H 365 46.00 -56.91 -75.93
N ILE H 366 45.98 -57.23 -77.22
CA ILE H 366 45.59 -56.27 -78.24
C ILE H 366 44.24 -55.62 -77.94
N ASP H 367 43.25 -56.42 -77.57
CA ASP H 367 41.93 -55.90 -77.27
C ASP H 367 41.97 -54.82 -76.19
N GLN H 368 42.62 -55.12 -75.07
CA GLN H 368 42.74 -54.17 -73.97
C GLN H 368 43.43 -52.89 -74.42
N ILE H 369 44.50 -53.05 -75.21
CA ILE H 369 45.28 -51.92 -75.70
C ILE H 369 44.48 -50.97 -76.59
N ASN H 370 43.96 -51.48 -77.70
CA ASN H 370 43.20 -50.69 -78.66
C ASN H 370 42.12 -49.76 -78.07
N GLY H 371 41.10 -50.35 -77.45
CA GLY H 371 40.02 -49.56 -76.89
C GLY H 371 40.33 -48.51 -75.83
N LYS H 372 41.33 -48.76 -75.00
CA LYS H 372 41.71 -47.84 -73.92
C LYS H 372 41.88 -46.36 -74.31
N LEU H 373 42.77 -46.09 -75.26
CA LEU H 373 43.03 -44.72 -75.71
C LEU H 373 41.80 -43.83 -75.82
N ASN H 374 40.88 -44.22 -76.68
CA ASN H 374 39.65 -43.46 -76.90
C ASN H 374 38.83 -43.30 -75.64
N ARG H 375 38.84 -44.32 -74.78
CA ARG H 375 38.09 -44.26 -73.54
C ARG H 375 38.62 -43.13 -72.65
N VAL H 376 39.89 -43.20 -72.28
CA VAL H 376 40.51 -42.20 -71.43
C VAL H 376 40.26 -40.78 -71.95
N ILE H 377 40.66 -40.53 -73.19
CA ILE H 377 40.48 -39.21 -73.79
C ILE H 377 39.27 -39.18 -74.71
N GLU H 378 38.52 -38.10 -74.64
CA GLU H 378 37.33 -37.99 -75.47
C GLU H 378 37.70 -37.70 -76.91
N LYS H 379 37.26 -38.57 -77.81
CA LYS H 379 37.54 -38.45 -79.24
C LYS H 379 37.48 -37.01 -79.74
N THR H 380 36.62 -36.20 -79.12
CA THR H 380 36.47 -34.82 -79.55
C THR H 380 35.58 -33.99 -78.63
N ASN H 381 35.65 -32.67 -78.79
CA ASN H 381 34.86 -31.72 -78.03
C ASN H 381 34.85 -30.46 -78.88
N GLU H 382 33.68 -29.86 -79.06
CA GLU H 382 33.58 -28.65 -79.87
C GLU H 382 33.55 -27.37 -79.05
N LYS H 383 34.03 -26.31 -79.66
CA LYS H 383 34.07 -24.98 -79.06
C LYS H 383 34.05 -24.02 -80.23
N PHE H 384 33.34 -22.91 -80.07
CA PHE H 384 33.25 -21.93 -81.15
C PHE H 384 33.74 -20.57 -80.64
N HIS H 385 32.85 -19.61 -80.48
CA HIS H 385 33.30 -18.30 -80.00
C HIS H 385 33.79 -18.45 -78.56
N GLN H 386 34.97 -17.88 -78.28
CA GLN H 386 35.56 -17.96 -76.96
C GLN H 386 36.06 -16.58 -76.54
N ILE H 387 37.23 -16.53 -75.90
CA ILE H 387 37.82 -15.27 -75.48
C ILE H 387 39.02 -14.97 -76.35
N GLU H 388 39.27 -13.70 -76.62
CA GLU H 388 40.43 -13.33 -77.42
C GLU H 388 41.61 -13.79 -76.58
N LYS H 389 42.47 -14.63 -77.14
CA LYS H 389 43.63 -15.12 -76.41
C LYS H 389 44.85 -14.33 -76.83
N GLU H 390 44.59 -13.18 -77.45
CA GLU H 390 45.65 -12.30 -77.92
C GLU H 390 45.19 -10.85 -77.95
N PHE H 391 46.15 -9.93 -77.86
CA PHE H 391 45.86 -8.50 -77.89
C PHE H 391 47.03 -7.81 -78.58
N SER H 392 46.87 -6.53 -78.86
CA SER H 392 47.91 -5.76 -79.52
C SER H 392 48.32 -4.54 -78.70
N GLU H 393 47.52 -4.22 -77.69
CA GLU H 393 47.80 -3.07 -76.83
C GLU H 393 47.48 -3.41 -75.37
N VAL H 394 47.77 -2.47 -74.48
CA VAL H 394 47.52 -2.67 -73.05
C VAL H 394 46.16 -2.14 -72.63
N GLU H 395 45.43 -2.94 -71.86
CA GLU H 395 44.10 -2.58 -71.38
C GLU H 395 43.97 -2.69 -69.88
N GLY H 396 45.10 -2.92 -69.20
CA GLY H 396 45.09 -3.04 -67.76
C GLY H 396 44.31 -4.24 -67.21
N ARG H 397 43.55 -3.98 -66.16
CA ARG H 397 42.75 -5.00 -65.48
C ARG H 397 42.10 -6.05 -66.38
N ILE H 398 41.10 -5.64 -67.15
CA ILE H 398 40.38 -6.57 -68.04
C ILE H 398 41.32 -7.52 -68.75
N GLN H 399 42.24 -6.97 -69.54
CA GLN H 399 43.20 -7.77 -70.29
C GLN H 399 43.89 -8.78 -69.39
N ASP H 400 44.53 -8.30 -68.33
CA ASP H 400 45.23 -9.15 -67.39
C ASP H 400 44.46 -10.43 -67.07
N LEU H 401 43.23 -10.27 -66.58
CA LEU H 401 42.39 -11.40 -66.24
C LEU H 401 42.30 -12.40 -67.39
N GLU H 402 41.83 -11.92 -68.55
CA GLU H 402 41.69 -12.77 -69.73
C GLU H 402 42.91 -13.66 -69.97
N LYS H 403 44.09 -13.07 -69.96
CA LYS H 403 45.32 -13.82 -70.18
C LYS H 403 45.47 -14.91 -69.12
N TYR H 404 45.34 -14.52 -67.86
CA TYR H 404 45.46 -15.45 -66.74
C TYR H 404 44.56 -16.67 -66.94
N VAL H 405 43.28 -16.42 -67.17
CA VAL H 405 42.30 -17.48 -67.37
C VAL H 405 42.80 -18.52 -68.37
N GLU H 406 43.04 -18.08 -69.60
CA GLU H 406 43.52 -18.95 -70.66
C GLU H 406 44.81 -19.67 -70.27
N ASP H 407 45.77 -18.90 -69.76
CA ASP H 407 47.06 -19.46 -69.37
C ASP H 407 46.87 -20.56 -68.32
N THR H 408 46.08 -20.26 -67.29
CA THR H 408 45.81 -21.21 -66.22
C THR H 408 45.25 -22.50 -66.80
N LYS H 409 44.33 -22.37 -67.74
CA LYS H 409 43.70 -23.52 -68.39
C LYS H 409 44.75 -24.45 -68.98
N ILE H 410 45.61 -23.89 -69.82
CA ILE H 410 46.66 -24.66 -70.48
C ILE H 410 47.51 -25.45 -69.49
N ASP H 411 48.10 -24.75 -68.53
CA ASP H 411 48.94 -25.40 -67.52
C ASP H 411 48.22 -26.57 -66.87
N LEU H 412 46.99 -26.35 -66.42
CA LEU H 412 46.19 -27.38 -65.78
C LEU H 412 45.95 -28.54 -66.75
N TRP H 413 45.53 -28.20 -67.97
CA TRP H 413 45.26 -29.20 -69.00
C TRP H 413 46.50 -29.99 -69.35
N SER H 414 47.60 -29.29 -69.59
CA SER H 414 48.87 -29.93 -69.93
C SER H 414 49.19 -31.03 -68.93
N TYR H 415 49.10 -30.69 -67.64
CA TYR H 415 49.37 -31.63 -66.56
C TYR H 415 48.61 -32.93 -66.80
N ASN H 416 47.31 -32.80 -67.04
CA ASN H 416 46.45 -33.95 -67.27
C ASN H 416 47.01 -34.83 -68.40
N ALA H 417 47.35 -34.20 -69.52
CA ALA H 417 47.90 -34.93 -70.66
C ALA H 417 49.16 -35.67 -70.25
N GLU H 418 50.12 -34.94 -69.70
CA GLU H 418 51.39 -35.52 -69.26
C GLU H 418 51.13 -36.66 -68.28
N LEU H 419 50.39 -36.37 -67.22
CA LEU H 419 50.07 -37.36 -66.20
C LEU H 419 49.36 -38.58 -66.79
N LEU H 420 48.37 -38.33 -67.63
CA LEU H 420 47.60 -39.38 -68.27
C LEU H 420 48.46 -40.32 -69.11
N VAL H 421 49.28 -39.75 -69.97
CA VAL H 421 50.15 -40.56 -70.83
C VAL H 421 51.05 -41.46 -70.00
N ALA H 422 51.67 -40.89 -68.96
CA ALA H 422 52.56 -41.64 -68.08
C ALA H 422 51.80 -42.81 -67.47
N LEU H 423 50.55 -42.57 -67.10
CA LEU H 423 49.70 -43.61 -66.51
C LEU H 423 49.40 -44.70 -67.52
N GLU H 424 49.09 -44.29 -68.75
CA GLU H 424 48.76 -45.22 -69.81
C GLU H 424 49.94 -46.12 -70.18
N ASN H 425 51.08 -45.51 -70.52
CA ASN H 425 52.25 -46.29 -70.89
C ASN H 425 52.63 -47.26 -69.77
N GLN H 426 52.73 -46.72 -68.56
CA GLN H 426 53.06 -47.52 -67.38
C GLN H 426 52.07 -48.66 -67.19
N HIS H 427 50.81 -48.39 -67.53
CA HIS H 427 49.74 -49.37 -67.38
C HIS H 427 49.76 -50.42 -68.50
N THR H 428 50.06 -49.99 -69.71
CA THR H 428 50.10 -50.88 -70.86
C THR H 428 51.16 -51.98 -70.67
N ILE H 429 52.35 -51.57 -70.25
CA ILE H 429 53.45 -52.49 -70.02
C ILE H 429 53.03 -53.63 -69.10
N ASP H 430 52.53 -53.28 -67.92
CA ASP H 430 52.09 -54.28 -66.95
C ASP H 430 51.07 -55.21 -67.57
N LEU H 431 50.14 -54.64 -68.33
CA LEU H 431 49.10 -55.41 -68.99
C LEU H 431 49.66 -56.46 -69.94
N THR H 432 50.49 -56.03 -70.89
CA THR H 432 51.09 -56.94 -71.85
C THR H 432 52.05 -57.91 -71.16
N ASP H 433 52.85 -57.39 -70.24
CA ASP H 433 53.81 -58.20 -69.52
C ASP H 433 53.12 -59.24 -68.65
N SER H 434 51.91 -58.93 -68.20
CA SER H 434 51.13 -59.85 -67.38
C SER H 434 50.67 -61.04 -68.20
N GLU H 435 50.10 -60.76 -69.37
CA GLU H 435 49.62 -61.80 -70.28
C GLU H 435 50.69 -62.87 -70.46
N MET H 436 51.87 -62.44 -70.86
CA MET H 436 53.01 -63.34 -71.07
C MET H 436 53.26 -64.19 -69.84
N ASN H 437 52.99 -63.62 -68.67
CA ASN H 437 53.20 -64.32 -67.41
C ASN H 437 52.08 -65.34 -67.13
N LYS H 438 50.87 -65.03 -67.58
CA LYS H 438 49.74 -65.93 -67.37
C LYS H 438 49.86 -67.17 -68.23
N LEU H 439 50.12 -66.97 -69.52
CA LEU H 439 50.26 -68.08 -70.46
C LEU H 439 51.31 -69.07 -69.93
N PHE H 440 52.22 -68.56 -69.12
CA PHE H 440 53.27 -69.38 -68.54
C PHE H 440 52.74 -70.19 -67.36
N GLU H 441 51.82 -69.58 -66.61
CA GLU H 441 51.22 -70.24 -65.46
C GLU H 441 50.11 -71.18 -65.95
N LYS H 442 49.50 -70.81 -67.07
CA LYS H 442 48.44 -71.61 -67.66
C LYS H 442 49.03 -72.96 -68.09
N THR H 443 50.33 -72.95 -68.35
CA THR H 443 51.04 -74.15 -68.76
C THR H 443 51.48 -74.96 -67.55
N ARG H 444 51.86 -74.27 -66.47
CA ARG H 444 52.29 -74.94 -65.25
C ARG H 444 51.16 -75.82 -64.72
N ARG H 445 49.95 -75.27 -64.68
CA ARG H 445 48.79 -76.00 -64.20
C ARG H 445 48.42 -77.13 -65.15
N GLN H 446 48.66 -76.91 -66.44
CA GLN H 446 48.34 -77.90 -67.45
C GLN H 446 49.31 -79.07 -67.44
N LEU H 447 50.59 -78.79 -67.65
CA LEU H 447 51.61 -79.83 -67.66
C LEU H 447 51.58 -80.65 -66.38
N ARG H 448 51.24 -79.99 -65.26
CA ARG H 448 51.20 -80.66 -63.97
C ARG H 448 52.59 -81.17 -63.58
N GLU H 449 52.68 -82.47 -63.29
CA GLU H 449 53.94 -83.08 -62.89
C GLU H 449 54.88 -83.44 -64.03
N ASN H 450 54.31 -83.83 -65.17
CA ASN H 450 55.07 -84.23 -66.34
C ASN H 450 56.37 -83.46 -66.63
N ALA H 451 56.42 -82.18 -66.29
CA ALA H 451 57.61 -81.37 -66.54
C ALA H 451 58.02 -80.51 -65.35
N GLU H 452 59.09 -79.74 -65.54
CA GLU H 452 59.59 -78.84 -64.51
C GLU H 452 59.98 -77.50 -65.12
N ASP H 453 59.85 -76.43 -64.33
CA ASP H 453 60.18 -75.09 -64.79
C ASP H 453 61.68 -74.85 -64.66
N MET H 454 62.40 -74.97 -65.78
CA MET H 454 63.84 -74.77 -65.80
C MET H 454 64.23 -73.42 -65.22
N GLY H 455 63.31 -72.46 -65.30
CA GLY H 455 63.59 -71.14 -64.79
C GLY H 455 63.86 -70.17 -65.92
N ASN H 456 64.54 -70.66 -66.95
CA ASN H 456 64.86 -69.83 -68.11
C ASN H 456 63.61 -69.51 -68.91
N GLY H 457 62.45 -69.80 -68.33
CA GLY H 457 61.20 -69.53 -69.01
C GLY H 457 60.72 -70.71 -69.84
N CYS H 458 61.31 -71.88 -69.60
CA CYS H 458 60.94 -73.10 -70.33
C CYS H 458 60.53 -74.19 -69.36
N PHE H 459 59.81 -75.18 -69.88
CA PHE H 459 59.37 -76.32 -69.09
C PHE H 459 60.09 -77.54 -69.67
N LYS H 460 60.95 -78.15 -68.86
CA LYS H 460 61.70 -79.31 -69.32
C LYS H 460 60.87 -80.59 -69.19
N ILE H 461 60.06 -80.87 -70.22
CA ILE H 461 59.23 -82.07 -70.23
C ILE H 461 60.12 -83.29 -70.08
N TYR H 462 59.74 -84.18 -69.17
CA TYR H 462 60.53 -85.39 -68.90
C TYR H 462 60.18 -86.63 -69.72
N HIS H 463 59.51 -86.46 -70.85
CA HIS H 463 59.15 -87.62 -71.65
C HIS H 463 59.11 -87.36 -73.14
N LYS H 464 59.40 -88.39 -73.93
CA LYS H 464 59.38 -88.27 -75.38
C LYS H 464 58.09 -87.58 -75.79
N CYS H 465 58.21 -86.45 -76.47
CA CYS H 465 57.04 -85.69 -76.89
C CYS H 465 57.12 -85.30 -78.36
N ASP H 466 56.37 -86.01 -79.19
CA ASP H 466 56.33 -85.75 -80.62
C ASP H 466 55.60 -84.44 -80.90
N ASN H 467 55.63 -83.98 -82.15
CA ASN H 467 54.97 -82.73 -82.51
C ASN H 467 53.49 -82.72 -82.13
N ALA H 468 52.83 -83.87 -82.26
CA ALA H 468 51.42 -83.96 -81.90
C ALA H 468 51.31 -83.76 -80.40
N CYS H 469 52.21 -84.40 -79.66
CA CYS H 469 52.24 -84.30 -78.21
C CYS H 469 52.35 -82.84 -77.78
N ILE H 470 53.14 -82.07 -78.51
CA ILE H 470 53.31 -80.65 -78.23
C ILE H 470 52.04 -79.88 -78.53
N GLU H 471 51.51 -80.08 -79.74
CA GLU H 471 50.30 -79.40 -80.17
C GLU H 471 49.15 -79.59 -79.19
N SER H 472 49.01 -80.79 -78.65
CA SER H 472 47.95 -81.09 -77.70
C SER H 472 48.03 -80.22 -76.45
N ILE H 473 49.23 -79.71 -76.17
CA ILE H 473 49.43 -78.87 -74.99
C ILE H 473 49.16 -77.40 -75.27
N ARG H 474 49.41 -76.97 -76.50
CA ARG H 474 49.19 -75.58 -76.87
C ARG H 474 47.73 -75.18 -76.90
N ASN H 475 46.85 -76.10 -77.30
CA ASN H 475 45.43 -75.78 -77.32
C ASN H 475 44.91 -75.90 -75.89
N GLY H 476 45.48 -76.83 -75.13
CA GLY H 476 45.06 -77.03 -73.75
C GLY H 476 44.38 -78.36 -73.53
N THR H 477 44.21 -79.12 -74.62
CA THR H 477 43.56 -80.42 -74.58
C THR H 477 44.37 -81.48 -73.83
N TYR H 478 45.69 -81.44 -74.02
CA TYR H 478 46.64 -82.36 -73.41
C TYR H 478 46.29 -82.86 -71.99
N ASP H 479 46.47 -84.16 -71.77
CA ASP H 479 46.19 -84.81 -70.49
C ASP H 479 47.48 -85.30 -69.82
N HIS H 480 47.63 -84.97 -68.53
CA HIS H 480 48.80 -85.35 -67.75
C HIS H 480 48.96 -86.84 -67.47
N ASP H 481 47.86 -87.51 -67.13
CA ASP H 481 47.89 -88.94 -66.82
C ASP H 481 48.57 -89.79 -67.91
N VAL H 482 48.31 -89.45 -69.17
CA VAL H 482 48.88 -90.17 -70.29
C VAL H 482 50.37 -90.44 -70.16
N TYR H 483 51.14 -89.38 -69.93
CA TYR H 483 52.59 -89.50 -69.81
C TYR H 483 53.06 -89.49 -68.35
N ARG H 484 52.11 -89.41 -67.43
CA ARG H 484 52.44 -89.37 -66.00
C ARG H 484 53.46 -90.43 -65.59
N ASP H 485 53.11 -91.70 -65.76
CA ASP H 485 54.00 -92.80 -65.40
C ASP H 485 55.38 -92.65 -66.05
N GLU H 486 55.40 -92.43 -67.36
CA GLU H 486 56.64 -92.28 -68.10
C GLU H 486 57.51 -91.17 -67.54
N ALA H 487 56.99 -89.94 -67.55
CA ALA H 487 57.73 -88.79 -67.05
C ALA H 487 58.26 -89.00 -65.64
N LEU H 488 57.37 -89.38 -64.73
CA LEU H 488 57.74 -89.62 -63.33
C LEU H 488 59.04 -90.41 -63.17
N ASN H 489 59.28 -91.35 -64.08
CA ASN H 489 60.48 -92.18 -64.02
C ASN H 489 61.76 -91.40 -64.33
N ASN H 490 61.78 -90.73 -65.48
CA ASN H 490 62.94 -89.95 -65.90
C ASN H 490 63.31 -88.86 -64.89
N ARG H 491 62.34 -88.44 -64.09
CA ARG H 491 62.56 -87.41 -63.09
C ARG H 491 63.37 -87.87 -61.89
N PHE H 492 62.83 -88.85 -61.18
CA PHE H 492 63.45 -89.37 -59.98
C PHE H 492 64.39 -90.56 -60.24
N GLN H 493 64.72 -90.79 -61.51
CA GLN H 493 65.61 -91.89 -61.86
C GLN H 493 66.46 -91.53 -63.08
N SER I 1 71.67 -82.15 -41.94
CA SER I 1 71.51 -82.77 -43.29
C SER I 1 70.61 -81.91 -44.17
N THR I 2 70.16 -80.80 -43.62
CA THR I 2 69.29 -79.87 -44.32
C THR I 2 69.58 -78.44 -43.89
N ALA I 3 69.31 -77.48 -44.77
CA ALA I 3 69.55 -76.08 -44.46
C ALA I 3 68.34 -75.23 -44.86
N THR I 4 68.12 -74.15 -44.13
CA THR I 4 66.99 -73.27 -44.41
C THR I 4 67.46 -71.91 -44.93
N LEU I 5 66.95 -71.53 -46.09
CA LEU I 5 67.29 -70.24 -46.68
C LEU I 5 66.03 -69.40 -46.72
N CYS I 6 66.14 -68.14 -46.33
CA CYS I 6 64.98 -67.26 -46.32
C CYS I 6 65.30 -65.90 -46.94
N LEU I 7 64.25 -65.22 -47.38
CA LEU I 7 64.39 -63.90 -47.96
C LEU I 7 63.64 -62.92 -47.08
N GLY I 8 63.89 -61.63 -47.26
CA GLY I 8 63.21 -60.65 -46.44
C GLY I 8 63.59 -59.21 -46.77
N HIS I 9 63.02 -58.29 -46.00
CA HIS I 9 63.28 -56.87 -46.20
C HIS I 9 63.64 -56.18 -44.89
N HIS I 10 63.95 -54.89 -44.98
CA HIS I 10 64.32 -54.11 -43.80
C HIS I 10 63.14 -53.52 -43.06
N ALA I 11 63.42 -52.86 -41.93
CA ALA I 11 62.39 -52.25 -41.11
C ALA I 11 62.98 -51.10 -40.29
N VAL I 12 62.13 -50.18 -39.85
CA VAL I 12 62.56 -49.03 -39.07
C VAL I 12 61.79 -48.94 -37.75
N PRO I 13 62.38 -48.32 -36.73
CA PRO I 13 61.75 -48.16 -35.41
C PRO I 13 60.33 -47.64 -35.51
N ASN I 14 60.18 -46.40 -35.99
CA ASN I 14 58.87 -45.78 -36.13
C ASN I 14 58.71 -45.17 -37.52
N GLY I 15 57.89 -45.81 -38.35
CA GLY I 15 57.67 -45.33 -39.69
C GLY I 15 56.65 -44.20 -39.76
N THR I 16 56.27 -43.81 -40.97
CA THR I 16 55.31 -42.74 -41.17
C THR I 16 54.12 -43.25 -41.97
N LEU I 17 52.95 -42.65 -41.74
CA LEU I 17 51.74 -43.05 -42.43
C LEU I 17 51.59 -42.31 -43.76
N VAL I 18 50.90 -42.94 -44.70
CA VAL I 18 50.68 -42.35 -46.01
C VAL I 18 49.28 -42.69 -46.54
N LYS I 19 48.73 -41.81 -47.36
CA LYS I 19 47.40 -42.01 -47.93
C LYS I 19 47.49 -42.72 -49.27
N THR I 20 47.00 -43.96 -49.32
CA THR I 20 47.02 -44.75 -50.55
C THR I 20 45.60 -45.09 -50.97
N ILE I 21 45.46 -45.55 -52.20
CA ILE I 21 44.15 -45.91 -52.74
C ILE I 21 43.52 -47.08 -51.96
N THR I 22 44.15 -48.25 -52.07
CA THR I 22 43.67 -49.46 -51.40
C THR I 22 43.44 -49.30 -49.89
N ASP I 23 44.50 -48.98 -49.16
CA ASP I 23 44.40 -48.78 -47.71
C ASP I 23 44.23 -47.30 -47.41
N ASP I 24 43.28 -46.97 -46.55
CA ASP I 24 43.01 -45.58 -46.19
C ASP I 24 44.18 -44.96 -45.42
N GLN I 25 44.97 -45.81 -44.76
CA GLN I 25 46.10 -45.34 -43.98
C GLN I 25 47.09 -46.49 -43.76
N ILE I 26 48.35 -46.28 -44.13
CA ILE I 26 49.35 -47.33 -43.96
C ILE I 26 50.73 -46.73 -43.66
N GLU I 27 51.54 -47.48 -42.91
CA GLU I 27 52.88 -47.03 -42.52
C GLU I 27 53.98 -47.55 -43.45
N VAL I 28 54.95 -46.69 -43.73
CA VAL I 28 56.09 -47.04 -44.58
C VAL I 28 57.38 -46.89 -43.79
N THR I 29 58.52 -47.01 -44.46
CA THR I 29 59.82 -46.89 -43.80
C THR I 29 60.42 -45.50 -44.01
N ASN I 30 59.76 -44.69 -44.83
CA ASN I 30 60.26 -43.35 -45.10
C ASN I 30 59.21 -42.51 -45.82
N ALA I 31 59.16 -41.22 -45.50
CA ALA I 31 58.21 -40.31 -46.12
C ALA I 31 58.88 -38.98 -46.44
N THR I 32 58.09 -38.01 -46.91
CA THR I 32 58.61 -36.70 -47.24
C THR I 32 57.46 -35.73 -47.53
N GLU I 33 57.59 -34.50 -47.03
CA GLU I 33 56.56 -33.49 -47.23
C GLU I 33 56.64 -32.90 -48.63
N LEU I 34 55.50 -32.80 -49.29
CA LEU I 34 55.42 -32.26 -50.65
C LEU I 34 54.73 -30.91 -50.66
N VAL I 35 54.52 -30.33 -49.49
CA VAL I 35 53.87 -29.02 -49.39
C VAL I 35 54.66 -28.08 -48.51
N GLN I 36 55.26 -27.06 -49.11
CA GLN I 36 56.05 -26.09 -48.37
C GLN I 36 55.13 -25.29 -47.46
N SER I 37 55.34 -25.42 -46.15
CA SER I 37 54.52 -24.73 -45.17
C SER I 37 55.29 -23.66 -44.38
N SER I 38 56.60 -23.84 -44.25
CA SER I 38 57.42 -22.88 -43.52
C SER I 38 57.81 -21.71 -44.41
N SER I 39 58.35 -20.66 -43.79
CA SER I 39 58.76 -19.47 -44.52
C SER I 39 59.79 -18.66 -43.73
N THR I 40 60.86 -18.25 -44.40
CA THR I 40 61.91 -17.47 -43.75
C THR I 40 61.33 -16.18 -43.21
N GLY I 41 60.40 -15.60 -43.96
CA GLY I 41 59.78 -14.35 -43.55
C GLY I 41 60.49 -13.13 -44.11
N LYS I 42 61.48 -13.37 -44.97
CA LYS I 42 62.23 -12.28 -45.57
C LYS I 42 62.32 -12.44 -47.09
N ILE I 43 62.26 -11.32 -47.80
CA ILE I 43 62.32 -11.33 -49.26
C ILE I 43 63.78 -11.33 -49.73
N CYS I 44 64.18 -12.40 -50.42
CA CYS I 44 65.54 -12.50 -50.93
C CYS I 44 65.70 -11.63 -52.18
N ASN I 45 66.51 -10.58 -52.05
CA ASN I 45 66.74 -9.63 -53.13
C ASN I 45 67.24 -10.25 -54.43
N ASN I 46 67.77 -11.46 -54.38
CA ASN I 46 68.25 -12.13 -55.58
C ASN I 46 67.49 -13.42 -55.86
N PRO I 47 67.46 -13.84 -57.14
CA PRO I 47 68.09 -13.17 -58.28
C PRO I 47 67.30 -11.95 -58.75
N HIS I 48 65.97 -12.08 -58.71
CA HIS I 48 65.06 -11.02 -59.12
C HIS I 48 65.37 -9.70 -58.43
N ARG I 49 65.70 -8.68 -59.21
CA ARG I 49 65.99 -7.37 -58.64
C ARG I 49 64.73 -6.90 -57.93
N ILE I 50 64.83 -6.69 -56.62
CA ILE I 50 63.68 -6.26 -55.82
C ILE I 50 63.79 -4.80 -55.42
N LEU I 51 62.73 -4.03 -55.68
CA LEU I 51 62.69 -2.62 -55.33
C LEU I 51 61.71 -2.37 -54.19
N ASP I 52 62.19 -1.68 -53.16
CA ASP I 52 61.34 -1.38 -52.00
C ASP I 52 60.84 0.05 -52.10
N GLY I 53 59.56 0.20 -52.42
CA GLY I 53 58.97 1.52 -52.54
C GLY I 53 58.73 2.15 -51.18
N ILE I 54 59.08 1.42 -50.12
CA ILE I 54 58.89 1.87 -48.75
C ILE I 54 57.57 2.62 -48.64
N ASP I 55 57.56 3.73 -47.92
CA ASP I 55 56.34 4.52 -47.76
C ASP I 55 56.00 5.27 -49.05
N CYS I 56 55.78 4.49 -50.12
CA CYS I 56 55.42 5.05 -51.43
C CYS I 56 54.70 4.01 -52.28
N THR I 57 53.73 4.46 -53.05
CA THR I 57 52.97 3.58 -53.93
C THR I 57 53.53 3.73 -55.33
N LEU I 58 53.53 2.65 -56.09
CA LEU I 58 54.05 2.69 -57.45
C LEU I 58 53.48 3.87 -58.23
N ILE I 59 52.25 4.24 -57.89
CA ILE I 59 51.59 5.36 -58.56
C ILE I 59 52.16 6.69 -58.06
N ASP I 60 52.24 6.85 -56.75
CA ASP I 60 52.78 8.08 -56.17
C ASP I 60 54.19 8.31 -56.69
N ALA I 61 54.86 7.22 -57.06
CA ALA I 61 56.21 7.29 -57.59
C ALA I 61 56.14 7.77 -59.03
N LEU I 62 55.24 7.15 -59.79
CA LEU I 62 55.03 7.50 -61.19
C LEU I 62 54.70 8.99 -61.28
N LEU I 63 53.56 9.36 -60.71
CA LEU I 63 53.11 10.74 -60.69
C LEU I 63 54.27 11.67 -60.35
N GLY I 64 55.03 11.29 -59.34
CA GLY I 64 56.16 12.09 -58.93
C GLY I 64 55.90 12.87 -57.66
N ASP I 65 55.52 12.16 -56.59
CA ASP I 65 55.24 12.79 -55.32
C ASP I 65 56.57 13.19 -54.66
N PRO I 66 56.63 14.37 -54.04
CA PRO I 66 57.83 14.88 -53.38
C PRO I 66 58.64 13.84 -52.58
N HIS I 67 57.96 13.12 -51.69
CA HIS I 67 58.64 12.13 -50.87
C HIS I 67 59.00 10.85 -51.63
N CYS I 68 58.53 10.73 -52.86
CA CYS I 68 58.83 9.54 -53.65
C CYS I 68 59.67 9.85 -54.88
N ASP I 69 60.10 11.12 -55.00
CA ASP I 69 60.92 11.54 -56.12
C ASP I 69 62.18 10.69 -56.24
N VAL I 70 62.63 10.16 -55.11
CA VAL I 70 63.83 9.33 -55.08
C VAL I 70 63.69 8.11 -55.99
N PHE I 71 62.45 7.75 -56.30
CA PHE I 71 62.17 6.60 -57.16
C PHE I 71 62.13 6.96 -58.65
N GLN I 72 62.24 8.24 -58.96
CA GLN I 72 62.21 8.68 -60.35
C GLN I 72 63.26 7.94 -61.18
N ASN I 73 62.93 7.68 -62.44
CA ASN I 73 63.85 7.00 -63.35
C ASN I 73 64.30 5.66 -62.76
N GLU I 74 63.41 5.01 -62.03
CA GLU I 74 63.72 3.71 -61.41
C GLU I 74 63.24 2.53 -62.24
N THR I 75 64.04 1.47 -62.24
CA THR I 75 63.70 0.25 -62.95
C THR I 75 63.53 -0.82 -61.88
N TRP I 76 63.00 -1.98 -62.25
CA TRP I 76 62.81 -3.04 -61.26
C TRP I 76 62.29 -4.35 -61.86
N ASP I 77 62.34 -5.40 -61.07
CA ASP I 77 61.87 -6.73 -61.48
C ASP I 77 60.53 -6.97 -60.80
N LEU I 78 60.48 -6.70 -59.50
CA LEU I 78 59.28 -6.89 -58.71
C LEU I 78 59.12 -5.74 -57.70
N PHE I 79 58.34 -4.74 -58.07
CA PHE I 79 58.12 -3.59 -57.20
C PHE I 79 57.28 -4.00 -55.98
N VAL I 80 57.89 -3.96 -54.81
CA VAL I 80 57.19 -4.30 -53.57
C VAL I 80 56.56 -3.06 -52.99
N GLU I 81 55.27 -3.16 -52.66
CA GLU I 81 54.54 -2.03 -52.10
C GLU I 81 54.24 -2.26 -50.62
N ARG I 82 54.78 -1.37 -49.79
CA ARG I 82 54.60 -1.47 -48.35
C ARG I 82 53.25 -0.89 -47.90
N SER I 83 52.77 -1.36 -46.75
CA SER I 83 51.50 -0.87 -46.20
C SER I 83 51.71 0.49 -45.56
N LYS I 84 52.88 0.69 -44.97
CA LYS I 84 53.23 1.95 -44.33
C LYS I 84 53.13 3.07 -45.35
N ALA I 85 53.04 2.69 -46.62
CA ALA I 85 52.93 3.63 -47.73
C ALA I 85 51.88 4.70 -47.50
N PHE I 86 51.96 5.77 -48.27
CA PHE I 86 51.02 6.88 -48.17
C PHE I 86 51.40 7.96 -49.18
N SER I 87 50.47 8.86 -49.48
CA SER I 87 50.73 9.95 -50.43
C SER I 87 50.63 11.29 -49.70
N ASN I 88 51.38 12.28 -50.19
CA ASN I 88 51.37 13.60 -49.55
C ASN I 88 51.43 14.73 -50.59
N CYS I 89 50.70 14.58 -51.68
CA CYS I 89 50.66 15.59 -52.73
C CYS I 89 49.20 15.95 -53.01
N TYR I 90 48.97 16.80 -54.00
CA TYR I 90 47.62 17.23 -54.34
C TYR I 90 46.67 16.03 -54.49
N PRO I 91 45.49 16.08 -53.85
CA PRO I 91 44.51 15.00 -53.92
C PRO I 91 44.16 14.58 -55.35
N TYR I 92 44.30 13.29 -55.63
CA TYR I 92 44.02 12.76 -56.95
C TYR I 92 43.20 11.48 -56.88
N ASP I 93 42.64 11.09 -58.03
CA ASP I 93 41.84 9.88 -58.14
C ASP I 93 42.06 9.31 -59.54
N VAL I 94 42.57 8.10 -59.63
CA VAL I 94 42.84 7.47 -60.91
C VAL I 94 41.74 6.51 -61.35
N PRO I 95 40.92 6.91 -62.34
CA PRO I 95 39.85 6.04 -62.82
C PRO I 95 40.44 4.72 -63.31
N ASP I 96 39.85 3.62 -62.88
CA ASP I 96 40.33 2.30 -63.28
C ASP I 96 41.77 2.18 -62.79
N TYR I 97 42.04 2.85 -61.67
CA TYR I 97 43.35 2.88 -61.02
C TYR I 97 44.10 1.56 -61.11
N ALA I 98 43.51 0.51 -60.54
CA ALA I 98 44.12 -0.81 -60.52
C ALA I 98 44.79 -1.18 -61.85
N SER I 99 44.06 -0.99 -62.95
CA SER I 99 44.58 -1.30 -64.27
C SER I 99 45.90 -0.59 -64.53
N LEU I 100 45.88 0.74 -64.50
CA LEU I 100 47.08 1.54 -64.71
C LEU I 100 48.24 1.02 -63.87
N ARG I 101 48.00 0.85 -62.59
CA ARG I 101 49.01 0.36 -61.67
C ARG I 101 49.57 -0.98 -62.16
N SER I 102 48.67 -1.86 -62.57
CA SER I 102 49.05 -3.18 -63.06
C SER I 102 49.97 -3.10 -64.27
N LEU I 103 49.58 -2.31 -65.27
CA LEU I 103 50.37 -2.15 -66.48
C LEU I 103 51.74 -1.57 -66.19
N VAL I 104 51.78 -0.57 -65.32
CA VAL I 104 53.04 0.07 -64.95
C VAL I 104 54.00 -0.96 -64.37
N ALA I 105 53.49 -1.77 -63.44
CA ALA I 105 54.31 -2.80 -62.81
C ALA I 105 54.82 -3.77 -63.85
N SER I 106 54.01 -4.00 -64.89
CA SER I 106 54.39 -4.91 -65.96
C SER I 106 55.61 -4.39 -66.71
N SER I 107 55.65 -3.08 -66.93
CA SER I 107 56.77 -2.46 -67.63
C SER I 107 58.04 -2.65 -66.82
N GLY I 108 57.96 -2.32 -65.53
CA GLY I 108 59.11 -2.46 -64.65
C GLY I 108 60.10 -1.32 -64.71
N THR I 109 59.62 -0.13 -65.01
CA THR I 109 60.50 1.04 -65.10
C THR I 109 59.74 2.35 -65.16
N LEU I 110 60.09 3.28 -64.27
CA LEU I 110 59.46 4.59 -64.22
C LEU I 110 60.33 5.58 -65.00
N GLU I 111 61.15 5.04 -65.90
CA GLU I 111 62.04 5.84 -66.73
C GLU I 111 61.27 6.92 -67.45
N PHE I 112 61.46 8.17 -67.04
CA PHE I 112 60.76 9.30 -67.65
C PHE I 112 61.66 9.98 -68.68
N ILE I 113 61.05 10.42 -69.77
CA ILE I 113 61.79 11.10 -70.84
C ILE I 113 61.10 12.41 -71.18
N THR I 114 61.52 13.48 -70.51
CA THR I 114 60.94 14.79 -70.73
C THR I 114 60.96 15.23 -72.18
N GLU I 115 59.81 15.64 -72.70
CA GLU I 115 59.70 16.10 -74.08
C GLU I 115 59.51 17.62 -74.10
N GLY I 116 60.00 18.25 -75.14
CA GLY I 116 59.89 19.70 -75.25
C GLY I 116 58.52 20.22 -75.66
N PHE I 117 57.58 20.24 -74.72
CA PHE I 117 56.24 20.74 -75.00
C PHE I 117 56.23 22.26 -74.96
N THR I 118 55.45 22.87 -75.85
CA THR I 118 55.36 24.33 -75.90
C THR I 118 53.93 24.82 -75.74
N TRP I 119 53.62 25.32 -74.55
CA TRP I 119 52.29 25.84 -74.25
C TRP I 119 52.34 27.36 -74.39
N THR I 120 51.68 27.88 -75.42
CA THR I 120 51.66 29.31 -75.67
C THR I 120 50.54 30.05 -74.97
N GLY I 121 50.80 31.32 -74.64
CA GLY I 121 49.81 32.15 -73.99
C GLY I 121 49.24 31.59 -72.70
N VAL I 122 50.04 30.85 -71.95
CA VAL I 122 49.57 30.27 -70.69
C VAL I 122 50.72 30.00 -69.73
N THR I 123 50.48 30.24 -68.45
CA THR I 123 51.48 30.04 -67.42
C THR I 123 51.77 28.56 -67.22
N GLN I 124 52.95 28.23 -66.73
CA GLN I 124 53.35 26.85 -66.51
C GLN I 124 53.94 26.63 -65.12
N ASN I 125 54.21 25.37 -64.79
CA ASN I 125 54.79 24.99 -63.51
C ASN I 125 54.01 25.52 -62.31
N GLY I 126 52.72 25.20 -62.26
CA GLY I 126 51.89 25.63 -61.15
C GLY I 126 52.16 24.81 -59.90
N GLY I 127 51.99 25.43 -58.74
CA GLY I 127 52.23 24.72 -57.49
C GLY I 127 51.23 25.05 -56.40
N SER I 128 51.20 24.23 -55.35
CA SER I 128 50.29 24.44 -54.24
C SER I 128 50.91 23.94 -52.94
N ASN I 129 50.32 24.32 -51.82
CA ASN I 129 50.80 23.92 -50.50
C ASN I 129 50.67 22.42 -50.26
N ALA I 130 49.52 21.86 -50.65
CA ALA I 130 49.25 20.43 -50.47
C ALA I 130 50.43 19.57 -50.90
N CYS I 131 51.13 20.00 -51.95
CA CYS I 131 52.28 19.26 -52.47
C CYS I 131 53.53 20.13 -52.37
N LYS I 132 54.11 20.21 -51.17
CA LYS I 132 55.31 21.01 -50.96
C LYS I 132 56.60 20.23 -51.12
N ARG I 133 57.42 20.65 -52.07
CA ARG I 133 58.71 20.02 -52.32
C ARG I 133 59.76 20.86 -51.62
N GLY I 134 59.99 20.55 -50.35
CA GLY I 134 60.96 21.29 -49.56
C GLY I 134 60.23 22.38 -48.81
N PRO I 135 60.88 23.53 -48.55
CA PRO I 135 60.21 24.62 -47.83
C PRO I 135 59.12 25.27 -48.68
N GLY I 136 59.47 25.63 -49.90
CA GLY I 136 58.51 26.25 -50.79
C GLY I 136 57.56 25.24 -51.40
N SER I 137 56.35 25.68 -51.72
CA SER I 137 55.34 24.80 -52.30
C SER I 137 55.84 24.13 -53.58
N GLY I 138 55.07 23.18 -54.09
CA GLY I 138 55.47 22.47 -55.30
C GLY I 138 54.30 21.77 -55.98
N PHE I 139 54.63 20.77 -56.79
CA PHE I 139 53.62 20.01 -57.52
C PHE I 139 54.22 18.67 -57.96
N PHE I 140 53.49 17.93 -58.80
CA PHE I 140 53.98 16.65 -59.29
C PHE I 140 55.18 16.83 -60.21
N SER I 141 56.11 15.88 -60.16
CA SER I 141 57.33 15.93 -60.97
C SER I 141 57.12 15.70 -62.46
N ARG I 142 56.52 14.56 -62.81
CA ARG I 142 56.28 14.24 -64.22
C ARG I 142 55.05 14.97 -64.73
N LEU I 143 54.50 15.84 -63.89
CA LEU I 143 53.31 16.61 -64.24
C LEU I 143 53.58 18.11 -64.23
N ASN I 144 52.70 18.85 -64.89
CA ASN I 144 52.82 20.30 -64.96
C ASN I 144 51.44 20.96 -64.87
N TRP I 145 51.31 21.91 -63.94
CA TRP I 145 50.05 22.61 -63.76
C TRP I 145 49.99 23.77 -64.74
N VAL I 146 48.94 23.81 -65.55
CA VAL I 146 48.77 24.86 -66.53
C VAL I 146 47.76 25.90 -66.05
N THR I 147 48.27 27.03 -65.56
CA THR I 147 47.42 28.10 -65.06
C THR I 147 47.32 29.22 -66.10
N LYS I 148 46.17 29.88 -66.14
CA LYS I 148 45.94 30.96 -67.09
C LYS I 148 47.04 32.02 -67.05
N SER I 149 47.33 32.61 -68.20
CA SER I 149 48.34 33.65 -68.31
C SER I 149 47.67 35.01 -68.47
N GLY I 150 48.04 35.95 -67.61
CA GLY I 150 47.45 37.28 -67.69
C GLY I 150 45.95 37.22 -67.46
N SER I 151 45.19 37.70 -68.43
CA SER I 151 43.73 37.69 -68.32
C SER I 151 43.06 36.72 -69.28
N THR I 152 43.84 35.82 -69.88
CA THR I 152 43.26 34.87 -70.83
C THR I 152 43.88 33.48 -70.83
N TYR I 153 43.04 32.49 -71.19
CA TYR I 153 43.46 31.09 -71.26
C TYR I 153 43.11 30.63 -72.68
N PRO I 154 43.98 30.93 -73.66
CA PRO I 154 43.74 30.52 -75.03
C PRO I 154 43.59 29.02 -75.13
N VAL I 155 42.67 28.55 -75.95
CA VAL I 155 42.48 27.11 -76.12
C VAL I 155 43.83 26.53 -76.53
N LEU I 156 44.47 25.82 -75.61
CA LEU I 156 45.76 25.22 -75.89
C LEU I 156 45.61 24.05 -76.84
N ASN I 157 46.46 24.02 -77.86
CA ASN I 157 46.44 22.95 -78.85
C ASN I 157 47.84 22.68 -79.35
N VAL I 158 48.37 21.51 -78.99
CA VAL I 158 49.71 21.11 -79.40
C VAL I 158 49.70 19.70 -79.95
N THR I 159 50.87 19.20 -80.32
CA THR I 159 51.00 17.85 -80.87
C THR I 159 52.38 17.27 -80.57
N MET I 160 52.48 15.94 -80.61
CA MET I 160 53.73 15.27 -80.35
C MET I 160 53.77 13.91 -81.04
N PRO I 161 54.64 13.77 -82.05
CA PRO I 161 54.79 12.53 -82.82
C PRO I 161 55.65 11.49 -82.10
N ASN I 162 55.38 10.21 -82.39
CA ASN I 162 56.13 9.13 -81.78
C ASN I 162 57.08 8.51 -82.81
N ASN I 163 58.12 9.24 -83.16
CA ASN I 163 59.11 8.78 -84.13
C ASN I 163 59.74 7.48 -83.62
N ASP I 164 60.06 7.47 -82.33
CA ASP I 164 60.67 6.31 -81.70
C ASP I 164 59.87 5.04 -81.98
N ASN I 165 60.56 3.91 -82.02
CA ASN I 165 59.93 2.63 -82.31
C ASN I 165 59.33 1.92 -81.09
N PHE I 166 59.38 2.57 -79.94
CA PHE I 166 58.83 1.97 -78.72
C PHE I 166 57.56 2.70 -78.27
N ASP I 167 56.65 1.96 -77.63
CA ASP I 167 55.40 2.54 -77.15
C ASP I 167 55.63 3.60 -76.09
N LYS I 168 54.99 4.75 -76.27
CA LYS I 168 55.10 5.86 -75.32
C LYS I 168 53.90 5.89 -74.38
N LEU I 169 54.15 6.26 -73.13
CA LEU I 169 53.10 6.34 -72.13
C LEU I 169 53.03 7.72 -71.51
N TYR I 170 52.04 8.51 -71.95
CA TYR I 170 51.86 9.86 -71.43
C TYR I 170 50.83 9.87 -70.31
N ILE I 171 51.22 10.39 -69.16
CA ILE I 171 50.33 10.45 -68.00
C ILE I 171 49.87 11.90 -67.78
N TRP I 172 48.58 12.13 -67.97
CA TRP I 172 48.02 13.47 -67.79
C TRP I 172 46.89 13.45 -66.77
N GLY I 173 46.17 14.57 -66.67
CA GLY I 173 45.08 14.65 -65.72
C GLY I 173 44.21 15.89 -65.92
N VAL I 174 43.08 15.92 -65.21
CA VAL I 174 42.15 17.04 -65.29
C VAL I 174 41.89 17.55 -63.87
N HIS I 175 41.75 18.86 -63.72
CA HIS I 175 41.49 19.45 -62.42
C HIS I 175 40.01 19.68 -62.19
N HIS I 176 39.55 19.38 -60.97
CA HIS I 176 38.15 19.56 -60.61
C HIS I 176 37.99 20.68 -59.59
N PRO I 177 37.80 21.92 -60.07
CA PRO I 177 37.63 23.09 -59.20
C PRO I 177 36.58 22.86 -58.12
N SER I 178 36.84 23.36 -56.92
CA SER I 178 35.91 23.22 -55.81
C SER I 178 34.87 24.32 -55.83
N THR I 179 35.17 25.41 -56.54
CA THR I 179 34.25 26.54 -56.64
C THR I 179 34.31 27.17 -58.03
N ASN I 180 33.29 27.97 -58.36
CA ASN I 180 33.22 28.63 -59.65
C ASN I 180 34.28 29.71 -59.77
N GLN I 181 34.45 30.49 -58.70
CA GLN I 181 35.44 31.56 -58.68
C GLN I 181 36.83 30.98 -58.88
N GLU I 182 37.09 29.82 -58.28
CA GLU I 182 38.38 29.15 -58.42
C GLU I 182 38.57 28.76 -59.88
N GLN I 183 37.49 28.28 -60.48
CA GLN I 183 37.46 27.86 -61.88
C GLN I 183 37.72 29.05 -62.81
N THR I 184 36.84 30.04 -62.74
CA THR I 184 36.95 31.23 -63.57
C THR I 184 38.24 32.00 -63.33
N SER I 185 38.81 31.85 -62.13
CA SER I 185 40.04 32.54 -61.78
C SER I 185 41.27 31.80 -62.29
N LEU I 186 41.36 30.52 -61.97
CA LEU I 186 42.48 29.69 -62.38
C LEU I 186 42.41 29.25 -63.84
N TYR I 187 41.21 29.27 -64.41
CA TYR I 187 41.03 28.83 -65.79
C TYR I 187 40.27 29.77 -66.71
N VAL I 188 40.02 31.00 -66.26
CA VAL I 188 39.29 31.96 -67.07
C VAL I 188 37.88 31.42 -67.33
N GLN I 189 37.54 31.17 -68.60
CA GLN I 189 36.22 30.66 -68.93
C GLN I 189 35.81 29.59 -67.91
N ALA I 190 34.62 29.76 -67.33
CA ALA I 190 34.12 28.86 -66.31
C ALA I 190 33.95 27.40 -66.72
N SER I 191 33.93 27.13 -68.03
CA SER I 191 33.77 25.76 -68.50
C SER I 191 35.05 25.18 -69.07
N GLY I 192 35.74 24.37 -68.26
CA GLY I 192 36.98 23.76 -68.71
C GLY I 192 36.71 22.54 -69.57
N ARG I 193 37.75 22.02 -70.21
CA ARG I 193 37.60 20.85 -71.07
C ARG I 193 38.95 20.34 -71.56
N VAL I 194 39.15 19.03 -71.46
CA VAL I 194 40.39 18.39 -71.91
C VAL I 194 40.06 17.40 -73.01
N THR I 195 40.90 17.34 -74.04
CA THR I 195 40.65 16.44 -75.15
C THR I 195 41.92 15.78 -75.70
N VAL I 196 42.45 14.82 -74.97
CA VAL I 196 43.64 14.10 -75.42
C VAL I 196 43.18 13.09 -76.46
N SER I 197 43.94 12.96 -77.55
CA SER I 197 43.57 12.04 -78.60
C SER I 197 44.75 11.59 -79.46
N THR I 198 44.68 10.34 -79.91
CA THR I 198 45.72 9.77 -80.75
C THR I 198 45.09 9.40 -82.08
N ARG I 199 45.91 8.96 -83.02
CA ARG I 199 45.41 8.58 -84.33
C ARG I 199 44.54 7.33 -84.25
N ARG I 200 44.57 6.66 -83.10
CA ARG I 200 43.78 5.46 -82.88
C ARG I 200 42.55 5.71 -82.01
N SER I 201 42.77 6.12 -80.77
CA SER I 201 41.66 6.38 -79.85
C SER I 201 41.47 7.87 -79.57
N GLN I 202 40.42 8.17 -78.82
CA GLN I 202 40.10 9.56 -78.46
C GLN I 202 39.55 9.59 -77.03
N GLN I 203 39.99 10.57 -76.25
CA GLN I 203 39.54 10.71 -74.87
C GLN I 203 39.27 12.17 -74.53
N THR I 204 38.09 12.45 -74.00
CA THR I 204 37.72 13.82 -73.63
C THR I 204 37.07 13.83 -72.26
N ILE I 205 37.58 14.71 -71.38
CA ILE I 205 37.05 14.82 -70.03
C ILE I 205 36.56 16.23 -69.74
N ILE I 206 35.56 16.34 -68.88
CA ILE I 206 34.99 17.64 -68.51
C ILE I 206 35.12 17.85 -67.00
N PRO I 207 35.65 19.01 -66.59
CA PRO I 207 35.81 19.32 -65.16
C PRO I 207 34.48 19.34 -64.41
N ASN I 208 34.49 18.84 -63.18
CA ASN I 208 33.28 18.79 -62.38
C ASN I 208 33.40 19.70 -61.15
N ILE I 209 33.02 20.96 -61.32
CA ILE I 209 33.07 21.94 -60.23
C ILE I 209 32.14 21.52 -59.10
N GLY I 210 32.64 21.65 -57.87
CA GLY I 210 31.84 21.28 -56.71
C GLY I 210 32.71 21.01 -55.51
N SER I 211 32.18 21.28 -54.31
CA SER I 211 32.92 21.06 -53.09
C SER I 211 32.91 19.57 -52.74
N ARG I 212 34.02 19.08 -52.20
CA ARG I 212 34.15 17.68 -51.85
C ARG I 212 35.00 17.49 -50.59
N PRO I 213 35.02 16.26 -50.04
CA PRO I 213 35.80 15.97 -48.83
C PRO I 213 37.15 16.68 -48.77
N TRP I 214 37.37 17.43 -47.70
CA TRP I 214 38.61 18.18 -47.51
C TRP I 214 39.78 17.24 -47.24
N VAL I 215 40.87 17.45 -47.98
CA VAL I 215 42.07 16.64 -47.84
C VAL I 215 43.31 17.51 -47.96
N ARG I 216 44.27 17.30 -47.05
CA ARG I 216 45.51 18.07 -47.03
C ARG I 216 45.28 19.56 -47.22
N GLY I 217 44.10 20.01 -46.82
CA GLY I 217 43.78 21.43 -46.95
C GLY I 217 43.19 21.85 -48.28
N LEU I 218 42.57 20.91 -48.99
CA LEU I 218 41.98 21.21 -50.29
C LEU I 218 40.65 20.50 -50.53
N SER I 219 39.69 21.24 -51.06
CA SER I 219 38.37 20.71 -51.35
C SER I 219 38.26 20.44 -52.85
N SER I 220 39.42 20.36 -53.51
CA SER I 220 39.47 20.11 -54.95
C SER I 220 40.16 18.78 -55.22
N ARG I 221 40.15 18.36 -56.49
CA ARG I 221 40.78 17.09 -56.87
C ARG I 221 41.40 17.15 -58.26
N ILE I 222 42.10 16.08 -58.63
CA ILE I 222 42.75 15.96 -59.93
C ILE I 222 42.58 14.54 -60.46
N SER I 223 41.86 14.40 -61.56
CA SER I 223 41.63 13.10 -62.16
C SER I 223 42.81 12.69 -63.05
N ILE I 224 43.34 11.50 -62.81
CA ILE I 224 44.47 10.99 -63.58
C ILE I 224 44.02 10.11 -64.75
N TYR I 225 44.53 10.42 -65.93
CA TYR I 225 44.21 9.68 -67.14
C TYR I 225 45.48 9.40 -67.93
N TRP I 226 45.62 8.17 -68.42
CA TRP I 226 46.80 7.77 -69.18
C TRP I 226 46.44 7.46 -70.62
N THR I 227 47.34 7.77 -71.54
CA THR I 227 47.12 7.53 -72.95
C THR I 227 48.38 6.98 -73.62
N ILE I 228 48.32 5.71 -74.04
CA ILE I 228 49.46 5.07 -74.68
C ILE I 228 49.53 5.44 -76.15
N VAL I 229 50.74 5.75 -76.63
CA VAL I 229 50.93 6.13 -78.02
C VAL I 229 51.85 5.13 -78.72
N LYS I 230 51.28 4.32 -79.61
CA LYS I 230 52.05 3.32 -80.34
C LYS I 230 53.02 3.94 -81.35
N PRO I 231 54.03 3.18 -81.76
CA PRO I 231 55.04 3.62 -82.74
C PRO I 231 54.43 4.18 -84.02
N GLY I 232 55.00 5.28 -84.50
CA GLY I 232 54.50 5.89 -85.72
C GLY I 232 53.28 6.76 -85.47
N ASP I 233 52.45 6.36 -84.54
CA ASP I 233 51.23 7.11 -84.20
C ASP I 233 51.64 8.43 -83.57
N VAL I 234 50.69 9.37 -83.50
CA VAL I 234 50.97 10.68 -82.92
C VAL I 234 49.96 11.06 -81.83
N LEU I 235 50.41 11.89 -80.90
CA LEU I 235 49.57 12.35 -79.80
C LEU I 235 49.13 13.79 -80.00
N VAL I 236 47.96 14.14 -79.44
CA VAL I 236 47.42 15.48 -79.57
C VAL I 236 46.63 15.85 -78.31
N ILE I 237 46.73 17.11 -77.92
CA ILE I 237 46.03 17.61 -76.73
C ILE I 237 45.31 18.92 -77.05
N ASN I 238 43.99 18.91 -76.94
CA ASN I 238 43.19 20.11 -77.23
C ASN I 238 42.29 20.42 -76.05
N SER I 239 42.84 21.11 -75.05
CA SER I 239 42.09 21.47 -73.86
C SER I 239 41.73 22.95 -73.81
N ASN I 240 40.59 23.25 -73.19
CA ASN I 240 40.12 24.63 -73.06
C ASN I 240 40.60 25.17 -71.73
N GLY I 241 40.89 24.25 -70.81
CA GLY I 241 41.37 24.62 -69.49
C GLY I 241 41.28 23.46 -68.52
N ASN I 242 41.65 23.69 -67.27
CA ASN I 242 41.60 22.64 -66.25
C ASN I 242 42.48 21.47 -66.66
N LEU I 243 43.42 21.73 -67.58
CA LEU I 243 44.33 20.71 -68.07
C LEU I 243 45.55 20.53 -67.18
N ILE I 244 46.05 19.30 -67.13
CA ILE I 244 47.23 18.96 -66.35
C ILE I 244 48.18 18.21 -67.27
N ALA I 245 48.75 18.94 -68.23
CA ALA I 245 49.67 18.36 -69.21
C ALA I 245 50.95 17.80 -68.59
N PRO I 246 51.42 16.66 -69.12
CA PRO I 246 52.64 15.99 -68.64
C PRO I 246 53.88 16.63 -69.27
N ARG I 247 55.04 16.39 -68.65
CA ARG I 247 56.29 16.94 -69.16
C ARG I 247 56.95 15.99 -70.16
N GLY I 248 56.44 14.77 -70.23
CA GLY I 248 56.99 13.78 -71.15
C GLY I 248 56.25 12.47 -71.11
N TYR I 249 56.96 11.37 -71.38
CA TYR I 249 56.36 10.04 -71.39
C TYR I 249 57.22 9.04 -70.63
N PHE I 250 56.82 7.78 -70.68
CA PHE I 250 57.55 6.69 -70.04
C PHE I 250 57.82 5.58 -71.05
N LYS I 251 59.06 5.12 -71.10
CA LYS I 251 59.45 4.07 -72.03
C LYS I 251 58.92 2.72 -71.57
N MET I 252 57.70 2.41 -71.98
CA MET I 252 57.05 1.14 -71.63
C MET I 252 57.81 -0.05 -72.20
N ARG I 253 58.03 -1.06 -71.36
CA ARG I 253 58.75 -2.26 -71.78
C ARG I 253 57.89 -3.51 -71.52
N THR I 254 58.24 -4.60 -72.19
CA THR I 254 57.52 -5.85 -72.02
C THR I 254 58.41 -6.84 -71.27
N GLY I 255 58.22 -6.92 -69.96
CA GLY I 255 59.03 -7.83 -69.17
C GLY I 255 58.30 -8.60 -68.08
N LYS I 256 59.05 -9.42 -67.36
CA LYS I 256 58.53 -10.23 -66.29
C LYS I 256 58.18 -9.37 -65.07
N SER I 257 58.42 -8.07 -65.20
CA SER I 257 58.15 -7.13 -64.12
C SER I 257 56.71 -7.16 -63.63
N SER I 258 56.56 -7.13 -62.30
CA SER I 258 55.25 -7.16 -61.67
C SER I 258 55.33 -6.53 -60.28
N ILE I 259 54.19 -6.39 -59.62
CA ILE I 259 54.13 -5.81 -58.28
C ILE I 259 53.40 -6.71 -57.31
N MET I 260 53.94 -6.82 -56.09
CA MET I 260 53.34 -7.65 -55.05
C MET I 260 53.18 -6.81 -53.78
N ARG I 261 52.07 -7.01 -53.07
CA ARG I 261 51.83 -6.27 -51.83
C ARG I 261 52.35 -7.03 -50.61
N SER I 262 53.19 -6.37 -49.82
CA SER I 262 53.75 -6.98 -48.62
C SER I 262 54.67 -6.02 -47.87
N ASP I 263 54.87 -6.30 -46.58
CA ASP I 263 55.73 -5.48 -45.74
C ASP I 263 56.93 -6.30 -45.30
N ALA I 264 57.04 -7.52 -45.82
CA ALA I 264 58.11 -8.44 -45.48
C ALA I 264 59.51 -7.84 -45.58
N PRO I 265 60.39 -8.17 -44.63
CA PRO I 265 61.76 -7.66 -44.63
C PRO I 265 62.53 -8.15 -45.84
N ILE I 266 63.58 -7.43 -46.22
CA ILE I 266 64.37 -7.80 -47.38
C ILE I 266 65.80 -8.13 -46.97
N ASP I 267 66.07 -9.42 -46.75
CA ASP I 267 67.39 -9.86 -46.35
C ASP I 267 68.18 -10.27 -47.59
N THR I 268 69.49 -10.07 -47.56
CA THR I 268 70.34 -10.43 -48.68
C THR I 268 70.42 -11.95 -48.83
N CYS I 269 69.91 -12.46 -49.93
CA CYS I 269 69.91 -13.90 -50.21
C CYS I 269 69.39 -14.18 -51.61
N ILE I 270 69.61 -15.42 -52.06
CA ILE I 270 69.14 -15.85 -53.37
C ILE I 270 68.01 -16.87 -53.21
N SER I 271 66.87 -16.57 -53.83
CA SER I 271 65.71 -17.45 -53.76
C SER I 271 64.79 -17.21 -54.95
N GLU I 272 64.61 -18.23 -55.77
CA GLU I 272 63.77 -18.13 -56.96
C GLU I 272 62.32 -17.78 -56.67
N CYS I 273 61.76 -18.27 -55.56
CA CYS I 273 60.38 -17.95 -55.25
C CYS I 273 60.23 -16.83 -54.23
N ILE I 274 59.23 -15.98 -54.46
CA ILE I 274 58.94 -14.84 -53.60
C ILE I 274 57.45 -14.81 -53.27
N THR I 275 57.13 -14.62 -51.99
CA THR I 275 55.74 -14.57 -51.55
C THR I 275 55.55 -13.42 -50.58
N PRO I 276 54.31 -12.96 -50.39
CA PRO I 276 54.02 -11.86 -49.47
C PRO I 276 54.49 -12.18 -48.06
N ASN I 277 54.85 -13.44 -47.83
CA ASN I 277 55.33 -13.89 -46.53
C ASN I 277 56.83 -14.04 -46.52
N GLY I 278 57.45 -13.72 -47.66
CA GLY I 278 58.89 -13.85 -47.77
C GLY I 278 59.25 -15.05 -48.62
N SER I 279 60.33 -14.92 -49.39
CA SER I 279 60.80 -15.99 -50.26
C SER I 279 60.72 -17.35 -49.57
N ILE I 280 60.46 -18.39 -50.36
CA ILE I 280 60.38 -19.75 -49.82
C ILE I 280 61.07 -20.72 -50.78
N PRO I 281 61.60 -21.83 -50.25
CA PRO I 281 62.28 -22.82 -51.08
C PRO I 281 61.31 -23.50 -52.05
N ASN I 282 61.76 -23.69 -53.29
CA ASN I 282 60.93 -24.32 -54.32
C ASN I 282 61.37 -25.74 -54.62
N ASP I 283 61.74 -26.48 -53.58
CA ASP I 283 62.19 -27.86 -53.72
C ASP I 283 60.99 -28.79 -53.81
N LYS I 284 59.91 -28.40 -53.14
CA LYS I 284 58.68 -29.19 -53.13
C LYS I 284 57.77 -28.83 -54.29
N PRO I 285 56.80 -29.70 -54.63
CA PRO I 285 55.87 -29.46 -55.73
C PRO I 285 54.81 -28.41 -55.43
N PHE I 286 54.26 -28.46 -54.22
CA PHE I 286 53.22 -27.52 -53.81
C PHE I 286 53.62 -26.75 -52.56
N GLN I 287 52.75 -25.85 -52.12
CA GLN I 287 53.00 -25.05 -50.92
C GLN I 287 51.69 -24.49 -50.37
N ASN I 288 51.71 -24.09 -49.10
CA ASN I 288 50.52 -23.56 -48.45
C ASN I 288 50.77 -22.21 -47.79
N VAL I 289 51.83 -21.54 -48.23
CA VAL I 289 52.19 -20.23 -47.67
C VAL I 289 51.19 -19.15 -48.09
N ASN I 290 51.07 -18.93 -49.39
CA ASN I 290 50.16 -17.91 -49.91
C ASN I 290 49.85 -18.15 -51.38
N LYS I 291 48.67 -17.69 -51.81
CA LYS I 291 48.23 -17.86 -53.19
C LYS I 291 49.00 -16.95 -54.15
N ILE I 292 49.39 -15.77 -53.67
CA ILE I 292 50.15 -14.83 -54.48
C ILE I 292 51.60 -15.29 -54.53
N THR I 293 52.12 -15.51 -55.74
CA THR I 293 53.50 -15.97 -55.90
C THR I 293 54.25 -15.15 -56.94
N TYR I 294 55.51 -15.49 -57.15
CA TYR I 294 56.35 -14.80 -58.12
C TYR I 294 57.56 -15.67 -58.44
N GLY I 295 57.86 -15.79 -59.73
CA GLY I 295 59.00 -16.61 -60.14
C GLY I 295 58.63 -18.08 -60.07
N ALA I 296 59.65 -18.92 -59.92
CA ALA I 296 59.44 -20.36 -59.83
C ALA I 296 58.98 -20.76 -58.44
N CYS I 297 57.67 -21.01 -58.30
CA CYS I 297 57.11 -21.40 -57.00
C CYS I 297 56.24 -22.64 -57.13
N PRO I 298 56.08 -23.39 -56.02
CA PRO I 298 55.27 -24.61 -56.01
C PRO I 298 53.78 -24.26 -56.09
N LYS I 299 52.97 -25.17 -56.64
CA LYS I 299 51.54 -24.95 -56.76
C LYS I 299 50.93 -24.69 -55.39
N TYR I 300 50.05 -23.68 -55.29
CA TYR I 300 49.42 -23.37 -54.01
C TYR I 300 48.17 -24.21 -53.81
N VAL I 301 48.34 -25.37 -53.16
CA VAL I 301 47.23 -26.26 -52.88
C VAL I 301 46.59 -25.87 -51.54
N LYS I 302 45.42 -26.44 -51.26
CA LYS I 302 44.72 -26.14 -50.01
C LYS I 302 45.32 -26.89 -48.84
N GLN I 303 45.59 -28.18 -49.03
CA GLN I 303 46.17 -29.01 -47.97
C GLN I 303 47.45 -28.38 -47.48
N ASN I 304 47.65 -28.40 -46.16
CA ASN I 304 48.85 -27.82 -45.57
C ASN I 304 49.96 -28.85 -45.48
N THR I 305 49.65 -30.09 -45.84
CA THR I 305 50.62 -31.17 -45.80
C THR I 305 50.21 -32.38 -46.63
N LEU I 306 51.19 -33.06 -47.20
CA LEU I 306 50.96 -34.25 -48.02
C LEU I 306 52.19 -35.16 -47.94
N LYS I 307 52.06 -36.27 -47.22
CA LYS I 307 53.16 -37.21 -47.05
C LYS I 307 53.27 -38.19 -48.22
N LEU I 308 54.41 -38.19 -48.89
CA LEU I 308 54.65 -39.09 -50.01
C LEU I 308 55.54 -40.25 -49.60
N ALA I 309 55.08 -41.47 -49.89
CA ALA I 309 55.84 -42.67 -49.56
C ALA I 309 57.13 -42.73 -50.36
N THR I 310 58.26 -42.60 -49.67
CA THR I 310 59.56 -42.64 -50.32
C THR I 310 60.21 -43.99 -50.03
N GLY I 311 59.98 -44.48 -48.81
CA GLY I 311 60.54 -45.76 -48.42
C GLY I 311 59.60 -46.91 -48.73
N MET I 312 59.96 -48.09 -48.25
CA MET I 312 59.15 -49.28 -48.47
C MET I 312 58.06 -49.38 -47.40
N ARG I 313 57.01 -50.13 -47.69
CA ARG I 313 55.93 -50.30 -46.73
C ARG I 313 56.55 -51.12 -45.60
N ASN I 314 56.37 -50.67 -44.37
CA ASN I 314 56.98 -51.37 -43.25
C ASN I 314 56.07 -52.17 -42.34
N VAL I 315 56.38 -53.46 -42.21
CA VAL I 315 55.66 -54.35 -41.32
C VAL I 315 56.63 -54.51 -40.15
N PRO I 316 56.58 -53.58 -39.19
CA PRO I 316 57.47 -53.59 -38.02
C PRO I 316 57.20 -54.77 -37.09
N GLU I 317 58.04 -54.90 -36.06
CA GLU I 317 57.93 -55.98 -35.08
C GLU I 317 58.57 -57.25 -35.65
N LYS I 318 58.90 -58.20 -34.78
CA LYS I 318 59.53 -59.43 -35.24
C LYS I 318 59.16 -60.65 -34.41
N GLN I 319 59.17 -61.81 -35.04
CA GLN I 319 58.86 -63.05 -34.34
C GLN I 319 59.99 -63.24 -33.33
N THR I 320 61.20 -62.92 -33.78
CA THR I 320 62.40 -63.02 -32.94
C THR I 320 62.41 -64.35 -32.22
N ARG I 321 62.01 -65.40 -32.92
CA ARG I 321 61.93 -66.72 -32.33
C ARG I 321 63.07 -67.21 -31.47
N GLY I 322 62.68 -67.48 -30.22
CA GLY I 322 63.54 -67.98 -29.17
C GLY I 322 65.02 -67.79 -29.11
N LEU I 323 65.65 -68.86 -28.65
CA LEU I 323 67.07 -68.98 -28.43
C LEU I 323 67.66 -69.27 -29.80
N PHE I 324 67.34 -70.44 -30.34
CA PHE I 324 67.78 -70.80 -31.67
C PHE I 324 66.86 -70.02 -32.59
N GLY I 325 67.43 -69.33 -33.57
CA GLY I 325 66.62 -68.55 -34.48
C GLY I 325 66.14 -69.31 -35.70
N ALA I 326 64.82 -69.41 -35.85
CA ALA I 326 64.24 -70.12 -36.99
C ALA I 326 64.66 -69.45 -38.29
N ILE I 327 64.97 -68.16 -38.20
CA ILE I 327 65.39 -67.38 -39.36
C ILE I 327 64.22 -67.24 -40.33
N ALA I 328 63.03 -67.57 -39.84
CA ALA I 328 61.79 -67.51 -40.62
C ALA I 328 61.75 -66.43 -41.69
N GLY I 329 61.15 -66.75 -42.83
CA GLY I 329 61.05 -65.82 -43.94
C GLY I 329 60.24 -64.59 -43.62
N PHE I 330 60.46 -63.53 -44.38
CA PHE I 330 59.77 -62.25 -44.17
C PHE I 330 58.28 -62.37 -43.86
N ILE I 331 57.49 -62.75 -44.86
CA ILE I 331 56.04 -62.88 -44.70
C ILE I 331 55.45 -61.78 -43.81
N GLU I 332 55.29 -62.06 -42.53
CA GLU I 332 54.72 -61.09 -41.60
C GLU I 332 55.73 -60.34 -40.73
N ASN I 333 56.95 -60.14 -41.24
CA ASN I 333 57.96 -59.42 -40.48
C ASN I 333 59.11 -58.90 -41.31
N GLY I 334 59.66 -57.76 -40.87
CA GLY I 334 60.79 -57.16 -41.54
C GLY I 334 61.98 -57.28 -40.60
N TRP I 335 63.18 -57.41 -41.14
CA TRP I 335 64.36 -57.56 -40.30
C TRP I 335 65.05 -56.25 -39.96
N GLU I 336 64.69 -55.67 -38.81
CA GLU I 336 65.29 -54.43 -38.37
C GLU I 336 66.80 -54.61 -38.23
N GLY I 337 67.24 -55.86 -38.30
CA GLY I 337 68.66 -56.16 -38.19
C GLY I 337 69.40 -55.82 -39.46
N MET I 338 68.83 -56.21 -40.60
CA MET I 338 69.46 -55.93 -41.89
C MET I 338 69.52 -54.43 -42.10
N ILE I 339 70.75 -53.90 -42.16
CA ILE I 339 70.96 -52.47 -42.36
C ILE I 339 71.92 -52.21 -43.51
N ASP I 340 72.05 -53.19 -44.40
CA ASP I 340 72.94 -53.07 -45.54
C ASP I 340 72.18 -53.10 -46.86
N GLY I 341 70.85 -53.12 -46.78
CA GLY I 341 70.04 -53.15 -47.98
C GLY I 341 68.55 -53.21 -47.70
N TRP I 342 67.76 -53.34 -48.77
CA TRP I 342 66.31 -53.43 -48.65
C TRP I 342 65.86 -54.88 -48.66
N TYR I 343 66.58 -55.72 -49.39
CA TYR I 343 66.25 -57.14 -49.48
C TYR I 343 67.52 -57.97 -49.29
N GLY I 344 67.43 -58.96 -48.41
CA GLY I 344 68.58 -59.82 -48.15
C GLY I 344 68.20 -61.25 -47.88
N PHE I 345 69.20 -62.11 -47.72
CA PHE I 345 68.94 -63.52 -47.44
C PHE I 345 69.53 -63.94 -46.11
N ARG I 346 68.92 -64.95 -45.52
CA ARG I 346 69.37 -65.48 -44.23
C ARG I 346 69.45 -67.00 -44.29
N HIS I 347 70.67 -67.51 -44.25
CA HIS I 347 70.89 -68.95 -44.29
C HIS I 347 71.05 -69.56 -42.90
N GLN I 348 70.55 -70.78 -42.74
CA GLN I 348 70.63 -71.50 -41.48
C GLN I 348 71.21 -72.88 -41.74
N ASN I 349 72.46 -72.90 -42.20
CA ASN I 349 73.15 -74.15 -42.51
C ASN I 349 73.79 -74.74 -41.26
N SER I 350 74.43 -75.89 -41.44
CA SER I 350 75.09 -76.59 -40.33
C SER I 350 76.22 -75.75 -39.74
N GLU I 351 76.82 -74.90 -40.55
CA GLU I 351 77.92 -74.04 -40.08
C GLU I 351 77.40 -72.93 -39.18
N GLY I 352 76.08 -72.76 -39.14
CA GLY I 352 75.50 -71.72 -38.31
C GLY I 352 74.52 -70.84 -39.06
N THR I 353 74.43 -69.58 -38.64
CA THR I 353 73.55 -68.61 -39.27
C THR I 353 74.34 -67.54 -40.01
N GLY I 354 73.63 -66.74 -40.81
CA GLY I 354 74.28 -65.69 -41.56
C GLY I 354 73.28 -64.88 -42.37
N GLN I 355 73.65 -63.64 -42.68
CA GLN I 355 72.78 -62.75 -43.44
C GLN I 355 73.56 -61.97 -44.50
N ALA I 356 72.93 -61.76 -45.65
CA ALA I 356 73.55 -61.02 -46.75
C ALA I 356 72.47 -60.37 -47.61
N ALA I 357 72.62 -59.07 -47.86
CA ALA I 357 71.65 -58.34 -48.67
C ALA I 357 71.98 -58.39 -50.15
N ASP I 358 70.96 -58.66 -50.97
CA ASP I 358 71.13 -58.73 -52.41
C ASP I 358 70.98 -57.34 -53.02
N LEU I 359 72.12 -56.72 -53.33
CA LEU I 359 72.12 -55.37 -53.90
C LEU I 359 71.31 -55.28 -55.19
N LYS I 360 71.37 -56.32 -56.01
CA LYS I 360 70.63 -56.35 -57.27
C LYS I 360 69.17 -55.96 -57.08
N SER I 361 68.43 -56.82 -56.39
CA SER I 361 67.02 -56.58 -56.13
C SER I 361 66.77 -55.22 -55.49
N THR I 362 67.48 -54.94 -54.40
CA THR I 362 67.34 -53.68 -53.68
C THR I 362 67.49 -52.47 -54.60
N GLN I 363 68.49 -52.52 -55.47
CA GLN I 363 68.76 -51.42 -56.39
C GLN I 363 67.60 -51.13 -57.35
N ALA I 364 67.03 -52.19 -57.92
CA ALA I 364 65.92 -52.04 -58.86
C ALA I 364 64.80 -51.21 -58.25
N ALA I 365 64.48 -51.49 -56.99
CA ALA I 365 63.43 -50.77 -56.28
C ALA I 365 63.79 -49.29 -56.16
N ILE I 366 64.96 -49.02 -55.61
CA ILE I 366 65.42 -47.65 -55.43
C ILE I 366 65.37 -46.84 -56.71
N ASP I 367 65.90 -47.39 -57.80
CA ASP I 367 65.89 -46.68 -59.08
C ASP I 367 64.50 -46.22 -59.47
N GLN I 368 63.54 -47.15 -59.45
CA GLN I 368 62.18 -46.83 -59.82
C GLN I 368 61.61 -45.73 -58.93
N ILE I 369 61.87 -45.84 -57.63
CA ILE I 369 61.40 -44.87 -56.65
C ILE I 369 61.91 -43.45 -56.88
N ASN I 370 63.23 -43.28 -56.84
CA ASN I 370 63.86 -41.98 -57.03
C ASN I 370 63.36 -41.14 -58.19
N GLY I 371 63.55 -41.62 -59.41
CA GLY I 371 63.13 -40.88 -60.59
C GLY I 371 61.66 -40.48 -60.74
N LYS I 372 60.76 -41.34 -60.29
CA LYS I 372 59.31 -41.09 -60.41
C LYS I 372 58.83 -39.70 -60.00
N LEU I 373 59.07 -39.31 -58.75
CA LEU I 373 58.62 -38.02 -58.24
C LEU I 373 58.75 -36.87 -59.22
N ASN I 374 59.97 -36.57 -59.64
CA ASN I 374 60.24 -35.50 -60.58
C ASN I 374 59.49 -35.65 -61.89
N ARG I 375 59.33 -36.89 -62.34
CA ARG I 375 58.61 -37.14 -63.59
C ARG I 375 57.16 -36.69 -63.48
N VAL I 376 56.44 -37.27 -62.54
CA VAL I 376 55.04 -36.94 -62.32
C VAL I 376 54.81 -35.42 -62.22
N ILE I 377 55.50 -34.79 -61.28
CA ILE I 377 55.38 -33.35 -61.06
C ILE I 377 56.54 -32.61 -61.71
N GLU I 378 56.24 -31.49 -62.34
CA GLU I 378 57.27 -30.71 -62.99
C GLU I 378 58.11 -29.96 -61.96
N LYS I 379 59.42 -30.21 -62.00
CA LYS I 379 60.35 -29.58 -61.07
C LYS I 379 60.06 -28.11 -60.81
N THR I 380 59.52 -27.43 -61.82
CA THR I 380 59.22 -26.01 -61.68
C THR I 380 58.42 -25.44 -62.85
N ASN I 381 57.86 -24.26 -62.63
CA ASN I 381 57.08 -23.54 -63.62
C ASN I 381 57.12 -22.09 -63.18
N GLU I 382 57.45 -21.17 -64.08
CA GLU I 382 57.50 -19.77 -63.72
C GLU I 382 56.24 -18.99 -64.08
N LYS I 383 56.00 -17.95 -63.30
CA LYS I 383 54.86 -17.07 -63.48
C LYS I 383 55.29 -15.73 -62.91
N PHE I 384 54.82 -14.65 -63.51
CA PHE I 384 55.19 -13.32 -63.02
C PHE I 384 53.93 -12.50 -62.77
N HIS I 385 53.68 -11.47 -63.58
CA HIS I 385 52.49 -10.68 -63.37
C HIS I 385 51.25 -11.54 -63.61
N GLN I 386 50.32 -11.51 -62.68
CA GLN I 386 49.10 -12.31 -62.77
C GLN I 386 47.88 -11.43 -62.46
N ILE I 387 46.95 -11.96 -61.68
CA ILE I 387 45.77 -11.21 -61.29
C ILE I 387 45.84 -10.92 -59.80
N GLU I 388 45.32 -9.78 -59.38
CA GLU I 388 45.31 -9.47 -57.96
C GLU I 388 44.40 -10.52 -57.36
N LYS I 389 44.91 -11.28 -56.39
CA LYS I 389 44.11 -12.32 -55.77
C LYS I 389 43.57 -11.80 -54.44
N GLU I 390 43.58 -10.49 -54.30
CA GLU I 390 43.11 -9.81 -53.10
C GLU I 390 42.59 -8.42 -53.41
N PHE I 391 41.70 -7.94 -52.56
CA PHE I 391 41.12 -6.60 -52.71
C PHE I 391 40.86 -6.05 -51.32
N SER I 392 40.54 -4.77 -51.25
CA SER I 392 40.26 -4.12 -49.98
C SER I 392 38.86 -3.52 -49.93
N GLU I 393 38.21 -3.46 -51.09
CA GLU I 393 36.86 -2.90 -51.19
C GLU I 393 36.02 -3.70 -52.18
N VAL I 394 34.75 -3.33 -52.31
CA VAL I 394 33.84 -4.02 -53.22
C VAL I 394 33.80 -3.37 -54.59
N GLU I 395 33.83 -4.19 -55.63
CA GLU I 395 33.80 -3.70 -57.01
C GLU I 395 32.71 -4.38 -57.84
N GLY I 396 31.91 -5.21 -57.19
CA GLY I 396 30.83 -5.90 -57.87
C GLY I 396 31.28 -6.96 -58.86
N ARG I 397 30.69 -6.93 -60.05
CA ARG I 397 30.98 -7.89 -61.11
C ARG I 397 32.44 -8.24 -61.33
N ILE I 398 33.22 -7.28 -61.82
CA ILE I 398 34.64 -7.51 -62.08
C ILE I 398 35.32 -8.30 -60.96
N GLN I 399 35.28 -7.75 -59.75
CA GLN I 399 35.90 -8.41 -58.61
C GLN I 399 35.43 -9.86 -58.47
N ASP I 400 34.11 -10.05 -58.41
CA ASP I 400 33.54 -11.38 -58.27
C ASP I 400 34.23 -12.40 -59.17
N LEU I 401 34.28 -12.10 -60.46
CA LEU I 401 34.91 -12.98 -61.43
C LEU I 401 36.33 -13.35 -61.02
N GLU I 402 37.19 -12.34 -60.90
CA GLU I 402 38.58 -12.55 -60.51
C GLU I 402 38.72 -13.54 -59.36
N LYS I 403 37.95 -13.35 -58.30
CA LYS I 403 38.01 -14.25 -57.14
C LYS I 403 37.67 -15.67 -57.56
N TYR I 404 36.56 -15.83 -58.27
CA TYR I 404 36.11 -17.14 -58.73
C TYR I 404 37.21 -17.86 -59.48
N VAL I 405 37.78 -17.19 -60.47
CA VAL I 405 38.86 -17.77 -61.29
C VAL I 405 39.95 -18.38 -60.43
N GLU I 406 40.59 -17.55 -59.62
CA GLU I 406 41.66 -18.01 -58.74
C GLU I 406 41.22 -19.15 -57.83
N ASP I 407 40.06 -18.97 -57.19
CA ASP I 407 39.53 -19.97 -56.29
C ASP I 407 39.35 -21.30 -57.01
N THR I 408 38.69 -21.25 -58.17
CA THR I 408 38.44 -22.46 -58.96
C THR I 408 39.75 -23.18 -59.26
N LYS I 409 40.77 -22.41 -59.63
CA LYS I 409 42.09 -22.95 -59.93
C LYS I 409 42.61 -23.81 -58.78
N ILE I 410 42.66 -23.21 -57.60
CA ILE I 410 43.15 -23.88 -56.41
C ILE I 410 42.45 -25.22 -56.17
N ASP I 411 41.12 -25.18 -56.07
CA ASP I 411 40.35 -26.40 -55.83
C ASP I 411 40.71 -27.49 -56.83
N LEU I 412 40.74 -27.12 -58.11
CA LEU I 412 41.08 -28.07 -59.17
C LEU I 412 42.50 -28.59 -58.98
N TRP I 413 43.44 -27.67 -58.76
CA TRP I 413 44.83 -28.03 -58.57
C TRP I 413 45.02 -28.92 -57.35
N SER I 414 44.44 -28.53 -56.22
CA SER I 414 44.53 -29.30 -54.99
C SER I 414 44.16 -30.75 -55.25
N TYR I 415 43.05 -30.95 -55.95
CA TYR I 415 42.59 -32.30 -56.28
C TYR I 415 43.71 -33.11 -56.90
N ASN I 416 44.32 -32.55 -57.94
CA ASN I 416 45.42 -33.22 -58.64
C ASN I 416 46.50 -33.65 -57.66
N ALA I 417 46.89 -32.75 -56.78
CA ALA I 417 47.92 -33.05 -55.79
C ALA I 417 47.49 -34.20 -54.91
N GLU I 418 46.32 -34.06 -54.28
CA GLU I 418 45.78 -35.08 -53.41
C GLU I 418 45.69 -36.42 -54.14
N LEU I 419 45.04 -36.40 -55.30
CA LEU I 419 44.88 -37.60 -56.12
C LEU I 419 46.23 -38.20 -56.52
N LEU I 420 47.12 -37.35 -57.00
CA LEU I 420 48.45 -37.78 -57.44
C LEU I 420 49.24 -38.47 -56.34
N VAL I 421 49.28 -37.87 -55.15
CA VAL I 421 50.00 -38.44 -54.03
C VAL I 421 49.46 -39.81 -53.68
N ALA I 422 48.14 -39.93 -53.60
CA ALA I 422 47.50 -41.20 -53.27
C ALA I 422 47.92 -42.26 -54.28
N LEU I 423 48.00 -41.87 -55.54
CA LEU I 423 48.40 -42.78 -56.61
C LEU I 423 49.85 -43.21 -56.44
N GLU I 424 50.73 -42.24 -56.17
CA GLU I 424 52.14 -42.52 -55.99
C GLU I 424 52.41 -43.47 -54.83
N ASN I 425 51.93 -43.12 -53.64
CA ASN I 425 52.14 -43.97 -52.46
C ASN I 425 51.61 -45.38 -52.74
N GLN I 426 50.37 -45.44 -53.20
CA GLN I 426 49.71 -46.71 -53.51
C GLN I 426 50.51 -47.50 -54.52
N HIS I 427 51.16 -46.78 -55.45
CA HIS I 427 51.94 -47.40 -56.51
C HIS I 427 53.31 -47.85 -56.01
N THR I 428 53.94 -47.03 -55.18
CA THR I 428 55.27 -47.34 -54.65
C THR I 428 55.24 -48.66 -53.88
N ILE I 429 54.26 -48.80 -53.00
CA ILE I 429 54.12 -50.01 -52.19
C ILE I 429 54.14 -51.26 -53.05
N ASP I 430 53.24 -51.31 -54.03
CA ASP I 430 53.16 -52.45 -54.93
C ASP I 430 54.51 -52.73 -55.58
N LEU I 431 55.17 -51.65 -56.00
CA LEU I 431 56.47 -51.74 -56.64
C LEU I 431 57.51 -52.42 -55.76
N THR I 432 57.72 -51.88 -54.57
CA THR I 432 58.69 -52.44 -53.64
C THR I 432 58.27 -53.83 -53.18
N ASP I 433 56.98 -53.97 -52.86
CA ASP I 433 56.44 -55.24 -52.40
C ASP I 433 56.57 -56.32 -53.46
N SER I 434 56.53 -55.91 -54.73
CA SER I 434 56.65 -56.85 -55.84
C SER I 434 58.06 -57.40 -55.92
N GLU I 435 59.05 -56.50 -55.88
CA GLU I 435 60.45 -56.90 -55.92
C GLU I 435 60.71 -58.05 -54.97
N MET I 436 60.36 -57.83 -53.70
CA MET I 436 60.53 -58.83 -52.65
C MET I 436 59.90 -60.16 -53.06
N ASN I 437 58.81 -60.08 -53.81
CA ASN I 437 58.10 -61.27 -54.26
C ASN I 437 58.81 -61.94 -55.44
N LYS I 438 59.49 -61.15 -56.25
CA LYS I 438 60.20 -61.69 -57.40
C LYS I 438 61.45 -62.45 -56.97
N LEU I 439 62.26 -61.81 -56.14
CA LEU I 439 63.49 -62.42 -55.65
C LEU I 439 63.18 -63.78 -55.02
N PHE I 440 61.94 -63.94 -54.57
CA PHE I 440 61.51 -65.18 -53.95
C PHE I 440 61.20 -66.22 -55.03
N GLU I 441 60.65 -65.76 -56.15
CA GLU I 441 60.32 -66.64 -57.26
C GLU I 441 61.58 -66.94 -58.06
N LYS I 442 62.50 -65.98 -58.07
CA LYS I 442 63.78 -66.12 -58.76
C LYS I 442 64.54 -67.27 -58.12
N THR I 443 64.25 -67.52 -56.85
CA THR I 443 64.91 -68.58 -56.10
C THR I 443 64.20 -69.91 -56.34
N ARG I 444 62.87 -69.87 -56.44
CA ARG I 444 62.09 -71.08 -56.68
C ARG I 444 62.56 -71.76 -57.96
N ARG I 445 62.70 -70.96 -59.02
CA ARG I 445 63.14 -71.47 -60.31
C ARG I 445 64.58 -71.95 -60.25
N GLN I 446 65.39 -71.28 -59.41
CA GLN I 446 66.79 -71.61 -59.28
C GLN I 446 66.99 -72.91 -58.50
N LEU I 447 66.53 -72.95 -57.26
CA LEU I 447 66.66 -74.13 -56.42
C LEU I 447 66.09 -75.36 -57.10
N ARG I 448 65.04 -75.17 -57.88
CA ARG I 448 64.39 -76.26 -58.58
C ARG I 448 63.79 -77.25 -57.58
N GLU I 449 64.20 -78.52 -57.68
CA GLU I 449 63.70 -79.56 -56.79
C GLU I 449 64.40 -79.68 -55.45
N ASN I 450 65.69 -79.35 -55.43
CA ASN I 450 66.51 -79.44 -54.22
C ASN I 450 65.84 -79.02 -52.90
N ALA I 451 64.92 -78.07 -52.95
CA ALA I 451 64.25 -77.61 -51.73
C ALA I 451 62.75 -77.46 -51.89
N GLU I 452 62.09 -77.01 -50.82
CA GLU I 452 60.64 -76.81 -50.81
C GLU I 452 60.30 -75.50 -50.11
N ASP I 453 59.21 -74.87 -50.53
CA ASP I 453 58.77 -73.62 -49.95
C ASP I 453 57.96 -73.88 -48.67
N MET I 454 58.63 -73.72 -47.53
CA MET I 454 57.98 -73.94 -46.23
C MET I 454 56.71 -73.11 -46.09
N GLY I 455 56.64 -72.00 -46.82
CA GLY I 455 55.48 -71.14 -46.74
C GLY I 455 55.77 -69.90 -45.93
N ASN I 456 56.55 -70.08 -44.86
CA ASN I 456 56.92 -68.98 -43.99
C ASN I 456 57.88 -68.03 -44.70
N GLY I 457 57.99 -68.17 -46.01
CA GLY I 457 58.87 -67.31 -46.77
C GLY I 457 60.29 -67.86 -46.85
N CYS I 458 60.45 -69.13 -46.52
CA CYS I 458 61.75 -69.78 -46.56
C CYS I 458 61.71 -71.01 -47.45
N PHE I 459 62.90 -71.46 -47.86
CA PHE I 459 63.04 -72.64 -48.69
C PHE I 459 63.81 -73.66 -47.87
N LYS I 460 63.17 -74.77 -47.51
CA LYS I 460 63.82 -75.79 -46.71
C LYS I 460 64.67 -76.71 -47.57
N ILE I 461 65.91 -76.30 -47.83
CA ILE I 461 66.83 -77.09 -48.63
C ILE I 461 66.98 -78.46 -47.99
N TYR I 462 66.87 -79.51 -48.79
CA TYR I 462 66.97 -80.89 -48.29
C TYR I 462 68.35 -81.52 -48.29
N HIS I 463 69.41 -80.71 -48.32
CA HIS I 463 70.76 -81.28 -48.33
C HIS I 463 71.80 -80.41 -47.63
N LYS I 464 72.81 -81.04 -47.06
CA LYS I 464 73.89 -80.32 -46.39
C LYS I 464 74.36 -79.20 -47.30
N CYS I 465 74.27 -77.97 -46.81
CA CYS I 465 74.67 -76.83 -47.61
C CYS I 465 75.58 -75.90 -46.82
N ASP I 466 76.88 -75.95 -47.13
CA ASP I 466 77.88 -75.12 -46.47
C ASP I 466 77.71 -73.67 -46.92
N ASN I 467 78.43 -72.76 -46.27
CA ASN I 467 78.35 -71.35 -46.61
C ASN I 467 78.60 -71.08 -48.09
N ALA I 468 79.53 -71.82 -48.67
CA ALA I 468 79.84 -71.66 -50.10
C ALA I 468 78.61 -72.09 -50.88
N CYS I 469 78.04 -73.21 -50.47
CA CYS I 469 76.85 -73.76 -51.11
C CYS I 469 75.74 -72.70 -51.15
N ILE I 470 75.62 -71.93 -50.07
CA ILE I 470 74.62 -70.88 -49.99
C ILE I 470 74.96 -69.72 -50.92
N GLU I 471 76.20 -69.25 -50.82
CA GLU I 471 76.67 -68.15 -51.65
C GLU I 471 76.42 -68.39 -53.14
N SER I 472 76.67 -69.62 -53.59
CA SER I 472 76.48 -69.97 -54.99
C SER I 472 75.04 -69.77 -55.44
N ILE I 473 74.12 -69.77 -54.49
CA ILE I 473 72.70 -69.60 -54.79
C ILE I 473 72.28 -68.14 -54.83
N ARG I 474 72.94 -67.32 -54.02
CA ARG I 474 72.63 -65.90 -53.97
C ARG I 474 73.01 -65.13 -55.22
N ASN I 475 74.13 -65.52 -55.85
CA ASN I 475 74.52 -64.85 -57.08
C ASN I 475 73.67 -65.40 -58.22
N GLY I 476 73.31 -66.68 -58.11
CA GLY I 476 72.50 -67.32 -59.12
C GLY I 476 73.26 -68.38 -59.90
N THR I 477 74.54 -68.52 -59.59
CA THR I 477 75.42 -69.48 -60.25
C THR I 477 75.05 -70.94 -59.95
N TYR I 478 74.68 -71.19 -58.71
CA TYR I 478 74.30 -72.51 -58.21
C TYR I 478 73.58 -73.42 -59.21
N ASP I 479 73.97 -74.70 -59.22
CA ASP I 479 73.39 -75.72 -60.11
C ASP I 479 72.63 -76.79 -59.33
N HIS I 480 71.42 -77.09 -59.78
CA HIS I 480 70.55 -78.08 -59.13
C HIS I 480 71.03 -79.53 -59.21
N ASP I 481 71.54 -79.94 -60.38
CA ASP I 481 72.00 -81.31 -60.56
C ASP I 481 73.00 -81.77 -59.50
N VAL I 482 73.92 -80.88 -59.14
CA VAL I 482 74.94 -81.19 -58.14
C VAL I 482 74.40 -81.90 -56.90
N TYR I 483 73.38 -81.30 -56.28
CA TYR I 483 72.79 -81.85 -55.07
C TYR I 483 71.48 -82.58 -55.34
N ARG I 484 71.09 -82.64 -56.61
CA ARG I 484 69.84 -83.30 -56.98
C ARG I 484 69.64 -84.67 -56.34
N ASP I 485 70.54 -85.59 -56.63
CA ASP I 485 70.46 -86.94 -56.08
C ASP I 485 70.36 -86.93 -54.55
N GLU I 486 71.27 -86.19 -53.91
CA GLU I 486 71.30 -86.09 -52.46
C GLU I 486 69.97 -85.59 -51.90
N ALA I 487 69.56 -84.39 -52.30
CA ALA I 487 68.32 -83.79 -51.82
C ALA I 487 67.13 -84.73 -52.02
N LEU I 488 66.94 -85.19 -53.25
CA LEU I 488 65.82 -86.08 -53.59
C LEU I 488 65.60 -87.18 -52.56
N ASN I 489 66.68 -87.70 -52.00
CA ASN I 489 66.60 -88.78 -51.01
C ASN I 489 65.96 -88.33 -49.70
N ASN I 490 66.51 -87.28 -49.10
CA ASN I 490 66.00 -86.76 -47.83
C ASN I 490 64.54 -86.34 -47.92
N ARG I 491 64.09 -86.05 -49.14
CA ARG I 491 62.71 -85.62 -49.36
C ARG I 491 61.69 -86.75 -49.24
N PHE I 492 61.84 -87.75 -50.09
CA PHE I 492 60.92 -88.88 -50.12
C PHE I 492 61.37 -90.06 -49.26
N GLN I 493 62.32 -89.83 -48.36
CA GLN I 493 62.80 -90.88 -47.47
C GLN I 493 63.26 -90.31 -46.14
N SER J 1 24.00 117.99 18.50
CA SER J 1 23.77 117.46 19.88
C SER J 1 22.79 116.29 19.85
N THR J 2 22.33 115.95 18.64
CA THR J 2 21.39 114.85 18.45
C THR J 2 21.67 114.16 17.12
N ALA J 3 21.31 112.89 17.03
CA ALA J 3 21.53 112.12 15.82
C ALA J 3 20.27 111.35 15.44
N THR J 4 20.08 111.12 14.15
CA THR J 4 18.91 110.41 13.67
C THR J 4 19.29 109.07 13.06
N LEU J 5 18.69 107.99 13.55
CA LEU J 5 18.94 106.66 13.05
C LEU J 5 17.65 106.14 12.45
N CYS J 6 17.73 105.55 11.26
CA CYS J 6 16.54 105.04 10.61
C CYS J 6 16.77 103.63 10.06
N LEU J 7 15.67 102.93 9.85
CA LEU J 7 15.71 101.58 9.32
C LEU J 7 15.01 101.60 7.96
N GLY J 8 15.24 100.58 7.15
CA GLY J 8 14.61 100.53 5.84
C GLY J 8 14.92 99.28 5.05
N HIS J 9 14.37 99.20 3.85
CA HIS J 9 14.57 98.05 2.98
C HIS J 9 14.98 98.49 1.58
N HIS J 10 15.24 97.51 0.73
CA HIS J 10 15.68 97.77 -0.64
C HIS J 10 14.52 97.98 -1.62
N ALA J 11 14.87 98.30 -2.86
CA ALA J 11 13.87 98.53 -3.91
C ALA J 11 14.49 98.28 -5.28
N VAL J 12 13.64 98.02 -6.27
CA VAL J 12 14.09 97.76 -7.63
C VAL J 12 13.41 98.70 -8.62
N PRO J 13 14.07 98.96 -9.76
CA PRO J 13 13.53 99.85 -10.80
C PRO J 13 12.08 99.52 -11.16
N ASN J 14 11.86 98.33 -11.72
CA ASN J 14 10.53 97.90 -12.11
C ASN J 14 10.25 96.49 -11.59
N GLY J 15 9.41 96.40 -10.56
CA GLY J 15 9.07 95.10 -10.00
C GLY J 15 8.02 94.36 -10.80
N THR J 16 7.52 93.26 -10.23
CA THR J 16 6.51 92.45 -10.89
C THR J 16 5.29 92.32 -10.00
N LEU J 17 4.12 92.16 -10.62
CA LEU J 17 2.87 92.03 -9.89
C LEU J 17 2.61 90.57 -9.50
N VAL J 18 1.87 90.39 -8.41
CA VAL J 18 1.54 89.05 -7.93
C VAL J 18 0.13 89.02 -7.34
N LYS J 19 -0.52 87.86 -7.45
CA LYS J 19 -1.87 87.69 -6.94
C LYS J 19 -1.85 87.22 -5.50
N THR J 20 -2.29 88.08 -4.59
CA THR J 20 -2.33 87.76 -3.18
C THR J 20 -3.76 87.81 -2.66
N ILE J 21 -3.98 87.21 -1.50
CA ILE J 21 -5.31 87.17 -0.90
C ILE J 21 -5.85 88.57 -0.62
N THR J 22 -5.20 89.28 0.32
CA THR J 22 -5.61 90.62 0.70
C THR J 22 -5.72 91.60 -0.47
N ASP J 23 -4.61 91.84 -1.16
CA ASP J 23 -4.61 92.75 -2.31
C ASP J 23 -4.80 91.94 -3.59
N ASP J 24 -5.72 92.39 -4.45
CA ASP J 24 -5.99 91.70 -5.69
C ASP J 24 -4.80 91.73 -6.64
N GLN J 25 -3.96 92.75 -6.48
CA GLN J 25 -2.77 92.89 -7.32
C GLN J 25 -1.74 93.77 -6.61
N ILE J 26 -0.52 93.28 -6.48
CA ILE J 26 0.53 94.05 -5.82
C ILE J 26 1.91 93.75 -6.42
N GLU J 27 2.79 94.75 -6.38
CA GLU J 27 4.13 94.63 -6.93
C GLU J 27 5.19 94.26 -5.90
N VAL J 28 6.10 93.37 -6.28
CA VAL J 28 7.19 92.93 -5.41
C VAL J 28 8.53 93.30 -6.04
N THR J 29 9.62 92.81 -5.46
CA THR J 29 10.96 93.10 -5.97
C THR J 29 11.49 91.95 -6.81
N ASN J 30 10.77 90.84 -6.83
CA ASN J 30 11.19 89.67 -7.59
C ASN J 30 10.07 88.65 -7.72
N ALA J 31 10.01 88.00 -8.88
CA ALA J 31 8.98 86.99 -9.14
C ALA J 31 9.58 85.79 -9.86
N THR J 32 8.73 84.83 -10.22
CA THR J 32 9.18 83.64 -10.93
C THR J 32 7.98 82.87 -11.48
N GLU J 33 8.13 82.32 -12.67
CA GLU J 33 7.06 81.55 -13.30
C GLU J 33 7.02 80.12 -12.76
N LEU J 34 5.82 79.68 -12.39
CA LEU J 34 5.64 78.34 -11.85
C LEU J 34 4.90 77.44 -12.83
N VAL J 35 4.76 77.89 -14.07
CA VAL J 35 4.08 77.12 -15.10
C VAL J 35 4.90 77.05 -16.37
N GLN J 36 5.43 75.88 -16.67
CA GLN J 36 6.23 75.68 -17.87
C GLN J 36 5.35 75.86 -19.11
N SER J 37 5.66 76.88 -19.90
CA SER J 37 4.89 77.18 -21.10
C SER J 37 5.67 76.94 -22.39
N SER J 38 6.98 77.05 -22.33
CA SER J 38 7.82 76.85 -23.50
C SER J 38 8.14 75.37 -23.72
N SER J 39 8.67 75.04 -24.88
CA SER J 39 9.01 73.66 -25.21
C SER J 39 10.07 73.60 -26.32
N THR J 40 11.07 72.75 -26.13
CA THR J 40 12.14 72.60 -27.10
C THR J 40 11.55 72.13 -28.44
N GLY J 41 10.55 71.27 -28.36
CA GLY J 41 9.92 70.76 -29.57
C GLY J 41 10.54 69.46 -30.04
N LYS J 42 11.48 68.93 -29.26
CA LYS J 42 12.15 67.68 -29.60
C LYS J 42 12.12 66.71 -28.43
N ILE J 43 11.95 65.43 -28.73
CA ILE J 43 11.91 64.39 -27.70
C ILE J 43 13.32 63.93 -27.34
N CYS J 44 13.72 64.15 -26.09
CA CYS J 44 15.05 63.75 -25.63
C CYS J 44 15.08 62.24 -25.40
N ASN J 45 15.89 61.55 -26.20
CA ASN J 45 16.02 60.10 -26.12
C ASN J 45 16.43 59.56 -24.76
N ASN J 46 17.02 60.40 -23.92
CA ASN J 46 17.44 59.96 -22.59
C ASN J 46 16.71 60.71 -21.48
N PRO J 47 16.59 60.09 -20.30
CA PRO J 47 17.11 58.75 -19.98
C PRO J 47 16.25 57.63 -20.56
N HIS J 48 14.94 57.85 -20.55
CA HIS J 48 13.97 56.88 -21.05
C HIS J 48 14.28 56.45 -22.47
N ARG J 49 14.49 55.15 -22.66
CA ARG J 49 14.78 54.63 -23.99
C ARG J 49 13.56 54.91 -24.86
N ILE J 50 13.74 55.71 -25.89
CA ILE J 50 12.64 56.07 -26.79
C ILE J 50 12.73 55.35 -28.12
N LEU J 51 11.65 54.68 -28.50
CA LEU J 51 11.59 53.95 -29.78
C LEU J 51 10.70 54.68 -30.77
N ASP J 52 11.22 54.90 -31.98
CA ASP J 52 10.46 55.58 -33.01
C ASP J 52 9.91 54.56 -34.00
N GLY J 53 8.61 54.30 -33.93
CA GLY J 53 8.01 53.34 -34.84
C GLY J 53 7.82 53.93 -36.23
N ILE J 54 8.27 55.17 -36.42
CA ILE J 54 8.15 55.87 -37.68
C ILE J 54 6.82 55.53 -38.33
N ASP J 55 6.82 55.25 -39.64
CA ASP J 55 5.61 54.90 -40.34
C ASP J 55 5.15 53.49 -39.98
N CYS J 56 4.90 53.26 -38.69
CA CYS J 56 4.44 51.96 -38.19
C CYS J 56 3.69 52.12 -36.87
N THR J 57 2.64 51.34 -36.70
CA THR J 57 1.84 51.38 -35.48
C THR J 57 2.30 50.23 -34.60
N LEU J 58 2.25 50.42 -33.29
CA LEU J 58 2.66 49.38 -32.35
C LEU J 58 1.99 48.05 -32.69
N ILE J 59 0.79 48.12 -33.24
CA ILE J 59 0.04 46.93 -33.61
C ILE J 59 0.59 46.32 -34.89
N ASP J 60 0.79 47.15 -35.92
CA ASP J 60 1.33 46.67 -37.19
C ASP J 60 2.70 46.05 -36.96
N ALA J 61 3.37 46.49 -35.88
CA ALA J 61 4.68 45.97 -35.54
C ALA J 61 4.48 44.61 -34.88
N LEU J 62 3.52 44.54 -33.95
CA LEU J 62 3.21 43.31 -33.24
C LEU J 62 2.83 42.24 -34.26
N LEU J 63 1.71 42.47 -34.96
CA LEU J 63 1.22 41.55 -35.98
C LEU J 63 2.37 41.07 -36.84
N GLY J 64 3.22 42.00 -37.26
CA GLY J 64 4.36 41.66 -38.10
C GLY J 64 4.16 42.05 -39.55
N ASP J 65 3.88 43.33 -39.77
CA ASP J 65 3.67 43.84 -41.12
C ASP J 65 5.03 43.94 -41.81
N PRO J 66 5.10 43.56 -43.10
CA PRO J 66 6.33 43.60 -43.89
C PRO J 66 7.23 44.82 -43.67
N HIS J 67 6.65 46.02 -43.79
CA HIS J 67 7.41 47.25 -43.61
C HIS J 67 7.74 47.56 -42.15
N CYS J 68 7.21 46.78 -41.22
CA CYS J 68 7.49 47.01 -39.81
C CYS J 68 8.25 45.85 -39.17
N ASP J 69 8.61 44.86 -39.99
CA ASP J 69 9.35 43.70 -39.49
C ASP J 69 10.63 44.12 -38.78
N VAL J 70 11.16 45.28 -39.16
CA VAL J 70 12.38 45.80 -38.55
C VAL J 70 12.22 45.99 -37.04
N PHE J 71 10.97 46.11 -36.60
CA PHE J 71 10.68 46.30 -35.18
C PHE J 71 10.51 45.00 -34.42
N GLN J 72 10.57 43.86 -35.13
CA GLN J 72 10.42 42.58 -34.48
C GLN J 72 11.43 42.40 -33.35
N ASN J 73 11.01 41.69 -32.29
CA ASN J 73 11.88 41.44 -31.15
C ASN J 73 12.42 42.74 -30.57
N GLU J 74 11.61 43.80 -30.64
CA GLU J 74 12.01 45.11 -30.12
C GLU J 74 11.49 45.38 -28.71
N THR J 75 12.31 46.06 -27.93
CA THR J 75 11.95 46.43 -26.57
C THR J 75 11.91 47.95 -26.55
N TRP J 76 11.41 48.53 -25.46
CA TRP J 76 11.32 49.99 -25.39
C TRP J 76 10.83 50.50 -24.04
N ASP J 77 10.95 51.81 -23.84
CA ASP J 77 10.49 52.47 -22.62
C ASP J 77 9.21 53.24 -22.94
N LEU J 78 9.26 53.97 -24.06
CA LEU J 78 8.13 54.77 -24.51
C LEU J 78 8.01 54.70 -26.02
N PHE J 79 7.17 53.80 -26.51
CA PHE J 79 6.96 53.65 -27.94
C PHE J 79 6.22 54.85 -28.52
N VAL J 80 6.92 55.63 -29.34
CA VAL J 80 6.33 56.81 -29.95
C VAL J 80 5.70 56.41 -31.28
N GLU J 81 4.44 56.80 -31.47
CA GLU J 81 3.72 56.47 -32.68
C GLU J 81 3.53 57.70 -33.56
N ARG J 82 4.10 57.65 -34.76
CA ARG J 82 4.01 58.76 -35.70
C ARG J 82 2.70 58.78 -36.47
N SER J 83 2.31 59.97 -36.94
CA SER J 83 1.08 60.12 -37.69
C SER J 83 1.28 59.61 -39.12
N LYS J 84 2.48 59.82 -39.64
CA LYS J 84 2.82 59.39 -40.99
C LYS J 84 2.61 57.89 -41.09
N ALA J 85 2.46 57.25 -39.94
CA ALA J 85 2.25 55.80 -39.86
C ALA J 85 1.18 55.30 -40.82
N PHE J 86 1.15 53.99 -41.02
CA PHE J 86 0.19 53.36 -41.92
C PHE J 86 0.47 51.87 -41.99
N SER J 87 -0.50 51.09 -42.44
CA SER J 87 -0.35 49.65 -42.56
C SER J 87 -0.45 49.24 -44.03
N ASN J 88 0.24 48.16 -44.39
CA ASN J 88 0.23 47.69 -45.77
C ASN J 88 0.19 46.16 -45.87
N CYS J 89 -0.64 45.54 -45.03
CA CYS J 89 -0.77 44.09 -45.03
C CYS J 89 -2.26 43.75 -45.14
N TYR J 90 -2.59 42.45 -45.06
CA TYR J 90 -3.99 42.02 -45.16
C TYR J 90 -4.89 42.81 -44.22
N PRO J 91 -6.02 43.33 -44.75
CA PRO J 91 -6.97 44.11 -43.94
C PRO J 91 -7.41 43.40 -42.67
N TYR J 92 -7.23 44.08 -41.54
CA TYR J 92 -7.60 43.52 -40.24
C TYR J 92 -8.38 44.51 -39.39
N ASP J 93 -9.01 44.00 -38.33
CA ASP J 93 -9.78 44.82 -37.41
C ASP J 93 -9.65 44.19 -36.03
N VAL J 94 -9.08 44.93 -35.09
CA VAL J 94 -8.88 44.42 -33.74
C VAL J 94 -9.97 44.85 -32.78
N PRO J 95 -10.87 43.92 -32.40
CA PRO J 95 -11.95 44.24 -31.48
C PRO J 95 -11.37 44.76 -30.17
N ASP J 96 -11.90 45.88 -29.68
CA ASP J 96 -11.41 46.49 -28.45
C ASP J 96 -9.93 46.82 -28.66
N TYR J 97 -9.62 47.15 -29.92
CA TYR J 97 -8.27 47.51 -30.34
C TYR J 97 -7.49 48.32 -29.31
N ALA J 98 -8.00 49.50 -28.96
CA ALA J 98 -7.35 50.38 -27.99
C ALA J 98 -6.78 49.63 -26.80
N SER J 99 -7.58 48.75 -26.20
CA SER J 99 -7.14 47.98 -25.04
C SER J 99 -5.87 47.21 -25.35
N LEU J 100 -5.93 46.31 -26.32
CA LEU J 100 -4.78 45.50 -26.73
C LEU J 100 -3.55 46.38 -26.90
N ARG J 101 -3.69 47.43 -27.69
CA ARG J 101 -2.59 48.37 -27.94
C ARG J 101 -2.02 48.89 -26.64
N SER J 102 -2.93 49.26 -25.72
CA SER J 102 -2.53 49.78 -24.42
C SER J 102 -1.70 48.79 -23.61
N LEU J 103 -2.21 47.57 -23.48
CA LEU J 103 -1.51 46.53 -22.72
C LEU J 103 -0.14 46.24 -23.31
N VAL J 104 -0.06 46.20 -24.64
CA VAL J 104 1.21 45.94 -25.32
C VAL J 104 2.23 47.00 -24.95
N ALA J 105 1.82 48.26 -25.02
CA ALA J 105 2.69 49.38 -24.69
C ALA J 105 3.15 49.26 -23.24
N SER J 106 2.31 48.66 -22.40
CA SER J 106 2.62 48.49 -20.99
C SER J 106 3.78 47.52 -20.81
N SER J 107 3.77 46.44 -21.59
CA SER J 107 4.82 45.43 -21.51
C SER J 107 6.15 46.06 -21.94
N GLY J 108 6.13 46.76 -23.06
CA GLY J 108 7.34 47.42 -23.55
C GLY J 108 8.29 46.51 -24.31
N THR J 109 7.75 45.49 -24.97
CA THR J 109 8.58 44.57 -25.72
C THR J 109 7.77 43.66 -26.65
N LEU J 110 8.15 43.65 -27.92
CA LEU J 110 7.49 42.80 -28.91
C LEU J 110 8.26 41.50 -29.07
N GLU J 111 9.03 41.18 -28.03
CA GLU J 111 9.84 39.97 -28.00
C GLU J 111 8.98 38.75 -28.32
N PHE J 112 9.19 38.16 -29.50
CA PHE J 112 8.42 37.00 -29.91
C PHE J 112 9.21 35.71 -29.65
N ILE J 113 8.51 34.67 -29.22
CA ILE J 113 9.15 33.39 -28.95
C ILE J 113 8.40 32.28 -29.67
N THR J 114 8.81 32.01 -30.91
CA THR J 114 8.18 30.99 -31.72
C THR J 114 8.09 29.64 -31.03
N GLU J 115 6.90 29.05 -31.00
CA GLU J 115 6.70 27.75 -30.39
C GLU J 115 6.45 26.71 -31.48
N GLY J 116 6.85 25.47 -31.20
CA GLY J 116 6.69 24.41 -32.18
C GLY J 116 5.29 23.85 -32.30
N PHE J 117 4.41 24.59 -32.98
CA PHE J 117 3.04 24.14 -33.18
C PHE J 117 2.99 23.10 -34.30
N THR J 118 2.12 22.11 -34.13
CA THR J 118 1.99 21.04 -35.13
C THR J 118 0.56 20.92 -35.66
N TRP J 119 0.34 21.47 -36.85
CA TRP J 119 -0.98 21.43 -37.47
C TRP J 119 -0.98 20.27 -38.47
N THR J 120 -1.77 19.24 -38.16
CA THR J 120 -1.85 18.06 -39.02
C THR J 120 -2.95 18.13 -40.06
N GLY J 121 -2.71 17.46 -41.20
CA GLY J 121 -3.68 17.43 -42.28
C GLY J 121 -4.14 18.79 -42.79
N VAL J 122 -3.26 19.78 -42.73
CA VAL J 122 -3.62 21.11 -43.21
C VAL J 122 -2.39 21.90 -43.66
N THR J 123 -2.53 22.66 -44.74
CA THR J 123 -1.44 23.46 -45.28
C THR J 123 -1.11 24.61 -44.33
N GLN J 124 0.12 25.11 -44.41
CA GLN J 124 0.56 26.21 -43.57
C GLN J 124 1.27 27.31 -44.35
N ASN J 125 1.59 28.40 -43.66
CA ASN J 125 2.29 29.52 -44.27
C ASN J 125 1.58 30.09 -45.49
N GLY J 126 0.30 30.43 -45.34
CA GLY J 126 -0.45 30.99 -46.44
C GLY J 126 -0.08 32.44 -46.69
N GLY J 127 -0.21 32.87 -47.94
CA GLY J 127 0.13 34.25 -48.26
C GLY J 127 -0.79 34.87 -49.30
N SER J 128 -0.72 36.20 -49.42
CA SER J 128 -1.56 36.92 -50.38
C SER J 128 -0.82 38.15 -50.91
N ASN J 129 -1.36 38.74 -51.96
CA ASN J 129 -0.76 39.92 -52.59
C ASN J 129 -0.82 41.15 -51.69
N ALA J 130 -1.96 41.34 -51.03
CA ALA J 130 -2.16 42.48 -50.14
C ALA J 130 -0.98 42.69 -49.20
N CYS J 131 -0.39 41.59 -48.76
CA CYS J 131 0.75 41.65 -47.84
C CYS J 131 1.97 41.02 -48.49
N LYS J 132 2.65 41.78 -49.35
CA LYS J 132 3.83 41.28 -50.05
C LYS J 132 5.13 41.61 -49.34
N ARG J 133 5.86 40.56 -48.97
CA ARG J 133 7.15 40.73 -48.30
C ARG J 133 8.23 40.57 -49.38
N GLY J 134 8.58 41.70 -50.00
CA GLY J 134 9.57 41.69 -51.06
C GLY J 134 8.86 41.51 -52.39
N PRO J 135 9.49 40.86 -53.37
CA PRO J 135 8.84 40.67 -54.68
C PRO J 135 7.67 39.68 -54.58
N GLY J 136 7.92 38.52 -53.99
CA GLY J 136 6.89 37.52 -53.85
C GLY J 136 5.93 37.87 -52.72
N SER J 137 4.68 37.43 -52.86
CA SER J 137 3.66 37.70 -51.85
C SER J 137 4.09 37.20 -50.47
N GLY J 138 3.30 37.54 -49.45
CA GLY J 138 3.61 37.12 -48.10
C GLY J 138 2.44 37.22 -47.15
N PHE J 139 2.73 37.31 -45.86
CA PHE J 139 1.68 37.40 -44.84
C PHE J 139 2.29 37.97 -43.55
N PHE J 140 1.55 37.91 -42.46
CA PHE J 140 2.03 38.41 -41.17
C PHE J 140 3.16 37.54 -40.63
N SER J 141 4.11 38.16 -39.94
CA SER J 141 5.27 37.46 -39.39
C SER J 141 4.96 36.56 -38.19
N ARG J 142 4.38 37.13 -37.15
CA ARG J 142 4.06 36.36 -35.95
C ARG J 142 2.76 35.59 -36.16
N LEU J 143 2.24 35.63 -37.38
CA LEU J 143 1.01 34.94 -37.73
C LEU J 143 1.23 33.89 -38.81
N ASN J 144 0.28 32.97 -38.92
CA ASN J 144 0.34 31.90 -39.91
C ASN J 144 -1.04 31.63 -40.48
N TRP J 145 -1.15 31.64 -41.81
CA TRP J 145 -2.42 31.38 -42.47
C TRP J 145 -2.58 29.88 -42.64
N VAL J 146 -3.68 29.34 -42.12
CA VAL J 146 -3.95 27.91 -42.21
C VAL J 146 -4.95 27.62 -43.32
N THR J 147 -4.44 27.14 -44.45
CA THR J 147 -5.28 26.82 -45.60
C THR J 147 -5.49 25.30 -45.68
N LYS J 148 -6.67 24.90 -46.17
CA LYS J 148 -6.99 23.48 -46.30
C LYS J 148 -5.93 22.71 -47.07
N SER J 149 -5.74 21.45 -46.68
CA SER J 149 -4.76 20.58 -47.32
C SER J 149 -5.48 19.57 -48.20
N GLY J 150 -5.09 19.50 -49.47
CA GLY J 150 -5.73 18.57 -50.38
C GLY J 150 -7.20 18.90 -50.54
N SER J 151 -8.06 17.92 -50.26
CA SER J 151 -9.49 18.11 -50.37
C SER J 151 -10.21 18.15 -49.03
N THR J 152 -9.45 18.29 -47.95
CA THR J 152 -10.05 18.32 -46.61
C THR J 152 -9.40 19.24 -45.59
N TYR J 153 -10.22 19.71 -44.66
CA TYR J 153 -9.76 20.58 -43.57
C TYR J 153 -10.20 19.92 -42.27
N PRO J 154 -9.41 18.95 -41.79
CA PRO J 154 -9.76 18.26 -40.55
C PRO J 154 -9.85 19.25 -39.40
N VAL J 155 -10.82 19.03 -38.51
CA VAL J 155 -10.97 19.92 -37.36
C VAL J 155 -9.64 19.93 -36.63
N LEU J 156 -8.91 21.04 -36.74
CA LEU J 156 -7.62 21.15 -36.08
C LEU J 156 -7.80 21.29 -34.58
N ASN J 157 -7.03 20.52 -33.82
CA ASN J 157 -7.09 20.55 -32.37
C ASN J 157 -5.71 20.28 -31.79
N VAL J 158 -5.12 21.30 -31.18
CA VAL J 158 -3.80 21.18 -30.58
C VAL J 158 -3.81 21.76 -29.17
N THR J 159 -2.65 21.79 -28.54
CA THR J 159 -2.51 22.32 -27.19
C THR J 159 -1.10 22.83 -26.94
N MET J 160 -0.96 23.71 -25.95
CA MET J 160 0.34 24.27 -25.61
C MET J 160 0.37 24.69 -24.14
N PRO J 161 1.18 24.01 -23.33
CA PRO J 161 1.32 24.30 -21.90
C PRO J 161 2.26 25.47 -21.61
N ASN J 162 2.00 26.16 -20.51
CA ASN J 162 2.83 27.30 -20.13
C ASN J 162 3.71 26.93 -18.94
N ASN J 163 4.70 26.09 -19.18
CA ASN J 163 5.62 25.66 -18.14
C ASN J 163 6.32 26.87 -17.54
N ASP J 164 6.74 27.78 -18.42
CA ASP J 164 7.42 29.00 -18.02
C ASP J 164 6.64 29.73 -16.93
N ASN J 165 7.37 30.44 -16.07
CA ASN J 165 6.76 31.17 -14.96
C ASN J 165 6.27 32.57 -15.31
N PHE J 166 6.39 32.96 -16.58
CA PHE J 166 5.94 34.28 -17.01
C PHE J 166 4.69 34.19 -17.88
N ASP J 167 3.86 35.22 -17.83
CA ASP J 167 2.62 35.25 -18.60
C ASP J 167 2.89 35.25 -20.11
N LYS J 168 2.17 34.39 -20.83
CA LYS J 168 2.31 34.29 -22.27
C LYS J 168 1.19 35.04 -22.98
N LEU J 169 1.52 35.65 -24.11
CA LEU J 169 0.53 36.40 -24.89
C LEU J 169 0.48 35.90 -26.32
N TYR J 170 -0.53 35.08 -26.62
CA TYR J 170 -0.70 34.55 -27.97
C TYR J 170 -1.65 35.41 -28.78
N ILE J 171 -1.19 35.89 -29.92
CA ILE J 171 -2.01 36.72 -30.79
C ILE J 171 -2.51 35.91 -31.98
N TRP J 172 -3.81 35.72 -32.07
CA TRP J 172 -4.41 34.96 -33.16
C TRP J 172 -5.46 35.79 -33.89
N GLY J 173 -6.20 35.14 -34.78
CA GLY J 173 -7.23 35.83 -35.53
C GLY J 173 -8.14 34.91 -36.32
N VAL J 174 -9.21 35.47 -36.85
CA VAL J 174 -10.18 34.70 -37.63
C VAL J 174 -10.36 35.39 -38.98
N HIS J 175 -10.56 34.61 -40.03
CA HIS J 175 -10.74 35.15 -41.37
C HIS J 175 -12.22 35.26 -41.74
N HIS J 176 -12.58 36.37 -42.37
CA HIS J 176 -13.95 36.60 -42.80
C HIS J 176 -14.07 36.58 -44.31
N PRO J 177 -14.33 35.38 -44.89
CA PRO J 177 -14.47 35.21 -46.33
C PRO J 177 -15.44 36.20 -46.94
N SER J 178 -15.09 36.73 -48.11
CA SER J 178 -15.95 37.69 -48.80
C SER J 178 -17.03 36.98 -49.60
N THR J 179 -16.80 35.71 -49.92
CA THR J 179 -17.76 34.92 -50.68
C THR J 179 -17.83 33.48 -50.16
N ASN J 180 -18.88 32.77 -50.53
CA ASN J 180 -19.07 31.38 -50.11
C ASN J 180 -18.06 30.47 -50.79
N GLN J 181 -17.83 30.69 -52.08
CA GLN J 181 -16.87 29.89 -52.84
C GLN J 181 -15.48 30.04 -52.24
N GLU J 182 -15.13 31.25 -51.82
CA GLU J 182 -13.83 31.51 -51.21
C GLU J 182 -13.74 30.73 -49.90
N GLN J 183 -14.86 30.70 -49.17
CA GLN J 183 -14.97 29.99 -47.90
C GLN J 183 -14.82 28.49 -48.11
N THR J 184 -15.71 27.92 -48.91
CA THR J 184 -15.71 26.49 -49.19
C THR J 184 -14.44 26.04 -49.88
N SER J 185 -13.77 26.96 -50.57
CA SER J 185 -12.53 26.63 -51.28
C SER J 185 -11.32 26.68 -50.36
N LEU J 186 -11.16 27.81 -49.66
CA LEU J 186 -10.04 27.99 -48.75
C LEU J 186 -10.21 27.25 -47.43
N TYR J 187 -11.44 26.92 -47.06
CA TYR J 187 -11.71 26.25 -45.79
C TYR J 187 -12.58 25.00 -45.86
N VAL J 188 -12.81 24.50 -47.06
CA VAL J 188 -13.64 23.30 -47.20
C VAL J 188 -15.04 23.59 -46.67
N GLN J 189 -15.47 22.87 -45.64
CA GLN J 189 -16.81 23.09 -45.08
C GLN J 189 -17.10 24.59 -45.04
N ALA J 190 -18.26 24.97 -45.57
CA ALA J 190 -18.68 26.37 -45.64
C ALA J 190 -18.81 27.09 -44.30
N SER J 191 -18.93 26.35 -43.20
CA SER J 191 -19.08 26.98 -41.90
C SER J 191 -17.81 26.88 -41.05
N GLY J 192 -17.05 27.96 -41.01
CA GLY J 192 -15.82 27.98 -40.22
C GLY J 192 -16.12 28.23 -38.76
N ARG J 193 -15.11 28.07 -37.91
CA ARG J 193 -15.27 28.27 -36.48
C ARG J 193 -13.95 28.16 -35.72
N VAL J 194 -13.69 29.14 -34.87
CA VAL J 194 -12.46 29.16 -34.07
C VAL J 194 -12.84 29.08 -32.60
N THR J 195 -12.10 28.30 -31.82
CA THR J 195 -12.39 28.15 -30.41
C THR J 195 -11.16 28.11 -29.52
N VAL J 196 -10.53 29.27 -29.32
CA VAL J 196 -9.35 29.35 -28.46
C VAL J 196 -9.85 29.33 -27.02
N SER J 197 -9.16 28.59 -26.15
CA SER J 197 -9.58 28.51 -24.77
C SER J 197 -8.45 28.11 -23.82
N THR J 198 -8.51 28.67 -22.61
CA THR J 198 -7.51 28.38 -21.59
C THR J 198 -8.23 27.73 -20.42
N ARG J 199 -7.46 27.27 -19.44
CA ARG J 199 -8.03 26.62 -18.27
C ARG J 199 -8.86 27.62 -17.46
N ARG J 200 -8.71 28.90 -17.76
CA ARG J 200 -9.45 29.96 -17.06
C ARG J 200 -10.63 30.49 -17.89
N SER J 201 -10.33 31.10 -19.03
CA SER J 201 -11.38 31.65 -19.88
C SER J 201 -11.59 30.84 -21.15
N GLN J 202 -12.59 31.23 -21.92
CA GLN J 202 -12.94 30.56 -23.17
C GLN J 202 -13.40 31.59 -24.20
N GLN J 203 -12.92 31.46 -25.43
CA GLN J 203 -13.29 32.38 -26.50
C GLN J 203 -13.58 31.63 -27.79
N THR J 204 -14.73 31.91 -28.39
CA THR J 204 -15.12 31.25 -29.63
C THR J 204 -15.66 32.28 -30.63
N ILE J 205 -15.11 32.28 -31.84
CA ILE J 205 -15.53 33.22 -32.87
C ILE J 205 -16.05 32.47 -34.10
N ILE J 206 -16.98 33.10 -34.81
CA ILE J 206 -17.56 32.51 -36.00
C ILE J 206 -17.34 33.44 -37.20
N PRO J 207 -16.82 32.90 -38.31
CA PRO J 207 -16.56 33.71 -39.52
C PRO J 207 -17.84 34.32 -40.08
N ASN J 208 -17.72 35.54 -40.60
CA ASN J 208 -18.87 36.23 -41.17
C ASN J 208 -18.70 36.47 -42.66
N ILE J 209 -19.14 35.51 -43.46
CA ILE J 209 -19.04 35.60 -44.91
C ILE J 209 -19.87 36.77 -45.42
N GLY J 210 -19.31 37.54 -46.36
CA GLY J 210 -20.01 38.67 -46.91
C GLY J 210 -19.05 39.67 -47.53
N SER J 211 -19.50 40.37 -48.56
CA SER J 211 -18.67 41.35 -49.24
C SER J 211 -18.60 42.63 -48.41
N ARG J 212 -17.44 43.27 -48.39
CA ARG J 212 -17.25 44.49 -47.62
C ARG J 212 -16.31 45.46 -48.34
N PRO J 213 -16.20 46.71 -47.84
CA PRO J 213 -15.33 47.72 -48.46
C PRO J 213 -14.01 47.17 -48.95
N TRP J 214 -13.73 47.40 -50.24
CA TRP J 214 -12.50 46.92 -50.86
C TRP J 214 -11.29 47.68 -50.32
N VAL J 215 -10.26 46.93 -49.95
CA VAL J 215 -9.02 47.49 -49.42
C VAL J 215 -7.81 46.72 -49.94
N ARG J 216 -6.79 47.45 -50.38
CA ARG J 216 -5.58 46.84 -50.90
C ARG J 216 -5.86 45.68 -51.85
N GLY J 217 -7.02 45.73 -52.50
CA GLY J 217 -7.38 44.69 -53.45
C GLY J 217 -8.08 43.49 -52.84
N LEU J 218 -8.73 43.67 -51.70
CA LEU J 218 -9.42 42.58 -51.04
C LEU J 218 -10.73 43.00 -50.38
N SER J 219 -11.76 42.18 -50.58
CA SER J 219 -13.07 42.44 -50.01
C SER J 219 -13.27 41.56 -48.78
N SER J 220 -12.17 41.05 -48.25
CA SER J 220 -12.20 40.18 -47.08
C SER J 220 -11.50 40.86 -45.91
N ARG J 221 -11.59 40.24 -44.73
CA ARG J 221 -10.97 40.80 -43.53
C ARG J 221 -10.45 39.72 -42.59
N ILE J 222 -9.74 40.15 -41.55
CA ILE J 222 -9.17 39.25 -40.54
C ILE J 222 -9.34 39.87 -39.16
N SER J 223 -10.14 39.23 -38.31
CA SER J 223 -10.35 39.74 -36.95
C SER J 223 -9.24 39.29 -36.03
N ILE J 224 -8.66 40.25 -35.31
CA ILE J 224 -7.58 39.97 -34.38
C ILE J 224 -8.08 39.75 -32.96
N TYR J 225 -7.64 38.64 -32.35
CA TYR J 225 -8.03 38.31 -30.99
C TYR J 225 -6.81 37.84 -30.21
N TRP J 226 -6.68 38.32 -28.98
CA TRP J 226 -5.54 37.97 -28.13
C TRP J 226 -6.00 37.20 -26.90
N THR J 227 -5.19 36.24 -26.48
CA THR J 227 -5.51 35.42 -25.32
C THR J 227 -4.28 35.23 -24.44
N ILE J 228 -4.31 35.81 -23.25
CA ILE J 228 -3.20 35.71 -22.31
C ILE J 228 -3.25 34.38 -21.55
N VAL J 229 -2.10 33.74 -21.41
CA VAL J 229 -2.01 32.46 -20.71
C VAL J 229 -1.10 32.58 -19.48
N LYS J 230 -1.71 32.57 -18.30
CA LYS J 230 -0.95 32.68 -17.06
C LYS J 230 -0.09 31.45 -16.79
N PRO J 231 0.94 31.60 -15.93
CA PRO J 231 1.86 30.53 -15.56
C PRO J 231 1.14 29.26 -15.08
N GLY J 232 1.63 28.11 -15.52
CA GLY J 232 1.02 26.85 -15.12
C GLY J 232 -0.21 26.51 -15.96
N ASP J 233 -0.97 27.52 -16.33
CA ASP J 233 -2.17 27.33 -17.12
C ASP J 233 -1.78 26.84 -18.51
N VAL J 234 -2.75 26.31 -19.26
CA VAL J 234 -2.48 25.79 -20.59
C VAL J 234 -3.40 26.40 -21.65
N LEU J 235 -2.92 26.45 -22.89
CA LEU J 235 -3.69 26.99 -23.99
C LEU J 235 -4.19 25.89 -24.92
N VAL J 236 -5.32 26.12 -25.56
CA VAL J 236 -5.92 25.15 -26.48
C VAL J 236 -6.61 25.85 -27.63
N ILE J 237 -6.55 25.24 -28.81
CA ILE J 237 -7.17 25.81 -30.01
C ILE J 237 -7.95 24.73 -30.75
N ASN J 238 -9.26 24.89 -30.84
CA ASN J 238 -10.10 23.93 -31.53
C ASN J 238 -10.92 24.63 -32.62
N SER J 239 -10.31 24.83 -33.78
CA SER J 239 -10.97 25.49 -34.90
C SER J 239 -11.37 24.53 -36.00
N ASN J 240 -12.49 24.82 -36.65
CA ASN J 240 -12.99 23.98 -37.74
C ASN J 240 -12.44 24.54 -39.04
N GLY J 241 -12.05 25.82 -39.00
CA GLY J 241 -11.50 26.48 -40.18
C GLY J 241 -11.48 27.98 -40.00
N ASN J 242 -11.07 28.70 -41.04
CA ASN J 242 -11.01 30.15 -40.98
C ASN J 242 -10.14 30.60 -39.83
N LEU J 243 -9.25 29.71 -39.39
CA LEU J 243 -8.34 30.00 -38.28
C LEU J 243 -7.05 30.66 -38.73
N ILE J 244 -6.52 31.52 -37.87
CA ILE J 244 -5.27 32.23 -38.13
C ILE J 244 -4.36 32.00 -36.92
N ALA J 245 -3.87 30.77 -36.80
CA ALA J 245 -3.01 30.39 -35.68
C ALA J 245 -1.68 31.13 -35.66
N PRO J 246 -1.22 31.50 -34.46
CA PRO J 246 0.04 32.22 -34.26
C PRO J 246 1.22 31.26 -34.26
N ARG J 247 2.43 31.78 -34.47
CA ARG J 247 3.62 30.95 -34.49
C ARG J 247 4.24 30.84 -33.09
N GLY J 248 3.75 31.65 -32.16
CA GLY J 248 4.26 31.63 -30.81
C GLY J 248 3.57 32.63 -29.90
N TYR J 249 4.31 33.17 -28.93
CA TYR J 249 3.76 34.14 -27.99
C TYR J 249 4.71 35.30 -27.76
N PHE J 250 4.36 36.17 -26.81
CA PHE J 250 5.18 37.32 -26.47
C PHE J 250 5.40 37.35 -24.96
N LYS J 251 6.65 37.53 -24.55
CA LYS J 251 7.00 37.56 -23.14
C LYS J 251 6.53 38.87 -22.49
N MET J 252 5.30 38.86 -21.97
CA MET J 252 4.72 40.02 -21.34
C MET J 252 5.49 40.41 -20.08
N ARG J 253 5.76 41.70 -19.93
CA ARG J 253 6.48 42.21 -18.77
C ARG J 253 5.69 43.31 -18.09
N THR J 254 6.02 43.58 -16.82
CA THR J 254 5.35 44.62 -16.05
C THR J 254 6.32 45.77 -15.83
N GLY J 255 6.22 46.80 -16.68
CA GLY J 255 7.12 47.93 -16.54
C GLY J 255 6.49 49.29 -16.77
N LYS J 256 7.32 50.32 -16.65
CA LYS J 256 6.90 51.71 -16.83
C LYS J 256 6.62 52.00 -18.30
N SER J 257 6.79 50.98 -19.13
CA SER J 257 6.58 51.11 -20.57
C SER J 257 5.17 51.57 -20.93
N SER J 258 5.10 52.51 -21.86
CA SER J 258 3.83 53.07 -22.33
C SER J 258 3.98 53.60 -23.75
N ILE J 259 2.89 54.11 -24.31
CA ILE J 259 2.91 54.66 -25.66
C ILE J 259 2.29 56.05 -25.71
N MET J 260 2.92 56.95 -26.46
CA MET J 260 2.42 58.31 -26.60
C MET J 260 2.37 58.68 -28.09
N ARG J 261 1.33 59.39 -28.50
CA ARG J 261 1.18 59.78 -29.89
C ARG J 261 1.81 61.15 -30.16
N SER J 262 2.69 61.21 -31.15
CA SER J 262 3.38 62.45 -31.50
C SER J 262 4.32 62.27 -32.69
N ASP J 263 4.54 63.37 -33.42
CA ASP J 263 5.44 63.36 -34.58
C ASP J 263 6.69 64.16 -34.25
N ALA J 264 6.80 64.61 -33.00
CA ALA J 264 7.93 65.40 -32.55
C ALA J 264 9.29 64.80 -32.88
N PRO J 265 10.25 65.65 -33.28
CA PRO J 265 11.60 65.20 -33.62
C PRO J 265 12.29 64.60 -32.40
N ILE J 266 13.30 63.76 -32.64
CA ILE J 266 14.03 63.12 -31.55
C ILE J 266 15.49 63.55 -31.54
N ASP J 267 15.81 64.58 -30.77
CA ASP J 267 17.18 65.07 -30.69
C ASP J 267 17.87 64.42 -29.50
N THR J 268 19.18 64.19 -29.64
CA THR J 268 19.95 63.57 -28.57
C THR J 268 20.06 64.52 -27.38
N CYS J 269 19.52 64.10 -26.25
CA CYS J 269 19.54 64.90 -25.03
C CYS J 269 18.92 64.14 -23.85
N ILE J 270 19.13 64.66 -22.66
CA ILE J 270 18.58 64.05 -21.44
C ILE J 270 17.51 64.96 -20.85
N SER J 271 16.32 64.40 -20.65
CA SER J 271 15.20 65.16 -20.08
C SER J 271 14.19 64.20 -19.48
N GLU J 272 13.97 64.31 -18.17
CA GLU J 272 13.03 63.45 -17.46
C GLU J 272 11.60 63.55 -17.97
N CYS J 273 11.17 64.73 -18.37
CA CYS J 273 9.80 64.88 -18.85
C CYS J 273 9.68 64.83 -20.38
N ILE J 274 8.66 64.12 -20.84
CA ILE J 274 8.39 63.95 -22.27
C ILE J 274 6.93 64.27 -22.57
N THR J 275 6.70 65.09 -23.60
CA THR J 275 5.35 65.47 -23.97
C THR J 275 5.20 65.38 -25.50
N PRO J 276 3.95 65.28 -25.98
CA PRO J 276 3.72 65.21 -27.43
C PRO J 276 4.28 66.42 -28.16
N ASN J 277 4.67 67.43 -27.39
CA ASN J 277 5.24 68.65 -27.95
C ASN J 277 6.75 68.66 -27.80
N GLY J 278 7.29 67.58 -27.26
CA GLY J 278 8.71 67.48 -27.06
C GLY J 278 9.06 67.68 -25.60
N SER J 279 10.05 66.93 -25.12
CA SER J 279 10.50 67.01 -23.74
C SER J 279 10.51 68.44 -23.22
N ILE J 280 10.24 68.61 -21.94
CA ILE J 280 10.25 69.94 -21.33
C ILE J 280 10.90 69.87 -19.94
N PRO J 281 11.50 70.98 -19.49
CA PRO J 281 12.15 71.01 -18.18
C PRO J 281 11.13 70.84 -17.05
N ASN J 282 11.51 70.07 -16.03
CA ASN J 282 10.63 69.83 -14.90
C ASN J 282 11.10 70.57 -13.64
N ASP J 283 11.54 71.81 -13.82
CA ASP J 283 12.01 72.62 -12.70
C ASP J 283 10.83 73.30 -12.02
N LYS J 284 9.79 73.57 -12.78
CA LYS J 284 8.60 74.23 -12.27
C LYS J 284 7.59 73.21 -11.74
N PRO J 285 6.63 73.66 -10.91
CA PRO J 285 5.61 72.78 -10.33
C PRO J 285 4.54 72.35 -11.33
N PHE J 286 4.11 73.26 -12.18
CA PHE J 286 3.07 72.97 -13.16
C PHE J 286 3.54 73.31 -14.57
N GLN J 287 2.68 73.05 -15.55
CA GLN J 287 2.98 73.34 -16.95
C GLN J 287 1.69 73.45 -17.77
N ASN J 288 1.79 74.09 -18.93
CA ASN J 288 0.61 74.26 -19.79
C ASN J 288 0.88 73.79 -21.22
N VAL J 289 1.89 72.95 -21.38
CA VAL J 289 2.25 72.43 -22.69
C VAL J 289 1.20 71.45 -23.22
N ASN J 290 0.97 70.37 -22.47
CA ASN J 290 0.00 69.36 -22.87
C ASN J 290 -0.42 68.49 -21.70
N LYS J 291 -1.64 67.98 -21.74
CA LYS J 291 -2.18 67.14 -20.68
C LYS J 291 -1.50 65.77 -20.63
N ILE J 292 -1.13 65.25 -21.81
CA ILE J 292 -0.47 63.96 -21.90
C ILE J 292 0.98 64.14 -21.49
N THR J 293 1.43 63.35 -20.50
CA THR J 293 2.81 63.45 -20.02
C THR J 293 3.44 62.08 -19.86
N TYR J 294 4.71 62.07 -19.45
CA TYR J 294 5.45 60.84 -19.24
C TYR J 294 6.66 61.11 -18.36
N GLY J 295 6.86 60.26 -17.36
CA GLY J 295 7.98 60.44 -16.45
C GLY J 295 7.68 61.55 -15.47
N ALA J 296 8.73 62.15 -14.92
CA ALA J 296 8.56 63.23 -13.95
C ALA J 296 8.22 64.54 -14.66
N CYS J 297 6.96 64.93 -14.60
CA CYS J 297 6.52 66.17 -15.23
C CYS J 297 5.67 67.01 -14.28
N PRO J 298 5.61 68.33 -14.52
CA PRO J 298 4.83 69.24 -13.68
C PRO J 298 3.33 69.04 -13.92
N LYS J 299 2.52 69.36 -12.91
CA LYS J 299 1.06 69.22 -13.02
C LYS J 299 0.54 70.07 -14.18
N TYR J 300 -0.33 69.50 -15.00
CA TYR J 300 -0.90 70.24 -16.13
C TYR J 300 -2.09 71.08 -15.70
N VAL J 301 -1.82 72.33 -15.33
CA VAL J 301 -2.88 73.24 -14.90
C VAL J 301 -3.42 74.00 -16.12
N LYS J 302 -4.58 74.62 -15.96
CA LYS J 302 -5.18 75.37 -17.05
C LYS J 302 -4.47 76.69 -17.30
N GLN J 303 -4.17 77.41 -16.21
CA GLN J 303 -3.49 78.70 -16.32
C GLN J 303 -2.18 78.52 -17.09
N ASN J 304 -1.90 79.47 -17.98
CA ASN J 304 -0.67 79.42 -18.76
C ASN J 304 0.47 80.11 -18.04
N THR J 305 0.16 80.76 -16.93
CA THR J 305 1.17 81.47 -16.15
C THR J 305 0.73 81.75 -14.72
N LEU J 306 1.70 81.71 -13.80
CA LEU J 306 1.45 81.97 -12.38
C LEU J 306 2.70 82.56 -11.76
N LYS J 307 2.66 83.86 -11.47
CA LYS J 307 3.80 84.56 -10.88
C LYS J 307 3.85 84.41 -9.36
N LEU J 308 4.94 83.81 -8.88
CA LEU J 308 5.13 83.62 -7.44
C LEU J 308 6.07 84.66 -6.86
N ALA J 309 5.64 85.31 -5.79
CA ALA J 309 6.44 86.33 -5.14
C ALA J 309 7.67 85.71 -4.49
N THR J 310 8.84 86.04 -5.02
CA THR J 310 10.09 85.50 -4.49
C THR J 310 10.79 86.60 -3.70
N GLY J 311 10.69 87.83 -4.20
CA GLY J 311 11.32 88.95 -3.54
C GLY J 311 10.38 89.59 -2.53
N MET J 312 10.81 90.72 -1.98
CA MET J 312 10.01 91.45 -1.00
C MET J 312 9.01 92.35 -1.71
N ARG J 313 7.96 92.76 -1.00
CA ARG J 313 6.96 93.64 -1.58
C ARG J 313 7.69 94.97 -1.76
N ASN J 314 7.58 95.55 -2.95
CA ASN J 314 8.30 96.79 -3.21
C ASN J 314 7.49 98.07 -3.28
N VAL J 315 7.86 99.03 -2.43
CA VAL J 315 7.23 100.35 -2.44
C VAL J 315 8.29 101.22 -3.10
N PRO J 316 8.28 101.26 -4.44
CA PRO J 316 9.25 102.05 -5.21
C PRO J 316 9.09 103.55 -5.02
N GLU J 317 10.00 104.32 -5.62
CA GLU J 317 10.02 105.78 -5.52
C GLU J 317 10.64 106.20 -4.20
N LYS J 318 11.04 107.45 -4.10
CA LYS J 318 11.68 107.93 -2.87
C LYS J 318 11.41 109.40 -2.58
N GLN J 319 11.42 109.75 -1.30
CA GLN J 319 11.20 111.13 -0.91
C GLN J 319 12.41 111.90 -1.43
N THR J 320 13.58 111.27 -1.31
CA THR J 320 14.82 111.86 -1.79
C THR J 320 14.94 113.30 -1.32
N ARG J 321 14.52 113.53 -0.08
CA ARG J 321 14.53 114.88 0.45
C ARG J 321 15.75 115.77 0.23
N GLY J 322 15.45 116.85 -0.47
CA GLY J 322 16.38 117.89 -0.83
C GLY J 322 17.88 117.71 -0.95
N LEU J 323 18.54 118.75 -0.49
CA LEU J 323 19.97 118.89 -0.49
C LEU J 323 20.47 118.06 0.68
N PHE J 324 20.12 118.50 1.88
CA PHE J 324 20.49 117.77 3.08
C PHE J 324 19.46 116.65 3.14
N GLY J 325 19.93 115.42 3.32
CA GLY J 325 19.03 114.28 3.36
C GLY J 325 18.49 113.98 4.74
N ALA J 326 17.17 114.03 4.88
CA ALA J 326 16.52 113.74 6.16
C ALA J 326 16.83 112.32 6.60
N ILE J 327 17.14 111.47 5.61
CA ILE J 327 17.46 110.07 5.86
C ILE J 327 16.23 109.36 6.43
N ALA J 328 15.08 110.02 6.31
CA ALA J 328 13.79 109.52 6.78
C ALA J 328 13.65 107.99 6.73
N GLY J 329 12.98 107.45 7.75
CA GLY J 329 12.77 106.01 7.82
C GLY J 329 11.94 105.45 6.69
N PHE J 330 12.10 104.15 6.44
CA PHE J 330 11.39 103.48 5.36
C PHE J 330 9.93 103.88 5.19
N ILE J 331 9.07 103.50 6.13
CA ILE J 331 7.65 103.83 6.08
C ILE J 331 7.10 103.74 4.64
N GLU J 332 7.02 104.88 3.96
CA GLU J 332 6.49 104.92 2.60
C GLU J 332 7.54 104.94 1.50
N ASN J 333 8.69 104.33 1.74
CA ASN J 333 9.73 104.30 0.71
C ASN J 333 10.82 103.25 0.94
N GLY J 334 11.35 102.74 -0.16
CA GLY J 334 12.41 101.76 -0.10
C GLY J 334 13.66 102.43 -0.62
N TRP J 335 14.83 102.01 -0.13
CA TRP J 335 16.07 102.64 -0.56
C TRP J 335 16.74 101.94 -1.73
N GLU J 336 16.45 102.41 -2.95
CA GLU J 336 17.05 101.82 -4.15
C GLU J 336 18.56 101.94 -4.07
N GLY J 337 19.04 102.73 -3.11
CA GLY J 337 20.47 102.91 -2.93
C GLY J 337 21.10 101.71 -2.27
N MET J 338 20.44 101.19 -1.23
CA MET J 338 20.95 100.02 -0.52
C MET J 338 20.97 98.82 -1.45
N ILE J 339 22.17 98.32 -1.74
CA ILE J 339 22.32 97.18 -2.63
C ILE J 339 23.20 96.10 -1.99
N ASP J 340 23.31 96.14 -0.67
CA ASP J 340 24.11 95.18 0.07
C ASP J 340 23.27 94.31 0.99
N GLY J 341 21.95 94.47 0.91
CA GLY J 341 21.06 93.67 1.75
C GLY J 341 19.60 94.03 1.57
N TRP J 342 18.75 93.41 2.38
CA TRP J 342 17.31 93.66 2.33
C TRP J 342 16.89 94.70 3.36
N TYR J 343 17.59 94.69 4.51
CA TYR J 343 17.29 95.63 5.58
C TYR J 343 18.58 96.26 6.09
N GLY J 344 18.61 97.58 6.17
CA GLY J 344 19.79 98.26 6.64
C GLY J 344 19.48 99.49 7.48
N PHE J 345 20.52 100.14 7.99
CA PHE J 345 20.33 101.33 8.81
C PHE J 345 21.02 102.54 8.22
N ARG J 346 20.48 103.71 8.49
CA ARG J 346 21.03 104.96 8.00
C ARG J 346 21.15 105.97 9.13
N HIS J 347 22.38 106.26 9.52
CA HIS J 347 22.65 107.20 10.60
C HIS J 347 22.93 108.61 10.07
N GLN J 348 22.49 109.61 10.83
CA GLN J 348 22.68 111.00 10.47
C GLN J 348 23.29 111.73 11.67
N ASN J 349 24.50 111.33 12.04
CA ASN J 349 25.20 111.92 13.16
C ASN J 349 25.95 113.18 12.76
N SER J 350 26.61 113.81 13.73
CA SER J 350 27.37 115.02 13.48
C SER J 350 28.51 114.79 12.49
N GLU J 351 29.03 113.57 12.44
CA GLU J 351 30.12 113.24 11.54
C GLU J 351 29.65 113.16 10.09
N GLY J 352 28.32 113.15 9.90
CA GLY J 352 27.77 113.08 8.57
C GLY J 352 26.73 111.99 8.41
N THR J 353 26.63 111.44 7.21
CA THR J 353 25.66 110.39 6.92
C THR J 353 26.37 109.05 6.67
N GLY J 354 25.58 107.98 6.64
CA GLY J 354 26.13 106.66 6.41
C GLY J 354 25.06 105.60 6.36
N GLN J 355 25.37 104.47 5.72
CA GLN J 355 24.42 103.38 5.58
C GLN J 355 25.09 102.02 5.79
N ALA J 356 24.37 101.10 6.42
CA ALA J 356 24.88 99.77 6.69
C ALA J 356 23.72 98.77 6.77
N ALA J 357 23.81 97.69 6.02
CA ALA J 357 22.76 96.67 6.01
C ALA J 357 22.99 95.61 7.08
N ASP J 358 21.92 95.29 7.81
CA ASP J 358 21.97 94.29 8.87
C ASP J 358 21.74 92.90 8.27
N LEU J 359 22.83 92.16 8.07
CA LEU J 359 22.76 90.82 7.51
C LEU J 359 21.87 89.88 8.30
N LYS J 360 21.87 90.04 9.63
CA LYS J 360 21.06 89.20 10.51
C LYS J 360 19.60 89.17 10.06
N SER J 361 18.94 90.31 10.15
CA SER J 361 17.54 90.43 9.76
C SER J 361 17.29 89.98 8.32
N THR J 362 18.09 90.51 7.40
CA THR J 362 17.96 90.17 5.98
C THR J 362 18.01 88.66 5.75
N GLN J 363 18.93 87.98 6.44
CA GLN J 363 19.11 86.55 6.27
C GLN J 363 17.88 85.74 6.71
N ALA J 364 17.29 86.11 7.85
CA ALA J 364 16.13 85.41 8.36
C ALA J 364 15.02 85.36 7.31
N ALA J 365 14.81 86.48 6.63
CA ALA J 365 13.78 86.58 5.59
C ALA J 365 14.09 85.61 4.45
N ILE J 366 15.30 85.73 3.90
CA ILE J 366 15.72 84.88 2.80
C ILE J 366 15.56 83.40 3.10
N ASP J 367 16.01 82.97 4.28
CA ASP J 367 15.90 81.56 4.67
C ASP J 367 14.47 81.05 4.57
N GLN J 368 13.54 81.77 5.19
CA GLN J 368 12.14 81.37 5.17
C GLN J 368 11.62 81.30 3.73
N ILE J 369 11.96 82.29 2.93
CA ILE J 369 11.53 82.36 1.53
C ILE J 369 11.98 81.17 0.69
N ASN J 370 13.30 80.99 0.58
CA ASN J 370 13.87 79.90 -0.20
C ASN J 370 13.27 78.51 -0.02
N GLY J 371 13.38 77.97 1.19
CA GLY J 371 12.87 76.64 1.46
C GLY J 371 11.39 76.36 1.25
N LYS J 372 10.54 77.35 1.49
CA LYS J 372 9.09 77.19 1.36
C LYS J 372 8.58 76.57 0.07
N LEU J 373 8.90 77.18 -1.08
CA LEU J 373 8.45 76.70 -2.38
C LEU J 373 8.46 75.18 -2.52
N ASN J 374 9.64 74.59 -2.40
CA ASN J 374 9.81 73.15 -2.53
C ASN J 374 8.99 72.37 -1.52
N ARG J 375 8.83 72.92 -0.32
CA ARG J 375 8.04 72.26 0.71
C ARG J 375 6.58 72.12 0.28
N VAL J 376 5.95 73.26 -0.02
CA VAL J 376 4.56 73.27 -0.44
C VAL J 376 4.30 72.31 -1.60
N ILE J 377 5.03 72.50 -2.69
CA ILE J 377 4.87 71.67 -3.88
C ILE J 377 5.96 70.62 -3.95
N GLU J 378 5.57 69.40 -4.31
CA GLU J 378 6.54 68.32 -4.39
C GLU J 378 7.43 68.48 -5.62
N LYS J 379 8.73 68.55 -5.39
CA LYS J 379 9.70 68.71 -6.47
C LYS J 379 9.38 67.89 -7.71
N THR J 380 8.76 66.73 -7.53
CA THR J 380 8.42 65.87 -8.65
C THR J 380 7.52 64.70 -8.27
N ASN J 381 6.95 64.08 -9.29
CA ASN J 381 6.08 62.92 -9.13
C ASN J 381 6.11 62.23 -10.50
N GLU J 382 6.30 60.92 -10.50
CA GLU J 382 6.34 60.18 -11.76
C GLU J 382 5.04 59.49 -12.12
N LYS J 383 4.82 59.36 -13.42
CA LYS J 383 3.64 58.71 -13.96
C LYS J 383 4.07 58.17 -15.31
N PHE J 384 3.57 57.00 -15.67
CA PHE J 384 3.93 56.41 -16.95
C PHE J 384 2.68 56.11 -17.77
N HIS J 385 2.33 54.85 -17.96
CA HIS J 385 1.13 54.54 -18.72
C HIS J 385 -0.09 55.05 -17.96
N GLN J 386 -0.97 55.77 -18.67
CA GLN J 386 -2.17 56.33 -18.06
C GLN J 386 -3.37 56.05 -18.95
N ILE J 387 -4.27 57.02 -19.07
CA ILE J 387 -5.45 56.87 -19.91
C ILE J 387 -5.28 57.75 -21.14
N GLU J 388 -5.75 57.27 -22.29
CA GLU J 388 -5.67 58.08 -23.49
C GLU J 388 -6.49 59.31 -23.16
N LYS J 389 -5.91 60.50 -23.31
CA LYS J 389 -6.62 61.73 -23.01
C LYS J 389 -7.07 62.37 -24.32
N GLU J 390 -7.10 61.54 -25.36
CA GLU J 390 -7.51 61.99 -26.69
C GLU J 390 -8.08 60.83 -27.50
N PHE J 391 -8.94 61.17 -28.45
CA PHE J 391 -9.57 60.18 -29.32
C PHE J 391 -9.74 60.82 -30.69
N SER J 392 -10.14 60.01 -31.67
CA SER J 392 -10.33 60.50 -33.02
C SER J 392 -11.75 60.22 -33.52
N GLU J 393 -12.47 59.38 -32.80
CA GLU J 393 -13.84 59.04 -33.16
C GLU J 393 -14.73 58.94 -31.92
N VAL J 394 -16.02 58.69 -32.13
CA VAL J 394 -16.96 58.59 -31.03
C VAL J 394 -17.14 57.15 -30.56
N GLU J 395 -17.14 56.96 -29.24
CA GLU J 395 -17.29 55.63 -28.65
C GLU J 395 -18.41 55.58 -27.62
N GLY J 396 -19.13 56.69 -27.48
CA GLY J 396 -20.23 56.75 -26.54
C GLY J 396 -19.82 56.74 -25.08
N ARG J 397 -20.49 55.92 -24.30
CA ARG J 397 -20.27 55.79 -22.86
C ARG J 397 -18.80 55.78 -22.41
N ILE J 398 -18.09 54.70 -22.72
CA ILE J 398 -16.69 54.56 -22.33
C ILE J 398 -15.91 55.86 -22.52
N GLN J 399 -15.85 56.34 -23.76
CA GLN J 399 -15.14 57.56 -24.08
C GLN J 399 -15.55 58.71 -23.16
N ASP J 400 -16.86 58.99 -23.10
CA ASP J 400 -17.38 60.06 -22.26
C ASP J 400 -16.74 60.07 -20.88
N LEU J 401 -16.80 58.93 -20.19
CA LEU J 401 -16.22 58.81 -18.85
C LEU J 401 -14.77 59.26 -18.83
N GLU J 402 -13.94 58.59 -19.62
CA GLU J 402 -12.51 58.91 -19.70
C GLU J 402 -12.25 60.41 -19.77
N LYS J 403 -12.93 61.09 -20.69
CA LYS J 403 -12.76 62.54 -20.84
C LYS J 403 -13.07 63.26 -19.52
N TYR J 404 -14.22 62.93 -18.95
CA TYR J 404 -14.67 63.54 -17.70
C TYR J 404 -13.59 63.42 -16.62
N VAL J 405 -13.15 62.18 -16.39
CA VAL J 405 -12.13 61.91 -15.37
C VAL J 405 -10.94 62.86 -15.50
N GLU J 406 -10.30 62.84 -16.65
CA GLU J 406 -9.14 63.70 -16.90
C GLU J 406 -9.49 65.18 -16.74
N ASP J 407 -10.58 65.61 -17.34
CA ASP J 407 -11.02 66.99 -17.27
C ASP J 407 -11.21 67.42 -15.81
N THR J 408 -11.91 66.58 -15.05
CA THR J 408 -12.17 66.86 -13.64
C THR J 408 -10.86 67.08 -12.90
N LYS J 409 -9.91 66.19 -13.12
CA LYS J 409 -8.60 66.25 -12.49
C LYS J 409 -7.98 67.63 -12.67
N ILE J 410 -7.86 68.06 -13.92
CA ILE J 410 -7.27 69.34 -14.25
C ILE J 410 -7.92 70.49 -13.48
N ASP J 411 -9.23 70.64 -13.62
CA ASP J 411 -9.95 71.71 -12.93
C ASP J 411 -9.65 71.71 -11.44
N LEU J 412 -9.71 70.55 -10.81
CA LEU J 412 -9.43 70.42 -9.38
C LEU J 412 -7.99 70.82 -9.10
N TRP J 413 -7.06 70.27 -9.88
CA TRP J 413 -5.64 70.56 -9.71
C TRP J 413 -5.34 72.04 -9.91
N SER J 414 -5.83 72.60 -11.01
CA SER J 414 -5.63 74.00 -11.33
C SER J 414 -5.96 74.87 -10.11
N TYR J 415 -7.11 74.59 -9.51
CA TYR J 415 -7.57 75.33 -8.33
C TYR J 415 -6.47 75.37 -7.28
N ASN J 416 -5.98 74.19 -6.90
CA ASN J 416 -4.93 74.08 -5.89
C ASN J 416 -3.76 74.99 -6.23
N ALA J 417 -3.33 74.96 -7.49
CA ALA J 417 -2.22 75.79 -7.93
C ALA J 417 -2.55 77.26 -7.72
N GLU J 418 -3.64 77.70 -8.33
CA GLU J 418 -4.09 79.09 -8.22
C GLU J 418 -4.19 79.51 -6.75
N LEU J 419 -4.90 78.70 -5.96
CA LEU J 419 -5.09 78.96 -4.54
C LEU J 419 -3.76 78.98 -3.80
N LEU J 420 -2.94 77.96 -4.04
CA LEU J 420 -1.64 77.84 -3.38
C LEU J 420 -0.74 79.03 -3.62
N VAL J 421 -0.65 79.48 -4.88
CA VAL J 421 0.19 80.62 -5.21
C VAL J 421 -0.28 81.88 -4.50
N ALA J 422 -1.59 82.10 -4.51
CA ALA J 422 -2.16 83.26 -3.85
C ALA J 422 -1.81 83.26 -2.36
N LEU J 423 -1.80 82.06 -1.77
CA LEU J 423 -1.47 81.90 -0.36
C LEU J 423 0.00 82.22 -0.11
N GLU J 424 0.86 81.70 -0.98
CA GLU J 424 2.30 81.92 -0.87
C GLU J 424 2.68 83.40 -0.97
N ASN J 425 2.29 84.03 -2.07
CA ASN J 425 2.60 85.44 -2.29
C ASN J 425 2.10 86.26 -1.11
N GLN J 426 0.84 86.07 -0.76
CA GLN J 426 0.21 86.78 0.36
C GLN J 426 0.97 86.52 1.65
N HIS J 427 1.48 85.31 1.80
CA HIS J 427 2.21 84.91 2.99
C HIS J 427 3.64 85.45 3.02
N THR J 428 4.27 85.50 1.85
CA THR J 428 5.64 86.00 1.74
C THR J 428 5.73 87.47 2.13
N ILE J 429 4.79 88.26 1.63
CA ILE J 429 4.75 89.68 1.93
C ILE J 429 4.73 89.94 3.43
N ASP J 430 3.79 89.31 4.13
CA ASP J 430 3.68 89.47 5.58
C ASP J 430 4.98 89.08 6.27
N LEU J 431 5.59 88.00 5.79
CA LEU J 431 6.85 87.50 6.34
C LEU J 431 7.97 88.53 6.24
N THR J 432 8.22 89.01 5.02
CA THR J 432 9.28 89.99 4.79
C THR J 432 8.94 91.32 5.47
N ASP J 433 7.68 91.74 5.35
CA ASP J 433 7.24 92.98 5.93
C ASP J 433 7.31 92.94 7.46
N SER J 434 7.17 91.74 8.02
CA SER J 434 7.23 91.57 9.47
C SER J 434 8.66 91.80 9.97
N GLU J 435 9.62 91.14 9.32
CA GLU J 435 11.03 91.29 9.69
C GLU J 435 11.38 92.76 9.85
N MET J 436 11.12 93.53 8.80
CA MET J 436 11.40 94.96 8.79
C MET J 436 10.78 95.64 10.01
N ASN J 437 9.65 95.12 10.46
CA ASN J 437 8.95 95.68 11.61
C ASN J 437 9.60 95.25 12.93
N LYS J 438 10.16 94.05 12.95
CA LYS J 438 10.82 93.55 14.16
C LYS J 438 12.10 94.30 14.44
N LEU J 439 12.95 94.40 13.42
CA LEU J 439 14.23 95.08 13.54
C LEU J 439 14.01 96.49 14.08
N PHE J 440 12.82 97.03 13.84
CA PHE J 440 12.46 98.37 14.30
C PHE J 440 12.11 98.34 15.78
N GLU J 441 11.49 97.26 16.22
CA GLU J 441 11.11 97.08 17.62
C GLU J 441 12.32 96.63 18.41
N LYS J 442 13.22 95.92 17.74
CA LYS J 442 14.44 95.43 18.36
C LYS J 442 15.30 96.63 18.76
N THR J 443 15.07 97.75 18.06
CA THR J 443 15.81 98.97 18.32
C THR J 443 15.14 99.78 19.43
N ARG J 444 13.81 99.73 19.46
CA ARG J 444 13.04 100.46 20.48
C ARG J 444 13.44 99.97 21.87
N ARG J 445 13.48 98.64 22.03
CA ARG J 445 13.85 98.05 23.30
C ARG J 445 15.31 98.31 23.64
N GLN J 446 16.14 98.40 22.61
CA GLN J 446 17.57 98.64 22.79
C GLN J 446 17.86 100.08 23.18
N LEU J 447 17.48 101.01 22.32
CA LEU J 447 17.70 102.43 22.59
C LEU J 447 17.12 102.85 23.93
N ARG J 448 16.01 102.21 24.31
CA ARG J 448 15.35 102.54 25.56
C ARG J 448 14.89 104.00 25.57
N GLU J 449 15.29 104.74 26.58
CA GLU J 449 14.90 106.15 26.71
C GLU J 449 15.72 107.13 25.87
N ASN J 450 16.99 106.83 25.66
CA ASN J 450 17.90 107.68 24.91
C ASN J 450 17.33 108.37 23.68
N ALA J 451 16.37 107.74 22.99
CA ALA J 451 15.79 108.34 21.80
C ALA J 451 14.27 108.26 21.76
N GLU J 452 13.69 108.76 20.66
CA GLU J 452 12.24 108.74 20.48
C GLU J 452 11.89 108.36 19.05
N ASP J 453 10.75 107.70 18.87
CA ASP J 453 10.30 107.29 17.55
C ASP J 453 9.60 108.44 16.83
N MET J 454 10.34 109.10 15.95
CA MET J 454 9.79 110.23 15.19
C MET J 454 8.51 109.86 14.46
N GLY J 455 8.37 108.58 14.13
CA GLY J 455 7.19 108.13 13.43
C GLY J 455 7.50 107.83 11.97
N ASN J 456 8.35 108.66 11.38
CA ASN J 456 8.74 108.50 9.99
C ASN J 456 9.61 107.26 9.82
N GLY J 457 9.65 106.43 10.86
CA GLY J 457 10.44 105.22 10.79
C GLY J 457 11.87 105.42 11.27
N CYS J 458 12.09 106.53 11.99
CA CYS J 458 13.42 106.85 12.51
C CYS J 458 13.36 107.06 14.01
N PHE J 459 14.52 106.96 14.65
CA PHE J 459 14.64 107.18 16.08
C PHE J 459 15.50 108.43 16.26
N LYS J 460 14.91 109.49 16.79
CA LYS J 460 15.63 110.74 17.00
C LYS J 460 16.46 110.70 18.29
N ILE J 461 17.66 110.14 18.20
CA ILE J 461 18.54 110.05 19.35
C ILE J 461 18.78 111.46 19.90
N TYR J 462 18.65 111.61 21.21
CA TYR J 462 18.84 112.92 21.85
C TYR J 462 20.23 113.26 22.33
N HIS J 463 21.26 112.58 21.82
CA HIS J 463 22.61 112.87 22.27
C HIS J 463 23.67 112.69 21.19
N LYS J 464 24.74 113.48 21.28
CA LYS J 464 25.84 113.38 20.33
C LYS J 464 26.20 111.91 20.15
N CYS J 465 26.13 111.42 18.93
CA CYS J 465 26.43 110.02 18.66
C CYS J 465 27.36 109.88 17.47
N ASP J 466 28.63 109.60 17.75
CA ASP J 466 29.64 109.42 16.71
C ASP J 466 29.40 108.11 15.97
N ASN J 467 30.16 107.88 14.90
CA ASN J 467 30.01 106.66 14.12
C ASN J 467 30.15 105.39 14.95
N ALA J 468 31.04 105.43 15.93
CA ALA J 468 31.25 104.28 16.81
C ALA J 468 29.98 104.09 17.64
N CYS J 469 29.45 105.21 18.14
CA CYS J 469 28.24 105.19 18.94
C CYS J 469 27.11 104.52 18.17
N ILE J 470 27.04 104.78 16.87
CA ILE J 470 26.01 104.18 16.01
C ILE J 470 26.26 102.69 15.84
N GLU J 471 27.50 102.35 15.49
CA GLU J 471 27.88 100.96 15.27
C GLU J 471 27.55 100.07 16.47
N SER J 472 27.76 100.59 17.68
CA SER J 472 27.49 99.85 18.89
C SER J 472 26.01 99.48 19.03
N ILE J 473 25.16 100.24 18.34
CA ILE J 473 23.72 100.00 18.41
C ILE J 473 23.25 98.99 17.35
N ARG J 474 23.95 98.96 16.22
CA ARG J 474 23.59 98.04 15.15
C ARG J 474 23.86 96.58 15.48
N ASN J 475 24.93 96.31 16.22
CA ASN J 475 25.21 94.93 16.59
C ASN J 475 24.31 94.56 17.76
N GLY J 476 23.98 95.55 18.59
CA GLY J 476 23.12 95.32 19.73
C GLY J 476 23.86 95.43 21.06
N THR J 477 25.16 95.67 20.97
CA THR J 477 26.02 95.79 22.15
C THR J 477 25.72 97.03 22.98
N TYR J 478 25.46 98.14 22.30
CA TYR J 478 25.16 99.44 22.91
C TYR J 478 24.41 99.41 24.23
N ASP J 479 24.83 100.26 25.16
CA ASP J 479 24.21 100.37 26.49
C ASP J 479 23.55 101.73 26.70
N HIS J 480 22.32 101.70 27.22
CA HIS J 480 21.54 102.92 27.45
C HIS J 480 22.05 103.84 28.56
N ASP J 481 22.47 103.25 29.68
CA ASP J 481 22.97 104.03 30.82
C ASP J 481 24.05 105.04 30.43
N VAL J 482 24.95 104.62 29.56
CA VAL J 482 26.06 105.47 29.12
C VAL J 482 25.62 106.89 28.75
N TYR J 483 24.65 106.99 27.84
CA TYR J 483 24.16 108.28 27.38
C TYR J 483 22.86 108.69 28.06
N ARG J 484 22.38 107.85 28.97
CA ARG J 484 21.13 108.13 29.68
C ARG J 484 21.03 109.56 30.21
N ASP J 485 21.93 109.92 31.12
CA ASP J 485 21.94 111.25 31.70
C ASP J 485 21.95 112.34 30.63
N GLU J 486 22.88 112.22 29.69
CA GLU J 486 23.00 113.20 28.60
C GLU J 486 21.70 113.36 27.83
N ALA J 487 21.23 112.28 27.22
CA ALA J 487 20.01 112.31 26.42
C ALA J 487 18.83 112.90 27.21
N LEU J 488 18.57 112.34 28.39
CA LEU J 488 17.48 112.79 29.24
C LEU J 488 17.36 114.31 29.33
N ASN J 489 18.51 114.99 29.29
CA ASN J 489 18.51 116.44 29.39
C ASN J 489 17.96 117.13 28.15
N ASN J 490 18.50 116.79 26.98
CA ASN J 490 18.07 117.37 25.72
C ASN J 490 16.59 117.14 25.45
N ARG J 491 16.03 116.09 26.05
CA ARG J 491 14.63 115.75 25.86
C ARG J 491 13.67 116.71 26.57
N PHE J 492 13.78 116.74 27.88
CA PHE J 492 12.91 117.58 28.70
C PHE J 492 13.45 118.98 28.95
N GLN J 493 14.46 119.38 28.19
CA GLN J 493 15.05 120.71 28.35
C GLN J 493 15.57 121.23 27.02
N SER K 1 -7.41 121.13 31.20
CA SER K 1 -5.97 121.30 30.85
C SER K 1 -5.45 120.09 30.11
N THR K 2 -6.33 119.10 29.91
CA THR K 2 -5.97 117.88 29.21
C THR K 2 -7.15 117.40 28.38
N ALA K 3 -6.87 116.66 27.32
CA ALA K 3 -7.92 116.14 26.45
C ALA K 3 -7.69 114.67 26.16
N THR K 4 -8.78 113.92 25.97
CA THR K 4 -8.67 112.49 25.69
C THR K 4 -9.13 112.18 24.28
N LEU K 5 -8.25 111.54 23.51
CA LEU K 5 -8.56 111.15 22.15
C LEU K 5 -8.57 109.64 22.10
N CYS K 6 -9.59 109.07 21.44
CA CYS K 6 -9.69 107.62 21.34
C CYS K 6 -10.01 107.18 19.93
N LEU K 7 -9.71 105.92 19.65
CA LEU K 7 -9.96 105.34 18.33
C LEU K 7 -10.95 104.20 18.54
N GLY K 8 -11.61 103.78 17.46
CA GLY K 8 -12.57 102.70 17.59
C GLY K 8 -13.18 102.27 16.27
N HIS K 9 -14.06 101.28 16.33
CA HIS K 9 -14.72 100.76 15.15
C HIS K 9 -16.23 100.71 15.33
N HIS K 10 -16.94 100.29 14.28
CA HIS K 10 -18.39 100.20 14.32
C HIS K 10 -18.92 98.89 14.88
N ALA K 11 -20.25 98.81 14.99
CA ALA K 11 -20.90 97.62 15.52
C ALA K 11 -22.34 97.54 15.01
N VAL K 12 -22.89 96.33 15.01
CA VAL K 12 -24.26 96.11 14.55
C VAL K 12 -25.10 95.42 15.62
N PRO K 13 -26.43 95.62 15.58
CA PRO K 13 -27.34 95.01 16.56
C PRO K 13 -27.11 93.51 16.73
N ASN K 14 -27.33 92.75 15.67
CA ASN K 14 -27.15 91.31 15.71
C ASN K 14 -26.33 90.84 14.50
N GLY K 15 -25.08 90.48 14.76
CA GLY K 15 -24.21 90.01 13.70
C GLY K 15 -24.45 88.57 13.32
N THR K 16 -23.54 88.02 12.51
CA THR K 16 -23.65 86.63 12.07
C THR K 16 -22.38 85.87 12.42
N LEU K 17 -22.52 84.57 12.66
CA LEU K 17 -21.38 83.73 13.02
C LEU K 17 -20.68 83.20 11.77
N VAL K 18 -19.38 82.94 11.90
CA VAL K 18 -18.60 82.43 10.78
C VAL K 18 -17.57 81.42 11.27
N LYS K 19 -17.20 80.48 10.39
CA LYS K 19 -16.23 79.45 10.74
C LYS K 19 -14.82 79.87 10.36
N THR K 20 -13.98 80.07 11.36
CA THR K 20 -12.60 80.47 11.13
C THR K 20 -11.64 79.44 11.70
N ILE K 21 -10.37 79.55 11.33
CA ILE K 21 -9.36 78.60 11.80
C ILE K 21 -9.16 78.70 13.31
N THR K 22 -8.66 79.84 13.78
CA THR K 22 -8.40 80.06 15.20
C THR K 22 -9.62 79.79 16.10
N ASP K 23 -10.69 80.56 15.91
CA ASP K 23 -11.90 80.38 16.71
C ASP K 23 -12.86 79.46 15.96
N ASP K 24 -13.44 78.50 16.68
CA ASP K 24 -14.37 77.55 16.07
C ASP K 24 -15.66 78.23 15.64
N GLN K 25 -15.98 79.36 16.26
CA GLN K 25 -17.20 80.11 15.94
C GLN K 25 -17.07 81.53 16.44
N ILE K 26 -17.27 82.50 15.55
CA ILE K 26 -17.18 83.91 15.93
C ILE K 26 -18.17 84.77 15.16
N GLU K 27 -18.59 85.87 15.77
CA GLU K 27 -19.55 86.79 15.15
C GLU K 27 -18.91 87.99 14.47
N VAL K 28 -19.47 88.36 13.32
CA VAL K 28 -18.97 89.50 12.55
C VAL K 28 -20.09 90.53 12.38
N THR K 29 -19.84 91.56 11.60
CA THR K 29 -20.83 92.61 11.37
C THR K 29 -21.57 92.41 10.05
N ASN K 30 -21.15 91.41 9.29
CA ASN K 30 -21.77 91.13 8.00
C ASN K 30 -21.31 89.79 7.44
N ALA K 31 -22.23 89.08 6.79
CA ALA K 31 -21.92 87.78 6.19
C ALA K 31 -22.57 87.65 4.83
N THR K 32 -22.46 86.47 4.23
CA THR K 32 -23.05 86.22 2.92
C THR K 32 -22.98 84.73 2.58
N GLU K 33 -24.05 84.21 1.99
CA GLU K 33 -24.10 82.80 1.62
C GLU K 33 -23.35 82.54 0.32
N LEU K 34 -22.51 81.53 0.32
CA LEU K 34 -21.72 81.17 -0.85
C LEU K 34 -22.21 79.88 -1.49
N VAL K 35 -23.35 79.39 -1.03
CA VAL K 35 -23.92 78.15 -1.56
C VAL K 35 -25.37 78.35 -1.98
N GLN K 36 -25.62 78.31 -3.29
CA GLN K 36 -26.96 78.48 -3.81
C GLN K 36 -27.82 77.30 -3.40
N SER K 37 -28.85 77.57 -2.61
CA SER K 37 -29.76 76.53 -2.14
C SER K 37 -31.17 76.63 -2.70
N SER K 38 -31.60 77.84 -3.02
CA SER K 38 -32.93 78.06 -3.57
C SER K 38 -32.97 77.77 -5.07
N SER K 39 -34.18 77.72 -5.63
CA SER K 39 -34.36 77.45 -7.05
C SER K 39 -35.72 77.92 -7.52
N THR K 40 -35.76 78.59 -8.67
CA THR K 40 -37.01 79.08 -9.24
C THR K 40 -37.93 77.91 -9.56
N GLY K 41 -37.32 76.80 -9.98
CA GLY K 41 -38.10 75.62 -10.31
C GLY K 41 -38.52 75.59 -11.76
N LYS K 42 -38.06 76.58 -12.53
CA LYS K 42 -38.41 76.66 -13.94
C LYS K 42 -37.15 76.79 -14.80
N ILE K 43 -37.13 76.12 -15.94
CA ILE K 43 -35.99 76.16 -16.86
C ILE K 43 -36.08 77.39 -17.75
N CYS K 44 -35.08 78.27 -17.66
CA CYS K 44 -35.05 79.47 -18.48
C CYS K 44 -34.57 79.13 -19.88
N ASN K 45 -35.46 79.30 -20.86
CA ASN K 45 -35.16 78.99 -22.25
C ASN K 45 -33.96 79.72 -22.84
N ASN K 46 -33.56 80.84 -22.22
CA ASN K 46 -32.42 81.59 -22.72
C ASN K 46 -31.27 81.61 -21.71
N PRO K 47 -30.02 81.77 -22.18
CA PRO K 47 -29.68 81.93 -23.61
C PRO K 47 -29.71 80.61 -24.37
N HIS K 48 -29.26 79.55 -23.70
CA HIS K 48 -29.21 78.21 -24.28
C HIS K 48 -30.54 77.79 -24.87
N ARG K 49 -30.57 77.51 -26.17
CA ARG K 49 -31.80 77.09 -26.82
C ARG K 49 -32.21 75.77 -26.18
N ILE K 50 -33.38 75.77 -25.54
CA ILE K 50 -33.87 74.57 -24.87
C ILE K 50 -35.00 73.90 -25.65
N LEU K 51 -34.87 72.60 -25.87
CA LEU K 51 -35.88 71.84 -26.59
C LEU K 51 -36.63 70.90 -25.65
N ASP K 52 -37.95 70.95 -25.70
CA ASP K 52 -38.77 70.10 -24.85
C ASP K 52 -39.29 68.90 -25.65
N GLY K 53 -38.70 67.74 -25.43
CA GLY K 53 -39.12 66.55 -26.14
C GLY K 53 -40.43 66.02 -25.61
N ILE K 54 -40.99 66.72 -24.64
CA ILE K 54 -42.26 66.34 -24.01
C ILE K 54 -42.31 64.82 -23.89
N ASP K 55 -43.48 64.23 -24.15
CA ASP K 55 -43.63 62.79 -24.07
C ASP K 55 -42.89 62.09 -25.22
N CYS K 56 -41.58 62.33 -25.31
CA CYS K 56 -40.75 61.73 -26.33
C CYS K 56 -39.29 61.65 -25.87
N THR K 57 -38.62 60.55 -26.20
CA THR K 57 -37.24 60.36 -25.84
C THR K 57 -36.38 60.74 -27.03
N LEU K 58 -35.20 61.29 -26.77
CA LEU K 58 -34.31 61.70 -27.84
C LEU K 58 -34.12 60.58 -28.86
N ILE K 59 -34.23 59.34 -28.39
CA ILE K 59 -34.09 58.18 -29.26
C ILE K 59 -35.34 57.96 -30.11
N ASP K 60 -36.51 57.98 -29.46
CA ASP K 60 -37.76 57.80 -30.17
C ASP K 60 -37.92 58.90 -31.22
N ALA K 61 -37.26 60.03 -30.97
CA ALA K 61 -37.30 61.15 -31.90
C ALA K 61 -36.40 60.83 -33.07
N LEU K 62 -35.20 60.33 -32.76
CA LEU K 62 -34.23 59.96 -33.77
C LEU K 62 -34.84 58.90 -34.69
N LEU K 63 -35.09 57.73 -34.11
CA LEU K 63 -35.69 56.61 -34.84
C LEU K 63 -36.80 57.11 -35.74
N GLY K 64 -37.64 57.99 -35.20
CA GLY K 64 -38.75 58.54 -35.96
C GLY K 64 -40.08 57.92 -35.59
N ASP K 65 -40.42 57.99 -34.32
CA ASP K 65 -41.68 57.43 -33.83
C ASP K 65 -42.82 58.37 -34.24
N PRO K 66 -43.96 57.81 -34.68
CA PRO K 66 -45.12 58.58 -35.11
C PRO K 66 -45.45 59.82 -34.27
N HIS K 67 -45.58 59.64 -32.96
CA HIS K 67 -45.90 60.75 -32.08
C HIS K 67 -44.75 61.71 -31.83
N CYS K 68 -43.56 61.36 -32.32
CA CYS K 68 -42.39 62.23 -32.14
C CYS K 68 -41.86 62.76 -33.47
N ASP K 69 -42.59 62.49 -34.55
CA ASP K 69 -42.19 62.96 -35.88
C ASP K 69 -42.04 64.47 -35.91
N VAL K 70 -42.79 65.15 -35.02
CA VAL K 70 -42.75 66.61 -34.95
C VAL K 70 -41.34 67.10 -34.64
N PHE K 71 -40.52 66.24 -34.06
CA PHE K 71 -39.15 66.60 -33.71
C PHE K 71 -38.15 66.35 -34.84
N GLN K 72 -38.62 65.78 -35.94
CA GLN K 72 -37.74 65.51 -37.08
C GLN K 72 -37.03 66.78 -37.53
N ASN K 73 -35.78 66.62 -37.97
CA ASN K 73 -34.99 67.75 -38.45
C ASN K 73 -34.89 68.84 -37.39
N GLU K 74 -34.85 68.43 -36.13
CA GLU K 74 -34.75 69.38 -35.02
C GLU K 74 -33.33 69.56 -34.51
N THR K 75 -33.00 70.79 -34.15
CA THR K 75 -31.69 71.13 -33.61
C THR K 75 -31.93 71.55 -32.17
N TRP K 76 -30.87 71.73 -31.39
CA TRP K 76 -31.03 72.13 -30.00
C TRP K 76 -29.71 72.35 -29.27
N ASP K 77 -29.80 72.97 -28.10
CA ASP K 77 -28.64 73.25 -27.27
C ASP K 77 -28.64 72.25 -26.11
N LEU K 78 -29.81 72.07 -25.50
CA LEU K 78 -29.98 71.15 -24.39
C LEU K 78 -31.31 70.43 -24.49
N PHE K 79 -31.29 69.22 -25.02
CA PHE K 79 -32.51 68.43 -25.18
C PHE K 79 -33.01 67.95 -23.82
N VAL K 80 -34.14 68.48 -23.38
CA VAL K 80 -34.72 68.09 -22.10
C VAL K 80 -35.64 66.89 -22.32
N GLU K 81 -35.44 65.85 -21.52
CA GLU K 81 -36.23 64.64 -21.64
C GLU K 81 -37.18 64.50 -20.46
N ARG K 82 -38.48 64.52 -20.73
CA ARG K 82 -39.50 64.41 -19.70
C ARG K 82 -39.73 62.98 -19.27
N SER K 83 -40.24 62.80 -18.05
CA SER K 83 -40.52 61.48 -17.52
C SER K 83 -41.84 60.95 -18.11
N LYS K 84 -42.74 61.87 -18.40
CA LYS K 84 -44.04 61.54 -18.98
C LYS K 84 -43.81 60.86 -20.34
N ALA K 85 -42.58 60.95 -20.83
CA ALA K 85 -42.21 60.37 -22.11
C ALA K 85 -42.60 58.91 -22.23
N PHE K 86 -42.59 58.41 -23.47
CA PHE K 86 -42.94 57.04 -23.76
C PHE K 86 -42.82 56.79 -25.26
N SER K 87 -42.74 55.52 -25.64
CA SER K 87 -42.63 55.15 -27.05
C SER K 87 -43.87 54.36 -27.48
N ASN K 88 -44.28 54.52 -28.74
CA ASN K 88 -45.44 53.82 -29.24
C ASN K 88 -45.24 53.28 -30.66
N CYS K 89 -44.09 52.67 -30.90
CA CYS K 89 -43.77 52.11 -32.21
C CYS K 89 -43.28 50.68 -32.02
N TYR K 90 -42.87 50.02 -33.10
CA TYR K 90 -42.40 48.64 -33.03
C TYR K 90 -41.37 48.47 -31.92
N PRO K 91 -41.53 47.44 -31.07
CA PRO K 91 -40.60 47.17 -29.97
C PRO K 91 -39.15 47.08 -30.41
N TYR K 92 -38.29 47.88 -29.78
CA TYR K 92 -36.87 47.90 -30.11
C TYR K 92 -36.00 47.88 -28.87
N ASP K 93 -34.72 47.55 -29.06
CA ASP K 93 -33.75 47.51 -27.97
C ASP K 93 -32.42 47.96 -28.55
N VAL K 94 -31.88 49.05 -28.00
CA VAL K 94 -30.62 49.59 -28.48
C VAL K 94 -29.43 49.15 -27.64
N PRO K 95 -28.61 48.23 -28.17
CA PRO K 95 -27.44 47.75 -27.43
C PRO K 95 -26.53 48.92 -27.10
N ASP K 96 -26.10 49.01 -25.85
CA ASP K 96 -25.24 50.11 -25.41
C ASP K 96 -26.01 51.40 -25.65
N TYR K 97 -27.32 51.30 -25.50
CA TYR K 97 -28.25 52.43 -25.69
C TYR K 97 -27.72 53.76 -25.17
N ALA K 98 -27.45 53.82 -23.87
CA ALA K 98 -26.95 55.03 -23.24
C ALA K 98 -25.92 55.76 -24.09
N SER K 99 -24.93 55.03 -24.58
CA SER K 99 -23.87 55.62 -25.40
C SER K 99 -24.46 56.38 -26.58
N LEU K 100 -25.18 55.66 -27.45
CA LEU K 100 -25.80 56.27 -28.62
C LEU K 100 -26.54 57.54 -28.24
N ARG K 101 -27.40 57.44 -27.24
CA ARG K 101 -28.18 58.57 -26.77
C ARG K 101 -27.27 59.74 -26.42
N SER K 102 -26.20 59.44 -25.67
CA SER K 102 -25.23 60.45 -25.27
C SER K 102 -24.61 61.17 -26.46
N LEU K 103 -24.08 60.40 -27.41
CA LEU K 103 -23.44 60.98 -28.59
C LEU K 103 -24.42 61.85 -29.38
N VAL K 104 -25.66 61.38 -29.50
CA VAL K 104 -26.68 62.12 -30.23
C VAL K 104 -26.90 63.49 -29.59
N ALA K 105 -27.06 63.48 -28.27
CA ALA K 105 -27.28 64.71 -27.53
C ALA K 105 -26.10 65.65 -27.72
N SER K 106 -24.91 65.08 -27.91
CA SER K 106 -23.70 65.86 -28.11
C SER K 106 -23.77 66.64 -29.42
N SER K 107 -24.25 65.97 -30.47
CA SER K 107 -24.37 66.60 -31.78
C SER K 107 -25.31 67.80 -31.68
N GLY K 108 -26.48 67.58 -31.10
CA GLY K 108 -27.46 68.65 -30.95
C GLY K 108 -28.34 68.89 -32.15
N THR K 109 -28.59 67.84 -32.94
CA THR K 109 -29.43 67.98 -34.12
C THR K 109 -29.82 66.64 -34.73
N LEU K 110 -31.12 66.46 -34.95
CA LEU K 110 -31.63 65.23 -35.54
C LEU K 110 -31.81 65.45 -37.04
N GLU K 111 -31.07 66.41 -37.57
CA GLU K 111 -31.11 66.74 -38.98
C GLU K 111 -30.88 65.50 -39.83
N PHE K 112 -31.93 65.04 -40.51
CA PHE K 112 -31.83 63.86 -41.34
C PHE K 112 -31.64 64.25 -42.81
N ILE K 113 -30.82 63.49 -43.52
CA ILE K 113 -30.55 63.75 -44.92
C ILE K 113 -30.76 62.47 -45.72
N THR K 114 -31.98 62.28 -46.22
CA THR K 114 -32.33 61.10 -47.00
C THR K 114 -31.41 60.88 -48.18
N GLU K 115 -30.87 59.67 -48.30
CA GLU K 115 -29.99 59.33 -49.41
C GLU K 115 -30.70 58.37 -50.35
N GLY K 116 -30.39 58.45 -51.63
CA GLY K 116 -31.03 57.61 -52.62
C GLY K 116 -30.55 56.17 -52.65
N PHE K 117 -31.00 55.36 -51.68
CA PHE K 117 -30.62 53.95 -51.64
C PHE K 117 -31.46 53.16 -52.64
N THR K 118 -30.83 52.15 -53.25
CA THR K 118 -31.51 51.32 -54.23
C THR K 118 -31.46 49.84 -53.86
N TRP K 119 -32.57 49.34 -53.34
CA TRP K 119 -32.66 47.93 -52.95
C TRP K 119 -33.37 47.19 -54.08
N THR K 120 -32.64 46.31 -54.76
CA THR K 120 -33.18 45.56 -55.88
C THR K 120 -33.77 44.21 -55.48
N GLY K 121 -34.78 43.77 -56.23
CA GLY K 121 -35.42 42.50 -55.97
C GLY K 121 -35.97 42.31 -54.57
N VAL K 122 -36.42 43.40 -53.94
CA VAL K 122 -36.98 43.31 -52.60
C VAL K 122 -37.96 44.45 -52.32
N THR K 123 -39.03 44.13 -51.60
CA THR K 123 -40.05 45.11 -51.25
C THR K 123 -39.50 46.12 -50.26
N GLN K 124 -40.10 47.32 -50.23
CA GLN K 124 -39.67 48.37 -49.33
C GLN K 124 -40.84 49.01 -48.59
N ASN K 125 -40.51 49.90 -47.65
CA ASN K 125 -41.52 50.62 -46.87
C ASN K 125 -42.49 49.68 -46.16
N GLY K 126 -41.95 48.75 -45.38
CA GLY K 126 -42.81 47.82 -44.65
C GLY K 126 -43.44 48.50 -43.45
N GLY K 127 -44.63 48.04 -43.06
CA GLY K 127 -45.30 48.63 -41.92
C GLY K 127 -46.04 47.62 -41.07
N SER K 128 -46.42 48.04 -39.86
CA SER K 128 -47.14 47.17 -38.93
C SER K 128 -48.11 47.98 -38.07
N ASN K 129 -49.00 47.28 -37.38
CA ASN K 129 -49.98 47.92 -36.51
C ASN K 129 -49.34 48.58 -35.30
N ALA K 130 -48.40 47.90 -34.67
CA ALA K 130 -47.71 48.41 -33.49
C ALA K 130 -47.29 49.87 -33.66
N CYS K 131 -46.90 50.24 -34.87
CA CYS K 131 -46.47 51.59 -35.16
C CYS K 131 -47.39 52.21 -36.22
N LYS K 132 -48.55 52.69 -35.79
CA LYS K 132 -49.50 53.29 -36.71
C LYS K 132 -49.37 54.80 -36.84
N ARG K 133 -49.08 55.26 -38.05
CA ARG K 133 -48.95 56.68 -38.32
C ARG K 133 -50.27 57.16 -38.88
N GLY K 134 -51.18 57.54 -37.99
CA GLY K 134 -52.50 57.99 -38.40
C GLY K 134 -53.45 56.81 -38.38
N PRO K 135 -54.46 56.76 -39.26
CA PRO K 135 -55.39 55.63 -39.27
C PRO K 135 -54.72 54.35 -39.76
N GLY K 136 -54.06 54.44 -40.91
CA GLY K 136 -53.39 53.28 -41.46
C GLY K 136 -52.07 53.00 -40.75
N SER K 137 -51.68 51.73 -40.74
CA SER K 137 -50.43 51.33 -40.08
C SER K 137 -49.24 52.10 -40.63
N GLY K 138 -48.09 51.94 -39.97
CA GLY K 138 -46.89 52.63 -40.41
C GLY K 138 -45.61 52.01 -39.87
N PHE K 139 -44.54 52.79 -39.84
CA PHE K 139 -43.25 52.32 -39.35
C PHE K 139 -42.38 53.53 -39.00
N PHE K 140 -41.11 53.28 -38.68
CA PHE K 140 -40.20 54.36 -38.32
C PHE K 140 -39.94 55.27 -39.52
N SER K 141 -39.76 56.56 -39.24
CA SER K 141 -39.53 57.56 -40.28
C SER K 141 -38.16 57.50 -40.93
N ARG K 142 -37.10 57.54 -40.14
CA ARG K 142 -35.75 57.50 -40.67
C ARG K 142 -35.34 56.05 -40.96
N LEU K 143 -36.29 55.14 -40.81
CA LEU K 143 -36.04 53.72 -41.05
C LEU K 143 -36.93 53.17 -42.16
N ASN K 144 -36.54 52.01 -42.67
CA ASN K 144 -37.27 51.37 -43.75
C ASN K 144 -37.27 49.85 -43.56
N TRP K 145 -38.45 49.24 -43.58
CA TRP K 145 -38.56 47.80 -43.41
C TRP K 145 -38.37 47.13 -44.77
N VAL K 146 -37.42 46.20 -44.84
CA VAL K 146 -37.15 45.49 -46.08
C VAL K 146 -37.77 44.09 -46.06
N THR K 147 -38.91 43.95 -46.73
CA THR K 147 -39.60 42.67 -46.80
C THR K 147 -39.33 42.00 -48.15
N LYS K 148 -39.29 40.67 -48.15
CA LYS K 148 -39.03 39.91 -49.36
C LYS K 148 -39.98 40.29 -50.49
N SER K 149 -39.48 40.23 -51.71
CA SER K 149 -40.27 40.56 -52.90
C SER K 149 -40.62 39.28 -53.64
N GLY K 150 -41.92 39.10 -53.92
CA GLY K 150 -42.35 37.91 -54.63
C GLY K 150 -42.04 36.67 -53.81
N SER K 151 -41.29 35.74 -54.40
CA SER K 151 -40.94 34.50 -53.73
C SER K 151 -39.46 34.43 -53.36
N THR K 152 -38.75 35.55 -53.43
CA THR K 152 -37.33 35.55 -53.12
C THR K 152 -36.77 36.80 -52.45
N TYR K 153 -35.73 36.60 -51.66
CA TYR K 153 -35.05 37.69 -50.96
C TYR K 153 -33.59 37.61 -51.36
N PRO K 154 -33.24 38.20 -52.52
CA PRO K 154 -31.86 38.18 -52.99
C PRO K 154 -30.94 38.85 -51.98
N VAL K 155 -29.76 38.28 -51.78
CA VAL K 155 -28.81 38.86 -50.84
C VAL K 155 -28.59 40.32 -51.26
N LEU K 156 -29.16 41.24 -50.50
CA LEU K 156 -29.01 42.65 -50.82
C LEU K 156 -27.59 43.13 -50.55
N ASN K 157 -27.04 43.87 -51.49
CA ASN K 157 -25.68 44.39 -51.37
C ASN K 157 -25.57 45.73 -52.09
N VAL K 158 -25.43 46.79 -51.30
CA VAL K 158 -25.32 48.14 -51.84
C VAL K 158 -24.12 48.86 -51.22
N THR K 159 -23.97 50.13 -51.57
CA THR K 159 -22.87 50.93 -51.06
C THR K 159 -23.22 52.42 -51.07
N MET K 160 -22.51 53.19 -50.25
CA MET K 160 -22.75 54.62 -50.18
C MET K 160 -21.48 55.35 -49.71
N PRO K 161 -20.88 56.16 -50.60
CA PRO K 161 -19.67 56.92 -50.31
C PRO K 161 -19.95 58.21 -49.54
N ASN K 162 -18.98 58.63 -48.73
CA ASN K 162 -19.12 59.85 -47.95
C ASN K 162 -18.27 60.96 -48.56
N ASN K 163 -18.71 61.47 -49.70
CA ASN K 163 -18.00 62.54 -50.40
C ASN K 163 -17.93 63.77 -49.49
N ASP K 164 -19.02 64.03 -48.80
CA ASP K 164 -19.12 65.18 -47.89
C ASP K 164 -17.98 65.15 -46.87
N ASN K 165 -17.55 66.34 -46.45
CA ASN K 165 -16.46 66.47 -45.50
C ASN K 165 -16.86 66.34 -44.03
N PHE K 166 -18.13 66.06 -43.76
CA PHE K 166 -18.60 65.92 -42.39
C PHE K 166 -18.97 64.46 -42.09
N ASP K 167 -18.81 64.08 -40.83
CA ASP K 167 -19.11 62.71 -40.39
C ASP K 167 -20.59 62.37 -40.56
N LYS K 168 -20.84 61.21 -41.14
CA LYS K 168 -22.22 60.74 -41.36
C LYS K 168 -22.60 59.70 -40.31
N LEU K 169 -23.86 59.74 -39.88
CA LEU K 169 -24.36 58.81 -38.90
C LEU K 169 -25.57 58.03 -39.41
N TYR K 170 -25.33 56.79 -39.82
CA TYR K 170 -26.39 55.93 -40.33
C TYR K 170 -26.96 55.05 -39.22
N ILE K 171 -28.25 55.16 -38.98
CA ILE K 171 -28.92 54.36 -37.96
C ILE K 171 -29.69 53.23 -38.61
N TRP K 172 -29.29 51.99 -38.32
CA TRP K 172 -29.94 50.82 -38.87
C TRP K 172 -30.39 49.87 -37.77
N GLY K 173 -30.85 48.68 -38.16
CA GLY K 173 -31.30 47.71 -37.19
C GLY K 173 -31.54 46.34 -37.78
N VAL K 174 -31.73 45.36 -36.90
CA VAL K 174 -31.98 43.98 -37.32
C VAL K 174 -33.28 43.51 -36.67
N HIS K 175 -34.04 42.69 -37.40
CA HIS K 175 -35.30 42.18 -36.88
C HIS K 175 -35.14 40.78 -36.28
N HIS K 176 -35.80 40.56 -35.15
CA HIS K 176 -35.74 39.27 -34.46
C HIS K 176 -37.09 38.56 -34.53
N PRO K 177 -37.31 37.76 -35.58
CA PRO K 177 -38.56 37.01 -35.77
C PRO K 177 -38.96 36.23 -34.52
N SER K 178 -40.25 36.23 -34.21
CA SER K 178 -40.75 35.52 -33.05
C SER K 178 -40.99 34.06 -33.37
N THR K 179 -41.13 33.74 -34.66
CA THR K 179 -41.36 32.37 -35.10
C THR K 179 -40.59 32.07 -36.39
N ASN K 180 -40.43 30.79 -36.69
CA ASN K 180 -39.72 30.38 -37.90
C ASN K 180 -40.53 30.70 -39.15
N GLN K 181 -41.84 30.46 -39.08
CA GLN K 181 -42.73 30.76 -40.20
C GLN K 181 -42.69 32.24 -40.53
N GLU K 182 -42.66 33.07 -39.49
CA GLU K 182 -42.60 34.52 -39.66
C GLU K 182 -41.30 34.87 -40.36
N GLN K 183 -40.24 34.17 -39.98
CA GLN K 183 -38.90 34.37 -40.54
C GLN K 183 -38.86 33.95 -42.00
N THR K 184 -39.18 32.69 -42.25
CA THR K 184 -39.18 32.14 -43.60
C THR K 184 -40.17 32.84 -44.52
N SER K 185 -41.21 33.43 -43.94
CA SER K 185 -42.22 34.13 -44.70
C SER K 185 -41.82 35.55 -45.04
N LEU K 186 -41.45 36.31 -44.02
CA LEU K 186 -41.04 37.70 -44.19
C LEU K 186 -39.64 37.84 -44.75
N TYR K 187 -38.81 36.80 -44.61
CA TYR K 187 -37.44 36.87 -45.08
C TYR K 187 -36.96 35.71 -45.95
N VAL K 188 -37.89 34.86 -46.39
CA VAL K 188 -37.52 33.73 -47.23
C VAL K 188 -36.58 32.82 -46.43
N GLN K 189 -35.35 32.62 -46.91
CA GLN K 189 -34.40 31.77 -46.21
C GLN K 189 -34.53 31.97 -44.69
N ALA K 190 -34.69 30.88 -43.96
CA ALA K 190 -34.86 30.93 -42.51
C ALA K 190 -33.72 31.55 -41.72
N SER K 191 -32.54 31.66 -42.32
CA SER K 191 -31.40 32.24 -41.61
C SER K 191 -31.04 33.63 -42.11
N GLY K 192 -31.48 34.65 -41.37
CA GLY K 192 -31.19 36.02 -41.77
C GLY K 192 -29.78 36.41 -41.37
N ARG K 193 -29.33 37.58 -41.83
CA ARG K 193 -27.99 38.05 -41.51
C ARG K 193 -27.75 39.47 -42.03
N VAL K 194 -27.22 40.32 -41.17
CA VAL K 194 -26.92 41.70 -41.52
C VAL K 194 -25.42 41.93 -41.38
N THR K 195 -24.82 42.63 -42.34
CA THR K 195 -23.39 42.88 -42.31
C THR K 195 -23.00 44.29 -42.74
N VAL K 196 -23.23 45.26 -41.88
CA VAL K 196 -22.87 46.65 -42.17
C VAL K 196 -21.37 46.77 -41.95
N SER K 197 -20.69 47.48 -42.83
CA SER K 197 -19.25 47.65 -42.68
C SER K 197 -18.70 48.87 -43.40
N THR K 198 -17.68 49.47 -42.81
CA THR K 198 -17.03 50.65 -43.37
C THR K 198 -15.59 50.29 -43.68
N ARG K 199 -14.87 51.20 -44.31
CA ARG K 199 -13.48 50.97 -44.65
C ARG K 199 -12.62 50.87 -43.40
N ARG K 200 -13.19 51.25 -42.26
CA ARG K 200 -12.49 51.21 -40.98
C ARG K 200 -12.92 50.03 -40.11
N SER K 201 -14.19 50.01 -39.73
CA SER K 201 -14.71 48.96 -38.87
C SER K 201 -15.65 48.01 -39.63
N GLN K 202 -16.08 46.96 -38.93
CA GLN K 202 -16.99 45.97 -39.50
C GLN K 202 -17.96 45.49 -38.43
N GLN K 203 -19.23 45.38 -38.79
CA GLN K 203 -20.26 44.93 -37.85
C GLN K 203 -21.20 43.94 -38.52
N THR K 204 -21.39 42.78 -37.88
CA THR K 204 -22.27 41.75 -38.42
C THR K 204 -23.17 41.21 -37.32
N ILE K 205 -24.47 41.22 -37.57
CA ILE K 205 -25.45 40.74 -36.60
C ILE K 205 -26.26 39.57 -37.17
N ILE K 206 -26.71 38.69 -36.29
CA ILE K 206 -27.50 37.53 -36.69
C ILE K 206 -28.84 37.54 -35.96
N PRO K 207 -29.95 37.40 -36.71
CA PRO K 207 -31.29 37.40 -36.11
C PRO K 207 -31.47 36.25 -35.12
N ASN K 208 -32.20 36.53 -34.04
CA ASN K 208 -32.45 35.53 -33.01
C ASN K 208 -33.93 35.17 -32.93
N ILE K 209 -34.33 34.15 -33.68
CA ILE K 209 -35.72 33.70 -33.70
C ILE K 209 -36.11 33.14 -32.34
N GLY K 210 -37.29 33.52 -31.87
CA GLY K 210 -37.77 33.05 -30.58
C GLY K 210 -38.84 33.94 -30.02
N SER K 211 -39.76 33.37 -29.26
CA SER K 211 -40.85 34.13 -28.66
C SER K 211 -40.33 34.91 -27.46
N ARG K 212 -40.84 36.12 -27.28
CA ARG K 212 -40.42 36.98 -26.18
C ARG K 212 -41.59 37.82 -25.63
N PRO K 213 -41.38 38.48 -24.48
CA PRO K 213 -42.44 39.30 -23.87
C PRO K 213 -43.28 40.08 -24.88
N TRP K 214 -44.59 39.87 -24.82
CA TRP K 214 -45.51 40.55 -25.72
C TRP K 214 -45.61 42.03 -25.42
N VAL K 215 -45.49 42.85 -26.47
CA VAL K 215 -45.55 44.29 -26.34
C VAL K 215 -46.30 44.91 -27.53
N ARG K 216 -47.19 45.85 -27.23
CA ARG K 216 -47.98 46.51 -28.27
C ARG K 216 -48.55 45.54 -29.29
N GLY K 217 -48.77 44.29 -28.86
CA GLY K 217 -49.31 43.29 -29.74
C GLY K 217 -48.29 42.55 -30.61
N LEU K 218 -47.05 42.48 -30.13
CA LEU K 218 -46.00 41.80 -30.88
C LEU K 218 -45.01 41.05 -30.00
N SER K 219 -44.68 39.83 -30.41
CA SER K 219 -43.73 38.99 -29.68
C SER K 219 -42.38 39.03 -30.38
N SER K 220 -42.19 40.05 -31.21
CA SER K 220 -40.95 40.21 -31.96
C SER K 220 -40.24 41.48 -31.51
N ARG K 221 -39.00 41.68 -31.98
CA ARG K 221 -38.22 42.86 -31.63
C ARG K 221 -37.34 43.34 -32.78
N ILE K 222 -36.73 44.51 -32.58
CA ILE K 222 -35.84 45.10 -33.58
C ILE K 222 -34.63 45.70 -32.87
N SER K 223 -33.44 45.14 -33.15
CA SER K 223 -32.21 45.63 -32.53
C SER K 223 -31.67 46.83 -33.30
N ILE K 224 -31.38 47.90 -32.57
CA ILE K 224 -30.86 49.12 -33.18
C ILE K 224 -29.33 49.16 -33.14
N TYR K 225 -28.73 49.46 -34.28
CA TYR K 225 -27.28 49.56 -34.40
C TYR K 225 -26.91 50.79 -35.21
N TRP K 226 -25.92 51.52 -34.75
CA TRP K 226 -25.46 52.74 -35.43
C TRP K 226 -24.03 52.58 -35.94
N THR K 227 -23.76 53.15 -37.10
CA THR K 227 -22.42 53.08 -37.69
C THR K 227 -22.01 54.43 -38.27
N ILE K 228 -21.03 55.07 -37.64
CA ILE K 228 -20.54 56.36 -38.09
C ILE K 228 -19.58 56.20 -39.27
N VAL K 229 -19.74 57.06 -40.27
CA VAL K 229 -18.89 57.01 -41.45
C VAL K 229 -18.11 58.31 -41.61
N LYS K 230 -16.81 58.25 -41.35
CA LYS K 230 -15.95 59.43 -41.46
C LYS K 230 -15.78 59.90 -42.90
N PRO K 231 -15.38 61.18 -43.07
CA PRO K 231 -15.17 61.79 -44.40
C PRO K 231 -14.25 60.96 -45.29
N GLY K 232 -14.62 60.87 -46.56
CA GLY K 232 -13.82 60.11 -47.51
C GLY K 232 -14.09 58.62 -47.44
N ASP K 233 -14.34 58.13 -46.23
CA ASP K 233 -14.62 56.70 -46.03
C ASP K 233 -15.94 56.35 -46.71
N VAL K 234 -16.19 55.06 -46.88
CA VAL K 234 -17.43 54.60 -47.52
C VAL K 234 -18.17 53.57 -46.67
N LEU K 235 -19.49 53.52 -46.86
CA LEU K 235 -20.34 52.59 -46.13
C LEU K 235 -20.81 51.46 -47.04
N VAL K 236 -21.01 50.28 -46.45
CA VAL K 236 -21.47 49.12 -47.20
C VAL K 236 -22.43 48.27 -46.36
N ILE K 237 -23.42 47.68 -47.01
CA ILE K 237 -24.40 46.85 -46.33
C ILE K 237 -24.62 45.55 -47.10
N ASN K 238 -24.29 44.42 -46.47
CA ASN K 238 -24.47 43.12 -47.11
C ASN K 238 -25.29 42.20 -46.22
N SER K 239 -26.61 42.34 -46.30
CA SER K 239 -27.52 41.54 -45.50
C SER K 239 -28.22 40.45 -46.31
N ASN K 240 -28.47 39.32 -45.67
CA ASN K 240 -29.15 38.20 -46.31
C ASN K 240 -30.64 38.35 -46.06
N GLY K 241 -30.98 39.09 -45.01
CA GLY K 241 -32.36 39.31 -44.65
C GLY K 241 -32.49 39.86 -43.24
N ASN K 242 -33.72 40.04 -42.77
CA ASN K 242 -33.96 40.56 -41.43
C ASN K 242 -33.29 41.92 -41.27
N LEU K 243 -33.02 42.57 -42.40
CA LEU K 243 -32.37 43.88 -42.40
C LEU K 243 -33.37 45.02 -42.26
N ILE K 244 -32.91 46.10 -41.63
CA ILE K 244 -33.72 47.29 -41.42
C ILE K 244 -32.90 48.48 -41.88
N ALA K 245 -32.68 48.56 -43.19
CA ALA K 245 -31.90 49.64 -43.78
C ALA K 245 -32.48 51.03 -43.55
N PRO K 246 -31.60 52.01 -43.31
CA PRO K 246 -32.00 53.41 -43.08
C PRO K 246 -32.23 54.14 -44.40
N ARG K 247 -32.95 55.26 -44.34
CA ARG K 247 -33.23 56.03 -45.55
C ARG K 247 -32.15 57.08 -45.79
N GLY K 248 -31.30 57.30 -44.79
CA GLY K 248 -30.24 58.27 -44.93
C GLY K 248 -29.34 58.33 -43.71
N TYR K 249 -28.79 59.51 -43.43
CA TYR K 249 -27.90 59.70 -42.29
C TYR K 249 -28.22 60.97 -41.53
N PHE K 250 -27.41 61.27 -40.52
CA PHE K 250 -27.58 62.47 -39.71
C PHE K 250 -26.28 63.26 -39.70
N LYS K 251 -26.38 64.56 -39.95
CA LYS K 251 -25.20 65.43 -39.97
C LYS K 251 -24.69 65.69 -38.57
N MET K 252 -23.84 64.79 -38.08
CA MET K 252 -23.26 64.91 -36.74
C MET K 252 -22.42 66.18 -36.62
N ARG K 253 -22.61 66.89 -35.51
CA ARG K 253 -21.86 68.12 -35.25
C ARG K 253 -21.14 68.04 -33.91
N THR K 254 -20.16 68.91 -33.72
CA THR K 254 -19.40 68.96 -32.48
C THR K 254 -19.74 70.23 -31.73
N GLY K 255 -20.67 70.14 -30.79
CA GLY K 255 -21.07 71.31 -30.04
C GLY K 255 -21.30 71.09 -28.56
N LYS K 256 -21.67 72.18 -27.88
CA LYS K 256 -21.93 72.17 -26.46
C LYS K 256 -23.23 71.43 -26.15
N SER K 257 -23.89 70.96 -27.20
CA SER K 257 -25.15 70.24 -27.07
C SER K 257 -25.07 69.03 -26.13
N SER K 258 -26.09 68.88 -25.30
CA SER K 258 -26.16 67.78 -24.34
C SER K 258 -27.63 67.52 -23.96
N ILE K 259 -27.85 66.50 -23.14
CA ILE K 259 -29.20 66.16 -22.69
C ILE K 259 -29.28 66.03 -21.18
N MET K 260 -30.33 66.57 -20.59
CA MET K 260 -30.54 66.52 -19.15
C MET K 260 -31.94 65.98 -18.87
N ARG K 261 -32.05 65.11 -17.86
CA ARG K 261 -33.34 64.54 -17.50
C ARG K 261 -34.06 65.39 -16.45
N SER K 262 -35.30 65.78 -16.76
CA SER K 262 -36.10 66.60 -15.85
C SER K 262 -37.49 66.89 -16.41
N ASP K 263 -38.43 67.18 -15.51
CA ASP K 263 -39.80 67.49 -15.87
C ASP K 263 -40.10 68.95 -15.55
N ALA K 264 -39.06 69.67 -15.14
CA ALA K 264 -39.19 71.08 -14.77
C ALA K 264 -39.85 71.95 -15.83
N PRO K 265 -40.69 72.91 -15.38
CA PRO K 265 -41.39 73.80 -16.31
C PRO K 265 -40.40 74.69 -17.06
N ILE K 266 -40.83 75.24 -18.19
CA ILE K 266 -39.96 76.09 -19.00
C ILE K 266 -40.55 77.48 -19.12
N ASP K 267 -40.19 78.37 -18.20
CA ASP K 267 -40.67 79.74 -18.22
C ASP K 267 -39.72 80.62 -19.04
N THR K 268 -40.26 81.65 -19.67
CA THR K 268 -39.44 82.54 -20.47
C THR K 268 -38.54 83.40 -19.58
N CYS K 269 -37.24 83.22 -19.71
CA CYS K 269 -36.26 83.96 -18.91
C CYS K 269 -34.84 83.65 -19.35
N ILE K 270 -33.89 84.46 -18.89
CA ILE K 270 -32.49 84.28 -19.22
C ILE K 270 -31.72 83.86 -17.96
N SER K 271 -31.05 82.72 -18.05
CA SER K 271 -30.27 82.20 -16.92
C SER K 271 -29.18 81.27 -17.43
N GLU K 272 -27.93 81.66 -17.22
CA GLU K 272 -26.79 80.87 -17.67
C GLU K 272 -26.76 79.44 -17.12
N CYS K 273 -27.18 79.25 -15.88
CA CYS K 273 -27.16 77.91 -15.31
C CYS K 273 -28.52 77.20 -15.39
N ILE K 274 -28.47 75.90 -15.65
CA ILE K 274 -29.65 75.07 -15.77
C ILE K 274 -29.47 73.78 -14.96
N THR K 275 -30.47 73.43 -14.16
CA THR K 275 -30.41 72.23 -13.35
C THR K 275 -31.73 71.47 -13.44
N PRO K 276 -31.73 70.17 -13.13
CA PRO K 276 -32.95 69.37 -13.18
C PRO K 276 -34.05 69.95 -12.28
N ASN K 277 -33.66 70.91 -11.45
CA ASN K 277 -34.60 71.56 -10.54
C ASN K 277 -34.99 72.94 -11.06
N GLY K 278 -34.49 73.27 -12.25
CA GLY K 278 -34.79 74.56 -12.83
C GLY K 278 -33.59 75.48 -12.71
N SER K 279 -33.42 76.35 -13.69
CA SER K 279 -32.31 77.30 -13.72
C SER K 279 -32.08 77.94 -12.35
N ILE K 280 -30.83 78.24 -12.05
CA ILE K 280 -30.50 78.88 -10.77
C ILE K 280 -29.43 79.95 -11.00
N PRO K 281 -29.42 81.01 -10.17
CA PRO K 281 -28.44 82.08 -10.31
C PRO K 281 -27.03 81.58 -10.03
N ASN K 282 -26.07 82.05 -10.83
CA ASN K 282 -24.68 81.66 -10.68
C ASN K 282 -23.83 82.78 -10.11
N ASP K 283 -24.38 83.49 -9.13
CA ASP K 283 -23.67 84.59 -8.49
C ASP K 283 -22.74 84.05 -7.40
N LYS K 284 -23.14 82.94 -6.80
CA LYS K 284 -22.36 82.31 -5.74
C LYS K 284 -21.34 81.33 -6.32
N PRO K 285 -20.33 80.96 -5.52
CA PRO K 285 -19.28 80.03 -5.95
C PRO K 285 -19.74 78.58 -6.03
N PHE K 286 -20.53 78.15 -5.06
CA PHE K 286 -21.03 76.77 -5.03
C PHE K 286 -22.56 76.74 -4.96
N GLN K 287 -23.10 75.52 -4.89
CA GLN K 287 -24.54 75.33 -4.80
C GLN K 287 -24.87 73.93 -4.29
N ASN K 288 -26.07 73.75 -3.77
CA ASN K 288 -26.48 72.47 -3.23
C ASN K 288 -27.79 71.98 -3.85
N VAL K 289 -28.15 72.54 -5.00
CA VAL K 289 -29.38 72.16 -5.70
C VAL K 289 -29.31 70.74 -6.25
N ASN K 290 -28.37 70.52 -7.17
CA ASN K 290 -28.20 69.21 -7.79
C ASN K 290 -26.81 69.04 -8.39
N LYS K 291 -26.35 67.80 -8.46
CA LYS K 291 -25.03 67.49 -8.99
C LYS K 291 -24.97 67.67 -10.52
N ILE K 292 -26.09 67.39 -11.18
CA ILE K 292 -26.18 67.53 -12.63
C ILE K 292 -26.37 69.00 -12.96
N THR K 293 -25.49 69.56 -13.78
CA THR K 293 -25.59 70.97 -14.15
C THR K 293 -25.43 71.18 -15.66
N TYR K 294 -25.45 72.43 -16.07
CA TYR K 294 -25.30 72.78 -17.48
C TYR K 294 -24.98 74.26 -17.61
N GLY K 295 -23.97 74.58 -18.41
CA GLY K 295 -23.57 75.96 -18.60
C GLY K 295 -22.74 76.43 -17.41
N ALA K 296 -22.72 77.73 -17.18
CA ALA K 296 -21.97 78.30 -16.08
C ALA K 296 -22.71 78.11 -14.76
N CYS K 297 -22.32 77.11 -13.99
CA CYS K 297 -22.94 76.83 -12.71
C CYS K 297 -21.92 76.75 -11.58
N PRO K 298 -22.35 77.01 -10.34
CA PRO K 298 -21.46 76.95 -9.17
C PRO K 298 -21.12 75.50 -8.83
N LYS K 299 -19.96 75.31 -8.18
CA LYS K 299 -19.52 73.97 -7.80
C LYS K 299 -20.55 73.31 -6.88
N TYR K 300 -20.89 72.06 -7.15
CA TYR K 300 -21.86 71.35 -6.32
C TYR K 300 -21.20 70.75 -5.09
N VAL K 301 -21.16 71.53 -4.01
CA VAL K 301 -20.56 71.07 -2.77
C VAL K 301 -21.61 70.32 -1.95
N LYS K 302 -21.16 69.62 -0.90
CA LYS K 302 -22.08 68.87 -0.06
C LYS K 302 -22.81 69.77 0.93
N GLN K 303 -22.08 70.70 1.54
CA GLN K 303 -22.66 71.63 2.50
C GLN K 303 -23.79 72.41 1.84
N ASN K 304 -24.90 72.57 2.56
CA ASN K 304 -26.03 73.30 2.04
C ASN K 304 -25.89 74.80 2.32
N THR K 305 -24.88 75.17 3.08
CA THR K 305 -24.64 76.56 3.42
C THR K 305 -23.22 76.82 3.90
N LEU K 306 -22.71 78.01 3.59
CA LEU K 306 -21.37 78.42 3.99
C LEU K 306 -21.33 79.95 4.13
N LYS K 307 -21.29 80.43 5.37
CA LYS K 307 -21.26 81.86 5.64
C LYS K 307 -19.86 82.44 5.58
N LEU K 308 -19.66 83.41 4.69
CA LEU K 308 -18.38 84.07 4.52
C LEU K 308 -18.38 85.45 5.17
N ALA K 309 -17.37 85.71 5.99
CA ALA K 309 -17.24 86.98 6.68
C ALA K 309 -16.96 88.09 5.68
N THR K 310 -17.92 89.01 5.53
CA THR K 310 -17.77 90.13 4.61
C THR K 310 -17.49 91.39 5.41
N GLY K 311 -18.11 91.48 6.58
CA GLY K 311 -17.92 92.63 7.43
C GLY K 311 -16.79 92.42 8.42
N MET K 312 -16.66 93.34 9.37
CA MET K 312 -15.63 93.27 10.38
C MET K 312 -16.09 92.40 11.54
N ARG K 313 -15.14 91.87 12.31
CA ARG K 313 -15.48 91.05 13.46
C ARG K 313 -16.13 92.02 14.44
N ASN K 314 -17.29 91.65 14.98
CA ASN K 314 -18.00 92.54 15.88
C ASN K 314 -17.99 92.20 17.36
N VAL K 315 -17.53 93.15 18.17
CA VAL K 315 -17.53 92.99 19.62
C VAL K 315 -18.68 93.91 20.03
N PRO K 316 -19.92 93.39 20.01
CA PRO K 316 -21.11 94.15 20.38
C PRO K 316 -21.15 94.54 21.85
N GLU K 317 -22.14 95.36 22.21
CA GLU K 317 -22.32 95.84 23.58
C GLU K 317 -21.39 97.03 23.82
N LYS K 318 -21.67 97.81 24.86
CA LYS K 318 -20.85 98.99 25.13
C LYS K 318 -20.76 99.31 26.62
N GLN K 319 -19.65 99.95 27.01
CA GLN K 319 -19.47 100.34 28.40
C GLN K 319 -20.51 101.41 28.66
N THR K 320 -20.70 102.28 27.67
CA THR K 320 -21.68 103.36 27.75
C THR K 320 -21.56 104.08 29.08
N ARG K 321 -20.32 104.27 29.52
CA ARG K 321 -20.08 104.90 30.80
C ARG K 321 -20.87 106.14 31.18
N GLY K 322 -21.59 105.96 32.27
CA GLY K 322 -22.43 106.95 32.90
C GLY K 322 -23.04 108.13 32.19
N LEU K 323 -23.04 109.22 32.93
CA LEU K 323 -23.58 110.50 32.55
C LEU K 323 -22.53 111.13 31.66
N PHE K 324 -21.38 111.45 32.25
CA PHE K 324 -20.28 112.00 31.49
C PHE K 324 -19.66 110.80 30.80
N GLY K 325 -19.44 110.90 29.49
CA GLY K 325 -18.88 109.79 28.75
C GLY K 325 -17.36 109.77 28.73
N ALA K 326 -16.77 108.70 29.25
CA ALA K 326 -15.33 108.55 29.28
C ALA K 326 -14.78 108.56 27.86
N ILE K 327 -15.62 108.16 26.91
CA ILE K 327 -15.24 108.11 25.50
C ILE K 327 -14.17 107.04 25.30
N ALA K 328 -14.00 106.19 26.32
CA ALA K 328 -13.03 105.10 26.32
C ALA K 328 -12.75 104.49 24.95
N GLY K 329 -11.49 104.14 24.72
CA GLY K 329 -11.07 103.55 23.45
C GLY K 329 -11.72 102.21 23.17
N PHE K 330 -11.79 101.86 21.89
CA PHE K 330 -12.40 100.60 21.47
C PHE K 330 -12.13 99.40 22.37
N ILE K 331 -10.89 98.89 22.34
CA ILE K 331 -10.52 97.73 23.15
C ILE K 331 -11.62 96.67 23.18
N GLU K 332 -12.44 96.68 24.23
CA GLU K 332 -13.50 95.69 24.38
C GLU K 332 -14.90 96.17 23.98
N ASN K 333 -14.97 97.10 23.02
CA ASN K 333 -16.27 97.59 22.58
C ASN K 333 -16.25 98.31 21.24
N GLY K 334 -17.35 98.18 20.51
CA GLY K 334 -17.50 98.83 19.21
C GLY K 334 -18.53 99.92 19.39
N TRP K 335 -18.42 101.00 18.61
CA TRP K 335 -19.36 102.10 18.74
C TRP K 335 -20.55 102.01 17.78
N GLU K 336 -21.64 101.40 18.25
CA GLU K 336 -22.84 101.27 17.45
C GLU K 336 -23.31 102.65 17.01
N GLY K 337 -22.76 103.68 17.65
CA GLY K 337 -23.13 105.04 17.33
C GLY K 337 -22.52 105.49 16.01
N MET K 338 -21.26 105.17 15.80
CA MET K 338 -20.56 105.53 14.58
C MET K 338 -21.21 104.81 13.40
N ILE K 339 -21.79 105.59 12.49
CA ILE K 339 -22.45 105.03 11.31
C ILE K 339 -21.99 105.71 10.03
N ASP K 340 -20.81 106.32 10.10
CA ASP K 340 -20.24 107.01 8.95
C ASP K 340 -18.94 106.38 8.48
N GLY K 341 -18.56 105.26 9.11
CA GLY K 341 -17.34 104.58 8.73
C GLY K 341 -17.06 103.35 9.56
N TRP K 342 -15.91 102.73 9.30
CA TRP K 342 -15.49 101.53 10.03
C TRP K 342 -14.59 101.90 11.20
N TYR K 343 -13.79 102.93 11.02
CA TYR K 343 -12.88 103.39 12.07
C TYR K 343 -12.98 104.91 12.22
N GLY K 344 -13.13 105.37 13.45
CA GLY K 344 -13.24 106.79 13.69
C GLY K 344 -12.59 107.22 14.99
N PHE K 345 -12.59 108.52 15.26
CA PHE K 345 -11.99 109.04 16.48
C PHE K 345 -13.01 109.78 17.33
N ARG K 346 -12.77 109.79 18.63
CA ARG K 346 -13.66 110.46 19.57
C ARG K 346 -12.85 111.32 20.53
N HIS K 347 -12.96 112.63 20.38
CA HIS K 347 -12.24 113.57 21.23
C HIS K 347 -13.07 114.03 22.42
N GLN K 348 -12.41 114.26 23.54
CA GLN K 348 -13.05 114.71 24.76
C GLN K 348 -12.30 115.92 25.28
N ASN K 349 -12.30 116.99 24.50
CA ASN K 349 -11.61 118.21 24.86
C ASN K 349 -12.47 119.09 25.75
N SER K 350 -11.93 120.25 26.14
CA SER K 350 -12.65 121.18 27.00
C SER K 350 -13.91 121.73 26.33
N GLU K 351 -13.93 121.75 25.01
CA GLU K 351 -15.08 122.26 24.28
C GLU K 351 -16.22 121.25 24.29
N GLY K 352 -15.95 120.04 24.77
CA GLY K 352 -16.96 119.01 24.82
C GLY K 352 -16.54 117.72 24.17
N THR K 353 -17.51 116.99 23.62
CA THR K 353 -17.26 115.72 22.95
C THR K 353 -17.48 115.82 21.46
N GLY K 354 -17.02 114.81 20.72
CA GLY K 354 -17.19 114.81 19.28
C GLY K 354 -16.68 113.52 18.66
N GLN K 355 -17.19 113.20 17.47
CA GLN K 355 -16.79 111.98 16.78
C GLN K 355 -16.59 112.22 15.28
N ALA K 356 -15.59 111.57 14.71
CA ALA K 356 -15.28 111.69 13.29
C ALA K 356 -14.61 110.42 12.79
N ALA K 357 -15.14 109.86 11.72
CA ALA K 357 -14.60 108.64 11.14
C ALA K 357 -13.50 108.92 10.12
N ASP K 358 -12.40 108.17 10.23
CA ASP K 358 -11.28 108.34 9.31
C ASP K 358 -11.50 107.47 8.07
N LEU K 359 -11.89 108.13 6.98
CA LEU K 359 -12.16 107.43 5.73
C LEU K 359 -10.93 106.67 5.20
N LYS K 360 -9.75 107.25 5.41
CA LYS K 360 -8.51 106.63 4.96
C LYS K 360 -8.40 105.17 5.42
N SER K 361 -8.30 104.99 6.73
CA SER K 361 -8.18 103.67 7.33
C SER K 361 -9.33 102.75 6.92
N THR K 362 -10.56 103.24 7.07
CA THR K 362 -11.75 102.47 6.71
C THR K 362 -11.71 101.96 5.28
N GLN K 363 -11.28 102.82 4.36
CA GLN K 363 -11.22 102.46 2.95
C GLN K 363 -10.25 101.32 2.66
N ALA K 364 -9.07 101.38 3.25
CA ALA K 364 -8.07 100.34 3.04
C ALA K 364 -8.64 98.96 3.32
N ALA K 365 -9.37 98.84 4.42
CA ALA K 365 -9.97 97.58 4.81
C ALA K 365 -10.96 97.11 3.75
N ILE K 366 -11.90 97.99 3.42
CA ILE K 366 -12.93 97.68 2.42
C ILE K 366 -12.33 97.19 1.11
N ASP K 367 -11.33 97.92 0.60
CA ASP K 367 -10.69 97.53 -0.66
C ASP K 367 -10.18 96.10 -0.64
N GLN K 368 -9.43 95.75 0.41
CA GLN K 368 -8.89 94.40 0.54
C GLN K 368 -10.00 93.37 0.57
N ILE K 369 -11.05 93.64 1.34
CA ILE K 369 -12.19 92.74 1.47
C ILE K 369 -12.90 92.43 0.16
N ASN K 370 -13.43 93.48 -0.47
CA ASN K 370 -14.16 93.36 -1.73
C ASN K 370 -13.53 92.46 -2.79
N GLY K 371 -12.37 92.88 -3.31
CA GLY K 371 -11.71 92.12 -4.36
C GLY K 371 -11.34 90.67 -4.10
N LYS K 372 -10.99 90.34 -2.86
CA LYS K 372 -10.56 88.98 -2.50
C LYS K 372 -11.47 87.84 -2.97
N LEU K 373 -12.74 87.86 -2.55
CA LEU K 373 -13.68 86.80 -2.92
C LEU K 373 -13.56 86.30 -4.35
N ASN K 374 -13.74 87.21 -5.31
CA ASN K 374 -13.66 86.86 -6.72
C ASN K 374 -12.31 86.30 -7.12
N ARG K 375 -11.25 86.77 -6.48
CA ARG K 375 -9.91 86.29 -6.77
C ARG K 375 -9.78 84.81 -6.40
N VAL K 376 -9.99 84.50 -5.13
CA VAL K 376 -9.90 83.13 -4.64
C VAL K 376 -10.71 82.16 -5.50
N ILE K 377 -11.99 82.44 -5.66
CA ILE K 377 -12.88 81.59 -6.44
C ILE K 377 -13.13 82.19 -7.81
N GLU K 378 -13.13 81.34 -8.83
CA GLU K 378 -13.36 81.82 -10.19
C GLU K 378 -14.82 82.15 -10.41
N LYS K 379 -15.09 83.39 -10.81
CA LYS K 379 -16.45 83.86 -11.05
C LYS K 379 -17.33 82.84 -11.75
N THR K 380 -16.73 82.02 -12.60
CA THR K 380 -17.49 81.02 -13.34
C THR K 380 -16.61 80.04 -14.12
N ASN K 381 -17.22 78.93 -14.53
CA ASN K 381 -16.58 77.90 -15.30
C ASN K 381 -17.71 77.16 -16.01
N GLU K 382 -17.56 76.94 -17.31
CA GLU K 382 -18.60 76.25 -18.06
C GLU K 382 -18.34 74.77 -18.26
N LYS K 383 -19.43 74.03 -18.36
CA LYS K 383 -19.39 72.58 -18.58
C LYS K 383 -20.68 72.26 -19.30
N PHE K 384 -20.62 71.33 -20.25
CA PHE K 384 -21.80 70.96 -21.01
C PHE K 384 -22.05 69.48 -20.88
N HIS K 385 -21.90 68.71 -21.95
CA HIS K 385 -22.12 67.27 -21.85
C HIS K 385 -21.09 66.67 -20.91
N GLN K 386 -21.55 65.83 -19.99
CA GLN K 386 -20.67 65.20 -19.01
C GLN K 386 -21.01 63.71 -18.89
N ILE K 387 -21.04 63.20 -17.67
CA ILE K 387 -21.38 61.80 -17.44
C ILE K 387 -22.73 61.74 -16.74
N GLU K 388 -23.50 60.69 -17.02
CA GLU K 388 -24.79 60.55 -16.36
C GLU K 388 -24.42 60.35 -14.90
N LYS K 389 -24.99 61.18 -14.03
CA LYS K 389 -24.69 61.07 -12.60
C LYS K 389 -25.84 60.35 -11.91
N GLU K 390 -26.64 59.68 -12.72
CA GLU K 390 -27.79 58.93 -12.24
C GLU K 390 -28.12 57.76 -13.14
N PHE K 391 -28.74 56.74 -12.56
CA PHE K 391 -29.12 55.54 -13.30
C PHE K 391 -30.43 55.03 -12.71
N SER K 392 -31.08 54.11 -13.41
CA SER K 392 -32.34 53.55 -12.94
C SER K 392 -32.25 52.05 -12.74
N GLU K 393 -31.17 51.44 -13.23
CA GLU K 393 -30.96 50.01 -13.10
C GLU K 393 -29.49 49.71 -12.81
N VAL K 394 -29.18 48.43 -12.60
CA VAL K 394 -27.81 48.01 -12.31
C VAL K 394 -27.07 47.59 -13.56
N GLU K 395 -25.82 48.04 -13.68
CA GLU K 395 -24.98 47.72 -14.84
C GLU K 395 -23.63 47.15 -14.43
N GLY K 396 -23.47 46.90 -13.14
CA GLY K 396 -22.22 46.34 -12.65
C GLY K 396 -21.03 47.28 -12.74
N ARG K 397 -19.92 46.75 -13.24
CA ARG K 397 -18.66 47.48 -13.37
C ARG K 397 -18.77 48.92 -13.88
N ILE K 398 -19.13 49.08 -15.15
CA ILE K 398 -19.25 50.40 -15.74
C ILE K 398 -19.92 51.40 -14.80
N GLN K 399 -21.15 51.09 -14.40
CA GLN K 399 -21.90 51.96 -13.51
C GLN K 399 -21.09 52.33 -12.26
N ASP K 400 -20.67 51.31 -11.52
CA ASP K 400 -19.89 51.52 -10.30
C ASP K 400 -18.86 52.63 -10.46
N LEU K 401 -17.99 52.48 -11.46
CA LEU K 401 -16.95 53.47 -11.72
C LEU K 401 -17.53 54.87 -11.84
N GLU K 402 -18.44 55.06 -12.79
CA GLU K 402 -19.08 56.35 -13.01
C GLU K 402 -19.51 57.03 -11.71
N LYS K 403 -20.18 56.28 -10.84
CA LYS K 403 -20.64 56.83 -9.57
C LYS K 403 -19.45 57.28 -8.73
N TYR K 404 -18.46 56.40 -8.61
CA TYR K 404 -17.26 56.70 -7.83
C TYR K 404 -16.63 58.01 -8.27
N VAL K 405 -16.36 58.13 -9.56
CA VAL K 405 -15.74 59.33 -10.12
C VAL K 405 -16.44 60.60 -9.64
N GLU K 406 -17.72 60.73 -9.98
CA GLU K 406 -18.50 61.90 -9.59
C GLU K 406 -18.48 62.12 -8.08
N ASP K 407 -18.77 61.06 -7.32
CA ASP K 407 -18.80 61.15 -5.87
C ASP K 407 -17.47 61.69 -5.34
N THR K 408 -16.38 61.07 -5.78
CA THR K 408 -15.03 61.49 -5.36
C THR K 408 -14.84 62.97 -5.62
N LYS K 409 -15.26 63.42 -6.80
CA LYS K 409 -15.15 64.82 -7.19
C LYS K 409 -15.76 65.74 -6.13
N ILE K 410 -17.01 65.47 -5.79
CA ILE K 410 -17.74 66.25 -4.81
C ILE K 410 -17.00 66.35 -3.48
N ASP K 411 -16.73 65.21 -2.86
CA ASP K 411 -16.03 65.19 -1.58
C ASP K 411 -14.77 66.06 -1.62
N LEU K 412 -13.95 65.85 -2.64
CA LEU K 412 -12.72 66.62 -2.79
C LEU K 412 -13.03 68.11 -2.95
N TRP K 413 -13.97 68.41 -3.83
CA TRP K 413 -14.38 69.79 -4.08
C TRP K 413 -14.94 70.45 -2.82
N SER K 414 -15.81 69.73 -2.12
CA SER K 414 -16.43 70.24 -0.91
C SER K 414 -15.35 70.69 0.08
N TYR K 415 -14.36 69.83 0.29
CA TYR K 415 -13.25 70.14 1.18
C TYR K 415 -12.68 71.51 0.87
N ASN K 416 -12.36 71.73 -0.41
CA ASN K 416 -11.79 73.00 -0.85
C ASN K 416 -12.67 74.17 -0.43
N ALA K 417 -13.97 74.06 -0.68
CA ALA K 417 -14.91 75.10 -0.31
C ALA K 417 -14.87 75.35 1.20
N GLU K 418 -15.08 74.30 1.97
CA GLU K 418 -15.07 74.38 3.42
C GLU K 418 -13.76 75.00 3.90
N LEU K 419 -12.64 74.42 3.48
CA LEU K 419 -11.31 74.90 3.85
C LEU K 419 -11.11 76.35 3.44
N LEU K 420 -11.42 76.65 2.18
CA LEU K 420 -11.26 78.00 1.65
C LEU K 420 -12.00 79.06 2.46
N VAL K 421 -13.27 78.80 2.75
CA VAL K 421 -14.08 79.75 3.51
C VAL K 421 -13.46 79.99 4.89
N ALA K 422 -13.09 78.91 5.57
CA ALA K 422 -12.48 79.02 6.90
C ALA K 422 -11.25 79.92 6.84
N LEU K 423 -10.49 79.78 5.76
CA LEU K 423 -9.29 80.58 5.56
C LEU K 423 -9.65 82.05 5.36
N GLU K 424 -10.63 82.30 4.50
CA GLU K 424 -11.07 83.66 4.19
C GLU K 424 -11.56 84.40 5.43
N ASN K 425 -12.54 83.82 6.13
CA ASN K 425 -13.09 84.44 7.33
C ASN K 425 -11.97 84.74 8.33
N GLN K 426 -11.19 83.70 8.63
CA GLN K 426 -10.07 83.81 9.55
C GLN K 426 -9.09 84.90 9.11
N HIS K 427 -8.93 85.03 7.81
CA HIS K 427 -8.02 86.01 7.23
C HIS K 427 -8.60 87.42 7.24
N THR K 428 -9.89 87.53 6.97
CA THR K 428 -10.57 88.83 6.95
C THR K 428 -10.49 89.50 8.31
N ILE K 429 -10.79 88.74 9.36
CA ILE K 429 -10.76 89.27 10.72
C ILE K 429 -9.42 89.94 11.03
N ASP K 430 -8.33 89.20 10.83
CA ASP K 430 -7.00 89.72 11.09
C ASP K 430 -6.76 91.01 10.29
N LEU K 431 -7.18 90.99 9.03
CA LEU K 431 -7.03 92.14 8.15
C LEU K 431 -7.69 93.39 8.71
N THR K 432 -8.98 93.28 9.02
CA THR K 432 -9.73 94.41 9.57
C THR K 432 -9.23 94.79 10.95
N ASP K 433 -9.00 93.78 11.78
CA ASP K 433 -8.53 93.99 13.14
C ASP K 433 -7.17 94.66 13.16
N SER K 434 -6.36 94.39 12.13
CA SER K 434 -5.03 94.98 12.02
C SER K 434 -5.13 96.46 11.75
N GLU K 435 -5.94 96.82 10.76
CA GLU K 435 -6.14 98.23 10.40
C GLU K 435 -6.39 99.06 11.64
N MET K 436 -7.37 98.65 12.43
CA MET K 436 -7.73 99.33 13.67
C MET K 436 -6.50 99.49 14.57
N ASN K 437 -5.61 98.51 14.51
CA ASN K 437 -4.40 98.52 15.33
C ASN K 437 -3.35 99.48 14.77
N LYS K 438 -3.31 99.61 13.45
CA LYS K 438 -2.34 100.50 12.82
C LYS K 438 -2.68 101.97 13.07
N LEU K 439 -3.93 102.33 12.82
CA LEU K 439 -4.39 103.69 13.02
C LEU K 439 -4.09 104.14 14.44
N PHE K 440 -3.96 103.17 15.34
CA PHE K 440 -3.66 103.44 16.74
C PHE K 440 -2.17 103.72 16.92
N GLU K 441 -1.35 103.03 16.13
CA GLU K 441 0.09 103.21 16.19
C GLU K 441 0.48 104.45 15.38
N LYS K 442 -0.30 104.71 14.33
CA LYS K 442 -0.08 105.87 13.48
C LYS K 442 -0.22 107.13 14.32
N THR K 443 -0.98 107.01 15.40
CA THR K 443 -1.22 108.13 16.30
C THR K 443 -0.11 108.22 17.34
N ARG K 444 0.37 107.07 17.81
CA ARG K 444 1.44 107.03 18.80
C ARG K 444 2.66 107.76 18.26
N ARG K 445 3.02 107.46 17.02
CA ARG K 445 4.17 108.08 16.39
C ARG K 445 3.92 109.56 16.13
N GLN K 446 2.68 109.91 15.85
CA GLN K 446 2.30 111.28 15.57
C GLN K 446 2.31 112.14 16.82
N LEU K 447 1.49 111.77 17.80
CA LEU K 447 1.40 112.51 19.06
C LEU K 447 2.78 112.66 19.71
N ARG K 448 3.61 111.64 19.56
CA ARG K 448 4.94 111.65 20.14
C ARG K 448 4.85 111.68 21.67
N GLU K 449 5.46 112.68 22.28
CA GLU K 449 5.48 112.81 23.74
C GLU K 449 4.24 113.49 24.34
N ASN K 450 3.67 114.43 23.60
CA ASN K 450 2.51 115.18 24.05
C ASN K 450 1.45 114.42 24.85
N ALA K 451 1.27 113.13 24.56
CA ALA K 451 0.27 112.35 25.27
C ALA K 451 0.78 110.98 25.74
N GLU K 452 -0.12 110.19 26.32
CA GLU K 452 0.23 108.86 26.80
C GLU K 452 -0.91 107.89 26.52
N ASP K 453 -0.56 106.63 26.28
CA ASP K 453 -1.55 105.60 25.99
C ASP K 453 -2.16 105.07 27.28
N MET K 454 -3.36 105.55 27.60
CA MET K 454 -4.07 105.13 28.81
C MET K 454 -4.21 103.62 28.89
N GLY K 455 -4.21 102.97 27.72
CA GLY K 455 -4.36 101.53 27.68
C GLY K 455 -5.75 101.15 27.24
N ASN K 456 -6.73 101.92 27.67
CA ASN K 456 -8.13 101.67 27.32
C ASN K 456 -8.37 101.98 25.84
N GLY K 457 -7.29 102.14 25.09
CA GLY K 457 -7.41 102.45 23.67
C GLY K 457 -7.52 103.94 23.40
N CYS K 458 -7.12 104.74 24.39
CA CYS K 458 -7.16 106.20 24.25
C CYS K 458 -5.80 106.81 24.56
N PHE K 459 -5.58 108.01 24.05
CA PHE K 459 -4.35 108.74 24.30
C PHE K 459 -4.72 109.95 25.16
N LYS K 460 -4.22 109.97 26.39
CA LYS K 460 -4.53 111.06 27.30
C LYS K 460 -3.63 112.27 27.05
N ILE K 461 -4.03 113.10 26.08
CA ILE K 461 -3.26 114.30 25.74
C ILE K 461 -3.10 115.14 27.00
N TYR K 462 -1.87 115.60 27.25
CA TYR K 462 -1.58 116.40 28.43
C TYR K 462 -1.68 117.91 28.29
N HIS K 463 -2.40 118.39 27.28
CA HIS K 463 -2.52 119.83 27.09
C HIS K 463 -3.85 120.27 26.51
N LYS K 464 -4.26 121.49 26.87
CA LYS K 464 -5.52 122.04 26.36
C LYS K 464 -5.55 121.84 24.85
N CYS K 465 -6.55 121.13 24.36
CA CYS K 465 -6.66 120.85 22.94
C CYS K 465 -8.07 121.17 22.42
N ASP K 466 -8.17 122.28 21.69
CA ASP K 466 -9.45 122.71 21.13
C ASP K 466 -9.81 121.81 19.95
N ASN K 467 -11.03 121.96 19.43
CA ASN K 467 -11.48 121.16 18.30
C ASN K 467 -10.53 121.22 17.11
N ALA K 468 -9.96 122.40 16.88
CA ALA K 468 -9.03 122.57 15.77
C ALA K 468 -7.78 121.74 16.07
N CYS K 469 -7.34 121.81 17.32
CA CYS K 469 -6.17 121.07 17.78
C CYS K 469 -6.36 119.58 17.51
N ILE K 470 -7.57 119.09 17.72
CA ILE K 470 -7.89 117.69 17.49
C ILE K 470 -7.89 117.37 15.99
N GLU K 471 -8.57 118.20 15.23
CA GLU K 471 -8.65 118.02 13.78
C GLU K 471 -7.28 117.92 13.12
N SER K 472 -6.34 118.74 13.59
CA SER K 472 -4.98 118.74 13.04
C SER K 472 -4.29 117.40 13.24
N ILE K 473 -4.75 116.63 14.22
CA ILE K 473 -4.15 115.33 14.51
C ILE K 473 -4.77 114.21 13.68
N ARG K 474 -6.05 114.35 13.34
CA ARG K 474 -6.73 113.34 12.56
C ARG K 474 -6.26 113.27 11.11
N ASN K 475 -5.90 114.40 10.52
CA ASN K 475 -5.41 114.38 9.15
C ASN K 475 -3.96 113.93 9.19
N GLY K 476 -3.25 114.30 10.25
CA GLY K 476 -1.86 113.92 10.40
C GLY K 476 -0.92 115.11 10.31
N THR K 477 -1.50 116.29 10.07
CA THR K 477 -0.74 117.53 9.94
C THR K 477 -0.10 117.99 11.25
N TYR K 478 -0.84 117.80 12.35
CA TYR K 478 -0.42 118.18 13.70
C TYR K 478 1.09 118.04 13.99
N ASP K 479 1.63 119.05 14.68
CA ASP K 479 3.04 119.09 15.07
C ASP K 479 3.23 118.99 16.58
N HIS K 480 4.12 118.11 17.00
CA HIS K 480 4.40 117.87 18.42
C HIS K 480 5.09 119.02 19.16
N ASP K 481 6.05 119.67 18.51
CA ASP K 481 6.78 120.77 19.12
C ASP K 481 5.88 121.87 19.66
N VAL K 482 4.84 122.21 18.92
CA VAL K 482 3.90 123.25 19.30
C VAL K 482 3.46 123.17 20.76
N TYR K 483 2.97 122.00 21.15
CA TYR K 483 2.47 121.78 22.51
C TYR K 483 3.49 121.05 23.39
N ARG K 484 4.64 120.72 22.82
CA ARG K 484 5.68 120.00 23.55
C ARG K 484 5.94 120.56 24.94
N ASP K 485 6.38 121.81 25.01
CA ASP K 485 6.68 122.46 26.28
C ASP K 485 5.49 122.38 27.25
N GLU K 486 4.31 122.77 26.78
CA GLU K 486 3.11 122.75 27.59
C GLU K 486 2.82 121.37 28.16
N ALA K 487 2.61 120.40 27.27
CA ALA K 487 2.32 119.02 27.69
C ALA K 487 3.34 118.49 28.70
N LEU K 488 4.61 118.54 28.32
CA LEU K 488 5.70 118.06 29.18
C LEU K 488 5.54 118.47 30.64
N ASN K 489 5.03 119.68 30.88
CA ASN K 489 4.85 120.17 32.23
C ASN K 489 3.78 119.42 33.00
N ASN K 490 2.58 119.34 32.43
CA ASN K 490 1.46 118.64 33.08
C ASN K 490 1.77 117.18 33.35
N ARG K 491 2.71 116.61 32.61
CA ARG K 491 3.08 115.21 32.76
C ARG K 491 3.90 114.94 34.02
N PHE K 492 5.06 115.58 34.10
CA PHE K 492 5.97 115.38 35.22
C PHE K 492 5.77 116.37 36.37
N GLN K 493 4.65 117.09 36.34
CA GLN K 493 4.34 118.07 37.39
C GLN K 493 2.84 118.16 37.63
N SER L 1 15.19 99.05 45.84
CA SER L 1 14.32 100.21 45.50
C SER L 1 13.67 100.03 44.14
N THR L 2 13.94 98.87 43.52
CA THR L 2 13.39 98.54 42.21
C THR L 2 13.12 97.05 42.13
N ALA L 3 12.16 96.66 41.29
CA ALA L 3 11.82 95.26 41.11
C ALA L 3 11.72 94.92 39.64
N THR L 4 12.05 93.67 39.30
CA THR L 4 11.99 93.23 37.91
C THR L 4 10.88 92.20 37.70
N LEU L 5 10.02 92.46 36.72
CA LEU L 5 8.94 91.54 36.41
C LEU L 5 9.15 91.07 34.98
N CYS L 6 9.00 89.78 34.75
CA CYS L 6 9.19 89.23 33.41
C CYS L 6 8.07 88.27 33.04
N LEU L 7 7.92 88.04 31.75
CA LEU L 7 6.91 87.14 31.22
C LEU L 7 7.64 86.02 30.50
N GLY L 8 6.94 84.93 30.22
CA GLY L 8 7.56 83.82 29.53
C GLY L 8 6.64 82.65 29.29
N HIS L 9 7.19 81.59 28.69
CA HIS L 9 6.43 80.40 28.39
C HIS L 9 7.14 79.14 28.88
N HIS L 10 6.51 77.99 28.67
CA HIS L 10 7.06 76.71 29.10
C HIS L 10 8.00 76.07 28.08
N ALA L 11 8.59 74.95 28.47
CA ALA L 11 9.51 74.21 27.61
C ALA L 11 9.54 72.74 27.99
N VAL L 12 9.92 71.89 27.04
CA VAL L 12 9.99 70.45 27.28
C VAL L 12 11.39 69.92 26.99
N PRO L 13 11.78 68.81 27.62
CA PRO L 13 13.09 68.19 27.42
C PRO L 13 13.45 68.02 25.95
N ASN L 14 12.68 67.18 25.26
CA ASN L 14 12.92 66.92 23.85
C ASN L 14 11.62 67.04 23.05
N GLY L 15 11.49 68.13 22.30
CA GLY L 15 10.28 68.34 21.52
C GLY L 15 10.28 67.56 20.21
N THR L 16 9.32 67.86 19.35
CA THR L 16 9.20 67.19 18.06
C THR L 16 9.22 68.21 16.93
N LEU L 17 9.68 67.80 15.76
CA LEU L 17 9.75 68.68 14.61
C LEU L 17 8.46 68.64 13.81
N VAL L 18 8.16 69.75 13.13
CA VAL L 18 6.94 69.85 12.32
C VAL L 18 7.20 70.65 11.06
N LYS L 19 6.48 70.32 10.00
CA LYS L 19 6.63 71.01 8.72
C LYS L 19 5.72 72.23 8.64
N THR L 20 6.33 73.41 8.59
CA THR L 20 5.57 74.65 8.52
C THR L 20 5.93 75.40 7.24
N ILE L 21 5.12 76.39 6.90
CA ILE L 21 5.34 77.19 5.71
C ILE L 21 6.66 77.97 5.78
N THR L 22 6.72 78.94 6.69
CA THR L 22 7.90 79.77 6.87
C THR L 22 9.19 78.99 7.07
N ASP L 23 9.26 78.20 8.14
CA ASP L 23 10.44 77.39 8.42
C ASP L 23 10.25 76.00 7.85
N ASP L 24 11.27 75.48 7.17
CA ASP L 24 11.19 74.15 6.57
C ASP L 24 11.14 73.06 7.63
N GLN L 25 11.63 73.36 8.83
CA GLN L 25 11.64 72.41 9.93
C GLN L 25 11.81 73.13 11.25
N ILE L 26 10.91 72.87 12.21
CA ILE L 26 10.99 73.52 13.51
C ILE L 26 10.45 72.62 14.62
N GLU L 27 10.96 72.82 15.83
CA GLU L 27 10.55 72.03 16.99
C GLU L 27 9.48 72.70 17.85
N VAL L 28 8.55 71.89 18.35
CA VAL L 28 7.48 72.38 19.20
C VAL L 28 7.53 71.66 20.55
N THR L 29 6.51 71.86 21.37
CA THR L 29 6.45 71.23 22.69
C THR L 29 5.55 70.00 22.68
N ASN L 30 4.87 69.78 21.56
CA ASN L 30 3.96 68.64 21.45
C ASN L 30 3.51 68.43 20.00
N ALA L 31 3.35 67.18 19.61
CA ALA L 31 2.91 66.84 18.27
C ALA L 31 1.92 65.68 18.30
N THR L 32 1.53 65.20 17.12
CA THR L 32 0.59 64.09 17.02
C THR L 32 0.53 63.57 15.58
N GLU L 33 0.42 62.26 15.44
CA GLU L 33 0.36 61.64 14.12
C GLU L 33 -1.06 61.73 13.55
N LEU L 34 -1.14 62.18 12.30
CA LEU L 34 -2.43 62.34 11.62
C LEU L 34 -2.62 61.27 10.54
N VAL L 35 -1.76 60.26 10.54
CA VAL L 35 -1.84 59.19 9.56
C VAL L 35 -1.77 57.82 10.22
N GLN L 36 -2.88 57.09 10.21
CA GLN L 36 -2.93 55.76 10.80
C GLN L 36 -2.03 54.82 10.01
N SER L 37 -0.98 54.33 10.66
CA SER L 37 -0.04 53.42 10.02
C SER L 37 -0.09 52.00 10.57
N SER L 38 -0.47 51.87 11.84
CA SER L 38 -0.55 50.55 12.48
C SER L 38 -1.86 49.85 12.14
N SER L 39 -1.93 48.56 12.43
CA SER L 39 -3.13 47.77 12.16
C SER L 39 -3.18 46.52 13.05
N THR L 40 -4.35 46.26 13.62
CA THR L 40 -4.53 45.09 14.48
C THR L 40 -4.27 43.82 13.69
N GLY L 41 -4.69 43.83 12.42
CA GLY L 41 -4.51 42.67 11.58
C GLY L 41 -5.70 41.73 11.60
N LYS L 42 -6.75 42.13 12.30
CA LYS L 42 -7.96 41.32 12.41
C LYS L 42 -9.20 42.14 12.07
N ILE L 43 -10.16 41.50 11.41
CA ILE L 43 -11.40 42.15 11.02
C ILE L 43 -12.42 42.10 12.15
N CYS L 44 -12.81 43.27 12.67
CA CYS L 44 -13.78 43.33 13.74
C CYS L 44 -15.20 43.11 13.19
N ASN L 45 -15.80 42.00 13.61
CA ASN L 45 -17.14 41.64 13.15
C ASN L 45 -18.23 42.68 13.40
N ASN L 46 -17.98 43.61 14.32
CA ASN L 46 -18.96 44.65 14.61
C ASN L 46 -18.43 46.05 14.28
N PRO L 47 -19.33 46.99 13.99
CA PRO L 47 -20.79 46.80 13.95
C PRO L 47 -21.26 46.07 12.68
N HIS L 48 -20.61 46.41 11.57
CA HIS L 48 -20.94 45.84 10.27
C HIS L 48 -20.95 44.32 10.31
N ARG L 49 -22.08 43.71 10.00
CA ARG L 49 -22.18 42.26 10.00
C ARG L 49 -21.22 41.75 8.93
N ILE L 50 -20.23 40.98 9.36
CA ILE L 50 -19.23 40.45 8.44
C ILE L 50 -19.44 38.96 8.16
N LEU L 51 -19.47 38.60 6.89
CA LEU L 51 -19.64 37.22 6.47
C LEU L 51 -18.36 36.65 5.89
N ASP L 52 -17.93 35.50 6.40
CA ASP L 52 -16.72 34.86 5.92
C ASP L 52 -17.07 33.76 4.92
N GLY L 53 -16.81 34.02 3.64
CA GLY L 53 -17.10 33.04 2.62
C GLY L 53 -16.09 31.91 2.61
N ILE L 54 -15.12 32.00 3.52
CA ILE L 54 -14.06 31.00 3.63
C ILE L 54 -13.66 30.53 2.23
N ASP L 55 -13.47 29.22 2.07
CA ASP L 55 -13.11 28.67 0.76
C ASP L 55 -14.30 28.66 -0.19
N CYS L 56 -14.82 29.85 -0.46
CA CYS L 56 -15.96 30.03 -1.36
C CYS L 56 -16.02 31.46 -1.90
N THR L 57 -16.36 31.59 -3.18
CA THR L 57 -16.47 32.89 -3.81
C THR L 57 -17.93 33.29 -3.79
N LEU L 58 -18.21 34.59 -3.69
CA LEU L 58 -19.57 35.07 -3.66
C LEU L 58 -20.38 34.49 -4.82
N ILE L 59 -19.70 34.23 -5.94
CA ILE L 59 -20.35 33.66 -7.11
C ILE L 59 -20.63 32.17 -6.91
N ASP L 60 -19.63 31.44 -6.43
CA ASP L 60 -19.80 30.00 -6.20
C ASP L 60 -20.90 29.79 -5.18
N ALA L 61 -21.15 30.79 -4.36
CA ALA L 61 -22.19 30.73 -3.34
C ALA L 61 -23.54 30.98 -4.03
N LEU L 62 -23.57 32.01 -4.87
CA LEU L 62 -24.77 32.36 -5.61
C LEU L 62 -25.21 31.16 -6.44
N LEU L 63 -24.38 30.79 -7.41
CA LEU L 63 -24.66 29.66 -8.28
C LEU L 63 -25.17 28.49 -7.47
N GLY L 64 -24.54 28.25 -6.32
CA GLY L 64 -24.95 27.16 -5.46
C GLY L 64 -24.04 25.95 -5.58
N ASP L 65 -22.76 26.14 -5.33
CA ASP L 65 -21.78 25.06 -5.42
C ASP L 65 -21.93 24.18 -4.18
N PRO L 66 -21.84 22.86 -4.35
CA PRO L 66 -21.96 21.88 -3.24
C PRO L 66 -21.30 22.29 -1.94
N HIS L 67 -20.02 22.64 -2.00
CA HIS L 67 -19.29 23.02 -0.80
C HIS L 67 -19.62 24.42 -0.28
N CYS L 68 -20.43 25.16 -1.03
CA CYS L 68 -20.80 26.50 -0.61
C CYS L 68 -22.30 26.63 -0.35
N ASP L 69 -23.01 25.50 -0.41
CA ASP L 69 -24.45 25.50 -0.18
C ASP L 69 -24.78 26.05 1.21
N VAL L 70 -23.84 25.93 2.13
CA VAL L 70 -24.03 26.42 3.49
C VAL L 70 -24.33 27.92 3.50
N PHE L 71 -23.94 28.61 2.43
CA PHE L 71 -24.17 30.05 2.32
C PHE L 71 -25.51 30.40 1.68
N GLN L 72 -26.26 29.40 1.25
CA GLN L 72 -27.55 29.65 0.63
C GLN L 72 -28.45 30.46 1.55
N ASN L 73 -29.24 31.36 0.95
CA ASN L 73 -30.15 32.20 1.70
C ASN L 73 -29.42 33.02 2.76
N GLU L 74 -28.20 33.42 2.43
CA GLU L 74 -27.37 34.21 3.34
C GLU L 74 -27.44 35.71 3.06
N THR L 75 -27.40 36.50 4.13
CA THR L 75 -27.42 37.96 4.02
C THR L 75 -26.08 38.42 4.55
N TRP L 76 -25.77 39.70 4.41
CA TRP L 76 -24.50 40.21 4.90
C TRP L 76 -24.33 41.73 4.71
N ASP L 77 -23.32 42.28 5.37
CA ASP L 77 -23.00 43.70 5.28
C ASP L 77 -21.78 43.85 4.39
N LEU L 78 -20.77 43.02 4.65
CA LEU L 78 -19.53 43.03 3.89
C LEU L 78 -19.01 41.62 3.67
N PHE L 79 -19.33 41.04 2.52
CA PHE L 79 -18.89 39.69 2.20
C PHE L 79 -17.39 39.65 1.98
N VAL L 80 -16.69 38.96 2.88
CA VAL L 80 -15.24 38.83 2.78
C VAL L 80 -14.92 37.59 1.96
N GLU L 81 -14.09 37.77 0.93
CA GLU L 81 -13.71 36.66 0.07
C GLU L 81 -12.27 36.23 0.35
N ARG L 82 -12.11 34.99 0.77
CA ARG L 82 -10.80 34.44 1.10
C ARG L 82 -10.05 33.97 -0.15
N SER L 83 -8.72 33.97 -0.05
CA SER L 83 -7.88 33.54 -1.17
C SER L 83 -7.89 32.01 -1.26
N LYS L 84 -7.96 31.37 -0.10
CA LYS L 84 -7.98 29.91 -0.03
C LYS L 84 -9.18 29.40 -0.82
N ALA L 85 -10.06 30.32 -1.20
CA ALA L 85 -11.27 30.01 -1.95
C ALA L 85 -10.99 29.15 -3.19
N PHE L 86 -12.05 28.57 -3.74
CA PHE L 86 -11.94 27.73 -4.92
C PHE L 86 -13.33 27.18 -5.27
N SER L 87 -13.49 26.71 -6.49
CA SER L 87 -14.76 26.15 -6.94
C SER L 87 -14.59 24.67 -7.26
N ASN L 88 -15.65 23.88 -7.07
CA ASN L 88 -15.58 22.45 -7.34
C ASN L 88 -16.86 21.93 -7.97
N CYS L 89 -17.40 22.67 -8.93
CA CYS L 89 -18.63 22.28 -9.62
C CYS L 89 -18.36 22.35 -11.13
N TYR L 90 -19.39 22.09 -11.94
CA TYR L 90 -19.25 22.12 -13.39
C TYR L 90 -18.55 23.40 -13.86
N PRO L 91 -17.55 23.27 -14.74
CA PRO L 91 -16.82 24.43 -15.27
C PRO L 91 -17.71 25.51 -15.85
N TYR L 92 -17.54 26.74 -15.39
CA TYR L 92 -18.34 27.86 -15.86
C TYR L 92 -17.49 29.10 -16.12
N ASP L 93 -18.06 30.04 -16.86
CA ASP L 93 -17.39 31.30 -17.19
C ASP L 93 -18.46 32.38 -17.23
N VAL L 94 -18.31 33.39 -16.36
CA VAL L 94 -19.29 34.47 -16.30
C VAL L 94 -18.85 35.70 -17.08
N PRO L 95 -19.46 35.94 -18.26
CA PRO L 95 -19.10 37.11 -19.06
C PRO L 95 -19.33 38.37 -18.25
N ASP L 96 -18.34 39.26 -18.26
CA ASP L 96 -18.43 40.50 -17.49
C ASP L 96 -18.60 40.13 -16.03
N TYR L 97 -18.03 38.99 -15.67
CA TYR L 97 -18.07 38.44 -14.32
C TYR L 97 -17.99 39.49 -13.22
N ALA L 98 -16.91 40.25 -13.21
CA ALA L 98 -16.69 41.29 -12.20
C ALA L 98 -17.95 42.09 -11.90
N SER L 99 -18.61 42.58 -12.94
CA SER L 99 -19.83 43.37 -12.77
C SER L 99 -20.85 42.61 -11.94
N LEU L 100 -21.26 41.44 -12.41
CA LEU L 100 -22.23 40.62 -11.70
C LEU L 100 -21.86 40.48 -10.22
N ARG L 101 -20.63 40.06 -9.97
CA ARG L 101 -20.14 39.89 -8.61
C ARG L 101 -20.33 41.18 -7.81
N SER L 102 -19.99 42.30 -8.44
CA SER L 102 -20.11 43.61 -7.81
C SER L 102 -21.54 43.92 -7.39
N LEU L 103 -22.48 43.77 -8.33
CA LEU L 103 -23.89 44.04 -8.05
C LEU L 103 -24.44 43.13 -6.95
N VAL L 104 -24.04 41.86 -6.98
CA VAL L 104 -24.49 40.91 -5.98
C VAL L 104 -24.04 41.36 -4.59
N ALA L 105 -22.80 41.80 -4.49
CA ALA L 105 -22.25 42.26 -3.22
C ALA L 105 -23.02 43.49 -2.74
N SER L 106 -23.45 44.32 -3.70
CA SER L 106 -24.20 45.52 -3.37
C SER L 106 -25.52 45.18 -2.69
N SER L 107 -26.20 44.16 -3.20
CA SER L 107 -27.46 43.73 -2.63
C SER L 107 -27.26 43.27 -1.19
N GLY L 108 -26.27 42.41 -0.99
CA GLY L 108 -25.97 41.92 0.35
C GLY L 108 -26.84 40.77 0.81
N THR L 109 -27.29 39.95 -0.11
CA THR L 109 -28.15 38.82 0.23
C THR L 109 -28.33 37.82 -0.90
N LEU L 110 -28.04 36.56 -0.63
CA LEU L 110 -28.19 35.50 -1.63
C LEU L 110 -29.54 34.82 -1.43
N GLU L 111 -30.47 35.57 -0.84
CA GLU L 111 -31.82 35.08 -0.58
C GLU L 111 -32.46 34.58 -1.87
N PHE L 112 -32.63 33.27 -1.97
CA PHE L 112 -33.24 32.68 -3.15
C PHE L 112 -34.72 32.39 -2.92
N ILE L 113 -35.53 32.63 -3.95
CA ILE L 113 -36.96 32.39 -3.87
C ILE L 113 -37.40 31.52 -5.03
N THR L 114 -37.40 30.21 -4.81
CA THR L 114 -37.78 29.25 -5.84
C THR L 114 -39.16 29.54 -6.42
N GLU L 115 -39.24 29.60 -7.75
CA GLU L 115 -40.50 29.84 -8.43
C GLU L 115 -40.95 28.57 -9.12
N GLY L 116 -42.26 28.37 -9.20
CA GLY L 116 -42.80 27.18 -9.83
C GLY L 116 -42.76 27.16 -11.34
N PHE L 117 -41.58 26.90 -11.91
CA PHE L 117 -41.42 26.83 -13.35
C PHE L 117 -41.92 25.48 -13.87
N THR L 118 -42.50 25.49 -15.06
CA THR L 118 -43.02 24.27 -15.66
C THR L 118 -42.45 24.02 -17.04
N TRP L 119 -41.49 23.11 -17.12
CA TRP L 119 -40.85 22.75 -18.38
C TRP L 119 -41.52 21.48 -18.90
N THR L 120 -42.25 21.61 -20.01
CA THR L 120 -42.96 20.48 -20.59
C THR L 120 -42.15 19.72 -21.63
N GLY L 121 -42.43 18.42 -21.73
CA GLY L 121 -41.73 17.58 -22.70
C GLY L 121 -40.22 17.58 -22.61
N VAL L 122 -39.68 17.75 -21.41
CA VAL L 122 -38.24 17.77 -21.23
C VAL L 122 -37.82 17.35 -19.82
N THR L 123 -36.75 16.59 -19.72
CA THR L 123 -36.24 16.13 -18.43
C THR L 123 -35.69 17.29 -17.62
N GLN L 124 -35.65 17.13 -16.30
CA GLN L 124 -35.15 18.18 -15.41
C GLN L 124 -34.17 17.63 -14.37
N ASN L 125 -33.59 18.55 -13.61
CA ASN L 125 -32.64 18.18 -12.55
C ASN L 125 -31.49 17.32 -13.05
N GLY L 126 -30.79 17.81 -14.08
CA GLY L 126 -29.66 17.07 -14.61
C GLY L 126 -28.44 17.21 -13.72
N GLY L 127 -27.60 16.18 -13.70
CA GLY L 127 -26.41 16.22 -12.88
C GLY L 127 -25.19 15.60 -13.53
N SER L 128 -24.02 15.85 -12.95
CA SER L 128 -22.77 15.32 -13.47
C SER L 128 -21.77 15.05 -12.35
N ASN L 129 -20.72 14.29 -12.65
CA ASN L 129 -19.69 13.95 -11.67
C ASN L 129 -18.91 15.18 -11.21
N ALA L 130 -18.58 16.06 -12.14
CA ALA L 130 -17.83 17.27 -11.84
C ALA L 130 -18.37 18.00 -10.62
N CYS L 131 -19.69 17.99 -10.46
CA CYS L 131 -20.33 18.66 -9.34
C CYS L 131 -21.09 17.63 -8.50
N LYS L 132 -20.38 16.91 -7.65
CA LYS L 132 -21.00 15.90 -6.80
C LYS L 132 -21.42 16.42 -5.44
N ARG L 133 -22.72 16.34 -5.17
CA ARG L 133 -23.26 16.77 -3.89
C ARG L 133 -23.40 15.53 -3.02
N GLY L 134 -22.34 15.21 -2.29
CA GLY L 134 -22.34 14.02 -1.44
C GLY L 134 -21.79 12.86 -2.24
N PRO L 135 -22.26 11.63 -1.97
CA PRO L 135 -21.76 10.46 -2.71
C PRO L 135 -22.23 10.48 -4.17
N GLY L 136 -23.54 10.64 -4.35
CA GLY L 136 -24.09 10.67 -5.69
C GLY L 136 -23.84 12.01 -6.38
N SER L 137 -23.74 11.98 -7.71
CA SER L 137 -23.49 13.18 -8.48
C SER L 137 -24.54 14.26 -8.20
N GLY L 138 -24.30 15.46 -8.73
CA GLY L 138 -25.25 16.55 -8.52
C GLY L 138 -25.07 17.68 -9.51
N PHE L 139 -25.53 18.87 -9.13
CA PHE L 139 -25.43 20.05 -9.99
C PHE L 139 -25.61 21.30 -9.14
N PHE L 140 -25.71 22.46 -9.79
CA PHE L 140 -25.90 23.72 -9.08
C PHE L 140 -27.24 23.76 -8.36
N SER L 141 -27.28 24.41 -7.21
CA SER L 141 -28.49 24.50 -6.40
C SER L 141 -29.57 25.43 -6.96
N ARG L 142 -29.22 26.68 -7.22
CA ARG L 142 -30.18 27.64 -7.76
C ARG L 142 -30.32 27.46 -9.26
N LEU L 143 -29.70 26.41 -9.79
CA LEU L 143 -29.76 26.11 -11.21
C LEU L 143 -30.38 24.76 -11.49
N ASN L 144 -30.80 24.55 -12.73
CA ASN L 144 -31.41 23.30 -13.14
C ASN L 144 -30.97 22.93 -14.55
N TRP L 145 -30.45 21.71 -14.71
CA TRP L 145 -30.00 21.24 -16.02
C TRP L 145 -31.20 20.69 -16.78
N VAL L 146 -31.44 21.23 -17.97
CA VAL L 146 -32.56 20.77 -18.80
C VAL L 146 -32.08 19.82 -19.89
N THR L 147 -32.28 18.53 -19.66
CA THR L 147 -31.87 17.51 -20.62
C THR L 147 -33.08 17.02 -21.41
N LYS L 148 -32.85 16.66 -22.67
CA LYS L 148 -33.93 16.20 -23.54
C LYS L 148 -34.72 15.04 -22.91
N SER L 149 -36.01 15.00 -23.22
CA SER L 149 -36.89 13.96 -22.72
C SER L 149 -37.20 12.96 -23.82
N GLY L 150 -36.97 11.68 -23.56
CA GLY L 150 -37.23 10.67 -24.56
C GLY L 150 -36.39 10.89 -25.79
N SER L 151 -37.03 11.02 -26.94
CA SER L 151 -36.32 11.24 -28.19
C SER L 151 -36.50 12.64 -28.75
N THR L 152 -37.01 13.57 -27.94
CA THR L 152 -37.24 14.92 -28.41
C THR L 152 -37.03 16.04 -27.40
N TYR L 153 -36.64 17.20 -27.91
CA TYR L 153 -36.41 18.39 -27.09
C TYR L 153 -37.29 19.49 -27.68
N PRO L 154 -38.57 19.52 -27.31
CA PRO L 154 -39.48 20.55 -27.82
C PRO L 154 -38.98 21.93 -27.48
N VAL L 155 -39.16 22.88 -28.38
CA VAL L 155 -38.73 24.25 -28.13
C VAL L 155 -39.42 24.70 -26.85
N LEU L 156 -38.66 24.79 -25.77
CA LEU L 156 -39.23 25.21 -24.49
C LEU L 156 -39.55 26.69 -24.52
N ASN L 157 -40.74 27.04 -24.05
CA ASN L 157 -41.18 28.43 -24.01
C ASN L 157 -42.12 28.64 -22.84
N VAL L 158 -41.66 29.39 -21.85
CA VAL L 158 -42.45 29.67 -20.65
C VAL L 158 -42.44 31.17 -20.37
N THR L 159 -43.00 31.55 -19.23
CA THR L 159 -43.07 32.94 -18.83
C THR L 159 -43.21 33.08 -17.32
N MET L 160 -42.80 34.23 -16.79
CA MET L 160 -42.88 34.48 -15.36
C MET L 160 -43.02 35.97 -15.09
N PRO L 161 -44.20 36.39 -14.58
CA PRO L 161 -44.48 37.80 -14.27
C PRO L 161 -43.89 38.24 -12.93
N ASN L 162 -43.59 39.53 -12.82
CA ASN L 162 -43.03 40.07 -11.58
C ASN L 162 -44.08 40.91 -10.87
N ASN L 163 -45.07 40.23 -10.29
CA ASN L 163 -46.15 40.90 -9.57
C ASN L 163 -45.55 41.69 -8.41
N ASP L 164 -44.61 41.07 -7.71
CA ASP L 164 -43.94 41.68 -6.57
C ASP L 164 -43.40 43.06 -6.94
N ASN L 165 -43.32 43.93 -5.94
CA ASN L 165 -42.83 45.30 -6.14
C ASN L 165 -41.32 45.48 -6.06
N PHE L 166 -40.59 44.37 -5.87
CA PHE L 166 -39.14 44.45 -5.78
C PHE L 166 -38.47 43.81 -6.99
N ASP L 167 -37.31 44.35 -7.38
CA ASP L 167 -36.58 43.85 -8.53
C ASP L 167 -36.16 42.40 -8.36
N LYS L 168 -36.41 41.59 -9.40
CA LYS L 168 -36.05 40.18 -9.38
C LYS L 168 -34.77 39.93 -10.17
N LEU L 169 -33.95 39.01 -9.67
CA LEU L 169 -32.70 38.67 -10.33
C LEU L 169 -32.63 37.19 -10.67
N TYR L 170 -32.84 36.89 -11.95
CA TYR L 170 -32.79 35.51 -12.42
C TYR L 170 -31.42 35.18 -12.99
N ILE L 171 -30.78 34.15 -12.45
CA ILE L 171 -29.46 33.73 -12.91
C ILE L 171 -29.59 32.46 -13.74
N TRP L 172 -29.28 32.56 -15.03
CA TRP L 172 -29.35 31.42 -15.93
C TRP L 172 -28.01 31.16 -16.60
N GLY L 173 -28.01 30.27 -17.58
CA GLY L 173 -26.78 29.94 -18.28
C GLY L 173 -27.00 29.11 -19.53
N VAL L 174 -25.95 28.98 -20.32
CA VAL L 174 -26.00 28.20 -21.55
C VAL L 174 -24.88 27.16 -21.53
N HIS L 175 -25.14 25.99 -22.08
CA HIS L 175 -24.15 24.91 -22.10
C HIS L 175 -23.40 24.88 -23.43
N HIS L 176 -22.09 24.68 -23.36
CA HIS L 176 -21.26 24.62 -24.55
C HIS L 176 -20.73 23.21 -24.76
N PRO L 177 -21.48 22.37 -25.50
CA PRO L 177 -21.08 20.98 -25.78
C PRO L 177 -19.66 20.89 -26.31
N SER L 178 -18.92 19.88 -25.85
CA SER L 178 -17.55 19.67 -26.29
C SER L 178 -17.50 18.90 -27.59
N THR L 179 -18.59 18.21 -27.91
CA THR L 179 -18.68 17.43 -29.14
C THR L 179 -20.07 17.51 -29.75
N ASN L 180 -20.19 17.12 -31.01
CA ASN L 180 -21.47 17.14 -31.71
C ASN L 180 -22.39 16.05 -31.20
N GLN L 181 -21.83 14.88 -30.95
CA GLN L 181 -22.61 13.76 -30.43
C GLN L 181 -23.18 14.10 -29.06
N GLU L 182 -22.39 14.79 -28.24
CA GLU L 182 -22.84 15.19 -26.91
C GLU L 182 -24.00 16.17 -27.07
N GLN L 183 -23.88 17.05 -28.05
CA GLN L 183 -24.89 18.05 -28.36
C GLN L 183 -26.18 17.39 -28.83
N THR L 184 -26.09 16.64 -29.93
CA THR L 184 -27.24 15.97 -30.51
C THR L 184 -27.86 14.95 -29.55
N SER L 185 -27.06 14.44 -28.63
CA SER L 185 -27.53 13.46 -27.66
C SER L 185 -28.22 14.12 -26.48
N LEU L 186 -27.54 15.07 -25.85
CA LEU L 186 -28.08 15.77 -24.70
C LEU L 186 -29.10 16.84 -25.07
N TYR L 187 -29.08 17.30 -26.32
CA TYR L 187 -30.00 18.34 -26.75
C TYR L 187 -30.77 18.07 -28.04
N VAL L 188 -30.73 16.84 -28.54
CA VAL L 188 -31.43 16.50 -29.76
C VAL L 188 -30.86 17.35 -30.91
N GLN L 189 -31.68 18.20 -31.52
CA GLN L 189 -31.23 19.04 -32.62
C GLN L 189 -29.82 19.57 -32.30
N ALA L 190 -28.90 19.39 -33.24
CA ALA L 190 -27.51 19.81 -33.08
C ALA L 190 -27.29 21.30 -32.82
N SER L 191 -28.25 22.14 -33.19
CA SER L 191 -28.09 23.58 -32.99
C SER L 191 -28.92 24.10 -31.83
N GLY L 192 -28.26 24.31 -30.69
CA GLY L 192 -28.96 24.82 -29.51
C GLY L 192 -29.15 26.31 -29.60
N ARG L 193 -29.95 26.87 -28.69
CA ARG L 193 -30.21 28.30 -28.68
C ARG L 193 -31.03 28.73 -27.46
N VAL L 194 -30.58 29.78 -26.79
CA VAL L 194 -31.27 30.31 -25.62
C VAL L 194 -31.69 31.75 -25.91
N THR L 195 -32.91 32.10 -25.51
CA THR L 195 -33.41 33.45 -25.75
C THR L 195 -34.18 34.04 -24.57
N VAL L 196 -33.45 34.46 -23.55
CA VAL L 196 -34.08 35.08 -22.39
C VAL L 196 -34.41 36.51 -22.77
N SER L 197 -35.59 36.97 -22.39
CA SER L 197 -36.00 38.32 -22.72
C SER L 197 -37.05 38.89 -21.78
N THR L 198 -36.98 40.20 -21.56
CA THR L 198 -37.92 40.89 -20.70
C THR L 198 -38.65 41.94 -21.55
N ARG L 199 -39.64 42.59 -20.95
CA ARG L 199 -40.41 43.60 -21.66
C ARG L 199 -39.53 44.81 -21.99
N ARG L 200 -38.35 44.87 -21.39
CA ARG L 200 -37.42 45.97 -21.62
C ARG L 200 -36.25 45.58 -22.53
N SER L 201 -35.44 44.63 -22.08
CA SER L 201 -34.28 44.19 -22.86
C SER L 201 -34.47 42.80 -23.45
N GLN L 202 -33.52 42.38 -24.27
CA GLN L 202 -33.54 41.07 -24.91
C GLN L 202 -32.13 40.49 -24.96
N GLN L 203 -32.01 39.20 -24.66
CA GLN L 203 -30.72 38.54 -24.67
C GLN L 203 -30.83 37.15 -25.31
N THR L 204 -29.97 36.90 -26.30
CA THR L 204 -29.98 35.62 -26.99
C THR L 204 -28.55 35.08 -27.13
N ILE L 205 -28.33 33.85 -26.71
CA ILE L 205 -27.02 33.23 -26.79
C ILE L 205 -27.07 31.94 -27.62
N ILE L 206 -25.94 31.63 -28.26
CA ILE L 206 -25.84 30.44 -29.09
C ILE L 206 -24.71 29.55 -28.58
N PRO L 207 -24.98 28.26 -28.36
CA PRO L 207 -23.97 27.32 -27.87
C PRO L 207 -22.78 27.19 -28.83
N ASN L 208 -21.59 27.06 -28.27
CA ASN L 208 -20.38 26.93 -29.08
C ASN L 208 -19.73 25.56 -28.91
N ILE L 209 -20.11 24.62 -29.76
CA ILE L 209 -19.56 23.28 -29.71
C ILE L 209 -18.08 23.28 -30.05
N GLY L 210 -17.29 22.53 -29.26
CA GLY L 210 -15.86 22.47 -29.50
C GLY L 210 -15.11 22.03 -28.27
N SER L 211 -14.02 21.31 -28.47
CA SER L 211 -13.22 20.81 -27.34
C SER L 211 -12.43 21.97 -26.74
N ARG L 212 -12.27 21.95 -25.42
CA ARG L 212 -11.55 23.00 -24.71
C ARG L 212 -10.80 22.45 -23.50
N PRO L 213 -9.91 23.26 -22.88
CA PRO L 213 -9.13 22.82 -21.71
C PRO L 213 -9.92 21.94 -20.74
N TRP L 214 -9.38 20.75 -20.49
CA TRP L 214 -10.02 19.81 -19.57
C TRP L 214 -9.98 20.30 -18.14
N VAL L 215 -11.13 20.25 -17.48
CA VAL L 215 -11.25 20.69 -16.09
C VAL L 215 -12.17 19.75 -15.31
N ARG L 216 -11.74 19.37 -14.11
CA ARG L 216 -12.52 18.47 -13.26
C ARG L 216 -13.08 17.27 -14.02
N GLY L 217 -12.42 16.93 -15.13
CA GLY L 217 -12.86 15.80 -15.92
C GLY L 217 -13.87 16.14 -17.01
N LEU L 218 -13.90 17.39 -17.45
CA LEU L 218 -14.83 17.81 -18.49
C LEU L 218 -14.22 18.78 -19.48
N SER L 219 -14.50 18.54 -20.77
CA SER L 219 -14.01 19.39 -21.84
C SER L 219 -15.13 20.31 -22.31
N SER L 220 -16.13 20.48 -21.47
CA SER L 220 -17.28 21.33 -21.78
C SER L 220 -17.34 22.50 -20.81
N ARG L 221 -18.26 23.44 -21.07
CA ARG L 221 -18.40 24.62 -20.21
C ARG L 221 -19.85 25.08 -20.11
N ILE L 222 -20.08 26.05 -19.22
CA ILE L 222 -21.41 26.62 -19.01
C ILE L 222 -21.29 28.13 -18.85
N SER L 223 -21.86 28.88 -19.78
CA SER L 223 -21.81 30.33 -19.72
C SER L 223 -22.91 30.88 -18.82
N ILE L 224 -22.53 31.69 -17.84
CA ILE L 224 -23.48 32.28 -16.91
C ILE L 224 -23.96 33.65 -17.37
N TYR L 225 -25.27 33.84 -17.34
CA TYR L 225 -25.88 35.10 -17.76
C TYR L 225 -26.99 35.47 -16.77
N TRP L 226 -27.04 36.73 -16.39
CA TRP L 226 -28.04 37.22 -15.44
C TRP L 226 -28.97 38.22 -16.10
N THR L 227 -30.25 38.18 -15.71
CA THR L 227 -31.24 39.09 -16.26
C THR L 227 -32.15 39.64 -15.16
N ILE L 228 -32.03 40.93 -14.89
CA ILE L 228 -32.83 41.58 -13.86
C ILE L 228 -34.22 41.92 -14.39
N VAL L 229 -35.24 41.65 -13.58
CA VAL L 229 -36.63 41.91 -13.97
C VAL L 229 -37.25 42.93 -13.02
N LYS L 230 -37.48 44.14 -13.53
CA LYS L 230 -38.09 45.20 -12.73
C LYS L 230 -39.55 44.94 -12.41
N PRO L 231 -40.08 45.59 -11.36
CA PRO L 231 -41.47 45.46 -10.92
C PRO L 231 -42.48 45.68 -12.05
N GLY L 232 -43.50 44.84 -12.09
CA GLY L 232 -44.51 44.95 -13.12
C GLY L 232 -44.10 44.29 -14.42
N ASP L 233 -42.81 44.39 -14.75
CA ASP L 233 -42.29 43.80 -15.98
C ASP L 233 -42.38 42.27 -15.87
N VAL L 234 -42.24 41.60 -17.01
CA VAL L 234 -42.31 40.13 -17.03
C VAL L 234 -41.09 39.51 -17.71
N LEU L 235 -40.80 38.27 -17.32
CA LEU L 235 -39.66 37.53 -17.88
C LEU L 235 -40.15 36.45 -18.84
N VAL L 236 -39.31 36.13 -19.82
CA VAL L 236 -39.64 35.09 -20.81
C VAL L 236 -38.39 34.33 -21.23
N ILE L 237 -38.54 33.04 -21.46
CA ILE L 237 -37.42 32.19 -21.87
C ILE L 237 -37.83 31.31 -23.05
N ASN L 238 -37.19 31.52 -24.19
CA ASN L 238 -37.49 30.74 -25.39
C ASN L 238 -36.22 30.09 -25.93
N SER L 239 -35.86 28.94 -25.37
CA SER L 239 -34.66 28.23 -25.79
C SER L 239 -34.98 26.97 -26.59
N ASN L 240 -34.11 26.66 -27.54
CA ASN L 240 -34.28 25.49 -28.39
C ASN L 240 -33.55 24.32 -27.73
N GLY L 241 -32.58 24.67 -26.87
CA GLY L 241 -31.80 23.66 -26.17
C GLY L 241 -30.56 24.28 -25.56
N ASN L 242 -29.73 23.44 -24.94
CA ASN L 242 -28.50 23.91 -24.32
C ASN L 242 -28.82 24.96 -23.26
N LEU L 243 -30.06 24.93 -22.77
CA LEU L 243 -30.51 25.88 -21.76
C LEU L 243 -30.24 25.40 -20.33
N ILE L 244 -29.97 26.36 -19.45
CA ILE L 244 -29.72 26.07 -18.04
C ILE L 244 -30.64 26.98 -17.23
N ALA L 245 -31.93 26.67 -17.27
CA ALA L 245 -32.95 27.44 -16.57
C ALA L 245 -32.78 27.43 -15.06
N PRO L 246 -33.03 28.58 -14.40
CA PRO L 246 -32.92 28.73 -12.95
C PRO L 246 -34.18 28.22 -12.25
N ARG L 247 -34.10 27.99 -10.95
CA ARG L 247 -35.24 27.51 -10.19
C ARG L 247 -36.02 28.67 -9.57
N GLY L 248 -35.46 29.87 -9.67
CA GLY L 248 -36.12 31.05 -9.12
C GLY L 248 -35.32 32.31 -9.31
N TYR L 249 -35.46 33.25 -8.37
CA TYR L 249 -34.74 34.52 -8.43
C TYR L 249 -34.15 34.91 -7.09
N PHE L 250 -33.57 36.10 -7.02
CA PHE L 250 -32.97 36.61 -5.79
C PHE L 250 -33.54 37.99 -5.50
N LYS L 251 -33.97 38.20 -4.25
CA LYS L 251 -34.53 39.47 -3.85
C LYS L 251 -33.45 40.55 -3.73
N MET L 252 -33.22 41.24 -4.83
CA MET L 252 -32.22 42.29 -4.88
C MET L 252 -32.59 43.47 -3.97
N ARG L 253 -31.64 43.92 -3.16
CA ARG L 253 -31.87 45.04 -2.25
C ARG L 253 -30.86 46.15 -2.50
N THR L 254 -31.16 47.34 -2.01
CA THR L 254 -30.29 48.49 -2.17
C THR L 254 -29.70 48.85 -0.81
N GLY L 255 -28.48 48.36 -0.54
CA GLY L 255 -27.86 48.64 0.74
C GLY L 255 -26.38 48.95 0.69
N LYS L 256 -25.82 49.21 1.88
CA LYS L 256 -24.41 49.53 2.03
C LYS L 256 -23.54 48.29 1.80
N SER L 257 -24.21 47.17 1.51
CA SER L 257 -23.52 45.91 1.28
C SER L 257 -22.48 45.98 0.16
N SER L 258 -21.32 45.37 0.42
CA SER L 258 -20.23 45.34 -0.56
C SER L 258 -19.31 44.15 -0.26
N ILE L 259 -18.32 43.95 -1.12
CA ILE L 259 -17.38 42.84 -0.95
C ILE L 259 -15.93 43.33 -0.99
N MET L 260 -15.11 42.77 -0.10
CA MET L 260 -13.70 43.15 -0.04
C MET L 260 -12.85 41.87 -0.01
N ARG L 261 -11.74 41.88 -0.74
CA ARG L 261 -10.86 40.72 -0.79
C ARG L 261 -9.81 40.76 0.33
N SER L 262 -9.74 39.70 1.11
CA SER L 262 -8.78 39.61 2.21
C SER L 262 -8.86 38.26 2.93
N ASP L 263 -7.74 37.86 3.54
CA ASP L 263 -7.66 36.61 4.28
C ASP L 263 -7.51 36.90 5.77
N ALA L 264 -7.58 38.19 6.11
CA ALA L 264 -7.44 38.64 7.49
C ALA L 264 -8.34 37.91 8.48
N PRO L 265 -7.82 37.62 9.68
CA PRO L 265 -8.58 36.92 10.72
C PRO L 265 -9.76 37.76 11.18
N ILE L 266 -10.76 37.12 11.75
CA ILE L 266 -11.96 37.82 12.22
C ILE L 266 -12.11 37.68 13.73
N ASP L 267 -11.57 38.64 14.47
CA ASP L 267 -11.65 38.63 15.92
C ASP L 267 -12.89 39.40 16.37
N THR L 268 -13.47 38.98 17.48
CA THR L 268 -14.66 39.65 18.01
C THR L 268 -14.29 41.03 18.55
N CYS L 269 -14.82 42.07 17.93
CA CYS L 269 -14.55 43.44 18.33
C CYS L 269 -15.40 44.43 17.53
N ILE L 270 -15.45 45.67 18.01
CA ILE L 270 -16.20 46.72 17.33
C ILE L 270 -15.23 47.74 16.74
N SER L 271 -15.34 47.97 15.44
CA SER L 271 -14.48 48.91 14.74
C SER L 271 -15.16 49.41 13.47
N GLU L 272 -15.46 50.70 13.42
CA GLU L 272 -16.12 51.30 12.27
C GLU L 272 -15.39 51.10 10.94
N CYS L 273 -14.05 51.17 10.97
CA CYS L 273 -13.31 51.00 9.73
C CYS L 273 -12.79 49.58 9.53
N ILE L 274 -12.84 49.13 8.27
CA ILE L 274 -12.38 47.80 7.90
C ILE L 274 -11.49 47.88 6.66
N THR L 275 -10.35 47.21 6.71
CA THR L 275 -9.42 47.20 5.59
C THR L 275 -8.92 45.78 5.33
N PRO L 276 -8.38 45.53 4.13
CA PRO L 276 -7.87 44.19 3.79
C PRO L 276 -6.79 43.75 4.78
N ASN L 277 -6.27 44.70 5.55
CA ASN L 277 -5.23 44.41 6.53
C ASN L 277 -5.85 44.24 7.92
N GLY L 278 -7.15 44.42 8.01
CA GLY L 278 -7.83 44.29 9.28
C GLY L 278 -8.30 45.65 9.77
N SER L 279 -9.42 45.67 10.48
CA SER L 279 -9.99 46.90 11.01
C SER L 279 -8.92 47.81 11.60
N ILE L 280 -9.11 49.12 11.48
CA ILE L 280 -8.18 50.09 12.01
C ILE L 280 -8.93 51.25 12.65
N PRO L 281 -8.35 51.89 13.67
CA PRO L 281 -9.00 53.02 14.34
C PRO L 281 -9.17 54.21 13.40
N ASN L 282 -10.31 54.88 13.51
CA ASN L 282 -10.59 56.04 12.66
C ASN L 282 -10.54 57.35 13.46
N ASP L 283 -9.57 57.45 14.36
CA ASP L 283 -9.41 58.65 15.17
C ASP L 283 -8.63 59.70 14.41
N LYS L 284 -7.78 59.25 13.50
CA LYS L 284 -6.95 60.15 12.69
C LYS L 284 -7.66 60.51 11.39
N PRO L 285 -7.22 61.60 10.75
CA PRO L 285 -7.82 62.07 9.49
C PRO L 285 -7.46 61.21 8.28
N PHE L 286 -6.19 60.81 8.19
CA PHE L 286 -5.74 60.00 7.06
C PHE L 286 -5.12 58.68 7.55
N GLN L 287 -4.71 57.84 6.61
CA GLN L 287 -4.10 56.57 6.92
C GLN L 287 -3.27 56.06 5.74
N ASN L 288 -2.37 55.12 6.00
CA ASN L 288 -1.50 54.59 4.96
C ASN L 288 -1.52 53.05 4.93
N VAL L 289 -2.55 52.47 5.52
CA VAL L 289 -2.69 51.01 5.57
C VAL L 289 -3.00 50.43 4.19
N ASN L 290 -4.11 50.86 3.61
CA ASN L 290 -4.52 50.37 2.30
C ASN L 290 -5.53 51.29 1.64
N LYS L 291 -5.53 51.30 0.31
CA LYS L 291 -6.44 52.15 -0.46
C LYS L 291 -7.88 51.66 -0.40
N ILE L 292 -8.06 50.34 -0.27
CA ILE L 292 -9.39 49.74 -0.18
C ILE L 292 -9.89 49.90 1.25
N THR L 293 -11.03 50.55 1.41
CA THR L 293 -11.59 50.76 2.75
C THR L 293 -13.07 50.37 2.80
N TYR L 294 -13.67 50.55 3.97
CA TYR L 294 -15.08 50.23 4.17
C TYR L 294 -15.58 50.90 5.44
N GLY L 295 -16.73 51.55 5.35
CA GLY L 295 -17.29 52.23 6.51
C GLY L 295 -16.60 53.57 6.71
N ALA L 296 -16.55 54.03 7.96
CA ALA L 296 -15.90 55.29 8.28
C ALA L 296 -14.40 55.12 8.44
N CYS L 297 -13.65 55.47 7.40
CA CYS L 297 -12.20 55.35 7.43
C CYS L 297 -11.52 56.66 7.05
N PRO L 298 -10.27 56.86 7.50
CA PRO L 298 -9.51 58.08 7.19
C PRO L 298 -9.06 58.07 5.73
N LYS L 299 -8.81 59.25 5.17
CA LYS L 299 -8.38 59.37 3.78
C LYS L 299 -7.06 58.62 3.59
N TYR L 300 -6.95 57.84 2.52
CA TYR L 300 -5.73 57.10 2.24
C TYR L 300 -4.71 57.97 1.49
N VAL L 301 -3.88 58.68 2.24
CA VAL L 301 -2.86 59.53 1.64
C VAL L 301 -1.61 58.71 1.36
N LYS L 302 -0.69 59.27 0.59
CA LYS L 302 0.55 58.58 0.27
C LYS L 302 1.54 58.59 1.43
N GLN L 303 1.72 59.76 2.04
CA GLN L 303 2.63 59.90 3.16
C GLN L 303 2.28 58.89 4.24
N ASN L 304 3.30 58.26 4.83
CA ASN L 304 3.08 57.28 5.88
C ASN L 304 3.03 57.94 7.25
N THR L 305 3.30 59.25 7.28
CA THR L 305 3.29 59.99 8.53
C THR L 305 3.21 61.51 8.32
N LEU L 306 2.55 62.18 9.24
CA LEU L 306 2.39 63.64 9.20
C LEU L 306 2.23 64.17 10.62
N LYS L 307 3.27 64.83 11.11
CA LYS L 307 3.26 65.38 12.47
C LYS L 307 2.59 66.74 12.53
N LEU L 308 1.54 66.84 13.36
CA LEU L 308 0.80 68.09 13.54
C LEU L 308 1.20 68.78 14.84
N ALA L 309 1.52 70.06 14.75
CA ALA L 309 1.91 70.84 15.91
C ALA L 309 0.72 71.03 16.84
N THR L 310 0.76 70.39 17.99
CA THR L 310 -0.31 70.49 18.97
C THR L 310 0.12 71.42 20.10
N GLY L 311 1.40 71.31 20.46
CA GLY L 311 1.94 72.14 21.52
C GLY L 311 2.46 73.45 20.98
N MET L 312 3.15 74.20 21.84
CA MET L 312 3.70 75.49 21.47
C MET L 312 5.10 75.30 20.87
N ARG L 313 5.54 76.27 20.07
CA ARG L 313 6.87 76.19 19.47
C ARG L 313 7.82 76.29 20.65
N ASN L 314 8.78 75.37 20.72
CA ASN L 314 9.70 75.37 21.86
C ASN L 314 11.12 75.81 21.61
N VAL L 315 11.54 76.82 22.36
CA VAL L 315 12.91 77.32 22.30
C VAL L 315 13.52 76.76 23.58
N PRO L 316 14.02 75.52 23.53
CA PRO L 316 14.63 74.86 24.67
C PRO L 316 15.93 75.51 25.13
N GLU L 317 16.46 75.02 26.25
CA GLU L 317 17.70 75.54 26.84
C GLU L 317 17.38 76.80 27.65
N LYS L 318 18.32 77.21 28.50
CA LYS L 318 18.08 78.39 29.32
C LYS L 318 19.36 79.13 29.69
N GLN L 319 19.22 80.44 29.92
CA GLN L 319 20.37 81.25 30.29
C GLN L 319 20.79 80.75 31.65
N THR L 320 19.80 80.47 32.49
CA THR L 320 20.04 79.96 33.83
C THR L 320 21.08 80.80 34.54
N ARG L 321 21.04 82.10 34.32
CA ARG L 321 22.02 83.00 34.90
C ARG L 321 22.42 82.83 36.34
N GLY L 322 23.71 82.56 36.47
CA GLY L 322 24.40 82.36 37.72
C GLY L 322 23.75 81.90 39.00
N LEU L 323 24.23 82.53 40.06
CA LEU L 323 23.83 82.29 41.43
C LEU L 323 22.54 83.05 41.62
N PHE L 324 22.64 84.37 41.58
CA PHE L 324 21.46 85.21 41.69
C PHE L 324 20.82 85.11 40.31
N GLY L 325 19.53 84.84 40.28
CA GLY L 325 18.84 84.72 39.00
C GLY L 325 18.28 86.03 38.47
N ALA L 326 18.75 86.42 37.29
CA ALA L 326 18.30 87.66 36.66
C ALA L 326 16.79 87.58 36.40
N ILE L 327 16.29 86.36 36.27
CA ILE L 327 14.87 86.12 36.01
C ILE L 327 14.51 86.65 34.63
N ALA L 328 15.54 86.92 33.83
CA ALA L 328 15.41 87.44 32.47
C ALA L 328 14.14 86.97 31.73
N GLY L 329 13.56 87.89 30.96
CA GLY L 329 12.36 87.59 30.21
C GLY L 329 12.55 86.50 29.17
N PHE L 330 11.45 85.90 28.75
CA PHE L 330 11.48 84.81 27.77
C PHE L 330 12.40 85.04 26.58
N ILE L 331 12.04 85.96 25.70
CA ILE L 331 12.84 86.25 24.51
C ILE L 331 13.45 84.98 23.89
N GLU L 332 14.69 84.69 24.24
CA GLU L 332 15.38 83.51 23.70
C GLU L 332 15.42 82.29 24.62
N ASN L 333 14.42 82.14 25.46
CA ASN L 333 14.37 80.98 26.36
C ASN L 333 13.01 80.70 26.97
N GLY L 334 12.74 79.42 27.18
CA GLY L 334 11.49 78.98 27.79
C GLY L 334 11.83 78.46 29.16
N TRP L 335 10.90 78.59 30.11
CA TRP L 335 11.17 78.13 31.47
C TRP L 335 10.71 76.71 31.74
N GLU L 336 11.62 75.75 31.57
CA GLU L 336 11.30 74.35 31.81
C GLU L 336 10.83 74.18 33.25
N GLY L 337 11.01 75.23 34.05
CA GLY L 337 10.60 75.18 35.43
C GLY L 337 9.09 75.33 35.58
N MET L 338 8.52 76.29 34.85
CA MET L 338 7.08 76.52 34.90
C MET L 338 6.36 75.28 34.38
N ILE L 339 5.60 74.64 35.26
CA ILE L 339 4.86 73.44 34.91
C ILE L 339 3.39 73.55 35.30
N ASP L 340 2.94 74.78 35.49
CA ASP L 340 1.55 75.04 35.88
C ASP L 340 0.79 75.80 34.80
N GLY L 341 1.42 76.01 33.65
CA GLY L 341 0.78 76.72 32.57
C GLY L 341 1.67 76.93 31.36
N TRP L 342 1.17 77.66 30.38
CA TRP L 342 1.91 77.95 29.16
C TRP L 342 2.60 79.30 29.26
N TYR L 343 1.97 80.24 29.96
CA TYR L 343 2.52 81.57 30.14
C TYR L 343 2.43 81.98 31.60
N GLY L 344 3.52 82.48 32.14
CA GLY L 344 3.54 82.91 33.54
C GLY L 344 4.41 84.11 33.77
N PHE L 345 4.43 84.60 35.02
CA PHE L 345 5.23 85.75 35.36
C PHE L 345 6.25 85.42 36.45
N ARG L 346 7.37 86.13 36.42
CA ARG L 346 8.43 85.92 37.39
C ARG L 346 8.88 87.26 37.96
N HIS L 347 8.58 87.49 39.23
CA HIS L 347 8.95 88.72 39.90
C HIS L 347 10.26 88.60 40.66
N GLN L 348 11.00 89.70 40.72
CA GLN L 348 12.28 89.73 41.42
C GLN L 348 12.29 90.97 42.32
N ASN L 349 11.40 90.95 43.31
CA ASN L 349 11.28 92.07 44.24
C ASN L 349 12.25 91.91 45.41
N SER L 350 12.24 92.88 46.32
CA SER L 350 13.12 92.86 47.48
C SER L 350 12.84 91.66 48.39
N GLU L 351 11.61 91.16 48.35
CA GLU L 351 11.23 90.02 49.18
C GLU L 351 11.82 88.73 48.62
N GLY L 352 12.36 88.79 47.41
CA GLY L 352 12.95 87.61 46.81
C GLY L 352 12.44 87.34 45.40
N THR L 353 12.37 86.06 45.04
CA THR L 353 11.89 85.66 43.72
C THR L 353 10.57 84.92 43.82
N GLY L 354 9.92 84.73 42.68
CA GLY L 354 8.65 84.03 42.65
C GLY L 354 8.13 83.86 41.23
N GLN L 355 7.28 82.86 41.04
CA GLN L 355 6.71 82.58 39.71
C GLN L 355 5.23 82.23 39.81
N ALA L 356 4.47 82.69 38.82
CA ALA L 356 3.03 82.43 38.77
C ALA L 356 2.55 82.44 37.32
N ALA L 357 1.83 81.40 36.92
CA ALA L 357 1.32 81.29 35.56
C ALA L 357 -0.05 81.94 35.41
N ASP L 358 -0.20 82.75 34.36
CA ASP L 358 -1.46 83.43 34.09
C ASP L 358 -2.38 82.51 33.29
N LEU L 359 -3.34 81.89 33.98
CA LEU L 359 -4.27 80.97 33.34
C LEU L 359 -5.05 81.62 32.20
N LYS L 360 -5.37 82.90 32.35
CA LYS L 360 -6.10 83.62 31.32
C LYS L 360 -5.46 83.47 29.94
N SER L 361 -4.28 84.05 29.78
CA SER L 361 -3.55 83.98 28.51
C SER L 361 -3.37 82.55 28.03
N THR L 362 -2.91 81.68 28.93
CA THR L 362 -2.68 80.27 28.60
C THR L 362 -3.92 79.60 28.03
N GLN L 363 -5.06 79.84 28.67
CA GLN L 363 -6.31 79.23 28.23
C GLN L 363 -6.73 79.64 26.81
N ALA L 364 -6.56 80.92 26.49
CA ALA L 364 -6.92 81.42 25.17
C ALA L 364 -6.22 80.62 24.07
N ALA L 365 -4.95 80.34 24.28
CA ALA L 365 -4.16 79.57 23.31
C ALA L 365 -4.72 78.16 23.16
N ILE L 366 -4.86 77.47 24.28
CA ILE L 366 -5.38 76.10 24.29
C ILE L 366 -6.71 75.99 23.55
N ASP L 367 -7.66 76.87 23.86
CA ASP L 367 -8.96 76.84 23.21
C ASP L 367 -8.84 76.86 21.70
N GLN L 368 -8.12 77.84 21.18
CA GLN L 368 -7.94 77.98 19.73
C GLN L 368 -7.33 76.72 19.14
N ILE L 369 -6.33 76.18 19.82
CA ILE L 369 -5.63 74.97 19.37
C ILE L 369 -6.53 73.74 19.28
N ASN L 370 -7.11 73.35 20.41
CA ASN L 370 -7.98 72.17 20.48
C ASN L 370 -9.05 72.05 19.38
N GLY L 371 -9.96 73.00 19.32
CA GLY L 371 -11.03 72.94 18.34
C GLY L 371 -10.68 72.94 16.86
N LYS L 372 -9.61 73.63 16.49
CA LYS L 372 -9.19 73.74 15.08
C LYS L 372 -9.11 72.42 14.30
N LEU L 373 -8.32 71.47 14.79
CA LEU L 373 -8.14 70.19 14.10
C LEU L 373 -9.40 69.60 13.51
N ASN L 374 -10.38 69.32 14.37
CA ASN L 374 -11.65 68.74 13.94
C ASN L 374 -12.37 69.61 12.92
N ARG L 375 -12.26 70.93 13.06
CA ARG L 375 -12.91 71.83 12.13
C ARG L 375 -12.36 71.63 10.72
N VAL L 376 -11.06 71.86 10.56
CA VAL L 376 -10.40 71.73 9.27
C VAL L 376 -10.74 70.40 8.59
N ILE L 377 -10.47 69.30 9.29
CA ILE L 377 -10.73 67.97 8.75
C ILE L 377 -12.02 67.39 9.32
N GLU L 378 -12.81 66.76 8.47
CA GLU L 378 -14.06 66.18 8.93
C GLU L 378 -13.82 64.91 9.73
N LYS L 379 -14.31 64.91 10.97
CA LYS L 379 -14.14 63.77 11.87
C LYS L 379 -14.31 62.43 11.19
N THR L 380 -15.14 62.38 10.15
CA THR L 380 -15.38 61.13 9.44
C THR L 380 -16.22 61.30 8.18
N ASN L 381 -16.22 60.26 7.35
CA ASN L 381 -16.97 60.22 6.12
C ASN L 381 -17.11 58.73 5.79
N GLU L 382 -18.31 58.30 5.45
CA GLU L 382 -18.52 56.90 5.13
C GLU L 382 -18.55 56.61 3.64
N LYS L 383 -18.17 55.38 3.31
CA LYS L 383 -18.14 54.89 1.94
C LYS L 383 -18.30 53.38 2.05
N PHE L 384 -19.00 52.79 1.10
CA PHE L 384 -19.22 51.35 1.13
C PHE L 384 -18.74 50.73 -0.18
N HIS L 385 -19.66 50.26 -1.01
CA HIS L 385 -19.24 49.67 -2.29
C HIS L 385 -18.64 50.77 -3.16
N GLN L 386 -17.46 50.49 -3.71
CA GLN L 386 -16.76 51.46 -4.55
C GLN L 386 -16.28 50.77 -5.83
N ILE L 387 -15.05 51.05 -6.24
CA ILE L 387 -14.48 50.44 -7.43
C ILE L 387 -13.36 49.51 -7.00
N GLU L 388 -13.18 48.42 -7.72
CA GLU L 388 -12.10 47.50 -7.40
C GLU L 388 -10.84 48.33 -7.63
N LYS L 389 -9.97 48.39 -6.63
CA LYS L 389 -8.74 49.17 -6.77
C LYS L 389 -7.58 48.22 -7.01
N GLU L 390 -7.93 47.00 -7.41
CA GLU L 390 -6.95 45.96 -7.69
C GLU L 390 -7.47 44.97 -8.73
N PHE L 391 -6.54 44.36 -9.45
CA PHE L 391 -6.88 43.38 -10.47
C PHE L 391 -5.81 42.31 -10.46
N SER L 392 -6.06 41.20 -11.16
CA SER L 392 -5.09 40.11 -11.22
C SER L 392 -4.68 39.81 -12.65
N GLU L 393 -5.38 40.41 -13.61
CA GLU L 393 -5.07 40.21 -15.02
C GLU L 393 -5.27 41.51 -15.80
N VAL L 394 -4.98 41.47 -17.10
CA VAL L 394 -5.09 42.65 -17.95
C VAL L 394 -6.45 42.70 -18.66
N GLU L 395 -7.07 43.87 -18.65
CA GLU L 395 -8.37 44.08 -19.28
C GLU L 395 -8.36 45.24 -20.26
N GLY L 396 -7.18 45.82 -20.49
CA GLY L 396 -7.07 46.92 -21.41
C GLY L 396 -7.73 48.21 -20.95
N ARG L 397 -8.47 48.84 -21.87
CA ARG L 397 -9.16 50.10 -21.63
C ARG L 397 -9.85 50.24 -20.28
N ILE L 398 -10.90 49.46 -20.05
CA ILE L 398 -11.65 49.52 -18.80
C ILE L 398 -10.73 49.58 -17.58
N GLN L 399 -9.89 48.57 -17.41
CA GLN L 399 -8.97 48.51 -16.29
C GLN L 399 -8.17 49.79 -16.16
N ASP L 400 -7.48 50.17 -17.23
CA ASP L 400 -6.66 51.38 -17.25
C ASP L 400 -7.36 52.55 -16.58
N LEU L 401 -8.57 52.88 -17.05
CA LEU L 401 -9.33 53.99 -16.50
C LEU L 401 -9.48 53.85 -14.99
N GLU L 402 -10.08 52.75 -14.54
CA GLU L 402 -10.29 52.50 -13.11
C GLU L 402 -9.06 52.84 -12.27
N LYS L 403 -7.89 52.34 -12.68
CA LYS L 403 -6.66 52.61 -11.95
C LYS L 403 -6.38 54.11 -11.90
N TYR L 404 -6.37 54.75 -13.06
CA TYR L 404 -6.11 56.18 -13.16
C TYR L 404 -6.98 56.95 -12.17
N VAL L 405 -8.29 56.72 -12.22
CA VAL L 405 -9.23 57.40 -11.33
C VAL L 405 -8.78 57.35 -9.88
N GLU L 406 -8.64 56.14 -9.35
CA GLU L 406 -8.23 55.94 -7.96
C GLU L 406 -6.89 56.61 -7.68
N ASP L 407 -5.92 56.39 -8.56
CA ASP L 407 -4.58 56.97 -8.40
C ASP L 407 -4.67 58.49 -8.33
N THR L 408 -5.35 59.08 -9.30
CA THR L 408 -5.50 60.53 -9.37
C THR L 408 -6.06 61.06 -8.05
N LYS L 409 -7.05 60.37 -7.51
CA LYS L 409 -7.69 60.73 -6.26
C LYS L 409 -6.66 60.89 -5.15
N ILE L 410 -5.91 59.81 -4.91
CA ILE L 410 -4.89 59.79 -3.87
C ILE L 410 -3.93 60.96 -3.97
N ASP L 411 -3.30 61.12 -5.13
CA ASP L 411 -2.35 62.20 -5.35
C ASP L 411 -2.95 63.55 -4.98
N LEU L 412 -4.17 63.81 -5.46
CA LEU L 412 -4.86 65.06 -5.17
C LEU L 412 -5.14 65.18 -3.68
N TRP L 413 -5.68 64.11 -3.10
CA TRP L 413 -6.00 64.08 -1.67
C TRP L 413 -4.76 64.28 -0.81
N SER L 414 -3.71 63.53 -1.12
CA SER L 414 -2.45 63.62 -0.37
C SER L 414 -2.01 65.09 -0.28
N TYR L 415 -1.99 65.76 -1.43
CA TYR L 415 -1.60 67.16 -1.50
C TYR L 415 -2.32 67.97 -0.42
N ASN L 416 -3.64 67.81 -0.37
CA ASN L 416 -4.46 68.52 0.60
C ASN L 416 -3.97 68.27 2.02
N ALA L 417 -3.76 67.00 2.35
CA ALA L 417 -3.28 66.63 3.68
C ALA L 417 -1.95 67.32 3.97
N GLU L 418 -0.99 67.14 3.08
CA GLU L 418 0.34 67.73 3.23
C GLU L 418 0.21 69.25 3.38
N LEU L 419 -0.43 69.88 2.40
CA LEU L 419 -0.63 71.32 2.40
C LEU L 419 -1.35 71.81 3.65
N LEU L 420 -2.41 71.09 4.03
CA LEU L 420 -3.19 71.44 5.21
C LEU L 420 -2.38 71.42 6.50
N VAL L 421 -1.64 70.34 6.72
CA VAL L 421 -0.83 70.20 7.92
C VAL L 421 0.19 71.33 8.01
N ALA L 422 0.82 71.65 6.89
CA ALA L 422 1.81 72.72 6.84
C ALA L 422 1.16 74.04 7.27
N LEU L 423 -0.08 74.25 6.84
CA LEU L 423 -0.82 75.46 7.17
C LEU L 423 -1.15 75.50 8.65
N GLU L 424 -1.59 74.36 9.19
CA GLU L 424 -1.94 74.26 10.60
C GLU L 424 -0.76 74.53 11.53
N ASN L 425 0.32 73.76 11.36
CA ASN L 425 1.50 73.93 12.19
C ASN L 425 1.99 75.36 12.12
N GLN L 426 2.15 75.86 10.90
CA GLN L 426 2.60 77.22 10.66
C GLN L 426 1.69 78.24 11.33
N HIS L 427 0.39 77.92 11.35
CA HIS L 427 -0.61 78.80 11.94
C HIS L 427 -0.63 78.72 13.47
N THR L 428 -0.46 77.51 13.99
CA THR L 428 -0.47 77.31 15.44
C THR L 428 0.64 78.11 16.11
N ILE L 429 1.85 78.04 15.55
CA ILE L 429 2.99 78.76 16.08
C ILE L 429 2.69 80.24 16.25
N ASP L 430 2.26 80.88 15.17
CA ASP L 430 1.93 82.30 15.20
C ASP L 430 0.89 82.59 16.27
N LEU L 431 -0.08 81.69 16.40
CA LEU L 431 -1.14 81.84 17.39
C LEU L 431 -0.61 81.85 18.81
N THR L 432 0.11 80.79 19.19
CA THR L 432 0.67 80.69 20.53
C THR L 432 1.71 81.78 20.77
N ASP L 433 2.55 82.00 19.77
CA ASP L 433 3.61 83.00 19.88
C ASP L 433 3.03 84.40 20.02
N SER L 434 1.85 84.61 19.46
CA SER L 434 1.18 85.91 19.53
C SER L 434 0.71 86.18 20.96
N GLU L 435 0.02 85.20 21.54
CA GLU L 435 -0.49 85.31 22.90
C GLU L 435 0.61 85.83 23.82
N MET L 436 1.74 85.14 23.82
CA MET L 436 2.88 85.51 24.64
C MET L 436 3.27 86.97 24.40
N ASN L 437 3.08 87.44 23.17
CA ASN L 437 3.41 88.80 22.81
C ASN L 437 2.37 89.80 23.30
N LYS L 438 1.12 89.35 23.40
CA LYS L 438 0.04 90.22 23.86
C LYS L 438 0.14 90.46 25.36
N LEU L 439 0.25 89.38 26.12
CA LEU L 439 0.35 89.47 27.57
C LEU L 439 1.47 90.43 27.95
N PHE L 440 2.43 90.59 27.05
CA PHE L 440 3.56 91.49 27.27
C PHE L 440 3.15 92.93 27.03
N GLU L 441 2.29 93.13 26.04
CA GLU L 441 1.80 94.46 25.70
C GLU L 441 0.69 94.85 26.68
N LYS L 442 -0.03 93.85 27.17
CA LYS L 442 -1.10 94.07 28.13
C LYS L 442 -0.50 94.65 29.40
N THR L 443 0.78 94.33 29.63
CA THR L 443 1.48 94.82 30.81
C THR L 443 2.06 96.21 30.55
N ARG L 444 2.52 96.44 29.33
CA ARG L 444 3.07 97.74 28.95
C ARG L 444 2.04 98.84 29.20
N ARG L 445 0.81 98.59 28.75
CA ARG L 445 -0.27 99.55 28.92
C ARG L 445 -0.67 99.67 30.39
N GLN L 446 -0.55 98.57 31.11
CA GLN L 446 -0.93 98.55 32.52
C GLN L 446 0.09 99.30 33.38
N LEU L 447 1.34 98.86 33.36
CA LEU L 447 2.39 99.49 34.14
C LEU L 447 2.49 100.98 33.85
N ARG L 448 2.22 101.35 32.60
CA ARG L 448 2.30 102.74 32.18
C ARG L 448 3.73 103.26 32.31
N GLU L 449 3.90 104.33 33.08
CA GLU L 449 5.21 104.94 33.26
C GLU L 449 6.08 104.30 34.35
N ASN L 450 5.44 103.78 35.39
CA ASN L 450 6.12 103.16 36.52
C ASN L 450 7.38 102.33 36.20
N ALA L 451 7.39 101.67 35.05
CA ALA L 451 8.55 100.85 34.68
C ALA L 451 9.02 101.05 33.24
N GLU L 452 10.00 100.28 32.83
CA GLU L 452 10.55 100.35 31.48
C GLU L 452 10.84 98.95 30.95
N ASP L 453 10.73 98.80 29.63
CA ASP L 453 10.98 97.51 28.99
C ASP L 453 12.48 97.30 28.75
N MET L 454 13.11 96.53 29.64
CA MET L 454 14.54 96.27 29.53
C MET L 454 14.91 95.71 28.16
N GLY L 455 13.95 95.08 27.51
CA GLY L 455 14.20 94.51 26.20
C GLY L 455 14.36 93.01 26.28
N ASN L 456 14.94 92.55 27.39
CA ASN L 456 15.15 91.12 27.61
C ASN L 456 13.82 90.42 27.91
N GLY L 457 12.72 91.11 27.65
CA GLY L 457 11.42 90.53 27.92
C GLY L 457 10.94 90.80 29.34
N CYS L 458 11.59 91.75 30.01
CA CYS L 458 11.23 92.11 31.37
C CYS L 458 10.93 93.59 31.49
N PHE L 459 10.24 93.96 32.56
CA PHE L 459 9.90 95.34 32.83
C PHE L 459 10.60 95.73 34.12
N LYS L 460 11.55 96.65 34.04
CA LYS L 460 12.29 97.08 35.22
C LYS L 460 11.52 98.11 36.02
N ILE L 461 10.64 97.64 36.89
CA ILE L 461 9.85 98.53 37.74
C ILE L 461 10.80 99.41 38.55
N TYR L 462 10.53 100.72 38.56
CA TYR L 462 11.37 101.67 39.28
C TYR L 462 10.99 101.98 40.72
N HIS L 463 10.25 101.09 41.37
CA HIS L 463 9.85 101.34 42.75
C HIS L 463 9.69 100.09 43.59
N LYS L 464 9.97 100.20 44.88
CA LYS L 464 9.84 99.07 45.81
C LYS L 464 8.48 98.42 45.55
N CYS L 465 8.50 97.14 45.21
CA CYS L 465 7.27 96.42 44.91
C CYS L 465 7.22 95.08 45.65
N ASP L 466 6.45 95.04 46.73
CA ASP L 466 6.30 93.83 47.53
C ASP L 466 5.49 92.78 46.75
N ASN L 467 5.39 91.58 47.29
CA ASN L 467 4.66 90.51 46.62
C ASN L 467 3.22 90.91 46.29
N ALA L 468 2.59 91.66 47.18
CA ALA L 468 1.22 92.11 46.95
C ALA L 468 1.23 93.06 45.77
N CYS L 469 2.20 93.97 45.76
CA CYS L 469 2.36 94.94 44.69
C CYS L 469 2.43 94.22 43.34
N ILE L 470 3.12 93.09 43.32
CA ILE L 470 3.27 92.31 42.10
C ILE L 470 1.95 91.65 41.72
N GLU L 471 1.32 90.98 42.70
CA GLU L 471 0.06 90.30 42.47
C GLU L 471 -1.01 91.23 41.88
N SER L 472 -1.05 92.47 42.36
CA SER L 472 -2.02 93.43 41.88
C SER L 472 -1.86 93.73 40.39
N ILE L 473 -0.66 93.48 39.87
CA ILE L 473 -0.37 93.73 38.46
C ILE L 473 -0.72 92.54 37.58
N ARG L 474 -0.63 91.34 38.14
CA ARG L 474 -0.93 90.13 37.39
C ARG L 474 -2.40 89.95 37.09
N ASN L 475 -3.27 90.37 38.00
CA ASN L 475 -4.70 90.26 37.73
C ASN L 475 -5.11 91.42 36.82
N GLY L 476 -4.42 92.55 36.98
CA GLY L 476 -4.72 93.72 36.16
C GLY L 476 -5.32 94.85 36.96
N THR L 477 -5.54 94.61 38.25
CA THR L 477 -6.14 95.58 39.15
C THR L 477 -5.23 96.78 39.43
N TYR L 478 -3.93 96.50 39.57
CA TYR L 478 -2.89 97.50 39.83
C TYR L 478 -3.11 98.89 39.19
N ASP L 479 -2.89 99.93 39.98
CA ASP L 479 -3.03 101.32 39.55
C ASP L 479 -1.67 102.03 39.46
N HIS L 480 -1.45 102.73 38.35
CA HIS L 480 -0.20 103.46 38.12
C HIS L 480 0.05 104.67 39.01
N ASP L 481 -1.00 105.47 39.23
CA ASP L 481 -0.87 106.68 40.06
C ASP L 481 -0.25 106.42 41.42
N VAL L 482 -0.64 105.32 42.06
CA VAL L 482 -0.13 104.95 43.38
C VAL L 482 1.38 105.11 43.51
N TYR L 483 2.12 104.47 42.61
CA TYR L 483 3.57 104.51 42.65
C TYR L 483 4.15 105.51 41.65
N ARG L 484 3.29 106.21 40.94
CA ARG L 484 3.72 107.19 39.94
C ARG L 484 4.83 108.12 40.43
N ASP L 485 4.52 108.90 41.46
CA ASP L 485 5.48 109.84 42.03
C ASP L 485 6.79 109.15 42.41
N GLU L 486 6.68 108.05 43.15
CA GLU L 486 7.84 107.29 43.59
C GLU L 486 8.73 106.87 42.42
N ALA L 487 8.16 106.05 41.53
CA ALA L 487 8.90 105.55 40.37
C ALA L 487 9.55 106.67 39.57
N LEU L 488 8.74 107.66 39.17
CA LEU L 488 9.24 108.79 38.39
C LEU L 488 10.57 109.35 38.89
N ASN L 489 10.77 109.33 40.20
CA ASN L 489 11.99 109.86 40.80
C ASN L 489 13.21 108.98 40.49
N ASN L 490 13.11 107.70 40.79
CA ASN L 490 14.21 106.75 40.56
C ASN L 490 14.62 106.69 39.09
N ARG L 491 13.70 107.07 38.20
CA ARG L 491 13.96 107.04 36.77
C ARG L 491 14.88 108.16 36.29
N PHE L 492 14.44 109.40 36.52
CA PHE L 492 15.19 110.57 36.09
C PHE L 492 16.13 111.13 37.15
N GLN L 493 16.39 110.34 38.19
CA GLN L 493 17.29 110.78 39.26
C GLN L 493 18.02 109.59 39.88
N GLN M 1 -71.29 14.96 14.34
CA GLN M 1 -70.84 16.11 13.51
C GLN M 1 -70.08 15.65 12.27
N VAL M 2 -70.81 15.09 11.31
CA VAL M 2 -70.21 14.61 10.08
C VAL M 2 -70.75 15.42 8.91
N GLN M 3 -69.87 16.17 8.26
CA GLN M 3 -70.26 17.00 7.14
C GLN M 3 -70.03 16.32 5.79
N LEU M 4 -70.69 16.84 4.76
CA LEU M 4 -70.58 16.29 3.41
C LEU M 4 -70.49 17.42 2.41
N VAL M 5 -69.32 17.55 1.78
CA VAL M 5 -69.11 18.58 0.78
C VAL M 5 -69.41 18.00 -0.60
N GLN M 6 -70.29 18.68 -1.34
CA GLN M 6 -70.65 18.20 -2.66
C GLN M 6 -70.21 19.18 -3.74
N SER M 7 -69.62 18.63 -4.81
CA SER M 7 -69.14 19.42 -5.92
C SER M 7 -70.11 20.50 -6.35
N GLY M 8 -69.58 21.67 -6.71
CA GLY M 8 -70.42 22.77 -7.14
C GLY M 8 -71.35 22.38 -8.27
N ALA M 9 -72.63 22.70 -8.11
CA ALA M 9 -73.63 22.38 -9.12
C ALA M 9 -73.09 22.61 -10.52
N GLU M 10 -73.21 21.60 -11.38
CA GLU M 10 -72.73 21.71 -12.76
C GLU M 10 -73.84 21.59 -13.78
N VAL M 11 -73.53 21.97 -15.02
CA VAL M 11 -74.48 21.92 -16.11
C VAL M 11 -73.76 21.59 -17.42
N LYS M 12 -74.27 20.59 -18.13
CA LYS M 12 -73.68 20.18 -19.40
C LYS M 12 -74.73 19.65 -20.36
N LYS M 13 -74.49 19.84 -21.65
CA LYS M 13 -75.40 19.40 -22.70
C LYS M 13 -75.54 17.89 -22.74
N PRO M 14 -76.69 17.40 -23.26
CA PRO M 14 -76.93 15.95 -23.36
C PRO M 14 -75.86 15.27 -24.20
N GLY M 15 -75.50 14.05 -23.83
CA GLY M 15 -74.46 13.34 -24.56
C GLY M 15 -73.12 13.59 -23.91
N ALA M 16 -72.99 14.73 -23.23
CA ALA M 16 -71.76 15.07 -22.53
C ALA M 16 -71.79 14.33 -21.20
N SER M 17 -70.77 14.53 -20.37
CA SER M 17 -70.73 13.83 -19.08
C SER M 17 -70.26 14.69 -17.90
N VAL M 18 -70.77 14.37 -16.71
CA VAL M 18 -70.41 15.09 -15.49
C VAL M 18 -70.01 14.10 -14.39
N THR M 19 -69.40 14.61 -13.33
CA THR M 19 -68.95 13.77 -12.22
C THR M 19 -69.13 14.47 -10.87
N VAL M 20 -69.99 13.91 -10.03
CA VAL M 20 -70.26 14.48 -8.71
C VAL M 20 -69.25 13.97 -7.68
N SER M 21 -68.76 14.88 -6.85
CA SER M 21 -67.78 14.53 -5.81
C SER M 21 -68.35 14.78 -4.42
N CYS M 22 -68.08 13.86 -3.50
CA CYS M 22 -68.58 13.95 -2.13
C CYS M 22 -67.43 13.89 -1.12
N GLN M 23 -67.44 14.79 -0.13
CA GLN M 23 -66.42 14.81 0.90
C GLN M 23 -67.05 14.42 2.23
N VAL M 24 -66.23 13.92 3.15
CA VAL M 24 -66.72 13.49 4.45
C VAL M 24 -65.87 14.07 5.58
N SER M 25 -66.52 14.35 6.71
CA SER M 25 -65.83 14.90 7.87
C SER M 25 -66.17 14.07 9.10
N GLY M 26 -65.20 13.90 9.98
CA GLY M 26 -65.43 13.11 11.17
C GLY M 26 -65.14 11.66 10.86
N TYR M 27 -66.17 10.82 10.86
CA TYR M 27 -66.00 9.41 10.57
C TYR M 27 -65.46 9.19 9.17
N THR M 28 -64.33 8.50 9.08
CA THR M 28 -63.72 8.22 7.79
C THR M 28 -64.69 7.46 6.89
N LEU M 29 -64.86 7.94 5.67
CA LEU M 29 -65.75 7.30 4.71
C LEU M 29 -65.35 5.84 4.59
N THR M 30 -64.07 5.57 4.80
CA THR M 30 -63.52 4.22 4.71
C THR M 30 -64.26 3.18 5.55
N SER M 31 -64.67 3.57 6.76
CA SER M 31 -65.39 2.66 7.64
C SER M 31 -66.90 2.86 7.52
N TYR M 32 -67.32 3.41 6.39
CA TYR M 32 -68.73 3.67 6.13
C TYR M 32 -69.03 3.46 4.65
N GLY M 33 -70.23 2.98 4.35
CA GLY M 33 -70.60 2.76 2.96
C GLY M 33 -71.11 4.03 2.32
N LEU M 34 -71.66 3.92 1.11
CA LEU M 34 -72.17 5.09 0.42
C LEU M 34 -73.04 4.73 -0.78
N SER M 35 -74.00 5.60 -1.08
CA SER M 35 -74.92 5.42 -2.20
C SER M 35 -75.38 6.80 -2.67
N TRP M 36 -75.88 6.88 -3.90
CA TRP M 36 -76.35 8.15 -4.42
C TRP M 36 -77.81 8.09 -4.87
N VAL M 37 -78.53 9.17 -4.63
CA VAL M 37 -79.95 9.24 -4.99
C VAL M 37 -80.25 10.52 -5.78
N ARG M 38 -80.99 10.38 -6.88
CA ARG M 38 -81.35 11.53 -7.69
C ARG M 38 -82.66 12.10 -7.21
N GLN M 39 -82.77 13.42 -7.25
CA GLN M 39 -83.98 14.10 -6.80
C GLN M 39 -84.49 15.00 -7.93
N ALA M 40 -85.22 14.40 -8.86
CA ALA M 40 -85.78 15.17 -9.96
C ALA M 40 -86.65 16.24 -9.33
N PRO M 41 -86.72 17.44 -9.94
CA PRO M 41 -87.54 18.50 -9.37
C PRO M 41 -88.97 18.07 -9.04
N GLY M 42 -89.31 18.12 -7.75
CA GLY M 42 -90.65 17.72 -7.31
C GLY M 42 -91.10 16.46 -8.02
N GLN M 43 -90.24 15.44 -8.00
CA GLN M 43 -90.54 14.18 -8.67
C GLN M 43 -90.32 13.00 -7.72
N GLY M 44 -89.93 13.29 -6.49
CA GLY M 44 -89.68 12.23 -5.53
C GLY M 44 -88.20 11.93 -5.55
N LEU M 45 -87.81 10.79 -4.97
CA LEU M 45 -86.40 10.41 -4.93
C LEU M 45 -86.19 9.06 -5.61
N GLU M 46 -84.98 8.83 -6.11
CA GLU M 46 -84.67 7.57 -6.78
C GLU M 46 -83.23 7.14 -6.53
N TRP M 47 -83.07 5.99 -5.86
CA TRP M 47 -81.74 5.46 -5.57
C TRP M 47 -81.04 5.09 -6.87
N VAL M 48 -79.77 5.44 -6.98
CA VAL M 48 -79.01 5.17 -8.20
C VAL M 48 -77.91 4.11 -8.04
N GLY M 49 -76.81 4.47 -7.41
CA GLY M 49 -75.71 3.52 -7.23
C GLY M 49 -75.28 3.33 -5.79
N TRP M 50 -74.44 2.31 -5.56
CA TRP M 50 -73.96 2.01 -4.23
C TRP M 50 -72.52 1.46 -4.24
N ILE M 51 -71.65 2.07 -3.45
CA ILE M 51 -70.26 1.64 -3.36
C ILE M 51 -69.92 1.43 -1.88
N ASN M 52 -68.84 0.69 -1.63
CA ASN M 52 -68.40 0.41 -0.27
C ASN M 52 -66.90 0.62 -0.14
N THR M 53 -66.51 1.72 0.48
CA THR M 53 -65.10 2.03 0.68
C THR M 53 -64.44 0.88 1.45
N TYR M 54 -63.16 0.64 1.17
CA TYR M 54 -62.42 -0.43 1.84
C TYR M 54 -63.05 -1.79 1.52
N ASP M 55 -63.95 -1.81 0.54
CA ASP M 55 -64.63 -3.03 0.14
C ASP M 55 -64.74 -3.16 -1.38
N GLY M 56 -64.44 -2.07 -2.08
CA GLY M 56 -64.50 -2.07 -3.53
C GLY M 56 -65.64 -2.84 -4.16
N GLN M 57 -66.84 -2.73 -3.58
CA GLN M 57 -68.01 -3.42 -4.11
C GLN M 57 -68.90 -2.37 -4.76
N THR M 58 -69.59 -2.73 -5.84
CA THR M 58 -70.46 -1.79 -6.53
C THR M 58 -71.72 -2.43 -7.11
N LYS M 59 -72.85 -1.76 -6.90
CA LYS M 59 -74.13 -2.23 -7.41
C LYS M 59 -74.88 -1.03 -7.98
N TYR M 60 -75.40 -1.18 -9.20
CA TYR M 60 -76.13 -0.10 -9.85
C TYR M 60 -77.55 -0.44 -10.24
N VAL M 61 -78.30 0.59 -10.63
CA VAL M 61 -79.68 0.41 -11.06
C VAL M 61 -79.68 -0.26 -12.42
N LYS M 62 -80.57 -1.23 -12.62
CA LYS M 62 -80.65 -1.93 -13.89
C LYS M 62 -80.84 -0.92 -15.01
N LYS M 63 -81.47 0.20 -14.68
CA LYS M 63 -81.75 1.27 -15.63
C LYS M 63 -80.54 1.98 -16.21
N PHE M 64 -79.64 2.47 -15.36
CA PHE M 64 -78.47 3.20 -15.84
C PHE M 64 -77.14 2.47 -15.73
N GLN M 65 -77.16 1.14 -15.73
CA GLN M 65 -75.91 0.39 -15.63
C GLN M 65 -74.97 0.76 -16.77
N GLY M 66 -73.70 0.97 -16.43
CA GLY M 66 -72.72 1.34 -17.43
C GLY M 66 -72.59 2.84 -17.52
N ARG M 67 -73.71 3.51 -17.76
CA ARG M 67 -73.75 4.97 -17.87
C ARG M 67 -73.14 5.58 -16.62
N VAL M 68 -73.56 5.11 -15.45
CA VAL M 68 -73.06 5.61 -14.19
C VAL M 68 -72.00 4.66 -13.63
N THR M 69 -71.13 5.18 -12.77
CA THR M 69 -70.07 4.39 -12.16
C THR M 69 -69.53 5.07 -10.91
N MET M 70 -69.25 4.27 -9.89
CA MET M 70 -68.73 4.78 -8.63
C MET M 70 -67.22 4.87 -8.59
N THR M 71 -66.70 5.63 -7.63
CA THR M 71 -65.26 5.81 -7.46
C THR M 71 -65.02 6.27 -6.03
N THR M 72 -63.82 6.01 -5.50
CA THR M 72 -63.50 6.42 -4.15
C THR M 72 -62.02 6.72 -3.95
N HIS M 73 -61.73 7.91 -3.46
CA HIS M 73 -60.35 8.30 -3.18
C HIS M 73 -60.09 8.06 -1.70
N THR M 74 -59.84 6.81 -1.34
CA THR M 74 -59.59 6.45 0.05
C THR M 74 -58.53 7.35 0.65
N GLY M 75 -57.70 7.94 -0.22
CA GLY M 75 -56.65 8.82 0.25
C GLY M 75 -57.07 10.23 0.62
N THR M 76 -58.08 10.76 -0.06
CA THR M 76 -58.55 12.12 0.22
C THR M 76 -59.87 12.17 0.99
N ASN M 77 -60.40 10.99 1.33
CA ASN M 77 -61.66 10.92 2.07
C ASN M 77 -62.82 11.51 1.27
N THR M 78 -62.86 11.20 -0.02
CA THR M 78 -63.92 11.71 -0.89
C THR M 78 -64.34 10.65 -1.90
N ALA M 79 -65.64 10.56 -2.15
CA ALA M 79 -66.16 9.58 -3.11
C ALA M 79 -66.52 10.29 -4.41
N TYR M 80 -66.57 9.52 -5.50
CA TYR M 80 -66.90 10.09 -6.81
C TYR M 80 -68.06 9.36 -7.48
N MET M 81 -68.81 10.11 -8.28
CA MET M 81 -69.95 9.57 -9.01
C MET M 81 -69.78 10.02 -10.46
N GLU M 82 -69.57 9.06 -11.36
CA GLU M 82 -69.38 9.38 -12.77
C GLU M 82 -70.61 9.07 -13.63
N MET M 83 -70.97 10.01 -14.49
CA MET M 83 -72.11 9.85 -15.38
C MET M 83 -71.71 10.26 -16.79
N LYS M 84 -71.60 9.29 -17.68
CA LYS M 84 -71.22 9.54 -19.07
C LYS M 84 -72.45 9.50 -19.97
N SER M 85 -72.31 10.04 -21.19
CA SER M 85 -73.40 10.09 -22.16
C SER M 85 -74.72 10.45 -21.48
N LEU M 86 -74.72 11.56 -20.76
CA LEU M 86 -75.90 12.03 -20.03
C LEU M 86 -77.13 12.16 -20.92
N ARG M 87 -78.30 12.19 -20.29
CA ARG M 87 -79.56 12.33 -20.99
C ARG M 87 -80.32 13.55 -20.49
N SER M 88 -80.95 14.26 -21.42
CA SER M 88 -81.72 15.46 -21.11
C SER M 88 -82.58 15.33 -19.85
N ASP M 89 -83.31 14.23 -19.76
CA ASP M 89 -84.20 13.98 -18.62
C ASP M 89 -83.48 13.74 -17.30
N ASP M 90 -82.40 12.97 -17.33
CA ASP M 90 -81.65 12.62 -16.13
C ASP M 90 -81.25 13.75 -15.16
N THR M 91 -81.20 14.98 -15.64
CA THR M 91 -80.83 16.09 -14.77
C THR M 91 -81.71 16.22 -13.53
N ALA M 92 -81.07 16.45 -12.39
CA ALA M 92 -81.76 16.60 -11.11
C ALA M 92 -80.74 16.82 -10.00
N VAL M 93 -81.19 16.78 -8.76
CA VAL M 93 -80.29 16.98 -7.62
C VAL M 93 -79.75 15.61 -7.19
N TYR M 94 -78.49 15.58 -6.78
CA TYR M 94 -77.87 14.32 -6.36
C TYR M 94 -77.30 14.40 -4.95
N TYR M 95 -77.42 13.31 -4.21
CA TYR M 95 -76.93 13.26 -2.83
C TYR M 95 -76.06 12.04 -2.54
N CYS M 96 -75.42 12.05 -1.37
CA CYS M 96 -74.55 10.96 -0.93
C CYS M 96 -74.64 10.83 0.59
N ALA M 97 -75.19 9.72 1.08
CA ALA M 97 -75.34 9.50 2.51
C ALA M 97 -74.64 8.22 2.99
N ARG M 98 -74.35 8.17 4.29
CA ARG M 98 -73.67 7.01 4.88
C ARG M 98 -74.51 5.73 4.82
N VAL M 99 -73.82 4.60 4.85
CA VAL M 99 -74.48 3.31 4.84
C VAL M 99 -73.73 2.40 5.79
N GLU M 100 -74.46 1.54 6.49
CA GLU M 100 -73.86 0.63 7.44
C GLU M 100 -73.36 -0.63 6.74
N GLY M 101 -74.04 -1.01 5.67
CA GLY M 101 -73.67 -2.19 4.92
C GLY M 101 -72.21 -2.15 4.50
N VAL M 102 -71.33 -2.58 5.39
CA VAL M 102 -69.90 -2.60 5.13
C VAL M 102 -69.33 -3.92 5.63
N ARG M 103 -68.09 -4.21 5.26
CA ARG M 103 -67.42 -5.43 5.67
C ARG M 103 -68.30 -6.65 5.40
N GLY M 104 -68.33 -7.57 6.35
CA GLY M 104 -69.11 -8.79 6.23
C GLY M 104 -70.49 -8.70 5.59
N VAL M 105 -71.19 -7.59 5.83
CA VAL M 105 -72.53 -7.43 5.27
C VAL M 105 -72.56 -7.35 3.76
N MET M 106 -71.81 -6.42 3.19
CA MET M 106 -71.77 -6.27 1.74
C MET M 106 -73.09 -5.68 1.26
N GLY M 107 -74.18 -6.32 1.65
CA GLY M 107 -75.50 -5.87 1.26
C GLY M 107 -75.89 -4.57 1.92
N PHE M 108 -76.53 -3.70 1.14
CA PHE M 108 -76.96 -2.39 1.62
C PHE M 108 -78.20 -2.46 2.53
N HIS M 109 -79.22 -3.17 2.06
CA HIS M 109 -80.49 -3.35 2.78
C HIS M 109 -80.54 -2.98 4.27
N TYR M 110 -79.93 -3.81 5.12
CA TYR M 110 -79.93 -3.56 6.57
C TYR M 110 -79.70 -2.11 6.95
N TYR M 111 -78.65 -1.52 6.38
CA TYR M 111 -78.29 -0.16 6.69
C TYR M 111 -79.35 0.89 6.35
N PRO M 112 -79.55 1.86 7.25
CA PRO M 112 -80.50 2.95 7.07
C PRO M 112 -79.68 4.20 6.75
N MET M 113 -79.71 4.62 5.49
CA MET M 113 -78.96 5.78 5.03
C MET M 113 -78.91 6.90 6.08
N ASP M 114 -77.78 7.59 6.14
CA ASP M 114 -77.61 8.67 7.11
C ASP M 114 -76.77 9.83 6.56
N VAL M 115 -76.94 11.00 7.16
CA VAL M 115 -76.22 12.21 6.75
C VAL M 115 -76.17 12.37 5.23
N TRP M 116 -77.07 13.17 4.69
CA TRP M 116 -77.11 13.40 3.24
C TRP M 116 -76.43 14.72 2.90
N GLY M 117 -75.62 14.69 1.85
CA GLY M 117 -74.90 15.89 1.44
C GLY M 117 -75.79 17.02 0.98
N GLN M 118 -75.30 18.25 1.12
CA GLN M 118 -76.05 19.43 0.71
C GLN M 118 -76.53 19.28 -0.73
N GLY M 119 -76.06 18.21 -1.38
CA GLY M 119 -76.47 17.91 -2.74
C GLY M 119 -75.89 18.78 -3.84
N THR M 120 -75.77 18.19 -5.02
CA THR M 120 -75.26 18.88 -6.18
C THR M 120 -76.36 18.98 -7.23
N MET M 121 -76.41 20.12 -7.92
CA MET M 121 -77.42 20.32 -8.95
C MET M 121 -76.80 20.30 -10.33
N VAL M 122 -77.22 19.31 -11.12
CA VAL M 122 -76.74 19.17 -12.48
C VAL M 122 -77.92 19.48 -13.38
N THR M 123 -77.65 19.96 -14.59
CA THR M 123 -78.73 20.30 -15.51
C THR M 123 -78.37 19.89 -16.92
N VAL M 124 -79.11 18.92 -17.46
CA VAL M 124 -78.86 18.44 -18.81
C VAL M 124 -79.89 19.04 -19.76
N SER M 125 -79.50 20.13 -20.42
CA SER M 125 -80.36 20.83 -21.36
C SER M 125 -79.62 21.12 -22.65
N SER M 126 -80.39 21.26 -23.73
CA SER M 126 -79.82 21.55 -25.05
C SER M 126 -80.57 22.76 -25.60
N ALA M 127 -81.24 23.47 -24.71
CA ALA M 127 -82.06 24.61 -25.10
C ALA M 127 -81.43 26.01 -25.06
N SER M 128 -81.31 26.59 -26.26
CA SER M 128 -80.83 27.95 -26.43
C SER M 128 -82.03 28.89 -26.26
N THR M 129 -81.76 30.19 -26.18
CA THR M 129 -82.82 31.19 -26.01
C THR M 129 -83.84 31.13 -27.14
N LYS M 130 -85.11 31.32 -26.79
CA LYS M 130 -86.20 31.27 -27.77
C LYS M 130 -87.21 32.40 -27.57
N GLY M 131 -87.91 32.75 -28.65
CA GLY M 131 -88.91 33.80 -28.57
C GLY M 131 -90.27 33.21 -28.23
N PRO M 132 -90.97 33.76 -27.23
CA PRO M 132 -92.29 33.27 -26.83
C PRO M 132 -93.40 33.54 -27.83
N SER M 133 -94.22 32.53 -28.08
CA SER M 133 -95.33 32.63 -29.01
C SER M 133 -96.60 33.00 -28.24
N VAL M 134 -97.18 34.14 -28.55
CA VAL M 134 -98.39 34.60 -27.87
C VAL M 134 -99.66 34.28 -28.64
N PHE M 135 -100.53 33.47 -28.04
CA PHE M 135 -101.78 33.09 -28.66
C PHE M 135 -102.94 33.38 -27.69
N PRO M 136 -103.99 34.05 -28.19
CA PRO M 136 -105.18 34.43 -27.41
C PRO M 136 -106.11 33.28 -27.04
N LEU M 137 -106.66 33.34 -25.82
CA LEU M 137 -107.57 32.31 -25.33
C LEU M 137 -108.84 32.95 -24.79
N ALA M 138 -109.95 32.75 -25.49
CA ALA M 138 -111.23 33.30 -25.09
C ALA M 138 -112.23 32.16 -24.86
N PRO M 139 -113.38 32.46 -24.23
CA PRO M 139 -114.37 31.41 -23.98
C PRO M 139 -114.87 30.75 -25.25
N SER M 140 -114.92 29.41 -25.25
CA SER M 140 -115.39 28.66 -26.41
C SER M 140 -116.85 29.03 -26.62
N SER M 141 -117.43 29.56 -25.55
CA SER M 141 -118.82 30.00 -25.51
C SER M 141 -118.88 30.82 -24.24
N LYS M 142 -119.77 31.81 -24.20
CA LYS M 142 -119.90 32.63 -23.00
C LYS M 142 -119.96 31.67 -21.81
N SER M 143 -118.94 31.73 -20.96
CA SER M 143 -118.85 30.84 -19.80
C SER M 143 -120.12 30.82 -18.96
N THR M 144 -120.57 32.00 -18.53
CA THR M 144 -121.77 32.12 -17.73
C THR M 144 -121.76 31.17 -16.53
N SER M 145 -120.57 30.76 -16.09
CA SER M 145 -120.45 29.85 -14.96
C SER M 145 -120.13 30.59 -13.68
N GLY M 146 -121.11 30.65 -12.77
CA GLY M 146 -120.91 31.33 -11.51
C GLY M 146 -120.93 32.83 -11.72
N GLY M 147 -120.09 33.31 -12.62
CA GLY M 147 -120.04 34.73 -12.90
C GLY M 147 -118.97 35.14 -13.89
N THR M 148 -119.25 36.19 -14.65
CA THR M 148 -118.34 36.75 -15.64
C THR M 148 -117.87 35.76 -16.70
N ALA M 149 -116.62 35.93 -17.13
CA ALA M 149 -116.01 35.08 -18.14
C ALA M 149 -114.50 35.02 -17.90
N ALA M 150 -113.84 34.01 -18.46
CA ALA M 150 -112.41 33.85 -18.30
C ALA M 150 -111.67 33.88 -19.63
N LEU M 151 -110.92 34.94 -19.87
CA LEU M 151 -110.15 35.08 -21.10
C LEU M 151 -108.69 35.35 -20.76
N GLY M 152 -107.79 34.78 -21.55
CA GLY M 152 -106.36 34.97 -21.30
C GLY M 152 -105.48 34.77 -22.51
N CYS M 153 -104.20 34.54 -22.26
CA CYS M 153 -103.23 34.32 -23.33
C CYS M 153 -102.40 33.08 -23.06
N LEU M 154 -101.64 32.65 -24.06
CA LEU M 154 -100.80 31.47 -23.93
C LEU M 154 -99.45 31.64 -24.63
N VAL M 155 -98.39 31.71 -23.84
CA VAL M 155 -97.04 31.84 -24.38
C VAL M 155 -96.45 30.43 -24.35
N LYS M 156 -96.14 29.90 -25.53
CA LYS M 156 -95.61 28.56 -25.62
C LYS M 156 -94.25 28.46 -26.32
N ASP M 157 -93.44 27.49 -25.88
CA ASP M 157 -92.12 27.25 -26.44
C ASP M 157 -91.20 28.45 -26.33
N TYR M 158 -90.81 28.80 -25.11
CA TYR M 158 -89.91 29.94 -24.90
C TYR M 158 -88.85 29.64 -23.85
N PHE M 159 -87.66 30.20 -24.05
CA PHE M 159 -86.54 30.02 -23.12
C PHE M 159 -85.69 31.28 -23.16
N PRO M 160 -85.17 31.72 -22.00
CA PRO M 160 -85.34 31.10 -20.68
C PRO M 160 -86.28 31.89 -19.77
N GLU M 161 -87.09 31.19 -18.99
CA GLU M 161 -88.04 31.83 -18.08
C GLU M 161 -87.40 32.84 -17.14
N PRO M 162 -88.16 33.88 -16.75
CA PRO M 162 -89.55 34.05 -17.19
C PRO M 162 -89.83 35.42 -17.82
N VAL M 163 -90.93 35.50 -18.56
CA VAL M 163 -91.35 36.74 -19.20
C VAL M 163 -92.60 37.31 -18.51
N THR M 164 -92.57 38.61 -18.23
CA THR M 164 -93.68 39.27 -17.55
C THR M 164 -94.84 39.62 -18.47
N VAL M 165 -96.03 39.13 -18.12
CA VAL M 165 -97.24 39.41 -18.88
C VAL M 165 -98.00 40.52 -18.17
N SER M 166 -98.27 41.61 -18.90
CA SER M 166 -98.99 42.74 -18.32
C SER M 166 -100.24 43.08 -19.14
N TRP M 167 -101.40 42.81 -18.56
CA TRP M 167 -102.66 43.09 -19.23
C TRP M 167 -102.91 44.58 -19.36
N ASN M 168 -102.90 45.06 -20.60
CA ASN M 168 -103.14 46.47 -20.89
C ASN M 168 -102.19 47.36 -20.09
N SER M 169 -100.90 47.06 -20.16
CA SER M 169 -99.88 47.83 -19.46
C SER M 169 -100.10 47.88 -17.95
N GLY M 170 -101.09 47.13 -17.48
CA GLY M 170 -101.38 47.11 -16.06
C GLY M 170 -102.77 47.66 -15.76
N ALA M 171 -103.52 47.95 -16.81
CA ALA M 171 -104.87 48.48 -16.66
C ALA M 171 -105.75 47.38 -16.10
N LEU M 172 -105.35 46.14 -16.32
CA LEU M 172 -106.09 44.98 -15.83
C LEU M 172 -105.27 44.23 -14.81
N THR M 173 -105.41 44.63 -13.54
CA THR M 173 -104.69 44.00 -12.44
C THR M 173 -105.68 43.20 -11.59
N SER M 174 -106.95 43.28 -11.95
CA SER M 174 -108.01 42.59 -11.21
C SER M 174 -108.37 41.24 -11.81
N GLY M 175 -108.19 40.18 -11.03
CA GLY M 175 -108.52 38.84 -11.49
C GLY M 175 -107.38 38.08 -12.14
N VAL M 176 -106.40 38.81 -12.66
CA VAL M 176 -105.26 38.19 -13.34
C VAL M 176 -104.54 37.18 -12.45
N HIS M 177 -104.30 36.00 -13.00
CA HIS M 177 -103.59 34.94 -12.28
C HIS M 177 -102.74 34.15 -13.26
N THR M 178 -101.44 34.41 -13.24
CA THR M 178 -100.51 33.71 -14.13
C THR M 178 -100.06 32.43 -13.48
N PHE M 179 -100.39 31.30 -14.11
CA PHE M 179 -100.02 30.00 -13.58
C PHE M 179 -98.57 29.65 -13.92
N PRO M 180 -97.86 29.03 -12.96
CA PRO M 180 -96.46 28.63 -13.11
C PRO M 180 -96.18 27.87 -14.41
N ALA M 181 -95.17 28.33 -15.16
CA ALA M 181 -94.79 27.71 -16.42
C ALA M 181 -94.40 26.24 -16.22
N VAL M 182 -94.34 25.49 -17.31
CA VAL M 182 -93.97 24.08 -17.25
C VAL M 182 -92.90 23.72 -18.26
N LEU M 183 -92.00 22.84 -17.87
CA LEU M 183 -90.91 22.38 -18.72
C LEU M 183 -91.40 21.30 -19.68
N GLN M 184 -91.39 21.61 -20.97
CA GLN M 184 -91.83 20.66 -21.98
C GLN M 184 -90.76 19.60 -22.20
N SER M 185 -91.18 18.41 -22.63
CA SER M 185 -90.24 17.33 -22.89
C SER M 185 -89.20 17.82 -23.90
N SER M 186 -89.56 18.89 -24.61
CA SER M 186 -88.68 19.48 -25.61
C SER M 186 -87.56 20.24 -24.89
N GLY M 187 -87.95 20.97 -23.84
CA GLY M 187 -86.96 21.72 -23.08
C GLY M 187 -87.27 23.21 -22.99
N LEU M 188 -88.44 23.60 -23.50
CA LEU M 188 -88.85 25.01 -23.47
C LEU M 188 -90.11 25.18 -22.64
N TYR M 189 -90.07 26.11 -21.70
CA TYR M 189 -91.19 26.38 -20.80
C TYR M 189 -92.43 26.95 -21.49
N SER M 190 -93.49 27.09 -20.70
CA SER M 190 -94.76 27.63 -21.19
C SER M 190 -95.66 28.00 -20.01
N LEU M 191 -96.12 29.24 -19.97
CA LEU M 191 -96.98 29.71 -18.89
C LEU M 191 -98.27 30.32 -19.44
N SER M 192 -99.22 30.59 -18.55
CA SER M 192 -100.50 31.16 -18.95
C SER M 192 -101.00 32.16 -17.92
N SER M 193 -101.62 33.24 -18.40
CA SER M 193 -102.16 34.27 -17.52
C SER M 193 -103.61 34.53 -17.90
N VAL M 194 -104.52 34.17 -17.00
CA VAL M 194 -105.96 34.35 -17.25
C VAL M 194 -106.53 35.43 -16.33
N VAL M 195 -107.61 36.06 -16.78
CA VAL M 195 -108.26 37.10 -16.01
C VAL M 195 -109.75 36.81 -15.82
N THR M 196 -110.32 37.40 -14.76
CA THR M 196 -111.73 37.22 -14.47
C THR M 196 -112.47 38.54 -14.62
N VAL M 197 -112.94 38.82 -15.83
CA VAL M 197 -113.67 40.05 -16.12
C VAL M 197 -115.15 39.77 -16.37
N PRO M 198 -116.03 40.71 -15.99
CA PRO M 198 -117.47 40.56 -16.18
C PRO M 198 -117.89 40.11 -17.57
N SER M 199 -118.80 39.13 -17.61
CA SER M 199 -119.28 38.59 -18.88
C SER M 199 -120.22 39.58 -19.57
N SER M 200 -120.48 40.70 -18.91
CA SER M 200 -121.35 41.73 -19.48
C SER M 200 -120.54 42.77 -20.23
N SER M 201 -119.25 42.49 -20.40
CA SER M 201 -118.35 43.40 -21.10
C SER M 201 -117.43 42.65 -22.06
N LEU M 202 -117.87 41.48 -22.52
CA LEU M 202 -117.09 40.68 -23.44
C LEU M 202 -116.85 41.41 -24.75
N GLY M 203 -117.57 42.52 -24.95
CA GLY M 203 -117.41 43.30 -26.16
C GLY M 203 -117.29 44.78 -25.87
N THR M 204 -117.30 45.15 -24.60
CA THR M 204 -117.19 46.54 -24.19
C THR M 204 -115.73 46.94 -24.03
N GLN M 205 -114.95 46.06 -23.41
CA GLN M 205 -113.53 46.33 -23.19
C GLN M 205 -112.68 45.17 -23.70
N THR M 206 -111.68 45.50 -24.52
CA THR M 206 -110.78 44.49 -25.07
C THR M 206 -109.65 44.21 -24.10
N TYR M 207 -108.98 43.08 -24.25
CA TYR M 207 -107.89 42.70 -23.38
C TYR M 207 -106.64 42.32 -24.17
N ILE M 208 -105.49 42.81 -23.73
CA ILE M 208 -104.22 42.51 -24.39
C ILE M 208 -103.11 42.23 -23.37
N CYS M 209 -102.48 41.07 -23.53
CA CYS M 209 -101.39 40.66 -22.66
C CYS M 209 -100.08 41.17 -23.26
N ASN M 210 -99.37 42.02 -22.53
CA ASN M 210 -98.11 42.57 -23.01
C ASN M 210 -96.94 41.67 -22.66
N VAL M 211 -96.86 40.53 -23.35
CA VAL M 211 -95.79 39.57 -23.12
C VAL M 211 -94.45 40.16 -23.58
N ASN M 212 -93.64 40.60 -22.63
CA ASN M 212 -92.33 41.18 -22.94
C ASN M 212 -91.25 40.23 -22.46
N HIS M 213 -90.46 39.71 -23.39
CA HIS M 213 -89.39 38.78 -23.04
C HIS M 213 -88.03 39.43 -23.14
N LYS M 214 -87.31 39.47 -22.02
CA LYS M 214 -85.98 40.06 -21.98
C LYS M 214 -84.94 39.17 -22.66
N PRO M 215 -85.05 37.84 -22.49
CA PRO M 215 -84.10 36.92 -23.12
C PRO M 215 -84.15 36.94 -24.65
N SER M 216 -85.35 37.06 -25.21
CA SER M 216 -85.52 37.07 -26.65
C SER M 216 -85.79 38.46 -27.20
N ASN M 217 -85.99 39.43 -26.30
CA ASN M 217 -86.29 40.80 -26.73
C ASN M 217 -87.50 40.76 -27.65
N THR M 218 -88.46 39.92 -27.30
CA THR M 218 -89.68 39.76 -28.09
C THR M 218 -90.91 40.31 -27.39
N LYS M 219 -91.37 41.48 -27.84
CA LYS M 219 -92.56 42.09 -27.26
C LYS M 219 -93.74 41.78 -28.16
N VAL M 220 -94.60 40.88 -27.71
CA VAL M 220 -95.78 40.49 -28.48
C VAL M 220 -97.07 40.75 -27.72
N ASP M 221 -97.91 41.62 -28.27
CA ASP M 221 -99.19 41.95 -27.66
C ASP M 221 -100.28 41.26 -28.47
N LYS M 222 -101.21 40.61 -27.77
CA LYS M 222 -102.28 39.89 -28.45
C LYS M 222 -103.65 40.34 -27.96
N LYS M 223 -104.66 40.18 -28.82
CA LYS M 223 -106.03 40.56 -28.49
C LYS M 223 -106.82 39.31 -28.12
N VAL M 224 -107.65 39.41 -27.09
CA VAL M 224 -108.46 38.27 -26.65
C VAL M 224 -109.95 38.61 -26.72
N GLU M 225 -110.65 37.94 -27.63
CA GLU M 225 -112.07 38.16 -27.81
C GLU M 225 -112.76 36.87 -28.26
N PRO M 226 -114.01 36.65 -27.82
CA PRO M 226 -114.75 35.44 -28.20
C PRO M 226 -115.10 35.42 -29.68
N GLN N 1 -10.95 -10.00 -6.94
CA GLN N 1 -9.71 -10.29 -6.15
C GLN N 1 -9.91 -11.47 -5.22
N VAL N 2 -10.02 -12.66 -5.79
CA VAL N 2 -10.20 -13.88 -5.00
C VAL N 2 -8.98 -14.77 -5.17
N GLN N 3 -8.26 -14.98 -4.07
CA GLN N 3 -7.07 -15.81 -4.09
C GLN N 3 -7.34 -17.25 -3.68
N LEU N 4 -6.41 -18.13 -4.01
CA LEU N 4 -6.53 -19.55 -3.69
C LEU N 4 -5.19 -20.10 -3.22
N VAL N 5 -5.13 -20.46 -1.95
CA VAL N 5 -3.90 -21.00 -1.38
C VAL N 5 -3.96 -22.52 -1.46
N GLN N 6 -2.94 -23.12 -2.07
CA GLN N 6 -2.90 -24.57 -2.20
C GLN N 6 -1.75 -25.16 -1.40
N SER N 7 -2.06 -26.25 -0.68
CA SER N 7 -1.07 -26.95 0.14
C SER N 7 0.26 -27.13 -0.57
N GLY N 8 1.35 -26.98 0.19
CA GLY N 8 2.68 -27.13 -0.38
C GLY N 8 2.85 -28.46 -1.09
N ALA N 9 3.34 -28.41 -2.32
CA ALA N 9 3.56 -29.60 -3.11
C ALA N 9 4.09 -30.74 -2.25
N GLU N 10 3.43 -31.90 -2.32
CA GLU N 10 3.86 -33.06 -1.54
C GLU N 10 4.27 -34.23 -2.41
N VAL N 11 4.94 -35.20 -1.80
CA VAL N 11 5.41 -36.40 -2.49
C VAL N 11 5.36 -37.60 -1.56
N LYS N 12 4.77 -38.68 -2.04
CA LYS N 12 4.67 -39.91 -1.24
C LYS N 12 4.66 -41.15 -2.13
N LYS N 13 5.19 -42.24 -1.58
CA LYS N 13 5.29 -43.50 -2.31
C LYS N 13 3.92 -44.08 -2.64
N PRO N 14 3.85 -44.90 -3.71
CA PRO N 14 2.58 -45.51 -4.11
C PRO N 14 1.99 -46.36 -2.99
N GLY N 15 0.67 -46.37 -2.89
CA GLY N 15 0.03 -47.14 -1.83
C GLY N 15 -0.22 -46.25 -0.64
N ALA N 16 0.59 -45.20 -0.52
CA ALA N 16 0.46 -44.24 0.58
C ALA N 16 -0.63 -43.26 0.16
N SER N 17 -0.91 -42.26 0.99
CA SER N 17 -1.96 -41.29 0.66
C SER N 17 -1.61 -39.83 0.98
N VAL N 18 -2.16 -38.92 0.18
CA VAL N 18 -1.93 -37.49 0.35
C VAL N 18 -3.27 -36.74 0.39
N THR N 19 -3.24 -35.49 0.81
CA THR N 19 -4.45 -34.66 0.90
C THR N 19 -4.17 -33.20 0.54
N VAL N 20 -4.76 -32.75 -0.57
CA VAL N 20 -4.57 -31.38 -1.02
C VAL N 20 -5.56 -30.44 -0.33
N SER N 21 -5.07 -29.26 0.07
CA SER N 21 -5.91 -28.27 0.74
C SER N 21 -5.99 -26.98 -0.07
N CYS N 22 -7.19 -26.41 -0.14
CA CYS N 22 -7.44 -25.19 -0.91
C CYS N 22 -8.04 -24.09 -0.02
N GLN N 23 -7.49 -22.88 -0.11
CA GLN N 23 -7.98 -21.75 0.66
C GLN N 23 -8.63 -20.75 -0.29
N VAL N 24 -9.51 -19.91 0.25
CA VAL N 24 -10.20 -18.92 -0.57
C VAL N 24 -10.18 -17.54 0.09
N SER N 25 -10.15 -16.51 -0.74
CA SER N 25 -10.13 -15.14 -0.24
C SER N 25 -11.20 -14.33 -0.96
N GLY N 26 -11.87 -13.44 -0.23
CA GLY N 26 -12.91 -12.64 -0.83
C GLY N 26 -14.24 -13.37 -0.68
N TYR N 27 -14.79 -13.82 -1.80
CA TYR N 27 -16.07 -14.53 -1.77
C TYR N 27 -15.94 -15.82 -0.98
N THR N 28 -16.76 -15.95 0.06
CA THR N 28 -16.74 -17.14 0.89
C THR N 28 -16.99 -18.38 0.05
N LEU N 29 -16.14 -19.39 0.21
CA LEU N 29 -16.28 -20.63 -0.53
C LEU N 29 -17.68 -21.18 -0.33
N THR N 30 -18.25 -20.86 0.84
CA THR N 30 -19.59 -21.31 1.19
C THR N 30 -20.66 -21.00 0.15
N SER N 31 -20.59 -19.82 -0.45
CA SER N 31 -21.56 -19.43 -1.47
C SER N 31 -21.03 -19.71 -2.87
N TYR N 32 -20.09 -20.63 -2.96
CA TYR N 32 -19.48 -21.02 -4.23
C TYR N 32 -19.17 -22.51 -4.24
N GLY N 33 -19.28 -23.14 -5.40
CA GLY N 33 -19.00 -24.56 -5.48
C GLY N 33 -17.51 -24.80 -5.66
N LEU N 34 -17.13 -26.04 -5.95
CA LEU N 34 -15.72 -26.36 -6.14
C LEU N 34 -15.52 -27.74 -6.77
N SER N 35 -14.43 -27.87 -7.51
CA SER N 35 -14.07 -29.12 -8.18
C SER N 35 -12.55 -29.16 -8.33
N TRP N 36 -12.00 -30.35 -8.56
CA TRP N 36 -10.55 -30.49 -8.70
C TRP N 36 -10.18 -31.16 -10.03
N VAL N 37 -9.12 -30.66 -10.65
CA VAL N 37 -8.66 -31.18 -11.93
C VAL N 37 -7.18 -31.54 -11.88
N ARG N 38 -6.82 -32.74 -12.35
CA ARG N 38 -5.43 -33.16 -12.36
C ARG N 38 -4.78 -32.73 -13.66
N GLN N 39 -3.53 -32.33 -13.57
CA GLN N 39 -2.78 -31.89 -14.73
C GLN N 39 -1.50 -32.71 -14.87
N ALA N 40 -1.63 -33.90 -15.47
CA ALA N 40 -0.46 -34.74 -15.66
C ALA N 40 0.52 -33.94 -16.50
N PRO N 41 1.83 -34.12 -16.27
CA PRO N 41 2.82 -33.36 -17.04
C PRO N 41 2.59 -33.42 -18.55
N GLY N 42 2.34 -32.26 -19.15
CA GLY N 42 2.10 -32.19 -20.59
C GLY N 42 1.23 -33.35 -21.05
N GLN N 43 0.10 -33.54 -20.37
CA GLN N 43 -0.82 -34.63 -20.68
C GLN N 43 -2.24 -34.11 -20.84
N GLY N 44 -2.42 -32.81 -20.70
CA GLY N 44 -3.74 -32.23 -20.81
C GLY N 44 -4.33 -32.12 -19.41
N LEU N 45 -5.64 -31.92 -19.31
CA LEU N 45 -6.28 -31.80 -18.01
C LEU N 45 -7.37 -32.86 -17.85
N GLU N 46 -7.71 -33.18 -16.60
CA GLU N 46 -8.72 -34.19 -16.33
C GLU N 46 -9.50 -33.87 -15.06
N TRP N 47 -10.80 -33.62 -15.20
CA TRP N 47 -11.65 -33.33 -14.05
C TRP N 47 -11.73 -34.55 -13.15
N VAL N 48 -11.66 -34.33 -11.84
CA VAL N 48 -11.69 -35.43 -10.89
C VAL N 48 -12.94 -35.48 -10.00
N GLY N 49 -13.00 -34.58 -9.02
CA GLY N 49 -14.15 -34.57 -8.13
C GLY N 49 -14.87 -33.23 -8.05
N TRP N 50 -16.04 -33.23 -7.42
CA TRP N 50 -16.84 -32.01 -7.28
C TRP N 50 -17.63 -31.99 -5.97
N ILE N 51 -17.48 -30.91 -5.22
CA ILE N 51 -18.19 -30.74 -3.96
C ILE N 51 -18.90 -29.39 -3.97
N ASN N 52 -19.87 -29.23 -3.08
CA ASN N 52 -20.63 -27.99 -2.98
C ASN N 52 -20.78 -27.56 -1.53
N THR N 53 -20.02 -26.55 -1.13
CA THR N 53 -20.09 -26.04 0.23
C THR N 53 -21.52 -25.62 0.55
N TYR N 54 -21.92 -25.75 1.81
CA TYR N 54 -23.26 -25.39 2.23
C TYR N 54 -24.30 -26.24 1.51
N ASP N 55 -23.83 -27.29 0.82
CA ASP N 55 -24.71 -28.19 0.08
C ASP N 55 -24.33 -29.65 0.29
N GLY N 56 -23.17 -29.88 0.88
CA GLY N 56 -22.70 -31.23 1.15
C GLY N 56 -23.00 -32.27 0.08
N GLN N 57 -22.86 -31.87 -1.18
CA GLN N 57 -23.11 -32.79 -2.30
C GLN N 57 -21.75 -33.17 -2.88
N THR N 58 -21.64 -34.40 -3.38
CA THR N 58 -20.37 -34.86 -3.93
C THR N 58 -20.53 -35.81 -5.11
N LYS N 59 -19.74 -35.58 -6.16
CA LYS N 59 -19.76 -36.41 -7.35
C LYS N 59 -18.32 -36.66 -7.79
N TYR N 60 -18.00 -37.93 -8.07
CA TYR N 60 -16.64 -38.27 -8.47
C TYR N 60 -16.56 -38.98 -9.81
N VAL N 61 -15.33 -39.11 -10.32
CA VAL N 61 -15.09 -39.79 -11.59
C VAL N 61 -15.31 -41.28 -11.37
N LYS N 62 -15.96 -41.93 -12.33
CA LYS N 62 -16.21 -43.37 -12.24
C LYS N 62 -14.88 -44.09 -12.03
N LYS N 63 -13.81 -43.50 -12.56
CA LYS N 63 -12.47 -44.07 -12.48
C LYS N 63 -11.87 -44.18 -11.08
N PHE N 64 -11.87 -43.08 -10.34
CA PHE N 64 -11.28 -43.08 -9.00
C PHE N 64 -12.26 -43.02 -7.84
N GLN N 65 -13.49 -43.47 -8.03
CA GLN N 65 -14.46 -43.45 -6.95
C GLN N 65 -13.96 -44.23 -5.74
N GLY N 66 -14.14 -43.65 -4.56
CA GLY N 66 -13.68 -44.31 -3.34
C GLY N 66 -12.28 -43.86 -3.00
N ARG N 67 -11.37 -44.04 -3.94
CA ARG N 67 -9.98 -43.64 -3.75
C ARG N 67 -9.90 -42.18 -3.32
N VAL N 68 -10.59 -41.32 -4.06
CA VAL N 68 -10.61 -39.90 -3.77
C VAL N 68 -11.87 -39.55 -2.98
N THR N 69 -11.83 -38.43 -2.26
CA THR N 69 -12.97 -37.97 -1.47
C THR N 69 -12.83 -36.49 -1.12
N MET N 70 -13.94 -35.76 -1.20
CA MET N 70 -13.95 -34.34 -0.91
C MET N 70 -14.18 -34.03 0.57
N THR N 71 -13.88 -32.80 0.96
CA THR N 71 -14.05 -32.35 2.33
C THR N 71 -14.11 -30.83 2.33
N THR N 72 -14.74 -30.25 3.34
CA THR N 72 -14.84 -28.79 3.41
C THR N 72 -14.92 -28.27 4.84
N HIS N 73 -14.03 -27.36 5.18
CA HIS N 73 -14.02 -26.75 6.51
C HIS N 73 -14.75 -25.42 6.40
N THR N 74 -16.08 -25.47 6.41
CA THR N 74 -16.90 -24.27 6.32
C THR N 74 -16.45 -23.24 7.34
N GLY N 75 -15.79 -23.71 8.41
CA GLY N 75 -15.32 -22.81 9.45
C GLY N 75 -14.05 -22.07 9.15
N THR N 76 -13.14 -22.68 8.38
CA THR N 76 -11.87 -22.03 8.06
C THR N 76 -11.80 -21.50 6.63
N ASN N 77 -12.88 -21.66 5.88
CA ASN N 77 -12.92 -21.21 4.49
C ASN N 77 -11.89 -21.93 3.64
N THR N 78 -11.79 -23.25 3.81
CA THR N 78 -10.84 -24.05 3.05
C THR N 78 -11.44 -25.41 2.70
N ALA N 79 -11.17 -25.89 1.49
CA ALA N 79 -11.68 -27.17 1.04
C ALA N 79 -10.55 -28.20 1.08
N TYR N 80 -10.92 -29.48 1.17
CA TYR N 80 -9.93 -30.55 1.20
C TYR N 80 -10.18 -31.60 0.13
N MET N 81 -9.08 -32.22 -0.32
CA MET N 81 -9.14 -33.26 -1.34
C MET N 81 -8.31 -34.42 -0.81
N GLU N 82 -8.97 -35.55 -0.54
CA GLU N 82 -8.28 -36.72 -0.02
C GLU N 82 -8.07 -37.81 -1.06
N MET N 83 -6.85 -38.36 -1.08
CA MET N 83 -6.50 -39.42 -2.02
C MET N 83 -5.76 -40.52 -1.27
N LYS N 84 -6.42 -41.66 -1.10
CA LYS N 84 -5.83 -42.81 -0.39
C LYS N 84 -5.33 -43.85 -1.39
N SER N 85 -4.50 -44.78 -0.92
CA SER N 85 -3.94 -45.83 -1.76
C SER N 85 -3.55 -45.29 -3.13
N LEU N 86 -2.74 -44.24 -3.15
CA LEU N 86 -2.29 -43.60 -4.37
C LEU N 86 -1.66 -44.57 -5.36
N ARG N 87 -1.58 -44.15 -6.62
CA ARG N 87 -0.99 -44.96 -7.68
C ARG N 87 0.15 -44.20 -8.35
N SER N 88 1.22 -44.93 -8.66
CA SER N 88 2.39 -44.35 -9.30
C SER N 88 2.06 -43.36 -10.42
N ASP N 89 1.16 -43.77 -11.31
CA ASP N 89 0.76 -42.93 -12.44
C ASP N 89 -0.01 -41.66 -12.06
N ASP N 90 -0.94 -41.80 -11.13
CA ASP N 90 -1.78 -40.68 -10.71
C ASP N 90 -1.11 -39.34 -10.38
N THR N 91 0.17 -39.36 -10.05
CA THR N 91 0.88 -38.12 -9.73
C THR N 91 0.79 -37.07 -10.83
N ALA N 92 0.54 -35.82 -10.42
CA ALA N 92 0.43 -34.70 -11.34
C ALA N 92 0.09 -33.44 -10.56
N VAL N 93 -0.23 -32.36 -11.28
CA VAL N 93 -0.58 -31.10 -10.62
C VAL N 93 -2.08 -31.08 -10.37
N TYR N 94 -2.50 -30.52 -9.25
CA TYR N 94 -3.92 -30.45 -8.90
C TYR N 94 -4.39 -29.02 -8.65
N TYR N 95 -5.61 -28.73 -9.07
CA TYR N 95 -6.18 -27.40 -8.91
C TYR N 95 -7.59 -27.40 -8.31
N CYS N 96 -8.07 -26.21 -7.93
CA CYS N 96 -9.39 -26.03 -7.34
C CYS N 96 -9.96 -24.67 -7.77
N ALA N 97 -11.02 -24.69 -8.56
CA ALA N 97 -11.64 -23.46 -9.05
C ALA N 97 -13.10 -23.32 -8.64
N ARG N 98 -13.61 -22.09 -8.66
CA ARG N 98 -15.00 -21.83 -8.29
C ARG N 98 -16.00 -22.43 -9.25
N VAL N 99 -17.21 -22.69 -8.74
CA VAL N 99 -18.27 -23.24 -9.56
C VAL N 99 -19.56 -22.52 -9.17
N GLU N 100 -20.43 -22.30 -10.13
CA GLU N 100 -21.69 -21.63 -9.89
C GLU N 100 -22.76 -22.62 -9.43
N GLY N 101 -22.65 -23.85 -9.93
CA GLY N 101 -23.62 -24.88 -9.56
C GLY N 101 -23.73 -25.04 -8.06
N VAL N 102 -24.57 -24.20 -7.45
CA VAL N 102 -24.78 -24.23 -6.01
C VAL N 102 -26.28 -24.13 -5.74
N ARG N 103 -26.68 -24.37 -4.50
CA ARG N 103 -28.07 -24.30 -4.10
C ARG N 103 -28.95 -25.11 -5.05
N GLY N 104 -30.08 -24.54 -5.43
CA GLY N 104 -31.03 -25.20 -6.32
C GLY N 104 -30.47 -25.97 -7.50
N VAL N 105 -29.39 -25.47 -8.11
CA VAL N 105 -28.80 -26.15 -9.26
C VAL N 105 -28.26 -27.53 -8.95
N MET N 106 -27.37 -27.62 -7.96
CA MET N 106 -26.78 -28.90 -7.58
C MET N 106 -25.84 -29.37 -8.69
N GLY N 107 -26.35 -29.39 -9.91
CA GLY N 107 -25.55 -29.82 -11.05
C GLY N 107 -24.46 -28.82 -11.40
N PHE N 108 -23.28 -29.34 -11.72
CA PHE N 108 -22.12 -28.53 -12.07
C PHE N 108 -22.22 -27.91 -13.46
N HIS N 109 -22.51 -28.75 -14.45
CA HIS N 109 -22.63 -28.36 -15.86
C HIS N 109 -22.74 -26.85 -16.18
N TYR N 110 -23.88 -26.25 -15.86
CA TYR N 110 -24.09 -24.83 -16.14
C TYR N 110 -22.90 -23.93 -15.80
N TYR N 111 -22.39 -24.08 -14.59
CA TYR N 111 -21.28 -23.25 -14.13
C TYR N 111 -19.99 -23.37 -14.92
N PRO N 112 -19.36 -22.21 -15.18
CA PRO N 112 -18.09 -22.15 -15.91
C PRO N 112 -16.99 -21.87 -14.89
N MET N 113 -16.36 -22.94 -14.39
CA MET N 113 -15.29 -22.84 -13.40
C MET N 113 -14.45 -21.59 -13.58
N ASP N 114 -14.24 -20.86 -12.48
CA ASP N 114 -13.44 -19.63 -12.53
C ASP N 114 -12.37 -19.59 -11.46
N VAL N 115 -11.35 -18.78 -11.68
CA VAL N 115 -10.25 -18.61 -10.74
C VAL N 115 -9.67 -19.95 -10.28
N TRP N 116 -8.62 -20.42 -10.96
CA TRP N 116 -7.99 -21.68 -10.60
C TRP N 116 -6.87 -21.44 -9.59
N GLY N 117 -6.66 -22.41 -8.71
CA GLY N 117 -5.62 -22.27 -7.70
C GLY N 117 -4.22 -22.48 -8.23
N GLN N 118 -3.29 -21.66 -7.76
CA GLN N 118 -1.89 -21.76 -8.19
C GLN N 118 -1.53 -23.22 -8.44
N GLY N 119 -2.02 -24.11 -7.60
CA GLY N 119 -1.77 -25.53 -7.79
C GLY N 119 -0.98 -26.24 -6.72
N THR N 120 -1.02 -27.57 -6.78
CA THR N 120 -0.31 -28.43 -5.84
C THR N 120 0.36 -29.55 -6.62
N MET N 121 1.66 -29.68 -6.44
CA MET N 121 2.42 -30.73 -7.13
C MET N 121 2.63 -31.93 -6.22
N VAL N 122 2.07 -33.06 -6.64
CA VAL N 122 2.21 -34.30 -5.89
C VAL N 122 2.99 -35.25 -6.77
N THR N 123 3.70 -36.20 -6.17
CA THR N 123 4.48 -37.14 -6.94
C THR N 123 4.40 -38.52 -6.33
N VAL N 124 4.37 -39.55 -7.19
CA VAL N 124 4.30 -40.93 -6.71
C VAL N 124 5.38 -41.75 -7.41
N SER N 125 6.40 -42.14 -6.65
CA SER N 125 7.49 -42.94 -7.18
C SER N 125 8.14 -43.74 -6.06
N SER N 126 8.32 -45.03 -6.28
CA SER N 126 8.92 -45.91 -5.28
C SER N 126 10.34 -45.51 -4.88
N ALA N 127 10.85 -44.42 -5.47
CA ALA N 127 12.19 -43.93 -5.17
C ALA N 127 12.18 -43.10 -3.90
N SER N 128 12.95 -43.52 -2.89
CA SER N 128 12.99 -42.82 -1.63
C SER N 128 13.90 -41.59 -1.70
N THR N 129 13.80 -40.72 -0.69
CA THR N 129 14.60 -39.51 -0.65
C THR N 129 16.10 -39.82 -0.67
N LYS N 130 16.86 -38.99 -1.38
CA LYS N 130 18.30 -39.19 -1.52
C LYS N 130 19.08 -37.88 -1.36
N GLY N 131 20.35 -38.00 -0.97
CA GLY N 131 21.19 -36.83 -0.79
C GLY N 131 21.92 -36.51 -2.09
N PRO N 132 21.87 -35.25 -2.55
CA PRO N 132 22.54 -34.84 -3.79
C PRO N 132 24.07 -34.82 -3.70
N SER N 133 24.71 -35.35 -4.74
CA SER N 133 26.17 -35.39 -4.80
C SER N 133 26.66 -34.19 -5.59
N VAL N 134 27.45 -33.33 -4.95
CA VAL N 134 27.97 -32.14 -5.60
C VAL N 134 29.39 -32.32 -6.12
N PHE N 135 29.55 -32.21 -7.43
CA PHE N 135 30.85 -32.35 -8.06
C PHE N 135 31.15 -31.12 -8.93
N PRO N 136 32.34 -30.54 -8.77
CA PRO N 136 32.78 -29.35 -9.52
C PRO N 136 33.10 -29.58 -10.99
N LEU N 137 32.73 -28.61 -11.83
CA LEU N 137 32.98 -28.69 -13.26
C LEU N 137 33.67 -27.42 -13.75
N ALA N 138 34.93 -27.54 -14.14
CA ALA N 138 35.70 -26.41 -14.63
C ALA N 138 36.16 -26.69 -16.06
N PRO N 139 36.67 -25.66 -16.76
CA PRO N 139 37.13 -25.86 -18.14
C PRO N 139 38.24 -26.90 -18.25
N SER N 140 38.10 -27.81 -19.21
CA SER N 140 39.11 -28.84 -19.43
C SER N 140 40.40 -28.13 -19.84
N SER N 141 40.22 -26.90 -20.30
CA SER N 141 41.29 -26.04 -20.74
C SER N 141 40.62 -24.68 -20.82
N LYS N 142 41.39 -23.61 -20.62
CA LYS N 142 40.82 -22.28 -20.68
C LYS N 142 39.97 -22.23 -21.96
N SER N 143 38.66 -22.08 -21.79
CA SER N 143 37.74 -22.04 -22.92
C SER N 143 38.15 -21.07 -24.02
N THR N 144 38.35 -19.81 -23.64
CA THR N 144 38.75 -18.77 -24.58
C THR N 144 37.86 -18.74 -25.82
N SER N 145 36.63 -19.22 -25.68
CA SER N 145 35.69 -19.26 -26.81
C SER N 145 34.71 -18.09 -26.74
N GLY N 146 34.87 -17.14 -27.64
CA GLY N 146 33.99 -15.98 -27.68
C GLY N 146 34.33 -15.04 -26.54
N GLY N 147 34.34 -15.57 -25.33
CA GLY N 147 34.66 -14.75 -24.17
C GLY N 147 34.54 -15.46 -22.84
N THR N 148 35.37 -15.05 -21.90
CA THR N 148 35.39 -15.61 -20.55
C THR N 148 35.59 -17.13 -20.47
N ALA N 149 34.96 -17.74 -19.48
CA ALA N 149 35.05 -19.18 -19.26
C ALA N 149 33.75 -19.66 -18.63
N ALA N 150 33.49 -20.96 -18.71
CA ALA N 150 32.27 -21.54 -18.14
C ALA N 150 32.58 -22.59 -17.09
N LEU N 151 32.30 -22.27 -15.83
CA LEU N 151 32.53 -23.20 -14.73
C LEU N 151 31.25 -23.39 -13.93
N GLY N 152 31.01 -24.61 -13.47
CA GLY N 152 29.80 -24.87 -12.71
C GLY N 152 29.89 -26.07 -11.78
N CYS N 153 28.73 -26.60 -11.40
CA CYS N 153 28.66 -27.76 -10.52
C CYS N 153 27.70 -28.80 -11.09
N LEU N 154 27.73 -30.00 -10.51
CA LEU N 154 26.86 -31.08 -10.95
C LEU N 154 26.32 -31.90 -9.77
N VAL N 155 25.03 -31.79 -9.54
CA VAL N 155 24.38 -32.55 -8.48
C VAL N 155 23.73 -33.75 -9.17
N LYS N 156 24.18 -34.94 -8.80
CA LYS N 156 23.67 -36.16 -9.42
C LYS N 156 23.10 -37.17 -8.44
N ASP N 157 22.08 -37.90 -8.89
CA ASP N 157 21.41 -38.92 -8.09
C ASP N 157 20.79 -38.37 -6.81
N TYR N 158 19.74 -37.56 -6.95
CA TYR N 158 19.08 -36.99 -5.79
C TYR N 158 17.56 -36.97 -5.95
N PHE N 159 16.87 -37.17 -4.83
CA PHE N 159 15.41 -37.17 -4.82
C PHE N 159 14.95 -36.64 -3.46
N PRO N 160 13.86 -35.85 -3.45
CA PRO N 160 13.06 -35.45 -4.61
C PRO N 160 13.27 -33.98 -4.99
N GLU N 161 13.30 -33.70 -6.29
CA GLU N 161 13.51 -32.34 -6.78
C GLU N 161 12.55 -31.32 -6.19
N PRO N 162 13.00 -30.06 -6.06
CA PRO N 162 14.35 -29.65 -6.47
C PRO N 162 15.13 -28.96 -5.36
N VAL N 163 16.45 -28.90 -5.52
CA VAL N 163 17.35 -28.25 -4.57
C VAL N 163 17.90 -26.95 -5.16
N THR N 164 17.86 -25.89 -4.38
CA THR N 164 18.35 -24.58 -4.84
C THR N 164 19.86 -24.42 -4.75
N VAL N 165 20.47 -24.09 -5.89
CA VAL N 165 21.91 -23.88 -5.97
C VAL N 165 22.17 -22.38 -5.93
N SER N 166 22.97 -21.94 -4.96
CA SER N 166 23.29 -20.52 -4.83
C SER N 166 24.79 -20.27 -4.86
N TRP N 167 25.26 -19.67 -5.95
CA TRP N 167 26.68 -19.38 -6.10
C TRP N 167 27.14 -18.30 -5.13
N ASN N 168 27.99 -18.70 -4.18
CA ASN N 168 28.53 -17.79 -3.18
C ASN N 168 27.41 -17.05 -2.44
N SER N 169 26.45 -17.82 -1.94
CA SER N 169 25.32 -17.25 -1.20
C SER N 169 24.53 -16.23 -2.02
N GLY N 170 24.87 -16.11 -3.29
CA GLY N 170 24.18 -15.16 -4.15
C GLY N 170 25.10 -14.06 -4.64
N ALA N 171 26.38 -14.18 -4.32
CA ALA N 171 27.37 -13.20 -4.74
C ALA N 171 27.53 -13.29 -6.25
N LEU N 172 27.22 -14.46 -6.80
CA LEU N 172 27.32 -14.70 -8.22
C LEU N 172 25.93 -14.93 -8.82
N THR N 173 25.28 -13.84 -9.22
CA THR N 173 23.95 -13.92 -9.81
C THR N 173 24.04 -13.59 -11.30
N SER N 174 25.24 -13.25 -11.74
CA SER N 174 25.47 -12.89 -13.14
C SER N 174 25.96 -14.06 -13.99
N GLY N 175 25.18 -14.41 -15.01
CA GLY N 175 25.56 -15.49 -15.90
C GLY N 175 25.04 -16.86 -15.51
N VAL N 176 24.72 -17.04 -14.23
CA VAL N 176 24.22 -18.31 -13.74
C VAL N 176 22.98 -18.79 -14.50
N HIS N 177 23.01 -20.05 -14.92
CA HIS N 177 21.89 -20.64 -15.63
C HIS N 177 21.78 -22.11 -15.27
N THR N 178 20.81 -22.43 -14.41
CA THR N 178 20.60 -23.80 -13.97
C THR N 178 19.67 -24.51 -14.95
N PHE N 179 20.19 -25.55 -15.61
CA PHE N 179 19.41 -26.30 -16.56
C PHE N 179 18.49 -27.30 -15.88
N PRO N 180 17.25 -27.44 -16.39
CA PRO N 180 16.24 -28.36 -15.85
C PRO N 180 16.77 -29.78 -15.62
N ALA N 181 16.58 -30.28 -14.40
CA ALA N 181 17.03 -31.62 -14.03
C ALA N 181 16.42 -32.68 -14.94
N VAL N 182 16.96 -33.89 -14.89
CA VAL N 182 16.46 -34.98 -15.71
C VAL N 182 16.26 -36.27 -14.90
N LEU N 183 15.22 -37.02 -15.26
CA LEU N 183 14.90 -38.27 -14.58
C LEU N 183 15.76 -39.40 -15.13
N GLN N 184 16.62 -39.95 -14.29
CA GLN N 184 17.49 -41.05 -14.69
C GLN N 184 16.69 -42.35 -14.76
N SER N 185 17.14 -43.27 -15.60
CA SER N 185 16.45 -44.55 -15.74
C SER N 185 16.39 -45.20 -14.36
N SER N 186 17.26 -44.74 -13.47
CA SER N 186 17.31 -45.26 -12.10
C SER N 186 16.10 -44.73 -11.33
N GLY N 187 15.80 -43.45 -11.53
CA GLY N 187 14.67 -42.85 -10.85
C GLY N 187 15.03 -41.64 -10.02
N LEU N 188 16.28 -41.19 -10.11
CA LEU N 188 16.74 -40.03 -9.36
C LEU N 188 17.18 -38.92 -10.32
N TYR N 189 16.66 -37.72 -10.08
CA TYR N 189 16.96 -36.56 -10.91
C TYR N 189 18.40 -36.07 -10.84
N SER N 190 18.72 -35.09 -11.69
CA SER N 190 20.05 -34.51 -11.75
C SER N 190 20.00 -33.21 -12.54
N LEU N 191 20.52 -32.13 -11.94
CA LEU N 191 20.52 -30.82 -12.58
C LEU N 191 21.92 -30.22 -12.59
N SER N 192 22.09 -29.13 -13.33
CA SER N 192 23.38 -28.46 -13.41
C SER N 192 23.23 -26.95 -13.48
N SER N 193 24.13 -26.23 -12.83
CA SER N 193 24.11 -24.78 -12.81
C SER N 193 25.48 -24.25 -13.23
N VAL N 194 25.54 -23.62 -14.39
CA VAL N 194 26.80 -23.08 -14.90
C VAL N 194 26.78 -21.55 -14.90
N VAL N 195 27.96 -20.95 -14.82
CA VAL N 195 28.08 -19.50 -14.79
C VAL N 195 29.04 -19.01 -15.88
N THR N 196 28.87 -17.75 -16.28
CA THR N 196 29.73 -17.15 -17.30
C THR N 196 30.54 -16.02 -16.69
N VAL N 197 31.71 -16.36 -16.15
CA VAL N 197 32.59 -15.39 -15.53
C VAL N 197 33.84 -15.16 -16.38
N PRO N 198 34.38 -13.92 -16.37
CA PRO N 198 35.57 -13.57 -17.15
C PRO N 198 36.72 -14.56 -17.03
N SER N 199 37.31 -14.92 -18.16
CA SER N 199 38.42 -15.86 -18.20
C SER N 199 39.70 -15.21 -17.67
N SER N 200 39.61 -13.93 -17.34
CA SER N 200 40.76 -13.19 -16.82
C SER N 200 40.76 -13.23 -15.30
N SER N 201 39.87 -14.03 -14.72
CA SER N 201 39.76 -14.16 -13.27
C SER N 201 39.59 -15.60 -12.84
N LEU N 202 40.07 -16.54 -13.68
CA LEU N 202 39.97 -17.95 -13.37
C LEU N 202 40.73 -18.30 -12.10
N GLY N 203 41.53 -17.36 -11.61
CA GLY N 203 42.30 -17.59 -10.41
C GLY N 203 42.21 -16.42 -9.44
N THR N 204 41.44 -15.40 -9.81
CA THR N 204 41.28 -14.23 -8.97
C THR N 204 40.12 -14.41 -8.00
N GLN N 205 39.02 -14.97 -8.49
CA GLN N 205 37.83 -15.20 -7.67
C GLN N 205 37.38 -16.65 -7.78
N THR N 206 37.18 -17.29 -6.63
CA THR N 206 36.75 -18.68 -6.60
C THR N 206 35.23 -18.74 -6.65
N TYR N 207 34.69 -19.90 -7.02
CA TYR N 207 33.25 -20.07 -7.12
C TYR N 207 32.76 -21.29 -6.35
N ILE N 208 31.67 -21.13 -5.62
CA ILE N 208 31.10 -22.22 -4.84
C ILE N 208 29.59 -22.25 -4.94
N CYS N 209 29.06 -23.41 -5.32
CA CYS N 209 27.63 -23.62 -5.45
C CYS N 209 27.09 -24.12 -4.13
N ASN N 210 26.19 -23.36 -3.51
CA ASN N 210 25.61 -23.74 -2.23
C ASN N 210 24.40 -24.65 -2.41
N VAL N 211 24.63 -25.88 -2.83
CA VAL N 211 23.56 -26.84 -3.04
C VAL N 211 22.94 -27.21 -1.70
N ASN N 212 21.75 -26.66 -1.42
CA ASN N 212 21.05 -26.94 -0.18
C ASN N 212 19.80 -27.75 -0.49
N HIS N 213 19.74 -28.98 0.01
CA HIS N 213 18.60 -29.84 -0.24
C HIS N 213 17.71 -29.98 0.99
N LYS N 214 16.45 -29.56 0.85
CA LYS N 214 15.50 -29.64 1.94
C LYS N 214 15.04 -31.08 2.20
N PRO N 215 14.84 -31.87 1.13
CA PRO N 215 14.41 -33.26 1.30
C PRO N 215 15.44 -34.13 2.02
N SER N 216 16.72 -33.90 1.74
CA SER N 216 17.78 -34.69 2.36
C SER N 216 18.52 -33.93 3.45
N ASN N 217 18.22 -32.63 3.59
CA ASN N 217 18.89 -31.81 4.60
C ASN N 217 20.39 -31.91 4.38
N THR N 218 20.78 -31.92 3.11
CA THR N 218 22.19 -32.03 2.75
C THR N 218 22.73 -30.74 2.13
N LYS N 219 23.53 -30.02 2.91
CA LYS N 219 24.13 -28.77 2.43
C LYS N 219 25.56 -29.06 2.03
N VAL N 220 25.80 -29.09 0.72
CA VAL N 220 27.13 -29.37 0.20
C VAL N 220 27.66 -28.23 -0.66
N ASP N 221 28.75 -27.62 -0.23
CA ASP N 221 29.37 -26.52 -0.97
C ASP N 221 30.62 -27.07 -1.65
N LYS N 222 30.79 -26.75 -2.92
CA LYS N 222 31.95 -27.23 -3.67
C LYS N 222 32.73 -26.09 -4.31
N LYS N 223 34.01 -26.33 -4.55
CA LYS N 223 34.88 -25.32 -5.16
C LYS N 223 35.09 -25.69 -6.63
N VAL N 224 35.05 -24.68 -7.50
CA VAL N 224 35.24 -24.91 -8.93
C VAL N 224 36.45 -24.13 -9.45
N GLU N 225 37.49 -24.87 -9.85
CA GLU N 225 38.71 -24.25 -10.37
C GLU N 225 39.35 -25.17 -11.40
N PRO N 226 39.99 -24.58 -12.43
CA PRO N 226 40.64 -25.36 -13.48
C PRO N 226 41.86 -26.12 -12.96
N GLN O 1 -36.28 -27.85 52.21
CA GLN O 1 -36.94 -27.07 53.29
C GLN O 1 -38.39 -26.74 52.92
N VAL O 2 -39.25 -27.76 52.95
CA VAL O 2 -40.65 -27.58 52.63
C VAL O 2 -41.49 -27.89 53.87
N GLN O 3 -42.17 -26.85 54.37
CA GLN O 3 -43.00 -27.00 55.56
C GLN O 3 -44.46 -27.28 55.23
N LEU O 4 -45.19 -27.77 56.21
CA LEU O 4 -46.60 -28.09 56.05
C LEU O 4 -47.38 -27.66 57.28
N VAL O 5 -48.22 -26.64 57.11
CA VAL O 5 -49.04 -26.14 58.21
C VAL O 5 -50.39 -26.83 58.18
N GLN O 6 -50.76 -27.43 59.31
CA GLN O 6 -52.04 -28.13 59.39
C GLN O 6 -52.99 -27.45 60.37
N SER O 7 -54.24 -27.31 59.95
CA SER O 7 -55.27 -26.68 60.76
C SER O 7 -55.25 -27.15 62.21
N GLY O 8 -55.48 -26.23 63.13
CA GLY O 8 -55.48 -26.57 64.54
C GLY O 8 -56.43 -27.71 64.85
N ALA O 9 -55.92 -28.71 65.57
CA ALA O 9 -56.71 -29.88 65.95
C ALA O 9 -58.13 -29.47 66.32
N GLU O 10 -59.12 -30.12 65.70
CA GLU O 10 -60.52 -29.82 65.98
C GLU O 10 -61.27 -31.00 66.56
N VAL O 11 -62.45 -30.73 67.12
CA VAL O 11 -63.28 -31.75 67.72
C VAL O 11 -64.76 -31.42 67.50
N LYS O 12 -65.52 -32.39 67.02
CA LYS O 12 -66.94 -32.20 66.78
C LYS O 12 -67.72 -33.50 66.95
N LYS O 13 -68.96 -33.37 67.41
CA LYS O 13 -69.83 -34.52 67.64
C LYS O 13 -70.13 -35.30 66.37
N PRO O 14 -70.45 -36.59 66.50
CA PRO O 14 -70.77 -37.43 65.34
C PRO O 14 -71.94 -36.87 64.57
N GLY O 15 -71.91 -37.02 63.25
CA GLY O 15 -72.99 -36.50 62.43
C GLY O 15 -72.63 -35.09 61.96
N ALA O 16 -71.77 -34.42 62.72
CA ALA O 16 -71.32 -33.08 62.38
C ALA O 16 -70.19 -33.25 61.37
N SER O 17 -69.59 -32.14 60.92
CA SER O 17 -68.51 -32.22 59.94
C SER O 17 -67.33 -31.29 60.21
N VAL O 18 -66.15 -31.73 59.82
CA VAL O 18 -64.92 -30.94 59.99
C VAL O 18 -64.15 -30.86 58.66
N THR O 19 -63.19 -29.94 58.59
CA THR O 19 -62.40 -29.75 57.38
C THR O 19 -60.94 -29.44 57.71
N VAL O 20 -60.04 -30.34 57.32
CA VAL O 20 -58.61 -30.17 57.57
C VAL O 20 -57.96 -29.34 56.46
N SER O 21 -57.09 -28.40 56.85
CA SER O 21 -56.40 -27.55 55.89
C SER O 21 -54.89 -27.77 55.95
N CYS O 22 -54.26 -27.80 54.78
CA CYS O 22 -52.81 -28.04 54.69
C CYS O 22 -52.12 -26.90 53.91
N GLN O 23 -51.03 -26.39 54.46
CA GLN O 23 -50.26 -25.32 53.83
C GLN O 23 -48.93 -25.88 53.36
N VAL O 24 -48.33 -25.23 52.37
CA VAL O 24 -47.04 -25.68 51.83
C VAL O 24 -46.07 -24.52 51.72
N SER O 25 -44.78 -24.83 51.89
CA SER O 25 -43.73 -23.83 51.80
C SER O 25 -42.63 -24.34 50.87
N GLY O 26 -42.06 -23.43 50.09
CA GLY O 26 -41.01 -23.81 49.16
C GLY O 26 -41.65 -24.22 47.85
N TYR O 27 -41.58 -25.50 47.52
CA TYR O 27 -42.16 -25.99 46.27
C TYR O 27 -43.66 -25.80 46.25
N THR O 28 -44.14 -25.06 45.26
CA THR O 28 -45.57 -24.80 45.13
C THR O 28 -46.34 -26.11 45.05
N LEU O 29 -47.36 -26.23 45.87
CA LEU O 29 -48.20 -27.43 45.89
C LEU O 29 -48.67 -27.71 44.47
N THR O 30 -48.83 -26.63 43.69
CA THR O 30 -49.29 -26.72 42.31
C THR O 30 -48.51 -27.71 41.45
N SER O 31 -47.20 -27.78 41.65
CA SER O 31 -46.36 -28.70 40.87
C SER O 31 -46.09 -29.98 41.66
N TYR O 32 -46.95 -30.27 42.62
CA TYR O 32 -46.84 -31.45 43.46
C TYR O 32 -48.22 -32.01 43.78
N GLY O 33 -48.33 -33.34 43.87
CA GLY O 33 -49.60 -33.94 44.18
C GLY O 33 -49.85 -33.93 45.68
N LEU O 34 -50.91 -34.62 46.11
CA LEU O 34 -51.22 -34.67 47.54
C LEU O 34 -52.24 -35.77 47.87
N SER O 35 -52.14 -36.27 49.10
CA SER O 35 -53.03 -37.32 49.59
C SER O 35 -53.12 -37.21 51.11
N TRP O 36 -54.14 -37.81 51.71
CA TRP O 36 -54.29 -37.75 53.16
C TRP O 36 -54.40 -39.14 53.78
N VAL O 37 -53.79 -39.30 54.94
CA VAL O 37 -53.80 -40.57 55.65
C VAL O 37 -54.24 -40.40 57.10
N ARG O 38 -55.17 -41.25 57.55
CA ARG O 38 -55.65 -41.18 58.92
C ARG O 38 -54.76 -42.06 59.80
N GLN O 39 -54.53 -41.59 61.02
CA GLN O 39 -53.70 -42.32 61.97
C GLN O 39 -54.49 -42.56 63.25
N ALA O 40 -55.32 -43.60 63.24
CA ALA O 40 -56.10 -43.91 64.44
C ALA O 40 -55.09 -44.17 65.55
N PRO O 41 -55.43 -43.80 66.79
CA PRO O 41 -54.50 -44.00 67.90
C PRO O 41 -53.95 -45.42 67.97
N GLY O 42 -52.63 -45.55 67.82
CA GLY O 42 -51.99 -46.85 67.86
C GLY O 42 -52.80 -47.89 67.10
N GLN O 43 -53.15 -47.56 65.87
CA GLN O 43 -53.95 -48.44 65.03
C GLN O 43 -53.32 -48.62 63.65
N GLY O 44 -52.17 -47.99 63.45
CA GLY O 44 -51.52 -48.08 62.16
C GLY O 44 -51.93 -46.89 61.32
N LEU O 45 -51.70 -46.95 60.02
CA LEU O 45 -52.05 -45.85 59.13
C LEU O 45 -53.01 -46.33 58.05
N GLU O 46 -53.79 -45.41 57.49
CA GLU O 46 -54.75 -45.75 56.44
C GLU O 46 -54.92 -44.62 55.44
N TRP O 47 -54.56 -44.87 54.19
CA TRP O 47 -54.68 -43.87 53.13
C TRP O 47 -56.16 -43.58 52.89
N VAL O 48 -56.49 -42.30 52.74
CA VAL O 48 -57.88 -41.89 52.55
C VAL O 48 -58.19 -41.35 51.15
N GLY O 49 -57.73 -40.13 50.87
CA GLY O 49 -58.01 -39.54 49.58
C GLY O 49 -56.77 -39.04 48.84
N TRP O 50 -56.95 -38.68 47.57
CA TRP O 50 -55.85 -38.20 46.75
C TRP O 50 -56.29 -37.16 45.72
N ILE O 51 -55.62 -36.01 45.71
CA ILE O 51 -55.93 -34.94 44.78
C ILE O 51 -54.65 -34.54 44.06
N ASN O 52 -54.79 -33.84 42.94
CA ASN O 52 -53.65 -33.39 42.15
C ASN O 52 -53.83 -31.95 41.71
N THR O 53 -53.17 -31.03 42.40
CA THR O 53 -53.25 -29.61 42.07
C THR O 53 -52.89 -29.42 40.60
N TYR O 54 -53.46 -28.39 39.97
CA TYR O 54 -53.19 -28.12 38.56
C TYR O 54 -53.62 -29.29 37.68
N ASP O 55 -54.34 -30.24 38.28
CA ASP O 55 -54.79 -31.42 37.57
C ASP O 55 -56.24 -31.77 37.91
N GLY O 56 -56.77 -31.14 38.95
CA GLY O 56 -58.14 -31.37 39.37
C GLY O 56 -58.63 -32.81 39.28
N GLN O 57 -57.78 -33.76 39.66
CA GLN O 57 -58.14 -35.17 39.65
C GLN O 57 -58.35 -35.61 41.09
N THR O 58 -59.29 -36.53 41.31
CA THR O 58 -59.57 -37.00 42.66
C THR O 58 -59.95 -38.47 42.74
N LYS O 59 -59.38 -39.16 43.72
CA LYS O 59 -59.66 -40.58 43.92
C LYS O 59 -59.80 -40.82 45.43
N TYR O 60 -60.88 -41.51 45.82
CA TYR O 60 -61.11 -41.78 47.23
C TYR O 60 -61.24 -43.26 47.57
N VAL O 61 -61.20 -43.55 48.87
CA VAL O 61 -61.34 -44.92 49.36
C VAL O 61 -62.77 -45.37 49.13
N LYS O 62 -62.94 -46.61 48.66
CA LYS O 62 -64.27 -47.14 48.41
C LYS O 62 -65.11 -47.02 49.68
N LYS O 63 -64.43 -47.07 50.83
CA LYS O 63 -65.08 -47.00 52.13
C LYS O 63 -65.78 -45.68 52.45
N PHE O 64 -65.07 -44.56 52.31
CA PHE O 64 -65.65 -43.26 52.64
C PHE O 64 -66.00 -42.37 51.46
N GLN O 65 -66.25 -42.95 50.30
CA GLN O 65 -66.58 -42.15 49.13
C GLN O 65 -67.82 -41.29 49.39
N GLY O 66 -67.76 -40.02 49.00
CA GLY O 66 -68.87 -39.12 49.22
C GLY O 66 -68.69 -38.38 50.53
N ARG O 67 -68.53 -39.13 51.61
CA ARG O 67 -68.34 -38.56 52.94
C ARG O 67 -67.19 -37.57 52.92
N VAL O 68 -66.07 -38.00 52.35
CA VAL O 68 -64.87 -37.17 52.26
C VAL O 68 -64.79 -36.54 50.87
N THR O 69 -64.07 -35.43 50.77
CA THR O 69 -63.89 -34.73 49.50
C THR O 69 -62.69 -33.80 49.55
N MET O 70 -61.92 -33.78 48.47
CA MET O 70 -60.73 -32.93 48.38
C MET O 70 -61.03 -31.53 47.87
N THR O 71 -60.08 -30.62 48.09
CA THR O 71 -60.21 -29.24 47.66
C THR O 71 -58.81 -28.64 47.59
N THR O 72 -58.64 -27.60 46.77
CA THR O 72 -57.33 -26.96 46.65
C THR O 72 -57.43 -25.49 46.29
N HIS O 73 -56.79 -24.64 47.10
CA HIS O 73 -56.78 -23.22 46.83
C HIS O 73 -55.47 -22.90 46.13
N THR O 74 -55.43 -23.12 44.82
CA THR O 74 -54.24 -22.86 44.02
C THR O 74 -53.74 -21.44 44.26
N GLY O 75 -54.65 -20.57 44.71
CA GLY O 75 -54.29 -19.19 44.95
C GLY O 75 -53.56 -18.92 46.26
N THR O 76 -53.86 -19.70 47.29
CA THR O 76 -53.23 -19.50 48.60
C THR O 76 -52.18 -20.56 48.94
N ASN O 77 -51.95 -21.50 48.02
CA ASN O 77 -50.97 -22.56 48.24
C ASN O 77 -51.36 -23.44 49.42
N THR O 78 -52.64 -23.80 49.50
CA THR O 78 -53.13 -24.63 50.59
C THR O 78 -54.20 -25.61 50.08
N ALA O 79 -54.16 -26.83 50.58
CA ALA O 79 -55.13 -27.85 50.18
C ALA O 79 -56.17 -28.03 51.29
N TYR O 80 -57.33 -28.56 50.93
CA TYR O 80 -58.39 -28.79 51.91
C TYR O 80 -58.90 -30.22 51.90
N MET O 81 -59.37 -30.67 53.06
CA MET O 81 -59.91 -32.02 53.20
C MET O 81 -61.25 -31.86 53.92
N GLU O 82 -62.34 -32.21 53.23
CA GLU O 82 -63.67 -32.08 53.81
C GLU O 82 -64.26 -33.43 54.21
N MET O 83 -64.81 -33.47 55.42
CA MET O 83 -65.43 -34.68 55.96
C MET O 83 -66.78 -34.33 56.56
N LYS O 84 -67.85 -34.76 55.89
CA LYS O 84 -69.21 -34.49 56.34
C LYS O 84 -69.80 -35.72 57.04
N SER O 85 -70.88 -35.53 57.77
CA SER O 85 -71.55 -36.61 58.50
C SER O 85 -70.52 -37.54 59.13
N LEU O 86 -69.62 -36.97 59.92
CA LEU O 86 -68.57 -37.73 60.59
C LEU O 86 -69.11 -38.91 61.41
N ARG O 87 -68.22 -39.85 61.72
CA ARG O 87 -68.57 -41.02 62.51
C ARG O 87 -67.69 -41.11 63.75
N SER O 88 -68.30 -41.50 64.87
CA SER O 88 -67.59 -41.62 66.13
C SER O 88 -66.22 -42.29 66.02
N ASP O 89 -66.18 -43.41 65.29
CA ASP O 89 -64.94 -44.16 65.11
C ASP O 89 -63.88 -43.46 64.27
N ASP O 90 -64.30 -42.82 63.18
CA ASP O 90 -63.40 -42.13 62.27
C ASP O 90 -62.35 -41.18 62.85
N THR O 91 -62.59 -40.66 64.04
CA THR O 91 -61.63 -39.74 64.66
C THR O 91 -60.22 -40.30 64.78
N ALA O 92 -59.24 -39.49 64.43
CA ALA O 92 -57.83 -39.87 64.48
C ALA O 92 -56.97 -38.71 64.00
N VAL O 93 -55.68 -38.98 63.78
CA VAL O 93 -54.77 -37.94 63.31
C VAL O 93 -54.75 -37.97 61.78
N TYR O 94 -54.67 -36.80 61.16
CA TYR O 94 -54.64 -36.72 59.70
C TYR O 94 -53.41 -35.99 59.18
N TYR O 95 -52.89 -36.47 58.05
CA TYR O 95 -51.70 -35.88 57.45
C TYR O 95 -51.85 -35.59 55.96
N CYS O 96 -50.89 -34.85 55.41
CA CYS O 96 -50.87 -34.48 53.99
C CYS O 96 -49.42 -34.42 53.51
N ALA O 97 -49.05 -35.34 52.62
CA ALA O 97 -47.68 -35.38 52.10
C ALA O 97 -47.62 -35.23 50.58
N ARG O 98 -46.48 -34.80 50.07
CA ARG O 98 -46.28 -34.62 48.64
C ARG O 98 -46.39 -35.90 47.84
N VAL O 99 -46.71 -35.77 46.56
CA VAL O 99 -46.82 -36.92 45.68
C VAL O 99 -46.25 -36.51 44.32
N GLU O 100 -45.59 -37.44 43.65
CA GLU O 100 -44.99 -37.17 42.36
C GLU O 100 -46.02 -37.36 41.25
N GLY O 101 -46.95 -38.28 41.46
CA GLY O 101 -47.98 -38.54 40.47
C GLY O 101 -48.71 -37.27 40.07
N VAL O 102 -48.14 -36.56 39.11
CA VAL O 102 -48.71 -35.31 38.62
C VAL O 102 -48.64 -35.30 37.10
N ARG O 103 -49.31 -34.35 36.48
CA ARG O 103 -49.30 -34.22 35.03
C ARG O 103 -49.60 -35.56 34.36
N GLY O 104 -48.87 -35.85 33.28
CA GLY O 104 -49.07 -37.08 32.54
C GLY O 104 -49.32 -38.36 33.33
N VAL O 105 -48.70 -38.48 34.50
CA VAL O 105 -48.89 -39.69 35.31
C VAL O 105 -50.31 -39.88 35.79
N MET O 106 -50.86 -38.89 36.48
CA MET O 106 -52.22 -38.98 37.00
C MET O 106 -52.26 -39.99 38.14
N GLY O 107 -51.76 -41.19 37.87
CA GLY O 107 -51.73 -42.24 38.88
C GLY O 107 -50.77 -41.95 40.01
N PHE O 108 -51.20 -42.22 41.23
CA PHE O 108 -50.39 -41.99 42.42
C PHE O 108 -49.26 -43.02 42.59
N HIS O 109 -49.61 -44.29 42.47
CA HIS O 109 -48.67 -45.42 42.60
C HIS O 109 -47.17 -45.11 42.55
N TYR O 110 -46.65 -44.78 41.37
CA TYR O 110 -45.22 -44.50 41.20
C TYR O 110 -44.64 -43.61 42.30
N TYR O 111 -45.29 -42.49 42.59
CA TYR O 111 -44.81 -41.55 43.59
C TYR O 111 -44.70 -42.12 44.99
N PRO O 112 -43.61 -41.80 45.69
CA PRO O 112 -43.38 -42.24 47.06
C PRO O 112 -43.70 -41.03 47.95
N MET O 113 -44.60 -41.21 48.91
CA MET O 113 -45.00 -40.12 49.79
C MET O 113 -43.81 -39.39 50.42
N ASP O 114 -43.79 -38.07 50.26
CA ASP O 114 -42.71 -37.25 50.79
C ASP O 114 -43.22 -36.02 51.55
N VAL O 115 -42.42 -35.56 52.51
CA VAL O 115 -42.75 -34.40 53.33
C VAL O 115 -44.16 -34.46 53.88
N TRP O 116 -44.33 -35.10 55.03
CA TRP O 116 -45.65 -35.22 55.66
C TRP O 116 -45.85 -34.10 56.67
N GLY O 117 -47.10 -33.72 56.89
CA GLY O 117 -47.39 -32.65 57.82
C GLY O 117 -47.32 -33.05 59.28
N GLN O 118 -47.34 -32.05 60.17
CA GLN O 118 -47.29 -32.29 61.60
C GLN O 118 -48.51 -33.10 62.03
N GLY O 119 -49.65 -32.83 61.40
CA GLY O 119 -50.86 -33.57 61.72
C GLY O 119 -51.92 -32.87 62.55
N THR O 120 -53.17 -33.02 62.12
CA THR O 120 -54.30 -32.42 62.79
C THR O 120 -55.10 -33.53 63.49
N MET O 121 -55.49 -33.29 64.73
CA MET O 121 -56.25 -34.29 65.48
C MET O 121 -57.69 -33.88 65.68
N VAL O 122 -58.60 -34.62 65.04
CA VAL O 122 -60.01 -34.37 65.17
C VAL O 122 -60.57 -35.43 66.11
N THR O 123 -61.61 -35.08 66.85
CA THR O 123 -62.20 -36.03 67.79
C THR O 123 -63.71 -36.09 67.61
N VAL O 124 -64.22 -37.28 67.35
CA VAL O 124 -65.65 -37.47 67.16
C VAL O 124 -66.22 -38.31 68.31
N SER O 125 -67.23 -37.76 68.98
CA SER O 125 -67.88 -38.45 70.09
C SER O 125 -69.14 -37.69 70.47
N SER O 126 -70.09 -38.42 71.06
CA SER O 126 -71.35 -37.83 71.49
C SER O 126 -71.34 -37.75 73.01
N ALA O 127 -70.33 -38.38 73.61
CA ALA O 127 -70.17 -38.43 75.05
C ALA O 127 -70.11 -37.12 75.82
N SER O 128 -70.59 -37.20 77.06
CA SER O 128 -70.62 -36.16 78.07
C SER O 128 -69.98 -36.76 79.33
N THR O 129 -69.71 -35.92 80.32
CA THR O 129 -69.09 -36.38 81.57
C THR O 129 -69.92 -37.45 82.26
N LYS O 130 -69.24 -38.44 82.84
CA LYS O 130 -69.92 -39.54 83.52
C LYS O 130 -69.26 -39.89 84.86
N GLY O 131 -70.04 -40.50 85.75
CA GLY O 131 -69.53 -40.88 87.04
C GLY O 131 -68.98 -42.30 87.00
N PRO O 132 -67.75 -42.52 87.49
CA PRO O 132 -67.12 -43.84 87.48
C PRO O 132 -67.76 -44.84 88.46
N SER O 133 -67.97 -46.06 87.98
CA SER O 133 -68.56 -47.11 88.79
C SER O 133 -67.44 -47.96 89.40
N VAL O 134 -67.38 -47.99 90.73
CA VAL O 134 -66.34 -48.74 91.41
C VAL O 134 -66.82 -50.11 91.88
N PHE O 135 -66.19 -51.16 91.36
CA PHE O 135 -66.54 -52.52 91.72
C PHE O 135 -65.29 -53.27 92.18
N PRO O 136 -65.37 -53.96 93.33
CA PRO O 136 -64.26 -54.72 93.91
C PRO O 136 -63.89 -56.02 93.19
N LEU O 137 -62.60 -56.30 93.11
CA LEU O 137 -62.11 -57.50 92.46
C LEU O 137 -61.15 -58.25 93.37
N ALA O 138 -61.58 -59.42 93.85
CA ALA O 138 -60.77 -60.25 94.73
C ALA O 138 -60.52 -61.61 94.08
N PRO O 139 -59.59 -62.40 94.64
CA PRO O 139 -59.31 -63.72 94.07
C PRO O 139 -60.54 -64.62 94.05
N SER O 140 -60.77 -65.29 92.92
CA SER O 140 -61.90 -66.20 92.79
C SER O 140 -61.67 -67.34 93.77
N SER O 141 -60.41 -67.48 94.15
CA SER O 141 -59.94 -68.48 95.10
C SER O 141 -58.56 -67.98 95.47
N LYS O 142 -58.11 -68.30 96.68
CA LYS O 142 -56.78 -67.87 97.11
C LYS O 142 -55.83 -68.21 95.96
N SER O 143 -55.25 -67.17 95.35
CA SER O 143 -54.34 -67.34 94.22
C SER O 143 -53.24 -68.35 94.48
N THR O 144 -52.49 -68.14 95.56
CA THR O 144 -51.39 -69.04 95.93
C THR O 144 -50.44 -69.31 94.77
N SER O 145 -50.41 -68.39 93.82
CA SER O 145 -49.54 -68.54 92.65
C SER O 145 -48.25 -67.74 92.79
N GLY O 146 -47.14 -68.45 92.99
CA GLY O 146 -45.86 -67.79 93.15
C GLY O 146 -45.76 -67.15 94.52
N GLY O 147 -46.74 -66.32 94.85
CA GLY O 147 -46.74 -65.66 96.14
C GLY O 147 -47.87 -64.66 96.33
N THR O 148 -48.32 -64.54 97.58
CA THR O 148 -49.39 -63.61 97.96
C THR O 148 -50.70 -63.80 97.21
N ALA O 149 -51.38 -62.68 96.97
CA ALA O 149 -52.66 -62.68 96.28
C ALA O 149 -52.82 -61.35 95.54
N ALA O 150 -53.71 -61.31 94.56
CA ALA O 150 -53.94 -60.10 93.78
C ALA O 150 -55.38 -59.62 93.88
N LEU O 151 -55.59 -58.50 94.56
CA LEU O 151 -56.91 -57.92 94.73
C LEU O 151 -56.90 -56.47 94.27
N GLY O 152 -57.99 -56.04 93.62
CA GLY O 152 -58.06 -54.68 93.15
C GLY O 152 -59.47 -54.15 92.96
N CYS O 153 -59.60 -53.11 92.15
CA CYS O 153 -60.89 -52.49 91.86
C CYS O 153 -61.09 -52.31 90.36
N LEU O 154 -62.31 -51.95 89.97
CA LEU O 154 -62.62 -51.74 88.57
C LEU O 154 -63.58 -50.58 88.37
N VAL O 155 -63.08 -49.50 87.78
CA VAL O 155 -63.90 -48.33 87.49
C VAL O 155 -64.29 -48.46 86.03
N LYS O 156 -65.59 -48.58 85.77
CA LYS O 156 -66.07 -48.75 84.40
C LYS O 156 -67.09 -47.71 83.96
N ASP O 157 -67.05 -47.38 82.67
CA ASP O 157 -67.96 -46.40 82.08
C ASP O 157 -67.86 -45.02 82.71
N TYR O 158 -66.72 -44.35 82.51
CA TYR O 158 -66.53 -43.02 83.07
C TYR O 158 -65.85 -42.08 82.08
N PHE O 159 -66.23 -40.80 82.14
CA PHE O 159 -65.65 -39.79 81.27
C PHE O 159 -65.66 -38.46 82.03
N PRO O 160 -64.60 -37.64 81.86
CA PRO O 160 -63.43 -37.90 81.02
C PRO O 160 -62.18 -38.23 81.84
N GLU O 161 -61.38 -39.17 81.34
CA GLU O 161 -60.16 -39.59 82.02
C GLU O 161 -59.23 -38.44 82.38
N PRO O 162 -58.47 -38.57 83.48
CA PRO O 162 -58.51 -39.77 84.32
C PRO O 162 -58.77 -39.48 85.80
N VAL O 163 -59.18 -40.52 86.53
CA VAL O 163 -59.45 -40.40 87.96
C VAL O 163 -58.38 -41.14 88.75
N THR O 164 -57.86 -40.48 89.79
CA THR O 164 -56.81 -41.06 90.62
C THR O 164 -57.33 -42.05 91.67
N VAL O 165 -56.80 -43.26 91.63
CA VAL O 165 -57.17 -44.30 92.58
C VAL O 165 -56.09 -44.37 93.66
N SER O 166 -56.51 -44.20 94.92
CA SER O 166 -55.57 -44.23 96.02
C SER O 166 -55.96 -45.28 97.06
N TRP O 167 -55.18 -46.36 97.13
CA TRP O 167 -55.46 -47.42 98.08
C TRP O 167 -55.23 -46.98 99.51
N ASN O 168 -56.31 -46.94 100.28
CA ASN O 168 -56.26 -46.53 101.68
C ASN O 168 -55.57 -45.17 101.85
N SER O 169 -56.01 -44.20 101.07
CA SER O 169 -55.44 -42.85 101.12
C SER O 169 -53.95 -42.82 100.83
N GLY O 170 -53.40 -43.97 100.43
CA GLY O 170 -51.98 -44.04 100.15
C GLY O 170 -51.25 -44.96 101.10
N ALA O 171 -52.01 -45.63 101.97
CA ALA O 171 -51.43 -46.55 102.93
C ALA O 171 -50.88 -47.75 102.18
N LEU O 172 -51.44 -48.01 101.00
CA LEU O 172 -51.02 -49.13 100.17
C LEU O 172 -50.38 -48.61 98.88
N THR O 173 -49.07 -48.36 98.94
CA THR O 173 -48.32 -47.88 97.79
C THR O 173 -47.42 -48.98 97.26
N SER O 174 -47.43 -50.11 97.95
CA SER O 174 -46.61 -51.26 97.56
C SER O 174 -47.35 -52.27 96.71
N GLY O 175 -46.85 -52.49 95.50
CA GLY O 175 -47.46 -53.46 94.61
C GLY O 175 -48.52 -52.90 93.66
N VAL O 176 -49.11 -51.77 94.04
CA VAL O 176 -50.14 -51.15 93.23
C VAL O 176 -49.69 -50.85 91.80
N HIS O 177 -50.50 -51.26 90.83
CA HIS O 177 -50.19 -51.03 89.43
C HIS O 177 -51.49 -50.78 88.67
N THR O 178 -51.75 -49.52 88.36
CA THR O 178 -52.94 -49.14 87.63
C THR O 178 -52.69 -49.24 86.14
N PHE O 179 -53.42 -50.15 85.49
CA PHE O 179 -53.26 -50.34 84.05
C PHE O 179 -54.00 -49.27 83.26
N PRO O 180 -53.39 -48.80 82.15
CA PRO O 180 -53.97 -47.77 81.27
C PRO O 180 -55.41 -48.04 80.87
N ALA O 181 -56.27 -47.06 81.07
CA ALA O 181 -57.68 -47.18 80.73
C ALA O 181 -57.87 -47.47 79.25
N VAL O 182 -59.08 -47.91 78.87
CA VAL O 182 -59.37 -48.22 77.48
C VAL O 182 -60.67 -47.58 77.02
N LEU O 183 -60.69 -47.14 75.76
CA LEU O 183 -61.87 -46.52 75.17
C LEU O 183 -62.86 -47.57 74.71
N GLN O 184 -64.03 -47.60 75.34
CA GLN O 184 -65.07 -48.55 74.97
C GLN O 184 -65.74 -48.12 73.67
N SER O 185 -66.28 -49.09 72.94
CA SER O 185 -66.96 -48.79 71.69
C SER O 185 -68.08 -47.79 71.99
N SER O 186 -68.48 -47.73 73.26
CA SER O 186 -69.52 -46.82 73.69
C SER O 186 -68.97 -45.40 73.70
N GLY O 187 -67.75 -45.25 74.18
CA GLY O 187 -67.12 -43.94 74.23
C GLY O 187 -66.67 -43.52 75.62
N LEU O 188 -66.78 -44.43 76.57
CA LEU O 188 -66.39 -44.14 77.95
C LEU O 188 -65.25 -45.07 78.38
N TYR O 189 -64.19 -44.47 78.91
CA TYR O 189 -63.00 -45.20 79.35
C TYR O 189 -63.23 -46.12 80.54
N SER O 190 -62.20 -46.90 80.88
CA SER O 190 -62.25 -47.83 82.00
C SER O 190 -60.83 -48.28 82.35
N LEU O 191 -60.45 -48.12 83.61
CA LEU O 191 -59.11 -48.50 84.07
C LEU O 191 -59.20 -49.44 85.27
N SER O 192 -58.07 -50.02 85.64
CA SER O 192 -58.02 -50.94 86.78
C SER O 192 -56.72 -50.79 87.55
N SER O 193 -56.81 -50.90 88.88
CA SER O 193 -55.65 -50.79 89.75
C SER O 193 -55.59 -52.00 90.67
N VAL O 194 -54.59 -52.85 90.48
CA VAL O 194 -54.44 -54.05 91.28
C VAL O 194 -53.22 -53.95 92.19
N VAL O 195 -53.26 -54.68 93.30
CA VAL O 195 -52.15 -54.65 94.26
C VAL O 195 -51.66 -56.07 94.56
N THR O 196 -50.41 -56.15 95.02
CA THR O 196 -49.80 -57.44 95.35
C THR O 196 -49.50 -57.51 96.85
N VAL O 197 -50.49 -57.95 97.62
CA VAL O 197 -50.35 -58.07 99.06
C VAL O 197 -50.27 -59.53 99.49
N PRO O 198 -49.53 -59.82 100.57
CA PRO O 198 -49.37 -61.18 101.09
C PRO O 198 -50.68 -61.95 101.24
N SER O 199 -50.67 -63.20 100.79
CA SER O 199 -51.85 -64.06 100.86
C SER O 199 -52.09 -64.53 102.29
N SER O 200 -51.20 -64.14 103.20
CA SER O 200 -51.31 -64.52 104.60
C SER O 200 -52.04 -63.43 105.39
N SER O 201 -52.56 -62.45 104.66
CA SER O 201 -53.28 -61.34 105.30
C SER O 201 -54.56 -61.00 104.54
N LEU O 202 -55.11 -61.98 103.83
CA LEU O 202 -56.34 -61.78 103.06
C LEU O 202 -57.50 -61.41 103.97
N GLY O 203 -57.29 -61.57 105.28
CA GLY O 203 -58.34 -61.25 106.24
C GLY O 203 -57.82 -60.42 107.39
N THR O 204 -56.53 -60.09 107.36
CA THR O 204 -55.91 -59.31 108.41
C THR O 204 -56.03 -57.81 108.12
N GLN O 205 -55.81 -57.44 106.86
CA GLN O 205 -55.89 -56.05 106.45
C GLN O 205 -56.81 -55.89 105.25
N THR O 206 -57.77 -54.98 105.34
CA THR O 206 -58.70 -54.74 104.26
C THR O 206 -58.12 -53.72 103.28
N TYR O 207 -58.66 -53.68 102.07
CA TYR O 207 -58.16 -52.75 101.05
C TYR O 207 -59.30 -51.94 100.44
N ILE O 208 -59.06 -50.65 100.26
CA ILE O 208 -60.07 -49.77 99.67
C ILE O 208 -59.43 -48.78 98.70
N CYS O 209 -59.95 -48.77 97.47
CA CYS O 209 -59.47 -47.87 96.43
C CYS O 209 -60.28 -46.58 96.50
N ASN O 210 -59.59 -45.47 96.75
CA ASN O 210 -60.26 -44.18 96.84
C ASN O 210 -60.40 -43.51 95.48
N VAL O 211 -61.28 -44.06 94.65
CA VAL O 211 -61.52 -43.53 93.32
C VAL O 211 -62.18 -42.16 93.42
N ASN O 212 -61.39 -41.11 93.20
CA ASN O 212 -61.90 -39.75 93.27
C ASN O 212 -61.89 -39.14 91.86
N HIS O 213 -63.07 -38.83 91.35
CA HIS O 213 -63.18 -38.27 90.00
C HIS O 213 -63.49 -36.78 90.05
N LYS O 214 -62.60 -35.98 89.47
CA LYS O 214 -62.77 -34.54 89.43
C LYS O 214 -63.85 -34.12 88.44
N PRO O 215 -63.92 -34.80 87.27
CA PRO O 215 -64.92 -34.48 86.26
C PRO O 215 -66.36 -34.72 86.73
N SER O 216 -66.57 -35.80 87.47
CA SER O 216 -67.90 -36.14 87.96
C SER O 216 -68.09 -35.81 89.44
N ASN O 217 -67.01 -35.43 90.11
CA ASN O 217 -67.07 -35.12 91.54
C ASN O 217 -67.65 -36.33 92.26
N THR O 218 -67.24 -37.51 91.82
CA THR O 218 -67.73 -38.75 92.42
C THR O 218 -66.64 -39.48 93.19
N LYS O 219 -66.74 -39.43 94.52
CA LYS O 219 -65.77 -40.11 95.37
C LYS O 219 -66.40 -41.42 95.85
N VAL O 220 -65.93 -42.52 95.28
CA VAL O 220 -66.45 -43.84 95.65
C VAL O 220 -65.36 -44.75 96.18
N ASP O 221 -65.50 -45.15 97.44
CA ASP O 221 -64.54 -46.05 98.07
C ASP O 221 -65.17 -47.44 98.15
N LYS O 222 -64.40 -48.46 97.78
CA LYS O 222 -64.91 -49.82 97.78
C LYS O 222 -64.02 -50.75 98.59
N LYS O 223 -64.62 -51.83 99.10
CA LYS O 223 -63.88 -52.82 99.89
C LYS O 223 -63.59 -54.04 99.03
N VAL O 224 -62.38 -54.58 99.15
CA VAL O 224 -61.98 -55.74 98.37
C VAL O 224 -61.62 -56.91 99.29
N GLU O 225 -62.43 -57.95 99.26
CA GLU O 225 -62.20 -59.13 100.09
C GLU O 225 -62.71 -60.38 99.38
N PRO O 226 -62.03 -61.52 99.57
CA PRO O 226 -62.44 -62.78 98.92
C PRO O 226 -63.77 -63.30 99.48
N GLN P 1 -12.83 5.30 55.79
CA GLN P 1 -13.84 5.58 56.84
C GLN P 1 -13.22 5.56 58.23
N VAL P 2 -12.42 6.58 58.54
CA VAL P 2 -11.76 6.69 59.83
C VAL P 2 -12.27 7.92 60.55
N GLN P 3 -12.96 7.70 61.67
CA GLN P 3 -13.51 8.79 62.45
C GLN P 3 -12.58 9.23 63.58
N LEU P 4 -12.84 10.42 64.11
CA LEU P 4 -12.05 10.96 65.20
C LEU P 4 -12.96 11.66 66.21
N VAL P 5 -13.06 11.08 67.39
CA VAL P 5 -13.90 11.65 68.45
C VAL P 5 -13.04 12.54 69.32
N GLN P 6 -13.46 13.78 69.49
CA GLN P 6 -12.71 14.73 70.30
C GLN P 6 -13.48 15.14 71.55
N SER P 7 -12.79 15.15 72.68
CA SER P 7 -13.38 15.51 73.97
C SER P 7 -14.27 16.75 73.87
N GLY P 8 -15.38 16.71 74.59
CA GLY P 8 -16.31 17.83 74.59
C GLY P 8 -15.61 19.14 74.94
N ALA P 9 -15.83 20.16 74.10
CA ALA P 9 -15.24 21.47 74.31
C ALA P 9 -15.23 21.85 75.79
N GLU P 10 -14.06 22.22 76.30
CA GLU P 10 -13.94 22.61 77.70
C GLU P 10 -13.52 24.05 77.88
N VAL P 11 -13.68 24.55 79.11
CA VAL P 11 -13.31 25.92 79.44
C VAL P 11 -12.80 26.00 80.87
N LYS P 12 -11.64 26.64 81.05
CA LYS P 12 -11.05 26.78 82.38
C LYS P 12 -10.24 28.07 82.49
N LYS P 13 -10.20 28.62 83.70
CA LYS P 13 -9.47 29.85 83.96
C LYS P 13 -7.97 29.71 83.75
N PRO P 14 -7.29 30.83 83.45
CA PRO P 14 -5.84 30.81 83.23
C PRO P 14 -5.11 30.27 84.45
N GLY P 15 -4.03 29.54 84.22
CA GLY P 15 -3.28 28.97 85.34
C GLY P 15 -3.77 27.57 85.61
N ALA P 16 -5.03 27.30 85.25
CA ALA P 16 -5.62 25.98 85.43
C ALA P 16 -5.15 25.12 84.25
N SER P 17 -5.60 23.87 84.20
CA SER P 17 -5.17 22.99 83.11
C SER P 17 -6.29 22.12 82.51
N VAL P 18 -6.17 21.84 81.22
CA VAL P 18 -7.15 21.01 80.51
C VAL P 18 -6.44 19.89 79.75
N THR P 19 -7.21 18.91 79.29
CA THR P 19 -6.65 17.77 78.56
C THR P 19 -7.58 17.31 77.43
N VAL P 20 -7.13 17.44 76.19
CA VAL P 20 -7.92 17.05 75.03
C VAL P 20 -7.72 15.57 74.72
N SER P 21 -8.81 14.87 74.42
CA SER P 21 -8.74 13.44 74.11
C SER P 21 -9.22 13.18 72.67
N CYS P 22 -8.51 12.28 71.98
CA CYS P 22 -8.82 11.96 70.59
C CYS P 22 -9.06 10.45 70.43
N GLN P 23 -10.14 10.09 69.72
CA GLN P 23 -10.48 8.69 69.47
C GLN P 23 -10.29 8.40 67.99
N VAL P 24 -10.09 7.13 67.65
CA VAL P 24 -9.89 6.74 66.27
C VAL P 24 -10.74 5.52 65.91
N SER P 25 -11.19 5.48 64.65
CA SER P 25 -12.00 4.37 64.17
C SER P 25 -11.41 3.84 62.87
N GLY P 26 -11.46 2.52 62.71
CA GLY P 26 -10.91 1.91 61.52
C GLY P 26 -9.46 1.56 61.76
N TYR P 27 -8.55 2.28 61.09
CA TYR P 27 -7.13 2.03 61.26
C TYR P 27 -6.69 2.33 62.67
N THR P 28 -6.13 1.32 63.34
CA THR P 28 -5.66 1.48 64.70
C THR P 28 -4.64 2.60 64.79
N LEU P 29 -4.86 3.52 65.73
CA LEU P 29 -3.95 4.64 65.93
C LEU P 29 -2.53 4.11 66.08
N THR P 30 -2.44 2.89 66.62
CA THR P 30 -1.15 2.24 66.85
C THR P 30 -0.24 2.19 65.63
N SER P 31 -0.81 1.93 64.45
CA SER P 31 -0.02 1.87 63.24
C SER P 31 -0.06 3.20 62.48
N TYR P 32 -0.34 4.27 63.22
CA TYR P 32 -0.42 5.61 62.65
C TYR P 32 0.12 6.63 63.66
N GLY P 33 0.73 7.69 63.16
CA GLY P 33 1.26 8.71 64.06
C GLY P 33 0.19 9.70 64.42
N LEU P 34 0.58 10.80 65.07
CA LEU P 34 -0.39 11.82 65.46
C LEU P 34 0.28 13.12 65.91
N SER P 35 -0.42 14.23 65.68
CA SER P 35 0.06 15.56 66.06
C SER P 35 -1.16 16.44 66.32
N TRP P 36 -0.95 17.55 67.03
CA TRP P 36 -2.04 18.46 67.34
C TRP P 36 -1.77 19.88 66.87
N VAL P 37 -2.80 20.54 66.36
CA VAL P 37 -2.68 21.90 65.85
C VAL P 37 -3.74 22.82 66.45
N ARG P 38 -3.31 23.98 66.93
CA ARG P 38 -4.24 24.93 67.51
C ARG P 38 -4.78 25.85 66.42
N GLN P 39 -6.05 26.21 66.54
CA GLN P 39 -6.70 27.07 65.57
C GLN P 39 -7.29 28.27 66.29
N ALA P 40 -6.46 29.28 66.55
CA ALA P 40 -6.94 30.49 67.22
C ALA P 40 -8.03 31.04 66.31
N PRO P 41 -9.07 31.66 66.90
CA PRO P 41 -10.16 32.21 66.09
C PRO P 41 -9.66 33.11 64.96
N GLY P 42 -9.94 32.71 63.72
CA GLY P 42 -9.52 33.48 62.56
C GLY P 42 -8.11 34.00 62.73
N GLN P 43 -7.20 33.10 63.08
CA GLN P 43 -5.81 33.46 63.31
C GLN P 43 -4.86 32.55 62.54
N GLY P 44 -5.43 31.62 61.79
CA GLY P 44 -4.61 30.69 61.03
C GLY P 44 -4.44 29.43 61.86
N LEU P 45 -3.47 28.59 61.50
CA LEU P 45 -3.24 27.36 62.24
C LEU P 45 -1.81 27.31 62.76
N GLU P 46 -1.58 26.54 63.81
CA GLU P 46 -0.26 26.42 64.40
C GLU P 46 -0.01 25.02 64.97
N TRP P 47 0.96 24.31 64.40
CA TRP P 47 1.30 22.96 64.86
C TRP P 47 1.84 23.06 66.28
N VAL P 48 1.42 22.13 67.15
CA VAL P 48 1.85 22.15 68.54
C VAL P 48 2.77 20.97 68.92
N GLY P 49 2.19 19.79 69.07
CA GLY P 49 2.98 18.62 69.45
C GLY P 49 2.86 17.44 68.51
N TRP P 50 3.71 16.44 68.72
CA TRP P 50 3.70 15.25 67.87
C TRP P 50 4.11 13.99 68.64
N ILE P 51 3.28 12.97 68.58
CA ILE P 51 3.55 11.71 69.25
C ILE P 51 3.45 10.57 68.22
N ASN P 52 4.03 9.42 68.56
CA ASN P 52 3.99 8.27 67.67
C ASN P 52 3.63 7.01 68.45
N THR P 53 2.38 6.56 68.31
CA THR P 53 1.93 5.36 68.99
C THR P 53 2.84 4.19 68.62
N TYR P 54 3.00 3.25 69.55
CA TYR P 54 3.85 2.09 69.32
C TYR P 54 5.30 2.52 69.07
N ASP P 55 5.58 3.79 69.33
CA ASP P 55 6.92 4.34 69.12
C ASP P 55 7.35 5.24 70.28
N GLY P 56 6.39 5.58 71.14
CA GLY P 56 6.68 6.42 72.29
C GLY P 56 7.66 7.56 72.06
N GLN P 57 7.57 8.22 70.91
CA GLN P 57 8.45 9.33 70.58
C GLN P 57 7.63 10.61 70.72
N THR P 58 8.28 11.69 71.14
CA THR P 58 7.57 12.95 71.31
C THR P 58 8.41 14.19 70.99
N LYS P 59 7.82 15.13 70.26
CA LYS P 59 8.49 16.36 69.89
C LYS P 59 7.51 17.52 70.04
N TYR P 60 7.94 18.58 70.71
CA TYR P 60 7.06 19.73 70.94
C TYR P 60 7.62 21.04 70.40
N VAL P 61 6.75 22.06 70.40
CA VAL P 61 7.14 23.38 69.93
C VAL P 61 8.06 24.00 70.98
N LYS P 62 9.13 24.65 70.52
CA LYS P 62 10.07 25.29 71.42
C LYS P 62 9.32 26.24 72.35
N LYS P 63 8.22 26.79 71.83
CA LYS P 63 7.40 27.74 72.57
C LYS P 63 6.71 27.20 73.82
N PHE P 64 5.98 26.11 73.68
CA PHE P 64 5.24 25.55 74.82
C PHE P 64 5.82 24.27 75.42
N GLN P 65 7.12 24.03 75.26
CA GLN P 65 7.73 22.83 75.82
C GLN P 65 7.51 22.76 77.32
N GLY P 66 7.13 21.58 77.80
CA GLY P 66 6.88 21.39 79.22
C GLY P 66 5.41 21.62 79.54
N ARG P 67 4.91 22.79 79.16
CA ARG P 67 3.52 23.14 79.39
C ARG P 67 2.61 22.07 78.81
N VAL P 68 2.87 21.69 77.56
CA VAL P 68 2.08 20.68 76.88
C VAL P 68 2.81 19.33 76.94
N THR P 69 2.05 18.26 76.80
CA THR P 69 2.61 16.91 76.84
C THR P 69 1.65 15.90 76.20
N MET P 70 2.21 14.96 75.44
CA MET P 70 1.42 13.95 74.76
C MET P 70 1.19 12.71 75.61
N THR P 71 0.23 11.89 75.21
CA THR P 71 -0.11 10.66 75.90
C THR P 71 -0.87 9.76 74.93
N THR P 72 -0.85 8.45 75.18
CA THR P 72 -1.55 7.52 74.30
C THR P 72 -2.00 6.26 75.02
N HIS P 73 -3.29 5.97 74.91
CA HIS P 73 -3.85 4.76 75.52
C HIS P 73 -3.94 3.70 74.44
N THR P 74 -2.81 3.04 74.18
CA THR P 74 -2.76 1.99 73.16
C THR P 74 -3.87 0.98 73.38
N GLY P 75 -4.33 0.88 74.62
CA GLY P 75 -5.38 -0.06 74.95
C GLY P 75 -6.79 0.34 74.56
N THR P 76 -7.08 1.65 74.59
CA THR P 76 -8.41 2.12 74.24
C THR P 76 -8.50 2.77 72.86
N ASN P 77 -7.37 2.82 72.16
CA ASN P 77 -7.33 3.43 70.83
C ASN P 77 -7.66 4.92 70.88
N THR P 78 -7.08 5.61 71.87
CA THR P 78 -7.32 7.05 72.03
C THR P 78 -6.03 7.75 72.47
N ALA P 79 -5.80 8.93 71.93
CA ALA P 79 -4.61 9.71 72.28
C ALA P 79 -5.01 10.86 73.21
N TYR P 80 -4.05 11.35 73.97
CA TYR P 80 -4.32 12.46 74.89
C TYR P 80 -3.37 13.63 74.69
N MET P 81 -3.85 14.82 75.02
CA MET P 81 -3.08 16.04 74.90
C MET P 81 -3.23 16.79 76.22
N GLU P 82 -2.14 16.93 76.96
CA GLU P 82 -2.19 17.61 78.25
C GLU P 82 -1.60 19.02 78.20
N MET P 83 -2.32 19.96 78.81
CA MET P 83 -1.88 21.35 78.86
C MET P 83 -2.05 21.88 80.29
N LYS P 84 -0.93 22.10 80.97
CA LYS P 84 -0.94 22.60 82.34
C LYS P 84 -0.62 24.09 82.36
N SER P 85 -0.92 24.74 83.49
CA SER P 85 -0.68 26.18 83.65
C SER P 85 -1.05 26.95 82.38
N LEU P 86 -2.29 26.75 81.92
CA LEU P 86 -2.78 27.40 80.71
C LEU P 86 -2.61 28.91 80.73
N ARG P 87 -2.68 29.52 79.55
CA ARG P 87 -2.55 30.96 79.41
C ARG P 87 -3.77 31.54 78.70
N SER P 88 -4.22 32.70 79.17
CA SER P 88 -5.40 33.36 78.61
C SER P 88 -5.43 33.35 77.09
N ASP P 89 -4.31 33.69 76.47
CA ASP P 89 -4.21 33.74 75.00
C ASP P 89 -4.30 32.39 74.31
N ASP P 90 -3.64 31.39 74.87
CA ASP P 90 -3.59 30.04 74.29
C ASP P 90 -4.91 29.40 73.86
N THR P 91 -6.03 29.85 74.41
CA THR P 91 -7.32 29.27 74.04
C THR P 91 -7.61 29.33 72.55
N ALA P 92 -8.13 28.22 72.02
CA ALA P 92 -8.46 28.12 70.60
C ALA P 92 -8.99 26.71 70.31
N VAL P 93 -9.17 26.39 69.03
CA VAL P 93 -9.66 25.06 68.66
C VAL P 93 -8.46 24.13 68.47
N TYR P 94 -8.62 22.87 68.86
CA TYR P 94 -7.54 21.91 68.74
C TYR P 94 -7.95 20.68 67.92
N TYR P 95 -7.00 20.16 67.13
CA TYR P 95 -7.27 19.00 66.28
C TYR P 95 -6.20 17.91 66.42
N CYS P 96 -6.51 16.74 65.86
CA CYS P 96 -5.61 15.58 65.87
C CYS P 96 -5.78 14.79 64.57
N ALA P 97 -4.75 14.79 63.73
CA ALA P 97 -4.80 14.07 62.46
C ALA P 97 -3.72 13.00 62.33
N ARG P 98 -3.94 12.04 61.43
CA ARG P 98 -3.00 10.95 61.21
C ARG P 98 -1.68 11.42 60.63
N VAL P 99 -0.64 10.63 60.88
CA VAL P 99 0.69 10.93 60.35
C VAL P 99 1.32 9.62 59.92
N GLU P 100 2.09 9.68 58.84
CA GLU P 100 2.74 8.49 58.32
C GLU P 100 4.07 8.24 59.03
N GLY P 101 4.71 9.32 59.44
CA GLY P 101 5.99 9.19 60.13
C GLY P 101 5.90 8.26 61.32
N VAL P 102 6.05 6.97 61.06
CA VAL P 102 5.98 5.95 62.10
C VAL P 102 7.13 4.97 61.88
N ARG P 103 7.36 4.10 62.87
CA ARG P 103 8.42 3.10 62.78
C ARG P 103 9.75 3.74 62.38
N GLY P 104 10.45 3.07 61.46
CA GLY P 104 11.74 3.55 61.00
C GLY P 104 11.89 5.04 60.72
N VAL P 105 10.84 5.68 60.22
CA VAL P 105 10.91 7.11 59.91
C VAL P 105 11.14 7.98 61.14
N MET P 106 10.28 7.84 62.14
CA MET P 106 10.41 8.64 63.36
C MET P 106 10.06 10.10 63.05
N GLY P 107 10.70 10.64 62.03
CA GLY P 107 10.46 12.01 61.63
C GLY P 107 9.09 12.21 61.02
N PHE P 108 8.45 13.31 61.39
CA PHE P 108 7.12 13.65 60.89
C PHE P 108 7.12 14.15 59.44
N HIS P 109 7.98 15.12 59.16
CA HIS P 109 8.13 15.74 57.84
C HIS P 109 7.48 15.03 56.64
N TYR P 110 8.04 13.90 56.22
CA TYR P 110 7.52 13.15 55.08
C TYR P 110 5.99 13.02 55.06
N TYR P 111 5.41 12.65 56.20
CA TYR P 111 3.96 12.44 56.30
C TYR P 111 3.06 13.65 56.08
N PRO P 112 1.96 13.45 55.35
CA PRO P 112 0.97 14.48 55.05
C PRO P 112 -0.25 14.23 55.96
N MET P 113 -0.44 15.10 56.94
CA MET P 113 -1.55 14.97 57.90
C MET P 113 -2.84 14.51 57.24
N ASP P 114 -3.50 13.52 57.85
CA ASP P 114 -4.75 12.99 57.30
C ASP P 114 -5.84 12.87 58.35
N VAL P 115 -7.09 12.96 57.90
CA VAL P 115 -8.25 12.86 58.78
C VAL P 115 -8.12 13.77 60.01
N TRP P 116 -8.70 14.95 59.93
CA TRP P 116 -8.63 15.89 61.05
C TRP P 116 -9.90 15.77 61.90
N GLY P 117 -9.73 15.84 63.21
CA GLY P 117 -10.86 15.73 64.12
C GLY P 117 -11.80 16.92 64.10
N GLN P 118 -13.05 16.68 64.48
CA GLN P 118 -14.05 17.74 64.52
C GLN P 118 -13.54 18.91 65.37
N GLY P 119 -12.64 18.59 66.30
CA GLY P 119 -12.06 19.63 67.14
C GLY P 119 -12.75 19.90 68.46
N THR P 120 -11.97 20.36 69.44
CA THR P 120 -12.48 20.68 70.76
C THR P 120 -12.27 22.17 71.02
N MET P 121 -13.31 22.86 71.44
CA MET P 121 -13.21 24.28 71.72
C MET P 121 -12.86 24.56 73.16
N VAL P 122 -11.64 25.01 73.40
CA VAL P 122 -11.19 25.34 74.74
C VAL P 122 -11.27 26.85 74.86
N THR P 123 -11.17 27.36 76.09
CA THR P 123 -11.26 28.79 76.30
C THR P 123 -10.60 29.18 77.62
N VAL P 124 -9.55 29.98 77.55
CA VAL P 124 -8.84 30.41 78.75
C VAL P 124 -9.14 31.88 79.02
N SER P 125 -9.76 32.14 80.16
CA SER P 125 -10.10 33.50 80.56
C SER P 125 -10.30 33.50 82.07
N SER P 126 -9.99 34.63 82.69
CA SER P 126 -10.14 34.77 84.14
C SER P 126 -11.59 34.96 84.58
N ALA P 127 -12.46 35.27 83.62
CA ALA P 127 -13.89 35.49 83.91
C ALA P 127 -14.64 34.20 84.20
N SER P 128 -15.33 34.18 85.34
CA SER P 128 -16.10 33.02 85.77
C SER P 128 -17.47 32.98 85.10
N THR P 129 -18.17 31.86 85.23
CA THR P 129 -19.49 31.71 84.63
C THR P 129 -20.48 32.75 85.17
N LYS P 130 -21.33 33.25 84.28
CA LYS P 130 -22.31 34.27 84.65
C LYS P 130 -23.70 33.99 84.08
N GLY P 131 -24.72 34.53 84.72
CA GLY P 131 -26.08 34.33 84.26
C GLY P 131 -26.48 35.44 83.30
N PRO P 132 -27.02 35.10 82.12
CA PRO P 132 -27.44 36.09 81.12
C PRO P 132 -28.66 36.91 81.52
N SER P 133 -28.58 38.22 81.30
CA SER P 133 -29.66 39.12 81.62
C SER P 133 -30.52 39.34 80.36
N VAL P 134 -31.79 38.97 80.44
CA VAL P 134 -32.69 39.11 79.29
C VAL P 134 -33.55 40.37 79.39
N PHE P 135 -33.38 41.26 78.42
CA PHE P 135 -34.13 42.50 78.36
C PHE P 135 -34.81 42.63 77.00
N PRO P 136 -36.12 42.94 76.98
CA PRO P 136 -36.92 43.09 75.77
C PRO P 136 -36.63 44.35 74.95
N LEU P 137 -36.66 44.21 73.63
CA LEU P 137 -36.42 45.33 72.73
C LEU P 137 -37.53 45.43 71.69
N ALA P 138 -38.34 46.48 71.80
CA ALA P 138 -39.44 46.70 70.87
C ALA P 138 -39.25 48.03 70.15
N PRO P 139 -40.03 48.27 69.08
CA PRO P 139 -39.89 49.53 68.34
C PRO P 139 -40.14 50.76 69.21
N SER P 140 -39.26 51.74 69.11
CA SER P 140 -39.41 52.98 69.88
C SER P 140 -40.68 53.64 69.41
N SER P 141 -41.10 53.25 68.22
CA SER P 141 -42.31 53.74 67.57
C SER P 141 -42.53 52.73 66.46
N LYS P 142 -43.79 52.53 66.07
CA LYS P 142 -44.07 51.58 64.99
C LYS P 142 -43.08 51.90 63.87
N SER P 143 -42.20 50.95 63.57
CA SER P 143 -41.17 51.13 62.54
C SER P 143 -41.75 51.61 61.21
N THR P 144 -42.72 50.87 60.69
CA THR P 144 -43.37 51.21 59.42
C THR P 144 -42.35 51.48 58.32
N SER P 145 -41.15 50.91 58.45
CA SER P 145 -40.10 51.10 57.46
C SER P 145 -40.00 49.91 56.50
N GLY P 146 -40.43 50.14 55.26
CA GLY P 146 -40.38 49.08 54.27
C GLY P 146 -41.50 48.07 54.52
N GLY P 147 -41.54 47.54 55.74
CA GLY P 147 -42.56 46.59 56.09
C GLY P 147 -42.44 46.01 57.48
N THR P 148 -43.58 45.68 58.07
CA THR P 148 -43.64 45.08 59.40
C THR P 148 -42.97 45.89 60.51
N ALA P 149 -42.41 45.18 61.48
CA ALA P 149 -41.73 45.78 62.62
C ALA P 149 -40.63 44.85 63.09
N ALA P 150 -39.67 45.40 63.84
CA ALA P 150 -38.56 44.60 64.35
C ALA P 150 -38.49 44.61 65.86
N LEU P 151 -38.78 43.46 66.47
CA LEU P 151 -38.76 43.33 67.92
C LEU P 151 -37.87 42.16 68.32
N GLY P 152 -37.12 42.31 69.40
CA GLY P 152 -36.24 41.23 69.84
C GLY P 152 -35.89 41.28 71.30
N CYS P 153 -34.79 40.62 71.65
CA CYS P 153 -34.32 40.56 73.03
C CYS P 153 -32.84 40.89 73.11
N LEU P 154 -32.34 41.11 74.32
CA LEU P 154 -30.94 41.41 74.54
C LEU P 154 -30.39 40.74 75.79
N VAL P 155 -29.50 39.77 75.59
CA VAL P 155 -28.85 39.08 76.70
C VAL P 155 -27.49 39.74 76.87
N LYS P 156 -27.27 40.35 78.03
CA LYS P 156 -26.02 41.05 78.28
C LYS P 156 -25.28 40.57 79.52
N ASP P 157 -23.94 40.63 79.45
CA ASP P 157 -23.06 40.21 80.54
C ASP P 157 -23.24 38.76 80.94
N TYR P 158 -22.85 37.84 80.06
CA TYR P 158 -22.99 36.42 80.34
C TYR P 158 -21.75 35.64 79.87
N PHE P 159 -21.41 34.60 80.63
CA PHE P 159 -20.28 33.74 80.30
C PHE P 159 -20.60 32.33 80.80
N PRO P 160 -20.19 31.30 80.04
CA PRO P 160 -19.49 31.39 78.75
C PRO P 160 -20.37 31.05 77.56
N GLU P 161 -20.19 31.77 76.46
CA GLU P 161 -20.99 31.55 75.25
C GLU P 161 -20.98 30.10 74.77
N PRO P 162 -22.08 29.67 74.12
CA PRO P 162 -23.25 30.52 73.88
C PRO P 162 -24.56 29.92 74.39
N VAL P 163 -25.57 30.77 74.54
CA VAL P 163 -26.89 30.35 74.98
C VAL P 163 -27.89 30.43 73.83
N THR P 164 -28.67 29.37 73.65
CA THR P 164 -29.66 29.31 72.58
C THR P 164 -30.95 30.07 72.87
N VAL P 165 -31.29 30.99 71.98
CA VAL P 165 -32.51 31.78 72.11
C VAL P 165 -33.57 31.17 71.20
N SER P 166 -34.71 30.81 71.77
CA SER P 166 -35.79 30.21 71.00
C SER P 166 -37.09 30.98 71.17
N TRP P 167 -37.50 31.67 70.11
CA TRP P 167 -38.73 32.45 70.14
C TRP P 167 -39.96 31.56 70.21
N ASN P 168 -40.67 31.64 71.34
CA ASN P 168 -41.87 30.87 71.56
C ASN P 168 -41.61 29.37 71.35
N SER P 169 -40.58 28.86 71.98
CA SER P 169 -40.21 27.45 71.87
C SER P 169 -39.94 27.02 70.43
N GLY P 170 -39.92 27.98 69.52
CA GLY P 170 -39.68 27.67 68.12
C GLY P 170 -40.88 27.99 67.25
N ALA P 171 -41.90 28.58 67.86
CA ALA P 171 -43.11 28.95 67.12
C ALA P 171 -42.77 30.08 66.16
N LEU P 172 -41.72 30.82 66.49
CA LEU P 172 -41.28 31.93 65.65
C LEU P 172 -39.90 31.63 65.07
N THR P 173 -39.89 30.97 63.92
CA THR P 173 -38.65 30.62 63.23
C THR P 173 -38.50 31.48 61.99
N SER P 174 -39.50 32.30 61.72
CA SER P 174 -39.50 33.16 60.55
C SER P 174 -38.99 34.57 60.84
N GLY P 175 -37.91 34.95 60.18
CA GLY P 175 -37.34 36.28 60.36
C GLY P 175 -36.27 36.38 61.42
N VAL P 176 -36.27 35.47 62.38
CA VAL P 176 -35.30 35.47 63.46
C VAL P 176 -33.87 35.47 62.95
N HIS P 177 -33.05 36.38 63.49
CA HIS P 177 -31.65 36.47 63.11
C HIS P 177 -30.84 36.89 64.33
N THR P 178 -30.16 35.92 64.93
CA THR P 178 -29.34 36.17 66.11
C THR P 178 -27.95 36.62 65.66
N PHE P 179 -27.59 37.85 66.01
CA PHE P 179 -26.30 38.40 65.64
C PHE P 179 -25.21 37.91 66.59
N PRO P 180 -24.02 37.60 66.04
CA PRO P 180 -22.85 37.13 66.80
C PRO P 180 -22.55 37.97 68.03
N ALA P 181 -22.41 37.30 69.18
CA ALA P 181 -22.11 37.98 70.44
C ALA P 181 -20.79 38.72 70.37
N VAL P 182 -20.56 39.62 71.32
CA VAL P 182 -19.32 40.40 71.36
C VAL P 182 -18.68 40.38 72.74
N LEU P 183 -17.34 40.34 72.76
CA LEU P 183 -16.59 40.33 74.00
C LEU P 183 -16.46 41.73 74.56
N GLN P 184 -17.05 41.96 75.72
CA GLN P 184 -16.98 43.26 76.37
C GLN P 184 -15.62 43.46 77.01
N SER P 185 -15.21 44.72 77.12
CA SER P 185 -13.92 45.03 77.73
C SER P 185 -13.88 44.43 79.13
N SER P 186 -15.07 44.13 79.65
CA SER P 186 -15.20 43.52 80.97
C SER P 186 -14.77 42.06 80.89
N GLY P 187 -15.20 41.38 79.83
CA GLY P 187 -14.84 39.99 79.65
C GLY P 187 -16.04 39.07 79.51
N LEU P 188 -17.23 39.65 79.42
CA LEU P 188 -18.45 38.86 79.29
C LEU P 188 -19.16 39.20 77.98
N TYR P 189 -19.49 38.15 77.22
CA TYR P 189 -20.14 38.32 75.92
C TYR P 189 -21.57 38.88 75.98
N SER P 190 -22.13 39.12 74.81
CA SER P 190 -23.49 39.66 74.68
C SER P 190 -23.97 39.50 73.24
N LEU P 191 -25.13 38.88 73.07
CA LEU P 191 -25.70 38.66 71.75
C LEU P 191 -27.13 39.19 71.67
N SER P 192 -27.67 39.24 70.46
CA SER P 192 -29.04 39.72 70.24
C SER P 192 -29.75 38.93 69.15
N SER P 193 -31.04 38.69 69.36
CA SER P 193 -31.84 37.96 68.39
C SER P 193 -33.08 38.77 68.06
N VAL P 194 -33.16 39.25 66.83
CA VAL P 194 -34.30 40.05 66.39
C VAL P 194 -35.14 39.29 65.37
N VAL P 195 -36.42 39.63 65.31
CA VAL P 195 -37.34 38.98 64.38
C VAL P 195 -38.06 40.00 63.51
N THR P 196 -38.54 39.55 62.35
CA THR P 196 -39.26 40.41 61.42
C THR P 196 -40.70 39.94 61.28
N VAL P 197 -41.56 40.44 62.17
CA VAL P 197 -42.98 40.08 62.16
C VAL P 197 -43.84 41.26 61.69
N PRO P 198 -44.95 40.96 61.00
CA PRO P 198 -45.86 42.00 60.48
C PRO P 198 -46.23 43.06 61.50
N SER P 199 -46.20 44.31 61.07
CA SER P 199 -46.53 45.44 61.92
C SER P 199 -48.02 45.53 62.16
N SER P 200 -48.77 44.64 61.52
CA SER P 200 -50.22 44.61 61.66
C SER P 200 -50.62 43.64 62.76
N SER P 201 -49.63 43.13 63.50
CA SER P 201 -49.89 42.19 64.59
C SER P 201 -49.05 42.52 65.82
N LEU P 202 -48.67 43.79 65.96
CA LEU P 202 -47.87 44.23 67.10
C LEU P 202 -48.62 44.01 68.42
N GLY P 203 -49.91 43.71 68.31
CA GLY P 203 -50.71 43.48 69.51
C GLY P 203 -51.57 42.24 69.40
N THR P 204 -51.44 41.54 68.27
CA THR P 204 -52.21 40.31 68.04
C THR P 204 -51.47 39.10 68.58
N GLN P 205 -50.16 39.05 68.35
CA GLN P 205 -49.33 37.95 68.82
C GLN P 205 -48.14 38.46 69.60
N THR P 206 -47.93 37.91 70.80
CA THR P 206 -46.81 38.32 71.65
C THR P 206 -45.59 37.49 71.30
N TYR P 207 -44.42 37.99 71.68
CA TYR P 207 -43.16 37.29 71.38
C TYR P 207 -42.32 37.10 72.64
N ILE P 208 -41.76 35.91 72.80
CA ILE P 208 -40.92 35.60 73.95
C ILE P 208 -39.69 34.80 73.55
N CYS P 209 -38.53 35.31 73.92
CA CYS P 209 -37.26 34.66 73.63
C CYS P 209 -36.92 33.73 74.79
N ASN P 210 -36.82 32.44 74.51
CA ASN P 210 -36.50 31.46 75.56
C ASN P 210 -35.00 31.30 75.74
N VAL P 211 -34.37 32.33 76.32
CA VAL P 211 -32.93 32.30 76.56
C VAL P 211 -32.60 31.25 77.61
N ASN P 212 -32.09 30.11 77.16
CA ASN P 212 -31.72 29.02 78.07
C ASN P 212 -30.20 28.90 78.10
N HIS P 213 -29.60 29.13 79.25
CA HIS P 213 -28.15 29.06 79.38
C HIS P 213 -27.72 27.80 80.14
N LYS P 214 -26.93 26.96 79.48
CA LYS P 214 -26.45 25.72 80.09
C LYS P 214 -25.37 25.99 81.13
N PRO P 215 -24.47 26.96 80.85
CA PRO P 215 -23.40 27.29 81.80
C PRO P 215 -23.90 27.83 83.13
N SER P 216 -24.95 28.66 83.08
CA SER P 216 -25.52 29.25 84.28
C SER P 216 -26.82 28.59 84.72
N ASN P 217 -27.35 27.70 83.88
CA ASN P 217 -28.61 27.04 84.19
C ASN P 217 -29.65 28.11 84.45
N THR P 218 -29.61 29.17 83.66
CA THR P 218 -30.54 30.28 83.80
C THR P 218 -31.53 30.36 82.63
N LYS P 219 -32.76 29.97 82.88
CA LYS P 219 -33.80 30.02 81.85
C LYS P 219 -34.65 31.26 82.09
N VAL P 220 -34.46 32.27 81.24
CA VAL P 220 -35.19 33.51 81.36
C VAL P 220 -36.00 33.83 80.11
N ASP P 221 -37.32 33.87 80.26
CA ASP P 221 -38.20 34.18 79.16
C ASP P 221 -38.70 35.61 79.33
N LYS P 222 -38.66 36.39 78.25
CA LYS P 222 -39.07 37.78 78.30
C LYS P 222 -40.15 38.10 77.26
N LYS P 223 -40.95 39.11 77.55
CA LYS P 223 -42.02 39.53 76.64
C LYS P 223 -41.58 40.78 75.90
N VAL P 224 -41.87 40.83 74.59
CA VAL P 224 -41.49 41.98 73.78
C VAL P 224 -42.73 42.65 73.17
N GLU P 225 -43.01 43.87 73.61
CA GLU P 225 -44.16 44.61 73.13
C GLU P 225 -43.86 46.11 73.15
N PRO P 226 -44.41 46.86 72.17
CA PRO P 226 -44.18 48.31 72.11
C PRO P 226 -44.85 49.05 73.26
N GLN Q 1 10.32 -34.92 105.66
CA GLN Q 1 10.35 -36.41 105.81
C GLN Q 1 11.38 -37.04 104.88
N VAL Q 2 12.66 -36.86 105.24
CA VAL Q 2 13.75 -37.42 104.45
C VAL Q 2 14.50 -38.43 105.29
N GLN Q 3 14.46 -39.69 104.87
CA GLN Q 3 15.14 -40.76 105.58
C GLN Q 3 16.52 -41.06 105.02
N LEU Q 4 17.33 -41.75 105.82
CA LEU Q 4 18.69 -42.11 105.42
C LEU Q 4 18.99 -43.53 105.86
N VAL Q 5 19.13 -44.42 104.88
CA VAL Q 5 19.43 -45.82 105.16
C VAL Q 5 20.94 -46.01 105.11
N GLN Q 6 21.50 -46.57 106.18
CA GLN Q 6 22.93 -46.80 106.23
C GLN Q 6 23.26 -48.29 106.28
N SER Q 7 24.25 -48.69 105.48
CA SER Q 7 24.67 -50.08 105.40
C SER Q 7 24.81 -50.72 106.77
N GLY Q 8 24.43 -51.99 106.87
CA GLY Q 8 24.50 -52.70 108.12
C GLY Q 8 25.90 -52.65 108.72
N ALA Q 9 25.98 -52.30 109.99
CA ALA Q 9 27.26 -52.22 110.69
C ALA Q 9 28.18 -53.37 110.29
N GLU Q 10 29.40 -53.04 109.88
CA GLU Q 10 30.36 -54.05 109.48
C GLU Q 10 31.61 -54.07 110.36
N VAL Q 11 32.37 -55.15 110.24
CA VAL Q 11 33.59 -55.32 111.02
C VAL Q 11 34.63 -56.06 110.20
N LYS Q 12 35.85 -55.51 110.14
CA LYS Q 12 36.94 -56.13 109.39
C LYS Q 12 38.29 -55.83 110.02
N LYS Q 13 39.21 -56.77 109.87
CA LYS Q 13 40.55 -56.65 110.44
C LYS Q 13 41.33 -55.49 109.83
N PRO Q 14 42.31 -54.96 110.58
CA PRO Q 14 43.13 -53.84 110.08
C PRO Q 14 43.85 -54.22 108.80
N GLY Q 15 44.00 -53.26 107.89
CA GLY Q 15 44.66 -53.54 106.64
C GLY Q 15 43.62 -53.89 105.59
N ALA Q 16 42.49 -54.41 106.05
CA ALA Q 16 41.39 -54.77 105.16
C ALA Q 16 40.62 -53.49 104.86
N SER Q 17 39.55 -53.59 104.08
CA SER Q 17 38.77 -52.39 103.75
C SER Q 17 37.26 -52.58 103.78
N VAL Q 18 36.55 -51.50 104.12
CA VAL Q 18 35.08 -51.52 104.19
C VAL Q 18 34.50 -50.35 103.39
N THR Q 19 33.20 -50.40 103.11
CA THR Q 19 32.53 -49.36 102.35
C THR Q 19 31.13 -49.08 102.88
N VAL Q 20 30.92 -47.86 103.39
CA VAL Q 20 29.62 -47.47 103.93
C VAL Q 20 28.71 -46.93 102.83
N SER Q 21 27.44 -47.34 102.85
CA SER Q 21 26.46 -46.91 101.86
C SER Q 21 25.34 -46.10 102.52
N CYS Q 22 24.92 -45.03 101.86
CA CYS Q 22 23.86 -44.16 102.37
C CYS Q 22 22.72 -44.02 101.36
N GLN Q 23 21.48 -44.17 101.84
CA GLN Q 23 20.31 -44.02 100.99
C GLN Q 23 19.55 -42.76 101.38
N VAL Q 24 18.78 -42.23 100.43
CA VAL Q 24 18.02 -41.01 100.70
C VAL Q 24 16.56 -41.15 100.26
N SER Q 25 15.67 -40.50 101.00
CA SER Q 25 14.25 -40.56 100.69
C SER Q 25 13.70 -39.13 100.64
N GLY Q 26 12.77 -38.91 99.72
CA GLY Q 26 12.20 -37.58 99.57
C GLY Q 26 13.04 -36.78 98.60
N TYR Q 27 13.73 -35.76 99.11
CA TYR Q 27 14.57 -34.92 98.27
C TYR Q 27 15.71 -35.73 97.65
N THR Q 28 15.77 -35.75 96.32
CA THR Q 28 16.81 -36.47 95.62
C THR Q 28 18.18 -36.00 96.07
N LEU Q 29 19.04 -36.96 96.42
CA LEU Q 29 20.39 -36.65 96.86
C LEU Q 29 21.06 -35.78 95.79
N THR Q 30 20.64 -35.98 94.55
CA THR Q 30 21.20 -35.24 93.42
C THR Q 30 21.16 -33.71 93.59
N SER Q 31 20.08 -33.19 94.16
CA SER Q 31 19.96 -31.76 94.37
C SER Q 31 20.39 -31.37 95.78
N TYR Q 32 21.21 -32.22 96.40
CA TYR Q 32 21.72 -32.00 97.74
C TYR Q 32 23.15 -32.52 97.86
N GLY Q 33 23.95 -31.87 98.69
CA GLY Q 33 25.32 -32.30 98.86
C GLY Q 33 25.42 -33.39 99.91
N LEU Q 34 26.63 -33.76 100.29
CA LEU Q 34 26.82 -34.81 101.30
C LEU Q 34 28.24 -34.84 101.86
N SER Q 35 28.35 -35.27 103.11
CA SER Q 35 29.64 -35.38 103.79
C SER Q 35 29.52 -36.47 104.85
N TRP Q 36 30.66 -36.99 105.30
CA TRP Q 36 30.66 -38.04 106.32
C TRP Q 36 31.47 -37.66 107.55
N VAL Q 37 30.97 -38.03 108.72
CA VAL Q 37 31.64 -37.73 109.97
C VAL Q 37 31.79 -38.98 110.84
N ARG Q 38 32.99 -39.19 111.37
CA ARG Q 38 33.25 -40.35 112.22
C ARG Q 38 32.94 -39.99 113.67
N GLN Q 39 32.40 -40.95 114.40
CA GLN Q 39 32.05 -40.74 115.80
C GLN Q 39 32.72 -41.80 116.64
N ALA Q 40 34.00 -41.57 116.97
CA ALA Q 40 34.73 -42.53 117.80
C ALA Q 40 33.94 -42.63 119.10
N PRO Q 41 33.92 -43.82 119.72
CA PRO Q 41 33.18 -43.98 120.98
C PRO Q 41 33.51 -42.91 122.02
N GLY Q 42 32.50 -42.13 122.39
CA GLY Q 42 32.69 -41.07 123.37
C GLY Q 42 33.99 -40.34 123.13
N GLN Q 43 34.21 -39.90 121.90
CA GLN Q 43 35.42 -39.22 121.51
C GLN Q 43 35.11 -37.91 120.79
N GLY Q 44 33.83 -37.62 120.63
CA GLY Q 44 33.44 -36.41 119.93
C GLY Q 44 33.18 -36.77 118.48
N LEU Q 45 33.11 -35.77 117.60
CA LEU Q 45 32.86 -36.03 116.20
C LEU Q 45 34.00 -35.47 115.34
N GLU Q 46 34.18 -36.04 114.15
CA GLU Q 46 35.24 -35.60 113.25
C GLU Q 46 34.82 -35.70 111.79
N TRP Q 47 34.76 -34.56 111.11
CA TRP Q 47 34.39 -34.52 109.69
C TRP Q 47 35.46 -35.24 108.87
N VAL Q 48 35.03 -36.06 107.92
CA VAL Q 48 35.96 -36.82 107.09
C VAL Q 48 36.02 -36.39 105.63
N GLY Q 49 34.98 -36.73 104.86
CA GLY Q 49 34.97 -36.38 103.46
C GLY Q 49 33.74 -35.61 103.01
N TRP Q 50 33.78 -35.07 101.79
CA TRP Q 50 32.66 -34.32 101.25
C TRP Q 50 32.53 -34.47 99.73
N ILE Q 51 31.33 -34.85 99.28
CA ILE Q 51 31.06 -35.02 97.86
C ILE Q 51 29.83 -34.19 97.50
N ASN Q 52 29.64 -33.94 96.21
CA ASN Q 52 28.51 -33.17 95.72
C ASN Q 52 27.89 -33.84 94.51
N THR Q 53 26.75 -34.50 94.71
CA THR Q 53 26.05 -35.17 93.63
C THR Q 53 25.77 -34.17 92.52
N TYR Q 54 25.73 -34.64 91.28
CA TYR Q 54 25.46 -33.78 90.13
C TYR Q 54 26.53 -32.70 90.01
N ASP Q 55 27.61 -32.86 90.78
CA ASP Q 55 28.70 -31.89 90.78
C ASP Q 55 30.06 -32.58 90.78
N GLY Q 56 30.07 -33.89 91.02
CA GLY Q 56 31.30 -34.66 91.04
C GLY Q 56 32.51 -33.97 91.64
N GLN Q 57 32.31 -33.26 92.75
CA GLN Q 57 33.41 -32.57 93.43
C GLN Q 57 33.72 -33.34 94.71
N THR Q 58 34.98 -33.39 95.09
CA THR Q 58 35.38 -34.12 96.29
C THR Q 58 36.52 -33.47 97.06
N LYS Q 59 36.34 -33.40 98.38
CA LYS Q 59 37.35 -32.82 99.26
C LYS Q 59 37.49 -33.71 100.49
N TYR Q 60 38.72 -34.06 100.84
CA TYR Q 60 38.96 -34.93 101.99
C TYR Q 60 39.85 -34.31 103.06
N VAL Q 61 39.94 -35.00 104.19
CA VAL Q 61 40.76 -34.55 105.31
C VAL Q 61 42.22 -34.80 104.94
N LYS Q 62 43.08 -33.84 105.24
CA LYS Q 62 44.50 -33.97 104.94
C LYS Q 62 45.03 -35.26 105.57
N LYS Q 63 44.41 -35.65 106.67
CA LYS Q 63 44.80 -36.85 107.41
C LYS Q 63 44.62 -38.17 106.67
N PHE Q 64 43.42 -38.43 106.15
CA PHE Q 64 43.16 -39.69 105.47
C PHE Q 64 43.02 -39.61 103.95
N GLN Q 65 43.66 -38.63 103.32
CA GLN Q 65 43.56 -38.52 101.87
C GLN Q 65 44.08 -39.78 101.19
N GLY Q 66 43.34 -40.26 100.20
CA GLY Q 66 43.74 -41.46 99.48
C GLY Q 66 43.08 -42.67 100.10
N ARG Q 67 43.28 -42.84 101.41
CA ARG Q 67 42.70 -43.97 102.13
C ARG Q 67 41.20 -44.00 101.92
N VAL Q 68 40.56 -42.85 102.10
CA VAL Q 68 39.12 -42.74 101.93
C VAL Q 68 38.80 -42.15 100.56
N THR Q 69 37.58 -42.42 100.08
CA THR Q 69 37.15 -41.92 98.78
C THR Q 69 35.63 -41.95 98.66
N MET Q 70 35.06 -40.91 98.07
CA MET Q 70 33.61 -40.82 97.90
C MET Q 70 33.11 -41.45 96.61
N THR Q 71 31.82 -41.72 96.57
CA THR Q 71 31.18 -42.33 95.40
C THR Q 71 29.70 -41.99 95.45
N THR Q 72 29.05 -41.99 94.29
CA THR Q 72 27.62 -41.69 94.25
C THR Q 72 26.90 -42.37 93.10
N HIS Q 73 25.83 -43.09 93.42
CA HIS Q 73 25.03 -43.78 92.42
C HIS Q 73 23.83 -42.89 92.13
N THR Q 74 24.03 -41.88 91.29
CA THR Q 74 22.96 -40.97 90.92
C THR Q 74 21.73 -41.74 90.45
N GLY Q 75 21.96 -42.97 89.99
CA GLY Q 75 20.86 -43.78 89.51
C GLY Q 75 20.02 -44.46 90.58
N THR Q 76 20.63 -44.80 91.70
CA THR Q 76 19.91 -45.49 92.78
C THR Q 76 19.61 -44.58 93.97
N ASN Q 77 20.01 -43.32 93.88
CA ASN Q 77 19.79 -42.37 94.96
C ASN Q 77 20.51 -42.80 96.24
N THR Q 78 21.76 -43.23 96.10
CA THR Q 78 22.56 -43.67 97.25
C THR Q 78 24.01 -43.25 97.07
N ALA Q 79 24.63 -42.82 98.16
CA ALA Q 79 26.03 -42.40 98.14
C ALA Q 79 26.90 -43.50 98.75
N TYR Q 80 28.18 -43.50 98.41
CA TYR Q 80 29.10 -44.49 98.94
C TYR Q 80 30.33 -43.86 99.59
N MET Q 81 30.88 -44.56 100.56
CA MET Q 81 32.06 -44.10 101.28
C MET Q 81 33.04 -45.29 101.31
N GLU Q 82 34.17 -45.14 100.63
CA GLU Q 82 35.16 -46.21 100.57
C GLU Q 82 36.37 -45.96 101.46
N MET Q 83 36.76 -46.98 102.22
CA MET Q 83 37.90 -46.89 103.12
C MET Q 83 38.78 -48.13 102.94
N LYS Q 84 39.96 -47.92 102.34
CA LYS Q 84 40.90 -49.01 102.10
C LYS Q 84 42.01 -49.00 103.13
N SER Q 85 42.74 -50.11 103.25
CA SER Q 85 43.83 -50.25 104.20
C SER Q 85 43.47 -49.62 105.54
N LEU Q 86 42.35 -50.06 106.10
CA LEU Q 86 41.86 -49.55 107.38
C LEU Q 86 42.90 -49.62 108.49
N ARG Q 87 42.66 -48.85 109.55
CA ARG Q 87 43.55 -48.83 110.71
C ARG Q 87 42.79 -49.17 111.97
N SER Q 88 43.41 -49.95 112.84
CA SER Q 88 42.80 -50.38 114.10
C SER Q 88 42.06 -49.26 114.82
N ASP Q 89 42.69 -48.10 114.94
CA ASP Q 89 42.11 -46.95 115.62
C ASP Q 89 40.90 -46.33 114.92
N ASP Q 90 40.99 -46.21 113.60
CA ASP Q 90 39.93 -45.60 112.80
C ASP Q 90 38.49 -46.05 113.03
N THR Q 91 38.29 -47.26 113.56
CA THR Q 91 36.93 -47.76 113.80
C THR Q 91 36.09 -46.83 114.65
N ALA Q 92 34.84 -46.64 114.24
CA ALA Q 92 33.89 -45.79 114.95
C ALA Q 92 32.57 -45.76 114.19
N VAL Q 93 31.66 -44.89 114.60
CA VAL Q 93 30.37 -44.77 113.94
C VAL Q 93 30.49 -43.74 112.82
N TYR Q 94 29.81 -43.98 111.71
CA TYR Q 94 29.86 -43.07 110.57
C TYR Q 94 28.47 -42.59 110.16
N TYR Q 95 28.40 -41.32 109.74
CA TYR Q 95 27.13 -40.73 109.33
C TYR Q 95 27.21 -40.00 107.99
N CYS Q 96 26.05 -39.64 107.46
CA CYS Q 96 25.93 -38.93 106.19
C CYS Q 96 24.74 -37.98 106.24
N ALA Q 97 25.01 -36.68 106.20
CA ALA Q 97 23.95 -35.67 106.27
C ALA Q 97 23.93 -34.76 105.05
N ARG Q 98 22.79 -34.11 104.80
CA ARG Q 98 22.63 -33.22 103.67
C ARG Q 98 23.50 -31.97 103.78
N VAL Q 99 23.81 -31.39 102.62
CA VAL Q 99 24.60 -30.17 102.57
C VAL Q 99 23.99 -29.27 101.50
N GLU Q 100 24.02 -27.97 101.75
CA GLU Q 100 23.47 -27.02 100.81
C GLU Q 100 24.49 -26.64 99.75
N GLY Q 101 25.77 -26.70 100.13
CA GLY Q 101 26.83 -26.36 99.19
C GLY Q 101 26.76 -27.20 97.94
N VAL Q 102 25.98 -26.73 96.97
CA VAL Q 102 25.80 -27.44 95.70
C VAL Q 102 25.83 -26.41 94.58
N ARG Q 103 25.94 -26.89 93.35
CA ARG Q 103 25.97 -26.01 92.19
C ARG Q 103 27.00 -24.90 92.35
N GLY Q 104 26.62 -23.69 91.97
CA GLY Q 104 27.50 -22.54 92.05
C GLY Q 104 28.37 -22.41 93.29
N VAL Q 105 27.87 -22.83 94.44
CA VAL Q 105 28.63 -22.71 95.68
C VAL Q 105 29.89 -23.59 95.69
N MET Q 106 29.72 -24.88 95.48
CA MET Q 106 30.85 -25.80 95.49
C MET Q 106 31.36 -25.97 96.91
N GLY Q 107 31.63 -24.83 97.57
CA GLY Q 107 32.12 -24.86 98.93
C GLY Q 107 31.07 -25.32 99.92
N PHE Q 108 31.51 -26.14 100.87
CA PHE Q 108 30.62 -26.68 101.90
C PHE Q 108 30.24 -25.66 102.97
N HIS Q 109 31.25 -24.97 103.51
CA HIS Q 109 31.10 -23.95 104.54
C HIS Q 109 29.69 -23.40 104.82
N TYR Q 110 29.18 -22.58 103.90
CA TYR Q 110 27.85 -21.98 104.07
C TYR Q 110 26.79 -22.96 104.56
N TYR Q 111 26.72 -24.11 103.91
CA TYR Q 111 25.74 -25.13 104.21
C TYR Q 111 25.79 -25.71 105.62
N PRO Q 112 24.62 -25.88 106.24
CA PRO Q 112 24.48 -26.45 107.57
C PRO Q 112 23.99 -27.89 107.40
N MET Q 113 24.75 -28.85 107.92
CA MET Q 113 24.40 -30.26 107.81
C MET Q 113 23.00 -30.57 108.32
N ASP Q 114 22.23 -31.31 107.53
CA ASP Q 114 20.87 -31.65 107.92
C ASP Q 114 20.55 -33.14 107.71
N VAL Q 115 19.58 -33.63 108.48
CA VAL Q 115 19.17 -35.02 108.40
C VAL Q 115 20.36 -35.97 108.48
N TRP Q 116 20.67 -36.45 109.68
CA TRP Q 116 21.79 -37.37 109.84
C TRP Q 116 21.28 -38.81 109.88
N GLY Q 117 21.96 -39.68 109.14
CA GLY Q 117 21.55 -41.08 109.08
C GLY Q 117 21.64 -41.81 110.40
N GLN Q 118 20.91 -42.93 110.50
CA GLN Q 118 20.91 -43.73 111.71
C GLN Q 118 22.35 -44.10 112.10
N GLY Q 119 23.19 -44.30 111.10
CA GLY Q 119 24.59 -44.62 111.37
C GLY Q 119 25.02 -46.06 111.17
N THR Q 120 26.30 -46.23 110.87
CA THR Q 120 26.88 -47.55 110.66
C THR Q 120 28.03 -47.74 111.63
N MET Q 121 28.10 -48.90 112.27
CA MET Q 121 29.17 -49.16 113.23
C MET Q 121 30.18 -50.14 112.67
N VAL Q 122 31.39 -49.64 112.43
CA VAL Q 122 32.48 -50.45 111.93
C VAL Q 122 33.48 -50.59 113.06
N THR Q 123 34.21 -51.70 113.07
CA THR Q 123 35.19 -51.95 114.11
C THR Q 123 36.45 -52.59 113.55
N VAL Q 124 37.53 -51.81 113.48
CA VAL Q 124 38.79 -52.31 112.96
C VAL Q 124 39.62 -52.86 114.12
N SER Q 125 39.98 -54.14 114.02
CA SER Q 125 40.79 -54.78 115.05
C SER Q 125 41.18 -56.16 114.54
N SER Q 126 42.34 -56.64 114.97
CA SER Q 126 42.82 -57.95 114.56
C SER Q 126 41.83 -59.01 115.05
N ALA Q 127 41.22 -58.76 116.20
CA ALA Q 127 40.26 -59.68 116.79
C ALA Q 127 39.23 -60.14 115.75
N SER Q 128 38.70 -61.34 115.95
CA SER Q 128 37.75 -61.95 115.03
C SER Q 128 36.47 -62.39 115.74
N THR Q 129 35.46 -62.77 114.97
CA THR Q 129 34.18 -63.20 115.53
C THR Q 129 34.35 -64.42 116.44
N LYS Q 130 33.61 -64.44 117.53
CA LYS Q 130 33.68 -65.53 118.50
C LYS Q 130 32.30 -66.00 118.97
N GLY Q 131 32.22 -67.24 119.42
CA GLY Q 131 30.97 -67.78 119.91
C GLY Q 131 30.83 -67.54 121.39
N PRO Q 132 29.69 -67.01 121.84
CA PRO Q 132 29.45 -66.72 123.26
C PRO Q 132 29.27 -67.97 124.13
N SER Q 133 29.93 -67.98 125.28
CA SER Q 133 29.85 -69.09 126.22
C SER Q 133 28.77 -68.79 127.25
N VAL Q 134 27.75 -69.64 127.31
CA VAL Q 134 26.65 -69.44 128.26
C VAL Q 134 26.80 -70.29 129.52
N PHE Q 135 26.93 -69.64 130.65
CA PHE Q 135 27.07 -70.32 131.93
C PHE Q 135 26.00 -69.82 132.90
N PRO Q 136 25.28 -70.74 133.56
CA PRO Q 136 24.22 -70.42 134.53
C PRO Q 136 24.68 -69.85 135.87
N LEU Q 137 23.94 -68.88 136.37
CA LEU Q 137 24.26 -68.25 137.66
C LEU Q 137 23.05 -68.28 138.58
N ALA Q 138 23.13 -69.07 139.64
CA ALA Q 138 22.05 -69.19 140.61
C ALA Q 138 22.54 -68.76 141.98
N PRO Q 139 21.62 -68.55 142.94
CA PRO Q 139 22.03 -68.13 144.28
C PRO Q 139 22.96 -69.15 144.95
N SER Q 140 24.04 -68.64 145.55
CA SER Q 140 25.00 -69.49 146.24
C SER Q 140 24.27 -70.14 147.41
N SER Q 141 23.16 -69.49 147.78
CA SER Q 141 22.29 -69.93 148.86
C SER Q 141 21.04 -69.10 148.64
N LYS Q 142 19.88 -69.63 149.04
CA LYS Q 142 18.65 -68.89 148.86
C LYS Q 142 18.92 -67.47 149.36
N SER Q 143 18.85 -66.50 148.45
CA SER Q 143 19.11 -65.10 148.78
C SER Q 143 18.32 -64.61 149.98
N THR Q 144 17.00 -64.75 149.93
CA THR Q 144 16.12 -64.33 151.01
C THR Q 144 16.40 -62.89 151.44
N SER Q 145 16.96 -62.10 150.54
CA SER Q 145 17.28 -60.71 150.86
C SER Q 145 16.23 -59.75 150.31
N GLY Q 146 15.44 -59.17 151.21
CA GLY Q 146 14.40 -58.25 150.80
C GLY Q 146 13.23 -59.01 150.20
N GLY Q 147 13.52 -59.83 149.20
CA GLY Q 147 12.48 -60.61 148.56
C GLY Q 147 12.95 -61.43 147.37
N THR Q 148 12.31 -62.57 147.18
CA THR Q 148 12.59 -63.47 146.07
C THR Q 148 14.05 -63.96 145.99
N ALA Q 149 14.51 -64.16 144.77
CA ALA Q 149 15.87 -64.63 144.51
C ALA Q 149 16.35 -64.06 143.17
N ALA Q 150 17.66 -64.05 142.97
CA ALA Q 150 18.23 -63.52 141.73
C ALA Q 150 19.04 -64.58 140.99
N LEU Q 151 18.52 -65.04 139.86
CA LEU Q 151 19.19 -66.04 139.05
C LEU Q 151 19.34 -65.52 137.62
N GLY Q 152 20.47 -65.82 136.98
CA GLY Q 152 20.69 -65.38 135.63
C GLY Q 152 21.68 -66.21 134.84
N CYS Q 153 22.25 -65.61 133.80
CA CYS Q 153 23.22 -66.28 132.94
C CYS Q 153 24.44 -65.39 132.71
N LEU Q 154 25.49 -65.97 132.16
CA LEU Q 154 26.72 -65.23 131.88
C LEU Q 154 27.34 -65.65 130.56
N VAL Q 155 27.32 -64.74 129.59
CA VAL Q 155 27.92 -64.98 128.29
C VAL Q 155 29.29 -64.31 128.32
N LYS Q 156 30.34 -65.10 128.21
CA LYS Q 156 31.69 -64.56 128.28
C LYS Q 156 32.56 -64.87 127.06
N ASP Q 157 33.44 -63.94 126.74
CA ASP Q 157 34.35 -64.06 125.60
C ASP Q 157 33.64 -64.23 124.27
N TYR Q 158 32.97 -63.18 123.82
CA TYR Q 158 32.25 -63.23 122.55
C TYR Q 158 32.42 -61.94 121.74
N PHE Q 159 32.45 -62.08 120.42
CA PHE Q 159 32.58 -60.96 119.50
C PHE Q 159 31.86 -61.27 118.22
N PRO Q 160 31.18 -60.28 117.62
CA PRO Q 160 31.05 -58.91 118.08
C PRO Q 160 29.68 -58.58 118.65
N GLU Q 161 29.65 -57.78 119.71
CA GLU Q 161 28.39 -57.40 120.36
C GLU Q 161 27.37 -56.81 119.39
N PRO Q 162 26.07 -57.01 119.69
CA PRO Q 162 25.63 -57.76 120.87
C PRO Q 162 24.66 -58.90 120.53
N VAL Q 163 24.52 -59.84 121.47
CA VAL Q 163 23.62 -60.98 121.32
C VAL Q 163 22.42 -60.83 122.25
N THR Q 164 21.23 -61.05 121.71
CA THR Q 164 20.00 -60.94 122.48
C THR Q 164 19.69 -62.15 123.36
N VAL Q 165 19.52 -61.89 124.65
CA VAL Q 165 19.20 -62.94 125.61
C VAL Q 165 17.70 -62.90 125.87
N SER Q 166 17.01 -64.01 125.64
CA SER Q 166 15.57 -64.08 125.86
C SER Q 166 15.20 -65.20 126.82
N TRP Q 167 14.78 -64.82 128.02
CA TRP Q 167 14.40 -65.80 129.03
C TRP Q 167 13.12 -66.53 128.65
N ASN Q 168 13.25 -67.84 128.40
CA ASN Q 168 12.13 -68.68 128.02
C ASN Q 168 11.38 -68.10 126.82
N SER Q 169 12.11 -67.76 125.78
CA SER Q 169 11.53 -67.20 124.56
C SER Q 169 10.75 -65.92 124.81
N GLY Q 170 10.83 -65.40 126.03
CA GLY Q 170 10.13 -64.18 126.36
C GLY Q 170 9.06 -64.42 127.41
N ALA Q 171 9.01 -65.64 127.94
CA ALA Q 171 8.03 -65.99 128.96
C ALA Q 171 8.38 -65.26 130.25
N LEU Q 172 9.66 -64.90 130.37
CA LEU Q 172 10.15 -64.19 131.55
C LEU Q 172 10.62 -62.79 131.16
N THR Q 173 9.69 -61.84 131.15
CA THR Q 173 9.99 -60.46 130.81
C THR Q 173 9.93 -59.60 132.06
N SER Q 174 9.56 -60.22 133.18
CA SER Q 174 9.45 -59.51 134.45
C SER Q 174 10.71 -59.62 135.31
N GLY Q 175 11.31 -58.46 135.61
CA GLY Q 175 12.50 -58.44 136.43
C GLY Q 175 13.82 -58.51 135.68
N VAL Q 176 13.78 -59.04 134.46
CA VAL Q 176 14.99 -59.17 133.65
C VAL Q 176 15.70 -57.84 133.44
N HIS Q 177 17.01 -57.84 133.69
CA HIS Q 177 17.81 -56.64 133.50
C HIS Q 177 19.20 -57.05 133.01
N THR Q 178 19.44 -56.87 131.72
CA THR Q 178 20.72 -57.20 131.12
C THR Q 178 21.67 -56.03 131.26
N PHE Q 179 22.77 -56.24 132.00
CA PHE Q 179 23.75 -55.20 132.21
C PHE Q 179 24.70 -55.06 131.02
N PRO Q 180 25.04 -53.81 130.66
CA PRO Q 180 25.93 -53.50 129.53
C PRO Q 180 27.22 -54.32 129.54
N ALA Q 181 27.51 -54.96 128.42
CA ALA Q 181 28.70 -55.79 128.28
C ALA Q 181 29.97 -54.97 128.52
N VAL Q 182 31.09 -55.66 128.70
CA VAL Q 182 32.36 -54.98 128.96
C VAL Q 182 33.48 -55.53 128.08
N LEU Q 183 34.36 -54.64 127.65
CA LEU Q 183 35.50 -55.01 126.81
C LEU Q 183 36.64 -55.57 127.64
N GLN Q 184 36.93 -56.84 127.45
CA GLN Q 184 38.01 -57.50 128.19
C GLN Q 184 39.36 -57.05 127.64
N SER Q 185 40.38 -57.10 128.49
CA SER Q 185 41.72 -56.71 128.06
C SER Q 185 42.12 -57.59 126.88
N SER Q 186 41.43 -58.71 126.74
CA SER Q 186 41.68 -59.65 125.66
C SER Q 186 41.13 -59.06 124.36
N GLY Q 187 39.94 -58.47 124.44
CA GLY Q 187 39.32 -57.87 123.28
C GLY Q 187 37.94 -58.41 122.96
N LEU Q 188 37.42 -59.26 123.84
CA LEU Q 188 36.10 -59.85 123.64
C LEU Q 188 35.15 -59.43 124.76
N TYR Q 189 33.98 -58.93 124.38
CA TYR Q 189 32.97 -58.46 125.33
C TYR Q 189 32.36 -59.54 126.20
N SER Q 190 31.53 -59.12 127.15
CA SER Q 190 30.85 -60.03 128.06
C SER Q 190 29.71 -59.29 128.77
N LEU Q 191 28.51 -59.85 128.70
CA LEU Q 191 27.35 -59.23 129.33
C LEU Q 191 26.62 -60.22 130.24
N SER Q 192 25.68 -59.73 131.04
CA SER Q 192 24.92 -60.57 131.94
C SER Q 192 23.47 -60.12 132.03
N SER Q 193 22.57 -61.09 132.15
CA SER Q 193 21.15 -60.82 132.26
C SER Q 193 20.58 -61.56 133.47
N VAL Q 194 20.18 -60.80 134.48
CA VAL Q 194 19.63 -61.40 135.70
C VAL Q 194 18.14 -61.10 135.82
N VAL Q 195 17.44 -61.97 136.54
CA VAL Q 195 16.00 -61.81 136.73
C VAL Q 195 15.63 -61.85 138.20
N THR Q 196 14.50 -61.24 138.54
CA THR Q 196 14.01 -61.20 139.92
C THR Q 196 12.72 -61.99 140.04
N VAL Q 197 12.86 -63.29 140.29
CA VAL Q 197 11.71 -64.18 140.44
C VAL Q 197 11.53 -64.61 141.90
N PRO Q 198 10.27 -64.82 142.33
CA PRO Q 198 9.96 -65.22 143.71
C PRO Q 198 10.80 -66.39 144.21
N SER Q 199 11.30 -66.26 145.44
CA SER Q 199 12.13 -67.29 146.05
C SER Q 199 11.28 -68.49 146.48
N SER Q 200 9.96 -68.37 146.28
CA SER Q 200 9.05 -69.45 146.64
C SER Q 200 8.79 -70.35 145.43
N SER Q 201 9.56 -70.14 144.37
CA SER Q 201 9.42 -70.92 143.15
C SER Q 201 10.78 -71.30 142.56
N LEU Q 202 11.79 -71.37 143.43
CA LEU Q 202 13.13 -71.73 142.99
C LEU Q 202 13.18 -73.13 142.42
N GLY Q 203 12.09 -73.88 142.61
CA GLY Q 203 12.02 -75.24 142.11
C GLY Q 203 10.72 -75.52 141.40
N THR Q 204 9.85 -74.52 141.33
CA THR Q 204 8.55 -74.67 140.67
C THR Q 204 8.66 -74.35 139.18
N GLN Q 205 9.41 -73.30 138.85
CA GLN Q 205 9.59 -72.90 137.47
C GLN Q 205 11.07 -72.73 137.14
N THR Q 206 11.51 -73.37 136.06
CA THR Q 206 12.90 -73.30 135.64
C THR Q 206 13.10 -72.08 134.74
N TYR Q 207 14.35 -71.65 134.60
CA TYR Q 207 14.67 -70.48 133.78
C TYR Q 207 15.76 -70.80 132.76
N ILE Q 208 15.56 -70.33 131.54
CA ILE Q 208 16.54 -70.54 130.47
C ILE Q 208 16.73 -69.29 129.62
N CYS Q 209 17.97 -68.86 129.51
CA CYS Q 209 18.32 -67.68 128.72
C CYS Q 209 18.63 -68.14 127.30
N ASN Q 210 17.85 -67.65 126.34
CA ASN Q 210 18.05 -68.02 124.94
C ASN Q 210 19.07 -67.12 124.26
N VAL Q 211 20.33 -67.29 124.62
CA VAL Q 211 21.42 -66.50 124.04
C VAL Q 211 21.60 -66.86 122.57
N ASN Q 212 21.10 -66.01 121.69
CA ASN Q 212 21.21 -66.24 120.25
C ASN Q 212 22.16 -65.21 119.66
N HIS Q 213 23.29 -65.69 119.12
CA HIS Q 213 24.27 -64.78 118.54
C HIS Q 213 24.26 -64.84 117.02
N LYS Q 214 24.01 -63.69 116.40
CA LYS Q 214 23.96 -63.59 114.95
C LYS Q 214 25.37 -63.66 114.34
N PRO Q 215 26.35 -63.02 114.97
CA PRO Q 215 27.73 -63.03 114.46
C PRO Q 215 28.35 -64.42 114.43
N SER Q 216 28.07 -65.22 115.45
CA SER Q 216 28.63 -66.57 115.53
C SER Q 216 27.60 -67.65 115.19
N ASN Q 217 26.34 -67.26 115.03
CA ASN Q 217 25.29 -68.22 114.72
C ASN Q 217 25.30 -69.30 115.81
N THR Q 218 25.50 -68.87 117.04
CA THR Q 218 25.55 -69.78 118.18
C THR Q 218 24.36 -69.61 119.11
N LYS Q 219 23.43 -70.56 119.05
CA LYS Q 219 22.25 -70.53 119.90
C LYS Q 219 22.47 -71.48 121.07
N VAL Q 220 22.73 -70.91 122.25
CA VAL Q 220 22.97 -71.71 123.44
C VAL Q 220 21.98 -71.39 124.54
N ASP Q 221 21.18 -72.39 124.91
CA ASP Q 221 20.20 -72.24 125.97
C ASP Q 221 20.74 -72.94 127.22
N LYS Q 222 20.64 -72.27 128.36
CA LYS Q 222 21.15 -72.82 129.61
C LYS Q 222 20.08 -72.84 130.69
N LYS Q 223 20.24 -73.76 131.64
CA LYS Q 223 19.30 -73.90 132.75
C LYS Q 223 19.90 -73.26 134.00
N VAL Q 224 19.08 -72.54 134.76
CA VAL Q 224 19.55 -71.88 135.97
C VAL Q 224 18.78 -72.38 137.20
N GLU Q 225 19.48 -73.10 138.07
CA GLU Q 225 18.86 -73.64 139.28
C GLU Q 225 19.89 -73.71 140.41
N PRO Q 226 19.45 -73.50 141.66
CA PRO Q 226 20.35 -73.54 142.81
C PRO Q 226 20.89 -74.95 143.07
N GLN R 1 20.58 -52.96 42.65
CA GLN R 1 19.71 -52.94 41.43
C GLN R 1 19.55 -51.52 40.91
N VAL R 2 20.61 -50.99 40.31
CA VAL R 2 20.60 -49.65 39.75
C VAL R 2 20.79 -49.72 38.24
N GLN R 3 19.76 -49.32 37.50
CA GLN R 3 19.81 -49.35 36.04
C GLN R 3 20.23 -48.03 35.45
N LEU R 4 20.64 -48.06 34.19
CA LEU R 4 21.08 -46.88 33.47
C LEU R 4 20.53 -46.90 32.05
N VAL R 5 19.63 -45.96 31.75
CA VAL R 5 19.04 -45.87 30.43
C VAL R 5 19.83 -44.86 29.61
N GLN R 6 20.31 -45.28 28.44
CA GLN R 6 21.08 -44.39 27.59
C GLN R 6 20.35 -44.09 26.29
N SER R 7 20.37 -42.81 25.90
CA SER R 7 19.72 -42.35 24.69
C SER R 7 19.98 -43.26 23.49
N GLY R 8 18.95 -43.47 22.68
CA GLY R 8 19.08 -44.33 21.52
C GLY R 8 20.25 -43.91 20.63
N ALA R 9 21.08 -44.87 20.27
CA ALA R 9 22.24 -44.62 19.42
C ALA R 9 21.90 -43.62 18.32
N GLU R 10 22.70 -42.56 18.21
CA GLU R 10 22.47 -41.55 17.18
C GLU R 10 23.63 -41.45 16.20
N VAL R 11 23.37 -40.76 15.09
CA VAL R 11 24.36 -40.58 14.04
C VAL R 11 24.18 -39.22 13.37
N LYS R 12 25.25 -38.46 13.26
CA LYS R 12 25.21 -37.14 12.63
C LYS R 12 26.52 -36.79 11.95
N LYS R 13 26.43 -36.03 10.87
CA LYS R 13 27.60 -35.62 10.09
C LYS R 13 28.55 -34.76 10.90
N PRO R 14 29.84 -34.76 10.51
CA PRO R 14 30.85 -33.96 11.21
C PRO R 14 30.50 -32.49 11.19
N GLY R 15 30.82 -31.78 12.27
CA GLY R 15 30.49 -30.37 12.34
C GLY R 15 29.15 -30.19 13.03
N ALA R 16 28.31 -31.21 12.95
CA ALA R 16 26.99 -31.19 13.58
C ALA R 16 27.21 -31.56 15.05
N SER R 17 26.14 -31.63 15.83
CA SER R 17 26.28 -31.96 17.24
C SER R 17 25.22 -32.94 17.78
N VAL R 18 25.62 -33.73 18.77
CA VAL R 18 24.74 -34.71 19.40
C VAL R 18 24.77 -34.56 20.92
N THR R 19 23.81 -35.18 21.59
CA THR R 19 23.73 -35.11 23.05
C THR R 19 23.26 -36.43 23.67
N VAL R 20 24.13 -37.07 24.44
CA VAL R 20 23.81 -38.34 25.08
C VAL R 20 23.09 -38.11 26.41
N SER R 21 22.06 -38.91 26.67
CA SER R 21 21.29 -38.79 27.91
C SER R 21 21.39 -40.09 28.72
N CYS R 22 21.52 -39.94 30.04
CA CYS R 22 21.66 -41.08 30.94
C CYS R 22 20.59 -41.03 32.05
N GLN R 23 19.93 -42.16 32.29
CA GLN R 23 18.91 -42.25 33.33
C GLN R 23 19.43 -43.13 34.45
N VAL R 24 18.86 -42.96 35.65
CA VAL R 24 19.29 -43.76 36.80
C VAL R 24 18.09 -44.33 37.55
N SER R 25 18.27 -45.51 38.11
CA SER R 25 17.22 -46.17 38.88
C SER R 25 17.77 -46.61 40.23
N GLY R 26 16.93 -46.49 41.25
CA GLY R 26 17.36 -46.86 42.59
C GLY R 26 17.99 -45.64 43.26
N TYR R 27 19.30 -45.70 43.47
CA TYR R 27 20.00 -44.59 44.12
C TYR R 27 19.91 -43.33 43.26
N THR R 28 19.37 -42.27 43.84
CA THR R 28 19.24 -41.00 43.13
C THR R 28 20.60 -40.52 42.66
N LEU R 29 20.68 -40.18 41.38
CA LEU R 29 21.91 -39.68 40.79
C LEU R 29 22.42 -38.52 41.64
N THR R 30 21.48 -37.81 42.26
CA THR R 30 21.81 -36.65 43.09
C THR R 30 22.84 -36.93 44.18
N SER R 31 22.77 -38.10 44.81
CA SER R 31 23.72 -38.46 45.85
C SER R 31 24.85 -39.31 45.29
N TYR R 32 25.09 -39.19 43.99
CA TYR R 32 26.13 -39.92 43.30
C TYR R 32 26.74 -39.07 42.20
N GLY R 33 28.03 -39.24 41.96
CA GLY R 33 28.68 -38.47 40.91
C GLY R 33 28.49 -39.12 39.56
N LEU R 34 29.20 -38.63 38.54
CA LEU R 34 29.08 -39.19 37.20
C LEU R 34 30.18 -38.71 36.27
N SER R 35 30.53 -39.57 35.31
CA SER R 35 31.55 -39.26 34.31
C SER R 35 31.24 -40.05 33.04
N TRP R 36 31.83 -39.64 31.92
CA TRP R 36 31.58 -40.33 30.66
C TRP R 36 32.88 -40.80 30.00
N VAL R 37 32.84 -41.99 29.43
CA VAL R 37 34.01 -42.57 28.76
C VAL R 37 33.68 -43.03 27.34
N ARG R 38 34.53 -42.65 26.39
CA ARG R 38 34.32 -43.05 25.01
C ARG R 38 35.00 -44.38 24.74
N GLN R 39 34.35 -45.21 23.93
CA GLN R 39 34.88 -46.51 23.59
C GLN R 39 35.00 -46.64 22.08
N ALA R 40 36.09 -46.12 21.53
CA ALA R 40 36.29 -46.21 20.09
C ALA R 40 36.31 -47.69 19.76
N PRO R 41 35.80 -48.08 18.58
CA PRO R 41 35.79 -49.50 18.21
C PRO R 41 37.14 -50.19 18.40
N GLY R 42 37.17 -51.18 19.28
CA GLY R 42 38.41 -51.91 19.55
C GLY R 42 39.59 -50.98 19.61
N GLN R 43 39.46 -49.92 20.42
CA GLN R 43 40.50 -48.91 20.56
C GLN R 43 40.82 -48.66 22.03
N GLY R 44 40.15 -49.38 22.91
CA GLY R 44 40.36 -49.20 24.34
C GLY R 44 39.33 -48.21 24.84
N LEU R 45 39.55 -47.67 26.04
CA LEU R 45 38.60 -46.71 26.61
C LEU R 45 39.30 -45.38 26.89
N GLU R 46 38.52 -44.31 26.96
CA GLU R 46 39.08 -42.98 27.21
C GLU R 46 38.11 -42.11 28.01
N TRP R 47 38.50 -41.74 29.22
CA TRP R 47 37.66 -40.89 30.07
C TRP R 47 37.53 -39.52 29.42
N VAL R 48 36.31 -38.98 29.44
CA VAL R 48 36.06 -37.68 28.82
C VAL R 48 35.73 -36.55 29.80
N GLY R 49 34.52 -36.58 30.35
CA GLY R 49 34.12 -35.53 31.29
C GLY R 49 33.64 -36.04 32.63
N TRP R 50 33.46 -35.12 33.59
CA TRP R 50 33.01 -35.48 34.92
C TRP R 50 32.15 -34.40 35.56
N ILE R 51 30.97 -34.78 36.04
CA ILE R 51 30.06 -33.84 36.68
C ILE R 51 29.65 -34.42 38.04
N ASN R 52 29.15 -33.56 38.91
CA ASN R 52 28.71 -33.99 40.24
C ASN R 52 27.35 -33.38 40.57
N THR R 53 26.32 -34.21 40.52
CA THR R 53 24.97 -33.77 40.84
C THR R 53 24.94 -33.19 42.25
N TYR R 54 24.08 -32.20 42.47
CA TYR R 54 23.97 -31.56 43.78
C TYR R 54 25.29 -30.89 44.17
N ASP R 55 26.20 -30.77 43.20
CA ASP R 55 27.50 -30.16 43.43
C ASP R 55 27.91 -29.24 42.28
N GLY R 56 27.16 -29.30 41.18
CA GLY R 56 27.45 -28.47 40.03
C GLY R 56 28.91 -28.23 39.71
N GLN R 57 29.73 -29.28 39.83
CA GLN R 57 31.15 -29.17 39.53
C GLN R 57 31.41 -29.89 38.21
N THR R 58 32.36 -29.40 37.42
CA THR R 58 32.65 -30.00 36.13
C THR R 58 34.12 -29.94 35.74
N LYS R 59 34.63 -31.07 35.26
CA LYS R 59 36.03 -31.17 34.83
C LYS R 59 36.07 -31.93 33.52
N TYR R 60 36.79 -31.38 32.54
CA TYR R 60 36.88 -32.01 31.23
C TYR R 60 38.30 -32.33 30.78
N VAL R 61 38.41 -33.11 29.72
CA VAL R 61 39.70 -33.48 29.15
C VAL R 61 40.30 -32.26 28.48
N LYS R 62 41.58 -32.03 28.69
CA LYS R 62 42.26 -30.89 28.06
C LYS R 62 42.03 -30.92 26.56
N LYS R 63 41.87 -32.13 26.03
CA LYS R 63 41.67 -32.34 24.60
C LYS R 63 40.38 -31.77 24.02
N PHE R 64 39.24 -32.12 24.61
CA PHE R 64 37.95 -31.65 24.09
C PHE R 64 37.25 -30.57 24.91
N GLN R 65 38.01 -29.78 25.66
CA GLN R 65 37.39 -28.72 26.47
C GLN R 65 36.61 -27.76 25.58
N GLY R 66 35.41 -27.41 26.02
CA GLY R 66 34.56 -26.51 25.25
C GLY R 66 33.63 -27.29 24.35
N ARG R 67 34.23 -28.14 23.51
CA ARG R 67 33.47 -28.97 22.58
C ARG R 67 32.40 -29.76 23.34
N VAL R 68 32.83 -30.41 24.42
CA VAL R 68 31.92 -31.19 25.25
C VAL R 68 31.49 -30.39 26.47
N THR R 69 30.36 -30.77 27.07
CA THR R 69 29.84 -30.09 28.24
C THR R 69 28.81 -30.97 28.96
N MET R 70 28.86 -30.94 30.29
CA MET R 70 27.95 -31.74 31.11
C MET R 70 26.66 -31.01 31.43
N THR R 71 25.65 -31.77 31.87
CA THR R 71 24.36 -31.22 32.24
C THR R 71 23.66 -32.24 33.13
N THR R 72 22.75 -31.76 33.98
CA THR R 72 22.03 -32.66 34.89
C THR R 72 20.63 -32.17 35.22
N HIS R 73 19.64 -33.02 35.00
CA HIS R 73 18.26 -32.70 35.31
C HIS R 73 17.95 -33.31 36.67
N THR R 74 18.36 -32.62 37.73
CA THR R 74 18.12 -33.10 39.09
C THR R 74 16.65 -33.45 39.28
N GLY R 75 15.80 -32.83 38.47
CA GLY R 75 14.37 -33.08 38.57
C GLY R 75 13.88 -34.38 37.94
N THR R 76 14.53 -34.82 36.87
CA THR R 76 14.11 -36.05 36.19
C THR R 76 15.03 -37.24 36.47
N ASN R 77 16.06 -37.02 37.28
CA ASN R 77 17.00 -38.09 37.60
C ASN R 77 17.75 -38.58 36.37
N THR R 78 18.17 -37.64 35.52
CA THR R 78 18.89 -37.99 34.30
C THR R 78 20.00 -36.97 34.03
N ALA R 79 21.14 -37.47 33.56
CA ALA R 79 22.27 -36.59 33.25
C ALA R 79 22.38 -36.42 31.75
N TYR R 80 23.03 -35.33 31.32
CA TYR R 80 23.21 -35.07 29.90
C TYR R 80 24.66 -34.85 29.52
N MET R 81 24.99 -35.20 28.28
CA MET R 81 26.33 -35.04 27.75
C MET R 81 26.19 -34.35 26.41
N GLU R 82 26.70 -33.13 26.30
CA GLU R 82 26.61 -32.37 25.06
C GLU R 82 27.92 -32.32 24.29
N MET R 83 27.84 -32.55 22.98
CA MET R 83 29.00 -32.52 22.10
C MET R 83 28.68 -31.72 20.85
N LYS R 84 29.28 -30.54 20.74
CA LYS R 84 29.05 -29.66 19.60
C LYS R 84 30.22 -29.74 18.62
N SER R 85 30.01 -29.28 17.40
CA SER R 85 31.04 -29.29 16.35
C SER R 85 31.80 -30.61 16.37
N LEU R 86 31.06 -31.73 16.30
CA LEU R 86 31.65 -33.05 16.32
C LEU R 86 32.74 -33.25 15.27
N ARG R 87 33.55 -34.28 15.46
CA ARG R 87 34.63 -34.61 14.54
C ARG R 87 34.49 -36.04 14.05
N SER R 88 34.76 -36.24 12.75
CA SER R 88 34.67 -37.56 12.14
C SER R 88 35.23 -38.69 13.00
N ASP R 89 36.42 -38.48 13.53
CA ASP R 89 37.10 -39.47 14.36
C ASP R 89 36.42 -39.75 15.70
N ASP R 90 35.98 -38.68 16.38
CA ASP R 90 35.36 -38.80 17.69
C ASP R 90 34.27 -39.84 17.90
N THR R 91 33.61 -40.26 16.83
CA THR R 91 32.54 -41.27 16.96
C THR R 91 32.99 -42.55 17.65
N ALA R 92 32.15 -43.03 18.56
CA ALA R 92 32.42 -44.25 19.32
C ALA R 92 31.28 -44.50 20.30
N VAL R 93 31.46 -45.49 21.17
CA VAL R 93 30.43 -45.80 22.16
C VAL R 93 30.68 -44.96 23.40
N TYR R 94 29.60 -44.50 24.04
CA TYR R 94 29.73 -43.68 25.24
C TYR R 94 28.98 -44.28 26.42
N TYR R 95 29.56 -44.11 27.61
CA TYR R 95 28.96 -44.65 28.83
C TYR R 95 28.89 -43.63 29.97
N CYS R 96 28.18 -43.99 31.04
CA CYS R 96 28.00 -43.17 32.22
C CYS R 96 27.89 -44.04 33.46
N ALA R 97 28.87 -43.94 34.35
CA ALA R 97 28.87 -44.76 35.57
C ALA R 97 28.93 -43.91 36.84
N ARG R 98 28.51 -44.50 37.96
CA ARG R 98 28.50 -43.80 39.24
C ARG R 98 29.90 -43.45 39.74
N VAL R 99 29.97 -42.42 40.58
CA VAL R 99 31.23 -42.00 41.16
C VAL R 99 30.97 -41.62 42.61
N GLU R 100 31.93 -41.92 43.48
CA GLU R 100 31.79 -41.62 44.89
C GLU R 100 32.19 -40.17 45.18
N GLY R 101 33.15 -39.67 44.41
CA GLY R 101 33.60 -38.31 44.59
C GLY R 101 32.46 -37.32 44.57
N VAL R 102 31.84 -37.12 45.73
CA VAL R 102 30.72 -36.20 45.85
C VAL R 102 30.90 -35.40 47.14
N ARG R 103 30.10 -34.35 47.30
CA ARG R 103 30.17 -33.51 48.49
C ARG R 103 31.60 -33.06 48.77
N GLY R 104 32.00 -33.13 50.03
CA GLY R 104 33.32 -32.73 50.45
C GLY R 104 34.50 -33.13 49.58
N VAL R 105 34.44 -34.32 48.99
CA VAL R 105 35.53 -34.79 48.13
C VAL R 105 35.76 -33.93 46.90
N MET R 106 34.73 -33.75 46.09
CA MET R 106 34.84 -32.95 44.88
C MET R 106 35.68 -33.70 43.85
N GLY R 107 36.85 -34.15 44.28
CA GLY R 107 37.75 -34.88 43.40
C GLY R 107 37.23 -36.26 43.08
N PHE R 108 37.39 -36.65 41.82
CA PHE R 108 36.95 -37.96 41.34
C PHE R 108 37.85 -39.11 41.80
N HIS R 109 39.14 -38.95 41.60
CA HIS R 109 40.17 -39.94 41.96
C HIS R 109 39.76 -41.09 42.90
N TYR R 110 39.57 -40.78 44.18
CA TYR R 110 39.19 -41.79 45.17
C TYR R 110 38.13 -42.78 44.69
N TYR R 111 37.04 -42.23 44.14
CA TYR R 111 35.93 -43.04 43.67
C TYR R 111 36.26 -44.05 42.59
N PRO R 112 35.67 -45.25 42.69
CA PRO R 112 35.85 -46.34 41.73
C PRO R 112 34.58 -46.39 40.89
N MET R 113 34.70 -46.16 39.58
CA MET R 113 33.54 -46.16 38.69
C MET R 113 32.68 -47.42 38.84
N ASP R 114 31.43 -47.22 39.28
CA ASP R 114 30.51 -48.32 39.49
C ASP R 114 29.25 -48.19 38.63
N VAL R 115 28.83 -49.31 38.05
CA VAL R 115 27.64 -49.38 37.20
C VAL R 115 27.78 -48.56 35.93
N TRP R 116 28.02 -49.24 34.80
CA TRP R 116 28.16 -48.56 33.52
C TRP R 116 26.89 -48.73 32.69
N GLY R 117 26.67 -47.80 31.76
CA GLY R 117 25.49 -47.85 30.92
C GLY R 117 25.60 -48.78 29.73
N GLN R 118 24.46 -49.27 29.26
CA GLN R 118 24.44 -50.16 28.11
C GLN R 118 25.22 -49.55 26.95
N GLY R 119 25.26 -48.22 26.92
CA GLY R 119 26.01 -47.53 25.89
C GLY R 119 25.23 -47.00 24.70
N THR R 120 25.66 -45.83 24.21
CA THR R 120 25.02 -45.20 23.06
C THR R 120 25.99 -45.24 21.88
N MET R 121 25.68 -46.06 20.88
CA MET R 121 26.56 -46.16 19.73
C MET R 121 26.32 -45.01 18.75
N VAL R 122 27.00 -43.90 19.01
CA VAL R 122 26.88 -42.73 18.14
C VAL R 122 27.79 -42.99 16.95
N THR R 123 27.72 -42.13 15.94
CA THR R 123 28.56 -42.30 14.76
C THR R 123 28.72 -40.98 14.03
N VAL R 124 29.93 -40.74 13.52
CA VAL R 124 30.21 -39.50 12.80
C VAL R 124 30.89 -39.83 11.47
N SER R 125 30.16 -39.61 10.39
CA SER R 125 30.68 -39.85 9.04
C SER R 125 29.96 -38.93 8.09
N SER R 126 30.73 -38.29 7.20
CA SER R 126 30.17 -37.37 6.23
C SER R 126 29.16 -38.05 5.29
N ALA R 127 29.32 -39.35 5.07
CA ALA R 127 28.45 -40.11 4.19
C ALA R 127 27.01 -40.18 4.69
N SER R 128 26.09 -39.76 3.82
CA SER R 128 24.67 -39.74 4.13
C SER R 128 24.04 -41.13 4.01
N THR R 129 22.81 -41.27 4.49
CA THR R 129 22.10 -42.54 4.44
C THR R 129 21.94 -43.04 3.00
N LYS R 130 22.08 -44.35 2.82
CA LYS R 130 21.98 -44.96 1.50
C LYS R 130 21.13 -46.24 1.51
N GLY R 131 20.58 -46.59 0.36
CA GLY R 131 19.77 -47.79 0.25
C GLY R 131 20.64 -48.97 -0.15
N PRO R 132 20.54 -50.10 0.57
CA PRO R 132 21.32 -51.30 0.27
C PRO R 132 20.92 -52.01 -1.01
N SER R 133 21.92 -52.40 -1.80
CA SER R 133 21.69 -53.10 -3.06
C SER R 133 21.79 -54.60 -2.81
N VAL R 134 20.71 -55.32 -3.06
CA VAL R 134 20.68 -56.77 -2.85
C VAL R 134 20.93 -57.55 -4.14
N PHE R 135 22.02 -58.31 -4.15
CA PHE R 135 22.36 -59.12 -5.32
C PHE R 135 22.57 -60.58 -4.88
N PRO R 136 21.95 -61.52 -5.60
CA PRO R 136 22.02 -62.96 -5.31
C PRO R 136 23.36 -63.62 -5.64
N LEU R 137 23.77 -64.55 -4.78
CA LEU R 137 25.03 -65.27 -4.97
C LEU R 137 24.79 -66.78 -4.86
N ALA R 138 24.93 -67.47 -5.99
CA ALA R 138 24.73 -68.91 -6.04
C ALA R 138 26.02 -69.58 -6.51
N PRO R 139 26.12 -70.91 -6.37
CA PRO R 139 27.33 -71.61 -6.80
C PRO R 139 27.62 -71.43 -8.28
N SER R 140 28.87 -71.14 -8.61
CA SER R 140 29.28 -70.95 -9.99
C SER R 140 29.09 -72.29 -10.70
N SER R 141 29.04 -73.33 -9.88
CA SER R 141 28.85 -74.69 -10.31
C SER R 141 28.50 -75.43 -9.04
N LYS R 142 27.72 -76.49 -9.13
CA LYS R 142 27.35 -77.24 -7.94
C LYS R 142 28.63 -77.46 -7.14
N SER R 143 28.69 -76.86 -5.95
CA SER R 143 29.88 -76.95 -5.09
C SER R 143 30.36 -78.39 -4.89
N THR R 144 29.46 -79.26 -4.43
CA THR R 144 29.78 -80.65 -4.18
C THR R 144 31.05 -80.82 -3.34
N SER R 145 31.39 -79.79 -2.57
CA SER R 145 32.58 -79.84 -1.73
C SER R 145 32.25 -80.20 -0.29
N GLY R 146 32.62 -81.41 0.11
CA GLY R 146 32.35 -81.86 1.47
C GLY R 146 30.89 -82.20 1.62
N GLY R 147 30.02 -81.25 1.28
CA GLY R 147 28.60 -81.49 1.39
C GLY R 147 27.74 -80.29 1.04
N THR R 148 26.55 -80.56 0.52
CA THR R 148 25.59 -79.53 0.15
C THR R 148 26.10 -78.47 -0.82
N ALA R 149 25.60 -77.24 -0.65
CA ALA R 149 25.97 -76.11 -1.49
C ALA R 149 25.88 -74.83 -0.66
N ALA R 150 26.56 -73.78 -1.12
CA ALA R 150 26.54 -72.50 -0.41
C ALA R 150 25.98 -71.39 -1.27
N LEU R 151 24.79 -70.91 -0.91
CA LEU R 151 24.14 -69.83 -1.65
C LEU R 151 23.78 -68.71 -0.69
N GLY R 152 23.93 -67.46 -1.14
CA GLY R 152 23.61 -66.33 -0.28
C GLY R 152 23.28 -65.05 -1.04
N CYS R 153 23.40 -63.93 -0.34
CA CYS R 153 23.12 -62.62 -0.92
C CYS R 153 24.25 -61.65 -0.63
N LEU R 154 24.20 -60.49 -1.29
CA LEU R 154 25.22 -59.46 -1.11
C LEU R 154 24.63 -58.07 -1.13
N VAL R 155 24.64 -57.40 0.02
CA VAL R 155 24.16 -56.04 0.13
C VAL R 155 25.39 -55.16 0.07
N LYS R 156 25.47 -54.31 -0.95
CA LYS R 156 26.62 -53.44 -1.13
C LYS R 156 26.29 -51.96 -1.21
N ASP R 157 27.21 -51.14 -0.71
CA ASP R 157 27.06 -49.68 -0.71
C ASP R 157 25.82 -49.20 0.05
N TYR R 158 25.82 -49.37 1.36
CA TYR R 158 24.69 -48.95 2.18
C TYR R 158 25.15 -48.29 3.48
N PHE R 159 24.38 -47.29 3.93
CA PHE R 159 24.67 -46.59 5.15
C PHE R 159 23.34 -46.14 5.76
N PRO R 160 23.23 -46.20 7.11
CA PRO R 160 24.25 -46.65 8.05
C PRO R 160 23.95 -48.03 8.66
N GLU R 161 24.98 -48.84 8.84
CA GLU R 161 24.82 -50.18 9.39
C GLU R 161 24.07 -50.21 10.72
N PRO R 162 23.35 -51.30 10.99
CA PRO R 162 23.25 -52.44 10.07
C PRO R 162 21.82 -52.83 9.72
N VAL R 163 21.67 -53.58 8.64
CA VAL R 163 20.37 -54.06 8.18
C VAL R 163 20.25 -55.57 8.40
N THR R 164 19.12 -55.99 8.96
CA THR R 164 18.88 -57.39 9.25
C THR R 164 18.43 -58.22 8.04
N VAL R 165 19.19 -59.26 7.75
CA VAL R 165 18.87 -60.16 6.65
C VAL R 165 18.17 -61.39 7.20
N SER R 166 16.96 -61.66 6.71
CA SER R 166 16.19 -62.81 7.18
C SER R 166 15.80 -63.73 6.03
N TRP R 167 16.42 -64.91 5.99
CA TRP R 167 16.13 -65.87 4.95
C TRP R 167 14.73 -66.45 5.08
N ASN R 168 13.88 -66.13 4.09
CA ASN R 168 12.50 -66.60 4.07
C ASN R 168 11.77 -66.28 5.37
N SER R 169 11.85 -65.01 5.78
CA SER R 169 11.21 -64.55 7.00
C SER R 169 11.66 -65.30 8.24
N GLY R 170 12.67 -66.15 8.08
CA GLY R 170 13.18 -66.92 9.20
C GLY R 170 12.96 -68.40 9.01
N ALA R 171 12.49 -68.79 7.84
CA ALA R 171 12.24 -70.20 7.54
C ALA R 171 13.59 -70.90 7.40
N LEU R 172 14.62 -70.13 7.09
CA LEU R 172 15.97 -70.66 6.95
C LEU R 172 16.88 -70.09 8.02
N THR R 173 16.92 -70.75 9.17
CA THR R 173 17.75 -70.33 10.28
C THR R 173 18.91 -71.30 10.45
N SER R 174 18.91 -72.34 9.63
CA SER R 174 19.96 -73.37 9.69
C SER R 174 21.09 -73.11 8.69
N GLY R 175 22.30 -72.95 9.21
CA GLY R 175 23.46 -72.74 8.36
C GLY R 175 23.78 -71.27 8.08
N VAL R 176 22.79 -70.40 8.21
CA VAL R 176 22.98 -68.98 7.95
C VAL R 176 24.10 -68.39 8.78
N HIS R 177 25.00 -67.66 8.12
CA HIS R 177 26.10 -67.01 8.79
C HIS R 177 26.41 -65.68 8.10
N THR R 178 25.97 -64.59 8.72
CA THR R 178 26.19 -63.26 8.16
C THR R 178 27.55 -62.74 8.62
N PHE R 179 28.44 -62.52 7.67
CA PHE R 179 29.77 -62.03 7.98
C PHE R 179 29.77 -60.52 8.20
N PRO R 180 30.54 -60.05 9.20
CA PRO R 180 30.66 -58.63 9.54
C PRO R 180 30.92 -57.73 8.34
N ALA R 181 30.10 -56.69 8.21
CA ALA R 181 30.22 -55.74 7.10
C ALA R 181 31.60 -55.07 7.11
N VAL R 182 31.94 -54.42 6.00
CA VAL R 182 33.23 -53.74 5.88
C VAL R 182 33.08 -52.32 5.34
N LEU R 183 33.90 -51.41 5.86
CA LEU R 183 33.89 -50.02 5.45
C LEU R 183 34.67 -49.83 4.15
N GLN R 184 33.96 -49.46 3.09
CA GLN R 184 34.61 -49.24 1.80
C GLN R 184 35.37 -47.92 1.81
N SER R 185 36.40 -47.82 0.97
CA SER R 185 37.19 -46.60 0.89
C SER R 185 36.25 -45.45 0.54
N SER R 186 35.08 -45.80 0.01
CA SER R 186 34.07 -44.82 -0.37
C SER R 186 33.42 -44.28 0.90
N GLY R 187 33.14 -45.17 1.84
CA GLY R 187 32.53 -44.76 3.09
C GLY R 187 31.21 -45.47 3.38
N LEU R 188 30.86 -46.45 2.55
CA LEU R 188 29.62 -47.19 2.74
C LEU R 188 29.91 -48.67 2.98
N TYR R 189 29.33 -49.21 4.05
CA TYR R 189 29.53 -50.60 4.44
C TYR R 189 28.98 -51.63 3.46
N SER R 190 29.25 -52.90 3.73
CA SER R 190 28.78 -54.01 2.90
C SER R 190 28.95 -55.32 3.67
N LEU R 191 27.86 -56.08 3.78
CA LEU R 191 27.87 -57.35 4.49
C LEU R 191 27.34 -58.48 3.61
N SER R 192 27.51 -59.72 4.07
CA SER R 192 27.05 -60.88 3.32
C SER R 192 26.52 -61.96 4.26
N SER R 193 25.46 -62.63 3.82
CA SER R 193 24.85 -63.70 4.61
C SER R 193 24.72 -64.94 3.73
N VAL R 194 25.48 -65.98 4.07
CA VAL R 194 25.45 -67.22 3.31
C VAL R 194 24.83 -68.34 4.12
N VAL R 195 24.25 -69.32 3.42
CA VAL R 195 23.60 -70.46 4.08
C VAL R 195 24.17 -71.77 3.57
N THR R 196 24.03 -72.82 4.39
CA THR R 196 24.51 -74.14 4.03
C THR R 196 23.34 -75.11 3.90
N VAL R 197 22.77 -75.17 2.70
CA VAL R 197 21.64 -76.04 2.43
C VAL R 197 22.04 -77.21 1.53
N PRO R 198 21.42 -78.38 1.72
CA PRO R 198 21.72 -79.58 0.92
C PRO R 198 21.78 -79.34 -0.58
N SER R 199 22.80 -79.89 -1.22
CA SER R 199 22.99 -79.74 -2.66
C SER R 199 21.99 -80.60 -3.43
N SER R 200 21.17 -81.35 -2.70
CA SER R 200 20.17 -82.21 -3.31
C SER R 200 18.83 -81.49 -3.40
N SER R 201 18.84 -80.20 -3.08
CA SER R 201 17.63 -79.39 -3.12
C SER R 201 17.89 -78.02 -3.75
N LEU R 202 18.90 -77.95 -4.61
CA LEU R 202 19.24 -76.70 -5.28
C LEU R 202 18.10 -76.22 -6.17
N GLY R 203 17.12 -77.09 -6.39
CA GLY R 203 15.98 -76.74 -7.21
C GLY R 203 14.66 -77.11 -6.57
N THR R 204 14.72 -77.68 -5.36
CA THR R 204 13.53 -78.09 -4.65
C THR R 204 12.98 -76.94 -3.79
N GLN R 205 13.89 -76.22 -3.14
CA GLN R 205 13.50 -75.09 -2.29
C GLN R 205 14.29 -73.84 -2.67
N THR R 206 13.58 -72.75 -2.88
CA THR R 206 14.22 -71.49 -3.23
C THR R 206 14.60 -70.73 -1.96
N TYR R 207 15.53 -69.79 -2.09
CA TYR R 207 15.98 -69.01 -0.95
C TYR R 207 15.90 -67.51 -1.21
N ILE R 208 15.40 -66.76 -0.24
CA ILE R 208 15.27 -65.32 -0.36
C ILE R 208 15.70 -64.60 0.92
N CYS R 209 16.62 -63.66 0.77
CA CYS R 209 17.12 -62.88 1.90
C CYS R 209 16.26 -61.63 2.04
N ASN R 210 15.59 -61.49 3.17
CA ASN R 210 14.73 -60.33 3.39
C ASN R 210 15.51 -59.16 3.97
N VAL R 211 16.34 -58.54 3.14
CA VAL R 211 17.15 -57.41 3.56
C VAL R 211 16.24 -56.20 3.83
N ASN R 212 16.01 -55.93 5.11
CA ASN R 212 15.17 -54.81 5.51
C ASN R 212 16.05 -53.74 6.17
N HIS R 213 16.12 -52.57 5.56
CA HIS R 213 16.94 -51.49 6.08
C HIS R 213 16.10 -50.40 6.71
N LYS R 214 16.31 -50.15 8.00
CA LYS R 214 15.56 -49.13 8.72
C LYS R 214 16.02 -47.72 8.34
N PRO R 215 17.33 -47.53 8.14
CA PRO R 215 17.86 -46.22 7.78
C PRO R 215 17.36 -45.72 6.42
N SER R 216 17.25 -46.64 5.45
CA SER R 216 16.80 -46.29 4.12
C SER R 216 15.36 -46.71 3.85
N ASN R 217 14.77 -47.46 4.77
CA ASN R 217 13.40 -47.94 4.59
C ASN R 217 13.32 -48.68 3.26
N THR R 218 14.37 -49.46 2.98
CA THR R 218 14.44 -50.22 1.74
C THR R 218 14.35 -51.72 1.98
N LYS R 219 13.19 -52.29 1.65
CA LYS R 219 12.98 -53.72 1.81
C LYS R 219 13.16 -54.39 0.46
N VAL R 220 14.28 -55.08 0.30
CA VAL R 220 14.59 -55.76 -0.95
C VAL R 220 14.78 -57.25 -0.77
N ASP R 221 13.90 -58.04 -1.38
CA ASP R 221 13.99 -59.49 -1.31
C ASP R 221 14.55 -60.00 -2.63
N LYS R 222 15.52 -60.91 -2.56
CA LYS R 222 16.14 -61.45 -3.75
C LYS R 222 16.09 -62.98 -3.78
N LYS R 223 16.10 -63.53 -4.99
CA LYS R 223 16.06 -64.97 -5.17
C LYS R 223 17.47 -65.49 -5.47
N VAL R 224 17.84 -66.61 -4.87
CA VAL R 224 19.16 -67.19 -5.09
C VAL R 224 19.06 -68.59 -5.69
N GLU R 225 19.50 -68.73 -6.94
CA GLU R 225 19.46 -70.00 -7.64
C GLU R 225 20.62 -70.11 -8.61
N PRO R 226 21.17 -71.33 -8.80
CA PRO R 226 22.28 -71.53 -9.72
C PRO R 226 21.88 -71.33 -11.17
N GLN S 1 -4.79 -6.20 -62.45
CA GLN S 1 -5.51 -5.78 -63.69
C GLN S 1 -4.83 -6.33 -64.94
N VAL S 2 -4.94 -7.63 -65.14
CA VAL S 2 -4.36 -8.29 -66.31
C VAL S 2 -5.46 -8.86 -67.19
N GLN S 3 -5.58 -8.31 -68.38
CA GLN S 3 -6.61 -8.75 -69.33
C GLN S 3 -6.09 -9.81 -70.29
N LEU S 4 -7.03 -10.50 -70.94
CA LEU S 4 -6.69 -11.54 -71.89
C LEU S 4 -7.63 -11.46 -73.09
N VAL S 5 -7.08 -11.10 -74.24
CA VAL S 5 -7.86 -10.99 -75.46
C VAL S 5 -7.77 -12.31 -76.22
N GLN S 6 -8.91 -12.90 -76.54
CA GLN S 6 -8.93 -14.15 -77.26
C GLN S 6 -9.53 -14.00 -78.65
N SER S 7 -8.87 -14.60 -79.64
CA SER S 7 -9.31 -14.54 -81.03
C SER S 7 -10.81 -14.77 -81.18
N GLY S 8 -11.43 -14.02 -82.08
CA GLY S 8 -12.86 -14.15 -82.31
C GLY S 8 -13.26 -15.58 -82.60
N ALA S 9 -14.26 -16.07 -81.88
CA ALA S 9 -14.76 -17.43 -82.05
C ALA S 9 -14.78 -17.82 -83.53
N GLU S 10 -14.16 -18.96 -83.85
CA GLU S 10 -14.12 -19.43 -85.23
C GLU S 10 -14.82 -20.76 -85.42
N VAL S 11 -15.07 -21.11 -86.67
CA VAL S 11 -15.74 -22.35 -87.03
C VAL S 11 -15.20 -22.89 -88.35
N LYS S 12 -14.82 -24.17 -88.35
CA LYS S 12 -14.30 -24.81 -89.55
C LYS S 12 -14.64 -26.29 -89.60
N LYS S 13 -14.79 -26.80 -90.82
CA LYS S 13 -15.14 -28.20 -91.03
C LYS S 13 -14.05 -29.16 -90.54
N PRO S 14 -14.44 -30.39 -90.19
CA PRO S 14 -13.47 -31.39 -89.71
C PRO S 14 -12.39 -31.64 -90.74
N GLY S 15 -11.17 -31.87 -90.28
CA GLY S 15 -10.07 -32.11 -91.19
C GLY S 15 -9.34 -30.80 -91.46
N ALA S 16 -10.07 -29.70 -91.32
CA ALA S 16 -9.49 -28.37 -91.52
C ALA S 16 -8.78 -28.00 -90.22
N SER S 17 -8.19 -26.81 -90.16
CA SER S 17 -7.48 -26.40 -88.95
C SER S 17 -7.72 -24.95 -88.52
N VAL S 18 -7.67 -24.71 -87.21
CA VAL S 18 -7.87 -23.39 -86.63
C VAL S 18 -6.72 -23.03 -85.69
N THR S 19 -6.61 -21.76 -85.32
CA THR S 19 -5.56 -21.30 -84.43
C THR S 19 -6.05 -20.22 -83.47
N VAL S 20 -6.06 -20.53 -82.18
CA VAL S 20 -6.51 -19.58 -81.16
C VAL S 20 -5.37 -18.67 -80.73
N SER S 21 -5.68 -17.38 -80.60
CA SER S 21 -4.68 -16.39 -80.18
C SER S 21 -5.05 -15.75 -78.84
N CYS S 22 -4.05 -15.57 -77.99
CA CYS S 22 -4.28 -15.00 -76.65
C CYS S 22 -3.39 -13.76 -76.44
N GLN S 23 -3.99 -12.68 -75.94
CA GLN S 23 -3.26 -11.45 -75.66
C GLN S 23 -3.17 -11.25 -74.16
N VAL S 24 -2.20 -10.46 -73.71
CA VAL S 24 -2.02 -10.20 -72.29
C VAL S 24 -1.80 -8.73 -72.02
N SER S 25 -2.28 -8.28 -70.85
CA SER S 25 -2.13 -6.88 -70.46
C SER S 25 -1.57 -6.81 -69.05
N GLY S 26 -0.70 -5.83 -68.81
CA GLY S 26 -0.10 -5.70 -67.50
C GLY S 26 1.18 -6.52 -67.46
N TYR S 27 1.17 -7.59 -66.68
CA TYR S 27 2.35 -8.44 -66.57
C TYR S 27 2.68 -9.09 -67.90
N THR S 28 3.89 -8.85 -68.38
CA THR S 28 4.33 -9.41 -69.65
C THR S 28 4.24 -10.93 -69.62
N LEU S 29 3.60 -11.49 -70.63
CA LEU S 29 3.45 -12.94 -70.73
C LEU S 29 4.83 -13.57 -70.59
N THR S 30 5.85 -12.85 -71.03
CA THR S 30 7.23 -13.33 -70.98
C THR S 30 7.68 -13.83 -69.60
N SER S 31 7.27 -13.14 -68.55
CA SER S 31 7.63 -13.54 -67.20
C SER S 31 6.54 -14.37 -66.56
N TYR S 32 5.72 -15.00 -67.39
CA TYR S 32 4.61 -15.84 -66.94
C TYR S 32 4.42 -17.01 -67.89
N GLY S 33 4.00 -18.15 -67.35
CA GLY S 33 3.79 -19.32 -68.19
C GLY S 33 2.41 -19.28 -68.82
N LEU S 34 2.01 -20.39 -69.46
CA LEU S 34 0.70 -20.45 -70.09
C LEU S 34 0.30 -21.87 -70.47
N SER S 35 -1.00 -22.13 -70.46
CA SER S 35 -1.57 -23.42 -70.82
C SER S 35 -2.98 -23.20 -71.36
N TRP S 36 -3.50 -24.19 -72.08
CA TRP S 36 -4.85 -24.07 -72.64
C TRP S 36 -5.74 -25.23 -72.21
N VAL S 37 -7.00 -24.90 -71.93
CA VAL S 37 -7.98 -25.90 -71.50
C VAL S 37 -9.25 -25.84 -72.33
N ARG S 38 -9.70 -26.99 -72.81
CA ARG S 38 -10.92 -27.06 -73.61
C ARG S 38 -12.12 -27.21 -72.70
N GLN S 39 -13.22 -26.57 -73.08
CA GLN S 39 -14.44 -26.64 -72.29
C GLN S 39 -15.58 -27.11 -73.18
N ALA S 40 -15.69 -28.42 -73.35
CA ALA S 40 -16.76 -28.98 -74.16
C ALA S 40 -18.06 -28.52 -73.51
N PRO S 41 -19.10 -28.26 -74.32
CA PRO S 41 -20.37 -27.81 -73.75
C PRO S 41 -20.87 -28.69 -72.60
N GLY S 42 -20.99 -28.09 -71.41
CA GLY S 42 -21.44 -28.82 -70.24
C GLY S 42 -20.83 -30.20 -70.19
N GLN S 43 -19.51 -30.26 -70.32
CA GLN S 43 -18.78 -31.52 -70.32
C GLN S 43 -17.63 -31.50 -69.33
N GLY S 44 -17.48 -30.37 -68.63
CA GLY S 44 -16.38 -30.25 -67.68
C GLY S 44 -15.23 -29.56 -68.38
N LEU S 45 -14.03 -29.63 -67.81
CA LEU S 45 -12.87 -28.99 -68.40
C LEU S 45 -11.77 -30.02 -68.66
N GLU S 46 -10.89 -29.73 -69.61
CA GLU S 46 -9.80 -30.64 -69.94
C GLU S 46 -8.54 -29.88 -70.36
N TRP S 47 -7.47 -30.04 -69.58
CA TRP S 47 -6.20 -29.39 -69.89
C TRP S 47 -5.64 -29.96 -71.18
N VAL S 48 -5.13 -29.09 -72.05
CA VAL S 48 -4.60 -29.52 -73.34
C VAL S 48 -3.08 -29.38 -73.48
N GLY S 49 -2.60 -28.16 -73.65
CA GLY S 49 -1.18 -27.94 -73.80
C GLY S 49 -0.58 -26.94 -72.83
N TRP S 50 0.76 -26.87 -72.80
CA TRP S 50 1.45 -25.96 -71.91
C TRP S 50 2.76 -25.44 -72.50
N ILE S 51 2.92 -24.12 -72.52
CA ILE S 51 4.13 -23.50 -73.05
C ILE S 51 4.67 -22.54 -72.00
N ASN S 52 5.94 -22.16 -72.14
CA ASN S 52 6.58 -21.24 -71.21
C ASN S 52 7.37 -20.18 -71.96
N THR S 53 6.82 -18.97 -72.01
CA THR S 53 7.48 -17.86 -72.69
C THR S 53 8.86 -17.65 -72.08
N TYR S 54 9.81 -17.20 -72.92
CA TYR S 54 11.17 -16.98 -72.46
C TYR S 54 11.81 -18.28 -71.99
N ASP S 55 11.14 -19.39 -72.26
CA ASP S 55 11.62 -20.71 -71.86
C ASP S 55 11.46 -21.75 -72.97
N GLY S 56 10.73 -21.38 -74.01
CA GLY S 56 10.51 -22.27 -75.13
C GLY S 56 10.33 -23.74 -74.80
N GLN S 57 9.59 -24.02 -73.73
CA GLN S 57 9.35 -25.40 -73.33
C GLN S 57 7.90 -25.74 -73.68
N THR S 58 7.64 -26.99 -74.05
CA THR S 58 6.28 -27.38 -74.42
C THR S 58 5.94 -28.81 -74.03
N LYS S 59 4.74 -28.98 -73.48
CA LYS S 59 4.26 -30.30 -73.06
C LYS S 59 2.79 -30.42 -73.48
N TYR S 60 2.45 -31.52 -74.14
CA TYR S 60 1.09 -31.73 -74.60
C TYR S 60 0.43 -32.99 -74.04
N VAL S 61 -0.88 -33.09 -74.27
CA VAL S 61 -1.65 -34.24 -73.82
C VAL S 61 -1.29 -35.43 -74.72
N LYS S 62 -1.10 -36.60 -74.11
CA LYS S 62 -0.75 -37.79 -74.86
C LYS S 62 -1.79 -38.00 -75.97
N LYS S 63 -3.02 -37.57 -75.69
CA LYS S 63 -4.13 -37.72 -76.62
C LYS S 63 -4.00 -36.96 -77.94
N PHE S 64 -3.73 -35.66 -77.87
CA PHE S 64 -3.63 -34.86 -79.09
C PHE S 64 -2.22 -34.43 -79.50
N GLN S 65 -1.21 -35.17 -79.09
CA GLN S 65 0.16 -34.80 -79.45
C GLN S 65 0.33 -34.73 -80.96
N GLY S 66 0.98 -33.67 -81.43
CA GLY S 66 1.18 -33.50 -82.85
C GLY S 66 0.08 -32.64 -83.44
N ARG S 67 -1.16 -33.06 -83.23
CA ARG S 67 -2.32 -32.33 -83.72
C ARG S 67 -2.27 -30.89 -83.26
N VAL S 68 -2.04 -30.70 -81.96
CA VAL S 68 -1.96 -29.38 -81.36
C VAL S 68 -0.50 -28.96 -81.21
N THR S 69 -0.27 -27.65 -81.15
CA THR S 69 1.07 -27.12 -80.99
C THR S 69 1.04 -25.67 -80.49
N MET S 70 1.93 -25.36 -79.58
CA MET S 70 2.00 -24.01 -79.00
C MET S 70 2.86 -23.06 -79.81
N THR S 71 2.73 -21.76 -79.52
CA THR S 71 3.49 -20.73 -80.20
C THR S 71 3.45 -19.48 -79.34
N THR S 72 4.44 -18.60 -79.48
CA THR S 72 4.48 -17.38 -78.70
C THR S 72 5.19 -16.25 -79.41
N HIS S 73 4.51 -15.10 -79.51
CA HIS S 73 5.09 -13.93 -80.14
C HIS S 73 5.60 -13.03 -79.03
N THR S 74 6.78 -13.34 -78.52
CA THR S 74 7.39 -12.56 -77.44
C THR S 74 7.41 -11.08 -77.80
N GLY S 75 7.37 -10.80 -79.09
CA GLY S 75 7.38 -9.43 -79.55
C GLY S 75 6.07 -8.68 -79.46
N THR S 76 4.94 -9.38 -79.61
CA THR S 76 3.64 -8.75 -79.54
C THR S 76 2.88 -9.02 -78.25
N ASN S 77 3.50 -9.78 -77.35
CA ASN S 77 2.86 -10.12 -76.07
C ASN S 77 1.59 -10.93 -76.28
N THR S 78 1.65 -11.91 -77.18
CA THR S 78 0.51 -12.76 -77.46
C THR S 78 0.95 -14.20 -77.72
N ALA S 79 0.17 -15.15 -77.22
CA ALA S 79 0.49 -16.56 -77.39
C ALA S 79 -0.43 -17.16 -78.45
N TYR S 80 0.00 -18.26 -79.06
CA TYR S 80 -0.80 -18.92 -80.09
C TYR S 80 -1.03 -20.40 -79.79
N MET S 81 -2.14 -20.91 -80.28
CA MET S 81 -2.51 -22.30 -80.09
C MET S 81 -2.93 -22.83 -81.46
N GLU S 82 -2.15 -23.76 -82.00
CA GLU S 82 -2.45 -24.31 -83.32
C GLU S 82 -3.07 -25.71 -83.25
N MET S 83 -4.12 -25.92 -84.04
CA MET S 83 -4.81 -27.19 -84.09
C MET S 83 -5.06 -27.58 -85.55
N LYS S 84 -4.33 -28.58 -86.03
CA LYS S 84 -4.46 -29.04 -87.41
C LYS S 84 -5.31 -30.31 -87.47
N SER S 85 -5.77 -30.66 -88.67
CA SER S 85 -6.60 -31.85 -88.87
C SER S 85 -7.61 -32.02 -87.75
N LEU S 86 -8.39 -30.96 -87.51
CA LEU S 86 -9.39 -30.97 -86.44
C LEU S 86 -10.35 -32.14 -86.53
N ARG S 87 -11.03 -32.42 -85.42
CA ARG S 87 -12.00 -33.50 -85.35
C ARG S 87 -13.36 -32.97 -84.92
N SER S 88 -14.41 -33.51 -85.53
CA SER S 88 -15.78 -33.10 -85.24
C SER S 88 -16.06 -32.93 -83.75
N ASP S 89 -15.67 -33.91 -82.96
CA ASP S 89 -15.89 -33.89 -81.51
C ASP S 89 -15.10 -32.81 -80.76
N ASP S 90 -13.84 -32.64 -81.14
CA ASP S 90 -12.96 -31.67 -80.48
C ASP S 90 -13.47 -30.25 -80.25
N THR S 91 -14.45 -29.80 -81.03
CA THR S 91 -14.98 -28.46 -80.87
C THR S 91 -15.48 -28.17 -79.45
N ALA S 92 -15.16 -26.97 -78.96
CA ALA S 92 -15.55 -26.53 -77.63
C ALA S 92 -14.96 -25.15 -77.36
N VAL S 93 -15.04 -24.71 -76.11
CA VAL S 93 -14.50 -23.41 -75.74
C VAL S 93 -13.06 -23.59 -75.28
N TYR S 94 -12.20 -22.62 -75.61
CA TYR S 94 -10.79 -22.71 -75.22
C TYR S 94 -10.34 -21.49 -74.41
N TYR S 95 -9.46 -21.73 -73.44
CA TYR S 95 -8.96 -20.65 -72.58
C TYR S 95 -7.44 -20.66 -72.44
N CYS S 96 -6.91 -19.58 -71.87
CA CYS S 96 -5.49 -19.41 -71.64
C CYS S 96 -5.25 -18.62 -70.35
N ALA S 97 -4.69 -19.28 -69.34
CA ALA S 97 -4.44 -18.64 -68.05
C ALA S 97 -2.96 -18.63 -67.67
N ARG S 98 -2.59 -17.72 -66.78
CA ARG S 98 -1.21 -17.61 -66.32
C ARG S 98 -0.73 -18.83 -65.54
N VAL S 99 0.58 -19.03 -65.54
CA VAL S 99 1.18 -20.14 -64.81
C VAL S 99 2.46 -19.62 -64.18
N GLU S 100 2.76 -20.13 -62.99
CA GLU S 100 3.96 -19.71 -62.28
C GLU S 100 5.16 -20.54 -62.71
N GLY S 101 4.91 -21.80 -63.07
CA GLY S 101 5.98 -22.66 -63.51
C GLY S 101 6.80 -22.05 -64.63
N VAL S 102 7.78 -21.23 -64.26
CA VAL S 102 8.64 -20.56 -65.23
C VAL S 102 10.08 -20.67 -64.75
N ARG S 103 11.01 -20.32 -65.62
CA ARG S 103 12.43 -20.35 -65.28
C ARG S 103 12.82 -21.71 -64.68
N GLY S 104 13.61 -21.67 -63.62
CA GLY S 104 14.07 -22.88 -62.96
C GLY S 104 13.08 -24.00 -62.75
N VAL S 105 11.81 -23.66 -62.49
CA VAL S 105 10.79 -24.68 -62.27
C VAL S 105 10.55 -25.57 -63.49
N MET S 106 10.22 -24.95 -64.61
CA MET S 106 9.94 -25.69 -65.83
C MET S 106 8.61 -26.43 -65.69
N GLY S 107 8.50 -27.19 -64.60
CA GLY S 107 7.28 -27.94 -64.34
C GLY S 107 6.10 -27.05 -64.00
N PHE S 108 4.95 -27.41 -64.55
CA PHE S 108 3.72 -26.66 -64.33
C PHE S 108 3.11 -26.88 -62.94
N HIS S 109 2.95 -28.14 -62.57
CA HIS S 109 2.39 -28.56 -61.28
C HIS S 109 2.24 -27.50 -60.18
N TYR S 110 3.35 -27.07 -59.60
CA TYR S 110 3.33 -26.08 -58.52
C TYR S 110 2.40 -24.89 -58.76
N TYR S 111 2.52 -24.24 -59.92
CA TYR S 111 1.70 -23.08 -60.22
C TYR S 111 0.19 -23.29 -60.23
N PRO S 112 -0.56 -22.30 -59.75
CA PRO S 112 -2.02 -22.33 -59.72
C PRO S 112 -2.54 -21.42 -60.84
N MET S 113 -3.00 -22.02 -61.92
CA MET S 113 -3.50 -21.29 -63.08
C MET S 113 -4.33 -20.08 -62.69
N ASP S 114 -3.86 -18.88 -63.06
CA ASP S 114 -4.56 -17.65 -62.73
C ASP S 114 -5.00 -16.88 -63.98
N VAL S 115 -5.94 -15.97 -63.80
CA VAL S 115 -6.48 -15.15 -64.89
C VAL S 115 -6.77 -15.96 -66.15
N TRP S 116 -8.02 -16.32 -66.35
CA TRP S 116 -8.41 -17.10 -67.53
C TRP S 116 -9.10 -16.19 -68.55
N GLY S 117 -8.76 -16.40 -69.82
CA GLY S 117 -9.33 -15.59 -70.88
C GLY S 117 -10.82 -15.80 -71.07
N GLN S 118 -11.54 -14.73 -71.42
CA GLN S 118 -12.97 -14.81 -71.65
C GLN S 118 -13.31 -16.09 -72.39
N GLY S 119 -12.43 -16.48 -73.31
CA GLY S 119 -12.65 -17.72 -74.05
C GLY S 119 -12.66 -17.62 -75.56
N THR S 120 -12.92 -18.78 -76.17
CA THR S 120 -12.99 -18.89 -77.62
C THR S 120 -13.92 -20.04 -78.00
N MET S 121 -14.93 -19.73 -78.81
CA MET S 121 -15.88 -20.75 -79.25
C MET S 121 -15.52 -21.32 -80.61
N VAL S 122 -15.10 -22.57 -80.63
CA VAL S 122 -14.76 -23.24 -81.88
C VAL S 122 -15.93 -24.16 -82.20
N THR S 123 -16.08 -24.53 -83.46
CA THR S 123 -17.17 -25.40 -83.86
C THR S 123 -16.77 -26.24 -85.06
N VAL S 124 -16.79 -27.56 -84.89
CA VAL S 124 -16.43 -28.46 -85.97
C VAL S 124 -17.65 -29.27 -86.40
N SER S 125 -17.94 -29.25 -87.69
CA SER S 125 -19.07 -29.98 -88.24
C SER S 125 -19.00 -29.95 -89.75
N SER S 126 -19.31 -31.08 -90.38
CA SER S 126 -19.30 -31.15 -91.83
C SER S 126 -20.25 -30.09 -92.37
N ALA S 127 -21.14 -29.62 -91.50
CA ALA S 127 -22.11 -28.60 -91.87
C ALA S 127 -21.44 -27.26 -92.18
N SER S 128 -22.08 -26.49 -93.05
CA SER S 128 -21.57 -25.22 -93.52
C SER S 128 -22.52 -24.07 -93.16
N THR S 129 -22.07 -22.84 -93.36
CA THR S 129 -22.90 -21.67 -93.05
C THR S 129 -24.19 -21.67 -93.85
N LYS S 130 -25.28 -21.24 -93.21
CA LYS S 130 -26.59 -21.21 -93.84
C LYS S 130 -27.35 -19.92 -93.55
N GLY S 131 -28.26 -19.55 -94.45
CA GLY S 131 -29.05 -18.35 -94.27
C GLY S 131 -30.32 -18.66 -93.50
N PRO S 132 -30.63 -17.89 -92.44
CA PRO S 132 -31.82 -18.12 -91.63
C PRO S 132 -33.13 -17.76 -92.33
N SER S 133 -34.12 -18.64 -92.20
CA SER S 133 -35.44 -18.45 -92.80
C SER S 133 -36.36 -17.80 -91.78
N VAL S 134 -36.86 -16.61 -92.10
CA VAL S 134 -37.75 -15.89 -91.19
C VAL S 134 -39.22 -16.06 -91.55
N PHE S 135 -39.97 -16.66 -90.64
CA PHE S 135 -41.40 -16.88 -90.85
C PHE S 135 -42.18 -16.29 -89.67
N PRO S 136 -43.23 -15.50 -89.96
CA PRO S 136 -44.08 -14.86 -88.95
C PRO S 136 -45.03 -15.79 -88.19
N LEU S 137 -45.18 -15.53 -86.90
CA LEU S 137 -46.05 -16.33 -86.04
C LEU S 137 -47.02 -15.43 -85.29
N ALA S 138 -48.30 -15.51 -85.64
CA ALA S 138 -49.33 -14.72 -85.00
C ALA S 138 -50.36 -15.63 -84.35
N PRO S 139 -51.24 -15.08 -83.49
CA PRO S 139 -52.25 -15.92 -82.83
C PRO S 139 -53.17 -16.62 -83.82
N SER S 140 -53.40 -17.91 -83.60
CA SER S 140 -54.28 -18.69 -84.47
C SER S 140 -55.68 -18.10 -84.34
N SER S 141 -55.85 -17.39 -83.24
CA SER S 141 -57.11 -16.72 -82.91
C SER S 141 -56.69 -15.77 -81.79
N LYS S 142 -57.38 -14.65 -81.67
CA LYS S 142 -57.05 -13.69 -80.61
C LYS S 142 -56.91 -14.51 -79.33
N SER S 143 -55.69 -14.53 -78.78
CA SER S 143 -55.39 -15.30 -77.57
C SER S 143 -56.37 -15.01 -76.44
N THR S 144 -56.51 -13.75 -76.08
CA THR S 144 -57.42 -13.33 -75.01
C THR S 144 -57.19 -14.14 -73.74
N SER S 145 -56.00 -14.70 -73.58
CA SER S 145 -55.69 -15.50 -72.39
C SER S 145 -54.91 -14.70 -71.36
N GLY S 146 -55.59 -14.38 -70.25
CA GLY S 146 -54.94 -13.61 -69.20
C GLY S 146 -54.82 -12.16 -69.60
N GLY S 147 -54.22 -11.93 -70.76
CA GLY S 147 -54.06 -10.56 -71.25
C GLY S 147 -53.26 -10.45 -72.54
N THR S 148 -53.61 -9.45 -73.33
CA THR S 148 -52.94 -9.17 -74.60
C THR S 148 -52.92 -10.33 -75.59
N ALA S 149 -51.83 -10.41 -76.36
CA ALA S 149 -51.65 -11.45 -77.37
C ALA S 149 -50.16 -11.73 -77.51
N ALA S 150 -49.83 -12.89 -78.08
CA ALA S 150 -48.44 -13.27 -78.27
C ALA S 150 -48.11 -13.52 -79.74
N LEU S 151 -47.33 -12.61 -80.32
CA LEU S 151 -46.93 -12.73 -81.72
C LEU S 151 -45.41 -12.68 -81.81
N GLY S 152 -44.85 -13.47 -82.73
CA GLY S 152 -43.41 -13.49 -82.89
C GLY S 152 -42.94 -13.96 -84.26
N CYS S 153 -41.68 -14.39 -84.32
CA CYS S 153 -41.08 -14.87 -85.56
C CYS S 153 -40.39 -16.21 -85.33
N LEU S 154 -40.02 -16.87 -86.43
CA LEU S 154 -39.33 -18.15 -86.36
C LEU S 154 -38.23 -18.28 -87.41
N VAL S 155 -36.99 -18.29 -86.95
CA VAL S 155 -35.85 -18.45 -87.84
C VAL S 155 -35.48 -19.93 -87.77
N LYS S 156 -35.57 -20.62 -88.89
CA LYS S 156 -35.28 -22.05 -88.92
C LYS S 156 -34.21 -22.45 -89.93
N ASP S 157 -33.44 -23.48 -89.58
CA ASP S 157 -32.38 -24.00 -90.43
C ASP S 157 -31.30 -22.97 -90.75
N TYR S 158 -30.53 -22.57 -89.74
CA TYR S 158 -29.48 -21.59 -89.94
C TYR S 158 -28.21 -21.95 -89.16
N PHE S 159 -27.06 -21.63 -89.75
CA PHE S 159 -25.77 -21.89 -89.13
C PHE S 159 -24.80 -20.80 -89.57
N PRO S 160 -23.92 -20.35 -88.67
CA PRO S 160 -23.79 -20.78 -87.28
C PRO S 160 -24.32 -19.76 -86.28
N GLU S 161 -24.96 -20.23 -85.22
CA GLU S 161 -25.53 -19.36 -84.19
C GLU S 161 -24.51 -18.37 -83.61
N PRO S 162 -24.99 -17.19 -83.19
CA PRO S 162 -26.40 -16.84 -83.27
C PRO S 162 -26.67 -15.51 -84.00
N VAL S 163 -27.91 -15.31 -84.42
CA VAL S 163 -28.32 -14.09 -85.10
C VAL S 163 -29.22 -13.26 -84.20
N THR S 164 -28.95 -11.97 -84.12
CA THR S 164 -29.72 -11.06 -83.28
C THR S 164 -31.04 -10.61 -83.89
N VAL S 165 -32.13 -10.85 -83.18
CA VAL S 165 -33.46 -10.45 -83.62
C VAL S 165 -33.84 -9.16 -82.92
N SER S 166 -34.14 -8.13 -83.69
CA SER S 166 -34.51 -6.84 -83.11
C SER S 166 -35.87 -6.38 -83.61
N TRP S 167 -36.86 -6.39 -82.72
CA TRP S 167 -38.20 -5.97 -83.07
C TRP S 167 -38.28 -4.47 -83.34
N ASN S 168 -38.57 -4.12 -84.59
CA ASN S 168 -38.67 -2.73 -85.01
C ASN S 168 -37.44 -1.93 -84.62
N SER S 169 -36.27 -2.46 -84.98
CA SER S 169 -34.99 -1.81 -84.70
C SER S 169 -34.78 -1.57 -83.20
N GLY S 170 -35.68 -2.10 -82.38
CA GLY S 170 -35.56 -1.92 -80.95
C GLY S 170 -36.71 -1.12 -80.38
N ALA S 171 -37.69 -0.80 -81.23
CA ALA S 171 -38.86 -0.05 -80.80
C ALA S 171 -39.69 -0.92 -79.87
N LEU S 172 -39.54 -2.23 -80.02
CA LEU S 172 -40.26 -3.18 -79.19
C LEU S 172 -39.29 -3.96 -78.31
N THR S 173 -39.01 -3.41 -77.14
CA THR S 173 -38.11 -4.03 -76.19
C THR S 173 -38.90 -4.56 -75.00
N SER S 174 -40.20 -4.30 -75.01
CA SER S 174 -41.09 -4.73 -73.93
C SER S 174 -41.78 -6.06 -74.21
N GLY S 175 -41.52 -7.04 -73.35
CA GLY S 175 -42.15 -8.35 -73.51
C GLY S 175 -41.35 -9.34 -74.34
N VAL S 176 -40.47 -8.85 -75.19
CA VAL S 176 -39.67 -9.72 -76.04
C VAL S 176 -38.88 -10.75 -75.24
N HIS S 177 -38.95 -12.00 -75.67
CA HIS S 177 -38.23 -13.09 -75.02
C HIS S 177 -37.81 -14.10 -76.06
N THR S 178 -36.54 -14.06 -76.43
CA THR S 178 -35.99 -14.99 -77.42
C THR S 178 -35.55 -16.26 -76.72
N PHE S 179 -36.19 -17.38 -77.07
CA PHE S 179 -35.86 -18.66 -76.49
C PHE S 179 -34.63 -19.28 -77.14
N PRO S 180 -33.76 -19.91 -76.33
CA PRO S 180 -32.53 -20.55 -76.79
C PRO S 180 -32.73 -21.48 -77.98
N ALA S 181 -31.96 -21.26 -79.04
CA ALA S 181 -32.05 -22.07 -80.25
C ALA S 181 -31.81 -23.55 -79.94
N VAL S 182 -32.12 -24.41 -80.90
CA VAL S 182 -31.95 -25.85 -80.72
C VAL S 182 -31.25 -26.50 -81.92
N LEU S 183 -30.42 -27.49 -81.65
CA LEU S 183 -29.69 -28.20 -82.68
C LEU S 183 -30.57 -29.28 -83.31
N GLN S 184 -30.89 -29.10 -84.59
CA GLN S 184 -31.71 -30.06 -85.31
C GLN S 184 -30.90 -31.31 -85.63
N SER S 185 -31.57 -32.44 -85.76
CA SER S 185 -30.90 -33.69 -86.09
C SER S 185 -30.15 -33.49 -87.41
N SER S 186 -30.55 -32.46 -88.15
CA SER S 186 -29.92 -32.13 -89.42
C SER S 186 -28.55 -31.50 -89.15
N GLY S 187 -28.51 -30.62 -88.15
CA GLY S 187 -27.26 -29.96 -87.80
C GLY S 187 -27.34 -28.45 -87.85
N LEU S 188 -28.53 -27.91 -88.07
CA LEU S 188 -28.72 -26.46 -88.14
C LEU S 188 -29.67 -25.99 -87.04
N TYR S 189 -29.23 -24.99 -86.28
CA TYR S 189 -30.00 -24.44 -85.17
C TYR S 189 -31.30 -23.74 -85.57
N SER S 190 -32.07 -23.34 -84.56
CA SER S 190 -33.34 -22.66 -84.77
C SER S 190 -33.79 -22.02 -83.46
N LEU S 191 -34.08 -20.72 -83.50
CA LEU S 191 -34.52 -20.00 -82.32
C LEU S 191 -35.82 -19.25 -82.58
N SER S 192 -36.43 -18.73 -81.52
CA SER S 192 -37.68 -17.98 -81.65
C SER S 192 -37.73 -16.81 -80.67
N SER S 193 -38.31 -15.70 -81.12
CA SER S 193 -38.45 -14.52 -80.29
C SER S 193 -39.89 -14.06 -80.30
N VAL S 194 -40.55 -14.18 -79.15
CA VAL S 194 -41.95 -13.78 -79.03
C VAL S 194 -42.10 -12.54 -78.17
N VAL S 195 -43.17 -11.78 -78.40
CA VAL S 195 -43.42 -10.56 -77.64
C VAL S 195 -44.81 -10.58 -77.02
N THR S 196 -44.99 -9.79 -75.96
CA THR S 196 -46.27 -9.70 -75.28
C THR S 196 -46.84 -8.28 -75.41
N VAL S 197 -47.58 -8.06 -76.49
CA VAL S 197 -48.19 -6.76 -76.75
C VAL S 197 -49.71 -6.81 -76.57
N PRO S 198 -50.31 -5.70 -76.11
CA PRO S 198 -51.75 -5.62 -75.88
C PRO S 198 -52.60 -6.15 -77.03
N SER S 199 -53.61 -6.95 -76.69
CA SER S 199 -54.50 -7.53 -77.68
C SER S 199 -55.46 -6.48 -78.24
N SER S 200 -55.36 -5.26 -77.72
CA SER S 200 -56.22 -4.16 -78.17
C SER S 200 -55.51 -3.36 -79.26
N SER S 201 -54.37 -3.87 -79.72
CA SER S 201 -53.60 -3.20 -80.76
C SER S 201 -53.10 -4.18 -81.80
N LEU S 202 -53.80 -5.30 -81.95
CA LEU S 202 -53.42 -6.32 -82.94
C LEU S 202 -53.47 -5.77 -84.35
N GLY S 203 -54.06 -4.59 -84.51
CA GLY S 203 -54.15 -3.98 -85.82
C GLY S 203 -53.75 -2.51 -85.80
N THR S 204 -53.36 -2.02 -84.62
CA THR S 204 -52.95 -0.63 -84.47
C THR S 204 -51.46 -0.47 -84.75
N GLN S 205 -50.66 -1.40 -84.24
CA GLN S 205 -49.21 -1.36 -84.43
C GLN S 205 -48.71 -2.68 -84.98
N THR S 206 -47.94 -2.62 -86.07
CA THR S 206 -47.39 -3.82 -86.68
C THR S 206 -46.07 -4.18 -86.02
N TYR S 207 -45.64 -5.43 -86.18
CA TYR S 207 -44.39 -5.88 -85.58
C TYR S 207 -43.48 -6.55 -86.61
N ILE S 208 -42.20 -6.22 -86.56
CA ILE S 208 -41.23 -6.79 -87.47
C ILE S 208 -39.93 -7.14 -86.76
N CYS S 209 -39.52 -8.41 -86.91
CA CYS S 209 -38.29 -8.90 -86.31
C CYS S 209 -37.15 -8.69 -87.30
N ASN S 210 -36.17 -7.90 -86.91
CA ASN S 210 -35.03 -7.63 -87.78
C ASN S 210 -33.94 -8.68 -87.63
N VAL S 211 -34.21 -9.88 -88.14
CA VAL S 211 -33.25 -10.97 -88.07
C VAL S 211 -32.05 -10.67 -88.95
N ASN S 212 -30.95 -10.27 -88.32
CA ASN S 212 -29.72 -9.96 -89.05
C ASN S 212 -28.67 -11.02 -88.73
N HIS S 213 -28.25 -11.77 -89.75
CA HIS S 213 -27.27 -12.82 -89.56
C HIS S 213 -25.91 -12.42 -90.12
N LYS S 214 -24.91 -12.39 -89.25
CA LYS S 214 -23.55 -12.03 -89.65
C LYS S 214 -22.88 -13.15 -90.44
N PRO S 215 -23.12 -14.42 -90.05
CA PRO S 215 -22.52 -15.55 -90.77
C PRO S 215 -22.99 -15.67 -92.22
N SER S 216 -24.27 -15.41 -92.45
CA SER S 216 -24.84 -15.52 -93.79
C SER S 216 -25.07 -14.15 -94.44
N ASN S 217 -24.88 -13.08 -93.68
CA ASN S 217 -25.10 -11.74 -94.20
C ASN S 217 -26.50 -11.67 -94.76
N THR S 218 -27.44 -12.29 -94.05
CA THR S 218 -28.83 -12.32 -94.47
C THR S 218 -29.73 -11.50 -93.55
N LYS S 219 -30.15 -10.34 -94.02
CA LYS S 219 -31.02 -9.47 -93.24
C LYS S 219 -32.45 -9.67 -93.75
N VAL S 220 -33.26 -10.36 -92.95
CA VAL S 220 -34.64 -10.61 -93.33
C VAL S 220 -35.62 -10.07 -92.30
N ASP S 221 -36.45 -9.12 -92.74
CA ASP S 221 -37.45 -8.52 -91.87
C ASP S 221 -38.81 -9.09 -92.25
N LYS S 222 -39.58 -9.50 -91.25
CA LYS S 222 -40.89 -10.09 -91.50
C LYS S 222 -41.99 -9.37 -90.74
N LYS S 223 -43.21 -9.45 -91.25
CA LYS S 223 -44.36 -8.81 -90.63
C LYS S 223 -45.19 -9.86 -89.90
N VAL S 224 -45.66 -9.53 -88.71
CA VAL S 224 -46.46 -10.46 -87.91
C VAL S 224 -47.84 -9.89 -87.63
N GLU S 225 -48.86 -10.51 -88.21
CA GLU S 225 -50.25 -10.07 -88.04
C GLU S 225 -51.19 -11.27 -88.11
N PRO S 226 -52.29 -11.23 -87.33
CA PRO S 226 -53.25 -12.33 -87.32
C PRO S 226 -54.01 -12.44 -88.64
N GLN T 1 47.58 2.41 -104.08
CA GLN T 1 48.59 3.50 -104.11
C GLN T 1 49.59 3.35 -102.96
N VAL T 2 50.46 2.37 -103.05
CA VAL T 2 51.47 2.13 -102.03
C VAL T 2 52.86 2.33 -102.62
N GLN T 3 53.56 3.32 -102.11
CA GLN T 3 54.90 3.64 -102.58
C GLN T 3 55.99 2.99 -101.74
N LEU T 4 57.19 2.91 -102.31
CA LEU T 4 58.33 2.32 -101.63
C LEU T 4 59.57 3.17 -101.88
N VAL T 5 60.06 3.81 -100.83
CA VAL T 5 61.26 4.64 -100.94
C VAL T 5 62.47 3.80 -100.59
N GLN T 6 63.44 3.76 -101.49
CA GLN T 6 64.65 2.99 -101.24
C GLN T 6 65.88 3.88 -101.10
N SER T 7 66.71 3.58 -100.11
CA SER T 7 67.91 4.34 -99.83
C SER T 7 68.72 4.64 -101.10
N GLY T 8 69.26 5.85 -101.18
CA GLY T 8 70.04 6.24 -102.33
C GLY T 8 71.14 5.24 -102.63
N ALA T 9 71.23 4.83 -103.90
CA ALA T 9 72.25 3.89 -104.34
C ALA T 9 73.59 4.17 -103.68
N GLU T 10 74.17 3.15 -103.04
CA GLU T 10 75.46 3.31 -102.38
C GLU T 10 76.55 2.46 -103.00
N VAL T 11 77.79 2.78 -102.66
CA VAL T 11 78.95 2.05 -103.16
C VAL T 11 80.04 1.98 -102.10
N LYS T 12 80.54 0.77 -101.85
CA LYS T 12 81.60 0.57 -100.86
C LYS T 12 82.51 -0.58 -101.24
N LYS T 13 83.77 -0.48 -100.84
CA LYS T 13 84.78 -1.49 -101.14
C LYS T 13 84.48 -2.83 -100.48
N PRO T 14 84.98 -3.92 -101.06
CA PRO T 14 84.75 -5.26 -100.51
C PRO T 14 85.28 -5.35 -99.08
N GLY T 15 84.58 -6.12 -98.26
CA GLY T 15 84.99 -6.25 -96.86
C GLY T 15 84.26 -5.24 -96.02
N ALA T 16 83.86 -4.13 -96.65
CA ALA T 16 83.13 -3.07 -95.96
C ALA T 16 81.67 -3.51 -95.93
N SER T 17 80.80 -2.68 -95.36
CA SER T 17 79.37 -3.04 -95.29
C SER T 17 78.41 -1.90 -95.60
N VAL T 18 77.24 -2.28 -96.13
CA VAL T 18 76.20 -1.31 -96.48
C VAL T 18 74.86 -1.74 -95.90
N THR T 19 73.89 -0.84 -95.89
CA THR T 19 72.56 -1.13 -95.36
C THR T 19 71.46 -0.45 -96.18
N VAL T 20 70.61 -1.27 -96.81
CA VAL T 20 69.51 -0.76 -97.63
C VAL T 20 68.28 -0.48 -96.77
N SER T 21 67.64 0.67 -97.01
CA SER T 21 66.44 1.05 -96.28
C SER T 21 65.23 1.15 -97.20
N CYS T 22 64.08 0.68 -96.71
CA CYS T 22 62.84 0.69 -97.49
C CYS T 22 61.72 1.40 -96.73
N GLN T 23 61.01 2.28 -97.42
CA GLN T 23 59.90 3.02 -96.82
C GLN T 23 58.60 2.53 -97.45
N VAL T 24 57.48 2.71 -96.74
CA VAL T 24 56.18 2.28 -97.24
C VAL T 24 55.14 3.38 -97.08
N SER T 25 54.20 3.42 -98.02
CA SER T 25 53.13 4.41 -97.98
C SER T 25 51.79 3.71 -98.14
N GLY T 26 50.78 4.22 -97.43
CA GLY T 26 49.47 3.61 -97.50
C GLY T 26 49.37 2.51 -96.47
N TYR T 27 49.31 1.26 -96.92
CA TYR T 27 49.21 0.14 -95.99
C TYR T 27 50.46 0.05 -95.12
N THR T 28 50.24 0.10 -93.81
CA THR T 28 51.34 0.01 -92.86
C THR T 28 52.12 -1.27 -93.07
N LEU T 29 53.44 -1.15 -93.18
CA LEU T 29 54.30 -2.31 -93.36
C LEU T 29 54.00 -3.32 -92.25
N THR T 30 53.60 -2.81 -91.10
CA THR T 30 53.28 -3.64 -89.95
C THR T 30 52.30 -4.78 -90.24
N SER T 31 51.29 -4.51 -91.05
CA SER T 31 50.30 -5.53 -91.40
C SER T 31 50.64 -6.19 -92.72
N TYR T 32 51.92 -6.14 -93.09
CA TYR T 32 52.40 -6.73 -94.33
C TYR T 32 53.81 -7.29 -94.13
N GLY T 33 54.12 -8.38 -94.83
CA GLY T 33 55.44 -8.96 -94.69
C GLY T 33 56.43 -8.27 -95.61
N LEU T 34 57.63 -8.82 -95.72
CA LEU T 34 58.65 -8.22 -96.58
C LEU T 34 59.82 -9.18 -96.85
N SER T 35 60.43 -9.03 -98.02
CA SER T 35 61.58 -9.83 -98.43
C SER T 35 62.42 -9.00 -99.40
N TRP T 36 63.68 -9.39 -99.58
CA TRP T 36 64.56 -8.66 -100.48
C TRP T 36 65.14 -9.57 -101.56
N VAL T 37 65.26 -9.04 -102.77
CA VAL T 37 65.80 -9.79 -103.90
C VAL T 37 66.90 -9.01 -104.62
N ARG T 38 68.02 -9.67 -104.88
CA ARG T 38 69.13 -9.03 -105.57
C ARG T 38 68.95 -9.20 -107.08
N GLN T 39 69.34 -8.18 -107.82
CA GLN T 39 69.22 -8.21 -109.28
C GLN T 39 70.59 -7.93 -109.89
N ALA T 40 71.42 -8.95 -109.99
CA ALA T 40 72.74 -8.78 -110.57
C ALA T 40 72.50 -8.27 -111.99
N PRO T 41 73.40 -7.41 -112.51
CA PRO T 41 73.21 -6.90 -113.87
C PRO T 41 72.95 -7.98 -114.90
N GLY T 42 71.78 -7.94 -115.53
CA GLY T 42 71.42 -8.93 -116.53
C GLY T 42 71.84 -10.32 -116.11
N GLN T 43 71.46 -10.69 -114.89
CA GLN T 43 71.82 -11.99 -114.34
C GLN T 43 70.60 -12.72 -113.78
N GLY T 44 69.43 -12.08 -113.90
CA GLY T 44 68.22 -12.68 -113.39
C GLY T 44 67.98 -12.13 -111.99
N LEU T 45 67.11 -12.79 -111.23
CA LEU T 45 66.80 -12.33 -109.88
C LEU T 45 67.10 -13.43 -108.86
N GLU T 46 67.37 -13.04 -107.62
CA GLU T 46 67.66 -14.00 -106.57
C GLU T 46 67.14 -13.55 -105.21
N TRP T 47 66.20 -14.31 -104.64
CA TRP T 47 65.64 -13.99 -103.35
C TRP T 47 66.72 -14.10 -102.28
N VAL T 48 66.76 -13.13 -101.36
CA VAL T 48 67.78 -13.11 -100.32
C VAL T 48 67.25 -13.37 -98.91
N GLY T 49 66.56 -12.38 -98.34
CA GLY T 49 66.04 -12.55 -96.99
C GLY T 49 64.55 -12.27 -96.85
N TRP T 50 63.99 -12.62 -95.70
CA TRP T 50 62.57 -12.41 -95.45
C TRP T 50 62.27 -12.10 -93.98
N ILE T 51 61.56 -11.01 -93.75
CA ILE T 51 61.21 -10.59 -92.39
C ILE T 51 59.69 -10.38 -92.34
N ASN T 52 59.14 -10.36 -91.13
CA ASN T 52 57.71 -10.16 -90.94
C ASN T 52 57.44 -9.17 -89.82
N THR T 53 57.11 -7.93 -90.19
CA THR T 53 56.82 -6.90 -89.20
C THR T 53 55.73 -7.38 -88.26
N TYR T 54 55.77 -6.91 -87.02
CA TYR T 54 54.78 -7.32 -86.02
C TYR T 54 54.82 -8.81 -85.79
N ASP T 55 55.85 -9.46 -86.31
CA ASP T 55 56.02 -10.91 -86.17
C ASP T 55 57.47 -11.28 -85.84
N GLY T 56 58.38 -10.32 -85.98
CA GLY T 56 59.77 -10.56 -85.69
C GLY T 56 60.33 -11.91 -86.10
N GLN T 57 59.94 -12.39 -87.28
CA GLN T 57 60.42 -13.67 -87.78
C GLN T 57 61.40 -13.38 -88.90
N THR T 58 62.43 -14.23 -89.05
CA THR T 58 63.43 -14.01 -90.07
C THR T 58 63.98 -15.30 -90.68
N LYS T 59 64.08 -15.33 -92.00
CA LYS T 59 64.60 -16.49 -92.71
C LYS T 59 65.54 -15.99 -93.81
N TYR T 60 66.74 -16.57 -93.87
CA TYR T 60 67.72 -16.16 -94.88
C TYR T 60 68.19 -17.28 -95.79
N VAL T 61 68.90 -16.90 -96.85
CA VAL T 61 69.42 -17.85 -97.81
C VAL T 61 70.58 -18.60 -97.15
N LYS T 62 70.64 -19.91 -97.35
CA LYS T 62 71.71 -20.71 -96.78
C LYS T 62 73.05 -20.13 -97.18
N LYS T 63 73.09 -19.51 -98.36
CA LYS T 63 74.30 -18.91 -98.90
C LYS T 63 74.89 -17.75 -98.11
N PHE T 64 74.07 -16.73 -97.82
CA PHE T 64 74.56 -15.56 -97.11
C PHE T 64 74.12 -15.43 -95.65
N GLN T 65 73.82 -16.54 -94.99
CA GLN T 65 73.39 -16.47 -93.60
C GLN T 65 74.46 -15.82 -92.74
N GLY T 66 74.04 -14.91 -91.86
CA GLY T 66 74.97 -14.23 -90.99
C GLY T 66 75.42 -12.92 -91.63
N ARG T 67 75.94 -13.01 -92.85
CA ARG T 67 76.40 -11.84 -93.59
C ARG T 67 75.29 -10.81 -93.67
N VAL T 68 74.10 -11.27 -94.07
CA VAL T 68 72.94 -10.39 -94.19
C VAL T 68 72.05 -10.52 -92.96
N THR T 69 71.24 -9.50 -92.70
CA THR T 69 70.34 -9.48 -91.56
C THR T 69 69.23 -8.45 -91.74
N MET T 70 68.02 -8.82 -91.35
CA MET T 70 66.88 -7.94 -91.48
C MET T 70 66.68 -7.03 -90.27
N THR T 71 65.88 -5.99 -90.45
CA THR T 71 65.60 -5.03 -89.39
C THR T 71 64.31 -4.30 -89.75
N THR T 72 63.58 -3.80 -88.76
CA THR T 72 62.34 -3.09 -89.01
C THR T 72 62.03 -2.02 -87.97
N HIS T 73 61.82 -0.79 -88.44
CA HIS T 73 61.49 0.31 -87.55
C HIS T 73 59.97 0.46 -87.57
N THR T 74 59.29 -0.37 -86.78
CA THR T 74 57.84 -0.34 -86.70
C THR T 74 57.35 1.09 -86.41
N GLY T 75 58.24 1.89 -85.84
CA GLY T 75 57.88 3.26 -85.51
C GLY T 75 57.92 4.25 -86.66
N THR T 76 58.82 4.03 -87.61
CA THR T 76 58.94 4.94 -88.75
C THR T 76 58.36 4.39 -90.04
N ASN T 77 57.82 3.17 -89.98
CA ASN T 77 57.24 2.54 -91.16
C ASN T 77 58.30 2.29 -92.24
N THR T 78 59.46 1.81 -91.82
CA THR T 78 60.55 1.53 -92.76
C THR T 78 61.31 0.27 -92.34
N ALA T 79 61.70 -0.54 -93.31
CA ALA T 79 62.44 -1.77 -93.04
C ALA T 79 63.91 -1.56 -93.38
N TYR T 80 64.77 -2.38 -92.80
CA TYR T 80 66.20 -2.28 -93.06
C TYR T 80 66.80 -3.61 -93.50
N MET T 81 67.86 -3.52 -94.32
CA MET T 81 68.55 -4.69 -94.82
C MET T 81 70.05 -4.44 -94.58
N GLU T 82 70.64 -5.25 -93.70
CA GLU T 82 72.06 -5.08 -93.37
C GLU T 82 72.94 -6.12 -94.04
N MET T 83 74.06 -5.66 -94.61
CA MET T 83 75.01 -6.54 -95.27
C MET T 83 76.43 -6.18 -94.82
N LYS T 84 77.03 -7.06 -94.04
CA LYS T 84 78.39 -6.84 -93.52
C LYS T 84 79.40 -7.66 -94.32
N SER T 85 80.68 -7.32 -94.19
CA SER T 85 81.76 -8.01 -94.89
C SER T 85 81.35 -8.33 -96.33
N LEU T 86 80.92 -7.31 -97.06
CA LEU T 86 80.47 -7.46 -98.44
C LEU T 86 81.50 -8.16 -99.32
N ARG T 87 81.04 -8.66 -100.46
CA ARG T 87 81.90 -9.34 -101.42
C ARG T 87 81.81 -8.67 -102.79
N SER T 88 82.95 -8.55 -103.46
CA SER T 88 83.04 -7.92 -104.77
C SER T 88 81.90 -8.32 -105.71
N ASP T 89 81.62 -9.63 -105.78
CA ASP T 89 80.58 -10.15 -106.65
C ASP T 89 79.16 -9.77 -106.25
N ASP T 90 78.87 -9.84 -104.95
CA ASP T 90 77.54 -9.54 -104.42
C ASP T 90 76.84 -8.27 -104.88
N THR T 91 77.59 -7.27 -105.33
CA THR T 91 76.98 -6.03 -105.78
C THR T 91 75.93 -6.21 -106.87
N ALA T 92 74.81 -5.50 -106.73
CA ALA T 92 73.71 -5.57 -107.68
C ALA T 92 72.57 -4.68 -107.19
N VAL T 93 71.42 -4.76 -107.86
CA VAL T 93 70.27 -3.96 -107.46
C VAL T 93 69.46 -4.74 -106.43
N TYR T 94 68.90 -4.02 -105.45
CA TYR T 94 68.12 -4.66 -104.40
C TYR T 94 66.71 -4.09 -104.29
N TYR T 95 65.74 -4.95 -104.03
CA TYR T 95 64.34 -4.54 -103.92
C TYR T 95 63.67 -5.05 -102.64
N CYS T 96 62.48 -4.51 -102.37
CA CYS T 96 61.68 -4.87 -101.21
C CYS T 96 60.19 -4.81 -101.56
N ALA T 97 59.53 -5.96 -101.59
CA ALA T 97 58.11 -6.03 -101.94
C ALA T 97 57.25 -6.63 -100.82
N ARG T 98 55.96 -6.32 -100.84
CA ARG T 98 55.03 -6.82 -99.84
C ARG T 98 54.87 -8.33 -99.87
N VAL T 99 54.47 -8.89 -98.74
CA VAL T 99 54.23 -10.32 -98.64
C VAL T 99 53.00 -10.53 -97.78
N GLU T 100 52.21 -11.54 -98.11
CA GLU T 100 51.00 -11.84 -97.37
C GLU T 100 51.31 -12.71 -96.16
N GLY T 101 52.31 -13.57 -96.29
CA GLY T 101 52.70 -14.44 -95.20
C GLY T 101 52.94 -13.68 -93.93
N VAL T 102 51.87 -13.42 -93.19
CA VAL T 102 51.95 -12.68 -91.93
C VAL T 102 51.08 -13.40 -90.89
N ARG T 103 51.21 -13.00 -89.64
CA ARG T 103 50.44 -13.60 -88.55
C ARG T 103 50.52 -15.13 -88.60
N GLY T 104 49.37 -15.77 -88.37
CA GLY T 104 49.29 -17.23 -88.37
C GLY T 104 50.08 -17.97 -89.43
N VAL T 105 50.20 -17.41 -90.63
CA VAL T 105 50.93 -18.08 -91.70
C VAL T 105 52.41 -18.26 -91.41
N MET T 106 53.10 -17.17 -91.13
CA MET T 106 54.53 -17.22 -90.84
C MET T 106 55.28 -17.54 -92.12
N GLY T 107 54.87 -18.61 -92.79
CA GLY T 107 55.51 -19.02 -94.03
C GLY T 107 55.24 -18.06 -95.17
N PHE T 108 56.29 -17.78 -95.94
CA PHE T 108 56.20 -16.87 -97.08
C PHE T 108 55.47 -17.46 -98.29
N HIS T 109 55.86 -18.67 -98.66
CA HIS T 109 55.29 -19.41 -99.80
C HIS T 109 53.96 -18.92 -100.38
N TYR T 110 52.86 -19.13 -99.65
CA TYR T 110 51.53 -18.72 -100.12
C TYR T 110 51.47 -17.33 -100.73
N TYR T 111 51.97 -16.35 -100.00
CA TYR T 111 51.93 -14.97 -100.45
C TYR T 111 52.59 -14.71 -101.80
N PRO T 112 51.95 -13.88 -102.63
CA PRO T 112 52.46 -13.51 -103.95
C PRO T 112 53.00 -12.09 -103.79
N MET T 113 54.30 -11.92 -104.03
CA MET T 113 54.95 -10.63 -103.89
C MET T 113 54.19 -9.49 -104.56
N ASP T 114 54.21 -8.31 -103.94
CA ASP T 114 53.51 -7.15 -104.48
C ASP T 114 54.25 -5.84 -104.23
N VAL T 115 54.11 -4.92 -105.18
CA VAL T 115 54.76 -3.60 -105.12
C VAL T 115 56.25 -3.72 -104.83
N TRP T 116 57.06 -3.69 -105.88
CA TRP T 116 58.51 -3.78 -105.73
C TRP T 116 59.14 -2.41 -105.89
N GLY T 117 59.86 -1.97 -104.86
CA GLY T 117 60.49 -0.66 -104.90
C GLY T 117 61.30 -0.39 -106.14
N GLN T 118 61.78 0.86 -106.26
CA GLN T 118 62.59 1.25 -107.40
C GLN T 118 63.97 0.59 -107.32
N GLY T 119 64.34 0.17 -106.11
CA GLY T 119 65.61 -0.50 -105.92
C GLY T 119 66.82 0.36 -105.61
N THR T 120 67.75 -0.22 -104.87
CA THR T 120 68.98 0.47 -104.48
C THR T 120 70.16 -0.19 -105.17
N MET T 121 71.00 0.61 -105.81
CA MET T 121 72.17 0.09 -106.50
C MET T 121 73.39 0.05 -105.60
N VAL T 122 73.85 -1.16 -105.30
CA VAL T 122 75.02 -1.35 -104.46
C VAL T 122 76.15 -1.73 -105.41
N THR T 123 77.39 -1.39 -105.05
CA THR T 123 78.52 -1.71 -105.89
C THR T 123 79.73 -2.07 -105.03
N VAL T 124 80.26 -3.27 -105.25
CA VAL T 124 81.42 -3.73 -104.50
C VAL T 124 82.61 -3.89 -105.43
N SER T 125 83.55 -2.95 -105.35
CA SER T 125 84.75 -2.98 -106.17
C SER T 125 85.89 -2.36 -105.38
N SER T 126 87.07 -2.96 -105.48
CA SER T 126 88.24 -2.49 -104.77
C SER T 126 88.67 -1.08 -105.20
N ALA T 127 88.37 -0.73 -106.44
CA ALA T 127 88.74 0.58 -106.98
C ALA T 127 88.16 1.74 -106.19
N SER T 128 88.91 2.84 -106.14
CA SER T 128 88.47 4.03 -105.43
C SER T 128 87.98 5.08 -106.42
N THR T 129 87.32 6.12 -105.93
CA THR T 129 86.80 7.18 -106.79
C THR T 129 87.90 7.84 -107.60
N LYS T 130 87.59 8.17 -108.85
CA LYS T 130 88.55 8.79 -109.75
C LYS T 130 87.96 9.95 -110.55
N GLY T 131 88.81 10.86 -110.98
CA GLY T 131 88.36 12.00 -111.76
C GLY T 131 88.39 11.68 -113.25
N PRO T 132 87.30 11.93 -113.97
CA PRO T 132 87.21 11.66 -115.41
C PRO T 132 88.08 12.57 -116.27
N SER T 133 88.78 11.97 -117.23
CA SER T 133 89.64 12.72 -118.15
C SER T 133 88.86 13.03 -119.42
N VAL T 134 88.70 14.32 -119.71
CA VAL T 134 87.95 14.74 -120.89
C VAL T 134 88.86 15.09 -122.06
N PHE T 135 88.73 14.34 -123.15
CA PHE T 135 89.53 14.56 -124.35
C PHE T 135 88.60 14.71 -125.56
N PRO T 136 88.82 15.77 -126.36
CA PRO T 136 88.03 16.06 -127.56
C PRO T 136 88.25 15.14 -128.75
N LEU T 137 87.17 14.82 -129.45
CA LEU T 137 87.22 13.94 -130.62
C LEU T 137 86.53 14.60 -131.81
N ALA T 138 87.33 14.95 -132.82
CA ALA T 138 86.80 15.60 -134.01
C ALA T 138 87.15 14.74 -135.24
N PRO T 139 86.52 15.03 -136.39
CA PRO T 139 86.81 14.26 -137.60
C PRO T 139 88.28 14.31 -138.00
N SER T 140 88.84 13.14 -138.32
CA SER T 140 90.24 13.06 -138.73
C SER T 140 90.36 13.83 -140.04
N SER T 141 89.22 14.00 -140.68
CA SER T 141 89.08 14.71 -141.94
C SER T 141 87.59 14.94 -142.05
N LYS T 142 87.18 16.01 -142.71
CA LYS T 142 85.76 16.28 -142.87
C LYS T 142 85.10 14.97 -143.30
N SER T 143 84.24 14.43 -142.44
CA SER T 143 83.57 13.15 -142.71
C SER T 143 82.90 13.11 -144.08
N THR T 144 82.04 14.08 -144.34
CA THR T 144 81.33 14.16 -145.61
C THR T 144 80.66 12.84 -145.98
N SER T 145 80.37 12.02 -144.98
CA SER T 145 79.74 10.72 -145.22
C SER T 145 78.24 10.77 -144.97
N GLY T 146 77.46 10.69 -146.05
CA GLY T 146 76.02 10.74 -145.92
C GLY T 146 75.56 12.15 -145.62
N GLY T 147 76.13 12.74 -144.57
CA GLY T 147 75.76 14.09 -144.20
C GLY T 147 76.41 14.59 -142.93
N THR T 148 76.66 15.90 -142.88
CA THR T 148 77.26 16.56 -141.73
C THR T 148 78.61 16.00 -141.29
N ALA T 149 78.85 16.02 -139.99
CA ALA T 149 80.08 15.54 -139.39
C ALA T 149 79.80 15.01 -137.99
N ALA T 150 80.70 14.20 -137.47
CA ALA T 150 80.52 13.64 -136.12
C ALA T 150 81.67 14.02 -135.19
N LEU T 151 81.37 14.87 -134.22
CA LEU T 151 82.37 15.31 -133.25
C LEU T 151 81.86 15.05 -131.83
N GLY T 152 82.77 14.64 -130.94
CA GLY T 152 82.36 14.37 -129.58
C GLY T 152 83.49 14.48 -128.57
N CYS T 153 83.29 13.84 -127.42
CA CYS T 153 84.28 13.85 -126.34
C CYS T 153 84.52 12.42 -125.83
N LEU T 154 85.56 12.27 -125.02
CA LEU T 154 85.90 10.98 -124.45
C LEU T 154 86.37 11.09 -123.00
N VAL T 155 85.57 10.58 -122.08
CA VAL T 155 85.92 10.58 -120.67
C VAL T 155 86.46 9.18 -120.38
N LYS T 156 87.73 9.12 -119.99
CA LYS T 156 88.37 7.83 -119.73
C LYS T 156 88.96 7.69 -118.33
N ASP T 157 88.93 6.46 -117.81
CA ASP T 157 89.45 6.15 -116.48
C ASP T 157 88.77 6.95 -115.36
N TYR T 158 87.50 6.66 -115.11
CA TYR T 158 86.77 7.36 -114.06
C TYR T 158 85.88 6.41 -113.26
N PHE T 159 85.75 6.69 -111.97
CA PHE T 159 84.90 5.89 -111.07
C PHE T 159 84.35 6.83 -110.01
N PRO T 160 83.09 6.60 -109.58
CA PRO T 160 82.18 5.56 -110.09
C PRO T 160 81.08 6.13 -110.98
N GLU T 161 80.74 5.39 -112.03
CA GLU T 161 79.71 5.81 -112.98
C GLU T 161 78.39 6.17 -112.31
N PRO T 162 77.62 7.11 -112.91
CA PRO T 162 78.04 7.78 -114.15
C PRO T 162 78.03 9.31 -114.05
N VAL T 163 78.72 9.95 -114.99
CA VAL T 163 78.79 11.40 -115.04
C VAL T 163 78.01 11.93 -116.25
N THR T 164 77.19 12.94 -116.02
CA THR T 164 76.36 13.52 -117.07
C THR T 164 77.11 14.50 -117.99
N VAL T 165 77.07 14.21 -119.28
CA VAL T 165 77.71 15.06 -120.28
C VAL T 165 76.65 15.95 -120.91
N SER T 166 76.85 17.26 -120.83
CA SER T 166 75.89 18.20 -121.39
C SER T 166 76.55 19.13 -122.40
N TRP T 167 76.23 18.94 -123.68
CA TRP T 167 76.79 19.77 -124.74
C TRP T 167 76.27 21.21 -124.67
N ASN T 168 77.19 22.12 -124.38
CA ASN T 168 76.86 23.54 -124.28
C ASN T 168 75.69 23.78 -123.32
N SER T 169 75.81 23.21 -122.12
CA SER T 169 74.78 23.35 -121.09
C SER T 169 73.42 22.85 -121.54
N GLY T 170 73.38 22.24 -122.72
CA GLY T 170 72.12 21.72 -123.23
C GLY T 170 71.70 22.42 -124.52
N ALA T 171 72.57 23.30 -125.02
CA ALA T 171 72.29 24.02 -126.24
C ALA T 171 72.31 23.03 -127.40
N LEU T 172 73.03 21.94 -127.22
CA LEU T 172 73.12 20.91 -128.24
C LEU T 172 72.47 19.62 -127.76
N THR T 173 71.17 19.50 -128.02
CA THR T 173 70.41 18.32 -127.62
C THR T 173 70.04 17.51 -128.85
N SER T 174 70.40 18.04 -130.02
CA SER T 174 70.10 17.39 -131.29
C SER T 174 71.24 16.53 -131.81
N GLY T 175 70.99 15.24 -131.96
CA GLY T 175 72.00 14.33 -132.46
C GLY T 175 72.84 13.64 -131.40
N VAL T 176 72.93 14.26 -130.23
CA VAL T 176 73.74 13.70 -129.15
C VAL T 176 73.34 12.27 -128.79
N HIS T 177 74.33 11.39 -128.70
CA HIS T 177 74.10 10.00 -128.34
C HIS T 177 75.27 9.50 -127.52
N THR T 178 75.06 9.40 -126.21
CA THR T 178 76.10 8.93 -125.31
C THR T 178 76.05 7.40 -125.22
N PHE T 179 77.12 6.76 -125.68
CA PHE T 179 77.19 5.30 -125.65
C PHE T 179 77.55 4.78 -124.27
N PRO T 180 76.90 3.68 -123.85
CA PRO T 180 77.13 3.04 -122.54
C PRO T 180 78.60 2.82 -122.22
N ALA T 181 79.01 3.30 -121.04
CA ALA T 181 80.39 3.17 -120.60
C ALA T 181 80.82 1.71 -120.53
N VAL T 182 82.12 1.46 -120.42
CA VAL T 182 82.64 0.10 -120.35
C VAL T 182 83.64 -0.07 -119.21
N LEU T 183 83.61 -1.24 -118.59
CA LEU T 183 84.52 -1.56 -117.50
C LEU T 183 85.88 -2.01 -118.02
N GLN T 184 86.91 -1.22 -117.75
CA GLN T 184 88.26 -1.54 -118.19
C GLN T 184 88.84 -2.65 -117.33
N SER T 185 89.75 -3.42 -117.89
CA SER T 185 90.39 -4.50 -117.15
C SER T 185 91.02 -3.91 -115.89
N SER T 186 91.24 -2.60 -115.93
CA SER T 186 91.83 -1.89 -114.80
C SER T 186 90.79 -1.78 -113.69
N GLY T 187 89.55 -1.46 -114.07
CA GLY T 187 88.48 -1.33 -113.11
C GLY T 187 87.79 0.02 -113.12
N LEU T 188 88.14 0.85 -114.11
CA LEU T 188 87.55 2.17 -114.22
C LEU T 188 86.79 2.31 -115.55
N TYR T 189 85.54 2.73 -115.47
CA TYR T 189 84.68 2.88 -116.64
C TYR T 189 85.13 3.96 -117.63
N SER T 190 84.43 4.03 -118.75
CA SER T 190 84.71 5.01 -119.79
C SER T 190 83.54 5.07 -120.78
N LEU T 191 83.02 6.27 -121.00
CA LEU T 191 81.89 6.46 -121.91
C LEU T 191 82.21 7.53 -122.95
N SER T 192 81.34 7.65 -123.95
CA SER T 192 81.52 8.63 -125.01
C SER T 192 80.20 9.21 -125.48
N SER T 193 80.21 10.50 -125.79
CA SER T 193 79.01 11.19 -126.25
C SER T 193 79.32 11.92 -127.56
N VAL T 194 78.73 11.46 -128.65
CA VAL T 194 78.96 12.06 -129.96
C VAL T 194 77.71 12.78 -130.46
N VAL T 195 77.92 13.78 -131.30
CA VAL T 195 76.81 14.55 -131.85
C VAL T 195 76.84 14.58 -133.37
N THR T 196 75.69 14.82 -133.98
CA THR T 196 75.58 14.88 -135.43
C THR T 196 75.19 16.29 -135.87
N VAL T 197 76.19 17.14 -136.06
CA VAL T 197 75.98 18.52 -136.48
C VAL T 197 76.41 18.74 -137.93
N PRO T 198 75.72 19.62 -138.66
CA PRO T 198 76.03 19.92 -140.06
C PRO T 198 77.52 20.18 -140.33
N SER T 199 78.02 19.57 -141.39
CA SER T 199 79.42 19.71 -141.77
C SER T 199 79.68 21.08 -142.38
N SER T 200 78.63 21.88 -142.50
CA SER T 200 78.74 23.22 -143.06
C SER T 200 78.92 24.25 -141.95
N SER T 201 79.12 23.76 -140.73
CA SER T 201 79.31 24.63 -139.58
C SER T 201 80.44 24.13 -138.67
N LEU T 202 81.38 23.39 -139.25
CA LEU T 202 82.51 22.86 -138.50
C LEU T 202 83.36 23.99 -137.92
N GLY T 203 83.10 25.22 -138.37
CA GLY T 203 83.85 26.36 -137.89
C GLY T 203 82.95 27.52 -137.52
N THR T 204 81.65 27.33 -137.65
CA THR T 204 80.67 28.37 -137.34
C THR T 204 80.26 28.30 -135.87
N GLN T 205 80.04 27.08 -135.39
CA GLN T 205 79.63 26.87 -134.00
C GLN T 205 80.54 25.86 -133.32
N THR T 206 81.07 26.23 -132.15
CA THR T 206 81.95 25.33 -131.41
C THR T 206 81.11 24.43 -130.50
N TYR T 207 81.71 23.32 -130.07
CA TYR T 207 81.01 22.38 -129.21
C TYR T 207 81.80 22.06 -127.95
N ILE T 208 81.12 22.03 -126.81
CA ILE T 208 81.76 21.72 -125.55
C ILE T 208 80.91 20.79 -124.69
N CYS T 209 81.51 19.69 -124.27
CA CYS T 209 80.83 18.70 -123.43
C CYS T 209 81.08 19.08 -121.97
N ASN T 210 80.00 19.35 -121.24
CA ASN T 210 80.12 19.72 -119.84
C ASN T 210 80.13 18.50 -118.94
N VAL T 211 81.23 17.75 -118.97
CA VAL T 211 81.37 16.55 -118.16
C VAL T 211 81.46 16.93 -116.68
N ASN T 212 80.36 16.74 -115.96
CA ASN T 212 80.31 17.07 -114.54
C ASN T 212 80.21 15.77 -113.74
N HIS T 213 81.23 15.49 -112.94
CA HIS T 213 81.25 14.27 -112.14
C HIS T 213 80.98 14.56 -110.66
N LYS T 214 79.91 13.96 -110.15
CA LYS T 214 79.53 14.14 -108.74
C LYS T 214 80.47 13.38 -107.81
N PRO T 215 80.89 12.17 -108.20
CA PRO T 215 81.79 11.38 -107.36
C PRO T 215 83.17 12.03 -107.16
N SER T 216 83.69 12.65 -108.21
CA SER T 216 84.99 13.30 -108.13
C SER T 216 84.90 14.81 -108.04
N ASN T 217 83.70 15.36 -108.19
CA ASN T 217 83.52 16.80 -108.15
C ASN T 217 84.44 17.43 -109.18
N THR T 218 84.55 16.79 -110.33
CA THR T 218 85.40 17.27 -111.41
C THR T 218 84.60 17.76 -112.60
N LYS T 219 84.55 19.08 -112.77
CA LYS T 219 83.84 19.68 -113.89
C LYS T 219 84.85 20.06 -114.96
N VAL T 220 84.88 19.29 -116.03
CA VAL T 220 85.82 19.55 -117.13
C VAL T 220 85.11 19.78 -118.45
N ASP T 221 85.27 20.99 -118.99
CA ASP T 221 84.66 21.34 -120.26
C ASP T 221 85.75 21.32 -121.32
N LYS T 222 85.46 20.69 -122.46
CA LYS T 222 86.44 20.59 -123.53
C LYS T 222 85.89 21.13 -124.85
N LYS T 223 86.79 21.57 -125.72
CA LYS T 223 86.40 22.11 -127.02
C LYS T 223 86.68 21.05 -128.09
N VAL T 224 85.75 20.92 -129.04
CA VAL T 224 85.90 19.94 -130.11
C VAL T 224 85.90 20.63 -131.48
N GLU T 225 87.05 20.58 -132.16
CA GLU T 225 87.20 21.20 -133.46
C GLU T 225 88.20 20.42 -134.30
N PRO T 226 87.98 20.35 -135.62
CA PRO T 226 88.90 19.62 -136.51
C PRO T 226 90.27 20.29 -136.62
N GLN U 1 55.45 14.10 -38.28
CA GLN U 1 54.60 14.75 -37.25
C GLN U 1 53.41 13.87 -36.88
N VAL U 2 53.69 12.79 -36.16
CA VAL U 2 52.64 11.87 -35.73
C VAL U 2 52.56 11.88 -34.21
N GLN U 3 51.43 12.35 -33.68
CA GLN U 3 51.22 12.42 -32.25
C GLN U 3 50.50 11.20 -31.70
N LEU U 4 50.59 11.02 -30.39
CA LEU U 4 49.95 9.90 -29.71
C LEU U 4 49.32 10.37 -28.41
N VAL U 5 47.99 10.35 -28.35
CA VAL U 5 47.28 10.76 -27.15
C VAL U 5 47.00 9.54 -26.30
N GLN U 6 47.41 9.59 -25.04
CA GLN U 6 47.19 8.46 -24.14
C GLN U 6 46.22 8.82 -23.01
N SER U 7 45.31 7.91 -22.73
CA SER U 7 44.31 8.11 -21.68
C SER U 7 44.91 8.65 -20.40
N GLY U 8 44.18 9.56 -19.76
CA GLY U 8 44.66 10.15 -18.52
C GLY U 8 45.03 9.10 -17.49
N ALA U 9 46.22 9.25 -16.90
CA ALA U 9 46.70 8.31 -15.89
C ALA U 9 45.57 7.88 -14.95
N GLU U 10 45.39 6.58 -14.79
CA GLU U 10 44.35 6.06 -13.92
C GLU U 10 44.90 5.26 -12.75
N VAL U 11 44.06 5.03 -11.75
CA VAL U 11 44.44 4.27 -10.57
C VAL U 11 43.25 3.45 -10.06
N LYS U 12 43.48 2.16 -9.84
CA LYS U 12 42.43 1.27 -9.34
C LYS U 12 43.00 0.17 -8.47
N LYS U 13 42.21 -0.27 -7.51
CA LYS U 13 42.61 -1.32 -6.58
C LYS U 13 42.85 -2.66 -7.27
N PRO U 14 43.69 -3.51 -6.67
CA PRO U 14 43.98 -4.83 -7.25
C PRO U 14 42.70 -5.65 -7.42
N GLY U 15 42.65 -6.45 -8.47
CA GLY U 15 41.47 -7.25 -8.72
C GLY U 15 40.53 -6.50 -9.64
N ALA U 16 40.61 -5.17 -9.60
CA ALA U 16 39.79 -4.33 -10.45
C ALA U 16 40.45 -4.29 -11.82
N SER U 17 39.90 -3.53 -12.75
CA SER U 17 40.47 -3.47 -14.11
C SER U 17 40.49 -2.08 -14.73
N VAL U 18 41.49 -1.84 -15.58
CA VAL U 18 41.65 -0.56 -16.26
C VAL U 18 41.84 -0.79 -17.77
N THR U 19 41.70 0.28 -18.54
CA THR U 19 41.85 0.20 -20.00
C THR U 19 42.54 1.43 -20.57
N VAL U 20 43.73 1.25 -21.12
CA VAL U 20 44.50 2.34 -21.71
C VAL U 20 44.07 2.60 -23.15
N SER U 21 43.96 3.87 -23.52
CA SER U 21 43.56 4.25 -24.87
C SER U 21 44.66 5.07 -25.55
N CYS U 22 44.88 4.78 -26.83
CA CYS U 22 45.92 5.47 -27.61
C CYS U 22 45.33 6.10 -28.87
N GLN U 23 45.69 7.35 -29.13
CA GLN U 23 45.22 8.07 -30.32
C GLN U 23 46.40 8.28 -31.26
N VAL U 24 46.10 8.47 -32.54
CA VAL U 24 47.14 8.68 -33.54
C VAL U 24 46.82 9.87 -34.43
N SER U 25 47.87 10.57 -34.86
CA SER U 25 47.72 11.72 -35.74
C SER U 25 48.64 11.58 -36.94
N GLY U 26 48.17 12.02 -38.10
CA GLY U 26 48.95 11.91 -39.30
C GLY U 26 48.68 10.57 -39.95
N TYR U 27 49.68 9.69 -39.94
CA TYR U 27 49.52 8.37 -40.53
C TYR U 27 48.45 7.57 -39.81
N THR U 28 47.45 7.13 -40.56
CA THR U 28 46.35 6.35 -40.00
C THR U 28 46.90 5.09 -39.33
N LEU U 29 46.48 4.86 -38.09
CA LEU U 29 46.91 3.69 -37.35
C LEU U 29 46.62 2.45 -38.18
N THR U 30 45.60 2.55 -39.02
CA THR U 30 45.17 1.45 -39.88
C THR U 30 46.30 0.87 -40.74
N SER U 31 47.17 1.73 -41.27
CA SER U 31 48.26 1.26 -42.11
C SER U 31 49.55 1.12 -41.29
N TYR U 32 49.39 0.97 -39.98
CA TYR U 32 50.51 0.82 -39.07
C TYR U 32 50.15 -0.16 -37.95
N GLY U 33 51.14 -0.91 -37.48
CA GLY U 33 50.88 -1.85 -36.41
C GLY U 33 50.93 -1.17 -35.05
N LEU U 34 50.93 -1.95 -33.98
CA LEU U 34 50.99 -1.39 -32.64
C LEU U 34 51.26 -2.44 -31.57
N SER U 35 51.92 -2.01 -30.50
CA SER U 35 52.26 -2.87 -29.37
C SER U 35 52.35 -2.01 -28.11
N TRP U 36 52.28 -2.63 -26.94
CA TRP U 36 52.35 -1.90 -25.69
C TRP U 36 53.47 -2.42 -24.79
N VAL U 37 54.15 -1.49 -24.12
CA VAL U 37 55.25 -1.84 -23.23
C VAL U 37 55.07 -1.20 -21.85
N ARG U 38 55.26 -2.00 -20.80
CA ARG U 38 55.14 -1.47 -19.44
C ARG U 38 56.48 -0.97 -18.97
N GLN U 39 56.45 0.12 -18.20
CA GLN U 39 57.66 0.72 -17.68
C GLN U 39 57.56 0.83 -16.17
N ALA U 40 57.86 -0.25 -15.48
CA ALA U 40 57.81 -0.24 -14.01
C ALA U 40 58.79 0.85 -13.57
N PRO U 41 58.48 1.54 -12.47
CA PRO U 41 59.37 2.60 -12.01
C PRO U 41 60.83 2.16 -11.89
N GLY U 42 61.70 2.80 -12.68
CA GLY U 42 63.12 2.46 -12.66
C GLY U 42 63.32 0.95 -12.60
N GLN U 43 62.66 0.24 -13.50
CA GLN U 43 62.74 -1.21 -13.55
C GLN U 43 63.06 -1.71 -14.95
N GLY U 44 63.22 -0.78 -15.88
CA GLY U 44 63.51 -1.16 -17.25
C GLY U 44 62.20 -1.18 -18.01
N LEU U 45 62.18 -1.81 -19.18
CA LEU U 45 60.97 -1.88 -19.99
C LEU U 45 60.60 -3.33 -20.27
N GLU U 46 59.32 -3.58 -20.53
CA GLU U 46 58.85 -4.94 -20.81
C GLU U 46 57.70 -4.94 -21.82
N TRP U 47 57.94 -5.55 -22.98
CA TRP U 47 56.92 -5.64 -24.02
C TRP U 47 55.76 -6.48 -23.52
N VAL U 48 54.54 -6.03 -23.79
CA VAL U 48 53.35 -6.74 -23.33
C VAL U 48 52.52 -7.38 -24.44
N GLY U 49 51.80 -6.57 -25.19
CA GLY U 49 50.97 -7.11 -26.26
C GLY U 49 51.22 -6.50 -27.63
N TRP U 50 50.64 -7.11 -28.66
CA TRP U 50 50.81 -6.62 -30.02
C TRP U 50 49.58 -6.86 -30.89
N ILE U 51 49.08 -5.80 -31.52
CA ILE U 51 47.91 -5.89 -32.39
C ILE U 51 48.26 -5.29 -33.75
N ASN U 52 47.48 -5.60 -34.76
CA ASN U 52 47.70 -5.08 -36.11
C ASN U 52 46.39 -4.59 -36.71
N THR U 53 46.22 -3.27 -36.77
CA THR U 53 45.01 -2.69 -37.34
C THR U 53 44.86 -3.17 -38.78
N TYR U 54 43.61 -3.32 -39.24
CA TYR U 54 43.33 -3.78 -40.59
C TYR U 54 43.87 -5.19 -40.80
N ASP U 55 44.24 -5.85 -39.71
CA ASP U 55 44.78 -7.20 -39.77
C ASP U 55 44.23 -8.08 -38.65
N GLY U 56 43.57 -7.45 -37.68
CA GLY U 56 42.99 -8.18 -36.56
C GLY U 56 43.81 -9.35 -36.02
N GLN U 57 45.12 -9.16 -35.91
CA GLN U 57 46.00 -10.20 -35.39
C GLN U 57 46.43 -9.78 -33.99
N THR U 58 46.61 -10.75 -33.10
CA THR U 58 47.00 -10.43 -31.73
C THR U 58 47.93 -11.46 -31.11
N LYS U 59 48.97 -10.98 -30.44
CA LYS U 59 49.94 -11.84 -29.78
C LYS U 59 50.26 -11.23 -28.41
N TYR U 60 50.22 -12.07 -27.36
CA TYR U 60 50.48 -11.58 -26.01
C TYR U 60 51.62 -12.31 -25.32
N VAL U 61 52.05 -11.75 -24.19
CA VAL U 61 53.11 -12.34 -23.38
C VAL U 61 52.57 -13.59 -22.71
N LYS U 62 53.35 -14.66 -22.72
CA LYS U 62 52.93 -15.91 -22.09
C LYS U 62 52.52 -15.63 -20.65
N LYS U 63 53.14 -14.62 -20.05
CA LYS U 63 52.89 -14.25 -18.67
C LYS U 63 51.49 -13.74 -18.36
N PHE U 64 51.03 -12.74 -19.11
CA PHE U 64 49.71 -12.16 -18.86
C PHE U 64 48.62 -12.51 -19.87
N GLN U 65 48.74 -13.65 -20.55
CA GLN U 65 47.73 -14.03 -21.53
C GLN U 65 46.35 -14.14 -20.87
N GLY U 66 45.35 -13.57 -21.54
CA GLY U 66 44.00 -13.60 -21.00
C GLY U 66 43.72 -12.35 -20.20
N ARG U 67 44.58 -12.08 -19.21
CA ARG U 67 44.44 -10.91 -18.36
C ARG U 67 44.37 -9.65 -19.23
N VAL U 68 45.30 -9.54 -20.16
CA VAL U 68 45.37 -8.39 -21.06
C VAL U 68 44.73 -8.74 -22.40
N THR U 69 44.30 -7.73 -23.13
CA THR U 69 43.67 -7.93 -24.44
C THR U 69 43.68 -6.63 -25.25
N MET U 70 43.94 -6.77 -26.55
CA MET U 70 43.98 -5.61 -27.45
C MET U 70 42.63 -5.28 -28.05
N THR U 71 42.52 -4.06 -28.58
CA THR U 71 41.29 -3.59 -29.20
C THR U 71 41.66 -2.43 -30.13
N THR U 72 40.85 -2.20 -31.16
CA THR U 72 41.11 -1.12 -32.09
C THR U 72 39.85 -0.53 -32.70
N HIS U 73 39.70 0.79 -32.60
CA HIS U 73 38.57 1.49 -33.16
C HIS U 73 39.01 2.06 -34.50
N THR U 74 39.01 1.21 -35.52
CA THR U 74 39.41 1.64 -36.86
C THR U 74 38.65 2.89 -37.28
N GLY U 75 37.49 3.10 -36.66
CA GLY U 75 36.67 4.25 -36.99
C GLY U 75 37.10 5.56 -36.34
N THR U 76 37.67 5.50 -35.15
CA THR U 76 38.10 6.71 -34.46
C THR U 76 39.61 6.93 -34.47
N ASN U 77 40.34 6.02 -35.11
CA ASN U 77 41.79 6.13 -35.18
C ASN U 77 42.43 6.04 -33.80
N THR U 78 41.94 5.11 -32.98
CA THR U 78 42.46 4.93 -31.63
C THR U 78 42.50 3.46 -31.26
N ALA U 79 43.55 3.05 -30.56
CA ALA U 79 43.70 1.66 -30.14
C ALA U 79 43.38 1.55 -28.65
N TYR U 80 43.02 0.35 -28.21
CA TYR U 80 42.69 0.12 -26.81
C TYR U 80 43.50 -1.02 -26.20
N MET U 81 43.75 -0.91 -24.90
CA MET U 81 44.50 -1.92 -24.16
C MET U 81 43.68 -2.24 -22.92
N GLU U 82 43.19 -3.47 -22.83
CA GLU U 82 42.38 -3.88 -21.69
C GLU U 82 43.13 -4.78 -20.71
N MET U 83 42.99 -4.48 -19.42
CA MET U 83 43.63 -5.24 -18.37
C MET U 83 42.63 -5.52 -17.27
N LYS U 84 42.22 -6.78 -17.14
CA LYS U 84 41.25 -7.20 -16.13
C LYS U 84 41.97 -7.88 -14.96
N SER U 85 41.27 -7.99 -13.83
CA SER U 85 41.82 -8.61 -12.63
C SER U 85 43.27 -8.20 -12.41
N LEU U 86 43.49 -6.88 -12.37
CA LEU U 86 44.83 -6.32 -12.19
C LEU U 86 45.54 -6.88 -10.96
N ARG U 87 46.86 -6.71 -10.93
CA ARG U 87 47.68 -7.16 -9.81
C ARG U 87 48.48 -6.00 -9.24
N SER U 88 48.57 -5.96 -7.91
CA SER U 88 49.30 -4.90 -7.21
C SER U 88 50.63 -4.53 -7.87
N ASP U 89 51.42 -5.55 -8.20
CA ASP U 89 52.73 -5.32 -8.82
C ASP U 89 52.69 -4.75 -10.22
N ASP U 90 51.78 -5.26 -11.05
CA ASP U 90 51.64 -4.83 -12.44
C ASP U 90 51.62 -3.33 -12.74
N THR U 91 51.26 -2.50 -11.77
CA THR U 91 51.21 -1.06 -11.99
C THR U 91 52.54 -0.48 -12.50
N ALA U 92 52.44 0.41 -13.48
CA ALA U 92 53.60 1.06 -14.08
C ALA U 92 53.14 1.97 -15.22
N VAL U 93 54.09 2.50 -15.98
CA VAL U 93 53.77 3.37 -17.10
C VAL U 93 53.58 2.51 -18.35
N TYR U 94 52.62 2.88 -19.19
CA TYR U 94 52.35 2.14 -20.41
C TYR U 94 52.46 3.01 -21.66
N TYR U 95 52.98 2.42 -22.74
CA TYR U 95 53.16 3.14 -24.00
C TYR U 95 52.61 2.38 -25.21
N CYS U 96 52.53 3.08 -26.33
CA CYS U 96 52.05 2.52 -27.60
C CYS U 96 52.80 3.16 -28.77
N ALA U 97 53.60 2.36 -29.47
CA ALA U 97 54.39 2.86 -30.60
C ALA U 97 54.07 2.14 -31.91
N ARG U 98 54.37 2.79 -33.02
CA ARG U 98 54.12 2.23 -34.35
C ARG U 98 54.95 0.98 -34.62
N VAL U 99 54.44 0.14 -35.53
CA VAL U 99 55.14 -1.06 -35.92
C VAL U 99 54.95 -1.24 -37.42
N GLU U 100 55.98 -1.75 -38.08
CA GLU U 100 55.93 -1.95 -39.52
C GLU U 100 55.29 -3.29 -39.85
N GLY U 101 55.48 -4.27 -38.97
CA GLY U 101 54.91 -5.59 -39.19
C GLY U 101 53.42 -5.52 -39.44
N VAL U 102 53.05 -5.29 -40.70
CA VAL U 102 51.65 -5.19 -41.09
C VAL U 102 51.46 -5.97 -42.39
N ARG U 103 50.21 -6.19 -42.77
CA ARG U 103 49.89 -6.92 -43.99
C ARG U 103 50.64 -8.25 -44.05
N GLY U 104 51.18 -8.56 -45.23
CA GLY U 104 51.91 -9.80 -45.44
C GLY U 104 52.87 -10.25 -44.36
N VAL U 105 53.51 -9.31 -43.68
CA VAL U 105 54.46 -9.67 -42.63
C VAL U 105 53.82 -10.37 -41.45
N MET U 106 52.82 -9.74 -40.84
CA MET U 106 52.14 -10.32 -39.69
C MET U 106 53.08 -10.28 -38.48
N GLY U 107 54.28 -10.81 -38.66
CA GLY U 107 55.27 -10.84 -37.59
C GLY U 107 55.78 -9.45 -37.25
N PHE U 108 55.96 -9.22 -35.96
CA PHE U 108 56.44 -7.94 -35.45
C PHE U 108 57.95 -7.74 -35.65
N HIS U 109 58.72 -8.73 -35.25
CA HIS U 109 60.19 -8.74 -35.36
C HIS U 109 60.86 -7.69 -36.25
N TYR U 110 60.74 -7.86 -37.57
CA TYR U 110 61.36 -6.93 -38.52
C TYR U 110 61.20 -5.46 -38.16
N TYR U 111 59.96 -5.04 -37.88
CA TYR U 111 59.70 -3.64 -37.57
C TYR U 111 60.46 -3.09 -36.37
N PRO U 112 60.86 -1.81 -36.47
CA PRO U 112 61.56 -1.11 -35.40
C PRO U 112 60.54 -0.15 -34.79
N MET U 113 60.18 -0.37 -33.54
CA MET U 113 59.20 0.47 -32.85
C MET U 113 59.45 1.95 -33.02
N ASP U 114 58.47 2.65 -33.59
CA ASP U 114 58.59 4.09 -33.82
C ASP U 114 57.44 4.89 -33.20
N VAL U 115 57.75 6.11 -32.77
CA VAL U 115 56.78 7.01 -32.15
C VAL U 115 56.10 6.37 -30.93
N TRP U 116 56.54 6.77 -29.74
CA TRP U 116 55.95 6.23 -28.51
C TRP U 116 55.02 7.27 -27.89
N GLY U 117 54.04 6.80 -27.13
CA GLY U 117 53.09 7.71 -26.52
C GLY U 117 53.59 8.38 -25.25
N GLN U 118 53.10 9.57 -24.98
CA GLN U 118 53.48 10.32 -23.79
C GLN U 118 53.46 9.40 -22.57
N GLY U 119 52.56 8.43 -22.59
CA GLY U 119 52.47 7.48 -21.49
C GLY U 119 51.26 7.57 -20.60
N THR U 120 50.93 6.45 -19.97
CA THR U 120 49.79 6.37 -19.06
C THR U 120 50.28 5.84 -17.72
N MET U 121 50.01 6.60 -16.66
CA MET U 121 50.43 6.19 -15.33
C MET U 121 49.30 5.51 -14.58
N VAL U 122 49.44 4.20 -14.38
CA VAL U 122 48.46 3.42 -13.66
C VAL U 122 49.13 2.97 -12.38
N THR U 123 48.35 2.85 -11.30
CA THR U 123 48.91 2.44 -10.03
C THR U 123 48.02 1.39 -9.37
N VAL U 124 48.55 0.19 -9.22
CA VAL U 124 47.80 -0.89 -8.61
C VAL U 124 48.21 -1.04 -7.14
N SER U 125 47.41 -0.46 -6.26
CA SER U 125 47.66 -0.52 -4.82
C SER U 125 46.32 -0.60 -4.11
N SER U 126 46.18 -1.57 -3.22
CA SER U 126 44.94 -1.76 -2.48
C SER U 126 44.61 -0.59 -1.56
N ALA U 127 45.52 0.38 -1.45
CA ALA U 127 45.33 1.55 -0.61
C ALA U 127 44.31 2.54 -1.16
N SER U 128 43.30 2.88 -0.37
CA SER U 128 42.29 3.82 -0.85
C SER U 128 42.77 5.26 -0.71
N THR U 129 42.08 6.17 -1.39
CA THR U 129 42.43 7.59 -1.34
C THR U 129 42.40 8.14 0.09
N LYS U 130 43.34 9.02 0.39
CA LYS U 130 43.45 9.61 1.73
C LYS U 130 43.72 11.10 1.68
N GLY U 131 43.34 11.80 2.75
CA GLY U 131 43.57 13.23 2.84
C GLY U 131 44.91 13.53 3.46
N PRO U 132 45.74 14.37 2.85
CA PRO U 132 47.07 14.72 3.38
C PRO U 132 47.03 15.59 4.64
N SER U 133 47.86 15.22 5.61
CA SER U 133 47.94 15.95 6.87
C SER U 133 49.08 16.97 6.78
N VAL U 134 48.74 18.25 6.91
CA VAL U 134 49.74 19.31 6.83
C VAL U 134 50.21 19.78 8.19
N PHE U 135 51.50 19.60 8.46
CA PHE U 135 52.10 20.01 9.73
C PHE U 135 53.31 20.91 9.47
N PRO U 136 53.37 22.07 10.14
CA PRO U 136 54.45 23.05 10.01
C PRO U 136 55.80 22.65 10.61
N LEU U 137 56.87 22.97 9.91
CA LEU U 137 58.22 22.65 10.38
C LEU U 137 59.09 23.90 10.38
N ALA U 138 59.45 24.37 11.57
CA ALA U 138 60.29 25.56 11.71
C ALA U 138 61.57 25.19 12.45
N PRO U 139 62.56 26.09 12.45
CA PRO U 139 63.83 25.80 13.13
C PRO U 139 63.63 25.54 14.63
N SER U 140 64.27 24.48 15.14
CA SER U 140 64.18 24.14 16.55
C SER U 140 64.82 25.28 17.32
N SER U 141 65.64 26.04 16.60
CA SER U 141 66.35 27.20 17.13
C SER U 141 66.83 27.90 15.86
N LYS U 142 66.99 29.21 15.93
CA LYS U 142 67.47 29.95 14.77
C LYS U 142 68.67 29.18 14.22
N SER U 143 68.53 28.64 13.01
CA SER U 143 69.59 27.86 12.37
C SER U 143 70.94 28.57 12.38
N THR U 144 70.97 29.78 11.84
CA THR U 144 72.21 30.57 11.79
C THR U 144 73.36 29.77 11.19
N SER U 145 73.05 28.76 10.39
CA SER U 145 74.08 27.93 9.79
C SER U 145 74.36 28.34 8.34
N GLY U 146 75.52 28.94 8.11
CA GLY U 146 75.87 29.38 6.78
C GLY U 146 75.10 30.63 6.41
N GLY U 147 73.78 30.55 6.52
CA GLY U 147 72.95 31.69 6.19
C GLY U 147 71.46 31.41 6.27
N THR U 148 70.70 32.45 6.62
CA THR U 148 69.25 32.38 6.72
C THR U 148 68.71 31.31 7.67
N ALA U 149 67.57 30.75 7.31
CA ALA U 149 66.92 29.71 8.09
C ALA U 149 66.12 28.80 7.15
N ALA U 150 65.80 27.60 7.63
CA ALA U 150 65.06 26.64 6.82
C ALA U 150 63.74 26.25 7.47
N LEU U 151 62.64 26.69 6.88
CA LEU U 151 61.31 26.38 7.39
C LEU U 151 60.46 25.77 6.28
N GLY U 152 59.63 24.79 6.65
CA GLY U 152 58.79 24.15 5.65
C GLY U 152 57.54 23.49 6.22
N CYS U 153 56.99 22.54 5.46
CA CYS U 153 55.80 21.82 5.86
C CYS U 153 55.99 20.32 5.70
N LEU U 154 55.06 19.54 6.24
CA LEU U 154 55.13 18.09 6.14
C LEU U 154 53.75 17.47 5.93
N VAL U 155 53.53 16.92 4.74
CA VAL U 155 52.28 16.26 4.43
C VAL U 155 52.54 14.77 4.62
N LYS U 156 51.83 14.15 5.56
CA LYS U 156 52.03 12.74 5.86
C LYS U 156 50.77 11.90 5.75
N ASP U 157 50.95 10.64 5.34
CA ASP U 157 49.86 9.68 5.17
C ASP U 157 48.81 10.14 4.18
N TYR U 158 49.16 10.19 2.90
CA TYR U 158 48.22 10.60 1.87
C TYR U 158 48.33 9.75 0.61
N PHE U 159 47.20 9.53 -0.04
CA PHE U 159 47.15 8.75 -1.27
C PHE U 159 46.02 9.30 -2.13
N PRO U 160 46.21 9.35 -3.46
CA PRO U 160 47.42 8.93 -4.17
C PRO U 160 48.24 10.11 -4.69
N GLU U 161 49.57 9.98 -4.63
CA GLU U 161 50.46 11.05 -5.07
C GLU U 161 50.18 11.51 -6.50
N PRO U 162 50.47 12.79 -6.80
CA PRO U 162 51.01 13.73 -5.80
C PRO U 162 50.19 15.02 -5.66
N VAL U 163 50.40 15.72 -4.56
CA VAL U 163 49.71 16.98 -4.28
C VAL U 163 50.69 18.15 -4.39
N THR U 164 50.28 19.19 -5.11
CA THR U 164 51.12 20.36 -5.30
C THR U 164 51.14 21.33 -4.13
N VAL U 165 52.33 21.61 -3.62
CA VAL U 165 52.52 22.53 -2.51
C VAL U 165 52.95 23.88 -3.07
N SER U 166 52.18 24.92 -2.77
CA SER U 166 52.49 26.26 -3.25
C SER U 166 52.64 27.25 -2.11
N TRP U 167 53.87 27.69 -1.87
CA TRP U 167 54.13 28.65 -0.80
C TRP U 167 53.55 30.02 -1.11
N ASN U 168 52.56 30.42 -0.32
CA ASN U 168 51.90 31.71 -0.48
C ASN U 168 51.40 31.90 -1.92
N SER U 169 50.67 30.91 -2.41
CA SER U 169 50.12 30.94 -3.76
C SER U 169 51.19 31.11 -4.84
N GLY U 170 52.45 31.05 -4.43
CA GLY U 170 53.53 31.19 -5.38
C GLY U 170 54.37 32.43 -5.10
N ALA U 171 54.08 33.10 -4.00
CA ALA U 171 54.82 34.30 -3.62
C ALA U 171 56.23 33.90 -3.22
N LEU U 172 56.37 32.66 -2.77
CA LEU U 172 57.66 32.14 -2.35
C LEU U 172 58.11 31.05 -3.31
N THR U 173 58.79 31.46 -4.38
CA THR U 173 59.30 30.53 -5.37
C THR U 173 60.81 30.43 -5.26
N SER U 174 61.37 31.23 -4.35
CA SER U 174 62.82 31.25 -4.13
C SER U 174 63.27 30.35 -2.98
N GLY U 175 64.11 29.37 -3.30
CA GLY U 175 64.61 28.46 -2.28
C GLY U 175 63.81 27.19 -2.08
N VAL U 176 62.54 27.23 -2.45
CA VAL U 176 61.66 26.07 -2.29
C VAL U 176 62.21 24.83 -2.97
N HIS U 177 62.22 23.73 -2.24
CA HIS U 177 62.70 22.46 -2.78
C HIS U 177 61.89 21.32 -2.15
N THR U 178 60.94 20.80 -2.93
CA THR U 178 60.10 19.71 -2.47
C THR U 178 60.78 18.38 -2.74
N PHE U 179 61.11 17.66 -1.67
CA PHE U 179 61.77 16.38 -1.80
C PHE U 179 60.80 15.26 -2.15
N PRO U 180 61.21 14.34 -3.03
CA PRO U 180 60.40 13.20 -3.49
C PRO U 180 59.74 12.44 -2.34
N ALA U 181 58.42 12.24 -2.44
CA ALA U 181 57.66 11.52 -1.42
C ALA U 181 58.18 10.10 -1.26
N VAL U 182 57.79 9.45 -0.17
CA VAL U 182 58.22 8.08 0.11
C VAL U 182 57.05 7.17 0.48
N LEU U 183 57.12 5.92 0.02
CA LEU U 183 56.08 4.94 0.31
C LEU U 183 56.27 4.33 1.69
N GLN U 184 55.33 4.60 2.58
CA GLN U 184 55.40 4.06 3.94
C GLN U 184 55.04 2.58 3.93
N SER U 185 55.56 1.85 4.91
CA SER U 185 55.27 0.42 5.02
C SER U 185 53.76 0.24 5.10
N SER U 186 53.07 1.32 5.46
CA SER U 186 51.61 1.31 5.57
C SER U 186 51.02 1.30 4.18
N GLY U 187 51.58 2.11 3.28
CA GLY U 187 51.10 2.18 1.92
C GLY U 187 50.69 3.57 1.48
N LEU U 188 50.97 4.56 2.32
CA LEU U 188 50.62 5.95 2.00
C LEU U 188 51.87 6.82 1.93
N TYR U 189 52.02 7.55 0.84
CA TYR U 189 53.18 8.40 0.62
C TYR U 189 53.31 9.59 1.57
N SER U 190 54.42 10.31 1.47
CA SER U 190 54.70 11.46 2.30
C SER U 190 55.85 12.27 1.70
N LEU U 191 55.60 13.56 1.47
CA LEU U 191 56.62 14.44 0.89
C LEU U 191 56.84 15.67 1.76
N SER U 192 57.89 16.43 1.45
CA SER U 192 58.21 17.64 2.21
C SER U 192 58.74 18.74 1.29
N SER U 193 58.35 19.97 1.60
CA SER U 193 58.79 21.13 0.82
C SER U 193 59.38 22.17 1.77
N VAL U 194 60.68 22.38 1.66
CA VAL U 194 61.37 23.35 2.51
C VAL U 194 61.85 24.55 1.70
N VAL U 195 61.97 25.69 2.37
CA VAL U 195 62.41 26.92 1.72
C VAL U 195 63.61 27.52 2.43
N THR U 196 64.36 28.33 1.71
CA THR U 196 65.55 28.99 2.25
C THR U 196 65.35 30.50 2.26
N VAL U 197 64.76 31.00 3.35
CA VAL U 197 64.50 32.43 3.50
C VAL U 197 65.41 33.04 4.56
N PRO U 198 65.79 34.31 4.38
CA PRO U 198 66.68 35.02 5.31
C PRO U 198 66.28 34.89 6.78
N SER U 199 67.26 34.63 7.63
CA SER U 199 67.03 34.46 9.06
C SER U 199 66.76 35.81 9.72
N SER U 200 66.83 36.88 8.94
CA SER U 200 66.59 38.22 9.45
C SER U 200 65.13 38.61 9.23
N SER U 201 64.32 37.65 8.82
CA SER U 201 62.90 37.89 8.58
C SER U 201 62.04 36.76 9.12
N LEU U 202 62.55 36.05 10.12
CA LEU U 202 61.82 34.94 10.74
C LEU U 202 60.53 35.42 11.38
N GLY U 203 60.39 36.75 11.50
CA GLY U 203 59.19 37.31 12.09
C GLY U 203 58.64 38.46 11.28
N THR U 204 59.26 38.73 10.14
CA THR U 204 58.82 39.81 9.27
C THR U 204 57.83 39.30 8.24
N GLN U 205 58.09 38.13 7.69
CA GLN U 205 57.20 37.54 6.69
C GLN U 205 56.85 36.10 7.06
N THR U 206 55.55 35.80 7.07
CA THR U 206 55.09 34.46 7.41
C THR U 206 55.08 33.59 6.16
N TYR U 207 55.07 32.28 6.35
CA TYR U 207 55.07 31.35 5.23
C TYR U 207 53.94 30.32 5.35
N ILE U 208 53.27 30.06 4.24
CA ILE U 208 52.18 29.09 4.22
C ILE U 208 52.23 28.22 2.97
N CYS U 209 52.22 26.90 3.18
CA CYS U 209 52.25 25.94 2.09
C CYS U 209 50.82 25.60 1.71
N ASN U 210 50.45 25.92 0.47
CA ASN U 210 49.09 25.65 0.00
C ASN U 210 48.95 24.23 -0.54
N VAL U 211 48.99 23.25 0.36
CA VAL U 211 48.86 21.85 -0.02
C VAL U 211 47.46 21.58 -0.54
N ASN U 212 47.33 21.47 -1.86
CA ASN U 212 46.04 21.21 -2.49
C ASN U 212 46.06 19.81 -3.08
N HIS U 213 45.21 18.93 -2.57
CA HIS U 213 45.15 17.56 -3.05
C HIS U 213 43.92 17.31 -3.91
N LYS U 214 44.14 16.92 -5.15
CA LYS U 214 43.05 16.66 -6.09
C LYS U 214 42.35 15.33 -5.77
N PRO U 215 43.12 14.31 -5.37
CA PRO U 215 42.52 13.01 -5.02
C PRO U 215 41.58 13.06 -3.82
N SER U 216 41.95 13.85 -2.81
CA SER U 216 41.14 13.97 -1.61
C SER U 216 40.36 15.27 -1.55
N ASN U 217 40.63 16.18 -2.48
CA ASN U 217 39.94 17.47 -2.50
C ASN U 217 40.16 18.14 -1.15
N THR U 218 41.37 17.99 -0.61
CA THR U 218 41.72 18.56 0.68
C THR U 218 42.71 19.71 0.56
N LYS U 219 42.21 20.93 0.74
CA LYS U 219 43.07 22.11 0.66
C LYS U 219 43.40 22.54 2.09
N VAL U 220 44.63 22.29 2.50
CA VAL U 220 45.06 22.64 3.84
C VAL U 220 46.26 23.60 3.82
N ASP U 221 46.06 24.79 4.35
CA ASP U 221 47.12 25.79 4.42
C ASP U 221 47.61 25.85 5.85
N LYS U 222 48.94 25.85 6.02
CA LYS U 222 49.53 25.89 7.35
C LYS U 222 50.51 27.04 7.51
N LYS U 223 50.71 27.48 8.75
CA LYS U 223 51.63 28.56 9.05
C LYS U 223 52.91 27.99 9.63
N VAL U 224 54.05 28.52 9.21
CA VAL U 224 55.35 28.05 9.69
C VAL U 224 56.11 29.18 10.38
N GLU U 225 56.29 29.05 11.69
CA GLU U 225 57.00 30.05 12.48
C GLU U 225 57.71 29.39 13.65
N PRO U 226 58.89 29.92 14.03
CA PRO U 226 59.66 29.36 15.15
C PRO U 226 58.97 29.56 16.49
N GLN V 1 5.32 56.26 -53.92
CA GLN V 1 4.48 56.63 -55.09
C GLN V 1 3.31 57.52 -54.67
N VAL V 2 3.63 58.78 -54.36
CA VAL V 2 2.62 59.74 -53.96
C VAL V 2 2.56 60.86 -54.98
N GLN V 3 1.43 60.98 -55.68
CA GLN V 3 1.25 62.01 -56.69
C GLN V 3 0.57 63.24 -56.15
N LEU V 4 0.69 64.34 -56.89
CA LEU V 4 0.08 65.61 -56.50
C LEU V 4 -0.53 66.28 -57.72
N VAL V 5 -1.86 66.37 -57.73
CA VAL V 5 -2.56 67.01 -58.83
C VAL V 5 -2.79 68.47 -58.49
N GLN V 6 -2.36 69.37 -59.37
CA GLN V 6 -2.53 70.79 -59.14
C GLN V 6 -3.48 71.42 -60.15
N SER V 7 -4.37 72.25 -59.66
CA SER V 7 -5.35 72.93 -60.50
C SER V 7 -4.74 73.51 -61.76
N GLY V 8 -5.47 73.41 -62.87
CA GLY V 8 -4.99 73.92 -64.14
C GLY V 8 -4.57 75.38 -64.04
N ALA V 9 -3.38 75.68 -64.54
CA ALA V 9 -2.86 77.05 -64.52
C ALA V 9 -3.95 78.06 -64.83
N GLU V 10 -4.12 79.05 -63.96
CA GLU V 10 -5.13 80.08 -64.16
C GLU V 10 -4.53 81.47 -64.34
N VAL V 11 -5.36 82.39 -64.83
CA VAL V 11 -4.94 83.77 -65.05
C VAL V 11 -6.10 84.72 -64.77
N LYS V 12 -5.84 85.74 -63.96
CA LYS V 12 -6.86 86.74 -63.63
C LYS V 12 -6.25 88.11 -63.38
N LYS V 13 -7.02 89.14 -63.70
CA LYS V 13 -6.58 90.52 -63.54
C LYS V 13 -6.34 90.90 -62.09
N PRO V 14 -5.47 91.88 -61.85
CA PRO V 14 -5.17 92.33 -60.49
C PRO V 14 -6.42 92.79 -59.77
N GLY V 15 -6.50 92.53 -58.47
CA GLY V 15 -7.66 92.92 -57.71
C GLY V 15 -8.64 91.76 -57.65
N ALA V 16 -8.58 90.89 -58.66
CA ALA V 16 -9.44 89.71 -58.72
C ALA V 16 -8.79 88.65 -57.84
N SER V 17 -9.39 87.47 -57.77
CA SER V 17 -8.83 86.41 -56.92
C SER V 17 -8.85 85.01 -57.55
N VAL V 18 -7.87 84.20 -57.16
CA VAL V 18 -7.75 82.83 -57.66
C VAL V 18 -7.59 81.86 -56.50
N THR V 19 -7.76 80.57 -56.76
CA THR V 19 -7.63 79.54 -55.74
C THR V 19 -6.97 78.26 -56.28
N VAL V 20 -5.79 77.94 -55.76
CA VAL V 20 -5.06 76.76 -56.19
C VAL V 20 -5.50 75.52 -55.41
N SER V 21 -5.68 74.41 -56.11
CA SER V 21 -6.11 73.15 -55.48
C SER V 21 -5.04 72.07 -55.64
N CYS V 22 -4.83 71.30 -54.58
CA CYS V 22 -3.82 70.25 -54.58
C CYS V 22 -4.45 68.89 -54.21
N GLN V 23 -4.11 67.85 -54.99
CA GLN V 23 -4.62 66.52 -54.73
C GLN V 23 -3.47 65.64 -54.26
N VAL V 24 -3.80 64.56 -53.55
CA VAL V 24 -2.78 63.65 -53.04
C VAL V 24 -3.14 62.20 -53.32
N SER V 25 -2.12 61.38 -53.55
CA SER V 25 -2.32 59.96 -53.82
C SER V 25 -1.42 59.13 -52.92
N GLY V 26 -1.92 57.99 -52.47
CA GLY V 26 -1.13 57.15 -51.59
C GLY V 26 -1.39 57.56 -50.16
N TYR V 27 -0.38 58.15 -49.52
CA TYR V 27 -0.53 58.59 -48.13
C TYR V 27 -1.57 59.68 -48.01
N THR V 28 -2.58 59.44 -47.18
CA THR V 28 -3.64 60.40 -46.99
C THR V 28 -3.08 61.73 -46.49
N LEU V 29 -3.46 62.81 -47.15
CA LEU V 29 -2.99 64.13 -46.76
C LEU V 29 -3.28 64.35 -45.28
N THR V 30 -4.32 63.68 -44.79
CA THR V 30 -4.74 63.79 -43.40
C THR V 30 -3.62 63.50 -42.40
N SER V 31 -2.78 62.52 -42.68
CA SER V 31 -1.69 62.17 -41.78
C SER V 31 -0.39 62.85 -42.23
N TYR V 32 -0.52 63.93 -42.99
CA TYR V 32 0.62 64.68 -43.48
C TYR V 32 0.30 66.17 -43.51
N GLY V 33 1.30 67.01 -43.25
CA GLY V 33 1.07 68.44 -43.27
C GLY V 33 1.15 68.98 -44.67
N LEU V 34 1.20 70.31 -44.81
CA LEU V 34 1.28 70.93 -46.13
C LEU V 34 1.59 72.42 -46.06
N SER V 35 2.26 72.91 -47.10
CA SER V 35 2.65 74.31 -47.21
C SER V 35 2.75 74.67 -48.70
N TRP V 36 2.70 75.95 -49.00
CA TRP V 36 2.79 76.39 -50.39
C TRP V 36 3.93 77.38 -50.61
N VAL V 37 4.61 77.24 -51.75
CA VAL V 37 5.73 78.11 -52.08
C VAL V 37 5.57 78.71 -53.47
N ARG V 38 5.78 80.02 -53.58
CA ARG V 38 5.67 80.69 -54.87
C ARG V 38 7.02 80.67 -55.57
N GLN V 39 6.97 80.52 -56.89
CA GLN V 39 8.19 80.47 -57.69
C GLN V 39 8.11 81.53 -58.77
N ALA V 40 8.45 82.77 -58.41
CA ALA V 40 8.44 83.85 -59.39
C ALA V 40 9.40 83.43 -60.49
N PRO V 41 9.10 83.80 -61.76
CA PRO V 41 9.99 83.42 -62.85
C PRO V 41 11.46 83.76 -62.60
N GLY V 42 12.30 82.72 -62.55
CA GLY V 42 13.72 82.93 -62.32
C GLY V 42 13.94 83.97 -61.23
N GLN V 43 13.28 83.79 -60.10
CA GLN V 43 13.38 84.72 -58.98
C GLN V 43 13.68 83.99 -57.68
N GLY V 44 13.82 82.68 -57.76
CA GLY V 44 14.08 81.89 -56.56
C GLY V 44 12.76 81.38 -56.04
N LEU V 45 12.74 80.92 -54.79
CA LEU V 45 11.52 80.40 -54.20
C LEU V 45 11.17 81.17 -52.93
N GLU V 46 9.88 81.17 -52.57
CA GLU V 46 9.43 81.88 -51.37
C GLU V 46 8.26 81.17 -50.70
N TRP V 47 8.50 80.71 -49.46
CA TRP V 47 7.46 80.01 -48.71
C TRP V 47 6.32 80.98 -48.40
N VAL V 48 5.09 80.53 -48.56
CA VAL V 48 3.93 81.39 -48.33
C VAL V 48 3.09 81.01 -47.11
N GLY V 49 2.33 79.93 -47.21
CA GLY V 49 1.50 79.51 -46.10
C GLY V 49 1.70 78.07 -45.65
N TRP V 50 1.12 77.72 -44.51
CA TRP V 50 1.24 76.38 -43.97
C TRP V 50 0.00 75.92 -43.22
N ILE V 51 -0.52 74.75 -43.58
CA ILE V 51 -1.71 74.20 -42.93
C ILE V 51 -1.39 72.77 -42.48
N ASN V 52 -2.20 72.24 -41.57
CA ASN V 52 -2.01 70.89 -41.06
C ASN V 52 -3.34 70.15 -41.01
N THR V 53 -3.53 69.23 -41.96
CA THR V 53 -4.77 68.45 -42.01
C THR V 53 -4.94 67.70 -40.70
N TYR V 54 -6.19 67.50 -40.29
CA TYR V 54 -6.50 66.80 -39.04
C TYR V 54 -5.94 67.57 -37.85
N ASP V 55 -5.52 68.82 -38.09
CA ASP V 55 -4.96 69.66 -37.05
C ASP V 55 -5.48 71.09 -37.14
N GLY V 56 -6.14 71.41 -38.24
CA GLY V 56 -6.68 72.74 -38.45
C GLY V 56 -5.84 73.91 -37.94
N GLN V 57 -4.52 73.82 -38.15
CA GLN V 57 -3.62 74.88 -37.73
C GLN V 57 -3.17 75.63 -38.98
N THR V 58 -2.94 76.94 -38.86
CA THR V 58 -2.52 77.73 -40.01
C THR V 58 -1.56 78.86 -39.66
N LYS V 59 -0.51 79.00 -40.46
CA LYS V 59 0.49 80.03 -40.25
C LYS V 59 0.82 80.65 -41.61
N TYR V 60 0.81 81.98 -41.68
CA TYR V 60 1.08 82.66 -42.95
C TYR V 60 2.25 83.64 -42.88
N VAL V 61 2.68 84.10 -44.04
CA VAL V 61 3.78 85.06 -44.14
C VAL V 61 3.26 86.40 -43.65
N LYS V 62 4.08 87.10 -42.87
CA LYS V 62 3.69 88.40 -42.36
C LYS V 62 3.31 89.32 -43.51
N LYS V 63 3.93 89.06 -44.67
CA LYS V 63 3.69 89.86 -45.87
C LYS V 63 2.29 89.78 -46.46
N PHE V 64 1.78 88.57 -46.69
CA PHE V 64 0.46 88.40 -47.28
C PHE V 64 -0.64 87.92 -46.35
N GLN V 65 -0.50 88.14 -45.05
CA GLN V 65 -1.53 87.70 -44.11
C GLN V 65 -2.88 88.31 -44.47
N GLY V 66 -3.92 87.47 -44.45
CA GLY V 66 -5.25 87.93 -44.78
C GLY V 66 -5.53 87.69 -46.24
N ARG V 67 -4.67 88.23 -47.10
CA ARG V 67 -4.80 88.08 -48.54
C ARG V 67 -4.92 86.61 -48.91
N VAL V 68 -4.01 85.80 -48.37
CA VAL V 68 -4.00 84.37 -48.62
C VAL V 68 -4.65 83.62 -47.46
N THR V 69 -5.12 82.42 -47.73
CA THR V 69 -5.76 81.58 -46.71
C THR V 69 -5.80 80.12 -47.14
N MET V 70 -5.56 79.24 -46.18
CA MET V 70 -5.56 77.80 -46.44
C MET V 70 -6.93 77.16 -46.30
N THR V 71 -7.06 75.95 -46.82
CA THR V 71 -8.31 75.20 -46.76
C THR V 71 -7.98 73.73 -47.01
N THR V 72 -8.82 72.83 -46.50
CA THR V 72 -8.59 71.41 -46.69
C THR V 72 -9.88 70.59 -46.72
N HIS V 73 -10.05 69.81 -47.78
CA HIS V 73 -11.21 68.95 -47.91
C HIS V 73 -10.81 67.55 -47.45
N THR V 74 -10.79 67.36 -46.13
CA THR V 74 -10.43 66.07 -45.57
C THR V 74 -11.22 64.94 -46.22
N GLY V 75 -12.38 65.30 -46.77
CA GLY V 75 -13.22 64.31 -47.42
C GLY V 75 -12.80 63.90 -48.82
N THR V 76 -12.22 64.81 -49.58
CA THR V 76 -11.80 64.51 -50.95
C THR V 76 -10.29 64.31 -51.10
N ASN V 77 -9.56 64.43 -50.00
CA ASN V 77 -8.12 64.26 -50.02
C ASN V 77 -7.45 65.34 -50.88
N THR V 78 -7.90 66.58 -50.73
CA THR V 78 -7.34 67.69 -51.49
C THR V 78 -7.28 68.95 -50.63
N ALA V 79 -6.21 69.72 -50.80
CA ALA V 79 -6.04 70.96 -50.06
C ALA V 79 -6.31 72.15 -50.97
N TYR V 80 -6.65 73.29 -50.37
CA TYR V 80 -6.93 74.50 -51.14
C TYR V 80 -6.09 75.68 -50.69
N MET V 81 -5.81 76.57 -51.63
CA MET V 81 -5.03 77.77 -51.37
C MET V 81 -5.81 78.94 -51.97
N GLU V 82 -6.30 79.84 -51.11
CA GLU V 82 -7.07 80.98 -51.57
C GLU V 82 -6.28 82.28 -51.56
N MET V 83 -6.41 83.05 -52.64
CA MET V 83 -5.72 84.33 -52.76
C MET V 83 -6.70 85.37 -53.29
N LYS V 84 -7.08 86.30 -52.44
CA LYS V 84 -8.03 87.36 -52.79
C LYS V 84 -7.28 88.66 -53.07
N SER V 85 -7.95 89.61 -53.74
CA SER V 85 -7.36 90.90 -54.07
C SER V 85 -5.92 90.75 -54.53
N LEU V 86 -5.72 89.89 -55.54
CA LEU V 86 -4.39 89.61 -56.08
C LEU V 86 -3.65 90.88 -56.49
N ARG V 87 -2.33 90.75 -56.63
CA ARG V 87 -1.48 91.86 -57.05
C ARG V 87 -0.70 91.50 -58.30
N SER V 88 -0.57 92.46 -59.20
CA SER V 88 0.15 92.27 -60.47
C SER V 88 1.46 91.49 -60.31
N ASP V 89 2.26 91.88 -59.33
CA ASP V 89 3.55 91.25 -59.07
C ASP V 89 3.47 89.81 -58.56
N ASP V 90 2.56 89.56 -57.64
CA ASP V 90 2.40 88.25 -57.03
C ASP V 90 2.35 87.02 -57.94
N THR V 91 1.98 87.20 -59.21
CA THR V 91 1.91 86.08 -60.13
C THR V 91 3.20 85.28 -60.23
N ALA V 92 3.07 83.96 -60.22
CA ALA V 92 4.20 83.04 -60.31
C ALA V 92 3.71 81.60 -60.22
N VAL V 93 4.64 80.66 -60.11
CA VAL V 93 4.27 79.25 -60.03
C VAL V 93 4.07 78.90 -58.55
N TYR V 94 3.09 78.05 -58.27
CA TYR V 94 2.82 77.65 -56.90
C TYR V 94 2.87 76.14 -56.71
N TYR V 95 3.38 75.71 -55.56
CA TYR V 95 3.52 74.28 -55.26
C TYR V 95 2.97 73.90 -53.88
N CYS V 96 2.84 72.59 -53.65
CA CYS V 96 2.35 72.04 -52.40
C CYS V 96 3.07 70.73 -52.09
N ALA V 97 3.87 70.72 -51.03
CA ALA V 97 4.62 69.52 -50.66
C ALA V 97 4.30 69.03 -49.24
N ARG V 98 4.56 67.76 -48.99
CA ARG V 98 4.30 67.16 -47.68
C ARG V 98 5.14 67.76 -46.57
N VAL V 99 4.64 67.64 -45.35
CA VAL V 99 5.36 68.14 -44.18
C VAL V 99 5.14 67.15 -43.06
N GLU V 100 6.17 66.97 -42.23
CA GLU V 100 6.09 66.03 -41.12
C GLU V 100 5.46 66.69 -39.91
N GLY V 101 5.67 68.00 -39.77
CA GLY V 101 5.13 68.74 -38.65
C GLY V 101 3.63 68.54 -38.52
N VAL V 102 3.23 67.46 -37.86
CA VAL V 102 1.84 67.13 -37.65
C VAL V 102 1.63 66.70 -36.21
N ARG V 103 0.38 66.59 -35.79
CA ARG V 103 0.05 66.18 -34.43
C ARG V 103 0.84 66.99 -33.40
N GLY V 104 1.36 66.30 -32.39
CA GLY V 104 2.11 66.95 -31.32
C GLY V 104 3.09 68.04 -31.71
N VAL V 105 3.74 67.89 -32.87
CA VAL V 105 4.72 68.89 -33.30
C VAL V 105 4.11 70.26 -33.56
N MET V 106 3.10 70.31 -34.44
CA MET V 106 2.46 71.58 -34.77
C MET V 106 3.41 72.43 -35.60
N GLY V 107 4.62 72.61 -35.09
CA GLY V 107 5.62 73.39 -35.78
C GLY V 107 6.13 72.72 -37.05
N PHE V 108 6.32 73.53 -38.08
CA PHE V 108 6.79 73.04 -39.38
C PHE V 108 8.28 72.72 -39.39
N HIS V 109 9.09 73.66 -38.91
CA HIS V 109 10.54 73.55 -38.85
C HIS V 109 11.18 72.16 -39.03
N TYR V 110 11.04 71.30 -38.03
CA TYR V 110 11.61 69.95 -38.09
C TYR V 110 11.43 69.24 -39.43
N TYR V 111 10.19 69.23 -39.93
CA TYR V 111 9.91 68.54 -41.19
C TYR V 111 10.68 68.99 -42.41
N PRO V 112 11.07 68.03 -43.27
CA PRO V 112 11.81 68.32 -44.51
C PRO V 112 10.81 68.14 -45.65
N MET V 113 10.42 69.25 -46.28
CA MET V 113 9.45 69.21 -47.38
C MET V 113 9.68 68.05 -48.34
N ASP V 114 8.61 67.28 -48.60
CA ASP V 114 8.71 66.13 -49.49
C ASP V 114 7.71 66.23 -50.63
N VAL V 115 7.97 65.46 -51.69
CA VAL V 115 7.10 65.42 -52.89
C VAL V 115 6.46 66.77 -53.19
N TRP V 116 6.97 67.44 -54.22
CA TRP V 116 6.43 68.74 -54.61
C TRP V 116 5.49 68.60 -55.80
N GLY V 117 4.45 69.41 -55.83
CA GLY V 117 3.47 69.34 -56.91
C GLY V 117 4.00 69.83 -58.25
N GLN V 118 3.55 69.19 -59.31
CA GLN V 118 3.96 69.57 -60.66
C GLN V 118 3.96 71.09 -60.80
N GLY V 119 2.98 71.74 -60.18
CA GLY V 119 2.93 73.19 -60.23
C GLY V 119 1.71 73.81 -60.89
N THR V 120 1.37 75.00 -60.43
CA THR V 120 0.24 75.76 -60.95
C THR V 120 0.73 77.11 -61.43
N MET V 121 0.55 77.39 -62.72
CA MET V 121 0.97 78.67 -63.28
C MET V 121 -0.15 79.69 -63.25
N VAL V 122 0.08 80.77 -62.49
CA VAL V 122 -0.88 81.85 -62.39
C VAL V 122 -0.22 83.08 -62.97
N THR V 123 -1.02 84.05 -63.38
CA THR V 123 -0.47 85.28 -63.96
C THR V 123 -1.39 86.45 -63.72
N VAL V 124 -0.89 87.46 -63.01
CA VAL V 124 -1.68 88.64 -62.73
C VAL V 124 -1.24 89.80 -63.62
N SER V 125 -2.19 90.34 -64.38
CA SER V 125 -1.92 91.47 -65.27
C SER V 125 -3.25 92.12 -65.63
N SER V 126 -3.21 93.41 -65.91
CA SER V 126 -4.42 94.15 -66.25
C SER V 126 -4.80 93.99 -67.72
N ALA V 127 -3.94 93.33 -68.49
CA ALA V 127 -4.18 93.12 -69.92
C ALA V 127 -5.14 91.97 -70.20
N SER V 128 -6.20 92.27 -70.92
CA SER V 128 -7.22 91.29 -71.25
C SER V 128 -6.78 90.39 -72.41
N THR V 129 -7.51 89.29 -72.62
CA THR V 129 -7.19 88.36 -73.69
C THR V 129 -7.22 89.04 -75.06
N LYS V 130 -6.28 88.65 -75.93
CA LYS V 130 -6.19 89.24 -77.27
C LYS V 130 -5.96 88.19 -78.34
N GLY V 131 -6.34 88.52 -79.57
CA GLY V 131 -6.16 87.59 -80.69
C GLY V 131 -4.81 87.83 -81.35
N PRO V 132 -4.02 86.76 -81.55
CA PRO V 132 -2.70 86.87 -82.19
C PRO V 132 -2.74 87.21 -83.67
N SER V 133 -1.89 88.16 -84.08
CA SER V 133 -1.81 88.58 -85.47
C SER V 133 -0.70 87.79 -86.16
N VAL V 134 -1.06 87.04 -87.18
CA VAL V 134 -0.08 86.23 -87.91
C VAL V 134 0.39 86.90 -89.19
N PHE V 135 1.70 87.18 -89.26
CA PHE V 135 2.29 87.82 -90.42
C PHE V 135 3.48 86.98 -90.91
N PRO V 136 3.51 86.69 -92.23
CA PRO V 136 4.58 85.89 -92.85
C PRO V 136 5.93 86.58 -92.99
N LEU V 137 7.00 85.81 -92.77
CA LEU V 137 8.35 86.33 -92.87
C LEU V 137 9.19 85.46 -93.80
N ALA V 138 9.56 86.01 -94.94
CA ALA V 138 10.37 85.29 -95.92
C ALA V 138 11.67 86.04 -96.17
N PRO V 139 12.64 85.40 -96.83
CA PRO V 139 13.92 86.07 -97.11
C PRO V 139 13.76 87.35 -97.92
N SER V 140 14.42 88.42 -97.48
CA SER V 140 14.36 89.69 -98.19
C SER V 140 14.97 89.47 -99.57
N SER V 141 15.76 88.40 -99.64
CA SER V 141 16.44 87.98 -100.85
C SER V 141 16.89 86.57 -100.52
N LYS V 142 17.01 85.72 -101.54
CA LYS V 142 17.44 84.35 -101.29
C LYS V 142 18.67 84.43 -100.37
N SER V 143 18.52 83.92 -99.16
CA SER V 143 19.60 83.95 -98.17
C SER V 143 20.93 83.44 -98.70
N THR V 144 20.92 82.22 -99.22
CA THR V 144 22.13 81.61 -99.78
C THR V 144 23.30 81.68 -98.81
N SER V 145 23.01 81.79 -97.52
CA SER V 145 24.07 81.87 -96.50
C SER V 145 24.30 80.53 -95.83
N GLY V 146 25.44 79.91 -96.14
CA GLY V 146 25.78 78.63 -95.56
C GLY V 146 24.97 77.53 -96.21
N GLY V 147 23.65 77.71 -96.22
CA GLY V 147 22.78 76.72 -96.83
C GLY V 147 21.30 77.01 -96.66
N THR V 148 20.52 76.58 -97.65
CA THR V 148 19.07 76.75 -97.66
C THR V 148 18.58 78.18 -97.49
N ALA V 149 17.43 78.32 -96.83
CA ALA V 149 16.81 79.62 -96.59
C ALA V 149 16.04 79.58 -95.28
N ALA V 150 15.76 80.75 -94.71
CA ALA V 150 15.03 80.82 -93.45
C ALA V 150 13.72 81.59 -93.59
N LEU V 151 12.60 80.89 -93.51
CA LEU V 151 11.29 81.52 -93.61
C LEU V 151 10.45 81.15 -92.40
N GLY V 152 9.65 82.09 -91.91
CA GLY V 152 8.82 81.83 -90.76
C GLY V 152 7.59 82.72 -90.64
N CYS V 153 7.06 82.82 -89.43
CA CYS V 153 5.89 83.64 -89.16
C CYS V 153 6.12 84.52 -87.94
N LEU V 154 5.22 85.48 -87.73
CA LEU V 154 5.32 86.38 -86.60
C LEU V 154 3.95 86.69 -85.99
N VAL V 155 3.73 86.20 -84.78
CA VAL V 155 2.49 86.45 -84.06
C VAL V 155 2.80 87.60 -83.10
N LYS V 156 2.12 88.73 -83.28
CA LYS V 156 2.36 89.89 -82.44
C LYS V 156 1.12 90.43 -81.74
N ASP V 157 1.33 90.96 -80.54
CA ASP V 157 0.26 91.53 -79.72
C ASP V 157 -0.82 90.52 -79.37
N TYR V 158 -0.48 89.53 -78.54
CA TYR V 158 -1.45 88.52 -78.14
C TYR V 158 -1.33 88.17 -76.66
N PHE V 159 -2.47 87.87 -76.05
CA PHE V 159 -2.53 87.50 -74.63
C PHE V 159 -3.68 86.53 -74.45
N PRO V 160 -3.50 85.52 -73.58
CA PRO V 160 -2.29 85.24 -72.80
C PRO V 160 -1.51 84.03 -73.33
N GLU V 161 -0.18 84.12 -73.30
CA GLU V 161 0.68 83.05 -73.79
C GLU V 161 0.37 81.69 -73.15
N PRO V 162 0.62 80.61 -73.89
CA PRO V 162 1.15 80.68 -75.27
C PRO V 162 0.29 79.93 -76.30
N VAL V 163 0.50 80.27 -77.56
CA VAL V 163 -0.22 79.63 -78.67
C VAL V 163 0.73 78.73 -79.46
N THR V 164 0.28 77.51 -79.74
CA THR V 164 1.09 76.55 -80.48
C THR V 164 1.10 76.75 -81.99
N VAL V 165 2.30 76.91 -82.54
CA VAL V 165 2.46 77.10 -83.98
C VAL V 165 2.85 75.75 -84.59
N SER V 166 2.08 75.30 -85.57
CA SER V 166 2.36 74.02 -86.22
C SER V 166 2.48 74.18 -87.73
N TRP V 167 3.70 74.04 -88.23
CA TRP V 167 3.95 74.17 -89.66
C TRP V 167 3.33 73.03 -90.45
N ASN V 168 2.34 73.37 -91.27
CA ASN V 168 1.64 72.39 -92.09
C ASN V 168 1.12 71.23 -91.26
N SER V 169 0.41 71.55 -90.18
CA SER V 169 -0.17 70.56 -89.29
C SER V 169 0.88 69.62 -88.70
N GLY V 170 2.15 69.93 -88.94
CA GLY V 170 3.22 69.10 -88.42
C GLY V 170 4.02 68.43 -89.52
N ALA V 171 3.71 68.80 -90.76
CA ALA V 171 4.41 68.23 -91.91
C ALA V 171 5.84 68.77 -91.92
N LEU V 172 6.02 69.93 -91.29
CA LEU V 172 7.33 70.56 -91.20
C LEU V 172 7.81 70.59 -89.76
N THR V 173 8.47 69.52 -89.34
CA THR V 173 8.99 69.40 -87.98
C THR V 173 10.51 69.52 -88.01
N SER V 174 11.07 69.62 -89.22
CA SER V 174 12.51 69.71 -89.39
C SER V 174 13.00 71.15 -89.52
N GLY V 175 13.86 71.56 -88.59
CA GLY V 175 14.41 72.90 -88.61
C GLY V 175 13.64 73.94 -87.82
N VAL V 176 12.36 73.68 -87.58
CA VAL V 176 11.53 74.60 -86.83
C VAL V 176 12.08 74.92 -85.45
N HIS V 177 12.15 76.22 -85.14
CA HIS V 177 12.65 76.67 -83.85
C HIS V 177 11.87 77.91 -83.43
N THR V 178 10.94 77.73 -82.50
CA THR V 178 10.13 78.83 -82.01
C THR V 178 10.85 79.52 -80.86
N PHE V 179 11.20 80.78 -81.05
CA PHE V 179 11.89 81.54 -80.03
C PHE V 179 10.94 82.06 -78.96
N PRO V 180 11.37 82.02 -77.69
CA PRO V 180 10.57 82.48 -76.54
C PRO V 180 9.95 83.87 -76.74
N ALA V 181 8.64 83.95 -76.54
CA ALA V 181 7.93 85.21 -76.69
C ALA V 181 8.48 86.29 -75.77
N VAL V 182 8.11 87.54 -76.01
CA VAL V 182 8.59 88.65 -75.20
C VAL V 182 7.45 89.58 -74.78
N LEU V 183 7.54 90.08 -73.55
CA LEU V 183 6.54 90.98 -73.00
C LEU V 183 6.76 92.40 -73.50
N GLN V 184 5.81 92.92 -74.29
CA GLN V 184 5.91 94.27 -74.81
C GLN V 184 5.60 95.28 -73.72
N SER V 185 6.15 96.48 -73.86
CA SER V 185 5.90 97.54 -72.88
C SER V 185 4.40 97.76 -72.78
N SER V 186 3.69 97.32 -73.82
CA SER V 186 2.23 97.45 -73.86
C SER V 186 1.62 96.44 -72.90
N GLY V 187 2.16 95.23 -72.89
CA GLY V 187 1.65 94.19 -72.01
C GLY V 187 1.20 92.93 -72.73
N LEU V 188 1.46 92.87 -74.04
CA LEU V 188 1.07 91.71 -74.83
C LEU V 188 2.31 91.03 -75.44
N TYR V 189 2.42 89.73 -75.23
CA TYR V 189 3.56 88.96 -75.72
C TYR V 189 3.66 88.86 -77.24
N SER V 190 4.75 88.24 -77.69
CA SER V 190 5.00 88.06 -79.12
C SER V 190 6.12 87.04 -79.32
N LEU V 191 5.85 86.01 -80.11
CA LEU V 191 6.83 84.97 -80.37
C LEU V 191 7.03 84.76 -81.87
N SER V 192 8.06 83.99 -82.23
CA SER V 192 8.36 83.71 -83.64
C SER V 192 8.84 82.29 -83.83
N SER V 193 8.44 81.68 -84.94
CA SER V 193 8.82 80.32 -85.27
C SER V 193 9.40 80.29 -86.67
N VAL V 194 10.70 80.03 -86.78
CA VAL V 194 11.37 79.98 -88.08
C VAL V 194 11.80 78.56 -88.42
N VAL V 195 11.90 78.28 -89.72
CA VAL V 195 12.29 76.96 -90.18
C VAL V 195 13.49 77.03 -91.12
N THR V 196 14.22 75.92 -91.22
CA THR V 196 15.39 75.85 -92.10
C THR V 196 15.14 74.85 -93.22
N VAL V 197 14.56 75.32 -94.31
CA VAL V 197 14.26 74.48 -95.46
C VAL V 197 15.17 74.81 -96.64
N PRO V 198 15.52 73.81 -97.45
CA PRO V 198 16.39 73.99 -98.61
C PRO V 198 16.02 75.17 -99.51
N SER V 199 17.03 75.94 -99.91
CA SER V 199 16.81 77.11 -100.75
C SER V 199 16.52 76.69 -102.19
N SER V 200 16.56 75.40 -102.44
CA SER V 200 16.29 74.87 -103.77
C SER V 200 14.82 74.48 -103.91
N SER V 201 14.03 74.86 -102.91
CA SER V 201 12.60 74.56 -102.91
C SER V 201 11.77 75.75 -102.44
N LEU V 202 12.32 76.95 -102.59
CA LEU V 202 11.63 78.17 -102.19
C LEU V 202 10.33 78.35 -102.96
N GLY V 203 10.14 77.54 -104.00
CA GLY V 203 8.93 77.63 -104.80
C GLY V 203 8.32 76.27 -105.07
N THR V 204 8.96 75.22 -104.54
CA THR V 204 8.47 73.87 -104.74
C THR V 204 7.47 73.48 -103.66
N GLN V 205 7.76 73.86 -102.42
CA GLN V 205 6.87 73.56 -101.30
C GLN V 205 6.57 74.82 -100.50
N THR V 206 5.28 75.06 -100.27
CA THR V 206 4.85 76.23 -99.51
C THR V 206 4.86 75.91 -98.02
N TYR V 207 4.88 76.95 -97.20
CA TYR V 207 4.90 76.77 -95.74
C TYR V 207 3.80 77.57 -95.07
N ILE V 208 3.12 76.95 -94.12
CA ILE V 208 2.05 77.61 -93.37
C ILE V 208 2.11 77.28 -91.89
N CYS V 209 2.13 78.33 -91.07
CA CYS V 209 2.17 78.18 -89.62
C CYS V 209 0.74 78.16 -89.11
N ASN V 210 0.34 77.06 -88.47
CA ASN V 210 -1.01 76.94 -87.95
C ASN V 210 -1.12 77.50 -86.53
N VAL V 211 -1.05 78.82 -86.43
CA VAL V 211 -1.13 79.50 -85.15
C VAL V 211 -2.54 79.33 -84.57
N ASN V 212 -2.68 78.44 -83.59
CA ASN V 212 -3.96 78.19 -82.96
C ASN V 212 -3.92 78.71 -81.53
N HIS V 213 -4.74 79.71 -81.23
CA HIS V 213 -4.77 80.28 -79.89
C HIS V 213 -6.00 79.85 -79.11
N LYS V 214 -5.79 79.19 -77.98
CA LYS V 214 -6.88 78.73 -77.14
C LYS V 214 -7.54 79.88 -76.38
N PRO V 215 -6.75 80.85 -75.90
CA PRO V 215 -7.30 82.00 -75.18
C PRO V 215 -8.22 82.87 -76.02
N SER V 216 -7.86 83.06 -77.29
CA SER V 216 -8.66 83.89 -78.19
C SER V 216 -9.47 83.08 -79.18
N ASN V 217 -9.25 81.76 -79.21
CA ASN V 217 -9.96 80.90 -80.15
C ASN V 217 -9.74 81.43 -81.56
N THR V 218 -8.52 81.88 -81.81
CA THR V 218 -8.17 82.44 -83.12
C THR V 218 -7.21 81.54 -83.88
N LYS V 219 -7.74 80.86 -84.91
CA LYS V 219 -6.91 79.99 -85.74
C LYS V 219 -6.58 80.73 -87.02
N VAL V 220 -5.33 81.18 -87.13
CA VAL V 220 -4.89 81.91 -88.30
C VAL V 220 -3.72 81.22 -88.99
N ASP V 221 -3.95 80.80 -90.23
CA ASP V 221 -2.91 80.14 -91.02
C ASP V 221 -2.39 81.14 -92.04
N LYS V 222 -1.07 81.23 -92.17
CA LYS V 222 -0.46 82.17 -93.10
C LYS V 222 0.50 81.48 -94.06
N LYS V 223 0.68 82.08 -95.23
CA LYS V 223 1.58 81.53 -96.25
C LYS V 223 2.88 82.32 -96.23
N VAL V 224 4.01 81.61 -96.35
CA VAL V 224 5.32 82.25 -96.35
C VAL V 224 6.06 81.97 -97.65
N GLU V 225 6.27 83.02 -98.44
CA GLU V 225 6.95 82.90 -99.72
C GLU V 225 7.71 84.19 -100.04
N PRO V 226 8.87 84.08 -100.69
CA PRO V 226 9.67 85.26 -101.04
C PRO V 226 8.99 86.13 -102.09
N GLN W 1 -56.59 57.73 -22.68
CA GLN W 1 -57.41 56.64 -22.08
C GLN W 1 -56.74 56.07 -20.82
N VAL W 2 -56.75 56.86 -19.75
CA VAL W 2 -56.16 56.43 -18.48
C VAL W 2 -57.25 56.32 -17.43
N GLN W 3 -57.48 55.11 -16.95
CA GLN W 3 -58.50 54.87 -15.94
C GLN W 3 -57.94 54.87 -14.53
N LEU W 4 -58.82 55.01 -13.55
CA LEU W 4 -58.44 55.04 -12.15
C LEU W 4 -59.44 54.24 -11.32
N VAL W 5 -59.00 53.11 -10.79
CA VAL W 5 -59.86 52.27 -9.98
C VAL W 5 -59.67 52.65 -8.51
N GLN W 6 -60.78 52.95 -7.84
CA GLN W 6 -60.71 53.33 -6.43
C GLN W 6 -61.40 52.32 -5.54
N SER W 7 -60.74 51.97 -4.44
CA SER W 7 -61.26 51.00 -3.48
C SER W 7 -62.73 51.22 -3.18
N GLY W 8 -63.47 50.12 -3.03
CA GLY W 8 -64.88 50.21 -2.73
C GLY W 8 -65.16 51.05 -1.49
N ALA W 9 -66.08 52.00 -1.64
CA ALA W 9 -66.44 52.89 -0.53
C ALA W 9 -66.49 52.13 0.78
N GLU W 10 -65.79 52.64 1.79
CA GLU W 10 -65.77 51.99 3.10
C GLU W 10 -66.35 52.87 4.20
N VAL W 11 -66.64 52.26 5.34
CA VAL W 11 -67.20 52.95 6.49
C VAL W 11 -66.68 52.34 7.78
N LYS W 12 -66.18 53.19 8.67
CA LYS W 12 -65.66 52.74 9.96
C LYS W 12 -65.85 53.78 11.04
N LYS W 13 -66.02 53.30 12.28
CA LYS W 13 -66.23 54.17 13.42
C LYS W 13 -65.03 55.07 13.71
N PRO W 14 -65.26 56.22 14.35
CA PRO W 14 -64.19 57.16 14.68
C PRO W 14 -63.14 56.49 15.55
N GLY W 15 -61.88 56.84 15.35
CA GLY W 15 -60.82 56.24 16.13
C GLY W 15 -60.23 55.07 15.37
N ALA W 16 -61.06 54.45 14.52
CA ALA W 16 -60.63 53.32 13.71
C ALA W 16 -59.89 53.90 12.51
N SER W 17 -59.43 53.05 11.60
CA SER W 17 -58.69 53.53 10.44
C SER W 17 -59.04 52.85 9.12
N VAL W 18 -58.93 53.60 8.03
CA VAL W 18 -59.23 53.09 6.69
C VAL W 18 -58.06 53.38 5.74
N THR W 19 -58.07 52.74 4.57
CA THR W 19 -57.01 52.93 3.59
C THR W 19 -57.56 52.90 2.16
N VAL W 20 -57.47 54.03 1.47
CA VAL W 20 -57.95 54.14 0.09
C VAL W 20 -56.89 53.67 -0.90
N SER W 21 -57.32 52.91 -1.91
CA SER W 21 -56.41 52.40 -2.93
C SER W 21 -56.78 52.92 -4.31
N CYS W 22 -55.77 53.29 -5.10
CA CYS W 22 -55.98 53.84 -6.44
C CYS W 22 -55.21 53.02 -7.48
N GLN W 23 -55.89 52.69 -8.58
CA GLN W 23 -55.27 51.93 -9.67
C GLN W 23 -55.12 52.85 -10.88
N VAL W 24 -54.18 52.51 -11.77
CA VAL W 24 -53.96 53.31 -12.96
C VAL W 24 -53.89 52.45 -14.21
N SER W 25 -54.34 53.00 -15.33
CA SER W 25 -54.32 52.28 -16.60
C SER W 25 -53.68 53.16 -17.66
N GLY W 26 -52.91 52.54 -18.55
CA GLY W 26 -52.24 53.30 -19.59
C GLY W 26 -50.89 53.76 -19.09
N TYR W 27 -50.74 55.07 -18.89
CA TYR W 27 -49.48 55.62 -18.40
C TYR W 27 -49.16 55.09 -17.01
N THR W 28 -48.00 54.45 -16.88
CA THR W 28 -47.58 53.90 -15.60
C THR W 28 -47.52 55.00 -14.56
N LEU W 29 -48.15 54.75 -13.40
CA LEU W 29 -48.17 55.72 -12.32
C LEU W 29 -46.74 56.11 -12.01
N THR W 30 -45.81 55.19 -12.24
CA THR W 30 -44.39 55.41 -11.97
C THR W 30 -43.83 56.68 -12.61
N SER W 31 -44.25 56.98 -13.85
CA SER W 31 -43.77 58.17 -14.53
C SER W 31 -44.74 59.33 -14.36
N TYR W 32 -45.53 59.27 -13.29
CA TYR W 32 -46.51 60.30 -12.99
C TYR W 32 -46.64 60.48 -11.48
N GLY W 33 -46.93 61.70 -11.05
CA GLY W 33 -47.07 61.95 -9.62
C GLY W 33 -48.47 61.64 -9.15
N LEU W 34 -48.79 62.00 -7.91
CA LEU W 34 -50.12 61.73 -7.38
C LEU W 34 -50.40 62.51 -6.09
N SER W 35 -51.67 62.85 -5.88
CA SER W 35 -52.11 63.57 -4.70
C SER W 35 -53.56 63.19 -4.42
N TRP W 36 -54.03 63.43 -3.20
CA TRP W 36 -55.40 63.10 -2.83
C TRP W 36 -56.16 64.30 -2.30
N VAL W 37 -57.43 64.41 -2.68
CA VAL W 37 -58.28 65.51 -2.26
C VAL W 37 -59.59 65.02 -1.66
N ARG W 38 -59.96 65.56 -0.50
CA ARG W 38 -61.20 65.17 0.15
C ARG W 38 -62.33 66.06 -0.34
N GLN W 39 -63.50 65.46 -0.50
CA GLN W 39 -64.67 66.18 -0.97
C GLN W 39 -65.80 66.02 0.04
N ALA W 40 -65.78 66.84 1.08
CA ALA W 40 -66.83 66.78 2.09
C ALA W 40 -68.14 67.05 1.35
N PRO W 41 -69.24 66.42 1.78
CA PRO W 41 -70.52 66.64 1.10
C PRO W 41 -70.86 68.12 0.93
N GLY W 42 -70.98 68.55 -0.34
CA GLY W 42 -71.29 69.94 -0.63
C GLY W 42 -70.54 70.88 0.29
N GLN W 43 -69.23 70.68 0.38
CA GLN W 43 -68.38 71.48 1.24
C GLN W 43 -67.18 72.04 0.48
N GLY W 44 -67.11 71.73 -0.81
CA GLY W 44 -65.99 72.18 -1.61
C GLY W 44 -64.95 71.08 -1.63
N LEU W 45 -63.73 71.39 -2.06
CA LEU W 45 -62.66 70.39 -2.11
C LEU W 45 -61.49 70.82 -1.24
N GLU W 46 -60.69 69.85 -0.81
CA GLU W 46 -59.53 70.14 0.04
C GLU W 46 -58.38 69.18 -0.23
N TRP W 47 -57.26 69.72 -0.71
CA TRP W 47 -56.08 68.92 -1.00
C TRP W 47 -55.53 68.34 0.31
N VAL W 48 -55.17 67.06 0.30
CA VAL W 48 -54.66 66.41 1.49
C VAL W 48 -53.17 66.05 1.44
N GLY W 49 -52.83 65.01 0.69
CA GLY W 49 -51.44 64.60 0.60
C GLY W 49 -50.90 64.52 -0.81
N TRP W 50 -49.58 64.34 -0.92
CA TRP W 50 -48.93 64.25 -2.23
C TRP W 50 -47.71 63.32 -2.22
N ILE W 51 -47.69 62.37 -3.14
CA ILE W 51 -46.59 61.42 -3.24
C ILE W 51 -46.07 61.44 -4.68
N ASN W 52 -44.87 60.92 -4.89
CA ASN W 52 -44.27 60.87 -6.21
C ASN W 52 -43.63 59.50 -6.45
N THR W 53 -44.30 58.68 -7.25
CA THR W 53 -43.78 57.35 -7.58
C THR W 53 -42.39 57.48 -8.18
N TYR W 54 -41.54 56.48 -7.95
CA TYR W 54 -40.18 56.49 -8.48
C TYR W 54 -39.40 57.68 -7.92
N ASP W 55 -39.97 58.34 -6.91
CA ASP W 55 -39.35 59.49 -6.28
C ASP W 55 -39.47 59.45 -4.76
N GLY W 56 -40.28 58.54 -4.26
CA GLY W 56 -40.47 58.39 -2.83
C GLY W 56 -40.48 59.67 -2.02
N GLN W 57 -41.12 60.72 -2.55
CA GLN W 57 -41.20 62.00 -1.85
C GLN W 57 -42.63 62.13 -1.32
N THR W 58 -42.79 62.78 -0.17
CA THR W 58 -44.11 62.94 0.42
C THR W 58 -44.29 64.27 1.15
N LYS W 59 -45.43 64.90 0.92
CA LYS W 59 -45.77 66.18 1.55
C LYS W 59 -47.22 66.13 1.99
N TYR W 60 -47.49 66.49 3.24
CA TYR W 60 -48.85 66.46 3.76
C TYR W 60 -49.35 67.80 4.27
N VAL W 61 -50.65 67.86 4.55
CA VAL W 61 -51.28 69.07 5.08
C VAL W 61 -50.84 69.23 6.53
N LYS W 62 -50.51 70.45 6.92
CA LYS W 62 -50.09 70.72 8.29
C LYS W 62 -51.16 70.20 9.25
N LYS W 63 -52.41 70.22 8.79
CA LYS W 63 -53.55 69.79 9.58
C LYS W 63 -53.56 68.31 9.98
N PHE W 64 -53.44 67.42 9.01
CA PHE W 64 -53.49 65.99 9.30
C PHE W 64 -52.16 65.24 9.23
N GLN W 65 -51.05 65.94 9.43
CA GLN W 65 -49.75 65.28 9.38
C GLN W 65 -49.67 64.14 10.40
N GLY W 66 -49.14 63.01 9.97
CA GLY W 66 -49.03 61.86 10.84
C GLY W 66 -50.24 60.96 10.69
N ARG W 67 -51.42 61.55 10.89
CA ARG W 67 -52.68 60.81 10.77
C ARG W 67 -52.74 60.12 9.42
N VAL W 68 -52.47 60.88 8.37
CA VAL W 68 -52.50 60.35 7.00
C VAL W 68 -51.08 60.00 6.56
N THR W 69 -50.98 59.12 5.57
CA THR W 69 -49.68 58.70 5.04
C THR W 69 -49.84 58.05 3.67
N MET W 70 -48.92 58.37 2.77
CA MET W 70 -48.96 57.83 1.41
C MET W 70 -48.23 56.50 1.28
N THR W 71 -48.51 55.80 0.18
CA THR W 71 -47.88 54.51 -0.10
C THR W 71 -48.00 54.25 -1.60
N THR W 72 -47.10 53.44 -2.15
CA THR W 72 -47.14 53.13 -3.57
C THR W 72 -46.59 51.75 -3.89
N HIS W 73 -47.39 50.96 -4.59
CA HIS W 73 -46.96 49.62 -5.00
C HIS W 73 -46.48 49.72 -6.44
N THR W 74 -45.25 50.17 -6.62
CA THR W 74 -44.66 50.32 -7.94
C THR W 74 -44.82 49.02 -8.74
N GLY W 75 -44.95 47.92 -8.02
CA GLY W 75 -45.10 46.62 -8.67
C GLY W 75 -46.48 46.31 -9.21
N THR W 76 -47.52 46.84 -8.58
CA THR W 76 -48.88 46.57 -9.04
C THR W 76 -49.54 47.75 -9.73
N ASN W 77 -48.81 48.85 -9.87
CA ASN W 77 -49.34 50.06 -10.50
C ASN W 77 -50.53 50.61 -9.75
N THR W 78 -50.42 50.66 -8.41
CA THR W 78 -51.49 51.18 -7.58
C THR W 78 -50.92 51.96 -6.40
N ALA W 79 -51.56 53.07 -6.06
CA ALA W 79 -51.12 53.90 -4.94
C ALA W 79 -52.03 53.66 -3.74
N TYR W 80 -51.53 53.98 -2.54
CA TYR W 80 -52.30 53.79 -1.33
C TYR W 80 -52.38 55.06 -0.49
N MET W 81 -53.48 55.19 0.24
CA MET W 81 -53.69 56.35 1.11
C MET W 81 -54.14 55.79 2.46
N GLU W 82 -53.31 56.00 3.48
CA GLU W 82 -53.62 55.49 4.82
C GLU W 82 -54.07 56.58 5.77
N MET W 83 -55.14 56.29 6.50
CA MET W 83 -55.70 57.23 7.48
C MET W 83 -55.98 56.49 8.79
N LYS W 84 -55.18 56.78 9.81
CA LYS W 84 -55.34 56.15 11.12
C LYS W 84 -56.06 57.09 12.08
N SER W 85 -56.56 56.53 13.19
CA SER W 85 -57.27 57.31 14.20
C SER W 85 -58.20 58.33 13.55
N LEU W 86 -59.06 57.85 12.66
CA LEU W 86 -60.00 58.72 11.95
C LEU W 86 -60.85 59.58 12.87
N ARG W 87 -61.43 60.63 12.30
CA ARG W 87 -62.27 61.55 13.05
C ARG W 87 -63.66 61.63 12.41
N SER W 88 -64.69 61.69 13.26
CA SER W 88 -66.08 61.76 12.81
C SER W 88 -66.28 62.72 11.64
N ASP W 89 -65.74 63.91 11.75
CA ASP W 89 -65.88 64.94 10.72
C ASP W 89 -65.17 64.63 9.41
N ASP W 90 -63.95 64.11 9.50
CA ASP W 90 -63.13 63.80 8.33
C ASP W 90 -63.77 63.01 7.18
N THR W 91 -64.84 62.27 7.46
CA THR W 91 -65.50 61.50 6.41
C THR W 91 -65.95 62.34 5.22
N ALA W 92 -65.71 61.81 4.02
CA ALA W 92 -66.08 62.49 2.78
C ALA W 92 -65.62 61.64 1.60
N VAL W 93 -65.67 62.22 0.40
CA VAL W 93 -65.25 61.51 -0.80
C VAL W 93 -63.77 61.80 -1.05
N TYR W 94 -63.03 60.80 -1.52
CA TYR W 94 -61.61 60.97 -1.79
C TYR W 94 -61.24 60.63 -3.23
N TYR W 95 -60.28 61.37 -3.78
CA TYR W 95 -59.85 61.17 -5.16
C TYR W 95 -58.33 61.10 -5.30
N CYS W 96 -57.88 60.71 -6.49
CA CYS W 96 -56.46 60.59 -6.82
C CYS W 96 -56.24 60.92 -8.29
N ALA W 97 -55.57 62.04 -8.56
CA ALA W 97 -55.32 62.48 -9.93
C ALA W 97 -53.83 62.60 -10.25
N ARG W 98 -53.49 62.52 -11.54
CA ARG W 98 -52.11 62.62 -11.98
C ARG W 98 -51.47 63.96 -11.69
N VAL W 99 -50.15 63.96 -11.60
CA VAL W 99 -49.40 65.19 -11.35
C VAL W 99 -48.15 65.14 -12.20
N GLU W 100 -47.73 66.30 -12.69
CA GLU W 100 -46.55 66.37 -13.54
C GLU W 100 -45.29 66.52 -12.69
N GLY W 101 -45.43 67.16 -11.53
CA GLY W 101 -44.30 67.34 -10.64
C GLY W 101 -43.62 66.04 -10.31
N VAL W 102 -42.70 65.62 -11.18
CA VAL W 102 -41.97 64.38 -10.99
C VAL W 102 -40.50 64.63 -11.31
N ARG W 103 -39.65 63.68 -10.96
CA ARG W 103 -38.22 63.79 -11.22
C ARG W 103 -37.67 65.13 -10.71
N GLY W 104 -36.83 65.76 -11.52
CA GLY W 104 -36.21 67.02 -11.15
C GLY W 104 -37.08 68.07 -10.48
N VAL W 105 -38.36 68.13 -10.84
CA VAL W 105 -39.26 69.12 -10.25
C VAL W 105 -39.48 68.91 -8.76
N MET W 106 -39.93 67.72 -8.38
CA MET W 106 -40.20 67.42 -6.99
C MET W 106 -41.43 68.18 -6.53
N GLY W 107 -41.42 69.50 -6.75
CA GLY W 107 -42.54 70.33 -6.37
C GLY W 107 -43.78 70.07 -7.20
N PHE W 108 -44.92 70.07 -6.53
CA PHE W 108 -46.21 69.83 -7.17
C PHE W 108 -46.71 71.03 -7.98
N HIS W 109 -46.71 72.20 -7.35
CA HIS W 109 -47.16 73.46 -7.95
C HIS W 109 -47.35 73.51 -9.47
N TYR W 110 -46.25 73.50 -10.22
CA TYR W 110 -46.33 73.56 -11.68
C TYR W 110 -47.39 72.66 -12.31
N TYR W 111 -47.43 71.39 -11.90
CA TYR W 111 -48.38 70.44 -12.46
C TYR W 111 -49.86 70.71 -12.19
N PRO W 112 -50.70 70.57 -13.22
CA PRO W 112 -52.15 70.76 -13.12
C PRO W 112 -52.80 69.37 -13.12
N MET W 113 -52.98 68.81 -11.93
CA MET W 113 -53.58 67.49 -11.76
C MET W 113 -54.51 67.10 -12.92
N ASP W 114 -54.43 65.84 -13.33
CA ASP W 114 -55.26 65.37 -14.44
C ASP W 114 -55.90 64.01 -14.14
N VAL W 115 -56.98 63.73 -14.86
CA VAL W 115 -57.71 62.47 -14.70
C VAL W 115 -57.97 62.15 -13.25
N TRP W 116 -59.11 62.60 -12.72
CA TRP W 116 -59.46 62.33 -11.33
C TRP W 116 -60.14 60.97 -11.22
N GLY W 117 -60.01 60.33 -10.07
CA GLY W 117 -60.61 59.03 -9.86
C GLY W 117 -62.09 59.04 -9.59
N GLN W 118 -62.78 57.96 -9.96
CA GLN W 118 -64.21 57.85 -9.74
C GLN W 118 -64.55 58.23 -8.30
N GLY W 119 -63.61 57.95 -7.38
CA GLY W 119 -63.82 58.31 -6.00
C GLY W 119 -64.04 57.20 -5.01
N THR W 120 -63.85 57.52 -3.74
CA THR W 120 -64.04 56.58 -2.64
C THR W 120 -64.75 57.26 -1.49
N MET W 121 -65.91 56.74 -1.13
CA MET W 121 -66.67 57.31 -0.03
C MET W 121 -66.38 56.58 1.26
N VAL W 122 -66.05 57.35 2.29
CA VAL W 122 -65.77 56.81 3.61
C VAL W 122 -66.64 57.58 4.57
N THR W 123 -67.13 56.90 5.60
CA THR W 123 -67.98 57.54 6.59
C THR W 123 -67.47 57.26 7.99
N VAL W 124 -67.38 58.31 8.80
CA VAL W 124 -66.90 58.16 10.15
C VAL W 124 -67.95 58.64 11.15
N SER W 125 -68.65 57.68 11.75
CA SER W 125 -69.68 58.00 12.74
C SER W 125 -69.69 56.89 13.77
N SER W 126 -69.99 57.26 15.02
CA SER W 126 -70.04 56.30 16.11
C SER W 126 -71.18 55.30 15.90
N ALA W 127 -72.18 55.73 15.15
CA ALA W 127 -73.36 54.91 14.88
C ALA W 127 -73.04 53.53 14.30
N SER W 128 -73.29 52.49 15.07
CA SER W 128 -73.07 51.12 14.61
C SER W 128 -74.19 50.70 13.67
N THR W 129 -74.01 49.58 12.98
CA THR W 129 -75.02 49.08 12.04
C THR W 129 -76.36 48.82 12.73
N LYS W 130 -77.44 49.14 12.04
CA LYS W 130 -78.78 48.96 12.57
C LYS W 130 -79.74 48.35 11.56
N GLY W 131 -80.78 47.69 12.06
CA GLY W 131 -81.78 47.09 11.19
C GLY W 131 -82.90 48.07 10.89
N PRO W 132 -83.25 48.25 9.61
CA PRO W 132 -84.31 49.17 9.21
C PRO W 132 -85.72 48.73 9.60
N SER W 133 -86.50 49.67 10.11
CA SER W 133 -87.87 49.39 10.53
C SER W 133 -88.81 49.77 9.39
N VAL W 134 -89.56 48.78 8.88
CA VAL W 134 -90.48 49.02 7.78
C VAL W 134 -91.92 49.21 8.26
N PHE W 135 -92.46 50.40 7.98
CA PHE W 135 -93.83 50.72 8.37
C PHE W 135 -94.61 51.21 7.15
N PRO W 136 -95.80 50.65 6.92
CA PRO W 136 -96.68 51.00 5.79
C PRO W 136 -97.34 52.37 5.86
N LEU W 137 -97.44 53.03 4.72
CA LEU W 137 -98.07 54.34 4.64
C LEU W 137 -99.13 54.37 3.54
N ALA W 138 -100.39 54.46 3.94
CA ALA W 138 -101.49 54.50 2.98
C ALA W 138 -102.27 55.81 3.16
N PRO W 139 -103.16 56.13 2.20
CA PRO W 139 -103.94 57.37 2.30
C PRO W 139 -104.79 57.43 3.57
N SER W 140 -104.74 58.57 4.25
CA SER W 140 -105.52 58.77 5.47
C SER W 140 -106.98 58.69 5.07
N SER W 141 -107.21 58.91 3.79
CA SER W 141 -108.52 58.87 3.17
C SER W 141 -108.21 58.82 1.69
N LYS W 142 -109.10 58.21 0.90
CA LYS W 142 -108.87 58.12 -0.53
C LYS W 142 -108.45 59.51 -0.99
N SER W 143 -107.21 59.63 -1.47
CA SER W 143 -106.66 60.91 -1.92
C SER W 143 -107.56 61.62 -2.91
N THR W 144 -107.92 60.95 -4.00
CA THR W 144 -108.79 61.54 -5.02
C THR W 144 -108.30 62.91 -5.47
N SER W 145 -107.01 63.18 -5.30
CA SER W 145 -106.45 64.47 -5.68
C SER W 145 -105.74 64.40 -7.04
N GLY W 146 -106.36 65.01 -8.04
CA GLY W 146 -105.78 64.99 -9.37
C GLY W 146 -105.98 63.65 -10.02
N GLY W 147 -105.55 62.60 -9.32
CA GLY W 147 -105.70 61.26 -9.85
C GLY W 147 -105.07 60.18 -8.98
N THR W 148 -105.67 58.99 -9.01
CA THR W 148 -105.19 57.84 -8.27
C THR W 148 -105.04 58.05 -6.77
N ALA W 149 -104.03 57.39 -6.20
CA ALA W 149 -103.74 57.48 -4.78
C ALA W 149 -102.24 57.29 -4.56
N ALA W 150 -101.75 57.72 -3.40
CA ALA W 150 -100.33 57.59 -3.08
C ALA W 150 -100.10 56.75 -1.83
N LEU W 151 -99.54 55.55 -2.03
CA LEU W 151 -99.25 54.65 -0.91
C LEU W 151 -97.78 54.25 -0.96
N GLY W 152 -97.16 54.13 0.21
CA GLY W 152 -95.76 53.76 0.26
C GLY W 152 -95.33 53.13 1.57
N CYS W 153 -94.02 53.15 1.83
CA CYS W 153 -93.45 52.57 3.05
C CYS W 153 -92.50 53.56 3.71
N LEU W 154 -92.11 53.26 4.94
CA LEU W 154 -91.19 54.12 5.67
C LEU W 154 -90.18 53.31 6.48
N VAL W 155 -88.92 53.37 6.07
CA VAL W 155 -87.84 52.69 6.78
C VAL W 155 -87.18 53.75 7.66
N LYS W 156 -87.25 53.56 8.96
CA LYS W 156 -86.68 54.53 9.90
C LYS W 156 -85.65 53.95 10.87
N ASP W 157 -84.68 54.79 11.22
CA ASP W 157 -83.61 54.40 12.15
C ASP W 157 -82.79 53.22 11.66
N TYR W 158 -82.02 53.43 10.58
CA TYR W 158 -81.19 52.35 10.03
C TYR W 158 -79.81 52.86 9.61
N PHE W 159 -78.81 52.01 9.77
CA PHE W 159 -77.45 52.35 9.38
C PHE W 159 -76.74 51.06 8.95
N PRO W 160 -75.89 51.13 7.93
CA PRO W 160 -75.55 52.33 7.16
C PRO W 160 -76.18 52.32 5.75
N GLU W 161 -76.63 53.48 5.30
CA GLU W 161 -77.25 53.61 3.99
C GLU W 161 -76.41 53.04 2.85
N PRO W 162 -77.05 52.56 1.78
CA PRO W 162 -78.52 52.53 1.70
C PRO W 162 -79.09 51.14 1.40
N VAL W 163 -80.38 50.97 1.67
CA VAL W 163 -81.08 49.71 1.43
C VAL W 163 -82.05 49.86 0.25
N THR W 164 -82.03 48.90 -0.66
CA THR W 164 -82.88 48.93 -1.83
C THR W 164 -84.31 48.46 -1.58
N VAL W 165 -85.27 49.33 -1.91
CA VAL W 165 -86.68 49.02 -1.75
C VAL W 165 -87.24 48.59 -3.10
N SER W 166 -87.81 47.40 -3.16
CA SER W 166 -88.36 46.89 -4.41
C SER W 166 -89.84 46.50 -4.25
N TRP W 167 -90.71 47.28 -4.86
CA TRP W 167 -92.14 47.02 -4.79
C TRP W 167 -92.52 45.76 -5.54
N ASN W 168 -92.98 44.75 -4.80
CA ASN W 168 -93.39 43.48 -5.37
C ASN W 168 -92.29 42.89 -6.26
N SER W 169 -91.08 42.81 -5.71
CA SER W 169 -89.94 42.26 -6.43
C SER W 169 -89.64 43.00 -7.73
N GLY W 170 -90.36 44.10 -7.96
CA GLY W 170 -90.15 44.87 -9.17
C GLY W 170 -91.38 44.89 -10.05
N ALA W 171 -92.46 44.30 -9.56
CA ALA W 171 -93.72 44.25 -10.30
C ALA W 171 -94.28 45.66 -10.39
N LEU W 172 -93.88 46.50 -9.44
CA LEU W 172 -94.34 47.88 -9.42
C LEU W 172 -93.17 48.83 -9.63
N THR W 173 -92.90 49.12 -10.89
CA THR W 173 -91.80 50.02 -11.27
C THR W 173 -92.37 51.33 -11.78
N SER W 174 -93.69 51.39 -11.87
CA SER W 174 -94.37 52.59 -12.36
C SER W 174 -94.83 53.52 -11.24
N GLY W 175 -94.32 54.75 -11.28
CA GLY W 175 -94.69 55.74 -10.28
C GLY W 175 -93.80 55.79 -9.06
N VAL W 176 -93.11 54.69 -8.77
CA VAL W 176 -92.23 54.63 -7.61
C VAL W 176 -91.18 55.73 -7.60
N HIS W 177 -91.05 56.40 -6.46
CA HIS W 177 -90.07 57.46 -6.30
C HIS W 177 -89.56 57.47 -4.87
N THR W 178 -88.36 56.93 -4.68
CA THR W 178 -87.75 56.88 -3.37
C THR W 178 -87.00 58.17 -3.09
N PHE W 179 -87.45 58.90 -2.07
CA PHE W 179 -86.83 60.16 -1.71
C PHE W 179 -85.57 59.95 -0.89
N PRO W 180 -84.52 60.76 -1.15
CA PRO W 180 -83.24 60.70 -0.45
C PRO W 180 -83.37 60.65 1.07
N ALA W 181 -82.72 59.65 1.68
CA ALA W 181 -82.76 59.48 3.13
C ALA W 181 -82.21 60.72 3.84
N VAL W 182 -82.46 60.80 5.14
CA VAL W 182 -81.99 61.94 5.93
C VAL W 182 -81.30 61.49 7.22
N LEU W 183 -80.27 62.23 7.60
CA LEU W 183 -79.50 61.95 8.81
C LEU W 183 -80.21 62.51 10.04
N GLN W 184 -80.66 61.62 10.91
CA GLN W 184 -81.35 62.04 12.13
C GLN W 184 -80.34 62.57 13.14
N SER W 185 -80.79 63.48 14.01
CA SER W 185 -79.91 64.04 15.03
C SER W 185 -79.32 62.90 15.83
N SER W 186 -79.99 61.75 15.76
CA SER W 186 -79.54 60.55 16.48
C SER W 186 -78.31 60.00 15.78
N GLY W 187 -78.36 59.98 14.45
CA GLY W 187 -77.23 59.47 13.69
C GLY W 187 -77.59 58.33 12.74
N LEU W 188 -78.89 58.04 12.64
CA LEU W 188 -79.36 56.96 11.77
C LEU W 188 -80.27 57.51 10.69
N TYR W 189 -79.97 57.15 9.43
CA TYR W 189 -80.73 57.62 8.28
C TYR W 189 -82.17 57.11 8.21
N SER W 190 -82.92 57.62 7.24
CA SER W 190 -84.31 57.25 7.03
C SER W 190 -84.77 57.72 5.65
N LEU W 191 -85.29 56.80 4.85
CA LEU W 191 -85.77 57.12 3.51
C LEU W 191 -87.21 56.65 3.30
N SER W 192 -87.81 57.08 2.20
CA SER W 192 -89.18 56.70 1.88
C SER W 192 -89.38 56.48 0.39
N SER W 193 -90.20 55.49 0.05
CA SER W 193 -90.48 55.17 -1.34
C SER W 193 -91.99 55.12 -1.54
N VAL W 194 -92.52 56.08 -2.31
CA VAL W 194 -93.95 56.15 -2.56
C VAL W 194 -94.26 55.82 -4.02
N VAL W 195 -95.47 55.33 -4.26
CA VAL W 195 -95.89 54.97 -5.62
C VAL W 195 -97.19 55.66 -6.00
N THR W 196 -97.42 55.80 -7.30
CA THR W 196 -98.62 56.44 -7.81
C THR W 196 -99.47 55.42 -8.58
N VAL W 197 -100.32 54.71 -7.86
CA VAL W 197 -101.19 53.70 -8.47
C VAL W 197 -102.65 54.18 -8.49
N PRO W 198 -103.40 53.76 -9.52
CA PRO W 198 -104.82 54.15 -9.66
C PRO W 198 -105.64 53.97 -8.39
N SER W 199 -106.45 54.98 -8.08
CA SER W 199 -107.30 54.95 -6.89
C SER W 199 -108.48 54.01 -7.09
N SER W 200 -108.58 53.43 -8.28
CA SER W 200 -109.66 52.50 -8.59
C SER W 200 -109.22 51.07 -8.33
N SER W 201 -108.06 50.92 -7.72
CA SER W 201 -107.52 49.60 -7.41
C SER W 201 -106.93 49.55 -6.00
N LEU W 202 -107.42 50.42 -5.13
CA LEU W 202 -106.93 50.46 -3.74
C LEU W 202 -107.21 49.16 -3.02
N GLY W 203 -108.02 48.30 -3.63
CA GLY W 203 -108.34 47.03 -3.03
C GLY W 203 -108.24 45.88 -4.01
N THR W 204 -107.84 46.19 -5.24
CA THR W 204 -107.70 45.18 -6.28
C THR W 204 -106.30 44.58 -6.27
N GLN W 205 -105.29 45.43 -6.11
CA GLN W 205 -103.91 44.98 -6.08
C GLN W 205 -103.20 45.50 -4.83
N THR W 206 -102.57 44.59 -4.09
CA THR W 206 -101.85 44.97 -2.88
C THR W 206 -100.43 45.40 -3.23
N TYR W 207 -99.79 46.12 -2.33
CA TYR W 207 -98.43 46.60 -2.56
C TYR W 207 -97.50 46.24 -1.40
N ILE W 208 -96.30 45.78 -1.74
CA ILE W 208 -95.32 45.41 -0.73
C ILE W 208 -93.92 45.88 -1.11
N CYS W 209 -93.29 46.62 -0.20
CA CYS W 209 -91.94 47.12 -0.42
C CYS W 209 -90.95 46.10 0.14
N ASN W 210 -90.10 45.56 -0.73
CA ASN W 210 -89.12 44.57 -0.31
C ASN W 210 -87.84 45.22 0.19
N VAL W 211 -87.92 45.83 1.37
CA VAL W 211 -86.76 46.49 1.96
C VAL W 211 -85.72 45.46 2.37
N ASN W 212 -84.67 45.34 1.57
CA ASN W 212 -83.59 44.40 1.83
C ASN W 212 -82.34 45.17 2.22
N HIS W 213 -81.88 44.97 3.46
CA HIS W 213 -80.69 45.67 3.94
C HIS W 213 -79.49 44.74 4.01
N LYS W 214 -78.44 45.09 3.27
CA LYS W 214 -77.22 44.29 3.26
C LYS W 214 -76.42 44.47 4.55
N PRO W 215 -76.36 45.69 5.09
CA PRO W 215 -75.62 45.93 6.33
C PRO W 215 -76.19 45.20 7.54
N SER W 216 -77.51 45.12 7.63
CA SER W 216 -78.17 44.45 8.75
C SER W 216 -78.71 43.07 8.37
N ASN W 217 -78.66 42.73 7.09
CA ASN W 217 -79.17 41.45 6.63
C ASN W 217 -80.61 41.32 7.09
N THR W 218 -81.35 42.43 7.01
CA THR W 218 -82.74 42.47 7.42
C THR W 218 -83.69 42.64 6.24
N LYS W 219 -84.36 41.56 5.88
CA LYS W 219 -85.32 41.59 4.78
C LYS W 219 -86.72 41.70 5.37
N VAL W 220 -87.31 42.88 5.26
CA VAL W 220 -88.65 43.12 5.80
C VAL W 220 -89.62 43.57 4.72
N ASP W 221 -90.66 42.77 4.49
CA ASP W 221 -91.67 43.09 3.50
C ASP W 221 -92.93 43.55 4.25
N LYS W 222 -93.51 44.64 3.79
CA LYS W 222 -94.70 45.18 4.45
C LYS W 222 -95.85 45.36 3.47
N LYS W 223 -97.08 45.33 3.99
CA LYS W 223 -98.28 45.49 3.17
C LYS W 223 -98.81 46.91 3.35
N VAL W 224 -99.23 47.53 2.25
CA VAL W 224 -99.76 48.89 2.30
C VAL W 224 -101.21 48.92 1.81
N GLU W 225 -102.13 49.23 2.72
CA GLU W 225 -103.55 49.28 2.39
C GLU W 225 -104.25 50.32 3.27
N PRO W 226 -105.26 51.02 2.72
CA PRO W 226 -105.99 52.02 3.48
C PRO W 226 -106.84 51.41 4.60
N GLN X 1 -6.62 16.14 1.75
CA GLN X 1 -5.62 15.30 1.05
C GLN X 1 -4.62 16.15 0.26
N VAL X 2 -3.74 16.82 0.99
CA VAL X 2 -2.72 17.67 0.36
C VAL X 2 -1.34 17.10 0.67
N GLN X 3 -0.64 16.66 -0.37
CA GLN X 3 0.69 16.09 -0.22
C GLN X 3 1.79 17.13 -0.42
N LEU X 4 2.98 16.78 0.03
CA LEU X 4 4.14 17.66 -0.09
C LEU X 4 5.37 16.85 -0.47
N VAL X 5 5.86 17.06 -1.68
CA VAL X 5 7.04 16.35 -2.15
C VAL X 5 8.27 17.20 -1.87
N GLN X 6 9.25 16.64 -1.17
CA GLN X 6 10.46 17.36 -0.85
C GLN X 6 11.68 16.76 -1.54
N SER X 7 12.51 17.64 -2.10
CA SER X 7 13.72 17.23 -2.81
C SER X 7 14.50 16.16 -2.06
N GLY X 8 15.04 15.21 -2.82
CA GLY X 8 15.81 14.13 -2.21
C GLY X 8 16.92 14.65 -1.33
N ALA X 9 17.01 14.12 -0.11
CA ALA X 9 18.04 14.53 0.84
C ALA X 9 19.37 14.74 0.14
N GLU X 10 19.98 15.91 0.36
CA GLU X 10 21.27 16.22 -0.26
C GLU X 10 22.37 16.44 0.77
N VAL X 11 23.61 16.42 0.29
CA VAL X 11 24.76 16.62 1.15
C VAL X 11 25.86 17.37 0.39
N LYS X 12 26.38 18.43 1.00
CA LYS X 12 27.44 19.22 0.38
C LYS X 12 28.37 19.82 1.42
N LYS X 13 29.62 20.00 1.03
CA LYS X 13 30.65 20.55 1.92
C LYS X 13 30.36 21.99 2.30
N PRO X 14 30.88 22.43 3.46
CA PRO X 14 30.67 23.79 3.94
C PRO X 14 31.20 24.80 2.92
N GLY X 15 30.51 25.94 2.80
CA GLY X 15 30.93 26.95 1.85
C GLY X 15 30.20 26.74 0.54
N ALA X 16 29.77 25.51 0.29
CA ALA X 16 29.02 25.17 -0.92
C ALA X 16 27.57 25.54 -0.65
N SER X 17 26.69 25.29 -1.61
CA SER X 17 25.28 25.65 -1.43
C SER X 17 24.28 24.59 -1.94
N VAL X 18 23.13 24.53 -1.28
CA VAL X 18 22.08 23.58 -1.64
C VAL X 18 20.73 24.30 -1.78
N THR X 19 19.76 23.64 -2.39
CA THR X 19 18.43 24.23 -2.60
C THR X 19 17.32 23.20 -2.42
N VAL X 20 16.48 23.41 -1.41
CA VAL X 20 15.37 22.50 -1.12
C VAL X 20 14.14 22.86 -1.95
N SER X 21 13.48 21.86 -2.51
CA SER X 21 12.28 22.08 -3.32
C SER X 21 11.06 21.41 -2.68
N CYS X 22 9.93 22.10 -2.71
CA CYS X 22 8.69 21.60 -2.13
C CYS X 22 7.56 21.56 -3.17
N GLN X 23 6.84 20.45 -3.22
CA GLN X 23 5.71 20.30 -4.15
C GLN X 23 4.42 20.26 -3.35
N VAL X 24 3.32 20.62 -4.00
CA VAL X 24 2.02 20.63 -3.34
C VAL X 24 0.96 19.92 -4.17
N SER X 25 0.02 19.28 -3.49
CA SER X 25 -1.06 18.56 -4.17
C SER X 25 -2.39 19.00 -3.58
N GLY X 26 -3.40 19.09 -4.44
CA GLY X 26 -4.71 19.52 -3.98
C GLY X 26 -4.79 21.03 -4.05
N TYR X 27 -4.85 21.67 -2.88
CA TYR X 27 -4.92 23.13 -2.84
C TYR X 27 -3.68 23.76 -3.45
N THR X 28 -3.89 24.60 -4.46
CA THR X 28 -2.78 25.27 -5.12
C THR X 28 -1.98 26.09 -4.12
N LEU X 29 -0.67 25.92 -4.13
CA LEU X 29 0.20 26.64 -3.24
C LEU X 29 -0.07 28.14 -3.40
N THR X 30 -0.51 28.52 -4.60
CA THR X 30 -0.81 29.90 -4.92
C THR X 30 -1.77 30.59 -3.94
N SER X 31 -2.79 29.86 -3.50
CA SER X 31 -3.76 30.42 -2.56
C SER X 31 -3.42 30.05 -1.13
N TYR X 32 -2.14 29.74 -0.90
CA TYR X 32 -1.65 29.37 0.42
C TYR X 32 -0.24 29.90 0.62
N GLY X 33 0.10 30.25 1.86
CA GLY X 33 1.43 30.76 2.13
C GLY X 33 2.40 29.62 2.38
N LEU X 34 3.61 29.96 2.81
CA LEU X 34 4.61 28.93 3.08
C LEU X 34 5.79 29.45 3.90
N SER X 35 6.40 28.55 4.67
CA SER X 35 7.55 28.87 5.51
C SER X 35 8.38 27.60 5.69
N TRP X 36 9.64 27.76 6.06
CA TRP X 36 10.51 26.61 6.26
C TRP X 36 11.11 26.58 7.66
N VAL X 37 11.20 25.38 8.23
CA VAL X 37 11.75 25.19 9.57
C VAL X 37 12.84 24.12 9.59
N ARG X 38 13.96 24.44 10.23
CA ARG X 38 15.06 23.48 10.32
C ARG X 38 14.88 22.62 11.57
N GLN X 39 15.24 21.35 11.46
CA GLN X 39 15.13 20.42 12.56
C GLN X 39 16.48 19.78 12.82
N ALA X 40 17.33 20.49 13.57
CA ALA X 40 18.64 19.95 13.89
C ALA X 40 18.40 18.64 14.63
N PRO X 41 19.27 17.64 14.45
CA PRO X 41 19.07 16.35 15.12
C PRO X 41 18.82 16.50 16.63
N GLY X 42 17.65 16.06 17.07
CA GLY X 42 17.30 16.15 18.48
C GLY X 42 17.74 17.47 19.08
N GLN X 43 17.36 18.56 18.40
CA GLN X 43 17.75 19.90 18.84
C GLN X 43 16.53 20.81 18.90
N GLY X 44 15.36 20.27 18.60
CA GLY X 44 14.15 21.07 18.60
C GLY X 44 13.92 21.59 17.19
N LEU X 45 13.07 22.59 17.05
CA LEU X 45 12.78 23.14 15.73
C LEU X 45 13.10 24.64 15.70
N GLU X 46 13.34 25.17 14.50
CA GLU X 46 13.65 26.59 14.34
C GLU X 46 13.14 27.14 13.02
N TRP X 47 12.21 28.09 13.10
CA TRP X 47 11.64 28.72 11.92
C TRP X 47 12.73 29.49 11.18
N VAL X 48 12.75 29.38 9.86
CA VAL X 48 13.77 30.05 9.06
C VAL X 48 13.25 31.17 8.17
N GLY X 49 12.57 30.82 7.08
CA GLY X 49 12.06 31.83 6.18
C GLY X 49 10.57 31.73 5.90
N TRP X 50 10.02 32.77 5.28
CA TRP X 50 8.59 32.79 4.96
C TRP X 50 8.30 33.52 3.64
N ILE X 51 7.56 32.86 2.76
CA ILE X 51 7.21 33.46 1.46
C ILE X 51 5.69 33.34 1.29
N ASN X 52 5.14 34.13 0.38
CA ASN X 52 3.70 34.11 0.11
C ASN X 52 3.44 34.09 -1.39
N THR X 53 3.06 32.93 -1.91
CA THR X 53 2.77 32.78 -3.33
C THR X 53 1.69 33.79 -3.72
N TYR X 54 1.74 34.27 -4.96
CA TYR X 54 0.76 35.23 -5.45
C TYR X 54 0.82 36.53 -4.64
N ASP X 55 1.87 36.66 -3.84
CA ASP X 55 2.06 37.84 -2.99
C ASP X 55 3.50 38.31 -2.98
N GLY X 56 4.40 37.49 -3.53
CA GLY X 56 5.80 37.83 -3.59
C GLY X 56 6.37 38.58 -2.39
N GLN X 57 5.98 38.16 -1.19
CA GLN X 57 6.47 38.79 0.03
C GLN X 57 7.45 37.81 0.68
N THR X 58 8.48 38.35 1.33
CA THR X 58 9.48 37.49 1.97
C THR X 58 10.04 38.07 3.27
N LYS X 59 10.14 37.21 4.28
CA LYS X 59 10.67 37.61 5.58
C LYS X 59 11.60 36.50 6.07
N TYR X 60 12.81 36.89 6.50
CA TYR X 60 13.78 35.91 6.97
C TYR X 60 14.24 36.14 8.39
N VAL X 61 14.95 35.15 8.94
CA VAL X 61 15.50 35.22 10.28
C VAL X 61 16.65 36.21 10.28
N LYS X 62 16.73 37.06 11.29
CA LYS X 62 17.81 38.04 11.38
C LYS X 62 19.15 37.31 11.29
N LYS X 63 19.17 36.07 11.77
CA LYS X 63 20.37 35.26 11.78
C LYS X 63 20.95 34.89 10.42
N PHE X 64 20.13 34.33 9.54
CA PHE X 64 20.61 33.91 8.22
C PHE X 64 20.17 34.78 7.04
N GLN X 65 19.86 36.04 7.28
CA GLN X 65 19.45 36.91 6.19
C GLN X 65 20.52 36.98 5.11
N GLY X 66 20.09 36.88 3.85
CA GLY X 66 21.02 36.92 2.74
C GLY X 66 21.44 35.52 2.36
N ARG X 67 21.97 34.78 3.33
CA ARG X 67 22.41 33.41 3.13
C ARG X 67 21.28 32.59 2.50
N VAL X 68 20.11 32.68 3.10
CA VAL X 68 18.94 31.95 2.62
C VAL X 68 18.05 32.88 1.78
N THR X 69 17.24 32.28 0.91
CA THR X 69 16.34 33.05 0.06
C THR X 69 15.22 32.16 -0.49
N MET X 70 14.01 32.71 -0.52
CA MET X 70 12.85 31.97 -1.01
C MET X 70 12.65 32.10 -2.51
N THR X 71 11.85 31.19 -3.06
CA THR X 71 11.55 31.19 -4.49
C THR X 71 10.25 30.41 -4.68
N THR X 72 9.53 30.70 -5.77
CA THR X 72 8.28 30.02 -6.03
C THR X 72 7.98 29.90 -7.53
N HIS X 73 7.70 28.67 -7.97
CA HIS X 73 7.36 28.42 -9.36
C HIS X 73 5.85 28.32 -9.44
N THR X 74 5.18 29.46 -9.49
CA THR X 74 3.73 29.51 -9.57
C THR X 74 3.24 28.63 -10.70
N GLY X 75 4.10 28.41 -11.69
CA GLY X 75 3.73 27.59 -12.83
C GLY X 75 3.77 26.09 -12.61
N THR X 76 4.66 25.62 -11.75
CA THR X 76 4.77 24.18 -11.49
C THR X 76 4.20 23.75 -10.15
N ASN X 77 3.66 24.71 -9.40
CA ASN X 77 3.09 24.42 -8.09
C ASN X 77 4.13 23.89 -7.12
N THR X 78 5.31 24.51 -7.12
CA THR X 78 6.39 24.09 -6.23
C THR X 78 7.17 25.31 -5.72
N ALA X 79 7.57 25.26 -4.46
CA ALA X 79 8.32 26.35 -3.86
C ALA X 79 9.79 25.95 -3.74
N TYR X 80 10.68 26.94 -3.65
CA TYR X 80 12.10 26.68 -3.53
C TYR X 80 12.72 27.38 -2.33
N MET X 81 13.77 26.77 -1.79
CA MET X 81 14.49 27.32 -0.65
C MET X 81 15.97 27.27 -1.00
N GLU X 82 16.58 28.44 -1.13
CA GLU X 82 17.99 28.52 -1.49
C GLU X 82 18.89 28.86 -0.30
N MET X 83 19.99 28.12 -0.18
CA MET X 83 20.96 28.34 0.89
C MET X 83 22.37 28.34 0.31
N LYS X 84 22.99 29.51 0.28
CA LYS X 84 24.34 29.66 -0.25
C LYS X 84 25.36 29.75 0.88
N SER X 85 26.64 29.56 0.56
CA SER X 85 27.72 29.60 1.54
C SER X 85 27.31 28.91 2.84
N LEU X 86 26.86 27.66 2.71
CA LEU X 86 26.42 26.87 3.86
C LEU X 86 27.45 26.81 4.98
N ARG X 87 26.98 26.42 6.16
CA ARG X 87 27.85 26.31 7.33
C ARG X 87 27.75 24.90 7.92
N SER X 88 28.89 24.36 8.35
CA SER X 88 28.96 23.03 8.92
C SER X 88 27.82 22.71 9.89
N ASP X 89 27.56 23.64 10.81
CA ASP X 89 26.52 23.48 11.82
C ASP X 89 25.09 23.47 11.27
N ASP X 90 24.82 24.37 10.34
CA ASP X 90 23.48 24.52 9.75
C ASP X 90 22.76 23.25 9.27
N THR X 91 23.50 22.20 8.95
CA THR X 91 22.88 20.97 8.47
C THR X 91 21.82 20.41 9.42
N ALA X 92 20.70 19.98 8.84
CA ALA X 92 19.59 19.43 9.61
C ALA X 92 18.45 19.08 8.66
N VAL X 93 17.29 18.74 9.21
CA VAL X 93 16.13 18.40 8.39
C VAL X 93 15.34 19.67 8.13
N TYR X 94 14.79 19.79 6.93
CA TYR X 94 14.01 20.98 6.56
C TYR X 94 12.59 20.62 6.11
N TYR X 95 11.64 21.48 6.48
CA TYR X 95 10.24 21.25 6.13
C TYR X 95 9.57 22.48 5.50
N CYS X 96 8.37 22.26 4.97
CA CYS X 96 7.57 23.32 4.34
C CYS X 96 6.09 23.05 4.58
N ALA X 97 5.44 23.91 5.36
CA ALA X 97 4.02 23.74 5.67
C ALA X 97 3.17 24.93 5.23
N ARG X 98 1.87 24.70 5.05
CA ARG X 98 0.95 25.75 4.62
C ARG X 98 0.80 26.87 5.65
N VAL X 99 0.42 28.05 5.16
CA VAL X 99 0.20 29.19 6.03
C VAL X 99 -1.02 29.93 5.52
N GLU X 100 -1.79 30.49 6.44
CA GLU X 100 -3.00 31.21 6.07
C GLU X 100 -2.68 32.66 5.73
N GLY X 101 -1.66 33.21 6.40
CA GLY X 101 -1.26 34.58 6.16
C GLY X 101 -1.02 34.84 4.68
N VAL X 102 -2.09 35.15 3.97
CA VAL X 102 -2.01 35.43 2.54
C VAL X 102 -2.87 36.65 2.23
N ARG X 103 -2.72 37.19 1.02
CA ARG X 103 -3.48 38.36 0.60
C ARG X 103 -3.38 39.47 1.64
N GLY X 104 -4.53 40.11 1.91
CA GLY X 104 -4.58 41.21 2.86
C GLY X 104 -3.78 41.08 4.15
N VAL X 105 -3.70 39.87 4.70
CA VAL X 105 -2.97 39.66 5.94
C VAL X 105 -1.47 39.96 5.82
N MET X 106 -0.80 39.32 4.88
CA MET X 106 0.62 39.53 4.69
C MET X 106 1.39 38.91 5.86
N GLY X 107 0.99 39.28 7.08
CA GLY X 107 1.62 38.75 8.27
C GLY X 107 1.34 37.28 8.49
N PHE X 108 2.37 36.56 8.90
CA PHE X 108 2.28 35.13 9.15
C PHE X 108 1.53 34.79 10.46
N HIS X 109 1.96 35.42 11.54
CA HIS X 109 1.39 35.24 12.88
C HIS X 109 0.04 34.50 13.00
N TYR X 110 -1.05 35.16 12.59
CA TYR X 110 -2.38 34.57 12.67
C TYR X 110 -2.45 33.11 12.22
N TYR X 111 -1.89 32.84 11.05
CA TYR X 111 -1.91 31.50 10.48
C TYR X 111 -1.27 30.41 11.32
N PRO X 112 -1.92 29.24 11.35
CA PRO X 112 -1.43 28.07 12.09
C PRO X 112 -0.89 27.10 11.04
N MET X 113 0.42 26.87 11.07
CA MET X 113 1.08 25.99 10.11
C MET X 113 0.33 24.68 9.88
N ASP X 114 0.05 24.37 8.62
CA ASP X 114 -0.69 23.16 8.28
C ASP X 114 0.02 22.32 7.21
N VAL X 115 -0.01 21.01 7.39
CA VAL X 115 0.60 20.07 6.45
C VAL X 115 2.12 20.21 6.39
N TRP X 116 2.83 19.35 7.10
CA TRP X 116 4.29 19.41 7.10
C TRP X 116 4.86 18.42 6.09
N GLY X 117 5.97 18.79 5.46
CA GLY X 117 6.58 17.91 4.47
C GLY X 117 7.41 16.79 5.05
N GLN X 118 7.48 15.67 4.32
CA GLN X 118 8.26 14.52 4.76
C GLN X 118 9.64 14.96 5.21
N GLY X 119 10.07 16.12 4.71
CA GLY X 119 11.37 16.66 5.09
C GLY X 119 12.57 16.27 4.27
N THR X 120 13.54 17.17 4.21
CA THR X 120 14.77 16.95 3.49
C THR X 120 15.93 16.88 4.46
N MET X 121 16.82 15.91 4.25
CA MET X 121 17.97 15.76 5.12
C MET X 121 19.24 16.23 4.46
N VAL X 122 19.68 17.43 4.84
CA VAL X 122 20.91 18.00 4.31
C VAL X 122 21.98 17.75 5.35
N THR X 123 23.23 17.60 4.91
CA THR X 123 24.32 17.34 5.84
C THR X 123 25.55 18.14 5.43
N VAL X 124 25.91 19.12 6.27
CA VAL X 124 27.07 19.95 5.99
C VAL X 124 28.28 19.42 6.75
N SER X 125 29.13 18.69 6.04
CA SER X 125 30.33 18.13 6.64
C SER X 125 31.46 18.22 5.61
N SER X 126 32.56 18.85 6.01
CA SER X 126 33.71 19.02 5.13
C SER X 126 34.24 17.70 4.58
N ALA X 127 34.07 16.63 5.34
CA ALA X 127 34.54 15.31 4.94
C ALA X 127 33.95 14.84 3.61
N SER X 128 34.80 14.22 2.79
CA SER X 128 34.35 13.73 1.49
C SER X 128 33.87 12.29 1.59
N THR X 129 33.19 11.82 0.53
CA THR X 129 32.68 10.46 0.51
C THR X 129 33.79 9.42 0.69
N LYS X 130 33.48 8.36 1.42
CA LYS X 130 34.46 7.30 1.70
C LYS X 130 33.86 5.91 1.55
N GLY X 131 34.72 4.93 1.29
CA GLY X 131 34.27 3.55 1.14
C GLY X 131 34.31 2.83 2.48
N PRO X 132 33.21 2.16 2.87
CA PRO X 132 33.15 1.44 4.14
C PRO X 132 34.02 0.19 4.20
N SER X 133 34.72 0.02 5.31
CA SER X 133 35.59 -1.13 5.52
C SER X 133 34.83 -2.20 6.28
N VAL X 134 34.65 -3.36 5.67
CA VAL X 134 33.91 -4.45 6.30
C VAL X 134 34.84 -5.47 6.96
N PHE X 135 34.71 -5.61 8.28
CA PHE X 135 35.52 -6.56 9.04
C PHE X 135 34.60 -7.47 9.87
N PRO X 136 34.82 -8.79 9.80
CA PRO X 136 34.04 -9.80 10.52
C PRO X 136 34.27 -9.86 12.02
N LEU X 137 33.19 -10.09 12.77
CA LEU X 137 33.26 -10.18 14.22
C LEU X 137 32.58 -11.45 14.71
N ALA X 138 33.37 -12.38 15.23
CA ALA X 138 32.86 -13.65 15.73
C ALA X 138 33.21 -13.79 17.21
N PRO X 139 32.60 -14.77 17.89
CA PRO X 139 32.88 -14.96 19.32
C PRO X 139 34.36 -15.26 19.58
N SER X 140 34.94 -14.56 20.57
CA SER X 140 36.34 -14.76 20.92
C SER X 140 36.47 -16.20 21.41
N SER X 141 35.32 -16.74 21.81
CA SER X 141 35.20 -18.11 22.30
C SER X 141 33.71 -18.35 22.24
N LYS X 142 33.30 -19.61 22.06
CA LYS X 142 31.88 -19.92 22.02
C LYS X 142 31.23 -19.20 23.20
N SER X 143 30.37 -18.24 22.91
CA SER X 143 29.70 -17.44 23.95
C SER X 143 29.05 -18.31 25.02
N THR X 144 28.17 -19.22 24.60
CA THR X 144 27.48 -20.11 25.53
C THR X 144 26.82 -19.34 26.67
N SER X 145 26.52 -18.06 26.45
CA SER X 145 25.89 -17.24 27.47
C SER X 145 24.39 -17.11 27.26
N GLY X 146 23.62 -17.76 28.14
CA GLY X 146 22.18 -17.71 28.01
C GLY X 146 21.71 -18.60 26.87
N GLY X 147 22.27 -18.35 25.69
CA GLY X 147 21.89 -19.13 24.53
C GLY X 147 22.53 -18.69 23.24
N THR X 148 22.77 -19.65 22.35
CA THR X 148 23.36 -19.40 21.04
C THR X 148 24.71 -18.69 21.06
N ALA X 149 24.94 -17.87 20.05
CA ALA X 149 26.18 -17.11 19.91
C ALA X 149 25.88 -15.80 19.18
N ALA X 150 26.78 -14.84 19.31
CA ALA X 150 26.61 -13.54 18.66
C ALA X 150 27.75 -13.22 17.69
N LEU X 151 27.44 -13.22 16.40
CA LEU X 151 28.43 -12.92 15.38
C LEU X 151 27.91 -11.81 14.48
N GLY X 152 28.80 -10.92 14.06
CA GLY X 152 28.40 -9.82 13.20
C GLY X 152 29.51 -9.24 12.35
N CYS X 153 29.30 -8.01 11.87
CA CYS X 153 30.28 -7.32 11.05
C CYS X 153 30.53 -5.91 11.57
N LEU X 154 31.56 -5.27 11.06
CA LEU X 154 31.90 -3.92 11.47
C LEU X 154 32.37 -3.06 10.30
N VAL X 155 31.56 -2.07 9.94
CA VAL X 155 31.90 -1.16 8.86
C VAL X 155 32.44 0.09 9.54
N LYS X 156 33.71 0.40 9.28
CA LYS X 156 34.34 1.55 9.91
C LYS X 156 34.92 2.57 8.93
N ASP X 157 34.89 3.84 9.34
CA ASP X 157 35.40 4.94 8.52
C ASP X 157 34.73 5.07 7.17
N TYR X 158 33.45 5.44 7.17
CA TYR X 158 32.71 5.59 5.92
C TYR X 158 31.81 6.83 5.93
N PHE X 159 31.67 7.46 4.77
CA PHE X 159 30.84 8.63 4.61
C PHE X 159 30.26 8.65 3.21
N PRO X 160 29.01 9.06 3.05
CA PRO X 160 28.10 9.52 4.09
C PRO X 160 27.00 8.52 4.44
N GLU X 161 26.68 8.39 5.72
CA GLU X 161 25.65 7.45 6.17
C GLU X 161 24.32 7.61 5.43
N PRO X 162 23.56 6.51 5.29
CA PRO X 162 23.98 5.20 5.78
C PRO X 162 23.96 4.09 4.72
N VAL X 163 24.66 3.00 5.01
CA VAL X 163 24.73 1.86 4.11
C VAL X 163 23.94 0.68 4.69
N THR X 164 23.13 0.05 3.85
CA THR X 164 22.30 -1.07 4.28
C THR X 164 23.05 -2.40 4.34
N VAL X 165 23.03 -3.03 5.50
CA VAL X 165 23.67 -4.32 5.71
C VAL X 165 22.61 -5.41 5.62
N SER X 166 22.81 -6.36 4.71
CA SER X 166 21.85 -7.45 4.54
C SER X 166 22.51 -8.81 4.69
N TRP X 167 22.20 -9.49 5.78
CA TRP X 167 22.76 -10.81 6.05
C TRP X 167 22.24 -11.85 5.06
N ASN X 168 23.14 -12.37 4.24
CA ASN X 168 22.81 -13.37 3.24
C ASN X 168 21.64 -12.93 2.37
N SER X 169 21.75 -11.72 1.83
CA SER X 169 20.72 -11.16 0.95
C SER X 169 19.36 -11.08 1.64
N GLY X 170 19.32 -11.36 2.93
CA GLY X 170 18.07 -11.31 3.67
C GLY X 170 17.67 -12.68 4.19
N ALA X 171 18.54 -13.66 4.00
CA ALA X 171 18.27 -15.02 4.46
C ALA X 171 18.30 -15.03 5.98
N LEU X 172 19.01 -14.07 6.55
CA LEU X 172 19.13 -13.95 7.99
C LEU X 172 18.47 -12.66 8.47
N THR X 173 17.18 -12.74 8.75
CA THR X 173 16.42 -11.59 9.22
C THR X 173 16.06 -11.78 10.70
N SER X 174 16.42 -12.94 11.23
CA SER X 174 16.13 -13.27 12.62
C SER X 174 17.29 -12.95 13.57
N GLY X 175 17.02 -12.07 14.53
CA GLY X 175 18.04 -11.71 15.50
C GLY X 175 18.89 -10.50 15.14
N VAL X 176 18.96 -10.20 13.84
CA VAL X 176 19.76 -9.07 13.37
C VAL X 176 19.36 -7.75 14.03
N HIS X 177 20.36 -7.02 14.51
CA HIS X 177 20.12 -5.73 15.15
C HIS X 177 21.30 -4.81 14.84
N THR X 178 21.08 -3.88 13.91
CA THR X 178 22.10 -2.93 13.53
C THR X 178 22.06 -1.72 14.45
N PHE X 179 23.13 -1.51 15.20
CA PHE X 179 23.20 -0.40 16.13
C PHE X 179 23.56 0.91 15.41
N PRO X 180 22.92 2.01 15.82
CA PRO X 180 23.13 3.34 15.23
C PRO X 180 24.61 3.72 15.11
N ALA X 181 25.00 4.12 13.91
CA ALA X 181 26.39 4.52 13.64
C ALA X 181 26.81 5.67 14.54
N VAL X 182 28.12 5.93 14.61
CA VAL X 182 28.64 7.01 15.43
C VAL X 182 29.64 7.88 14.67
N LEU X 183 29.62 9.18 14.97
CA LEU X 183 30.51 10.14 14.32
C LEU X 183 31.88 10.13 15.01
N GLN X 184 32.90 9.70 14.28
CA GLN X 184 34.25 9.67 14.82
C GLN X 184 34.83 11.07 14.88
N SER X 185 35.75 11.30 15.81
CA SER X 185 36.38 12.60 15.94
C SER X 185 37.00 12.97 14.60
N SER X 186 37.22 11.96 13.77
CA SER X 186 37.79 12.16 12.45
C SER X 186 36.74 12.78 11.54
N GLY X 187 35.51 12.30 11.65
CA GLY X 187 34.43 12.82 10.84
C GLY X 187 33.73 11.78 9.98
N LEU X 188 34.10 10.52 10.17
CA LEU X 188 33.50 9.43 9.41
C LEU X 188 32.76 8.46 10.34
N TYR X 189 31.50 8.19 10.01
CA TYR X 189 30.65 7.31 10.81
C TYR X 189 31.10 5.85 10.85
N SER X 190 30.41 5.07 11.67
CA SER X 190 30.71 3.64 11.83
C SER X 190 29.55 2.95 12.55
N LEU X 191 29.02 1.90 11.93
CA LEU X 191 27.90 1.16 12.51
C LEU X 191 28.22 -0.32 12.61
N SER X 192 27.36 -1.07 13.30
CA SER X 192 27.55 -2.51 13.46
C SER X 192 26.22 -3.25 13.45
N SER X 193 26.23 -4.44 12.85
CA SER X 193 25.04 -5.27 12.75
C SER X 193 25.36 -6.67 13.27
N VAL X 194 24.77 -7.03 14.40
CA VAL X 194 25.00 -8.33 15.00
C VAL X 194 23.75 -9.21 14.93
N VAL X 195 23.95 -10.53 14.92
CA VAL X 195 22.84 -11.46 14.84
C VAL X 195 22.90 -12.47 15.98
N THR X 196 21.75 -13.06 16.29
CA THR X 196 21.65 -14.05 17.36
C THR X 196 21.26 -15.40 16.77
N VAL X 197 22.25 -16.18 16.36
CA VAL X 197 22.03 -17.49 15.78
C VAL X 197 22.49 -18.60 16.74
N PRO X 198 21.79 -19.75 16.72
CA PRO X 198 22.11 -20.88 17.59
C PRO X 198 23.60 -21.25 17.61
N SER X 199 24.12 -21.47 18.82
CA SER X 199 25.52 -21.83 19.01
C SER X 199 25.78 -23.26 18.57
N SER X 200 24.72 -23.96 18.16
CA SER X 200 24.84 -25.34 17.71
C SER X 200 25.00 -25.40 16.20
N SER X 201 25.20 -24.23 15.58
CA SER X 201 25.37 -24.14 14.14
C SER X 201 26.50 -23.17 13.77
N LEU X 202 27.44 -22.98 14.68
CA LEU X 202 28.57 -22.09 14.45
C LEU X 202 29.42 -22.56 13.27
N GLY X 203 29.16 -23.78 12.82
CA GLY X 203 29.90 -24.33 11.70
C GLY X 203 28.99 -24.98 10.67
N THR X 204 27.69 -24.94 10.92
CA THR X 204 26.72 -25.52 10.01
C THR X 204 26.29 -24.51 8.94
N GLN X 205 26.05 -23.28 9.36
CA GLN X 205 25.64 -22.22 8.45
C GLN X 205 26.55 -21.01 8.58
N THR X 206 27.07 -20.54 7.46
CA THR X 206 27.95 -19.37 7.46
C THR X 206 27.11 -18.09 7.37
N TYR X 207 27.71 -16.96 7.74
CA TYR X 207 27.01 -15.69 7.71
C TYR X 207 27.80 -14.63 6.96
N ILE X 208 27.11 -13.86 6.12
CA ILE X 208 27.74 -12.80 5.35
C ILE X 208 26.88 -11.55 5.31
N CYS X 209 27.47 -10.43 5.71
CA CYS X 209 26.80 -9.14 5.71
C CYS X 209 27.04 -8.47 4.36
N ASN X 210 25.96 -8.21 3.63
CA ASN X 210 26.07 -7.57 2.32
C ASN X 210 26.07 -6.06 2.43
N VAL X 211 27.17 -5.51 2.93
CA VAL X 211 27.31 -4.07 3.09
C VAL X 211 27.39 -3.41 1.72
N ASN X 212 26.28 -2.79 1.31
CA ASN X 212 26.22 -2.11 0.02
C ASN X 212 26.12 -0.61 0.26
N HIS X 213 27.13 0.12 -0.18
CA HIS X 213 27.15 1.58 0.01
C HIS X 213 26.87 2.31 -1.29
N LYS X 214 25.79 3.10 -1.29
CA LYS X 214 25.41 3.87 -2.47
C LYS X 214 26.34 5.06 -2.69
N PRO X 215 26.77 5.73 -1.61
CA PRO X 215 27.67 6.88 -1.74
C PRO X 215 29.03 6.52 -2.33
N SER X 216 29.57 5.37 -1.95
CA SER X 216 30.88 4.93 -2.43
C SER X 216 30.78 3.83 -3.49
N ASN X 217 29.57 3.32 -3.71
CA ASN X 217 29.37 2.26 -4.68
C ASN X 217 30.30 1.10 -4.32
N THR X 218 30.42 0.85 -3.02
CA THR X 218 31.28 -0.21 -2.52
C THR X 218 30.49 -1.37 -1.93
N LYS X 219 30.43 -2.47 -2.67
CA LYS X 219 29.71 -3.67 -2.20
C LYS X 219 30.73 -4.64 -1.64
N VAL X 220 30.78 -4.75 -0.32
CA VAL X 220 31.72 -5.65 0.33
C VAL X 220 31.02 -6.70 1.18
N ASP X 221 31.19 -7.96 0.82
CA ASP X 221 30.59 -9.06 1.56
C ASP X 221 31.70 -9.73 2.37
N LYS X 222 31.41 -10.01 3.63
CA LYS X 222 32.40 -10.63 4.50
C LYS X 222 31.86 -11.89 5.17
N LYS X 223 32.77 -12.80 5.53
CA LYS X 223 32.39 -14.05 6.18
C LYS X 223 32.67 -13.94 7.67
N VAL X 224 31.76 -14.46 8.49
CA VAL X 224 31.92 -14.41 9.94
C VAL X 224 31.94 -15.81 10.53
N GLU X 225 33.09 -16.21 11.07
CA GLU X 225 33.25 -17.54 11.66
C GLU X 225 34.26 -17.48 12.79
N PRO X 226 34.05 -18.29 13.85
CA PRO X 226 34.98 -18.31 14.99
C PRO X 226 36.34 -18.90 14.63
N SER Y 2 -91.92 -1.92 -8.40
CA SER Y 2 -91.42 -0.53 -8.60
C SER Y 2 -91.59 0.28 -7.32
N VAL Y 3 -91.61 1.60 -7.48
CA VAL Y 3 -91.77 2.51 -6.36
C VAL Y 3 -92.77 1.97 -5.34
N LEU Y 4 -92.41 2.03 -4.06
CA LEU Y 4 -93.28 1.54 -3.00
C LEU Y 4 -94.62 2.28 -3.06
N THR Y 5 -95.67 1.63 -2.58
CA THR Y 5 -97.00 2.24 -2.58
C THR Y 5 -97.12 3.21 -1.40
N GLN Y 6 -97.24 4.49 -1.71
CA GLN Y 6 -97.36 5.52 -0.69
C GLN Y 6 -98.54 6.42 -1.03
N PRO Y 7 -99.16 7.05 -0.02
CA PRO Y 7 -100.31 7.93 -0.28
C PRO Y 7 -99.89 9.26 -0.92
N PRO Y 8 -100.73 9.79 -1.82
CA PRO Y 8 -100.41 11.06 -2.49
C PRO Y 8 -100.25 12.21 -1.50
N SER Y 9 -101.11 12.25 -0.49
CA SER Y 9 -101.07 13.30 0.52
C SER Y 9 -101.80 12.91 1.79
N VAL Y 10 -101.45 13.58 2.89
CA VAL Y 10 -102.05 13.36 4.20
C VAL Y 10 -102.09 14.72 4.90
N SER Y 11 -103.14 14.97 5.67
CA SER Y 11 -103.26 16.24 6.37
C SER Y 11 -104.18 16.19 7.58
N GLY Y 12 -103.76 16.84 8.67
CA GLY Y 12 -104.55 16.86 9.89
C GLY Y 12 -104.42 18.18 10.61
N ALA Y 13 -105.15 18.31 11.73
CA ALA Y 13 -105.11 19.52 12.53
C ALA Y 13 -103.91 19.51 13.46
N PRO Y 14 -103.49 20.68 13.96
CA PRO Y 14 -102.34 20.75 14.86
C PRO Y 14 -102.56 19.90 16.11
N GLY Y 15 -101.56 19.10 16.46
CA GLY Y 15 -101.68 18.26 17.65
C GLY Y 15 -102.53 17.02 17.47
N GLN Y 16 -102.39 16.35 16.33
CA GLN Y 16 -103.14 15.13 16.07
C GLN Y 16 -102.25 14.03 15.53
N ARG Y 17 -102.82 12.85 15.32
CA ARG Y 17 -102.08 11.71 14.82
C ARG Y 17 -102.37 11.40 13.35
N VAL Y 18 -101.35 11.52 12.52
CA VAL Y 18 -101.47 11.24 11.10
C VAL Y 18 -100.64 10.02 10.74
N THR Y 19 -101.24 9.09 10.00
CA THR Y 19 -100.57 7.87 9.59
C THR Y 19 -100.32 7.83 8.09
N ILE Y 20 -99.09 7.51 7.72
CA ILE Y 20 -98.70 7.44 6.31
C ILE Y 20 -98.51 5.96 5.94
N SER Y 21 -99.47 5.42 5.18
CA SER Y 21 -99.43 4.02 4.78
C SER Y 21 -98.45 3.73 3.64
N CYS Y 22 -97.62 2.70 3.82
CA CYS Y 22 -96.61 2.31 2.84
C CYS Y 22 -96.60 0.79 2.67
N THR Y 23 -97.18 0.30 1.58
CA THR Y 23 -97.23 -1.15 1.32
C THR Y 23 -96.17 -1.57 0.31
N GLY Y 24 -95.67 -2.80 0.45
CA GLY Y 24 -94.65 -3.30 -0.46
C GLY Y 24 -94.98 -4.62 -1.13
N SER Y 25 -94.08 -5.07 -1.99
CA SER Y 25 -94.25 -6.32 -2.73
C SER Y 25 -93.72 -7.52 -1.95
N SER Y 26 -94.22 -8.71 -2.26
CA SER Y 26 -93.81 -9.93 -1.59
C SER Y 26 -92.31 -10.04 -1.40
N SER Y 27 -91.56 -9.46 -2.33
CA SER Y 27 -90.09 -9.50 -2.24
C SER Y 27 -89.66 -8.68 -1.01
N ASN Y 28 -90.33 -7.56 -0.79
CA ASN Y 28 -90.04 -6.69 0.33
C ASN Y 28 -90.85 -7.12 1.55
N ILE Y 29 -92.05 -7.65 1.30
CA ILE Y 29 -92.94 -8.11 2.35
C ILE Y 29 -92.35 -9.19 3.25
N GLY Y 30 -92.24 -10.40 2.73
CA GLY Y 30 -91.69 -11.49 3.51
C GLY Y 30 -90.30 -11.22 4.04
N ALA Y 31 -89.61 -10.28 3.40
CA ALA Y 31 -88.25 -9.93 3.81
C ALA Y 31 -88.26 -8.86 4.90
N GLY Y 32 -89.30 -8.02 4.89
CA GLY Y 32 -89.41 -6.96 5.88
C GLY Y 32 -88.08 -6.26 6.10
N TYR Y 33 -87.24 -6.24 5.08
CA TYR Y 33 -85.94 -5.58 5.19
C TYR Y 33 -86.13 -4.21 5.82
N ALA Y 34 -85.32 -3.91 6.82
CA ALA Y 34 -85.38 -2.65 7.54
C ALA Y 34 -85.95 -1.52 6.70
N VAL Y 35 -87.09 -0.98 7.14
CA VAL Y 35 -87.75 0.11 6.44
C VAL Y 35 -87.53 1.42 7.20
N HIS Y 36 -87.15 2.47 6.46
CA HIS Y 36 -86.88 3.76 7.07
C HIS Y 36 -87.69 4.86 6.41
N TRP Y 37 -87.82 5.99 7.10
CA TRP Y 37 -88.55 7.13 6.57
C TRP Y 37 -87.69 8.39 6.61
N TYR Y 38 -87.80 9.21 5.57
CA TYR Y 38 -87.01 10.43 5.47
C TYR Y 38 -87.87 11.68 5.34
N GLN Y 39 -87.63 12.65 6.21
CA GLN Y 39 -88.37 13.91 6.20
C GLN Y 39 -87.65 14.94 5.33
N GLN Y 40 -88.25 15.27 4.18
CA GLN Y 40 -87.66 16.25 3.29
C GLN Y 40 -88.36 17.59 3.37
N LEU Y 41 -87.81 18.49 4.20
CA LEU Y 41 -88.38 19.82 4.36
C LEU Y 41 -88.48 20.53 3.02
N PRO Y 42 -89.26 21.61 2.94
CA PRO Y 42 -89.42 22.37 1.70
C PRO Y 42 -88.13 23.00 1.19
N GLY Y 43 -87.65 22.53 0.04
CA GLY Y 43 -86.45 23.06 -0.56
C GLY Y 43 -85.18 22.80 0.24
N THR Y 44 -85.03 21.59 0.77
CA THR Y 44 -83.85 21.22 1.54
C THR Y 44 -83.57 19.73 1.48
N ALA Y 45 -82.29 19.38 1.47
CA ALA Y 45 -81.86 17.99 1.39
C ALA Y 45 -82.57 17.12 2.42
N PRO Y 46 -82.94 15.88 2.03
CA PRO Y 46 -83.63 14.92 2.89
C PRO Y 46 -82.88 14.64 4.19
N LYS Y 47 -83.57 13.97 5.12
CA LYS Y 47 -82.99 13.63 6.41
C LYS Y 47 -83.61 12.35 6.96
N LEU Y 48 -82.87 11.65 7.82
CA LEU Y 48 -83.36 10.42 8.44
C LEU Y 48 -84.36 10.74 9.54
N LEU Y 49 -85.63 10.49 9.25
CA LEU Y 49 -86.70 10.77 10.22
C LEU Y 49 -86.81 9.63 11.23
N ILE Y 50 -86.81 8.40 10.73
CA ILE Y 50 -86.89 7.21 11.57
C ILE Y 50 -86.25 6.04 10.82
N SER Y 51 -85.42 5.27 11.50
CA SER Y 51 -84.75 4.14 10.87
C SER Y 51 -85.09 2.78 11.46
N GLY Y 52 -84.29 1.78 11.10
CA GLY Y 52 -84.45 0.41 11.56
C GLY Y 52 -85.76 -0.01 12.20
N ASN Y 53 -86.88 0.36 11.58
CA ASN Y 53 -88.20 0.00 12.10
C ASN Y 53 -88.44 0.58 13.49
N SER Y 54 -88.42 1.91 13.57
CA SER Y 54 -88.63 2.68 14.80
C SER Y 54 -87.30 3.01 15.48
N ASN Y 55 -86.19 2.61 14.87
CA ASN Y 55 -84.89 2.92 15.43
C ASN Y 55 -84.86 4.44 15.36
N ARG Y 56 -84.64 5.09 16.49
CA ARG Y 56 -84.68 6.54 16.56
C ARG Y 56 -83.43 7.33 16.20
N PRO Y 57 -83.58 8.34 15.32
CA PRO Y 57 -82.48 9.19 14.90
C PRO Y 57 -82.27 10.19 16.03
N SER Y 58 -81.03 10.60 16.25
CA SER Y 58 -80.75 11.53 17.34
C SER Y 58 -81.22 12.95 17.01
N GLY Y 59 -81.95 13.56 17.94
CA GLY Y 59 -82.44 14.91 17.74
C GLY Y 59 -83.85 15.03 17.20
N VAL Y 60 -84.45 13.90 16.81
CA VAL Y 60 -85.81 13.91 16.28
C VAL Y 60 -86.84 13.59 17.37
N PRO Y 61 -87.82 14.48 17.55
CA PRO Y 61 -88.88 14.32 18.55
C PRO Y 61 -89.49 12.91 18.54
N ASP Y 62 -89.73 12.37 19.73
CA ASP Y 62 -90.30 11.03 19.86
C ASP Y 62 -91.74 10.93 19.38
N ARG Y 63 -92.34 12.07 19.05
CA ARG Y 63 -93.73 12.06 18.57
C ARG Y 63 -93.82 11.29 17.25
N PHE Y 64 -92.67 10.90 16.72
CA PHE Y 64 -92.60 10.15 15.48
C PHE Y 64 -92.36 8.68 15.80
N SER Y 65 -93.17 7.80 15.23
CA SER Y 65 -93.05 6.37 15.47
C SER Y 65 -93.22 5.58 14.18
N GLY Y 66 -92.51 4.46 14.07
CA GLY Y 66 -92.60 3.63 12.88
C GLY Y 66 -93.01 2.21 13.19
N SER Y 67 -94.12 1.78 12.60
CA SER Y 67 -94.62 0.42 12.80
C SER Y 67 -94.53 -0.37 11.51
N LYS Y 68 -94.50 -1.68 11.62
CA LYS Y 68 -94.41 -2.55 10.45
C LYS Y 68 -95.08 -3.90 10.71
N SER Y 69 -95.88 -4.35 9.75
CA SER Y 69 -96.58 -5.62 9.88
C SER Y 69 -97.10 -6.13 8.53
N GLY Y 70 -97.04 -7.44 8.34
CA GLY Y 70 -97.52 -8.04 7.11
C GLY Y 70 -96.85 -7.54 5.85
N THR Y 71 -97.65 -7.03 4.92
CA THR Y 71 -97.13 -6.54 3.65
C THR Y 71 -96.99 -5.02 3.63
N SER Y 72 -96.98 -4.40 4.82
CA SER Y 72 -96.86 -2.95 4.89
C SER Y 72 -96.42 -2.42 6.25
N ALA Y 73 -96.01 -1.16 6.27
CA ALA Y 73 -95.56 -0.49 7.48
C ALA Y 73 -95.95 0.98 7.37
N SER Y 74 -96.01 1.67 8.50
CA SER Y 74 -96.38 3.08 8.49
C SER Y 74 -95.68 3.94 9.53
N LEU Y 75 -95.83 5.25 9.39
CA LEU Y 75 -95.24 6.23 10.29
C LEU Y 75 -96.32 7.06 10.96
N ALA Y 76 -96.30 7.10 12.28
CA ALA Y 76 -97.29 7.85 13.04
C ALA Y 76 -96.67 9.12 13.61
N ILE Y 77 -97.40 10.23 13.54
CA ILE Y 77 -96.92 11.51 14.04
C ILE Y 77 -97.94 12.12 14.99
N THR Y 78 -97.52 12.36 16.23
CA THR Y 78 -98.40 12.95 17.24
C THR Y 78 -98.02 14.39 17.54
N GLY Y 79 -98.97 15.14 18.07
CA GLY Y 79 -98.71 16.54 18.40
C GLY Y 79 -98.17 17.29 17.19
N LEU Y 80 -98.75 17.02 16.02
CA LEU Y 80 -98.33 17.66 14.78
C LEU Y 80 -98.16 19.16 14.96
N GLN Y 81 -96.95 19.64 14.69
CA GLN Y 81 -96.65 21.07 14.81
C GLN Y 81 -96.57 21.69 13.43
N ALA Y 82 -96.46 23.01 13.38
CA ALA Y 82 -96.38 23.72 12.11
C ALA Y 82 -95.19 23.19 11.30
N GLU Y 83 -94.02 23.19 11.92
CA GLU Y 83 -92.80 22.73 11.27
C GLU Y 83 -92.94 21.31 10.71
N ASP Y 84 -93.62 20.44 11.45
CA ASP Y 84 -93.81 19.05 11.06
C ASP Y 84 -94.26 18.77 9.63
N GLU Y 85 -94.77 19.79 8.93
CA GLU Y 85 -95.22 19.58 7.56
C GLU Y 85 -94.05 19.60 6.57
N ALA Y 86 -93.96 18.55 5.76
CA ALA Y 86 -92.91 18.43 4.76
C ALA Y 86 -93.23 17.23 3.88
N ASP Y 87 -92.30 16.89 2.98
CA ASP Y 87 -92.49 15.73 2.11
C ASP Y 87 -91.87 14.52 2.78
N TYR Y 88 -92.62 13.44 2.85
CA TYR Y 88 -92.15 12.21 3.48
C TYR Y 88 -92.04 11.08 2.47
N TYR Y 89 -91.01 10.25 2.62
CA TYR Y 89 -90.76 9.13 1.73
C TYR Y 89 -90.40 7.88 2.53
N CYS Y 90 -91.11 6.78 2.29
CA CYS Y 90 -90.82 5.54 3.00
C CYS Y 90 -89.77 4.72 2.25
N GLN Y 91 -88.52 4.90 2.66
CA GLN Y 91 -87.39 4.21 2.05
C GLN Y 91 -87.24 2.80 2.60
N SER Y 92 -86.92 1.86 1.70
CA SER Y 92 -86.74 0.47 2.09
C SER Y 92 -85.82 -0.23 1.09
N TYR Y 93 -85.58 -1.51 1.32
CA TYR Y 93 -84.70 -2.28 0.44
C TYR Y 93 -85.38 -3.58 0.02
N ASP Y 94 -85.22 -3.95 -1.25
CA ASP Y 94 -85.84 -5.17 -1.77
C ASP Y 94 -84.79 -6.17 -2.27
N SER Y 95 -85.24 -7.35 -2.66
CA SER Y 95 -84.32 -8.39 -3.13
C SER Y 95 -84.58 -8.80 -4.58
N SER Y 96 -85.84 -9.06 -4.91
CA SER Y 96 -86.21 -9.47 -6.26
C SER Y 96 -85.65 -8.50 -7.29
N LEU Y 97 -85.44 -7.26 -6.88
CA LEU Y 97 -84.91 -6.23 -7.77
C LEU Y 97 -83.44 -5.98 -7.44
N SER Y 98 -82.88 -6.82 -6.57
CA SER Y 98 -81.49 -6.71 -6.16
C SER Y 98 -81.10 -5.27 -5.84
N GLY Y 99 -82.03 -4.53 -5.26
CA GLY Y 99 -81.76 -3.14 -4.92
C GLY Y 99 -82.68 -2.61 -3.84
N SER Y 100 -82.66 -1.30 -3.65
CA SER Y 100 -83.50 -0.65 -2.65
C SER Y 100 -84.66 0.10 -3.30
N VAL Y 101 -85.82 0.05 -2.67
CA VAL Y 101 -87.01 0.72 -3.19
C VAL Y 101 -87.33 2.01 -2.42
N PHE Y 102 -87.93 2.97 -3.13
CA PHE Y 102 -88.30 4.25 -2.53
C PHE Y 102 -89.81 4.46 -2.56
N GLY Y 103 -90.28 5.40 -1.76
CA GLY Y 103 -91.71 5.68 -1.71
C GLY Y 103 -92.14 6.75 -2.68
N GLY Y 104 -93.28 6.55 -3.32
CA GLY Y 104 -93.80 7.52 -4.27
C GLY Y 104 -93.75 8.92 -3.70
N GLY Y 105 -94.26 9.08 -2.48
CA GLY Y 105 -94.26 10.38 -1.85
C GLY Y 105 -95.56 10.71 -1.13
N THR Y 106 -95.48 11.73 -0.27
CA THR Y 106 -96.63 12.20 0.51
C THR Y 106 -96.43 13.68 0.83
N LYS Y 107 -97.53 14.42 0.95
CA LYS Y 107 -97.43 15.85 1.27
C LYS Y 107 -98.21 16.19 2.52
N LEU Y 108 -97.52 16.18 3.65
CA LEU Y 108 -98.12 16.49 4.94
C LEU Y 108 -98.28 18.00 5.10
N THR Y 109 -99.51 18.43 5.37
CA THR Y 109 -99.79 19.84 5.56
C THR Y 109 -100.61 20.02 6.83
N VAL Y 110 -100.17 20.92 7.70
CA VAL Y 110 -100.87 21.18 8.94
C VAL Y 110 -102.09 22.05 8.65
N LEU Y 111 -103.28 21.44 8.69
CA LEU Y 111 -104.48 22.19 8.41
C LEU Y 111 -104.54 23.42 9.29
N GLY Y 112 -105.33 24.39 8.85
CA GLY Y 112 -105.49 25.65 9.54
C GLY Y 112 -105.95 26.52 8.41
N GLN Y 113 -106.22 25.84 7.31
CA GLN Y 113 -106.69 26.43 6.07
C GLN Y 113 -107.68 25.45 5.47
N PRO Y 114 -108.89 25.93 5.15
CA PRO Y 114 -110.04 25.22 4.57
C PRO Y 114 -109.72 24.40 3.31
N LYS Y 115 -110.33 23.23 3.14
CA LYS Y 115 -110.03 22.54 1.88
C LYS Y 115 -110.77 23.29 0.79
N ALA Y 116 -110.15 23.41 -0.38
CA ALA Y 116 -110.76 24.12 -1.50
C ALA Y 116 -110.88 23.24 -2.74
N ALA Y 117 -111.91 23.51 -3.53
CA ALA Y 117 -112.16 22.74 -4.75
C ALA Y 117 -111.47 23.39 -5.95
N PRO Y 118 -110.83 22.57 -6.80
CA PRO Y 118 -110.12 23.04 -7.99
C PRO Y 118 -111.00 23.82 -8.97
N SER Y 119 -110.52 24.98 -9.40
CA SER Y 119 -111.24 25.79 -10.37
C SER Y 119 -110.58 25.54 -11.72
N VAL Y 120 -111.15 24.61 -12.48
CA VAL Y 120 -110.60 24.26 -13.78
C VAL Y 120 -111.17 25.07 -14.93
N THR Y 121 -110.26 25.63 -15.72
CA THR Y 121 -110.63 26.42 -16.89
C THR Y 121 -109.86 25.82 -18.06
N LEU Y 122 -110.55 25.07 -18.90
CA LEU Y 122 -109.92 24.45 -20.05
C LEU Y 122 -110.05 25.37 -21.26
N PHE Y 123 -108.93 25.64 -21.92
CA PHE Y 123 -108.91 26.51 -23.08
C PHE Y 123 -108.70 25.78 -24.40
N PRO Y 124 -109.35 26.25 -25.46
CA PRO Y 124 -109.23 25.65 -26.79
C PRO Y 124 -108.01 26.25 -27.49
N PRO Y 125 -107.49 25.57 -28.52
CA PRO Y 125 -106.33 26.09 -29.24
C PRO Y 125 -106.69 27.35 -30.02
N SER Y 126 -105.83 28.37 -29.94
CA SER Y 126 -106.07 29.62 -30.65
C SER Y 126 -106.07 29.39 -32.16
N SER Y 127 -106.58 30.36 -32.90
CA SER Y 127 -106.65 30.25 -34.36
C SER Y 127 -105.27 30.26 -34.99
N GLU Y 128 -104.42 31.18 -34.56
CA GLU Y 128 -103.06 31.27 -35.10
C GLU Y 128 -102.18 30.13 -34.60
N GLU Y 129 -102.62 29.46 -33.53
CA GLU Y 129 -101.87 28.35 -32.97
C GLU Y 129 -102.09 27.12 -33.85
N LEU Y 130 -103.35 26.75 -34.05
CA LEU Y 130 -103.68 25.61 -34.89
C LEU Y 130 -103.28 25.93 -36.32
N GLN Y 131 -102.87 27.17 -36.54
CA GLN Y 131 -102.43 27.64 -37.85
C GLN Y 131 -101.08 27.02 -38.19
N ALA Y 132 -100.21 26.94 -37.19
CA ALA Y 132 -98.88 26.37 -37.37
C ALA Y 132 -98.94 24.84 -37.26
N ASN Y 133 -100.15 24.30 -37.36
CA ASN Y 133 -100.37 22.86 -37.30
C ASN Y 133 -99.94 22.27 -35.95
N LYS Y 134 -100.39 22.91 -34.87
CA LYS Y 134 -100.08 22.46 -33.52
C LYS Y 134 -101.00 23.14 -32.51
N ALA Y 135 -101.82 22.34 -31.84
CA ALA Y 135 -102.77 22.84 -30.85
C ALA Y 135 -102.18 22.76 -29.45
N THR Y 136 -102.92 23.28 -28.48
CA THR Y 136 -102.50 23.26 -27.08
C THR Y 136 -103.69 23.48 -26.17
N LEU Y 137 -103.96 22.50 -25.31
CA LEU Y 137 -105.06 22.59 -24.36
C LEU Y 137 -104.55 23.07 -23.01
N VAL Y 138 -104.82 24.34 -22.72
CA VAL Y 138 -104.38 24.96 -21.47
C VAL Y 138 -105.36 24.76 -20.32
N CYS Y 139 -105.11 23.77 -19.48
CA CYS Y 139 -105.96 23.50 -18.33
C CYS Y 139 -105.28 24.13 -17.13
N LEU Y 140 -105.97 25.06 -16.48
CA LEU Y 140 -105.42 25.77 -15.32
C LEU Y 140 -106.18 25.45 -14.05
N ILE Y 141 -105.56 24.69 -13.16
CA ILE Y 141 -106.18 24.32 -11.89
C ILE Y 141 -105.72 25.26 -10.79
N SER Y 142 -106.65 26.06 -10.27
CA SER Y 142 -106.32 27.01 -9.22
C SER Y 142 -107.39 27.03 -8.12
N ASP Y 143 -107.00 27.54 -6.96
CA ASP Y 143 -107.89 27.66 -5.81
C ASP Y 143 -108.15 26.38 -5.02
N PHE Y 144 -107.18 25.46 -4.99
CA PHE Y 144 -107.37 24.20 -4.27
C PHE Y 144 -106.42 23.95 -3.10
N TYR Y 145 -106.99 23.42 -2.02
CA TYR Y 145 -106.21 23.09 -0.81
C TYR Y 145 -106.76 21.80 -0.20
N PRO Y 146 -105.88 20.87 0.19
CA PRO Y 146 -104.42 21.01 0.06
C PRO Y 146 -104.00 21.04 -1.41
N GLY Y 147 -102.77 21.50 -1.66
CA GLY Y 147 -102.29 21.56 -3.02
C GLY Y 147 -101.86 20.21 -3.55
N ALA Y 148 -102.78 19.27 -3.59
CA ALA Y 148 -102.51 17.93 -4.09
C ALA Y 148 -103.51 17.65 -5.20
N VAL Y 149 -103.01 17.23 -6.37
CA VAL Y 149 -103.89 16.95 -7.49
C VAL Y 149 -103.30 16.00 -8.52
N THR Y 150 -104.07 14.96 -8.84
CA THR Y 150 -103.67 13.98 -9.84
C THR Y 150 -104.50 14.31 -11.07
N VAL Y 151 -103.85 14.89 -12.07
CA VAL Y 151 -104.55 15.29 -13.30
C VAL Y 151 -104.56 14.19 -14.36
N ALA Y 152 -105.74 13.79 -14.77
CA ALA Y 152 -105.90 12.76 -15.79
C ALA Y 152 -106.51 13.36 -17.05
N TRP Y 153 -105.73 13.36 -18.13
CA TRP Y 153 -106.18 13.88 -19.41
C TRP Y 153 -106.59 12.70 -20.27
N LYS Y 154 -107.83 12.72 -20.75
CA LYS Y 154 -108.31 11.61 -21.55
C LYS Y 154 -109.09 11.97 -22.79
N ALA Y 155 -108.89 11.16 -23.83
CA ALA Y 155 -109.62 11.32 -25.07
C ALA Y 155 -110.98 10.81 -24.62
N ASP Y 156 -111.97 10.82 -25.50
CA ASP Y 156 -113.29 10.35 -25.10
C ASP Y 156 -113.26 8.87 -24.72
N SER Y 157 -112.43 8.09 -25.42
CA SER Y 157 -112.32 6.67 -25.17
C SER Y 157 -111.05 6.18 -24.49
N SER Y 158 -110.06 7.06 -24.32
CA SER Y 158 -108.81 6.63 -23.70
C SER Y 158 -108.00 7.69 -22.98
N PRO Y 159 -107.11 7.26 -22.08
CA PRO Y 159 -106.23 8.15 -21.32
C PRO Y 159 -105.02 8.46 -22.19
N VAL Y 160 -104.73 9.74 -22.38
CA VAL Y 160 -103.59 10.13 -23.21
C VAL Y 160 -102.46 10.69 -22.37
N LYS Y 161 -101.31 10.01 -22.42
CA LYS Y 161 -100.14 10.47 -21.69
C LYS Y 161 -99.09 11.06 -22.62
N ALA Y 162 -99.53 11.42 -23.82
CA ALA Y 162 -98.64 12.02 -24.81
C ALA Y 162 -98.76 13.53 -24.67
N GLY Y 163 -97.66 14.20 -24.35
CA GLY Y 163 -97.69 15.63 -24.17
C GLY Y 163 -98.27 15.96 -22.80
N VAL Y 164 -97.94 15.12 -21.82
CA VAL Y 164 -98.43 15.31 -20.46
C VAL Y 164 -97.42 16.08 -19.62
N GLU Y 165 -97.57 17.41 -19.61
CA GLU Y 165 -96.71 18.27 -18.83
C GLU Y 165 -97.53 18.98 -17.77
N THR Y 166 -97.36 18.55 -16.53
CA THR Y 166 -98.09 19.12 -15.41
C THR Y 166 -97.11 19.72 -14.41
N THR Y 167 -97.32 21.00 -14.08
CA THR Y 167 -96.45 21.68 -13.12
C THR Y 167 -96.98 21.51 -11.71
N THR Y 168 -96.15 20.96 -10.83
CA THR Y 168 -96.55 20.77 -9.44
C THR Y 168 -97.15 22.05 -8.87
N PRO Y 169 -98.13 21.91 -7.97
CA PRO Y 169 -98.82 23.04 -7.33
C PRO Y 169 -97.91 24.01 -6.57
N SER Y 170 -98.25 25.29 -6.66
CA SER Y 170 -97.51 26.34 -5.97
C SER Y 170 -98.51 27.16 -5.15
N LYS Y 171 -98.07 27.66 -4.01
CA LYS Y 171 -98.94 28.42 -3.12
C LYS Y 171 -99.35 29.80 -3.69
N GLN Y 172 -100.61 30.15 -3.48
CA GLN Y 172 -101.14 31.43 -3.95
C GLN Y 172 -100.80 32.48 -2.89
N SER Y 173 -101.08 33.75 -3.19
CA SER Y 173 -100.80 34.83 -2.26
C SER Y 173 -101.44 34.60 -0.90
N ASN Y 174 -102.66 34.07 -0.89
CA ASN Y 174 -103.35 33.79 0.37
C ASN Y 174 -102.74 32.55 1.00
N ASN Y 175 -102.98 31.39 0.38
CA ASN Y 175 -102.45 30.12 0.87
C ASN Y 175 -102.93 28.95 0.03
N LYS Y 176 -103.86 29.22 -0.88
CA LYS Y 176 -104.41 28.20 -1.75
C LYS Y 176 -103.37 27.82 -2.81
N TYR Y 177 -103.37 26.57 -3.25
CA TYR Y 177 -102.41 26.14 -4.27
C TYR Y 177 -102.96 26.24 -5.69
N ALA Y 178 -102.05 26.36 -6.65
CA ALA Y 178 -102.44 26.48 -8.06
C ALA Y 178 -101.36 25.94 -8.99
N ALA Y 179 -101.78 25.17 -9.99
CA ALA Y 179 -100.86 24.59 -10.97
C ALA Y 179 -101.49 24.56 -12.35
N SER Y 180 -100.73 24.07 -13.34
CA SER Y 180 -101.22 24.00 -14.71
C SER Y 180 -100.83 22.68 -15.35
N SER Y 181 -101.65 22.22 -16.29
CA SER Y 181 -101.38 20.98 -16.99
C SER Y 181 -101.58 21.25 -18.47
N TYR Y 182 -100.47 21.27 -19.22
CA TYR Y 182 -100.51 21.52 -20.65
C TYR Y 182 -100.41 20.22 -21.43
N LEU Y 183 -101.31 20.04 -22.40
CA LEU Y 183 -101.30 18.84 -23.23
C LEU Y 183 -101.62 19.20 -24.68
N SER Y 184 -100.56 19.45 -25.44
CA SER Y 184 -100.68 19.82 -26.85
C SER Y 184 -100.78 18.61 -27.76
N LEU Y 185 -101.31 18.81 -28.95
CA LEU Y 185 -101.47 17.76 -29.94
C LEU Y 185 -101.66 18.36 -31.33
N THR Y 186 -101.46 17.53 -32.35
CA THR Y 186 -101.62 17.98 -33.73
C THR Y 186 -103.09 18.19 -34.04
N PRO Y 187 -103.39 19.08 -35.01
CA PRO Y 187 -104.76 19.40 -35.41
C PRO Y 187 -105.62 18.18 -35.74
N GLU Y 188 -105.09 17.27 -36.55
CA GLU Y 188 -105.82 16.07 -36.95
C GLU Y 188 -106.37 15.31 -35.74
N GLN Y 189 -105.72 15.45 -34.60
CA GLN Y 189 -106.14 14.76 -33.39
C GLN Y 189 -107.20 15.56 -32.62
N TRP Y 190 -107.20 16.87 -32.82
CA TRP Y 190 -108.16 17.73 -32.16
C TRP Y 190 -109.54 17.58 -32.81
N LYS Y 191 -109.54 17.40 -34.13
CA LYS Y 191 -110.77 17.22 -34.89
C LYS Y 191 -111.27 15.79 -34.75
N SER Y 192 -110.35 14.87 -34.49
CA SER Y 192 -110.66 13.46 -34.33
C SER Y 192 -111.81 13.16 -33.37
N HIS Y 193 -111.73 13.69 -32.16
CA HIS Y 193 -112.78 13.46 -31.17
C HIS Y 193 -113.70 14.66 -30.99
N ARG Y 194 -114.98 14.38 -30.80
CA ARG Y 194 -115.98 15.41 -30.61
C ARG Y 194 -115.57 16.48 -29.64
N SER Y 195 -114.96 16.06 -28.54
CA SER Y 195 -114.55 17.00 -27.52
C SER Y 195 -113.58 16.37 -26.53
N TYR Y 196 -112.59 17.16 -26.12
CA TYR Y 196 -111.60 16.70 -25.16
C TYR Y 196 -111.90 17.34 -23.81
N SER Y 197 -111.72 16.57 -22.75
CA SER Y 197 -111.99 17.06 -21.40
C SER Y 197 -110.80 16.91 -20.46
N CYS Y 198 -110.58 17.94 -19.63
CA CYS Y 198 -109.50 17.93 -18.66
C CYS Y 198 -110.02 17.52 -17.30
N GLN Y 199 -109.69 16.31 -16.88
CA GLN Y 199 -110.15 15.81 -15.59
C GLN Y 199 -109.06 15.95 -14.54
N VAL Y 200 -109.46 16.36 -13.33
CA VAL Y 200 -108.50 16.54 -12.24
C VAL Y 200 -109.06 15.98 -10.93
N THR Y 201 -108.22 15.21 -10.23
CA THR Y 201 -108.62 14.62 -8.97
C THR Y 201 -108.05 15.37 -7.78
N HIS Y 202 -108.90 15.71 -6.83
CA HIS Y 202 -108.50 16.43 -5.64
C HIS Y 202 -109.30 16.01 -4.42
N GLU Y 203 -108.66 15.31 -3.51
CA GLU Y 203 -109.29 14.83 -2.28
C GLU Y 203 -110.48 13.93 -2.53
N GLY Y 204 -110.48 13.23 -3.67
CA GLY Y 204 -111.57 12.32 -3.99
C GLY Y 204 -112.66 12.92 -4.85
N SER Y 205 -112.68 14.24 -4.97
CA SER Y 205 -113.69 14.92 -5.79
C SER Y 205 -113.08 15.30 -7.14
N THR Y 206 -113.91 15.27 -8.18
CA THR Y 206 -113.44 15.59 -9.52
C THR Y 206 -114.22 16.69 -10.24
N VAL Y 207 -113.51 17.76 -10.57
CA VAL Y 207 -114.10 18.88 -11.30
C VAL Y 207 -113.57 18.74 -12.73
N GLU Y 208 -114.37 19.10 -13.72
CA GLU Y 208 -113.94 18.94 -15.10
C GLU Y 208 -114.53 19.98 -16.07
N LYS Y 209 -113.83 20.19 -17.18
CA LYS Y 209 -114.25 21.13 -18.22
C LYS Y 209 -113.93 20.54 -19.58
N THR Y 210 -114.80 20.77 -20.56
CA THR Y 210 -114.59 20.24 -21.90
C THR Y 210 -114.78 21.30 -22.98
N VAL Y 211 -114.10 21.12 -24.11
CA VAL Y 211 -114.19 22.05 -25.23
C VAL Y 211 -114.13 21.27 -26.55
N ALA Y 212 -114.98 21.65 -27.49
CA ALA Y 212 -115.03 20.99 -28.80
C ALA Y 212 -114.72 21.98 -29.92
N PRO Y 213 -114.24 21.47 -31.07
CA PRO Y 213 -113.91 22.33 -32.21
C PRO Y 213 -115.13 23.01 -32.82
N SER Z 2 -15.31 -40.16 -24.22
CA SER Z 2 -14.07 -39.77 -23.50
C SER Z 2 -13.68 -38.33 -23.80
N VAL Z 3 -12.40 -38.01 -23.62
CA VAL Z 3 -11.88 -36.68 -23.87
C VAL Z 3 -12.50 -36.08 -25.13
N LEU Z 4 -12.94 -34.82 -25.04
CA LEU Z 4 -13.53 -34.15 -26.19
C LEU Z 4 -12.56 -34.14 -27.36
N THR Z 5 -13.09 -34.07 -28.57
CA THR Z 5 -12.25 -34.06 -29.76
C THR Z 5 -11.71 -32.66 -29.99
N GLN Z 6 -10.40 -32.51 -29.85
CA GLN Z 6 -9.75 -31.22 -30.03
C GLN Z 6 -8.55 -31.39 -30.97
N PRO Z 7 -8.17 -30.33 -31.70
CA PRO Z 7 -7.04 -30.42 -32.62
C PRO Z 7 -5.69 -30.48 -31.90
N PRO Z 8 -4.73 -31.26 -32.44
CA PRO Z 8 -3.42 -31.38 -31.82
C PRO Z 8 -2.71 -30.04 -31.71
N SER Z 9 -2.83 -29.21 -32.75
CA SER Z 9 -2.19 -27.91 -32.77
C SER Z 9 -2.81 -26.96 -33.79
N VAL Z 10 -2.59 -25.67 -33.59
CA VAL Z 10 -3.09 -24.62 -34.48
C VAL Z 10 -2.05 -23.50 -34.48
N SER Z 11 -1.85 -22.88 -35.63
CA SER Z 11 -0.87 -21.80 -35.72
C SER Z 11 -1.12 -20.83 -36.86
N GLY Z 12 -0.94 -19.55 -36.58
CA GLY Z 12 -1.15 -18.53 -37.60
C GLY Z 12 -0.19 -17.36 -37.45
N ALA Z 13 -0.27 -16.39 -38.36
CA ALA Z 13 0.59 -15.23 -38.32
C ALA Z 13 0.02 -14.20 -37.35
N PRO Z 14 0.87 -13.26 -36.88
CA PRO Z 14 0.40 -12.24 -35.94
C PRO Z 14 -0.73 -11.41 -36.53
N GLY Z 15 -1.79 -11.21 -35.75
CA GLY Z 15 -2.91 -10.43 -36.21
C GLY Z 15 -3.84 -11.15 -37.18
N GLN Z 16 -4.14 -12.41 -36.90
CA GLN Z 16 -5.02 -13.19 -37.75
C GLN Z 16 -6.06 -13.94 -36.92
N ARG Z 17 -6.96 -14.64 -37.61
CA ARG Z 17 -8.01 -15.39 -36.95
C ARG Z 17 -7.77 -16.90 -36.98
N VAL Z 18 -7.59 -17.48 -35.80
CA VAL Z 18 -7.37 -18.90 -35.66
C VAL Z 18 -8.56 -19.55 -34.96
N THR Z 19 -9.05 -20.65 -35.53
CA THR Z 19 -10.18 -21.36 -34.96
C THR Z 19 -9.79 -22.72 -34.40
N ILE Z 20 -10.24 -23.01 -33.18
CA ILE Z 20 -9.94 -24.27 -32.53
C ILE Z 20 -11.22 -25.11 -32.48
N SER Z 21 -11.29 -26.12 -33.32
CA SER Z 21 -12.47 -26.99 -33.40
C SER Z 21 -12.57 -28.00 -32.26
N CYS Z 22 -13.75 -28.06 -31.65
CA CYS Z 22 -14.01 -28.97 -30.52
C CYS Z 22 -15.37 -29.65 -30.68
N THR Z 23 -15.35 -30.92 -31.09
CA THR Z 23 -16.59 -31.68 -31.29
C THR Z 23 -16.88 -32.61 -30.11
N GLY Z 24 -18.16 -32.84 -29.82
CA GLY Z 24 -18.53 -33.70 -28.72
C GLY Z 24 -19.46 -34.84 -29.09
N SER Z 25 -19.81 -35.65 -28.09
CA SER Z 25 -20.70 -36.80 -28.28
C SER Z 25 -22.17 -36.42 -28.10
N SER Z 26 -23.06 -37.21 -28.70
CA SER Z 26 -24.50 -36.96 -28.62
C SER Z 26 -24.97 -36.61 -27.21
N SER Z 27 -24.28 -37.14 -26.21
CA SER Z 27 -24.63 -36.85 -24.83
C SER Z 27 -24.36 -35.37 -24.54
N ASN Z 28 -23.26 -34.87 -25.08
CA ASN Z 28 -22.88 -33.47 -24.92
C ASN Z 28 -23.51 -32.62 -26.02
N ILE Z 29 -23.67 -33.21 -27.19
CA ILE Z 29 -24.24 -32.54 -28.35
C ILE Z 29 -25.65 -31.99 -28.12
N GLY Z 30 -26.63 -32.89 -28.08
CA GLY Z 30 -28.00 -32.47 -27.87
C GLY Z 30 -28.20 -31.67 -26.60
N ALA Z 31 -27.28 -31.82 -25.65
CA ALA Z 31 -27.34 -31.12 -24.38
C ALA Z 31 -26.69 -29.75 -24.47
N GLY Z 32 -25.72 -29.62 -25.35
CA GLY Z 32 -25.02 -28.36 -25.52
C GLY Z 32 -24.71 -27.70 -24.19
N TYR Z 33 -24.56 -28.51 -23.14
CA TYR Z 33 -24.26 -27.99 -21.82
C TYR Z 33 -23.16 -26.95 -21.95
N ALA Z 34 -23.36 -25.80 -21.30
CA ALA Z 34 -22.41 -24.70 -21.33
C ALA Z 34 -20.97 -25.16 -21.53
N VAL Z 35 -20.39 -24.75 -22.65
CA VAL Z 35 -19.01 -25.12 -22.98
C VAL Z 35 -18.10 -23.92 -22.74
N HIS Z 36 -16.97 -24.16 -22.09
CA HIS Z 36 -16.01 -23.09 -21.79
C HIS Z 36 -14.61 -23.44 -22.28
N TRP Z 37 -13.76 -22.43 -22.37
CA TRP Z 37 -12.38 -22.63 -22.81
C TRP Z 37 -11.41 -22.01 -21.81
N TYR Z 38 -10.32 -22.71 -21.56
CA TYR Z 38 -9.31 -22.25 -20.61
C TYR Z 38 -7.93 -22.06 -21.25
N GLN Z 39 -7.36 -20.89 -21.03
CA GLN Z 39 -6.04 -20.56 -21.57
C GLN Z 39 -4.96 -20.90 -20.55
N GLN Z 40 -4.16 -21.92 -20.84
CA GLN Z 40 -3.09 -22.32 -19.93
C GLN Z 40 -1.73 -21.88 -20.44
N LEU Z 41 -1.28 -20.72 -19.97
CA LEU Z 41 0.02 -20.19 -20.37
C LEU Z 41 1.12 -21.20 -20.08
N PRO Z 42 2.32 -21.00 -20.66
CA PRO Z 42 3.44 -21.91 -20.46
C PRO Z 42 3.93 -21.97 -19.01
N GLY Z 43 3.75 -23.14 -18.38
CA GLY Z 43 4.19 -23.32 -17.01
C GLY Z 43 3.44 -22.50 -15.98
N THR Z 44 2.12 -22.40 -16.13
CA THR Z 44 1.29 -21.64 -15.20
C THR Z 44 -0.13 -22.18 -15.12
N ALA Z 45 -0.71 -22.12 -13.94
CA ALA Z 45 -2.07 -22.61 -13.70
C ALA Z 45 -3.06 -22.07 -14.73
N PRO Z 46 -4.00 -22.92 -15.18
CA PRO Z 46 -5.02 -22.56 -16.17
C PRO Z 46 -5.85 -21.34 -15.76
N LYS Z 47 -6.62 -20.82 -16.71
CA LYS Z 47 -7.47 -19.66 -16.46
C LYS Z 47 -8.71 -19.69 -17.36
N LEU Z 48 -9.77 -19.02 -16.91
CA LEU Z 48 -11.01 -18.96 -17.69
C LEU Z 48 -10.85 -17.99 -18.85
N LEU Z 49 -10.74 -18.53 -20.05
CA LEU Z 49 -10.58 -17.70 -21.25
C LEU Z 49 -11.93 -17.18 -21.74
N ILE Z 50 -12.90 -18.08 -21.82
CA ILE Z 50 -14.26 -17.74 -22.25
C ILE Z 50 -15.22 -18.74 -21.63
N SER Z 51 -16.33 -18.25 -21.08
CA SER Z 51 -17.30 -19.13 -20.44
C SER Z 51 -18.69 -19.12 -21.09
N GLY Z 52 -19.65 -19.69 -20.38
CA GLY Z 52 -21.03 -19.76 -20.83
C GLY Z 52 -21.36 -19.51 -22.30
N ASN Z 53 -20.61 -20.13 -23.19
CA ASN Z 53 -20.84 -19.97 -24.63
C ASN Z 53 -20.68 -18.52 -25.06
N SER Z 54 -19.48 -17.98 -24.86
CA SER Z 54 -19.11 -16.61 -25.22
C SER Z 54 -19.30 -15.66 -24.04
N ASN Z 55 -19.70 -16.21 -22.89
CA ASN Z 55 -19.87 -15.37 -21.69
C ASN Z 55 -18.45 -14.91 -21.44
N ARG Z 56 -18.25 -13.60 -21.36
CA ARG Z 56 -16.93 -13.03 -21.21
C ARG Z 56 -16.33 -12.90 -19.81
N PRO Z 57 -15.09 -13.38 -19.64
CA PRO Z 57 -14.38 -13.31 -18.36
C PRO Z 57 -13.88 -11.88 -18.25
N SER Z 58 -13.83 -11.35 -17.04
CA SER Z 58 -13.37 -9.97 -16.86
C SER Z 58 -11.86 -9.84 -17.05
N GLY Z 59 -11.45 -8.88 -17.87
CA GLY Z 59 -10.03 -8.66 -18.11
C GLY Z 59 -9.46 -9.33 -19.35
N VAL Z 60 -10.25 -10.18 -19.99
CA VAL Z 60 -9.80 -10.86 -21.19
C VAL Z 60 -10.23 -10.13 -22.46
N PRO Z 61 -9.25 -9.79 -23.33
CA PRO Z 61 -9.51 -9.08 -24.59
C PRO Z 61 -10.67 -9.67 -25.37
N ASP Z 62 -11.49 -8.79 -25.94
CA ASP Z 62 -12.66 -9.21 -26.71
C ASP Z 62 -12.30 -9.91 -28.02
N ARG Z 63 -11.02 -9.91 -28.38
CA ARG Z 63 -10.59 -10.56 -29.61
C ARG Z 63 -10.85 -12.07 -29.54
N PHE Z 64 -11.31 -12.52 -28.37
CA PHE Z 64 -11.62 -13.92 -28.15
C PHE Z 64 -13.13 -14.10 -28.18
N SER Z 65 -13.59 -15.06 -28.99
CA SER Z 65 -15.01 -15.34 -29.12
C SER Z 65 -15.30 -16.83 -29.14
N GLY Z 66 -16.43 -17.22 -28.59
CA GLY Z 66 -16.79 -18.62 -28.54
C GLY Z 66 -18.14 -18.91 -29.20
N SER Z 67 -18.12 -19.76 -30.23
CA SER Z 67 -19.34 -20.12 -30.94
C SER Z 67 -19.66 -21.59 -30.69
N LYS Z 68 -20.93 -21.94 -30.86
CA LYS Z 68 -21.38 -23.32 -30.66
C LYS Z 68 -22.57 -23.65 -31.54
N SER Z 69 -22.50 -24.80 -32.22
CA SER Z 69 -23.58 -25.23 -33.10
C SER Z 69 -23.51 -26.73 -33.39
N GLY Z 70 -24.68 -27.35 -33.49
CA GLY Z 70 -24.74 -28.78 -33.76
C GLY Z 70 -24.03 -29.67 -32.77
N THR Z 71 -23.10 -30.48 -33.28
CA THR Z 71 -22.34 -31.41 -32.45
C THR Z 71 -20.96 -30.86 -32.10
N SER Z 72 -20.76 -29.55 -32.24
CA SER Z 72 -19.47 -28.96 -31.94
C SER Z 72 -19.51 -27.45 -31.71
N ALA Z 73 -18.43 -26.93 -31.14
CA ALA Z 73 -18.29 -25.51 -30.85
C ALA Z 73 -16.81 -25.16 -31.00
N SER Z 74 -16.52 -23.88 -31.21
CA SER Z 74 -15.13 -23.44 -31.37
C SER Z 74 -14.82 -22.07 -30.79
N LEU Z 75 -13.52 -21.78 -30.71
CA LEU Z 75 -13.04 -20.51 -30.18
C LEU Z 75 -12.26 -19.76 -31.26
N ALA Z 76 -12.64 -18.50 -31.50
CA ALA Z 76 -11.98 -17.68 -32.50
C ALA Z 76 -11.12 -16.62 -31.83
N ILE Z 77 -9.92 -16.41 -32.37
CA ILE Z 77 -8.99 -15.42 -31.83
C ILE Z 77 -8.51 -14.48 -32.92
N THR Z 78 -8.79 -13.18 -32.76
CA THR Z 78 -8.39 -12.18 -33.73
C THR Z 78 -7.23 -11.34 -33.21
N GLY Z 79 -6.50 -10.72 -34.14
CA GLY Z 79 -5.36 -9.91 -33.76
C GLY Z 79 -4.40 -10.67 -32.88
N LEU Z 80 -4.16 -11.93 -33.23
CA LEU Z 80 -3.25 -12.78 -32.47
C LEU Z 80 -1.96 -12.06 -32.12
N GLN Z 81 -1.68 -11.97 -30.83
CA GLN Z 81 -0.47 -11.32 -30.35
C GLN Z 81 0.53 -12.36 -29.89
N ALA Z 82 1.76 -11.93 -29.62
CA ALA Z 82 2.80 -12.83 -29.17
C ALA Z 82 2.33 -13.60 -27.93
N GLU Z 83 1.88 -12.85 -26.92
CA GLU Z 83 1.40 -13.43 -25.68
C GLU Z 83 0.30 -14.48 -25.90
N ASP Z 84 -0.60 -14.19 -26.83
CA ASP Z 84 -1.72 -15.08 -27.14
C ASP Z 84 -1.42 -16.56 -27.31
N GLU Z 85 -0.16 -16.92 -27.50
CA GLU Z 85 0.17 -18.33 -27.68
C GLU Z 85 0.29 -19.07 -26.35
N ALA Z 86 -0.43 -20.18 -26.24
CA ALA Z 86 -0.43 -21.00 -25.04
C ALA Z 86 -1.20 -22.28 -25.33
N ASP Z 87 -1.45 -23.08 -24.29
CA ASP Z 87 -2.20 -24.31 -24.45
C ASP Z 87 -3.67 -24.02 -24.17
N TYR Z 88 -4.55 -24.47 -25.06
CA TYR Z 88 -5.97 -24.24 -24.90
C TYR Z 88 -6.73 -25.55 -24.76
N TYR Z 89 -7.74 -25.54 -23.89
CA TYR Z 89 -8.55 -26.73 -23.63
C TYR Z 89 -10.04 -26.37 -23.63
N CYS Z 90 -10.83 -27.07 -24.43
CA CYS Z 90 -12.26 -26.80 -24.47
C CYS Z 90 -13.00 -27.63 -23.42
N GLN Z 91 -13.23 -27.00 -22.27
CA GLN Z 91 -13.91 -27.64 -21.15
C GLN Z 91 -15.42 -27.62 -21.33
N SER Z 92 -16.07 -28.72 -20.96
CA SER Z 92 -17.51 -28.83 -21.08
C SER Z 92 -18.03 -29.86 -20.08
N TYR Z 93 -19.33 -30.08 -20.08
CA TYR Z 93 -19.95 -31.03 -19.16
C TYR Z 93 -20.89 -31.97 -19.92
N ASP Z 94 -20.87 -33.24 -19.54
CA ASP Z 94 -21.70 -34.25 -20.19
C ASP Z 94 -22.68 -34.90 -19.21
N SER Z 95 -23.55 -35.76 -19.72
CA SER Z 95 -24.54 -36.43 -18.89
C SER Z 95 -24.40 -37.95 -18.90
N SER Z 96 -24.26 -38.52 -20.10
CA SER Z 96 -24.13 -39.97 -20.24
C SER Z 96 -23.02 -40.52 -19.34
N LEU Z 97 -22.05 -39.65 -19.02
CA LEU Z 97 -20.94 -40.02 -18.17
C LEU Z 97 -21.10 -39.42 -16.79
N SER Z 98 -22.27 -38.83 -16.55
CA SER Z 98 -22.60 -38.20 -15.27
C SER Z 98 -21.45 -37.34 -14.75
N GLY Z 99 -20.77 -36.66 -15.67
CA GLY Z 99 -19.66 -35.82 -15.28
C GLY Z 99 -19.31 -34.78 -16.33
N SER Z 100 -18.16 -34.14 -16.17
CA SER Z 100 -17.70 -33.12 -17.11
C SER Z 100 -16.56 -33.64 -17.97
N VAL Z 101 -16.56 -33.23 -19.24
CA VAL Z 101 -15.52 -33.67 -20.18
C VAL Z 101 -14.52 -32.56 -20.48
N PHE Z 102 -13.28 -32.95 -20.76
CA PHE Z 102 -12.22 -32.00 -21.07
C PHE Z 102 -11.70 -32.18 -22.49
N GLY Z 103 -10.99 -31.18 -22.99
CA GLY Z 103 -10.46 -31.26 -24.34
C GLY Z 103 -9.06 -31.85 -24.39
N GLY Z 104 -8.82 -32.68 -25.40
CA GLY Z 104 -7.51 -33.29 -25.56
C GLY Z 104 -6.40 -32.27 -25.43
N GLY Z 105 -6.54 -31.16 -26.16
CA GLY Z 105 -5.53 -30.11 -26.11
C GLY Z 105 -5.20 -29.51 -27.46
N THR Z 106 -4.54 -28.36 -27.42
CA THR Z 106 -4.12 -27.65 -28.62
C THR Z 106 -2.90 -26.80 -28.28
N LYS Z 107 -2.01 -26.59 -29.26
CA LYS Z 107 -0.82 -25.79 -29.03
C LYS Z 107 -0.73 -24.62 -30.01
N LEU Z 108 -1.25 -23.48 -29.57
CA LEU Z 108 -1.24 -22.26 -30.38
C LEU Z 108 0.14 -21.61 -30.35
N THR Z 109 0.70 -21.39 -31.53
CA THR Z 109 2.01 -20.76 -31.63
C THR Z 109 1.94 -19.64 -32.66
N VAL Z 110 2.42 -18.46 -32.29
CA VAL Z 110 2.40 -17.31 -33.19
C VAL Z 110 3.54 -17.40 -34.20
N LEU Z 111 3.22 -17.52 -35.48
CA LEU Z 111 4.25 -17.60 -36.51
C LEU Z 111 5.16 -16.38 -36.61
N GLY Z 112 6.08 -16.43 -37.58
CA GLY Z 112 7.01 -15.34 -37.80
C GLY Z 112 8.10 -15.25 -36.74
N GLN Z 113 8.35 -16.36 -36.05
CA GLN Z 113 9.36 -16.38 -35.00
C GLN Z 113 10.79 -16.63 -35.46
N PRO Z 114 11.71 -15.73 -35.09
CA PRO Z 114 13.12 -15.90 -35.48
C PRO Z 114 13.71 -17.17 -34.85
N LYS Z 115 14.94 -17.50 -35.20
CA LYS Z 115 15.57 -18.74 -34.77
C LYS Z 115 16.92 -18.54 -34.11
N ALA Z 116 17.26 -19.39 -33.14
CA ALA Z 116 18.52 -19.26 -32.43
C ALA Z 116 19.37 -20.54 -32.53
N ALA Z 117 20.67 -20.37 -32.52
CA ALA Z 117 21.61 -21.49 -32.60
C ALA Z 117 21.97 -22.00 -31.22
N PRO Z 118 21.98 -23.33 -31.03
CA PRO Z 118 22.32 -23.96 -29.76
C PRO Z 118 23.70 -23.60 -29.23
N SER Z 119 23.77 -23.23 -27.95
CA SER Z 119 25.03 -22.90 -27.31
C SER Z 119 25.43 -24.12 -26.50
N VAL Z 120 26.27 -24.96 -27.09
CA VAL Z 120 26.70 -26.18 -26.42
C VAL Z 120 27.98 -26.02 -25.62
N THR Z 121 27.91 -26.44 -24.35
CA THR Z 121 29.05 -26.39 -23.45
C THR Z 121 29.21 -27.80 -22.89
N LEU Z 122 30.20 -28.52 -23.39
CA LEU Z 122 30.44 -29.88 -22.92
C LEU Z 122 31.44 -29.85 -21.78
N PHE Z 123 31.10 -30.51 -20.68
CA PHE Z 123 31.97 -30.55 -19.51
C PHE Z 123 32.62 -31.91 -19.28
N PRO Z 124 33.86 -31.90 -18.79
CA PRO Z 124 34.60 -33.14 -18.51
C PRO Z 124 34.24 -33.62 -17.11
N PRO Z 125 34.49 -34.90 -16.81
CA PRO Z 125 34.17 -35.42 -15.48
C PRO Z 125 35.08 -34.81 -14.42
N SER Z 126 34.51 -34.41 -13.30
CA SER Z 126 35.29 -33.82 -12.21
C SER Z 126 36.28 -34.84 -11.65
N SER Z 127 37.27 -34.36 -10.91
CA SER Z 127 38.29 -35.23 -10.33
C SER Z 127 37.70 -36.17 -9.28
N GLU Z 128 36.89 -35.62 -8.38
CA GLU Z 128 36.27 -36.44 -7.34
C GLU Z 128 35.18 -37.33 -7.91
N GLU Z 129 34.70 -37.01 -9.10
CA GLU Z 129 33.66 -37.80 -9.74
C GLU Z 129 34.28 -39.07 -10.29
N LEU Z 130 35.28 -38.92 -11.15
CA LEU Z 130 35.98 -40.07 -11.72
C LEU Z 130 36.68 -40.84 -10.59
N GLN Z 131 36.67 -40.24 -9.41
CA GLN Z 131 37.28 -40.83 -8.22
C GLN Z 131 36.46 -42.03 -7.77
N ALA Z 132 35.14 -41.89 -7.84
CA ALA Z 132 34.23 -42.96 -7.44
C ALA Z 132 34.05 -43.95 -8.59
N ASN Z 133 34.94 -43.88 -9.56
CA ASN Z 133 34.91 -44.76 -10.72
C ASN Z 133 33.63 -44.60 -11.54
N LYS Z 134 33.29 -43.36 -11.85
CA LYS Z 134 32.11 -43.04 -12.65
C LYS Z 134 32.18 -41.60 -13.15
N ALA Z 135 32.25 -41.46 -14.47
CA ALA Z 135 32.33 -40.15 -15.10
C ALA Z 135 30.95 -39.66 -15.51
N THR Z 136 30.89 -38.42 -16.00
CA THR Z 136 29.64 -37.83 -16.45
C THR Z 136 29.91 -36.64 -17.37
N LEU Z 137 29.43 -36.74 -18.60
CA LEU Z 137 29.62 -35.68 -19.58
C LEU Z 137 28.38 -34.78 -19.61
N VAL Z 138 28.51 -33.60 -19.01
CA VAL Z 138 27.41 -32.65 -18.94
C VAL Z 138 27.34 -31.72 -20.15
N CYS Z 139 26.48 -32.06 -21.11
CA CYS Z 139 26.30 -31.24 -22.29
C CYS Z 139 25.07 -30.39 -22.06
N LEU Z 140 25.23 -29.08 -22.10
CA LEU Z 140 24.12 -28.16 -21.85
C LEU Z 140 23.80 -27.34 -23.09
N ILE Z 141 22.66 -27.64 -23.72
CA ILE Z 141 22.23 -26.93 -24.91
C ILE Z 141 21.24 -25.83 -24.52
N SER Z 142 21.65 -24.58 -24.72
CA SER Z 142 20.79 -23.45 -24.39
C SER Z 142 20.83 -22.37 -25.47
N ASP Z 143 19.82 -21.50 -25.45
CA ASP Z 143 19.70 -20.39 -26.39
C ASP Z 143 19.23 -20.76 -27.81
N PHE Z 144 18.41 -21.79 -27.94
CA PHE Z 144 17.93 -22.19 -29.26
C PHE Z 144 16.43 -22.10 -29.49
N TYR Z 145 16.05 -21.65 -30.67
CA TYR Z 145 14.65 -21.53 -31.07
C TYR Z 145 14.51 -21.87 -32.56
N PRO Z 146 13.50 -22.67 -32.91
CA PRO Z 146 12.54 -23.26 -31.97
C PRO Z 146 13.21 -24.24 -31.03
N GLY Z 147 12.53 -24.57 -29.94
CA GLY Z 147 13.08 -25.51 -28.98
C GLY Z 147 12.99 -26.94 -29.43
N ALA Z 148 13.61 -27.24 -30.57
CA ALA Z 148 13.61 -28.59 -31.11
C ALA Z 148 15.07 -29.00 -31.31
N VAL Z 149 15.44 -30.17 -30.79
CA VAL Z 149 16.81 -30.63 -30.92
C VAL Z 149 16.97 -32.13 -30.77
N THR Z 150 17.65 -32.73 -31.75
CA THR Z 150 17.92 -34.16 -31.74
C THR Z 150 19.40 -34.28 -31.37
N VAL Z 151 19.66 -34.68 -30.14
CA VAL Z 151 21.04 -34.81 -29.67
C VAL Z 151 21.64 -36.18 -29.92
N ALA Z 152 22.76 -36.20 -30.63
CA ALA Z 152 23.45 -37.43 -30.95
C ALA Z 152 24.80 -37.48 -30.26
N TRP Z 153 24.96 -38.42 -29.34
CA TRP Z 153 26.21 -38.58 -28.62
C TRP Z 153 26.97 -39.73 -29.24
N LYS Z 154 28.20 -39.47 -29.67
CA LYS Z 154 28.97 -40.51 -30.32
C LYS Z 154 30.42 -40.63 -29.90
N ALA Z 155 30.88 -41.88 -29.84
CA ALA Z 155 32.27 -42.15 -29.54
C ALA Z 155 32.92 -41.69 -30.83
N ASP Z 156 34.24 -41.77 -30.95
CA ASP Z 156 34.87 -41.32 -32.17
C ASP Z 156 34.44 -42.18 -33.36
N SER Z 157 34.23 -43.47 -33.12
CA SER Z 157 33.84 -44.39 -34.19
C SER Z 157 32.40 -44.88 -34.16
N SER Z 158 31.65 -44.57 -33.10
CA SER Z 158 30.27 -45.05 -33.04
C SER Z 158 29.30 -44.24 -32.19
N PRO Z 159 27.99 -44.42 -32.46
CA PRO Z 159 26.93 -43.72 -31.72
C PRO Z 159 26.66 -44.49 -30.44
N VAL Z 160 26.71 -43.82 -29.31
CA VAL Z 160 26.48 -44.48 -28.03
C VAL Z 160 25.13 -44.09 -27.42
N LYS Z 161 24.26 -45.07 -27.25
CA LYS Z 161 22.95 -44.83 -26.67
C LYS Z 161 22.87 -45.38 -25.25
N ALA Z 162 24.03 -45.62 -24.66
CA ALA Z 162 24.12 -46.12 -23.30
C ALA Z 162 24.27 -44.92 -22.37
N GLY Z 163 23.31 -44.74 -21.48
CA GLY Z 163 23.36 -43.61 -20.57
C GLY Z 163 22.91 -42.36 -21.31
N VAL Z 164 21.93 -42.53 -22.19
CA VAL Z 164 21.39 -41.43 -22.96
C VAL Z 164 20.17 -40.82 -22.29
N GLU Z 165 20.41 -39.82 -21.45
CA GLU Z 165 19.34 -39.13 -20.76
C GLU Z 165 19.31 -37.68 -21.22
N THR Z 166 18.29 -37.35 -22.00
CA THR Z 166 18.12 -36.00 -22.53
C THR Z 166 16.79 -35.41 -22.07
N THR Z 167 16.85 -34.25 -21.43
CA THR Z 167 15.65 -33.58 -20.95
C THR Z 167 15.07 -32.68 -22.03
N THR Z 168 13.80 -32.92 -22.38
CA THR Z 168 13.14 -32.11 -23.39
C THR Z 168 13.33 -30.62 -23.09
N PRO Z 169 13.42 -29.79 -24.15
CA PRO Z 169 13.61 -28.35 -24.03
C PRO Z 169 12.54 -27.61 -23.23
N SER Z 170 12.97 -26.61 -22.48
CA SER Z 170 12.08 -25.79 -21.67
C SER Z 170 12.35 -24.33 -22.03
N LYS Z 171 11.30 -23.51 -21.98
CA LYS Z 171 11.42 -22.10 -22.33
C LYS Z 171 12.24 -21.28 -21.34
N GLN Z 172 13.06 -20.37 -21.86
CA GLN Z 172 13.89 -19.50 -21.04
C GLN Z 172 13.04 -18.30 -20.63
N SER Z 173 13.58 -17.46 -19.74
CA SER Z 173 12.86 -16.28 -19.28
C SER Z 173 12.38 -15.41 -20.44
N ASN Z 174 13.22 -15.26 -21.47
CA ASN Z 174 12.85 -14.47 -22.62
C ASN Z 174 11.85 -15.24 -23.48
N ASN Z 175 12.32 -16.31 -24.11
CA ASN Z 175 11.47 -17.16 -24.95
C ASN Z 175 12.27 -18.25 -25.63
N LYS Z 176 13.59 -18.19 -25.50
CA LYS Z 176 14.47 -19.19 -26.10
C LYS Z 176 14.40 -20.48 -25.30
N TYR Z 177 14.56 -21.63 -25.97
CA TYR Z 177 14.49 -22.90 -25.26
C TYR Z 177 15.86 -23.41 -24.81
N ALA Z 178 15.86 -24.25 -23.78
CA ALA Z 178 17.10 -24.81 -23.25
C ALA Z 178 16.88 -26.17 -22.59
N ALA Z 179 17.79 -27.09 -22.87
CA ALA Z 179 17.71 -28.45 -22.32
C ALA Z 179 19.10 -28.99 -22.02
N SER Z 180 19.16 -30.20 -21.49
CA SER Z 180 20.43 -30.83 -21.14
C SER Z 180 20.44 -32.30 -21.53
N SER Z 181 21.62 -32.81 -21.85
CA SER Z 181 21.76 -34.21 -22.23
C SER Z 181 22.93 -34.77 -21.44
N TYR Z 182 22.63 -35.65 -20.49
CA TYR Z 182 23.66 -36.26 -19.65
C TYR Z 182 23.98 -37.67 -20.14
N LEU Z 183 25.27 -37.96 -20.28
CA LEU Z 183 25.71 -39.28 -20.71
C LEU Z 183 26.95 -39.71 -19.94
N SER Z 184 26.73 -40.41 -18.84
CA SER Z 184 27.80 -40.88 -17.98
C SER Z 184 28.36 -42.22 -18.45
N LEU Z 185 29.57 -42.53 -18.02
CA LEU Z 185 30.24 -43.77 -18.36
C LEU Z 185 31.38 -44.05 -17.38
N THR Z 186 31.83 -45.29 -17.36
CA THR Z 186 32.93 -45.69 -16.49
C THR Z 186 34.24 -45.10 -16.98
N PRO Z 187 35.20 -44.88 -16.06
CA PRO Z 187 36.51 -44.32 -16.38
C PRO Z 187 37.24 -45.01 -17.54
N GLU Z 188 37.29 -46.34 -17.50
CA GLU Z 188 37.98 -47.10 -18.55
C GLU Z 188 37.49 -46.72 -19.95
N GLN Z 189 36.25 -46.26 -20.04
CA GLN Z 189 35.67 -45.88 -21.33
C GLN Z 189 36.02 -44.44 -21.69
N TRP Z 190 36.28 -43.62 -20.68
CA TRP Z 190 36.63 -42.22 -20.91
C TRP Z 190 38.06 -42.13 -21.44
N LYS Z 191 38.92 -43.01 -20.95
CA LYS Z 191 40.32 -43.04 -21.37
C LYS Z 191 40.44 -43.76 -22.71
N SER Z 192 39.50 -44.66 -22.98
CA SER Z 192 39.48 -45.44 -24.21
C SER Z 192 39.66 -44.63 -25.48
N HIS Z 193 38.83 -43.60 -25.65
CA HIS Z 193 38.91 -42.76 -26.84
C HIS Z 193 39.59 -41.42 -26.58
N ARG Z 194 40.36 -40.97 -27.57
CA ARG Z 194 41.08 -39.71 -27.46
C ARG Z 194 40.22 -38.57 -26.96
N SER Z 195 39.00 -38.51 -27.46
CA SER Z 195 38.11 -37.43 -27.06
C SER Z 195 36.66 -37.73 -27.44
N TYR Z 196 35.75 -37.36 -26.57
CA TYR Z 196 34.33 -37.56 -26.81
C TYR Z 196 33.71 -36.22 -27.17
N SER Z 197 32.76 -36.24 -28.10
CA SER Z 197 32.11 -35.03 -28.55
C SER Z 197 30.59 -35.10 -28.47
N CYS Z 198 29.98 -33.99 -28.03
CA CYS Z 198 28.54 -33.90 -27.91
C CYS Z 198 27.96 -33.20 -29.13
N GLN Z 199 27.31 -33.96 -30.00
CA GLN Z 199 26.73 -33.39 -31.22
C GLN Z 199 25.24 -33.15 -31.03
N VAL Z 200 24.76 -32.02 -31.53
CA VAL Z 200 23.36 -31.66 -31.41
C VAL Z 200 22.82 -31.09 -32.73
N THR Z 201 21.66 -31.59 -33.15
CA THR Z 201 21.04 -31.13 -34.38
C THR Z 201 19.89 -30.17 -34.11
N HIS Z 202 19.93 -29.03 -34.79
CA HIS Z 202 18.90 -28.01 -34.62
C HIS Z 202 18.61 -27.28 -35.94
N GLU Z 203 17.45 -27.55 -36.51
CA GLU Z 203 17.04 -26.92 -37.76
C GLU Z 203 18.00 -27.20 -38.92
N GLY Z 204 18.68 -28.34 -38.87
CA GLY Z 204 19.60 -28.69 -39.94
C GLY Z 204 21.04 -28.31 -39.69
N SER Z 205 21.26 -27.42 -38.72
CA SER Z 205 22.62 -26.98 -38.40
C SER Z 205 23.12 -27.72 -37.17
N THR Z 206 24.43 -27.99 -37.14
CA THR Z 206 25.02 -28.73 -36.02
C THR Z 206 26.18 -28.03 -35.32
N VAL Z 207 26.00 -27.74 -34.03
CA VAL Z 207 27.03 -27.12 -33.22
C VAL Z 207 27.60 -28.25 -32.36
N GLU Z 208 28.89 -28.22 -32.08
CA GLU Z 208 29.50 -29.29 -31.30
C GLU Z 208 30.68 -28.86 -30.44
N LYS Z 209 30.95 -29.64 -29.39
CA LYS Z 209 32.06 -29.37 -28.48
C LYS Z 209 32.67 -30.71 -28.05
N THR Z 210 33.99 -30.73 -27.89
CA THR Z 210 34.69 -31.95 -27.51
C THR Z 210 35.67 -31.73 -26.35
N VAL Z 211 35.92 -32.79 -25.58
CA VAL Z 211 36.84 -32.73 -24.45
C VAL Z 211 37.59 -34.04 -24.32
N ALA Z 212 38.89 -33.96 -24.06
CA ALA Z 212 39.73 -35.14 -23.92
C ALA Z 212 40.34 -35.21 -22.52
N PRO Z 213 40.72 -36.42 -22.07
CA PRO Z 213 41.33 -36.60 -20.75
C PRO Z 213 42.70 -35.94 -20.64
N SER AA 2 -56.86 -56.67 51.17
CA SER AA 2 -56.87 -55.64 52.25
C SER AA 2 -55.44 -55.29 52.65
N VAL AA 3 -55.30 -54.77 53.86
CA VAL AA 3 -53.99 -54.37 54.40
C VAL AA 3 -52.92 -55.39 54.01
N LEU AA 4 -51.78 -54.89 53.54
CA LEU AA 4 -50.68 -55.77 53.15
C LEU AA 4 -50.27 -56.64 54.34
N THR AA 5 -49.70 -57.80 54.04
CA THR AA 5 -49.26 -58.72 55.08
C THR AA 5 -47.91 -58.27 55.63
N GLN AA 6 -47.91 -57.87 56.90
CA GLN AA 6 -46.68 -57.41 57.54
C GLN AA 6 -46.55 -58.11 58.89
N PRO AA 7 -45.32 -58.28 59.39
CA PRO AA 7 -45.10 -58.95 60.68
C PRO AA 7 -45.51 -58.08 61.87
N PRO AA 8 -46.08 -58.70 62.92
CA PRO AA 8 -46.50 -57.95 64.10
C PRO AA 8 -45.35 -57.19 64.75
N SER AA 9 -44.18 -57.83 64.82
CA SER AA 9 -43.01 -57.21 65.42
C SER AA 9 -41.71 -57.88 65.01
N VAL AA 10 -40.62 -57.14 65.13
CA VAL AA 10 -39.28 -57.63 64.79
C VAL AA 10 -38.32 -57.00 65.79
N SER AA 11 -37.30 -57.75 66.19
CA SER AA 11 -36.32 -57.22 67.15
C SER AA 11 -34.98 -57.92 67.11
N GLY AA 12 -33.91 -57.14 67.20
CA GLY AA 12 -32.57 -57.69 67.17
C GLY AA 12 -31.61 -56.92 68.06
N ALA AA 13 -30.37 -57.37 68.12
CA ALA AA 13 -29.35 -56.72 68.94
C ALA AA 13 -28.76 -55.53 68.18
N PRO AA 14 -28.12 -54.59 68.90
CA PRO AA 14 -27.53 -53.43 68.26
C PRO AA 14 -26.48 -53.83 67.23
N GLY AA 15 -26.54 -53.23 66.04
CA GLY AA 15 -25.58 -53.55 65.00
C GLY AA 15 -25.81 -54.86 64.29
N GLN AA 16 -27.07 -55.17 64.00
CA GLN AA 16 -27.40 -56.41 63.30
C GLN AA 16 -28.36 -56.16 62.15
N ARG AA 17 -28.66 -57.21 61.40
CA ARG AA 17 -29.55 -57.11 60.25
C ARG AA 17 -30.95 -57.68 60.51
N VAL AA 18 -31.94 -56.81 60.48
CA VAL AA 18 -33.33 -57.22 60.69
C VAL AA 18 -34.12 -57.04 59.39
N THR AA 19 -34.88 -58.07 59.04
CA THR AA 19 -35.68 -58.04 57.83
C THR AA 19 -37.18 -58.00 58.13
N ILE AA 20 -37.88 -57.09 57.48
CA ILE AA 20 -39.32 -56.93 57.68
C ILE AA 20 -40.03 -57.44 56.42
N SER AA 21 -40.64 -58.62 56.53
CA SER AA 21 -41.35 -59.25 55.40
C SER AA 21 -42.72 -58.64 55.12
N CYS AA 22 -42.96 -58.32 53.86
CA CYS AA 22 -44.21 -57.70 53.41
C CYS AA 22 -44.70 -58.36 52.12
N THR AA 23 -45.69 -59.24 52.23
CA THR AA 23 -46.25 -59.93 51.07
C THR AA 23 -47.54 -59.29 50.58
N GLY AA 24 -47.79 -59.37 49.27
CA GLY AA 24 -48.98 -58.77 48.70
C GLY AA 24 -49.84 -59.72 47.89
N SER AA 25 -50.96 -59.21 47.39
CA SER AA 25 -51.90 -60.00 46.58
C SER AA 25 -51.53 -59.93 45.09
N SER AA 26 -51.97 -60.94 44.34
CA SER AA 26 -51.68 -61.03 42.90
C SER AA 26 -51.88 -59.71 42.17
N SER AA 27 -52.80 -58.89 42.67
CA SER AA 27 -53.06 -57.59 42.06
C SER AA 27 -51.83 -56.71 42.24
N ASN AA 28 -51.22 -56.79 43.42
CA ASN AA 28 -50.03 -56.02 43.73
C ASN AA 28 -48.78 -56.79 43.30
N ILE AA 29 -48.85 -58.11 43.39
CA ILE AA 29 -47.75 -58.99 43.02
C ILE AA 29 -47.27 -58.82 41.59
N GLY AA 30 -48.06 -59.31 40.63
CA GLY AA 30 -47.67 -59.20 39.23
C GLY AA 30 -47.44 -57.77 38.78
N ALA AA 31 -47.98 -56.82 39.53
CA ALA AA 31 -47.83 -55.41 39.21
C ALA AA 31 -46.57 -54.83 39.84
N GLY AA 32 -46.16 -55.40 40.96
CA GLY AA 32 -44.98 -54.93 41.65
C GLY AA 32 -44.91 -53.42 41.69
N TYR AA 33 -46.07 -52.76 41.68
CA TYR AA 33 -46.11 -51.31 41.71
C TYR AA 33 -45.16 -50.82 42.79
N ALA AA 34 -44.36 -49.81 42.45
CA ALA AA 34 -43.38 -49.24 43.37
C ALA AA 34 -43.81 -49.34 44.82
N VAL AA 35 -43.03 -50.10 45.60
CA VAL AA 35 -43.31 -50.29 47.02
C VAL AA 35 -42.37 -49.43 47.85
N HIS AA 36 -42.91 -48.76 48.86
CA HIS AA 36 -42.11 -47.88 49.71
C HIS AA 36 -42.32 -48.22 51.18
N TRP AA 37 -41.39 -47.75 52.02
CA TRP AA 37 -41.47 -47.99 53.45
C TRP AA 37 -41.36 -46.67 54.21
N TYR AA 38 -42.17 -46.53 55.26
CA TYR AA 38 -42.18 -45.30 56.05
C TYR AA 38 -41.84 -45.56 57.52
N GLN AA 39 -40.86 -44.81 58.03
CA GLN AA 39 -40.43 -44.93 59.41
C GLN AA 39 -41.19 -43.95 60.29
N GLN AA 40 -42.06 -44.47 61.16
CA GLN AA 40 -42.84 -43.61 62.04
C GLN AA 40 -42.31 -43.65 63.47
N LEU AA 41 -41.46 -42.69 63.80
CA LEU AA 41 -40.88 -42.61 65.14
C LEU AA 41 -41.99 -42.55 66.19
N PRO AA 42 -41.64 -42.79 67.46
CA PRO AA 42 -42.63 -42.75 68.55
C PRO AA 42 -43.28 -41.39 68.76
N GLY AA 43 -44.58 -41.31 68.49
CA GLY AA 43 -45.30 -40.06 68.66
C GLY AA 43 -44.90 -38.94 67.72
N THR AA 44 -44.68 -39.27 66.45
CA THR AA 44 -44.30 -38.29 65.45
C THR AA 44 -44.74 -38.69 64.05
N ALA AA 45 -45.13 -37.70 63.25
CA ALA AA 45 -45.60 -37.94 61.89
C ALA AA 45 -44.64 -38.83 61.10
N PRO AA 46 -45.19 -39.74 60.29
CA PRO AA 46 -44.40 -40.67 59.46
C PRO AA 46 -43.41 -39.96 58.54
N LYS AA 47 -42.50 -40.75 57.95
CA LYS AA 47 -41.49 -40.21 57.05
C LYS AA 47 -41.10 -41.25 56.00
N LEU AA 48 -40.60 -40.78 54.86
CA LEU AA 48 -40.18 -41.68 53.79
C LEU AA 48 -38.84 -42.30 54.13
N LEU AA 49 -38.86 -43.59 54.48
CA LEU AA 49 -37.65 -44.32 54.84
C LEU AA 49 -36.90 -44.79 53.59
N ILE AA 50 -37.64 -45.40 52.67
CA ILE AA 50 -37.09 -45.88 51.41
C ILE AA 50 -38.20 -45.89 50.36
N SER AA 51 -37.89 -45.41 49.16
CA SER AA 51 -38.90 -45.35 48.10
C SER AA 51 -38.55 -46.18 46.87
N GLY AA 52 -39.30 -45.94 45.79
CA GLY AA 52 -39.12 -46.63 44.53
C GLY AA 52 -38.30 -47.91 44.47
N ASN AA 53 -38.56 -48.83 45.40
CA ASN AA 53 -37.83 -50.10 45.44
C ASN AA 53 -36.34 -49.90 45.64
N SER AA 54 -36.00 -49.29 46.78
CA SER AA 54 -34.62 -48.99 47.18
C SER AA 54 -34.20 -47.59 46.77
N ASN AA 55 -35.13 -46.83 46.17
CA ASN AA 55 -34.82 -45.46 45.77
C ASN AA 55 -34.58 -44.79 47.11
N ARG AA 56 -33.41 -44.18 47.26
CA ARG AA 56 -33.03 -43.58 48.53
C ARG AA 56 -33.48 -42.17 48.85
N PRO AA 57 -34.07 -41.98 50.06
CA PRO AA 57 -34.54 -40.67 50.51
C PRO AA 57 -33.29 -39.92 50.96
N SER AA 58 -33.27 -38.61 50.76
CA SER AA 58 -32.10 -37.83 51.14
C SER AA 58 -32.01 -37.68 52.66
N GLY AA 59 -30.82 -37.95 53.20
CA GLY AA 59 -30.61 -37.82 54.63
C GLY AA 59 -30.77 -39.10 55.43
N VAL AA 60 -31.25 -40.16 54.79
CA VAL AA 60 -31.44 -41.44 55.48
C VAL AA 60 -30.24 -42.36 55.29
N PRO AA 61 -29.64 -42.84 56.39
CA PRO AA 61 -28.49 -43.74 56.36
C PRO AA 61 -28.66 -44.88 55.37
N ASP AA 62 -27.59 -45.19 54.64
CA ASP AA 62 -27.62 -46.26 53.65
C ASP AA 62 -27.76 -47.65 54.26
N ARG AA 63 -27.70 -47.74 55.58
CA ARG AA 63 -27.84 -49.04 56.25
C ARG AA 63 -29.22 -49.61 56.00
N PHE AA 64 -30.07 -48.82 55.36
CA PHE AA 64 -31.43 -49.22 55.04
C PHE AA 64 -31.51 -49.61 53.57
N SER AA 65 -32.04 -50.79 53.28
CA SER AA 65 -32.17 -51.27 51.92
C SER AA 65 -33.52 -51.91 51.67
N GLY AA 66 -34.02 -51.78 50.45
CA GLY AA 66 -35.31 -52.35 50.10
C GLY AA 66 -35.24 -53.29 48.92
N SER AA 67 -35.62 -54.54 49.14
CA SER AA 67 -35.61 -55.55 48.09
C SER AA 67 -37.03 -55.96 47.74
N LYS AA 68 -37.21 -56.50 46.54
CA LYS AA 68 -38.54 -56.93 46.08
C LYS AA 68 -38.43 -58.07 45.08
N SER AA 69 -39.22 -59.11 45.29
CA SER AA 69 -39.21 -60.27 44.41
C SER AA 69 -40.48 -61.12 44.56
N GLY AA 70 -40.97 -61.65 43.43
CA GLY AA 70 -42.16 -62.47 43.45
C GLY AA 70 -43.40 -61.80 44.00
N THR AA 71 -43.99 -62.42 45.01
CA THR AA 71 -45.20 -61.91 45.63
C THR AA 71 -44.93 -61.13 46.91
N SER AA 72 -43.68 -60.71 47.10
CA SER AA 72 -43.32 -59.97 48.31
C SER AA 72 -42.02 -59.19 48.20
N ALA AA 73 -41.82 -58.27 49.15
CA ALA AA 73 -40.64 -57.44 49.20
C ALA AA 73 -40.33 -57.16 50.68
N SER AA 74 -39.10 -56.79 50.98
CA SER AA 74 -38.72 -56.52 52.37
C SER AA 74 -37.70 -55.40 52.54
N LEU AA 75 -37.54 -54.97 53.79
CA LEU AA 75 -36.61 -53.91 54.15
C LEU AA 75 -35.54 -54.45 55.10
N ALA AA 76 -34.28 -54.26 54.74
CA ALA AA 76 -33.17 -54.72 55.56
C ALA AA 76 -32.49 -53.54 56.26
N ILE AA 77 -32.16 -53.72 57.53
CA ILE AA 77 -31.51 -52.68 58.32
C ILE AA 77 -30.25 -53.21 58.99
N THR AA 78 -29.12 -52.59 58.66
CA THR AA 78 -27.84 -53.01 59.21
C THR AA 78 -27.33 -52.01 60.24
N GLY AA 79 -26.44 -52.46 61.13
CA GLY AA 79 -25.90 -51.61 62.15
C GLY AA 79 -27.00 -50.93 62.95
N LEU AA 80 -28.03 -51.71 63.28
CA LEU AA 80 -29.17 -51.20 64.05
C LEU AA 80 -28.72 -50.37 65.23
N GLN AA 81 -29.15 -49.12 65.28
CA GLN AA 81 -28.80 -48.22 66.35
C GLN AA 81 -30.01 -48.04 67.27
N ALA AA 82 -29.79 -47.38 68.41
CA ALA AA 82 -30.86 -47.14 69.37
C ALA AA 82 -32.01 -46.41 68.69
N GLU AA 83 -31.69 -45.29 68.05
CA GLU AA 83 -32.68 -44.48 67.36
C GLU AA 83 -33.49 -45.28 66.35
N ASP AA 84 -32.82 -46.18 65.64
CA ASP AA 84 -33.44 -46.99 64.61
C ASP AA 84 -34.76 -47.68 64.94
N GLU AA 85 -35.09 -47.79 66.24
CA GLU AA 85 -36.33 -48.44 66.61
C GLU AA 85 -37.54 -47.51 66.49
N ALA AA 86 -38.56 -47.98 65.79
CA ALA AA 86 -39.78 -47.22 65.57
C ALA AA 86 -40.80 -48.13 64.88
N ASP AA 87 -41.94 -47.55 64.48
CA ASP AA 87 -42.96 -48.31 63.79
C ASP AA 87 -42.71 -48.21 62.29
N TYR AA 88 -42.73 -49.35 61.61
CA TYR AA 88 -42.49 -49.37 60.17
C TYR AA 88 -43.72 -49.89 59.42
N TYR AA 89 -43.99 -49.28 58.27
CA TYR AA 89 -45.14 -49.65 57.45
C TYR AA 89 -44.73 -49.78 55.99
N CYS AA 90 -45.02 -50.92 55.37
CA CYS AA 90 -44.67 -51.11 53.97
C CYS AA 90 -45.79 -50.62 53.06
N GLN AA 91 -45.67 -49.38 52.62
CA GLN AA 91 -46.66 -48.74 51.76
C GLN AA 91 -46.48 -49.16 50.31
N SER AA 92 -47.59 -49.37 49.62
CA SER AA 92 -47.56 -49.76 48.22
C SER AA 92 -48.87 -49.35 47.54
N TYR AA 93 -49.00 -49.71 46.26
CA TYR AA 93 -50.19 -49.36 45.50
C TYR AA 93 -50.71 -50.57 44.74
N ASP AA 94 -52.03 -50.73 44.71
CA ASP AA 94 -52.64 -51.87 44.03
C ASP AA 94 -53.56 -51.42 42.90
N SER AA 95 -54.11 -52.37 42.16
CA SER AA 95 -54.99 -52.06 41.04
C SER AA 95 -56.39 -52.65 41.19
N SER AA 96 -56.46 -53.92 41.58
CA SER AA 96 -57.75 -54.59 41.75
C SER AA 96 -58.65 -53.80 42.70
N LEU AA 97 -58.04 -53.00 43.57
CA LEU AA 97 -58.77 -52.18 44.52
C LEU AA 97 -58.76 -50.72 44.09
N SER AA 98 -58.25 -50.49 42.88
CA SER AA 98 -58.15 -49.14 42.31
C SER AA 98 -57.64 -48.13 43.34
N GLY AA 99 -56.69 -48.57 44.16
CA GLY AA 99 -56.14 -47.68 45.17
C GLY AA 99 -54.79 -48.15 45.67
N SER AA 100 -54.34 -47.57 46.78
CA SER AA 100 -53.06 -47.92 47.38
C SER AA 100 -53.26 -48.70 48.67
N VAL AA 101 -52.39 -49.69 48.89
CA VAL AA 101 -52.48 -50.52 50.08
C VAL AA 101 -51.39 -50.17 51.10
N PHE AA 102 -51.71 -50.37 52.38
CA PHE AA 102 -50.78 -50.08 53.46
C PHE AA 102 -50.43 -51.34 54.24
N GLY AA 103 -49.36 -51.27 55.02
CA GLY AA 103 -48.93 -52.41 55.81
C GLY AA 103 -49.53 -52.44 57.19
N GLY AA 104 -49.90 -53.64 57.65
CA GLY AA 104 -50.48 -53.78 58.96
C GLY AA 104 -49.65 -53.07 60.01
N GLY AA 105 -48.34 -53.31 59.99
CA GLY AA 105 -47.45 -52.68 60.95
C GLY AA 105 -46.39 -53.60 61.50
N THR AA 106 -45.38 -53.00 62.14
CA THR AA 106 -44.27 -53.72 62.74
C THR AA 106 -43.70 -52.87 63.87
N LYS AA 107 -43.20 -53.51 64.92
CA LYS AA 107 -42.61 -52.78 66.03
C LYS AA 107 -41.16 -53.18 66.27
N LEU AA 108 -40.25 -52.42 65.66
CA LEU AA 108 -38.82 -52.67 65.80
C LEU AA 108 -38.30 -52.15 67.13
N THR AA 109 -37.68 -53.01 67.91
CA THR AA 109 -37.13 -52.63 69.20
C THR AA 109 -35.70 -53.13 69.30
N VAL AA 110 -34.78 -52.24 69.66
CA VAL AA 110 -33.38 -52.62 69.80
C VAL AA 110 -33.14 -53.37 71.09
N LEU AA 111 -32.77 -54.64 70.99
CA LEU AA 111 -32.52 -55.42 72.17
C LEU AA 111 -31.49 -54.74 73.06
N GLY AA 112 -31.44 -55.20 74.30
CA GLY AA 112 -30.55 -54.65 75.31
C GLY AA 112 -31.47 -54.68 76.51
N GLN AA 113 -32.60 -55.35 76.29
CA GLN AA 113 -33.64 -55.53 77.26
C GLN AA 113 -34.15 -56.96 77.09
N PRO AA 114 -33.97 -57.80 78.12
CA PRO AA 114 -34.36 -59.21 78.23
C PRO AA 114 -35.80 -59.48 77.84
N LYS AA 115 -36.06 -60.54 77.07
CA LYS AA 115 -37.47 -60.76 76.79
C LYS AA 115 -38.15 -61.22 78.07
N ALA AA 116 -39.39 -60.78 78.27
CA ALA AA 116 -40.13 -61.13 79.48
C ALA AA 116 -41.46 -61.79 79.15
N ALA AA 117 -41.90 -62.69 80.02
CA ALA AA 117 -43.15 -63.40 79.84
C ALA AA 117 -44.31 -62.66 80.49
N PRO AA 118 -45.44 -62.55 79.78
CA PRO AA 118 -46.64 -61.86 80.28
C PRO AA 118 -47.19 -62.42 81.59
N SER AA 119 -47.46 -61.53 82.54
CA SER AA 119 -48.02 -61.92 83.82
C SER AA 119 -49.51 -61.63 83.74
N VAL AA 120 -50.29 -62.65 83.40
CA VAL AA 120 -51.73 -62.49 83.27
C VAL AA 120 -52.50 -62.77 84.55
N THR AA 121 -53.35 -61.82 84.91
CA THR AA 121 -54.20 -61.94 86.09
C THR AA 121 -55.62 -61.67 85.63
N LEU AA 122 -56.41 -62.73 85.51
CA LEU AA 122 -57.79 -62.59 85.08
C LEU AA 122 -58.69 -62.45 86.29
N PHE AA 123 -59.53 -61.41 86.28
CA PHE AA 123 -60.44 -61.17 87.39
C PHE AA 123 -61.89 -61.47 87.07
N PRO AA 124 -62.64 -61.97 88.06
CA PRO AA 124 -64.06 -62.29 87.89
C PRO AA 124 -64.88 -61.04 88.14
N PRO AA 125 -66.13 -61.02 87.66
CA PRO AA 125 -66.99 -59.84 87.86
C PRO AA 125 -67.36 -59.68 89.33
N SER AA 126 -67.27 -58.46 89.85
CA SER AA 126 -67.61 -58.21 91.23
C SER AA 126 -69.08 -58.49 91.48
N SER AA 127 -69.46 -58.61 92.76
CA SER AA 127 -70.84 -58.90 93.13
C SER AA 127 -71.78 -57.76 92.79
N GLU AA 128 -71.36 -56.53 93.10
CA GLU AA 128 -72.19 -55.37 92.81
C GLU AA 128 -72.18 -55.03 91.32
N GLU AA 129 -71.22 -55.60 90.59
CA GLU AA 129 -71.12 -55.36 89.16
C GLU AA 129 -72.16 -56.21 88.45
N LEU AA 130 -72.12 -57.52 88.69
CA LEU AA 130 -73.08 -58.43 88.09
C LEU AA 130 -74.46 -58.11 88.63
N GLN AA 131 -74.51 -57.23 89.62
CA GLN AA 131 -75.75 -56.80 90.25
C GLN AA 131 -76.54 -55.94 89.27
N ALA AA 132 -75.83 -55.07 88.56
CA ALA AA 132 -76.45 -54.19 87.59
C ALA AA 132 -76.66 -54.91 86.26
N ASN AA 133 -76.57 -56.23 86.30
CA ASN AA 133 -76.76 -57.07 85.13
C ASN AA 133 -75.72 -56.79 84.04
N LYS AA 134 -74.46 -56.77 84.44
CA LYS AA 134 -73.36 -56.52 83.52
C LYS AA 134 -72.02 -56.90 84.16
N ALA AA 135 -71.37 -57.91 83.59
CA ALA AA 135 -70.09 -58.39 84.11
C ALA AA 135 -68.93 -57.74 83.37
N THR AA 136 -67.72 -58.03 83.84
CA THR AA 136 -66.52 -57.48 83.22
C THR AA 136 -65.30 -58.31 83.61
N LEU AA 137 -64.63 -58.87 82.61
CA LEU AA 137 -63.45 -59.69 82.84
C LEU AA 137 -62.20 -58.85 82.64
N VAL AA 138 -61.58 -58.48 83.76
CA VAL AA 138 -60.38 -57.65 83.74
C VAL AA 138 -59.09 -58.46 83.63
N CYS AA 139 -58.58 -58.58 82.40
CA CYS AA 139 -57.33 -59.31 82.16
C CYS AA 139 -56.24 -58.27 82.07
N LEU AA 140 -55.24 -58.38 82.95
CA LEU AA 140 -54.15 -57.43 82.99
C LEU AA 140 -52.82 -58.08 82.63
N ILE AA 141 -52.31 -57.77 81.46
CA ILE AA 141 -51.04 -58.33 80.99
C ILE AA 141 -49.91 -57.36 81.29
N SER AA 142 -49.00 -57.75 82.19
CA SER AA 142 -47.89 -56.90 82.56
C SER AA 142 -46.58 -57.68 82.67
N ASP AA 143 -45.47 -56.96 82.61
CA ASP AA 143 -44.14 -57.55 82.71
C ASP AA 143 -43.61 -58.26 81.46
N PHE AA 144 -44.01 -57.81 80.28
CA PHE AA 144 -43.56 -58.47 79.05
C PHE AA 144 -42.74 -57.59 78.10
N TYR AA 145 -41.69 -58.19 77.53
CA TYR AA 145 -40.83 -57.50 76.57
C TYR AA 145 -40.40 -58.49 75.49
N PRO AA 146 -40.45 -58.08 74.21
CA PRO AA 146 -40.89 -56.74 73.79
C PRO AA 146 -42.37 -56.54 74.09
N GLY AA 147 -42.81 -55.29 74.07
CA GLY AA 147 -44.20 -54.99 74.34
C GLY AA 147 -45.11 -55.29 73.16
N ALA AA 148 -45.13 -56.55 72.74
CA ALA AA 148 -45.97 -56.98 71.63
C ALA AA 148 -46.83 -58.12 72.12
N VAL AA 149 -48.14 -58.02 71.92
CA VAL AA 149 -49.05 -59.06 72.38
C VAL AA 149 -50.37 -59.11 71.63
N THR AA 150 -50.71 -60.30 71.14
CA THR AA 150 -51.96 -60.51 70.43
C THR AA 150 -52.86 -61.25 71.42
N VAL AA 151 -53.83 -60.55 71.97
CA VAL AA 151 -54.73 -61.13 72.95
C VAL AA 151 -55.96 -61.76 72.33
N ALA AA 152 -56.14 -63.05 72.59
CA ALA AA 152 -57.28 -63.79 72.07
C ALA AA 152 -58.20 -64.22 73.21
N TRP AA 153 -59.41 -63.67 73.22
CA TRP AA 153 -60.39 -64.00 74.24
C TRP AA 153 -61.36 -65.00 73.65
N LYS AA 154 -61.50 -66.15 74.31
CA LYS AA 154 -62.38 -67.17 73.78
C LYS AA 154 -63.28 -67.86 74.78
N ALA AA 155 -64.48 -68.17 74.32
CA ALA AA 155 -65.45 -68.91 75.12
C ALA AA 155 -64.80 -70.28 75.08
N ASP AA 156 -65.39 -71.26 75.76
CA ASP AA 156 -64.78 -72.58 75.75
C ASP AA 156 -64.75 -73.18 74.35
N SER AA 157 -65.78 -72.89 73.56
CA SER AA 157 -65.87 -73.41 72.20
C SER AA 157 -65.66 -72.41 71.07
N SER AA 158 -65.55 -71.11 71.39
CA SER AA 158 -65.38 -70.14 70.32
C SER AA 158 -64.67 -68.83 70.69
N PRO AA 159 -64.14 -68.14 69.67
CA PRO AA 159 -63.43 -66.86 69.87
C PRO AA 159 -64.49 -65.76 69.93
N VAL AA 160 -64.46 -64.95 70.98
CA VAL AA 160 -65.44 -63.89 71.12
C VAL AA 160 -64.82 -62.51 70.90
N LYS AA 161 -65.29 -61.81 69.86
CA LYS AA 161 -64.78 -60.49 69.56
C LYS AA 161 -65.79 -59.41 69.94
N ALA AA 162 -66.74 -59.79 70.80
CA ALA AA 162 -67.76 -58.86 71.27
C ALA AA 162 -67.27 -58.26 72.58
N GLY AA 163 -67.09 -56.95 72.60
CA GLY AA 163 -66.61 -56.30 73.81
C GLY AA 163 -65.11 -56.49 73.91
N VAL AA 164 -64.44 -56.46 72.77
CA VAL AA 164 -63.00 -56.63 72.71
C VAL AA 164 -62.27 -55.30 72.72
N GLU AA 165 -61.95 -54.82 73.92
CA GLU AA 165 -61.24 -53.56 74.08
C GLU AA 165 -59.88 -53.84 74.70
N THR AA 166 -58.84 -53.74 73.87
CA THR AA 166 -57.48 -53.98 74.32
C THR AA 166 -56.64 -52.72 74.15
N THR AA 167 -56.02 -52.27 75.24
CA THR AA 167 -55.18 -51.08 75.20
C THR AA 167 -53.75 -51.44 74.84
N THR AA 168 -53.24 -50.85 73.77
CA THR AA 168 -51.87 -51.10 73.33
C THR AA 168 -50.92 -50.99 74.51
N PRO AA 169 -49.85 -51.81 74.51
CA PRO AA 169 -48.84 -51.82 75.57
C PRO AA 169 -48.12 -50.50 75.81
N SER AA 170 -47.84 -50.21 77.08
CA SER AA 170 -47.15 -49.01 77.49
C SER AA 170 -45.95 -49.42 78.33
N LYS AA 171 -44.88 -48.65 78.26
CA LYS AA 171 -43.66 -48.96 78.99
C LYS AA 171 -43.78 -48.77 80.51
N GLN AA 172 -43.19 -49.69 81.26
CA GLN AA 172 -43.22 -49.64 82.72
C GLN AA 172 -42.07 -48.75 83.16
N SER AA 173 -42.03 -48.44 84.46
CA SER AA 173 -40.98 -47.57 85.00
C SER AA 173 -39.58 -48.07 84.63
N ASN AA 174 -39.39 -49.39 84.68
CA ASN AA 174 -38.09 -49.97 84.32
C ASN AA 174 -37.91 -49.92 82.81
N ASN AA 175 -38.69 -50.72 82.09
CA ASN AA 175 -38.63 -50.78 80.64
C ASN AA 175 -39.56 -51.84 80.07
N LYS AA 176 -40.14 -52.65 80.95
CA LYS AA 176 -41.06 -53.70 80.55
C LYS AA 176 -42.40 -53.09 80.14
N TYR AA 177 -43.07 -53.71 79.18
CA TYR AA 177 -44.36 -53.19 78.74
C TYR AA 177 -45.55 -53.80 79.47
N ALA AA 178 -46.66 -53.07 79.50
CA ALA AA 178 -47.86 -53.54 80.18
C ALA AA 178 -49.14 -52.95 79.57
N ALA AA 179 -50.14 -53.79 79.38
CA ALA AA 179 -51.41 -53.37 78.81
C ALA AA 179 -52.58 -54.11 79.46
N SER AA 180 -53.80 -53.78 79.04
CA SER AA 180 -54.98 -54.41 79.60
C SER AA 180 -55.99 -54.76 78.49
N SER AA 181 -56.75 -55.82 78.70
CA SER AA 181 -57.75 -56.23 77.74
C SER AA 181 -59.04 -56.47 78.50
N TYR AA 182 -60.01 -55.59 78.28
CA TYR AA 182 -61.30 -55.69 78.94
C TYR AA 182 -62.35 -56.29 78.02
N LEU AA 183 -63.09 -57.27 78.52
CA LEU AA 183 -64.14 -57.92 77.75
C LEU AA 183 -65.34 -58.22 78.62
N SER AA 184 -66.27 -57.26 78.66
CA SER AA 184 -67.49 -57.39 79.45
C SER AA 184 -68.58 -58.15 78.72
N LEU AA 185 -69.53 -58.68 79.48
CA LEU AA 185 -70.66 -59.42 78.93
C LEU AA 185 -71.79 -59.49 79.95
N THR AA 186 -72.98 -59.82 79.46
CA THR AA 186 -74.15 -59.93 80.33
C THR AA 186 -74.04 -61.17 81.20
N PRO AA 187 -74.68 -61.16 82.39
CA PRO AA 187 -74.67 -62.28 83.32
C PRO AA 187 -75.03 -63.63 82.71
N GLU AA 188 -76.12 -63.67 81.96
CA GLU AA 188 -76.57 -64.91 81.34
C GLU AA 188 -75.46 -65.59 80.52
N GLN AA 189 -74.52 -64.80 80.03
CA GLN AA 189 -73.41 -65.33 79.24
C GLN AA 189 -72.26 -65.81 80.12
N TRP AA 190 -72.16 -65.24 81.32
CA TRP AA 190 -71.10 -65.61 82.25
C TRP AA 190 -71.42 -66.97 82.86
N LYS AA 191 -72.70 -67.23 83.09
CA LYS AA 191 -73.15 -68.49 83.66
C LYS AA 191 -73.20 -69.56 82.58
N SER AA 192 -73.38 -69.13 81.34
CA SER AA 192 -73.47 -70.03 80.20
C SER AA 192 -72.35 -71.06 80.11
N HIS AA 193 -71.10 -70.59 80.17
CA HIS AA 193 -69.96 -71.50 80.09
C HIS AA 193 -69.30 -71.75 81.44
N ARG AA 194 -68.86 -72.99 81.64
CA ARG AA 194 -68.21 -73.37 82.88
C ARG AA 194 -67.16 -72.41 83.35
N SER AA 195 -66.36 -71.92 82.40
CA SER AA 195 -65.30 -71.00 82.74
C SER AA 195 -64.76 -70.29 81.51
N TYR AA 196 -64.44 -69.02 81.67
CA TYR AA 196 -63.87 -68.23 80.59
C TYR AA 196 -62.39 -68.03 80.85
N SER AA 197 -61.60 -68.09 79.79
CA SER AA 197 -60.16 -67.92 79.91
C SER AA 197 -59.59 -66.82 79.02
N CYS AA 198 -58.63 -66.07 79.58
CA CYS AA 198 -57.99 -64.98 78.85
C CYS AA 198 -56.66 -65.46 78.29
N GLN AA 199 -56.60 -65.68 76.98
CA GLN AA 199 -55.39 -66.14 76.33
C GLN AA 199 -54.63 -64.97 75.71
N VAL AA 200 -53.31 -65.00 75.85
CA VAL AA 200 -52.47 -63.93 75.31
C VAL AA 200 -51.23 -64.50 74.64
N THR AA 201 -50.94 -64.02 73.43
CA THR AA 201 -49.78 -64.48 72.68
C THR AA 201 -48.63 -63.48 72.74
N HIS AA 202 -47.45 -63.96 73.09
CA HIS AA 202 -46.27 -63.12 73.19
C HIS AA 202 -45.01 -63.88 72.78
N GLU AA 203 -44.46 -63.51 71.63
CA GLU AA 203 -43.24 -64.13 71.11
C GLU AA 203 -43.39 -65.64 70.87
N GLY AA 204 -44.62 -66.08 70.61
CA GLY AA 204 -44.84 -67.49 70.36
C GLY AA 204 -45.26 -68.30 71.58
N SER AA 205 -45.08 -67.74 72.77
CA SER AA 205 -45.45 -68.42 74.01
C SER AA 205 -46.78 -67.89 74.51
N THR AA 206 -47.57 -68.76 75.12
CA THR AA 206 -48.88 -68.37 75.62
C THR AA 206 -49.13 -68.64 77.10
N VAL AA 207 -49.40 -67.58 77.84
CA VAL AA 207 -49.70 -67.68 79.27
C VAL AA 207 -51.20 -67.45 79.37
N GLU AA 208 -51.86 -68.13 80.30
CA GLU AA 208 -53.31 -68.00 80.41
C GLU AA 208 -53.85 -68.18 81.84
N LYS AA 209 -55.03 -67.61 82.08
CA LYS AA 209 -55.70 -67.68 83.38
C LYS AA 209 -57.20 -67.83 83.15
N THR AA 210 -57.85 -68.63 83.99
CA THR AA 210 -59.29 -68.86 83.85
C THR AA 210 -60.03 -68.67 85.18
N VAL AA 211 -61.30 -68.30 85.09
CA VAL AA 211 -62.14 -68.10 86.27
C VAL AA 211 -63.57 -68.56 85.98
N ALA AA 212 -64.17 -69.26 86.94
CA ALA AA 212 -65.52 -69.76 86.78
C ALA AA 212 -66.45 -69.18 87.84
N PRO AA 213 -67.76 -69.15 87.57
CA PRO AA 213 -68.74 -68.61 88.52
C PRO AA 213 -68.84 -69.46 89.79
N SER BA 2 9.91 31.60 60.64
CA SER BA 2 8.54 31.54 61.23
C SER BA 2 7.52 31.12 60.19
N VAL BA 3 6.26 31.47 60.43
CA VAL BA 3 5.16 31.13 59.53
C VAL BA 3 5.59 31.30 58.07
N LEU BA 4 5.26 30.30 57.24
CA LEU BA 4 5.61 30.36 55.83
C LEU BA 4 5.01 31.61 55.20
N THR BA 5 5.64 32.09 54.12
CA THR BA 5 5.15 33.27 53.43
C THR BA 5 4.00 32.90 52.51
N GLN BA 6 2.82 33.41 52.83
CA GLN BA 6 1.63 33.13 52.03
C GLN BA 6 0.91 34.44 51.75
N PRO BA 7 0.15 34.51 50.63
CA PRO BA 7 -0.57 35.74 50.28
C PRO BA 7 -1.78 35.99 51.17
N PRO BA 8 -2.05 37.26 51.50
CA PRO BA 8 -3.20 37.60 52.35
C PRO BA 8 -4.52 37.12 51.77
N SER BA 9 -4.68 37.28 50.45
CA SER BA 9 -5.90 36.88 49.77
C SER BA 9 -5.71 36.71 48.27
N VAL BA 10 -6.60 35.93 47.66
CA VAL BA 10 -6.59 35.67 46.23
C VAL BA 10 -8.04 35.55 45.77
N SER BA 11 -8.34 36.05 44.59
CA SER BA 11 -9.70 35.99 44.08
C SER BA 11 -9.81 36.05 42.56
N GLY BA 12 -10.67 35.21 42.01
CA GLY BA 12 -10.86 35.18 40.56
C GLY BA 12 -12.30 34.91 40.18
N ALA BA 13 -12.58 34.92 38.88
CA ALA BA 13 -13.93 34.67 38.38
C ALA BA 13 -14.19 33.16 38.32
N PRO BA 14 -15.46 32.77 38.27
CA PRO BA 14 -15.80 31.34 38.22
C PRO BA 14 -15.19 30.68 36.98
N GLY BA 15 -14.57 29.52 37.18
CA GLY BA 15 -13.97 28.81 36.07
C GLY BA 15 -12.64 29.37 35.59
N GLN BA 16 -11.79 29.77 36.52
CA GLN BA 16 -10.48 30.31 36.17
C GLN BA 16 -9.38 29.68 37.00
N ARG BA 17 -8.13 30.05 36.71
CA ARG BA 17 -6.98 29.52 37.42
C ARG BA 17 -6.37 30.50 38.40
N VAL BA 18 -6.43 30.15 39.68
CA VAL BA 18 -5.87 31.00 40.73
C VAL BA 18 -4.68 30.29 41.36
N THR BA 19 -3.58 31.03 41.53
CA THR BA 19 -2.36 30.48 42.11
C THR BA 19 -2.06 31.10 43.48
N ILE BA 20 -1.78 30.24 44.45
CA ILE BA 20 -1.46 30.68 45.80
C ILE BA 20 0.03 30.47 46.05
N SER BA 21 0.78 31.57 46.05
CA SER BA 21 2.24 31.51 46.25
C SER BA 21 2.65 31.31 47.71
N CYS BA 22 3.55 30.35 47.93
CA CYS BA 22 4.03 30.01 49.26
C CYS BA 22 5.55 29.81 49.24
N THR BA 23 6.29 30.80 49.74
CA THR BA 23 7.75 30.72 49.77
C THR BA 23 8.27 30.34 51.15
N GLY BA 24 9.40 29.64 51.19
CA GLY BA 24 9.97 29.22 52.45
C GLY BA 24 11.42 29.61 52.68
N SER BA 25 11.95 29.28 53.84
CA SER BA 25 13.33 29.61 54.20
C SER BA 25 14.30 28.52 53.73
N SER BA 26 15.58 28.89 53.59
CA SER BA 26 16.62 27.96 53.13
C SER BA 26 16.56 26.62 53.83
N SER BA 27 16.09 26.61 55.08
CA SER BA 27 15.99 25.37 55.83
C SER BA 27 14.92 24.49 55.18
N ASN BA 28 13.84 25.12 54.74
CA ASN BA 28 12.74 24.42 54.08
C ASN BA 28 13.00 24.33 52.58
N ILE BA 29 13.67 25.34 52.03
CA ILE BA 29 13.99 25.42 50.62
C ILE BA 29 14.82 24.23 50.11
N GLY BA 30 16.10 24.22 50.47
CA GLY BA 30 16.97 23.15 50.03
C GLY BA 30 16.48 21.77 50.43
N ALA BA 31 15.63 21.71 51.45
CA ALA BA 31 15.08 20.46 51.93
C ALA BA 31 13.84 20.06 51.16
N GLY BA 32 13.11 21.05 50.66
CA GLY BA 32 11.90 20.79 49.91
C GLY BA 32 11.05 19.72 50.56
N TYR BA 33 11.16 19.58 51.88
CA TYR BA 33 10.39 18.59 52.60
C TYR BA 33 8.94 18.64 52.12
N ALA BA 34 8.39 17.48 51.83
CA ALA BA 34 7.02 17.35 51.34
C ALA BA 34 6.11 18.48 51.82
N VAL BA 35 5.61 19.26 50.88
CA VAL BA 35 4.73 20.39 51.20
C VAL BA 35 3.29 20.01 50.86
N HIS BA 36 2.36 20.31 51.77
CA HIS BA 36 0.96 20.00 51.55
C HIS BA 36 0.08 21.22 51.74
N TRP BA 37 -1.15 21.15 51.23
CA TRP BA 37 -2.10 22.25 51.36
C TRP BA 37 -3.42 21.74 51.95
N TYR BA 38 -3.99 22.54 52.85
CA TYR BA 38 -5.24 22.17 53.50
C TYR BA 38 -6.35 23.17 53.26
N GLN BA 39 -7.50 22.67 52.80
CA GLN BA 39 -8.66 23.50 52.51
C GLN BA 39 -9.56 23.57 53.75
N GLN BA 40 -9.62 24.75 54.36
CA GLN BA 40 -10.45 24.93 55.54
C GLN BA 40 -11.73 25.71 55.22
N LEU BA 41 -12.80 24.97 54.95
CA LEU BA 41 -14.09 25.58 54.63
C LEU BA 41 -14.51 26.53 55.76
N PRO BA 42 -15.49 27.41 55.48
CA PRO BA 42 -15.98 28.36 56.48
C PRO BA 42 -16.62 27.70 57.71
N GLY BA 43 -15.97 27.87 58.86
CA GLY BA 43 -16.48 27.30 60.09
C GLY BA 43 -16.49 25.78 60.15
N THR BA 44 -15.42 25.16 59.65
CA THR BA 44 -15.31 23.70 59.66
C THR BA 44 -13.86 23.24 59.72
N ALA BA 45 -13.62 22.14 60.43
CA ALA BA 45 -12.28 21.58 60.58
C ALA BA 45 -11.56 21.45 59.24
N PRO BA 46 -10.26 21.74 59.21
CA PRO BA 46 -9.43 21.66 58.00
C PRO BA 46 -9.46 20.28 57.35
N LYS BA 47 -8.95 20.21 56.12
CA LYS BA 47 -8.91 18.95 55.37
C LYS BA 47 -7.70 18.92 54.44
N LEU BA 48 -7.25 17.72 54.09
CA LEU BA 48 -6.11 17.55 53.19
C LEU BA 48 -6.54 17.81 51.75
N LEU BA 49 -6.15 18.97 51.22
CA LEU BA 49 -6.49 19.36 49.86
C LEU BA 49 -5.56 18.67 48.85
N ILE BA 50 -4.27 18.75 49.11
CA ILE BA 50 -3.26 18.13 48.25
C ILE BA 50 -2.03 17.81 49.10
N SER BA 51 -1.48 16.61 48.94
CA SER BA 51 -0.33 16.21 49.73
C SER BA 51 0.93 15.91 48.90
N GLY BA 52 1.90 15.29 49.56
CA GLY BA 52 3.17 14.93 48.94
C GLY BA 52 3.58 15.56 47.62
N ASN BA 53 3.46 16.88 47.52
CA ASN BA 53 3.82 17.60 46.30
C ASN BA 53 2.99 17.13 45.11
N SER BA 54 1.68 17.31 45.20
CA SER BA 54 0.71 16.94 44.17
C SER BA 54 0.14 15.55 44.40
N ASN BA 55 0.54 14.92 45.50
CA ASN BA 55 0.02 13.60 45.84
C ASN BA 55 -1.46 13.89 46.07
N ARG BA 56 -2.33 13.20 45.35
CA ARG BA 56 -3.76 13.45 45.44
C ARG BA 56 -4.57 12.78 46.53
N PRO BA 57 -5.37 13.57 47.25
CA PRO BA 57 -6.22 13.07 48.33
C PRO BA 57 -7.43 12.44 47.63
N SER BA 58 -7.98 11.37 48.20
CA SER BA 58 -9.11 10.71 47.56
C SER BA 58 -10.39 11.53 47.71
N GLY BA 59 -11.10 11.72 46.60
CA GLY BA 59 -12.34 12.48 46.63
C GLY BA 59 -12.23 13.94 46.28
N VAL BA 60 -11.00 14.44 46.14
CA VAL BA 60 -10.80 15.85 45.79
C VAL BA 60 -10.61 16.03 44.30
N PRO BA 61 -11.43 16.89 43.67
CA PRO BA 61 -11.37 17.17 42.23
C PRO BA 61 -9.95 17.43 41.75
N ASP BA 62 -9.63 16.86 40.58
CA ASP BA 62 -8.30 17.02 40.00
C ASP BA 62 -7.98 18.44 39.55
N ARG BA 63 -8.98 19.32 39.60
CA ARG BA 63 -8.76 20.71 39.20
C ARG BA 63 -7.76 21.38 40.14
N PHE BA 64 -7.36 20.65 41.17
CA PHE BA 64 -6.39 21.14 42.15
C PHE BA 64 -5.04 20.50 41.87
N SER BA 65 -4.01 21.34 41.76
CA SER BA 65 -2.66 20.85 41.50
C SER BA 65 -1.63 21.56 42.37
N GLY BA 66 -0.57 20.84 42.73
CA GLY BA 66 0.47 21.42 43.55
C GLY BA 66 1.84 21.33 42.92
N SER BA 67 2.47 22.48 42.71
CA SER BA 67 3.80 22.53 42.11
C SER BA 67 4.81 23.03 43.14
N LYS BA 68 6.08 22.71 42.92
CA LYS BA 68 7.14 23.14 43.83
C LYS BA 68 8.47 23.28 43.10
N SER BA 69 9.14 24.41 43.31
CA SER BA 69 10.43 24.68 42.68
C SER BA 69 11.22 25.75 43.42
N GLY BA 70 12.54 25.55 43.48
CA GLY BA 70 13.40 26.51 44.14
C GLY BA 70 13.09 26.75 45.61
N THR BA 71 12.86 28.01 45.95
CA THR BA 71 12.56 28.40 47.34
C THR BA 71 11.06 28.57 47.58
N SER BA 72 10.24 28.01 46.70
CA SER BA 72 8.80 28.15 46.85
C SER BA 72 7.98 27.12 46.07
N ALA BA 73 6.71 27.00 46.42
CA ALA BA 73 5.79 26.08 45.78
C ALA BA 73 4.40 26.74 45.80
N SER BA 74 3.51 26.28 44.92
CA SER BA 74 2.17 26.84 44.86
C SER BA 74 1.07 25.85 44.51
N LEU BA 75 -0.17 26.28 44.69
CA LEU BA 75 -1.35 25.48 44.41
C LEU BA 75 -2.20 26.14 43.33
N ALA BA 76 -2.48 25.39 42.27
CA ALA BA 76 -3.29 25.91 41.17
C ALA BA 76 -4.69 25.32 41.21
N ILE BA 77 -5.70 26.15 40.98
CA ILE BA 77 -7.08 25.71 40.98
C ILE BA 77 -7.79 26.12 39.69
N THR BA 78 -8.28 25.13 38.95
CA THR BA 78 -8.97 25.40 37.69
C THR BA 78 -10.47 25.19 37.83
N GLY BA 79 -11.24 25.80 36.93
CA GLY BA 79 -12.69 25.67 36.97
C GLY BA 79 -13.23 26.04 38.34
N LEU BA 80 -12.70 27.10 38.92
CA LEU BA 80 -13.12 27.56 40.23
C LEU BA 80 -14.64 27.59 40.35
N GLN BA 81 -15.16 26.84 41.32
CA GLN BA 81 -16.60 26.78 41.56
C GLN BA 81 -16.95 27.60 42.80
N ALA BA 82 -18.24 27.77 43.03
CA ALA BA 82 -18.70 28.52 44.19
C ALA BA 82 -18.13 27.91 45.47
N GLU BA 83 -18.34 26.61 45.62
CA GLU BA 83 -17.86 25.88 46.80
C GLU BA 83 -16.37 26.06 47.03
N ASP BA 84 -15.60 26.04 45.95
CA ASP BA 84 -14.15 26.18 46.00
C ASP BA 84 -13.57 27.28 46.88
N GLU BA 85 -14.38 28.26 47.26
CA GLU BA 85 -13.87 29.34 48.09
C GLU BA 85 -13.81 28.95 49.57
N ALA BA 86 -12.65 29.16 50.17
CA ALA BA 86 -12.43 28.84 51.58
C ALA BA 86 -11.06 29.36 51.98
N ASP BA 87 -10.62 29.02 53.20
CA ASP BA 87 -9.31 29.44 53.68
C ASP BA 87 -8.31 28.35 53.35
N TYR BA 88 -7.19 28.73 52.74
CA TYR BA 88 -6.16 27.77 52.37
C TYR BA 88 -4.87 28.04 53.13
N TYR BA 89 -4.19 26.96 53.51
CA TYR BA 89 -2.93 27.04 54.26
C TYR BA 89 -1.90 26.09 53.67
N CYS BA 90 -0.71 26.60 53.34
CA CYS BA 90 0.33 25.75 52.80
C CYS BA 90 1.19 25.17 53.90
N GLN BA 91 0.83 23.95 54.32
CA GLN BA 91 1.54 23.24 55.38
C GLN BA 91 2.80 22.57 54.87
N SER BA 92 3.85 22.64 55.68
CA SER BA 92 5.12 22.03 55.31
C SER BA 92 5.92 21.71 56.58
N TYR BA 93 7.12 21.17 56.39
CA TYR BA 93 7.97 20.79 57.52
C TYR BA 93 9.37 21.35 57.33
N ASP BA 94 9.97 21.84 58.41
CA ASP BA 94 11.31 22.41 58.36
C ASP BA 94 12.28 21.65 59.25
N SER BA 95 13.56 22.01 59.18
CA SER BA 95 14.59 21.34 59.98
C SER BA 95 15.29 22.28 60.96
N SER BA 96 15.68 23.46 60.48
CA SER BA 96 16.37 24.44 61.31
C SER BA 96 15.57 24.73 62.58
N LEU BA 97 14.27 24.53 62.51
CA LEU BA 97 13.39 24.76 63.65
C LEU BA 97 12.96 23.43 64.25
N SER BA 98 13.57 22.35 63.77
CA SER BA 98 13.27 21.00 64.26
C SER BA 98 11.77 20.76 64.38
N GLY BA 99 11.01 21.32 63.45
CA GLY BA 99 9.57 21.16 63.47
C GLY BA 99 8.93 21.41 62.12
N SER BA 100 7.60 21.55 62.13
CA SER BA 100 6.85 21.81 60.90
C SER BA 100 6.35 23.24 60.86
N VAL BA 101 6.35 23.83 59.66
CA VAL BA 101 5.90 25.20 59.49
C VAL BA 101 4.54 25.27 58.81
N PHE BA 102 3.78 26.32 59.14
CA PHE BA 102 2.45 26.51 58.58
C PHE BA 102 2.38 27.81 57.77
N GLY BA 103 1.35 27.93 56.94
CA GLY BA 103 1.19 29.12 56.12
C GLY BA 103 0.37 30.20 56.78
N GLY BA 104 0.79 31.45 56.61
CA GLY BA 104 0.06 32.56 57.20
C GLY BA 104 -1.43 32.46 56.91
N GLY BA 105 -1.77 32.23 55.65
CA GLY BA 105 -3.17 32.10 55.28
C GLY BA 105 -3.52 32.81 53.98
N THR BA 106 -4.68 32.46 53.44
CA THR BA 106 -5.19 33.04 52.20
C THR BA 106 -6.71 32.97 52.22
N LYS BA 107 -7.37 33.93 51.59
CA LYS BA 107 -8.83 33.94 51.54
C LYS BA 107 -9.34 33.95 50.10
N LEU BA 108 -9.61 32.76 49.59
CA LEU BA 108 -10.11 32.60 48.23
C LEU BA 108 -11.61 32.90 48.17
N THR BA 109 -11.98 33.83 47.30
CA THR BA 109 -13.38 34.21 47.14
C THR BA 109 -13.73 34.20 45.66
N VAL BA 110 -14.81 33.52 45.31
CA VAL BA 110 -15.24 33.45 43.92
C VAL BA 110 -15.92 34.75 43.52
N LEU BA 111 -15.23 35.51 42.67
CA LEU BA 111 -15.73 36.79 42.20
C LEU BA 111 -17.09 36.66 41.54
N GLY BA 112 -17.90 37.71 41.66
CA GLY BA 112 -19.21 37.68 41.04
C GLY BA 112 -20.38 37.98 41.94
N GLN BA 113 -20.20 37.93 43.26
CA GLN BA 113 -21.29 38.21 44.18
C GLN BA 113 -21.59 39.72 44.19
N PRO BA 114 -22.87 40.09 44.26
CA PRO BA 114 -23.27 41.50 44.27
C PRO BA 114 -23.08 42.22 45.61
N LYS BA 115 -22.80 43.52 45.56
CA LYS BA 115 -22.63 44.28 46.80
C LYS BA 115 -23.98 44.56 47.41
N ALA BA 116 -24.05 44.51 48.74
CA ALA BA 116 -25.30 44.74 49.44
C ALA BA 116 -25.20 45.91 50.44
N ALA BA 117 -26.32 46.59 50.64
CA ALA BA 117 -26.38 47.72 51.55
C ALA BA 117 -26.77 47.27 52.96
N PRO BA 118 -26.08 47.78 53.98
CA PRO BA 118 -26.34 47.44 55.39
C PRO BA 118 -27.76 47.74 55.84
N SER BA 119 -28.39 46.76 56.49
CA SER BA 119 -29.74 46.93 57.01
C SER BA 119 -29.59 47.21 58.50
N VAL BA 120 -29.60 48.48 58.86
CA VAL BA 120 -29.43 48.88 60.25
C VAL BA 120 -30.74 49.01 61.01
N THR BA 121 -30.81 48.35 62.16
CA THR BA 121 -31.97 48.40 63.02
C THR BA 121 -31.46 48.79 64.40
N LEU BA 122 -31.67 50.05 64.77
CA LEU BA 122 -31.22 50.53 66.08
C LEU BA 122 -32.34 50.35 67.09
N PHE BA 123 -32.01 49.73 68.22
CA PHE BA 123 -32.99 49.48 69.27
C PHE BA 123 -32.79 50.36 70.50
N PRO BA 124 -33.90 50.76 71.14
CA PRO BA 124 -33.85 51.59 72.34
C PRO BA 124 -33.71 50.69 73.56
N PRO BA 125 -33.25 51.25 74.68
CA PRO BA 125 -33.09 50.44 75.90
C PRO BA 125 -34.45 49.99 76.44
N SER BA 126 -34.54 48.72 76.82
CA SER BA 126 -35.79 48.19 77.37
C SER BA 126 -36.14 48.89 78.67
N SER BA 127 -37.39 48.77 79.11
CA SER BA 127 -37.84 49.39 80.33
C SER BA 127 -37.18 48.80 81.57
N GLU BA 128 -37.09 47.47 81.63
CA GLU BA 128 -36.46 46.81 82.76
C GLU BA 128 -34.94 46.95 82.71
N GLU BA 129 -34.42 47.32 81.54
CA GLU BA 129 -32.99 47.49 81.39
C GLU BA 129 -32.58 48.82 82.01
N LEU BA 130 -33.21 49.90 81.56
CA LEU BA 130 -32.92 51.23 82.10
C LEU BA 130 -33.36 51.26 83.57
N GLN BA 131 -34.03 50.19 83.98
CA GLN BA 131 -34.50 50.06 85.36
C GLN BA 131 -33.32 49.85 86.29
N ALA BA 132 -32.35 49.06 85.84
CA ALA BA 132 -31.15 48.76 86.62
C ALA BA 132 -30.13 49.87 86.45
N ASN BA 133 -30.58 51.00 85.92
CA ASN BA 133 -29.73 52.16 85.70
C ASN BA 133 -28.59 51.88 84.72
N LYS BA 134 -28.95 51.29 83.58
CA LYS BA 134 -27.99 50.96 82.52
C LYS BA 134 -28.70 50.65 81.22
N ALA BA 135 -28.48 51.49 80.22
CA ALA BA 135 -29.10 51.32 78.92
C ALA BA 135 -28.19 50.55 77.97
N THR BA 136 -28.71 50.26 76.77
CA THR BA 136 -27.95 49.53 75.77
C THR BA 136 -28.57 49.73 74.39
N LEU BA 137 -27.79 50.32 73.49
CA LEU BA 137 -28.25 50.57 72.13
C LEU BA 137 -27.80 49.43 71.21
N VAL BA 138 -28.74 48.56 70.86
CA VAL BA 138 -28.46 47.41 70.01
C VAL BA 138 -28.57 47.73 68.52
N CYS BA 139 -27.44 48.01 67.88
CA CYS BA 139 -27.43 48.31 66.45
C CYS BA 139 -27.01 47.02 65.76
N LEU BA 140 -27.87 46.52 64.87
CA LEU BA 140 -27.60 45.28 64.16
C LEU BA 140 -27.47 45.51 62.67
N ILE BA 141 -26.24 45.39 62.16
CA ILE BA 141 -25.97 45.59 60.75
C ILE BA 141 -25.94 44.24 60.04
N SER BA 142 -26.91 44.02 59.16
CA SER BA 142 -26.99 42.76 58.42
C SER BA 142 -27.33 42.97 56.96
N ASP BA 143 -27.04 41.97 56.14
CA ASP BA 143 -27.30 42.00 54.70
C ASP BA 143 -26.34 42.82 53.86
N PHE BA 144 -25.07 42.90 54.27
CA PHE BA 144 -24.09 43.68 53.49
C PHE BA 144 -22.92 42.89 52.92
N TYR BA 145 -22.55 43.24 51.69
CA TYR BA 145 -21.42 42.60 51.01
C TYR BA 145 -20.70 43.65 50.16
N PRO BA 146 -19.36 43.68 50.22
CA PRO BA 146 -18.55 42.77 51.05
C PRO BA 146 -18.79 43.03 52.53
N GLY BA 147 -18.39 42.07 53.36
CA GLY BA 147 -18.57 42.21 54.79
C GLY BA 147 -17.56 43.14 55.42
N ALA BA 148 -17.53 44.39 54.97
CA ALA BA 148 -16.61 45.38 55.49
C ALA BA 148 -17.43 46.55 55.98
N VAL BA 149 -17.23 46.97 57.23
CA VAL BA 149 -17.98 48.07 57.77
C VAL BA 149 -17.29 48.80 58.92
N THR BA 150 -17.20 50.12 58.80
CA THR BA 150 -16.61 50.96 59.83
C THR BA 150 -17.77 51.63 60.52
N VAL BA 151 -18.11 51.17 61.72
CA VAL BA 151 -19.23 51.72 62.47
C VAL BA 151 -18.83 52.89 63.36
N ALA BA 152 -19.48 54.03 63.13
CA ALA BA 152 -19.22 55.22 63.91
C ALA BA 152 -20.45 55.60 64.74
N TRP BA 153 -20.29 55.51 66.06
CA TRP BA 153 -21.37 55.85 66.98
C TRP BA 153 -21.13 57.26 67.49
N LYS BA 154 -22.11 58.13 67.31
CA LYS BA 154 -21.93 59.50 67.74
C LYS BA 154 -23.11 60.14 68.46
N ALA BA 155 -22.78 60.97 69.44
CA ALA BA 155 -23.77 61.72 70.17
C ALA BA 155 -24.16 62.74 69.11
N ASP BA 156 -25.11 63.61 69.41
CA ASP BA 156 -25.51 64.58 68.39
C ASP BA 156 -24.35 65.51 68.03
N SER BA 157 -23.53 65.85 69.01
CA SER BA 157 -22.39 66.75 68.80
C SER BA 157 -21.00 66.11 68.81
N SER BA 158 -20.90 64.83 69.17
CA SER BA 158 -19.58 64.20 69.22
C SER BA 158 -19.54 62.69 69.03
N PRO BA 159 -18.35 62.18 68.66
CA PRO BA 159 -18.13 60.74 68.44
C PRO BA 159 -17.85 60.11 69.80
N VAL BA 160 -18.61 59.07 70.14
CA VAL BA 160 -18.41 58.42 71.43
C VAL BA 160 -17.77 57.04 71.28
N LYS BA 161 -16.59 56.89 71.85
CA LYS BA 161 -15.88 55.61 71.78
C LYS BA 161 -15.92 54.90 73.13
N ALA BA 162 -16.86 55.31 73.98
CA ALA BA 162 -17.02 54.70 75.29
C ALA BA 162 -18.07 53.62 75.16
N GLY BA 163 -17.70 52.37 75.43
CA GLY BA 163 -18.63 51.28 75.31
C GLY BA 163 -18.79 50.90 73.85
N VAL BA 164 -17.68 50.98 73.12
CA VAL BA 164 -17.67 50.65 71.70
C VAL BA 164 -17.25 49.20 71.46
N GLU BA 165 -18.25 48.32 71.45
CA GLU BA 165 -18.01 46.90 71.21
C GLU BA 165 -18.66 46.50 69.90
N THR BA 166 -17.84 46.27 68.89
CA THR BA 166 -18.34 45.88 67.57
C THR BA 166 -17.78 44.52 67.19
N THR BA 167 -18.66 43.60 66.85
CA THR BA 167 -18.25 42.26 66.45
C THR BA 167 -18.01 42.19 64.94
N THR BA 168 -16.80 41.80 64.56
CA THR BA 168 -16.45 41.69 63.15
C THR BA 168 -17.53 40.91 62.41
N PRO BA 169 -17.76 41.26 61.13
CA PRO BA 169 -18.77 40.61 60.29
C PRO BA 169 -18.58 39.12 60.09
N SER BA 170 -19.71 38.41 60.04
CA SER BA 170 -19.72 36.96 59.85
C SER BA 170 -20.65 36.66 58.68
N LYS BA 171 -20.32 35.64 57.91
CA LYS BA 171 -21.11 35.27 56.73
C LYS BA 171 -22.49 34.71 57.07
N GLN BA 172 -23.48 35.09 56.28
CA GLN BA 172 -24.85 34.63 56.47
C GLN BA 172 -25.00 33.30 55.75
N SER BA 173 -26.14 32.65 55.92
CA SER BA 173 -26.39 31.35 55.26
C SER BA 173 -26.19 31.42 53.75
N ASN BA 174 -26.61 32.52 53.14
CA ASN BA 174 -26.45 32.69 51.71
C ASN BA 174 -24.99 33.03 51.39
N ASN BA 175 -24.57 34.23 51.78
CA ASN BA 175 -23.19 34.68 51.56
C ASN BA 175 -22.99 36.12 52.03
N LYS BA 176 -24.08 36.77 52.40
CA LYS BA 176 -24.03 38.15 52.87
C LYS BA 176 -23.47 38.18 54.29
N TYR BA 177 -22.75 39.25 54.63
CA TYR BA 177 -22.18 39.36 55.97
C TYR BA 177 -23.08 40.10 56.95
N ALA BA 178 -22.90 39.82 58.24
CA ALA BA 178 -23.69 40.45 59.29
C ALA BA 178 -22.94 40.55 60.60
N ALA BA 179 -23.03 41.71 61.25
CA ALA BA 179 -22.36 41.94 62.53
C ALA BA 179 -23.22 42.82 63.44
N SER BA 180 -22.73 43.06 64.65
CA SER BA 180 -23.46 43.88 65.60
C SER BA 180 -22.52 44.85 66.32
N SER BA 181 -23.06 46.00 66.71
CA SER BA 181 -22.27 47.00 67.41
C SER BA 181 -23.08 47.44 68.63
N TYR BA 182 -22.62 47.04 69.81
CA TYR BA 182 -23.29 47.38 71.05
C TYR BA 182 -22.60 48.56 71.74
N LEU BA 183 -23.39 49.55 72.15
CA LEU BA 183 -22.86 50.70 72.84
C LEU BA 183 -23.79 51.14 73.96
N SER BA 184 -23.54 50.60 75.15
CA SER BA 184 -24.36 50.90 76.33
C SER BA 184 -23.88 52.16 77.04
N LEU BA 185 -24.78 52.74 77.82
CA LEU BA 185 -24.50 53.95 78.58
C LEU BA 185 -25.49 54.11 79.73
N THR BA 186 -25.15 54.95 80.69
CA THR BA 186 -26.02 55.21 81.83
C THR BA 186 -27.23 56.02 81.40
N PRO BA 187 -28.35 55.89 82.12
CA PRO BA 187 -29.59 56.60 81.83
C PRO BA 187 -29.44 58.10 81.66
N GLU BA 188 -28.73 58.75 82.60
CA GLU BA 188 -28.53 60.19 82.55
C GLU BA 188 -27.97 60.65 81.21
N GLN BA 189 -27.24 59.75 80.53
CA GLN BA 189 -26.64 60.09 79.24
C GLN BA 189 -27.62 59.85 78.09
N TRP BA 190 -28.58 58.97 78.31
CA TRP BA 190 -29.57 58.66 77.29
C TRP BA 190 -30.57 59.80 77.18
N LYS BA 191 -30.89 60.40 78.32
CA LYS BA 191 -31.83 61.52 78.38
C LYS BA 191 -31.13 62.80 77.96
N SER BA 192 -29.82 62.84 78.16
CA SER BA 192 -29.01 64.01 77.83
C SER BA 192 -29.24 64.56 76.43
N HIS BA 193 -29.15 63.70 75.42
CA HIS BA 193 -29.35 64.13 74.04
C HIS BA 193 -30.69 63.73 73.47
N ARG BA 194 -31.27 64.63 72.68
CA ARG BA 194 -32.57 64.38 72.06
C ARG BA 194 -32.69 63.01 71.45
N SER BA 195 -31.65 62.58 70.76
CA SER BA 195 -31.67 61.29 70.10
C SER BA 195 -30.28 60.85 69.69
N TYR BA 196 -30.03 59.55 69.85
CA TYR BA 196 -28.75 58.97 69.47
C TYR BA 196 -28.94 58.20 68.17
N SER BA 197 -27.93 58.29 67.30
CA SER BA 197 -27.98 57.61 66.02
C SER BA 197 -26.79 56.69 65.76
N CYS BA 198 -27.08 55.54 65.17
CA CYS BA 198 -26.04 54.55 64.85
C CYS BA 198 -25.65 54.68 63.39
N GLN BA 199 -24.47 55.24 63.13
CA GLN BA 199 -23.99 55.42 61.77
C GLN BA 199 -23.03 54.30 61.38
N VAL BA 200 -23.15 53.82 60.15
CA VAL BA 200 -22.30 52.75 59.67
C VAL BA 200 -21.83 53.02 58.24
N THR BA 201 -20.54 52.85 58.01
CA THR BA 201 -19.95 53.08 56.69
C THR BA 201 -19.69 51.77 55.96
N HIS BA 202 -20.18 51.69 54.73
CA HIS BA 202 -20.01 50.50 53.91
C HIS BA 202 -19.84 50.85 52.43
N GLU BA 203 -18.62 50.67 51.92
CA GLU BA 203 -18.31 50.95 50.53
C GLU BA 203 -18.55 52.41 50.15
N GLY BA 204 -18.46 53.31 51.12
CA GLY BA 204 -18.65 54.72 50.83
C GLY BA 204 -20.07 55.23 51.08
N SER BA 205 -21.01 54.31 51.22
CA SER BA 205 -22.40 54.69 51.47
C SER BA 205 -22.73 54.53 52.95
N THR BA 206 -23.58 55.40 53.47
CA THR BA 206 -23.95 55.37 54.87
C THR BA 206 -25.43 55.26 55.17
N VAL BA 207 -25.82 54.18 55.83
CA VAL BA 207 -27.20 53.95 56.22
C VAL BA 207 -27.24 54.24 57.73
N GLU BA 208 -28.35 54.81 58.21
CA GLU BA 208 -28.43 55.17 59.62
C GLU BA 208 -29.83 55.09 60.22
N LYS BA 209 -29.90 54.92 61.53
CA LYS BA 209 -31.16 54.83 62.26
C LYS BA 209 -31.01 55.55 63.59
N THR BA 210 -32.06 56.25 64.03
CA THR BA 210 -32.01 56.99 65.29
C THR BA 210 -33.23 56.70 66.17
N VAL BA 211 -33.04 56.83 67.48
CA VAL BA 211 -34.10 56.61 68.45
C VAL BA 211 -33.98 57.60 69.61
N ALA BA 212 -35.11 58.15 70.03
CA ALA BA 212 -35.13 59.11 71.13
C ALA BA 212 -35.97 58.60 72.29
N PRO BA 213 -35.70 59.10 73.51
CA PRO BA 213 -36.45 58.68 74.70
C PRO BA 213 -37.91 59.10 74.65
N SER CA 2 43.04 -26.70 115.00
CA SER CA 2 42.41 -28.03 115.24
C SER CA 2 41.00 -27.86 115.79
N VAL CA 3 40.51 -28.91 116.46
CA VAL CA 3 39.17 -28.90 117.04
C VAL CA 3 38.84 -27.54 117.64
N LEU CA 4 37.65 -27.04 117.37
CA LEU CA 4 37.23 -25.74 117.91
C LEU CA 4 37.29 -25.78 119.42
N THR CA 5 37.46 -24.61 120.03
CA THR CA 5 37.53 -24.52 121.49
C THR CA 5 36.12 -24.53 122.08
N GLN CA 6 35.80 -25.60 122.80
CA GLN CA 6 34.49 -25.74 123.42
C GLN CA 6 34.67 -26.11 124.89
N PRO CA 7 33.70 -25.77 125.74
CA PRO CA 7 33.79 -26.10 127.17
C PRO CA 7 33.58 -27.59 127.45
N PRO CA 8 34.32 -28.14 128.42
CA PRO CA 8 34.18 -29.56 128.77
C PRO CA 8 32.77 -29.92 129.19
N SER CA 9 32.14 -29.04 129.95
CA SER CA 9 30.78 -29.28 130.43
C SER CA 9 30.09 -28.00 130.89
N VAL CA 10 28.76 -28.04 130.91
CA VAL CA 10 27.93 -26.93 131.34
C VAL CA 10 26.71 -27.51 132.04
N SER CA 11 26.24 -26.85 133.10
CA SER CA 11 25.08 -27.35 133.82
C SER CA 11 24.32 -26.27 134.60
N GLY CA 12 23.00 -26.35 134.55
CA GLY CA 12 22.17 -25.38 135.25
C GLY CA 12 20.89 -25.99 135.78
N ALA CA 13 20.10 -25.20 136.48
CA ALA CA 13 18.84 -25.66 137.05
C ALA CA 13 17.75 -25.63 135.99
N PRO CA 14 16.66 -26.39 136.21
CA PRO CA 14 15.56 -26.41 135.24
C PRO CA 14 14.98 -25.03 135.02
N GLY CA 15 14.79 -24.65 133.76
CA GLY CA 15 14.23 -23.34 133.45
C GLY CA 15 15.20 -22.18 133.59
N GLN CA 16 16.43 -22.38 133.14
CA GLN CA 16 17.44 -21.32 133.20
C GLN CA 16 18.17 -21.17 131.87
N ARG CA 17 19.05 -20.18 131.80
CA ARG CA 17 19.82 -19.93 130.60
C ARG CA 17 21.27 -20.38 130.69
N VAL CA 18 21.63 -21.34 129.86
CA VAL CA 18 22.99 -21.85 129.82
C VAL CA 18 23.65 -21.49 128.49
N THR CA 19 24.87 -20.96 128.58
CA THR CA 19 25.61 -20.57 127.38
C THR CA 19 26.81 -21.46 127.13
N ILE CA 20 26.95 -21.92 125.89
CA ILE CA 20 28.05 -22.79 125.51
C ILE CA 20 29.02 -21.99 124.63
N SER CA 21 30.16 -21.61 125.19
CA SER CA 21 31.16 -20.82 124.48
C SER CA 21 32.00 -21.63 123.49
N CYS CA 22 32.11 -21.11 122.27
CA CYS CA 22 32.85 -21.77 121.20
C CYS CA 22 33.72 -20.75 120.44
N THR CA 23 35.01 -20.74 120.71
CA THR CA 23 35.94 -19.81 120.06
C THR CA 23 36.71 -20.49 118.92
N GLY CA 24 37.03 -19.71 117.89
CA GLY CA 24 37.76 -20.25 116.75
C GLY CA 24 39.04 -19.52 116.39
N SER CA 25 39.73 -20.02 115.37
CA SER CA 25 40.98 -19.43 114.92
C SER CA 25 40.74 -18.34 113.87
N SER CA 26 41.72 -17.45 113.73
CA SER CA 26 41.63 -16.33 112.77
C SER CA 26 41.12 -16.77 111.40
N SER CA 27 41.41 -18.02 111.03
CA SER CA 27 40.96 -18.53 109.74
C SER CA 27 39.44 -18.64 109.76
N ASN CA 28 38.90 -19.07 110.89
CA ASN CA 28 37.45 -19.21 111.06
C ASN CA 28 36.86 -17.89 111.56
N ILE CA 29 37.64 -17.16 112.35
CA ILE CA 29 37.23 -15.88 112.93
C ILE CA 29 36.81 -14.84 111.88
N GLY CA 30 37.80 -14.28 111.19
CA GLY CA 30 37.52 -13.27 110.18
C GLY CA 30 36.57 -13.75 109.10
N ALA CA 31 36.46 -15.07 108.95
CA ALA CA 31 35.59 -15.66 107.95
C ALA CA 31 34.18 -15.85 108.49
N GLY CA 32 34.08 -16.06 109.80
CA GLY CA 32 32.77 -16.26 110.41
C GLY CA 32 31.90 -17.18 109.61
N TYR CA 33 32.52 -18.11 108.87
CA TYR CA 33 31.76 -19.04 108.05
C TYR CA 33 30.63 -19.62 108.90
N ALA CA 34 29.43 -19.65 108.31
CA ALA CA 34 28.24 -20.15 108.98
C ALA CA 34 28.56 -21.21 110.04
N VAL CA 35 28.26 -20.89 111.28
CA VAL CA 35 28.50 -21.81 112.40
C VAL CA 35 27.18 -22.45 112.84
N HIS CA 36 27.21 -23.76 113.03
CA HIS CA 36 26.01 -24.49 113.43
C HIS CA 36 26.26 -25.33 114.68
N TRP CA 37 25.18 -25.74 115.34
CA TRP CA 37 25.28 -26.56 116.54
C TRP CA 37 24.42 -27.81 116.39
N TYR CA 38 24.94 -28.94 116.86
CA TYR CA 38 24.24 -30.21 116.77
C TYR CA 38 23.99 -30.84 118.13
N GLN CA 39 22.73 -31.19 118.39
CA GLN CA 39 22.34 -31.82 119.65
C GLN CA 39 22.39 -33.34 119.52
N GLN CA 40 23.34 -33.96 120.21
CA GLN CA 40 23.47 -35.40 120.16
C GLN CA 40 22.95 -36.06 121.43
N LEU CA 41 21.69 -36.48 121.40
CA LEU CA 41 21.07 -37.14 122.56
C LEU CA 41 21.89 -38.35 122.97
N PRO CA 42 21.65 -38.86 124.19
CA PRO CA 42 22.38 -40.04 124.70
C PRO CA 42 22.16 -41.31 123.87
N GLY CA 43 23.21 -41.77 123.22
CA GLY CA 43 23.12 -42.99 122.43
C GLY CA 43 22.25 -42.87 121.18
N THR CA 44 22.34 -41.76 120.48
CA THR CA 44 21.56 -41.54 119.27
C THR CA 44 22.26 -40.59 118.30
N ALA CA 45 22.10 -40.86 117.01
CA ALA CA 45 22.71 -40.05 115.97
C ALA CA 45 22.45 -38.56 116.16
N PRO CA 46 23.46 -37.71 115.89
CA PRO CA 46 23.37 -36.26 116.03
C PRO CA 46 22.21 -35.64 115.23
N LYS CA 47 21.91 -34.38 115.52
CA LYS CA 47 20.84 -33.67 114.84
C LYS CA 47 21.14 -32.18 114.76
N LEU CA 48 20.55 -31.51 113.77
CA LEU CA 48 20.76 -30.08 113.60
C LEU CA 48 19.95 -29.29 114.64
N LEU CA 49 20.64 -28.74 115.63
CA LEU CA 49 20.00 -27.98 116.69
C LEU CA 49 19.72 -26.55 116.24
N ILE CA 50 20.73 -25.91 115.64
CA ILE CA 50 20.60 -24.55 115.13
C ILE CA 50 21.61 -24.37 114.00
N SER CA 51 21.17 -23.77 112.90
CA SER CA 51 22.06 -23.57 111.75
C SER CA 51 22.30 -22.11 111.40
N GLY CA 52 22.86 -21.91 110.21
CA GLY CA 52 23.16 -20.57 109.69
C GLY CA 52 23.18 -19.39 110.63
N ASN CA 53 23.84 -19.53 111.78
CA ASN CA 53 23.92 -18.45 112.76
C ASN CA 53 22.54 -18.03 113.26
N SER CA 54 21.85 -18.97 113.88
CA SER CA 54 20.50 -18.78 114.44
C SER CA 54 19.42 -19.19 113.46
N ASN CA 55 19.83 -19.68 112.29
CA ASN CA 55 18.85 -20.13 111.29
C ASN CA 55 18.19 -21.30 112.02
N ARG CA 56 16.87 -21.24 112.14
CA ARG CA 56 16.15 -22.26 112.88
C ARG CA 56 15.74 -23.55 112.18
N PRO CA 57 16.04 -24.70 112.80
CA PRO CA 57 15.69 -26.02 112.25
C PRO CA 57 14.22 -26.20 112.55
N SER CA 58 13.50 -26.89 111.67
CA SER CA 58 12.08 -27.11 111.88
C SER CA 58 11.80 -28.12 112.98
N GLY CA 59 10.93 -27.76 113.92
CA GLY CA 59 10.59 -28.67 115.00
C GLY CA 59 11.36 -28.47 116.29
N VAL CA 60 12.38 -27.62 116.27
CA VAL CA 60 13.18 -27.36 117.45
C VAL CA 60 12.70 -26.12 118.20
N PRO CA 61 12.38 -26.27 119.50
CA PRO CA 61 11.90 -25.16 120.34
C PRO CA 61 12.74 -23.90 120.19
N ASP CA 62 12.06 -22.76 120.15
CA ASP CA 62 12.73 -21.47 119.99
C ASP CA 62 13.57 -21.06 121.20
N ARG CA 63 13.49 -21.85 122.28
CA ARG CA 63 14.27 -21.53 123.48
C ARG CA 63 15.76 -21.65 123.19
N PHE CA 64 16.08 -22.11 121.99
CA PHE CA 64 17.46 -22.27 121.56
C PHE CA 64 17.82 -21.12 120.62
N SER CA 65 18.94 -20.45 120.92
CA SER CA 65 19.39 -19.33 120.11
C SER CA 65 20.89 -19.39 119.86
N GLY CA 66 21.31 -18.89 118.70
CA GLY CA 66 22.72 -18.90 118.37
C GLY CA 66 23.26 -17.52 118.03
N SER CA 67 24.25 -17.08 118.80
CA SER CA 67 24.85 -15.77 118.58
C SER CA 67 26.29 -15.94 118.10
N LYS CA 68 26.82 -14.92 117.44
CA LYS CA 68 28.18 -14.96 116.93
C LYS CA 68 28.79 -13.56 116.85
N SER CA 69 30.00 -13.41 117.36
CA SER CA 69 30.70 -12.12 117.34
C SER CA 69 32.19 -12.28 117.55
N GLY CA 70 32.96 -11.46 116.84
CA GLY CA 70 34.41 -11.50 116.97
C GLY CA 70 35.05 -12.83 116.62
N THR CA 71 35.81 -13.37 117.56
CA THR CA 71 36.51 -14.63 117.36
C THR CA 71 35.76 -15.81 117.99
N SER CA 72 34.48 -15.63 118.28
CA SER CA 72 33.70 -16.70 118.88
C SER CA 72 32.19 -16.52 118.75
N ALA CA 73 31.47 -17.62 119.01
CA ALA CA 73 30.02 -17.63 118.93
C ALA CA 73 29.51 -18.61 120.00
N SER CA 74 28.26 -18.47 120.40
CA SER CA 74 27.70 -19.36 121.42
C SER CA 74 26.23 -19.70 121.23
N LEU CA 75 25.78 -20.69 122.00
CA LEU CA 75 24.39 -21.16 121.95
C LEU CA 75 23.72 -20.96 123.30
N ALA CA 76 22.58 -20.27 123.30
CA ALA CA 76 21.85 -20.01 124.53
C ALA CA 76 20.60 -20.88 124.60
N ILE CA 77 20.35 -21.45 125.78
CA ILE CA 77 19.19 -22.30 125.98
C ILE CA 77 18.36 -21.82 127.17
N THR CA 78 17.10 -21.48 126.91
CA THR CA 78 16.21 -21.01 127.96
C THR CA 78 15.17 -22.06 128.34
N GLY CA 79 14.63 -21.95 129.55
CA GLY CA 79 13.65 -22.90 130.00
C GLY CA 79 14.15 -24.33 129.90
N LEU CA 80 15.41 -24.53 130.28
CA LEU CA 80 16.02 -25.84 130.23
C LEU CA 80 15.12 -26.91 130.81
N GLN CA 81 14.79 -27.91 129.98
CA GLN CA 81 13.94 -29.00 130.41
C GLN CA 81 14.78 -30.25 130.64
N ALA CA 82 14.16 -31.29 131.19
CA ALA CA 82 14.86 -32.53 131.46
C ALA CA 82 15.47 -33.07 130.17
N GLU CA 83 14.64 -33.20 129.14
CA GLU CA 83 15.09 -33.71 127.85
C GLU CA 83 16.26 -32.92 127.28
N ASP CA 84 16.24 -31.60 127.47
CA ASP CA 84 17.27 -30.72 126.95
C ASP CA 84 18.73 -31.11 127.20
N GLU CA 85 18.97 -32.03 128.13
CA GLU CA 85 20.34 -32.44 128.41
C GLU CA 85 20.84 -33.46 127.40
N ALA CA 86 22.01 -33.19 126.83
CA ALA CA 86 22.63 -34.07 125.84
C ALA CA 86 24.02 -33.53 125.53
N ASP CA 87 24.68 -34.14 124.55
CA ASP CA 87 26.01 -33.69 124.14
C ASP CA 87 25.85 -32.68 123.01
N TYR CA 88 26.52 -31.55 123.13
CA TYR CA 88 26.44 -30.50 122.13
C TYR CA 88 27.79 -30.26 121.47
N TYR CA 89 27.76 -30.01 120.17
CA TYR CA 89 28.98 -29.76 119.39
C TYR CA 89 28.80 -28.56 118.48
N CYS CA 90 29.70 -27.58 118.57
CA CYS CA 90 29.62 -26.40 117.72
C CYS CA 90 30.35 -26.63 116.41
N GLN CA 91 29.61 -27.06 115.40
CA GLN CA 91 30.16 -27.33 114.08
C GLN CA 91 30.33 -26.06 113.28
N SER CA 92 31.42 -25.99 112.52
CA SER CA 92 31.70 -24.84 111.68
C SER CA 92 32.62 -25.24 110.53
N TYR CA 93 33.00 -24.26 109.71
CA TYR CA 93 33.86 -24.53 108.56
C TYR CA 93 35.00 -23.53 108.52
N ASP CA 94 36.19 -24.01 108.19
CA ASP CA 94 37.38 -23.15 108.13
C ASP CA 94 37.98 -23.12 106.73
N SER CA 95 39.01 -22.29 106.54
CA SER CA 95 39.66 -22.17 105.23
C SER CA 95 41.13 -22.55 105.25
N SER CA 96 41.86 -22.03 106.24
CA SER CA 96 43.29 -22.31 106.36
C SER CA 96 43.54 -23.82 106.34
N LEU CA 97 42.54 -24.59 106.75
CA LEU CA 97 42.65 -26.04 106.79
C LEU CA 97 41.87 -26.65 105.63
N SER CA 98 41.39 -25.78 104.74
CA SER CA 98 40.63 -26.21 103.57
C SER CA 98 39.58 -27.26 103.93
N GLY CA 99 38.95 -27.09 105.09
CA GLY CA 99 37.94 -28.02 105.52
C GLY CA 99 37.03 -27.45 106.60
N SER CA 100 36.25 -28.31 107.23
CA SER CA 100 35.34 -27.90 108.29
C SER CA 100 35.84 -28.35 109.66
N VAL CA 101 35.65 -27.49 110.66
CA VAL CA 101 36.09 -27.78 112.02
C VAL CA 101 34.93 -28.18 112.92
N PHE CA 102 35.23 -29.02 113.91
CA PHE CA 102 34.22 -29.49 114.86
C PHE CA 102 34.55 -29.06 116.28
N GLY CA 103 33.56 -29.11 117.16
CA GLY CA 103 33.76 -28.72 118.54
C GLY CA 103 34.20 -29.87 119.43
N GLY CA 104 35.12 -29.59 120.35
CA GLY CA 104 35.60 -30.61 121.26
C GLY CA 104 34.45 -31.35 121.90
N GLY CA 105 33.49 -30.60 122.44
CA GLY CA 105 32.34 -31.22 123.07
C GLY CA 105 31.91 -30.53 124.35
N THR CA 106 30.69 -30.84 124.79
CA THR CA 106 30.12 -30.28 126.02
C THR CA 106 29.10 -31.28 126.56
N LYS CA 107 28.96 -31.33 127.88
CA LYS CA 107 27.98 -32.23 128.50
C LYS CA 107 26.97 -31.48 129.35
N LEU CA 108 25.85 -31.14 128.74
CA LEU CA 108 24.77 -30.43 129.42
C LEU CA 108 23.96 -31.38 130.30
N THR CA 109 23.86 -31.05 131.58
CA THR CA 109 23.11 -31.87 132.52
C THR CA 109 22.17 -30.97 133.32
N VAL CA 110 20.90 -31.35 133.39
CA VAL CA 110 19.92 -30.57 134.14
C VAL CA 110 20.02 -30.83 135.65
N LEU CA 111 20.36 -29.79 136.39
CA LEU CA 111 20.48 -29.88 137.86
C LEU CA 111 19.17 -30.23 138.53
N GLY CA 112 19.20 -30.27 139.86
CA GLY CA 112 18.00 -30.58 140.63
C GLY CA 112 17.64 -32.04 140.64
N GLN CA 113 18.33 -32.83 139.82
CA GLN CA 113 18.07 -34.26 139.75
C GLN CA 113 18.51 -34.92 141.04
N PRO CA 114 17.64 -35.77 141.62
CA PRO CA 114 18.15 -36.36 142.86
C PRO CA 114 19.35 -37.25 142.53
N LYS CA 115 19.64 -38.16 143.45
CA LYS CA 115 20.75 -39.08 143.36
C LYS CA 115 20.29 -40.46 143.82
N ALA CA 116 20.86 -41.50 143.22
CA ALA CA 116 20.49 -42.86 143.56
C ALA CA 116 21.68 -43.70 144.02
N ALA CA 117 21.41 -44.65 144.92
CA ALA CA 117 22.45 -45.52 145.45
C ALA CA 117 22.60 -46.77 144.61
N PRO CA 118 23.85 -47.17 144.32
CA PRO CA 118 24.15 -48.36 143.51
C PRO CA 118 23.58 -49.66 144.09
N SER CA 119 22.92 -50.43 143.23
CA SER CA 119 22.36 -51.72 143.63
C SER CA 119 23.33 -52.78 143.15
N VAL CA 120 24.22 -53.21 144.04
CA VAL CA 120 25.22 -54.21 143.69
C VAL CA 120 24.79 -55.64 143.96
N THR CA 121 24.90 -56.47 142.93
CA THR CA 121 24.57 -57.87 143.02
C THR CA 121 25.79 -58.64 142.54
N LEU CA 122 26.54 -59.22 143.46
CA LEU CA 122 27.73 -59.97 143.11
C LEU CA 122 27.36 -61.44 142.94
N PHE CA 123 27.76 -62.02 141.81
CA PHE CA 123 27.48 -63.41 141.51
C PHE CA 123 28.69 -64.32 141.61
N PRO CA 124 28.47 -65.56 142.07
CA PRO CA 124 29.55 -66.54 142.19
C PRO CA 124 29.73 -67.26 140.86
N PRO CA 125 30.88 -67.90 140.64
CA PRO CA 125 31.11 -68.61 139.39
C PRO CA 125 30.21 -69.84 139.29
N SER CA 126 29.60 -70.05 138.12
CA SER CA 126 28.73 -71.19 137.91
C SER CA 126 29.51 -72.49 138.03
N SER CA 127 28.80 -73.60 138.20
CA SER CA 127 29.44 -74.90 138.34
C SER CA 127 30.15 -75.33 137.07
N GLU CA 128 29.48 -75.17 135.93
CA GLU CA 128 30.08 -75.54 134.65
C GLU CA 128 31.16 -74.55 134.23
N GLU CA 129 31.15 -73.37 134.85
CA GLU CA 129 32.14 -72.36 134.53
C GLU CA 129 33.47 -72.74 135.19
N LEU CA 130 33.45 -72.91 136.51
CA LEU CA 130 34.64 -73.31 137.24
C LEU CA 130 35.06 -74.69 136.78
N GLN CA 131 34.21 -75.32 135.98
CA GLN CA 131 34.46 -76.65 135.43
C GLN CA 131 35.59 -76.56 134.40
N ALA CA 132 35.57 -75.52 133.59
CA ALA CA 132 36.57 -75.31 132.56
C ALA CA 132 37.82 -74.65 133.16
N ASN CA 133 37.91 -74.69 134.48
CA ASN CA 133 39.04 -74.12 135.20
C ASN CA 133 39.16 -72.60 134.98
N LYS CA 134 38.05 -71.90 135.15
CA LYS CA 134 38.01 -70.44 135.00
C LYS CA 134 36.73 -69.88 135.59
N ALA CA 135 36.88 -69.06 136.63
CA ALA CA 135 35.75 -68.45 137.31
C ALA CA 135 35.48 -67.06 136.77
N THR CA 136 34.39 -66.46 137.23
CA THR CA 136 34.00 -65.11 136.81
C THR CA 136 33.05 -64.49 137.82
N LEU CA 137 33.46 -63.37 138.40
CA LEU CA 137 32.64 -62.66 139.37
C LEU CA 137 31.87 -61.54 138.69
N VAL CA 138 30.59 -61.78 138.47
CA VAL CA 138 29.72 -60.81 137.81
C VAL CA 138 29.10 -59.79 138.77
N CYS CA 139 29.72 -58.61 138.86
CA CYS CA 139 29.22 -57.55 139.72
C CYS CA 139 28.42 -56.61 138.83
N LEU CA 140 27.15 -56.44 139.14
CA LEU CA 140 26.28 -55.59 138.33
C LEU CA 140 25.79 -54.39 139.13
N ILE CA 141 26.31 -53.21 138.81
CA ILE CA 141 25.92 -51.98 139.48
C ILE CA 141 24.84 -51.27 138.69
N SER CA 142 23.65 -51.18 139.26
CA SER CA 142 22.54 -50.52 138.59
C SER CA 142 21.73 -49.65 139.55
N ASP CA 143 20.97 -48.72 138.97
CA ASP CA 143 20.12 -47.80 139.74
C ASP CA 143 20.82 -46.64 140.42
N PHE CA 144 21.92 -46.15 139.85
CA PHE CA 144 22.65 -45.04 140.46
C PHE CA 144 22.73 -43.76 139.64
N TYR CA 145 22.57 -42.63 140.32
CA TYR CA 145 22.64 -41.31 139.69
C TYR CA 145 23.33 -40.34 140.64
N PRO CA 146 24.27 -39.53 140.14
CA PRO CA 146 24.69 -39.53 138.74
C PRO CA 146 25.38 -40.84 138.37
N GLY CA 147 25.51 -41.09 137.08
CA GLY CA 147 26.15 -42.31 136.62
C GLY CA 147 27.65 -42.25 136.72
N ALA CA 148 28.16 -42.04 137.93
CA ALA CA 148 29.60 -41.97 138.17
C ALA CA 148 29.94 -43.02 139.22
N VAL CA 149 30.91 -43.87 138.92
CA VAL CA 149 31.29 -44.91 139.86
C VAL CA 149 32.71 -45.42 139.68
N THR CA 150 33.46 -45.43 140.79
CA THR CA 150 34.83 -45.94 140.79
C THR CA 150 34.75 -47.29 141.48
N VAL CA 151 34.85 -48.36 140.70
CA VAL CA 151 34.75 -49.71 141.23
C VAL CA 151 36.10 -50.27 141.65
N ALA CA 152 36.20 -50.66 142.92
CA ALA CA 152 37.42 -51.22 143.46
C ALA CA 152 37.22 -52.68 143.85
N TRP CA 153 37.88 -53.57 143.14
CA TRP CA 153 37.79 -55.00 143.42
C TRP CA 153 38.99 -55.40 144.25
N LYS CA 154 38.74 -56.00 145.40
CA LYS CA 154 39.84 -56.38 146.26
C LYS CA 154 39.75 -57.75 146.90
N ALA CA 155 40.92 -58.38 147.02
CA ALA CA 155 41.02 -59.67 147.68
C ALA CA 155 40.82 -59.23 149.12
N ASP CA 156 40.83 -60.17 150.06
CA ASP CA 156 40.62 -59.77 151.44
C ASP CA 156 41.76 -58.86 151.93
N SER CA 157 42.97 -59.13 151.46
CA SER CA 157 44.13 -58.36 151.87
C SER CA 157 44.71 -57.40 150.83
N SER CA 158 44.23 -57.46 149.59
CA SER CA 158 44.79 -56.58 148.58
C SER CA 158 43.88 -56.21 147.41
N PRO CA 159 44.21 -55.11 146.71
CA PRO CA 159 43.44 -54.63 145.56
C PRO CA 159 43.92 -55.42 144.34
N VAL CA 160 42.99 -56.03 143.62
CA VAL CA 160 43.36 -56.80 142.44
C VAL CA 160 42.95 -56.10 141.14
N LYS CA 161 43.93 -55.76 140.33
CA LYS CA 161 43.66 -55.10 139.05
C LYS CA 161 43.87 -56.05 137.89
N ALA CA 162 43.88 -57.35 138.19
CA ALA CA 162 44.05 -58.37 137.17
C ALA CA 162 42.66 -58.82 136.74
N GLY CA 163 42.35 -58.63 135.47
CA GLY CA 163 41.04 -59.01 134.96
C GLY CA 163 40.03 -57.95 135.35
N VAL CA 164 40.47 -56.70 135.35
CA VAL CA 164 39.61 -55.57 135.69
C VAL CA 164 38.96 -54.97 134.47
N GLU CA 165 37.78 -55.47 134.13
CA GLU CA 165 37.02 -54.98 133.00
C GLU CA 165 35.73 -54.36 133.49
N THR CA 166 35.67 -53.03 133.45
CA THR CA 166 34.49 -52.30 133.90
C THR CA 166 33.91 -51.49 132.75
N THR CA 167 32.63 -51.69 132.48
CA THR CA 167 31.96 -50.96 131.40
C THR CA 167 31.37 -49.65 131.93
N THR CA 168 31.77 -48.55 131.32
CA THR CA 168 31.27 -47.24 131.73
C THR CA 168 29.74 -47.27 131.82
N PRO CA 169 29.17 -46.50 132.76
CA PRO CA 169 27.73 -46.43 132.98
C PRO CA 169 26.91 -45.97 131.78
N SER CA 170 25.74 -46.58 131.62
CA SER CA 170 24.82 -46.25 130.54
C SER CA 170 23.48 -45.92 131.16
N LYS CA 171 22.75 -44.99 130.54
CA LYS CA 171 21.45 -44.57 131.05
C LYS CA 171 20.36 -45.64 130.95
N GLN CA 172 19.54 -45.72 131.99
CA GLN CA 172 18.44 -46.70 132.03
C GLN CA 172 17.25 -46.06 131.32
N SER CA 173 16.19 -46.85 131.13
CA SER CA 173 14.99 -46.35 130.45
C SER CA 173 14.45 -45.09 131.10
N ASN CA 174 14.48 -45.03 132.43
CA ASN CA 174 14.00 -43.86 133.14
C ASN CA 174 15.02 -42.73 133.02
N ASN CA 175 16.17 -42.90 133.67
CA ASN CA 175 17.24 -41.91 133.62
C ASN CA 175 18.41 -42.30 134.52
N LYS CA 176 18.22 -43.37 135.30
CA LYS CA 176 19.26 -43.86 136.19
C LYS CA 176 20.34 -44.58 135.38
N TYR CA 177 21.58 -44.51 135.83
CA TYR CA 177 22.67 -45.17 135.12
C TYR CA 177 22.95 -46.58 135.63
N ALA CA 178 23.54 -47.40 134.76
CA ALA CA 178 23.86 -48.78 135.11
C ALA CA 178 25.06 -49.32 134.32
N ALA CA 179 25.95 -50.00 135.03
CA ALA CA 179 27.14 -50.57 134.40
C ALA CA 179 27.49 -51.91 135.03
N SER CA 180 28.55 -52.54 134.53
CA SER CA 180 28.97 -53.84 135.03
C SER CA 180 30.50 -53.90 135.17
N SER CA 181 30.97 -54.68 136.14
CA SER CA 181 32.39 -54.84 136.34
C SER CA 181 32.68 -56.33 136.46
N TYR CA 182 33.33 -56.88 135.45
CA TYR CA 182 33.66 -58.30 135.42
C TYR CA 182 35.11 -58.52 135.82
N LEU CA 183 35.34 -59.46 136.72
CA LEU CA 183 36.69 -59.79 137.17
C LEU CA 183 36.83 -61.29 137.37
N SER CA 184 37.27 -61.96 136.31
CA SER CA 184 37.46 -63.41 136.33
C SER CA 184 38.82 -63.80 136.88
N LEU CA 185 38.93 -65.04 137.34
CA LEU CA 185 40.16 -65.58 137.88
C LEU CA 185 40.12 -67.10 137.88
N THR CA 186 41.30 -67.72 138.02
CA THR CA 186 41.40 -69.17 138.04
C THR CA 186 40.84 -69.72 139.35
N PRO CA 187 40.36 -70.97 139.33
CA PRO CA 187 39.78 -71.63 140.51
C PRO CA 187 40.66 -71.58 141.75
N GLU CA 188 41.94 -71.90 141.59
CA GLU CA 188 42.87 -71.91 142.72
C GLU CA 188 42.87 -70.59 143.48
N GLN CA 189 42.53 -69.51 142.78
CA GLN CA 189 42.50 -68.19 143.40
C GLN CA 189 41.16 -67.91 144.08
N TRP CA 190 40.12 -68.58 143.61
CA TRP CA 190 38.79 -68.41 144.19
C TRP CA 190 38.71 -69.12 145.53
N LYS CA 191 39.38 -70.25 145.62
CA LYS CA 191 39.40 -71.04 146.86
C LYS CA 191 40.40 -70.44 147.85
N SER CA 192 41.40 -69.75 147.31
CA SER CA 192 42.44 -69.12 148.11
C SER CA 192 41.93 -68.26 149.26
N HIS CA 193 41.03 -67.33 148.96
CA HIS CA 193 40.49 -66.47 149.99
C HIS CA 193 39.07 -66.84 150.41
N ARG CA 194 38.81 -66.73 151.71
CA ARG CA 194 37.50 -67.05 152.26
C ARG CA 194 36.35 -66.51 151.48
N SER CA 195 36.49 -65.25 151.05
CA SER CA 195 35.43 -64.62 150.29
C SER CA 195 35.92 -63.37 149.60
N TYR CA 196 35.43 -63.16 148.38
CA TYR CA 196 35.78 -61.98 147.60
C TYR CA 196 34.62 -61.02 147.61
N SER CA 197 34.92 -59.74 147.69
CA SER CA 197 33.88 -58.70 147.73
C SER CA 197 34.04 -57.64 146.65
N CYS CA 198 32.91 -57.23 146.08
CA CYS CA 198 32.90 -56.21 145.04
C CYS CA 198 32.53 -54.87 145.65
N GLN CA 199 33.53 -53.99 145.76
CA GLN CA 199 33.31 -52.67 146.34
C GLN CA 199 33.13 -51.63 145.24
N VAL CA 200 32.17 -50.72 145.43
CA VAL CA 200 31.91 -49.68 144.45
C VAL CA 200 31.70 -48.33 145.14
N THR CA 201 32.37 -47.30 144.63
CA THR CA 201 32.27 -45.96 145.19
C THR CA 201 31.36 -45.07 144.34
N HIS CA 202 30.39 -44.44 145.00
CA HIS CA 202 29.45 -43.56 144.33
C HIS CA 202 29.06 -42.37 145.20
N GLU CA 203 29.53 -41.20 144.82
CA GLU CA 203 29.24 -39.96 145.55
C GLU CA 203 29.72 -40.00 147.00
N GLY CA 204 30.76 -40.78 147.28
CA GLY CA 204 31.28 -40.86 148.63
C GLY CA 204 30.74 -42.02 149.45
N SER CA 205 29.65 -42.62 149.00
CA SER CA 205 29.05 -43.74 149.71
C SER CA 205 29.44 -45.06 149.05
N THR CA 206 29.60 -46.10 149.85
CA THR CA 206 30.01 -47.40 149.33
C THR CA 206 29.08 -48.56 149.67
N VAL CA 207 28.53 -49.19 148.63
CA VAL CA 207 27.67 -50.34 148.79
C VAL CA 207 28.51 -51.54 148.38
N GLU CA 208 28.32 -52.68 149.03
CA GLU CA 208 29.15 -53.85 148.72
C GLU CA 208 28.44 -55.18 148.92
N LYS CA 209 28.93 -56.21 148.23
CA LYS CA 209 28.38 -57.56 148.31
C LYS CA 209 29.53 -58.56 148.25
N THR CA 210 29.41 -59.65 149.02
CA THR CA 210 30.47 -60.66 149.05
C THR CA 210 29.92 -62.07 148.89
N VAL CA 211 30.74 -62.97 148.34
CA VAL CA 211 30.36 -64.35 148.13
C VAL CA 211 31.55 -65.27 148.37
N ALA CA 212 31.31 -66.39 149.04
CA ALA CA 212 32.36 -67.35 149.35
C ALA CA 212 32.07 -68.71 148.72
N PRO CA 213 33.11 -69.52 148.48
CA PRO CA 213 32.94 -70.85 147.89
C PRO CA 213 32.17 -71.80 148.79
N SER DA 2 50.55 -40.31 29.68
CA SER DA 2 49.41 -40.76 28.84
C SER DA 2 48.88 -42.10 29.34
N VAL DA 3 48.19 -42.82 28.46
CA VAL DA 3 47.61 -44.12 28.79
C VAL DA 3 48.55 -44.92 29.67
N LEU DA 4 48.01 -45.51 30.73
CA LEU DA 4 48.82 -46.31 31.64
C LEU DA 4 49.49 -47.44 30.87
N THR DA 5 50.62 -47.93 31.39
CA THR DA 5 51.35 -49.00 30.74
C THR DA 5 50.71 -50.34 31.09
N GLN DA 6 50.15 -51.00 30.08
CA GLN DA 6 49.49 -52.28 30.27
C GLN DA 6 50.00 -53.26 29.21
N PRO DA 7 49.99 -54.57 29.50
CA PRO DA 7 50.46 -55.57 28.54
C PRO DA 7 49.50 -55.77 27.38
N PRO DA 8 50.03 -55.99 26.16
CA PRO DA 8 49.18 -56.19 24.99
C PRO DA 8 48.24 -57.38 25.15
N SER DA 9 48.75 -58.46 25.74
CA SER DA 9 47.95 -59.66 25.95
C SER DA 9 48.53 -60.58 27.02
N VAL DA 10 47.69 -61.44 27.56
CA VAL DA 10 48.08 -62.41 28.58
C VAL DA 10 47.23 -63.66 28.35
N SER DA 11 47.82 -64.83 28.58
CA SER DA 11 47.09 -66.08 28.38
C SER DA 11 47.65 -67.26 29.16
N GLY DA 12 46.75 -68.05 29.74
CA GLY DA 12 47.15 -69.20 30.52
C GLY DA 12 46.19 -70.36 30.36
N ALA DA 13 46.51 -71.48 31.00
CA ALA DA 13 45.68 -72.68 30.94
C ALA DA 13 44.53 -72.55 31.96
N PRO DA 14 43.46 -73.34 31.77
CA PRO DA 14 42.32 -73.28 32.68
C PRO DA 14 42.73 -73.61 34.12
N GLY DA 15 42.31 -72.78 35.07
CA GLY DA 15 42.66 -73.04 36.46
C GLY DA 15 44.07 -72.66 36.84
N GLN DA 16 44.55 -71.52 36.35
CA GLN DA 16 45.89 -71.04 36.67
C GLN DA 16 45.89 -69.58 37.08
N ARG DA 17 47.05 -69.08 37.48
CA ARG DA 17 47.18 -67.69 37.90
C ARG DA 17 47.84 -66.80 36.86
N VAL DA 18 47.08 -65.84 36.36
CA VAL DA 18 47.59 -64.90 35.36
C VAL DA 18 47.65 -63.49 35.96
N THR DA 19 48.79 -62.84 35.78
CA THR DA 19 48.98 -61.50 36.31
C THR DA 19 49.05 -60.45 35.20
N ILE DA 20 48.32 -59.35 35.39
CA ILE DA 20 48.29 -58.28 34.41
C ILE DA 20 49.02 -57.06 34.99
N SER DA 21 50.24 -56.82 34.50
CA SER DA 21 51.06 -55.71 34.99
C SER DA 21 50.62 -54.34 34.48
N CYS DA 22 50.50 -53.39 35.39
CA CYS DA 22 50.07 -52.02 35.08
C CYS DA 22 50.93 -51.00 35.82
N THR DA 23 51.87 -50.38 35.11
CA THR DA 23 52.76 -49.40 35.72
C THR DA 23 52.32 -47.96 35.41
N GLY DA 24 52.58 -47.04 36.33
CA GLY DA 24 52.18 -45.66 36.13
C GLY DA 24 53.31 -44.64 36.28
N SER DA 25 52.98 -43.37 36.05
CA SER DA 25 53.94 -42.29 36.15
C SER DA 25 54.04 -41.75 37.57
N SER DA 26 55.17 -41.10 37.88
CA SER DA 26 55.40 -40.54 39.21
C SER DA 26 54.20 -39.77 39.75
N SER DA 27 53.43 -39.17 38.87
CA SER DA 27 52.25 -38.43 39.27
C SER DA 27 51.23 -39.39 39.87
N ASN DA 28 51.11 -40.57 39.25
CA ASN DA 28 50.20 -41.60 39.71
C ASN DA 28 50.88 -42.49 40.74
N ILE DA 29 52.19 -42.66 40.57
CA ILE DA 29 53.00 -43.49 41.47
C ILE DA 29 52.96 -43.05 42.92
N GLY DA 30 53.64 -41.95 43.22
CA GLY DA 30 53.67 -41.46 44.59
C GLY DA 30 52.29 -41.18 45.16
N ALA DA 31 51.31 -41.01 44.28
CA ALA DA 31 49.95 -40.73 44.70
C ALA DA 31 49.18 -42.02 44.96
N GLY DA 32 49.54 -43.07 44.24
CA GLY DA 32 48.87 -44.35 44.39
C GLY DA 32 47.37 -44.20 44.47
N TYR DA 33 46.84 -43.15 43.83
CA TYR DA 33 45.41 -42.91 43.84
C TYR DA 33 44.69 -44.21 43.51
N ALA DA 34 43.69 -44.54 44.31
CA ALA DA 34 42.91 -45.76 44.15
C ALA DA 34 42.88 -46.25 42.71
N VAL DA 35 43.43 -47.45 42.49
CA VAL DA 35 43.47 -48.04 41.15
C VAL DA 35 42.43 -49.15 41.06
N HIS DA 36 41.67 -49.15 39.97
CA HIS DA 36 40.63 -50.15 39.76
C HIS DA 36 40.78 -50.86 38.43
N TRP DA 37 40.13 -52.02 38.30
CA TRP DA 37 40.19 -52.79 37.06
C TRP DA 37 38.78 -53.10 36.57
N TYR DA 38 38.58 -53.02 35.26
CA TYR DA 38 37.28 -53.28 34.67
C TYR DA 38 37.31 -54.41 33.64
N GLN DA 39 36.40 -55.37 33.83
CA GLN DA 39 36.30 -56.51 32.93
C GLN DA 39 35.29 -56.23 31.82
N GLN DA 40 35.78 -56.08 30.60
CA GLN DA 40 34.91 -55.82 29.47
C GLN DA 40 34.71 -57.05 28.59
N LEU DA 41 33.65 -57.80 28.87
CA LEU DA 41 33.35 -59.00 28.10
C LEU DA 41 33.26 -58.68 26.62
N PRO DA 42 33.30 -59.71 25.76
CA PRO DA 42 33.22 -59.51 24.31
C PRO DA 42 31.92 -58.89 23.83
N GLY DA 43 32.00 -57.67 23.31
CA GLY DA 43 30.82 -56.98 22.80
C GLY DA 43 29.80 -56.62 23.86
N THR DA 44 30.27 -56.13 25.00
CA THR DA 44 29.38 -55.73 26.09
C THR DA 44 30.00 -54.64 26.95
N ALA DA 45 29.15 -53.73 27.44
CA ALA DA 45 29.60 -52.62 28.28
C ALA DA 45 30.49 -53.09 29.43
N PRO DA 46 31.54 -52.31 29.74
CA PRO DA 46 32.49 -52.62 30.82
C PRO DA 46 31.81 -52.82 32.17
N LYS DA 47 32.58 -53.33 33.14
CA LYS DA 47 32.06 -53.57 34.48
C LYS DA 47 33.18 -53.46 35.51
N LEU DA 48 32.81 -53.17 36.76
CA LEU DA 48 33.79 -53.05 37.83
C LEU DA 48 34.24 -54.44 38.30
N LEU DA 49 35.46 -54.81 37.93
CA LEU DA 49 36.02 -56.11 38.29
C LEU DA 49 36.57 -56.09 39.72
N ILE DA 50 37.36 -55.05 40.03
CA ILE DA 50 37.94 -54.88 41.35
C ILE DA 50 38.20 -53.39 41.56
N SER DA 51 37.82 -52.88 42.74
CA SER DA 51 38.01 -51.46 43.03
C SER DA 51 38.94 -51.19 44.20
N GLY DA 52 38.92 -49.93 44.65
CA GLY DA 52 39.73 -49.48 45.77
C GLY DA 52 40.93 -50.30 46.21
N ASN DA 53 41.75 -50.75 45.27
CA ASN DA 53 42.92 -51.56 45.60
C ASN DA 53 42.55 -52.86 46.29
N SER DA 54 41.78 -53.69 45.60
CA SER DA 54 41.30 -54.98 46.09
C SER DA 54 39.93 -54.87 46.74
N ASN DA 55 39.35 -53.67 46.72
CA ASN DA 55 38.01 -53.48 47.29
C ASN DA 55 37.16 -54.34 46.36
N ARG DA 56 36.41 -55.27 46.94
CA ARG DA 56 35.63 -56.21 46.15
C ARG DA 56 34.23 -55.80 45.69
N PRO DA 57 33.95 -55.97 44.39
CA PRO DA 57 32.66 -55.63 43.81
C PRO DA 57 31.73 -56.79 44.18
N SER DA 58 30.45 -56.50 44.41
CA SER DA 58 29.52 -57.55 44.80
C SER DA 58 29.18 -58.46 43.62
N GLY DA 59 29.26 -59.77 43.85
CA GLY DA 59 28.94 -60.72 42.80
C GLY DA 59 30.12 -61.24 42.00
N VAL DA 60 31.30 -60.65 42.20
CA VAL DA 60 32.49 -61.08 41.47
C VAL DA 60 33.31 -62.09 42.28
N PRO DA 61 33.57 -63.27 41.70
CA PRO DA 61 34.35 -64.33 42.35
C PRO DA 61 35.62 -63.81 43.00
N ASP DA 62 35.92 -64.31 44.18
CA ASP DA 62 37.11 -63.90 44.93
C ASP DA 62 38.42 -64.33 44.28
N ARG DA 63 38.33 -65.15 43.23
CA ARG DA 63 39.54 -65.60 42.54
C ARG DA 63 40.27 -64.41 41.92
N PHE DA 64 39.65 -63.25 42.00
CA PHE DA 64 40.22 -62.02 41.46
C PHE DA 64 40.78 -61.19 42.61
N SER DA 65 42.05 -60.78 42.48
CA SER DA 65 42.70 -59.99 43.51
C SER DA 65 43.50 -58.84 42.91
N GLY DA 66 43.57 -57.73 43.63
CA GLY DA 66 44.32 -56.59 43.14
C GLY DA 66 45.39 -56.13 44.11
N SER DA 67 46.63 -56.11 43.63
CA SER DA 67 47.76 -55.70 44.45
C SER DA 67 48.36 -54.40 43.89
N LYS DA 68 49.04 -53.65 44.75
CA LYS DA 68 49.66 -52.40 44.34
C LYS DA 68 50.91 -52.09 45.17
N SER DA 69 51.99 -51.73 44.48
CA SER DA 69 53.24 -51.41 45.16
C SER DA 69 54.18 -50.59 44.26
N GLY DA 70 54.89 -49.66 44.89
CA GLY DA 70 55.82 -48.82 44.14
C GLY DA 70 55.21 -48.02 43.01
N THR DA 71 55.75 -48.19 41.81
CA THR DA 71 55.29 -47.46 40.64
C THR DA 71 54.33 -48.29 39.79
N SER DA 72 53.77 -49.35 40.37
CA SER DA 72 52.85 -50.21 39.62
C SER DA 72 51.96 -51.08 40.50
N ALA DA 73 50.92 -51.64 39.88
CA ALA DA 73 49.97 -52.51 40.56
C ALA DA 73 49.49 -53.54 39.54
N SER DA 74 48.94 -54.66 40.01
CA SER DA 74 48.47 -55.70 39.11
C SER DA 74 47.24 -56.46 39.61
N LEU DA 75 46.64 -57.22 38.70
CA LEU DA 75 45.46 -58.02 39.00
C LEU DA 75 45.76 -59.51 38.81
N ALA DA 76 45.49 -60.31 39.84
CA ALA DA 76 45.73 -61.74 39.78
C ALA DA 76 44.42 -62.50 39.64
N ILE DA 77 44.41 -63.52 38.79
CA ILE DA 77 43.22 -64.33 38.56
C ILE DA 77 43.54 -65.81 38.74
N THR DA 78 42.85 -66.45 39.68
CA THR DA 78 43.05 -67.86 39.94
C THR DA 78 41.90 -68.70 39.44
N GLY DA 79 42.15 -69.99 39.21
CA GLY DA 79 41.11 -70.88 38.72
C GLY DA 79 40.46 -70.33 37.46
N LEU DA 80 41.28 -69.80 36.57
CA LEU DA 80 40.80 -69.23 35.32
C LEU DA 80 39.80 -70.14 34.64
N GLN DA 81 38.60 -69.61 34.41
CA GLN DA 81 37.53 -70.37 33.76
C GLN DA 81 37.36 -69.88 32.33
N ALA DA 82 36.57 -70.62 31.56
CA ALA DA 82 36.32 -70.24 30.17
C ALA DA 82 35.80 -68.81 30.11
N GLU DA 83 34.74 -68.54 30.85
CA GLU DA 83 34.13 -67.22 30.89
C GLU DA 83 35.13 -66.11 31.21
N ASP DA 84 36.02 -66.39 32.16
CA ASP DA 84 37.03 -65.42 32.60
C ASP DA 84 37.79 -64.66 31.53
N GLU DA 85 37.75 -65.12 30.29
CA GLU DA 85 38.47 -64.42 29.23
C GLU DA 85 37.68 -63.23 28.69
N ALA DA 86 38.34 -62.08 28.66
CA ALA DA 86 37.73 -60.84 28.19
C ALA DA 86 38.81 -59.77 28.12
N ASP DA 87 38.40 -58.54 27.80
CA ASP DA 87 39.35 -57.43 27.73
C ASP DA 87 39.40 -56.77 29.11
N TYR DA 88 40.62 -56.55 29.61
CA TYR DA 88 40.80 -55.94 30.91
C TYR DA 88 41.52 -54.60 30.79
N TYR DA 89 41.11 -53.64 31.61
CA TYR DA 89 41.69 -52.30 31.61
C TYR DA 89 41.96 -51.83 33.03
N CYS DA 90 43.19 -51.42 33.32
CA CYS DA 90 43.52 -50.94 34.65
C CYS DA 90 43.26 -49.44 34.77
N GLN DA 91 42.07 -49.11 35.27
CA GLN DA 91 41.66 -47.73 35.44
C GLN DA 91 42.23 -47.12 36.71
N SER DA 92 42.63 -45.86 36.62
CA SER DA 92 43.20 -45.16 37.77
C SER DA 92 43.02 -43.66 37.59
N TYR DA 93 43.52 -42.88 38.54
CA TYR DA 93 43.39 -41.43 38.50
C TYR DA 93 44.74 -40.78 38.75
N ASP DA 94 45.04 -39.71 38.01
CA ASP DA 94 46.30 -39.01 38.15
C ASP DA 94 46.10 -37.55 38.57
N SER DA 95 47.19 -36.84 38.83
CA SER DA 95 47.12 -35.45 39.25
C SER DA 95 47.82 -34.49 38.29
N SER DA 96 49.03 -34.84 37.87
CA SER DA 96 49.80 -34.00 36.95
C SER DA 96 48.99 -33.66 35.71
N LEU DA 97 48.02 -34.53 35.39
CA LEU DA 97 47.17 -34.34 34.23
C LEU DA 97 45.78 -33.88 34.67
N SER DA 98 45.65 -33.58 35.96
CA SER DA 98 44.39 -33.13 36.54
C SER DA 98 43.21 -33.97 36.05
N GLY DA 99 43.44 -35.27 35.89
CA GLY DA 99 42.39 -36.15 35.42
C GLY DA 99 42.67 -37.61 35.76
N SER DA 100 41.89 -38.50 35.16
CA SER DA 100 42.04 -39.93 35.39
C SER DA 100 42.66 -40.62 34.18
N VAL DA 101 43.51 -41.61 34.44
CA VAL DA 101 44.18 -42.34 33.38
C VAL DA 101 43.60 -43.73 33.18
N PHE DA 102 43.68 -44.23 31.95
CA PHE DA 102 43.17 -45.55 31.60
C PHE DA 102 44.27 -46.47 31.11
N GLY DA 103 44.00 -47.77 31.10
CA GLY DA 103 44.99 -48.73 30.65
C GLY DA 103 44.91 -49.03 29.18
N GLY DA 104 46.07 -49.14 28.53
CA GLY DA 104 46.10 -49.44 27.11
C GLY DA 104 45.19 -50.60 26.76
N GLY DA 105 45.29 -51.68 27.53
CA GLY DA 105 44.45 -52.83 27.28
C GLY DA 105 45.19 -54.15 27.37
N THR DA 106 44.42 -55.24 27.48
CA THR DA 106 44.95 -56.59 27.57
C THR DA 106 43.91 -57.55 27.02
N LYS DA 107 44.36 -58.67 26.44
CA LYS DA 107 43.44 -59.65 25.90
C LYS DA 107 43.66 -61.03 26.50
N LEU DA 108 42.91 -61.32 27.56
CA LEU DA 108 42.99 -62.60 28.26
C LEU DA 108 42.25 -63.67 27.49
N THR DA 109 42.95 -64.76 27.18
CA THR DA 109 42.35 -65.87 26.46
C THR DA 109 42.70 -67.17 27.16
N VAL DA 110 41.69 -68.00 27.44
CA VAL DA 110 41.91 -69.27 28.10
C VAL DA 110 42.48 -70.28 27.10
N LEU DA 111 43.76 -70.61 27.26
CA LEU DA 111 44.46 -71.55 26.36
C LEU DA 111 43.85 -72.94 26.29
N GLY DA 112 43.85 -73.51 25.09
CA GLY DA 112 43.30 -74.85 24.94
C GLY DA 112 42.47 -75.10 23.70
N GLN DA 113 41.82 -74.07 23.18
CA GLN DA 113 40.98 -74.22 21.99
C GLN DA 113 41.82 -74.74 20.82
N PRO DA 114 41.26 -75.69 20.04
CA PRO DA 114 41.98 -76.25 18.90
C PRO DA 114 42.00 -75.34 17.69
N LYS DA 115 43.11 -75.35 16.94
CA LYS DA 115 43.22 -74.51 15.77
C LYS DA 115 42.28 -75.02 14.68
N ALA DA 116 41.70 -74.09 13.93
CA ALA DA 116 40.77 -74.45 12.87
C ALA DA 116 41.22 -73.91 11.51
N ALA DA 117 40.87 -74.65 10.46
CA ALA DA 117 41.22 -74.25 9.09
C ALA DA 117 40.13 -73.41 8.46
N PRO DA 118 40.52 -72.30 7.80
CA PRO DA 118 39.58 -71.39 7.14
C PRO DA 118 38.68 -72.05 6.10
N SER DA 119 37.38 -71.79 6.18
CA SER DA 119 36.43 -72.32 5.23
C SER DA 119 36.13 -71.20 4.24
N VAL DA 120 36.83 -71.22 3.12
CA VAL DA 120 36.67 -70.20 2.10
C VAL DA 120 35.63 -70.52 1.04
N THR DA 121 34.70 -69.59 0.85
CA THR DA 121 33.64 -69.74 -0.14
C THR DA 121 33.70 -68.49 -1.00
N LEU DA 122 34.25 -68.63 -2.21
CA LEU DA 122 34.35 -67.49 -3.12
C LEU DA 122 33.12 -67.45 -4.01
N PHE DA 123 32.48 -66.29 -4.08
CA PHE DA 123 31.29 -66.11 -4.88
C PHE DA 123 31.53 -65.28 -6.14
N PRO DA 124 30.83 -65.62 -7.23
CA PRO DA 124 30.94 -64.91 -8.50
C PRO DA 124 29.97 -63.72 -8.48
N PRO DA 125 30.20 -62.73 -9.35
CA PRO DA 125 29.30 -61.57 -9.39
C PRO DA 125 27.92 -61.96 -9.92
N SER DA 126 26.88 -61.49 -9.25
CA SER DA 126 25.52 -61.78 -9.68
C SER DA 126 25.25 -61.21 -11.06
N SER DA 127 24.19 -61.69 -11.70
CA SER DA 127 23.84 -61.24 -13.04
C SER DA 127 23.40 -59.76 -13.05
N GLU DA 128 22.56 -59.39 -12.10
CA GLU DA 128 22.09 -58.00 -12.03
C GLU DA 128 23.19 -57.08 -11.49
N GLU DA 129 24.23 -57.67 -10.90
CA GLU DA 129 25.33 -56.89 -10.36
C GLU DA 129 26.23 -56.45 -11.52
N LEU DA 130 26.70 -57.43 -12.29
CA LEU DA 130 27.55 -57.13 -13.45
C LEU DA 130 26.73 -56.36 -14.48
N GLN DA 131 25.42 -56.26 -14.22
CA GLN DA 131 24.51 -55.54 -15.08
C GLN DA 131 24.77 -54.04 -15.00
N ALA DA 132 25.05 -53.57 -13.78
CA ALA DA 132 25.33 -52.15 -13.55
C ALA DA 132 26.80 -51.85 -13.85
N ASN DA 133 27.45 -52.78 -14.54
CA ASN DA 133 28.86 -52.64 -14.91
C ASN DA 133 29.78 -52.55 -13.70
N LYS DA 134 29.60 -53.48 -12.77
CA LYS DA 134 30.41 -53.55 -11.56
C LYS DA 134 30.24 -54.90 -10.86
N ALA DA 135 31.32 -55.65 -10.81
CA ALA DA 135 31.32 -56.97 -10.19
C ALA DA 135 31.77 -56.90 -8.73
N THR DA 136 31.69 -58.02 -8.05
CA THR DA 136 32.10 -58.11 -6.65
C THR DA 136 32.36 -59.55 -6.25
N LEU DA 137 33.59 -59.84 -5.84
CA LEU DA 137 33.97 -61.18 -5.42
C LEU DA 137 33.87 -61.29 -3.91
N VAL DA 138 32.82 -61.97 -3.44
CA VAL DA 138 32.58 -62.15 -2.03
C VAL DA 138 33.28 -63.39 -1.45
N CYS DA 139 34.44 -63.17 -0.85
CA CYS DA 139 35.20 -64.27 -0.23
C CYS DA 139 34.89 -64.22 1.26
N LEU DA 140 34.35 -65.31 1.78
CA LEU DA 140 33.97 -65.38 3.18
C LEU DA 140 34.79 -66.44 3.93
N ILE DA 141 35.70 -65.97 4.77
CA ILE DA 141 36.56 -66.87 5.55
C ILE DA 141 35.96 -67.07 6.94
N SER DA 142 35.51 -68.30 7.22
CA SER DA 142 34.92 -68.60 8.52
C SER DA 142 35.42 -69.94 9.06
N ASP DA 143 35.25 -70.12 10.37
CA ASP DA 143 35.65 -71.34 11.06
C ASP DA 143 37.14 -71.50 11.34
N PHE DA 144 37.86 -70.40 11.53
CA PHE DA 144 39.29 -70.49 11.79
C PHE DA 144 39.77 -69.96 13.15
N TYR DA 145 40.69 -70.70 13.76
CA TYR DA 145 41.26 -70.31 15.05
C TYR DA 145 42.75 -70.69 15.06
N PRO DA 146 43.61 -69.76 15.54
CA PRO DA 146 43.22 -68.44 16.04
C PRO DA 146 42.66 -67.59 14.92
N GLY DA 147 41.98 -66.50 15.29
CA GLY DA 147 41.41 -65.62 14.30
C GLY DA 147 42.43 -64.69 13.68
N ALA DA 148 43.43 -65.28 13.04
CA ALA DA 148 44.49 -64.50 12.39
C ALA DA 148 44.54 -64.96 10.94
N VAL DA 149 44.47 -64.00 10.01
CA VAL DA 149 44.51 -64.34 8.59
C VAL DA 149 44.99 -63.21 7.70
N THR DA 150 45.96 -63.53 6.85
CA THR DA 150 46.50 -62.58 5.90
C THR DA 150 45.92 -62.99 4.55
N VAL DA 151 44.94 -62.23 4.07
CA VAL DA 151 44.29 -62.55 2.81
C VAL DA 151 44.97 -61.90 1.61
N ALA DA 152 45.38 -62.74 0.67
CA ALA DA 152 46.04 -62.26 -0.55
C ALA DA 152 45.18 -62.54 -1.77
N TRP DA 153 44.71 -61.48 -2.40
CA TRP DA 153 43.89 -61.59 -3.60
C TRP DA 153 44.76 -61.36 -4.80
N LYS DA 154 44.78 -62.32 -5.72
CA LYS DA 154 45.62 -62.19 -6.89
C LYS DA 154 45.01 -62.57 -8.21
N ALA DA 155 45.39 -61.82 -9.24
CA ALA DA 155 44.96 -62.11 -10.60
C ALA DA 155 45.78 -63.36 -10.87
N ASP DA 156 45.64 -63.95 -12.05
CA ASP DA 156 46.40 -65.16 -12.32
C ASP DA 156 47.91 -64.86 -12.33
N SER DA 157 48.28 -63.68 -12.81
CA SER DA 157 49.69 -63.29 -12.89
C SER DA 157 50.16 -62.24 -11.88
N SER DA 158 49.25 -61.64 -11.13
CA SER DA 158 49.67 -60.60 -10.19
C SER DA 158 48.78 -60.39 -8.96
N PRO DA 159 49.35 -59.77 -7.91
CA PRO DA 159 48.64 -59.48 -6.68
C PRO DA 159 47.87 -58.17 -6.88
N VAL DA 160 46.57 -58.18 -6.64
CA VAL DA 160 45.77 -56.98 -6.82
C VAL DA 160 45.34 -56.37 -5.48
N LYS DA 161 45.78 -55.15 -5.22
CA LYS DA 161 45.42 -54.45 -4.00
C LYS DA 161 44.42 -53.35 -4.26
N ALA DA 162 43.75 -53.44 -5.42
CA ALA DA 162 42.74 -52.46 -5.79
C ALA DA 162 41.40 -53.01 -5.35
N GLY DA 163 40.72 -52.29 -4.46
CA GLY DA 163 39.44 -52.76 -3.98
C GLY DA 163 39.65 -53.84 -2.93
N VAL DA 164 40.71 -53.66 -2.14
CA VAL DA 164 41.04 -54.60 -1.08
C VAL DA 164 40.44 -54.19 0.25
N GLU DA 165 39.23 -54.65 0.52
CA GLU DA 165 38.54 -54.37 1.77
C GLU DA 165 38.35 -55.65 2.54
N THR DA 166 39.13 -55.81 3.60
CA THR DA 166 39.06 -57.00 4.44
C THR DA 166 38.68 -56.62 5.86
N THR DA 167 37.62 -57.25 6.37
CA THR DA 167 37.15 -56.97 7.72
C THR DA 167 37.84 -57.89 8.72
N THR DA 168 38.51 -57.30 9.70
CA THR DA 168 39.21 -58.07 10.72
C THR DA 168 38.28 -59.14 11.29
N PRO DA 169 38.84 -60.30 11.66
CA PRO DA 169 38.09 -61.42 12.21
C PRO DA 169 37.30 -61.11 13.49
N SER DA 170 36.12 -61.71 13.58
CA SER DA 170 35.24 -61.55 14.74
C SER DA 170 34.90 -62.95 15.26
N LYS DA 171 34.74 -63.06 16.57
CA LYS DA 171 34.44 -64.35 17.19
C LYS DA 171 33.05 -64.88 16.87
N GLN DA 172 32.96 -66.19 16.64
CA GLN DA 172 31.70 -66.85 16.32
C GLN DA 172 31.01 -67.18 17.65
N SER DA 173 29.78 -67.67 17.58
CA SER DA 173 29.02 -68.01 18.78
C SER DA 173 29.77 -68.98 19.67
N ASN DA 174 30.46 -69.95 19.06
CA ASN DA 174 31.23 -70.92 19.83
C ASN DA 174 32.51 -70.27 20.33
N ASN DA 175 33.42 -69.97 19.41
CA ASN DA 175 34.69 -69.33 19.75
C ASN DA 175 35.59 -69.18 18.53
N LYS DA 176 35.17 -69.76 17.42
CA LYS DA 176 35.93 -69.70 16.17
C LYS DA 176 35.78 -68.30 15.55
N TYR DA 177 36.81 -67.82 14.88
CA TYR DA 177 36.74 -66.49 14.27
C TYR DA 177 36.26 -66.53 12.82
N ALA DA 178 35.71 -65.41 12.36
CA ALA DA 178 35.21 -65.31 10.99
C ALA DA 178 35.26 -63.88 10.47
N ALA DA 179 35.71 -63.72 9.22
CA ALA DA 179 35.81 -62.41 8.59
C ALA DA 179 35.47 -62.50 7.11
N SER DA 180 35.49 -61.36 6.43
CA SER DA 180 35.18 -61.30 5.00
C SER DA 180 36.14 -60.39 4.27
N SER DA 181 36.41 -60.71 3.01
CA SER DA 181 37.30 -59.91 2.19
C SER DA 181 36.60 -59.66 0.87
N TYR DA 182 36.20 -58.41 0.65
CA TYR DA 182 35.50 -58.03 -0.57
C TYR DA 182 36.45 -57.35 -1.54
N LEU DA 183 36.43 -57.77 -2.80
CA LEU DA 183 37.28 -57.17 -3.82
C LEU DA 183 36.52 -57.07 -5.14
N SER DA 184 35.88 -55.92 -5.34
CA SER DA 184 35.10 -55.66 -6.53
C SER DA 184 35.95 -55.11 -7.67
N LEU DA 185 35.45 -55.26 -8.89
CA LEU DA 185 36.15 -54.78 -10.09
C LEU DA 185 35.16 -54.64 -11.23
N THR DA 186 35.57 -53.90 -12.27
CA THR DA 186 34.74 -53.69 -13.43
C THR DA 186 34.66 -54.98 -14.26
N PRO DA 187 33.56 -55.15 -15.01
CA PRO DA 187 33.34 -56.33 -15.85
C PRO DA 187 34.50 -56.68 -16.78
N GLU DA 188 35.01 -55.68 -17.49
CA GLU DA 188 36.12 -55.90 -18.42
C GLU DA 188 37.30 -56.60 -17.76
N GLN DA 189 37.44 -56.42 -16.45
CA GLN DA 189 38.54 -57.04 -15.72
C GLN DA 189 38.21 -58.46 -15.28
N TRP DA 190 36.91 -58.74 -15.13
CA TRP DA 190 36.47 -60.07 -14.73
C TRP DA 190 36.61 -61.04 -15.90
N LYS DA 191 36.35 -60.54 -17.10
CA LYS DA 191 36.45 -61.35 -18.31
C LYS DA 191 37.91 -61.49 -18.73
N SER DA 192 38.72 -60.50 -18.35
CA SER DA 192 40.14 -60.47 -18.68
C SER DA 192 40.89 -61.76 -18.36
N HIS DA 193 40.77 -62.23 -17.13
CA HIS DA 193 41.45 -63.46 -16.73
C HIS DA 193 40.53 -64.66 -16.64
N ARG DA 194 41.05 -65.81 -17.06
CA ARG DA 194 40.29 -67.04 -17.05
C ARG DA 194 39.54 -67.28 -15.76
N SER DA 195 40.21 -67.01 -14.65
CA SER DA 195 39.59 -67.21 -13.36
C SER DA 195 40.36 -66.50 -12.25
N TYR DA 196 39.61 -65.95 -11.30
CA TYR DA 196 40.20 -65.27 -10.17
C TYR DA 196 40.08 -66.16 -8.94
N SER DA 197 41.12 -66.15 -8.11
CA SER DA 197 41.14 -66.98 -6.92
C SER DA 197 41.40 -66.18 -5.64
N CYS DA 198 40.68 -66.54 -4.58
CA CYS DA 198 40.83 -65.88 -3.29
C CYS DA 198 41.73 -66.72 -2.38
N GLN DA 199 42.95 -66.25 -2.18
CA GLN DA 199 43.90 -66.96 -1.34
C GLN DA 199 43.93 -66.38 0.06
N VAL DA 200 44.01 -67.25 1.07
CA VAL DA 200 44.04 -66.81 2.46
C VAL DA 200 45.07 -67.60 3.26
N THR DA 201 45.90 -66.89 4.02
CA THR DA 201 46.92 -67.52 4.83
C THR DA 201 46.51 -67.60 6.29
N HIS DA 202 46.62 -68.79 6.87
CA HIS DA 202 46.26 -69.01 8.26
C HIS DA 202 47.18 -70.05 8.91
N GLU DA 203 48.04 -69.57 9.81
CA GLU DA 203 48.97 -70.44 10.52
C GLU DA 203 49.92 -71.20 9.60
N GLY DA 204 50.21 -70.62 8.43
CA GLY DA 204 51.11 -71.27 7.50
C GLY DA 204 50.44 -72.12 6.44
N SER DA 205 49.17 -72.43 6.65
CA SER DA 205 48.42 -73.24 5.69
C SER DA 205 47.54 -72.35 4.84
N THR DA 206 47.36 -72.72 3.57
CA THR DA 206 46.56 -71.92 2.65
C THR DA 206 45.41 -72.68 1.98
N VAL DA 207 44.19 -72.20 2.22
CA VAL DA 207 43.00 -72.77 1.61
C VAL DA 207 42.59 -71.78 0.53
N GLU DA 208 42.06 -72.26 -0.59
CA GLU DA 208 41.69 -71.37 -1.69
C GLU DA 208 40.50 -71.84 -2.51
N LYS DA 209 39.84 -70.89 -3.18
CA LYS DA 209 38.69 -71.17 -4.02
C LYS DA 209 38.75 -70.25 -5.25
N THR DA 210 38.36 -70.78 -6.41
CA THR DA 210 38.40 -70.00 -7.63
C THR DA 210 37.08 -70.09 -8.42
N VAL DA 211 36.79 -69.05 -9.19
CA VAL DA 211 35.58 -68.99 -9.99
C VAL DA 211 35.86 -68.27 -11.31
N ALA DA 212 35.33 -68.82 -12.40
CA ALA DA 212 35.53 -68.26 -13.72
C ALA DA 212 34.20 -67.84 -14.35
N PRO DA 213 34.24 -66.89 -15.30
CA PRO DA 213 33.01 -66.43 -15.97
C PRO DA 213 32.36 -67.52 -16.83
N SER EA 2 -7.40 -41.18 -64.40
CA SER EA 2 -8.19 -40.24 -65.24
C SER EA 2 -8.74 -39.11 -64.39
N VAL EA 3 -9.81 -38.48 -64.89
CA VAL EA 3 -10.45 -37.37 -64.19
C VAL EA 3 -10.50 -37.61 -62.69
N LEU EA 4 -10.14 -36.61 -61.90
CA LEU EA 4 -10.17 -36.73 -60.45
C LEU EA 4 -11.57 -37.10 -59.98
N THR EA 5 -11.66 -37.76 -58.84
CA THR EA 5 -12.94 -38.15 -58.28
C THR EA 5 -13.60 -36.97 -57.59
N GLN EA 6 -14.71 -36.51 -58.15
CA GLN EA 6 -15.43 -35.38 -57.59
C GLN EA 6 -16.92 -35.74 -57.48
N PRO EA 7 -17.63 -35.12 -56.53
CA PRO EA 7 -19.06 -35.42 -56.36
C PRO EA 7 -19.93 -34.84 -57.47
N PRO EA 8 -20.97 -35.56 -57.88
CA PRO EA 8 -21.87 -35.07 -58.94
C PRO EA 8 -22.52 -33.74 -58.59
N SER EA 9 -22.93 -33.59 -57.34
CA SER EA 9 -23.57 -32.37 -56.89
C SER EA 9 -23.54 -32.21 -55.38
N VAL EA 10 -23.69 -30.97 -54.92
CA VAL EA 10 -23.70 -30.64 -53.50
C VAL EA 10 -24.68 -29.47 -53.33
N SER EA 11 -25.41 -29.46 -52.23
CA SER EA 11 -26.37 -28.39 -51.99
C SER EA 11 -26.72 -28.19 -50.52
N GLY EA 12 -26.80 -26.93 -50.10
CA GLY EA 12 -27.13 -26.60 -48.73
C GLY EA 12 -27.96 -25.35 -48.61
N ALA EA 13 -28.37 -25.02 -47.40
CA ALA EA 13 -29.18 -23.84 -47.15
C ALA EA 13 -28.28 -22.60 -47.09
N PRO EA 14 -28.87 -21.41 -47.27
CA PRO EA 14 -28.09 -20.17 -47.23
C PRO EA 14 -27.38 -20.00 -45.89
N GLY EA 15 -26.09 -19.68 -45.92
CA GLY EA 15 -25.34 -19.49 -44.70
C GLY EA 15 -24.92 -20.76 -43.99
N GLN EA 16 -24.50 -21.76 -44.75
CA GLN EA 16 -24.05 -23.02 -44.18
C GLN EA 16 -22.72 -23.47 -44.77
N ARG EA 17 -22.20 -24.58 -44.26
CA ARG EA 17 -20.93 -25.12 -44.71
C ARG EA 17 -21.07 -26.34 -45.61
N VAL EA 18 -20.66 -26.20 -46.86
CA VAL EA 18 -20.72 -27.30 -47.82
C VAL EA 18 -19.30 -27.73 -48.19
N THR EA 19 -19.07 -29.04 -48.15
CA THR EA 19 -17.76 -29.58 -48.49
C THR EA 19 -17.79 -30.38 -49.78
N ILE EA 20 -16.83 -30.10 -50.66
CA ILE EA 20 -16.74 -30.77 -51.95
C ILE EA 20 -15.53 -31.71 -51.91
N SER EA 21 -15.79 -33.01 -51.79
CA SER EA 21 -14.74 -34.02 -51.71
C SER EA 21 -14.08 -34.33 -53.06
N CYS EA 22 -12.75 -34.34 -53.07
CA CYS EA 22 -11.98 -34.59 -54.28
C CYS EA 22 -10.81 -35.55 -53.97
N THR EA 23 -10.96 -36.81 -54.36
CA THR EA 23 -9.92 -37.82 -54.12
C THR EA 23 -9.07 -38.07 -55.36
N GLY EA 24 -7.80 -38.40 -55.16
CA GLY EA 24 -6.91 -38.66 -56.28
C GLY EA 24 -6.19 -40.00 -56.24
N SER EA 25 -5.40 -40.26 -57.27
CA SER EA 25 -4.64 -41.51 -57.38
C SER EA 25 -3.27 -41.40 -56.71
N SER EA 26 -2.71 -42.55 -56.34
CA SER EA 26 -1.41 -42.59 -55.66
C SER EA 26 -0.36 -41.69 -56.31
N SER EA 27 -0.48 -41.51 -57.63
CA SER EA 27 0.45 -40.65 -58.35
C SER EA 27 0.28 -39.21 -57.88
N ASN EA 28 -0.98 -38.82 -57.66
CA ASN EA 28 -1.32 -37.48 -57.20
C ASN EA 28 -1.30 -37.44 -55.67
N ILE EA 29 -1.67 -38.56 -55.06
CA ILE EA 29 -1.73 -38.69 -53.60
C ILE EA 29 -0.40 -38.40 -52.91
N GLY EA 30 0.54 -39.34 -53.02
CA GLY EA 30 1.84 -39.17 -52.39
C GLY EA 30 2.55 -37.91 -52.82
N ALA EA 31 2.17 -37.38 -53.98
CA ALA EA 31 2.78 -36.17 -54.50
C ALA EA 31 2.09 -34.92 -53.97
N GLY EA 32 0.81 -35.04 -53.66
CA GLY EA 32 0.06 -33.91 -53.16
C GLY EA 32 0.36 -32.63 -53.90
N TYR EA 33 0.73 -32.77 -55.18
CA TYR EA 33 1.04 -31.61 -56.00
C TYR EA 33 -0.04 -30.55 -55.80
N ALA EA 34 0.38 -29.32 -55.57
CA ALA EA 34 -0.53 -28.20 -55.34
C ALA EA 34 -1.88 -28.39 -56.03
N VAL EA 35 -2.93 -28.48 -55.22
CA VAL EA 35 -4.28 -28.67 -55.73
C VAL EA 35 -5.05 -27.35 -55.65
N HIS EA 36 -5.73 -27.00 -56.72
CA HIS EA 36 -6.49 -25.75 -56.76
C HIS EA 36 -7.94 -25.99 -57.16
N TRP EA 37 -8.79 -25.00 -56.90
CA TRP EA 37 -10.20 -25.10 -57.24
C TRP EA 37 -10.64 -23.89 -58.05
N TYR EA 38 -11.48 -24.13 -59.06
CA TYR EA 38 -11.96 -23.06 -59.92
C TYR EA 38 -13.48 -22.93 -59.92
N GLN EA 39 -13.96 -21.71 -59.67
CA GLN EA 39 -15.39 -21.43 -59.65
C GLN EA 39 -15.86 -20.98 -61.02
N GLN EA 40 -16.65 -21.82 -61.68
CA GLN EA 40 -17.16 -21.49 -63.01
C GLN EA 40 -18.63 -21.07 -62.95
N LEU EA 41 -18.87 -19.76 -62.86
CA LEU EA 41 -20.23 -19.25 -62.82
C LEU EA 41 -21.03 -19.72 -64.02
N PRO EA 42 -22.36 -19.60 -63.98
CA PRO EA 42 -23.22 -20.03 -65.07
C PRO EA 42 -22.99 -19.25 -66.38
N GLY EA 43 -22.49 -19.96 -67.38
CA GLY EA 43 -22.24 -19.35 -68.68
C GLY EA 43 -21.15 -18.30 -68.69
N THR EA 44 -20.06 -18.57 -67.99
CA THR EA 44 -18.92 -17.64 -67.93
C THR EA 44 -17.60 -18.36 -67.69
N ALA EA 45 -16.55 -17.85 -68.32
CA ALA EA 45 -15.22 -18.44 -68.19
C ALA EA 45 -14.84 -18.70 -66.74
N PRO EA 46 -14.17 -19.83 -66.47
CA PRO EA 46 -13.73 -20.23 -65.13
C PRO EA 46 -12.86 -19.17 -64.44
N LYS EA 47 -12.64 -19.35 -63.15
CA LYS EA 47 -11.83 -18.43 -62.36
C LYS EA 47 -11.14 -19.16 -61.21
N LEU EA 48 -10.03 -18.60 -60.74
CA LEU EA 48 -9.29 -19.20 -59.63
C LEU EA 48 -9.99 -18.91 -58.31
N LEU EA 49 -10.62 -19.93 -57.76
CA LEU EA 49 -11.35 -19.80 -56.49
C LEU EA 49 -10.40 -19.88 -55.31
N ILE EA 50 -9.52 -20.89 -55.33
CA ILE EA 50 -8.53 -21.09 -54.28
C ILE EA 50 -7.34 -21.83 -54.87
N SER EA 51 -6.13 -21.38 -54.56
CA SER EA 51 -4.94 -22.01 -55.10
C SER EA 51 -4.00 -22.60 -54.05
N GLY EA 52 -2.80 -22.94 -54.49
CA GLY EA 52 -1.77 -23.51 -53.63
C GLY EA 52 -2.15 -24.10 -52.28
N ASN EA 53 -3.22 -24.90 -52.25
CA ASN EA 53 -3.67 -25.53 -51.01
C ASN EA 53 -4.08 -24.48 -49.97
N SER EA 54 -5.08 -23.69 -50.32
CA SER EA 54 -5.64 -22.62 -49.47
C SER EA 54 -4.98 -21.27 -49.76
N ASN EA 55 -4.06 -21.26 -50.73
CA ASN EA 55 -3.42 -20.01 -51.10
C ASN EA 55 -4.59 -19.18 -51.63
N ARG EA 56 -4.78 -18.00 -51.06
CA ARG EA 56 -5.92 -17.17 -51.42
C ARG EA 56 -5.82 -16.24 -52.63
N PRO EA 57 -6.82 -16.31 -53.52
CA PRO EA 57 -6.85 -15.47 -54.72
C PRO EA 57 -7.34 -14.10 -54.24
N SER EA 58 -6.85 -13.03 -54.87
CA SER EA 58 -7.25 -11.69 -54.45
C SER EA 58 -8.68 -11.37 -54.87
N GLY EA 59 -9.47 -10.87 -53.91
CA GLY EA 59 -10.85 -10.51 -54.21
C GLY EA 59 -11.89 -11.57 -53.89
N VAL EA 60 -11.44 -12.77 -53.53
CA VAL EA 60 -12.36 -13.85 -53.20
C VAL EA 60 -12.59 -13.94 -51.69
N PRO EA 61 -13.87 -13.89 -51.27
CA PRO EA 61 -14.25 -13.96 -49.86
C PRO EA 61 -13.54 -15.09 -49.11
N ASP EA 62 -13.11 -14.80 -47.89
CA ASP EA 62 -12.41 -15.79 -47.08
C ASP EA 62 -13.29 -16.95 -46.63
N ARG EA 63 -14.60 -16.86 -46.89
CA ARG EA 63 -15.50 -17.93 -46.50
C ARG EA 63 -15.16 -19.21 -47.25
N PHE EA 64 -14.21 -19.11 -48.17
CA PHE EA 64 -13.76 -20.25 -48.96
C PHE EA 64 -12.43 -20.74 -48.42
N SER EA 65 -12.34 -22.04 -48.13
CA SER EA 65 -11.13 -22.63 -47.60
C SER EA 65 -10.81 -23.95 -48.28
N GLY EA 66 -9.52 -24.24 -48.42
CA GLY EA 66 -9.11 -25.49 -49.05
C GLY EA 66 -8.21 -26.33 -48.17
N SER EA 67 -8.64 -27.55 -47.89
CA SER EA 67 -7.88 -28.47 -47.05
C SER EA 67 -7.40 -29.64 -47.89
N LYS EA 68 -6.34 -30.30 -47.42
CA LYS EA 68 -5.78 -31.45 -48.12
C LYS EA 68 -5.10 -32.42 -47.17
N SER EA 69 -5.40 -33.71 -47.31
CA SER EA 69 -4.83 -34.74 -46.45
C SER EA 69 -4.95 -36.13 -47.06
N GLY EA 70 -3.93 -36.94 -46.86
CA GLY EA 70 -3.94 -38.30 -47.38
C GLY EA 70 -4.09 -38.41 -48.88
N THR EA 71 -5.10 -39.15 -49.31
CA THR EA 71 -5.36 -39.36 -50.73
C THR EA 71 -6.44 -38.44 -51.27
N SER EA 72 -6.74 -37.37 -50.55
CA SER EA 72 -7.78 -36.44 -50.99
C SER EA 72 -7.71 -35.06 -50.33
N ALA EA 73 -8.45 -34.13 -50.91
CA ALA EA 73 -8.52 -32.76 -50.41
C ALA EA 73 -9.91 -32.22 -50.72
N SER EA 74 -10.33 -31.17 -50.01
CA SER EA 74 -11.65 -30.61 -50.23
C SER EA 74 -11.74 -29.10 -50.05
N LEU EA 75 -12.86 -28.53 -50.48
CA LEU EA 75 -13.12 -27.10 -50.39
C LEU EA 75 -14.34 -26.84 -49.51
N ALA EA 76 -14.15 -26.00 -48.50
CA ALA EA 76 -15.24 -25.66 -47.58
C ALA EA 76 -15.75 -24.24 -47.86
N ILE EA 77 -17.06 -24.09 -47.85
CA ILE EA 77 -17.68 -22.79 -48.10
C ILE EA 77 -18.67 -22.43 -46.99
N THR EA 78 -18.41 -21.32 -46.31
CA THR EA 78 -19.26 -20.87 -45.21
C THR EA 78 -20.11 -19.67 -45.62
N GLY EA 79 -21.20 -19.45 -44.91
CA GLY EA 79 -22.08 -18.34 -45.21
C GLY EA 79 -22.50 -18.34 -46.68
N LEU EA 80 -22.81 -19.53 -47.19
CA LEU EA 80 -23.22 -19.69 -48.57
C LEU EA 80 -24.24 -18.64 -48.98
N GLN EA 81 -23.91 -17.86 -50.00
CA GLN EA 81 -24.80 -16.82 -50.50
C GLN EA 81 -25.44 -17.27 -51.81
N ALA EA 82 -26.41 -16.50 -52.28
CA ALA EA 82 -27.08 -16.83 -53.53
C ALA EA 82 -26.06 -16.96 -54.66
N GLU EA 83 -25.24 -15.93 -54.81
CA GLU EA 83 -24.22 -15.90 -55.86
C GLU EA 83 -23.30 -17.11 -55.80
N ASP EA 84 -22.94 -17.52 -54.58
CA ASP EA 84 -22.04 -18.66 -54.37
C ASP EA 84 -22.30 -19.93 -55.17
N GLU EA 85 -23.50 -20.08 -55.73
CA GLU EA 85 -23.80 -21.29 -56.49
C GLU EA 85 -23.24 -21.21 -57.91
N ALA EA 86 -22.52 -22.26 -58.29
CA ALA EA 86 -21.91 -22.34 -59.61
C ALA EA 86 -21.30 -23.73 -59.78
N ASP EA 87 -20.58 -23.94 -60.88
CA ASP EA 87 -19.91 -25.21 -61.11
C ASP EA 87 -18.50 -25.14 -60.56
N TYR EA 88 -18.12 -26.13 -59.77
CA TYR EA 88 -16.79 -26.17 -59.17
C TYR EA 88 -15.98 -27.35 -59.68
N TYR EA 89 -14.68 -27.13 -59.90
CA TYR EA 89 -13.79 -28.17 -60.40
C TYR EA 89 -12.48 -28.17 -59.60
N CYS EA 90 -12.11 -29.33 -59.06
CA CYS EA 90 -10.87 -29.42 -58.31
C CYS EA 90 -9.70 -29.75 -59.21
N GLN EA 91 -9.01 -28.70 -59.65
CA GLN EA 91 -7.86 -28.84 -60.54
C GLN EA 91 -6.60 -29.22 -59.78
N SER EA 92 -5.81 -30.10 -60.37
CA SER EA 92 -4.56 -30.54 -59.76
C SER EA 92 -3.60 -31.03 -60.84
N TYR EA 93 -2.43 -31.48 -60.42
CA TYR EA 93 -1.41 -31.95 -61.35
C TYR EA 93 -0.89 -33.32 -60.91
N ASP EA 94 -0.68 -34.21 -61.89
CA ASP EA 94 -0.20 -35.55 -61.59
C ASP EA 94 1.15 -35.83 -62.26
N SER EA 95 1.73 -36.97 -61.97
CA SER EA 95 3.03 -37.34 -62.55
C SER EA 95 2.98 -38.60 -63.40
N SER EA 96 2.34 -39.65 -62.89
CA SER EA 96 2.23 -40.90 -63.62
C SER EA 96 1.69 -40.68 -65.02
N LEU EA 97 0.94 -39.60 -65.18
CA LEU EA 97 0.34 -39.26 -66.47
C LEU EA 97 1.10 -38.09 -67.11
N SER EA 98 2.21 -37.72 -66.48
CA SER EA 98 3.05 -36.63 -66.96
C SER EA 98 2.22 -35.42 -67.36
N GLY EA 99 1.17 -35.14 -66.60
CA GLY EA 99 0.32 -34.01 -66.89
C GLY EA 99 -0.51 -33.58 -65.71
N SER EA 100 -1.49 -32.72 -65.95
CA SER EA 100 -2.37 -32.23 -64.90
C SER EA 100 -3.76 -32.85 -65.01
N VAL EA 101 -4.35 -33.15 -63.86
CA VAL EA 101 -5.68 -33.76 -63.82
C VAL EA 101 -6.76 -32.76 -63.41
N PHE EA 102 -7.97 -32.98 -63.91
CA PHE EA 102 -9.10 -32.11 -63.62
C PHE EA 102 -10.21 -32.87 -62.88
N GLY EA 103 -11.13 -32.12 -62.27
CA GLY EA 103 -12.21 -32.74 -61.54
C GLY EA 103 -13.44 -32.98 -62.38
N GLY EA 104 -14.09 -34.12 -62.18
CA GLY EA 104 -15.29 -34.44 -62.93
C GLY EA 104 -16.26 -33.28 -62.93
N GLY EA 105 -16.53 -32.75 -61.74
CA GLY EA 105 -17.45 -31.62 -61.63
C GLY EA 105 -18.39 -31.71 -60.46
N THR EA 106 -19.02 -30.59 -60.13
CA THR EA 106 -19.97 -30.49 -59.03
C THR EA 106 -20.95 -29.36 -59.33
N LYS EA 107 -22.18 -29.48 -58.86
CA LYS EA 107 -23.18 -28.44 -59.09
C LYS EA 107 -23.75 -27.92 -57.78
N LEU EA 108 -23.15 -26.84 -57.28
CA LEU EA 108 -23.59 -26.21 -56.03
C LEU EA 108 -24.83 -25.36 -56.26
N THR EA 109 -25.88 -25.65 -55.50
CA THR EA 109 -27.13 -24.90 -55.63
C THR EA 109 -27.59 -24.48 -54.23
N VAL EA 110 -27.89 -23.20 -54.07
CA VAL EA 110 -28.35 -22.69 -52.79
C VAL EA 110 -29.82 -23.06 -52.56
N LEU EA 111 -30.06 -23.94 -51.59
CA LEU EA 111 -31.39 -24.41 -51.26
C LEU EA 111 -32.37 -23.30 -50.90
N GLY EA 112 -33.65 -23.65 -50.87
CA GLY EA 112 -34.68 -22.69 -50.53
C GLY EA 112 -35.34 -21.97 -51.69
N GLN EA 113 -34.92 -22.28 -52.91
CA GLN EA 113 -35.50 -21.64 -54.09
C GLN EA 113 -36.92 -22.15 -54.32
N PRO EA 114 -37.88 -21.25 -54.55
CA PRO EA 114 -39.22 -21.79 -54.77
C PRO EA 114 -39.28 -22.55 -56.09
N LYS EA 115 -40.46 -22.59 -56.69
CA LYS EA 115 -40.66 -23.30 -57.93
C LYS EA 115 -41.64 -22.56 -58.82
N ALA EA 116 -41.42 -22.64 -60.14
CA ALA EA 116 -42.28 -21.95 -61.08
C ALA EA 116 -42.91 -22.90 -62.09
N ALA EA 117 -44.10 -22.55 -62.56
CA ALA EA 117 -44.82 -23.36 -63.53
C ALA EA 117 -44.50 -22.92 -64.96
N PRO EA 118 -44.26 -23.89 -65.85
CA PRO EA 118 -43.94 -23.63 -67.26
C PRO EA 118 -45.00 -22.83 -67.99
N SER EA 119 -44.56 -21.79 -68.70
CA SER EA 119 -45.46 -20.96 -69.49
C SER EA 119 -45.33 -21.44 -70.93
N VAL EA 120 -46.23 -22.31 -71.35
CA VAL EA 120 -46.17 -22.85 -72.70
C VAL EA 120 -46.99 -22.07 -73.72
N THR EA 121 -46.34 -21.71 -74.82
CA THR EA 121 -46.99 -20.98 -75.90
C THR EA 121 -46.71 -21.77 -77.17
N LEU EA 122 -47.71 -22.50 -77.64
CA LEU EA 122 -47.56 -23.29 -78.86
C LEU EA 122 -47.98 -22.47 -80.06
N PHE EA 123 -47.12 -22.41 -81.06
CA PHE EA 123 -47.40 -21.65 -82.28
C PHE EA 123 -47.70 -22.51 -83.48
N PRO EA 124 -48.62 -22.04 -84.35
CA PRO EA 124 -49.00 -22.76 -85.56
C PRO EA 124 -48.03 -22.41 -86.68
N PRO EA 125 -47.95 -23.24 -87.72
CA PRO EA 125 -47.03 -22.96 -88.83
C PRO EA 125 -47.48 -21.73 -89.61
N SER EA 126 -46.54 -20.84 -89.93
CA SER EA 126 -46.86 -19.63 -90.68
C SER EA 126 -47.38 -20.00 -92.07
N SER EA 127 -48.00 -19.04 -92.74
CA SER EA 127 -48.55 -19.25 -94.07
C SER EA 127 -47.47 -19.50 -95.11
N GLU EA 128 -46.42 -18.68 -95.08
CA GLU EA 128 -45.33 -18.84 -96.03
C GLU EA 128 -44.46 -20.04 -95.68
N GLU EA 129 -44.60 -20.54 -94.45
CA GLU EA 129 -43.83 -21.70 -94.02
C GLU EA 129 -44.46 -22.95 -94.64
N LEU EA 130 -45.75 -23.16 -94.36
CA LEU EA 130 -46.46 -24.31 -94.91
C LEU EA 130 -46.52 -24.18 -96.42
N GLN EA 131 -46.08 -23.02 -96.92
CA GLN EA 131 -46.05 -22.73 -98.35
C GLN EA 131 -44.97 -23.57 -99.01
N ALA EA 132 -43.82 -23.70 -98.33
CA ALA EA 132 -42.70 -24.48 -98.85
C ALA EA 132 -42.90 -25.96 -98.54
N ASN EA 133 -44.12 -26.32 -98.18
CA ASN EA 133 -44.47 -27.70 -97.85
C ASN EA 133 -43.69 -28.23 -96.65
N LYS EA 134 -43.69 -27.46 -95.57
CA LYS EA 134 -43.02 -27.82 -94.34
C LYS EA 134 -43.47 -26.95 -93.18
N ALA EA 135 -44.11 -27.56 -92.20
CA ALA EA 135 -44.61 -26.84 -91.03
C ALA EA 135 -43.61 -26.90 -89.88
N THR EA 136 -43.93 -26.18 -88.81
CA THR EA 136 -43.07 -26.14 -87.64
C THR EA 136 -43.86 -25.67 -86.41
N LEU EA 137 -43.94 -26.53 -85.40
CA LEU EA 137 -44.64 -26.20 -84.18
C LEU EA 137 -43.67 -25.68 -83.13
N VAL EA 138 -43.68 -24.37 -82.94
CA VAL EA 138 -42.79 -23.72 -81.98
C VAL EA 138 -43.35 -23.66 -80.57
N CYS EA 139 -42.95 -24.62 -79.74
CA CYS EA 139 -43.40 -24.66 -78.35
C CYS EA 139 -42.29 -24.03 -77.51
N LEU EA 140 -42.63 -22.97 -76.79
CA LEU EA 140 -41.65 -22.25 -75.99
C LEU EA 140 -41.99 -22.34 -74.50
N ILE EA 141 -41.20 -23.12 -73.76
CA ILE EA 141 -41.41 -23.28 -72.33
C ILE EA 141 -40.51 -22.33 -71.56
N SER EA 142 -41.12 -21.35 -70.89
CA SER EA 142 -40.36 -20.38 -70.11
C SER EA 142 -40.99 -20.12 -68.75
N ASP EA 143 -40.19 -19.56 -67.84
CA ASP EA 143 -40.63 -19.23 -66.49
C ASP EA 143 -40.75 -20.39 -65.51
N PHE EA 144 -39.94 -21.42 -65.67
CA PHE EA 144 -40.03 -22.57 -64.76
C PHE EA 144 -38.77 -22.86 -63.93
N TYR EA 145 -39.00 -23.22 -62.67
CA TYR EA 145 -37.92 -23.56 -61.74
C TYR EA 145 -38.38 -24.69 -60.83
N PRO EA 146 -37.52 -25.70 -60.62
CA PRO EA 146 -36.18 -25.80 -61.22
C PRO EA 146 -36.27 -25.96 -62.73
N GLY EA 147 -35.17 -25.70 -63.42
CA GLY EA 147 -35.15 -25.82 -64.86
C GLY EA 147 -35.07 -27.27 -65.33
N ALA EA 148 -36.06 -28.06 -64.94
CA ALA EA 148 -36.11 -29.46 -65.33
C ALA EA 148 -37.45 -29.70 -66.02
N VAL EA 149 -37.40 -30.27 -67.22
CA VAL EA 149 -38.61 -30.51 -67.96
C VAL EA 149 -38.51 -31.63 -69.00
N THR EA 150 -39.46 -32.55 -68.94
CA THR EA 150 -39.52 -33.66 -69.88
C THR EA 150 -40.66 -33.33 -70.82
N VAL EA 151 -40.32 -32.92 -72.04
CA VAL EA 151 -41.33 -32.55 -73.02
C VAL EA 151 -41.80 -33.71 -73.87
N ALA EA 152 -43.11 -33.95 -73.84
CA ALA EA 152 -43.70 -35.03 -74.62
C ALA EA 152 -44.62 -34.47 -75.68
N TRP EA 153 -44.24 -34.67 -76.94
CA TRP EA 153 -45.04 -34.20 -78.07
C TRP EA 153 -45.84 -35.37 -78.60
N LYS EA 154 -47.15 -35.21 -78.66
CA LYS EA 154 -47.99 -36.30 -79.12
C LYS EA 154 -49.10 -35.94 -80.08
N ALA EA 155 -49.33 -36.84 -81.03
CA ALA EA 155 -50.41 -36.69 -81.99
C ALA EA 155 -51.60 -36.96 -81.08
N ASP EA 156 -52.82 -36.88 -81.60
CA ASP EA 156 -53.96 -37.12 -80.73
C ASP EA 156 -53.97 -38.55 -80.21
N SER EA 157 -53.51 -39.49 -81.03
CA SER EA 157 -53.48 -40.90 -80.64
C SER EA 157 -52.11 -41.50 -80.34
N SER EA 158 -51.03 -40.76 -80.61
CA SER EA 158 -49.72 -41.33 -80.36
C SER EA 158 -48.59 -40.34 -80.08
N PRO EA 159 -47.51 -40.83 -79.45
CA PRO EA 159 -46.34 -40.02 -79.13
C PRO EA 159 -45.46 -39.95 -80.37
N VAL EA 160 -45.11 -38.75 -80.79
CA VAL EA 160 -44.27 -38.60 -81.98
C VAL EA 160 -42.86 -38.14 -81.62
N LYS EA 161 -41.87 -38.98 -81.95
CA LYS EA 161 -40.48 -38.65 -81.67
C LYS EA 161 -39.75 -38.29 -82.96
N ALA EA 162 -40.51 -37.97 -84.00
CA ALA EA 162 -39.94 -37.59 -85.28
C ALA EA 162 -39.83 -36.07 -85.30
N GLY EA 163 -38.62 -35.56 -85.43
CA GLY EA 163 -38.43 -34.13 -85.44
C GLY EA 163 -38.49 -33.60 -84.02
N VAL EA 164 -37.97 -34.39 -83.09
CA VAL EA 164 -37.96 -34.02 -81.68
C VAL EA 164 -36.66 -33.33 -81.29
N GLU EA 165 -36.66 -32.00 -81.42
CA GLU EA 165 -35.49 -31.21 -81.07
C GLU EA 165 -35.84 -30.31 -79.90
N THR EA 166 -35.30 -30.65 -78.73
CA THR EA 166 -35.55 -29.88 -77.52
C THR EA 166 -34.24 -29.34 -76.96
N THR EA 167 -34.18 -28.04 -76.75
CA THR EA 167 -32.99 -27.40 -76.21
C THR EA 167 -33.04 -27.38 -74.69
N THR EA 168 -32.03 -27.96 -74.06
CA THR EA 168 -31.97 -27.99 -72.60
C THR EA 168 -32.20 -26.59 -72.04
N PRO EA 169 -32.84 -26.50 -70.86
CA PRO EA 169 -33.14 -25.23 -70.20
C PRO EA 169 -31.95 -24.35 -69.88
N SER EA 170 -32.13 -23.04 -70.03
CA SER EA 170 -31.11 -22.06 -69.75
C SER EA 170 -31.68 -21.04 -68.77
N LYS EA 171 -30.84 -20.52 -67.89
CA LYS EA 171 -31.27 -19.56 -66.89
C LYS EA 171 -31.69 -18.20 -67.47
N GLN EA 172 -32.74 -17.63 -66.90
CA GLN EA 172 -33.26 -16.34 -67.34
C GLN EA 172 -32.49 -15.26 -66.58
N SER EA 173 -32.70 -14.00 -66.95
CA SER EA 173 -32.00 -12.90 -66.30
C SER EA 173 -32.19 -12.91 -64.78
N ASN EA 174 -33.39 -13.27 -64.32
CA ASN EA 174 -33.65 -13.33 -62.89
C ASN EA 174 -33.01 -14.59 -62.31
N ASN EA 175 -33.57 -15.76 -62.68
CA ASN EA 175 -33.06 -17.04 -62.22
C ASN EA 175 -33.91 -18.20 -62.71
N LYS EA 176 -35.06 -17.87 -63.32
CA LYS EA 176 -35.96 -18.88 -63.83
C LYS EA 176 -35.38 -19.48 -65.11
N TYR EA 177 -35.66 -20.75 -65.37
CA TYR EA 177 -35.15 -21.40 -66.57
C TYR EA 177 -36.11 -21.35 -67.75
N ALA EA 178 -35.57 -21.44 -68.95
CA ALA EA 178 -36.37 -21.40 -70.17
C ALA EA 178 -35.73 -22.16 -71.32
N ALA EA 179 -36.55 -22.93 -72.04
CA ALA EA 179 -36.07 -23.73 -73.16
C ALA EA 179 -37.13 -23.79 -74.25
N SER EA 180 -36.79 -24.44 -75.36
CA SER EA 180 -37.70 -24.55 -76.49
C SER EA 180 -37.70 -25.97 -77.06
N SER EA 181 -38.83 -26.39 -77.61
CA SER EA 181 -38.94 -27.71 -78.21
C SER EA 181 -39.58 -27.54 -79.58
N TYR EA 182 -38.79 -27.75 -80.63
CA TYR EA 182 -39.27 -27.62 -81.99
C TYR EA 182 -39.58 -28.98 -82.59
N LEU EA 183 -40.75 -29.11 -83.19
CA LEU EA 183 -41.16 -30.35 -83.83
C LEU EA 183 -41.89 -30.08 -85.14
N SER EA 184 -41.13 -30.03 -86.23
CA SER EA 184 -41.67 -29.77 -87.55
C SER EA 184 -42.20 -31.03 -88.21
N LEU EA 185 -43.06 -30.85 -89.20
CA LEU EA 185 -43.64 -31.95 -89.96
C LEU EA 185 -44.20 -31.45 -91.27
N THR EA 186 -44.46 -32.38 -92.20
CA THR EA 186 -45.01 -32.04 -93.49
C THR EA 186 -46.48 -31.63 -93.36
N PRO EA 187 -46.97 -30.79 -94.28
CA PRO EA 187 -48.35 -30.31 -94.27
C PRO EA 187 -49.41 -31.41 -94.16
N GLU EA 188 -49.27 -32.46 -94.96
CA GLU EA 188 -50.22 -33.57 -94.95
C GLU EA 188 -50.43 -34.14 -93.55
N GLN EA 189 -49.41 -34.00 -92.70
CA GLN EA 189 -49.49 -34.52 -91.34
C GLN EA 189 -50.14 -33.52 -90.39
N TRP EA 190 -50.05 -32.23 -90.74
CA TRP EA 190 -50.64 -31.19 -89.92
C TRP EA 190 -52.16 -31.19 -90.09
N LYS EA 191 -52.61 -31.50 -91.30
CA LYS EA 191 -54.04 -31.55 -91.60
C LYS EA 191 -54.62 -32.87 -91.13
N SER EA 192 -53.78 -33.89 -91.06
CA SER EA 192 -54.18 -35.23 -90.64
C SER EA 192 -54.99 -35.27 -89.33
N HIS EA 193 -54.45 -34.63 -88.29
CA HIS EA 193 -55.13 -34.63 -87.00
C HIS EA 193 -55.81 -33.30 -86.70
N ARG EA 194 -56.98 -33.37 -86.08
CA ARG EA 194 -57.73 -32.18 -85.72
C ARG EA 194 -56.91 -31.12 -85.07
N SER EA 195 -56.03 -31.53 -84.16
CA SER EA 195 -55.20 -30.58 -83.46
C SER EA 195 -54.03 -31.26 -82.76
N TYR EA 196 -52.89 -30.60 -82.78
CA TYR EA 196 -51.70 -31.12 -82.13
C TYR EA 196 -51.47 -30.33 -80.85
N SER EA 197 -51.03 -31.02 -79.80
CA SER EA 197 -50.79 -30.40 -78.52
C SER EA 197 -49.37 -30.63 -77.99
N CYS EA 198 -48.78 -29.58 -77.41
CA CYS EA 198 -47.45 -29.65 -76.84
C CYS EA 198 -47.54 -29.87 -75.33
N GLN EA 199 -47.23 -31.08 -74.89
CA GLN EA 199 -47.29 -31.39 -73.47
C GLN EA 199 -45.91 -31.32 -72.84
N VAL EA 200 -45.84 -30.76 -71.64
CA VAL EA 200 -44.57 -30.62 -70.93
C VAL EA 200 -44.72 -30.99 -69.46
N THR EA 201 -43.78 -31.80 -68.96
CA THR EA 201 -43.81 -32.25 -67.58
C THR EA 201 -42.79 -31.48 -66.73
N HIS EA 202 -43.25 -30.93 -65.62
CA HIS EA 202 -42.40 -30.17 -64.72
C HIS EA 202 -42.80 -30.37 -63.26
N GLU EA 203 -41.97 -31.09 -62.52
CA GLU EA 203 -42.21 -31.35 -61.10
C GLU EA 203 -43.52 -32.10 -60.85
N GLY EA 204 -43.96 -32.89 -61.83
CA GLY EA 204 -45.18 -33.64 -61.67
C GLY EA 204 -46.43 -32.98 -62.21
N SER EA 205 -46.33 -31.68 -62.49
CA SER EA 205 -47.47 -30.93 -63.03
C SER EA 205 -47.31 -30.75 -64.53
N THR EA 206 -48.43 -30.75 -65.25
CA THR EA 206 -48.39 -30.63 -66.70
C THR EA 206 -49.23 -29.48 -67.27
N VAL EA 207 -48.56 -28.55 -67.95
CA VAL EA 207 -49.21 -27.43 -68.59
C VAL EA 207 -49.20 -27.76 -70.08
N GLU EA 208 -50.25 -27.39 -70.80
CA GLU EA 208 -50.32 -27.71 -72.22
C GLU EA 208 -51.08 -26.70 -73.07
N LYS EA 209 -50.78 -26.68 -74.37
CA LYS EA 209 -51.41 -25.78 -75.32
C LYS EA 209 -51.61 -26.52 -76.64
N THR EA 210 -52.73 -26.25 -77.31
CA THR EA 210 -53.04 -26.92 -78.57
C THR EA 210 -53.45 -25.94 -79.66
N VAL EA 211 -53.20 -26.31 -80.92
CA VAL EA 211 -53.55 -25.48 -82.06
C VAL EA 211 -54.00 -26.36 -83.22
N ALA EA 212 -55.08 -25.94 -83.90
CA ALA EA 212 -55.62 -26.69 -85.02
C ALA EA 212 -55.58 -25.86 -86.30
N PRO EA 213 -55.57 -26.52 -87.47
CA PRO EA 213 -55.53 -25.83 -88.75
C PRO EA 213 -56.80 -25.02 -89.02
N SER FA 2 68.19 -26.15 -107.14
CA SER FA 2 68.63 -24.75 -107.40
C SER FA 2 67.60 -24.02 -108.26
N VAL FA 3 68.06 -22.96 -108.94
CA VAL FA 3 67.20 -22.16 -109.81
C VAL FA 3 66.23 -23.04 -110.58
N LEU FA 4 64.96 -22.64 -110.62
CA LEU FA 4 63.95 -23.41 -111.34
C LEU FA 4 64.35 -23.54 -112.81
N THR FA 5 63.88 -24.60 -113.46
CA THR FA 5 64.19 -24.82 -114.86
C THR FA 5 63.30 -23.96 -115.73
N GLN FA 6 63.90 -23.01 -116.44
CA GLN FA 6 63.16 -22.11 -117.31
C GLN FA 6 63.87 -22.05 -118.67
N PRO FA 7 63.12 -21.75 -119.75
CA PRO FA 7 63.72 -21.69 -121.08
C PRO FA 7 64.57 -20.43 -121.27
N PRO FA 8 65.69 -20.56 -122.02
CA PRO FA 8 66.57 -19.42 -122.26
C PRO FA 8 65.86 -18.27 -122.95
N SER FA 9 65.00 -18.60 -123.92
CA SER FA 9 64.27 -17.59 -124.66
C SER FA 9 63.04 -18.16 -125.37
N VAL FA 10 62.10 -17.28 -125.69
CA VAL FA 10 60.87 -17.64 -126.38
C VAL FA 10 60.51 -16.46 -127.28
N SER FA 11 59.96 -16.75 -128.46
CA SER FA 11 59.58 -15.68 -129.38
C SER FA 11 58.53 -16.09 -130.39
N GLY FA 12 57.58 -15.20 -130.63
CA GLY FA 12 56.51 -15.47 -131.58
C GLY FA 12 56.09 -14.22 -132.34
N ALA FA 13 55.15 -14.38 -133.27
CA ALA FA 13 54.65 -13.27 -134.06
C ALA FA 13 53.59 -12.50 -133.27
N PRO FA 14 53.32 -11.25 -133.65
CA PRO FA 14 52.31 -10.45 -132.95
C PRO FA 14 50.94 -11.11 -132.98
N GLY FA 15 50.29 -11.18 -131.82
CA GLY FA 15 48.98 -11.79 -131.76
C GLY FA 15 48.97 -13.31 -131.77
N GLN FA 16 49.90 -13.92 -131.05
CA GLN FA 16 49.97 -15.37 -130.97
C GLN FA 16 50.12 -15.85 -129.53
N ARG FA 17 50.12 -17.17 -129.36
CA ARG FA 17 50.25 -17.77 -128.04
C ARG FA 17 51.63 -18.35 -127.76
N VAL FA 18 52.32 -17.78 -126.80
CA VAL FA 18 53.64 -18.25 -126.41
C VAL FA 18 53.60 -18.85 -125.01
N THR FA 19 54.18 -20.03 -124.86
CA THR FA 19 54.19 -20.72 -123.57
C THR FA 19 55.60 -20.78 -122.99
N ILE FA 20 55.72 -20.41 -121.71
CA ILE FA 20 57.01 -20.42 -121.03
C ILE FA 20 57.01 -21.58 -120.02
N SER FA 21 57.73 -22.64 -120.35
CA SER FA 21 57.80 -23.82 -119.49
C SER FA 21 58.71 -23.66 -118.28
N CYS FA 22 58.19 -24.03 -117.11
CA CYS FA 22 58.92 -23.91 -115.84
C CYS FA 22 58.74 -25.18 -115.01
N THR FA 23 59.76 -26.04 -114.98
CA THR FA 23 59.69 -27.29 -114.22
C THR FA 23 60.42 -27.17 -112.88
N GLY FA 24 59.95 -27.90 -111.87
CA GLY FA 24 60.58 -27.84 -110.57
C GLY FA 24 60.98 -29.20 -109.99
N SER FA 25 61.58 -29.17 -108.81
CA SER FA 25 62.03 -30.39 -108.13
C SER FA 25 60.93 -30.99 -107.25
N SER FA 26 61.04 -32.29 -106.97
CA SER FA 26 60.05 -33.00 -106.17
C SER FA 26 59.65 -32.23 -104.91
N SER FA 27 60.57 -31.44 -104.37
CA SER FA 27 60.28 -30.65 -103.18
C SER FA 27 59.23 -29.60 -103.53
N ASN FA 28 59.36 -29.01 -104.72
CA ASN FA 28 58.44 -28.00 -105.20
C ASN FA 28 57.26 -28.66 -105.91
N ILE FA 29 57.55 -29.79 -106.58
CA ILE FA 29 56.54 -30.54 -107.32
C ILE FA 29 55.35 -30.99 -106.49
N GLY FA 30 55.57 -32.00 -105.65
CA GLY FA 30 54.50 -32.51 -104.82
C GLY FA 30 53.86 -31.45 -103.93
N ALA FA 31 54.59 -30.36 -103.71
CA ALA FA 31 54.10 -29.27 -102.88
C ALA FA 31 53.30 -28.27 -103.71
N GLY FA 32 53.65 -28.15 -104.98
CA GLY FA 32 52.95 -27.22 -105.85
C GLY FA 32 52.72 -25.88 -105.18
N TYR FA 33 53.59 -25.52 -104.25
CA TYR FA 33 53.45 -24.25 -103.56
C TYR FA 33 53.17 -23.15 -104.57
N ALA FA 34 52.19 -22.31 -104.26
CA ALA FA 34 51.78 -21.22 -105.13
C ALA FA 34 52.92 -20.70 -106.00
N VAL FA 35 52.77 -20.85 -107.31
CA VAL FA 35 53.79 -20.40 -108.26
C VAL FA 35 53.32 -19.12 -108.94
N HIS FA 36 54.22 -18.13 -109.01
CA HIS FA 36 53.89 -16.85 -109.62
C HIS FA 36 54.89 -16.47 -110.69
N TRP FA 37 54.52 -15.51 -111.53
CA TRP FA 37 55.38 -15.04 -112.61
C TRP FA 37 55.51 -13.53 -112.56
N TYR FA 38 56.72 -13.04 -112.81
CA TYR FA 38 56.98 -11.60 -112.77
C TYR FA 38 57.51 -11.06 -114.10
N GLN FA 39 56.87 -10.03 -114.61
CA GLN FA 39 57.26 -9.40 -115.87
C GLN FA 39 58.24 -8.26 -115.60
N GLN FA 40 59.49 -8.45 -116.01
CA GLN FA 40 60.50 -7.42 -115.80
C GLN FA 40 60.82 -6.68 -117.10
N LEU FA 41 60.15 -5.55 -117.31
CA LEU FA 41 60.36 -4.75 -118.52
C LEU FA 41 61.84 -4.38 -118.64
N PRO FA 42 62.26 -3.92 -119.83
CA PRO FA 42 63.65 -3.53 -120.07
C PRO FA 42 64.12 -2.35 -119.21
N GLY FA 43 65.05 -2.63 -118.30
CA GLY FA 43 65.59 -1.58 -117.45
C GLY FA 43 64.60 -1.00 -116.46
N THR FA 44 63.80 -1.85 -115.83
CA THR FA 44 62.81 -1.41 -114.85
C THR FA 44 62.50 -2.50 -113.83
N ALA FA 45 62.25 -2.09 -112.59
CA ALA FA 45 61.95 -3.01 -111.51
C ALA FA 45 60.85 -4.00 -111.88
N PRO FA 46 61.00 -5.27 -111.46
CA PRO FA 46 60.03 -6.33 -111.74
C PRO FA 46 58.62 -6.00 -111.28
N LYS FA 47 57.66 -6.81 -111.71
CA LYS FA 47 56.26 -6.62 -111.36
C LYS FA 47 55.52 -7.95 -111.33
N LEU FA 48 54.42 -8.01 -110.58
CA LEU FA 48 53.62 -9.22 -110.47
C LEU FA 48 52.76 -9.39 -111.73
N LEU FA 49 53.14 -10.33 -112.58
CA LEU FA 49 52.43 -10.59 -113.82
C LEU FA 49 51.20 -11.47 -113.56
N ILE FA 50 51.40 -12.55 -112.82
CA ILE FA 50 50.34 -13.48 -112.46
C ILE FA 50 50.70 -14.17 -111.16
N SER FA 51 49.75 -14.26 -110.23
CA SER FA 51 50.02 -14.88 -108.94
C SER FA 51 49.19 -16.12 -108.66
N GLY FA 52 49.21 -16.55 -107.40
CA GLY FA 52 48.47 -17.72 -106.93
C GLY FA 52 47.94 -18.72 -107.94
N ASN FA 53 48.77 -19.12 -108.90
CA ASN FA 53 48.35 -20.08 -109.92
C ASN FA 53 47.18 -19.56 -110.75
N SER FA 54 47.42 -18.44 -111.43
CA SER FA 54 46.44 -17.77 -112.29
C SER FA 54 45.67 -16.68 -111.53
N ASN FA 55 46.03 -16.47 -110.27
CA ASN FA 55 45.38 -15.42 -109.49
C ASN FA 55 45.80 -14.16 -110.24
N ARG FA 56 44.82 -13.38 -110.66
CA ARG FA 56 45.09 -12.20 -111.45
C ARG FA 56 45.46 -10.89 -110.76
N PRO FA 57 46.55 -10.26 -111.20
CA PRO FA 57 47.01 -8.99 -110.63
C PRO FA 57 46.11 -7.91 -111.24
N SER FA 58 45.82 -6.87 -110.49
CA SER FA 58 44.95 -5.82 -111.00
C SER FA 58 45.65 -4.95 -112.04
N GLY FA 59 44.98 -4.74 -113.18
CA GLY FA 59 45.56 -3.92 -114.22
C GLY FA 59 46.29 -4.67 -115.32
N VAL FA 60 46.48 -5.97 -115.14
CA VAL FA 60 47.18 -6.78 -116.14
C VAL FA 60 46.20 -7.49 -117.07
N PRO FA 61 46.36 -7.27 -118.39
CA PRO FA 61 45.49 -7.87 -119.40
C PRO FA 61 45.27 -9.36 -119.18
N ASP FA 62 44.02 -9.81 -119.38
CA ASP FA 62 43.67 -11.20 -119.19
C ASP FA 62 44.30 -12.15 -120.20
N ARG FA 63 44.96 -11.58 -121.21
CA ARG FA 63 45.61 -12.41 -122.23
C ARG FA 63 46.72 -13.25 -121.60
N PHE FA 64 46.97 -13.01 -120.32
CA PHE FA 64 48.00 -13.73 -119.57
C PHE FA 64 47.32 -14.77 -118.68
N SER FA 65 47.78 -16.01 -118.78
CA SER FA 65 47.21 -17.09 -117.98
C SER FA 65 48.30 -17.98 -117.40
N GLY FA 66 48.04 -18.54 -116.22
CA GLY FA 66 49.01 -19.40 -115.59
C GLY FA 66 48.46 -20.78 -115.27
N SER FA 67 49.07 -21.81 -115.82
CA SER FA 67 48.64 -23.19 -115.59
C SER FA 67 49.70 -23.94 -114.80
N LYS FA 68 49.28 -24.99 -114.12
CA LYS FA 68 50.20 -25.80 -113.31
C LYS FA 68 49.74 -27.25 -113.22
N SER FA 69 50.65 -28.18 -113.44
CA SER FA 69 50.33 -29.60 -113.38
C SER FA 69 51.58 -30.47 -113.23
N GLY FA 70 51.46 -31.54 -112.46
CA GLY FA 70 52.58 -32.44 -112.26
C GLY FA 70 53.82 -31.80 -111.66
N THR FA 71 54.93 -31.95 -112.35
CA THR FA 71 56.21 -31.41 -111.90
C THR FA 71 56.55 -30.08 -112.57
N SER FA 72 55.55 -29.42 -113.15
CA SER FA 72 55.80 -28.16 -113.83
C SER FA 72 54.55 -27.31 -114.05
N ALA FA 73 54.77 -26.04 -114.39
CA ALA FA 73 53.69 -25.10 -114.65
C ALA FA 73 54.19 -24.11 -115.70
N SER FA 74 53.26 -23.45 -116.39
CA SER FA 74 53.65 -22.50 -117.43
C SER FA 74 52.74 -21.28 -117.54
N LEU FA 75 53.21 -20.29 -118.29
CA LEU FA 75 52.48 -19.05 -118.52
C LEU FA 75 52.16 -18.89 -120.00
N ALA FA 76 50.89 -18.68 -120.32
CA ALA FA 76 50.46 -18.51 -121.70
C ALA FA 76 50.11 -17.05 -121.98
N ILE FA 77 50.54 -16.55 -123.13
CA ILE FA 77 50.28 -15.17 -123.52
C ILE FA 77 49.63 -15.11 -124.89
N THR FA 78 48.44 -14.55 -124.96
CA THR FA 78 47.71 -14.43 -126.22
C THR FA 78 47.70 -13.00 -126.73
N GLY FA 79 47.49 -12.84 -128.03
CA GLY FA 79 47.47 -11.51 -128.62
C GLY FA 79 48.72 -10.73 -128.28
N LEU FA 80 49.86 -11.40 -128.34
CA LEU FA 80 51.15 -10.79 -128.03
C LEU FA 80 51.29 -9.43 -128.71
N GLN FA 81 51.51 -8.40 -127.90
CA GLN FA 81 51.68 -7.04 -128.41
C GLN FA 81 53.14 -6.66 -128.35
N ALA FA 82 53.47 -5.51 -128.94
CA ALA FA 82 54.85 -5.02 -128.94
C ALA FA 82 55.35 -4.91 -127.50
N GLU FA 83 54.59 -4.19 -126.67
CA GLU FA 83 54.95 -3.99 -125.28
C GLU FA 83 55.20 -5.29 -124.53
N ASP FA 84 54.37 -6.30 -124.83
CA ASP FA 84 54.46 -7.60 -124.18
C ASP FA 84 55.83 -8.25 -124.06
N GLU FA 85 56.81 -7.77 -124.83
CA GLU FA 85 58.14 -8.35 -124.76
C GLU FA 85 58.94 -7.80 -123.59
N ALA FA 86 59.49 -8.71 -122.79
CA ALA FA 86 60.29 -8.36 -121.62
C ALA FA 86 60.91 -9.63 -121.05
N ASP FA 87 61.56 -9.50 -119.89
CA ASP FA 87 62.15 -10.67 -119.24
C ASP FA 87 61.14 -11.24 -118.27
N TYR FA 88 60.94 -12.55 -118.33
CA TYR FA 88 59.97 -13.22 -117.47
C TYR FA 88 60.67 -14.22 -116.55
N TYR FA 89 60.21 -14.28 -115.30
CA TYR FA 89 60.78 -15.19 -114.30
C TYR FA 89 59.67 -15.92 -113.56
N CYS FA 90 59.74 -17.24 -113.52
CA CYS FA 90 58.73 -18.02 -112.81
C CYS FA 90 59.12 -18.22 -111.35
N GLN FA 91 58.61 -17.33 -110.51
CA GLN FA 91 58.90 -17.36 -109.07
C GLN FA 91 58.03 -18.38 -108.36
N SER FA 92 58.63 -19.06 -107.39
CA SER FA 92 57.91 -20.07 -106.61
C SER FA 92 58.60 -20.25 -105.25
N TYR FA 93 58.06 -21.16 -104.45
CA TYR FA 93 58.62 -21.42 -103.12
C TYR FA 93 58.81 -22.92 -102.92
N ASP FA 94 59.92 -23.29 -102.27
CA ASP FA 94 60.22 -24.70 -102.03
C ASP FA 94 60.33 -24.99 -100.53
N SER FA 95 60.51 -26.26 -100.19
CA SER FA 95 60.61 -26.66 -98.79
C SER FA 95 61.95 -27.32 -98.45
N SER FA 96 62.38 -28.26 -99.28
CA SER FA 96 63.65 -28.96 -99.06
C SER FA 96 64.79 -27.98 -98.85
N LEU FA 97 64.64 -26.78 -99.42
CA LEU FA 97 65.65 -25.74 -99.31
C LEU FA 97 65.20 -24.68 -98.31
N SER FA 98 64.10 -24.96 -97.62
CA SER FA 98 63.54 -24.05 -96.61
C SER FA 98 63.51 -22.62 -97.11
N GLY FA 99 63.22 -22.45 -98.40
CA GLY FA 99 63.16 -21.12 -98.97
C GLY FA 99 62.37 -21.07 -100.27
N SER FA 100 62.49 -19.96 -100.98
CA SER FA 100 61.79 -19.78 -102.25
C SER FA 100 62.76 -19.87 -103.42
N VAL FA 101 62.29 -20.46 -104.52
CA VAL FA 101 63.11 -20.64 -105.71
C VAL FA 101 62.71 -19.66 -106.82
N PHE FA 102 63.68 -19.28 -107.64
CA PHE FA 102 63.44 -18.36 -108.75
C PHE FA 102 63.73 -19.02 -110.09
N GLY FA 103 63.24 -18.42 -111.16
CA GLY FA 103 63.45 -18.97 -112.49
C GLY FA 103 64.70 -18.43 -113.17
N GLY FA 104 65.41 -19.31 -113.86
CA GLY FA 104 66.62 -18.91 -114.55
C GLY FA 104 66.38 -17.66 -115.37
N GLY FA 105 65.33 -17.68 -116.17
CA GLY FA 105 65.00 -16.52 -117.00
C GLY FA 105 64.53 -16.88 -118.40
N THR FA 106 63.95 -15.89 -119.07
CA THR FA 106 63.43 -16.05 -120.44
C THR FA 106 63.44 -14.69 -121.11
N LYS FA 107 63.65 -14.67 -122.43
CA LYS FA 107 63.65 -13.40 -123.15
C LYS FA 107 62.62 -13.40 -124.27
N LEU FA 108 61.44 -12.88 -123.96
CA LEU FA 108 60.34 -12.79 -124.93
C LEU FA 108 60.55 -11.63 -125.88
N THR FA 109 60.56 -11.92 -127.18
CA THR FA 109 60.74 -10.88 -128.19
C THR FA 109 59.65 -11.03 -129.25
N VAL FA 110 58.97 -9.94 -129.57
CA VAL FA 110 57.93 -9.97 -130.59
C VAL FA 110 58.57 -9.96 -131.98
N LEU FA 111 58.56 -11.10 -132.66
CA LEU FA 111 59.18 -11.19 -133.99
C LEU FA 111 58.71 -10.11 -134.95
N GLY FA 112 59.49 -9.88 -136.01
CA GLY FA 112 59.11 -8.88 -136.99
C GLY FA 112 59.98 -7.64 -137.11
N GLN FA 113 60.87 -7.41 -136.15
CA GLN FA 113 61.74 -6.24 -136.20
C GLN FA 113 62.73 -6.38 -137.37
N PRO FA 114 62.94 -5.30 -138.13
CA PRO FA 114 63.86 -5.31 -139.27
C PRO FA 114 65.34 -5.29 -138.88
N LYS FA 115 66.14 -6.14 -139.52
CA LYS FA 115 67.55 -6.18 -139.19
C LYS FA 115 68.21 -4.89 -139.64
N ALA FA 116 69.14 -4.40 -138.83
CA ALA FA 116 69.84 -3.15 -139.14
C ALA FA 116 71.35 -3.35 -139.23
N ALA FA 117 71.99 -2.55 -140.08
CA ALA FA 117 73.43 -2.62 -140.27
C ALA FA 117 74.16 -1.67 -139.31
N PRO FA 118 75.24 -2.15 -138.69
CA PRO FA 118 76.04 -1.35 -137.74
C PRO FA 118 76.60 -0.07 -138.33
N SER FA 119 76.43 1.03 -137.60
CA SER FA 119 76.94 2.32 -138.02
C SER FA 119 78.22 2.56 -137.23
N VAL FA 120 79.36 2.21 -137.82
CA VAL FA 120 80.64 2.35 -137.16
C VAL FA 120 81.32 3.69 -137.40
N THR FA 121 81.70 4.34 -136.32
CA THR FA 121 82.39 5.62 -136.37
C THR FA 121 83.66 5.46 -135.54
N LEU FA 122 84.79 5.30 -136.21
CA LEU FA 122 86.06 5.15 -135.52
C LEU FA 122 86.71 6.51 -135.32
N PHE FA 123 87.10 6.79 -134.09
CA PHE FA 123 87.73 8.07 -133.76
C PHE FA 123 89.22 7.96 -133.47
N PRO FA 124 89.98 8.99 -133.87
CA PRO FA 124 91.43 9.02 -133.64
C PRO FA 124 91.69 9.59 -132.26
N PRO FA 125 92.89 9.35 -131.71
CA PRO FA 125 93.22 9.87 -130.38
C PRO FA 125 93.34 11.40 -130.41
N SER FA 126 92.75 12.06 -129.42
CA SER FA 126 92.82 13.52 -129.34
C SER FA 126 94.26 13.97 -129.15
N SER FA 127 94.51 15.26 -129.40
CA SER FA 127 95.85 15.81 -129.27
C SER FA 127 96.33 15.82 -127.82
N GLU FA 128 95.47 16.24 -126.90
CA GLU FA 128 95.82 16.26 -125.49
C GLU FA 128 95.86 14.87 -124.89
N GLU FA 129 95.24 13.91 -125.58
CA GLU FA 129 95.23 12.53 -125.11
C GLU FA 129 96.58 11.90 -125.39
N LEU FA 130 96.99 11.92 -126.66
CA LEU FA 130 98.29 11.37 -127.04
C LEU FA 130 99.39 12.19 -126.37
N GLN FA 131 98.98 13.30 -125.76
CA GLN FA 131 99.90 14.19 -125.06
C GLN FA 131 100.41 13.51 -123.79
N ALA FA 132 99.51 12.80 -123.11
CA ALA FA 132 99.86 12.10 -121.89
C ALA FA 132 100.47 10.73 -122.21
N ASN FA 133 100.90 10.58 -123.46
CA ASN FA 133 101.51 9.33 -123.93
C ASN FA 133 100.57 8.13 -123.80
N LYS FA 134 99.35 8.30 -124.30
CA LYS FA 134 98.34 7.25 -124.28
C LYS FA 134 97.19 7.59 -125.21
N ALA FA 135 97.02 6.78 -126.25
CA ALA FA 135 95.96 6.97 -127.23
C ALA FA 135 94.72 6.16 -126.88
N THR FA 136 93.67 6.35 -127.66
CA THR FA 136 92.42 5.63 -127.45
C THR FA 136 91.56 5.67 -128.71
N LEU FA 137 91.27 4.50 -129.26
CA LEU FA 137 90.46 4.39 -130.46
C LEU FA 137 89.01 4.11 -130.08
N VAL FA 138 88.18 5.14 -130.19
CA VAL FA 138 86.76 5.04 -129.85
C VAL FA 138 85.89 4.57 -131.01
N CYS FA 139 85.58 3.28 -131.03
CA CYS FA 139 84.74 2.72 -132.08
C CYS FA 139 83.34 2.59 -131.49
N LEU FA 140 82.38 3.26 -132.12
CA LEU FA 140 81.00 3.25 -131.63
C LEU FA 140 80.06 2.58 -132.62
N ILE FA 141 79.61 1.38 -132.27
CA ILE FA 141 78.70 0.63 -133.13
C ILE FA 141 77.26 0.86 -132.68
N SER FA 142 76.48 1.53 -133.53
CA SER FA 142 75.09 1.82 -133.21
C SER FA 142 74.17 1.58 -134.41
N ASP FA 143 72.88 1.43 -134.12
CA ASP FA 143 71.85 1.22 -135.14
C ASP FA 143 71.78 -0.19 -135.72
N PHE FA 144 72.11 -1.21 -134.93
CA PHE FA 144 72.07 -2.58 -135.44
C PHE FA 144 71.09 -3.52 -134.73
N TYR FA 145 70.40 -4.34 -135.52
CA TYR FA 145 69.45 -5.32 -134.99
C TYR FA 145 69.54 -6.60 -135.84
N PRO FA 146 69.58 -7.77 -135.19
CA PRO FA 146 69.54 -7.90 -133.73
C PRO FA 146 70.80 -7.32 -133.10
N GLY FA 147 70.75 -7.08 -131.79
CA GLY FA 147 71.89 -6.53 -131.09
C GLY FA 147 72.96 -7.57 -130.82
N ALA FA 148 73.49 -8.16 -131.87
CA ALA FA 148 74.53 -9.17 -131.76
C ALA FA 148 75.71 -8.72 -132.60
N VAL FA 149 76.89 -8.66 -132.02
CA VAL FA 149 78.06 -8.22 -132.75
C VAL FA 149 79.39 -8.72 -132.19
N THR FA 150 80.19 -9.31 -133.06
CA THR FA 150 81.51 -9.82 -132.69
C THR FA 150 82.50 -8.81 -133.26
N VAL FA 151 83.07 -7.99 -132.40
CA VAL FA 151 84.02 -6.97 -132.83
C VAL FA 151 85.46 -7.46 -132.85
N ALA FA 152 86.08 -7.36 -134.02
CA ALA FA 152 87.46 -7.78 -134.18
C ALA FA 152 88.34 -6.57 -134.49
N TRP FA 153 89.24 -6.27 -133.57
CA TRP FA 153 90.17 -5.15 -133.74
C TRP FA 153 91.49 -5.70 -134.20
N LYS FA 154 91.98 -5.21 -135.33
CA LYS FA 154 93.23 -5.72 -135.86
C LYS FA 154 94.21 -4.70 -136.39
N ALA FA 155 95.49 -4.98 -136.16
CA ALA FA 155 96.56 -4.14 -136.65
C ALA FA 155 96.47 -4.48 -138.13
N ASP FA 156 97.31 -3.87 -138.96
CA ASP FA 156 97.23 -4.17 -140.39
C ASP FA 156 97.58 -5.65 -140.65
N SER FA 157 98.52 -6.19 -139.87
CA SER FA 157 98.94 -7.57 -140.04
C SER FA 157 98.49 -8.56 -138.97
N SER FA 158 97.87 -8.07 -137.90
CA SER FA 158 97.46 -9.00 -136.85
C SER FA 158 96.29 -8.57 -135.98
N PRO FA 159 95.63 -9.54 -135.31
CA PRO FA 159 94.50 -9.29 -134.43
C PRO FA 159 95.06 -8.89 -133.06
N VAL FA 160 94.62 -7.75 -132.55
CA VAL FA 160 95.11 -7.29 -131.25
C VAL FA 160 94.04 -7.40 -130.17
N LYS FA 161 94.33 -8.23 -129.16
CA LYS FA 161 93.40 -8.41 -128.06
C LYS FA 161 93.90 -7.70 -126.81
N ALA FA 162 94.82 -6.77 -126.99
CA ALA FA 162 95.37 -6.00 -125.89
C ALA FA 162 94.55 -4.71 -125.78
N GLY FA 163 93.91 -4.52 -124.63
CA GLY FA 163 93.09 -3.33 -124.45
C GLY FA 163 91.77 -3.53 -125.17
N VAL FA 164 91.27 -4.76 -125.14
CA VAL FA 164 90.00 -5.09 -125.78
C VAL FA 164 88.84 -5.01 -124.81
N GLU FA 165 88.23 -3.83 -124.74
CA GLU FA 165 87.09 -3.60 -123.87
C GLU FA 165 85.87 -3.28 -124.72
N THR FA 166 84.96 -4.24 -124.79
CA THR FA 166 83.74 -4.08 -125.57
C THR FA 166 82.52 -4.20 -124.68
N THR FA 167 81.66 -3.19 -124.70
CA THR FA 167 80.45 -3.19 -123.90
C THR FA 167 79.30 -3.85 -124.65
N THR FA 168 78.73 -4.89 -124.06
CA THR FA 168 77.63 -5.61 -124.68
C THR FA 168 76.56 -4.61 -125.15
N PRO FA 169 75.88 -4.92 -126.25
CA PRO FA 169 74.83 -4.07 -126.83
C PRO FA 169 73.66 -3.75 -125.90
N SER FA 170 73.16 -2.53 -126.00
CA SER FA 170 72.04 -2.07 -125.21
C SER FA 170 70.98 -1.50 -126.17
N LYS FA 171 69.72 -1.67 -125.83
CA LYS FA 171 68.63 -1.21 -126.68
C LYS FA 171 68.51 0.31 -126.76
N GLN FA 172 68.23 0.81 -127.96
CA GLN FA 172 68.09 2.25 -128.20
C GLN FA 172 66.65 2.62 -127.86
N SER FA 173 66.34 3.91 -127.87
CA SER FA 173 65.00 4.38 -127.56
C SER FA 173 63.93 3.71 -128.43
N ASN FA 174 64.24 3.51 -129.70
CA ASN FA 174 63.30 2.86 -130.61
C ASN FA 174 63.28 1.36 -130.32
N ASN FA 175 64.37 0.67 -130.65
CA ASN FA 175 64.50 -0.76 -130.42
C ASN FA 175 65.80 -1.31 -130.96
N LYS FA 176 66.54 -0.47 -131.68
CA LYS FA 176 67.82 -0.86 -132.25
C LYS FA 176 68.88 -0.93 -131.15
N TYR FA 177 69.84 -1.84 -131.28
CA TYR FA 177 70.88 -1.97 -130.26
C TYR FA 177 72.13 -1.14 -130.57
N ALA FA 178 72.87 -0.80 -129.52
CA ALA FA 178 74.08 0.00 -129.67
C ALA FA 178 75.10 -0.29 -128.56
N ALA FA 179 76.36 -0.42 -128.95
CA ALA FA 179 77.44 -0.69 -128.00
C ALA FA 179 78.71 0.03 -128.41
N SER FA 180 79.76 -0.13 -127.62
CA SER FA 180 81.03 0.52 -127.89
C SER FA 180 82.20 -0.43 -127.63
N SER FA 181 83.28 -0.24 -128.38
CA SER FA 181 84.46 -1.07 -128.21
C SER FA 181 85.66 -0.14 -128.14
N TYR FA 182 86.25 -0.03 -126.95
CA TYR FA 182 87.41 0.83 -126.74
C TYR FA 182 88.70 0.02 -126.75
N LEU FA 183 89.68 0.50 -127.50
CA LEU FA 183 90.98 -0.17 -127.57
C LEU FA 183 92.11 0.84 -127.61
N SER FA 184 92.60 1.18 -126.43
CA SER FA 184 93.69 2.16 -126.28
C SER FA 184 95.05 1.51 -126.44
N LEU FA 185 96.05 2.33 -126.75
CA LEU FA 185 97.42 1.88 -126.93
C LEU FA 185 98.38 3.06 -126.81
N THR FA 186 99.66 2.75 -126.60
CA THR FA 186 100.68 3.78 -126.48
C THR FA 186 100.94 4.43 -127.83
N PRO FA 187 101.40 5.69 -127.83
CA PRO FA 187 101.70 6.44 -129.05
C PRO FA 187 102.60 5.71 -130.05
N GLU FA 188 103.70 5.14 -129.56
CA GLU FA 188 104.64 4.44 -130.41
C GLU FA 188 103.96 3.36 -131.26
N GLN FA 189 102.85 2.83 -130.75
CA GLN FA 189 102.12 1.78 -131.46
C GLN FA 189 101.14 2.36 -132.47
N TRP FA 190 100.71 3.60 -132.24
CA TRP FA 190 99.78 4.27 -133.13
C TRP FA 190 100.52 4.72 -134.39
N LYS FA 191 101.76 5.13 -134.23
CA LYS FA 191 102.59 5.58 -135.34
C LYS FA 191 103.16 4.39 -136.10
N SER FA 192 103.29 3.26 -135.39
CA SER FA 192 103.83 2.03 -135.95
C SER FA 192 103.18 1.60 -137.27
N HIS FA 193 101.85 1.52 -137.28
CA HIS FA 193 101.14 1.11 -138.48
C HIS FA 193 100.48 2.26 -139.21
N ARG FA 194 100.52 2.22 -140.53
CA ARG FA 194 99.93 3.25 -141.36
C ARG FA 194 98.54 3.65 -140.93
N SER FA 195 97.74 2.67 -140.57
CA SER FA 195 96.38 2.95 -140.15
C SER FA 195 95.75 1.76 -139.45
N TYR FA 196 94.95 2.06 -138.44
CA TYR FA 196 94.26 1.03 -137.69
C TYR FA 196 92.78 1.05 -138.08
N SER FA 197 92.19 -0.13 -138.17
CA SER FA 197 90.78 -0.25 -138.55
C SER FA 197 89.95 -1.05 -137.56
N CYS FA 198 88.74 -0.57 -137.31
CA CYS FA 198 87.81 -1.23 -136.39
C CYS FA 198 86.83 -2.08 -137.18
N GLN FA 199 87.00 -3.40 -137.11
CA GLN FA 199 86.12 -4.30 -137.83
C GLN FA 199 85.05 -4.88 -136.91
N VAL FA 200 83.83 -4.97 -137.40
CA VAL FA 200 82.72 -5.48 -136.61
C VAL FA 200 81.86 -6.44 -137.44
N THR FA 201 81.54 -7.60 -136.86
CA THR FA 201 80.72 -8.59 -137.53
C THR FA 201 79.30 -8.57 -137.02
N HIS FA 202 78.35 -8.51 -137.95
CA HIS FA 202 76.93 -8.48 -137.61
C HIS FA 202 76.09 -9.23 -138.65
N GLU FA 203 75.58 -10.38 -138.26
CA GLU FA 203 74.75 -11.20 -139.14
C GLU FA 203 75.46 -11.63 -140.42
N GLY FA 204 76.78 -11.74 -140.35
CA GLY FA 204 77.54 -12.16 -141.52
C GLY FA 204 78.09 -11.01 -142.37
N SER FA 205 77.60 -9.80 -142.13
CA SER FA 205 78.06 -8.64 -142.87
C SER FA 205 79.05 -7.84 -142.03
N THR FA 206 80.03 -7.23 -142.69
CA THR FA 206 81.05 -6.46 -141.99
C THR FA 206 81.22 -5.03 -142.45
N VAL FA 207 80.96 -4.09 -141.55
CA VAL FA 207 81.12 -2.67 -141.82
C VAL FA 207 82.42 -2.28 -141.12
N GLU FA 208 83.19 -1.36 -141.70
CA GLU FA 208 84.45 -0.97 -141.10
C GLU FA 208 84.86 0.47 -141.37
N LYS FA 209 85.71 1.00 -140.48
CA LYS FA 209 86.21 2.37 -140.58
C LYS FA 209 87.68 2.39 -140.15
N THR FA 210 88.48 3.21 -140.82
CA THR FA 210 89.91 3.29 -140.51
C THR FA 210 90.39 4.74 -140.36
N VAL FA 211 91.43 4.93 -139.56
CA VAL FA 211 92.00 6.25 -139.34
C VAL FA 211 93.52 6.15 -139.20
N ALA FA 212 94.23 7.09 -139.83
CA ALA FA 212 95.69 7.10 -139.78
C ALA FA 212 96.21 8.39 -139.14
N PRO FA 213 97.43 8.35 -138.60
CA PRO FA 213 98.03 9.53 -137.96
C PRO FA 213 98.31 10.65 -138.96
N SER GA 2 65.46 -14.87 -21.47
CA SER GA 2 64.82 -13.70 -20.80
C SER GA 2 65.45 -12.39 -21.28
N VAL GA 3 65.32 -11.35 -20.47
CA VAL GA 3 65.86 -10.04 -20.78
C VAL GA 3 67.24 -10.17 -21.43
N LEU GA 4 67.45 -9.42 -22.51
CA LEU GA 4 68.75 -9.45 -23.21
C LEU GA 4 69.85 -9.07 -22.25
N THR GA 5 71.07 -9.55 -22.52
CA THR GA 5 72.21 -9.24 -21.67
C THR GA 5 72.75 -7.86 -22.01
N GLN GA 6 72.62 -6.94 -21.06
CA GLN GA 6 73.10 -5.58 -21.26
C GLN GA 6 73.94 -5.17 -20.05
N PRO GA 7 74.89 -4.23 -20.24
CA PRO GA 7 75.73 -3.78 -19.12
C PRO GA 7 74.99 -2.90 -18.13
N PRO GA 8 75.29 -3.05 -16.83
CA PRO GA 8 74.64 -2.24 -15.79
C PRO GA 8 74.83 -0.75 -16.02
N SER GA 9 76.04 -0.35 -16.42
CA SER GA 9 76.34 1.05 -16.65
C SER GA 9 77.60 1.23 -17.51
N VAL GA 10 77.69 2.40 -18.13
CA VAL GA 10 78.81 2.76 -18.98
C VAL GA 10 79.06 4.26 -18.81
N SER GA 11 80.31 4.69 -18.82
CA SER GA 11 80.62 6.10 -18.64
C SER GA 11 81.97 6.51 -19.23
N GLY GA 12 81.99 7.68 -19.87
CA GLY GA 12 83.21 8.17 -20.47
C GLY GA 12 83.31 9.69 -20.39
N ALA GA 13 84.42 10.24 -20.87
CA ALA GA 13 84.64 11.67 -20.85
C ALA GA 13 83.95 12.32 -22.05
N PRO GA 14 83.70 13.64 -21.98
CA PRO GA 14 83.05 14.34 -23.09
C PRO GA 14 83.84 14.20 -24.39
N GLY GA 15 83.14 13.85 -25.47
CA GLY GA 15 83.81 13.71 -26.76
C GLY GA 15 84.60 12.42 -26.93
N GLN GA 16 84.04 11.31 -26.47
CA GLN GA 16 84.70 10.01 -26.59
C GLN GA 16 83.75 8.95 -27.12
N ARG GA 17 84.28 7.75 -27.34
CA ARG GA 17 83.49 6.65 -27.86
C ARG GA 17 83.15 5.61 -26.80
N VAL GA 18 81.87 5.47 -26.51
CA VAL GA 18 81.39 4.50 -25.53
C VAL GA 18 80.58 3.42 -26.23
N THR GA 19 80.88 2.16 -25.90
CA THR GA 19 80.19 1.03 -26.50
C THR GA 19 79.32 0.29 -25.49
N ILE GA 20 78.08 0.02 -25.87
CA ILE GA 20 77.14 -0.68 -25.00
C ILE GA 20 76.92 -2.08 -25.56
N SER GA 21 77.50 -3.08 -24.91
CA SER GA 21 77.40 -4.47 -25.34
C SER GA 21 76.06 -5.12 -25.02
N CYS GA 22 75.48 -5.78 -26.02
CA CYS GA 22 74.18 -6.43 -25.90
C CYS GA 22 74.21 -7.81 -26.56
N THR GA 23 74.31 -8.87 -25.75
CA THR GA 23 74.35 -10.23 -26.28
C THR GA 23 72.99 -10.93 -26.16
N GLY GA 24 72.71 -11.83 -27.10
CA GLY GA 24 71.44 -12.53 -27.09
C GLY GA 24 71.55 -14.04 -27.13
N SER GA 25 70.40 -14.71 -27.08
CA SER GA 25 70.34 -16.17 -27.10
C SER GA 25 70.28 -16.72 -28.53
N SER GA 26 70.68 -17.98 -28.70
CA SER GA 26 70.70 -18.61 -30.01
C SER GA 26 69.42 -18.36 -30.82
N SER GA 27 68.30 -18.21 -30.11
CA SER GA 27 67.04 -17.95 -30.78
C SER GA 27 67.11 -16.59 -31.46
N ASN GA 28 67.70 -15.62 -30.76
CA ASN GA 28 67.86 -14.27 -31.29
C ASN GA 28 69.15 -14.18 -32.11
N ILE GA 29 70.16 -14.94 -31.71
CA ILE GA 29 71.46 -14.96 -32.38
C ILE GA 29 71.38 -15.33 -33.86
N GLY GA 30 71.14 -16.61 -34.13
CA GLY GA 30 71.06 -17.07 -35.51
C GLY GA 30 70.01 -16.34 -36.32
N ALA GA 31 69.05 -15.73 -35.63
CA ALA GA 31 67.98 -15.00 -36.31
C ALA GA 31 68.37 -13.56 -36.57
N GLY GA 32 69.24 -13.02 -35.72
CA GLY GA 32 69.68 -11.65 -35.88
C GLY GA 32 68.53 -10.72 -36.21
N TYR GA 33 67.34 -11.08 -35.77
CA TYR GA 33 66.16 -10.25 -36.04
C TYR GA 33 66.50 -8.80 -35.74
N ALA GA 34 66.17 -7.91 -36.67
CA ALA GA 34 66.44 -6.49 -36.54
C ALA GA 34 66.49 -6.02 -35.08
N VAL GA 35 67.67 -5.54 -34.68
CA VAL GA 35 67.86 -5.07 -33.31
C VAL GA 35 67.89 -3.55 -33.30
N HIS GA 36 67.19 -2.95 -32.34
CA HIS GA 36 67.11 -1.49 -32.25
C HIS GA 36 67.47 -1.01 -30.84
N TRP GA 37 67.79 0.27 -30.72
CA TRP GA 37 68.14 0.86 -29.43
C TRP GA 37 67.28 2.08 -29.17
N TYR GA 38 66.86 2.25 -27.91
CA TYR GA 38 66.03 3.37 -27.53
C TYR GA 38 66.65 4.22 -26.43
N GLN GA 39 66.71 5.53 -26.68
CA GLN GA 39 67.28 6.48 -25.73
C GLN GA 39 66.18 7.03 -24.83
N GLN GA 40 66.21 6.66 -23.55
CA GLN GA 40 65.21 7.14 -22.60
C GLN GA 40 65.77 8.21 -21.68
N LEU GA 41 65.59 9.47 -22.07
CA LEU GA 41 66.07 10.59 -21.27
C LEU GA 41 65.52 10.51 -19.85
N PRO GA 42 66.11 11.28 -18.93
CA PRO GA 42 65.67 11.28 -17.53
C PRO GA 42 64.23 11.76 -17.33
N GLY GA 43 63.36 10.85 -16.89
CA GLY GA 43 61.97 11.20 -16.66
C GLY GA 43 61.18 11.58 -17.89
N THR GA 44 61.39 10.85 -18.97
CA THR GA 44 60.68 11.12 -20.22
C THR GA 44 60.50 9.85 -21.06
N ALA GA 45 59.37 9.77 -21.75
CA ALA GA 45 59.06 8.61 -22.59
C ALA GA 45 60.21 8.26 -23.53
N PRO GA 46 60.46 6.95 -23.73
CA PRO GA 46 61.53 6.45 -24.60
C PRO GA 46 61.44 6.99 -26.03
N LYS GA 47 62.50 6.76 -26.81
CA LYS GA 47 62.55 7.22 -28.19
C LYS GA 47 63.45 6.30 -29.02
N LEU GA 48 63.19 6.26 -30.33
CA LEU GA 48 63.99 5.43 -31.23
C LEU GA 48 65.33 6.09 -31.50
N LEU GA 49 66.39 5.53 -30.90
CA LEU GA 49 67.74 6.06 -31.05
C LEU GA 49 68.36 5.57 -32.36
N ILE GA 50 68.25 4.27 -32.62
CA ILE GA 50 68.78 3.67 -33.84
C ILE GA 50 67.96 2.41 -34.13
N SER GA 51 67.56 2.24 -35.38
CA SER GA 51 66.76 1.07 -35.75
C SER GA 51 67.42 0.15 -36.77
N GLY GA 52 66.62 -0.75 -37.33
CA GLY GA 52 67.08 -1.71 -38.33
C GLY GA 52 68.56 -1.97 -38.50
N ASN GA 53 69.29 -2.15 -37.39
CA ASN GA 53 70.72 -2.42 -37.45
C ASN GA 53 71.48 -1.27 -38.10
N SER GA 54 71.39 -0.10 -37.48
CA SER GA 54 72.05 1.14 -37.92
C SER GA 54 71.13 1.98 -38.80
N ASN GA 55 69.90 1.51 -38.99
CA ASN GA 55 68.93 2.27 -39.79
C ASN GA 55 68.76 3.53 -38.95
N ARG GA 56 69.00 4.68 -39.57
CA ARG GA 56 68.94 5.94 -38.84
C ARG GA 56 67.61 6.65 -38.67
N PRO GA 57 67.29 7.04 -37.41
CA PRO GA 57 66.06 7.74 -37.10
C PRO GA 57 66.28 9.19 -37.53
N SER GA 58 65.23 9.85 -38.00
CA SER GA 58 65.37 11.23 -38.44
C SER GA 58 65.55 12.19 -37.27
N GLY GA 59 66.55 13.06 -37.37
CA GLY GA 59 66.80 14.03 -36.32
C GLY GA 59 67.83 13.63 -35.28
N VAL GA 60 68.28 12.38 -35.33
CA VAL GA 60 69.28 11.90 -34.37
C VAL GA 60 70.70 12.01 -34.94
N PRO GA 61 71.59 12.71 -34.22
CA PRO GA 61 72.99 12.88 -34.65
C PRO GA 61 73.64 11.58 -35.11
N ASP GA 62 74.39 11.67 -36.20
CA ASP GA 62 75.07 10.51 -36.77
C ASP GA 62 76.17 9.95 -35.87
N ARG GA 63 76.49 10.66 -34.78
CA ARG GA 63 77.53 10.18 -33.88
C ARG GA 63 77.11 8.86 -33.23
N PHE GA 64 75.88 8.45 -33.52
CA PHE GA 64 75.34 7.20 -32.99
C PHE GA 64 75.37 6.14 -34.08
N SER GA 65 75.93 4.98 -33.78
CA SER GA 65 76.02 3.90 -34.75
C SER GA 65 75.69 2.55 -34.10
N GLY GA 66 75.08 1.67 -34.89
CA GLY GA 66 74.72 0.36 -34.38
C GLY GA 66 75.32 -0.77 -35.19
N SER GA 67 76.12 -1.61 -34.52
CA SER GA 67 76.76 -2.74 -35.18
C SER GA 67 76.18 -4.04 -34.63
N LYS GA 68 76.28 -5.11 -35.42
CA LYS GA 68 75.78 -6.42 -35.03
C LYS GA 68 76.58 -7.55 -35.66
N SER GA 69 76.95 -8.53 -34.84
CA SER GA 69 77.72 -9.67 -35.31
C SER GA 69 77.65 -10.86 -34.36
N GLY GA 70 77.65 -12.06 -34.92
CA GLY GA 70 77.60 -13.26 -34.11
C GLY GA 70 76.41 -13.35 -33.18
N THR GA 71 76.69 -13.53 -31.89
CA THR GA 71 75.66 -13.66 -30.87
C THR GA 71 75.41 -12.35 -30.14
N SER GA 72 75.85 -11.24 -30.71
CA SER GA 72 75.66 -9.95 -30.06
C SER GA 72 75.79 -8.75 -31.00
N ALA GA 73 75.35 -7.59 -30.51
CA ALA GA 73 75.41 -6.34 -31.26
C ALA GA 73 75.59 -5.21 -30.26
N SER GA 74 76.08 -4.06 -30.72
CA SER GA 74 76.30 -2.92 -29.83
C SER GA 74 76.05 -1.56 -30.47
N LEU GA 75 76.01 -0.54 -29.61
CA LEU GA 75 75.80 0.84 -30.03
C LEU GA 75 77.00 1.70 -29.67
N ALA GA 76 77.55 2.40 -30.66
CA ALA GA 76 78.70 3.27 -30.44
C ALA GA 76 78.28 4.74 -30.46
N ILE GA 77 78.83 5.52 -29.54
CA ILE GA 77 78.52 6.94 -29.45
C ILE GA 77 79.80 7.78 -29.44
N THR GA 78 79.94 8.65 -30.43
CA THR GA 78 81.11 9.50 -30.54
C THR GA 78 80.80 10.95 -30.16
N GLY GA 79 81.82 11.70 -29.79
CA GLY GA 79 81.62 13.09 -29.40
C GLY GA 79 80.57 13.22 -28.32
N LEU GA 80 80.60 12.31 -27.36
CA LEU GA 80 79.65 12.31 -26.26
C LEU GA 80 79.45 13.71 -25.69
N GLN GA 81 78.20 14.18 -25.71
CA GLN GA 81 77.87 15.50 -25.19
C GLN GA 81 77.16 15.35 -23.85
N ALA GA 82 76.96 16.48 -23.17
CA ALA GA 82 76.28 16.47 -21.88
C ALA GA 82 74.92 15.79 -22.02
N GLU GA 83 74.12 16.29 -22.95
CA GLU GA 83 72.77 15.77 -23.20
C GLU GA 83 72.78 14.26 -23.44
N ASP GA 84 73.75 13.79 -24.20
CA ASP GA 84 73.87 12.38 -24.54
C ASP GA 84 73.69 11.35 -23.42
N GLU GA 85 73.77 11.79 -22.17
CA GLU GA 85 73.61 10.85 -21.06
C GLU GA 85 72.14 10.58 -20.77
N ALA GA 86 71.80 9.29 -20.71
CA ALA GA 86 70.44 8.85 -20.42
C ALA GA 86 70.43 7.34 -20.26
N ASP GA 87 69.25 6.75 -20.16
CA ASP GA 87 69.13 5.30 -20.03
C ASP GA 87 68.94 4.71 -21.41
N TYR GA 88 69.74 3.70 -21.73
CA TYR GA 88 69.67 3.05 -23.04
C TYR GA 88 69.22 1.60 -22.90
N TYR GA 89 68.41 1.16 -23.86
CA TYR GA 89 67.89 -0.21 -23.86
C TYR GA 89 68.00 -0.82 -25.27
N CYS GA 90 68.63 -1.98 -25.37
CA CYS GA 90 68.76 -2.63 -26.66
C CYS GA 90 67.57 -3.53 -26.95
N GLN GA 91 66.60 -2.97 -27.66
CA GLN GA 91 65.38 -3.69 -28.01
C GLN GA 91 65.59 -4.60 -29.22
N SER GA 92 64.99 -5.79 -29.15
CA SER GA 92 65.09 -6.75 -30.23
C SER GA 92 63.90 -7.70 -30.20
N TYR GA 93 63.87 -8.65 -31.13
CA TYR GA 93 62.77 -9.60 -31.22
C TYR GA 93 63.32 -11.02 -31.30
N ASP GA 94 62.65 -11.95 -30.61
CA ASP GA 94 63.07 -13.34 -30.60
C ASP GA 94 61.99 -14.26 -31.16
N SER GA 95 62.32 -15.54 -31.32
CA SER GA 95 61.38 -16.52 -31.86
C SER GA 95 61.03 -17.63 -30.88
N SER GA 96 62.05 -18.20 -30.24
CA SER GA 96 61.85 -19.29 -29.29
C SER GA 96 60.82 -18.89 -28.23
N LEU GA 97 60.69 -17.59 -28.00
CA LEU GA 97 59.76 -17.06 -27.02
C LEU GA 97 58.55 -16.44 -27.72
N SER GA 98 58.48 -16.65 -29.03
CA SER GA 98 57.40 -16.13 -29.85
C SER GA 98 57.07 -14.67 -29.50
N GLY GA 99 58.11 -13.90 -29.18
CA GLY GA 99 57.91 -12.51 -28.83
C GLY GA 99 59.16 -11.68 -28.99
N SER GA 100 59.12 -10.45 -28.49
CA SER GA 100 60.26 -9.55 -28.56
C SER GA 100 60.95 -9.43 -27.21
N VAL GA 101 62.28 -9.32 -27.24
CA VAL GA 101 63.06 -9.21 -26.01
C VAL GA 101 63.59 -7.79 -25.79
N PHE GA 102 63.75 -7.42 -24.53
CA PHE GA 102 64.24 -6.09 -24.17
C PHE GA 102 65.58 -6.18 -23.42
N GLY GA 103 66.28 -5.06 -23.35
CA GLY GA 103 67.55 -5.04 -22.66
C GLY GA 103 67.44 -4.68 -21.20
N GLY GA 104 68.23 -5.36 -20.35
CA GLY GA 104 68.21 -5.09 -18.93
C GLY GA 104 68.30 -3.60 -18.65
N GLY GA 105 69.26 -2.94 -19.28
CA GLY GA 105 69.43 -1.52 -19.09
C GLY GA 105 70.87 -1.08 -18.95
N THR GA 106 71.10 0.23 -19.10
CA THR GA 106 72.42 0.83 -18.99
C THR GA 106 72.26 2.27 -18.55
N LYS GA 107 73.24 2.79 -17.81
CA LYS GA 107 73.19 4.18 -17.35
C LYS GA 107 74.41 4.98 -17.81
N LEU GA 108 74.26 5.64 -18.94
CA LEU GA 108 75.32 6.46 -19.51
C LEU GA 108 75.43 7.80 -18.79
N THR GA 109 76.61 8.09 -18.27
CA THR GA 109 76.84 9.34 -17.56
C THR GA 109 78.10 10.00 -18.11
N VAL GA 110 78.01 11.27 -18.48
CA VAL GA 110 79.15 12.00 -19.00
C VAL GA 110 80.08 12.41 -17.86
N LEU GA 111 81.26 11.82 -17.80
CA LEU GA 111 82.23 12.14 -16.75
C LEU GA 111 82.68 13.59 -16.80
N GLY GA 112 82.78 14.21 -15.62
CA GLY GA 112 83.24 15.58 -15.56
C GLY GA 112 82.58 16.48 -14.53
N GLN GA 113 81.62 15.95 -13.77
CA GLN GA 113 80.95 16.74 -12.75
C GLN GA 113 81.63 16.55 -11.40
N PRO GA 114 81.74 17.63 -10.61
CA PRO GA 114 82.39 17.56 -9.28
C PRO GA 114 81.51 16.96 -8.19
N LYS GA 115 82.13 16.18 -7.30
CA LYS GA 115 81.41 15.56 -6.20
C LYS GA 115 80.91 16.64 -5.25
N ALA GA 116 79.73 16.41 -4.69
CA ALA GA 116 79.13 17.38 -3.78
C ALA GA 116 78.82 16.77 -2.42
N ALA GA 117 78.90 17.59 -1.37
CA ALA GA 117 78.64 17.15 -0.01
C ALA GA 117 77.17 17.34 0.35
N PRO GA 118 76.57 16.33 0.99
CA PRO GA 118 75.16 16.36 1.40
C PRO GA 118 74.80 17.52 2.33
N SER GA 119 73.72 18.22 2.01
CA SER GA 119 73.25 19.33 2.82
C SER GA 119 72.10 18.79 3.65
N VAL GA 120 72.40 18.38 4.88
CA VAL GA 120 71.39 17.82 5.76
C VAL GA 120 70.71 18.85 6.65
N THR GA 121 69.38 18.84 6.61
CA THR GA 121 68.57 19.74 7.42
C THR GA 121 67.59 18.85 8.17
N LEU GA 122 67.85 18.64 9.46
CA LEU GA 122 66.97 17.82 10.28
C LEU GA 122 65.93 18.69 10.94
N PHE GA 123 64.66 18.30 10.80
CA PHE GA 123 63.57 19.06 11.38
C PHE GA 123 62.92 18.38 12.59
N PRO GA 124 62.49 19.18 13.57
CA PRO GA 124 61.84 18.66 14.77
C PRO GA 124 60.35 18.49 14.50
N PRO GA 125 59.66 17.67 15.30
CA PRO GA 125 58.22 17.47 15.09
C PRO GA 125 57.44 18.74 15.41
N SER GA 126 56.48 19.08 14.55
CA SER GA 126 55.66 20.26 14.76
C SER GA 126 54.83 20.12 16.03
N SER GA 127 54.32 21.24 16.52
CA SER GA 127 53.52 21.24 17.74
C SER GA 127 52.20 20.50 17.56
N GLU GA 128 51.51 20.75 16.45
CA GLU GA 128 50.26 20.08 16.17
C GLU GA 128 50.46 18.63 15.76
N GLU GA 129 51.70 18.29 15.40
CA GLU GA 129 52.02 16.93 14.99
C GLU GA 129 52.13 16.07 16.24
N LEU GA 130 53.02 16.46 17.16
CA LEU GA 130 53.19 15.74 18.41
C LEU GA 130 51.90 15.81 19.21
N GLN GA 131 50.98 16.64 18.73
CA GLN GA 131 49.69 16.83 19.38
C GLN GA 131 48.84 15.56 19.21
N ALA GA 132 48.92 14.96 18.02
CA ALA GA 132 48.17 13.75 17.73
C ALA GA 132 48.93 12.52 18.24
N ASN GA 133 49.91 12.77 19.10
CA ASN GA 133 50.72 11.70 19.70
C ASN GA 133 51.52 10.94 18.65
N LYS GA 134 52.20 11.67 17.78
CA LYS GA 134 53.03 11.08 16.74
C LYS GA 134 53.97 12.13 16.14
N ALA GA 135 55.27 11.90 16.33
CA ALA GA 135 56.29 12.81 15.83
C ALA GA 135 56.81 12.36 14.47
N THR GA 136 57.66 13.18 13.87
CA THR GA 136 58.25 12.89 12.57
C THR GA 136 59.51 13.71 12.35
N LEU GA 137 60.63 13.02 12.17
CA LEU GA 137 61.91 13.69 11.95
C LEU GA 137 62.20 13.76 10.45
N VAL GA 138 62.02 14.94 9.88
CA VAL GA 138 62.23 15.17 8.46
C VAL GA 138 63.67 15.52 8.11
N CYS GA 139 64.44 14.52 7.69
CA CYS GA 139 65.83 14.74 7.31
C CYS GA 139 65.86 14.84 5.79
N LEU GA 140 66.33 15.98 5.28
CA LEU GA 140 66.37 16.21 3.85
C LEU GA 140 67.79 16.34 3.33
N ILE GA 141 68.26 15.32 2.63
CA ILE GA 141 69.61 15.32 2.08
C ILE GA 141 69.59 15.80 0.63
N SER GA 142 70.17 16.97 0.38
CA SER GA 142 70.20 17.53 -0.95
C SER GA 142 71.58 18.11 -1.30
N ASP GA 143 71.82 18.28 -2.60
CA ASP GA 143 73.08 18.83 -3.11
C ASP GA 143 74.27 17.90 -3.12
N PHE GA 144 74.04 16.60 -3.29
CA PHE GA 144 75.16 15.64 -3.30
C PHE GA 144 75.36 14.87 -4.60
N TYR GA 145 76.61 14.69 -4.98
CA TYR GA 145 76.98 13.95 -6.17
C TYR GA 145 78.28 13.18 -5.91
N PRO GA 146 78.32 11.90 -6.32
CA PRO GA 146 77.22 11.20 -6.99
C PRO GA 146 76.03 11.03 -6.06
N GLY GA 147 74.87 10.73 -6.63
CA GLY GA 147 73.68 10.55 -5.83
C GLY GA 147 73.64 9.21 -5.12
N ALA GA 148 74.64 8.97 -4.28
CA ALA GA 148 74.71 7.72 -3.52
C ALA GA 148 74.81 8.08 -2.05
N VAL GA 149 73.94 7.49 -1.23
CA VAL GA 149 73.94 7.79 0.19
C VAL GA 149 73.32 6.71 1.06
N THR GA 150 74.08 6.30 2.09
CA THR GA 150 73.61 5.30 3.03
C THR GA 150 73.26 6.07 4.29
N VAL GA 151 71.97 6.25 4.54
CA VAL GA 151 71.52 7.00 5.71
C VAL GA 151 71.34 6.14 6.94
N ALA GA 152 72.03 6.51 8.00
CA ALA GA 152 71.96 5.78 9.27
C ALA GA 152 71.32 6.65 10.34
N TRP GA 153 70.14 6.24 10.80
CA TRP GA 153 69.44 6.97 11.84
C TRP GA 153 69.67 6.27 13.16
N LYS GA 154 70.18 7.00 14.13
CA LYS GA 154 70.48 6.37 15.41
C LYS GA 154 70.09 7.15 16.64
N ALA GA 155 69.65 6.41 17.66
CA ALA GA 155 69.29 6.99 18.94
C ALA GA 155 70.69 7.33 19.45
N ASP GA 156 70.79 7.92 20.62
CA ASP GA 156 72.12 8.26 21.13
C ASP GA 156 72.95 7.00 21.37
N SER GA 157 72.31 5.93 21.79
CA SER GA 157 73.00 4.67 22.08
C SER GA 157 72.78 3.54 21.09
N SER GA 158 71.86 3.70 20.14
CA SER GA 158 71.61 2.62 19.20
C SER GA 158 71.06 3.00 17.84
N PRO GA 159 71.21 2.10 16.85
CA PRO GA 159 70.72 2.32 15.48
C PRO GA 159 69.25 1.93 15.46
N VAL GA 160 68.40 2.84 14.98
CA VAL GA 160 66.97 2.54 14.93
C VAL GA 160 66.49 2.33 13.50
N LYS GA 161 66.00 1.13 13.21
CA LYS GA 161 65.48 0.82 11.89
C LYS GA 161 63.96 0.75 11.89
N ALA GA 162 63.35 1.33 12.92
CA ALA GA 162 61.91 1.36 13.03
C ALA GA 162 61.42 2.68 12.43
N GLY GA 163 60.62 2.58 11.39
CA GLY GA 163 60.13 3.77 10.73
C GLY GA 163 61.22 4.33 9.82
N VAL GA 164 61.97 3.43 9.21
CA VAL GA 164 63.05 3.81 8.31
C VAL GA 164 62.58 3.85 6.86
N GLU GA 165 62.11 5.02 6.44
CA GLU GA 165 61.65 5.22 5.07
C GLU GA 165 62.55 6.24 4.40
N THR GA 166 63.38 5.75 3.47
CA THR GA 166 64.31 6.59 2.75
C THR GA 166 64.03 6.51 1.25
N THR GA 167 63.81 7.66 0.63
CA THR GA 167 63.54 7.70 -0.81
C THR GA 167 64.83 7.82 -1.59
N THR GA 168 65.06 6.87 -2.50
CA THR GA 168 66.27 6.88 -3.32
C THR GA 168 66.46 8.26 -3.94
N PRO GA 169 67.73 8.66 -4.12
CA PRO GA 169 68.09 9.97 -4.69
C PRO GA 169 67.55 10.24 -6.09
N SER GA 170 67.17 11.48 -6.34
CA SER GA 170 66.65 11.92 -7.62
C SER GA 170 67.47 13.12 -8.07
N LYS GA 171 67.68 13.24 -9.38
CA LYS GA 171 68.48 14.33 -9.93
C LYS GA 171 67.82 15.71 -9.78
N GLN GA 172 68.63 16.71 -9.47
CA GLN GA 172 68.15 18.09 -9.32
C GLN GA 172 68.13 18.73 -10.70
N SER GA 173 67.59 19.93 -10.79
CA SER GA 173 67.51 20.64 -12.07
C SER GA 173 68.87 20.76 -12.74
N ASN GA 174 69.91 21.01 -11.95
CA ASN GA 174 71.26 21.12 -12.49
C ASN GA 174 71.79 19.73 -12.83
N ASN GA 175 72.05 18.93 -11.80
CA ASN GA 175 72.55 17.58 -11.98
C ASN GA 175 72.85 16.91 -10.64
N LYS GA 176 72.78 17.68 -9.57
CA LYS GA 176 73.03 17.17 -8.23
C LYS GA 176 71.85 16.32 -7.77
N TYR GA 177 72.11 15.29 -6.96
CA TYR GA 177 71.04 14.43 -6.49
C TYR GA 177 70.48 14.87 -5.14
N ALA GA 178 69.23 14.49 -4.88
CA ALA GA 178 68.57 14.84 -3.62
C ALA GA 178 67.51 13.82 -3.23
N ALA GA 179 67.49 13.47 -1.93
CA ALA GA 179 66.55 12.50 -1.41
C ALA GA 179 66.11 12.88 0.00
N SER GA 180 65.22 12.09 0.58
CA SER GA 180 64.72 12.35 1.93
C SER GA 180 64.63 11.06 2.73
N SER GA 181 64.80 11.18 4.04
CA SER GA 181 64.71 10.02 4.92
C SER GA 181 63.81 10.40 6.09
N TYR GA 182 62.62 9.82 6.12
CA TYR GA 182 61.65 10.09 7.17
C TYR GA 182 61.66 9.00 8.22
N LEU GA 183 61.73 9.39 9.49
CA LEU GA 183 61.72 8.43 10.59
C LEU GA 183 60.88 8.96 11.75
N SER GA 184 59.60 8.60 11.73
CA SER GA 184 58.66 9.03 12.76
C SER GA 184 58.68 8.10 13.96
N LEU GA 185 58.21 8.62 15.09
CA LEU GA 185 58.14 7.87 16.34
C LEU GA 185 57.16 8.52 17.31
N THR GA 186 56.75 7.76 18.31
CA THR GA 186 55.82 8.27 19.31
C THR GA 186 56.50 9.29 20.21
N PRO GA 187 55.73 10.22 20.78
CA PRO GA 187 56.24 11.28 21.66
C PRO GA 187 57.13 10.77 22.81
N GLU GA 188 56.67 9.74 23.50
CA GLU GA 188 57.43 9.17 24.62
C GLU GA 188 58.85 8.82 24.24
N GLN GA 189 59.07 8.51 22.96
CA GLN GA 189 60.40 8.13 22.49
C GLN GA 189 61.22 9.36 22.10
N TRP GA 190 60.54 10.45 21.77
CA TRP GA 190 61.22 11.68 21.41
C TRP GA 190 61.79 12.36 22.65
N LYS GA 191 61.06 12.25 23.75
CA LYS GA 191 61.48 12.82 25.02
C LYS GA 191 62.51 11.93 25.69
N SER GA 192 62.45 10.64 25.38
CA SER GA 192 63.35 9.65 25.94
C SER GA 192 64.83 10.02 25.87
N HIS GA 193 65.31 10.38 24.68
CA HIS GA 193 66.70 10.76 24.50
C HIS GA 193 66.92 12.25 24.37
N ARG GA 194 68.00 12.74 24.96
CA ARG GA 194 68.33 14.15 24.91
C ARG GA 194 68.20 14.77 23.55
N SER GA 195 68.66 14.03 22.54
CA SER GA 195 68.60 14.54 21.18
C SER GA 195 68.83 13.43 20.17
N TYR GA 196 68.11 13.52 19.06
CA TYR GA 196 68.24 12.55 17.99
C TYR GA 196 68.99 13.20 16.84
N SER GA 197 69.87 12.42 16.21
CA SER GA 197 70.66 12.93 15.10
C SER GA 197 70.53 12.11 13.83
N CYS GA 198 70.46 12.81 12.69
CA CYS GA 198 70.34 12.16 11.38
C CYS GA 198 71.71 12.08 10.72
N GLN GA 199 72.28 10.88 10.69
CA GLN GA 199 73.58 10.67 10.08
C GLN GA 199 73.45 10.15 8.66
N VAL GA 200 74.28 10.66 7.77
CA VAL GA 200 74.25 10.26 6.37
C VAL GA 200 75.66 10.05 5.82
N THR GA 201 75.87 8.93 5.15
CA THR GA 201 77.17 8.61 4.58
C THR GA 201 77.20 8.87 3.07
N HIS GA 202 78.21 9.61 2.62
CA HIS GA 202 78.35 9.94 1.21
C HIS GA 202 79.82 10.00 0.81
N GLU GA 203 80.25 9.01 0.04
CA GLU GA 203 81.64 8.93 -0.44
C GLU GA 203 82.66 8.87 0.70
N GLY GA 204 82.25 8.33 1.84
CA GLY GA 204 83.16 8.21 2.96
C GLY GA 204 83.09 9.34 3.97
N SER GA 205 82.47 10.45 3.57
CA SER GA 205 82.34 11.61 4.46
C SER GA 205 80.95 11.63 5.09
N THR GA 206 80.87 12.10 6.32
CA THR GA 206 79.59 12.14 7.03
C THR GA 206 79.18 13.51 7.56
N VAL GA 207 78.05 14.01 7.08
CA VAL GA 207 77.52 15.29 7.52
C VAL GA 207 76.34 14.92 8.43
N GLU GA 208 76.11 15.70 9.48
CA GLU GA 208 75.04 15.38 10.42
C GLU GA 208 74.39 16.59 11.07
N LYS GA 209 73.15 16.41 11.53
CA LYS GA 209 72.39 17.46 12.19
C LYS GA 209 71.57 16.84 13.32
N THR GA 210 71.46 17.56 14.44
CA THR GA 210 70.72 17.04 15.59
C THR GA 210 69.73 18.06 16.14
N VAL GA 211 68.66 17.56 16.76
CA VAL GA 211 67.64 18.42 17.35
C VAL GA 211 67.11 17.79 18.63
N ALA GA 212 66.92 18.61 19.66
CA ALA GA 212 66.43 18.14 20.95
C ALA GA 212 65.10 18.81 21.31
N PRO GA 213 64.30 18.16 22.17
CA PRO GA 213 63.00 18.72 22.57
C PRO GA 213 63.16 19.99 23.40
N SER HA 2 15.88 88.00 -43.45
CA SER HA 2 15.25 87.71 -44.77
C SER HA 2 15.88 86.48 -45.40
N VAL HA 3 15.75 86.38 -46.72
CA VAL HA 3 16.30 85.26 -47.48
C VAL HA 3 17.66 84.86 -46.94
N LEU HA 4 17.88 83.55 -46.78
CA LEU HA 4 19.15 83.06 -46.28
C LEU HA 4 20.27 83.51 -47.20
N THR HA 5 21.48 83.61 -46.65
CA THR HA 5 22.63 84.03 -47.44
C THR HA 5 23.17 82.85 -48.24
N GLN HA 6 23.07 82.94 -49.56
CA GLN HA 6 23.54 81.87 -50.43
C GLN HA 6 24.40 82.49 -51.54
N PRO HA 7 25.34 81.72 -52.10
CA PRO HA 7 26.20 82.25 -53.17
C PRO HA 7 25.47 82.40 -54.50
N PRO HA 8 25.79 83.45 -55.26
CA PRO HA 8 25.14 83.69 -56.55
C PRO HA 8 25.33 82.52 -57.52
N SER HA 9 26.54 81.96 -57.53
CA SER HA 9 26.85 80.85 -58.41
C SER HA 9 28.09 80.06 -57.96
N VAL HA 10 28.16 78.82 -58.42
CA VAL HA 10 29.28 77.93 -58.10
C VAL HA 10 29.51 77.06 -59.33
N SER HA 11 30.77 76.76 -59.62
CA SER HA 11 31.09 75.94 -60.79
C SER HA 11 32.43 75.23 -60.69
N GLY HA 12 32.45 73.97 -61.13
CA GLY HA 12 33.67 73.20 -61.09
C GLY HA 12 33.78 72.24 -62.26
N ALA HA 13 34.88 71.51 -62.33
CA ALA HA 13 35.11 70.55 -63.41
C ALA HA 13 34.40 69.24 -63.09
N PRO HA 14 34.15 68.41 -64.12
CA PRO HA 14 33.49 67.12 -63.90
C PRO HA 14 34.26 66.24 -62.93
N GLY HA 15 33.57 65.68 -61.95
CA GLY HA 15 34.23 64.82 -60.98
C GLY HA 15 35.01 65.54 -59.90
N GLN HA 16 34.46 66.64 -59.39
CA GLN HA 16 35.11 67.40 -58.33
C GLN HA 16 34.15 67.73 -57.21
N ARG HA 17 34.67 68.36 -56.16
CA ARG HA 17 33.88 68.73 -55.00
C ARG HA 17 33.55 70.21 -54.94
N VAL HA 18 32.26 70.53 -55.05
CA VAL HA 18 31.79 71.91 -54.99
C VAL HA 18 30.98 72.12 -53.72
N THR HA 19 31.28 73.19 -52.99
CA THR HA 19 30.58 73.51 -51.76
C THR HA 19 29.73 74.76 -51.90
N ILE HA 20 28.48 74.67 -51.45
CA ILE HA 20 27.55 75.78 -51.51
C ILE HA 20 27.32 76.31 -50.10
N SER HA 21 27.91 77.46 -49.80
CA SER HA 21 27.80 78.07 -48.46
C SER HA 21 26.46 78.76 -48.21
N CYS HA 22 25.87 78.46 -47.06
CA CYS HA 22 24.57 79.02 -46.67
C CYS HA 22 24.59 79.44 -45.20
N THR HA 23 24.70 80.74 -44.95
CA THR HA 23 24.74 81.26 -43.59
C THR HA 23 23.38 81.82 -43.16
N GLY HA 24 23.08 81.71 -41.87
CA GLY HA 24 21.81 82.20 -41.36
C GLY HA 24 21.91 83.18 -40.21
N SER HA 25 20.76 83.70 -39.76
CA SER HA 25 20.70 84.66 -38.67
C SER HA 25 20.63 83.96 -37.31
N SER HA 26 21.03 84.68 -36.26
CA SER HA 26 21.04 84.14 -34.90
C SER HA 26 19.75 83.37 -34.56
N SER HA 27 18.65 83.80 -35.15
CA SER HA 27 17.37 83.13 -34.92
C SER HA 27 17.43 81.71 -35.47
N ASN HA 28 18.04 81.57 -36.64
CA ASN HA 28 18.20 80.29 -37.30
C ASN HA 28 19.47 79.59 -36.81
N ILE HA 29 20.48 80.40 -36.51
CA ILE HA 29 21.77 79.90 -36.02
C ILE HA 29 21.67 79.05 -34.76
N GLY HA 30 21.45 79.71 -33.62
CA GLY HA 30 21.35 78.99 -32.37
C GLY HA 30 20.29 77.91 -32.38
N ALA HA 31 19.34 78.03 -33.28
CA ALA HA 31 18.25 77.06 -33.39
C ALA HA 31 18.65 75.89 -34.27
N GLY HA 32 19.52 76.15 -35.24
CA GLY HA 32 19.96 75.11 -36.15
C GLY HA 32 18.82 74.24 -36.64
N TYR HA 33 17.62 74.82 -36.66
CA TYR HA 33 16.44 74.07 -37.11
C TYR HA 33 16.80 73.33 -38.39
N ALA HA 34 16.45 72.05 -38.42
CA ALA HA 34 16.73 71.18 -39.58
C ALA HA 34 16.80 71.96 -40.88
N VAL HA 35 17.97 71.93 -41.51
CA VAL HA 35 18.19 72.63 -42.77
C VAL HA 35 18.21 71.61 -43.91
N HIS HA 36 17.52 71.94 -45.00
CA HIS HA 36 17.46 71.03 -46.15
C HIS HA 36 17.84 71.75 -47.44
N TRP HA 37 18.13 70.98 -48.48
CA TRP HA 37 18.51 71.53 -49.77
C TRP HA 37 17.66 70.92 -50.87
N TYR HA 38 17.24 71.75 -51.83
CA TYR HA 38 16.41 71.29 -52.93
C TYR HA 38 17.05 71.53 -54.29
N GLN HA 39 17.12 70.47 -55.10
CA GLN HA 39 17.69 70.54 -56.43
C GLN HA 39 16.61 70.85 -57.46
N GLN HA 40 16.65 72.05 -58.03
CA GLN HA 40 15.65 72.43 -59.03
C GLN HA 40 16.23 72.39 -60.43
N LEU HA 41 16.04 71.26 -61.11
CA LEU HA 41 16.53 71.10 -62.48
C LEU HA 41 16.00 72.21 -63.38
N PRO HA 42 16.60 72.39 -64.56
CA PRO HA 42 16.18 73.43 -65.50
C PRO HA 42 14.75 73.26 -66.01
N GLY HA 43 13.88 74.19 -65.62
CA GLY HA 43 12.49 74.14 -66.06
C GLY HA 43 11.68 72.98 -65.52
N THR HA 44 11.87 72.66 -64.24
CA THR HA 44 11.15 71.56 -63.61
C THR HA 44 10.97 71.78 -62.12
N ALA HA 45 9.84 71.33 -61.59
CA ALA HA 45 9.51 71.49 -60.18
C ALA HA 45 10.64 71.01 -59.28
N PRO HA 46 10.90 71.74 -58.17
CA PRO HA 46 11.95 71.41 -57.21
C PRO HA 46 11.85 70.01 -56.64
N LYS HA 47 12.89 69.56 -55.97
CA LYS HA 47 12.94 68.23 -55.37
C LYS HA 47 13.82 68.22 -54.12
N LEU HA 48 13.56 67.28 -53.22
CA LEU HA 48 14.34 67.16 -52.00
C LEU HA 48 15.69 66.51 -52.29
N LEU HA 49 16.74 67.32 -52.27
CA LEU HA 49 18.09 66.84 -52.54
C LEU HA 49 18.70 66.17 -51.31
N ILE HA 50 18.59 66.87 -50.17
CA ILE HA 50 19.10 66.37 -48.89
C ILE HA 50 18.29 66.99 -47.78
N SER HA 51 17.86 66.18 -46.81
CA SER HA 51 17.04 66.69 -45.71
C SER HA 51 17.71 66.55 -44.34
N GLY HA 52 16.90 66.75 -43.30
CA GLY HA 52 17.34 66.65 -41.91
C GLY HA 52 18.83 66.69 -41.59
N ASN HA 53 19.55 67.63 -42.19
CA ASN HA 53 20.99 67.75 -41.95
C ASN HA 53 21.74 66.48 -42.36
N SER HA 54 21.68 66.17 -43.65
CA SER HA 54 22.33 65.00 -44.26
C SER HA 54 21.40 63.80 -44.30
N ASN HA 55 20.16 63.98 -43.85
CA ASN HA 55 19.19 62.90 -43.88
C ASN HA 55 19.03 62.68 -45.39
N ARG HA 56 19.26 61.45 -45.82
CA ARG HA 56 19.22 61.13 -47.25
C ARG HA 56 17.88 60.80 -47.90
N PRO HA 57 17.59 61.47 -49.03
CA PRO HA 57 16.35 61.25 -49.77
C PRO HA 57 16.57 59.96 -50.55
N SER HA 58 15.51 59.18 -50.74
CA SER HA 58 15.65 57.92 -51.47
C SER HA 58 15.84 58.15 -52.97
N GLY HA 59 16.85 57.49 -53.54
CA GLY HA 59 17.10 57.62 -54.96
C GLY HA 59 18.15 58.65 -55.35
N VAL HA 60 18.60 59.45 -54.39
CA VAL HA 60 19.61 60.47 -54.66
C VAL HA 60 21.01 59.97 -54.35
N PRO HA 61 21.92 60.03 -55.34
CA PRO HA 61 23.31 59.59 -55.19
C PRO HA 61 23.95 60.10 -53.90
N ASP HA 62 24.71 59.23 -53.23
CA ASP HA 62 25.37 59.58 -51.99
C ASP HA 62 26.48 60.62 -52.16
N ARG HA 63 26.82 60.94 -53.40
CA ARG HA 63 27.87 61.93 -53.66
C ARG HA 63 27.46 63.29 -53.10
N PHE HA 64 26.22 63.37 -52.62
CA PHE HA 64 25.68 64.60 -52.05
C PHE HA 64 25.69 64.48 -50.52
N SER HA 65 26.25 65.49 -49.87
CA SER HA 65 26.34 65.49 -48.41
C SER HA 65 26.00 66.87 -47.84
N GLY HA 66 25.40 66.88 -46.66
CA GLY HA 66 25.04 68.13 -46.02
C GLY HA 66 25.63 68.29 -44.65
N SER HA 67 26.41 69.35 -44.46
CA SER HA 67 27.05 69.62 -43.17
C SER HA 67 26.46 70.90 -42.57
N LYS HA 68 26.58 71.03 -41.26
CA LYS HA 68 26.07 72.20 -40.56
C LYS HA 68 26.86 72.48 -39.29
N SER HA 69 27.25 73.75 -39.10
CA SER HA 69 28.01 74.14 -37.92
C SER HA 69 27.96 75.65 -37.69
N GLY HA 70 27.93 76.04 -36.43
CA GLY HA 70 27.89 77.45 -36.08
C GLY HA 70 26.71 78.22 -36.65
N THR HA 71 27.02 79.28 -37.38
CA THR HA 71 26.00 80.14 -37.98
C THR HA 71 25.76 79.81 -39.45
N SER HA 72 26.18 78.62 -39.88
CA SER HA 72 26.01 78.24 -41.28
C SER HA 72 26.13 76.75 -41.53
N ALA HA 73 25.70 76.33 -42.72
CA ALA HA 73 25.73 74.94 -43.15
C ALA HA 73 25.93 74.92 -44.66
N SER HA 74 26.44 73.81 -45.19
CA SER HA 74 26.67 73.71 -46.63
C SER HA 74 26.42 72.33 -47.22
N LEU HA 75 26.38 72.28 -48.55
CA LEU HA 75 26.16 71.04 -49.29
C LEU HA 75 27.37 70.73 -50.18
N ALA HA 76 27.91 69.52 -50.03
CA ALA HA 76 29.06 69.10 -50.81
C ALA HA 76 28.64 68.11 -51.88
N ILE HA 77 29.20 68.26 -53.08
CA ILE HA 77 28.89 67.38 -54.20
C ILE HA 77 30.17 66.82 -54.81
N THR HA 78 30.30 65.50 -54.80
CA THR HA 78 31.48 64.83 -55.35
C THR HA 78 31.16 64.15 -56.68
N GLY HA 79 32.19 63.92 -57.48
CA GLY HA 79 31.99 63.27 -58.76
C GLY HA 79 30.95 63.99 -59.59
N LEU HA 80 30.99 65.31 -59.57
CA LEU HA 80 30.05 66.14 -60.31
C LEU HA 80 29.85 65.63 -61.73
N GLN HA 81 28.61 65.31 -62.08
CA GLN HA 81 28.29 64.82 -63.41
C GLN HA 81 27.60 65.91 -64.21
N ALA HA 82 27.39 65.67 -65.49
CA ALA HA 82 26.73 66.64 -66.34
C ALA HA 82 25.36 67.00 -65.78
N GLU HA 83 24.56 65.97 -65.52
CA GLU HA 83 23.21 66.14 -64.98
C GLU HA 83 23.21 66.97 -63.70
N ASP HA 84 24.19 66.73 -62.84
CA ASP HA 84 24.30 67.42 -61.55
C ASP HA 84 24.11 68.94 -61.55
N GLU HA 85 24.24 69.58 -62.71
CA GLU HA 85 24.08 71.03 -62.76
C GLU HA 85 22.61 71.44 -62.75
N ALA HA 86 22.26 72.35 -61.84
CA ALA HA 86 20.90 72.85 -61.71
C ALA HA 86 20.90 73.98 -60.70
N ASP HA 87 19.71 74.48 -60.35
CA ASP HA 87 19.58 75.54 -59.37
C ASP HA 87 19.40 74.90 -58.00
N TYR HA 88 20.18 75.34 -57.02
CA TYR HA 88 20.10 74.81 -55.67
C TYR HA 88 19.66 75.88 -54.68
N TYR HA 89 18.82 75.48 -53.73
CA TYR HA 89 18.31 76.40 -52.70
C TYR HA 89 18.40 75.76 -51.32
N CYS HA 90 19.03 76.46 -50.38
CA CYS HA 90 19.15 75.92 -49.02
C CYS HA 90 17.95 76.32 -48.18
N GLN HA 91 16.98 75.43 -48.11
CA GLN HA 91 15.75 75.65 -47.35
C GLN HA 91 15.95 75.37 -45.87
N SER HA 92 15.35 76.22 -45.03
CA SER HA 92 15.45 76.06 -43.59
C SER HA 92 14.25 76.71 -42.91
N TYR HA 93 14.21 76.65 -41.59
CA TYR HA 93 13.11 77.22 -40.83
C TYR HA 93 13.64 78.12 -39.71
N ASP HA 94 12.98 79.24 -39.50
CA ASP HA 94 13.41 80.19 -38.46
C ASP HA 94 12.33 80.39 -37.41
N SER HA 95 12.64 81.15 -36.37
CA SER HA 95 11.69 81.40 -35.29
C SER HA 95 11.35 82.88 -35.12
N SER HA 96 12.37 83.74 -35.11
CA SER HA 96 12.17 85.17 -34.95
C SER HA 96 11.15 85.70 -35.96
N LEU HA 97 11.04 85.00 -37.09
CA LEU HA 97 10.12 85.39 -38.14
C LEU HA 97 8.90 84.47 -38.13
N SER HA 98 8.82 83.62 -37.11
CA SER HA 98 7.73 82.66 -36.96
C SER HA 98 7.40 81.96 -38.27
N GLY HA 99 8.44 81.66 -39.05
CA GLY HA 99 8.25 81.00 -40.32
C GLY HA 99 9.49 80.30 -40.83
N SER HA 100 9.47 79.89 -42.08
CA SER HA 100 10.60 79.22 -42.70
C SER HA 100 11.31 80.13 -43.68
N VAL HA 101 12.64 80.02 -43.73
CA VAL HA 101 13.44 80.86 -44.63
C VAL HA 101 13.97 80.06 -45.83
N PHE HA 102 14.14 80.75 -46.94
CA PHE HA 102 14.65 80.12 -48.17
C PHE HA 102 15.98 80.72 -48.60
N GLY HA 103 16.69 80.01 -49.47
CA GLY HA 103 17.97 80.49 -49.94
C GLY HA 103 17.88 81.35 -51.19
N GLY HA 104 18.68 82.41 -51.24
CA GLY HA 104 18.66 83.29 -52.39
C GLY HA 104 18.76 82.51 -53.68
N GLY HA 105 19.72 81.58 -53.74
CA GLY HA 105 19.90 80.77 -54.92
C GLY HA 105 21.34 80.57 -55.32
N THR HA 106 21.57 79.59 -56.19
CA THR HA 106 22.91 79.26 -56.69
C THR HA 106 22.75 78.62 -58.07
N LYS HA 107 23.73 78.83 -58.95
CA LYS HA 107 23.69 78.25 -60.28
C LYS HA 107 24.90 77.38 -60.55
N LEU HA 108 24.75 76.08 -60.30
CA LEU HA 108 25.81 75.11 -60.52
C LEU HA 108 25.91 74.76 -62.00
N THR HA 109 27.11 74.93 -62.56
CA THR HA 109 27.33 74.62 -63.95
C THR HA 109 28.59 73.77 -64.07
N VAL HA 110 28.48 72.64 -64.77
CA VAL HA 110 29.62 71.75 -64.94
C VAL HA 110 30.59 72.30 -65.98
N LEU HA 111 31.78 72.66 -65.51
CA LEU HA 111 32.84 73.22 -66.34
C LEU HA 111 33.28 72.28 -67.45
N GLY HA 112 33.51 72.84 -68.63
CA GLY HA 112 33.97 72.04 -69.74
C GLY HA 112 33.18 72.15 -71.03
N GLN HA 113 32.32 73.16 -71.14
CA GLN HA 113 31.54 73.33 -72.37
C GLN HA 113 32.18 74.39 -73.25
N PRO HA 114 32.22 74.15 -74.58
CA PRO HA 114 32.82 75.11 -75.51
C PRO HA 114 31.92 76.30 -75.83
N LYS HA 115 32.54 77.47 -75.95
CA LYS HA 115 31.82 78.69 -76.25
C LYS HA 115 31.32 78.66 -77.69
N ALA HA 116 30.14 79.24 -77.91
CA ALA HA 116 29.55 79.26 -79.24
C ALA HA 116 29.25 80.67 -79.72
N ALA HA 117 29.34 80.88 -81.03
CA ALA HA 117 29.09 82.18 -81.63
C ALA HA 117 27.62 82.34 -82.02
N PRO HA 118 27.02 83.49 -81.70
CA PRO HA 118 25.62 83.79 -82.01
C PRO HA 118 25.28 83.68 -83.49
N SER HA 119 24.18 82.98 -83.79
CA SER HA 119 23.72 82.83 -85.17
C SER HA 119 22.57 83.81 -85.33
N VAL HA 120 22.89 84.99 -85.87
CA VAL HA 120 21.88 86.03 -86.04
C VAL HA 120 21.20 86.00 -87.40
N THR HA 121 19.88 85.98 -87.38
CA THR HA 121 19.07 85.99 -88.58
C THR HA 121 18.09 87.14 -88.44
N LEU HA 122 18.36 88.23 -89.16
CA LEU HA 122 17.50 89.40 -89.10
C LEU HA 122 16.46 89.31 -90.21
N PHE HA 123 15.20 89.47 -89.84
CA PHE HA 123 14.10 89.41 -90.80
C PHE HA 123 13.48 90.75 -91.10
N PRO HA 124 13.04 90.95 -92.36
CA PRO HA 124 12.41 92.20 -92.79
C PRO HA 124 10.91 92.12 -92.48
N PRO HA 125 10.24 93.27 -92.43
CA PRO HA 125 8.80 93.27 -92.16
C PRO HA 125 8.01 92.64 -93.30
N SER HA 126 7.06 91.79 -92.97
CA SER HA 126 6.24 91.14 -94.00
C SER HA 126 5.42 92.18 -94.75
N SER HA 127 4.90 91.79 -95.92
CA SER HA 127 4.11 92.69 -96.74
C SER HA 127 2.79 93.07 -96.07
N GLU HA 128 2.10 92.08 -95.52
CA GLU HA 128 0.83 92.34 -94.84
C GLU HA 128 1.05 93.02 -93.50
N GLU HA 129 2.27 92.95 -92.99
CA GLU HA 129 2.59 93.58 -91.70
C GLU HA 129 2.72 95.08 -91.92
N LEU HA 130 3.61 95.48 -92.82
CA LEU HA 130 3.80 96.89 -93.13
C LEU HA 130 2.52 97.44 -93.74
N GLN HA 131 1.58 96.53 -94.03
CA GLN HA 131 0.29 96.90 -94.60
C GLN HA 131 -0.55 97.63 -93.56
N ALA HA 132 -0.48 97.16 -92.32
CA ALA HA 132 -1.22 97.76 -91.22
C ALA HA 132 -0.46 98.96 -90.66
N ASN HA 133 0.52 99.43 -91.42
CA ASN HA 133 1.33 100.58 -91.04
C ASN HA 133 2.13 100.33 -89.75
N LYS HA 134 2.81 99.19 -89.72
CA LYS HA 134 3.63 98.81 -88.57
C LYS HA 134 4.56 97.66 -88.94
N ALA HA 135 5.86 97.93 -88.89
CA ALA HA 135 6.87 96.94 -89.22
C ALA HA 135 7.39 96.25 -87.97
N THR HA 136 8.24 95.24 -88.17
CA THR HA 136 8.82 94.48 -87.07
C THR HA 136 10.07 93.75 -87.52
N LEU HA 137 11.19 94.09 -86.89
CA LEU HA 137 12.47 93.46 -87.22
C LEU HA 137 12.74 92.30 -86.26
N VAL HA 138 12.55 91.09 -86.76
CA VAL HA 138 12.75 89.88 -85.95
C VAL HA 138 14.19 89.38 -85.97
N CYS HA 139 14.96 89.73 -84.95
CA CYS HA 139 16.35 89.29 -84.85
C CYS HA 139 16.36 88.11 -83.90
N LEU HA 140 16.82 86.96 -84.39
CA LEU HA 140 16.85 85.75 -83.59
C LEU HA 140 18.27 85.27 -83.34
N ILE HA 141 18.73 85.43 -82.10
CA ILE HA 141 20.08 85.02 -81.72
C ILE HA 141 20.04 83.62 -81.11
N SER HA 142 20.63 82.66 -81.80
CA SER HA 142 20.65 81.28 -81.31
C SER HA 142 22.02 80.63 -81.49
N ASP HA 143 22.25 79.56 -80.73
CA ASP HA 143 23.50 78.80 -80.80
C ASP HA 143 24.70 79.42 -80.09
N PHE HA 144 24.46 80.18 -79.02
CA PHE HA 144 25.58 80.81 -78.32
C PHE HA 144 25.77 80.38 -76.86
N TYR HA 145 27.04 80.20 -76.48
CA TYR HA 145 27.39 79.82 -75.11
C TYR HA 145 28.69 80.52 -74.72
N PRO HA 146 28.74 81.09 -73.50
CA PRO HA 146 27.63 81.08 -72.54
C PRO HA 146 26.45 81.88 -73.05
N GLY HA 147 25.28 81.68 -72.44
CA GLY HA 147 24.10 82.40 -72.86
C GLY HA 147 24.07 83.83 -72.35
N ALA HA 148 25.07 84.61 -72.73
CA ALA HA 148 25.16 86.00 -72.32
C ALA HA 148 25.27 86.85 -73.59
N VAL HA 149 24.40 87.84 -73.71
CA VAL HA 149 24.41 88.68 -74.89
C VAL HA 149 23.81 90.07 -74.69
N THR HA 150 24.57 91.09 -75.07
CA THR HA 150 24.13 92.47 -74.96
C THR HA 150 23.78 92.87 -76.40
N VAL HA 151 22.48 92.96 -76.69
CA VAL HA 151 22.04 93.30 -78.03
C VAL HA 151 21.86 94.81 -78.23
N ALA HA 152 22.56 95.34 -79.22
CA ALA HA 152 22.49 96.76 -79.53
C ALA HA 152 21.87 96.97 -80.90
N TRP HA 153 20.69 97.58 -80.93
CA TRP HA 153 19.99 97.86 -82.16
C TRP HA 153 20.24 99.31 -82.53
N LYS HA 154 20.76 99.54 -83.74
CA LYS HA 154 21.06 100.90 -84.14
C LYS HA 154 20.67 101.28 -85.54
N ALA HA 155 20.25 102.53 -85.68
CA ALA HA 155 19.90 103.08 -86.97
C ALA HA 155 21.30 103.22 -87.57
N ASP HA 156 21.41 103.70 -88.80
CA ASP HA 156 22.74 103.82 -89.39
C ASP HA 156 23.59 104.84 -88.61
N SER HA 157 22.94 105.89 -88.11
CA SER HA 157 23.65 106.94 -87.38
C SER HA 157 23.42 106.98 -85.87
N SER HA 158 22.49 106.18 -85.36
CA SER HA 158 22.23 106.22 -83.92
C SER HA 158 21.67 104.96 -83.29
N PRO HA 159 21.82 104.83 -81.96
CA PRO HA 159 21.32 103.69 -81.20
C PRO HA 159 19.85 103.94 -80.89
N VAL HA 160 18.99 103.00 -81.25
CA VAL HA 160 17.56 103.16 -81.01
C VAL HA 160 17.08 102.25 -79.88
N LYS HA 161 16.58 102.86 -78.81
CA LYS HA 161 16.06 102.10 -77.69
C LYS HA 161 14.54 102.16 -77.64
N ALA HA 162 13.94 102.52 -78.77
CA ALA HA 162 12.49 102.58 -78.87
C ALA HA 162 12.00 101.26 -79.43
N GLY HA 163 11.18 100.55 -78.65
CA GLY HA 163 10.69 99.26 -79.10
C GLY HA 163 11.77 98.22 -78.89
N VAL HA 164 12.52 98.37 -77.81
CA VAL HA 164 13.59 97.43 -77.48
C VAL HA 164 13.11 96.34 -76.53
N GLU HA 165 12.63 95.25 -77.11
CA GLU HA 165 12.16 94.11 -76.33
C GLU HA 165 13.06 92.92 -76.62
N THR HA 166 13.89 92.58 -75.64
CA THR HA 166 14.82 91.46 -75.76
C THR HA 166 14.52 90.42 -74.69
N THR HA 167 14.29 89.18 -75.13
CA THR HA 167 14.01 88.10 -74.20
C THR HA 167 15.31 87.42 -73.74
N THR HA 168 15.52 87.41 -72.43
CA THR HA 168 16.72 86.78 -71.88
C THR HA 168 16.91 85.40 -72.48
N PRO HA 169 18.17 84.97 -72.64
CA PRO HA 169 18.52 83.67 -73.21
C PRO HA 169 17.97 82.46 -72.46
N SER HA 170 17.59 81.44 -73.22
CA SER HA 170 17.05 80.21 -72.67
C SER HA 170 17.87 79.05 -73.25
N LYS HA 171 18.07 78.00 -72.45
CA LYS HA 171 18.85 76.86 -72.89
C LYS HA 171 18.19 76.04 -73.99
N GLN HA 172 19.01 75.58 -74.94
CA GLN HA 172 18.52 74.77 -76.06
C GLN HA 172 18.49 73.32 -75.59
N SER HA 173 17.93 72.44 -76.42
CA SER HA 173 17.85 71.02 -76.07
C SER HA 173 19.21 70.43 -75.70
N ASN HA 174 20.25 70.84 -76.42
CA ASN HA 174 21.59 70.36 -76.14
C ASN HA 174 22.13 71.04 -74.88
N ASN HA 175 22.40 72.34 -74.99
CA ASN HA 175 22.89 73.12 -73.87
C ASN HA 175 23.22 74.56 -74.28
N LYS HA 176 23.15 74.83 -75.58
CA LYS HA 176 23.42 76.15 -76.10
C LYS HA 176 22.24 77.08 -75.80
N TYR HA 177 22.52 78.36 -75.57
CA TYR HA 177 21.44 79.31 -75.27
C TYR HA 177 20.89 80.01 -76.51
N ALA HA 178 19.65 80.47 -76.42
CA ALA HA 178 18.99 81.16 -77.52
C ALA HA 178 17.94 82.15 -77.04
N ALA HA 179 17.93 83.33 -77.65
CA ALA HA 179 16.99 84.37 -77.30
C ALA HA 179 16.57 85.16 -78.54
N SER HA 180 15.68 86.14 -78.34
CA SER HA 180 15.19 86.95 -79.44
C SER HA 180 15.11 88.43 -79.04
N SER HA 181 15.29 89.31 -80.01
CA SER HA 181 15.21 90.74 -79.75
C SER HA 181 14.32 91.35 -80.82
N TYR HA 182 13.13 91.77 -80.42
CA TYR HA 182 12.17 92.36 -81.34
C TYR HA 182 12.19 93.88 -81.24
N LEU HA 183 12.26 94.55 -82.39
CA LEU HA 183 12.26 96.01 -82.43
C LEU HA 183 11.43 96.51 -83.60
N SER HA 184 10.16 96.76 -83.34
CA SER HA 184 9.23 97.23 -84.35
C SER HA 184 9.25 98.75 -84.48
N LEU HA 185 8.80 99.23 -85.63
CA LEU HA 185 8.75 100.66 -85.92
C LEU HA 185 7.77 100.93 -87.04
N THR HA 186 7.37 102.19 -87.18
CA THR HA 186 6.44 102.60 -88.23
C THR HA 186 7.14 102.56 -89.58
N PRO HA 187 6.36 102.36 -90.66
CA PRO HA 187 6.89 102.30 -92.03
C PRO HA 187 7.79 103.47 -92.42
N GLU HA 188 7.33 104.69 -92.14
CA GLU HA 188 8.09 105.89 -92.48
C GLU HA 188 9.52 105.84 -91.95
N GLN HA 189 9.72 105.09 -90.86
CA GLN HA 189 11.04 104.98 -90.25
C GLN HA 189 11.86 103.87 -90.90
N TRP HA 190 11.18 102.89 -91.48
CA TRP HA 190 11.84 101.78 -92.15
C TRP HA 190 12.42 102.25 -93.47
N LYS HA 191 11.70 103.14 -94.15
CA LYS HA 191 12.13 103.68 -95.43
C LYS HA 191 13.17 104.78 -95.22
N SER HA 192 13.11 105.41 -94.04
CA SER HA 192 14.02 106.49 -93.69
C SER HA 192 15.50 106.18 -93.91
N HIS HA 193 15.96 105.04 -93.37
CA HIS HA 193 17.36 104.66 -93.52
C HIS HA 193 17.56 103.55 -94.53
N ARG HA 194 18.65 103.65 -95.28
CA ARG HA 194 18.98 102.66 -96.29
C ARG HA 194 18.85 101.24 -95.82
N SER HA 195 19.30 100.98 -94.61
CA SER HA 195 19.25 99.65 -94.06
C SER HA 195 19.46 99.64 -92.56
N TYR HA 196 18.72 98.78 -91.88
CA TYR HA 196 18.85 98.64 -90.44
C TYR HA 196 19.60 97.35 -90.14
N SER HA 197 20.47 97.39 -89.13
CA SER HA 197 21.26 96.23 -88.76
C SER HA 197 21.11 95.84 -87.29
N CYS HA 198 21.02 94.54 -87.04
CA CYS HA 198 20.90 94.02 -85.68
C CYS HA 198 22.26 93.58 -85.17
N GLN HA 199 22.82 94.36 -84.26
CA GLN HA 199 24.13 94.04 -83.69
C GLN HA 199 23.99 93.35 -82.34
N VAL HA 200 24.81 92.33 -82.11
CA VAL HA 200 24.77 91.57 -80.87
C VAL HA 200 26.17 91.30 -80.34
N THR HA 201 26.37 91.57 -79.05
CA THR HA 201 27.68 91.35 -78.42
C THR HA 201 27.69 90.07 -77.60
N HIS HA 202 28.69 89.23 -77.85
CA HIS HA 202 28.83 87.97 -77.14
C HIS HA 202 30.30 87.62 -76.91
N GLU HA 203 30.73 87.70 -75.65
CA GLU HA 203 32.10 87.40 -75.28
C GLU HA 203 33.14 88.27 -75.98
N GLY HA 204 32.73 89.48 -76.36
CA GLY HA 204 33.66 90.38 -77.03
C GLY HA 204 33.60 90.36 -78.54
N SER HA 205 32.97 89.33 -79.10
CA SER HA 205 32.84 89.20 -80.55
C SER HA 205 31.45 89.64 -80.99
N THR HA 206 31.38 90.26 -82.16
CA THR HA 206 30.11 90.75 -82.67
C THR HA 206 29.70 90.22 -84.04
N VAL HA 207 28.56 89.54 -84.09
CA VAL HA 207 28.02 89.01 -85.34
C VAL HA 207 26.85 89.94 -85.68
N GLU HA 208 26.64 90.18 -86.98
CA GLU HA 208 25.57 91.09 -87.37
C GLU HA 208 24.93 90.76 -88.72
N LYS HA 209 23.70 91.23 -88.90
CA LYS HA 209 22.94 91.02 -90.13
C LYS HA 209 22.13 92.28 -90.44
N THR HA 210 22.02 92.62 -91.71
CA THR HA 210 21.30 93.82 -92.12
C THR HA 210 20.31 93.54 -93.25
N VAL HA 211 19.25 94.34 -93.31
CA VAL HA 211 18.22 94.20 -94.34
C VAL HA 211 17.70 95.58 -94.75
N ALA HA 212 17.54 95.78 -96.05
CA ALA HA 212 17.05 97.05 -96.58
C ALA HA 212 15.72 96.87 -97.32
N PRO HA 213 14.93 97.95 -97.43
CA PRO HA 213 13.64 97.88 -98.11
C PRO HA 213 13.79 97.62 -99.61
N SER IA 2 -55.68 80.89 3.72
CA SER IA 2 -56.61 79.73 3.67
C SER IA 2 -57.25 79.62 2.28
N VAL IA 3 -58.39 78.94 2.21
CA VAL IA 3 -59.12 78.74 0.97
C VAL IA 3 -59.06 80.02 0.11
N LEU IA 4 -58.77 79.85 -1.18
CA LEU IA 4 -58.71 80.99 -2.08
C LEU IA 4 -60.05 81.72 -2.08
N THR IA 5 -60.01 83.01 -2.41
CA THR IA 5 -61.21 83.82 -2.44
C THR IA 5 -61.96 83.59 -3.74
N GLN IA 6 -63.14 82.99 -3.65
CA GLN IA 6 -63.95 82.69 -4.82
C GLN IA 6 -65.38 83.19 -4.56
N PRO IA 7 -66.12 83.53 -5.62
CA PRO IA 7 -67.49 84.01 -5.47
C PRO IA 7 -68.47 82.90 -5.09
N PRO IA 8 -69.46 83.21 -4.23
CA PRO IA 8 -70.44 82.20 -3.81
C PRO IA 8 -71.20 81.61 -4.99
N SER IA 9 -71.59 82.46 -5.93
CA SER IA 9 -72.33 82.01 -7.11
C SER IA 9 -72.25 83.01 -8.27
N VAL IA 10 -72.49 82.50 -9.48
CA VAL IA 10 -72.47 83.30 -10.69
C VAL IA 10 -73.55 82.73 -11.61
N SER IA 11 -74.23 83.60 -12.35
CA SER IA 11 -75.29 83.14 -13.25
C SER IA 11 -75.58 84.11 -14.39
N GLY IA 12 -75.79 83.56 -15.58
CA GLY IA 12 -76.09 84.37 -16.74
C GLY IA 12 -77.05 83.69 -17.69
N ALA IA 13 -77.41 84.38 -18.76
CA ALA IA 13 -78.32 83.84 -19.76
C ALA IA 13 -77.56 82.94 -20.74
N PRO IA 14 -78.27 82.05 -21.44
CA PRO IA 14 -77.62 81.15 -22.40
C PRO IA 14 -76.87 81.93 -23.48
N GLY IA 15 -75.63 81.54 -23.74
CA GLY IA 15 -74.85 82.21 -24.76
C GLY IA 15 -74.26 83.55 -24.35
N GLN IA 16 -73.77 83.63 -23.11
CA GLN IA 16 -73.17 84.86 -22.62
C GLN IA 16 -71.83 84.59 -21.95
N ARG IA 17 -71.16 85.66 -21.53
CA ARG IA 17 -69.86 85.55 -20.88
C ARG IA 17 -69.93 85.76 -19.37
N VAL IA 18 -69.58 84.72 -18.63
CA VAL IA 18 -69.58 84.79 -17.17
C VAL IA 18 -68.15 84.66 -16.66
N THR IA 19 -67.78 85.56 -15.75
CA THR IA 19 -66.43 85.55 -15.17
C THR IA 19 -66.45 85.16 -13.70
N ILE IA 20 -65.57 84.24 -13.34
CA ILE IA 20 -65.46 83.76 -11.96
C ILE IA 20 -64.17 84.30 -11.36
N SER IA 21 -64.30 85.30 -10.49
CA SER IA 21 -63.14 85.93 -9.86
C SER IA 21 -62.52 85.11 -8.73
N CYS IA 22 -61.20 84.95 -8.79
CA CYS IA 22 -60.44 84.16 -7.81
C CYS IA 22 -59.18 84.91 -7.39
N THR IA 23 -59.19 85.52 -6.20
CA THR IA 23 -58.04 86.26 -5.70
C THR IA 23 -57.23 85.45 -4.69
N GLY IA 24 -55.93 85.69 -4.64
CA GLY IA 24 -55.07 84.95 -3.73
C GLY IA 24 -54.22 85.82 -2.81
N SER IA 25 -53.44 85.17 -1.94
CA SER IA 25 -52.57 85.87 -1.01
C SER IA 25 -51.19 86.13 -1.61
N SER IA 26 -50.49 87.11 -1.07
CA SER IA 26 -49.16 87.49 -1.56
C SER IA 26 -48.25 86.30 -1.78
N SER IA 27 -48.47 85.22 -1.02
CA SER IA 27 -47.67 84.02 -1.17
C SER IA 27 -47.97 83.39 -2.53
N ASN IA 28 -49.24 83.42 -2.91
CA ASN IA 28 -49.68 82.87 -4.18
C ASN IA 28 -49.61 83.94 -5.27
N ILE IA 29 -49.83 85.19 -4.87
CA ILE IA 29 -49.80 86.33 -5.78
C ILE IA 29 -48.48 86.50 -6.53
N GLY IA 30 -47.45 86.96 -5.82
CA GLY IA 30 -46.15 87.16 -6.44
C GLY IA 30 -45.60 85.91 -7.08
N ALA IA 31 -46.09 84.76 -6.64
CA ALA IA 31 -45.63 83.48 -7.17
C ALA IA 31 -46.42 83.08 -8.41
N GLY IA 32 -47.67 83.53 -8.48
CA GLY IA 32 -48.51 83.21 -9.61
C GLY IA 32 -48.38 81.75 -10.03
N TYR IA 33 -48.06 80.89 -9.06
CA TYR IA 33 -47.92 79.47 -9.35
C TYR IA 33 -49.10 79.02 -10.19
N ALA IA 34 -48.80 78.29 -11.26
CA ALA IA 34 -49.81 77.78 -12.19
C ALA IA 34 -51.17 77.58 -11.51
N VAL IA 35 -52.16 78.33 -11.98
CA VAL IA 35 -53.51 78.23 -11.43
C VAL IA 35 -54.40 77.47 -12.40
N HIS IA 36 -55.19 76.54 -11.88
CA HIS IA 36 -56.07 75.72 -12.72
C HIS IA 36 -57.50 75.76 -12.20
N TRP IA 37 -58.44 75.38 -13.06
CA TRP IA 37 -59.85 75.35 -12.69
C TRP IA 37 -60.46 73.98 -12.99
N TYR IA 38 -61.30 73.51 -12.08
CA TYR IA 38 -61.93 72.20 -12.23
C TYR IA 38 -63.44 72.28 -12.25
N GLN IA 39 -64.04 71.68 -13.29
CA GLN IA 39 -65.49 71.67 -13.44
C GLN IA 39 -66.07 70.41 -12.79
N GLN IA 40 -66.81 70.60 -11.70
CA GLN IA 40 -67.42 69.47 -11.01
C GLN IA 40 -68.91 69.39 -11.27
N LEU IA 41 -69.28 68.59 -12.27
CA LEU IA 41 -70.69 68.41 -12.63
C LEU IA 41 -71.49 67.95 -11.41
N PRO IA 42 -72.83 68.05 -11.48
CA PRO IA 42 -73.69 67.63 -10.36
C PRO IA 42 -73.60 66.15 -10.03
N GLY IA 43 -73.08 65.85 -8.84
CA GLY IA 43 -72.96 64.47 -8.40
C GLY IA 43 -71.99 63.63 -9.20
N THR IA 44 -70.83 64.20 -9.54
CA THR IA 44 -69.81 63.48 -10.31
C THR IA 44 -68.41 64.00 -10.01
N ALA IA 45 -67.44 63.10 -10.00
CA ALA IA 45 -66.05 63.44 -9.73
C ALA IA 45 -65.58 64.62 -10.56
N PRO IA 46 -64.79 65.52 -9.96
CA PRO IA 46 -64.25 66.71 -10.61
C PRO IA 46 -63.46 66.39 -11.89
N LYS IA 47 -63.15 67.43 -12.66
CA LYS IA 47 -62.40 67.27 -13.91
C LYS IA 47 -61.58 68.53 -14.20
N LEU IA 48 -60.52 68.36 -14.98
CA LEU IA 48 -59.66 69.49 -15.34
C LEU IA 48 -60.32 70.33 -16.44
N LEU IA 49 -60.83 71.49 -16.05
CA LEU IA 49 -61.50 72.39 -16.98
C LEU IA 49 -60.49 73.20 -17.79
N ILE IA 50 -59.52 73.79 -17.09
CA ILE IA 50 -58.46 74.56 -17.72
C ILE IA 50 -57.22 74.52 -16.82
N SER IA 51 -56.06 74.29 -17.42
CA SER IA 51 -54.83 74.20 -16.63
C SER IA 51 -53.80 75.28 -16.98
N GLY IA 52 -52.58 75.06 -16.49
CA GLY IA 52 -51.46 75.97 -16.72
C GLY IA 52 -51.72 77.38 -17.20
N ASN IA 53 -52.68 78.06 -16.59
CA ASN IA 53 -53.02 79.43 -16.97
C ASN IA 53 -53.48 79.51 -18.42
N SER IA 54 -54.57 78.81 -18.72
CA SER IA 54 -55.19 78.76 -20.05
C SER IA 54 -54.69 77.57 -20.86
N ASN IA 55 -53.84 76.74 -20.24
CA ASN IA 55 -53.35 75.55 -20.91
C ASN IA 55 -54.61 74.74 -21.09
N ARG IA 56 -54.91 74.37 -22.33
CA ARG IA 56 -56.15 73.65 -22.63
C ARG IA 56 -56.21 72.14 -22.47
N PRO IA 57 -57.24 71.65 -21.76
CA PRO IA 57 -57.43 70.22 -21.53
C PRO IA 57 -58.02 69.68 -22.83
N SER IA 58 -57.69 68.44 -23.18
CA SER IA 58 -58.20 67.87 -24.42
C SER IA 58 -59.67 67.50 -24.30
N GLY IA 59 -60.47 67.93 -25.28
CA GLY IA 59 -61.89 67.63 -25.28
C GLY IA 59 -62.80 68.70 -24.69
N VAL IA 60 -62.21 69.73 -24.10
CA VAL IA 60 -62.99 70.82 -23.51
C VAL IA 60 -63.13 71.99 -24.47
N PRO IA 61 -64.38 72.39 -24.76
CA PRO IA 61 -64.68 73.50 -25.67
C PRO IA 61 -63.82 74.74 -25.40
N ASP IA 62 -63.36 75.38 -26.46
CA ASP IA 62 -62.53 76.56 -26.35
C ASP IA 62 -63.26 77.78 -25.77
N ARG IA 63 -64.57 77.67 -25.61
CA ARG IA 63 -65.34 78.77 -25.05
C ARG IA 63 -64.91 79.07 -23.63
N PHE IA 64 -64.01 78.24 -23.11
CA PHE IA 64 -63.48 78.39 -21.77
C PHE IA 64 -62.08 78.97 -21.85
N SER IA 65 -61.84 80.05 -21.11
CA SER IA 65 -60.54 80.70 -21.10
C SER IA 65 -60.10 81.08 -19.69
N GLY IA 66 -58.80 81.04 -19.44
CA GLY IA 66 -58.28 81.38 -18.13
C GLY IA 66 -57.27 82.50 -18.17
N SER IA 67 -57.57 83.59 -17.47
CA SER IA 67 -56.68 84.75 -17.41
C SER IA 67 -56.12 84.90 -16.00
N LYS IA 68 -54.97 85.57 -15.90
CA LYS IA 68 -54.33 85.79 -14.61
C LYS IA 68 -53.52 87.08 -14.60
N SER IA 69 -53.70 87.88 -13.56
CA SER IA 69 -52.99 89.15 -13.44
C SER IA 69 -52.98 89.67 -12.01
N GLY IA 70 -51.86 90.25 -11.60
CA GLY IA 70 -51.76 90.80 -10.26
C GLY IA 70 -51.96 89.81 -9.14
N THR IA 71 -52.89 90.12 -8.25
CA THR IA 71 -53.19 89.26 -7.11
C THR IA 71 -54.40 88.36 -7.35
N SER IA 72 -54.77 88.19 -8.61
CA SER IA 72 -55.93 87.35 -8.93
C SER IA 72 -55.98 86.88 -10.38
N ALA IA 73 -56.82 85.87 -10.62
CA ALA IA 73 -57.01 85.31 -11.94
C ALA IA 73 -58.47 84.87 -12.07
N SER IA 74 -58.96 84.73 -13.29
CA SER IA 74 -60.34 84.34 -13.49
C SER IA 74 -60.58 83.43 -14.69
N LEU IA 75 -61.78 82.86 -14.76
CA LEU IA 75 -62.19 81.97 -15.84
C LEU IA 75 -63.38 82.56 -16.59
N ALA IA 76 -63.24 82.69 -17.89
CA ALA IA 76 -64.32 83.24 -18.73
C ALA IA 76 -64.98 82.13 -19.53
N ILE IA 77 -66.31 82.18 -19.61
CA ILE IA 77 -67.08 81.19 -20.35
C ILE IA 77 -68.02 81.85 -21.34
N THR IA 78 -67.85 81.54 -22.62
CA THR IA 78 -68.69 82.11 -23.66
C THR IA 78 -69.68 81.09 -24.21
N GLY IA 79 -70.77 81.58 -24.81
CA GLY IA 79 -71.77 80.69 -25.36
C GLY IA 79 -72.26 79.69 -24.34
N LEU IA 80 -72.47 80.17 -23.12
CA LEU IA 80 -72.93 79.33 -22.02
C LEU IA 80 -74.08 78.43 -22.45
N GLN IA 81 -73.88 77.12 -22.32
CA GLN IA 81 -74.90 76.15 -22.69
C GLN IA 81 -75.54 75.58 -21.43
N ALA IA 82 -76.61 74.81 -21.62
CA ALA IA 82 -77.31 74.20 -20.49
C ALA IA 82 -76.33 73.37 -19.67
N GLU IA 83 -75.64 72.46 -20.34
CA GLU IA 83 -74.67 71.57 -19.69
C GLU IA 83 -73.62 72.34 -18.89
N ASP IA 84 -73.18 73.46 -19.44
CA ASP IA 84 -72.15 74.29 -18.81
C ASP IA 84 -72.31 74.62 -17.33
N GLU IA 85 -73.51 74.44 -16.79
CA GLU IA 85 -73.72 74.75 -15.37
C GLU IA 85 -73.25 73.63 -14.47
N ALA IA 86 -72.43 73.98 -13.48
CA ALA IA 86 -71.88 73.02 -12.53
C ALA IA 86 -71.14 73.79 -11.45
N ASP IA 87 -70.44 73.06 -10.57
CA ASP IA 87 -69.67 73.69 -9.51
C ASP IA 87 -68.24 73.88 -10.02
N TYR IA 88 -67.71 75.08 -9.85
CA TYR IA 88 -66.36 75.39 -10.30
C TYR IA 88 -65.46 75.75 -9.12
N TYR IA 89 -64.20 75.30 -9.20
CA TYR IA 89 -63.23 75.55 -8.14
C TYR IA 89 -61.90 76.00 -8.75
N CYS IA 90 -61.37 77.13 -8.30
CA CYS IA 90 -60.09 77.60 -8.81
C CYS IA 90 -58.94 77.05 -8.00
N GLN IA 91 -58.38 75.94 -8.48
CA GLN IA 91 -57.28 75.27 -7.82
C GLN IA 91 -55.95 75.94 -8.14
N SER IA 92 -55.09 76.03 -7.13
CA SER IA 92 -53.78 76.64 -7.29
C SER IA 92 -52.82 76.09 -6.24
N TYR IA 93 -51.59 76.60 -6.24
CA TYR IA 93 -50.58 76.13 -5.30
C TYR IA 93 -49.89 77.32 -4.64
N ASP IA 94 -49.62 77.20 -3.35
CA ASP IA 94 -48.98 78.28 -2.60
C ASP IA 94 -47.65 77.82 -1.99
N SER IA 95 -46.93 78.76 -1.37
CA SER IA 95 -45.63 78.45 -0.77
C SER IA 95 -45.60 78.70 0.73
N SER IA 96 -46.10 79.86 1.16
CA SER IA 96 -46.10 80.21 2.57
C SER IA 96 -46.74 79.10 3.40
N LEU IA 97 -47.61 78.32 2.77
CA LEU IA 97 -48.29 77.22 3.44
C LEU IA 97 -47.69 75.89 3.02
N SER IA 98 -46.60 75.97 2.26
CA SER IA 98 -45.91 74.78 1.75
C SER IA 98 -46.87 73.75 1.19
N GLY IA 99 -47.91 74.23 0.52
CA GLY IA 99 -48.90 73.33 -0.05
C GLY IA 99 -49.71 73.98 -1.15
N SER IA 100 -50.80 73.33 -1.53
CA SER IA 100 -51.68 73.84 -2.58
C SER IA 100 -52.99 74.34 -2.00
N VAL IA 101 -53.50 75.43 -2.56
CA VAL IA 101 -54.74 76.03 -2.09
C VAL IA 101 -55.90 75.76 -3.04
N PHE IA 102 -57.11 75.68 -2.49
CA PHE IA 102 -58.31 75.42 -3.27
C PHE IA 102 -59.28 76.58 -3.19
N GLY IA 103 -60.25 76.61 -4.11
CA GLY IA 103 -61.23 77.69 -4.12
C GLY IA 103 -62.47 77.37 -3.31
N GLY IA 104 -62.97 78.37 -2.60
CA GLY IA 104 -64.17 78.18 -1.80
C GLY IA 104 -65.27 77.49 -2.59
N GLY IA 105 -65.53 78.01 -3.79
CA GLY IA 105 -66.55 77.42 -4.64
C GLY IA 105 -67.42 78.44 -5.35
N THR IA 106 -68.14 77.98 -6.36
CA THR IA 106 -69.05 78.81 -7.14
C THR IA 106 -70.15 77.93 -7.71
N LYS IA 107 -71.34 78.50 -7.89
CA LYS IA 107 -72.46 77.73 -8.44
C LYS IA 107 -73.01 78.38 -9.71
N LEU IA 108 -72.52 77.94 -10.85
CA LEU IA 108 -72.95 78.45 -12.15
C LEU IA 108 -74.29 77.83 -12.54
N THR IA 109 -75.27 78.69 -12.82
CA THR IA 109 -76.59 78.22 -13.22
C THR IA 109 -77.02 78.99 -14.47
N VAL IA 110 -77.47 78.27 -15.49
CA VAL IA 110 -77.91 78.90 -16.72
C VAL IA 110 -79.32 79.46 -16.58
N LEU IA 111 -79.44 80.78 -16.70
CA LEU IA 111 -80.74 81.46 -16.61
C LEU IA 111 -81.76 81.00 -17.65
N GLY IA 112 -82.97 81.53 -17.54
CA GLY IA 112 -84.03 81.19 -18.48
C GLY IA 112 -84.89 80.01 -18.08
N GLN IA 113 -84.30 79.06 -17.36
CA GLN IA 113 -85.02 77.87 -16.94
C GLN IA 113 -86.27 78.20 -16.14
N PRO IA 114 -87.42 77.60 -16.50
CA PRO IA 114 -88.65 77.87 -15.76
C PRO IA 114 -88.53 77.52 -14.27
N LYS IA 115 -89.68 77.35 -13.63
CA LYS IA 115 -89.77 77.07 -12.20
C LYS IA 115 -90.96 76.15 -11.94
N ALA IA 116 -90.84 75.31 -10.92
CA ALA IA 116 -91.89 74.37 -10.59
C ALA IA 116 -92.39 74.53 -9.15
N ALA IA 117 -93.67 74.22 -8.94
CA ALA IA 117 -94.27 74.34 -7.62
C ALA IA 117 -94.17 73.01 -6.86
N PRO IA 118 -93.79 73.08 -5.58
CA PRO IA 118 -93.65 71.90 -4.72
C PRO IA 118 -94.92 71.06 -4.60
N SER IA 119 -94.77 69.76 -4.78
CA SER IA 119 -95.90 68.83 -4.65
C SER IA 119 -95.77 68.20 -3.27
N VAL IA 120 -96.49 68.76 -2.30
CA VAL IA 120 -96.42 68.26 -0.93
C VAL IA 120 -97.47 67.19 -0.63
N THR IA 121 -96.99 66.08 -0.08
CA THR IA 121 -97.85 64.98 0.32
C THR IA 121 -97.52 64.66 1.77
N LEU IA 122 -98.39 65.09 2.68
CA LEU IA 122 -98.16 64.84 4.09
C LEU IA 122 -98.84 63.54 4.49
N PHE IA 123 -98.09 62.66 5.16
CA PHE IA 123 -98.61 61.37 5.59
C PHE IA 123 -98.82 61.28 7.08
N PRO IA 124 -99.88 60.56 7.50
CA PRO IA 124 -100.19 60.38 8.91
C PRO IA 124 -99.41 59.18 9.45
N PRO IA 125 -99.24 59.09 10.77
CA PRO IA 125 -98.50 57.96 11.35
C PRO IA 125 -99.26 56.65 11.16
N SER IA 126 -98.56 55.61 10.75
CA SER IA 126 -99.18 54.30 10.55
C SER IA 126 -99.72 53.77 11.87
N SER IA 127 -100.59 52.77 11.79
CA SER IA 127 -101.20 52.17 12.97
C SER IA 127 -100.17 51.44 13.83
N GLU IA 128 -99.32 50.64 13.19
CA GLU IA 128 -98.29 49.91 13.92
C GLU IA 128 -97.17 50.83 14.39
N GLU IA 129 -97.09 52.02 13.80
CA GLU IA 129 -96.07 52.99 14.18
C GLU IA 129 -96.46 53.62 15.50
N LEU IA 130 -97.65 54.22 15.54
CA LEU IA 130 -98.14 54.85 16.76
C LEU IA 130 -98.34 53.76 17.81
N GLN IA 131 -98.20 52.52 17.39
CA GLN IA 131 -98.34 51.37 18.27
C GLN IA 131 -97.17 51.32 19.24
N ALA IA 132 -95.98 51.62 18.72
CA ALA IA 132 -94.76 51.61 19.52
C ALA IA 132 -94.61 52.93 20.27
N ASN IA 133 -95.71 53.68 20.34
CA ASN IA 133 -95.73 54.97 21.03
C ASN IA 133 -94.77 55.98 20.41
N LYS IA 134 -94.83 56.11 19.10
CA LYS IA 134 -94.00 57.05 18.35
C LYS IA 134 -94.54 57.26 16.94
N ALA IA 135 -94.95 58.48 16.66
CA ALA IA 135 -95.50 58.82 15.35
C ALA IA 135 -94.42 59.41 14.44
N THR IA 136 -94.79 59.66 13.20
CA THR IA 136 -93.88 60.22 12.20
C THR IA 136 -94.65 60.84 11.05
N LEU IA 137 -94.46 62.14 10.85
CA LEU IA 137 -95.13 62.86 9.77
C LEU IA 137 -94.20 62.95 8.57
N VAL IA 138 -94.49 62.14 7.56
CA VAL IA 138 -93.68 62.09 6.35
C VAL IA 138 -94.13 63.10 5.29
N CYS IA 139 -93.46 64.25 5.25
CA CYS IA 139 -93.78 65.29 4.27
C CYS IA 139 -92.77 65.14 3.14
N LEU IA 140 -93.27 64.91 1.94
CA LEU IA 140 -92.40 64.71 0.78
C LEU IA 140 -92.59 65.81 -0.25
N ILE IA 141 -91.60 66.70 -0.36
CA ILE IA 141 -91.65 67.79 -1.31
C ILE IA 141 -90.91 67.41 -2.58
N SER IA 142 -91.65 67.29 -3.68
CA SER IA 142 -91.06 66.92 -4.96
C SER IA 142 -91.62 67.76 -6.11
N ASP IA 143 -90.89 67.78 -7.21
CA ASP IA 143 -91.28 68.51 -8.42
C ASP IA 143 -91.08 70.02 -8.39
N PHE IA 144 -90.08 70.50 -7.65
CA PHE IA 144 -89.85 71.94 -7.58
C PHE IA 144 -88.51 72.43 -8.13
N TYR IA 145 -88.55 73.57 -8.82
CA TYR IA 145 -87.35 74.19 -9.37
C TYR IA 145 -87.48 75.71 -9.29
N PRO IA 146 -86.43 76.40 -8.85
CA PRO IA 146 -85.14 75.79 -8.45
C PRO IA 146 -85.32 74.93 -7.20
N GLY IA 147 -84.34 74.07 -6.94
CA GLY IA 147 -84.41 73.22 -5.77
C GLY IA 147 -84.07 73.95 -4.49
N ALA IA 148 -84.84 74.97 -4.18
CA ALA IA 148 -84.63 75.75 -2.97
C ALA IA 148 -85.94 75.74 -2.18
N VAL IA 149 -85.87 75.37 -0.92
CA VAL IA 149 -87.06 75.31 -0.09
C VAL IA 149 -86.81 75.43 1.40
N THR IA 150 -87.53 76.34 2.04
CA THR IA 150 -87.43 76.56 3.47
C THR IA 150 -88.70 75.94 4.05
N VAL IA 151 -88.54 74.78 4.68
CA VAL IA 151 -89.68 74.07 5.25
C VAL IA 151 -89.96 74.45 6.70
N ALA IA 152 -91.17 74.93 6.94
CA ALA IA 152 -91.59 75.33 8.28
C ALA IA 152 -92.69 74.41 8.78
N TRP IA 153 -92.38 73.66 9.83
CA TRP IA 153 -93.35 72.76 10.44
C TRP IA 153 -93.92 73.43 11.66
N LYS IA 154 -95.24 73.54 11.71
CA LYS IA 154 -95.86 74.21 12.84
C LYS IA 154 -97.09 73.55 13.43
N ALA IA 155 -97.20 73.64 14.74
CA ALA IA 155 -98.36 73.13 15.44
C ALA IA 155 -99.39 74.16 15.03
N ASP IA 156 -100.63 74.02 15.46
CA ASP IA 156 -101.63 75.00 15.06
C ASP IA 156 -101.30 76.39 15.59
N SER IA 157 -100.72 76.44 16.79
CA SER IA 157 -100.38 77.72 17.40
C SER IA 157 -98.89 78.06 17.47
N SER IA 158 -98.02 77.13 17.11
CA SER IA 158 -96.59 77.42 17.18
C SER IA 158 -95.67 76.65 16.24
N PRO IA 159 -94.47 77.18 16.00
CA PRO IA 159 -93.48 76.56 15.13
C PRO IA 159 -92.72 75.52 15.95
N VAL IA 160 -92.68 74.29 15.46
CA VAL IA 160 -91.98 73.24 16.20
C VAL IA 160 -90.68 72.83 15.51
N LYS IA 161 -89.57 73.03 16.22
CA LYS IA 161 -88.26 72.66 15.68
C LYS IA 161 -87.72 71.41 16.36
N ALA IA 162 -88.62 70.67 17.00
CA ALA IA 162 -88.25 69.43 17.67
C ALA IA 162 -88.46 68.29 16.68
N GLY IA 163 -87.40 67.58 16.35
CA GLY IA 163 -87.51 66.49 15.41
C GLY IA 163 -87.57 67.05 14.00
N VAL IA 164 -86.82 68.12 13.78
CA VAL IA 164 -86.77 68.77 12.47
C VAL IA 164 -85.61 68.24 11.63
N GLU IA 165 -85.90 67.20 10.86
CA GLU IA 165 -84.90 66.60 9.98
C GLU IA 165 -85.34 66.79 8.53
N THR IA 166 -84.65 67.68 7.83
CA THR IA 166 -84.96 67.97 6.44
C THR IA 166 -83.76 67.67 5.56
N THR IA 167 -83.95 66.84 4.55
CA THR IA 167 -82.88 66.48 3.63
C THR IA 167 -82.82 67.46 2.48
N THR IA 168 -81.66 68.09 2.30
CA THR IA 168 -81.47 69.06 1.21
C THR IA 168 -81.96 68.45 -0.11
N PRO IA 169 -82.50 69.30 -0.99
CA PRO IA 169 -83.01 68.87 -2.30
C PRO IA 169 -82.00 68.18 -3.21
N SER IA 170 -82.49 67.19 -3.94
CA SER IA 170 -81.67 66.42 -4.88
C SER IA 170 -82.36 66.44 -6.23
N LYS IA 171 -81.57 66.47 -7.30
CA LYS IA 171 -82.12 66.52 -8.65
C LYS IA 171 -82.86 65.25 -9.07
N GLN IA 172 -83.98 65.42 -9.78
CA GLN IA 172 -84.78 64.30 -10.26
C GLN IA 172 -84.19 63.85 -11.59
N SER IA 173 -84.69 62.74 -12.12
CA SER IA 173 -84.20 62.22 -13.38
C SER IA 173 -84.25 63.27 -14.50
N ASN IA 174 -85.31 64.06 -14.52
CA ASN IA 174 -85.44 65.11 -15.54
C ASN IA 174 -84.51 66.26 -15.19
N ASN IA 175 -84.84 66.99 -14.13
CA ASN IA 175 -84.03 68.11 -13.68
C ASN IA 175 -84.67 68.82 -12.48
N LYS IA 176 -85.88 68.42 -12.15
CA LYS IA 176 -86.60 69.00 -11.02
C LYS IA 176 -86.01 68.49 -9.71
N TYR IA 177 -86.04 69.31 -8.67
CA TYR IA 177 -85.49 68.89 -7.38
C TYR IA 177 -86.54 68.28 -6.46
N ALA IA 178 -86.08 67.44 -5.52
CA ALA IA 178 -86.98 66.79 -4.58
C ALA IA 178 -86.27 66.46 -3.26
N ALA IA 179 -86.96 66.72 -2.16
CA ALA IA 179 -86.42 66.45 -0.83
C ALA IA 179 -87.52 65.99 0.13
N SER IA 180 -87.13 65.68 1.36
CA SER IA 180 -88.09 65.21 2.35
C SER IA 180 -87.83 65.85 3.70
N SER IA 181 -88.89 66.05 4.48
CA SER IA 181 -88.76 66.64 5.80
C SER IA 181 -89.54 65.77 6.77
N TYR IA 182 -88.82 65.07 7.64
CA TYR IA 182 -89.42 64.18 8.62
C TYR IA 182 -89.49 64.84 9.99
N LEU IA 183 -90.67 64.79 10.62
CA LEU IA 183 -90.84 65.37 11.94
C LEU IA 183 -91.71 64.47 12.80
N SER IA 184 -91.06 63.56 13.53
CA SER IA 184 -91.74 62.62 14.39
C SER IA 184 -92.04 63.21 15.76
N LEU IA 185 -93.00 62.62 16.46
CA LEU IA 185 -93.40 63.05 17.79
C LEU IA 185 -94.17 61.94 18.50
N THR IA 186 -94.29 62.07 19.81
CA THR IA 186 -95.00 61.09 20.61
C THR IA 186 -96.50 61.19 20.37
N PRO IA 187 -97.23 60.07 20.55
CA PRO IA 187 -98.68 60.02 20.35
C PRO IA 187 -99.47 61.12 21.06
N GLU IA 188 -99.19 61.33 22.34
CA GLU IA 188 -99.88 62.34 23.14
C GLU IA 188 -99.85 63.71 22.46
N GLN IA 189 -98.81 63.96 21.68
CA GLN IA 189 -98.67 65.24 20.99
C GLN IA 189 -99.44 65.27 19.67
N TRP IA 190 -99.66 64.09 19.09
CA TRP IA 190 -100.39 63.98 17.84
C TRP IA 190 -101.87 64.20 18.08
N LYS IA 191 -102.34 63.72 19.22
CA LYS IA 191 -103.75 63.87 19.60
C LYS IA 191 -104.00 65.26 20.15
N SER IA 192 -102.95 65.87 20.70
CA SER IA 192 -103.03 67.20 21.29
C SER IA 192 -103.70 68.24 20.40
N HIS IA 193 -103.24 68.37 19.17
CA HIS IA 193 -103.81 69.35 18.24
C HIS IA 193 -104.71 68.72 17.20
N ARG IA 194 -105.79 69.44 16.88
CA ARG IA 194 -106.74 68.96 15.89
C ARG IA 194 -106.11 68.43 14.63
N SER IA 195 -105.09 69.14 14.15
CA SER IA 195 -104.42 68.74 12.94
C SER IA 195 -103.10 69.44 12.76
N TYR IA 196 -102.12 68.71 12.25
CA TYR IA 196 -100.80 69.25 11.99
C TYR IA 196 -100.64 69.46 10.50
N SER IA 197 -99.98 70.56 10.14
CA SER IA 197 -99.77 70.89 8.73
C SER IA 197 -98.31 71.12 8.38
N CYS IA 198 -97.91 70.60 7.22
CA CYS IA 198 -96.55 70.75 6.72
C CYS IA 198 -96.48 71.90 5.73
N GLN IA 199 -95.89 73.01 6.17
CA GLN IA 199 -95.77 74.19 5.32
C GLN IA 199 -94.38 74.25 4.68
N VAL IA 200 -94.33 74.63 3.41
CA VAL IA 200 -93.07 74.72 2.68
C VAL IA 200 -93.02 75.98 1.83
N THR IA 201 -91.91 76.70 1.91
CA THR IA 201 -91.74 77.93 1.15
C THR IA 201 -90.83 77.72 -0.05
N HIS IA 202 -91.30 78.14 -1.22
CA HIS IA 202 -90.56 77.99 -2.47
C HIS IA 202 -90.80 79.17 -3.39
N GLU IA 203 -89.77 80.01 -3.55
CA GLU IA 203 -89.84 81.18 -4.41
C GLU IA 203 -90.94 82.16 -4.02
N GLY IA 204 -91.28 82.19 -2.73
CA GLY IA 204 -92.30 83.11 -2.26
C GLY IA 204 -93.70 82.52 -2.18
N SER IA 205 -93.91 81.37 -2.83
CA SER IA 205 -95.20 80.71 -2.82
C SER IA 205 -95.20 79.57 -1.82
N THR IA 206 -96.34 79.34 -1.18
CA THR IA 206 -96.45 78.28 -0.18
C THR IA 206 -97.56 77.26 -0.42
N VAL IA 207 -97.16 76.01 -0.60
CA VAL IA 207 -98.09 74.91 -0.79
C VAL IA 207 -98.13 74.18 0.55
N GLU IA 208 -99.28 73.64 0.92
CA GLU IA 208 -99.39 72.97 2.21
C GLU IA 208 -100.40 71.82 2.24
N LYS IA 209 -100.22 70.91 3.20
CA LYS IA 209 -101.10 69.75 3.38
C LYS IA 209 -101.25 69.48 4.87
N THR IA 210 -102.44 69.08 5.28
CA THR IA 210 -102.71 68.81 6.70
C THR IA 210 -103.41 67.47 6.91
N VAL IA 211 -103.17 66.87 8.07
CA VAL IA 211 -103.79 65.59 8.42
C VAL IA 211 -104.14 65.57 9.91
N ALA IA 212 -105.32 65.04 10.23
CA ALA IA 212 -105.78 64.97 11.60
C ALA IA 212 -106.03 63.52 12.02
N PRO IA 213 -105.98 63.24 13.33
CA PRO IA 213 -106.20 61.89 13.85
C PRO IA 213 -107.63 61.40 13.61
N SER JA 2 14.17 34.93 22.88
CA SER JA 2 14.61 33.71 22.15
C SER JA 2 13.59 32.59 22.29
N VAL JA 3 14.05 31.35 22.10
CA VAL JA 3 13.19 30.18 22.20
C VAL JA 3 12.21 30.32 23.36
N LEU JA 4 10.94 29.99 23.11
CA LEU JA 4 9.93 30.08 24.15
C LEU JA 4 10.31 29.20 25.32
N THR JA 5 9.83 29.56 26.51
CA THR JA 5 10.13 28.79 27.72
C THR JA 5 9.24 27.56 27.79
N GLN JA 6 9.84 26.39 27.66
CA GLN JA 6 9.11 25.13 27.71
C GLN JA 6 9.79 24.19 28.68
N PRO JA 7 9.04 23.25 29.29
CA PRO JA 7 9.63 22.30 30.24
C PRO JA 7 10.49 21.25 29.57
N PRO JA 8 11.59 20.85 30.21
CA PRO JA 8 12.48 19.83 29.64
C PRO JA 8 11.77 18.51 29.38
N SER JA 9 10.89 18.12 30.30
CA SER JA 9 10.16 16.88 30.18
C SER JA 9 8.92 16.83 31.07
N VAL JA 10 7.99 15.94 30.72
CA VAL JA 10 6.76 15.75 31.47
C VAL JA 10 6.39 14.28 31.34
N SER JA 11 5.83 13.71 32.41
CA SER JA 11 5.45 12.30 32.38
C SER JA 11 4.38 11.92 33.41
N GLY JA 12 3.43 11.10 32.98
CA GLY JA 12 2.36 10.67 33.86
C GLY JA 12 1.94 9.23 33.59
N ALA JA 13 0.99 8.75 34.38
CA ALA JA 13 0.48 7.39 34.21
C ALA JA 13 -0.57 7.34 33.11
N PRO JA 14 -0.83 6.15 32.55
CA PRO JA 14 -1.82 6.02 31.48
C PRO JA 14 -3.19 6.50 31.93
N GLY JA 15 -3.84 7.33 31.11
CA GLY JA 15 -5.15 7.83 31.44
C GLY JA 15 -5.17 8.94 32.47
N GLN JA 16 -4.24 9.89 32.35
CA GLN JA 16 -4.18 11.02 33.27
C GLN JA 16 -4.03 12.33 32.52
N ARG JA 17 -4.01 13.43 33.27
CA ARG JA 17 -3.88 14.76 32.69
C ARG JA 17 -2.50 15.38 32.90
N VAL JA 18 -1.79 15.59 31.81
CA VAL JA 18 -0.46 16.20 31.85
C VAL JA 18 -0.50 17.57 31.20
N THR JA 19 0.07 18.56 31.88
CA THR JA 19 0.10 19.92 31.37
C THR JA 19 1.51 20.36 30.99
N ILE JA 20 1.64 20.94 29.81
CA ILE JA 20 2.92 21.41 29.30
C ILE JA 20 2.93 22.93 29.32
N SER JA 21 3.62 23.51 30.30
CA SER JA 21 3.70 24.96 30.45
C SER JA 21 4.63 25.65 29.44
N CYS JA 22 4.11 26.69 28.81
CA CYS JA 22 4.85 27.45 27.80
C CYS JA 22 4.67 28.96 28.02
N THR JA 23 5.68 29.61 28.57
CA THR JA 23 5.62 31.05 28.83
C THR JA 23 6.36 31.86 27.76
N GLY JA 24 5.90 33.08 27.51
CA GLY JA 24 6.53 33.91 26.50
C GLY JA 24 6.92 35.30 26.98
N SER JA 25 7.54 36.07 26.08
CA SER JA 25 7.98 37.43 26.39
C SER JA 25 6.88 38.46 26.13
N SER JA 26 6.98 39.61 26.79
CA SER JA 26 5.99 40.68 26.65
C SER JA 26 5.60 40.94 25.20
N SER JA 27 6.53 40.71 24.28
CA SER JA 27 6.26 40.92 22.86
C SER JA 27 5.21 39.91 22.41
N ASN JA 28 5.35 38.68 22.91
CA ASN JA 28 4.42 37.60 22.59
C ASN JA 28 3.24 37.62 23.55
N ILE JA 29 3.51 38.02 24.79
CA ILE JA 29 2.50 38.08 25.85
C ILE JA 29 1.32 38.98 25.50
N GLY JA 30 1.53 40.29 25.54
CA GLY JA 30 0.46 41.23 25.25
C GLY JA 30 -0.16 41.02 23.88
N ALA JA 31 0.58 40.36 22.99
CA ALA JA 31 0.10 40.10 21.64
C ALA JA 31 -0.70 38.81 21.58
N GLY JA 32 -0.37 37.88 22.47
CA GLY JA 32 -1.06 36.61 22.50
C GLY JA 32 -1.30 36.05 21.10
N TYR JA 33 -0.42 36.41 20.17
CA TYR JA 33 -0.54 35.93 18.80
C TYR JA 33 -0.82 34.44 18.83
N ALA JA 34 -1.80 34.01 18.04
CA ALA JA 34 -2.20 32.61 17.96
C ALA JA 34 -1.06 31.65 18.26
N VAL JA 35 -1.21 30.87 19.32
CA VAL JA 35 -0.20 29.91 19.74
C VAL JA 35 -0.67 28.49 19.39
N HIS JA 36 0.22 27.72 18.78
CA HIS JA 36 -0.12 26.36 18.38
C HIS JA 36 0.88 25.35 18.93
N TRP JA 37 0.49 24.07 18.93
CA TRP JA 37 1.37 23.01 19.42
C TRP JA 37 1.50 21.92 18.37
N TYR JA 38 2.72 21.38 18.24
CA TYR JA 38 2.99 20.34 17.26
C TYR JA 38 3.52 19.05 17.89
N GLN JA 39 2.86 17.94 17.56
CA GLN JA 39 3.25 16.63 18.08
C GLN JA 39 4.25 15.97 17.13
N GLN JA 40 5.48 15.83 17.58
CA GLN JA 40 6.51 15.19 16.75
C GLN JA 40 6.82 13.78 17.23
N LEU JA 41 6.16 12.80 16.64
CA LEU JA 41 6.36 11.40 16.99
C LEU JA 41 7.84 11.03 16.85
N PRO JA 42 8.25 9.91 17.43
CA PRO JA 42 9.65 9.45 17.36
C PRO JA 42 10.13 9.14 15.94
N GLY JA 43 11.06 9.95 15.46
CA GLY JA 43 11.61 9.75 14.13
C GLY JA 43 10.64 9.98 12.99
N THR JA 44 9.83 11.04 13.10
CA THR JA 44 8.85 11.36 12.06
C THR JA 44 8.55 12.85 12.02
N ALA JA 45 8.32 13.37 10.82
CA ALA JA 45 8.03 14.79 10.62
C ALA JA 45 6.92 15.28 11.56
N PRO JA 46 7.06 16.51 12.07
CA PRO JA 46 6.09 17.13 12.98
C PRO JA 46 4.68 17.18 12.42
N LYS JA 47 3.71 17.50 13.28
CA LYS JA 47 2.32 17.58 12.87
C LYS JA 47 1.56 18.59 13.74
N LEU JA 48 0.48 19.14 13.20
CA LEU JA 48 -0.33 20.10 13.93
C LEU JA 48 -1.20 19.39 14.95
N LEU JA 49 -0.84 19.52 16.23
CA LEU JA 49 -1.57 18.89 17.32
C LEU JA 49 -2.80 19.72 17.70
N ILE JA 50 -2.59 21.02 17.87
CA ILE JA 50 -3.66 21.95 18.20
C ILE JA 50 -3.28 23.34 17.70
N SER JA 51 -4.22 24.04 17.06
CA SER JA 51 -3.94 25.35 16.52
C SER JA 51 -4.79 26.47 17.14
N GLY JA 52 -4.76 27.63 16.48
CA GLY JA 52 -5.51 28.81 16.90
C GLY JA 52 -6.06 28.88 18.31
N ASN JA 53 -5.25 28.54 19.31
CA ASN JA 53 -5.67 28.58 20.70
C ASN JA 53 -6.84 27.64 20.96
N SER JA 54 -6.60 26.35 20.72
CA SER JA 54 -7.59 25.28 20.91
C SER JA 54 -8.34 24.97 19.62
N ASN JA 55 -7.98 25.66 18.54
CA ASN JA 55 -8.62 25.40 17.25
C ASN JA 55 -8.20 23.96 16.97
N ARG JA 56 -9.17 23.09 16.75
CA ARG JA 56 -8.89 21.68 16.55
C ARG JA 56 -8.52 21.18 15.17
N PRO JA 57 -7.42 20.41 15.08
CA PRO JA 57 -6.95 19.84 13.81
C PRO JA 57 -7.85 18.64 13.55
N SER JA 58 -8.12 18.36 12.28
CA SER JA 58 -8.98 17.23 11.95
C SER JA 58 -8.29 15.89 12.16
N GLY JA 59 -8.95 14.99 12.85
CA GLY JA 59 -8.39 13.67 13.10
C GLY JA 59 -7.66 13.50 14.42
N VAL JA 60 -7.49 14.58 15.16
CA VAL JA 60 -6.80 14.52 16.46
C VAL JA 60 -7.80 14.42 17.61
N PRO JA 61 -7.65 13.38 18.45
CA PRO JA 61 -8.53 13.15 19.60
C PRO JA 61 -8.77 14.42 20.42
N ASP JA 62 -10.00 14.61 20.87
CA ASP JA 62 -10.37 15.77 21.66
C ASP JA 62 -9.74 15.80 23.05
N ARG JA 63 -9.10 14.70 23.44
CA ARG JA 63 -8.46 14.64 24.75
C ARG JA 63 -7.35 15.68 24.84
N PHE JA 64 -7.09 16.35 23.73
CA PHE JA 64 -6.06 17.39 23.66
C PHE JA 64 -6.74 18.75 23.69
N SER JA 65 -6.29 19.62 24.59
CA SER JA 65 -6.85 20.96 24.71
C SER JA 65 -5.76 22.01 24.90
N GLY JA 66 -6.00 23.20 24.37
CA GLY JA 66 -5.02 24.27 24.48
C GLY JA 66 -5.59 25.51 25.15
N SER JA 67 -4.99 25.91 26.26
CA SER JA 67 -5.43 27.09 26.99
C SER JA 67 -4.37 28.18 26.91
N LYS JA 68 -4.78 29.43 27.12
CA LYS JA 68 -3.87 30.56 27.07
C LYS JA 68 -4.35 31.71 27.96
N SER JA 69 -3.43 32.24 28.76
CA SER JA 69 -3.77 33.34 29.66
C SER JA 69 -2.53 34.08 30.15
N GLY JA 70 -2.64 35.40 30.27
CA GLY JA 70 -1.53 36.20 30.74
C GLY JA 70 -0.28 36.13 29.89
N THR JA 71 0.83 35.77 30.52
CA THR JA 71 2.12 35.67 29.84
C THR JA 71 2.46 34.24 29.45
N SER JA 72 1.47 33.37 29.44
CA SER JA 72 1.71 31.96 29.10
C SER JA 72 0.47 31.19 28.68
N ALA JA 73 0.69 30.03 28.08
CA ALA JA 73 -0.38 29.15 27.62
C ALA JA 73 0.11 27.71 27.76
N SER JA 74 -0.82 26.75 27.80
CA SER JA 74 -0.43 25.36 27.96
C SER JA 74 -1.33 24.38 27.22
N LEU JA 75 -0.87 23.13 27.12
CA LEU JA 75 -1.59 22.05 26.46
C LEU JA 75 -1.92 20.95 27.45
N ALA JA 76 -3.20 20.59 27.54
CA ALA JA 76 -3.64 19.53 28.44
C ALA JA 76 -3.98 18.27 27.66
N ILE JA 77 -3.57 17.12 28.20
CA ILE JA 77 -3.82 15.83 27.56
C ILE JA 77 -4.47 14.87 28.54
N THR JA 78 -5.68 14.40 28.22
CA THR JA 78 -6.41 13.49 29.06
C THR JA 78 -6.40 12.07 28.49
N GLY JA 79 -6.63 11.09 29.35
CA GLY JA 79 -6.64 9.70 28.91
C GLY JA 79 -5.38 9.36 28.14
N LEU JA 80 -4.25 9.82 28.66
CA LEU JA 80 -2.95 9.56 28.02
C LEU JA 80 -2.80 8.10 27.62
N GLN JA 81 -2.57 7.87 26.34
CA GLN JA 81 -2.40 6.52 25.82
C GLN JA 81 -0.93 6.27 25.51
N ALA JA 82 -0.59 5.03 25.21
CA ALA JA 82 0.78 4.68 24.89
C ALA JA 82 1.30 5.55 23.75
N GLU JA 83 0.54 5.55 22.65
CA GLU JA 83 0.91 6.33 21.47
C GLU JA 83 1.16 7.80 21.79
N ASP JA 84 0.32 8.36 22.66
CA ASP JA 84 0.40 9.77 23.04
C ASP JA 84 1.78 10.32 23.39
N GLU JA 85 2.74 9.45 23.67
CA GLU JA 85 4.07 9.93 24.03
C GLU JA 85 4.89 10.30 22.79
N ALA JA 86 5.45 11.51 22.82
CA ALA JA 86 6.26 12.02 21.71
C ALA JA 86 6.87 13.35 22.14
N ASP JA 87 7.52 14.03 21.21
CA ASP JA 87 8.12 15.33 21.50
C ASP JA 87 7.11 16.41 21.15
N TYR JA 88 6.89 17.34 22.07
CA TYR JA 88 5.94 18.42 21.86
C TYR JA 88 6.65 19.78 21.85
N TYR JA 89 6.20 20.65 20.95
CA TYR JA 89 6.78 21.99 20.82
C TYR JA 89 5.67 23.04 20.74
N CYS JA 90 5.73 24.04 21.61
CA CYS JA 90 4.72 25.10 21.58
C CYS JA 90 5.13 26.21 20.63
N GLN JA 91 4.61 26.12 19.41
CA GLN JA 91 4.91 27.09 18.36
C GLN JA 91 4.05 28.34 18.51
N SER JA 92 4.64 29.49 18.25
CA SER JA 92 3.93 30.76 18.32
C SER JA 92 4.63 31.80 17.46
N TYR JA 93 4.10 33.01 17.44
CA TYR JA 93 4.65 34.09 16.64
C TYR JA 93 4.85 35.35 17.48
N ASP JA 94 5.96 36.04 17.27
CA ASP JA 94 6.27 37.25 18.03
C ASP JA 94 6.39 38.47 17.11
N SER JA 95 6.55 39.64 17.72
CA SER JA 95 6.66 40.88 16.94
C SER JA 95 8.00 41.59 17.15
N SER JA 96 8.41 41.72 18.40
CA SER JA 96 9.67 42.40 18.72
C SER JA 96 10.82 41.79 17.92
N LEU JA 97 10.66 40.54 17.52
CA LEU JA 97 11.68 39.84 16.76
C LEU JA 97 11.24 39.72 15.30
N SER JA 98 10.15 40.40 14.96
CA SER JA 98 9.61 40.40 13.60
C SER JA 98 9.58 38.99 13.01
N GLY JA 99 9.28 38.00 13.86
CA GLY JA 99 9.23 36.63 13.39
C GLY JA 99 8.44 35.73 14.32
N SER JA 100 8.54 34.43 14.10
CA SER JA 100 7.84 33.45 14.92
C SER JA 100 8.79 32.73 15.87
N VAL JA 101 8.31 32.45 17.07
CA VAL JA 101 9.12 31.78 18.09
C VAL JA 101 8.71 30.32 18.26
N PHE JA 102 9.68 29.48 18.64
CA PHE JA 102 9.44 28.06 18.85
C PHE JA 102 9.71 27.66 20.29
N GLY JA 103 9.22 26.48 20.68
CA GLY JA 103 9.41 26.01 22.03
C GLY JA 103 10.65 25.16 22.20
N GLY JA 104 11.36 25.36 23.30
CA GLY JA 104 12.57 24.59 23.57
C GLY JA 104 12.33 23.11 23.34
N GLY JA 105 11.25 22.60 23.93
CA GLY JA 105 10.93 21.19 23.76
C GLY JA 105 10.46 20.52 25.04
N THR JA 106 9.88 19.33 24.88
CA THR JA 106 9.37 18.53 25.99
C THR JA 106 9.38 17.07 25.59
N LYS JA 107 9.58 16.17 26.55
CA LYS JA 107 9.58 14.75 26.25
C LYS JA 107 8.54 13.99 27.07
N LEU JA 108 7.36 13.83 26.48
CA LEU JA 108 6.26 13.12 27.13
C LEU JA 108 6.47 11.61 27.07
N THR JA 109 6.46 10.96 28.23
CA THR JA 109 6.65 9.53 28.30
C THR JA 109 5.55 8.93 29.17
N VAL JA 110 4.88 7.89 28.68
CA VAL JA 110 3.83 7.24 29.45
C VAL JA 110 4.46 6.31 30.48
N LEU JA 111 4.42 6.70 31.76
CA LEU JA 111 5.01 5.89 32.84
C LEU JA 111 4.62 4.42 32.81
N GLY JA 112 5.30 3.62 33.62
CA GLY JA 112 4.98 2.20 33.68
C GLY JA 112 5.98 1.23 33.08
N GLN JA 113 6.63 1.63 31.99
CA GLN JA 113 7.60 0.76 31.34
C GLN JA 113 8.60 0.23 32.37
N PRO JA 114 8.81 -1.10 32.40
CA PRO JA 114 9.75 -1.71 33.35
C PRO JA 114 11.22 -1.52 32.97
N LYS JA 115 12.04 -1.27 33.98
CA LYS JA 115 13.46 -1.03 33.75
C LYS JA 115 14.13 -2.29 33.25
N ALA JA 116 15.08 -2.13 32.34
CA ALA JA 116 15.80 -3.26 31.77
C ALA JA 116 17.30 -3.17 31.98
N ALA JA 117 17.95 -4.31 32.12
CA ALA JA 117 19.40 -4.38 32.33
C ALA JA 117 20.14 -4.45 31.00
N PRO JA 118 21.21 -3.67 30.85
CA PRO JA 118 22.03 -3.64 29.63
C PRO JA 118 22.62 -4.98 29.24
N SER JA 119 22.46 -5.34 27.97
CA SER JA 119 23.00 -6.59 27.45
C SER JA 119 24.29 -6.23 26.72
N VAL JA 120 25.42 -6.35 27.42
CA VAL JA 120 26.71 -6.00 26.84
C VAL JA 120 27.41 -7.16 26.16
N THR JA 121 27.82 -6.94 24.91
CA THR JA 121 28.54 -7.93 24.14
C THR JA 121 29.80 -7.25 23.64
N LEU JA 122 30.93 -7.57 24.26
CA LEU JA 122 32.20 -6.97 23.85
C LEU JA 122 32.87 -7.86 22.82
N PHE JA 123 33.28 -7.26 21.71
CA PHE JA 123 33.93 -8.00 20.64
C PHE JA 123 35.42 -7.71 20.51
N PRO JA 124 36.21 -8.74 20.15
CA PRO JA 124 37.65 -8.60 19.99
C PRO JA 124 37.94 -8.13 18.57
N PRO JA 125 39.13 -7.57 18.34
CA PRO JA 125 39.48 -7.09 17.00
C PRO JA 125 39.63 -8.25 16.03
N SER JA 126 39.07 -8.11 14.83
CA SER JA 126 39.16 -9.16 13.82
C SER JA 126 40.61 -9.38 13.40
N SER JA 127 40.88 -10.50 12.76
CA SER JA 127 42.23 -10.82 12.32
C SER JA 127 42.72 -9.87 11.23
N GLU JA 128 41.87 -9.59 10.25
CA GLU JA 128 42.23 -8.69 9.17
C GLU JA 128 42.25 -7.24 9.64
N GLU JA 129 41.60 -6.98 10.77
CA GLU JA 129 41.57 -5.62 11.32
C GLU JA 129 42.92 -5.32 11.96
N LEU JA 130 43.32 -6.15 12.92
CA LEU JA 130 44.60 -5.97 13.59
C LEU JA 130 45.71 -6.14 12.56
N GLN JA 131 45.34 -6.59 11.37
CA GLN JA 131 46.27 -6.79 10.27
C GLN JA 131 46.78 -5.43 9.76
N ALA JA 132 45.87 -4.46 9.69
CA ALA JA 132 46.22 -3.12 9.23
C ALA JA 132 46.80 -2.30 10.38
N ASN JA 133 47.19 -2.99 11.44
CA ASN JA 133 47.78 -2.36 12.62
C ASN JA 133 46.82 -1.39 13.29
N LYS JA 134 45.60 -1.85 13.53
CA LYS JA 134 44.57 -1.05 14.19
C LYS JA 134 43.42 -1.93 14.65
N ALA JA 135 43.24 -2.00 15.96
CA ALA JA 135 42.18 -2.81 16.55
C ALA JA 135 40.93 -1.98 16.82
N THR JA 136 39.87 -2.64 17.26
CA THR JA 136 38.62 -1.98 17.56
C THR JA 136 37.75 -2.84 18.47
N LEU JA 137 37.44 -2.32 19.65
CA LEU JA 137 36.61 -3.04 20.61
C LEU JA 137 35.16 -2.59 20.49
N VAL JA 138 34.35 -3.44 19.87
CA VAL JA 138 32.93 -3.16 19.66
C VAL JA 138 32.04 -3.57 20.83
N CYS JA 139 31.72 -2.61 21.69
CA CYS JA 139 30.86 -2.89 22.84
C CYS JA 139 29.46 -2.42 22.45
N LEU JA 140 28.51 -3.35 22.47
CA LEU JA 140 27.14 -3.04 22.09
C LEU JA 140 26.18 -3.20 23.25
N ILE JA 141 25.69 -2.06 23.77
CA ILE JA 141 24.75 -2.07 24.88
C ILE JA 141 23.32 -1.98 24.37
N SER JA 142 22.56 -3.05 24.56
CA SER JA 142 21.18 -3.07 24.11
C SER JA 142 20.24 -3.69 25.15
N ASP JA 143 18.95 -3.39 25.01
CA ASP JA 143 17.92 -3.91 25.91
C ASP JA 143 17.81 -3.22 27.27
N PHE JA 144 18.12 -1.93 27.34
CA PHE JA 144 18.05 -1.24 28.62
C PHE JA 144 17.06 -0.08 28.68
N TYR JA 145 16.36 0.02 29.82
CA TYR JA 145 15.40 1.10 30.05
C TYR JA 145 15.45 1.50 31.52
N PRO JA 146 15.47 2.82 31.80
CA PRO JA 146 15.44 3.87 30.78
C PRO JA 146 16.71 3.87 29.94
N GLY JA 147 16.66 4.54 28.81
CA GLY JA 147 17.82 4.60 27.94
C GLY JA 147 18.87 5.57 28.43
N ALA JA 148 19.39 5.33 29.62
CA ALA JA 148 20.41 6.19 30.20
C ALA JA 148 21.60 5.29 30.57
N VAL JA 149 22.78 5.66 30.11
CA VAL JA 149 23.96 4.86 30.40
C VAL JA 149 25.27 5.62 30.32
N THR JA 150 26.07 5.50 31.39
CA THR JA 150 27.37 6.15 31.45
C THR JA 150 28.38 5.02 31.23
N VAL JA 151 28.98 4.98 30.05
CA VAL JA 151 29.94 3.92 29.73
C VAL JA 151 31.36 4.30 30.08
N ALA JA 152 31.98 3.46 30.91
CA ALA JA 152 33.36 3.67 31.33
C ALA JA 152 34.25 2.57 30.79
N TRP JA 153 35.18 2.95 29.91
CA TRP JA 153 36.12 2.01 29.33
C TRP JA 153 37.44 2.15 30.07
N LYS JA 154 37.92 1.04 30.60
CA LYS JA 154 39.16 1.09 31.36
C LYS JA 154 40.16 -0.02 31.10
N ALA JA 155 41.43 0.36 31.14
CA ALA JA 155 42.50 -0.59 30.98
C ALA JA 155 42.41 -1.30 32.32
N ASP JA 156 43.25 -2.30 32.56
CA ASP JA 156 43.15 -3.01 33.84
C ASP JA 156 43.47 -2.08 35.00
N SER JA 157 44.40 -1.14 34.78
CA SER JA 157 44.80 -0.20 35.83
C SER JA 157 44.33 1.24 35.66
N SER JA 158 43.74 1.58 34.52
CA SER JA 158 43.32 2.97 34.33
C SER JA 158 42.16 3.20 33.36
N PRO JA 159 41.49 4.36 33.50
CA PRO JA 159 40.37 4.73 32.65
C PRO JA 159 40.94 5.34 31.36
N VAL JA 160 40.54 4.81 30.22
CA VAL JA 160 41.04 5.31 28.95
C VAL JA 160 39.98 6.11 28.19
N LYS JA 161 40.25 7.39 27.97
CA LYS JA 161 39.32 8.25 27.24
C LYS JA 161 39.84 8.54 25.83
N ALA JA 162 40.78 7.72 25.38
CA ALA JA 162 41.35 7.87 24.05
C ALA JA 162 40.55 6.97 23.11
N GLY JA 163 39.93 7.57 22.10
CA GLY JA 163 39.13 6.78 21.18
C GLY JA 163 37.80 6.44 21.83
N VAL JA 164 37.28 7.38 22.61
CA VAL JA 164 36.01 7.20 23.29
C VAL JA 164 34.85 7.75 22.47
N GLU JA 165 34.27 6.90 21.64
CA GLU JA 165 33.13 7.29 20.81
C GLU JA 165 31.92 6.48 21.23
N THR JA 166 30.97 7.14 21.89
CA THR JA 166 29.76 6.48 22.35
C THR JA 166 28.54 7.16 21.74
N THR JA 167 27.71 6.36 21.09
CA THR JA 167 26.49 6.88 20.46
C THR JA 167 25.34 6.87 21.43
N THR JA 168 24.75 8.04 21.67
CA THR JA 168 23.62 8.15 22.59
C THR JA 168 22.58 7.09 22.26
N PRO JA 169 21.88 6.58 23.30
CA PRO JA 169 20.84 5.55 23.15
C PRO JA 169 19.68 5.92 22.22
N SER JA 170 19.21 4.92 21.49
CA SER JA 170 18.09 5.07 20.57
C SER JA 170 17.05 4.01 20.92
N LYS JA 171 15.78 4.35 20.74
CA LYS JA 171 14.69 3.43 21.06
C LYS JA 171 14.62 2.22 20.13
N GLN JA 172 14.32 1.06 20.71
CA GLN JA 172 14.20 -0.18 19.95
C GLN JA 172 12.77 -0.27 19.42
N SER JA 173 12.50 -1.24 18.56
CA SER JA 173 11.17 -1.41 18.00
C SER JA 173 10.08 -1.48 19.06
N ASN JA 174 10.38 -2.17 20.17
CA ASN JA 174 9.42 -2.27 21.27
C ASN JA 174 9.37 -0.95 22.03
N ASN JA 175 10.45 -0.65 22.74
CA ASN JA 175 10.55 0.59 23.51
C ASN JA 175 11.85 0.67 24.30
N LYS JA 176 12.59 -0.43 24.31
CA LYS JA 176 13.86 -0.50 25.02
C LYS JA 176 14.92 0.29 24.26
N TYR JA 177 15.86 0.90 24.97
CA TYR JA 177 16.91 1.67 24.31
C TYR JA 177 18.17 0.86 24.02
N ALA JA 178 18.94 1.31 23.02
CA ALA JA 178 20.16 0.62 22.63
C ALA JA 178 21.17 1.58 22.01
N ALA JA 179 22.43 1.43 22.40
CA ALA JA 179 23.51 2.27 21.89
C ALA JA 179 24.80 1.47 21.75
N SER JA 180 25.84 2.12 21.25
CA SER JA 180 27.13 1.46 21.05
C SER JA 180 28.27 2.36 21.50
N SER JA 181 29.36 1.75 21.95
CA SER JA 181 30.53 2.50 22.38
C SER JA 181 31.74 1.85 21.74
N TYR JA 182 32.34 2.55 20.78
CA TYR JA 182 33.52 2.06 20.08
C TYR JA 182 34.79 2.67 20.64
N LEU JA 183 35.78 1.84 20.92
CA LEU JA 183 37.06 2.31 21.44
C LEU JA 183 38.20 1.53 20.81
N SER JA 184 38.72 2.06 19.71
CA SER JA 184 39.82 1.43 18.99
C SER JA 184 41.18 1.83 19.55
N LEU JA 185 42.18 1.00 19.26
CA LEU JA 185 43.55 1.25 19.71
C LEU JA 185 44.53 0.45 18.87
N THR JA 186 45.80 0.83 18.94
CA THR JA 186 46.85 0.15 18.18
C THR JA 186 47.12 -1.22 18.79
N PRO JA 187 47.59 -2.17 17.97
CA PRO JA 187 47.90 -3.53 18.40
C PRO JA 187 48.78 -3.62 19.65
N GLU JA 188 49.88 -2.87 19.66
CA GLU JA 188 50.80 -2.88 20.79
C GLU JA 188 50.10 -2.62 22.12
N GLN JA 189 48.98 -1.91 22.07
CA GLN JA 189 48.22 -1.60 23.27
C GLN JA 189 47.24 -2.70 23.63
N TRP JA 190 46.83 -3.49 22.64
CA TRP JA 190 45.91 -4.59 22.87
C TRP JA 190 46.64 -5.74 23.54
N LYS JA 191 47.90 -5.94 23.16
CA LYS JA 191 48.72 -6.99 23.73
C LYS JA 191 49.26 -6.57 25.09
N SER JA 192 49.39 -5.26 25.28
CA SER JA 192 49.90 -4.70 26.53
C SER JA 192 49.23 -5.25 27.79
N HIS JA 193 47.91 -5.21 27.84
CA HIS JA 193 47.19 -5.70 29.01
C HIS JA 193 46.54 -7.06 28.78
N ARG JA 194 46.56 -7.88 29.82
CA ARG JA 194 45.99 -9.21 29.76
C ARG JA 194 44.62 -9.25 29.14
N SER JA 195 43.80 -8.28 29.51
CA SER JA 195 42.44 -8.24 28.99
C SER JA 195 41.80 -6.89 29.22
N TYR JA 196 41.02 -6.45 28.24
CA TYR JA 196 40.31 -5.19 28.34
C TYR JA 196 38.83 -5.48 28.59
N SER JA 197 38.22 -4.65 29.44
CA SER JA 197 36.81 -4.84 29.77
C SER JA 197 35.97 -3.59 29.53
N CYS JA 198 34.76 -3.81 29.01
CA CYS JA 198 33.83 -2.71 28.74
C CYS JA 198 32.82 -2.60 29.87
N GLN JA 199 32.97 -1.56 30.69
CA GLN JA 199 32.06 -1.36 31.82
C GLN JA 199 31.00 -0.32 31.47
N VAL JA 200 29.77 -0.60 31.88
CA VAL JA 200 28.66 0.30 31.61
C VAL JA 200 27.77 0.47 32.84
N THR JA 201 27.43 1.72 33.15
CA THR JA 201 26.59 2.02 34.30
C THR JA 201 25.16 2.34 33.88
N HIS JA 202 24.21 1.66 34.52
CA HIS JA 202 22.80 1.87 34.22
C HIS JA 202 21.94 1.72 35.48
N GLU JA 203 21.40 2.85 35.94
CA GLU JA 203 20.55 2.87 37.13
C GLU JA 203 21.24 2.37 38.39
N GLY JA 204 22.57 2.50 38.44
CA GLY JA 204 23.31 2.06 39.59
C GLY JA 204 23.88 0.66 39.49
N SER JA 205 23.39 -0.11 38.53
CA SER JA 205 23.88 -1.48 38.33
C SER JA 205 24.88 -1.52 37.18
N THR JA 206 25.88 -2.39 37.30
CA THR JA 206 26.90 -2.49 36.27
C THR JA 206 27.10 -3.88 35.68
N VAL JA 207 26.89 -4.00 34.38
CA VAL JA 207 27.08 -5.25 33.66
C VAL JA 207 28.39 -5.07 32.89
N GLU JA 208 29.16 -6.14 32.74
CA GLU JA 208 30.45 -6.03 32.06
C GLU JA 208 30.89 -7.28 31.31
N LYS JA 209 31.75 -7.10 30.32
CA LYS JA 209 32.28 -8.20 29.51
C LYS JA 209 33.74 -7.91 29.20
N THR JA 210 34.56 -8.96 29.16
CA THR JA 210 35.99 -8.80 28.90
C THR JA 210 36.50 -9.79 27.85
N VAL JA 211 37.54 -9.39 27.13
CA VAL JA 211 38.15 -10.24 26.11
C VAL JA 211 39.66 -10.06 26.09
N ALA JA 212 40.38 -11.16 25.96
CA ALA JA 212 41.84 -11.12 25.94
C ALA JA 212 42.39 -11.68 24.64
N PRO JA 213 43.61 -11.28 24.27
CA PRO JA 213 44.24 -11.74 23.02
C PRO JA 213 44.54 -13.24 23.05
C1 NAG KA . -69.64 -12.44 2.56
C2 NAG KA . -70.00 -12.53 1.08
C3 NAG KA . -68.73 -12.40 0.25
C4 NAG KA . -67.99 -11.09 0.61
C5 NAG KA . -67.75 -11.04 2.12
C6 NAG KA . -67.12 -9.74 2.59
C7 NAG KA . -71.55 -13.88 -0.17
C8 NAG KA . -71.11 -14.60 -1.44
N2 NAG KA . -70.66 -13.79 0.81
O3 NAG KA . -69.07 -12.42 -1.13
O4 NAG KA . -66.74 -11.04 -0.08
O5 NAG KA . -69.00 -11.19 2.83
O6 NAG KA . -68.10 -8.71 2.69
O7 NAG KA . -72.68 -13.41 -0.09
C1 NAG KA . -66.67 -10.20 -1.18
C2 NAG KA . -65.21 -9.84 -1.50
C3 NAG KA . -65.16 -8.97 -2.74
C4 NAG KA . -65.95 -9.59 -3.92
C5 NAG KA . -67.35 -10.03 -3.47
C6 NAG KA . -68.09 -10.82 -4.52
C7 NAG KA . -65.08 -7.94 -0.02
C8 NAG KA . -64.30 -6.73 -0.54
N2 NAG KA . -64.62 -9.14 -0.37
O3 NAG KA . -63.80 -8.79 -3.14
O4 NAG KA . -66.10 -8.59 -4.95
O5 NAG KA . -67.26 -10.87 -2.29
O6 NAG KA . -68.10 -12.22 -4.22
O7 NAG KA . -66.07 -7.78 0.67
C1 BMA KA . -65.46 -8.85 -6.15
C2 BMA KA . -66.10 -8.02 -7.26
C3 BMA KA . -65.35 -8.26 -8.58
C4 BMA KA . -63.81 -7.94 -8.37
C5 BMA KA . -63.30 -8.80 -7.20
C6 BMA KA . -61.82 -8.61 -6.87
O2 BMA KA . -66.04 -6.64 -6.91
O3 BMA KA . -65.91 -7.42 -9.62
O4 BMA KA . -63.11 -8.29 -9.56
O5 BMA KA . -64.07 -8.51 -6.01
O6 BMA KA . -61.59 -7.39 -6.13
C1 MAN KA . -61.76 -7.57 -4.75
C2 MAN KA . -61.38 -6.27 -3.98
C3 MAN KA . -59.87 -6.15 -3.64
C4 MAN KA . -59.23 -7.53 -3.24
C5 MAN KA . -59.64 -8.58 -4.26
C6 MAN KA . -59.05 -9.97 -4.03
O2 MAN KA . -62.13 -6.18 -2.79
O3 MAN KA . -59.72 -5.18 -2.58
O4 MAN KA . -57.81 -7.41 -3.23
O5 MAN KA . -61.08 -8.70 -4.22
O6 MAN KA . -60.06 -10.88 -3.56
C1 MAN KA . -58.41 -4.74 -2.29
C2 MAN KA . -58.18 -4.77 -0.77
C3 MAN KA . -58.83 -3.56 -0.07
C4 MAN KA . -58.46 -2.22 -0.78
C5 MAN KA . -58.85 -2.35 -2.24
C6 MAN KA . -58.55 -1.11 -3.06
O2 MAN KA . -56.80 -4.80 -0.49
O3 MAN KA . -58.41 -3.52 1.29
O4 MAN KA . -59.13 -1.13 -0.17
O5 MAN KA . -58.14 -3.46 -2.85
O6 MAN KA . -58.81 0.08 -2.33
C1 MAN KA . -59.60 -11.64 -2.48
C2 MAN KA . -60.71 -12.59 -2.00
C3 MAN KA . -60.69 -12.75 -0.47
C4 MAN KA . -59.25 -12.76 0.10
C5 MAN KA . -58.45 -11.54 -0.36
C6 MAN KA . -57.08 -11.90 -0.90
O2 MAN KA . -60.55 -13.86 -2.60
O3 MAN KA . -61.36 -13.94 -0.10
O4 MAN KA . -59.30 -12.79 1.52
O5 MAN KA . -59.15 -10.83 -1.40
O6 MAN KA . -56.42 -10.77 -1.46
C1 MAN KA . -67.24 -7.72 -9.96
C2 MAN KA . -67.29 -9.03 -10.79
C3 MAN KA . -66.76 -8.81 -12.21
C4 MAN KA . -67.35 -7.53 -12.89
C5 MAN KA . -67.24 -6.35 -11.94
C6 MAN KA . -67.90 -5.09 -12.46
O2 MAN KA . -68.62 -9.52 -10.84
O3 MAN KA . -67.06 -9.95 -13.01
O4 MAN KA . -66.62 -7.24 -14.08
O5 MAN KA . -67.86 -6.67 -10.68
O6 MAN KA . -67.81 -4.04 -11.51
C1 NAG LA . -41.04 -1.36 46.79
C2 NAG LA . -40.15 -1.38 48.05
C3 NAG LA . -40.08 -2.78 48.68
C4 NAG LA . -41.51 -3.30 48.89
C5 NAG LA . -42.23 -3.30 47.56
C6 NAG LA . -43.65 -3.85 47.63
C7 NAG LA . -38.16 -0.09 48.53
C8 NAG LA . -36.94 -0.65 49.24
N2 NAG LA . -38.82 -0.92 47.71
O3 NAG LA . -39.40 -2.73 49.91
O4 NAG LA . -41.64 -4.59 49.57
O5 NAG LA . -42.33 -1.95 47.05
O6 NAG LA . -43.66 -5.22 47.98
O7 NAG LA . -38.50 1.08 48.72
C1 NAG LA . -40.78 -5.65 49.32
C2 NAG LA . -39.58 -5.60 50.30
C3 NAG LA . -39.71 -6.42 51.61
C4 NAG LA . -40.55 -7.68 51.49
C5 NAG LA . -40.85 -7.99 50.02
C6 NAG LA . -41.73 -9.21 49.86
C7 NAG LA . -37.45 -4.97 49.42
C8 NAG LA . -37.30 -4.43 48.01
N2 NAG LA . -38.35 -5.93 49.62
O3 NAG LA . -40.21 -5.60 52.65
O4 NAG LA . -39.76 -8.76 52.06
O5 NAG LA . -41.57 -6.86 49.45
O6 NAG LA . -42.79 -8.99 48.95
O7 NAG LA . -36.74 -4.52 50.33
C1 BMA LA . -40.19 -9.25 53.29
C2 BMA LA . -40.36 -10.76 53.20
C3 BMA LA . -40.61 -11.41 54.56
C4 BMA LA . -39.56 -10.90 55.63
C5 BMA LA . -39.52 -9.37 55.59
C6 BMA LA . -38.58 -8.70 56.58
O2 BMA LA . -39.20 -11.34 52.62
O3 BMA LA . -40.53 -12.85 54.41
O4 BMA LA . -39.94 -11.33 56.93
O5 BMA LA . -39.17 -8.92 54.26
O6 BMA LA . -37.32 -9.41 56.67
C1 MAN LA . -41.14 -13.67 55.36
C2 MAN LA . -41.54 -15.02 54.71
C3 MAN LA . -42.95 -15.02 54.06
C4 MAN LA . -44.00 -14.20 54.88
C5 MAN LA . -43.40 -12.84 55.22
C6 MAN LA . -44.34 -11.92 55.97
O2 MAN LA . -41.42 -16.10 55.65
O3 MAN LA . -43.40 -16.36 53.89
O4 MAN LA . -45.18 -14.03 54.12
O5 MAN LA . -42.24 -13.05 56.04
O6 MAN LA . -44.92 -12.57 57.09
C1 MAN LA . -40.12 -16.62 55.78
C2 MAN LA . -39.74 -17.44 54.52
C3 MAN LA . -40.36 -18.84 54.54
C4 MAN LA . -40.13 -19.56 55.89
C5 MAN LA . -40.65 -18.64 56.99
C6 MAN LA . -40.49 -19.23 58.37
O2 MAN LA . -38.33 -17.55 54.42
O3 MAN LA . -39.79 -19.64 53.50
O4 MAN LA . -40.81 -20.80 55.91
O5 MAN LA . -39.94 -17.39 56.97
O6 MAN LA . -41.49 -20.21 58.64
C1 MAN LA . -36.67 -9.07 57.87
C2 MAN LA . -35.14 -9.31 57.75
C3 MAN LA . -34.77 -10.79 57.83
C4 MAN LA . -35.49 -11.51 59.00
C5 MAN LA . -36.98 -11.21 58.94
C6 MAN LA . -37.76 -11.82 60.09
O2 MAN LA . -34.46 -8.58 58.75
O3 MAN LA . -33.36 -10.91 58.00
O4 MAN LA . -35.28 -12.91 58.90
O5 MAN LA . -37.19 -9.78 59.00
O6 MAN LA . -39.10 -11.32 60.13
C1 NAG MA . -85.38 -36.70 -3.36
C2 NAG MA . -86.57 -35.76 -3.29
C3 NAG MA . -87.33 -35.87 -1.94
C4 NAG MA . -86.57 -36.61 -0.79
C5 NAG MA . -85.61 -37.74 -1.25
C6 NAG MA . -85.90 -39.07 -0.61
C7 NAG MA . -85.30 -33.80 -2.66
C8 NAG MA . -85.88 -32.75 -1.72
N2 NAG MA . -86.15 -34.39 -3.50
O3 NAG MA . -88.57 -36.53 -2.15
O4 NAG MA . -85.82 -35.64 -0.04
O5 NAG MA . -85.67 -37.92 -2.68
O6 NAG MA . -86.98 -39.74 -1.24
O7 NAG MA . -84.10 -34.07 -2.61
C1 NAG MA . -85.90 -35.76 1.34
C2 NAG MA . -84.71 -35.06 2.01
C3 NAG MA . -84.83 -35.23 3.53
C4 NAG MA . -86.26 -34.84 4.06
C5 NAG MA . -87.38 -35.44 3.18
C6 NAG MA . -88.74 -34.86 3.51
C7 NAG MA . -82.92 -35.22 0.40
C8 NAG MA . -82.05 -33.98 0.46
N2 NAG MA . -83.46 -35.63 1.53
O3 NAG MA . -83.84 -34.43 4.17
O4 NAG MA . -86.42 -35.32 5.42
O5 NAG MA . -87.12 -35.17 1.78
O6 NAG MA . -88.99 -33.68 2.76
O7 NAG MA . -83.08 -35.80 -0.67
C1 BMA MA . -86.75 -34.38 6.37
C2 BMA MA . -88.07 -34.77 7.05
C3 BMA MA . -88.38 -33.78 8.19
C4 BMA MA . -87.16 -33.58 9.14
C5 BMA MA . -85.89 -33.31 8.33
C6 BMA MA . -84.64 -33.29 9.18
O2 BMA MA . -87.98 -36.08 7.59
O3 BMA MA . -89.50 -34.26 8.95
O4 BMA MA . -87.39 -32.47 10.01
O5 BMA MA . -85.69 -34.35 7.34
O6 BMA MA . -84.62 -32.17 10.05
C1 NAG NA . -33.19 -29.85 -6.29
C2 NAG NA . -32.72 -31.30 -6.38
C3 NAG NA . -32.52 -31.85 -4.97
C4 NAG NA . -31.57 -30.93 -4.15
C5 NAG NA . -32.08 -29.48 -4.22
C6 NAG NA . -31.14 -28.49 -3.55
C7 NAG NA . -33.33 -33.16 -7.79
C8 NAG NA . -33.67 -34.52 -7.22
N2 NAG NA . -33.71 -32.10 -7.10
O3 NAG NA . -32.00 -33.18 -5.04
O4 NAG NA . -31.52 -31.37 -2.78
O5 NAG NA . -32.22 -29.07 -5.59
O6 NAG NA . -30.05 -28.15 -4.40
O7 NAG NA . -32.71 -33.08 -8.86
C1 NAG NA . -30.40 -32.08 -2.41
C2 NAG NA . -30.25 -32.07 -0.88
C3 NAG NA . -29.03 -32.88 -0.47
C4 NAG NA . -29.05 -34.29 -1.13
C5 NAG NA . -29.38 -34.23 -2.63
C6 NAG NA . -29.64 -35.60 -3.23
C7 NAG NA . -29.08 -29.98 -0.77
C8 NAG NA . -27.91 -29.88 0.22
N2 NAG NA . -30.12 -30.70 -0.41
O3 NAG NA . -28.99 -33.02 0.94
O4 NAG NA . -27.76 -34.90 -0.95
O5 NAG NA . -30.56 -33.43 -2.86
O6 NAG NA . -31.03 -35.80 -3.46
O7 NAG NA . -29.01 -29.40 -1.85
C1 BMA NA . -27.71 -36.00 -0.14
C2 BMA NA . -26.46 -36.82 -0.46
C3 BMA NA . -26.35 -38.01 0.51
C4 BMA NA . -26.39 -37.49 2.00
C5 BMA NA . -27.67 -36.65 2.18
C6 BMA NA . -27.86 -36.08 3.57
O2 BMA NA . -25.30 -35.99 -0.32
O3 BMA NA . -25.14 -38.75 0.24
O4 BMA NA . -26.44 -38.62 2.87
O5 BMA NA . -27.67 -35.56 1.23
O6 BMA NA . -27.04 -34.91 3.80
C1 MAN NA . -27.65 -33.72 3.34
C2 MAN NA . -26.80 -32.49 3.72
C3 MAN NA . -27.05 -31.93 5.13
C4 MAN NA . -28.56 -31.99 5.56
C5 MAN NA . -29.11 -33.38 5.21
C6 MAN NA . -30.56 -33.59 5.60
O2 MAN NA . -27.00 -31.47 2.77
O3 MAN NA . -26.50 -30.59 5.21
O4 MAN NA . -28.71 -31.74 6.94
O5 MAN NA . -29.00 -33.57 3.80
O6 MAN NA . -31.41 -33.63 4.43
C1 MAN NA . -26.42 -30.00 6.47
C2 MAN NA . -27.01 -28.57 6.41
C3 MAN NA . -26.02 -27.57 5.79
C4 MAN NA . -24.60 -27.68 6.45
C5 MAN NA . -24.16 -29.13 6.31
C6 MAN NA . -22.78 -29.40 6.89
O2 MAN NA . -27.36 -28.14 7.71
O3 MAN NA . -26.52 -26.24 5.93
O4 MAN NA . -23.66 -26.82 5.82
O5 MAN NA . -25.09 -30.00 6.98
O6 MAN NA . -21.89 -28.32 6.66
C1 MAN NA . -32.55 -32.85 4.58
C2 MAN NA . -33.39 -32.89 3.30
C3 MAN NA . -34.05 -31.54 3.01
C4 MAN NA . -34.52 -30.82 4.31
C5 MAN NA . -33.37 -30.69 5.33
C6 MAN NA . -33.76 -31.14 6.71
O2 MAN NA . -34.39 -33.89 3.41
O3 MAN NA . -35.16 -31.73 2.13
O4 MAN NA . -35.01 -29.53 4.00
O5 MAN NA . -32.24 -31.50 4.91
O6 MAN NA . -32.64 -31.15 7.59
C1 MAN NA . -25.08 -39.37 -1.01
C2 MAN NA . -26.02 -40.60 -1.04
C3 MAN NA . -25.42 -41.75 -0.21
C4 MAN NA . -23.91 -42.01 -0.52
C5 MAN NA . -23.14 -40.68 -0.49
C6 MAN NA . -21.70 -40.82 -0.92
O2 MAN NA . -26.21 -41.03 -2.37
O3 MAN NA . -26.16 -42.95 -0.46
O4 MAN NA . -23.36 -42.90 0.45
O5 MAN NA . -23.77 -39.74 -1.38
O6 MAN NA . -21.05 -39.56 -0.90
C1 NAG OA . -42.84 18.83 14.53
C2 NAG OA . -43.45 20.11 15.18
C3 NAG OA . -44.96 20.19 14.97
C4 NAG OA . -45.27 20.02 13.46
C5 NAG OA . -44.69 18.71 12.97
C6 NAG OA . -44.96 18.42 11.51
C7 NAG OA . -42.75 21.26 17.17
C8 NAG OA . -43.71 21.87 18.18
N2 NAG OA . -43.13 20.13 16.59
O3 NAG OA . -45.45 21.44 15.43
O4 NAG OA . -46.67 20.18 13.05
O5 NAG OA . -43.25 18.73 13.15
O6 NAG OA . -46.34 18.24 11.27
O7 NAG OA . -41.67 21.81 16.94
C1 NAG OA . -47.72 19.67 13.81
C2 NAG OA . -48.19 20.76 14.81
C3 NAG OA . -49.37 21.66 14.33
C4 NAG OA . -50.38 20.98 13.39
C5 NAG OA . -50.10 19.47 13.35
C6 NAG OA . -51.04 18.75 12.40
C7 NAG OA . -47.73 20.46 17.13
C8 NAG OA . -46.77 19.38 17.59
N2 NAG OA . -48.50 20.18 16.10
O3 NAG OA . -48.86 22.82 13.71
O4 NAG OA . -51.71 21.22 13.92
O5 NAG OA . -48.75 19.26 12.89
O6 NAG OA . -50.33 17.86 11.54
O7 NAG OA . -47.76 21.55 17.70
C1 BMA OA . -52.49 22.13 13.22
C2 BMA OA . -53.84 21.47 12.89
C3 BMA OA . -54.86 22.47 12.33
C4 BMA OA . -54.91 23.77 13.20
C5 BMA OA . -53.49 24.29 13.42
C6 BMA OA . -53.36 25.58 14.24
O2 BMA OA . -54.37 20.88 14.07
O3 BMA OA . -56.16 21.83 12.28
O4 BMA OA . -55.69 24.76 12.53
O5 BMA OA . -52.68 23.28 14.06
O6 BMA OA . -54.27 25.58 15.35
C1 MAN OA . -57.13 22.32 11.41
C2 MAN OA . -58.07 21.16 10.99
C3 MAN OA . -57.61 20.38 9.73
C4 MAN OA . -56.95 21.28 8.65
C5 MAN OA . -55.91 22.16 9.32
C6 MAN OA . -55.14 23.06 8.38
O2 MAN OA . -59.42 21.64 10.80
O3 MAN OA . -58.71 19.69 9.16
O4 MAN OA . -56.34 20.48 7.66
O5 MAN OA . -56.59 23.01 10.29
O6 MAN OA . -56.01 23.76 7.50
C1 MAN OA . -60.17 21.75 12.00
C2 MAN OA . -60.56 20.34 12.52
C3 MAN OA . -61.76 19.76 11.76
C4 MAN OA . -62.90 20.78 11.64
C5 MAN OA . -62.35 22.06 11.02
C6 MAN OA . -63.39 23.14 10.86
O2 MAN OA . -60.86 20.41 13.90
O3 MAN OA . -62.23 18.60 12.43
O4 MAN OA . -63.94 20.25 10.81
O5 MAN OA . -61.30 22.59 11.87
O6 MAN OA . -64.19 22.91 9.70
C1 MAN OA . -54.48 26.89 15.80
C2 MAN OA . -54.90 26.90 17.28
C3 MAN OA . -56.38 26.49 17.47
C4 MAN OA . -57.32 27.20 16.47
C5 MAN OA . -56.77 27.06 15.05
C6 MAN OA . -57.59 27.78 14.01
O2 MAN OA . -54.71 28.20 17.83
O3 MAN OA . -56.79 26.80 18.80
O4 MAN OA . -58.62 26.62 16.53
O5 MAN OA . -55.44 27.60 15.00
O6 MAN OA . -56.92 27.77 12.75
C1 NAG PA . -50.99 -46.26 -23.21
C2 NAG PA . -49.93 -46.00 -24.26
C3 NAG PA . -50.36 -44.91 -25.27
C4 NAG PA . -51.56 -44.00 -24.85
C5 NAG PA . -52.60 -44.71 -23.93
C6 NAG PA . -54.01 -44.62 -24.46
C7 NAG PA . -48.56 -44.53 -22.92
C8 NAG PA . -47.80 -43.37 -23.55
N2 NAG PA . -48.67 -45.64 -23.65
O3 NAG PA . -50.66 -45.50 -26.52
O4 NAG PA . -51.03 -42.85 -24.15
O5 NAG PA . -52.28 -46.10 -23.76
O6 NAG PA . -54.25 -45.58 -25.47
O7 NAG PA . -49.02 -44.42 -21.79
C1 NAG PA . -51.60 -41.64 -24.50
C2 NAG PA . -51.39 -40.61 -23.40
C3 NAG PA . -52.04 -39.27 -23.83
C4 NAG PA . -51.60 -38.84 -25.27
C5 NAG PA . -51.69 -40.02 -26.25
C6 NAG PA . -51.04 -39.71 -27.59
C7 NAG PA . -51.28 -41.89 -21.37
C8 NAG PA . -50.29 -41.27 -20.40
N2 NAG PA . -51.97 -41.06 -22.15
O3 NAG PA . -51.68 -38.26 -22.89
O4 NAG PA . -52.48 -37.80 -25.73
O5 NAG PA . -51.02 -41.18 -25.71
O6 NAG PA . -49.64 -40.03 -27.58
O7 NAG PA . -51.44 -43.11 -21.39
C1 BMA PA . -51.90 -36.61 -26.12
C2 BMA PA . -52.27 -36.30 -27.58
C3 BMA PA . -51.68 -34.94 -27.99
C4 BMA PA . -52.03 -33.82 -26.94
C5 BMA PA . -51.72 -34.30 -25.52
C6 BMA PA . -52.22 -33.34 -24.47
O2 BMA PA . -53.68 -36.27 -27.73
O3 BMA PA . -52.18 -34.57 -29.28
O4 BMA PA . -51.26 -32.66 -27.22
O5 BMA PA . -52.38 -35.56 -25.27
O6 BMA PA . -51.45 -32.14 -24.46
C1 NAG QA . -52.58 -38.86 29.16
C2 NAG QA . -53.96 -39.42 29.51
C3 NAG QA . -54.99 -38.29 29.42
C4 NAG QA . -54.58 -37.05 30.25
C5 NAG QA . -53.14 -36.65 29.86
C6 NAG QA . -52.60 -35.52 30.70
C7 NAG QA . -55.12 -41.46 29.01
C8 NAG QA . -56.50 -41.50 28.39
N2 NAG QA . -54.31 -40.49 28.61
O3 NAG QA . -56.26 -38.77 29.85
O4 NAG QA . -55.48 -35.96 29.97
O5 NAG QA . -52.25 -37.77 30.03
O6 NAG QA . -52.26 -35.95 32.01
O7 NAG QA . -54.80 -42.31 29.84
C1 NAG QA . -56.44 -35.71 30.93
C2 NAG QA . -56.97 -34.28 30.78
C3 NAG QA . -58.08 -34.03 31.79
C4 NAG QA . -59.15 -35.15 31.77
C5 NAG QA . -58.52 -36.54 31.77
C6 NAG QA . -59.53 -37.64 31.52
C7 NAG QA . -55.27 -33.26 32.13
C8 NAG QA . -55.72 -32.16 33.10
N2 NAG QA . -55.90 -33.33 30.97
O3 NAG QA . -58.67 -32.77 31.55
O4 NAG QA . -60.00 -35.01 32.92
O5 NAG QA . -57.51 -36.65 30.74
O6 NAG QA . -59.40 -38.16 30.20
O7 NAG QA . -54.38 -34.03 32.47
C1 BMA QA . -61.32 -34.65 32.68
C2 BMA QA . -62.18 -35.06 33.88
C3 BMA QA . -63.62 -34.60 33.66
C4 BMA QA . -63.64 -33.04 33.37
C5 BMA QA . -62.70 -32.76 32.18
C6 BMA QA . -62.62 -31.31 31.77
O2 BMA QA . -61.65 -34.46 35.06
O3 BMA QA . -64.43 -34.95 34.80
O4 BMA QA . -64.96 -32.65 33.05
O5 BMA QA . -61.36 -33.23 32.49
O6 BMA QA . -61.74 -30.55 32.66
C1 MAN QA . -60.39 -30.62 32.28
C2 MAN QA . -59.54 -29.70 33.17
C3 MAN QA . -59.46 -28.22 32.70
C4 MAN QA . -59.37 -28.10 31.12
C5 MAN QA . -60.45 -29.00 30.51
C6 MAN QA . -60.54 -28.95 29.00
O2 MAN QA . -58.22 -30.22 33.29
O3 MAN QA . -58.32 -27.59 33.33
O4 MAN QA . -59.58 -26.76 30.71
O5 MAN QA . -60.19 -30.35 30.90
O6 MAN QA . -60.00 -30.16 28.42
C1 MAN QA . -58.23 -26.20 33.23
C2 MAN QA . -56.79 -25.80 32.83
C3 MAN QA . -55.83 -25.85 34.02
C4 MAN QA . -56.40 -25.12 35.27
C5 MAN QA . -57.78 -25.71 35.57
C6 MAN QA . -58.47 -25.07 36.77
O2 MAN QA . -56.79 -24.50 32.28
O3 MAN QA . -54.58 -25.27 33.66
O4 MAN QA . -55.54 -25.30 36.38
O5 MAN QA . -58.65 -25.53 34.42
O6 MAN QA . -57.54 -24.80 37.82
C1 MAN QA . -59.15 -29.88 27.34
C2 MAN QA . -58.61 -31.21 26.76
C3 MAN QA . -57.15 -31.05 26.30
C4 MAN QA . -56.86 -29.67 25.69
C5 MAN QA . -57.29 -28.53 26.62
C6 MAN QA . -58.13 -27.47 25.92
O2 MAN QA . -59.41 -31.60 25.66
O3 MAN QA . -56.84 -32.08 25.37
O4 MAN QA . -55.48 -29.55 25.39
O5 MAN QA . -58.07 -29.04 27.72
O6 MAN QA . -58.60 -26.51 26.85
C1 MAN QA . -64.59 -36.33 35.02
C2 MAN QA . -65.56 -36.93 33.97
C3 MAN QA . -67.01 -36.51 34.27
C4 MAN QA . -67.40 -36.69 35.77
C5 MAN QA . -66.32 -36.06 36.66
C6 MAN QA . -66.56 -36.30 38.14
O2 MAN QA . -65.45 -38.34 33.99
O3 MAN QA . -67.88 -37.27 33.45
O4 MAN QA . -68.64 -36.03 36.01
O5 MAN QA . -65.04 -36.62 36.33
O6 MAN QA . -65.51 -35.74 38.92
C1 NAG RA . -13.02 -3.34 20.94
C2 NAG RA . -11.98 -2.36 20.34
C3 NAG RA . -11.58 -2.76 18.90
C4 NAG RA . -11.17 -4.25 18.89
C5 NAG RA . -12.31 -5.10 19.44
C6 NAG RA . -12.01 -6.58 19.45
C7 NAG RA . -11.72 0.00 20.73
C8 NAG RA . -11.30 0.97 19.64
N2 NAG RA . -12.50 -1.01 20.37
O3 NAG RA . -10.54 -1.92 18.44
O4 NAG RA . -10.65 -4.78 17.65
O5 NAG RA . -12.58 -4.71 20.81
O6 NAG RA . -11.95 -7.10 18.13
O7 NAG RA . -11.32 0.18 21.89
C1 NAG RA . -11.18 -4.42 16.41
C2 NAG RA . -10.44 -3.17 15.87
C3 NAG RA . -9.25 -3.44 14.91
C4 NAG RA . -9.35 -4.69 14.06
C5 NAG RA . -10.77 -5.26 14.16
C6 NAG RA . -10.92 -6.55 13.36
C7 NAG RA . -11.56 -1.06 15.87
C8 NAG RA . -12.87 -0.88 16.63
N2 NAG RA . -11.36 -2.23 15.28
O3 NAG RA . -8.04 -3.49 15.63
O4 NAG RA . -9.07 -4.32 12.69
O5 NAG RA . -11.05 -5.57 15.55
O6 NAG RA . -11.47 -7.60 14.14
O7 NAG RA . -10.73 -0.16 15.85
C1 BMA RA . -7.86 -4.75 12.16
C2 BMA RA . -8.11 -5.50 10.85
C3 BMA RA . -6.81 -5.77 10.08
C4 BMA RA . -5.93 -4.50 9.97
C5 BMA RA . -5.76 -3.91 11.37
C6 BMA RA . -4.87 -2.68 11.48
O2 BMA RA . -8.99 -4.74 10.03
O3 BMA RA . -7.18 -6.22 8.75
O4 BMA RA . -4.66 -4.83 9.43
O5 BMA RA . -7.05 -3.58 11.93
O6 BMA RA . -5.10 -1.75 10.40
C1 MAN RA . -6.27 -6.99 8.02
C2 MAN RA . -7.04 -7.94 7.06
C3 MAN RA . -7.43 -9.31 7.68
C4 MAN RA . -6.34 -9.89 8.61
C5 MAN RA . -5.93 -8.80 9.59
C6 MAN RA . -4.92 -9.24 10.62
O2 MAN RA . -6.31 -8.12 5.83
O3 MAN RA . -7.69 -10.24 6.63
O4 MAN RA . -6.86 -11.00 9.32
O5 MAN RA . -5.34 -7.71 8.85
O6 MAN RA . -3.82 -9.92 10.03
C1 MAN RA . -6.49 -7.10 4.88
C2 MAN RA . -7.89 -7.20 4.24
C3 MAN RA . -7.97 -8.29 3.16
C4 MAN RA . -6.80 -8.18 2.17
C5 MAN RA . -5.49 -8.20 2.97
C6 MAN RA . -4.26 -8.10 2.11
O2 MAN RA . -8.26 -5.95 3.68
O3 MAN RA . -9.19 -8.17 2.44
O4 MAN RA . -6.81 -9.29 1.28
O5 MAN RA . -5.47 -7.08 3.89
O6 MAN RA . -3.93 -9.36 1.53
C1 MAN RA . -4.00 -0.91 10.24
C2 MAN RA . -4.42 0.41 9.54
C3 MAN RA . -4.60 0.22 8.02
C4 MAN RA . -3.45 -0.59 7.36
C5 MAN RA . -3.22 -1.87 8.18
C6 MAN RA . -2.06 -2.70 7.67
O2 MAN RA . -3.45 1.41 9.77
O3 MAN RA . -4.69 1.49 7.39
O4 MAN RA . -3.79 -0.94 6.02
O5 MAN RA . -2.92 -1.52 9.55
O6 MAN RA . -1.73 -3.73 8.59
C1 NAG SA . -58.94 -63.00 13.33
C2 NAG SA . -58.52 -63.74 14.60
C3 NAG SA . -57.09 -64.33 14.50
C4 NAG SA . -56.20 -63.76 13.34
C5 NAG SA . -56.99 -63.35 12.06
C6 NAG SA . -56.49 -64.04 10.80
C7 NAG SA . -57.87 -61.77 15.83
C8 NAG SA . -56.70 -61.79 16.80
N2 NAG SA . -58.62 -62.86 15.75
O3 NAG SA . -57.18 -65.74 14.36
O4 NAG SA . -55.47 -62.63 13.83
O5 NAG SA . -58.38 -63.66 12.19
O6 NAG SA . -57.02 -65.34 10.66
O7 NAG SA . -58.08 -60.75 15.16
C1 NAG SA . -54.13 -62.58 13.47
C2 NAG SA . -53.60 -61.15 13.59
C3 NAG SA . -52.10 -61.15 13.21
C4 NAG SA . -51.27 -62.27 13.95
C5 NAG SA . -52.03 -63.62 13.93
C6 NAG SA . -51.41 -64.64 14.86
C7 NAG SA . -55.48 -59.73 13.12
C8 NAG SA . -55.41 -58.46 13.95
N2 NAG SA . -54.33 -60.26 12.72
O3 NAG SA . -51.54 -59.86 13.49
O4 NAG SA . -50.00 -62.44 13.29
O5 NAG SA . -53.40 -63.43 14.35
O6 NAG SA . -51.95 -64.55 16.17
O7 NAG SA . -56.58 -60.22 12.84
C1 BMA SA . -48.87 -62.30 14.07
C2 BMA SA . -48.04 -63.58 14.04
C3 BMA SA . -46.73 -63.38 14.82
C4 BMA SA . -45.99 -62.06 14.41
C5 BMA SA . -46.97 -60.87 14.38
C6 BMA SA . -46.34 -59.63 13.79
O2 BMA SA . -47.72 -63.92 12.70
O3 BMA SA . -45.87 -64.49 14.62
O4 BMA SA . -44.96 -61.78 15.35
O5 BMA SA . -48.11 -61.20 13.55
O6 BMA SA . -45.36 -59.09 14.67
C1 NAG TA . 16.42 5.34 63.13
C2 NAG TA . 16.79 6.50 64.05
C3 NAG TA . 16.75 6.04 65.50
C4 NAG TA . 15.36 5.40 65.82
C5 NAG TA . 15.03 4.32 64.79
C6 NAG TA . 13.64 3.75 64.94
C7 NAG TA . 18.44 8.25 63.93
C8 NAG TA . 19.34 8.56 65.11
N2 NAG TA . 18.12 6.99 63.72
O3 NAG TA . 17.00 7.13 66.37
O4 NAG TA . 15.39 4.82 67.14
O5 NAG TA . 15.11 4.87 63.45
O6 NAG TA . 12.64 4.63 64.45
O7 NAG TA . 18.04 9.18 63.21
C1 NAG TA . 14.78 5.54 68.14
C2 NAG TA . 14.44 4.63 69.32
C3 NAG TA . 13.83 5.45 70.46
C4 NAG TA . 14.67 6.72 70.80
C5 NAG TA . 15.07 7.47 69.52
C6 NAG TA . 16.09 8.57 69.78
C7 NAG TA . 12.31 3.93 68.46
C8 NAG TA . 11.15 3.84 69.43
N2 NAG TA . 13.51 3.60 68.91
O3 NAG TA . 13.70 4.64 71.62
O4 NAG TA . 13.90 7.59 71.64
O5 NAG TA . 15.67 6.57 68.57
O6 NAG TA . 17.38 8.19 69.37
O7 NAG TA . 12.11 4.30 67.30
C1 BMA TA . 14.34 7.75 72.93
C2 BMA TA . 13.76 9.05 73.50
C3 BMA TA . 14.17 9.19 74.97
C4 BMA TA . 13.73 7.92 75.77
C5 BMA TA . 14.32 6.68 75.07
C6 BMA TA . 13.98 5.36 75.74
O2 BMA TA . 12.35 9.05 73.40
O3 BMA TA . 13.59 10.40 75.53
O4 BMA TA . 14.23 8.00 77.10
O5 BMA TA . 13.87 6.63 73.70
O6 BMA TA . 12.63 4.92 75.42
C1 MAN TA . 12.56 4.22 74.22
C2 MAN TA . 11.13 3.67 73.99
C3 MAN TA . 10.84 2.30 74.65
C4 MAN TA . 12.08 1.32 74.59
C5 MAN TA . 13.32 2.09 75.02
C6 MAN TA . 14.60 1.27 75.07
O2 MAN TA . 10.86 3.58 72.61
O3 MAN TA . 9.68 1.71 74.02
O4 MAN TA . 11.89 0.20 75.44
O5 MAN TA . 13.53 3.18 74.10
O6 MAN TA . 15.48 1.62 73.98
C1 MAN TA . 9.11 0.60 74.64
C2 MAN TA . 8.83 -0.49 73.59
C3 MAN TA . 7.55 -0.21 72.79
C4 MAN TA . 6.35 0.15 73.70
C5 MAN TA . 6.78 1.32 74.59
C6 MAN TA . 5.70 1.78 75.55
O2 MAN TA . 8.71 -1.76 74.22
O3 MAN TA . 7.21 -1.34 71.98
O4 MAN TA . 5.21 0.52 72.93
O5 MAN TA . 7.92 0.92 75.38
O6 MAN TA . 4.42 1.74 74.94
C1 MAN TA . 15.98 0.49 73.32
C2 MAN TA . 16.88 0.91 72.16
C3 MAN TA . 16.73 -0.05 70.96
C4 MAN TA . 16.55 -1.51 71.40
C5 MAN TA . 15.39 -1.67 72.40
C6 MAN TA . 15.78 -2.48 73.63
O2 MAN TA . 18.24 0.94 72.59
O3 MAN TA . 17.87 0.08 70.11
O4 MAN TA . 16.31 -2.33 70.27
O5 MAN TA . 14.94 -0.38 72.87
O6 MAN TA . 14.74 -2.47 74.60
C1 MAN TA . 14.06 11.60 74.96
C2 MAN TA . 15.49 11.90 75.43
C3 MAN TA . 15.51 12.35 76.90
C4 MAN TA . 14.44 13.43 77.21
C5 MAN TA . 13.07 12.99 76.65
C6 MAN TA . 12.00 14.05 76.79
O2 MAN TA . 16.07 12.90 74.62
O3 MAN TA . 16.80 12.84 77.24
O4 MAN TA . 14.33 13.61 78.62
O5 MAN TA . 13.20 12.69 75.25
O6 MAN TA . 10.78 13.62 76.22
C1 NAG UA . -4.61 -41.59 47.25
C2 NAG UA . -4.88 -43.04 46.83
C3 NAG UA . -3.62 -43.71 46.24
C4 NAG UA . -3.07 -42.79 45.12
C5 NAG UA . -2.80 -41.40 45.67
C6 NAG UA . -2.25 -40.43 44.64
C7 NAG UA . -6.36 -44.67 47.83
C8 NAG UA . -6.01 -46.14 47.95
N2 NAG UA . -5.36 -43.80 47.98
O3 NAG UA . -3.95 -44.98 45.73
O4 NAG UA . -1.94 -43.29 44.35
O5 NAG UA . -4.03 -40.83 46.17
O6 NAG UA . -0.96 -40.84 44.20
O7 NAG UA . -7.52 -44.33 47.60
C1 NAG UA . -0.90 -43.99 44.93
C2 NAG UA . -1.22 -45.50 44.92
C3 NAG UA . -0.67 -46.33 43.73
C4 NAG UA . 0.66 -45.83 43.15
C5 NAG UA . 1.25 -44.76 44.07
C6 NAG UA . 2.54 -44.18 43.51
C7 NAG UA . -1.79 -46.60 46.97
C8 NAG UA . -2.11 -45.77 48.22
N2 NAG UA . -0.84 -46.13 46.17
O3 NAG UA . -1.63 -46.40 42.70
O4 NAG UA . 1.56 -46.94 43.04
O5 NAG UA . 0.31 -43.66 44.20
O6 NAG UA . 2.54 -42.76 43.53
O7 NAG UA . -2.42 -47.62 46.74
C1 BMA UA . 1.82 -47.43 41.77
C2 BMA UA . 3.34 -47.46 41.56
C3 BMA UA . 3.72 -48.20 40.27
C4 BMA UA . 2.94 -49.56 40.11
C5 BMA UA . 1.45 -49.33 40.36
C6 BMA UA . 0.54 -50.55 40.24
O2 BMA UA . 3.94 -48.12 42.64
O3 BMA UA . 5.14 -48.43 40.29
O4 BMA UA . 3.13 -50.10 38.81
O5 BMA UA . 1.25 -48.75 41.68
O6 BMA UA . 1.14 -51.71 40.86
C1 MAN UA . 5.82 -48.65 39.07
C2 MAN UA . 7.29 -48.16 39.19
C3 MAN UA . 7.50 -46.67 38.83
C4 MAN UA . 6.62 -46.19 37.65
C5 MAN UA . 5.18 -46.63 37.90
C6 MAN UA . 4.19 -46.19 36.84
O2 MAN UA . 8.18 -48.99 38.43
O3 MAN UA . 8.87 -46.44 38.51
O4 MAN UA . 6.66 -44.77 37.54
O5 MAN UA . 5.15 -48.08 37.94
O6 MAN UA . 4.66 -46.46 35.54
C1 MAN UA . 8.57 -50.17 39.08
C2 MAN UA . 9.57 -49.86 40.21
C3 MAN UA . 10.99 -49.63 39.66
C4 MAN UA . 11.41 -50.74 38.66
C5 MAN UA . 10.35 -50.82 37.58
C6 MAN UA . 10.65 -51.88 36.54
O2 MAN UA . 9.60 -50.94 41.13
O3 MAN UA . 11.92 -49.59 40.74
O4 MAN UA . 12.68 -50.41 38.09
O5 MAN UA . 9.08 -51.16 38.18
O6 MAN UA . 11.61 -51.41 35.59
C1 MAN UA . 0.55 -52.88 40.36
C2 MAN UA . 0.70 -54.03 41.37
C3 MAN UA . 2.12 -54.63 41.38
C4 MAN UA . 2.66 -54.88 39.93
C5 MAN UA . 2.47 -53.61 39.10
C6 MAN UA . 2.90 -53.78 37.66
O2 MAN UA . -0.24 -55.06 41.08
O3 MAN UA . 2.12 -55.85 42.10
O4 MAN UA . 4.04 -55.21 39.99
O5 MAN UA . 1.07 -53.26 39.08
O6 MAN UA . 2.52 -52.65 36.88
C1 NAG VA . 42.38 17.16 55.47
C2 NAG VA . 41.52 18.20 54.79
C3 NAG VA . 41.43 18.00 53.25
C4 NAG VA . 41.87 16.59 52.74
C5 NAG VA . 43.00 15.92 53.57
C6 NAG VA . 44.21 15.53 52.74
C7 NAG VA . 39.40 17.15 55.29
C8 NAG VA . 38.24 17.22 54.31
N2 NAG VA . 40.19 18.22 55.37
O3 NAG VA . 42.20 18.99 52.60
O4 NAG VA . 40.73 15.71 52.71
O5 NAG VA . 43.46 16.79 54.62
O6 NAG VA . 45.05 16.65 52.49
O7 NAG VA . 39.58 16.14 55.96
C1 NAG VA . 40.61 14.93 51.57
C2 NAG VA . 39.71 13.72 51.85
C3 NAG VA . 39.60 12.88 50.56
C4 NAG VA . 39.20 13.75 49.32
C5 NAG VA . 40.04 15.05 49.26
C6 NAG VA . 39.51 16.03 48.24
C7 NAG VA . 40.06 13.24 54.18
C8 NAG VA . 38.78 12.74 54.83
N2 NAG VA . 40.27 12.92 52.91
O3 NAG VA . 38.64 11.85 50.75
O4 NAG VA . 39.43 13.00 48.11
O5 NAG VA . 40.03 15.73 50.54
O6 NAG VA . 38.50 16.88 48.78
O7 NAG VA . 40.86 13.91 54.84
C1 BMA VA . 38.36 12.85 47.25
C2 BMA VA . 38.70 13.43 45.88
C3 BMA VA . 37.53 13.16 44.90
C4 BMA VA . 37.07 11.66 44.93
C5 BMA VA . 36.88 11.19 46.37
C6 BMA VA . 36.62 9.70 46.46
O2 BMA VA . 39.87 12.82 45.37
O3 BMA VA . 37.92 13.51 43.58
O4 BMA VA . 35.85 11.52 44.22
O5 BMA VA . 38.07 11.45 47.15
O6 BMA VA . 35.34 9.38 45.94
C1 NAG WA . 32.27 -21.24 90.40
C2 NAG WA . 33.68 -21.81 90.60
C3 NAG WA . 33.92 -22.89 89.55
C4 NAG WA . 32.82 -23.96 89.61
C5 NAG WA . 31.44 -23.28 89.49
C6 NAG WA . 30.28 -24.25 89.64
C7 NAG WA . 35.80 -20.82 91.14
C8 NAG WA . 37.06 -21.13 90.34
N2 NAG WA . 34.66 -20.75 90.47
O3 NAG WA . 35.19 -23.51 89.79
O4 NAG WA . 32.99 -24.89 88.53
O5 NAG WA . 31.29 -22.28 90.52
O6 NAG WA . 30.12 -24.66 90.99
O7 NAG WA . 35.88 -20.65 92.36
C1 NAG WA . 33.52 -26.13 88.86
C2 NAG WA . 33.21 -27.15 87.77
C3 NAG WA . 33.85 -28.49 88.11
C4 NAG WA . 35.33 -28.34 88.44
C5 NAG WA . 35.58 -27.20 89.44
C6 NAG WA . 37.05 -26.88 89.62
C7 NAG WA . 31.07 -27.81 88.66
C8 NAG WA . 30.71 -29.29 88.59
N2 NAG WA . 31.78 -27.31 87.64
O3 NAG WA . 33.72 -29.38 87.02
O4 NAG WA . 35.81 -29.57 89.02
O5 NAG WA . 34.94 -25.99 88.99
O6 NAG WA . 37.42 -25.69 88.93
O7 NAG WA . 30.72 -27.14 89.63
C1 BMA WA . 36.74 -30.27 88.28
C2 BMA WA . 37.51 -31.22 89.22
C3 BMA WA . 38.50 -32.05 88.39
C4 BMA WA . 37.72 -32.81 87.23
C5 BMA WA . 36.95 -31.76 86.42
C6 BMA WA . 36.15 -32.33 85.25
O2 BMA WA . 36.60 -32.07 89.89
O3 BMA WA . 39.20 -32.97 89.25
O4 BMA WA . 38.65 -33.49 86.41
O5 BMA WA . 36.05 -31.02 87.27
O6 BMA WA . 34.91 -32.92 85.69
C1 MAN WA . 33.87 -31.97 85.81
C2 MAN WA . 32.54 -32.67 86.18
C3 MAN WA . 31.74 -33.20 84.96
C4 MAN WA . 31.82 -32.25 83.70
C5 MAN WA . 33.28 -31.84 83.49
C6 MAN WA . 33.52 -30.96 82.28
O2 MAN WA . 31.73 -31.78 86.92
O3 MAN WA . 30.37 -33.42 85.37
O4 MAN WA . 31.33 -32.90 82.53
O5 MAN WA . 33.73 -31.14 84.66
O6 MAN WA . 33.83 -29.61 82.69
C1 MAN WA . 29.54 -34.12 84.49
C2 MAN WA . 28.19 -33.39 84.34
C3 MAN WA . 27.27 -33.62 85.55
C4 MAN WA . 27.16 -35.14 85.90
C5 MAN WA . 28.57 -35.68 86.11
C6 MAN WA . 28.61 -37.15 86.44
O2 MAN WA . 27.54 -33.81 83.16
O3 MAN WA . 25.97 -33.10 85.28
O4 MAN WA . 26.39 -35.32 87.09
O5 MAN WA . 29.34 -35.49 84.90
O6 MAN WA . 27.57 -37.52 87.35
C1 MAN WA . 33.11 -28.66 81.95
C2 MAN WA . 33.46 -27.25 82.43
C3 MAN WA . 32.23 -26.33 82.39
C4 MAN WA . 31.33 -26.61 81.18
C5 MAN WA . 30.93 -28.09 81.10
C6 MAN WA . 31.11 -28.69 79.72
O2 MAN WA . 34.49 -26.71 81.63
O3 MAN WA . 32.65 -24.97 82.36
O4 MAN WA . 30.16 -25.81 81.25
O5 MAN WA . 31.70 -28.88 82.02
O6 MAN WA . 30.90 -30.09 79.73
C1 MAN WA . 40.04 -32.38 90.20
C2 MAN WA . 41.30 -31.84 89.52
C3 MAN WA . 42.25 -32.97 89.13
C4 MAN WA . 42.46 -34.05 90.26
C5 MAN WA . 41.09 -34.45 90.83
C6 MAN WA . 41.20 -35.37 92.02
O2 MAN WA . 41.98 -30.95 90.40
O3 MAN WA . 43.51 -32.44 88.75
O4 MAN WA . 43.10 -35.20 89.72
O5 MAN WA . 40.38 -33.27 91.26
O6 MAN WA . 39.91 -35.70 92.53
C1 NAG XA . -18.68 -17.60 73.40
C2 NAG XA . -19.99 -17.30 72.63
C3 NAG XA . -19.91 -15.97 71.88
C4 NAG XA . -19.44 -14.86 72.86
C5 NAG XA . -18.12 -15.26 73.49
C6 NAG XA . -17.56 -14.23 74.45
C7 NAG XA . -21.51 -18.84 71.60
C8 NAG XA . -22.24 -18.55 70.29
N2 NAG XA . -20.27 -18.38 71.72
O3 NAG XA . -21.17 -15.64 71.34
O4 NAG XA . -19.41 -13.49 72.35
O5 NAG XA . -18.29 -16.50 74.22
O6 NAG XA . -17.30 -13.00 73.79
O7 NAG XA . -22.09 -19.47 72.49
C1 NAG XA . -18.99 -13.19 71.07
C2 NAG XA . -20.20 -13.23 70.10
C3 NAG XA . -20.90 -11.87 69.82
C4 NAG XA . -20.01 -10.65 69.91
C5 NAG XA . -18.55 -11.08 69.95
C6 NAG XA . -17.61 -9.89 70.06
C7 NAG XA . -20.39 -15.03 68.55
C8 NAG XA . -19.49 -16.26 68.68
N2 NAG XA . -19.85 -13.86 68.85
O3 NAG XA . -21.99 -11.71 70.73
O4 NAG XA . -20.26 -9.88 68.72
O5 NAG XA . -18.34 -11.91 71.12
O6 NAG XA . -16.66 -10.06 71.11
O7 NAG XA . -21.56 -15.17 68.20
C1 BMA XA . -20.96 -8.69 68.88
C2 BMA XA . -20.16 -7.54 68.25
C3 BMA XA . -20.97 -6.23 68.19
C4 BMA XA . -22.40 -6.48 67.59
C5 BMA XA . -23.05 -7.64 68.35
C6 BMA XA . -24.48 -8.00 67.92
O2 BMA XA . -19.78 -7.90 66.92
O3 BMA XA . -20.24 -5.29 67.37
O4 BMA XA . -23.19 -5.31 67.75
O5 BMA XA . -22.23 -8.83 68.23
O6 BMA XA . -24.63 -7.96 66.49
C1 MAN XA . -20.49 -3.92 67.51
C2 MAN XA . -19.22 -3.11 67.15
C3 MAN XA . -18.25 -2.87 68.33
C4 MAN XA . -18.98 -2.60 69.67
C5 MAN XA . -20.04 -3.67 69.87
C6 MAN XA . -20.79 -3.57 71.18
O2 MAN XA . -19.58 -1.87 66.51
O3 MAN XA . -17.39 -1.78 68.03
O4 MAN XA . -18.05 -2.63 70.75
O5 MAN XA . -21.00 -3.57 68.80
O6 MAN XA . -21.26 -2.25 71.42
C1 MAN XA . -19.83 -1.96 65.14
C2 MAN XA . -18.52 -2.19 64.36
C3 MAN XA . -17.71 -0.90 64.16
C4 MAN XA . -18.60 0.27 63.66
C5 MAN XA . -19.78 0.41 64.62
C6 MAN XA . -20.73 1.51 64.23
O2 MAN XA . -18.81 -2.77 63.09
O3 MAN XA . -16.66 -1.12 63.23
O4 MAN XA . -17.85 1.48 63.62
O5 MAN XA . -20.53 -0.82 64.63
O6 MAN XA . -20.22 2.78 64.61
C1 MAN XA . -25.98 -7.83 66.15
C2 MAN XA . -26.24 -8.36 64.73
C3 MAN XA . -25.77 -7.39 63.64
C4 MAN XA . -26.22 -5.93 63.92
C5 MAN XA . -25.85 -5.56 65.35
C6 MAN XA . -26.29 -4.17 65.76
O2 MAN XA . -27.62 -8.63 64.56
O3 MAN XA . -26.31 -7.79 62.38
O4 MAN XA . -25.58 -5.04 63.02
O5 MAN XA . -26.45 -6.48 66.28
O6 MAN XA . -26.09 -3.94 67.15
C1 NAG YA . 52.77 0.02 91.13
C2 NAG YA . 52.63 -0.14 92.64
C3 NAG YA . 51.79 0.97 93.29
C4 NAG YA . 50.89 1.82 92.30
C5 NAG YA . 51.50 2.00 90.88
C6 NAG YA . 51.62 3.44 90.45
C7 NAG YA . 50.86 -1.78 92.58
C8 NAG YA . 49.79 -1.82 93.64
N2 NAG YA . 52.09 -1.45 92.96
O3 NAG YA . 52.63 1.86 94.00
O4 NAG YA . 49.60 1.20 92.20
O5 NAG YA . 52.80 1.40 90.80
O6 NAG YA . 52.76 4.05 91.03
O7 NAG YA . 50.58 -2.07 91.40
C1 NAG YA . 48.52 2.06 92.26
C2 NAG YA . 47.29 1.41 91.64
C3 NAG YA . 46.11 2.40 91.73
C4 NAG YA . 45.93 2.97 93.17
C5 NAG YA . 47.28 3.41 93.78
C6 NAG YA . 47.17 3.71 95.25
C7 NAG YA . 48.17 -0.08 89.97
C8 NAG YA . 47.31 -1.35 89.86
N2 NAG YA . 47.54 1.05 90.27
O3 NAG YA . 44.91 1.73 91.32
O4 NAG YA . 45.05 4.12 93.11
O5 NAG YA . 48.27 2.37 93.63
O6 NAG YA . 47.38 2.56 96.05
O7 NAG YA . 49.38 -0.15 89.77
C1 BMA YA . 43.93 4.08 93.91
C2 BMA YA . 43.92 5.28 94.86
C3 BMA YA . 42.63 5.30 95.69
C4 BMA YA . 41.37 5.13 94.79
C5 BMA YA . 41.54 3.97 93.81
C6 BMA YA . 40.43 3.90 92.78
O2 BMA YA . 44.02 6.50 94.12
O3 BMA YA . 42.54 6.51 96.43
O4 BMA YA . 40.23 4.89 95.60
O5 BMA YA . 42.78 4.13 93.07
O6 BMA YA . 39.20 3.51 93.38
C1 NAG ZA . 36.35 -28.44 49.98
C2 NAG ZA . 36.93 -27.65 48.82
C3 NAG ZA . 35.95 -26.56 48.41
C4 NAG ZA . 34.55 -27.20 48.08
C5 NAG ZA . 34.11 -28.06 49.28
C6 NAG ZA . 32.81 -28.81 49.00
C7 NAG ZA . 39.12 -26.80 48.28
C8 NAG ZA . 39.34 -25.34 47.92
N2 NAG ZA . 38.21 -27.07 49.20
O3 NAG ZA . 36.46 -25.86 47.29
O4 NAG ZA . 33.61 -26.15 47.85
O5 NAG ZA . 35.11 -29.04 49.59
O6 NAG ZA . 33.04 -29.92 48.14
O7 NAG ZA . 39.78 -27.67 47.72
C1 NAG ZA . 33.28 -25.92 46.53
C2 NAG ZA . 31.92 -25.19 46.45
C3 NAG ZA . 31.59 -24.89 44.99
C4 NAG ZA . 32.75 -24.19 44.28
C5 NAG ZA . 34.10 -24.88 44.54
C6 NAG ZA . 35.28 -24.06 44.04
C7 NAG ZA . 30.58 -27.19 46.47
C8 NAG ZA . 29.38 -27.23 45.55
N2 NAG ZA . 30.89 -26.01 47.03
O3 NAG ZA . 30.44 -24.06 44.92
O4 NAG ZA . 32.51 -24.19 42.86
O5 NAG ZA . 34.29 -25.09 45.95
O6 NAG ZA . 35.97 -23.44 45.13
O7 NAG ZA . 31.22 -28.23 46.68
C1 BMA ZA . 32.31 -22.95 42.27
C2 BMA ZA . 32.57 -23.06 40.77
C3 BMA ZA . 32.26 -21.72 40.09
C4 BMA ZA . 30.79 -21.26 40.44
C5 BMA ZA . 30.66 -21.24 41.98
C6 BMA ZA . 29.29 -20.81 42.49
O2 BMA ZA . 31.73 -24.08 40.20
O3 BMA ZA . 32.46 -21.83 38.66
O4 BMA ZA . 30.57 -19.94 39.93
O5 BMA ZA . 30.95 -22.56 42.51
O6 BMA ZA . 28.32 -21.87 42.39
C1 MAN ZA . 28.33 -22.73 43.50
C2 MAN ZA . 27.20 -23.78 43.39
C3 MAN ZA . 25.83 -23.32 43.95
C4 MAN ZA . 25.96 -22.43 45.25
C5 MAN ZA . 27.02 -21.38 44.99
C6 MAN ZA . 27.23 -20.39 46.13
O2 MAN ZA . 27.58 -24.98 44.04
O3 MAN ZA . 25.02 -24.50 44.21
O4 MAN ZA . 24.72 -21.80 45.56
O5 MAN ZA . 28.27 -22.04 44.74
O6 MAN ZA . 28.48 -20.65 46.81
C1 MAN ZA . 23.66 -24.28 44.48
C2 MAN ZA . 23.25 -25.12 45.71
C3 MAN ZA . 23.00 -26.60 45.36
C4 MAN ZA . 22.11 -26.76 44.10
C5 MAN ZA . 22.75 -25.97 42.97
C6 MAN ZA . 21.98 -26.04 41.67
O2 MAN ZA . 22.06 -24.58 46.27
O3 MAN ZA . 22.42 -27.28 46.46
O4 MAN ZA . 21.99 -28.13 43.74
O5 MAN ZA . 22.83 -24.57 43.35
O6 MAN ZA . 21.47 -27.34 41.42
C1 MAN ZA . 28.33 -20.64 48.20
C2 MAN ZA . 29.68 -20.92 48.87
C3 MAN ZA . 29.52 -21.80 50.11
C4 MAN ZA . 28.25 -21.45 50.91
C5 MAN ZA . 27.00 -21.48 50.03
C6 MAN ZA . 26.13 -20.24 50.17
O2 MAN ZA . 30.31 -19.70 49.23
O3 MAN ZA . 30.67 -21.68 50.95
O4 MAN ZA . 28.10 -22.37 51.99
O5 MAN ZA . 27.36 -21.60 48.63
O6 MAN ZA . 25.09 -20.21 49.20
C1 MAN ZA . 33.77 -22.06 38.25
C2 MAN ZA . 34.62 -20.79 38.42
C3 MAN ZA . 34.27 -19.75 37.35
C4 MAN ZA . 34.21 -20.36 35.91
C5 MAN ZA . 33.34 -21.63 35.93
C6 MAN ZA . 33.32 -22.36 34.61
O2 MAN ZA . 36.00 -21.11 38.34
O3 MAN ZA . 35.22 -18.71 37.36
O4 MAN ZA . 33.62 -19.41 35.03
O5 MAN ZA . 33.85 -22.55 36.92
O6 MAN ZA . 32.57 -23.57 34.70
C1 NAG AB . -0.16 -48.67 83.95
C2 NAG AB . -1.09 -49.00 85.14
C3 NAG AB . -0.49 -48.55 86.48
C4 NAG AB . 0.94 -49.11 86.60
C5 NAG AB . 1.75 -48.63 85.41
C6 NAG AB . 3.20 -49.08 85.45
C7 NAG AB . -3.50 -49.04 85.22
C8 NAG AB . -4.31 -48.54 86.41
N2 NAG AB . -2.38 -48.38 84.93
O3 NAG AB . -1.30 -49.03 87.55
O4 NAG AB . 1.62 -48.85 87.87
O5 NAG AB . 1.18 -49.15 84.20
O6 NAG AB . 3.91 -48.49 86.52
O7 NAG AB . -3.90 -50.01 84.59
C1 NAG AB . 1.53 -47.64 88.53
C2 NAG AB . 0.34 -47.69 89.52
C3 NAG AB . 0.67 -48.11 90.98
C4 NAG AB . 2.07 -47.68 91.47
C5 NAG AB . 2.71 -46.74 90.46
C6 NAG AB . 4.12 -46.34 90.86
C7 NAG AB . -1.63 -46.42 89.05
C8 NAG AB . -1.83 -45.80 87.69
N2 NAG AB . -0.39 -46.45 89.53
O3 NAG AB . 0.57 -49.51 91.12
O4 NAG AB . 1.93 -47.03 92.75
O5 NAG AB . 2.81 -47.40 89.18
O6 NAG AB . 5.01 -46.35 89.75
O7 NAG AB . -2.58 -46.90 89.66
C1 BMA AB . 2.33 -47.72 93.87
C2 BMA AB . 3.33 -46.87 94.67
C3 BMA AB . 3.65 -47.46 96.04
C4 BMA AB . 2.34 -47.92 96.79
C5 BMA AB . 1.50 -48.77 95.85
C6 BMA AB . 0.19 -49.32 96.43
O2 BMA AB . 2.80 -45.59 94.86
O3 BMA AB . 4.35 -46.46 96.81
O4 BMA AB . 2.67 -48.67 97.96
O5 BMA AB . 1.17 -48.01 94.66
O6 BMA AB . -0.49 -48.33 97.23
C1 MAN AB . 5.17 -46.88 97.88
C2 MAN AB . 6.31 -45.86 98.08
C3 MAN AB . 7.59 -46.15 97.23
C4 MAN AB . 7.91 -47.65 97.12
C5 MAN AB . 6.64 -48.39 96.71
C6 MAN AB . 6.82 -49.88 96.48
O2 MAN AB . 6.66 -45.73 99.47
O3 MAN AB . 8.71 -45.48 97.81
O4 MAN AB . 8.92 -47.88 96.15
O5 MAN AB . 5.65 -48.21 97.74
O6 MAN AB . 7.51 -50.49 97.56
C1 MAN AB . 5.83 -44.85 100.19
C2 MAN AB . 6.15 -43.38 99.82
C3 MAN AB . 7.41 -42.85 100.53
C4 MAN AB . 7.39 -43.18 102.03
C5 MAN AB . 7.18 -44.68 102.21
C6 MAN AB . 7.14 -45.12 103.65
O2 MAN AB . 5.05 -42.55 100.14
O3 MAN AB . 7.51 -41.45 100.36
O4 MAN AB . 8.63 -42.81 102.64
O5 MAN AB . 5.91 -45.05 101.61
O6 MAN AB . 8.45 -45.22 104.19
C1 MAN AB . -1.39 -48.96 98.11
C2 MAN AB . -2.50 -47.98 98.52
C3 MAN AB . -2.03 -46.96 99.57
C4 MAN AB . -1.24 -47.61 100.72
C5 MAN AB . -0.15 -48.51 100.13
C6 MAN AB . 0.65 -49.25 101.18
O2 MAN AB . -3.62 -48.71 99.04
O3 MAN AB . -3.17 -46.28 100.12
O4 MAN AB . -0.64 -46.62 101.54
O5 MAN AB . -0.75 -49.50 99.26
O6 MAN AB . 1.52 -50.21 100.57
C1 NAG BB . 63.29 -18.06 56.27
C2 NAG BB . 63.76 -19.28 55.48
C3 NAG BB . 64.24 -20.43 56.38
C4 NAG BB . 63.82 -20.35 57.89
C5 NAG BB . 63.68 -18.92 58.44
C6 NAG BB . 64.51 -18.66 59.68
C7 NAG BB . 61.57 -20.20 55.07
C8 NAG BB . 61.36 -21.71 55.01
N2 NAG BB . 62.71 -19.72 54.58
O3 NAG BB . 65.66 -20.54 56.30
O4 NAG BB . 62.57 -21.05 58.05
O5 NAG BB . 64.08 -17.94 57.46
O6 NAG BB . 65.87 -18.39 59.36
O7 NAG BB . 60.69 -19.48 55.57
C1 NAG BB . 62.49 -21.87 59.16
C2 NAG BB . 61.04 -22.13 59.54
C3 NAG BB . 60.99 -23.06 60.76
C4 NAG BB . 61.88 -24.34 60.57
C5 NAG BB . 63.26 -23.97 60.00
C6 NAG BB . 64.06 -25.18 59.57
C7 NAG BB . 59.89 -20.12 58.88
C8 NAG BB . 58.49 -20.44 58.36
N2 NAG BB . 60.38 -20.88 59.86
O3 NAG BB . 59.65 -23.46 61.00
O4 NAG BB . 62.05 -24.98 61.84
O5 NAG BB . 63.13 -23.11 58.84
O6 NAG BB . 63.73 -25.57 58.23
O7 NAG BB . 60.51 -19.16 58.41
C1 BMA BB . 61.68 -26.31 61.93
C2 BMA BB . 62.88 -27.18 62.34
C3 BMA BB . 62.44 -28.64 62.54
C4 BMA BB . 61.17 -28.74 63.44
C5 BMA BB . 60.09 -27.75 62.99
C6 BMA BB . 58.91 -27.69 63.94
O2 BMA BB . 63.43 -26.68 63.56
O3 BMA BB . 63.50 -29.38 63.12
O4 BMA BB . 60.64 -30.07 63.37
O5 BMA BB . 60.64 -26.42 62.91
O6 BMA BB . 58.16 -28.89 63.92
C1 NAG CB . 16.76 -27.54 -64.24
C2 NAG CB . 16.44 -28.71 -65.17
C3 NAG CB . 16.95 -28.40 -66.57
C4 NAG CB . 16.43 -27.03 -67.07
C5 NAG CB . 16.73 -25.95 -66.02
C6 NAG CB . 16.14 -24.59 -66.38
C7 NAG CB . 16.48 -31.10 -64.92
C8 NAG CB . 17.19 -32.00 -65.92
N2 NAG CB . 17.03 -29.92 -64.65
O3 NAG CB . 16.59 -29.46 -67.45
O4 NAG CB . 17.08 -26.70 -68.31
O5 NAG CB . 16.17 -26.33 -64.75
O6 NAG CB . 14.75 -24.53 -66.08
O7 NAG CB . 15.42 -31.48 -64.39
C1 NAG CB . 16.34 -26.88 -69.47
C2 NAG CB . 16.93 -26.05 -70.61
C3 NAG CB . 16.13 -26.28 -71.89
C4 NAG CB . 16.00 -27.80 -72.18
C5 NAG CB . 15.55 -28.58 -70.94
C6 NAG CB . 15.64 -30.09 -71.15
C7 NAG CB . 15.74 -24.02 -70.05
C8 NAG CB . 15.17 -23.23 -71.23
N2 NAG CB . 16.91 -24.64 -70.26
O3 NAG CB . 16.75 -25.61 -72.97
O4 NAG CB . 15.03 -27.97 -73.22
O5 NAG CB . 16.40 -28.27 -69.82
O6 NAG CB . 16.76 -30.63 -70.49
O7 NAG CB . 15.14 -24.07 -69.00
C1 BMA CB . 15.48 -28.45 -74.43
C2 BMA CB . 14.32 -29.06 -75.21
C3 BMA CB . 14.81 -29.55 -76.58
C4 BMA CB . 15.48 -28.34 -77.34
C5 BMA CB . 16.60 -27.80 -76.44
C6 BMA CB . 17.38 -26.64 -77.04
O2 BMA CB . 13.29 -28.09 -75.38
O3 BMA CB . 13.69 -30.08 -77.34
O4 BMA CB . 16.03 -28.81 -78.56
O5 BMA CB . 16.06 -27.38 -75.17
O6 BMA CB . 16.65 -25.39 -76.93
C1 MAN CB . 16.85 -24.75 -75.70
C2 MAN CB . 16.15 -23.37 -75.68
C3 MAN CB . 17.00 -22.22 -76.28
C4 MAN CB . 18.52 -22.33 -75.91
C5 MAN CB . 18.98 -23.76 -76.17
C6 MAN CB . 20.45 -24.01 -75.90
O2 MAN CB . 15.77 -23.04 -74.36
O3 MAN CB . 16.45 -20.95 -75.80
O4 MAN CB . 19.29 -21.43 -76.70
O5 MAN CB . 18.22 -24.65 -75.33
O6 MAN CB . 20.63 -24.79 -74.70
C1 MAN CB . 16.91 -19.79 -76.42
C2 MAN CB . 17.24 -18.73 -75.35
C3 MAN CB . 15.98 -18.04 -74.79
C4 MAN CB . 15.07 -17.54 -75.95
C5 MAN CB . 14.76 -18.73 -76.86
C6 MAN CB . 13.86 -18.40 -78.03
O2 MAN CB . 18.12 -17.76 -75.88
O3 MAN CB . 16.35 -16.95 -73.96
O4 MAN CB . 13.87 -17.00 -75.43
O5 MAN CB . 15.99 -19.28 -77.39
O6 MAN CB . 12.85 -17.46 -77.66
C1 MAN CB . 21.63 -24.27 -73.88
C2 MAN CB . 21.78 -25.13 -72.62
C3 MAN CB . 22.11 -24.27 -71.39
C4 MAN CB . 23.04 -23.09 -71.72
C5 MAN CB . 22.50 -22.24 -72.88
C6 MAN CB . 23.54 -21.96 -73.95
O2 MAN CB . 22.82 -26.09 -72.81
O3 MAN CB . 22.69 -25.09 -70.38
O4 MAN CB . 23.20 -22.27 -70.57
O5 MAN CB . 21.39 -22.92 -73.52
O6 MAN CB . 22.95 -21.31 -75.07
C1 MAN CB . 13.11 -31.24 -76.81
C2 MAN CB . 14.04 -32.46 -77.04
C3 MAN CB . 14.02 -32.90 -78.51
C4 MAN CB . 12.58 -32.99 -79.10
C5 MAN CB . 11.80 -31.72 -78.76
C6 MAN CB . 10.35 -31.76 -79.18
O2 MAN CB . 13.63 -33.54 -76.21
O3 MAN CB . 14.64 -34.16 -78.64
O4 MAN CB . 12.65 -33.12 -80.52
O5 MAN CB . 11.82 -31.49 -77.33
O6 MAN CB . 9.66 -30.58 -78.81
C1 NAG DB . 30.33 22.05 -48.36
C2 NAG DB . 31.04 23.34 -47.86
C3 NAG DB . 32.27 23.02 -46.99
C4 NAG DB . 31.83 22.02 -45.86
C5 NAG DB . 31.22 20.78 -46.50
C6 NAG DB . 30.80 19.72 -45.51
C7 NAG DB . 31.27 25.47 -48.97
C8 NAG DB . 32.52 26.32 -48.90
N2 NAG DB . 31.43 24.14 -48.99
O3 NAG DB . 32.77 24.20 -46.40
O4 NAG DB . 32.85 21.67 -44.87
O5 NAG DB . 30.05 21.16 -47.26
O6 NAG DB . 31.92 19.19 -44.82
O7 NAG DB . 30.15 26.00 -49.00
C1 NAG DB . 34.17 21.45 -45.21
C2 NAG DB . 34.95 22.80 -45.11
C3 NAG DB . 35.67 23.08 -43.77
C4 NAG DB . 36.18 21.83 -43.03
C5 NAG DB . 36.07 20.61 -43.95
C6 NAG DB . 36.53 19.34 -43.24
C7 NAG DB . 35.67 23.87 -47.13
C8 NAG DB . 35.13 23.41 -48.48
N2 NAG DB . 35.89 22.94 -46.21
O3 NAG DB . 34.82 23.83 -42.92
O4 NAG DB . 37.56 22.08 -42.68
O5 NAG DB . 34.69 20.44 -44.34
O6 NAG DB . 35.60 18.28 -43.44
O7 NAG DB . 35.85 25.07 -46.92
C1 BMA DB . 37.83 22.32 -41.34
C2 BMA DB . 38.92 21.35 -40.86
C3 BMA DB . 39.43 21.70 -39.46
C4 BMA DB . 39.76 23.23 -39.34
C5 BMA DB . 38.57 24.05 -39.86
C6 BMA DB . 38.72 25.57 -39.80
O2 BMA DB . 40.01 21.38 -41.78
O3 BMA DB . 40.61 20.90 -39.20
O4 BMA DB . 40.03 23.57 -37.99
O5 BMA DB . 38.28 23.68 -41.23
O6 BMA DB . 40.04 25.98 -40.21
C1 MAN DB . 41.00 20.67 -37.87
C2 MAN DB . 41.73 19.31 -37.77
C3 MAN DB . 40.81 18.09 -37.52
C4 MAN DB . 39.64 18.41 -36.55
C5 MAN DB . 38.97 19.69 -37.02
C6 MAN DB . 37.76 20.08 -36.20
O2 MAN DB . 42.79 19.36 -36.80
O3 MAN DB . 41.58 17.02 -37.01
O4 MAN DB . 38.71 17.34 -36.55
O5 MAN DB . 39.93 20.76 -36.94
O6 MAN DB . 38.03 20.06 -34.81
C1 MAN DB . 44.00 19.93 -37.26
C2 MAN DB . 44.72 18.95 -38.22
C3 MAN DB . 45.46 17.84 -37.45
C4 MAN DB . 46.32 18.42 -36.29
C5 MAN DB . 45.41 19.28 -35.41
C6 MAN DB . 46.15 19.90 -34.25
O2 MAN DB . 45.64 19.66 -39.03
O3 MAN DB . 46.31 17.12 -38.35
O4 MAN DB . 46.87 17.36 -35.53
O5 MAN DB . 44.85 20.35 -36.20
O6 MAN DB . 46.32 18.97 -33.19
C1 MAN DB . 40.31 27.27 -39.72
C2 MAN DB . 41.38 27.97 -40.58
C3 MAN DB . 42.80 27.44 -40.27
C4 MAN DB . 43.09 27.34 -38.74
C5 MAN DB . 41.94 26.59 -38.07
C6 MAN DB . 42.09 26.49 -36.57
O2 MAN DB . 41.35 29.37 -40.35
O3 MAN DB . 43.77 28.30 -40.88
O4 MAN DB . 44.31 26.64 -38.54
O5 MAN DB . 40.69 27.27 -38.34
O6 MAN DB . 40.90 25.98 -35.98
C1 NAG EB . 26.00 -53.35 -53.17
C2 NAG EB . 24.53 -53.49 -52.75
C3 NAG EB . 24.32 -53.17 -51.24
C4 NAG EB . 25.50 -52.42 -50.52
C5 NAG EB . 26.91 -52.74 -51.09
C6 NAG EB . 27.89 -53.21 -50.04
C7 NAG EB . 23.83 -51.30 -53.52
C8 NAG EB . 22.78 -50.52 -52.76
N2 NAG EB . 23.70 -52.63 -53.57
O3 NAG EB . 24.07 -54.38 -50.56
O4 NAG EB . 25.25 -51.01 -50.63
O5 NAG EB . 26.84 -53.76 -52.11
O6 NAG EB . 27.72 -54.59 -49.74
O7 NAG EB . 24.76 -50.71 -54.07
C1 NAG EB . 25.47 -50.28 -49.47
C2 NAG EB . 25.70 -48.81 -49.79
C3 NAG EB . 25.93 -48.04 -48.48
C4 NAG EB . 24.82 -48.35 -47.41
C5 NAG EB . 24.54 -49.86 -47.32
C6 NAG EB . 23.30 -50.16 -46.49
C7 NAG EB . 26.71 -48.80 -51.98
C8 NAG EB . 26.24 -47.60 -52.78
N2 NAG EB . 26.85 -48.66 -50.66
O3 NAG EB . 25.98 -46.64 -48.75
O4 NAG EB . 25.27 -47.87 -46.11
O5 NAG EB . 24.33 -50.41 -48.63
O6 NAG EB . 22.13 -50.14 -47.29
O7 NAG EB . 26.95 -49.87 -52.56
C1 BMA EB . 24.45 -46.98 -45.45
C2 BMA EB . 24.04 -47.57 -44.09
C3 BMA EB . 23.21 -46.53 -43.31
C4 BMA EB . 23.89 -45.12 -43.29
C5 BMA EB . 24.34 -44.72 -44.71
C6 BMA EB . 25.17 -43.45 -44.72
O2 BMA EB . 25.20 -47.89 -43.34
O3 BMA EB . 23.01 -46.97 -41.97
O4 BMA EB . 22.97 -44.13 -42.80
O5 BMA EB . 25.17 -45.76 -45.28
O6 BMA EB . 24.38 -42.32 -44.38
C1 NAG FB . 51.36 -20.52 -85.81
C2 NAG FB . 52.79 -21.07 -85.70
C3 NAG FB . 53.51 -20.38 -84.54
C4 NAG FB . 53.43 -18.83 -84.68
C5 NAG FB . 51.97 -18.40 -84.88
C6 NAG FB . 51.80 -16.93 -85.15
C7 NAG FB . 53.75 -23.26 -85.95
C8 NAG FB . 54.74 -23.80 -84.93
N2 NAG FB . 52.76 -22.50 -85.49
O3 NAG FB . 54.86 -20.81 -84.48
O4 NAG FB . 53.96 -18.18 -83.50
O5 NAG FB . 51.39 -19.11 -86.01
O6 NAG FB . 52.07 -16.61 -86.50
O7 NAG FB . 53.89 -23.52 -87.15
C1 NAG FB . 55.24 -17.65 -83.61
C2 NAG FB . 55.47 -16.62 -82.52
C3 NAG FB . 56.90 -16.08 -82.62
C4 NAG FB . 57.95 -17.24 -82.69
C5 NAG FB . 57.53 -18.32 -83.71
C6 NAG FB . 58.39 -19.56 -83.64
C7 NAG FB . 54.55 -14.76 -83.75
C8 NAG FB . 55.30 -13.43 -83.65
N2 NAG FB . 54.53 -15.52 -82.66
O3 NAG FB . 57.17 -15.25 -81.50
O4 NAG FB . 59.22 -16.69 -83.08
O5 NAG FB . 56.17 -18.73 -83.46
O6 NAG FB . 57.72 -20.62 -83.01
O7 NAG FB . 54.03 -15.09 -84.80
C1 BMA FB . 60.23 -16.73 -82.14
C2 BMA FB . 61.58 -16.60 -82.84
C3 BMA FB . 62.70 -16.59 -81.80
C4 BMA FB . 62.43 -15.43 -80.77
C5 BMA FB . 61.02 -15.63 -80.17
C6 BMA FB . 60.62 -14.57 -79.15
O2 BMA FB . 61.61 -15.40 -83.61
O3 BMA FB . 63.98 -16.41 -82.46
O4 BMA FB . 63.40 -15.48 -79.73
O5 BMA FB . 60.04 -15.64 -81.23
O6 BMA FB . 60.20 -13.34 -79.79
C1 MAN FB . 58.85 -13.35 -80.17
C2 MAN FB . 58.42 -11.97 -80.72
C3 MAN FB . 57.96 -10.96 -79.63
C4 MAN FB . 57.14 -11.65 -78.46
C5 MAN FB . 57.88 -12.90 -78.02
C6 MAN FB . 57.25 -13.64 -76.86
O2 MAN FB . 57.38 -12.13 -81.67
O3 MAN FB . 57.19 -9.91 -80.28
O4 MAN FB . 56.99 -10.76 -77.37
O5 MAN FB . 57.97 -13.80 -79.14
O6 MAN FB . 56.64 -14.87 -77.31
C1 MAN FB . 56.92 -8.77 -79.52
C2 MAN FB . 55.43 -8.40 -79.67
C3 MAN FB . 55.15 -7.66 -80.99
C4 MAN FB . 56.16 -6.51 -81.25
C5 MAN FB . 57.57 -7.09 -81.17
C6 MAN FB . 58.67 -6.07 -81.39
O2 MAN FB . 55.03 -7.58 -78.59
O3 MAN FB . 53.83 -7.13 -80.98
O4 MAN FB . 55.95 -5.91 -82.52
O5 MAN FB . 57.78 -7.67 -79.85
O6 MAN FB . 58.30 -5.12 -82.39
C1 MAN FB . 55.35 -15.04 -76.80
C2 MAN FB . 54.75 -16.34 -77.33
C3 MAN FB . 53.23 -16.20 -77.58
C4 MAN FB . 52.54 -15.29 -76.53
C5 MAN FB . 53.24 -13.93 -76.42
C6 MAN FB . 53.52 -13.53 -74.97
O2 MAN FB . 54.96 -17.38 -76.40
O3 MAN FB . 52.62 -17.48 -77.60
O4 MAN FB . 51.17 -15.10 -76.88
O5 MAN FB . 54.50 -13.93 -77.11
O6 MAN FB . 54.32 -12.36 -74.92
C1 MAN FB . 64.37 -17.47 -83.28
C2 MAN FB . 64.81 -18.68 -82.44
C3 MAN FB . 66.17 -18.43 -81.78
C4 MAN FB . 67.22 -17.86 -82.76
C5 MAN FB . 66.63 -16.69 -83.55
C6 MAN FB . 67.55 -16.16 -84.63
O2 MAN FB . 64.88 -19.84 -83.26
O3 MAN FB . 66.64 -19.65 -81.20
O4 MAN FB . 68.36 -17.40 -82.03
O5 MAN FB . 65.40 -17.11 -84.19
O6 MAN FB . 66.93 -15.11 -85.36
C1 NAG GB . 9.11 12.08 -78.86
C2 NAG GB . 7.82 12.79 -78.38
C3 NAG GB . 6.84 11.80 -77.74
C4 NAG GB . 6.62 10.59 -78.71
C5 NAG GB . 7.98 9.96 -79.03
C6 NAG GB . 7.88 8.77 -79.94
C7 NAG GB . 7.53 15.02 -77.51
C8 NAG GB . 6.57 15.35 -76.38
N2 NAG GB . 8.16 13.84 -77.44
O3 NAG GB . 5.61 12.44 -77.45
O4 NAG GB . 5.64 9.58 -78.31
O5 NAG GB . 8.81 10.95 -79.70
O6 NAG GB . 7.23 7.68 -79.30
O7 NAG GB . 7.71 15.82 -78.42
C1 NAG GB . 5.50 9.18 -76.98
C2 NAG GB . 4.46 10.09 -76.28
C3 NAG GB . 2.99 9.57 -76.26
C4 NAG GB . 2.84 8.05 -76.23
C5 NAG GB . 4.19 7.40 -75.97
C6 NAG GB . 4.10 5.88 -75.97
C7 NAG GB . 5.24 11.66 -74.65
C8 NAG GB . 6.72 11.93 -74.50
N2 NAG GB . 4.89 10.41 -74.94
O3 NAG GB . 2.29 10.10 -77.38
O4 NAG GB . 1.91 7.73 -75.18
O5 NAG GB . 5.12 7.79 -77.01
O6 NAG GB . 5.12 5.30 -76.76
O7 NAG GB . 4.42 12.56 -74.54
C1 BMA GB . 0.65 7.30 -75.57
C2 BMA GB . 0.35 5.96 -74.89
C3 BMA GB . -1.12 5.54 -75.09
C4 BMA GB . -2.10 6.72 -74.74
C5 BMA GB . -1.66 7.96 -75.51
C6 BMA GB . -2.52 9.21 -75.34
O2 BMA GB . 0.61 6.06 -73.50
O3 BMA GB . -1.37 4.40 -74.22
O4 BMA GB . -3.42 6.36 -75.13
O5 BMA GB . -0.30 8.30 -75.15
O6 BMA GB . -2.95 9.36 -73.97
C1 MAN GB . -2.45 3.55 -74.52
C2 MAN GB . -2.14 2.13 -73.99
C3 MAN GB . -1.37 1.22 -74.99
C4 MAN GB . -1.82 1.41 -76.45
C5 MAN GB . -1.83 2.89 -76.76
C6 MAN GB . -2.19 3.23 -78.20
O2 MAN GB . -3.34 1.47 -73.54
O3 MAN GB . -1.55 -0.15 -74.62
O4 MAN GB . -0.93 0.74 -77.34
O5 MAN GB . -2.80 3.54 -75.91
O6 MAN GB . -3.36 2.55 -78.63
C1 MAN GB . -3.74 1.81 -72.24
C2 MAN GB . -2.80 1.17 -71.20
C3 MAN GB . -3.12 -0.32 -70.97
C4 MAN GB . -4.64 -0.54 -70.74
C5 MAN GB . -5.40 0.09 -71.91
C6 MAN GB . -6.90 -0.06 -71.78
O2 MAN GB . -2.89 1.86 -69.97
O3 MAN GB . -2.40 -0.79 -69.84
O4 MAN GB . -4.92 -1.94 -70.68
O5 MAN GB . -5.10 1.50 -71.97
O6 MAN GB . -7.32 -1.37 -72.18
C1 MAN GB . -4.07 10.21 -73.90
C2 MAN GB . -4.17 10.87 -72.52
C3 MAN GB . -4.70 9.90 -71.44
C4 MAN GB . -5.93 9.11 -71.94
C5 MAN GB . -5.65 8.50 -73.31
C6 MAN GB . -6.84 7.77 -73.90
O2 MAN GB . -5.02 12.01 -72.59
O3 MAN GB . -5.05 10.63 -70.28
O4 MAN GB . -6.23 8.07 -71.00
O5 MAN GB . -5.28 9.54 -74.23
O6 MAN GB . -6.60 7.42 -75.25
C1 NAG HB . 52.07 -50.02 -84.42
C2 NAG HB . 52.38 -49.91 -85.91
C3 NAG HB . 51.15 -50.23 -86.80
C4 NAG HB . 49.74 -50.17 -86.06
C5 NAG HB . 49.79 -50.62 -84.57
C6 NAG HB . 48.84 -51.75 -84.24
C7 NAG HB . 52.18 -47.52 -86.05
C8 NAG HB . 51.63 -46.84 -87.30
N2 NAG HB . 52.91 -48.61 -86.22
O3 NAG HB . 51.31 -51.50 -87.40
O4 NAG HB . 49.20 -48.84 -86.13
O5 NAG HB . 51.12 -51.05 -84.20
O6 NAG HB . 49.34 -53.00 -84.66
O7 NAG HB . 51.93 -47.04 -84.94
C1 NAG HB . 47.86 -48.77 -86.45
C2 NAG HB . 47.28 -47.42 -86.02
C3 NAG HB . 45.79 -47.37 -86.39
C4 NAG HB . 45.55 -47.76 -87.89
C5 NAG HB . 46.33 -49.04 -88.26
C6 NAG HB . 46.32 -49.31 -89.75
C7 NAG HB . 48.58 -46.78 -84.09
C8 NAG HB . 48.77 -45.27 -84.06
N2 NAG HB . 47.44 -47.25 -84.59
O3 NAG HB . 45.29 -46.06 -86.15
O4 NAG HB . 44.13 -48.01 -88.09
O5 NAG HB . 47.72 -48.92 -87.86
O6 NAG HB . 47.37 -48.62 -90.41
O7 NAG HB . 49.46 -47.52 -83.65
C1 BMA HB . 43.51 -47.29 -89.09
C2 BMA HB . 42.89 -48.24 -90.12
C3 BMA HB . 42.11 -47.43 -91.17
C4 BMA HB . 41.14 -46.39 -90.52
C5 BMA HB . 41.85 -45.60 -89.41
C6 BMA HB . 40.90 -44.73 -88.62
O2 BMA HB . 42.02 -49.15 -89.49
O3 BMA HB . 41.39 -48.31 -92.02
O4 BMA HB . 40.66 -45.49 -91.50
O5 BMA HB . 42.48 -46.51 -88.48
O6 BMA HB . 40.40 -43.66 -89.41
C1 NAG IB . 51.19 -15.17 -44.80
C2 NAG IB . 50.82 -16.09 -43.63
C3 NAG IB . 49.30 -16.17 -43.51
C4 NAG IB . 48.69 -14.75 -43.39
C5 NAG IB . 49.19 -13.89 -44.58
C6 NAG IB . 48.73 -12.45 -44.50
C7 NAG IB . 51.71 -18.17 -42.81
C8 NAG IB . 50.81 -19.35 -42.49
N2 NAG IB . 51.39 -17.41 -43.84
O3 NAG IB . 48.96 -16.96 -42.38
O4 NAG IB . 47.26 -14.82 -43.43
O5 NAG IB . 50.64 -13.88 -44.60
O6 NAG IB . 49.51 -11.69 -43.59
O7 NAG IB . 52.69 -17.95 -42.09
C1 NAG IB . 46.61 -14.67 -42.21
C2 NAG IB . 45.15 -14.28 -42.45
C3 NAG IB . 44.43 -14.17 -41.10
C4 NAG IB . 44.63 -15.42 -40.25
C5 NAG IB . 46.10 -15.83 -40.18
C6 NAG IB . 46.32 -17.18 -39.53
C7 NAG IB . 45.54 -11.90 -42.57
C8 NAG IB . 44.53 -11.01 -41.87
N2 NAG IB . 45.08 -13.01 -43.14
O3 NAG IB . 43.04 -13.98 -41.33
O4 NAG IB . 44.17 -15.14 -38.91
O5 NAG IB . 46.67 -15.92 -41.51
O6 NAG IB . 46.62 -18.18 -40.49
O7 NAG IB . 46.74 -11.60 -42.57
C1 BMA IB . 43.08 -15.87 -38.48
C2 BMA IB . 43.04 -15.85 -36.95
C3 BMA IB . 41.79 -16.60 -36.46
C4 BMA IB . 40.49 -15.98 -37.15
C5 BMA IB . 40.69 -16.00 -38.67
C6 BMA IB . 39.52 -15.43 -39.47
O2 BMA IB . 42.98 -14.50 -36.50
O3 BMA IB . 41.73 -16.56 -35.01
O4 BMA IB . 39.33 -16.74 -36.80
O5 BMA IB . 41.89 -15.26 -39.03
O6 BMA IB . 39.53 -13.98 -39.47
C1 MAN IB . 40.35 -13.44 -40.48
C2 MAN IB . 40.23 -11.90 -40.50
C3 MAN IB . 39.07 -11.35 -41.37
C4 MAN IB . 38.82 -12.18 -42.68
C5 MAN IB . 38.82 -13.66 -42.31
C6 MAN IB . 38.52 -14.60 -43.46
O2 MAN IB . 41.45 -11.34 -40.96
O3 MAN IB . 39.35 -9.96 -41.68
O4 MAN IB . 37.58 -11.83 -43.29
O5 MAN IB . 40.09 -14.01 -41.76
O6 MAN IB . 39.71 -15.33 -43.85
C1 MAN IB . 38.29 -9.21 -42.21
C2 MAN IB . 38.81 -8.40 -43.43
C3 MAN IB . 39.58 -7.14 -43.01
C4 MAN IB . 38.81 -6.32 -41.95
C5 MAN IB . 38.49 -7.24 -40.78
C6 MAN IB . 37.75 -6.58 -39.65
O2 MAN IB . 37.71 -8.04 -44.26
O3 MAN IB . 39.84 -6.33 -44.16
O4 MAN IB . 39.57 -5.20 -41.49
O5 MAN IB . 37.68 -8.35 -41.25
O6 MAN IB . 38.19 -5.24 -39.44
C1 MAN IB . 39.89 -15.33 -45.24
C2 MAN IB . 41.18 -16.08 -45.59
C3 MAN IB . 41.90 -15.44 -46.79
C4 MAN IB . 40.90 -14.90 -47.85
C5 MAN IB . 39.86 -13.96 -47.22
C6 MAN IB . 38.43 -14.30 -47.63
O2 MAN IB . 40.88 -17.43 -45.90
O3 MAN IB . 42.80 -16.36 -47.37
O4 MAN IB . 41.60 -14.20 -48.88
O5 MAN IB . 39.92 -14.01 -45.78
O6 MAN IB . 37.49 -13.53 -46.90
C1 MAN IB . 42.74 -17.26 -34.37
C2 MAN IB . 42.51 -18.77 -34.47
C3 MAN IB . 41.36 -19.22 -33.55
C4 MAN IB . 41.43 -18.62 -32.11
C5 MAN IB . 41.70 -17.10 -32.20
C6 MAN IB . 41.93 -16.45 -30.86
O2 MAN IB . 43.69 -19.46 -34.10
O3 MAN IB . 41.34 -20.64 -33.47
O4 MAN IB . 40.20 -18.84 -31.43
O5 MAN IB . 42.87 -16.85 -33.00
O6 MAN IB . 42.20 -15.07 -31.00
C1 NAG JB . 45.73 21.84 -83.48
C2 NAG JB . 45.52 22.62 -84.81
C3 NAG JB . 45.88 21.77 -86.04
C4 NAG JB . 47.30 21.18 -85.83
C5 NAG JB . 47.35 20.39 -84.53
C6 NAG JB . 48.69 19.76 -84.25
C7 NAG JB . 43.85 24.29 -85.33
C8 NAG JB . 43.21 24.41 -86.70
N2 NAG JB . 44.14 23.06 -84.90
O3 NAG JB . 45.86 22.57 -87.20
O4 NAG JB . 47.88 20.42 -86.94
O5 NAG JB . 47.05 21.27 -83.43
O6 NAG JB . 49.03 18.79 -85.22
O7 NAG JB . 44.10 25.31 -84.66
C1 NAG JB . 47.12 19.56 -87.71
C2 NAG JB . 46.53 20.33 -88.92
C3 NAG JB . 47.34 20.29 -90.24
C4 NAG JB . 48.14 18.99 -90.47
C5 NAG JB . 47.73 17.95 -89.44
C6 NAG JB . 48.53 16.66 -89.59
C7 NAG JB . 44.17 20.76 -88.93
C8 NAG JB . 43.36 20.54 -87.67
N2 NAG JB . 45.16 19.92 -89.17
O3 NAG JB . 48.21 21.43 -90.29
O4 NAG JB . 47.84 18.53 -91.80
O5 NAG JB . 47.98 18.47 -88.11
O6 NAG JB . 49.06 16.22 -88.35
O7 NAG JB . 43.93 21.73 -89.66
C1 BMA JB . 48.85 18.68 -92.76
C2 BMA JB . 49.11 17.33 -93.42
C3 BMA JB . 50.02 17.44 -94.65
C4 BMA JB . 49.56 18.59 -95.59
C5 BMA JB . 49.36 19.87 -94.77
C6 BMA JB . 48.92 21.11 -95.54
O2 BMA JB . 47.88 16.74 -93.82
O3 BMA JB . 50.01 16.17 -95.34
O4 BMA JB . 50.53 18.82 -96.60
O5 BMA JB . 48.38 19.63 -93.73
O6 BMA JB . 47.93 20.80 -96.54
C1 MAN JB . 51.09 15.86 -96.19
C2 MAN JB . 51.26 14.32 -96.24
C3 MAN JB . 52.19 13.74 -95.15
C4 MAN JB . 53.42 14.64 -94.84
C5 MAN JB . 52.91 16.06 -94.63
C6 MAN JB . 54.00 17.06 -94.25
O2 MAN JB . 51.70 13.90 -97.55
O3 MAN JB . 52.66 12.46 -95.55
O4 MAN JB . 54.09 14.19 -93.69
O5 MAN JB . 52.31 16.53 -95.85
O6 MAN JB . 55.12 16.96 -95.11
C1 MAN JB . 50.66 13.76 -98.49
C2 MAN JB . 49.82 12.51 -98.20
C3 MAN JB . 50.50 11.21 -98.68
C4 MAN JB . 51.02 11.36 -100.13
C5 MAN JB . 51.90 12.59 -100.21
C6 MAN JB . 52.45 12.83 -101.60
O2 MAN JB . 48.54 12.63 -98.82
O3 MAN JB . 49.58 10.12 -98.60
O4 MAN JB . 51.76 10.20 -100.49
O5 MAN JB . 51.13 13.76 -99.84
O6 MAN JB . 53.56 11.99 -101.86
C1 MAN JB . 47.89 21.80 -97.53
C2 MAN JB . 46.52 21.82 -98.22
C3 MAN JB . 46.36 20.69 -99.25
C4 MAN JB . 47.62 20.53 -100.15
C5 MAN JB . 48.86 20.49 -99.29
C6 MAN JB . 50.15 20.41 -100.08
O2 MAN JB . 46.33 23.07 -98.86
O3 MAN JB . 45.22 20.94 -100.06
O4 MAN JB . 47.52 19.33 -100.92
O5 MAN JB . 48.94 21.68 -98.48
O6 MAN JB . 51.28 20.60 -99.25
C1 NAG KB . 64.57 -41.46 -46.47
C2 NAG KB . 65.56 -40.82 -45.50
C3 NAG KB . 66.87 -40.37 -46.18
C4 NAG KB . 66.82 -40.26 -47.75
C5 NAG KB . 65.87 -41.28 -48.44
C6 NAG KB . 66.55 -42.12 -49.49
C7 NAG KB . 64.56 -38.63 -45.48
C8 NAG KB . 65.41 -37.38 -45.34
N2 NAG KB . 64.95 -39.71 -44.81
O3 NAG KB . 67.92 -41.25 -45.82
O4 NAG KB . 66.43 -38.92 -48.11
O5 NAG KB . 65.29 -42.17 -47.47
O6 NAG KB . 67.26 -43.20 -48.93
O7 NAG KB . 63.55 -38.61 -46.19
C1 NAG KB . 67.15 -38.35 -49.14
C2 NAG KB . 66.37 -37.20 -49.77
C3 NAG KB . 67.19 -36.59 -50.90
C4 NAG KB . 68.66 -36.24 -50.46
C5 NAG KB . 69.28 -37.41 -49.65
C6 NAG KB . 70.57 -37.02 -48.98
C7 NAG KB . 64.05 -37.83 -49.49
C8 NAG KB . 63.19 -36.60 -49.24
N2 NAG KB . 65.09 -37.69 -50.29
O3 NAG KB . 66.56 -35.40 -51.37
O4 NAG KB . 69.48 -35.99 -51.61
O5 NAG KB . 68.38 -37.85 -48.61
O6 NAG KB . 70.35 -36.45 -47.69
O7 NAG KB . 63.76 -38.90 -48.95
C1 BMA KB . 70.13 -34.77 -51.67
C2 BMA KB . 71.65 -34.99 -51.77
C3 BMA KB . 72.37 -33.65 -51.93
C4 BMA KB . 71.70 -32.76 -53.06
C5 BMA KB . 70.19 -32.72 -52.88
C6 BMA KB . 69.48 -32.04 -54.04
O2 BMA KB . 71.93 -35.81 -52.90
O3 BMA KB . 73.74 -33.86 -52.24
O4 BMA KB . 72.22 -31.43 -52.99
O5 BMA KB . 69.65 -34.06 -52.81
O6 BMA KB . 69.76 -30.64 -54.05
C1 NAG LB . 1.27 71.08 -28.31
C2 NAG LB . 1.02 72.56 -28.50
C3 NAG LB . -0.48 72.82 -28.54
C4 NAG LB . -1.13 71.95 -29.66
C5 NAG LB . -0.75 70.48 -29.43
C6 NAG LB . -1.26 69.57 -30.52
C7 NAG LB . 2.07 74.54 -27.59
C8 NAG LB . 1.24 75.67 -27.00
N2 NAG LB . 1.62 73.30 -27.40
O3 NAG LB . -0.72 74.20 -28.78
O4 NAG LB . -2.57 72.09 -29.60
O5 NAG LB . 0.69 70.34 -29.39
O6 NAG LB . -0.43 69.61 -31.68
O7 NAG LB . 3.09 74.80 -28.23
C1 NAG LB . -3.14 72.90 -30.58
C2 NAG LB . -4.62 72.58 -30.73
C3 NAG LB . -5.25 73.50 -31.76
C4 NAG LB . -4.93 74.99 -31.46
C5 NAG LB . -3.44 75.20 -31.16
C6 NAG LB . -3.12 76.58 -30.64
C7 NAG LB . -4.35 70.80 -32.33
C8 NAG LB . -5.36 70.71 -33.45
N2 NAG LB . -4.80 71.20 -31.14
O3 NAG LB . -6.66 73.33 -31.77
O4 NAG LB . -5.30 75.80 -32.59
O5 NAG LB . -2.98 74.26 -30.16
O6 NAG LB . -2.87 76.58 -29.24
O7 NAG LB . -3.17 70.51 -32.53
C1 BMA LB . -6.35 76.68 -32.40
C2 BMA LB . -6.29 77.77 -33.47
C3 BMA LB . -7.49 78.71 -33.32
C4 BMA LB . -8.82 77.88 -33.34
C5 BMA LB . -8.73 76.79 -32.26
C6 BMA LB . -9.96 75.89 -32.17
O2 BMA LB . -6.32 77.16 -34.77
O3 BMA LB . -7.46 79.71 -34.36
O4 BMA LB . -9.90 78.75 -33.07
O5 BMA LB . -7.58 75.95 -32.50
O6 BMA LB . -9.98 74.89 -33.22
C1 MAN LB . -9.27 73.73 -32.87
C2 MAN LB . -9.42 72.65 -33.96
C3 MAN LB . -10.68 71.76 -33.80
C4 MAN LB . -10.98 71.40 -32.30
C5 MAN LB . -10.92 72.69 -31.49
C6 MAN LB . -11.27 72.54 -30.02
O2 MAN LB . -8.27 71.84 -34.01
O3 MAN LB . -10.49 70.54 -34.58
O4 MAN LB . -12.27 70.82 -32.18
O5 MAN LB . -9.59 73.23 -31.59
O6 MAN LB . -10.09 72.67 -29.20
C1 MAN LB . -11.60 69.72 -34.77
C2 MAN LB . -11.21 68.26 -34.48
C3 MAN LB . -10.47 67.62 -35.67
C4 MAN LB . -11.21 67.87 -37.01
C5 MAN LB . -11.40 69.37 -37.17
C6 MAN LB . -12.09 69.77 -38.45
O2 MAN LB . -12.38 67.50 -34.21
O3 MAN LB . -10.32 66.23 -35.45
O4 MAN LB . -10.46 67.34 -38.12
O5 MAN LB . -12.19 69.88 -36.07
O6 MAN LB . -11.68 68.96 -39.55
C1 MAN LB . -10.00 71.66 -28.23
C2 MAN LB . -8.71 71.82 -27.41
C3 MAN LB . -8.11 70.47 -27.04
C4 MAN LB . -9.18 69.41 -26.72
C5 MAN LB . -10.22 69.28 -27.86
C6 MAN LB . -11.65 69.32 -27.36
O2 MAN LB . -8.99 72.56 -26.23
O3 MAN LB . -7.24 70.62 -25.93
O4 MAN LB . -8.58 68.14 -26.50
O5 MAN LB . -10.05 70.35 -28.81
O6 MAN LB . -12.56 69.39 -28.45
C1 MAN LB . -6.38 80.60 -34.30
C2 MAN LB . -6.56 81.60 -33.15
C3 MAN LB . -7.65 82.64 -33.50
C4 MAN LB . -7.47 83.24 -34.91
C5 MAN LB . -7.28 82.11 -35.93
C6 MAN LB . -6.98 82.62 -37.33
O2 MAN LB . -5.34 82.27 -32.88
O3 MAN LB . -7.63 83.68 -32.52
O4 MAN LB . -8.63 84.00 -35.25
O5 MAN LB . -6.18 81.28 -35.53
O6 MAN LB . -6.78 81.54 -38.23
C1 NAG MB . -8.12 18.08 -28.36
C2 NAG MB . -8.45 16.61 -28.01
C3 NAG MB . -8.14 16.29 -26.53
C4 NAG MB . -6.69 16.75 -26.22
C5 NAG MB . -6.54 18.22 -26.55
C6 NAG MB . -5.16 18.77 -26.25
C7 NAG MB . -10.18 15.19 -28.91
C8 NAG MB . -10.93 14.16 -28.07
N2 NAG MB . -9.84 16.33 -28.30
O3 NAG MB . -8.31 14.91 -26.29
O4 NAG MB . -6.17 16.44 -24.89
O5 NAG MB . -6.78 18.42 -27.97
O6 NAG MB . -4.90 18.78 -24.86
O7 NAG MB . -9.91 14.94 -30.09
C1 NAG MB . -6.96 16.53 -23.75
C2 NAG MB . -7.66 15.16 -23.50
C3 NAG MB . -6.94 14.19 -22.53
C4 NAG MB . -6.12 14.85 -21.41
C5 NAG MB . -6.43 16.34 -21.38
C6 NAG MB . -5.59 17.06 -20.32
C7 NAG MB . -10.00 15.00 -23.91
C8 NAG MB . -10.76 16.11 -24.62
N2 NAG MB . -9.03 15.36 -23.08
O3 NAG MB . -6.15 13.28 -23.27
O4 NAG MB . -6.50 14.23 -20.17
O5 NAG MB . -6.09 16.92 -22.67
O6 NAG MB . -4.96 18.22 -20.84
O7 NAG MB . -10.31 13.83 -24.12
C1 BMA MB . -5.58 13.37 -19.59
C2 BMA MB . -5.32 13.81 -18.15
C3 BMA MB . -4.49 12.78 -17.36
C4 BMA MB . -5.07 11.33 -17.55
C5 BMA MB . -5.24 11.06 -19.04
C6 BMA MB . -5.77 9.67 -19.43
O2 BMA MB . -6.55 14.02 -17.49
O3 BMA MB . -4.50 13.16 -15.97
O4 BMA MB . -4.17 10.38 -16.99
O5 BMA MB . -6.13 12.05 -19.62
O6 BMA MB . -6.83 9.25 -18.54
C1 MAN MB . -3.48 12.69 -15.13
C2 MAN MB . -3.26 13.69 -13.98
C3 MAN MB . -2.23 14.80 -14.29
C4 MAN MB . -1.03 14.32 -15.12
C5 MAN MB . -1.56 13.52 -16.31
C6 MAN MB . -0.49 13.04 -17.26
O2 MAN MB . -2.91 13.01 -12.75
O3 MAN MB . -1.77 15.39 -13.08
O4 MAN MB . -0.27 15.43 -15.57
O5 MAN MB . -2.27 12.38 -15.82
O6 MAN MB . 0.55 12.37 -16.57
C1 MAN MB . -4.00 12.51 -12.02
C2 MAN MB . -4.78 13.67 -11.35
C3 MAN MB . -4.08 14.17 -10.08
C4 MAN MB . -3.70 13.00 -9.15
C5 MAN MB . -2.85 12.01 -9.95
C6 MAN MB . -2.41 10.81 -9.14
O2 MAN MB . -6.10 13.24 -11.04
O3 MAN MB . -4.96 15.05 -9.37
O4 MAN MB . -2.94 13.49 -8.04
O5 MAN MB . -3.63 11.52 -11.06
O6 MAN MB . -1.31 11.15 -8.30
C1 MAN MB . -6.97 7.85 -18.59
C2 MAN MB . -8.39 7.44 -18.16
C3 MAN MB . -8.57 7.49 -16.64
C4 MAN MB . -7.38 6.88 -15.85
C5 MAN MB . -6.06 7.44 -16.40
C6 MAN MB . -4.83 6.83 -15.75
O2 MAN MB . -8.65 6.13 -18.61
O3 MAN MB . -9.78 6.82 -16.28
O4 MAN MB . -7.48 7.18 -14.45
O5 MAN MB . -5.98 7.17 -17.81
O6 MAN MB . -3.65 7.25 -16.41
C1 NAG NB . 15.34 87.07 -7.89
C2 NAG NB . 16.37 87.27 -8.99
C3 NAG NB . 17.63 86.37 -8.81
C4 NAG NB . 17.45 85.17 -7.81
C5 NAG NB . 16.49 85.44 -6.63
C6 NAG NB . 17.12 85.22 -5.27
C7 NAG NB . 15.32 85.83 -10.62
C8 NAG NB . 16.15 84.99 -11.58
N2 NAG NB . 15.78 87.03 -10.30
O3 NAG NB . 18.73 87.16 -8.38
O4 NAG NB . 16.99 84.02 -8.53
O5 NAG NB . 16.00 86.80 -6.66
O6 NAG NB . 17.91 86.33 -4.87
O7 NAG NB . 14.25 85.37 -10.18
C1 NAG NB . 17.62 82.82 -8.22
C2 NAG NB . 16.75 81.62 -8.62
C3 NAG NB . 17.49 80.33 -8.27
C4 NAG NB . 18.97 80.32 -8.80
C5 NAG NB . 19.67 81.64 -8.49
C6 NAG NB . 21.00 81.77 -9.21
C7 NAG NB . 14.48 82.43 -8.41
C8 NAG NB . 13.61 81.80 -9.49
N2 NAG NB . 15.48 81.68 -7.93
O3 NAG NB . 16.77 79.22 -8.81
O4 NAG NB . 19.68 79.24 -8.16
O5 NAG NB . 18.86 82.77 -8.91
O6 NAG NB . 20.86 82.31 -10.51
O7 NAG NB . 14.25 83.56 -8.02
C1 BMA NB . 20.29 78.31 -8.98
C2 BMA NB . 21.80 78.27 -8.71
C3 BMA NB . 22.46 77.17 -9.56
C4 BMA NB . 21.70 75.81 -9.44
C5 BMA NB . 20.19 76.00 -9.61
C6 BMA NB . 19.40 74.76 -9.31
O2 BMA NB . 22.04 78.01 -7.33
O3 BMA NB . 23.82 77.01 -9.16
O4 BMA NB . 22.17 74.89 -10.42
O5 BMA NB . 19.72 77.03 -8.71
O6 BMA NB . 19.62 73.76 -10.28
C1 NAG OB . -33.96 68.71 -6.91
C2 NAG OB . -34.30 68.87 -5.43
C3 NAG OB . -33.87 67.62 -4.66
C4 NAG OB . -34.49 66.36 -5.31
C5 NAG OB . -34.16 66.32 -6.80
C6 NAG OB . -34.81 65.17 -7.54
C7 NAG OB . -34.20 70.72 -3.90
C8 NAG OB . -33.59 70.57 -2.53
N2 NAG OB . -33.64 70.04 -4.90
O3 NAG OB . -34.26 67.73 -3.31
O4 NAG OB . -33.96 65.17 -4.67
O5 NAG OB . -34.61 67.54 -7.43
O6 NAG OB . -36.18 65.44 -7.83
O7 NAG OB . -35.18 71.47 -4.06
C1 NAG OB . -34.79 64.54 -3.75
C2 NAG OB . -34.33 63.11 -3.53
C3 NAG OB . -35.22 62.44 -2.48
C4 NAG OB . -35.33 63.30 -1.19
C5 NAG OB . -35.62 64.77 -1.52
C6 NAG OB . -35.52 65.68 -0.32
C7 NAG OB . -35.58 62.19 -5.38
C8 NAG OB . -36.28 60.86 -5.15
N2 NAG OB . -34.40 62.37 -4.78
O3 NAG OB . -34.69 61.16 -2.15
O4 NAG OB . -36.40 62.79 -0.38
O5 NAG OB . -34.70 65.27 -2.52
O6 NAG OB . -34.36 66.48 -0.38
O7 NAG OB . -36.09 63.05 -6.09
C1 BMA OB . -36.03 62.21 0.82
C2 BMA OB . -37.25 62.19 1.75
C3 BMA OB . -36.86 61.50 3.08
C4 BMA OB . -36.28 60.07 2.76
C5 BMA OB . -35.11 60.21 1.77
C6 BMA OB . -34.45 58.91 1.38
O2 BMA OB . -38.31 61.47 1.14
O3 BMA OB . -38.02 61.42 3.94
O4 BMA OB . -35.82 59.47 3.96
O5 BMA OB . -35.57 60.88 0.57
O6 BMA OB . -35.24 58.19 0.39
C1 MAN OB . -34.96 58.60 -0.92
C2 MAN OB . -35.71 57.71 -1.94
C3 MAN OB . -34.96 56.41 -2.34
C4 MAN OB . -33.40 56.63 -2.47
C5 MAN OB . -32.91 57.40 -1.25
C6 MAN OB . -31.41 57.64 -1.20
O2 MAN OB . -36.00 58.45 -3.11
O3 MAN OB . -35.53 55.90 -3.57
O4 MAN OB . -32.72 55.38 -2.55
O5 MAN OB . -33.57 58.68 -1.22
O6 MAN OB . -31.11 59.02 -1.47
C1 MAN OB . -35.16 54.61 -3.96
C2 MAN OB . -34.78 54.62 -5.45
C3 MAN OB . -36.02 54.62 -6.37
C4 MAN OB . -37.04 53.53 -5.95
C5 MAN OB . -37.38 53.75 -4.48
C6 MAN OB . -38.37 52.74 -3.92
O2 MAN OB . -33.99 53.48 -5.76
O3 MAN OB . -35.62 54.41 -7.72
O4 MAN OB . -38.21 53.62 -6.74
O5 MAN OB . -36.17 53.65 -3.68
O6 MAN OB . -39.38 52.43 -4.88
C1 MAN OB . -30.07 59.17 -2.39
C2 MAN OB . -29.79 60.65 -2.65
C3 MAN OB . -29.40 60.90 -4.12
C4 MAN OB . -28.55 59.76 -4.71
C5 MAN OB . -29.21 58.39 -4.52
C6 MAN OB . -28.27 57.34 -3.94
O2 MAN OB . -28.74 61.10 -1.80
O3 MAN OB . -28.72 62.14 -4.23
O4 MAN OB . -28.34 60.00 -6.09
O5 MAN OB . -30.35 58.50 -3.62
O6 MAN OB . -28.97 56.15 -3.61
C1 MAN OB . -38.51 62.65 4.39
C2 MAN OB . -37.56 63.25 5.45
C3 MAN OB . -37.69 62.50 6.79
C4 MAN OB . -39.15 62.27 7.22
C5 MAN OB . -39.96 61.70 6.05
C6 MAN OB . -41.44 61.55 6.34
O2 MAN OB . -37.87 64.63 5.65
O3 MAN OB . -37.01 63.23 7.80
O4 MAN OB . -39.18 61.35 8.30
O5 MAN OB . -39.83 62.55 4.90
O6 MAN OB . -42.14 61.04 5.22
C1 NAG PB . -21.20 44.31 -53.14
C2 NAG PB . -20.50 43.70 -54.38
C3 NAG PB . -19.20 44.46 -54.72
C4 NAG PB . -19.51 45.97 -54.82
C5 NAG PB . -20.11 46.43 -53.50
C6 NAG PB . -20.42 47.91 -53.45
C7 NAG PB . -20.44 41.41 -55.11
C8 NAG PB . -19.20 40.76 -55.73
N2 NAG PB . -20.23 42.30 -54.15
O3 NAG PB . -18.67 43.97 -55.94
O4 NAG PB . -18.40 46.84 -55.24
O5 NAG PB . -21.36 45.74 -53.28
O6 NAG PB . -19.23 48.69 -53.55
O7 NAG PB . -21.56 41.10 -55.51
C1 NAG PB . -17.11 46.64 -54.80
C2 NAG PB . -16.37 45.71 -55.80
C3 NAG PB . -15.56 46.41 -56.92
C4 NAG PB . -14.94 47.76 -56.54
C5 NAG PB . -15.09 47.99 -55.03
C6 NAG PB . -14.55 49.36 -54.61
C7 NAG PB . -15.86 43.48 -55.13
C8 NAG PB . -16.47 42.89 -53.87
N2 NAG PB . -15.53 44.77 -55.10
O3 NAG PB . -16.36 46.57 -58.08
O4 NAG PB . -13.55 47.74 -56.90
O5 NAG PB . -16.50 47.95 -54.69
O6 NAG PB . -15.47 50.04 -53.78
O7 NAG PB . -15.70 42.77 -56.12
C1 BMA PB . -13.18 48.50 -58.01
C2 BMA PB . -12.02 49.42 -57.61
C3 BMA PB . -11.40 50.14 -58.82
C4 BMA PB . -11.12 49.11 -59.99
C5 BMA PB . -12.39 48.29 -60.25
C6 BMA PB . -12.29 47.26 -61.38
O2 BMA PB . -11.01 48.65 -56.97
O3 BMA PB . -10.19 50.78 -58.39
O4 BMA PB . -10.75 49.81 -61.17
O5 BMA PB . -12.77 47.59 -59.05
O6 BMA PB . -11.02 46.57 -61.36
C1 MAN PB . -9.68 51.86 -59.16
C2 MAN PB . -8.89 52.82 -58.23
C3 MAN PB . -9.74 53.93 -57.57
C4 MAN PB . -10.84 54.49 -58.50
C5 MAN PB . -11.60 53.32 -59.11
C6 MAN PB . -12.75 53.73 -60.00
O2 MAN PB . -7.77 53.39 -58.94
O3 MAN PB . -8.89 54.98 -57.14
O4 MAN PB . -11.72 55.30 -57.75
O5 MAN PB . -10.69 52.54 -59.91
O6 MAN PB . -12.37 54.71 -60.95
C1 MAN PB . -6.63 52.57 -58.99
C2 MAN PB . -5.94 52.50 -57.60
C3 MAN PB . -5.10 53.76 -57.32
C4 MAN PB . -4.18 54.11 -58.52
C5 MAN PB . -5.04 54.23 -59.77
C6 MAN PB . -4.24 54.55 -61.01
O2 MAN PB . -5.10 51.36 -57.54
O3 MAN PB . -4.30 53.55 -56.16
O4 MAN PB . -3.52 55.34 -58.27
O5 MAN PB . -5.70 52.97 -60.01
O6 MAN PB . -3.92 55.94 -61.05
C1 MAN PB . -10.76 46.00 -62.62
C2 MAN PB . -9.78 44.82 -62.49
C3 MAN PB . -8.33 45.28 -62.28
C4 MAN PB . -7.93 46.43 -63.25
C5 MAN PB . -9.00 47.53 -63.23
C6 MAN PB . -8.73 48.64 -64.20
O2 MAN PB . -9.85 44.01 -63.66
O3 MAN PB . -7.45 44.17 -62.46
O4 MAN PB . -6.68 46.97 -62.86
O5 MAN PB . -10.29 46.96 -63.56
O6 MAN PB . -9.85 49.52 -64.28
C1 NAG QB . -23.00 93.83 4.09
C2 NAG QB . -24.42 94.34 3.87
C3 NAG QB . -24.53 95.22 2.59
C4 NAG QB . -23.33 95.10 1.56
C5 NAG QB . -21.96 94.81 2.23
C6 NAG QB . -20.89 95.82 1.86
C7 NAG QB . -25.27 92.33 2.83
C8 NAG QB . -26.31 92.40 1.72
N2 NAG QB . -25.35 93.24 3.80
O3 NAG QB . -24.67 96.59 2.96
O4 NAG QB . -23.63 94.06 0.62
O5 NAG QB . -22.06 94.81 3.66
O6 NAG QB . -21.04 97.03 2.59
O7 NAG QB . -24.40 91.46 2.80
C1 NAG QB . -23.34 94.37 -0.71
C2 NAG QB . -23.21 93.09 -1.53
C3 NAG QB . -22.90 93.47 -2.99
C4 NAG QB . -23.90 94.55 -3.55
C5 NAG QB . -24.09 95.69 -2.54
C6 NAG QB . -25.22 96.62 -2.92
C7 NAG QB . -22.38 91.43 0.01
C8 NAG QB . -22.96 90.06 -0.32
N2 NAG QB . -22.15 92.26 -1.00
O3 NAG QB . -22.95 92.31 -3.80
O4 NAG QB . -23.38 95.09 -4.78
O5 NAG QB . -24.39 95.17 -1.22
O6 NAG QB . -26.47 96.15 -2.43
O7 NAG QB . -22.15 91.73 1.18
C1 BMA QB . -24.18 95.01 -5.90
C2 BMA QB . -24.46 96.41 -6.45
C3 BMA QB . -25.28 96.30 -7.75
C4 BMA QB . -24.66 95.28 -8.75
C5 BMA QB . -24.33 93.97 -8.03
C6 BMA QB . -23.55 93.01 -8.92
O2 BMA QB . -23.24 97.07 -6.72
O3 BMA QB . -25.38 97.59 -8.36
O4 BMA QB . -25.58 95.02 -9.80
O5 BMA QB . -23.51 94.22 -6.88
O6 BMA QB . -24.36 92.52 -9.98
C1 NAG RB . -1.61 45.52 3.87
C2 NAG RB . -0.16 45.86 4.22
C3 NAG RB . 0.60 46.18 2.93
C4 NAG RB . 0.46 44.99 1.92
C5 NAG RB . -1.02 44.66 1.72
C6 NAG RB . -1.26 43.45 0.83
C7 NAG RB . 0.86 47.12 5.99
C8 NAG RB . 1.91 48.17 5.70
N2 NAG RB . -0.13 46.99 5.11
O3 NAG RB . 1.96 46.42 3.24
O4 NAG RB . 1.06 45.32 0.64
O5 NAG RB . -1.65 44.39 2.99
O6 NAG RB . -1.15 42.24 1.57
O7 NAG RB . 0.94 46.44 7.01
C1 NAG RB . 2.30 44.77 0.39
C2 NAG RB . 2.59 44.80 -1.11
C3 NAG RB . 3.98 44.25 -1.38
C4 NAG RB . 5.06 44.91 -0.48
C5 NAG RB . 4.61 44.96 0.99
C6 NAG RB . 5.52 45.79 1.85
C7 NAG RB . 1.52 42.71 -1.64
C8 NAG RB . 2.22 41.82 -2.65
N2 NAG RB . 1.60 44.02 -1.82
O3 NAG RB . 4.33 44.46 -2.75
O4 NAG RB . 6.28 44.13 -0.56
O5 NAG RB . 3.29 45.54 1.09
O6 NAG RB . 4.94 47.04 2.18
O7 NAG RB . 0.92 42.21 -0.69
C1 BMA RB . 7.36 44.76 -1.16
C2 BMA RB . 8.65 44.04 -0.75
C3 BMA RB . 9.84 44.69 -1.44
C4 BMA RB . 9.61 44.68 -2.99
C5 BMA RB . 8.26 45.36 -3.30
C6 BMA RB . 7.89 45.39 -4.78
O2 BMA RB . 8.56 42.66 -1.11
O3 BMA RB . 11.06 44.00 -1.07
O4 BMA RB . 10.65 45.40 -3.62
O5 BMA RB . 7.19 44.68 -2.59
O6 BMA RB . 7.39 44.12 -5.23
C1 MAN RB . 6.01 43.96 -5.01
C2 MAN RB . 5.49 42.66 -5.65
C3 MAN RB . 5.07 42.79 -7.13
C4 MAN RB . 4.37 44.16 -7.47
C5 MAN RB . 5.21 45.28 -6.86
C6 MAN RB . 4.71 46.67 -7.15
O2 MAN RB . 4.39 42.16 -4.91
O3 MAN RB . 4.23 41.65 -7.48
O4 MAN RB . 4.27 44.35 -8.88
O5 MAN RB . 5.25 45.09 -5.44
O6 MAN RB . 4.12 47.27 -5.97
C1 MAN RB . 3.97 41.44 -8.83
C2 MAN RB . 2.45 41.20 -9.04
C3 MAN RB . 2.04 39.77 -8.67
C4 MAN RB . 2.99 38.70 -9.29
C5 MAN RB . 4.42 39.05 -8.89
C6 MAN RB . 5.46 38.09 -9.44
O2 MAN RB . 2.11 41.45 -10.39
O3 MAN RB . 0.71 39.52 -9.09
O4 MAN RB . 2.66 37.39 -8.83
O5 MAN RB . 4.75 40.37 -9.38
O6 MAN RB . 5.01 36.74 -9.41
C1 MAN RB . 2.88 47.86 -6.23
C2 MAN RB . 2.29 48.43 -4.94
C3 MAN RB . 0.77 48.26 -4.90
C4 MAN RB . 0.12 48.45 -6.30
C5 MAN RB . 0.77 47.54 -7.35
C6 MAN RB . 1.14 48.28 -8.63
O2 MAN RB . 2.61 49.81 -4.84
O3 MAN RB . 0.21 49.17 -3.97
O4 MAN RB . -1.27 48.18 -6.22
O5 MAN RB . 1.97 46.94 -6.82
O6 MAN RB . 1.87 47.43 -9.50
C1 MAN RB . 11.43 44.12 0.27
C2 MAN RB . 11.98 45.53 0.55
C3 MAN RB . 13.38 45.70 -0.05
C4 MAN RB . 14.34 44.51 0.26
C5 MAN RB . 13.62 43.19 -0.06
C6 MAN RB . 14.43 41.97 0.34
O2 MAN RB . 12.03 45.75 1.96
O3 MAN RB . 13.95 46.91 0.42
O4 MAN RB . 15.51 44.63 -0.55
O5 MAN RB . 12.38 43.12 0.66
O6 MAN RB . 13.72 40.79 0.07
C1 NAG SB . -44.37 31.62 -25.69
C2 NAG SB . -45.65 31.57 -26.54
C3 NAG SB . -46.55 32.79 -26.31
C4 NAG SB . -46.79 32.96 -24.77
C5 NAG SB . -45.44 33.06 -24.08
C6 NAG SB . -45.54 33.25 -22.58
C7 NAG SB . -45.98 30.65 -28.75
C8 NAG SB . -46.84 31.29 -29.82
N2 NAG SB . -45.30 31.47 -27.95
O3 NAG SB . -47.79 32.62 -26.98
O4 NAG SB . -47.69 34.02 -24.35
O5 NAG SB . -44.68 31.86 -24.30
O6 NAG SB . -46.13 34.50 -22.26
O7 NAG SB . -45.94 29.42 -28.66
C1 NAG SB . -47.72 35.25 -24.97
C2 NAG SB . -48.74 35.23 -26.15
C3 NAG SB . -50.18 35.72 -25.82
C4 NAG SB . -50.27 36.81 -24.74
C5 NAG SB . -48.87 37.32 -24.42
C6 NAG SB . -48.90 38.38 -23.31
C7 NAG SB . -47.90 35.26 -28.38
C8 NAG SB . -46.41 35.04 -28.64
N2 NAG SB . -48.22 35.94 -27.30
O3 NAG SB . -50.99 34.62 -25.44
O4 NAG SB . -51.09 37.86 -25.26
O5 NAG SB . -48.05 36.23 -23.96
O6 NAG SB . -47.92 38.12 -22.32
O7 NAG SB . -48.72 34.79 -29.15
C1 BMA SB . -52.37 37.99 -24.73
C2 BMA SB . -52.57 39.43 -24.25
C3 BMA SB . -54.03 39.71 -23.85
C4 BMA SB . -55.02 39.20 -24.95
C5 BMA SB . -54.69 37.75 -25.32
C6 BMA SB . -55.57 37.09 -26.36
O2 BMA SB . -52.20 40.33 -25.27
O3 BMA SB . -54.17 41.14 -23.64
O4 BMA SB . -56.36 39.28 -24.49
O5 BMA SB . -53.31 37.67 -25.77
O6 BMA SB . -55.88 38.00 -27.44
C1 MAN SB . -55.23 41.59 -22.84
C2 MAN SB . -54.82 42.93 -22.17
C3 MAN SB . -54.11 42.77 -20.80
C4 MAN SB . -54.69 41.62 -19.95
C5 MAN SB . -54.78 40.38 -20.81
C6 MAN SB . -55.27 39.15 -20.07
O2 MAN SB . -55.95 43.81 -22.05
O3 MAN SB . -54.19 43.99 -20.07
O4 MAN SB . -53.84 41.38 -18.83
O5 MAN SB . -55.69 40.63 -21.89
O6 MAN SB . -56.45 39.42 -19.32
C1 MAN SB . -56.25 44.55 -23.20
C2 MAN SB . -55.20 45.67 -23.42
C3 MAN SB . -55.45 46.89 -22.52
C4 MAN SB . -56.93 47.33 -22.58
C5 MAN SB . -57.80 46.14 -22.24
C6 MAN SB . -59.29 46.45 -22.25
O2 MAN SB . -55.20 46.08 -24.78
O3 MAN SB . -54.62 47.97 -22.93
O4 MAN SB . -57.15 48.37 -21.63
O5 MAN SB . -57.57 45.09 -23.20
O6 MAN SB . -59.69 47.09 -21.06
C1 MAN SB . -57.04 37.58 -28.12
C2 MAN SB . -57.05 38.13 -29.56
C3 MAN SB . -57.44 39.61 -29.62
C4 MAN SB . -58.68 39.93 -28.74
C5 MAN SB . -58.47 39.35 -27.33
C6 MAN SB . -59.66 39.55 -26.43
O2 MAN SB . -57.95 37.37 -30.35
O3 MAN SB . -57.71 39.97 -30.97
O4 MAN SB . -58.86 41.33 -28.64
O5 MAN SB . -58.24 37.93 -27.44
O6 MAN SB . -59.50 38.81 -25.23
C1 NAG TB . 0.35 66.81 24.23
C2 NAG TB . 0.54 65.64 25.18
C3 NAG TB . -0.75 65.32 25.98
C4 NAG TB . -2.09 65.93 25.41
C5 NAG TB . -1.91 67.30 24.70
C6 NAG TB . -2.79 68.40 25.26
C7 NAG TB . 0.21 63.90 23.54
C8 NAG TB . -0.47 62.60 23.92
N2 NAG TB . 0.98 64.47 24.46
O3 NAG TB . -0.60 65.74 27.32
O4 NAG TB . -2.67 65.01 24.48
O5 NAG TB . -0.54 67.76 24.80
O6 NAG TB . -2.22 68.99 26.43
O7 NAG TB . 0.05 64.38 22.42
C1 NAG TB . -4.05 64.83 24.60
C2 NAG TB . -4.63 64.26 23.31
C3 NAG TB . -6.15 64.07 23.49
C4 NAG TB . -6.51 63.30 24.82
C5 NAG TB . -5.70 63.85 26.01
C6 NAG TB . -5.82 62.97 27.24
C7 NAG TB . -3.21 65.09 21.55
C8 NAG TB . -3.09 64.05 20.45
N2 NAG TB . -4.37 65.15 22.20
O3 NAG TB . -6.67 63.36 22.37
O4 NAG TB . -7.91 63.46 25.09
O5 NAG TB . -4.29 63.93 25.69
O6 NAG TB . -4.86 61.93 27.22
O7 NAG TB . -2.27 65.84 21.79
C1 BMA TB . -8.66 62.30 25.23
C2 BMA TB . -9.31 62.27 26.62
C3 BMA TB . -10.21 61.02 26.74
C4 BMA TB . -11.16 60.86 25.50
C5 BMA TB . -10.40 61.05 24.19
C6 BMA TB . -11.31 61.10 22.98
O2 BMA TB . -10.10 63.43 26.80
O3 BMA TB . -10.98 61.09 27.94
O4 BMA TB . -11.78 59.57 25.52
O5 BMA TB . -9.66 62.28 24.21
O6 BMA TB . -11.92 59.84 22.73
C1 NAG UB . -69.36 -5.86 37.89
C2 NAG UB . -69.15 -4.82 39.00
C3 NAG UB . -68.69 -5.52 40.27
C4 NAG UB . -69.64 -6.69 40.65
C5 NAG UB . -69.89 -7.61 39.43
C6 NAG UB . -70.93 -8.66 39.69
C7 NAG UB . -68.48 -2.55 38.54
C8 NAG UB . -68.68 -1.93 37.16
N2 NAG UB . -68.16 -3.84 38.60
O3 NAG UB . -68.63 -4.59 41.34
O4 NAG UB . -69.09 -7.46 41.71
O5 NAG UB . -70.33 -6.82 38.31
O6 NAG UB . -70.94 -9.64 38.67
O7 NAG UB . -68.62 -1.85 39.55
C1 NAG VB . -98.01 -64.74 -2.44
C2 NAG VB . -98.56 -64.12 -1.15
C3 NAG VB . -99.65 -65.02 -0.55
C4 NAG VB . -100.71 -65.45 -1.61
C5 NAG VB . -100.02 -65.95 -2.90
C6 NAG VB . -101.02 -66.17 -4.02
C7 NAG VB . -96.98 -62.74 0.06
C8 NAG VB . -95.68 -62.67 0.85
N2 NAG VB . -97.48 -63.94 -0.19
O3 NAG VB . -100.30 -64.34 0.51
O4 NAG VB . -101.54 -66.48 -1.09
O5 NAG VB . -99.08 -64.96 -3.36
O6 NAG VB . -101.25 -67.56 -4.24
O7 NAG VB . -97.52 -61.69 -0.32
C1 NAG WB . -39.19 5.14 -11.91
C2 NAG WB . -38.61 6.55 -11.79
C3 NAG WB . -39.76 7.56 -11.68
C4 NAG WB . -40.82 7.35 -12.83
C5 NAG WB . -41.22 5.87 -12.94
C6 NAG WB . -42.09 5.59 -14.15
C7 NAG WB . -36.49 7.03 -10.77
C8 NAG WB . -35.41 5.95 -10.62
N2 NAG WB . -37.76 6.65 -10.63
O3 NAG WB . -39.25 8.88 -11.73
O4 NAG WB . -41.99 8.13 -12.56
O5 NAG WB . -40.03 5.06 -13.07
O6 NAG WB . -42.60 4.27 -14.11
O7 NAG WB . -36.16 8.19 -11.00
C1 NAG XB . -75.10 -57.26 -38.87
C2 NAG XB . -74.86 -55.92 -39.57
C3 NAG XB . -75.71 -55.84 -40.85
C4 NAG XB . -75.57 -57.13 -41.73
C5 NAG XB . -75.71 -58.39 -40.88
C6 NAG XB . -75.37 -59.64 -41.67
C7 NAG XB . -74.26 -54.09 -38.10
C8 NAG XB . -74.69 -53.17 -36.96
N2 NAG XB . -75.20 -54.82 -38.68
O3 NAG XB . -75.33 -54.70 -41.61
O4 NAG XB . -76.54 -57.14 -42.76
O5 NAG XB . -74.81 -58.35 -39.76
O6 NAG XB . -76.53 -60.39 -41.99
O7 NAG XB . -73.08 -54.13 -38.45
C1 NAG YB . -17.31 -32.11 28.24
C2 NAG YB . -16.13 -31.40 28.92
C3 NAG YB . -15.05 -31.09 27.87
C4 NAG YB . -14.67 -32.38 27.06
C5 NAG YB . -15.93 -33.09 26.55
C6 NAG YB . -15.63 -34.43 25.92
C7 NAG YB . -16.39 -29.97 30.84
C8 NAG YB . -17.61 -30.08 31.74
N2 NAG YB . -16.57 -30.17 29.54
O3 NAG YB . -13.90 -30.56 28.51
O4 NAG YB . -13.85 -32.02 25.96
O5 NAG YB . -16.85 -33.33 27.64
O6 NAG YB . -16.75 -34.95 25.23
O7 NAG YB . -15.29 -29.71 31.32
C1 NAG ZB . -59.65 -84.89 -8.29
C2 NAG ZB . -58.22 -85.02 -7.77
C3 NAG ZB . -57.56 -86.28 -8.35
C4 NAG ZB . -58.48 -87.54 -8.18
C5 NAG ZB . -59.91 -87.25 -8.62
C6 NAG ZB . -60.86 -88.37 -8.27
C7 NAG ZB . -57.12 -82.92 -7.27
C8 NAG ZB . -56.57 -81.60 -7.81
N2 NAG ZB . -57.44 -83.85 -8.17
O3 NAG ZB . -56.32 -86.51 -7.70
O4 NAG ZB . -57.97 -88.64 -8.92
O5 NAG ZB . -60.40 -86.06 -7.95
O6 NAG ZB . -61.20 -89.13 -9.42
O7 NAG ZB . -57.26 -83.07 -6.05
C1 NAG AC . 3.34 -14.79 36.37
C2 NAG AC . 2.08 -15.44 35.76
C3 NAG AC . 2.49 -16.67 34.96
C4 NAG AC . 3.63 -16.32 33.93
C5 NAG AC . 4.77 -15.57 34.63
C6 NAG AC . 5.80 -15.05 33.64
C7 NAG AC . -0.09 -15.32 36.80
C8 NAG AC . -0.43 -14.25 37.83
N2 NAG AC . 1.15 -15.80 36.81
O3 NAG AC . 1.35 -17.20 34.29
O4 NAG AC . 4.14 -17.52 33.35
O5 NAG AC . 4.24 -14.42 35.33
O6 NAG AC . 6.96 -14.58 34.33
O7 NAG AC . -0.95 -15.70 36.01
C1 NAG BC . 70.51 21.86 43.90
C2 NAG BC . 69.68 21.64 42.62
C3 NAG BC . 70.52 21.99 41.39
C4 NAG BC . 71.22 23.38 41.53
C5 NAG BC . 71.91 23.52 42.90
C6 NAG BC . 72.40 24.94 43.14
C7 NAG BC . 67.99 19.93 42.79
C8 NAG BC . 67.68 18.45 42.98
N2 NAG BC . 69.26 20.26 42.54
O3 NAG BC . 69.70 22.00 40.24
O4 NAG BC . 72.19 23.57 40.50
O5 NAG BC . 70.97 23.22 43.95
O6 NAG BC . 73.81 25.03 43.01
O7 NAG BC . 67.08 20.75 42.86
C1 NAG CC . -0.56 -7.32 94.92
C2 NAG CC . -2.01 -7.58 95.33
C3 NAG CC . -2.93 -6.58 94.62
C4 NAG CC . -2.43 -5.11 94.86
C5 NAG CC . -0.94 -4.99 94.55
C6 NAG CC . -0.37 -3.63 94.94
C7 NAG CC . -2.81 -9.77 95.92
C8 NAG CC . -1.85 -10.88 96.35
N2 NAG CC . -2.40 -8.93 94.98
O3 NAG CC . -4.26 -6.72 95.10
O4 NAG CC . -3.16 -4.21 94.03
O5 NAG CC . -0.19 -5.98 95.29
O6 NAG CC . 0.92 -3.44 94.41
O7 NAG CC . -3.92 -9.71 96.44
C1 NAG DC . 68.17 26.42 87.61
C2 NAG DC . 66.97 26.87 88.45
C3 NAG DC . 67.20 28.31 88.94
C4 NAG DC . 68.62 28.50 89.58
C5 NAG DC . 69.70 27.91 88.68
C6 NAG DC . 71.06 27.89 89.37
C7 NAG DC . 64.87 25.84 87.88
C8 NAG DC . 63.78 25.66 86.83
N2 NAG DC . 65.75 26.81 87.67
O3 NAG DC . 66.20 28.65 89.90
O4 NAG DC . 68.88 29.88 89.79
O5 NAG DC . 69.38 26.54 88.36
O6 NAG DC . 71.93 28.86 88.82
O7 NAG DC . 64.89 25.10 88.87
C1 NAG EC . 27.12 -54.46 72.99
C2 NAG EC . 26.22 -55.68 73.24
C3 NAG EC . 26.01 -55.85 74.75
C4 NAG EC . 27.38 -55.88 75.51
C5 NAG EC . 28.25 -54.69 75.08
C6 NAG EC . 29.65 -54.76 75.65
C7 NAG EC . 24.55 -56.39 71.67
C8 NAG EC . 24.60 -55.95 70.21
N2 NAG EC . 24.95 -55.51 72.58
O3 NAG EC . 25.31 -57.06 75.00
O4 NAG EC . 27.16 -55.81 76.91
O5 NAG EC . 28.39 -54.66 73.64
O6 NAG EC . 30.36 -53.54 75.45
O7 NAG EC . 24.14 -57.51 71.95
C1 NAG FC . 88.62 -8.33 70.83
C2 NAG FC . 88.55 -9.80 71.30
C3 NAG FC . 89.84 -10.18 72.03
C4 NAG FC . 91.12 -9.79 71.21
C5 NAG FC . 91.01 -8.33 70.71
C6 NAG FC . 92.14 -7.98 69.75
C7 NAG FC . 86.31 -10.59 71.75
C8 NAG FC . 85.08 -10.47 72.62
N2 NAG FC . 87.42 -9.98 72.18
O3 NAG FC . 89.86 -11.58 72.26
O4 NAG FC . 92.29 -9.92 72.01
O5 NAG FC . 89.78 -8.14 70.00
O6 NAG FC . 93.09 -7.12 70.36
O7 NAG FC . 86.26 -11.23 70.70
C1 NAG GC . 15.93 -2.39 -38.59
C2 NAG GC . 15.35 -1.04 -38.15
C3 NAG GC . 16.32 -0.36 -37.19
C4 NAG GC . 16.72 -1.32 -36.02
C5 NAG GC . 17.15 -2.68 -36.57
C6 NAG GC . 17.37 -3.71 -35.46
C7 NAG GC . 13.90 0.28 -39.55
C8 NAG GC . 13.13 -0.34 -40.71
N2 NAG GC . 15.12 -0.19 -39.30
O3 NAG GC . 15.75 0.83 -36.67
O4 NAG GC . 17.79 -0.75 -35.26
O5 NAG GC . 16.14 -3.22 -37.43
O6 NAG GC . 18.02 -4.87 -35.96
O7 NAG GC . 13.38 1.19 -38.90
C1 NAG HC . 40.76 -75.16 -37.24
C2 NAG HC . 40.10 -74.37 -36.11
C3 NAG HC . 40.23 -75.12 -34.78
C4 NAG HC . 39.80 -76.62 -34.92
C5 NAG HC . 40.46 -77.26 -36.15
C6 NAG HC . 39.91 -78.65 -36.43
C7 NAG HC . 40.08 -71.97 -36.44
C8 NAG HC . 40.91 -70.69 -36.56
N2 NAG HC . 40.70 -73.05 -35.99
O3 NAG HC . 39.43 -74.49 -33.80
O4 NAG HC . 40.18 -77.34 -33.76
O5 NAG HC . 40.20 -76.46 -37.33
O6 NAG HC . 40.86 -79.65 -36.09
O7 NAG HC . 38.89 -71.96 -36.77
C1 NAG IC . 19.32 -9.12 -97.46
C2 NAG IC . 18.54 -7.97 -98.09
C3 NAG IC . 17.08 -8.07 -97.64
C4 NAG IC . 16.49 -9.50 -97.92
C5 NAG IC . 17.44 -10.59 -97.38
C6 NAG IC . 17.02 -11.99 -97.80
C7 NAG IC . 19.54 -5.86 -98.62
C8 NAG IC . 21.05 -5.72 -98.78
N2 NAG IC . 19.10 -6.70 -97.70
O3 NAG IC . 16.30 -7.08 -98.32
O4 NAG IC . 15.21 -9.65 -97.32
O5 NAG IC . 18.77 -10.38 -97.89
O6 NAG IC . 17.69 -12.96 -97.00
O7 NAG IC . 18.79 -5.19 -99.33
C1 NAG JC . 44.68 -79.68 -80.00
C2 NAG JC . 43.67 -79.30 -81.10
C3 NAG JC . 42.91 -80.55 -81.67
C4 NAG JC . 43.86 -81.72 -81.94
C5 NAG JC . 44.91 -81.97 -80.81
C6 NAG JC . 46.05 -82.94 -81.32
C7 NAG JC . 42.84 -77.04 -80.97
C8 NAG JC . 42.01 -76.07 -80.16
N2 NAG JC . 42.71 -78.33 -80.63
O3 NAG JC . 42.26 -80.20 -82.87
O4 NAG JC . 43.26 -82.92 -82.35
O5 NAG JC . 45.57 -80.71 -80.42
O6 NAG JC . 45.94 -84.18 -80.69
O7 NAG JC . 43.56 -76.62 -81.88
C1 NAG KC . 66.83 8.42 -66.91
C2 NAG KC . 67.06 9.90 -67.23
C3 NAG KC . 67.33 10.06 -68.74
C4 NAG KC . 68.47 9.09 -69.21
C5 NAG KC . 68.21 7.66 -68.71
C6 NAG KC . 69.36 6.73 -68.98
C7 NAG KC . 66.02 11.69 -66.00
C8 NAG KC . 65.49 11.48 -64.59
N2 NAG KC . 65.90 10.68 -66.86
O3 NAG KC . 67.68 11.41 -69.03
O4 NAG KC . 68.56 9.09 -70.63
O5 NAG KC . 68.00 7.67 -67.28
O6 NAG KC . 69.02 5.39 -68.70
O7 NAG KC . 66.55 12.76 -66.30
C1 NAG LC . 78.90 -66.81 -56.48
C2 NAG LC . 79.92 -65.71 -56.81
C3 NAG LC . 81.25 -66.35 -57.23
C4 NAG LC . 81.72 -67.46 -56.22
C5 NAG LC . 80.57 -68.41 -55.90
C6 NAG LC . 80.92 -69.37 -54.77
C7 NAG LC . 78.96 -63.66 -57.64
C8 NAG LC . 78.18 -62.97 -58.74
N2 NAG LC . 79.43 -64.88 -57.88
O3 NAG LC . 82.25 -65.35 -57.32
O4 NAG LC . 82.82 -68.20 -56.75
O5 NAG LC . 79.41 -67.68 -55.46
O6 NAG LC . 81.20 -70.68 -55.27
O7 NAG LC . 79.15 -63.07 -56.56
C1 NAG MC . 14.56 37.68 -29.61
C2 NAG MC . 14.71 36.41 -30.44
C3 NAG MC . 14.86 35.21 -29.51
C4 NAG MC . 16.00 35.45 -28.47
C5 NAG MC . 15.82 36.82 -27.78
C6 NAG MC . 16.99 37.18 -26.89
C7 NAG MC . 13.71 36.15 -32.62
C8 NAG MC . 13.28 37.36 -33.44
N2 NAG MC . 13.55 36.23 -31.29
O3 NAG MC . 15.14 34.04 -30.26
O4 NAG MC . 16.00 34.43 -27.48
O5 NAG MC . 15.71 37.86 -28.77
O6 NAG MC . 16.69 38.32 -26.09
O7 NAG MC . 14.17 35.16 -33.18
C1 NAG NC . 29.69 96.39 17.72
C2 NAG NC . 30.65 95.31 17.21
C3 NAG NC . 31.95 95.35 18.01
C4 NAG NC . 32.53 96.80 18.10
C5 NAG NC . 31.44 97.80 18.52
C6 NAG NC . 31.92 99.24 18.42
C7 NAG NC . 29.57 93.36 16.27
C8 NAG NC . 28.69 92.14 16.52
N2 NAG NC . 30.04 94.00 17.34
O3 NAG NC . 32.92 94.50 17.41
O4 NAG NC . 33.60 96.85 19.04
O5 NAG NC . 30.31 97.68 17.63
O6 NAG NC . 32.12 99.81 19.70
O7 NAG NC . 29.83 93.70 15.11
C1 NAG OC . -33.85 69.50 -42.85
C2 NAG OC . -34.44 68.91 -44.14
C3 NAG OC . -33.41 69.03 -45.26
C4 NAG OC . -32.89 70.50 -45.38
C5 NAG OC . -32.45 71.05 -44.01
C6 NAG OC . -32.13 72.52 -44.06
C7 NAG OC . -36.06 67.12 -44.13
C8 NAG OC . -36.89 66.79 -42.90
N2 NAG OC . -34.80 67.52 -43.93
O3 NAG OC . -33.99 68.61 -46.49
O4 NAG OC . -31.79 70.55 -46.29
O5 NAG OC . -33.52 70.87 -43.06
O6 NAG OC . -31.46 72.93 -42.86
O7 NAG OC . -36.55 67.00 -45.26
C1 NAG PC . -6.21 119.14 9.01
C2 NAG PC . -6.83 119.44 7.63
C3 NAG PC . -6.57 120.90 7.25
C4 NAG PC . -6.94 121.89 8.41
C5 NAG PC . -6.36 121.41 9.74
C6 NAG PC . -6.87 122.22 10.91
C7 NAG PC . -6.95 117.55 6.13
C8 NAG PC . -6.18 116.52 5.31
N2 NAG PC . -6.25 118.57 6.63
O3 NAG PC . -7.33 121.23 6.09
O4 NAG PC . -6.47 123.19 8.12
O5 NAG PC . -6.74 120.04 9.98
O6 NAG PC . -5.85 123.09 11.42
O7 NAG PC . -8.16 117.42 6.29
C1 NAG QC . -34.91 32.06 2.75
C2 NAG QC . -35.79 30.87 2.36
C3 NAG QC . -37.21 31.35 2.08
C4 NAG QC . -37.76 32.20 3.27
C5 NAG QC . -36.74 33.28 3.67
C6 NAG QC . -37.14 34.02 4.94
C7 NAG QC . -34.94 28.93 1.20
C8 NAG QC . -33.46 28.57 1.25
N2 NAG QC . -35.25 30.21 1.17
O3 NAG QC . -38.07 30.24 1.85
O4 NAG QC . -38.98 32.84 2.90
O5 NAG QC . -35.45 32.68 3.92
O6 NAG QC . -36.30 35.14 5.17
O7 NAG QC . -35.77 28.03 1.20
C1 NAG RC . -5.40 90.92 42.47
C2 NAG RC . -6.50 89.93 42.90
C3 NAG RC . -7.20 90.45 44.16
C4 NAG RC . -6.18 90.88 45.27
C5 NAG RC . -5.08 91.77 44.69
C6 NAG RC . -3.98 92.03 45.69
C7 NAG RC . -7.49 88.67 41.09
C8 NAG RC . -8.32 88.71 39.81
N2 NAG RC . -7.47 89.77 41.84
O3 NAG RC . -8.05 89.43 44.68
O4 NAG RC . -6.84 91.57 46.32
O5 NAG RC . -4.48 91.12 43.55
O6 NAG RC . -4.03 93.35 46.19
O7 NAG RC . -6.88 87.65 41.40
#